data_7RMO
#
_entry.id   7RMO
#
_cell.length_a   1.00
_cell.length_b   1.00
_cell.length_c   1.00
_cell.angle_alpha   90.00
_cell.angle_beta   90.00
_cell.angle_gamma   90.00
#
_symmetry.space_group_name_H-M   'P 1'
#
loop_
_entity.id
_entity.type
_entity.pdbx_description
1 polymer 'CTP synthase'
2 non-polymer "CYTIDINE-5'-TRIPHOSPHATE"
#
_entity_poly.entity_id   1
_entity_poly.type   'polypeptide(L)'
_entity_poly.pdbx_seq_one_letter_code
;MKYVVVSGGVISGIGKGVLASSTGMLMKTLGLKVTSIKIDPYMNIDAGTMSPLEHGECFVLDDGGETDLDLGNYERYLGV
TLTKDHNITTGKIYSHVIAKERKGDYLGKTVQIVPHLTNAIQDWIERVAKIPVDDTGMEPDVCIIELGGTVGDIESAPFV
EALRQFQFKVGKENFALIHVSLVPVIHGEQKTKPTQAAIKGLRSLGLVPDMIACRCSETLDKPTIDKIAMFCHVGPEQVV
NVHDVNSTYHVPLLLLEQKMIDYLHARLKLDEITEEEKQRGLELLSKWKATTGNFDEETVKIALVGKYTNLKDSYLSVIK
ALEHSSMKCRRKLDIKWVEATDLEPEAQESNKTKFHEAWNMVSTADGILIPGGFGVRGTEGMVLAARWARENHIPFLGVC
LGLQIATIEFTRSVLGRKDSHSAEFYPDIDEKNHVVVFMMRLGLRPTFFQNETEWSQIKKLYGDVSEVHERHRHRYEINP
KMVDELENNGLIFVGKDDTGKRCEILELKNHPYYIATQYHPEYTSKVLDPSKPFLGLVAASAGILQDVIEGKYDLEA
;
_entity_poly.pdbx_strand_id   D,A,B,C,U,I,M,Q,V,J,N,R,H,E,F,G,W,K,O,S,b,Y,Z,a,X,L,P,T
#
loop_
_chem_comp.id
_chem_comp.type
_chem_comp.name
_chem_comp.formula
CTP non-polymer CYTIDINE-5'-TRIPHOSPHATE 'C9 H16 N3 O14 P3'
#
# COMPACT_ATOMS: atom_id res chain seq x y z
N MET A 1 -36.79 101.60 -37.73
CA MET A 1 -36.26 102.49 -38.78
C MET A 1 -36.80 102.11 -40.15
N LYS A 2 -36.82 103.04 -41.11
CA LYS A 2 -37.14 102.80 -42.53
C LYS A 2 -35.92 103.09 -43.42
N TYR A 3 -35.85 102.52 -44.62
CA TYR A 3 -34.73 102.68 -45.55
C TYR A 3 -35.20 102.75 -47.01
N VAL A 4 -34.50 103.49 -47.87
CA VAL A 4 -34.80 103.59 -49.31
C VAL A 4 -33.53 103.39 -50.10
N VAL A 5 -33.39 102.31 -50.85
CA VAL A 5 -32.28 102.18 -51.80
C VAL A 5 -32.58 103.00 -53.06
N VAL A 6 -31.59 103.66 -53.61
CA VAL A 6 -31.55 104.16 -54.97
C VAL A 6 -30.40 103.49 -55.68
N SER A 7 -30.65 102.86 -56.83
CA SER A 7 -29.66 102.03 -57.52
C SER A 7 -29.87 102.02 -59.03
N GLY A 8 -29.02 101.33 -59.79
CA GLY A 8 -29.46 100.75 -61.08
C GLY A 8 -28.90 101.27 -62.39
N GLY A 9 -29.52 100.81 -63.47
CA GLY A 9 -29.34 101.27 -64.86
C GLY A 9 -28.45 100.37 -65.73
N VAL A 10 -28.46 100.58 -67.05
CA VAL A 10 -27.47 100.02 -67.99
C VAL A 10 -26.21 100.89 -68.18
N ILE A 11 -26.14 102.07 -67.56
CA ILE A 11 -25.02 103.02 -67.69
C ILE A 11 -24.77 103.69 -66.34
N SER A 12 -23.50 103.97 -66.05
CA SER A 12 -23.15 104.93 -65.01
C SER A 12 -23.41 106.36 -65.50
N GLY A 13 -23.79 107.30 -64.65
CA GLY A 13 -24.11 108.68 -65.03
C GLY A 13 -25.58 108.93 -65.38
N ILE A 14 -26.47 107.99 -65.08
CA ILE A 14 -27.90 108.03 -65.43
C ILE A 14 -28.73 109.06 -64.65
N GLY A 15 -28.34 109.48 -63.45
CA GLY A 15 -29.09 110.46 -62.65
C GLY A 15 -29.34 110.16 -61.17
N LYS A 16 -28.69 109.16 -60.59
CA LYS A 16 -29.02 108.66 -59.21
C LYS A 16 -29.10 109.77 -58.15
N GLY A 17 -27.99 110.46 -57.84
CA GLY A 17 -27.93 111.47 -56.74
C GLY A 17 -29.10 112.45 -56.69
N VAL A 18 -29.58 112.98 -57.83
CA VAL A 18 -30.71 113.95 -57.89
C VAL A 18 -31.99 113.19 -57.55
N LEU A 19 -32.09 111.91 -57.89
CA LEU A 19 -33.27 111.05 -57.53
C LEU A 19 -33.10 110.62 -56.08
N ALA A 20 -31.88 110.66 -55.54
CA ALA A 20 -31.59 110.19 -54.16
C ALA A 20 -31.86 111.33 -53.16
N SER A 21 -31.00 112.35 -53.10
CA SER A 21 -31.16 113.42 -52.09
C SER A 21 -32.51 114.08 -52.39
N SER A 22 -32.82 114.32 -53.66
CA SER A 22 -34.21 114.80 -53.96
C SER A 22 -35.35 113.98 -53.33
N THR A 23 -35.25 112.65 -53.27
CA THR A 23 -36.25 111.78 -52.60
C THR A 23 -36.12 112.05 -51.11
N GLY A 24 -34.90 112.26 -50.60
CA GLY A 24 -34.64 112.51 -49.16
C GLY A 24 -35.09 113.90 -48.73
N MET A 25 -35.12 114.87 -49.65
CA MET A 25 -35.60 116.25 -49.35
C MET A 25 -37.11 116.17 -49.12
N LEU A 26 -37.79 115.25 -49.82
CA LEU A 26 -39.25 115.08 -49.71
C LEU A 26 -39.55 114.25 -48.47
N MET A 27 -38.65 113.36 -48.05
CA MET A 27 -38.92 112.71 -46.77
C MET A 27 -39.00 113.75 -45.64
N LYS A 28 -38.13 114.76 -45.68
CA LYS A 28 -38.18 115.90 -44.76
C LYS A 28 -39.43 116.76 -44.87
N THR A 29 -40.09 116.84 -46.03
CA THR A 29 -41.40 117.50 -46.16
C THR A 29 -42.44 116.87 -45.26
N LEU A 30 -42.35 115.54 -45.02
CA LEU A 30 -43.24 114.82 -44.11
C LEU A 30 -42.91 115.09 -42.62
N GLY A 31 -41.88 115.88 -42.32
CA GLY A 31 -41.37 116.16 -40.97
C GLY A 31 -40.29 115.19 -40.48
N LEU A 32 -39.98 114.13 -41.25
CA LEU A 32 -39.09 113.05 -40.83
C LEU A 32 -37.67 113.53 -40.53
N LYS A 33 -37.00 112.88 -39.58
CA LYS A 33 -35.56 112.98 -39.41
C LYS A 33 -34.92 112.16 -40.53
N VAL A 34 -33.96 112.66 -41.28
CA VAL A 34 -33.47 111.96 -42.50
C VAL A 34 -31.96 111.93 -42.56
N THR A 35 -31.41 110.88 -43.15
CA THR A 35 -29.99 110.65 -43.34
C THR A 35 -29.72 110.02 -44.70
N SER A 36 -28.48 109.93 -45.11
CA SER A 36 -28.10 109.37 -46.38
C SER A 36 -26.75 108.68 -46.35
N ILE A 37 -26.58 107.58 -47.06
CA ILE A 37 -25.32 106.86 -47.18
C ILE A 37 -25.02 106.68 -48.65
N LYS A 38 -23.83 107.02 -49.13
CA LYS A 38 -23.43 106.69 -50.51
C LYS A 38 -22.44 105.56 -50.51
N ILE A 39 -22.83 104.47 -51.15
CA ILE A 39 -22.04 103.28 -51.34
C ILE A 39 -21.29 103.44 -52.65
N ASP A 40 -19.98 103.55 -52.60
CA ASP A 40 -19.14 103.69 -53.78
C ASP A 40 -18.42 102.40 -54.14
N PRO A 41 -18.52 101.91 -55.38
CA PRO A 41 -17.83 100.70 -55.77
C PRO A 41 -16.32 100.86 -55.98
N TYR A 42 -15.77 102.07 -56.00
CA TYR A 42 -14.33 102.28 -56.18
C TYR A 42 -13.49 101.87 -54.96
N MET A 43 -12.21 101.57 -55.17
CA MET A 43 -11.32 101.04 -54.14
C MET A 43 -10.51 102.06 -53.35
N ASN A 44 -10.59 103.37 -53.59
CA ASN A 44 -10.02 104.34 -52.67
C ASN A 44 -10.74 104.35 -51.32
N ILE A 45 -10.01 104.37 -50.20
CA ILE A 45 -10.64 104.50 -48.87
C ILE A 45 -11.22 105.90 -48.64
N ASP A 46 -10.59 106.94 -49.20
CA ASP A 46 -11.04 108.33 -49.10
C ASP A 46 -10.52 109.15 -50.28
N ALA A 47 -11.06 110.34 -50.49
CA ALA A 47 -10.61 111.25 -51.53
C ALA A 47 -9.28 111.97 -51.21
N GLY A 48 -8.66 111.71 -50.06
CA GLY A 48 -7.42 112.37 -49.65
C GLY A 48 -6.25 112.04 -50.56
N THR A 49 -6.25 110.88 -51.21
CA THR A 49 -5.24 110.53 -52.24
C THR A 49 -5.65 110.99 -53.64
N MET A 50 -6.94 111.25 -53.89
CA MET A 50 -7.48 111.49 -55.23
C MET A 50 -7.26 112.94 -55.69
N SER A 51 -6.41 113.16 -56.69
CA SER A 51 -6.14 114.51 -57.19
C SER A 51 -7.39 115.12 -57.81
N PRO A 52 -7.67 116.42 -57.61
CA PRO A 52 -8.90 117.07 -58.12
C PRO A 52 -9.15 117.05 -59.63
N LEU A 53 -8.23 116.50 -60.43
CA LEU A 53 -8.33 116.35 -61.88
C LEU A 53 -9.31 115.23 -62.30
N GLU A 54 -9.39 114.14 -61.55
CA GLU A 54 -10.32 113.03 -61.81
C GLU A 54 -11.03 112.60 -60.52
N HIS A 55 -12.31 112.27 -60.65
CA HIS A 55 -13.29 112.24 -59.55
C HIS A 55 -13.59 113.59 -58.89
N GLY A 56 -12.94 114.67 -59.30
CA GLY A 56 -13.30 116.03 -58.92
C GLY A 56 -12.98 116.41 -57.47
N GLU A 57 -13.71 117.39 -56.97
CA GLU A 57 -13.40 118.10 -55.73
C GLU A 57 -13.46 117.22 -54.48
N CYS A 58 -12.42 117.26 -53.65
CA CYS A 58 -12.40 116.60 -52.35
C CYS A 58 -13.33 117.32 -51.36
N PHE A 59 -14.62 117.01 -51.38
CA PHE A 59 -15.59 117.63 -50.48
C PHE A 59 -15.18 117.45 -49.01
N VAL A 60 -15.31 118.49 -48.20
CA VAL A 60 -14.93 118.40 -46.79
C VAL A 60 -15.98 118.53 -45.67
N LEU A 61 -15.94 117.52 -44.82
CA LEU A 61 -16.91 117.34 -43.75
C LEU A 61 -16.72 118.31 -42.59
N ASP A 62 -17.74 118.40 -41.75
CA ASP A 62 -17.64 118.88 -40.37
C ASP A 62 -16.50 118.15 -39.63
N ASP A 63 -16.43 116.83 -39.75
CA ASP A 63 -15.35 115.99 -39.21
C ASP A 63 -14.03 116.03 -40.01
N GLY A 64 -13.93 116.83 -41.07
CA GLY A 64 -12.67 117.10 -41.77
C GLY A 64 -12.09 115.99 -42.63
N GLY A 65 -12.81 114.88 -42.80
CA GLY A 65 -12.43 113.85 -43.76
C GLY A 65 -12.62 114.34 -45.20
N GLU A 66 -11.70 113.99 -46.09
CA GLU A 66 -11.83 114.25 -47.52
C GLU A 66 -12.68 113.14 -48.18
N THR A 67 -13.99 113.35 -48.25
CA THR A 67 -14.99 112.36 -48.74
C THR A 67 -15.16 112.30 -50.25
N ASP A 68 -15.97 111.34 -50.70
CA ASP A 68 -16.60 111.40 -52.01
C ASP A 68 -17.28 112.76 -52.26
N LEU A 69 -17.09 113.35 -53.45
CA LEU A 69 -17.67 114.68 -53.82
C LEU A 69 -19.20 114.63 -53.71
N ASP A 70 -19.83 113.53 -54.11
CA ASP A 70 -21.33 113.46 -54.16
C ASP A 70 -21.93 113.66 -52.77
N LEU A 71 -21.23 113.37 -51.67
CA LEU A 71 -21.88 113.47 -50.32
C LEU A 71 -22.42 114.91 -50.20
N GLY A 72 -21.73 115.88 -50.77
CA GLY A 72 -22.15 117.28 -50.67
C GLY A 72 -23.57 117.46 -51.14
N ASN A 73 -23.97 116.77 -52.21
CA ASN A 73 -25.32 116.92 -52.81
C ASN A 73 -26.38 116.58 -51.74
N TYR A 74 -26.04 115.80 -50.71
CA TYR A 74 -26.98 115.37 -49.64
C TYR A 74 -26.96 116.35 -48.47
N GLU A 75 -25.91 117.14 -48.33
CA GLU A 75 -25.80 118.08 -47.18
C GLU A 75 -26.49 119.38 -47.62
N ARG A 76 -26.72 119.56 -48.93
CA ARG A 76 -27.46 120.73 -49.47
C ARG A 76 -28.95 120.35 -49.50
N TYR A 77 -29.31 119.32 -50.28
CA TYR A 77 -30.73 118.82 -50.33
C TYR A 77 -31.43 118.56 -48.98
N LEU A 78 -30.78 117.98 -47.95
CA LEU A 78 -31.43 117.56 -46.67
C LEU A 78 -31.17 118.57 -45.56
N GLY A 79 -30.02 119.24 -45.56
CA GLY A 79 -29.64 120.09 -44.45
C GLY A 79 -29.18 119.27 -43.26
N VAL A 80 -28.15 118.44 -43.47
CA VAL A 80 -27.57 117.51 -42.49
C VAL A 80 -26.05 117.60 -42.49
N THR A 81 -25.43 117.36 -41.34
CA THR A 81 -23.99 117.16 -41.20
C THR A 81 -23.70 115.66 -41.20
N LEU A 82 -23.15 115.12 -42.29
CA LEU A 82 -22.73 113.74 -42.40
C LEU A 82 -21.36 113.53 -41.74
N THR A 83 -20.82 112.31 -41.80
CA THR A 83 -19.53 111.92 -41.20
C THR A 83 -18.70 111.08 -42.17
N LYS A 84 -17.43 110.83 -41.88
CA LYS A 84 -16.55 110.02 -42.74
C LYS A 84 -17.08 108.60 -42.97
N ASP A 85 -17.92 108.09 -42.07
CA ASP A 85 -18.54 106.77 -42.18
C ASP A 85 -19.73 106.71 -43.16
N HIS A 86 -20.38 107.83 -43.50
CA HIS A 86 -21.50 107.84 -44.46
C HIS A 86 -21.08 107.60 -45.91
N ASN A 87 -19.80 107.57 -46.20
CA ASN A 87 -19.30 107.19 -47.51
C ASN A 87 -18.67 105.80 -47.41
N ILE A 88 -19.49 104.77 -47.58
CA ILE A 88 -19.01 103.39 -47.72
C ILE A 88 -18.26 103.28 -49.04
N THR A 89 -17.11 102.65 -49.08
CA THR A 89 -16.41 102.37 -50.35
C THR A 89 -15.87 100.95 -50.36
N THR A 90 -15.65 100.38 -51.52
CA THR A 90 -15.10 99.03 -51.63
C THR A 90 -13.75 98.90 -50.95
N GLY A 91 -12.89 99.90 -51.05
CA GLY A 91 -11.62 99.90 -50.33
C GLY A 91 -11.77 100.02 -48.83
N LYS A 92 -12.78 100.74 -48.37
CA LYS A 92 -13.03 100.94 -46.94
C LYS A 92 -13.53 99.67 -46.28
N ILE A 93 -14.45 98.94 -46.92
CA ILE A 93 -15.01 97.73 -46.33
C ILE A 93 -14.10 96.53 -46.46
N TYR A 94 -13.36 96.31 -47.56
CA TYR A 94 -12.32 95.29 -47.54
C TYR A 94 -11.27 95.55 -46.47
N SER A 95 -10.85 96.79 -46.23
CA SER A 95 -9.91 97.12 -45.15
C SER A 95 -10.45 96.79 -43.78
N HIS A 96 -11.72 97.07 -43.51
CA HIS A 96 -12.33 96.83 -42.20
C HIS A 96 -12.46 95.35 -41.89
N VAL A 97 -12.93 94.54 -42.84
CA VAL A 97 -12.95 93.08 -42.66
C VAL A 97 -11.54 92.47 -42.60
N ILE A 98 -10.59 92.91 -43.42
CA ILE A 98 -9.21 92.45 -43.33
C ILE A 98 -8.57 92.86 -41.99
N ALA A 99 -8.91 93.99 -41.39
CA ALA A 99 -8.40 94.32 -40.06
C ALA A 99 -8.88 93.31 -39.01
N LYS A 100 -10.19 93.03 -39.01
CA LYS A 100 -10.78 92.02 -38.12
C LYS A 100 -10.22 90.61 -38.37
N GLU A 101 -9.82 90.27 -39.59
CA GLU A 101 -9.15 89.00 -39.92
C GLU A 101 -7.79 88.84 -39.23
N ARG A 102 -6.96 89.89 -39.18
CA ARG A 102 -5.64 89.83 -38.53
C ARG A 102 -5.69 90.05 -37.03
N LYS A 103 -6.67 90.81 -36.53
CA LYS A 103 -6.99 90.87 -35.10
C LYS A 103 -7.56 89.54 -34.60
N GLY A 104 -8.15 88.74 -35.49
CA GLY A 104 -8.68 87.41 -35.20
C GLY A 104 -10.12 87.43 -34.67
N ASP A 105 -10.91 88.46 -34.97
CA ASP A 105 -12.29 88.60 -34.48
C ASP A 105 -13.25 87.55 -35.07
N TYR A 106 -12.84 86.84 -36.11
CA TYR A 106 -13.56 85.70 -36.68
C TYR A 106 -13.26 84.36 -35.97
N LEU A 107 -12.62 84.35 -34.80
CA LEU A 107 -12.41 83.16 -33.98
C LEU A 107 -11.80 81.99 -34.77
N GLY A 108 -10.87 82.30 -35.66
CA GLY A 108 -10.15 81.33 -36.47
C GLY A 108 -10.98 80.63 -37.56
N LYS A 109 -12.25 80.99 -37.78
CA LYS A 109 -12.98 80.56 -38.99
C LYS A 109 -12.27 81.07 -40.23
N THR A 110 -12.47 80.47 -41.40
CA THR A 110 -12.16 81.17 -42.66
C THR A 110 -13.21 82.24 -42.89
N VAL A 111 -12.79 83.39 -43.43
CA VAL A 111 -13.64 84.55 -43.65
C VAL A 111 -13.88 84.71 -45.14
N GLN A 112 -15.13 84.90 -45.52
CA GLN A 112 -15.63 84.70 -46.87
C GLN A 112 -16.36 85.95 -47.36
N ILE A 113 -16.47 86.15 -48.68
CA ILE A 113 -17.25 87.31 -49.15
C ILE A 113 -18.71 87.13 -48.77
N VAL A 114 -19.25 85.92 -48.82
CA VAL A 114 -20.55 85.57 -48.23
C VAL A 114 -20.34 84.44 -47.23
N PRO A 115 -20.82 84.54 -45.97
CA PRO A 115 -21.62 85.60 -45.40
C PRO A 115 -20.82 86.71 -44.71
N HIS A 116 -19.53 86.58 -44.43
CA HIS A 116 -18.86 87.53 -43.52
C HIS A 116 -18.79 88.95 -44.05
N LEU A 117 -18.32 89.19 -45.28
CA LEU A 117 -18.29 90.54 -45.81
C LEU A 117 -19.67 91.11 -46.10
N THR A 118 -20.63 90.31 -46.56
CA THR A 118 -22.00 90.81 -46.74
C THR A 118 -22.70 91.10 -45.42
N ASN A 119 -22.34 90.43 -44.33
CA ASN A 119 -22.73 90.85 -42.99
C ASN A 119 -22.07 92.16 -42.60
N ALA A 120 -20.78 92.35 -42.87
CA ALA A 120 -20.10 93.60 -42.56
C ALA A 120 -20.78 94.81 -43.19
N ILE A 121 -21.15 94.73 -44.47
CA ILE A 121 -21.87 95.80 -45.16
C ILE A 121 -23.22 96.09 -44.50
N GLN A 122 -24.03 95.08 -44.18
CA GLN A 122 -25.30 95.29 -43.46
C GLN A 122 -25.08 95.89 -42.07
N ASP A 123 -24.07 95.41 -41.34
CA ASP A 123 -23.74 95.93 -40.02
C ASP A 123 -23.22 97.37 -40.08
N TRP A 124 -22.57 97.78 -41.17
CA TRP A 124 -22.18 99.17 -41.43
C TRP A 124 -23.38 100.06 -41.74
N ILE A 125 -24.27 99.67 -42.65
CA ILE A 125 -25.45 100.46 -43.00
C ILE A 125 -26.32 100.68 -41.76
N GLU A 126 -26.66 99.64 -41.00
CA GLU A 126 -27.48 99.83 -39.81
C GLU A 126 -26.72 100.52 -38.67
N ARG A 127 -25.39 100.47 -38.62
CA ARG A 127 -24.60 101.26 -37.66
C ARG A 127 -24.75 102.72 -37.99
N VAL A 128 -24.42 103.11 -39.21
CA VAL A 128 -24.38 104.51 -39.63
C VAL A 128 -25.76 105.15 -39.62
N ALA A 129 -26.81 104.40 -39.95
CA ALA A 129 -28.17 104.89 -39.93
C ALA A 129 -28.71 105.27 -38.53
N LYS A 130 -28.01 104.92 -37.44
CA LYS A 130 -28.30 105.41 -36.08
C LYS A 130 -27.83 106.84 -35.82
N ILE A 131 -26.76 107.28 -36.50
CA ILE A 131 -26.07 108.54 -36.17
C ILE A 131 -27.02 109.74 -36.37
N PRO A 132 -27.16 110.66 -35.40
CA PRO A 132 -28.10 111.78 -35.47
C PRO A 132 -27.53 112.96 -36.28
N VAL A 133 -27.64 112.89 -37.60
CA VAL A 133 -27.08 113.90 -38.52
C VAL A 133 -27.91 115.20 -38.62
N ASP A 134 -29.08 115.22 -37.99
CA ASP A 134 -30.15 116.20 -38.18
C ASP A 134 -30.17 117.31 -37.11
N ASP A 135 -31.07 118.29 -37.25
CA ASP A 135 -31.16 119.49 -36.39
C ASP A 135 -31.60 119.24 -34.93
N THR A 136 -31.79 118.00 -34.52
CA THR A 136 -31.87 117.59 -33.11
C THR A 136 -31.31 116.19 -32.97
N GLY A 137 -30.78 115.86 -31.81
CA GLY A 137 -29.95 114.68 -31.57
C GLY A 137 -30.64 113.32 -31.63
N MET A 138 -31.90 113.20 -32.07
CA MET A 138 -32.58 111.91 -32.23
C MET A 138 -32.13 111.18 -33.50
N GLU A 139 -32.07 109.85 -33.43
CA GLU A 139 -31.70 109.02 -34.59
C GLU A 139 -32.65 109.23 -35.78
N PRO A 140 -32.17 109.19 -37.03
CA PRO A 140 -33.00 109.35 -38.22
C PRO A 140 -34.15 108.34 -38.33
N ASP A 141 -35.20 108.72 -39.05
CA ASP A 141 -36.39 107.91 -39.29
C ASP A 141 -36.39 107.23 -40.65
N VAL A 142 -35.74 107.83 -41.64
CA VAL A 142 -35.47 107.22 -42.96
C VAL A 142 -34.01 107.40 -43.32
N CYS A 143 -33.38 106.39 -43.90
CA CYS A 143 -32.05 106.50 -44.52
C CYS A 143 -32.15 106.27 -46.03
N ILE A 144 -31.63 107.19 -46.84
CA ILE A 144 -31.53 107.04 -48.30
C ILE A 144 -30.19 106.39 -48.61
N ILE A 145 -30.15 105.20 -49.18
CA ILE A 145 -28.91 104.49 -49.51
C ILE A 145 -28.71 104.55 -51.02
N GLU A 146 -27.70 105.26 -51.50
CA GLU A 146 -27.41 105.29 -52.93
C GLU A 146 -26.31 104.31 -53.25
N LEU A 147 -26.62 103.32 -54.08
CA LEU A 147 -25.68 102.33 -54.57
C LEU A 147 -25.06 102.83 -55.87
N GLY A 148 -23.79 103.24 -55.84
CA GLY A 148 -23.05 103.62 -57.03
C GLY A 148 -22.71 102.46 -57.96
N GLY A 149 -22.11 102.78 -59.09
CA GLY A 149 -21.87 101.84 -60.19
C GLY A 149 -23.18 101.42 -60.88
N THR A 150 -23.18 100.26 -61.52
CA THR A 150 -24.41 99.64 -62.05
C THR A 150 -24.57 98.22 -61.56
N VAL A 151 -25.81 97.79 -61.31
CA VAL A 151 -26.10 96.41 -60.95
C VAL A 151 -25.65 95.48 -62.08
N GLY A 152 -24.88 94.44 -61.78
CA GLY A 152 -24.22 93.56 -62.77
C GLY A 152 -22.77 93.93 -63.09
N ASP A 153 -22.23 94.91 -62.37
CA ASP A 153 -20.78 95.22 -62.45
C ASP A 153 -20.10 94.17 -61.56
N ILE A 154 -18.85 93.76 -61.83
CA ILE A 154 -18.08 92.81 -60.96
C ILE A 154 -17.56 93.61 -59.76
N GLU A 155 -17.78 94.93 -59.73
CA GLU A 155 -17.31 95.86 -58.67
C GLU A 155 -18.44 96.12 -57.69
N SER A 156 -19.69 95.96 -58.11
CA SER A 156 -20.89 96.26 -57.30
C SER A 156 -21.55 94.97 -56.81
N ALA A 157 -20.99 93.79 -57.12
CA ALA A 157 -21.63 92.49 -56.78
C ALA A 157 -21.67 92.29 -55.25
N PRO A 158 -20.67 92.63 -54.43
CA PRO A 158 -20.75 92.48 -52.98
C PRO A 158 -21.88 93.27 -52.32
N PHE A 159 -22.18 94.45 -52.83
CA PHE A 159 -23.22 95.32 -52.27
C PHE A 159 -24.63 94.91 -52.61
N VAL A 160 -24.91 94.42 -53.81
CA VAL A 160 -26.25 93.87 -54.12
C VAL A 160 -26.53 92.57 -53.37
N GLU A 161 -25.51 91.76 -53.07
CA GLU A 161 -25.67 90.67 -52.10
C GLU A 161 -26.02 91.23 -50.71
N ALA A 162 -25.24 92.18 -50.20
CA ALA A 162 -25.47 92.68 -48.86
C ALA A 162 -26.84 93.35 -48.72
N LEU A 163 -27.24 94.14 -49.70
CA LEU A 163 -28.56 94.76 -49.74
C LEU A 163 -29.66 93.70 -49.87
N ARG A 164 -29.52 92.61 -50.65
CA ARG A 164 -30.55 91.56 -50.70
C ARG A 164 -30.79 90.98 -49.31
N GLN A 165 -29.74 90.57 -48.64
CA GLN A 165 -29.83 90.03 -47.29
C GLN A 165 -30.43 91.08 -46.33
N PHE A 166 -30.11 92.36 -46.56
CA PHE A 166 -30.68 93.46 -45.80
C PHE A 166 -32.19 93.63 -45.98
N GLN A 167 -32.79 93.19 -47.09
CA GLN A 167 -34.24 93.19 -47.25
C GLN A 167 -34.96 92.25 -46.28
N PHE A 168 -34.22 91.40 -45.55
CA PHE A 168 -34.72 90.44 -44.58
C PHE A 168 -34.26 90.78 -43.16
N LYS A 169 -33.02 91.26 -43.00
CA LYS A 169 -32.50 91.73 -41.71
C LYS A 169 -33.31 92.94 -41.24
N VAL A 170 -33.58 93.87 -42.15
CA VAL A 170 -34.69 94.83 -42.10
C VAL A 170 -35.91 94.16 -42.73
N GLY A 171 -37.13 94.46 -42.29
CA GLY A 171 -38.33 93.89 -42.93
C GLY A 171 -38.73 94.55 -44.26
N LYS A 172 -39.49 93.84 -45.10
CA LYS A 172 -40.39 94.48 -46.06
C LYS A 172 -41.42 95.30 -45.27
N GLU A 173 -41.94 96.38 -45.86
CA GLU A 173 -42.61 97.48 -45.13
C GLU A 173 -41.68 98.27 -44.18
N ASN A 174 -40.36 98.05 -44.22
CA ASN A 174 -39.35 98.98 -43.71
C ASN A 174 -38.31 99.33 -44.76
N PHE A 175 -38.02 98.47 -45.73
CA PHE A 175 -37.11 98.72 -46.84
C PHE A 175 -37.87 98.84 -48.17
N ALA A 176 -37.46 99.78 -49.04
CA ALA A 176 -37.96 99.91 -50.42
C ALA A 176 -36.84 100.31 -51.38
N LEU A 177 -36.98 100.01 -52.67
CA LEU A 177 -35.96 100.30 -53.68
C LEU A 177 -36.51 101.08 -54.86
N ILE A 178 -35.79 102.13 -55.26
CA ILE A 178 -35.98 102.90 -56.48
C ILE A 178 -34.89 102.52 -57.47
N HIS A 179 -35.22 102.01 -58.66
CA HIS A 179 -34.23 101.63 -59.66
C HIS A 179 -34.26 102.65 -60.79
N VAL A 180 -33.12 103.23 -61.11
CA VAL A 180 -33.04 104.31 -62.09
C VAL A 180 -32.55 103.73 -63.40
N SER A 181 -33.23 103.91 -64.53
CA SER A 181 -32.97 103.13 -65.75
C SER A 181 -33.13 103.93 -67.04
N LEU A 182 -32.59 103.46 -68.15
CA LEU A 182 -32.48 104.25 -69.38
C LEU A 182 -33.61 103.92 -70.36
N VAL A 183 -34.26 104.94 -70.89
CA VAL A 183 -35.15 104.81 -72.05
C VAL A 183 -34.48 105.59 -73.18
N PRO A 184 -33.59 104.99 -74.00
CA PRO A 184 -32.99 105.70 -75.11
C PRO A 184 -34.05 106.00 -76.15
N VAL A 185 -33.95 107.16 -76.78
CA VAL A 185 -34.77 107.55 -77.92
C VAL A 185 -33.90 107.50 -79.15
N ILE A 186 -34.22 106.62 -80.09
CA ILE A 186 -33.60 106.58 -81.42
C ILE A 186 -34.66 106.45 -82.49
N HIS A 187 -34.42 107.03 -83.68
CA HIS A 187 -35.44 107.17 -84.72
C HIS A 187 -36.74 107.81 -84.19
N GLY A 188 -36.62 108.70 -83.21
CA GLY A 188 -37.75 109.34 -82.53
C GLY A 188 -38.66 108.41 -81.71
N GLU A 189 -38.24 107.17 -81.38
CA GLU A 189 -39.01 106.24 -80.54
C GLU A 189 -38.31 105.88 -79.22
N GLN A 190 -39.03 105.98 -78.11
CA GLN A 190 -38.61 105.53 -76.78
C GLN A 190 -38.52 104.00 -76.67
N LYS A 191 -37.32 103.43 -76.60
CA LYS A 191 -37.12 101.98 -76.52
C LYS A 191 -37.09 101.52 -75.06
N THR A 192 -37.87 100.52 -74.69
CA THR A 192 -37.94 100.02 -73.30
C THR A 192 -36.89 98.98 -72.98
N LYS A 193 -36.28 98.31 -73.96
CA LYS A 193 -35.49 97.09 -73.73
C LYS A 193 -34.28 97.23 -72.80
N PRO A 194 -33.53 98.34 -72.71
CA PRO A 194 -32.46 98.44 -71.72
C PRO A 194 -33.01 98.38 -70.30
N THR A 195 -34.19 98.90 -70.03
CA THR A 195 -34.88 98.72 -68.74
C THR A 195 -35.29 97.27 -68.51
N GLN A 196 -35.78 96.54 -69.50
CA GLN A 196 -36.08 95.11 -69.35
C GLN A 196 -34.83 94.29 -69.02
N ALA A 197 -33.74 94.42 -69.79
CA ALA A 197 -32.48 93.71 -69.53
C ALA A 197 -31.82 94.08 -68.20
N ALA A 198 -31.88 95.34 -67.74
CA ALA A 198 -31.36 95.74 -66.44
C ALA A 198 -32.26 95.35 -65.28
N ILE A 199 -33.56 95.17 -65.48
CA ILE A 199 -34.47 94.64 -64.45
C ILE A 199 -34.34 93.13 -64.36
N LYS A 200 -34.15 92.43 -65.47
CA LYS A 200 -33.70 91.03 -65.48
C LYS A 200 -32.42 90.87 -64.67
N GLY A 201 -31.40 91.70 -64.90
CA GLY A 201 -30.21 91.75 -64.06
C GLY A 201 -30.54 91.98 -62.59
N LEU A 202 -31.36 92.96 -62.25
CA LEU A 202 -31.72 93.27 -60.87
C LEU A 202 -32.37 92.09 -60.16
N ARG A 203 -33.41 91.47 -60.74
CA ARG A 203 -34.06 90.34 -60.09
C ARG A 203 -33.15 89.11 -59.98
N SER A 204 -32.19 88.94 -60.88
CA SER A 204 -31.20 87.87 -60.78
C SER A 204 -30.46 87.92 -59.45
N LEU A 205 -29.99 89.10 -59.03
CA LEU A 205 -29.29 89.32 -57.76
C LEU A 205 -30.24 89.46 -56.55
N GLY A 206 -31.54 89.63 -56.80
CA GLY A 206 -32.63 89.30 -55.87
C GLY A 206 -33.36 90.49 -55.26
N LEU A 207 -32.88 91.70 -55.53
CA LEU A 207 -33.59 92.93 -55.21
C LEU A 207 -34.82 93.06 -56.12
N VAL A 208 -35.91 93.63 -55.64
CA VAL A 208 -37.11 93.93 -56.44
C VAL A 208 -37.46 95.41 -56.33
N PRO A 209 -37.67 96.13 -57.44
CA PRO A 209 -37.89 97.56 -57.40
C PRO A 209 -39.32 97.87 -57.05
N ASP A 210 -39.50 98.75 -56.08
CA ASP A 210 -40.81 99.29 -55.72
C ASP A 210 -41.18 100.50 -56.58
N MET A 211 -40.19 101.11 -57.21
CA MET A 211 -40.33 102.10 -58.25
C MET A 211 -39.28 101.90 -59.32
N ILE A 212 -39.60 102.32 -60.54
CA ILE A 212 -38.61 102.54 -61.58
C ILE A 212 -38.60 104.03 -61.88
N ALA A 213 -37.45 104.62 -62.14
CA ALA A 213 -37.33 106.01 -62.51
C ALA A 213 -36.49 106.17 -63.77
N CYS A 214 -37.01 106.80 -64.81
CA CYS A 214 -36.33 106.79 -66.10
C CYS A 214 -35.53 108.05 -66.42
N ARG A 215 -34.27 107.87 -66.79
CA ARG A 215 -33.55 108.84 -67.63
C ARG A 215 -34.10 108.71 -69.02
N CYS A 216 -34.67 109.79 -69.53
CA CYS A 216 -35.15 109.86 -70.89
C CYS A 216 -34.97 111.27 -71.44
N SER A 217 -34.74 111.38 -72.75
CA SER A 217 -34.67 112.67 -73.45
C SER A 217 -36.02 113.39 -73.53
N GLU A 218 -37.13 112.73 -73.17
CA GLU A 218 -38.49 113.18 -73.39
C GLU A 218 -39.39 112.98 -72.17
N THR A 219 -40.61 113.50 -72.19
CA THR A 219 -41.66 112.94 -71.33
C THR A 219 -41.95 111.52 -71.80
N LEU A 220 -41.91 110.51 -70.92
CA LEU A 220 -42.29 109.14 -71.30
C LEU A 220 -43.69 109.12 -71.89
N ASP A 221 -43.84 108.48 -73.04
CA ASP A 221 -45.16 108.23 -73.59
C ASP A 221 -45.97 107.31 -72.67
N LYS A 222 -47.29 107.50 -72.65
CA LYS A 222 -48.24 106.62 -71.97
C LYS A 222 -48.00 105.13 -72.28
N PRO A 223 -47.80 104.69 -73.54
CA PRO A 223 -47.40 103.32 -73.84
C PRO A 223 -46.02 102.91 -73.30
N THR A 224 -45.04 103.81 -73.18
CA THR A 224 -43.72 103.44 -72.62
C THR A 224 -43.84 103.10 -71.15
N ILE A 225 -44.59 103.86 -70.38
CA ILE A 225 -44.91 103.54 -68.99
C ILE A 225 -45.60 102.17 -68.89
N ASP A 226 -46.59 101.91 -69.75
CA ASP A 226 -47.29 100.62 -69.76
C ASP A 226 -46.37 99.46 -70.13
N LYS A 227 -45.47 99.62 -71.12
CA LYS A 227 -44.56 98.56 -71.54
C LYS A 227 -43.38 98.35 -70.60
N ILE A 228 -43.02 99.31 -69.74
CA ILE A 228 -42.15 99.06 -68.57
C ILE A 228 -42.93 98.35 -67.46
N ALA A 229 -44.10 98.83 -67.06
CA ALA A 229 -44.88 98.21 -65.98
C ALA A 229 -45.40 96.79 -66.32
N MET A 230 -45.59 96.45 -67.59
CA MET A 230 -45.89 95.08 -68.04
C MET A 230 -44.69 94.13 -67.93
N PHE A 231 -43.50 94.64 -67.62
CA PHE A 231 -42.24 93.89 -67.56
C PHE A 231 -41.53 93.97 -66.21
N CYS A 232 -42.10 94.68 -65.24
CA CYS A 232 -41.57 94.87 -63.90
C CYS A 232 -42.69 94.84 -62.86
N HIS A 233 -42.38 94.59 -61.60
CA HIS A 233 -43.41 94.37 -60.58
C HIS A 233 -43.95 95.66 -59.93
N VAL A 234 -44.13 96.71 -60.74
CA VAL A 234 -44.57 98.06 -60.35
C VAL A 234 -45.89 98.40 -61.03
N GLY A 235 -46.78 99.17 -60.38
CA GLY A 235 -47.93 99.74 -61.07
C GLY A 235 -47.48 100.80 -62.08
N PRO A 236 -48.29 101.18 -63.07
CA PRO A 236 -47.91 102.21 -64.03
C PRO A 236 -47.70 103.60 -63.40
N GLU A 237 -48.25 103.84 -62.22
CA GLU A 237 -48.07 105.07 -61.44
C GLU A 237 -46.74 105.15 -60.66
N GLN A 238 -45.95 104.06 -60.61
CA GLN A 238 -44.59 104.03 -60.03
C GLN A 238 -43.48 103.90 -61.09
N VAL A 239 -43.76 104.18 -62.36
CA VAL A 239 -42.71 104.49 -63.34
C VAL A 239 -42.52 105.99 -63.38
N VAL A 240 -41.69 106.50 -62.46
CA VAL A 240 -41.32 107.91 -62.31
C VAL A 240 -40.47 108.36 -63.48
N ASN A 241 -40.43 109.66 -63.77
CA ASN A 241 -39.67 110.21 -64.88
C ASN A 241 -39.06 111.58 -64.56
N VAL A 242 -37.74 111.63 -64.39
CA VAL A 242 -36.98 112.86 -64.17
C VAL A 242 -36.63 113.49 -65.53
N HIS A 243 -37.60 114.14 -66.16
CA HIS A 243 -37.41 114.81 -67.46
C HIS A 243 -36.74 116.19 -67.31
N ASP A 244 -36.44 116.83 -68.44
CA ASP A 244 -35.93 118.20 -68.46
C ASP A 244 -36.85 119.16 -67.67
N VAL A 245 -36.25 119.95 -66.79
CA VAL A 245 -36.91 120.94 -65.91
C VAL A 245 -36.11 122.23 -65.86
N ASN A 246 -36.73 123.32 -65.41
CA ASN A 246 -36.11 124.65 -65.49
C ASN A 246 -34.77 124.72 -64.73
N SER A 247 -34.66 124.03 -63.60
CA SER A 247 -33.40 123.85 -62.88
C SER A 247 -33.46 122.65 -61.94
N THR A 248 -32.31 122.16 -61.51
CA THR A 248 -32.19 120.95 -60.67
C THR A 248 -32.94 121.07 -59.34
N TYR A 249 -33.13 122.27 -58.81
CA TYR A 249 -33.89 122.47 -57.58
C TYR A 249 -35.39 122.23 -57.75
N HIS A 250 -35.90 122.11 -58.97
CA HIS A 250 -37.29 121.73 -59.22
C HIS A 250 -37.54 120.22 -59.08
N VAL A 251 -36.53 119.37 -59.17
CA VAL A 251 -36.74 117.91 -59.18
C VAL A 251 -37.56 117.41 -57.99
N PRO A 252 -37.39 117.81 -56.73
CA PRO A 252 -38.26 117.31 -55.68
C PRO A 252 -39.73 117.73 -55.86
N LEU A 253 -40.03 118.88 -56.44
CA LEU A 253 -41.41 119.19 -56.80
C LEU A 253 -41.89 118.31 -57.97
N LEU A 254 -41.05 118.03 -58.98
CA LEU A 254 -41.40 117.09 -60.05
C LEU A 254 -41.75 115.70 -59.49
N LEU A 255 -40.93 115.14 -58.61
CA LEU A 255 -41.18 113.84 -57.98
C LEU A 255 -42.47 113.88 -57.16
N LEU A 256 -42.69 114.91 -56.36
CA LEU A 256 -43.91 115.06 -55.59
C LEU A 256 -45.17 115.21 -56.46
N GLU A 257 -45.10 115.90 -57.59
CA GLU A 257 -46.23 116.03 -58.52
C GLU A 257 -46.48 114.75 -59.32
N GLN A 258 -45.46 113.93 -59.57
CA GLN A 258 -45.61 112.56 -60.07
C GLN A 258 -46.08 111.57 -58.98
N LYS A 259 -46.60 112.07 -57.85
CA LYS A 259 -47.13 111.26 -56.72
C LYS A 259 -46.13 110.25 -56.18
N MET A 260 -44.84 110.56 -56.26
CA MET A 260 -43.79 109.66 -55.82
C MET A 260 -43.87 109.38 -54.31
N ILE A 261 -44.06 110.42 -53.50
CA ILE A 261 -44.18 110.28 -52.04
C ILE A 261 -45.53 109.72 -51.60
N ASP A 262 -46.61 109.98 -52.32
CA ASP A 262 -47.91 109.44 -51.97
C ASP A 262 -47.94 107.90 -52.06
N TYR A 263 -47.02 107.31 -52.82
CA TYR A 263 -46.71 105.89 -52.74
C TYR A 263 -45.78 105.56 -51.58
N LEU A 264 -44.61 106.20 -51.43
CA LEU A 264 -43.65 105.86 -50.35
C LEU A 264 -44.27 105.98 -48.95
N HIS A 265 -45.16 106.93 -48.74
CA HIS A 265 -45.96 107.03 -47.52
C HIS A 265 -46.67 105.70 -47.17
N ALA A 266 -47.31 105.05 -48.14
CA ALA A 266 -47.99 103.78 -47.97
C ALA A 266 -47.00 102.60 -47.98
N ARG A 267 -46.06 102.58 -48.92
CA ARG A 267 -45.10 101.48 -49.14
C ARG A 267 -44.11 101.30 -47.99
N LEU A 268 -43.77 102.36 -47.28
CA LEU A 268 -42.99 102.34 -46.04
C LEU A 268 -43.85 102.56 -44.79
N LYS A 269 -45.18 102.60 -44.94
CA LYS A 269 -46.18 102.75 -43.88
C LYS A 269 -45.82 103.83 -42.85
N LEU A 270 -45.49 105.02 -43.33
CA LEU A 270 -44.89 106.11 -42.53
C LEU A 270 -45.82 106.76 -41.50
N ASP A 271 -47.10 106.43 -41.47
CA ASP A 271 -47.94 106.70 -40.28
C ASP A 271 -47.38 106.07 -39.00
N GLU A 272 -46.53 105.05 -39.10
CA GLU A 272 -45.92 104.38 -37.94
C GLU A 272 -44.77 105.19 -37.29
N ILE A 273 -44.31 106.30 -37.87
CA ILE A 273 -43.37 107.20 -37.18
C ILE A 273 -44.17 108.17 -36.31
N THR A 274 -43.80 113.80 -33.78
CA THR A 274 -44.09 114.89 -32.83
C THR A 274 -44.47 116.18 -33.55
N GLU A 275 -45.17 117.10 -32.89
CA GLU A 275 -45.62 118.37 -33.49
C GLU A 275 -44.46 119.19 -34.09
N GLU A 276 -43.28 119.17 -33.47
CA GLU A 276 -42.08 119.82 -34.02
C GLU A 276 -41.74 119.28 -35.43
N GLU A 277 -41.80 117.97 -35.66
CA GLU A 277 -41.54 117.37 -36.97
C GLU A 277 -42.62 117.75 -37.98
N LYS A 278 -43.88 117.71 -37.58
CA LYS A 278 -45.00 118.06 -38.46
C LYS A 278 -44.89 119.53 -38.90
N GLN A 279 -44.58 120.44 -37.99
CA GLN A 279 -44.32 121.83 -38.30
C GLN A 279 -43.11 122.01 -39.22
N ARG A 280 -41.95 121.43 -38.86
CA ARG A 280 -40.74 121.53 -39.69
C ARG A 280 -40.92 120.93 -41.08
N GLY A 281 -41.84 119.99 -41.26
CA GLY A 281 -42.27 119.53 -42.57
C GLY A 281 -42.97 120.61 -43.38
N LEU A 282 -44.00 121.25 -42.83
CA LEU A 282 -44.72 122.32 -43.52
C LEU A 282 -43.80 123.52 -43.81
N GLU A 283 -42.95 123.89 -42.88
CA GLU A 283 -41.95 124.94 -43.09
C GLU A 283 -40.99 124.60 -44.22
N LEU A 284 -40.54 123.35 -44.35
CA LEU A 284 -39.65 122.98 -45.46
C LEU A 284 -40.35 123.10 -46.80
N LEU A 285 -41.63 122.72 -46.90
CA LEU A 285 -42.42 122.98 -48.10
C LEU A 285 -42.57 124.47 -48.39
N SER A 286 -42.86 125.31 -47.39
CA SER A 286 -42.98 126.75 -47.60
C SER A 286 -41.69 127.36 -48.13
N LYS A 287 -40.55 126.97 -47.55
CA LYS A 287 -39.22 127.41 -47.99
C LYS A 287 -38.87 126.88 -49.37
N TRP A 288 -39.35 125.70 -49.75
CA TRP A 288 -39.20 125.22 -51.12
C TRP A 288 -40.03 126.06 -52.08
N LYS A 289 -41.29 126.35 -51.76
CA LYS A 289 -42.12 127.24 -52.58
C LYS A 289 -41.48 128.62 -52.72
N ALA A 290 -40.85 129.16 -51.69
CA ALA A 290 -40.07 130.40 -51.76
C ALA A 290 -38.88 130.34 -52.73
N THR A 291 -37.94 129.40 -52.58
CA THR A 291 -36.81 129.31 -53.53
C THR A 291 -37.27 129.00 -54.95
N THR A 292 -38.34 128.24 -55.11
CA THR A 292 -38.94 128.01 -56.42
C THR A 292 -39.54 129.29 -56.99
N GLY A 293 -40.30 130.06 -56.19
CA GLY A 293 -40.85 131.34 -56.60
C GLY A 293 -39.75 132.31 -57.02
N ASN A 294 -38.68 132.41 -56.24
CA ASN A 294 -37.49 133.19 -56.58
C ASN A 294 -36.80 132.79 -57.89
N PHE A 295 -37.09 131.63 -58.48
CA PHE A 295 -36.62 131.29 -59.83
C PHE A 295 -37.58 131.80 -60.90
N ASP A 296 -38.88 131.57 -60.74
CA ASP A 296 -39.89 132.13 -61.67
C ASP A 296 -39.90 133.66 -61.68
N GLU A 297 -39.88 134.27 -60.49
CA GLU A 297 -39.84 135.72 -60.25
C GLU A 297 -38.44 136.32 -60.46
N GLU A 298 -33.93 139.16 -63.99
CA GLU A 298 -32.68 139.82 -64.42
C GLU A 298 -31.42 139.00 -64.11
N THR A 299 -30.42 139.03 -64.99
CA THR A 299 -29.16 138.27 -64.85
C THR A 299 -28.10 138.98 -64.00
N VAL A 300 -27.31 138.21 -63.25
CA VAL A 300 -26.03 138.60 -62.65
C VAL A 300 -24.92 137.80 -63.33
N LYS A 301 -23.90 138.46 -63.88
CA LYS A 301 -22.78 137.80 -64.58
C LYS A 301 -21.58 137.76 -63.63
N ILE A 302 -21.00 136.60 -63.33
CA ILE A 302 -19.84 136.47 -62.43
C ILE A 302 -18.70 135.78 -63.16
N ALA A 303 -17.50 136.34 -63.17
CA ALA A 303 -16.34 135.64 -63.70
C ALA A 303 -15.73 134.81 -62.59
N LEU A 304 -15.67 133.50 -62.76
CA LEU A 304 -14.95 132.59 -61.87
C LEU A 304 -13.61 132.29 -62.53
N VAL A 305 -12.53 132.73 -61.89
CA VAL A 305 -11.19 132.78 -62.47
C VAL A 305 -10.29 131.82 -61.71
N GLY A 306 -9.80 130.77 -62.36
CA GLY A 306 -8.94 129.80 -61.69
C GLY A 306 -8.19 128.90 -62.63
N LYS A 307 -7.42 127.96 -62.08
CA LYS A 307 -6.76 126.91 -62.87
C LYS A 307 -7.79 125.96 -63.48
N TYR A 308 -7.55 125.55 -64.72
CA TYR A 308 -8.22 124.41 -65.39
C TYR A 308 -9.74 124.39 -65.22
N THR A 309 -10.39 125.55 -65.36
CA THR A 309 -11.85 125.71 -65.32
C THR A 309 -12.62 124.88 -66.36
N ASN A 310 -11.93 124.32 -67.35
CA ASN A 310 -12.46 123.32 -68.27
C ASN A 310 -13.02 122.09 -67.52
N LEU A 311 -12.40 121.72 -66.39
CA LEU A 311 -12.75 120.60 -65.53
C LEU A 311 -13.83 121.01 -64.53
N LYS A 312 -15.03 121.28 -65.03
CA LYS A 312 -16.08 122.01 -64.30
C LYS A 312 -16.57 121.32 -63.00
N ASP A 313 -16.50 120.00 -62.90
CA ASP A 313 -16.76 119.30 -61.62
C ASP A 313 -15.76 119.65 -60.51
N SER A 314 -14.55 120.09 -60.88
CA SER A 314 -13.52 120.47 -59.92
C SER A 314 -13.87 121.72 -59.10
N TYR A 315 -14.89 122.47 -59.53
CA TYR A 315 -15.43 123.64 -58.82
C TYR A 315 -16.90 123.44 -58.42
N LEU A 316 -17.40 122.21 -58.35
CA LEU A 316 -18.83 121.95 -58.15
C LEU A 316 -19.44 122.67 -56.95
N SER A 317 -18.80 122.66 -55.78
CA SER A 317 -19.38 123.28 -54.59
C SER A 317 -19.53 124.77 -54.76
N VAL A 318 -18.55 125.42 -55.39
CA VAL A 318 -18.56 126.85 -55.68
C VAL A 318 -19.76 127.19 -56.54
N ILE A 319 -20.04 126.41 -57.60
CA ILE A 319 -21.22 126.64 -58.45
C ILE A 319 -22.49 126.56 -57.62
N LYS A 320 -22.66 125.51 -56.83
CA LYS A 320 -23.88 125.33 -56.02
C LYS A 320 -24.03 126.45 -54.99
N ALA A 321 -22.96 126.94 -54.38
CA ALA A 321 -23.02 128.07 -53.45
C ALA A 321 -23.47 129.38 -54.12
N LEU A 322 -23.08 129.61 -55.37
CA LEU A 322 -23.58 130.72 -56.17
C LEU A 322 -25.05 130.54 -56.57
N GLU A 323 -25.49 129.32 -56.89
CA GLU A 323 -26.90 129.04 -57.19
C GLU A 323 -27.80 129.30 -55.98
N HIS A 324 -27.44 128.81 -54.80
CA HIS A 324 -28.29 128.96 -53.60
C HIS A 324 -28.52 130.43 -53.28
N SER A 325 -27.45 131.22 -53.36
CA SER A 325 -27.49 132.66 -53.12
C SER A 325 -28.26 133.39 -54.21
N SER A 326 -28.08 133.03 -55.49
CA SER A 326 -28.78 133.70 -56.59
C SER A 326 -30.30 133.57 -56.51
N MET A 327 -30.83 132.47 -55.97
CA MET A 327 -32.26 132.33 -55.70
C MET A 327 -32.74 133.21 -54.55
N LYS A 328 -31.87 133.62 -53.62
CA LYS A 328 -32.26 134.58 -52.60
C LYS A 328 -32.40 135.98 -53.23
N CYS A 329 -31.46 136.37 -54.08
CA CYS A 329 -31.47 137.63 -54.83
C CYS A 329 -32.49 137.70 -55.98
N ARG A 330 -33.29 136.66 -56.23
CA ARG A 330 -34.22 136.53 -57.35
C ARG A 330 -33.59 136.71 -58.74
N ARG A 331 -32.28 136.58 -58.88
CA ARG A 331 -31.56 136.92 -60.12
C ARG A 331 -30.93 135.71 -60.75
N LYS A 332 -30.93 135.65 -62.08
CA LYS A 332 -30.43 134.53 -62.86
C LYS A 332 -28.92 134.53 -62.87
N LEU A 333 -28.30 133.41 -62.56
CA LEU A 333 -26.84 133.30 -62.47
C LEU A 333 -26.22 132.94 -63.81
N ASP A 334 -25.19 133.67 -64.20
CA ASP A 334 -24.41 133.40 -65.41
C ASP A 334 -22.92 133.37 -65.11
N ILE A 335 -22.39 132.22 -64.74
CA ILE A 335 -20.96 132.07 -64.46
C ILE A 335 -20.19 132.10 -65.78
N LYS A 336 -19.26 133.04 -65.94
CA LYS A 336 -18.24 133.00 -66.99
C LYS A 336 -17.05 132.21 -66.46
N TRP A 337 -16.67 131.16 -67.16
CA TRP A 337 -15.51 130.35 -66.83
C TRP A 337 -14.25 130.90 -67.49
N VAL A 338 -13.30 131.37 -66.69
CA VAL A 338 -12.03 131.93 -67.15
C VAL A 338 -10.89 131.03 -66.74
N GLU A 339 -10.06 130.56 -67.67
CA GLU A 339 -8.78 129.99 -67.29
C GLU A 339 -7.85 131.11 -66.86
N ALA A 340 -7.39 131.08 -65.62
CA ALA A 340 -6.56 132.13 -65.06
C ALA A 340 -5.30 132.38 -65.88
N THR A 341 -4.65 131.34 -66.40
CA THR A 341 -3.43 131.51 -67.19
C THR A 341 -3.66 132.25 -68.52
N ASP A 342 -4.87 132.24 -69.07
CA ASP A 342 -5.16 132.99 -70.29
C ASP A 342 -5.23 134.51 -70.08
N LEU A 343 -5.25 134.99 -68.84
CA LEU A 343 -5.17 136.42 -68.55
C LEU A 343 -3.75 136.96 -68.62
N GLU A 344 -2.74 136.10 -68.60
CA GLU A 344 -1.35 136.51 -68.43
C GLU A 344 -0.81 137.35 -69.62
N PRO A 345 0.06 138.34 -69.39
CA PRO A 345 0.74 139.07 -70.46
C PRO A 345 1.54 138.19 -71.44
N GLU A 346 1.99 137.01 -71.00
CA GLU A 346 2.65 136.02 -71.85
C GLU A 346 1.67 135.29 -72.79
N ALA A 347 0.43 135.08 -72.35
CA ALA A 347 -0.56 134.39 -73.18
C ALA A 347 -0.88 135.18 -74.45
N GLN A 348 -0.71 136.50 -74.44
CA GLN A 348 -0.99 137.38 -75.58
C GLN A 348 -0.15 137.06 -76.83
N GLU A 349 1.10 136.64 -76.70
CA GLU A 349 1.88 136.16 -77.85
C GLU A 349 1.71 134.66 -78.09
N SER A 350 1.46 133.88 -77.03
CA SER A 350 1.40 132.42 -77.12
C SER A 350 0.10 131.91 -77.75
N ASN A 351 -1.04 132.45 -77.35
CA ASN A 351 -2.38 131.97 -77.70
C ASN A 351 -3.40 133.13 -77.70
N LYS A 352 -3.15 134.15 -78.52
CA LYS A 352 -3.82 135.45 -78.46
C LYS A 352 -5.35 135.37 -78.42
N THR A 353 -5.96 134.47 -79.20
CA THR A 353 -7.42 134.39 -79.32
C THR A 353 -8.10 134.11 -77.99
N LYS A 354 -7.60 133.11 -77.27
CA LYS A 354 -8.16 132.73 -75.97
C LYS A 354 -7.91 133.79 -74.90
N PHE A 355 -6.79 134.49 -74.99
CA PHE A 355 -6.48 135.62 -74.13
C PHE A 355 -7.50 136.76 -74.25
N HIS A 356 -7.96 137.10 -75.46
CA HIS A 356 -9.05 138.07 -75.62
C HIS A 356 -10.37 137.54 -75.08
N GLU A 357 -10.70 136.26 -75.27
CA GLU A 357 -11.93 135.70 -74.69
C GLU A 357 -11.91 135.78 -73.16
N ALA A 358 -10.78 135.47 -72.54
CA ALA A 358 -10.61 135.55 -71.10
C ALA A 358 -10.79 136.99 -70.58
N TRP A 359 -10.14 137.95 -71.23
CA TRP A 359 -10.26 139.34 -70.81
C TRP A 359 -11.63 139.95 -71.08
N ASN A 360 -12.33 139.56 -72.15
CA ASN A 360 -13.71 140.00 -72.33
C ASN A 360 -14.59 139.53 -71.17
N MET A 361 -14.45 138.28 -70.73
CA MET A 361 -15.21 137.76 -69.59
C MET A 361 -14.92 138.59 -68.35
N VAL A 362 -13.65 138.82 -68.01
CA VAL A 362 -13.27 139.63 -66.82
C VAL A 362 -13.85 141.03 -66.89
N SER A 363 -13.79 141.66 -68.06
CA SER A 363 -14.31 143.01 -68.32
C SER A 363 -15.83 143.12 -68.30
N THR A 364 -16.53 142.06 -68.66
CA THR A 364 -18.00 142.02 -68.71
C THR A 364 -18.60 141.84 -67.32
N ALA A 365 -17.97 141.03 -66.47
CA ALA A 365 -18.61 140.50 -65.28
C ALA A 365 -19.02 141.55 -64.25
N ASP A 366 -20.18 141.37 -63.63
CA ASP A 366 -20.67 142.17 -62.51
C ASP A 366 -20.01 141.84 -61.18
N GLY A 367 -19.30 140.72 -61.11
CA GLY A 367 -18.51 140.32 -59.95
C GLY A 367 -17.36 139.42 -60.35
N ILE A 368 -16.30 139.38 -59.56
CA ILE A 368 -15.16 138.49 -59.76
C ILE A 368 -15.06 137.52 -58.59
N LEU A 369 -14.65 136.29 -58.87
CA LEU A 369 -14.55 135.22 -57.90
C LEU A 369 -13.28 134.43 -58.18
N ILE A 370 -12.37 134.39 -57.22
CA ILE A 370 -11.19 133.55 -57.27
C ILE A 370 -11.45 132.37 -56.32
N PRO A 371 -11.54 131.12 -56.81
CA PRO A 371 -12.34 130.07 -56.17
C PRO A 371 -11.59 129.13 -55.22
N GLY A 372 -10.32 129.41 -54.89
CA GLY A 372 -9.50 128.50 -54.09
C GLY A 372 -8.93 127.35 -54.89
N GLY A 373 -8.20 127.69 -55.94
CA GLY A 373 -7.58 126.74 -56.85
C GLY A 373 -6.55 125.80 -56.23
N PHE A 374 -6.14 124.80 -57.01
CA PHE A 374 -5.14 123.80 -56.65
C PHE A 374 -3.80 124.09 -57.36
N GLY A 375 -2.72 124.18 -56.59
CA GLY A 375 -1.37 124.46 -57.10
C GLY A 375 -1.14 125.89 -57.61
N VAL A 376 0.07 126.16 -58.11
CA VAL A 376 0.53 127.55 -58.35
C VAL A 376 0.20 128.13 -59.73
N ARG A 377 -0.01 127.29 -60.75
CA ARG A 377 0.00 127.68 -62.18
C ARG A 377 -0.80 128.94 -62.53
N GLY A 378 -2.05 129.03 -62.09
CA GLY A 378 -2.94 130.15 -62.43
C GLY A 378 -2.60 131.49 -61.77
N THR A 379 -1.69 131.53 -60.81
CA THR A 379 -1.52 132.66 -59.89
C THR A 379 -1.36 133.99 -60.61
N GLU A 380 -0.53 134.07 -61.64
CA GLU A 380 -0.19 135.36 -62.27
C GLU A 380 -1.40 136.04 -62.89
N GLY A 381 -2.31 135.29 -63.51
CA GLY A 381 -3.56 135.86 -64.02
C GLY A 381 -4.54 136.20 -62.90
N MET A 382 -4.65 135.37 -61.88
CA MET A 382 -5.52 135.65 -60.74
C MET A 382 -5.13 136.92 -59.99
N VAL A 383 -3.86 137.31 -60.00
CA VAL A 383 -3.41 138.61 -59.50
C VAL A 383 -4.05 139.76 -60.27
N LEU A 384 -4.00 139.72 -61.60
CA LEU A 384 -4.57 140.75 -62.49
C LEU A 384 -6.10 140.80 -62.40
N ALA A 385 -6.78 139.68 -62.17
CA ALA A 385 -8.21 139.68 -61.87
C ALA A 385 -8.52 140.33 -60.51
N ALA A 386 -7.69 140.14 -59.48
CA ALA A 386 -7.89 140.82 -58.21
C ALA A 386 -7.63 142.33 -58.28
N ARG A 387 -6.62 142.75 -59.05
CA ARG A 387 -6.28 144.15 -59.36
C ARG A 387 -7.40 144.85 -60.09
N TRP A 388 -7.99 144.18 -61.07
CA TRP A 388 -9.14 144.67 -61.82
C TRP A 388 -10.33 145.01 -60.94
N ALA A 389 -10.61 144.21 -59.90
CA ALA A 389 -11.68 144.47 -58.95
C ALA A 389 -11.29 145.35 -57.75
N ARG A 390 -10.00 145.48 -57.42
CA ARG A 390 -9.56 146.44 -56.40
C ARG A 390 -9.74 147.85 -56.92
N GLU A 391 -9.24 148.13 -58.12
CA GLU A 391 -9.11 149.48 -58.65
C GLU A 391 -10.46 150.02 -59.13
N ASN A 392 -11.03 149.39 -60.14
CA ASN A 392 -12.42 149.59 -60.54
C ASN A 392 -13.31 148.92 -59.49
N HIS A 393 -14.36 149.55 -58.97
CA HIS A 393 -15.15 149.03 -57.83
C HIS A 393 -16.06 147.81 -58.14
N ILE A 394 -15.55 146.78 -58.82
CA ILE A 394 -16.24 145.51 -59.08
C ILE A 394 -16.35 144.69 -57.78
N PRO A 395 -17.51 144.13 -57.41
CA PRO A 395 -17.62 143.17 -56.32
C PRO A 395 -16.70 141.95 -56.49
N PHE A 396 -16.13 141.45 -55.40
CA PHE A 396 -15.13 140.39 -55.40
C PHE A 396 -15.29 139.45 -54.22
N LEU A 397 -15.05 138.16 -54.43
CA LEU A 397 -14.79 137.20 -53.36
C LEU A 397 -13.57 136.36 -53.68
N GLY A 398 -12.63 136.28 -52.75
CA GLY A 398 -11.50 135.37 -52.83
C GLY A 398 -11.68 134.25 -51.82
N VAL A 399 -11.59 133.00 -52.26
CA VAL A 399 -11.69 131.82 -51.40
C VAL A 399 -10.34 131.14 -51.30
N CYS A 400 -9.81 130.93 -50.11
CA CYS A 400 -8.52 130.27 -49.85
C CYS A 400 -7.35 130.87 -50.65
N LEU A 401 -6.87 130.22 -51.71
CA LEU A 401 -5.91 130.83 -52.63
C LEU A 401 -6.38 132.20 -53.14
N GLY A 402 -7.67 132.47 -53.17
CA GLY A 402 -8.19 133.79 -53.48
C GLY A 402 -7.89 134.83 -52.41
N LEU A 403 -7.91 134.51 -51.11
CA LEU A 403 -7.43 135.45 -50.08
C LEU A 403 -5.93 135.65 -50.21
N GLN A 404 -5.20 134.56 -50.45
CA GLN A 404 -3.78 134.59 -50.68
C GLN A 404 -3.47 135.55 -51.82
N ILE A 405 -4.22 135.49 -52.93
CA ILE A 405 -4.03 136.35 -54.09
C ILE A 405 -4.61 137.75 -53.92
N ALA A 406 -5.67 137.95 -53.15
CA ALA A 406 -6.09 139.29 -52.73
C ALA A 406 -4.99 139.98 -51.93
N THR A 407 -4.27 139.25 -51.07
CA THR A 407 -3.20 139.82 -50.27
C THR A 407 -1.91 140.00 -51.07
N ILE A 408 -1.51 139.04 -51.91
CA ILE A 408 -0.41 139.23 -52.86
C ILE A 408 -0.68 140.43 -53.75
N GLU A 409 -1.88 140.62 -54.28
CA GLU A 409 -2.15 141.76 -55.17
C GLU A 409 -2.08 143.08 -54.40
N PHE A 410 -2.78 143.20 -53.27
CA PHE A 410 -2.75 144.42 -52.48
C PHE A 410 -1.32 144.76 -52.03
N THR A 411 -0.51 143.77 -51.69
CA THR A 411 0.94 143.96 -51.47
C THR A 411 1.62 144.46 -52.75
N ARG A 412 1.47 143.76 -53.86
CA ARG A 412 2.13 144.00 -55.16
C ARG A 412 1.73 145.32 -55.85
N SER A 413 0.69 146.00 -55.40
CA SER A 413 0.16 147.21 -56.05
C SER A 413 -0.09 148.39 -55.13
N VAL A 414 -0.45 148.15 -53.86
CA VAL A 414 -0.70 149.22 -52.89
C VAL A 414 0.54 149.51 -52.06
N LEU A 415 1.32 148.49 -51.66
CA LEU A 415 2.60 148.66 -50.94
C LEU A 415 3.82 148.76 -51.87
N GLY A 416 3.65 148.75 -53.18
CA GLY A 416 4.74 148.51 -54.13
C GLY A 416 5.15 147.03 -54.13
N ARG A 417 6.33 146.72 -53.57
CA ARG A 417 6.81 145.34 -53.27
C ARG A 417 6.61 144.33 -54.41
N LYS A 418 6.96 144.70 -55.65
CA LYS A 418 6.63 143.95 -56.88
C LYS A 418 7.21 142.53 -56.95
N ASP A 419 8.24 142.23 -56.16
CA ASP A 419 8.84 140.88 -56.04
C ASP A 419 8.02 139.90 -55.17
N SER A 420 7.01 140.35 -54.42
CA SER A 420 6.29 139.49 -53.46
C SER A 420 5.46 138.39 -54.14
N HIS A 421 5.34 137.24 -53.50
CA HIS A 421 4.83 135.99 -54.07
C HIS A 421 4.34 135.06 -52.95
N SER A 422 3.61 134.01 -53.28
CA SER A 422 3.27 132.93 -52.34
C SER A 422 4.53 132.26 -51.75
N ALA A 423 4.42 131.72 -50.54
CA ALA A 423 5.47 130.90 -49.92
C ALA A 423 5.86 129.68 -50.76
N GLU A 424 5.02 129.29 -51.73
CA GLU A 424 5.34 128.30 -52.74
C GLU A 424 6.65 128.57 -53.50
N PHE A 425 6.99 129.84 -53.79
CA PHE A 425 8.30 130.24 -54.34
C PHE A 425 9.34 130.37 -53.21
N TYR A 426 9.59 129.24 -52.57
CA TYR A 426 10.36 129.11 -51.33
C TYR A 426 11.74 129.83 -51.33
N PRO A 427 12.62 129.68 -52.35
CA PRO A 427 14.00 130.20 -52.25
C PRO A 427 14.14 131.72 -52.40
N ASP A 428 13.07 132.48 -52.63
CA ASP A 428 13.11 133.95 -52.55
C ASP A 428 13.21 134.45 -51.10
N ILE A 429 12.74 133.66 -50.12
CA ILE A 429 12.79 133.88 -48.67
C ILE A 429 12.21 135.24 -48.21
N ASP A 430 12.92 136.35 -48.37
CA ASP A 430 12.62 137.65 -47.77
C ASP A 430 11.27 138.24 -48.23
N GLU A 431 10.82 137.90 -49.45
CA GLU A 431 9.60 138.44 -50.09
C GLU A 431 8.40 137.47 -50.12
N LYS A 432 8.49 136.34 -49.41
CA LYS A 432 7.37 135.41 -49.24
C LYS A 432 6.22 136.11 -48.51
N ASN A 433 5.05 136.15 -49.14
CA ASN A 433 3.83 136.78 -48.60
C ASN A 433 3.13 135.92 -47.53
N HIS A 434 3.52 134.66 -47.37
CA HIS A 434 2.86 133.65 -46.54
C HIS A 434 3.85 132.88 -45.65
N VAL A 435 3.33 132.12 -44.68
CA VAL A 435 4.09 131.24 -43.80
C VAL A 435 3.40 129.87 -43.69
N VAL A 436 4.20 128.81 -43.58
CA VAL A 436 3.72 127.45 -43.32
C VAL A 436 3.02 127.35 -41.96
N VAL A 437 1.92 126.61 -41.92
CA VAL A 437 1.19 126.29 -40.70
C VAL A 437 0.50 124.91 -40.84
N PHE A 438 1.26 123.83 -40.66
CA PHE A 438 0.78 122.46 -40.86
C PHE A 438 -0.14 121.92 -39.76
N MET A 439 -0.10 122.48 -38.54
CA MET A 439 -0.77 121.97 -37.34
C MET A 439 -0.60 120.46 -37.13
N MET A 440 -1.81 119.88 -42.59
CA MET A 440 -2.86 120.74 -43.13
C MET A 440 -3.92 121.08 -42.06
N ARG A 441 -4.35 122.34 -41.99
CA ARG A 441 -5.50 122.76 -41.19
C ARG A 441 -6.76 122.32 -41.91
N LEU A 442 -7.64 121.57 -41.24
CA LEU A 442 -8.83 120.91 -41.80
C LEU A 442 -10.05 121.06 -40.89
N GLY A 443 -11.23 120.76 -41.43
CA GLY A 443 -12.47 120.61 -40.67
C GLY A 443 -13.05 121.90 -40.11
N LEU A 444 -14.17 121.76 -39.40
CA LEU A 444 -14.89 122.88 -38.83
C LEU A 444 -14.09 123.48 -37.69
N ARG A 445 -13.63 124.71 -37.89
CA ARG A 445 -12.98 125.53 -36.85
C ARG A 445 -13.72 126.87 -36.71
N PRO A 446 -13.75 127.51 -35.53
CA PRO A 446 -14.38 128.81 -35.37
C PRO A 446 -13.59 129.93 -36.07
N THR A 447 -14.20 131.09 -36.23
CA THR A 447 -13.55 132.36 -36.56
C THR A 447 -14.28 133.51 -35.89
N PHE A 448 -13.54 134.46 -35.32
CA PHE A 448 -14.05 135.50 -34.44
C PHE A 448 -13.82 136.88 -35.08
N PHE A 449 -14.85 137.71 -35.13
CA PHE A 449 -14.71 139.06 -35.67
C PHE A 449 -13.85 139.94 -34.77
N GLN A 450 -13.03 140.82 -35.35
CA GLN A 450 -12.24 141.79 -34.59
C GLN A 450 -13.17 142.88 -34.03
N ASN A 451 -13.12 143.14 -32.73
CA ASN A 451 -14.26 143.73 -31.99
C ASN A 451 -14.67 145.18 -32.37
N GLU A 452 -13.86 145.89 -33.15
CA GLU A 452 -14.09 147.27 -33.60
C GLU A 452 -14.80 147.36 -34.98
N THR A 453 -14.83 146.28 -35.77
CA THR A 453 -15.16 146.33 -37.21
C THR A 453 -16.67 146.39 -37.51
N GLU A 454 -17.39 147.28 -36.85
CA GLU A 454 -18.84 147.49 -36.98
C GLU A 454 -19.26 147.99 -38.37
N TRP A 455 -18.33 148.57 -39.13
CA TRP A 455 -18.54 149.05 -40.50
C TRP A 455 -18.68 147.93 -41.54
N SER A 456 -18.17 146.73 -41.24
CA SER A 456 -17.97 145.64 -42.19
C SER A 456 -19.25 145.20 -42.90
N GLN A 457 -19.21 145.04 -44.22
CA GLN A 457 -20.31 144.48 -44.98
C GLN A 457 -20.49 142.99 -44.67
N ILE A 458 -19.39 142.23 -44.58
CA ILE A 458 -19.50 140.78 -44.34
C ILE A 458 -20.01 140.47 -42.94
N LYS A 459 -19.52 141.10 -41.88
CA LYS A 459 -20.02 140.80 -40.53
C LYS A 459 -21.45 141.30 -40.29
N LYS A 460 -21.98 142.17 -41.16
CA LYS A 460 -23.41 142.47 -41.22
C LYS A 460 -24.20 141.30 -41.79
N LEU A 461 -23.76 140.68 -42.89
CA LEU A 461 -24.45 139.50 -43.46
C LEU A 461 -24.56 138.33 -42.48
N TYR A 462 -23.55 138.10 -41.65
CA TYR A 462 -23.58 137.13 -40.54
C TYR A 462 -24.50 137.52 -39.36
N GLY A 463 -25.33 138.56 -39.48
CA GLY A 463 -26.38 138.89 -38.52
C GLY A 463 -25.89 139.53 -37.23
N ASP A 464 -24.70 140.13 -37.23
CA ASP A 464 -24.01 140.67 -36.04
C ASP A 464 -23.68 139.62 -34.95
N VAL A 465 -23.69 138.33 -35.30
CA VAL A 465 -23.24 137.25 -34.40
C VAL A 465 -21.73 137.38 -34.12
N SER A 466 -21.29 137.04 -32.91
CA SER A 466 -19.92 137.22 -32.43
C SER A 466 -18.87 136.34 -33.12
N GLU A 467 -19.25 135.17 -33.62
CA GLU A 467 -18.35 134.23 -34.29
C GLU A 467 -19.08 133.37 -35.31
N VAL A 468 -18.32 132.75 -36.19
CA VAL A 468 -18.77 131.86 -37.26
C VAL A 468 -18.02 130.53 -37.19
N HIS A 469 -18.50 129.46 -37.81
CA HIS A 469 -17.80 128.18 -37.87
C HIS A 469 -17.72 127.66 -39.31
N GLU A 470 -16.55 127.25 -39.79
CA GLU A 470 -16.29 127.06 -41.23
C GLU A 470 -15.27 125.95 -41.54
N ARG A 471 -15.30 125.39 -42.74
CA ARG A 471 -14.35 124.36 -43.20
C ARG A 471 -13.06 124.95 -43.78
N HIS A 472 -11.93 124.30 -43.57
CA HIS A 472 -10.60 124.74 -44.01
C HIS A 472 -9.87 123.63 -44.76
N ARG A 473 -8.88 123.95 -45.60
CA ARG A 473 -8.01 122.97 -46.30
C ARG A 473 -6.59 123.51 -46.61
N HIS A 474 -6.01 124.38 -45.77
CA HIS A 474 -4.83 125.19 -46.10
C HIS A 474 -3.56 124.77 -45.33
N ARG A 475 -2.41 124.81 -46.02
CA ARG A 475 -1.05 124.65 -45.44
C ARG A 475 -0.28 125.97 -45.28
N TYR A 476 -0.75 127.06 -45.89
CA TYR A 476 -0.17 128.39 -45.83
C TYR A 476 -1.15 129.41 -45.23
N GLU A 477 -0.64 130.40 -44.52
CA GLU A 477 -1.38 131.58 -44.08
C GLU A 477 -0.57 132.86 -44.35
N ILE A 478 -1.21 134.02 -44.41
CA ILE A 478 -0.51 135.30 -44.62
C ILE A 478 0.46 135.55 -43.46
N ASN A 479 1.70 135.97 -43.76
CA ASN A 479 2.76 136.12 -42.76
C ASN A 479 2.37 137.17 -41.70
N PRO A 480 2.19 136.81 -40.41
CA PRO A 480 1.72 137.74 -39.38
C PRO A 480 2.55 139.02 -39.26
N LYS A 481 3.85 138.93 -39.57
CA LYS A 481 4.79 140.07 -39.58
C LYS A 481 4.29 141.24 -40.44
N MET A 482 3.63 140.94 -41.56
CA MET A 482 3.13 141.94 -42.50
C MET A 482 1.74 142.48 -42.16
N VAL A 483 0.95 141.80 -41.33
CA VAL A 483 -0.48 142.07 -41.20
C VAL A 483 -0.78 143.46 -40.64
N ASP A 484 0.07 144.02 -39.77
CA ASP A 484 -0.10 145.40 -39.32
C ASP A 484 -0.02 146.41 -40.49
N GLU A 485 0.88 146.18 -41.44
CA GLU A 485 1.08 147.03 -42.61
C GLU A 485 -0.15 147.00 -43.51
N LEU A 486 -0.72 145.82 -43.74
CA LEU A 486 -1.94 145.61 -44.49
C LEU A 486 -3.16 146.21 -43.77
N GLU A 487 -3.31 146.02 -42.45
CA GLU A 487 -4.38 146.64 -41.67
C GLU A 487 -4.30 148.17 -41.69
N ASN A 488 -3.10 148.75 -41.54
CA ASN A 488 -2.87 150.19 -41.58
C ASN A 488 -3.13 150.81 -42.97
N ASN A 489 -2.86 150.07 -44.06
CA ASN A 489 -3.15 150.50 -45.42
C ASN A 489 -4.62 150.26 -45.86
N GLY A 490 -5.41 149.51 -45.10
CA GLY A 490 -6.85 149.38 -45.28
C GLY A 490 -7.37 148.00 -45.68
N LEU A 491 -6.48 147.02 -45.90
CA LEU A 491 -6.84 145.63 -46.13
C LEU A 491 -7.17 144.96 -44.79
N ILE A 492 -8.22 145.42 -44.10
CA ILE A 492 -8.49 145.08 -42.71
C ILE A 492 -8.89 143.61 -42.55
N PHE A 493 -8.15 142.85 -41.76
CA PHE A 493 -8.48 141.45 -41.47
C PHE A 493 -9.60 141.34 -40.45
N VAL A 494 -10.86 141.48 -40.91
CA VAL A 494 -12.05 141.56 -40.05
C VAL A 494 -12.38 140.28 -39.25
N GLY A 495 -11.72 139.15 -39.53
CA GLY A 495 -11.88 137.94 -38.76
C GLY A 495 -10.58 137.16 -38.60
N LYS A 496 -10.34 136.65 -37.40
CA LYS A 496 -9.17 135.82 -37.07
C LYS A 496 -9.59 134.63 -36.21
N ASP A 497 -8.66 133.72 -35.99
CA ASP A 497 -8.88 132.52 -35.21
C ASP A 497 -8.93 132.79 -33.69
N ASP A 498 -9.09 131.71 -32.92
CA ASP A 498 -9.04 131.72 -31.47
C ASP A 498 -7.78 132.41 -30.88
N THR A 499 -6.59 132.17 -31.45
CA THR A 499 -5.33 132.77 -30.97
C THR A 499 -5.16 134.22 -31.40
N GLY A 500 -5.81 134.65 -32.47
CA GLY A 500 -5.59 135.94 -33.12
C GLY A 500 -4.33 136.01 -33.99
N LYS A 501 -3.62 134.90 -34.17
CA LYS A 501 -2.41 134.83 -35.00
C LYS A 501 -2.74 134.56 -36.48
N ARG A 502 -3.89 133.95 -36.79
CA ARG A 502 -4.23 133.42 -38.13
C ARG A 502 -5.21 134.31 -38.88
N CYS A 503 -4.92 134.57 -40.15
CA CYS A 503 -5.71 135.41 -41.06
C CYS A 503 -6.92 134.66 -41.66
N GLU A 504 -8.12 134.79 -41.12
CA GLU A 504 -9.27 133.99 -41.55
C GLU A 504 -10.20 134.71 -42.54
N ILE A 505 -10.38 136.03 -42.42
CA ILE A 505 -11.17 136.87 -43.33
C ILE A 505 -10.43 138.18 -43.60
N LEU A 506 -10.51 138.74 -44.80
CA LEU A 506 -10.22 140.18 -45.00
C LEU A 506 -11.37 140.89 -45.69
N GLU A 507 -11.52 142.18 -45.39
CA GLU A 507 -12.35 143.12 -46.13
C GLU A 507 -11.54 144.38 -46.39
N LEU A 508 -11.51 144.84 -47.63
CA LEU A 508 -10.88 146.11 -47.96
C LEU A 508 -11.81 147.26 -47.56
N LYS A 509 -11.35 148.10 -46.63
CA LYS A 509 -12.09 149.26 -46.11
C LYS A 509 -12.51 150.20 -47.25
N ASN A 510 -13.77 150.64 -47.25
CA ASN A 510 -14.35 151.58 -48.23
C ASN A 510 -14.22 151.10 -49.69
N HIS A 511 -14.68 149.88 -49.96
CA HIS A 511 -14.96 149.33 -51.28
C HIS A 511 -16.36 148.69 -51.27
N PRO A 512 -17.19 148.74 -52.33
CA PRO A 512 -18.56 148.23 -52.28
C PRO A 512 -18.75 146.79 -51.84
N TYR A 513 -17.83 145.89 -52.21
CA TYR A 513 -17.77 144.50 -51.72
C TYR A 513 -16.48 143.84 -52.17
N TYR A 514 -15.44 143.84 -51.34
CA TYR A 514 -14.19 143.15 -51.64
C TYR A 514 -13.77 142.37 -50.43
N ILE A 515 -14.13 141.09 -50.46
CA ILE A 515 -13.96 140.14 -49.37
C ILE A 515 -13.00 139.06 -49.81
N ALA A 516 -12.23 138.52 -48.88
CA ALA A 516 -11.74 137.17 -49.07
C ALA A 516 -11.83 136.37 -47.77
N THR A 517 -11.87 135.06 -47.88
CA THR A 517 -11.90 134.10 -46.77
C THR A 517 -10.80 133.08 -46.93
N GLN A 518 -10.06 132.75 -45.87
CA GLN A 518 -9.08 131.67 -45.95
C GLN A 518 -9.78 130.30 -45.98
N TYR A 519 -10.90 130.17 -45.29
CA TYR A 519 -11.78 129.02 -45.38
C TYR A 519 -12.49 128.92 -46.73
N HIS A 520 -13.10 127.76 -46.98
CA HIS A 520 -13.97 127.46 -48.12
C HIS A 520 -15.45 127.51 -47.71
N PRO A 521 -16.15 128.66 -47.85
CA PRO A 521 -17.55 128.81 -47.43
C PRO A 521 -18.55 128.01 -48.24
N GLU A 522 -18.23 127.61 -49.46
CA GLU A 522 -19.04 126.76 -50.31
C GLU A 522 -19.26 125.35 -49.75
N TYR A 523 -18.46 124.92 -48.77
CA TYR A 523 -18.69 123.67 -48.07
C TYR A 523 -19.70 123.78 -46.92
N THR A 524 -20.35 124.93 -46.72
CA THR A 524 -21.52 125.03 -45.82
C THR A 524 -22.71 125.80 -46.41
N SER A 525 -22.69 126.13 -47.69
CA SER A 525 -23.87 126.67 -48.37
C SER A 525 -25.00 125.65 -48.43
N LYS A 526 -26.21 126.03 -48.05
CA LYS A 526 -27.43 125.20 -48.12
C LYS A 526 -28.52 125.92 -48.92
N VAL A 527 -29.46 125.21 -49.52
CA VAL A 527 -30.42 125.79 -50.46
C VAL A 527 -31.37 126.78 -49.78
N LEU A 528 -31.74 126.59 -48.52
CA LEU A 528 -32.55 127.54 -47.76
C LEU A 528 -31.74 128.55 -46.92
N ASP A 529 -30.45 128.28 -46.68
CA ASP A 529 -29.52 129.14 -45.92
C ASP A 529 -28.22 129.28 -46.70
N PRO A 530 -28.11 130.26 -47.63
CA PRO A 530 -26.94 130.38 -48.50
C PRO A 530 -25.71 130.85 -47.73
N SER A 531 -24.50 130.42 -48.11
CA SER A 531 -23.30 130.80 -47.37
C SER A 531 -23.01 132.27 -47.53
N LYS A 532 -22.89 133.01 -46.44
CA LYS A 532 -22.89 134.47 -46.40
C LYS A 532 -21.85 135.16 -47.30
N PRO A 533 -20.58 134.72 -47.42
CA PRO A 533 -19.62 135.35 -48.32
C PRO A 533 -20.03 135.28 -49.79
N PHE A 534 -20.71 134.21 -50.21
CA PHE A 534 -21.25 134.09 -51.56
C PHE A 534 -22.55 134.85 -51.73
N LEU A 535 -23.41 134.96 -50.71
CA LEU A 535 -24.59 135.81 -50.80
C LEU A 535 -24.20 137.27 -51.02
N GLY A 536 -23.22 137.78 -50.29
CA GLY A 536 -22.70 139.12 -50.50
C GLY A 536 -22.16 139.37 -51.90
N LEU A 537 -21.40 138.42 -52.47
CA LEU A 537 -20.89 138.54 -53.84
C LEU A 537 -22.02 138.66 -54.85
N VAL A 538 -23.05 137.83 -54.79
CA VAL A 538 -24.17 137.93 -55.72
C VAL A 538 -24.94 139.22 -55.46
N ALA A 539 -25.29 139.51 -54.22
CA ALA A 539 -26.09 140.69 -53.90
C ALA A 539 -25.40 142.00 -54.29
N ALA A 540 -24.10 142.14 -54.11
CA ALA A 540 -23.37 143.30 -54.57
C ALA A 540 -23.22 143.32 -56.10
N SER A 541 -23.07 142.19 -56.76
CA SER A 541 -23.10 142.11 -58.22
C SER A 541 -24.44 142.56 -58.80
N ALA A 542 -25.54 142.25 -58.10
CA ALA A 542 -26.88 142.76 -58.36
C ALA A 542 -27.11 144.22 -57.93
N GLY A 543 -26.16 144.82 -57.21
CA GLY A 543 -26.27 146.19 -56.70
C GLY A 543 -27.33 146.35 -55.61
N ILE A 544 -27.68 145.28 -54.91
CA ILE A 544 -28.78 145.19 -53.93
C ILE A 544 -28.33 144.83 -52.51
N LEU A 545 -27.02 144.79 -52.26
CA LEU A 545 -26.39 144.29 -51.02
C LEU A 545 -26.99 144.89 -49.76
N GLN A 546 -27.21 146.21 -49.74
CA GLN A 546 -27.83 146.89 -48.60
C GLN A 546 -29.17 146.26 -48.20
N ASP A 547 -30.02 145.99 -49.18
CA ASP A 547 -31.39 145.58 -48.98
C ASP A 547 -31.51 144.10 -48.59
N VAL A 548 -30.55 143.29 -49.04
CA VAL A 548 -30.37 141.90 -48.58
C VAL A 548 -29.95 141.88 -47.11
N ILE A 549 -29.06 142.76 -46.69
CA ILE A 549 -28.65 142.88 -45.28
C ILE A 549 -29.81 143.39 -44.42
N GLU A 550 -30.56 144.37 -44.92
CA GLU A 550 -31.74 144.93 -44.25
C GLU A 550 -32.94 143.97 -44.20
N GLY A 551 -32.97 142.93 -45.04
CA GLY A 551 -33.92 141.82 -44.95
C GLY A 551 -35.03 141.78 -46.00
N LYS A 552 -34.91 142.49 -47.13
CA LYS A 552 -35.89 142.54 -48.23
C LYS A 552 -36.02 141.23 -49.04
N TYR A 553 -35.34 140.16 -48.65
CA TYR A 553 -35.24 138.92 -49.41
C TYR A 553 -35.23 137.63 -48.56
N ASP A 554 -35.52 137.68 -47.26
CA ASP A 554 -35.82 136.47 -46.48
C ASP A 554 -37.11 135.77 -46.97
N LEU A 555 -37.16 134.44 -46.83
CA LEU A 555 -38.18 133.59 -47.50
C LEU A 555 -39.59 133.69 -46.90
N GLU A 556 -39.72 133.86 -45.59
CA GLU A 556 -40.98 134.03 -44.87
C GLU A 556 -40.92 135.28 -43.99
N ALA A 557 -42.02 136.03 -43.89
CA ALA A 557 -42.07 137.30 -43.13
C ALA A 557 -41.75 137.11 -41.64
N MET B 1 -18.68 76.83 -99.50
CA MET B 1 -19.40 78.10 -99.38
C MET B 1 -18.91 78.92 -98.19
N LYS B 2 -19.10 80.24 -98.19
CA LYS B 2 -18.83 81.14 -97.06
C LYS B 2 -20.14 81.80 -96.57
N TYR B 3 -20.20 82.27 -95.34
CA TYR B 3 -21.40 82.88 -94.74
C TYR B 3 -21.04 84.04 -93.81
N VAL B 4 -21.90 85.06 -93.69
CA VAL B 4 -21.71 86.20 -92.79
C VAL B 4 -22.99 86.46 -92.02
N VAL B 5 -23.03 86.23 -90.73
CA VAL B 5 -24.15 86.67 -89.91
C VAL B 5 -24.07 88.17 -89.64
N VAL B 6 -25.19 88.86 -89.69
CA VAL B 6 -25.39 90.18 -89.09
C VAL B 6 -26.47 90.06 -88.05
N SER B 7 -26.21 90.49 -86.82
CA SER B 7 -27.11 90.28 -85.68
C SER B 7 -27.00 91.39 -84.65
N GLY B 8 -27.79 91.34 -83.57
CA GLY B 8 -27.36 91.94 -82.29
C GLY B 8 -28.09 93.15 -81.73
N GLY B 9 -27.47 93.71 -80.68
CA GLY B 9 -27.81 94.99 -80.04
C GLY B 9 -28.61 94.87 -78.74
N VAL B 10 -28.72 95.97 -77.99
CA VAL B 10 -29.68 96.12 -76.87
C VAL B 10 -31.06 96.65 -77.29
N ILE B 11 -31.27 97.00 -78.55
CA ILE B 11 -32.51 97.56 -79.09
C ILE B 11 -32.78 97.01 -80.48
N SER B 12 -34.05 96.80 -80.81
CA SER B 12 -34.47 96.65 -82.20
C SER B 12 -34.46 98.02 -82.90
N GLY B 13 -34.15 98.10 -84.19
CA GLY B 13 -34.08 99.36 -84.94
C GLY B 13 -32.68 100.00 -84.97
N ILE B 14 -31.64 99.29 -84.55
CA ILE B 14 -30.26 99.77 -84.43
C ILE B 14 -29.54 100.05 -85.75
N GLY B 15 -29.90 99.40 -86.86
CA GLY B 15 -29.26 99.61 -88.16
C GLY B 15 -28.87 98.37 -88.99
N LYS B 16 -29.32 97.17 -88.63
CA LYS B 16 -28.83 95.90 -89.25
C LYS B 16 -28.85 95.90 -90.79
N GLY B 17 -30.02 95.98 -91.44
CA GLY B 17 -30.16 95.88 -92.91
C GLY B 17 -29.14 96.68 -93.72
N VAL B 18 -28.82 97.94 -93.34
CA VAL B 18 -27.85 98.81 -94.08
C VAL B 18 -26.45 98.23 -93.83
N LEU B 19 -26.19 97.61 -92.68
CA LEU B 19 -24.88 96.95 -92.38
C LEU B 19 -24.88 95.59 -93.08
N ALA B 20 -26.04 95.05 -93.40
CA ALA B 20 -26.18 93.70 -94.00
C ALA B 20 -26.02 93.79 -95.52
N SER B 21 -27.01 94.30 -96.26
CA SER B 21 -26.93 94.34 -97.73
C SER B 21 -25.73 95.20 -98.08
N SER B 22 -25.53 96.32 -97.39
CA SER B 22 -24.25 97.07 -97.61
C SER B 22 -22.96 96.23 -97.52
N THR B 23 -22.87 95.27 -96.60
CA THR B 23 -21.71 94.35 -96.50
C THR B 23 -21.77 93.44 -97.72
N GLY B 24 -22.97 93.04 -98.14
CA GLY B 24 -23.17 92.13 -99.31
C GLY B 24 -22.90 92.83 -100.63
N MET B 25 -23.07 94.16 -100.70
CA MET B 25 -22.78 94.96 -101.92
C MET B 25 -21.28 94.97 -102.11
N LEU B 26 -20.52 94.94 -101.01
CA LEU B 26 -19.03 94.97 -101.06
C LEU B 26 -18.53 93.55 -101.33
N MET B 27 -19.26 92.51 -100.93
CA MET B 27 -18.82 91.18 -101.36
C MET B 27 -18.82 91.10 -102.90
N LYS B 28 -19.82 91.68 -103.55
CA LYS B 28 -19.88 91.81 -105.01
C LYS B 28 -18.78 92.65 -105.62
N THR B 29 -18.22 93.63 -104.91
CA THR B 29 -17.03 94.38 -105.37
C THR B 29 -15.84 93.45 -105.60
N LEU B 30 -15.73 92.37 -104.82
CA LEU B 30 -14.69 91.36 -104.97
C LEU B 30 -14.94 90.42 -106.18
N GLY B 31 -16.06 90.60 -106.90
CA GLY B 31 -16.51 89.73 -107.99
C GLY B 31 -17.41 88.56 -107.58
N LEU B 32 -17.61 88.35 -106.28
CA LEU B 32 -18.30 87.18 -105.72
C LEU B 32 -19.75 87.08 -106.19
N LYS B 33 -20.25 85.85 -106.35
CA LYS B 33 -21.68 85.58 -106.45
C LYS B 33 -22.26 85.73 -105.03
N VAL B 34 -23.34 86.47 -104.82
CA VAL B 34 -23.80 86.80 -103.45
C VAL B 34 -25.29 86.60 -103.30
N THR B 35 -25.71 86.23 -102.10
CA THR B 35 -27.11 85.98 -101.72
C THR B 35 -27.36 86.49 -100.31
N SER B 36 -28.60 86.54 -99.89
CA SER B 36 -28.99 87.04 -98.58
C SER B 36 -30.19 86.33 -98.03
N ILE B 37 -30.25 86.07 -96.74
CA ILE B 37 -31.41 85.47 -96.06
C ILE B 37 -31.78 86.37 -94.89
N LYS B 38 -33.04 86.77 -94.73
CA LYS B 38 -33.47 87.47 -93.52
C LYS B 38 -34.28 86.55 -92.65
N ILE B 39 -33.77 86.33 -91.44
CA ILE B 39 -34.40 85.54 -90.40
C ILE B 39 -35.25 86.48 -89.57
N ASP B 40 -36.55 86.32 -89.60
CA ASP B 40 -37.48 87.14 -88.84
C ASP B 40 -38.03 86.42 -87.61
N PRO B 41 -37.94 86.99 -86.42
CA PRO B 41 -38.47 86.35 -85.24
C PRO B 41 -40.00 86.37 -85.12
N TYR B 42 -40.73 87.13 -85.94
CA TYR B 42 -42.19 87.19 -85.88
C TYR B 42 -42.87 85.91 -86.38
N MET B 43 -44.11 85.66 -85.94
CA MET B 43 -44.84 84.43 -86.21
C MET B 43 -45.74 84.43 -87.45
N ASN B 44 -45.86 85.51 -88.23
CA ASN B 44 -46.52 85.42 -89.54
C ASN B 44 -45.70 84.56 -90.52
N ILE B 45 -46.35 83.66 -91.26
CA ILE B 45 -45.66 82.89 -92.31
C ILE B 45 -45.29 83.76 -93.51
N ASP B 46 -46.09 84.77 -93.84
CA ASP B 46 -45.84 85.71 -94.93
C ASP B 46 -46.56 87.04 -94.68
N ALA B 47 -46.21 88.08 -95.43
CA ALA B 47 -46.86 89.38 -95.33
C ALA B 47 -48.25 89.44 -95.98
N GLY B 48 -48.75 88.34 -96.56
CA GLY B 48 -50.04 88.31 -97.24
C GLY B 48 -51.22 88.57 -96.31
N THR B 49 -51.09 88.24 -95.02
CA THR B 49 -52.10 88.59 -94.00
C THR B 49 -51.86 89.98 -93.39
N MET B 50 -50.64 90.53 -93.48
CA MET B 50 -50.23 91.73 -92.76
C MET B 50 -50.69 93.01 -93.47
N SER B 51 -51.63 93.75 -92.88
CA SER B 51 -52.14 94.99 -93.48
C SER B 51 -51.03 96.03 -93.58
N PRO B 52 -50.92 96.83 -94.66
CA PRO B 52 -49.84 97.81 -94.85
C PRO B 52 -49.70 98.92 -93.81
N LEU B 53 -50.58 98.99 -92.81
CA LEU B 53 -50.55 99.94 -91.69
C LEU B 53 -49.45 99.63 -90.66
N GLU B 54 -49.16 98.36 -90.39
CA GLU B 54 -48.10 97.93 -89.48
C GLU B 54 -47.25 96.83 -90.11
N HIS B 55 -45.95 96.88 -89.86
CA HIS B 55 -44.90 96.21 -90.65
C HIS B 55 -44.77 96.70 -92.10
N GLY B 56 -45.59 97.64 -92.55
CA GLY B 56 -45.41 98.34 -93.81
C GLY B 56 -45.68 97.51 -95.07
N GLU B 57 -45.06 97.92 -96.17
CA GLU B 57 -45.39 97.47 -97.51
C GLU B 57 -45.12 95.98 -97.76
N CYS B 58 -46.10 95.25 -98.29
CA CYS B 58 -45.94 93.87 -98.72
C CYS B 58 -45.06 93.79 -99.97
N PHE B 59 -43.74 93.78 -99.82
CA PHE B 59 -42.82 93.70 -100.94
C PHE B 59 -43.10 92.46 -101.81
N VAL B 60 -43.06 92.60 -103.13
CA VAL B 60 -43.32 91.47 -104.00
C VAL B 60 -42.25 90.92 -104.95
N LEU B 61 -42.07 89.61 -104.80
CA LEU B 61 -41.02 88.87 -105.47
C LEU B 61 -41.26 88.66 -106.96
N ASP B 62 -40.20 88.27 -107.66
CA ASP B 62 -40.29 87.59 -108.95
C ASP B 62 -41.26 86.40 -108.88
N ASP B 63 -41.14 85.57 -107.83
CA ASP B 63 -42.05 84.45 -107.55
C ASP B 63 -43.41 84.85 -106.93
N GLY B 64 -43.69 86.14 -106.78
CA GLY B 64 -45.04 86.64 -106.42
C GLY B 64 -45.49 86.42 -104.98
N GLY B 65 -44.63 85.90 -104.11
CA GLY B 65 -44.91 85.84 -102.68
C GLY B 65 -44.91 87.22 -102.05
N GLU B 66 -45.82 87.49 -101.13
CA GLU B 66 -45.82 88.71 -100.33
C GLU B 66 -44.87 88.57 -99.13
N THR B 67 -43.61 88.96 -99.31
CA THR B 67 -42.51 88.79 -98.32
C THR B 67 -42.44 89.85 -97.25
N ASP B 68 -41.53 89.65 -96.28
CA ASP B 68 -41.00 90.73 -95.46
C ASP B 68 -40.55 91.93 -96.30
N LEU B 69 -40.90 93.15 -95.89
CA LEU B 69 -40.54 94.41 -96.63
C LEU B 69 -39.02 94.52 -96.77
N ASP B 70 -38.26 94.17 -95.74
CA ASP B 70 -36.79 94.37 -95.74
C ASP B 70 -36.12 93.61 -96.88
N LEU B 71 -36.70 92.51 -97.40
CA LEU B 71 -35.98 91.72 -98.44
C LEU B 71 -35.64 92.67 -99.58
N GLY B 72 -36.51 93.65 -99.84
CA GLY B 72 -36.30 94.58 -100.95
C GLY B 72 -34.95 95.26 -100.84
N ASN B 73 -34.53 95.61 -99.62
CA ASN B 73 -33.26 96.36 -99.40
C ASN B 73 -32.11 95.51 -99.95
N TYR B 74 -32.25 94.18 -100.08
CA TYR B 74 -31.18 93.27 -100.58
C TYR B 74 -31.27 93.10 -102.09
N GLU B 75 -32.40 93.38 -102.70
CA GLU B 75 -32.58 93.18 -104.16
C GLU B 75 -32.11 94.47 -104.83
N ARG B 76 -32.01 95.57 -104.07
CA ARG B 76 -31.48 96.87 -104.59
C ARG B 76 -29.96 96.84 -104.37
N TYR B 77 -29.50 96.76 -103.12
CA TYR B 77 -28.03 96.67 -102.80
C TYR B 77 -27.21 95.63 -103.59
N LEU B 78 -27.69 94.40 -103.85
CA LEU B 78 -26.91 93.29 -104.47
C LEU B 78 -27.24 93.14 -105.96
N GLY B 79 -28.48 93.41 -106.37
CA GLY B 79 -28.90 93.14 -107.73
C GLY B 79 -29.16 91.66 -107.94
N VAL B 80 -30.06 91.10 -107.12
CA VAL B 80 -30.43 89.68 -107.09
C VAL B 80 -31.94 89.50 -107.08
N THR B 81 -32.44 88.42 -107.66
CA THR B 81 -33.83 87.96 -107.53
C THR B 81 -33.89 86.90 -106.43
N LEU B 82 -34.43 87.25 -105.26
CA LEU B 82 -34.64 86.32 -104.15
C LEU B 82 -35.92 85.50 -104.38
N THR B 83 -36.29 84.63 -103.43
CA THR B 83 -37.46 83.74 -103.49
C THR B 83 -38.21 83.75 -102.17
N LYS B 84 -39.42 83.17 -102.11
CA LYS B 84 -40.22 83.12 -100.88
C LYS B 84 -39.51 82.40 -99.73
N ASP B 85 -38.54 81.53 -100.03
CA ASP B 85 -37.75 80.81 -99.04
C ASP B 85 -36.64 81.65 -98.40
N HIS B 86 -36.18 82.75 -99.01
CA HIS B 86 -35.14 83.61 -98.42
C HIS B 86 -35.61 84.44 -97.22
N ASN B 87 -36.89 84.43 -96.91
CA ASN B 87 -37.42 85.03 -95.70
C ASN B 87 -37.83 83.93 -94.74
N ILE B 88 -36.89 83.47 -93.93
CA ILE B 88 -37.15 82.56 -92.81
C ILE B 88 -37.97 83.32 -91.78
N THR B 89 -39.02 82.75 -91.22
CA THR B 89 -39.76 83.37 -90.10
C THR B 89 -40.08 82.33 -89.04
N THR B 90 -40.30 82.75 -87.82
CA THR B 90 -40.64 81.83 -86.73
C THR B 90 -41.92 81.04 -87.03
N GLY B 91 -42.92 81.67 -87.63
CA GLY B 91 -44.13 80.96 -88.04
C GLY B 91 -43.89 79.99 -89.19
N LYS B 92 -42.96 80.29 -90.09
CA LYS B 92 -42.64 79.45 -91.24
C LYS B 92 -41.93 78.19 -90.80
N ILE B 93 -40.96 78.28 -89.89
CA ILE B 93 -40.18 77.12 -89.45
C ILE B 93 -40.91 76.26 -88.44
N TYR B 94 -41.69 76.80 -87.49
CA TYR B 94 -42.56 75.93 -86.71
C TYR B 94 -43.57 75.19 -87.57
N SER B 95 -44.15 75.79 -88.61
CA SER B 95 -45.05 75.10 -89.54
C SER B 95 -44.38 73.97 -90.28
N HIS B 96 -43.15 74.15 -90.74
CA HIS B 96 -42.42 73.14 -91.51
C HIS B 96 -42.05 71.93 -90.67
N VAL B 97 -41.54 72.13 -89.45
CA VAL B 97 -41.28 71.02 -88.53
C VAL B 97 -42.58 70.35 -88.05
N ILE B 98 -43.64 71.09 -87.75
CA ILE B 98 -44.94 70.51 -87.39
C ILE B 98 -45.54 69.73 -88.57
N ALA B 99 -45.33 70.12 -89.83
CA ALA B 99 -45.79 69.30 -90.95
C ALA B 99 -45.09 67.95 -90.98
N LYS B 100 -43.76 67.95 -90.86
CA LYS B 100 -42.97 66.72 -90.78
C LYS B 100 -43.34 65.85 -89.56
N GLU B 101 -43.76 66.44 -88.45
CA GLU B 101 -44.26 65.72 -87.27
C GLU B 101 -45.53 64.91 -87.55
N ARG B 102 -46.50 65.46 -88.28
CA ARG B 102 -47.76 64.75 -88.61
C ARG B 102 -47.64 63.82 -89.82
N LYS B 103 -46.75 64.13 -90.77
CA LYS B 103 -46.34 63.19 -91.81
C LYS B 103 -45.55 62.01 -91.24
N GLY B 104 -44.91 62.20 -90.08
CA GLY B 104 -44.17 61.16 -89.37
C GLY B 104 -42.72 61.02 -89.83
N ASP B 105 -42.12 62.05 -90.41
CA ASP B 105 -40.74 62.00 -90.92
C ASP B 105 -39.68 61.85 -89.83
N TYR B 106 -40.04 62.05 -88.57
CA TYR B 106 -39.21 61.80 -87.39
C TYR B 106 -39.25 60.34 -86.91
N LEU B 107 -39.82 59.39 -87.67
CA LEU B 107 -39.78 57.96 -87.37
C LEU B 107 -40.26 57.65 -85.94
N GLY B 108 -41.29 58.36 -85.49
CA GLY B 108 -41.90 58.18 -84.20
C GLY B 108 -41.06 58.60 -82.99
N LYS B 109 -39.88 59.21 -83.16
CA LYS B 109 -39.17 59.88 -82.06
C LYS B 109 -40.04 61.02 -81.53
N THR B 110 -39.83 61.47 -80.30
CA THR B 110 -40.33 62.81 -79.92
C THR B 110 -39.46 63.86 -80.60
N VAL B 111 -40.08 64.97 -81.02
CA VAL B 111 -39.42 66.05 -81.75
C VAL B 111 -39.31 67.26 -80.85
N GLN B 112 -38.14 67.85 -80.80
CA GLN B 112 -37.71 68.77 -79.75
C GLN B 112 -37.20 70.07 -80.35
N ILE B 113 -37.20 71.17 -79.59
CA ILE B 113 -36.63 72.41 -80.14
C ILE B 113 -35.14 72.24 -80.37
N VAL B 114 -34.44 71.53 -79.49
CA VAL B 114 -33.07 71.07 -79.73
C VAL B 114 -33.03 69.54 -79.60
N PRO B 115 -32.50 68.78 -80.56
CA PRO B 115 -31.83 69.21 -81.77
C PRO B 115 -32.72 69.35 -83.00
N HIS B 116 -33.97 68.87 -83.02
CA HIS B 116 -34.70 68.75 -84.29
C HIS B 116 -35.01 70.09 -84.95
N LEU B 117 -35.59 71.06 -84.24
CA LEU B 117 -35.87 72.36 -84.84
C LEU B 117 -34.59 73.16 -85.13
N THR B 118 -33.56 73.10 -84.30
CA THR B 118 -32.30 73.77 -84.62
C THR B 118 -31.56 73.13 -85.78
N ASN B 119 -31.74 71.83 -86.03
CA ASN B 119 -31.33 71.20 -87.28
C ASN B 119 -32.15 71.71 -88.45
N ALA B 120 -33.47 71.85 -88.32
CA ALA B 120 -34.30 72.37 -89.40
C ALA B 120 -33.85 73.76 -89.88
N ILE B 121 -33.55 74.67 -88.96
CA ILE B 121 -33.05 76.00 -89.29
C ILE B 121 -31.72 75.92 -90.03
N GLN B 122 -30.75 75.12 -89.58
CA GLN B 122 -29.48 74.94 -90.31
C GLN B 122 -29.70 74.33 -91.70
N ASP B 123 -30.56 73.33 -91.79
CA ASP B 123 -30.87 72.67 -93.05
C ASP B 123 -31.61 73.62 -94.01
N TRP B 124 -32.38 74.59 -93.51
CA TRP B 124 -32.99 75.65 -94.31
C TRP B 124 -31.95 76.66 -94.81
N ILE B 125 -31.09 77.18 -93.96
CA ILE B 125 -30.05 78.14 -94.35
C ILE B 125 -29.14 77.54 -95.42
N GLU B 126 -28.61 76.34 -95.22
CA GLU B 126 -27.75 75.72 -96.23
C GLU B 126 -28.52 75.26 -97.47
N ARG B 127 -29.83 74.99 -97.38
CA ARG B 127 -30.66 74.73 -98.57
C ARG B 127 -30.74 75.97 -99.40
N VAL B 128 -31.21 77.07 -98.82
CA VAL B 128 -31.49 78.31 -99.54
C VAL B 128 -30.21 78.94 -100.08
N ALA B 129 -29.09 78.84 -99.38
CA ALA B 129 -27.81 79.36 -99.84
C ALA B 129 -27.25 78.68 -101.10
N LYS B 130 -27.81 77.56 -101.55
CA LYS B 130 -27.50 76.96 -102.86
C LYS B 130 -28.17 77.67 -104.05
N ILE B 131 -29.33 78.30 -103.84
CA ILE B 131 -30.17 78.81 -104.92
C ILE B 131 -29.42 79.91 -105.71
N PRO B 132 -29.35 79.87 -107.05
CA PRO B 132 -28.60 80.81 -107.86
C PRO B 132 -29.38 82.10 -108.12
N VAL B 133 -29.35 83.03 -107.17
CA VAL B 133 -30.11 84.30 -107.22
C VAL B 133 -29.50 85.37 -108.14
N ASP B 134 -28.30 85.11 -108.66
CA ASP B 134 -27.40 86.07 -109.28
C ASP B 134 -27.47 86.07 -110.84
N ASP B 135 -26.73 86.96 -111.50
CA ASP B 135 -26.76 87.17 -112.96
C ASP B 135 -26.20 86.03 -113.82
N THR B 136 -25.80 84.90 -113.22
CA THR B 136 -25.57 83.64 -113.90
C THR B 136 -25.91 82.50 -112.96
N GLY B 137 -26.31 81.35 -113.49
CA GLY B 137 -26.94 80.26 -112.76
C GLY B 137 -26.05 79.47 -111.77
N MET B 138 -24.83 79.91 -111.46
CA MET B 138 -23.98 79.24 -110.47
C MET B 138 -24.39 79.60 -109.04
N GLU B 139 -24.27 78.64 -108.13
CA GLU B 139 -24.58 78.85 -106.71
C GLU B 139 -23.76 79.99 -106.08
N PRO B 140 -24.30 80.79 -105.16
CA PRO B 140 -23.58 81.88 -104.51
C PRO B 140 -22.32 81.45 -103.77
N ASP B 141 -21.38 82.38 -103.61
CA ASP B 141 -20.10 82.18 -102.93
C ASP B 141 -20.10 82.70 -101.50
N VAL B 142 -20.90 83.72 -101.21
CA VAL B 142 -21.16 84.21 -99.84
C VAL B 142 -22.66 84.37 -99.64
N CYS B 143 -23.17 84.02 -98.47
CA CYS B 143 -24.53 84.33 -98.04
C CYS B 143 -24.50 85.27 -96.84
N ILE B 144 -25.20 86.40 -96.90
CA ILE B 144 -25.38 87.33 -95.79
C ILE B 144 -26.63 86.92 -95.02
N ILE B 145 -26.52 86.51 -93.77
CA ILE B 145 -27.66 86.08 -92.94
C ILE B 145 -27.98 87.18 -91.95
N GLU B 146 -29.12 87.85 -92.06
CA GLU B 146 -29.50 88.85 -91.08
C GLU B 146 -30.46 88.25 -90.07
N LEU B 147 -30.07 88.23 -88.82
CA LEU B 147 -30.88 87.77 -87.70
C LEU B 147 -31.66 88.95 -87.13
N GLY B 148 -32.97 89.01 -87.37
CA GLY B 148 -33.84 90.02 -86.77
C GLY B 148 -34.06 89.85 -85.27
N GLY B 149 -34.78 90.79 -84.68
CA GLY B 149 -34.95 90.91 -83.24
C GLY B 149 -33.66 91.31 -82.53
N THR B 150 -33.51 90.98 -81.26
CA THR B 150 -32.25 91.13 -80.52
C THR B 150 -31.84 89.83 -79.85
N VAL B 151 -30.54 89.55 -79.79
CA VAL B 151 -30.04 88.39 -79.06
C VAL B 151 -30.43 88.52 -77.58
N GLY B 152 -31.01 87.47 -76.99
CA GLY B 152 -31.59 87.50 -75.64
C GLY B 152 -33.10 87.75 -75.59
N ASP B 153 -33.72 87.83 -76.76
CA ASP B 153 -35.21 87.87 -76.85
C ASP B 153 -35.67 86.42 -76.66
N ILE B 154 -36.86 86.14 -76.11
CA ILE B 154 -37.42 84.76 -75.98
C ILE B 154 -37.97 84.36 -77.36
N GLU B 155 -37.95 85.28 -78.34
CA GLU B 155 -38.48 85.07 -79.71
C GLU B 155 -37.32 84.70 -80.64
N SER B 156 -36.10 85.10 -80.31
CA SER B 156 -34.90 84.89 -81.17
C SER B 156 -34.03 83.76 -80.62
N ALA B 157 -34.42 83.11 -79.53
CA ALA B 157 -33.59 82.07 -78.86
C ALA B 157 -33.41 80.83 -79.77
N PRO B 158 -34.41 80.32 -80.52
CA PRO B 158 -34.19 79.19 -81.43
C PRO B 158 -33.15 79.43 -82.51
N PHE B 159 -33.06 80.64 -83.03
CA PHE B 159 -32.14 80.99 -84.11
C PHE B 159 -30.69 81.17 -83.66
N VAL B 160 -30.43 81.74 -82.50
CA VAL B 160 -29.06 81.79 -81.97
C VAL B 160 -28.54 80.41 -81.56
N GLU B 161 -29.40 79.48 -81.14
CA GLU B 161 -29.02 78.08 -81.03
C GLU B 161 -28.66 77.51 -82.41
N ALA B 162 -29.53 77.67 -83.39
CA ALA B 162 -29.29 77.07 -84.70
C ALA B 162 -28.03 77.64 -85.36
N LEU B 163 -27.81 78.95 -85.27
CA LEU B 163 -26.61 79.59 -85.77
C LEU B 163 -25.38 79.13 -84.98
N ARG B 164 -25.41 78.94 -83.65
CA ARG B 164 -24.24 78.40 -82.92
C ARG B 164 -23.82 77.06 -83.47
N GLN B 165 -24.76 76.13 -83.59
CA GLN B 165 -24.49 74.80 -84.14
C GLN B 165 -23.99 74.92 -85.60
N PHE B 166 -24.50 75.91 -86.34
CA PHE B 166 -24.06 76.18 -87.69
C PHE B 166 -22.61 76.66 -87.77
N GLN B 167 -22.02 77.25 -86.73
CA GLN B 167 -20.60 77.59 -86.70
C GLN B 167 -19.69 76.34 -86.75
N PHE B 168 -20.26 75.15 -86.59
CA PHE B 168 -19.55 73.87 -86.60
C PHE B 168 -19.95 73.02 -87.80
N LYS B 169 -21.24 73.04 -88.18
CA LYS B 169 -21.74 72.36 -89.38
C LYS B 169 -21.09 72.96 -90.64
N VAL B 170 -21.01 74.28 -90.69
CA VAL B 170 -20.06 75.07 -91.48
C VAL B 170 -18.79 75.25 -90.64
N GLY B 171 -17.60 75.31 -91.22
CA GLY B 171 -16.38 75.58 -90.45
C GLY B 171 -16.17 77.03 -90.03
N LYS B 172 -15.37 77.27 -88.98
CA LYS B 172 -14.65 78.53 -88.83
C LYS B 172 -13.69 78.68 -90.02
N GLU B 173 -13.38 79.90 -90.42
CA GLU B 173 -12.83 80.22 -91.76
C GLU B 173 -13.80 79.93 -92.92
N ASN B 174 -15.08 79.63 -92.66
CA ASN B 174 -16.17 79.73 -93.62
C ASN B 174 -17.33 80.58 -93.09
N PHE B 175 -17.55 80.64 -91.78
CA PHE B 175 -18.56 81.47 -91.13
C PHE B 175 -17.91 82.62 -90.35
N ALA B 176 -18.50 83.82 -90.39
CA ALA B 176 -18.14 84.98 -89.58
C ALA B 176 -19.36 85.77 -89.12
N LEU B 177 -19.27 86.52 -88.02
CA LEU B 177 -20.38 87.29 -87.47
C LEU B 177 -20.04 88.76 -87.25
N ILE B 178 -20.93 89.65 -87.68
CA ILE B 178 -20.92 91.08 -87.40
C ILE B 178 -22.02 91.36 -86.37
N HIS B 179 -21.69 91.92 -85.22
CA HIS B 179 -22.68 92.24 -84.19
C HIS B 179 -22.88 93.73 -84.15
N VAL B 180 -24.11 94.21 -84.27
CA VAL B 180 -24.42 95.63 -84.37
C VAL B 180 -24.91 96.09 -83.00
N SER B 181 -24.34 97.13 -82.40
CA SER B 181 -24.57 97.44 -80.98
C SER B 181 -24.60 98.94 -80.68
N LEU B 182 -25.15 99.33 -79.53
CA LEU B 182 -25.46 100.73 -79.24
C LEU B 182 -24.35 101.38 -78.40
N VAL B 183 -23.89 102.56 -78.81
CA VAL B 183 -23.09 103.44 -77.96
C VAL B 183 -23.93 104.68 -77.70
N PRO B 184 -24.77 104.73 -76.64
CA PRO B 184 -25.55 105.91 -76.35
C PRO B 184 -24.62 107.03 -75.91
N VAL B 185 -24.93 108.25 -76.31
CA VAL B 185 -24.26 109.45 -75.85
C VAL B 185 -25.19 110.19 -74.90
N ILE B 186 -24.80 110.30 -73.64
CA ILE B 186 -25.50 111.14 -72.65
C ILE B 186 -24.50 111.98 -71.89
N HIS B 187 -24.90 113.19 -71.47
CA HIS B 187 -23.99 114.19 -70.91
C HIS B 187 -22.77 114.44 -71.81
N GLY B 188 -22.95 114.32 -73.13
CA GLY B 188 -21.89 114.43 -74.12
C GLY B 188 -20.80 113.35 -74.07
N GLU B 189 -21.00 112.21 -73.39
CA GLU B 189 -20.05 111.09 -73.34
C GLU B 189 -20.60 109.80 -73.96
N GLN B 190 -19.83 109.17 -74.84
CA GLN B 190 -20.09 107.84 -75.42
C GLN B 190 -19.94 106.71 -74.38
N LYS B 191 -21.04 106.09 -73.95
CA LYS B 191 -21.01 105.03 -72.95
C LYS B 191 -20.89 103.66 -73.63
N THR B 192 -19.94 102.83 -73.21
CA THR B 192 -19.71 101.50 -73.81
C THR B 192 -20.57 100.40 -73.22
N LYS B 193 -21.13 100.56 -72.03
CA LYS B 193 -21.73 99.45 -71.27
C LYS B 193 -22.87 98.70 -71.94
N PRO B 194 -23.77 99.28 -72.75
CA PRO B 194 -24.77 98.47 -73.43
C PRO B 194 -24.14 97.49 -74.41
N THR B 195 -23.03 97.83 -75.05
CA THR B 195 -22.23 96.87 -75.84
C THR B 195 -21.59 95.78 -75.00
N GLN B 196 -21.08 96.08 -73.81
CA GLN B 196 -20.56 95.05 -72.90
C GLN B 196 -21.65 94.07 -72.47
N ALA B 197 -22.80 94.54 -71.97
CA ALA B 197 -23.91 93.70 -71.56
C ALA B 197 -24.53 92.89 -72.71
N ALA B 198 -24.63 93.43 -73.93
CA ALA B 198 -25.12 92.69 -75.09
C ALA B 198 -24.09 91.72 -75.67
N ILE B 199 -22.79 91.93 -75.48
CA ILE B 199 -21.75 90.97 -75.86
C ILE B 199 -21.66 89.86 -74.83
N LYS B 200 -21.81 90.15 -73.54
CA LYS B 200 -22.05 89.15 -72.51
C LYS B 200 -23.24 88.26 -72.87
N GLY B 201 -24.37 88.84 -73.25
CA GLY B 201 -25.51 88.09 -73.79
C GLY B 201 -25.12 87.23 -74.99
N LEU B 202 -24.42 87.79 -75.99
CA LEU B 202 -24.02 87.06 -77.19
C LEU B 202 -23.16 85.84 -76.87
N ARG B 203 -22.09 85.99 -76.09
CA ARG B 203 -21.22 84.85 -75.76
C ARG B 203 -21.94 83.80 -74.90
N SER B 204 -22.93 84.19 -74.10
CA SER B 204 -23.73 83.23 -73.34
C SER B 204 -24.40 82.20 -74.25
N LEU B 205 -25.00 82.64 -75.35
CA LEU B 205 -25.63 81.78 -76.36
C LEU B 205 -24.63 81.14 -77.34
N GLY B 206 -23.39 81.64 -77.37
CA GLY B 206 -22.21 80.91 -77.85
C GLY B 206 -21.62 81.38 -79.17
N LEU B 207 -22.28 82.32 -79.82
CA LEU B 207 -21.75 83.04 -80.97
C LEU B 207 -20.62 83.96 -80.50
N VAL B 208 -19.58 84.16 -81.31
CA VAL B 208 -18.49 85.12 -81.05
C VAL B 208 -18.37 86.10 -82.22
N PRO B 209 -18.34 87.42 -81.98
CA PRO B 209 -18.33 88.39 -83.04
C PRO B 209 -16.93 88.56 -83.59
N ASP B 210 -16.81 88.49 -84.91
CA ASP B 210 -15.58 88.79 -85.62
C ASP B 210 -15.45 90.28 -85.92
N MET B 211 -16.57 91.01 -85.87
CA MET B 211 -16.64 92.46 -85.87
C MET B 211 -17.72 92.94 -84.91
N ILE B 212 -17.55 94.14 -84.39
CA ILE B 212 -18.63 94.89 -83.77
C ILE B 212 -18.87 96.11 -84.65
N ALA B 213 -20.11 96.52 -84.82
CA ALA B 213 -20.47 97.72 -85.55
C ALA B 213 -21.40 98.62 -84.75
N CYS B 214 -21.05 99.88 -84.51
CA CYS B 214 -21.80 100.68 -83.56
C CYS B 214 -22.80 101.64 -84.21
N ARG B 215 -24.05 101.60 -83.75
CA ARG B 215 -24.96 102.74 -83.82
C ARG B 215 -24.48 103.75 -82.80
N CYS B 216 -24.12 104.93 -83.26
CA CYS B 216 -23.74 106.03 -82.40
C CYS B 216 -24.16 107.36 -83.01
N SER B 217 -24.49 108.35 -82.18
CA SER B 217 -24.80 109.71 -82.61
C SER B 217 -23.58 110.45 -83.16
N GLU B 218 -22.37 109.91 -83.00
CA GLU B 218 -21.09 110.59 -83.25
C GLU B 218 -20.10 109.70 -84.02
N THR B 219 -18.98 110.26 -84.45
CA THR B 219 -17.80 109.41 -84.70
C THR B 219 -17.34 108.83 -83.36
N LEU B 220 -17.17 107.51 -83.24
CA LEU B 220 -16.62 106.91 -82.03
C LEU B 220 -15.28 107.53 -81.68
N ASP B 221 -15.10 107.95 -80.44
CA ASP B 221 -13.81 108.37 -79.94
C ASP B 221 -12.81 107.21 -79.96
N LYS B 222 -11.55 107.51 -80.21
CA LYS B 222 -10.42 106.57 -80.09
C LYS B 222 -10.46 105.75 -78.79
N PRO B 223 -10.68 106.31 -77.59
CA PRO B 223 -10.89 105.55 -76.37
C PRO B 223 -12.16 104.67 -76.37
N THR B 224 -13.25 105.05 -77.04
CA THR B 224 -14.45 104.20 -77.10
C THR B 224 -14.20 102.93 -77.87
N ILE B 225 -13.51 103.01 -78.99
CA ILE B 225 -13.05 101.83 -79.74
C ILE B 225 -12.16 100.95 -78.87
N ASP B 226 -11.21 101.53 -78.14
CA ASP B 226 -10.33 100.76 -77.26
C ASP B 226 -11.09 100.11 -76.11
N LYS B 227 -12.06 100.79 -75.49
CA LYS B 227 -12.84 100.24 -74.38
C LYS B 227 -13.92 99.24 -74.81
N ILE B 228 -14.35 99.22 -76.07
CA ILE B 228 -15.09 98.08 -76.64
C ILE B 228 -14.14 96.92 -76.95
N ALA B 229 -13.04 97.13 -77.65
CA ALA B 229 -12.11 96.05 -77.98
C ALA B 229 -11.41 95.40 -76.77
N MET B 230 -11.25 96.12 -75.65
CA MET B 230 -10.78 95.55 -74.37
C MET B 230 -11.82 94.65 -73.70
N PHE B 231 -13.04 94.60 -74.21
CA PHE B 231 -14.18 93.86 -73.63
C PHE B 231 -14.81 92.84 -74.58
N CYS B 232 -14.27 92.71 -75.80
CA CYS B 232 -14.74 91.79 -76.84
C CYS B 232 -13.55 91.19 -77.59
N HIS B 233 -13.74 90.07 -78.27
CA HIS B 233 -12.62 89.34 -78.88
C HIS B 233 -12.24 89.83 -80.29
N VAL B 234 -12.27 91.15 -80.49
CA VAL B 234 -12.01 91.86 -81.76
C VAL B 234 -10.80 92.77 -81.63
N GLY B 235 -9.99 92.96 -82.67
CA GLY B 235 -8.99 94.02 -82.67
C GLY B 235 -9.66 95.40 -82.71
N PRO B 236 -8.97 96.49 -82.35
CA PRO B 236 -9.56 97.83 -82.40
C PRO B 236 -9.94 98.27 -83.82
N GLU B 237 -9.35 97.68 -84.85
CA GLU B 237 -9.65 97.92 -86.27
C GLU B 237 -10.93 97.22 -86.77
N GLN B 238 -11.54 96.32 -85.99
CA GLN B 238 -12.84 95.69 -86.27
C GLN B 238 -13.99 96.19 -85.39
N VAL B 239 -13.84 97.34 -84.73
CA VAL B 239 -14.97 98.09 -84.20
C VAL B 239 -15.39 99.11 -85.25
N VAL B 240 -16.22 98.68 -86.19
CA VAL B 240 -16.78 99.46 -87.29
C VAL B 240 -17.78 100.49 -86.76
N ASN B 241 -18.03 101.56 -87.49
CA ASN B 241 -18.93 102.63 -87.08
C ASN B 241 -19.71 103.23 -88.25
N VAL B 242 -21.01 102.95 -88.32
CA VAL B 242 -21.92 103.51 -89.31
C VAL B 242 -22.45 104.86 -88.81
N HIS B 243 -21.63 105.91 -88.89
CA HIS B 243 -22.00 107.27 -88.47
C HIS B 243 -22.86 107.99 -89.51
N ASP B 244 -23.33 109.19 -89.18
CA ASP B 244 -24.03 110.07 -90.13
C ASP B 244 -23.22 110.28 -91.41
N VAL B 245 -23.86 110.10 -92.56
CA VAL B 245 -23.29 110.23 -93.92
C VAL B 245 -24.27 110.96 -94.84
N ASN B 246 -23.79 111.47 -95.96
CA ASN B 246 -24.60 112.33 -96.83
C ASN B 246 -25.88 111.64 -97.32
N SER B 247 -25.82 110.33 -97.61
CA SER B 247 -26.99 109.50 -97.89
C SER B 247 -26.68 108.03 -97.69
N THR B 248 -27.72 107.21 -97.57
CA THR B 248 -27.60 105.77 -97.27
C THR B 248 -26.78 105.00 -98.32
N TYR B 249 -26.74 105.46 -99.56
CA TYR B 249 -25.94 104.84 -100.60
C TYR B 249 -24.43 105.02 -100.40
N HIS B 250 -23.98 105.89 -99.50
CA HIS B 250 -22.58 106.02 -99.14
C HIS B 250 -22.10 104.93 -98.17
N VAL B 251 -22.99 104.26 -97.43
CA VAL B 251 -22.56 103.32 -96.38
C VAL B 251 -21.60 102.24 -96.90
N PRO B 252 -21.75 101.58 -98.05
CA PRO B 252 -20.74 100.62 -98.47
C PRO B 252 -19.37 101.25 -98.73
N LEU B 253 -19.28 102.50 -99.18
CA LEU B 253 -17.99 103.18 -99.23
C LEU B 253 -17.47 103.49 -97.82
N LEU B 254 -18.31 103.90 -96.87
CA LEU B 254 -17.90 104.08 -95.47
C LEU B 254 -17.32 102.79 -94.87
N LEU B 255 -17.99 101.65 -95.03
CA LEU B 255 -17.50 100.36 -94.55
C LEU B 255 -16.18 99.99 -95.22
N LEU B 256 -16.06 100.15 -96.53
CA LEU B 256 -14.83 99.87 -97.25
C LEU B 256 -13.67 100.79 -96.82
N GLU B 257 -13.92 102.07 -96.54
CA GLU B 257 -12.88 102.99 -96.06
C GLU B 257 -12.50 102.73 -94.60
N GLN B 258 -13.40 102.21 -93.77
CA GLN B 258 -13.09 101.65 -92.45
C GLN B 258 -12.40 100.27 -92.52
N LYS B 259 -11.89 99.87 -93.68
CA LYS B 259 -11.17 98.60 -93.92
C LYS B 259 -11.98 97.36 -93.51
N MET B 260 -13.31 97.45 -93.61
CA MET B 260 -14.17 96.36 -93.19
C MET B 260 -13.94 95.10 -94.04
N ILE B 261 -13.87 95.25 -95.36
CA ILE B 261 -13.62 94.12 -96.28
C ILE B 261 -12.18 93.63 -96.26
N ASP B 262 -11.20 94.48 -96.02
CA ASP B 262 -9.81 94.06 -95.94
C ASP B 262 -9.57 93.09 -94.78
N TYR B 263 -10.44 93.09 -93.77
CA TYR B 263 -10.53 92.02 -92.78
C TYR B 263 -11.33 90.82 -93.30
N LEU B 264 -12.56 90.97 -93.80
CA LEU B 264 -13.38 89.83 -94.24
C LEU B 264 -12.69 89.00 -95.32
N HIS B 265 -11.94 89.61 -96.22
CA HIS B 265 -11.09 88.92 -97.18
C HIS B 265 -10.17 87.89 -96.51
N ALA B 266 -9.50 88.24 -95.40
CA ALA B 266 -8.64 87.35 -94.65
C ALA B 266 -9.43 86.41 -93.73
N ARG B 267 -10.43 86.93 -93.01
CA ARG B 267 -11.22 86.20 -92.01
C ARG B 267 -12.10 85.10 -92.62
N LEU B 268 -12.54 85.26 -93.85
CA LEU B 268 -13.23 84.24 -94.64
C LEU B 268 -12.33 83.62 -95.72
N LYS B 269 -11.03 83.95 -95.72
CA LYS B 269 -9.99 83.43 -96.62
C LYS B 269 -10.44 83.38 -98.09
N LEU B 270 -10.97 84.49 -98.60
CA LEU B 270 -11.67 84.56 -99.90
C LEU B 270 -10.78 84.40 -101.14
N ASP B 271 -9.46 84.34 -101.00
CA ASP B 271 -8.60 83.80 -102.06
C ASP B 271 -8.97 82.36 -102.46
N GLU B 272 -9.66 81.61 -101.61
CA GLU B 272 -10.09 80.25 -101.90
C GLU B 272 -11.30 80.16 -102.86
N ILE B 273 -11.96 81.25 -103.23
CA ILE B 273 -12.97 81.23 -104.30
C ILE B 273 -12.25 81.38 -105.65
N THR B 274 -13.28 83.33 -111.43
CA THR B 274 -13.10 83.42 -112.88
C THR B 274 -12.96 84.89 -113.34
N GLU B 275 -12.35 85.14 -114.50
CA GLU B 275 -12.14 86.49 -115.02
C GLU B 275 -13.44 87.31 -115.13
N GLU B 276 -14.57 86.67 -115.47
CA GLU B 276 -15.88 87.32 -115.48
C GLU B 276 -16.24 87.92 -114.11
N GLU B 277 -16.00 87.20 -113.00
CA GLU B 277 -16.25 87.70 -111.64
C GLU B 277 -15.32 88.85 -111.30
N LYS B 278 -14.03 88.72 -111.62
CA LYS B 278 -13.04 89.77 -111.33
C LYS B 278 -13.38 91.05 -112.07
N GLN B 279 -13.78 90.97 -113.34
CA GLN B 279 -14.25 92.11 -114.10
C GLN B 279 -15.55 92.70 -113.53
N ARG B 280 -16.58 91.89 -113.29
CA ARG B 280 -17.83 92.35 -112.71
C ARG B 280 -17.66 92.99 -111.33
N GLY B 281 -16.63 92.62 -110.59
CA GLY B 281 -16.22 93.30 -109.37
C GLY B 281 -15.75 94.73 -109.62
N LEU B 282 -14.78 94.92 -110.53
CA LEU B 282 -14.28 96.25 -110.87
C LEU B 282 -15.38 97.14 -111.48
N GLU B 283 -16.22 96.58 -112.34
CA GLU B 283 -17.37 97.31 -112.89
C GLU B 283 -18.34 97.74 -111.80
N LEU B 284 -18.62 96.93 -110.78
CA LEU B 284 -19.51 97.33 -109.70
C LEU B 284 -18.92 98.48 -108.90
N LEU B 285 -17.62 98.49 -108.64
CA LEU B 285 -16.96 99.65 -108.04
C LEU B 285 -17.06 100.89 -108.92
N SER B 286 -16.82 100.78 -110.23
CA SER B 286 -16.92 101.92 -111.13
C SER B 286 -18.32 102.53 -111.13
N LYS B 287 -19.34 101.68 -111.18
CA LYS B 287 -20.75 102.09 -111.10
C LYS B 287 -21.12 102.67 -109.75
N TRP B 288 -20.49 102.22 -108.67
CA TRP B 288 -20.66 102.86 -107.37
C TRP B 288 -20.03 104.24 -107.36
N LYS B 289 -18.81 104.40 -107.87
CA LYS B 289 -18.18 105.71 -107.99
C LYS B 289 -19.02 106.66 -108.85
N ALA B 290 -19.66 106.18 -109.90
CA ALA B 290 -20.61 106.96 -110.71
C ALA B 290 -21.84 107.44 -109.92
N THR B 291 -22.62 106.56 -109.29
CA THR B 291 -23.78 107.00 -108.50
C THR B 291 -23.38 107.89 -107.32
N THR B 292 -22.22 107.65 -106.73
CA THR B 292 -21.68 108.52 -105.69
C THR B 292 -21.32 109.88 -106.26
N GLY B 293 -20.63 109.94 -107.40
CA GLY B 293 -20.31 111.20 -108.09
C GLY B 293 -21.56 111.99 -108.43
N ASN B 294 -22.59 111.33 -108.97
CA ASN B 294 -23.89 111.93 -109.23
C ASN B 294 -24.60 112.50 -107.98
N PHE B 295 -24.18 112.19 -106.76
CA PHE B 295 -24.69 112.84 -105.55
C PHE B 295 -23.89 114.11 -105.24
N ASP B 296 -22.56 114.04 -105.26
CA ASP B 296 -21.71 115.23 -105.08
C ASP B 296 -21.93 116.28 -106.18
N GLU B 297 -21.96 115.84 -107.44
CA GLU B 297 -22.19 116.63 -108.65
C GLU B 297 -23.68 116.99 -108.85
N GLU B 298 -28.77 120.78 -108.18
CA GLU B 298 -30.13 121.35 -108.28
C GLU B 298 -31.23 120.38 -107.83
N THR B 299 -32.29 120.88 -107.17
CA THR B 299 -33.41 120.08 -106.66
C THR B 299 -34.50 119.79 -107.70
N VAL B 300 -35.12 118.61 -107.61
CA VAL B 300 -36.40 118.25 -108.23
C VAL B 300 -37.43 118.03 -107.12
N LYS B 301 -38.57 118.72 -107.15
CA LYS B 301 -39.62 118.61 -106.13
C LYS B 301 -40.73 117.72 -106.68
N ILE B 302 -41.11 116.63 -106.02
CA ILE B 302 -42.17 115.71 -106.48
C ILE B 302 -43.25 115.59 -105.41
N ALA B 303 -44.52 115.81 -105.74
CA ALA B 303 -45.61 115.55 -104.80
C ALA B 303 -46.01 114.09 -104.93
N LEU B 304 -45.88 113.31 -103.87
CA LEU B 304 -46.40 111.95 -103.79
C LEU B 304 -47.73 112.03 -103.04
N VAL B 305 -48.81 111.69 -103.73
CA VAL B 305 -50.18 111.93 -103.28
C VAL B 305 -50.88 110.61 -103.06
N GLY B 306 -51.25 110.29 -101.83
CA GLY B 306 -51.92 109.02 -101.55
C GLY B 306 -52.58 108.98 -100.20
N LYS B 307 -53.17 107.84 -99.86
CA LYS B 307 -53.72 107.58 -98.52
C LYS B 307 -52.61 107.54 -97.48
N TYR B 308 -52.86 108.11 -96.31
CA TYR B 308 -52.08 107.91 -95.07
C TYR B 308 -50.57 108.02 -95.26
N THR B 309 -50.10 108.99 -96.04
CA THR B 309 -48.68 109.29 -96.27
C THR B 309 -47.88 109.60 -95.00
N ASN B 310 -48.54 109.83 -93.87
CA ASN B 310 -47.93 109.87 -92.53
C ASN B 310 -47.14 108.59 -92.21
N LEU B 311 -47.63 107.44 -92.69
CA LEU B 311 -47.07 106.11 -92.49
C LEU B 311 -45.99 105.83 -93.54
N LYS B 312 -44.89 106.55 -93.47
CA LYS B 312 -43.89 106.68 -94.56
C LYS B 312 -43.22 105.36 -94.99
N ASP B 313 -43.10 104.37 -94.11
CA ASP B 313 -42.65 103.03 -94.51
C ASP B 313 -43.62 102.32 -95.46
N SER B 314 -44.89 102.69 -95.46
CA SER B 314 -45.91 102.09 -96.33
C SER B 314 -45.69 102.42 -97.81
N TYR B 315 -44.82 103.39 -98.13
CA TYR B 315 -44.41 103.75 -99.48
C TYR B 315 -42.90 103.55 -99.71
N LEU B 316 -42.23 102.74 -98.90
CA LEU B 316 -40.76 102.64 -98.93
C LEU B 316 -40.19 102.35 -100.32
N SER B 317 -40.74 101.41 -101.09
CA SER B 317 -40.18 101.05 -102.39
C SER B 317 -40.26 102.22 -103.36
N VAL B 318 -41.37 102.95 -103.33
CA VAL B 318 -41.59 104.13 -104.15
C VAL B 318 -40.51 105.17 -103.87
N ILE B 319 -40.18 105.45 -102.61
CA ILE B 319 -39.11 106.39 -102.26
C ILE B 319 -37.80 105.93 -102.84
N LYS B 320 -37.41 104.68 -102.64
CA LYS B 320 -36.14 104.16 -103.14
C LYS B 320 -36.08 104.20 -104.67
N ALA B 321 -37.16 103.93 -105.38
CA ALA B 321 -37.20 104.03 -106.84
C ALA B 321 -37.00 105.47 -107.34
N LEU B 322 -37.50 106.47 -106.62
CA LEU B 322 -37.23 107.88 -106.90
C LEU B 322 -35.77 108.26 -106.58
N GLU B 323 -35.18 107.72 -105.51
CA GLU B 323 -33.78 107.97 -105.18
C GLU B 323 -32.84 107.40 -106.26
N HIS B 324 -33.04 106.17 -106.71
CA HIS B 324 -32.15 105.54 -107.69
C HIS B 324 -32.12 106.33 -108.98
N SER B 325 -33.29 106.76 -109.44
CA SER B 325 -33.45 107.58 -110.63
C SER B 325 -32.88 108.98 -110.46
N SER B 326 -33.08 109.63 -109.31
CA SER B 326 -32.56 110.97 -109.05
C SER B 326 -31.04 111.06 -109.12
N MET B 327 -30.32 110.01 -108.73
CA MET B 327 -28.87 109.94 -108.90
C MET B 327 -28.45 109.77 -110.36
N LYS B 328 -29.30 109.25 -111.24
CA LYS B 328 -28.98 109.23 -112.66
C LYS B 328 -29.10 110.65 -113.25
N CYS B 329 -30.15 111.39 -112.88
CA CYS B 329 -30.36 112.79 -113.27
C CYS B 329 -29.45 113.83 -112.58
N ARG B 330 -28.53 113.40 -111.72
CA ARG B 330 -27.65 114.26 -110.90
C ARG B 330 -28.39 115.29 -110.04
N ARG B 331 -29.69 115.11 -109.75
CA ARG B 331 -30.53 116.12 -109.10
C ARG B 331 -31.02 115.65 -107.75
N LYS B 332 -31.10 116.57 -106.80
CA LYS B 332 -31.47 116.29 -105.42
C LYS B 332 -32.97 116.08 -105.32
N LEU B 333 -33.40 115.00 -104.69
CA LEU B 333 -34.81 114.64 -104.60
C LEU B 333 -35.47 115.27 -103.37
N ASP B 334 -36.62 115.89 -103.56
CA ASP B 334 -37.42 116.46 -102.49
C ASP B 334 -38.88 116.00 -102.59
N ILE B 335 -39.20 114.87 -101.97
CA ILE B 335 -40.58 114.35 -101.97
C ILE B 335 -41.43 115.21 -101.04
N LYS B 336 -42.49 115.83 -101.56
CA LYS B 336 -43.55 116.40 -100.74
C LYS B 336 -44.58 115.30 -100.46
N TRP B 337 -44.86 115.03 -99.20
CA TRP B 337 -45.86 114.07 -98.77
C TRP B 337 -47.23 114.74 -98.64
N VAL B 338 -48.18 114.34 -99.48
CA VAL B 338 -49.54 114.86 -99.48
C VAL B 338 -50.52 113.77 -99.04
N GLU B 339 -51.32 114.00 -98.02
CA GLU B 339 -52.48 113.15 -97.79
C GLU B 339 -53.53 113.46 -98.85
N ALA B 340 -53.89 112.49 -99.66
CA ALA B 340 -54.83 112.67 -100.76
C ALA B 340 -56.17 113.25 -100.28
N THR B 341 -56.69 112.80 -99.14
CA THR B 341 -57.96 113.31 -98.63
C THR B 341 -57.94 114.79 -98.27
N ASP B 342 -56.79 115.38 -97.96
CA ASP B 342 -56.69 116.81 -97.66
C ASP B 342 -56.83 117.69 -98.90
N LEU B 343 -56.79 117.14 -100.11
CA LEU B 343 -57.06 117.89 -101.34
C LEU B 343 -58.55 118.09 -101.58
N GLU B 344 -59.42 117.34 -100.93
CA GLU B 344 -60.85 117.30 -101.26
C GLU B 344 -61.58 118.63 -101.00
N PRO B 345 -62.57 119.01 -101.82
CA PRO B 345 -63.42 120.18 -101.56
C PRO B 345 -64.14 120.16 -100.21
N GLU B 346 -64.38 118.98 -99.64
CA GLU B 346 -64.95 118.81 -98.29
C GLU B 346 -63.94 119.13 -97.18
N ALA B 347 -62.65 118.87 -97.40
CA ALA B 347 -61.62 119.14 -96.40
C ALA B 347 -61.51 120.65 -96.10
N GLN B 348 -61.88 121.50 -97.06
CA GLN B 348 -61.80 122.96 -96.91
C GLN B 348 -62.66 123.52 -95.76
N GLU B 349 -63.84 122.95 -95.49
CA GLU B 349 -64.61 123.34 -94.30
C GLU B 349 -64.24 122.51 -93.06
N SER B 350 -63.81 121.26 -93.24
CA SER B 350 -63.54 120.34 -92.13
C SER B 350 -62.23 120.66 -91.41
N ASN B 351 -61.15 120.89 -92.15
CA ASN B 351 -59.78 121.02 -91.64
C ASN B 351 -58.93 121.96 -92.53
N LYS B 352 -59.39 123.20 -92.68
CA LYS B 352 -58.93 124.14 -93.70
C LYS B 352 -57.40 124.30 -93.76
N THR B 353 -56.72 124.34 -92.62
CA THR B 353 -55.27 124.59 -92.56
C THR B 353 -54.48 123.54 -93.31
N LYS B 354 -54.77 122.26 -93.06
CA LYS B 354 -54.06 121.16 -93.73
C LYS B 354 -54.41 121.07 -95.21
N PHE B 355 -55.61 121.45 -95.59
CA PHE B 355 -56.04 121.55 -96.99
C PHE B 355 -55.20 122.56 -97.78
N HIS B 356 -54.88 123.73 -97.21
CA HIS B 356 -53.96 124.67 -97.86
C HIS B 356 -52.54 124.12 -97.94
N GLU B 357 -52.04 123.43 -96.90
CA GLU B 357 -50.71 122.83 -96.98
C GLU B 357 -50.63 121.78 -98.09
N ALA B 358 -51.66 120.95 -98.22
CA ALA B 358 -51.74 119.94 -99.27
C ALA B 358 -51.74 120.57 -100.66
N TRP B 359 -52.56 121.60 -100.88
CA TRP B 359 -52.63 122.26 -102.18
C TRP B 359 -51.38 123.07 -102.51
N ASN B 360 -50.71 123.68 -101.54
CA ASN B 360 -49.42 124.31 -101.81
C ASN B 360 -48.41 123.29 -102.32
N MET B 361 -48.32 122.10 -101.72
CA MET B 361 -47.41 121.06 -102.18
C MET B 361 -47.74 120.67 -103.62
N VAL B 362 -49.01 120.39 -103.94
CA VAL B 362 -49.42 120.03 -105.32
C VAL B 362 -49.06 121.13 -106.32
N SER B 363 -49.29 122.39 -105.96
CA SER B 363 -49.00 123.56 -106.79
C SER B 363 -47.51 123.85 -106.97
N THR B 364 -46.69 123.50 -105.99
CA THR B 364 -45.24 123.71 -106.03
C THR B 364 -44.52 122.69 -106.88
N ALA B 365 -44.97 121.44 -106.87
CA ALA B 365 -44.18 120.32 -107.33
C ALA B 365 -43.86 120.35 -108.84
N ASP B 366 -42.65 119.95 -109.20
CA ASP B 366 -42.20 119.77 -110.58
C ASP B 366 -42.72 118.49 -111.22
N GLY B 367 -43.26 117.57 -110.42
CA GLY B 367 -43.88 116.35 -110.89
C GLY B 367 -44.93 115.86 -109.89
N ILE B 368 -45.90 115.10 -110.35
CA ILE B 368 -46.92 114.47 -109.50
C ILE B 368 -46.80 112.95 -109.61
N LEU B 369 -47.04 112.26 -108.51
CA LEU B 369 -46.92 110.82 -108.39
C LEU B 369 -48.07 110.29 -107.56
N ILE B 370 -48.89 109.44 -108.15
CA ILE B 370 -49.95 108.73 -107.43
C ILE B 370 -49.46 107.29 -107.26
N PRO B 371 -49.22 106.79 -106.03
CA PRO B 371 -48.23 105.75 -105.76
C PRO B 371 -48.77 104.31 -105.70
N GLY B 372 -50.03 104.08 -106.05
CA GLY B 372 -50.65 102.76 -105.91
C GLY B 372 -51.11 102.46 -104.49
N GLY B 373 -51.95 103.34 -103.96
CA GLY B 373 -52.48 103.26 -102.60
C GLY B 373 -53.32 102.03 -102.30
N PHE B 374 -53.63 101.86 -101.02
CA PHE B 374 -54.45 100.76 -100.49
C PHE B 374 -55.85 101.26 -100.12
N GLY B 375 -56.88 100.61 -100.65
CA GLY B 375 -58.29 100.97 -100.42
C GLY B 375 -58.76 102.26 -101.09
N VAL B 376 -60.03 102.63 -100.87
CA VAL B 376 -60.71 103.67 -101.67
C VAL B 376 -60.56 105.10 -101.15
N ARG B 377 -60.30 105.31 -99.85
CA ARG B 377 -60.46 106.59 -99.14
C ARG B 377 -59.89 107.82 -99.86
N GLY B 378 -58.64 107.75 -100.30
CA GLY B 378 -57.94 108.89 -100.92
C GLY B 378 -58.42 109.28 -102.32
N THR B 379 -59.27 108.47 -102.96
CA THR B 379 -59.53 108.56 -104.41
C THR B 379 -59.94 109.95 -104.85
N GLU B 380 -60.84 110.63 -104.15
CA GLU B 380 -61.41 111.90 -104.62
C GLU B 380 -60.34 113.00 -104.76
N GLY B 381 -59.39 113.06 -103.84
CA GLY B 381 -58.28 114.00 -103.97
C GLY B 381 -57.28 113.59 -105.04
N MET B 382 -56.98 112.30 -105.17
CA MET B 382 -56.08 111.80 -106.20
C MET B 382 -56.60 112.07 -107.62
N VAL B 383 -57.91 112.14 -107.82
CA VAL B 383 -58.51 112.59 -109.08
C VAL B 383 -58.09 114.03 -109.39
N LEU B 384 -58.23 114.96 -108.45
CA LEU B 384 -57.89 116.37 -108.61
C LEU B 384 -56.38 116.57 -108.80
N ALA B 385 -55.52 115.76 -108.19
CA ALA B 385 -54.10 115.75 -108.49
C ALA B 385 -53.79 115.26 -109.91
N ALA B 386 -54.51 114.28 -110.44
CA ALA B 386 -54.33 113.84 -111.82
C ALA B 386 -54.81 114.88 -112.83
N ARG B 387 -55.92 115.58 -112.55
CA ARG B 387 -56.49 116.69 -113.32
C ARG B 387 -55.53 117.86 -113.39
N TRP B 388 -54.92 118.19 -112.26
CA TRP B 388 -53.90 119.24 -112.17
C TRP B 388 -52.72 119.02 -113.09
N ALA B 389 -52.26 117.77 -113.25
CA ALA B 389 -51.17 117.42 -114.16
C ALA B 389 -51.62 117.10 -115.60
N ARG B 390 -52.88 116.76 -115.85
CA ARG B 390 -53.38 116.61 -117.21
C ARG B 390 -53.45 117.97 -117.88
N GLU B 391 -54.07 118.94 -117.22
CA GLU B 391 -54.42 120.22 -117.83
C GLU B 391 -53.20 121.13 -117.96
N ASN B 392 -52.62 121.52 -116.84
CA ASN B 392 -51.30 122.15 -116.79
C ASN B 392 -50.26 121.07 -117.08
N HIS B 393 -49.28 121.29 -117.97
CA HIS B 393 -48.35 120.24 -118.43
C HIS B 393 -47.29 119.77 -117.39
N ILE B 394 -47.68 119.48 -116.15
CA ILE B 394 -46.84 118.90 -115.09
C ILE B 394 -46.51 117.43 -115.41
N PRO B 395 -45.27 116.96 -115.33
CA PRO B 395 -44.94 115.54 -115.39
C PRO B 395 -45.68 114.70 -114.35
N PHE B 396 -46.11 113.49 -114.71
CA PHE B 396 -46.93 112.62 -113.88
C PHE B 396 -46.55 111.15 -114.04
N LEU B 397 -46.62 110.39 -112.95
CA LEU B 397 -46.66 108.94 -112.99
C LEU B 397 -47.77 108.42 -112.08
N GLY B 398 -48.63 107.55 -112.62
CA GLY B 398 -49.59 106.81 -111.83
C GLY B 398 -49.20 105.36 -111.73
N VAL B 399 -49.12 104.82 -110.53
CA VAL B 399 -48.79 103.41 -110.29
C VAL B 399 -50.02 102.67 -109.77
N CYS B 400 -50.44 101.60 -110.41
CA CYS B 400 -51.60 100.76 -110.05
C CYS B 400 -52.89 101.56 -109.87
N LEU B 401 -53.34 101.83 -108.64
CA LEU B 401 -54.45 102.75 -108.37
C LEU B 401 -54.23 104.13 -109.03
N GLY B 402 -52.98 104.53 -109.29
CA GLY B 402 -52.69 105.72 -110.06
C GLY B 402 -53.06 105.61 -111.53
N LEU B 403 -52.90 104.46 -112.19
CA LEU B 403 -53.45 104.29 -113.55
C LEU B 403 -54.98 104.30 -113.51
N GLN B 404 -55.53 103.61 -112.53
CA GLN B 404 -56.96 103.59 -112.30
C GLN B 404 -57.48 105.02 -112.18
N ILE B 405 -56.81 105.88 -111.42
CA ILE B 405 -57.20 107.28 -111.23
C ILE B 405 -56.83 108.18 -112.39
N ALA B 406 -55.76 107.94 -113.12
CA ALA B 406 -55.51 108.59 -114.40
C ALA B 406 -56.65 108.32 -115.39
N THR B 407 -57.19 107.11 -115.41
CA THR B 407 -58.29 106.75 -116.31
C THR B 407 -59.63 107.27 -115.81
N ILE B 408 -59.94 107.16 -114.51
CA ILE B 408 -61.12 107.79 -113.93
C ILE B 408 -61.09 109.29 -114.19
N GLU B 409 -59.97 109.99 -114.04
CA GLU B 409 -59.93 111.43 -114.27
C GLU B 409 -60.14 111.78 -115.74
N PHE B 410 -59.39 111.14 -116.65
CA PHE B 410 -59.55 111.39 -118.07
C PHE B 410 -60.97 111.09 -118.55
N THR B 411 -61.61 110.06 -118.01
CA THR B 411 -63.05 109.81 -118.21
C THR B 411 -63.88 110.96 -117.66
N ARG B 412 -63.71 111.32 -116.38
CA ARG B 412 -64.48 112.31 -115.62
C ARG B 412 -64.33 113.77 -116.11
N SER B 413 -63.37 114.06 -116.98
CA SER B 413 -63.08 115.43 -117.42
C SER B 413 -62.92 115.59 -118.93
N VAL B 414 -62.46 114.59 -119.65
CA VAL B 414 -62.30 114.66 -121.12
C VAL B 414 -63.52 114.06 -121.83
N LEU B 415 -64.10 112.96 -121.32
CA LEU B 415 -65.33 112.37 -121.86
C LEU B 415 -66.63 112.92 -121.22
N GLY B 416 -66.54 113.89 -120.32
CA GLY B 416 -67.64 114.24 -119.42
C GLY B 416 -67.84 113.17 -118.34
N ARG B 417 -68.92 112.38 -118.42
CA ARG B 417 -69.17 111.15 -117.61
C ARG B 417 -68.89 111.33 -116.11
N LYS B 418 -69.38 112.41 -115.50
CA LYS B 418 -69.04 112.84 -114.13
C LYS B 418 -69.40 111.84 -113.02
N ASP B 419 -70.32 110.91 -113.28
CA ASP B 419 -70.70 109.82 -112.37
C ASP B 419 -69.68 108.65 -112.31
N SER B 420 -68.71 108.56 -113.22
CA SER B 420 -67.81 107.40 -113.30
C SER B 420 -66.87 107.27 -112.09
N HIS B 421 -66.55 106.05 -111.71
CA HIS B 421 -65.90 105.68 -110.45
C HIS B 421 -65.21 104.32 -110.59
N SER B 422 -64.35 103.96 -109.64
CA SER B 422 -63.80 102.60 -109.53
C SER B 422 -64.89 101.53 -109.39
N ALA B 423 -64.62 100.31 -109.85
CA ALA B 423 -65.50 99.16 -109.62
C ALA B 423 -65.76 98.87 -108.13
N GLU B 424 -64.94 99.43 -107.24
CA GLU B 424 -65.18 99.43 -105.80
C GLU B 424 -66.58 99.96 -105.40
N PHE B 425 -67.11 100.98 -106.09
CA PHE B 425 -68.49 101.46 -105.92
C PHE B 425 -69.47 100.58 -106.73
N TYR B 426 -69.50 99.31 -106.34
CA TYR B 426 -70.16 98.22 -107.07
C TYR B 426 -71.62 98.50 -107.50
N PRO B 427 -72.54 98.99 -106.64
CA PRO B 427 -73.96 99.07 -106.99
C PRO B 427 -74.36 100.19 -107.98
N ASP B 428 -73.41 101.04 -108.43
CA ASP B 428 -73.67 101.96 -109.54
C ASP B 428 -73.74 101.25 -110.90
N ILE B 429 -73.10 100.08 -111.03
CA ILE B 429 -73.07 99.18 -112.20
C ILE B 429 -72.67 99.86 -113.52
N ASP B 430 -73.55 100.62 -114.16
CA ASP B 430 -73.40 101.12 -115.54
C ASP B 430 -72.18 102.05 -115.72
N GLU B 431 -71.78 102.76 -114.66
CA GLU B 431 -70.70 103.77 -114.69
C GLU B 431 -69.38 103.31 -114.04
N LYS B 432 -69.25 102.02 -113.71
CA LYS B 432 -67.99 101.43 -113.22
C LYS B 432 -66.92 101.56 -114.30
N ASN B 433 -65.80 102.22 -113.97
CA ASN B 433 -64.66 102.44 -114.86
C ASN B 433 -63.76 101.18 -115.03
N HIS B 434 -63.96 100.16 -114.21
CA HIS B 434 -63.10 98.98 -114.09
C HIS B 434 -63.91 97.66 -114.09
N VAL B 435 -63.22 96.54 -114.25
CA VAL B 435 -63.78 95.18 -114.18
C VAL B 435 -62.89 94.28 -113.32
N VAL B 436 -63.51 93.36 -112.59
CA VAL B 436 -62.83 92.32 -111.81
C VAL B 436 -62.03 91.39 -112.71
N VAL B 437 -60.83 91.03 -112.28
CA VAL B 437 -59.98 90.04 -112.93
C VAL B 437 -59.11 89.31 -111.89
N PHE B 438 -59.70 88.33 -111.19
CA PHE B 438 -59.03 87.62 -110.09
C PHE B 438 -57.97 86.59 -110.53
N MET B 439 -58.01 86.09 -111.78
CA MET B 439 -57.18 84.97 -112.27
C MET B 439 -57.11 83.77 -111.32
N MET B 440 -56.21 87.50 -107.20
CA MET B 440 -55.34 88.61 -107.51
C MET B 440 -54.27 88.24 -108.55
N ARG B 441 -54.03 89.12 -109.54
CA ARG B 441 -52.89 89.00 -110.46
C ARG B 441 -51.63 89.41 -109.72
N LEU B 442 -50.61 88.54 -109.70
CA LEU B 442 -49.38 88.67 -108.91
C LEU B 442 -48.13 88.30 -109.71
N GLY B 443 -46.96 88.67 -109.20
CA GLY B 443 -45.66 88.21 -109.68
C GLY B 443 -45.24 88.76 -111.03
N LEU B 444 -44.08 88.34 -111.49
CA LEU B 444 -43.48 88.79 -112.74
C LEU B 444 -44.28 88.26 -113.92
N ARG B 445 -44.95 89.16 -114.63
CA ARG B 445 -45.63 88.88 -115.91
C ARG B 445 -45.08 89.80 -117.01
N PRO B 446 -45.06 89.39 -118.28
CA PRO B 446 -44.63 90.24 -119.38
C PRO B 446 -45.62 91.39 -119.64
N THR B 447 -45.20 92.40 -120.41
CA THR B 447 -46.05 93.39 -121.05
C THR B 447 -45.45 93.81 -122.39
N PHE B 448 -46.28 93.91 -123.42
CA PHE B 448 -45.87 94.07 -124.81
C PHE B 448 -46.34 95.43 -125.34
N PHE B 449 -45.46 96.19 -125.97
CA PHE B 449 -45.82 97.48 -126.56
C PHE B 449 -46.75 97.29 -127.76
N GLN B 450 -47.72 98.18 -127.94
CA GLN B 450 -48.59 98.17 -129.11
C GLN B 450 -47.79 98.65 -130.35
N ASN B 451 -47.79 97.89 -131.44
CA ASN B 451 -46.71 97.93 -132.44
C ASN B 451 -46.54 99.24 -133.24
N GLU B 452 -47.50 100.17 -133.17
CA GLU B 452 -47.49 101.48 -133.85
C GLU B 452 -46.90 102.62 -133.01
N THR B 453 -46.77 102.46 -131.69
CA THR B 453 -46.55 103.58 -130.75
C THR B 453 -45.10 104.07 -130.67
N GLU B 454 -44.47 104.30 -131.82
CA GLU B 454 -43.07 104.76 -131.96
C GLU B 454 -42.82 106.15 -131.38
N TRP B 455 -43.87 106.96 -131.22
CA TRP B 455 -43.83 108.30 -130.63
C TRP B 455 -43.59 108.31 -129.12
N SER B 456 -43.91 107.21 -128.43
CA SER B 456 -44.01 107.11 -126.96
C SER B 456 -42.73 107.51 -126.24
N GLN B 457 -42.85 108.35 -125.22
CA GLN B 457 -41.71 108.69 -124.34
C GLN B 457 -41.30 107.47 -123.50
N ILE B 458 -42.26 106.73 -122.95
CA ILE B 458 -41.93 105.59 -122.08
C ILE B 458 -41.29 104.44 -122.84
N LYS B 459 -41.79 104.04 -124.01
CA LYS B 459 -41.16 102.95 -124.77
C LYS B 459 -39.81 103.32 -125.37
N LYS B 460 -39.48 104.62 -125.43
CA LYS B 460 -38.12 105.08 -125.70
C LYS B 460 -37.19 104.82 -124.50
N LEU B 461 -37.61 105.11 -123.26
CA LEU B 461 -36.80 104.83 -122.06
C LEU B 461 -36.46 103.35 -121.92
N TYR B 462 -37.38 102.44 -122.26
CA TYR B 462 -37.11 101.00 -122.32
C TYR B 462 -36.18 100.55 -123.47
N GLY B 463 -35.53 101.47 -124.19
CA GLY B 463 -34.47 101.16 -125.16
C GLY B 463 -34.97 100.58 -126.49
N ASP B 464 -36.23 100.81 -126.84
CA ASP B 464 -36.90 100.22 -128.01
C ASP B 464 -37.00 98.68 -127.99
N VAL B 465 -36.83 98.05 -126.82
CA VAL B 465 -37.06 96.61 -126.63
C VAL B 465 -38.54 96.26 -126.84
N SER B 466 -38.84 95.11 -127.41
CA SER B 466 -40.20 94.67 -127.79
C SER B 466 -41.15 94.42 -126.61
N GLU B 467 -40.64 94.04 -125.45
CA GLU B 467 -41.42 93.74 -124.25
C GLU B 467 -40.64 94.02 -122.97
N VAL B 468 -41.37 94.11 -121.87
CA VAL B 468 -40.86 94.34 -120.51
C VAL B 468 -41.40 93.27 -119.56
N HIS B 469 -40.81 93.07 -118.39
CA HIS B 469 -41.34 92.13 -117.39
C HIS B 469 -41.43 92.80 -116.01
N GLU B 470 -42.56 92.70 -115.32
CA GLU B 470 -42.89 93.56 -114.17
C GLU B 470 -43.74 92.87 -113.09
N ARG B 471 -43.71 93.36 -111.86
CA ARG B 471 -44.53 92.85 -110.75
C ARG B 471 -45.92 93.48 -110.68
N HIS B 472 -46.93 92.71 -110.31
CA HIS B 472 -48.33 93.13 -110.24
C HIS B 472 -48.94 92.81 -108.87
N ARG B 473 -50.04 93.47 -108.46
CA ARG B 473 -50.79 93.18 -107.23
C ARG B 473 -52.30 93.56 -107.31
N HIS B 474 -52.94 93.46 -108.48
CA HIS B 474 -54.25 94.07 -108.77
C HIS B 474 -55.38 93.05 -108.91
N ARG B 475 -56.57 93.40 -108.40
CA ARG B 475 -57.85 92.67 -108.62
C ARG B 475 -58.80 93.34 -109.62
N TYR B 476 -58.53 94.58 -110.01
CA TYR B 476 -59.29 95.36 -110.98
C TYR B 476 -58.44 95.76 -112.18
N GLU B 477 -59.04 95.85 -113.36
CA GLU B 477 -58.45 96.44 -114.56
C GLU B 477 -59.46 97.38 -115.23
N ILE B 478 -59.00 98.30 -116.08
CA ILE B 478 -59.89 99.22 -116.81
C ILE B 478 -60.81 98.42 -117.74
N ASN B 479 -62.11 98.74 -117.76
CA ASN B 479 -63.10 97.94 -118.49
C ASN B 479 -62.81 97.96 -120.00
N PRO B 480 -62.49 96.82 -120.65
CA PRO B 480 -62.09 96.77 -122.06
C PRO B 480 -63.09 97.43 -123.01
N LYS B 481 -64.38 97.40 -122.66
CA LYS B 481 -65.48 98.04 -123.41
C LYS B 481 -65.21 99.53 -123.69
N MET B 482 -64.59 100.23 -122.74
CA MET B 482 -64.31 101.67 -122.84
C MET B 482 -62.99 101.99 -123.55
N VAL B 483 -62.07 101.05 -123.68
CA VAL B 483 -60.68 101.36 -124.05
C VAL B 483 -60.55 101.94 -125.45
N ASP B 484 -61.41 101.58 -126.40
CA ASP B 484 -61.41 102.22 -127.72
C ASP B 484 -61.72 103.72 -127.63
N GLU B 485 -62.65 104.10 -126.75
CA GLU B 485 -63.04 105.51 -126.54
C GLU B 485 -61.88 106.32 -125.98
N LEU B 486 -61.16 105.76 -125.00
CA LEU B 486 -59.98 106.34 -124.40
C LEU B 486 -58.82 106.41 -125.41
N GLU B 487 -58.56 105.36 -126.19
CA GLU B 487 -57.53 105.38 -127.25
C GLU B 487 -57.84 106.43 -128.32
N ASN B 488 -59.10 106.53 -128.77
CA ASN B 488 -59.54 107.51 -129.77
C ASN B 488 -59.47 108.96 -129.26
N ASN B 489 -59.69 109.20 -127.97
CA ASN B 489 -59.56 110.51 -127.35
C ASN B 489 -58.12 110.89 -126.96
N GLY B 490 -57.18 109.94 -126.99
CA GLY B 490 -55.74 110.21 -126.87
C GLY B 490 -55.05 109.64 -125.62
N LEU B 491 -55.79 109.00 -124.71
CA LEU B 491 -55.25 108.27 -123.58
C LEU B 491 -54.74 106.90 -124.04
N ILE B 492 -53.73 106.87 -124.91
CA ILE B 492 -53.32 105.68 -125.65
C ILE B 492 -52.70 104.64 -124.72
N PHE B 493 -53.26 103.44 -124.67
CA PHE B 493 -52.72 102.32 -123.89
C PHE B 493 -51.51 101.69 -124.59
N VAL B 494 -50.33 102.30 -124.44
CA VAL B 494 -49.11 101.91 -125.16
C VAL B 494 -48.54 100.53 -124.82
N GLY B 495 -49.04 99.86 -123.78
CA GLY B 495 -48.66 98.50 -123.44
C GLY B 495 -49.82 97.66 -122.92
N LYS B 496 -49.90 96.42 -123.36
CA LYS B 496 -50.91 95.45 -122.93
C LYS B 496 -50.26 94.09 -122.69
N ASP B 497 -51.03 93.17 -122.14
CA ASP B 497 -50.59 91.82 -121.82
C ASP B 497 -50.47 90.93 -123.07
N ASP B 498 -50.11 89.67 -122.83
CA ASP B 498 -50.05 88.62 -123.85
C ASP B 498 -51.36 88.47 -124.66
N THR B 499 -52.54 88.53 -124.03
CA THR B 499 -53.84 88.41 -124.72
C THR B 499 -54.25 89.69 -125.47
N GLY B 500 -53.75 90.85 -125.05
CA GLY B 500 -54.20 92.16 -125.53
C GLY B 500 -55.51 92.64 -124.91
N LYS B 501 -56.06 91.90 -123.94
CA LYS B 501 -57.29 92.27 -123.23
C LYS B 501 -57.03 93.20 -122.03
N ARG B 502 -55.83 93.18 -121.46
CA ARG B 502 -55.50 93.83 -120.17
C ARG B 502 -54.72 95.13 -120.35
N CYS B 503 -55.14 96.18 -119.65
CA CYS B 503 -54.53 97.52 -119.67
C CYS B 503 -53.28 97.62 -118.77
N GLU B 504 -52.07 97.50 -119.32
CA GLU B 504 -50.85 97.45 -118.50
C GLU B 504 -50.10 98.78 -118.41
N ILE B 505 -50.11 99.61 -119.44
CA ILE B 505 -49.51 100.96 -119.47
C ILE B 505 -50.44 101.93 -120.19
N LEU B 506 -50.54 103.19 -119.77
CA LEU B 506 -51.05 104.27 -120.62
C LEU B 506 -50.06 105.42 -120.74
N GLU B 507 -50.08 106.10 -121.89
CA GLU B 507 -49.45 107.39 -122.09
C GLU B 507 -50.45 108.31 -122.77
N LEU B 508 -50.63 109.51 -122.25
CA LEU B 508 -51.46 110.52 -122.89
C LEU B 508 -50.69 111.14 -124.06
N LYS B 509 -51.20 110.99 -125.28
CA LYS B 509 -50.61 111.51 -126.52
C LYS B 509 -50.42 113.03 -126.42
N ASN B 510 -49.23 113.52 -126.82
CA ASN B 510 -48.87 114.94 -126.85
C ASN B 510 -49.02 115.65 -125.49
N HIS B 511 -48.41 115.08 -124.45
CA HIS B 511 -48.13 115.70 -123.16
C HIS B 511 -46.65 115.47 -122.79
N PRO B 512 -45.92 116.39 -122.14
CA PRO B 512 -44.48 116.22 -121.89
C PRO B 512 -44.06 114.95 -121.16
N TYR B 513 -44.85 114.47 -120.20
CA TYR B 513 -44.68 113.17 -119.55
C TYR B 513 -45.90 112.84 -118.68
N TYR B 514 -46.85 112.08 -119.20
CA TYR B 514 -48.02 111.65 -118.42
C TYR B 514 -48.23 110.18 -118.67
N ILE B 515 -47.70 109.39 -117.75
CA ILE B 515 -47.65 107.94 -117.81
C ILE B 515 -48.46 107.39 -116.67
N ALA B 516 -49.08 106.23 -116.88
CA ALA B 516 -49.39 105.38 -115.75
C ALA B 516 -49.09 103.91 -116.08
N THR B 517 -48.86 103.10 -115.06
CA THR B 517 -48.61 101.66 -115.14
C THR B 517 -49.57 100.92 -114.23
N GLN B 518 -50.17 99.83 -114.68
CA GLN B 518 -50.98 99.00 -113.79
C GLN B 518 -50.10 98.20 -112.82
N TYR B 519 -48.92 97.78 -113.28
CA TYR B 519 -47.88 97.20 -112.44
C TYR B 519 -47.27 98.21 -111.48
N HIS B 520 -46.52 97.69 -110.50
CA HIS B 520 -45.69 98.43 -109.55
C HIS B 520 -44.22 98.41 -109.96
N PRO B 521 -43.70 99.38 -110.74
CA PRO B 521 -42.32 99.39 -111.21
C PRO B 521 -41.25 99.58 -110.14
N GLU B 522 -41.61 100.13 -108.99
CA GLU B 522 -40.73 100.30 -107.84
C GLU B 522 -40.28 98.97 -107.23
N TYR B 523 -40.93 97.85 -107.55
CA TYR B 523 -40.47 96.53 -107.14
C TYR B 523 -39.42 95.94 -108.09
N THR B 524 -38.93 96.67 -109.08
CA THR B 524 -37.73 96.26 -109.84
C THR B 524 -36.71 97.38 -110.06
N SER B 525 -36.86 98.52 -109.41
CA SER B 525 -35.83 99.56 -109.41
C SER B 525 -34.57 99.07 -108.69
N LYS B 526 -33.39 99.25 -109.31
CA LYS B 526 -32.08 98.92 -108.73
C LYS B 526 -31.16 100.15 -108.76
N VAL B 527 -30.17 100.23 -107.88
CA VAL B 527 -29.37 101.45 -107.72
C VAL B 527 -28.53 101.77 -108.96
N LEU B 528 -28.06 100.78 -109.71
CA LEU B 528 -27.34 101.01 -110.97
C LEU B 528 -28.22 100.97 -112.23
N ASP B 529 -29.44 100.42 -112.13
CA ASP B 529 -30.44 100.32 -113.20
C ASP B 529 -31.81 100.79 -112.69
N PRO B 530 -32.12 102.10 -112.75
CA PRO B 530 -33.34 102.64 -112.17
C PRO B 530 -34.58 102.22 -112.96
N SER B 531 -35.73 102.02 -112.32
CA SER B 531 -36.93 101.56 -113.03
C SER B 531 -37.43 102.64 -113.96
N LYS B 532 -37.58 102.32 -115.24
CA LYS B 532 -37.80 103.30 -116.32
C LYS B 532 -38.99 104.25 -116.12
N PRO B 533 -40.18 103.85 -115.66
CA PRO B 533 -41.29 104.78 -115.42
C PRO B 533 -40.98 105.86 -114.38
N PHE B 534 -40.18 105.53 -113.36
CA PHE B 534 -39.70 106.49 -112.37
C PHE B 534 -38.55 107.34 -112.89
N LEU B 535 -37.66 106.81 -113.72
CA LEU B 535 -36.62 107.62 -114.34
C LEU B 535 -37.22 108.71 -115.21
N GLY B 536 -38.23 108.39 -116.02
CA GLY B 536 -38.94 109.38 -116.82
C GLY B 536 -39.62 110.46 -115.99
N LEU B 537 -40.26 110.12 -114.87
CA LEU B 537 -40.87 111.10 -113.97
C LEU B 537 -39.85 112.08 -113.43
N VAL B 538 -38.70 111.62 -112.94
CA VAL B 538 -37.68 112.54 -112.44
C VAL B 538 -37.09 113.34 -113.59
N ALA B 539 -36.69 112.69 -114.68
CA ALA B 539 -36.05 113.38 -115.79
C ALA B 539 -36.96 114.46 -116.42
N ALA B 540 -38.25 114.22 -116.57
CA ALA B 540 -39.18 115.23 -117.05
C ALA B 540 -39.42 116.32 -116.00
N SER B 541 -39.44 116.01 -114.71
CA SER B 541 -39.51 117.01 -113.64
C SER B 541 -38.29 117.93 -113.66
N ALA B 542 -37.12 117.38 -113.97
CA ALA B 542 -35.88 118.12 -114.24
C ALA B 542 -35.84 118.84 -115.61
N GLY B 543 -36.81 118.58 -116.48
CA GLY B 543 -36.88 119.15 -117.83
C GLY B 543 -35.77 118.65 -118.76
N ILE B 544 -35.23 117.46 -118.50
CA ILE B 544 -34.07 116.87 -119.17
C ILE B 544 -34.36 115.54 -119.87
N LEU B 545 -35.64 115.13 -119.93
CA LEU B 545 -36.10 113.81 -120.39
C LEU B 545 -35.50 113.40 -121.73
N GLN B 546 -35.48 114.31 -122.71
CA GLN B 546 -34.89 114.04 -124.02
C GLN B 546 -33.45 113.53 -123.92
N ASP B 547 -32.64 114.18 -123.09
CA ASP B 547 -31.20 113.96 -123.03
C ASP B 547 -30.86 112.70 -122.25
N VAL B 548 -31.71 112.32 -121.28
CA VAL B 548 -31.66 111.03 -120.60
C VAL B 548 -31.96 109.89 -121.58
N ILE B 549 -32.95 110.05 -122.46
CA ILE B 549 -33.27 109.06 -123.48
C ILE B 549 -32.14 108.97 -124.51
N GLU B 550 -31.58 110.10 -124.92
CA GLU B 550 -30.45 110.17 -125.86
C GLU B 550 -29.12 109.67 -125.27
N GLY B 551 -29.01 109.57 -123.95
CA GLY B 551 -27.89 108.90 -123.27
C GLY B 551 -26.86 109.79 -122.58
N LYS B 552 -27.17 111.07 -122.30
CA LYS B 552 -26.28 112.03 -121.64
C LYS B 552 -26.01 111.75 -120.14
N TYR B 553 -26.50 110.64 -119.60
CA TYR B 553 -26.47 110.32 -118.16
C TYR B 553 -26.22 108.85 -117.83
N ASP B 554 -25.87 107.99 -118.78
CA ASP B 554 -25.34 106.65 -118.48
C ASP B 554 -24.00 106.72 -117.71
N LEU B 555 -23.73 105.72 -116.85
CA LEU B 555 -22.66 105.77 -115.84
C LEU B 555 -21.23 105.62 -116.40
N GLU B 556 -21.05 104.83 -117.45
CA GLU B 556 -19.77 104.61 -118.13
C GLU B 556 -19.96 104.82 -119.64
N ALA B 557 -18.98 105.42 -120.32
CA ALA B 557 -19.06 105.74 -121.76
C ALA B 557 -19.26 104.50 -122.63
N MET C 1 6.69 81.96 -72.24
CA MET C 1 6.12 81.07 -71.22
C MET C 1 4.78 80.48 -71.68
N LYS C 2 4.36 79.34 -71.13
CA LYS C 2 3.04 78.73 -71.33
C LYS C 2 2.26 78.68 -70.00
N TYR C 3 0.94 78.61 -70.02
CA TYR C 3 0.08 78.59 -68.82
C TYR C 3 -1.13 77.67 -69.01
N VAL C 4 -1.61 77.03 -67.93
CA VAL C 4 -2.81 76.18 -67.96
C VAL C 4 -3.72 76.56 -66.81
N VAL C 5 -4.88 77.12 -67.05
CA VAL C 5 -5.89 77.30 -66.00
C VAL C 5 -6.60 75.98 -65.73
N VAL C 6 -6.86 75.68 -64.47
CA VAL C 6 -7.85 74.70 -64.02
C VAL C 6 -8.88 75.43 -63.21
N SER C 7 -10.16 75.29 -63.54
CA SER C 7 -11.25 76.07 -62.93
C SER C 7 -12.57 75.31 -62.92
N GLY C 8 -13.63 75.89 -62.36
CA GLY C 8 -14.99 75.55 -62.82
C GLY C 8 -15.96 74.82 -61.90
N GLY C 9 -17.08 74.41 -62.52
CA GLY C 9 -18.10 73.52 -61.96
C GLY C 9 -19.36 74.23 -61.46
N VAL C 10 -20.44 73.47 -61.18
CA VAL C 10 -21.61 73.94 -60.42
C VAL C 10 -21.50 73.77 -58.90
N ILE C 11 -20.41 73.18 -58.39
CA ILE C 11 -20.19 72.90 -56.96
C ILE C 11 -18.72 73.11 -56.63
N SER C 12 -18.44 73.60 -55.43
CA SER C 12 -17.11 73.50 -54.82
C SER C 12 -16.88 72.05 -54.35
N GLY C 13 -15.65 71.55 -54.40
CA GLY C 13 -15.33 70.16 -54.00
C GLY C 13 -15.38 69.13 -55.14
N ILE C 14 -15.47 69.59 -56.39
CA ILE C 14 -15.63 68.75 -57.58
C ILE C 14 -14.40 67.91 -57.97
N GLY C 15 -13.19 68.32 -57.62
CA GLY C 15 -11.96 67.57 -57.94
C GLY C 15 -10.76 68.35 -58.51
N LYS C 16 -10.75 69.68 -58.46
CA LYS C 16 -9.74 70.52 -59.18
C LYS C 16 -8.29 70.10 -58.89
N GLY C 17 -7.80 70.22 -57.66
CA GLY C 17 -6.38 69.97 -57.30
C GLY C 17 -5.77 68.70 -57.91
N VAL C 18 -6.49 67.56 -57.92
CA VAL C 18 -6.00 66.27 -58.49
C VAL C 18 -5.93 66.41 -60.01
N LEU C 19 -6.81 67.21 -60.62
CA LEU C 19 -6.78 67.48 -62.09
C LEU C 19 -5.70 68.53 -62.35
N ALA C 20 -5.32 69.31 -61.33
CA ALA C 20 -4.34 70.42 -61.47
C ALA C 20 -2.93 69.87 -61.35
N SER C 21 -2.47 69.51 -60.14
CA SER C 21 -1.07 69.06 -59.94
C SER C 21 -0.92 67.81 -60.79
N SER C 22 -1.90 66.91 -60.79
CA SER C 22 -1.81 65.77 -61.77
C SER C 22 -1.54 66.15 -63.23
N THR C 23 -2.10 67.25 -63.74
CA THR C 23 -1.81 67.76 -65.11
C THR C 23 -0.38 68.27 -65.08
N GLY C 24 0.05 68.90 -63.98
CA GLY C 24 1.41 69.47 -63.84
C GLY C 24 2.46 68.39 -63.68
N MET C 25 2.12 67.22 -63.15
CA MET C 25 3.05 66.06 -62.98
C MET C 25 3.34 65.55 -64.39
N LEU C 26 2.37 65.62 -65.30
CA LEU C 26 2.53 65.13 -66.69
C LEU C 26 3.26 66.18 -67.50
N MET C 27 3.15 67.47 -67.17
CA MET C 27 4.00 68.43 -67.88
C MET C 27 5.48 68.09 -67.64
N LYS C 28 5.84 67.69 -66.42
CA LYS C 28 7.19 67.20 -66.08
C LYS C 28 7.58 65.92 -66.79
N THR C 29 6.66 65.05 -67.17
CA THR C 29 6.96 63.87 -68.01
C THR C 29 7.56 64.29 -69.35
N LEU C 30 7.17 65.44 -69.88
CA LEU C 30 7.72 66.00 -71.12
C LEU C 30 9.11 66.61 -70.93
N GLY C 31 9.66 66.61 -69.70
CA GLY C 31 10.93 67.24 -69.32
C GLY C 31 10.82 68.69 -68.86
N LEU C 32 9.64 69.30 -68.95
CA LEU C 32 9.42 70.73 -68.71
C LEU C 32 9.76 71.14 -67.29
N LYS C 33 10.27 72.38 -67.13
CA LYS C 33 10.31 73.04 -65.82
C LYS C 33 8.89 73.48 -65.47
N VAL C 34 8.37 73.18 -64.29
CA VAL C 34 6.94 73.40 -64.00
C VAL C 34 6.72 74.09 -62.66
N THR C 35 5.68 74.89 -62.57
CA THR C 35 5.27 75.65 -61.39
C THR C 35 3.76 75.64 -61.24
N SER C 36 3.25 76.10 -60.13
CA SER C 36 1.83 76.13 -59.86
C SER C 36 1.42 77.29 -58.99
N ILE C 37 0.27 77.90 -59.23
CA ILE C 37 -0.29 78.98 -58.42
C ILE C 37 -1.70 78.60 -58.02
N LYS C 38 -2.07 78.67 -56.74
CA LYS C 38 -3.47 78.48 -56.34
C LYS C 38 -4.09 79.81 -55.98
N ILE C 39 -5.12 80.19 -56.73
CA ILE C 39 -5.90 81.39 -56.53
C ILE C 39 -7.05 81.01 -55.61
N ASP C 40 -7.08 81.56 -54.42
CA ASP C 40 -8.13 81.30 -53.44
C ASP C 40 -9.11 82.47 -53.33
N PRO C 41 -10.42 82.24 -53.46
CA PRO C 41 -11.38 83.31 -53.33
C PRO C 41 -11.63 83.80 -51.91
N TYR C 42 -11.14 83.10 -50.86
CA TYR C 42 -11.33 83.52 -49.46
C TYR C 42 -10.52 84.77 -49.09
N MET C 43 -10.97 85.50 -48.07
CA MET C 43 -10.38 86.78 -47.67
C MET C 43 -9.29 86.71 -46.60
N ASN C 44 -8.88 85.57 -46.06
CA ASN C 44 -7.68 85.49 -45.24
C ASN C 44 -6.41 85.76 -46.07
N ILE C 45 -5.49 86.58 -45.57
CA ILE C 45 -4.19 86.79 -46.27
C ILE C 45 -3.30 85.55 -46.18
N ASP C 46 -3.37 84.78 -45.09
CA ASP C 46 -2.60 83.56 -44.87
C ASP C 46 -3.31 82.65 -43.88
N ALA C 47 -2.89 81.38 -43.79
CA ALA C 47 -3.44 80.43 -42.84
C ALA C 47 -2.95 80.63 -41.39
N GLY C 48 -2.11 81.63 -41.12
CA GLY C 48 -1.56 81.88 -39.80
C GLY C 48 -2.62 82.27 -38.77
N THR C 49 -3.72 82.87 -39.20
CA THR C 49 -4.89 83.13 -38.33
C THR C 49 -5.88 81.95 -38.27
N MET C 50 -5.86 81.06 -39.26
CA MET C 50 -6.88 80.02 -39.45
C MET C 50 -6.64 78.82 -38.54
N SER C 51 -7.51 78.60 -37.55
CA SER C 51 -7.35 77.46 -36.63
C SER C 51 -7.50 76.13 -37.37
N PRO C 52 -6.71 75.09 -37.08
CA PRO C 52 -6.74 73.80 -37.80
C PRO C 52 -8.07 73.03 -37.80
N LEU C 53 -9.10 73.52 -37.13
CA LEU C 53 -10.44 72.93 -37.09
C LEU C 53 -11.24 73.16 -38.38
N GLU C 54 -11.08 74.30 -39.06
CA GLU C 54 -11.73 74.61 -40.33
C GLU C 54 -10.72 75.18 -41.33
N HIS C 55 -10.87 74.79 -42.58
CA HIS C 55 -9.83 74.85 -43.64
C HIS C 55 -8.60 73.98 -43.38
N GLY C 56 -8.52 73.26 -42.26
CA GLY C 56 -7.53 72.23 -42.03
C GLY C 56 -6.10 72.72 -41.79
N GLU C 57 -5.14 71.86 -42.07
CA GLU C 57 -3.75 72.01 -41.65
C GLU C 57 -3.04 73.22 -42.28
N CYS C 58 -2.38 74.04 -41.46
CA CYS C 58 -1.54 75.14 -41.92
C CYS C 58 -0.26 74.59 -42.56
N PHE C 59 -0.30 74.24 -43.83
CA PHE C 59 0.88 73.72 -44.53
C PHE C 59 2.05 74.70 -44.46
N VAL C 60 3.26 74.20 -44.23
CA VAL C 60 4.43 75.07 -44.14
C VAL C 60 5.57 74.99 -45.16
N LEU C 61 5.86 76.16 -45.70
CA LEU C 61 6.81 76.33 -46.79
C LEU C 61 8.26 76.19 -46.36
N ASP C 62 9.13 76.04 -47.34
CA ASP C 62 10.56 76.33 -47.23
C ASP C 62 10.78 77.74 -46.65
N ASP C 63 10.05 78.74 -47.16
CA ASP C 63 10.05 80.11 -46.66
C ASP C 63 9.24 80.33 -45.37
N GLY C 64 8.68 79.29 -44.76
CA GLY C 64 8.07 79.36 -43.43
C GLY C 64 6.73 80.09 -43.30
N GLY C 65 6.14 80.53 -44.40
CA GLY C 65 4.78 81.06 -44.39
C GLY C 65 3.76 79.97 -44.14
N GLU C 66 2.72 80.26 -43.36
CA GLU C 66 1.59 79.36 -43.16
C GLU C 66 0.57 79.52 -44.30
N THR C 67 0.72 78.72 -45.36
CA THR C 67 -0.06 78.81 -46.62
C THR C 67 -1.41 78.11 -46.57
N ASP C 68 -2.19 78.27 -47.65
CA ASP C 68 -3.25 77.34 -48.00
C ASP C 68 -2.78 75.89 -47.96
N LEU C 69 -3.59 74.98 -47.36
CA LEU C 69 -3.25 73.53 -47.24
C LEU C 69 -3.03 72.92 -48.62
N ASP C 70 -3.83 73.28 -49.61
CA ASP C 70 -3.78 72.64 -50.95
C ASP C 70 -2.40 72.82 -51.58
N LEU C 71 -1.62 73.86 -51.25
CA LEU C 71 -0.33 74.07 -51.98
C LEU C 71 0.48 72.79 -51.83
N GLY C 72 0.36 72.11 -50.70
CA GLY C 72 1.14 70.89 -50.46
C GLY C 72 0.92 69.88 -51.58
N ASN C 73 -0.30 69.75 -52.08
CA ASN C 73 -0.63 68.74 -53.12
C ASN C 73 0.24 69.00 -54.36
N TYR C 74 0.77 70.22 -54.56
CA TYR C 74 1.61 70.58 -55.73
C TYR C 74 3.08 70.36 -55.44
N GLU C 75 3.49 70.30 -54.19
CA GLU C 75 4.92 70.14 -53.82
C GLU C 75 5.18 68.64 -53.80
N ARG C 76 4.14 67.80 -53.73
CA ARG C 76 4.27 66.32 -53.79
C ARG C 76 4.20 65.92 -55.27
N TYR C 77 3.07 66.20 -55.94
CA TYR C 77 2.91 65.91 -57.41
C TYR C 77 4.06 66.39 -58.33
N LEU C 78 4.65 67.58 -58.16
CA LEU C 78 5.64 68.19 -59.10
C LEU C 78 7.06 68.02 -58.58
N GLY C 79 7.26 68.05 -57.27
CA GLY C 79 8.61 68.05 -56.72
C GLY C 79 9.24 69.43 -56.84
N VAL C 80 8.57 70.44 -56.27
CA VAL C 80 8.96 71.87 -56.31
C VAL C 80 8.87 72.50 -54.93
N THR C 81 9.71 73.48 -54.65
CA THR C 81 9.62 74.37 -53.49
C THR C 81 8.90 75.65 -53.91
N LEU C 82 7.64 75.81 -53.51
CA LEU C 82 6.86 77.02 -53.74
C LEU C 82 7.22 78.11 -52.72
N THR C 83 6.57 79.27 -52.77
CA THR C 83 6.81 80.43 -51.88
C THR C 83 5.48 81.02 -51.40
N LYS C 84 5.51 81.93 -50.43
CA LYS C 84 4.30 82.57 -49.88
C LYS C 84 3.49 83.31 -50.95
N ASP C 85 4.12 83.72 -52.05
CA ASP C 85 3.46 84.39 -53.18
C ASP C 85 2.69 83.46 -54.11
N HIS C 86 2.96 82.15 -54.15
CA HIS C 86 2.22 81.20 -54.99
C HIS C 86 0.80 80.92 -54.53
N ASN C 87 0.40 81.41 -53.36
CA ASN C 87 -0.97 81.35 -52.90
C ASN C 87 -1.58 82.74 -52.98
N ILE C 88 -2.13 83.09 -54.14
CA ILE C 88 -2.93 84.30 -54.32
C ILE C 88 -4.21 84.13 -53.52
N THR C 89 -4.64 85.14 -52.77
CA THR C 89 -5.95 85.11 -52.10
C THR C 89 -6.66 86.44 -52.26
N THR C 90 -7.98 86.46 -52.14
CA THR C 90 -8.75 87.70 -52.26
C THR C 90 -8.33 88.72 -51.21
N GLY C 91 -8.03 88.30 -49.99
CA GLY C 91 -7.52 89.22 -48.97
C GLY C 91 -6.12 89.72 -49.26
N LYS C 92 -5.29 88.91 -49.91
CA LYS C 92 -3.91 89.27 -50.24
C LYS C 92 -3.87 90.32 -51.34
N ILE C 93 -4.68 90.17 -52.39
CA ILE C 93 -4.67 91.11 -53.51
C ILE C 93 -5.42 92.39 -53.22
N TYR C 94 -6.55 92.40 -52.50
CA TYR C 94 -7.10 93.68 -52.05
C TYR C 94 -6.13 94.44 -51.15
N SER C 95 -5.38 93.79 -50.27
CA SER C 95 -4.37 94.44 -49.44
C SER C 95 -3.25 95.06 -50.26
N HIS C 96 -2.77 94.38 -51.30
CA HIS C 96 -1.68 94.87 -52.13
C HIS C 96 -2.07 96.09 -52.95
N VAL C 97 -3.23 96.08 -53.59
CA VAL C 97 -3.75 97.26 -54.29
C VAL C 97 -4.10 98.40 -53.33
N ILE C 98 -4.71 98.13 -52.17
CA ILE C 98 -4.97 99.17 -51.17
C ILE C 98 -3.67 99.75 -50.61
N ALA C 99 -2.57 98.99 -50.50
CA ALA C 99 -1.29 99.57 -50.08
C ALA C 99 -0.79 100.58 -51.11
N LYS C 100 -0.80 100.20 -52.39
CA LYS C 100 -0.43 101.10 -53.49
C LYS C 100 -1.34 102.33 -53.58
N GLU C 101 -2.62 102.22 -53.21
CA GLU C 101 -3.55 103.36 -53.13
C GLU C 101 -3.14 104.42 -52.11
N ARG C 102 -2.68 104.02 -50.91
CA ARG C 102 -2.26 104.96 -49.86
C ARG C 102 -0.82 105.44 -50.02
N LYS C 103 0.05 104.63 -50.62
CA LYS C 103 1.36 105.07 -51.08
C LYS C 103 1.25 106.06 -52.25
N GLY C 104 0.15 106.00 -53.00
CA GLY C 104 -0.15 106.91 -54.11
C GLY C 104 0.45 106.47 -55.45
N ASP C 105 0.73 105.18 -55.64
CA ASP C 105 1.35 104.66 -56.86
C ASP C 105 0.45 104.76 -58.09
N TYR C 106 -0.84 105.03 -57.90
CA TYR C 106 -1.80 105.32 -58.97
C TYR C 106 -1.82 106.80 -59.41
N LEU C 107 -0.85 107.62 -59.01
CA LEU C 107 -0.69 109.01 -59.48
C LEU C 107 -1.99 109.82 -59.36
N GLY C 108 -2.71 109.61 -58.26
CA GLY C 108 -3.94 110.32 -57.94
C GLY C 108 -5.14 110.00 -58.83
N LYS C 109 -5.06 109.03 -59.76
CA LYS C 109 -6.26 108.50 -60.43
C LYS C 109 -7.19 107.87 -59.39
N THR C 110 -8.48 107.73 -59.67
CA THR C 110 -9.30 106.77 -58.91
C THR C 110 -8.91 105.35 -59.32
N VAL C 111 -8.90 104.43 -58.36
CA VAL C 111 -8.48 103.05 -58.57
C VAL C 111 -9.70 102.15 -58.50
N GLN C 112 -9.83 101.26 -59.46
CA GLN C 112 -11.08 100.58 -59.80
C GLN C 112 -10.88 99.07 -59.81
N ILE C 113 -11.93 98.27 -59.64
CA ILE C 113 -11.75 96.81 -59.75
C ILE C 113 -11.36 96.44 -61.17
N VAL C 114 -11.91 97.10 -62.18
CA VAL C 114 -11.43 97.04 -63.57
C VAL C 114 -11.08 98.45 -64.04
N PRO C 115 -9.89 98.72 -64.58
CA PRO C 115 -8.82 97.80 -64.89
C PRO C 115 -7.77 97.61 -63.80
N HIS C 116 -7.70 98.43 -62.75
CA HIS C 116 -6.53 98.42 -61.86
C HIS C 116 -6.34 97.12 -61.09
N LEU C 117 -7.37 96.62 -60.40
CA LEU C 117 -7.22 95.35 -59.68
C LEU C 117 -7.09 94.14 -60.62
N THR C 118 -7.77 94.11 -61.76
CA THR C 118 -7.57 93.01 -62.72
C THR C 118 -6.22 93.06 -63.39
N ASN C 119 -5.59 94.23 -63.53
CA ASN C 119 -4.18 94.34 -63.88
C ASN C 119 -3.29 93.81 -62.76
N ALA C 120 -3.57 94.12 -61.50
CA ALA C 120 -2.77 93.62 -60.38
C ALA C 120 -2.71 92.09 -60.35
N ILE C 121 -3.84 91.41 -60.54
CA ILE C 121 -3.90 89.95 -60.59
C ILE C 121 -3.06 89.42 -61.75
N GLN C 122 -3.17 89.96 -62.97
CA GLN C 122 -2.32 89.54 -64.09
C GLN C 122 -0.83 89.79 -63.82
N ASP C 123 -0.50 90.95 -63.25
CA ASP C 123 0.87 91.29 -62.92
C ASP C 123 1.43 90.40 -61.81
N TRP C 124 0.59 89.89 -60.90
CA TRP C 124 0.98 88.89 -59.90
C TRP C 124 1.21 87.52 -60.51
N ILE C 125 0.31 87.00 -61.34
CA ILE C 125 0.48 85.70 -61.98
C ILE C 125 1.76 85.68 -62.83
N GLU C 126 1.98 86.66 -63.71
CA GLU C 126 3.19 86.68 -64.52
C GLU C 126 4.45 87.00 -63.70
N ARG C 127 4.34 87.68 -62.54
CA ARG C 127 5.47 87.86 -61.63
C ARG C 127 5.88 86.52 -61.06
N VAL C 128 4.95 85.83 -60.42
CA VAL C 128 5.22 84.59 -59.70
C VAL C 128 5.65 83.47 -60.64
N ALA C 129 5.11 83.40 -61.85
CA ALA C 129 5.48 82.41 -62.84
C ALA C 129 6.94 82.51 -63.35
N LYS C 130 7.67 83.59 -63.04
CA LYS C 130 9.12 83.68 -63.27
C LYS C 130 9.97 82.92 -62.25
N ILE C 131 9.48 82.76 -61.02
CA ILE C 131 10.28 82.26 -59.89
C ILE C 131 10.74 80.82 -60.17
N PRO C 132 12.04 80.48 -60.02
CA PRO C 132 12.58 79.16 -60.33
C PRO C 132 12.35 78.16 -59.20
N VAL C 133 11.17 77.56 -59.13
CA VAL C 133 10.76 76.63 -58.06
C VAL C 133 11.35 75.22 -58.19
N ASP C 134 12.02 74.94 -59.30
CA ASP C 134 12.40 73.61 -59.79
C ASP C 134 13.86 73.22 -59.47
N ASP C 135 14.26 71.99 -59.80
CA ASP C 135 15.59 71.41 -59.47
C ASP C 135 16.80 72.06 -60.17
N THR C 136 16.60 73.11 -60.95
CA THR C 136 17.67 74.02 -61.40
C THR C 136 17.09 75.41 -61.56
N GLY C 137 17.94 76.43 -61.39
CA GLY C 137 17.52 77.83 -61.22
C GLY C 137 16.90 78.52 -62.44
N MET C 138 16.57 77.84 -63.54
CA MET C 138 15.90 78.45 -64.69
C MET C 138 14.41 78.63 -64.45
N GLU C 139 13.84 79.72 -64.98
CA GLU C 139 12.41 80.01 -64.87
C GLU C 139 11.54 78.88 -65.45
N PRO C 140 10.37 78.57 -64.87
CA PRO C 140 9.48 77.54 -65.36
C PRO C 140 9.01 77.73 -66.81
N ASP C 141 8.65 76.64 -67.46
CA ASP C 141 8.17 76.61 -68.85
C ASP C 141 6.66 76.52 -68.95
N VAL C 142 5.99 75.92 -67.97
CA VAL C 142 4.53 75.91 -67.82
C VAL C 142 4.16 76.30 -66.39
N CYS C 143 3.13 77.10 -66.21
CA CYS C 143 2.51 77.35 -64.91
C CYS C 143 1.09 76.80 -64.87
N ILE C 144 0.74 75.97 -63.89
CA ILE C 144 -0.63 75.49 -63.67
C ILE C 144 -1.32 76.46 -62.72
N ILE C 145 -2.37 77.14 -63.15
CA ILE C 145 -3.11 78.10 -62.33
C ILE C 145 -4.42 77.47 -61.90
N GLU C 146 -4.62 77.18 -60.62
CA GLU C 146 -5.89 76.66 -60.15
C GLU C 146 -6.73 77.77 -59.57
N LEU C 147 -7.88 78.01 -60.17
CA LEU C 147 -8.86 78.99 -59.72
C LEU C 147 -9.83 78.31 -58.75
N GLY C 148 -9.74 78.60 -57.46
CA GLY C 148 -10.68 78.11 -56.45
C GLY C 148 -12.07 78.74 -56.56
N GLY C 149 -12.98 78.27 -55.71
CA GLY C 149 -14.40 78.60 -55.77
C GLY C 149 -15.08 78.02 -57.00
N THR C 150 -16.18 78.63 -57.45
CA THR C 150 -16.82 78.30 -58.72
C THR C 150 -17.02 79.53 -59.58
N VAL C 151 -16.89 79.40 -60.89
CA VAL C 151 -17.18 80.50 -61.82
C VAL C 151 -18.65 80.91 -61.66
N GLY C 152 -18.93 82.20 -61.50
CA GLY C 152 -20.26 82.72 -61.17
C GLY C 152 -20.51 82.97 -59.69
N ASP C 153 -19.48 82.78 -58.87
CA ASP C 153 -19.54 83.17 -57.44
C ASP C 153 -19.29 84.70 -57.44
N ILE C 154 -19.83 85.47 -56.47
CA ILE C 154 -19.57 86.93 -56.34
C ILE C 154 -18.20 87.09 -55.70
N GLU C 155 -17.55 85.99 -55.30
CA GLU C 155 -16.23 85.97 -54.62
C GLU C 155 -15.14 85.70 -55.65
N SER C 156 -15.47 85.04 -56.77
CA SER C 156 -14.49 84.62 -57.81
C SER C 156 -14.60 85.54 -59.03
N ALA C 157 -15.46 86.55 -59.02
CA ALA C 157 -15.70 87.41 -60.21
C ALA C 157 -14.44 88.24 -60.57
N PRO C 158 -13.65 88.80 -59.63
CA PRO C 158 -12.43 89.53 -59.99
C PRO C 158 -11.39 88.69 -60.72
N PHE C 159 -11.27 87.41 -60.39
CA PHE C 159 -10.28 86.52 -60.98
C PHE C 159 -10.64 86.03 -62.38
N VAL C 160 -11.90 85.75 -62.67
CA VAL C 160 -12.31 85.42 -64.06
C VAL C 160 -12.22 86.63 -64.99
N GLU C 161 -12.41 87.84 -64.50
CA GLU C 161 -12.03 89.04 -65.26
C GLU C 161 -10.53 89.06 -65.52
N ALA C 162 -9.71 88.93 -64.47
CA ALA C 162 -8.27 89.04 -64.65
C ALA C 162 -7.72 87.96 -65.57
N LEU C 163 -8.19 86.72 -65.44
CA LEU C 163 -7.82 85.63 -66.32
C LEU C 163 -8.32 85.88 -67.75
N ARG C 164 -9.52 86.43 -68.00
CA ARG C 164 -9.96 86.74 -69.37
C ARG C 164 -8.98 87.69 -70.04
N GLN C 165 -8.67 88.80 -69.39
CA GLN C 165 -7.71 89.78 -69.90
C GLN C 165 -6.34 89.12 -70.09
N PHE C 166 -5.97 88.18 -69.23
CA PHE C 166 -4.74 87.41 -69.34
C PHE C 166 -4.69 86.51 -70.56
N GLN C 167 -5.82 86.07 -71.13
CA GLN C 167 -5.82 85.32 -72.40
C GLN C 167 -5.32 86.16 -73.58
N PHE C 168 -5.15 87.48 -73.41
CA PHE C 168 -4.69 88.41 -74.42
C PHE C 168 -3.31 89.00 -74.07
N LYS C 169 -3.07 89.28 -72.78
CA LYS C 169 -1.76 89.73 -72.29
C LYS C 169 -0.71 88.64 -72.53
N VAL C 170 -1.07 87.39 -72.23
CA VAL C 170 -0.48 86.17 -72.78
C VAL C 170 -1.23 85.84 -74.07
N GLY C 171 -0.60 85.25 -75.08
CA GLY C 171 -1.31 84.84 -76.30
C GLY C 171 -2.15 83.56 -76.17
N LYS C 172 -3.15 83.39 -77.04
CA LYS C 172 -3.62 82.05 -77.42
C LYS C 172 -2.45 81.29 -78.07
N GLU C 173 -2.43 79.97 -77.96
CA GLU C 173 -1.22 79.15 -78.17
C GLU C 173 -0.10 79.40 -77.13
N ASN C 174 -0.37 80.14 -76.05
CA ASN C 174 0.43 80.12 -74.83
C ASN C 174 -0.44 79.86 -73.59
N PHE C 175 -1.71 80.22 -73.59
CA PHE C 175 -2.66 79.97 -72.51
C PHE C 175 -3.70 78.92 -72.94
N ALA C 176 -4.09 78.00 -72.05
CA ALA C 176 -5.19 77.05 -72.23
C ALA C 176 -5.97 76.84 -70.92
N LEU C 177 -7.23 76.42 -71.00
CA LEU C 177 -8.08 76.22 -69.83
C LEU C 177 -8.71 74.83 -69.78
N ILE C 178 -8.66 74.19 -68.63
CA ILE C 178 -9.36 72.95 -68.28
C ILE C 178 -10.51 73.31 -67.34
N HIS C 179 -11.75 73.01 -67.70
CA HIS C 179 -12.91 73.31 -66.85
C HIS C 179 -13.43 72.03 -66.27
N VAL C 180 -13.55 71.95 -64.95
CA VAL C 180 -13.93 70.72 -64.26
C VAL C 180 -15.41 70.82 -63.90
N SER C 181 -16.25 69.85 -64.26
CA SER C 181 -17.71 70.03 -64.20
C SER C 181 -18.46 68.76 -63.81
N LEU C 182 -19.72 68.88 -63.38
CA LEU C 182 -20.45 67.78 -62.76
C LEU C 182 -21.36 67.07 -63.77
N VAL C 183 -21.30 65.74 -63.81
CA VAL C 183 -22.30 64.91 -64.48
C VAL C 183 -23.00 64.13 -63.38
N PRO C 184 -24.09 64.63 -62.76
CA PRO C 184 -24.79 63.87 -61.75
C PRO C 184 -25.48 62.68 -62.40
N VAL C 185 -25.51 61.56 -61.70
CA VAL C 185 -26.26 60.38 -62.09
C VAL C 185 -27.46 60.25 -61.17
N ILE C 186 -28.66 60.37 -61.72
CA ILE C 186 -29.91 60.09 -60.99
C ILE C 186 -30.81 59.21 -61.84
N HIS C 187 -31.62 58.35 -61.19
CA HIS C 187 -32.39 57.32 -61.90
C HIS C 187 -31.51 56.46 -62.82
N GLY C 188 -30.24 56.27 -62.47
CA GLY C 188 -29.24 55.58 -63.27
C GLY C 188 -28.86 56.23 -64.61
N GLU C 189 -29.18 57.52 -64.84
CA GLU C 189 -28.81 58.25 -66.06
C GLU C 189 -27.86 59.44 -65.78
N GLN C 190 -26.77 59.53 -66.53
CA GLN C 190 -25.83 60.66 -66.55
C GLN C 190 -26.45 61.93 -67.17
N LYS C 191 -26.76 62.95 -66.38
CA LYS C 191 -27.37 64.19 -66.87
C LYS C 191 -26.30 65.21 -67.25
N THR C 192 -26.36 65.78 -68.44
CA THR C 192 -25.36 66.76 -68.91
C THR C 192 -25.65 68.19 -68.49
N LYS C 193 -26.88 68.54 -68.12
CA LYS C 193 -27.30 69.94 -68.00
C LYS C 193 -26.52 70.80 -67.00
N PRO C 194 -26.02 70.33 -65.85
CA PRO C 194 -25.20 71.19 -65.01
C PRO C 194 -23.92 71.62 -65.71
N THR C 195 -23.32 70.79 -66.57
CA THR C 195 -22.20 71.20 -67.44
C THR C 195 -22.62 72.23 -68.48
N GLN C 196 -23.80 72.12 -69.10
CA GLN C 196 -24.29 73.14 -70.02
C GLN C 196 -24.50 74.49 -69.32
N ALA C 197 -25.21 74.55 -68.21
CA ALA C 197 -25.43 75.79 -67.45
C ALA C 197 -24.14 76.40 -66.88
N ALA C 198 -23.15 75.61 -66.44
CA ALA C 198 -21.86 76.13 -65.98
C ALA C 198 -20.93 76.53 -67.12
N ILE C 199 -21.08 75.99 -68.32
CA ILE C 199 -20.33 76.43 -69.51
C ILE C 199 -20.95 77.70 -70.07
N LYS C 200 -22.28 77.82 -70.06
CA LYS C 200 -22.98 79.09 -70.29
C LYS C 200 -22.46 80.18 -69.35
N GLY C 201 -22.35 79.89 -68.05
CA GLY C 201 -21.70 80.79 -67.08
C GLY C 201 -20.27 81.12 -67.49
N LEU C 202 -19.44 80.13 -67.83
CA LEU C 202 -18.05 80.35 -68.20
C LEU C 202 -17.90 81.27 -69.40
N ARG C 203 -18.61 81.02 -70.51
CA ARG C 203 -18.49 81.87 -71.70
C ARG C 203 -19.04 83.27 -71.45
N SER C 204 -20.00 83.45 -70.54
CA SER C 204 -20.49 84.79 -70.17
C SER C 204 -19.37 85.68 -69.67
N LEU C 205 -18.50 85.17 -68.80
CA LEU C 205 -17.34 85.89 -68.25
C LEU C 205 -16.13 85.89 -69.21
N GLY C 206 -16.14 85.04 -70.24
CA GLY C 206 -15.37 85.21 -71.47
C GLY C 206 -14.22 84.23 -71.68
N LEU C 207 -13.94 83.40 -70.68
CA LEU C 207 -13.03 82.27 -70.80
C LEU C 207 -13.68 81.20 -71.70
N VAL C 208 -12.88 80.49 -72.48
CA VAL C 208 -13.35 79.34 -73.30
C VAL C 208 -12.53 78.10 -72.95
N PRO C 209 -13.16 76.95 -72.66
CA PRO C 209 -12.45 75.77 -72.22
C PRO C 209 -11.87 75.04 -73.41
N ASP C 210 -10.59 74.70 -73.31
CA ASP C 210 -9.90 73.84 -74.27
C ASP C 210 -10.07 72.38 -73.94
N MET C 211 -10.44 72.08 -72.69
CA MET C 211 -10.89 70.78 -72.23
C MET C 211 -12.03 70.94 -71.24
N ILE C 212 -12.88 69.93 -71.16
CA ILE C 212 -13.80 69.75 -70.04
C ILE C 212 -13.36 68.48 -69.33
N ALA C 213 -13.42 68.44 -68.01
CA ALA C 213 -13.13 67.26 -67.23
C ALA C 213 -14.24 66.95 -66.24
N CYS C 214 -14.83 65.76 -66.26
CA CYS C 214 -16.04 65.52 -65.49
C CYS C 214 -15.81 64.78 -64.17
N ARG C 215 -16.33 65.33 -63.08
CA ARG C 215 -16.68 64.55 -61.91
C ARG C 215 -17.92 63.76 -62.24
N CYS C 216 -17.83 62.44 -62.19
CA CYS C 216 -18.96 61.57 -62.40
C CYS C 216 -18.82 60.32 -61.53
N SER C 217 -19.94 59.75 -61.10
CA SER C 217 -19.97 58.49 -60.36
C SER C 217 -19.58 57.28 -61.21
N GLU C 218 -19.47 57.43 -62.53
CA GLU C 218 -19.33 56.36 -63.51
C GLU C 218 -18.26 56.65 -64.57
N THR C 219 -17.93 55.67 -65.41
CA THR C 219 -17.34 56.01 -66.71
C THR C 219 -18.39 56.76 -67.53
N LEU C 220 -18.07 57.94 -68.07
CA LEU C 220 -18.99 58.64 -68.96
C LEU C 220 -19.40 57.75 -70.13
N ASP C 221 -20.70 57.66 -70.39
CA ASP C 221 -21.20 57.00 -71.59
C ASP C 221 -20.74 57.75 -72.84
N LYS C 222 -20.49 57.01 -73.92
CA LYS C 222 -20.23 57.54 -75.25
C LYS C 222 -21.20 58.66 -75.66
N PRO C 223 -22.53 58.54 -75.50
CA PRO C 223 -23.46 59.64 -75.71
C PRO C 223 -23.30 60.82 -74.76
N THR C 224 -22.87 60.65 -73.51
CA THR C 224 -22.65 61.77 -72.59
C THR C 224 -21.51 62.64 -73.06
N ILE C 225 -20.41 62.05 -73.49
CA ILE C 225 -19.30 62.78 -74.11
C ILE C 225 -19.78 63.54 -75.35
N ASP C 226 -20.57 62.91 -76.21
CA ASP C 226 -21.10 63.58 -77.41
C ASP C 226 -22.05 64.73 -77.05
N LYS C 227 -22.93 64.57 -76.06
CA LYS C 227 -23.88 65.62 -75.67
C LYS C 227 -23.24 66.74 -74.84
N ILE C 228 -22.08 66.55 -74.22
CA ILE C 228 -21.24 67.66 -73.73
C ILE C 228 -20.52 68.35 -74.89
N ALA C 229 -19.84 67.62 -75.77
CA ALA C 229 -19.09 68.23 -76.88
C ALA C 229 -20.00 68.93 -77.94
N MET C 230 -21.26 68.53 -78.08
CA MET C 230 -22.27 69.24 -78.89
C MET C 230 -22.70 70.58 -78.28
N PHE C 231 -22.31 70.86 -77.04
CA PHE C 231 -22.71 72.05 -76.26
C PHE C 231 -21.55 72.91 -75.79
N CYS C 232 -20.31 72.54 -76.12
CA CYS C 232 -19.09 73.23 -75.75
C CYS C 232 -18.10 73.21 -76.92
N HIS C 233 -17.11 74.11 -76.93
CA HIS C 233 -16.22 74.26 -78.08
C HIS C 233 -15.01 73.30 -78.06
N VAL C 234 -15.23 72.06 -77.65
CA VAL C 234 -14.22 71.00 -77.48
C VAL C 234 -14.53 69.82 -78.40
N GLY C 235 -13.54 69.12 -78.93
CA GLY C 235 -13.78 67.84 -79.60
C GLY C 235 -14.23 66.78 -78.58
N PRO C 236 -14.85 65.68 -78.99
CA PRO C 236 -15.26 64.63 -78.06
C PRO C 236 -14.08 63.94 -77.33
N GLU C 237 -12.88 64.03 -77.88
CA GLU C 237 -11.63 63.52 -77.29
C GLU C 237 -11.04 64.42 -76.19
N GLN C 238 -11.56 65.63 -75.98
CA GLN C 238 -11.20 66.55 -74.87
C GLN C 238 -12.28 66.67 -73.80
N VAL C 239 -13.25 65.76 -73.75
CA VAL C 239 -14.08 65.58 -72.56
C VAL C 239 -13.43 64.49 -71.70
N VAL C 240 -12.47 64.90 -70.87
CA VAL C 240 -11.71 64.06 -69.94
C VAL C 240 -12.62 63.58 -68.81
N ASN C 241 -12.28 62.47 -68.16
CA ASN C 241 -13.08 61.90 -67.08
C ASN C 241 -12.22 61.28 -65.98
N VAL C 242 -12.17 61.92 -64.81
CA VAL C 242 -11.48 61.41 -63.62
C VAL C 242 -12.41 60.49 -62.84
N HIS C 243 -12.59 59.26 -63.32
CA HIS C 243 -13.44 58.26 -62.67
C HIS C 243 -12.74 57.57 -61.48
N ASP C 244 -13.47 56.71 -60.77
CA ASP C 244 -12.91 55.88 -59.70
C ASP C 244 -11.68 55.08 -60.20
N VAL C 245 -10.59 55.15 -59.44
CA VAL C 245 -9.30 54.48 -59.71
C VAL C 245 -8.74 53.87 -58.43
N ASN C 246 -7.78 52.95 -58.55
CA ASN C 246 -7.29 52.18 -57.40
C ASN C 246 -6.72 53.08 -56.29
N SER C 247 -6.04 54.17 -56.66
CA SER C 247 -5.61 55.21 -55.73
C SER C 247 -5.33 56.52 -56.45
N THR C 248 -5.27 57.62 -55.72
CA THR C 248 -5.10 58.98 -56.28
C THR C 248 -3.80 59.14 -57.08
N TYR C 249 -2.76 58.38 -56.78
CA TYR C 249 -1.51 58.41 -57.53
C TYR C 249 -1.64 57.83 -58.95
N HIS C 250 -2.73 57.14 -59.28
CA HIS C 250 -3.00 56.68 -60.64
C HIS C 250 -3.54 57.78 -61.56
N VAL C 251 -4.10 58.87 -61.03
CA VAL C 251 -4.77 59.87 -61.87
C VAL C 251 -3.88 60.43 -62.98
N PRO C 252 -2.59 60.76 -62.83
CA PRO C 252 -1.81 61.21 -63.98
C PRO C 252 -1.65 60.14 -65.06
N LEU C 253 -1.60 58.85 -64.72
CA LEU C 253 -1.66 57.82 -65.76
C LEU C 253 -3.05 57.75 -66.40
N LEU C 254 -4.15 57.90 -65.65
CA LEU C 254 -5.48 57.98 -66.23
C LEU C 254 -5.61 59.14 -67.24
N LEU C 255 -5.16 60.34 -66.88
CA LEU C 255 -5.18 61.50 -67.77
C LEU C 255 -4.32 61.24 -69.01
N LEU C 256 -3.12 60.70 -68.86
CA LEU C 256 -2.25 60.38 -69.98
C LEU C 256 -2.84 59.30 -70.90
N GLU C 257 -3.53 58.29 -70.37
CA GLU C 257 -4.18 57.26 -71.17
C GLU C 257 -5.46 57.77 -71.86
N GLN C 258 -6.15 58.75 -71.29
CA GLN C 258 -7.21 59.52 -71.97
C GLN C 258 -6.66 60.55 -72.98
N LYS C 259 -5.39 60.43 -73.38
CA LYS C 259 -4.71 61.30 -74.36
C LYS C 259 -4.79 62.79 -74.00
N MET C 260 -4.83 63.10 -72.71
CA MET C 260 -4.96 64.48 -72.25
C MET C 260 -3.74 65.32 -72.67
N ILE C 261 -2.53 64.80 -72.47
CA ILE C 261 -1.29 65.51 -72.86
C ILE C 261 -1.05 65.52 -74.36
N ASP C 262 -1.46 64.49 -75.09
CA ASP C 262 -1.29 64.47 -76.54
C ASP C 262 -2.07 65.60 -77.23
N TYR C 263 -3.10 66.13 -76.59
CA TYR C 263 -3.71 67.40 -76.96
C TYR C 263 -2.91 68.60 -76.44
N LEU C 264 -2.59 68.72 -75.14
CA LEU C 264 -1.88 69.90 -74.61
C LEU C 264 -0.54 70.14 -75.29
N HIS C 265 0.17 69.11 -75.70
CA HIS C 265 1.37 69.22 -76.52
C HIS C 265 1.13 70.05 -77.79
N ALA C 266 0.03 69.81 -78.52
CA ALA C 266 -0.34 70.57 -79.70
C ALA C 266 -0.99 71.91 -79.36
N ARG C 267 -1.91 71.95 -78.40
CA ARG C 267 -2.69 73.13 -78.01
C ARG C 267 -1.86 74.24 -77.39
N LEU C 268 -0.77 73.90 -76.71
CA LEU C 268 0.24 74.83 -76.21
C LEU C 268 1.53 74.82 -77.04
N LYS C 269 1.53 74.11 -78.18
CA LYS C 269 2.63 74.02 -79.15
C LYS C 269 4.00 73.81 -78.50
N LEU C 270 4.11 72.83 -77.59
CA LEU C 270 5.24 72.63 -76.69
C LEU C 270 6.55 72.16 -77.37
N ASP C 271 6.54 71.85 -78.66
CA ASP C 271 7.78 71.78 -79.45
C ASP C 271 8.58 73.10 -79.42
N GLU C 272 7.94 74.22 -79.11
CA GLU C 272 8.61 75.54 -79.03
C GLU C 272 9.44 75.73 -77.75
N ILE C 273 9.41 74.83 -76.76
CA ILE C 273 10.35 74.87 -75.63
C ILE C 273 11.63 74.16 -76.03
N THR C 274 16.43 71.13 -73.54
CA THR C 274 17.79 70.59 -73.44
C THR C 274 17.78 69.10 -73.10
N GLU C 275 18.85 68.37 -73.40
CA GLU C 275 18.94 66.93 -73.14
C GLU C 275 18.69 66.56 -71.68
N GLU C 276 19.11 67.39 -70.72
CA GLU C 276 18.81 67.20 -69.31
C GLU C 276 17.30 67.14 -69.03
N GLU C 277 16.49 68.02 -69.63
CA GLU C 277 15.04 68.02 -69.50
C GLU C 277 14.43 66.78 -70.13
N LYS C 278 14.87 66.40 -71.33
CA LYS C 278 14.36 65.22 -72.04
C LYS C 278 14.63 63.95 -71.22
N GLN C 279 15.83 63.82 -70.67
CA GLN C 279 16.17 62.71 -69.77
C GLN C 279 15.33 62.74 -68.49
N ARG C 280 15.28 63.86 -67.78
CA ARG C 280 14.47 63.98 -66.55
C ARG C 280 12.98 63.72 -66.78
N GLY C 281 12.48 63.94 -67.99
CA GLY C 281 11.14 63.53 -68.38
C GLY C 281 10.99 62.00 -68.40
N LEU C 282 11.86 61.29 -69.11
CA LEU C 282 11.82 59.83 -69.17
C LEU C 282 12.03 59.20 -67.79
N GLU C 283 12.95 59.73 -66.99
CA GLU C 283 13.16 59.28 -65.61
C GLU C 283 11.91 59.48 -64.76
N LEU C 284 11.17 60.59 -64.89
CA LEU C 284 9.95 60.79 -64.11
C LEU C 284 8.88 59.76 -64.49
N LEU C 285 8.74 59.43 -65.78
CA LEU C 285 7.86 58.33 -66.18
C LEU C 285 8.31 56.99 -65.60
N SER C 286 9.60 56.67 -65.63
CA SER C 286 10.10 55.40 -65.07
C SER C 286 9.79 55.29 -63.59
N LYS C 287 10.01 56.37 -62.83
CA LYS C 287 9.71 56.46 -61.40
C LYS C 287 8.21 56.41 -61.13
N TRP C 288 7.38 56.92 -62.03
CA TRP C 288 5.94 56.74 -61.92
C TRP C 288 5.55 55.29 -62.15
N LYS C 289 6.08 54.63 -63.17
CA LYS C 289 5.85 53.19 -63.39
C LYS C 289 6.29 52.37 -62.19
N ALA C 290 7.40 52.70 -61.53
CA ALA C 290 7.84 52.09 -60.28
C ALA C 290 6.84 52.24 -59.12
N THR C 291 6.45 53.46 -58.73
CA THR C 291 5.46 53.63 -57.64
C THR C 291 4.12 53.02 -57.98
N THR C 292 3.72 53.03 -59.25
CA THR C 292 2.51 52.36 -59.69
C THR C 292 2.66 50.84 -59.57
N GLY C 293 3.78 50.26 -60.00
CA GLY C 293 4.06 48.84 -59.86
C GLY C 293 4.04 48.41 -58.40
N ASN C 294 4.67 49.19 -57.51
CA ASN C 294 4.63 48.98 -56.07
C ASN C 294 3.22 49.01 -55.45
N PHE C 295 2.19 49.50 -56.14
CA PHE C 295 0.80 49.39 -55.69
C PHE C 295 0.19 48.07 -56.15
N ASP C 296 0.33 47.72 -57.43
CA ASP C 296 -0.14 46.41 -57.94
C ASP C 296 0.55 45.23 -57.26
N GLU C 297 1.89 45.30 -57.14
CA GLU C 297 2.75 44.31 -56.49
C GLU C 297 2.72 44.40 -54.96
N GLU C 298 0.51 42.71 -49.20
CA GLU C 298 0.31 42.59 -47.75
C GLU C 298 0.09 43.95 -47.05
N THR C 299 -0.77 43.99 -46.02
CA THR C 299 -1.10 45.22 -45.27
C THR C 299 -0.12 45.53 -44.13
N VAL C 300 0.11 46.83 -43.89
CA VAL C 300 0.71 47.38 -42.67
C VAL C 300 -0.37 48.20 -41.95
N LYS C 301 -0.64 47.92 -40.67
CA LYS C 301 -1.65 48.63 -39.88
C LYS C 301 -0.95 49.64 -38.99
N ILE C 302 -1.27 50.93 -39.02
CA ILE C 302 -0.63 51.97 -38.19
C ILE C 302 -1.70 52.69 -37.38
N ALA C 303 -1.55 52.81 -36.07
CA ALA C 303 -2.45 53.64 -35.28
C ALA C 303 -1.91 55.06 -35.27
N LEU C 304 -2.67 56.01 -35.79
CA LEU C 304 -2.37 57.43 -35.68
C LEU C 304 -3.21 57.98 -34.53
N VAL C 305 -2.54 58.44 -33.47
CA VAL C 305 -3.15 58.76 -32.20
C VAL C 305 -3.01 60.25 -31.93
N GLY C 306 -4.11 60.98 -31.87
CA GLY C 306 -4.04 62.42 -31.64
C GLY C 306 -5.36 63.03 -31.24
N LYS C 307 -5.37 64.36 -31.06
CA LYS C 307 -6.60 65.12 -30.83
C LYS C 307 -7.49 65.10 -32.08
N TYR C 308 -8.80 64.97 -31.89
CA TYR C 308 -9.85 65.24 -32.89
C TYR C 308 -9.57 64.62 -34.27
N THR C 309 -9.10 63.38 -34.30
CA THR C 309 -8.86 62.60 -35.53
C THR C 309 -10.09 62.42 -36.42
N ASN C 310 -11.29 62.72 -35.92
CA ASN C 310 -12.51 62.84 -36.71
C ASN C 310 -12.36 63.86 -37.86
N LEU C 311 -11.59 64.93 -37.64
CA LEU C 311 -11.32 66.03 -38.57
C LEU C 311 -10.14 65.66 -39.48
N LYS C 312 -10.35 64.67 -40.35
CA LYS C 312 -9.28 63.96 -41.06
C LYS C 312 -8.40 64.83 -41.98
N ASP C 313 -8.92 65.93 -42.52
CA ASP C 313 -8.10 66.91 -43.25
C ASP C 313 -7.05 67.60 -42.36
N SER C 314 -7.27 67.66 -41.05
CA SER C 314 -6.35 68.28 -40.10
C SER C 314 -5.03 67.52 -39.98
N TYR C 315 -4.95 66.28 -40.48
CA TYR C 315 -3.75 65.44 -40.53
C TYR C 315 -3.35 65.10 -41.98
N LEU C 316 -3.81 65.86 -42.98
CA LEU C 316 -3.63 65.48 -44.39
C LEU C 316 -2.18 65.18 -44.77
N SER C 317 -1.21 66.01 -44.37
CA SER C 317 0.18 65.80 -44.78
C SER C 317 0.74 64.51 -44.22
N VAL C 318 0.38 64.18 -42.98
CA VAL C 318 0.78 62.95 -42.31
C VAL C 318 0.29 61.76 -43.10
N ILE C 319 -0.98 61.74 -43.54
CA ILE C 319 -1.51 60.65 -44.36
C ILE C 319 -0.70 60.49 -45.63
N LYS C 320 -0.48 61.57 -46.37
CA LYS C 320 0.27 61.51 -47.63
C LYS C 320 1.71 61.04 -47.42
N ALA C 321 2.38 61.43 -46.34
CA ALA C 321 3.72 60.95 -46.03
C ALA C 321 3.77 59.45 -45.74
N LEU C 322 2.73 58.90 -45.11
CA LEU C 322 2.59 57.45 -44.94
C LEU C 322 2.28 56.74 -46.26
N GLU C 323 1.49 57.33 -47.16
CA GLU C 323 1.21 56.76 -48.48
C GLU C 323 2.48 56.68 -49.33
N HIS C 324 3.28 57.76 -49.41
CA HIS C 324 4.48 57.78 -50.26
C HIS C 324 5.46 56.70 -49.85
N SER C 325 5.65 56.55 -48.55
CA SER C 325 6.53 55.53 -47.97
C SER C 325 5.97 54.12 -48.16
N SER C 326 4.67 53.90 -47.99
CA SER C 326 4.06 52.59 -48.16
C SER C 326 4.20 52.02 -49.56
N MET C 327 4.22 52.86 -50.60
CA MET C 327 4.53 52.43 -51.95
C MET C 327 6.00 52.05 -52.14
N LYS C 328 6.92 52.55 -51.33
CA LYS C 328 8.31 52.08 -51.40
C LYS C 328 8.41 50.68 -50.81
N CYS C 329 7.74 50.42 -49.67
CA CYS C 329 7.67 49.11 -49.02
C CYS C 329 6.77 48.07 -49.72
N ARG C 330 6.15 48.41 -50.86
CA ARG C 330 5.18 47.57 -51.59
C ARG C 330 3.99 47.11 -50.75
N ARG C 331 3.67 47.74 -49.62
CA ARG C 331 2.67 47.26 -48.67
C ARG C 331 1.50 48.20 -48.55
N LYS C 332 0.31 47.65 -48.39
CA LYS C 332 -0.95 48.39 -48.35
C LYS C 332 -1.10 49.08 -47.01
N LEU C 333 -1.40 50.36 -47.00
CA LEU C 333 -1.49 51.16 -45.77
C LEU C 333 -2.90 51.11 -45.20
N ASP C 334 -3.01 50.86 -43.91
CA ASP C 334 -4.27 50.88 -43.17
C ASP C 334 -4.14 51.72 -41.90
N ILE C 335 -4.40 53.02 -42.01
CA ILE C 335 -4.36 53.93 -40.85
C ILE C 335 -5.57 53.66 -39.97
N LYS C 336 -5.36 53.29 -38.71
CA LYS C 336 -6.40 53.32 -37.68
C LYS C 336 -6.41 54.70 -37.05
N TRP C 337 -7.54 55.39 -37.08
CA TRP C 337 -7.73 56.69 -36.47
C TRP C 337 -8.17 56.54 -35.02
N VAL C 338 -7.34 56.98 -34.08
CA VAL C 338 -7.62 56.92 -32.64
C VAL C 338 -7.75 58.34 -32.09
N GLU C 339 -8.87 58.66 -31.45
CA GLU C 339 -8.92 59.85 -30.62
C GLU C 339 -8.09 59.61 -29.36
N ALA C 340 -7.06 60.40 -29.14
CA ALA C 340 -6.16 60.22 -28.02
C ALA C 340 -6.89 60.24 -26.67
N THR C 341 -7.87 61.11 -26.50
CA THR C 341 -8.61 61.18 -25.24
C THR C 341 -9.43 59.93 -24.92
N ASP C 342 -9.80 59.12 -25.90
CA ASP C 342 -10.51 57.86 -25.65
C ASP C 342 -9.63 56.77 -25.07
N LEU C 343 -8.30 56.94 -25.05
CA LEU C 343 -7.39 56.01 -24.38
C LEU C 343 -7.35 56.21 -22.87
N GLU C 344 -7.81 57.36 -22.37
CA GLU C 344 -7.60 57.75 -20.97
C GLU C 344 -8.31 56.83 -19.97
N PRO C 345 -7.74 56.57 -18.78
CA PRO C 345 -8.41 55.83 -17.71
C PRO C 345 -9.74 56.44 -17.25
N GLU C 346 -9.94 57.76 -17.44
CA GLU C 346 -11.21 58.45 -17.18
C GLU C 346 -12.28 58.13 -18.24
N ALA C 347 -11.88 57.92 -19.50
CA ALA C 347 -12.83 57.63 -20.56
C ALA C 347 -13.57 56.30 -20.31
N GLN C 348 -12.96 55.37 -19.57
CA GLN C 348 -13.54 54.06 -19.26
C GLN C 348 -14.88 54.13 -18.50
N GLU C 349 -15.05 55.09 -17.58
CA GLU C 349 -16.36 55.30 -16.95
C GLU C 349 -17.26 56.26 -17.74
N SER C 350 -16.66 57.23 -18.46
CA SER C 350 -17.41 58.27 -19.15
C SER C 350 -18.08 57.78 -20.43
N ASN C 351 -17.36 57.02 -21.26
CA ASN C 351 -17.78 56.62 -22.61
C ASN C 351 -17.16 55.27 -23.00
N LYS C 352 -17.43 54.24 -22.20
CA LYS C 352 -16.72 52.95 -22.22
C LYS C 352 -16.58 52.33 -23.61
N THR C 353 -17.62 52.38 -24.43
CA THR C 353 -17.64 51.73 -25.74
C THR C 353 -16.53 52.22 -26.66
N LYS C 354 -16.40 53.55 -26.78
CA LYS C 354 -15.37 54.15 -27.62
C LYS C 354 -13.97 53.93 -27.08
N PHE C 355 -13.83 53.87 -25.76
CA PHE C 355 -12.57 53.53 -25.10
C PHE C 355 -12.07 52.13 -25.47
N HIS C 356 -12.94 51.12 -25.56
CA HIS C 356 -12.53 49.80 -26.06
C HIS C 356 -12.17 49.84 -27.54
N GLU C 357 -12.90 50.59 -28.38
CA GLU C 357 -12.53 50.71 -29.80
C GLU C 357 -11.16 51.34 -29.96
N ALA C 358 -10.85 52.38 -29.20
CA ALA C 358 -9.56 53.03 -29.21
C ALA C 358 -8.43 52.08 -28.80
N TRP C 359 -8.61 51.35 -27.71
CA TRP C 359 -7.59 50.41 -27.25
C TRP C 359 -7.43 49.20 -28.14
N ASN C 360 -8.48 48.70 -28.79
CA ASN C 360 -8.31 47.65 -29.79
C ASN C 360 -7.43 48.13 -30.94
N MET C 361 -7.62 49.35 -31.44
CA MET C 361 -6.79 49.90 -32.50
C MET C 361 -5.33 49.95 -32.05
N VAL C 362 -5.04 50.51 -30.88
CA VAL C 362 -3.66 50.59 -30.34
C VAL C 362 -3.02 49.22 -30.21
N SER C 363 -3.77 48.24 -29.73
CA SER C 363 -3.32 46.85 -29.54
C SER C 363 -3.12 46.08 -30.84
N THR C 364 -3.87 46.41 -31.88
CA THR C 364 -3.79 45.75 -33.19
C THR C 364 -2.60 46.23 -34.00
N ALA C 365 -2.27 47.51 -33.91
CA ALA C 365 -1.42 48.16 -34.90
C ALA C 365 0.03 47.63 -34.93
N ASP C 366 0.59 47.52 -36.13
CA ASP C 366 1.99 47.17 -36.36
C ASP C 366 2.94 48.32 -36.11
N GLY C 367 2.44 49.54 -36.00
CA GLY C 367 3.20 50.72 -35.65
C GLY C 367 2.33 51.76 -34.96
N ILE C 368 2.92 52.64 -34.17
CA ILE C 368 2.22 53.75 -33.53
C ILE C 368 2.81 55.07 -34.03
N LEU C 369 1.95 56.07 -34.18
CA LEU C 369 2.30 57.37 -34.71
C LEU C 369 1.59 58.44 -33.91
N ILE C 370 2.34 59.31 -33.26
CA ILE C 370 1.80 60.49 -32.58
C ILE C 370 2.11 61.70 -33.47
N PRO C 371 1.12 62.40 -34.04
CA PRO C 371 1.27 63.12 -35.31
C PRO C 371 1.62 64.61 -35.20
N GLY C 372 1.91 65.13 -34.00
CA GLY C 372 2.13 66.56 -33.81
C GLY C 372 0.84 67.35 -33.69
N GLY C 373 0.01 66.95 -32.74
CA GLY C 373 -1.30 67.56 -32.49
C GLY C 373 -1.28 69.03 -32.09
N PHE C 374 -2.46 69.63 -32.06
CA PHE C 374 -2.69 71.03 -31.68
C PHE C 374 -3.31 71.11 -30.27
N GLY C 375 -2.69 71.88 -29.37
CA GLY C 375 -3.13 72.05 -27.99
C GLY C 375 -2.94 70.84 -27.08
N VAL C 376 -3.36 70.96 -25.82
CA VAL C 376 -2.98 70.01 -24.75
C VAL C 376 -3.90 68.79 -24.59
N ARG C 377 -5.18 68.88 -25.00
CA ARG C 377 -6.26 67.94 -24.62
C ARG C 377 -5.91 66.46 -24.71
N GLY C 378 -5.38 66.01 -25.84
CA GLY C 378 -5.08 64.59 -26.08
C GLY C 378 -3.91 64.00 -25.28
N THR C 379 -3.13 64.82 -24.59
CA THR C 379 -1.81 64.45 -24.07
C THR C 379 -1.84 63.18 -23.22
N GLU C 380 -2.80 63.04 -22.31
CA GLU C 380 -2.79 61.93 -21.35
C GLU C 380 -2.91 60.56 -22.03
N GLY C 381 -3.72 60.44 -23.07
CA GLY C 381 -3.79 59.22 -23.85
C GLY C 381 -2.57 58.98 -24.72
N MET C 382 -2.03 60.04 -25.33
CA MET C 382 -0.82 59.93 -26.15
C MET C 382 0.39 59.47 -25.33
N VAL C 383 0.45 59.75 -24.04
CA VAL C 383 1.45 59.18 -23.14
C VAL C 383 1.35 57.66 -23.08
N LEU C 384 0.15 57.12 -22.86
CA LEU C 384 -0.11 55.68 -22.78
C LEU C 384 0.14 54.98 -24.11
N ALA C 385 -0.12 55.61 -25.25
CA ALA C 385 0.28 55.10 -26.55
C ALA C 385 1.80 55.06 -26.74
N ALA C 386 2.55 56.04 -26.23
CA ALA C 386 4.02 56.01 -26.29
C ALA C 386 4.62 54.93 -25.38
N ARG C 387 4.04 54.72 -24.19
CA ARG C 387 4.37 53.67 -23.20
C ARG C 387 4.16 52.29 -23.78
N TRP C 388 3.04 52.10 -24.47
CA TRP C 388 2.70 50.87 -25.15
C TRP C 388 3.75 50.46 -26.18
N ALA C 389 4.32 51.40 -26.92
CA ALA C 389 5.38 51.13 -27.89
C ALA C 389 6.80 51.17 -27.32
N ARG C 390 7.04 51.81 -26.17
CA ARG C 390 8.35 51.73 -25.50
C ARG C 390 8.55 50.33 -24.96
N GLU C 391 7.58 49.82 -24.22
CA GLU C 391 7.72 48.59 -23.43
C GLU C 391 7.66 47.35 -24.32
N ASN C 392 6.53 47.12 -24.96
CA ASN C 392 6.39 46.15 -26.04
C ASN C 392 7.10 46.73 -27.27
N HIS C 393 7.94 45.99 -27.99
CA HIS C 393 8.77 46.53 -29.08
C HIS C 393 8.03 46.91 -30.39
N ILE C 394 6.91 47.63 -30.31
CA ILE C 394 6.16 48.18 -31.44
C ILE C 394 6.94 49.33 -32.09
N PRO C 395 7.11 49.40 -33.41
CA PRO C 395 7.63 50.57 -34.09
C PRO C 395 6.85 51.85 -33.81
N PHE C 396 7.53 52.98 -33.67
CA PHE C 396 6.95 54.26 -33.28
C PHE C 396 7.58 55.44 -34.00
N LEU C 397 6.77 56.45 -34.33
CA LEU C 397 7.26 57.78 -34.69
C LEU C 397 6.47 58.84 -33.93
N GLY C 398 7.17 59.74 -33.26
CA GLY C 398 6.58 60.93 -32.68
C GLY C 398 6.97 62.16 -33.47
N VAL C 399 6.01 62.96 -33.90
CA VAL C 399 6.24 64.20 -34.63
C VAL C 399 5.88 65.39 -33.76
N CYS C 400 6.79 66.33 -33.54
CA CYS C 400 6.60 67.55 -32.74
C CYS C 400 6.07 67.26 -31.32
N LEU C 401 4.79 67.50 -31.04
CA LEU C 401 4.16 67.07 -29.78
C LEU C 401 4.38 65.58 -29.51
N GLY C 402 4.60 64.76 -30.53
CA GLY C 402 4.99 63.37 -30.36
C GLY C 402 6.38 63.19 -29.78
N LEU C 403 7.38 64.01 -30.13
CA LEU C 403 8.67 63.96 -29.43
C LEU C 403 8.52 64.45 -27.99
N GLN C 404 7.74 65.51 -27.81
CA GLN C 404 7.42 66.03 -26.51
C GLN C 404 6.83 64.92 -25.64
N ILE C 405 5.89 64.14 -26.17
CA ILE C 405 5.24 63.05 -25.45
C ILE C 405 6.09 61.78 -25.36
N ALA C 406 6.95 61.48 -26.32
CA ALA C 406 7.98 60.46 -26.16
C ALA C 406 8.91 60.79 -24.99
N THR C 407 9.26 62.06 -24.80
CA THR C 407 10.13 62.48 -23.70
C THR C 407 9.39 62.57 -22.37
N ILE C 408 8.17 63.11 -22.34
CA ILE C 408 7.32 63.06 -21.15
C ILE C 408 7.11 61.62 -20.72
N GLU C 409 6.84 60.67 -21.61
CA GLU C 409 6.61 59.28 -21.22
C GLU C 409 7.89 58.64 -20.68
N PHE C 410 9.00 58.73 -21.41
CA PHE C 410 10.26 58.17 -20.96
C PHE C 410 10.69 58.76 -19.60
N THR C 411 10.45 60.05 -19.36
CA THR C 411 10.60 60.67 -18.05
C THR C 411 9.65 60.03 -17.03
N ARG C 412 8.35 59.99 -17.32
CA ARG C 412 7.26 59.53 -16.45
C ARG C 412 7.28 58.04 -16.11
N SER C 413 8.10 57.22 -16.79
CA SER C 413 8.12 55.77 -16.62
C SER C 413 9.50 55.16 -16.46
N VAL C 414 10.54 55.74 -17.05
CA VAL C 414 11.91 55.23 -16.93
C VAL C 414 12.68 55.96 -15.82
N LEU C 415 12.49 57.27 -15.65
CA LEU C 415 13.08 58.06 -14.55
C LEU C 415 12.20 58.13 -13.29
N GLY C 416 11.05 57.46 -13.26
CA GLY C 416 10.00 57.73 -12.27
C GLY C 416 9.29 59.06 -12.56
N ARG C 417 9.54 60.10 -11.75
CA ARG C 417 9.11 61.51 -11.98
C ARG C 417 7.66 61.68 -12.45
N LYS C 418 6.71 61.00 -11.79
CA LYS C 418 5.31 60.87 -12.24
C LYS C 418 4.53 62.20 -12.36
N ASP C 419 5.00 63.25 -11.70
CA ASP C 419 4.44 64.62 -11.79
C ASP C 419 4.82 65.38 -13.08
N SER C 420 5.80 64.91 -13.88
CA SER C 420 6.30 65.67 -15.03
C SER C 420 5.28 65.82 -16.15
N HIS C 421 5.33 66.95 -16.87
CA HIS C 421 4.29 67.40 -17.79
C HIS C 421 4.90 68.40 -18.79
N SER C 422 4.19 68.72 -19.86
CA SER C 422 4.55 69.81 -20.77
C SER C 422 4.65 71.17 -20.06
N ALA C 423 5.49 72.08 -20.56
CA ALA C 423 5.56 73.45 -20.09
C ALA C 423 4.21 74.20 -20.18
N GLU C 424 3.26 73.68 -20.95
CA GLU C 424 1.88 74.15 -20.97
C GLU C 424 1.23 74.20 -19.57
N PHE C 425 1.52 73.26 -18.67
CA PHE C 425 1.10 73.29 -17.26
C PHE C 425 2.05 74.18 -16.44
N TYR C 426 2.08 75.46 -16.81
CA TYR C 426 3.04 76.45 -16.36
C TYR C 426 3.25 76.53 -14.83
N PRO C 427 2.22 76.60 -13.97
CA PRO C 427 2.40 76.88 -12.54
C PRO C 427 2.96 75.71 -11.70
N ASP C 428 3.20 74.54 -12.29
CA ASP C 428 3.94 73.46 -11.60
C ASP C 428 5.45 73.77 -11.50
N ILE C 429 5.99 74.60 -12.41
CA ILE C 429 7.37 75.10 -12.47
C ILE C 429 8.45 73.99 -12.44
N ASP C 430 8.76 73.40 -11.29
CA ASP C 430 9.91 72.53 -11.07
C ASP C 430 9.89 71.26 -11.93
N GLU C 431 8.71 70.76 -12.30
CA GLU C 431 8.50 69.50 -13.04
C GLU C 431 8.14 69.69 -14.53
N LYS C 432 8.24 70.91 -15.06
CA LYS C 432 8.06 71.18 -16.50
C LYS C 432 9.13 70.44 -17.30
N ASN C 433 8.70 69.59 -18.23
CA ASN C 433 9.58 68.80 -19.09
C ASN C 433 10.19 69.60 -20.25
N HIS C 434 9.72 70.82 -20.48
CA HIS C 434 10.04 71.66 -21.65
C HIS C 434 10.39 73.11 -21.24
N VAL C 435 10.94 73.89 -22.17
CA VAL C 435 11.25 75.31 -22.02
C VAL C 435 10.78 76.08 -23.26
N VAL C 436 10.31 77.32 -23.05
CA VAL C 436 9.96 78.25 -24.11
C VAL C 436 11.17 78.61 -24.96
N VAL C 437 10.97 78.69 -26.28
CA VAL C 437 11.97 79.15 -27.24
C VAL C 437 11.27 79.83 -28.44
N PHE C 438 10.86 81.09 -28.27
CA PHE C 438 10.10 81.83 -29.29
C PHE C 438 10.91 82.32 -30.50
N MET C 439 12.25 82.45 -30.38
CA MET C 439 13.13 83.08 -31.38
C MET C 439 12.61 84.40 -31.93
N MET C 440 7.62 81.85 -32.48
CA MET C 440 7.64 80.47 -32.95
C MET C 440 8.84 80.19 -33.88
N ARG C 441 9.52 79.06 -33.71
CA ARG C 441 10.52 78.57 -34.65
C ARG C 441 9.79 78.00 -35.87
N LEU C 442 10.13 78.47 -37.07
CA LEU C 442 9.44 78.18 -38.34
C LEU C 442 10.42 77.91 -39.48
N GLY C 443 9.90 77.35 -40.57
CA GLY C 443 10.62 77.25 -41.85
C GLY C 443 11.75 76.24 -41.86
N LEU C 444 12.43 76.15 -43.01
CA LEU C 444 13.51 75.21 -43.23
C LEU C 444 14.73 75.62 -42.42
N ARG C 445 15.06 74.81 -41.42
CA ARG C 445 16.31 74.94 -40.64
C ARG C 445 17.12 73.63 -40.72
N PRO C 446 18.45 73.66 -40.63
CA PRO C 446 19.25 72.44 -40.62
C PRO C 446 19.08 71.63 -39.32
N THR C 447 19.53 70.38 -39.33
CA THR C 447 19.76 69.56 -38.13
C THR C 447 20.94 68.64 -38.36
N PHE C 448 21.82 68.52 -37.37
CA PHE C 448 23.12 67.87 -37.47
C PHE C 448 23.16 66.64 -36.57
N PHE C 449 23.60 65.50 -37.10
CA PHE C 449 23.73 64.28 -36.29
C PHE C 449 24.85 64.41 -35.26
N GLN C 450 24.66 63.85 -34.07
CA GLN C 450 25.71 63.81 -33.04
C GLN C 450 26.79 62.80 -33.46
N ASN C 451 28.06 63.19 -33.48
CA ASN C 451 29.09 62.55 -34.32
C ASN C 451 29.45 61.09 -33.99
N GLU C 452 29.02 60.56 -32.85
CA GLU C 452 29.27 59.18 -32.37
C GLU C 452 28.16 58.19 -32.77
N THR C 453 26.97 58.65 -33.16
CA THR C 453 25.76 57.81 -33.22
C THR C 453 25.65 56.93 -34.48
N GLU C 454 26.71 56.22 -34.82
CA GLU C 454 26.82 55.33 -35.99
C GLU C 454 25.86 54.14 -35.94
N TRP C 455 25.37 53.77 -34.75
CA TRP C 455 24.40 52.70 -34.52
C TRP C 455 22.99 53.03 -35.00
N SER C 456 22.65 54.31 -35.13
CA SER C 456 21.29 54.82 -35.31
C SER C 456 20.58 54.26 -36.54
N GLN C 457 19.34 53.81 -36.37
CA GLN C 457 18.50 53.39 -37.49
C GLN C 457 18.11 54.60 -38.37
N ILE C 458 17.73 55.73 -37.75
CA ILE C 458 17.29 56.89 -38.53
C ILE C 458 18.42 57.53 -39.31
N LYS C 459 19.62 57.73 -38.75
CA LYS C 459 20.72 58.33 -39.52
C LYS C 459 21.28 57.41 -40.59
N LYS C 460 20.96 56.11 -40.54
CA LYS C 460 21.19 55.19 -41.66
C LYS C 460 20.21 55.47 -42.81
N LEU C 461 18.92 55.66 -42.54
CA LEU C 461 17.93 55.98 -43.60
C LEU C 461 18.28 57.28 -44.35
N TYR C 462 18.81 58.30 -43.68
CA TYR C 462 19.33 59.51 -44.30
C TYR C 462 20.64 59.31 -45.11
N GLY C 463 21.09 58.08 -45.35
CA GLY C 463 22.19 57.77 -46.27
C GLY C 463 23.59 58.09 -45.73
N ASP C 464 23.74 58.18 -44.41
CA ASP C 464 24.99 58.60 -43.74
C ASP C 464 25.44 60.06 -44.07
N VAL C 465 24.53 60.88 -44.60
CA VAL C 465 24.79 62.32 -44.81
C VAL C 465 24.96 63.04 -43.46
N SER C 466 25.84 64.04 -43.40
CA SER C 466 26.22 64.75 -42.18
C SER C 466 25.12 65.60 -41.54
N GLU C 467 24.16 66.10 -42.33
CA GLU C 467 23.06 66.93 -41.86
C GLU C 467 21.82 66.79 -42.75
N VAL C 468 20.69 67.24 -42.23
CA VAL C 468 19.37 67.23 -42.87
C VAL C 468 18.76 68.63 -42.81
N HIS C 469 17.76 68.95 -43.63
CA HIS C 469 17.05 70.23 -43.56
C HIS C 469 15.54 70.03 -43.53
N GLU C 470 14.83 70.66 -42.60
CA GLU C 470 13.44 70.28 -42.25
C GLU C 470 12.56 71.47 -41.81
N ARG C 471 11.25 71.35 -41.92
CA ARG C 471 10.29 72.37 -41.48
C ARG C 471 9.92 72.25 -39.99
N HIS C 472 9.71 73.37 -39.31
CA HIS C 472 9.41 73.43 -37.88
C HIS C 472 8.16 74.30 -37.62
N ARG C 473 7.48 74.14 -36.47
CA ARG C 473 6.33 74.97 -36.05
C ARG C 473 6.17 75.07 -34.51
N HIS C 474 7.27 75.04 -33.74
CA HIS C 474 7.24 74.82 -32.29
C HIS C 474 7.60 76.06 -31.45
N ARG C 475 6.91 76.26 -30.32
CA ARG C 475 7.23 77.26 -29.28
C ARG C 475 7.90 76.68 -28.02
N TYR C 476 7.90 75.36 -27.88
CA TYR C 476 8.52 74.62 -26.77
C TYR C 476 9.61 73.66 -27.27
N GLU C 477 10.65 73.44 -26.48
CA GLU C 477 11.66 72.39 -26.66
C GLU C 477 11.92 71.67 -25.34
N ILE C 478 12.47 70.46 -25.37
CA ILE C 478 12.80 69.70 -24.16
C ILE C 478 13.86 70.47 -23.35
N ASN C 479 13.68 70.59 -22.03
CA ASN C 479 14.53 71.42 -21.17
C ASN C 479 15.99 70.90 -21.19
N PRO C 480 16.98 71.67 -21.69
CA PRO C 480 18.35 71.20 -21.84
C PRO C 480 18.97 70.66 -20.56
N LYS C 481 18.54 71.18 -19.40
CA LYS C 481 18.96 70.73 -18.06
C LYS C 481 18.79 69.22 -17.87
N MET C 482 17.72 68.65 -18.42
CA MET C 482 17.40 67.23 -18.28
C MET C 482 18.09 66.33 -19.31
N VAL C 483 18.57 66.86 -20.43
CA VAL C 483 18.94 66.05 -21.59
C VAL C 483 20.10 65.10 -21.31
N ASP C 484 21.04 65.44 -20.44
CA ASP C 484 22.10 64.50 -20.03
C ASP C 484 21.51 63.25 -19.35
N GLU C 485 20.48 63.42 -18.52
CA GLU C 485 19.83 62.33 -17.81
C GLU C 485 19.13 61.39 -18.77
N LEU C 486 18.45 61.94 -19.77
CA LEU C 486 17.79 61.19 -20.84
C LEU C 486 18.82 60.49 -21.75
N GLU C 487 19.90 61.16 -22.15
CA GLU C 487 20.98 60.54 -22.93
C GLU C 487 21.66 59.39 -22.18
N ASN C 488 21.94 59.57 -20.88
CA ASN C 488 22.55 58.55 -20.02
C ASN C 488 21.62 57.33 -19.78
N ASN C 489 20.31 57.54 -19.72
CA ASN C 489 19.33 56.46 -19.59
C ASN C 489 18.96 55.78 -20.92
N GLY C 490 19.36 56.33 -22.07
CA GLY C 490 19.27 55.69 -23.38
C GLY C 490 18.33 56.33 -24.39
N LEU C 491 17.61 57.39 -24.01
CA LEU C 491 16.80 58.19 -24.92
C LEU C 491 17.71 59.16 -25.71
N ILE C 492 18.61 58.63 -26.52
CA ILE C 492 19.72 59.38 -27.11
C ILE C 492 19.21 60.39 -28.14
N PHE C 493 19.49 61.68 -27.94
CA PHE C 493 19.14 62.74 -28.90
C PHE C 493 20.10 62.75 -30.09
N VAL C 494 19.86 61.87 -31.07
CA VAL C 494 20.77 61.64 -32.21
C VAL C 494 20.91 62.82 -33.18
N GLY C 495 20.10 63.86 -33.06
CA GLY C 495 20.22 65.08 -33.85
C GLY C 495 19.89 66.34 -33.08
N LYS C 496 20.69 67.38 -33.27
CA LYS C 496 20.51 68.69 -32.65
C LYS C 496 20.75 69.79 -33.67
N ASP C 497 20.45 71.02 -33.29
CA ASP C 497 20.61 72.20 -34.13
C ASP C 497 22.07 72.64 -34.27
N ASP C 498 22.26 73.74 -35.00
CA ASP C 498 23.55 74.41 -35.16
C ASP C 498 24.27 74.72 -33.83
N THR C 499 23.55 75.20 -32.80
CA THR C 499 24.13 75.53 -31.48
C THR C 499 24.41 74.30 -30.62
N GLY C 500 23.71 73.19 -30.85
CA GLY C 500 23.72 72.01 -29.99
C GLY C 500 22.87 72.15 -28.72
N LYS C 501 22.14 73.25 -28.56
CA LYS C 501 21.25 73.49 -27.41
C LYS C 501 19.86 72.88 -27.61
N ARG C 502 19.41 72.69 -28.85
CA ARG C 502 18.02 72.35 -29.20
C ARG C 502 17.85 70.87 -29.56
N CYS C 503 16.83 70.23 -29.01
CA CYS C 503 16.48 68.82 -29.20
C CYS C 503 15.71 68.57 -30.52
N GLU C 504 16.35 68.16 -31.60
CA GLU C 504 15.70 68.05 -32.91
C GLU C 504 15.25 66.63 -33.28
N ILE C 505 15.99 65.59 -32.86
CA ILE C 505 15.63 64.17 -33.05
C ILE C 505 15.93 63.39 -31.79
N LEU C 506 15.14 62.38 -31.43
CA LEU C 506 15.58 61.33 -30.51
C LEU C 506 15.43 59.94 -31.10
N GLU C 507 16.29 59.01 -30.70
CA GLU C 507 16.13 57.59 -30.92
C GLU C 507 16.42 56.88 -29.59
N LEU C 508 15.53 55.97 -29.19
CA LEU C 508 15.76 55.14 -28.01
C LEU C 508 16.73 54.02 -28.38
N LYS C 509 17.90 54.00 -27.73
CA LYS C 509 18.96 53.00 -27.94
C LYS C 509 18.42 51.58 -27.73
N ASN C 510 18.74 50.66 -28.64
CA ASN C 510 18.35 49.24 -28.59
C ASN C 510 16.83 49.01 -28.48
N HIS C 511 16.08 49.62 -29.40
CA HIS C 511 14.68 49.31 -29.71
C HIS C 511 14.53 49.16 -31.24
N PRO C 512 13.69 48.27 -31.80
CA PRO C 512 13.62 48.05 -33.23
C PRO C 512 13.37 49.27 -34.11
N TYR C 513 12.54 50.22 -33.66
CA TYR C 513 12.33 51.52 -34.29
C TYR C 513 11.51 52.44 -33.37
N TYR C 514 12.15 53.28 -32.58
CA TYR C 514 11.46 54.24 -31.73
C TYR C 514 12.13 55.59 -31.90
N ILE C 515 11.55 56.39 -32.78
CA ILE C 515 12.06 57.68 -33.21
C ILE C 515 11.09 58.76 -32.77
N ALA C 516 11.58 59.93 -32.47
CA ALA C 516 10.76 61.12 -32.61
C ALA C 516 11.55 62.27 -33.23
N THR C 517 10.85 63.22 -33.84
CA THR C 517 11.39 64.43 -34.46
C THR C 517 10.68 65.65 -33.91
N GLN C 518 11.39 66.71 -33.55
CA GLN C 518 10.74 67.96 -33.17
C GLN C 518 10.14 68.67 -34.38
N TYR C 519 10.80 68.56 -35.54
CA TYR C 519 10.26 69.00 -36.82
C TYR C 519 9.09 68.14 -37.29
N HIS C 520 8.39 68.64 -38.31
CA HIS C 520 7.33 67.98 -39.04
C HIS C 520 7.85 67.42 -40.39
N PRO C 521 8.32 66.16 -40.48
CA PRO C 521 8.89 65.59 -41.71
C PRO C 521 7.90 65.38 -42.85
N GLU C 522 6.61 65.30 -42.55
CA GLU C 522 5.53 65.20 -43.53
C GLU C 522 5.41 66.42 -44.43
N TYR C 523 6.00 67.56 -44.06
CA TYR C 523 6.05 68.74 -44.93
C TYR C 523 7.21 68.69 -45.92
N THR C 524 7.98 67.59 -46.02
CA THR C 524 8.93 67.40 -47.14
C THR C 524 8.87 65.99 -47.76
N SER C 525 7.89 65.18 -47.41
CA SER C 525 7.64 63.91 -48.11
C SER C 525 7.22 64.15 -49.56
N LYS C 526 7.84 63.46 -50.52
CA LYS C 526 7.51 63.50 -51.95
C LYS C 526 7.24 62.10 -52.48
N VAL C 527 6.46 61.95 -53.54
CA VAL C 527 5.98 60.63 -54.00
C VAL C 527 7.13 59.74 -54.49
N LEU C 528 8.20 60.30 -55.08
CA LEU C 528 9.38 59.52 -55.49
C LEU C 528 10.51 59.50 -54.44
N ASP C 529 10.48 60.40 -53.45
CA ASP C 529 11.46 60.51 -52.36
C ASP C 529 10.71 60.65 -51.02
N PRO C 530 10.34 59.54 -50.36
CA PRO C 530 9.51 59.59 -49.15
C PRO C 530 10.30 60.14 -47.97
N SER C 531 9.66 60.85 -47.03
CA SER C 531 10.37 61.46 -45.91
C SER C 531 10.87 60.38 -44.97
N LYS C 532 12.17 60.36 -44.70
CA LYS C 532 12.88 59.25 -44.04
C LYS C 532 12.30 58.80 -42.69
N PRO C 533 11.89 59.67 -41.75
CA PRO C 533 11.29 59.23 -40.48
C PRO C 533 10.00 58.43 -40.67
N PHE C 534 9.20 58.76 -41.69
CA PHE C 534 8.00 57.99 -42.04
C PHE C 534 8.32 56.73 -42.82
N LEU C 535 9.35 56.72 -43.66
CA LEU C 535 9.76 55.49 -44.32
C LEU C 535 10.20 54.44 -43.30
N GLY C 536 11.00 54.83 -42.30
CA GLY C 536 11.39 53.94 -41.22
C GLY C 536 10.20 53.38 -40.43
N LEU C 537 9.20 54.19 -40.10
CA LEU C 537 7.99 53.73 -39.41
C LEU C 537 7.26 52.66 -40.21
N VAL C 538 7.04 52.86 -41.49
CA VAL C 538 6.36 51.84 -42.31
C VAL C 538 7.25 50.63 -42.45
N ALA C 539 8.51 50.79 -42.81
CA ALA C 539 9.41 49.66 -43.04
C ALA C 539 9.59 48.79 -41.78
N ALA C 540 9.70 49.37 -40.59
CA ALA C 540 9.77 48.61 -39.36
C ALA C 540 8.42 47.97 -39.01
N SER C 541 7.29 48.62 -39.29
CA SER C 541 5.97 48.02 -39.14
C SER C 541 5.79 46.79 -40.04
N ALA C 542 6.36 46.83 -41.25
CA ALA C 542 6.49 45.71 -42.16
C ALA C 542 7.57 44.68 -41.78
N GLY C 543 8.40 44.98 -40.78
CA GLY C 543 9.47 44.11 -40.34
C GLY C 543 10.61 43.97 -41.35
N ILE C 544 10.77 44.96 -42.25
CA ILE C 544 11.69 44.95 -43.39
C ILE C 544 12.75 46.07 -43.35
N LEU C 545 12.82 46.81 -42.25
CA LEU C 545 13.62 48.04 -42.10
C LEU C 545 15.07 47.87 -42.54
N GLN C 546 15.72 46.77 -42.15
CA GLN C 546 17.10 46.47 -42.54
C GLN C 546 17.28 46.51 -44.08
N ASP C 547 16.36 45.89 -44.80
CA ASP C 547 16.48 45.66 -46.23
C ASP C 547 16.16 46.92 -47.04
N VAL C 548 15.30 47.78 -46.50
CA VAL C 548 15.05 49.14 -47.02
C VAL C 548 16.30 50.00 -46.88
N ILE C 549 17.00 49.93 -45.74
CA ILE C 549 18.26 50.65 -45.54
C ILE C 549 19.35 50.11 -46.46
N GLU C 550 19.44 48.79 -46.60
CA GLU C 550 20.40 48.12 -47.50
C GLU C 550 20.10 48.33 -48.99
N GLY C 551 18.89 48.74 -49.36
CA GLY C 551 18.54 49.19 -50.71
C GLY C 551 17.70 48.23 -51.56
N LYS C 552 17.02 47.25 -50.97
CA LYS C 552 16.15 46.26 -51.67
C LYS C 552 14.85 46.85 -52.25
N TYR C 553 14.65 48.16 -52.18
CA TYR C 553 13.39 48.82 -52.54
C TYR C 553 13.55 50.19 -53.23
N ASP C 554 14.74 50.60 -53.65
CA ASP C 554 14.90 51.74 -54.56
C ASP C 554 14.27 51.47 -55.94
N LEU C 555 13.79 52.52 -56.62
CA LEU C 555 12.90 52.42 -57.79
C LEU C 555 13.59 51.95 -59.08
N GLU C 556 14.85 52.34 -59.29
CA GLU C 556 15.66 51.95 -60.44
C GLU C 556 17.02 51.41 -59.95
N ALA C 557 17.56 50.37 -60.60
CA ALA C 557 18.80 49.72 -60.19
C ALA C 557 20.01 50.69 -60.20
N MET D 1 -60.91 81.68 -58.54
CA MET D 1 -60.15 80.43 -58.63
C MET D 1 -58.77 80.57 -57.99
N LYS D 2 -58.15 79.46 -57.57
CA LYS D 2 -56.76 79.39 -57.08
C LYS D 2 -55.91 78.51 -58.02
N TYR D 3 -54.59 78.67 -58.05
CA TYR D 3 -53.68 77.92 -58.92
C TYR D 3 -52.35 77.61 -58.21
N VAL D 4 -51.71 76.48 -58.53
CA VAL D 4 -50.40 76.09 -57.98
C VAL D 4 -49.49 75.65 -59.10
N VAL D 5 -48.45 76.39 -59.43
CA VAL D 5 -47.41 75.90 -60.34
C VAL D 5 -46.50 74.91 -59.63
N VAL D 6 -46.12 73.85 -60.31
CA VAL D 6 -44.98 73.00 -59.98
C VAL D 6 -44.01 73.06 -61.14
N SER D 7 -42.75 73.39 -60.89
CA SER D 7 -41.76 73.65 -61.95
C SER D 7 -40.34 73.32 -61.50
N GLY D 8 -39.34 73.46 -62.37
CA GLY D 8 -37.98 73.78 -61.90
C GLY D 8 -36.86 72.77 -62.08
N GLY D 9 -35.73 73.09 -61.44
CA GLY D 9 -34.54 72.24 -61.26
C GLY D 9 -33.38 72.54 -62.20
N VAL D 10 -32.19 72.00 -61.92
CA VAL D 10 -31.05 71.93 -62.86
C VAL D 10 -31.04 70.70 -63.78
N ILE D 11 -32.00 69.78 -63.62
CA ILE D 11 -32.09 68.53 -64.39
C ILE D 11 -33.55 68.21 -64.68
N SER D 12 -33.83 67.64 -65.85
CA SER D 12 -35.08 66.93 -66.09
C SER D 12 -35.07 65.58 -65.36
N GLY D 13 -36.20 65.09 -64.88
CA GLY D 13 -36.29 63.82 -64.13
C GLY D 13 -36.15 63.95 -62.62
N ILE D 14 -36.21 65.18 -62.08
CA ILE D 14 -36.01 65.48 -60.66
C ILE D 14 -37.11 65.01 -59.71
N GLY D 15 -38.35 64.85 -60.17
CA GLY D 15 -39.46 64.40 -59.31
C GLY D 15 -40.79 65.16 -59.41
N LYS D 16 -41.00 66.03 -60.39
CA LYS D 16 -42.17 66.96 -60.44
C LYS D 16 -43.52 66.26 -60.24
N GLY D 17 -43.94 65.38 -61.14
CA GLY D 17 -45.30 64.74 -61.11
C GLY D 17 -45.73 64.22 -59.73
N VAL D 18 -44.85 63.57 -58.94
CA VAL D 18 -45.18 63.03 -57.59
C VAL D 18 -45.36 64.22 -56.65
N LEU D 19 -44.65 65.32 -56.86
CA LEU D 19 -44.81 66.57 -56.03
C LEU D 19 -46.05 67.30 -56.54
N ALA D 20 -46.48 67.04 -57.78
CA ALA D 20 -47.61 67.75 -58.41
C ALA D 20 -48.92 67.07 -58.00
N SER D 21 -49.25 65.90 -58.55
CA SER D 21 -50.55 65.24 -58.26
C SER D 21 -50.57 64.98 -56.76
N SER D 22 -49.46 64.52 -56.18
CA SER D 22 -49.42 64.43 -54.68
C SER D 22 -49.85 65.71 -53.94
N THR D 23 -49.49 66.90 -54.41
CA THR D 23 -49.93 68.19 -53.81
C THR D 23 -51.41 68.31 -54.10
N GLY D 24 -51.88 67.88 -55.28
CA GLY D 24 -53.30 67.96 -55.69
C GLY D 24 -54.17 66.96 -54.95
N MET D 25 -53.60 65.83 -54.50
CA MET D 25 -54.34 64.80 -53.72
C MET D 25 -54.64 65.41 -52.35
N LEU D 26 -53.74 66.26 -51.85
CA LEU D 26 -53.91 66.91 -50.53
C LEU D 26 -54.84 68.11 -50.68
N MET D 27 -54.91 68.74 -51.84
CA MET D 27 -55.94 69.77 -51.97
C MET D 27 -57.33 69.15 -51.80
N LYS D 28 -57.55 67.96 -52.33
CA LYS D 28 -58.77 67.18 -52.12
C LYS D 28 -59.02 66.76 -50.68
N THR D 29 -58.00 66.58 -49.85
CA THR D 29 -58.17 66.36 -48.41
C THR D 29 -58.91 67.50 -47.75
N LEU D 30 -58.73 68.74 -48.23
CA LEU D 30 -59.43 69.93 -47.74
C LEU D 30 -60.89 70.00 -48.22
N GLY D 31 -61.35 69.03 -49.02
CA GLY D 31 -62.68 68.99 -49.65
C GLY D 31 -62.76 69.66 -51.02
N LEU D 32 -61.69 70.31 -51.48
CA LEU D 32 -61.68 71.13 -52.69
C LEU D 32 -62.01 70.34 -53.95
N LYS D 33 -62.67 70.98 -54.91
CA LYS D 33 -62.75 70.49 -56.29
C LYS D 33 -61.38 70.73 -56.94
N VAL D 34 -60.75 69.76 -57.59
CA VAL D 34 -59.35 69.90 -58.05
C VAL D 34 -59.17 69.44 -59.48
N THR D 35 -58.25 70.08 -60.18
CA THR D 35 -57.90 69.79 -61.57
C THR D 35 -56.40 69.91 -61.77
N SER D 36 -55.89 69.49 -62.91
CA SER D 36 -54.47 69.53 -63.21
C SER D 36 -54.20 69.75 -64.68
N ILE D 37 -53.18 70.51 -65.03
CA ILE D 37 -52.74 70.74 -66.41
C ILE D 37 -51.26 70.40 -66.50
N LYS D 38 -50.83 69.59 -67.46
CA LYS D 38 -49.40 69.38 -67.70
C LYS D 38 -48.97 70.10 -68.95
N ILE D 39 -48.05 71.05 -68.77
CA ILE D 39 -47.45 71.83 -69.83
C ILE D 39 -46.20 71.09 -70.28
N ASP D 40 -46.19 70.60 -71.50
CA ASP D 40 -45.05 69.88 -72.06
C ASP D 40 -44.25 70.74 -73.04
N PRO D 41 -42.94 70.87 -72.87
CA PRO D 41 -42.14 71.64 -73.80
C PRO D 41 -41.89 70.98 -75.15
N TYR D 42 -42.19 69.68 -75.34
CA TYR D 42 -41.99 68.99 -76.61
C TYR D 42 -42.95 69.45 -77.72
N MET D 43 -42.57 69.27 -78.97
CA MET D 43 -43.31 69.75 -80.14
C MET D 43 -44.32 68.78 -80.75
N ASN D 44 -44.51 67.55 -80.27
CA ASN D 44 -45.64 66.73 -80.70
C ASN D 44 -46.98 67.33 -80.23
N ILE D 45 -47.99 67.39 -81.09
CA ILE D 45 -49.33 67.83 -80.69
C ILE D 45 -50.03 66.80 -79.80
N ASP D 46 -49.78 65.51 -80.01
CA ASP D 46 -50.33 64.42 -79.21
C ASP D 46 -49.43 63.17 -79.29
N ALA D 47 -49.65 62.20 -78.41
CA ALA D 47 -48.90 60.95 -78.42
C ALA D 47 -49.33 59.97 -79.52
N GLY D 48 -50.30 60.33 -80.37
CA GLY D 48 -50.80 59.46 -81.43
C GLY D 48 -49.74 59.13 -82.49
N THR D 49 -48.78 60.01 -82.71
CA THR D 49 -47.62 59.74 -83.58
C THR D 49 -46.46 59.06 -82.84
N MET D 50 -46.40 59.16 -81.51
CA MET D 50 -45.25 58.75 -80.71
C MET D 50 -45.24 57.23 -80.45
N SER D 51 -44.30 56.50 -81.02
CA SER D 51 -44.21 55.04 -80.83
C SER D 51 -43.92 54.71 -79.37
N PRO D 52 -44.52 53.67 -78.77
CA PRO D 52 -44.33 53.33 -77.36
C PRO D 52 -42.91 53.00 -76.87
N LEU D 53 -41.93 52.99 -77.77
CA LEU D 53 -40.51 52.77 -77.47
C LEU D 53 -39.83 53.98 -76.79
N GLU D 54 -40.20 55.21 -77.14
CA GLU D 54 -39.69 56.43 -76.52
C GLU D 54 -40.83 57.39 -76.18
N HIS D 55 -40.71 58.06 -75.03
CA HIS D 55 -41.80 58.70 -74.29
C HIS D 55 -42.87 57.74 -73.75
N GLY D 56 -42.76 56.44 -74.01
CA GLY D 56 -43.57 55.42 -73.34
C GLY D 56 -45.03 55.38 -73.77
N GLU D 57 -45.87 54.85 -72.90
CA GLU D 57 -47.24 54.44 -73.20
C GLU D 57 -48.17 55.60 -73.58
N CYS D 58 -48.89 55.47 -74.69
CA CYS D 58 -49.92 56.42 -75.11
C CYS D 58 -51.14 56.32 -74.19
N PHE D 59 -51.12 57.00 -73.05
CA PHE D 59 -52.24 56.99 -72.11
C PHE D 59 -53.55 57.43 -72.79
N VAL D 60 -54.65 56.74 -72.51
CA VAL D 60 -55.93 57.10 -73.12
C VAL D 60 -57.11 57.60 -72.29
N LEU D 61 -57.60 58.75 -72.73
CA LEU D 61 -58.63 59.50 -72.04
C LEU D 61 -60.02 58.88 -72.13
N ASP D 62 -60.91 59.35 -71.28
CA ASP D 62 -62.36 59.25 -71.47
C ASP D 62 -62.75 59.76 -72.88
N ASP D 63 -62.22 60.92 -73.29
CA ASP D 63 -62.40 61.49 -74.63
C ASP D 63 -61.55 60.82 -75.74
N GLY D 64 -60.79 59.77 -75.44
CA GLY D 64 -60.13 58.94 -76.44
C GLY D 64 -58.92 59.54 -77.15
N GLY D 65 -58.46 60.72 -76.75
CA GLY D 65 -57.20 61.27 -77.24
C GLY D 65 -56.01 60.50 -76.70
N GLU D 66 -54.99 60.29 -77.52
CA GLU D 66 -53.73 59.70 -77.09
C GLU D 66 -52.82 60.78 -76.48
N THR D 67 -52.90 60.99 -75.16
CA THR D 67 -52.22 62.07 -74.42
C THR D 67 -50.77 61.77 -74.03
N ASP D 68 -50.10 62.76 -73.46
CA ASP D 68 -48.93 62.55 -72.61
C ASP D 68 -49.17 61.47 -71.56
N LEU D 69 -48.20 60.55 -71.38
CA LEU D 69 -48.31 59.42 -70.40
C LEU D 69 -48.51 59.96 -68.99
N ASP D 70 -47.84 61.06 -68.63
CA ASP D 70 -47.88 61.58 -67.23
C ASP D 70 -49.30 61.96 -66.82
N LEU D 71 -50.21 62.31 -67.75
CA LEU D 71 -51.56 62.77 -67.32
C LEU D 71 -52.16 61.69 -66.43
N GLY D 72 -51.86 60.42 -66.73
CA GLY D 72 -52.44 59.30 -65.97
C GLY D 72 -52.14 59.46 -64.49
N ASN D 73 -50.94 59.92 -64.13
CA ASN D 73 -50.52 60.04 -62.71
C ASN D 73 -51.50 60.97 -61.99
N TYR D 74 -52.22 61.87 -62.68
CA TYR D 74 -53.17 62.83 -62.08
C TYR D 74 -54.58 62.25 -62.02
N GLU D 75 -54.88 61.25 -62.82
CA GLU D 75 -56.25 60.66 -62.85
C GLU D 75 -56.29 59.59 -61.77
N ARG D 76 -55.12 59.14 -61.29
CA ARG D 76 -55.02 58.16 -60.17
C ARG D 76 -54.99 58.97 -58.87
N TYR D 77 -53.96 59.80 -58.68
CA TYR D 77 -53.85 60.68 -57.47
C TYR D 77 -55.10 61.51 -57.09
N LEU D 78 -55.86 62.10 -58.04
CA LEU D 78 -56.98 63.04 -57.75
C LEU D 78 -58.34 62.34 -57.89
N GLY D 79 -58.46 61.38 -58.80
CA GLY D 79 -59.75 60.79 -59.10
C GLY D 79 -60.59 61.72 -59.96
N VAL D 80 -60.05 62.10 -61.13
CA VAL D 80 -60.65 63.03 -62.10
C VAL D 80 -60.57 62.47 -63.51
N THR D 81 -61.54 62.81 -64.35
CA THR D 81 -61.50 62.58 -65.80
C THR D 81 -61.02 63.87 -66.48
N LEU D 82 -59.78 63.87 -66.97
CA LEU D 82 -59.21 64.98 -67.74
C LEU D 82 -59.68 64.92 -69.20
N THR D 83 -59.20 65.84 -70.05
CA THR D 83 -59.56 65.95 -71.47
C THR D 83 -58.31 66.19 -72.33
N LYS D 84 -58.42 66.10 -73.65
CA LYS D 84 -57.30 66.33 -74.56
C LYS D 84 -56.66 67.72 -74.42
N ASP D 85 -57.42 68.70 -73.91
CA ASP D 85 -56.95 70.05 -73.67
C ASP D 85 -56.09 70.21 -72.40
N HIS D 86 -56.16 69.32 -71.41
CA HIS D 86 -55.34 69.39 -70.19
C HIS D 86 -53.86 69.08 -70.42
N ASN D 87 -53.48 68.62 -71.60
CA ASN D 87 -52.10 68.47 -71.97
C ASN D 87 -51.70 69.55 -72.96
N ILE D 88 -51.29 70.70 -72.44
CA ILE D 88 -50.70 71.77 -73.25
C ILE D 88 -49.35 71.27 -73.78
N THR D 89 -49.03 71.48 -75.04
CA THR D 89 -47.70 71.17 -75.57
C THR D 89 -47.21 72.28 -76.47
N THR D 90 -45.90 72.41 -76.66
CA THR D 90 -45.34 73.45 -77.52
C THR D 90 -45.86 73.33 -78.95
N GLY D 91 -46.00 72.12 -79.48
CA GLY D 91 -46.58 71.93 -80.80
C GLY D 91 -48.07 72.27 -80.86
N LYS D 92 -48.80 72.06 -79.78
CA LYS D 92 -50.23 72.33 -79.71
C LYS D 92 -50.50 73.83 -79.70
N ILE D 93 -49.73 74.61 -78.93
CA ILE D 93 -49.96 76.05 -78.83
C ILE D 93 -49.39 76.82 -80.01
N TYR D 94 -48.24 76.47 -80.58
CA TYR D 94 -47.87 77.10 -81.86
C TYR D 94 -48.88 76.83 -82.96
N SER D 95 -49.47 75.63 -83.04
CA SER D 95 -50.52 75.32 -84.02
C SER D 95 -51.76 76.17 -83.83
N HIS D 96 -52.19 76.39 -82.59
CA HIS D 96 -53.40 77.16 -82.29
C HIS D 96 -53.25 78.63 -82.63
N VAL D 97 -52.14 79.26 -82.26
CA VAL D 97 -51.85 80.65 -82.66
C VAL D 97 -51.61 80.78 -84.18
N ILE D 98 -50.91 79.85 -84.82
CA ILE D 98 -50.75 79.86 -86.27
C ILE D 98 -52.10 79.66 -86.99
N ALA D 99 -53.04 78.90 -86.45
CA ALA D 99 -54.37 78.80 -87.06
C ALA D 99 -55.08 80.15 -87.05
N LYS D 100 -55.10 80.82 -85.90
CA LYS D 100 -55.66 82.17 -85.75
C LYS D 100 -54.95 83.20 -86.63
N GLU D 101 -53.65 83.05 -86.91
CA GLU D 101 -52.90 83.91 -87.84
C GLU D 101 -53.41 83.81 -89.28
N ARG D 102 -53.71 82.62 -89.79
CA ARG D 102 -54.23 82.43 -91.17
C ARG D 102 -55.72 82.66 -91.31
N LYS D 103 -56.49 82.41 -90.24
CA LYS D 103 -57.89 82.86 -90.16
C LYS D 103 -57.99 84.38 -90.07
N GLY D 104 -56.95 85.04 -89.58
CA GLY D 104 -56.86 86.50 -89.50
C GLY D 104 -57.46 87.08 -88.22
N ASP D 105 -57.55 86.30 -87.13
CA ASP D 105 -58.17 86.74 -85.87
C ASP D 105 -57.37 87.83 -85.15
N TYR D 106 -56.12 88.07 -85.57
CA TYR D 106 -55.27 89.18 -85.11
C TYR D 106 -55.51 90.49 -85.88
N LEU D 107 -56.57 90.62 -86.67
CA LEU D 107 -56.97 91.87 -87.34
C LEU D 107 -55.81 92.53 -88.10
N GLY D 108 -55.00 91.71 -88.76
CA GLY D 108 -53.87 92.14 -89.56
C GLY D 108 -52.69 92.74 -88.80
N LYS D 109 -52.67 92.75 -87.46
CA LYS D 109 -51.46 93.04 -86.69
C LYS D 109 -50.38 92.01 -87.02
N THR D 110 -49.09 92.31 -86.81
CA THR D 110 -48.10 91.23 -86.71
C THR D 110 -48.30 90.51 -85.38
N VAL D 111 -48.11 89.20 -85.38
CA VAL D 111 -48.32 88.35 -84.20
C VAL D 111 -46.98 87.87 -83.70
N GLN D 112 -46.77 87.98 -82.40
CA GLN D 112 -45.46 87.94 -81.75
C GLN D 112 -45.43 86.91 -80.64
N ILE D 113 -44.26 86.39 -80.27
CA ILE D 113 -44.22 85.46 -79.13
C ILE D 113 -44.64 86.18 -77.85
N VAL D 114 -44.25 87.44 -77.67
CA VAL D 114 -44.80 88.32 -76.63
C VAL D 114 -45.38 89.56 -77.30
N PRO D 115 -46.64 89.96 -77.04
CA PRO D 115 -47.57 89.40 -76.08
C PRO D 115 -48.52 88.34 -76.63
N HIS D 116 -48.64 88.13 -77.94
CA HIS D 116 -49.74 87.30 -78.47
C HIS D 116 -49.68 85.84 -78.05
N LEU D 117 -48.55 85.15 -78.23
CA LEU D 117 -48.46 83.75 -77.80
C LEU D 117 -48.47 83.60 -76.27
N THR D 118 -47.85 84.49 -75.52
CA THR D 118 -47.95 84.42 -74.06
C THR D 118 -49.33 84.74 -73.53
N ASN D 119 -50.13 85.53 -74.23
CA ASN D 119 -51.56 85.64 -73.97
C ASN D 119 -52.28 84.35 -74.30
N ALA D 120 -51.99 83.68 -75.42
CA ALA D 120 -52.64 82.43 -75.76
C ALA D 120 -52.46 81.36 -74.68
N ILE D 121 -51.25 81.20 -74.15
CA ILE D 121 -50.97 80.26 -73.06
C ILE D 121 -51.79 80.62 -71.82
N GLN D 122 -51.84 81.87 -71.37
CA GLN D 122 -52.68 82.27 -70.23
C GLN D 122 -54.17 82.02 -70.50
N ASP D 123 -54.64 82.35 -71.71
CA ASP D 123 -56.02 82.14 -72.10
C ASP D 123 -56.37 80.65 -72.17
N TRP D 124 -55.42 79.77 -72.49
CA TRP D 124 -55.58 78.32 -72.44
C TRP D 124 -55.64 77.79 -71.01
N ILE D 125 -54.72 78.18 -70.13
CA ILE D 125 -54.74 77.74 -68.73
C ILE D 125 -56.03 78.15 -68.05
N GLU D 126 -56.46 79.41 -68.14
CA GLU D 126 -57.71 79.82 -67.50
C GLU D 126 -58.94 79.27 -68.22
N ARG D 127 -58.88 78.91 -69.50
CA ARG D 127 -59.96 78.20 -70.19
C ARG D 127 -60.13 76.83 -69.59
N VAL D 128 -59.07 76.04 -69.60
CA VAL D 128 -59.10 74.64 -69.19
C VAL D 128 -59.40 74.50 -67.70
N ALA D 129 -58.94 75.41 -66.85
CA ALA D 129 -59.21 75.39 -65.43
C ALA D 129 -60.70 75.60 -65.05
N LYS D 130 -61.57 76.00 -65.98
CA LYS D 130 -63.02 76.02 -65.80
C LYS D 130 -63.68 74.64 -65.90
N ILE D 131 -63.11 73.72 -66.67
CA ILE D 131 -63.76 72.45 -67.03
C ILE D 131 -64.00 71.60 -65.76
N PRO D 132 -65.22 71.07 -65.54
CA PRO D 132 -65.57 70.32 -64.33
C PRO D 132 -65.13 68.86 -64.40
N VAL D 133 -63.86 68.59 -64.11
CA VAL D 133 -63.26 67.25 -64.21
C VAL D 133 -63.64 66.29 -63.05
N ASP D 134 -64.32 66.81 -62.04
CA ASP D 134 -64.52 66.20 -60.72
C ASP D 134 -65.88 65.49 -60.56
N ASP D 135 -66.12 64.84 -59.42
CA ASP D 135 -67.30 64.02 -59.14
C ASP D 135 -68.65 64.78 -59.04
N THR D 136 -68.67 66.09 -59.27
CA THR D 136 -69.88 66.86 -59.53
C THR D 136 -69.53 68.00 -60.47
N GLY D 137 -70.50 68.44 -61.27
CA GLY D 137 -70.30 69.33 -62.41
C GLY D 137 -69.86 70.78 -62.12
N MET D 138 -69.50 71.15 -60.90
CA MET D 138 -69.01 72.49 -60.58
C MET D 138 -67.55 72.67 -61.00
N GLU D 139 -67.19 73.87 -61.43
CA GLU D 139 -65.81 74.19 -61.83
C GLU D 139 -64.81 73.98 -60.67
N PRO D 140 -63.58 73.52 -60.93
CA PRO D 140 -62.58 73.31 -59.91
C PRO D 140 -62.23 74.56 -59.08
N ASP D 141 -61.75 74.35 -57.86
CA ASP D 141 -61.36 75.40 -56.92
C ASP D 141 -59.85 75.64 -56.89
N VAL D 142 -59.04 74.62 -57.18
CA VAL D 142 -57.59 74.72 -57.38
C VAL D 142 -57.20 74.00 -58.66
N CYS D 143 -56.30 74.57 -59.44
CA CYS D 143 -55.64 73.89 -60.56
C CYS D 143 -54.15 73.71 -60.29
N ILE D 144 -53.63 72.50 -60.39
CA ILE D 144 -52.19 72.21 -60.29
C ILE D 144 -51.60 72.29 -61.69
N ILE D 145 -50.69 73.21 -61.96
CA ILE D 145 -50.05 73.38 -63.27
C ILE D 145 -48.64 72.83 -63.20
N GLU D 146 -48.33 71.74 -63.89
CA GLU D 146 -46.96 71.24 -63.92
C GLU D 146 -46.26 71.71 -65.19
N LEU D 147 -45.20 72.47 -65.03
CA LEU D 147 -44.35 72.95 -66.10
C LEU D 147 -43.24 71.94 -66.36
N GLY D 148 -43.29 71.18 -67.44
CA GLY D 148 -42.23 70.28 -67.84
C GLY D 148 -40.97 70.97 -68.33
N GLY D 149 -39.95 70.18 -68.63
CA GLY D 149 -38.60 70.66 -68.93
C GLY D 149 -37.91 71.26 -67.70
N THR D 150 -36.94 72.15 -67.91
CA THR D 150 -36.34 72.94 -66.84
C THR D 150 -36.38 74.43 -67.16
N VAL D 151 -36.58 75.27 -66.14
CA VAL D 151 -36.51 76.72 -66.31
C VAL D 151 -35.11 77.10 -66.81
N GLY D 152 -35.02 77.90 -67.87
CA GLY D 152 -33.77 78.22 -68.57
C GLY D 152 -33.46 77.35 -69.80
N ASP D 153 -34.40 76.48 -70.15
CA ASP D 153 -34.32 75.72 -71.43
C ASP D 153 -34.79 76.71 -72.51
N ILE D 154 -34.32 76.63 -73.76
CA ILE D 154 -34.80 77.48 -74.89
C ILE D 154 -36.14 76.91 -75.36
N GLU D 155 -36.59 75.80 -74.79
CA GLU D 155 -37.84 75.10 -75.16
C GLU D 155 -38.95 75.49 -74.18
N SER D 156 -38.58 75.90 -72.96
CA SER D 156 -39.55 76.23 -71.87
C SER D 156 -39.65 77.73 -71.69
N ALA D 157 -38.96 78.54 -72.49
CA ALA D 157 -38.92 80.02 -72.31
C ALA D 157 -40.31 80.65 -72.57
N PRO D 158 -41.12 80.24 -73.57
CA PRO D 158 -42.45 80.80 -73.76
C PRO D 158 -43.40 80.62 -72.58
N PHE D 159 -43.31 79.50 -71.89
CA PHE D 159 -44.19 79.17 -70.76
C PHE D 159 -43.84 79.90 -69.46
N VAL D 160 -42.57 80.10 -69.14
CA VAL D 160 -42.21 80.94 -67.98
C VAL D 160 -42.53 82.42 -68.20
N GLU D 161 -42.50 82.92 -69.44
CA GLU D 161 -43.09 84.22 -69.73
C GLU D 161 -44.60 84.20 -69.48
N ALA D 162 -45.32 83.24 -70.03
CA ALA D 162 -46.76 83.22 -69.91
C ALA D 162 -47.20 83.08 -68.45
N LEU D 163 -46.55 82.20 -67.68
CA LEU D 163 -46.79 82.05 -66.26
C LEU D 163 -46.43 83.32 -65.49
N ARG D 164 -45.34 84.05 -65.80
CA ARG D 164 -45.03 85.32 -65.11
C ARG D 164 -46.19 86.30 -65.25
N GLN D 165 -46.63 86.53 -66.49
CA GLN D 165 -47.75 87.43 -66.77
C GLN D 165 -49.02 86.92 -66.06
N PHE D 166 -49.19 85.59 -65.97
CA PHE D 166 -50.29 84.98 -65.26
C PHE D 166 -50.27 85.24 -63.75
N GLN D 167 -49.13 85.52 -63.12
CA GLN D 167 -49.09 85.93 -61.72
C GLN D 167 -49.78 87.28 -61.46
N PHE D 168 -50.14 88.01 -62.52
CA PHE D 168 -50.80 89.31 -62.46
C PHE D 168 -52.22 89.25 -63.03
N LYS D 169 -52.42 88.47 -64.10
CA LYS D 169 -53.76 88.23 -64.68
C LYS D 169 -54.65 87.50 -63.65
N VAL D 170 -54.08 86.50 -63.00
CA VAL D 170 -54.51 85.99 -61.69
C VAL D 170 -53.80 86.81 -60.61
N GLY D 171 -54.39 87.04 -59.44
CA GLY D 171 -53.70 87.74 -58.36
C GLY D 171 -52.68 86.91 -57.58
N LYS D 172 -51.72 87.57 -56.93
CA LYS D 172 -51.07 87.01 -55.73
C LYS D 172 -52.14 86.79 -54.66
N GLU D 173 -51.96 85.82 -53.77
CA GLU D 173 -53.04 85.23 -52.96
C GLU D 173 -54.12 84.49 -53.78
N ASN D 174 -53.91 84.26 -55.08
CA ASN D 174 -54.62 83.23 -55.86
C ASN D 174 -53.64 82.30 -56.59
N PHE D 175 -52.44 82.73 -56.93
CA PHE D 175 -51.40 81.92 -57.56
C PHE D 175 -50.24 81.67 -56.57
N ALA D 176 -49.67 80.46 -56.55
CA ALA D 176 -48.44 80.12 -55.83
C ALA D 176 -47.56 79.15 -56.61
N LEU D 177 -46.26 79.11 -56.36
CA LEU D 177 -45.32 78.25 -57.09
C LEU D 177 -44.48 77.38 -56.15
N ILE D 178 -44.37 76.09 -56.48
CA ILE D 178 -43.48 75.12 -55.88
C ILE D 178 -42.33 74.86 -56.86
N HIS D 179 -41.08 75.10 -56.49
CA HIS D 179 -39.93 74.86 -57.36
C HIS D 179 -39.19 73.63 -56.88
N VAL D 180 -38.98 72.66 -57.74
CA VAL D 180 -38.38 71.38 -57.36
C VAL D 180 -36.92 71.40 -57.78
N SER D 181 -35.96 71.14 -56.90
CA SER D 181 -34.53 71.43 -57.16
C SER D 181 -33.58 70.40 -56.57
N LEU D 182 -32.33 70.37 -57.04
CA LEU D 182 -31.40 69.28 -56.72
C LEU D 182 -30.47 69.67 -55.58
N VAL D 183 -30.33 68.79 -54.59
CA VAL D 183 -29.24 68.86 -53.60
C VAL D 183 -28.36 67.64 -53.84
N PRO D 184 -27.34 67.69 -54.71
CA PRO D 184 -26.47 66.55 -54.90
C PRO D 184 -25.65 66.32 -53.64
N VAL D 185 -25.40 65.06 -53.32
CA VAL D 185 -24.50 64.66 -52.25
C VAL D 185 -23.26 64.08 -52.88
N ILE D 186 -22.12 64.74 -52.66
CA ILE D 186 -20.80 64.21 -53.05
C ILE D 186 -19.82 64.36 -51.90
N HIS D 187 -18.87 63.44 -51.78
CA HIS D 187 -17.99 63.34 -50.60
C HIS D 187 -18.78 63.31 -49.28
N GLY D 188 -19.99 62.74 -49.31
CA GLY D 188 -20.91 62.70 -48.19
C GLY D 188 -21.46 64.05 -47.71
N GLU D 189 -21.36 65.13 -48.49
CA GLU D 189 -21.91 66.46 -48.17
C GLU D 189 -23.01 66.91 -49.14
N GLN D 190 -24.15 67.36 -48.61
CA GLN D 190 -25.24 68.00 -49.34
C GLN D 190 -24.86 69.39 -49.88
N LYS D 191 -24.67 69.55 -51.18
CA LYS D 191 -24.28 70.84 -51.78
C LYS D 191 -25.51 71.64 -52.18
N THR D 192 -25.62 72.90 -51.77
CA THR D 192 -26.78 73.76 -52.09
C THR D 192 -26.69 74.47 -53.41
N LYS D 193 -25.50 74.62 -54.01
CA LYS D 193 -25.29 75.53 -55.14
C LYS D 193 -26.13 75.29 -56.39
N PRO D 194 -26.49 74.07 -56.82
CA PRO D 194 -27.38 73.91 -57.96
C PRO D 194 -28.75 74.53 -57.70
N THR D 195 -29.26 74.50 -56.47
CA THR D 195 -30.48 75.23 -56.08
C THR D 195 -30.28 76.75 -56.13
N GLN D 196 -29.14 77.29 -55.71
CA GLN D 196 -28.87 78.73 -55.84
C GLN D 196 -28.84 79.16 -57.31
N ALA D 197 -28.07 78.50 -58.18
CA ALA D 197 -28.00 78.81 -59.60
C ALA D 197 -29.33 78.64 -60.35
N ALA D 198 -30.15 77.64 -60.01
CA ALA D 198 -31.48 77.47 -60.61
C ALA D 198 -32.53 78.42 -60.06
N ILE D 199 -32.38 78.93 -58.84
CA ILE D 199 -33.24 79.98 -58.29
C ILE D 199 -32.86 81.34 -58.86
N LYS D 200 -31.57 81.62 -59.04
CA LYS D 200 -31.09 82.74 -59.85
C LYS D 200 -31.72 82.71 -61.25
N GLY D 201 -31.68 81.58 -61.94
CA GLY D 201 -32.41 81.39 -63.20
C GLY D 201 -33.90 81.68 -63.07
N LEU D 202 -34.59 81.14 -62.06
CA LEU D 202 -36.02 81.35 -61.86
C LEU D 202 -36.38 82.82 -61.69
N ARG D 203 -35.71 83.55 -60.79
CA ARG D 203 -36.02 84.96 -60.58
C ARG D 203 -35.67 85.83 -61.80
N SER D 204 -34.70 85.44 -62.62
CA SER D 204 -34.40 86.14 -63.86
C SER D 204 -35.62 86.21 -64.78
N LEU D 205 -36.34 85.11 -64.96
CA LEU D 205 -37.57 85.02 -65.76
C LEU D 205 -38.82 85.54 -65.02
N GLY D 206 -38.73 85.72 -63.70
CA GLY D 206 -39.59 86.61 -62.92
C GLY D 206 -40.59 85.92 -61.99
N LEU D 207 -40.68 84.60 -62.06
CA LEU D 207 -41.41 83.79 -61.12
C LEU D 207 -40.67 83.80 -59.76
N VAL D 208 -41.40 83.77 -58.64
CA VAL D 208 -40.81 83.65 -57.30
C VAL D 208 -41.41 82.44 -56.59
N PRO D 209 -40.59 81.55 -56.01
CA PRO D 209 -41.09 80.32 -55.41
C PRO D 209 -41.62 80.59 -54.02
N ASP D 210 -42.82 80.11 -53.76
CA ASP D 210 -43.43 80.12 -52.43
C ASP D 210 -43.02 78.92 -51.61
N MET D 211 -42.54 77.87 -52.28
CA MET D 211 -41.87 76.73 -51.70
C MET D 211 -40.70 76.28 -52.57
N ILE D 212 -39.71 75.67 -51.95
CA ILE D 212 -38.72 74.87 -52.66
C ILE D 212 -38.90 73.44 -52.21
N ALA D 213 -38.75 72.47 -53.10
CA ALA D 213 -38.82 71.06 -52.77
C ALA D 213 -37.61 70.31 -53.31
N CYS D 214 -36.86 69.61 -52.47
CA CYS D 214 -35.58 69.07 -52.91
C CYS D 214 -35.62 67.58 -53.27
N ARG D 215 -35.12 67.24 -54.46
CA ARG D 215 -34.58 65.91 -54.73
C ARG D 215 -33.26 65.82 -54.02
N CYS D 216 -33.15 64.88 -53.09
CA CYS D 216 -31.91 64.60 -52.39
C CYS D 216 -31.81 63.10 -52.09
N SER D 217 -30.59 62.57 -52.05
CA SER D 217 -30.32 61.19 -51.66
C SER D 217 -30.57 60.93 -50.17
N GLU D 218 -30.78 61.96 -49.37
CA GLU D 218 -30.81 61.92 -47.90
C GLU D 218 -31.98 62.73 -47.31
N THR D 219 -32.21 62.63 -46.00
CA THR D 219 -32.93 63.70 -45.32
C THR D 219 -32.05 64.96 -45.35
N LEU D 220 -32.58 66.11 -45.80
CA LEU D 220 -31.83 67.36 -45.76
C LEU D 220 -31.36 67.66 -44.35
N ASP D 221 -30.08 67.97 -44.19
CA ASP D 221 -29.57 68.47 -42.92
C ASP D 221 -30.21 69.80 -42.56
N LYS D 222 -30.40 70.05 -41.28
CA LYS D 222 -30.84 71.33 -40.72
C LYS D 222 -30.06 72.53 -41.31
N PRO D 223 -28.72 72.53 -41.41
CA PRO D 223 -27.98 73.57 -42.13
C PRO D 223 -28.26 73.65 -43.62
N THR D 224 -28.58 72.57 -44.33
CA THR D 224 -28.90 72.64 -45.76
C THR D 224 -30.20 73.39 -46.00
N ILE D 225 -31.23 73.14 -45.19
CA ILE D 225 -32.47 73.92 -45.21
C ILE D 225 -32.19 75.40 -44.94
N ASP D 226 -31.36 75.72 -43.94
CA ASP D 226 -31.01 77.10 -43.63
C ASP D 226 -30.23 77.76 -44.77
N LYS D 227 -29.28 77.08 -45.40
CA LYS D 227 -28.47 77.64 -46.50
C LYS D 227 -29.22 77.71 -47.83
N ILE D 228 -30.31 76.96 -48.04
CA ILE D 228 -31.27 77.24 -49.13
C ILE D 228 -32.16 78.43 -48.77
N ALA D 229 -32.78 78.47 -47.59
CA ALA D 229 -33.67 79.58 -47.21
C ALA D 229 -32.95 80.93 -47.05
N MET D 230 -31.64 80.95 -46.75
CA MET D 230 -30.81 82.18 -46.77
C MET D 230 -30.55 82.70 -48.19
N PHE D 231 -30.91 81.94 -49.22
CA PHE D 231 -30.64 82.24 -50.63
C PHE D 231 -31.89 82.31 -51.51
N CYS D 232 -33.07 82.12 -50.93
CA CYS D 232 -34.37 82.14 -51.60
C CYS D 232 -35.41 82.81 -50.71
N HIS D 233 -36.51 83.29 -51.27
CA HIS D 233 -37.48 84.09 -50.53
C HIS D 233 -38.54 83.26 -49.77
N VAL D 234 -38.11 82.14 -49.18
CA VAL D 234 -38.94 81.15 -48.46
C VAL D 234 -38.51 81.07 -47.00
N GLY D 235 -39.41 80.82 -46.05
CA GLY D 235 -39.01 80.47 -44.68
C GLY D 235 -38.35 79.09 -44.66
N PRO D 236 -37.59 78.73 -43.62
CA PRO D 236 -36.97 77.41 -43.54
C PRO D 236 -37.99 76.25 -43.47
N GLU D 237 -39.23 76.52 -43.07
CA GLU D 237 -40.34 75.57 -43.02
C GLU D 237 -40.99 75.29 -44.39
N GLN D 238 -40.66 76.04 -45.45
CA GLN D 238 -41.08 75.81 -46.84
C GLN D 238 -39.96 75.29 -47.76
N VAL D 239 -38.87 74.78 -47.20
CA VAL D 239 -37.95 73.91 -47.94
C VAL D 239 -38.37 72.46 -47.70
N VAL D 240 -39.33 72.00 -48.50
CA VAL D 240 -39.89 70.64 -48.49
C VAL D 240 -38.86 69.64 -48.99
N ASN D 241 -38.99 68.37 -48.61
CA ASN D 241 -38.04 67.33 -48.99
C ASN D 241 -38.73 65.98 -49.25
N VAL D 242 -38.81 65.56 -50.52
CA VAL D 242 -39.35 64.26 -50.93
C VAL D 242 -38.23 63.21 -50.87
N HIS D 243 -37.90 62.75 -49.67
CA HIS D 243 -36.87 61.73 -49.44
C HIS D 243 -37.38 60.31 -49.73
N ASP D 244 -36.48 59.33 -49.65
CA ASP D 244 -36.85 57.91 -49.74
C ASP D 244 -37.97 57.55 -48.75
N VAL D 245 -39.01 56.87 -49.24
CA VAL D 245 -40.19 56.42 -48.48
C VAL D 245 -40.59 55.01 -48.89
N ASN D 246 -41.39 54.33 -48.08
CA ASN D 246 -41.68 52.91 -48.29
C ASN D 246 -42.32 52.63 -49.66
N SER D 247 -43.18 53.55 -50.14
CA SER D 247 -43.70 53.51 -51.50
C SER D 247 -44.24 54.87 -51.93
N THR D 248 -44.42 55.08 -53.22
CA THR D 248 -44.82 56.36 -53.80
C THR D 248 -46.17 56.87 -53.28
N TYR D 249 -47.06 55.98 -52.86
CA TYR D 249 -48.35 56.35 -52.28
C TYR D 249 -48.22 57.00 -50.89
N HIS D 250 -47.06 56.95 -50.25
CA HIS D 250 -46.81 57.66 -48.99
C HIS D 250 -46.50 59.15 -49.20
N VAL D 251 -46.07 59.58 -50.38
CA VAL D 251 -45.62 60.96 -50.57
C VAL D 251 -46.66 62.01 -50.14
N PRO D 252 -47.97 61.93 -50.40
CA PRO D 252 -48.86 62.95 -49.88
C PRO D 252 -48.93 62.97 -48.34
N LEU D 253 -48.77 61.85 -47.64
CA LEU D 253 -48.61 61.91 -46.19
C LEU D 253 -47.27 62.54 -45.79
N LEU D 254 -46.17 62.26 -46.49
CA LEU D 254 -44.89 62.93 -46.24
C LEU D 254 -45.00 64.46 -46.39
N LEU D 255 -45.61 64.95 -47.47
CA LEU D 255 -45.82 66.38 -47.70
C LEU D 255 -46.71 66.98 -46.60
N LEU D 256 -47.80 66.31 -46.23
CA LEU D 256 -48.68 66.78 -45.16
C LEU D 256 -47.98 66.80 -43.78
N GLU D 257 -47.11 65.84 -43.48
CA GLU D 257 -46.36 65.81 -42.23
C GLU D 257 -45.23 66.84 -42.21
N GLN D 258 -44.66 67.20 -43.36
CA GLN D 258 -43.77 68.36 -43.51
C GLN D 258 -44.53 69.71 -43.52
N LYS D 259 -45.79 69.73 -43.08
CA LYS D 259 -46.65 70.93 -42.98
C LYS D 259 -46.78 71.68 -44.29
N MET D 260 -46.71 70.97 -45.42
CA MET D 260 -46.77 71.60 -46.74
C MET D 260 -48.12 72.28 -46.97
N ILE D 261 -49.22 71.61 -46.65
CA ILE D 261 -50.57 72.18 -46.80
C ILE D 261 -50.91 73.23 -45.75
N ASP D 262 -50.39 73.14 -44.54
CA ASP D 262 -50.65 74.13 -43.51
C ASP D 262 -50.09 75.52 -43.90
N TYR D 263 -49.11 75.56 -44.81
CA TYR D 263 -48.72 76.78 -45.50
C TYR D 263 -49.66 77.10 -46.67
N LEU D 264 -49.92 76.19 -47.63
CA LEU D 264 -50.76 76.50 -48.80
C LEU D 264 -52.17 76.96 -48.41
N HIS D 265 -52.74 76.45 -47.34
CA HIS D 265 -53.99 76.94 -46.76
C HIS D 265 -53.95 78.46 -46.51
N ALA D 266 -52.88 78.98 -45.92
CA ALA D 266 -52.70 80.41 -45.66
C ALA D 266 -52.25 81.17 -46.91
N ARG D 267 -51.28 80.62 -47.66
CA ARG D 267 -50.66 81.27 -48.84
C ARG D 267 -51.62 81.44 -50.01
N LEU D 268 -52.60 80.57 -50.15
CA LEU D 268 -53.71 80.68 -51.11
C LEU D 268 -55.03 81.08 -50.43
N LYS D 269 -54.99 81.42 -49.14
CA LYS D 269 -56.11 81.89 -48.32
C LYS D 269 -57.40 81.08 -48.54
N LEU D 270 -57.29 79.76 -48.44
CA LEU D 270 -58.33 78.80 -48.84
C LEU D 270 -59.59 78.78 -47.95
N ASP D 271 -59.61 79.48 -46.83
CA ASP D 271 -60.87 79.83 -46.15
C ASP D 271 -61.86 80.58 -47.06
N GLU D 272 -61.38 81.22 -48.13
CA GLU D 272 -62.24 81.95 -49.09
C GLU D 272 -63.01 81.03 -50.06
N ILE D 273 -62.78 79.71 -50.10
CA ILE D 273 -63.64 78.79 -50.85
C ILE D 273 -64.83 78.39 -49.96
N THR D 274 -68.94 73.85 -49.16
CA THR D 274 -70.20 73.21 -48.77
C THR D 274 -69.95 71.95 -47.92
N GLU D 275 -70.91 71.52 -47.11
CA GLU D 275 -70.77 70.34 -46.24
C GLU D 275 -70.37 69.07 -47.01
N GLU D 276 -70.86 68.89 -48.24
CA GLU D 276 -70.45 67.78 -49.10
C GLU D 276 -68.93 67.77 -49.34
N GLU D 277 -68.31 68.92 -49.62
CA GLU D 277 -66.85 69.03 -49.81
C GLU D 277 -66.11 68.74 -48.52
N LYS D 278 -66.55 69.28 -47.39
CA LYS D 278 -65.91 69.07 -46.09
C LYS D 278 -65.94 67.59 -45.72
N GLN D 279 -67.07 66.92 -45.92
CA GLN D 279 -67.19 65.47 -45.73
C GLN D 279 -66.28 64.69 -46.68
N ARG D 280 -66.36 64.94 -47.99
CA ARG D 280 -65.52 64.25 -48.97
C ARG D 280 -64.02 64.46 -48.74
N GLY D 281 -63.63 65.56 -48.10
CA GLY D 281 -62.27 65.77 -47.61
C GLY D 281 -61.89 64.77 -46.51
N LEU D 282 -62.68 64.67 -45.45
CA LEU D 282 -62.42 63.73 -44.36
C LEU D 282 -62.45 62.28 -44.84
N GLU D 283 -63.39 61.92 -45.71
CA GLU D 283 -63.44 60.59 -46.32
C GLU D 283 -62.18 60.30 -47.15
N LEU D 284 -61.64 61.25 -47.90
CA LEU D 284 -60.41 61.02 -48.66
C LEU D 284 -59.23 60.75 -47.74
N LEU D 285 -59.11 61.47 -46.63
CA LEU D 285 -58.10 61.15 -45.61
C LEU D 285 -58.31 59.76 -45.01
N SER D 286 -59.54 59.37 -44.67
CA SER D 286 -59.80 58.04 -44.11
C SER D 286 -59.39 56.94 -45.09
N LYS D 287 -59.74 57.09 -46.36
CA LYS D 287 -59.35 56.16 -47.43
C LYS D 287 -57.85 56.15 -47.69
N TRP D 288 -57.17 57.27 -47.49
CA TRP D 288 -55.71 57.28 -47.54
C TRP D 288 -55.11 56.53 -46.37
N LYS D 289 -55.61 56.74 -45.14
CA LYS D 289 -55.17 55.96 -43.98
C LYS D 289 -55.41 54.47 -44.18
N ALA D 290 -56.51 54.07 -44.80
CA ALA D 290 -56.78 52.67 -45.18
C ALA D 290 -55.75 52.08 -46.17
N THR D 291 -55.52 52.69 -47.34
CA THR D 291 -54.52 52.16 -48.29
C THR D 291 -53.11 52.20 -47.70
N THR D 292 -52.80 53.18 -46.88
CA THR D 292 -51.53 53.22 -46.16
C THR D 292 -51.44 52.09 -45.14
N GLY D 293 -52.48 51.85 -44.34
CA GLY D 293 -52.54 50.73 -43.39
C GLY D 293 -52.36 49.39 -44.10
N ASN D 294 -53.04 49.19 -45.23
CA ASN D 294 -52.88 48.01 -46.08
C ASN D 294 -51.46 47.79 -46.62
N PHE D 295 -50.56 48.78 -46.57
CA PHE D 295 -49.15 48.58 -46.89
C PHE D 295 -48.37 48.12 -45.67
N ASP D 296 -48.54 48.77 -44.52
CA ASP D 296 -47.90 48.33 -43.26
C ASP D 296 -48.37 46.94 -42.83
N GLU D 297 -49.68 46.70 -42.87
CA GLU D 297 -50.36 45.44 -42.55
C GLU D 297 -50.24 44.39 -43.67
N GLU D 298 -47.44 39.44 -46.58
CA GLU D 298 -47.15 38.33 -47.51
C GLU D 298 -47.10 38.78 -48.99
N THR D 299 -46.19 38.20 -49.78
CA THR D 299 -46.01 38.52 -51.21
C THR D 299 -46.96 37.79 -52.15
N VAL D 300 -47.36 38.44 -53.24
CA VAL D 300 -47.96 37.85 -54.44
C VAL D 300 -46.99 38.04 -55.60
N LYS D 301 -46.60 36.97 -56.30
CA LYS D 301 -45.65 37.03 -57.42
C LYS D 301 -46.45 36.97 -58.72
N ILE D 302 -46.33 37.91 -59.64
CA ILE D 302 -47.06 37.92 -60.93
C ILE D 302 -46.08 37.99 -62.08
N ALA D 303 -46.15 37.09 -63.06
CA ALA D 303 -45.35 37.22 -64.27
C ALA D 303 -46.10 38.10 -65.26
N LEU D 304 -45.52 39.23 -65.64
CA LEU D 304 -46.03 40.07 -66.71
C LEU D 304 -45.22 39.74 -67.96
N VAL D 305 -45.88 39.18 -68.97
CA VAL D 305 -45.25 38.56 -70.13
C VAL D 305 -45.60 39.36 -71.38
N GLY D 306 -44.62 39.98 -72.03
CA GLY D 306 -44.90 40.77 -73.21
C GLY D 306 -43.67 41.10 -74.02
N LYS D 307 -43.85 41.86 -75.10
CA LYS D 307 -42.73 42.40 -75.89
C LYS D 307 -41.93 43.42 -75.08
N TYR D 308 -40.61 43.38 -75.21
CA TYR D 308 -39.67 44.45 -74.78
C TYR D 308 -39.93 44.98 -73.37
N THR D 309 -40.21 44.09 -72.42
CA THR D 309 -40.40 44.41 -70.99
C THR D 309 -39.22 45.12 -70.33
N ASN D 310 -38.05 45.14 -70.97
CA ASN D 310 -36.91 45.98 -70.60
C ASN D 310 -37.29 47.47 -70.53
N LEU D 311 -38.19 47.92 -71.39
CA LEU D 311 -38.68 49.29 -71.52
C LEU D 311 -39.84 49.53 -70.55
N LYS D 312 -39.54 49.51 -69.26
CA LYS D 312 -40.54 49.39 -68.18
C LYS D 312 -41.58 50.51 -68.12
N ASP D 313 -41.27 51.72 -68.56
CA ASP D 313 -42.29 52.79 -68.71
C ASP D 313 -43.37 52.45 -69.76
N SER D 314 -43.07 51.58 -70.72
CA SER D 314 -44.03 51.18 -71.75
C SER D 314 -45.20 50.38 -71.20
N TYR D 315 -45.11 49.90 -69.96
CA TYR D 315 -46.18 49.19 -69.24
C TYR D 315 -46.61 49.95 -67.96
N LEU D 316 -46.33 51.25 -67.84
CA LEU D 316 -46.54 51.97 -66.60
C LEU D 316 -47.94 51.84 -66.01
N SER D 317 -49.01 51.97 -66.81
CA SER D 317 -50.37 51.91 -66.29
C SER D 317 -50.69 50.55 -65.71
N VAL D 318 -50.22 49.49 -66.35
CA VAL D 318 -50.38 48.11 -65.90
C VAL D 318 -49.76 47.95 -64.53
N ILE D 319 -48.54 48.44 -64.30
CA ILE D 319 -47.89 48.37 -62.98
C ILE D 319 -48.74 49.07 -61.94
N LYS D 320 -49.18 50.30 -62.19
CA LYS D 320 -49.97 51.05 -61.22
C LYS D 320 -51.31 50.37 -60.93
N ALA D 321 -51.97 49.76 -61.92
CA ALA D 321 -53.20 49.01 -61.70
C ALA D 321 -53.00 47.77 -60.81
N LEU D 322 -51.85 47.10 -60.91
CA LEU D 322 -51.48 46.02 -59.99
C LEU D 322 -51.15 46.54 -58.59
N GLU D 323 -50.52 47.70 -58.46
CA GLU D 323 -50.24 48.30 -57.15
C GLU D 323 -51.52 48.69 -56.43
N HIS D 324 -52.48 49.35 -57.09
CA HIS D 324 -53.72 49.80 -56.44
C HIS D 324 -54.50 48.62 -55.88
N SER D 325 -54.59 47.55 -56.66
CA SER D 325 -55.26 46.32 -56.25
C SER D 325 -54.51 45.59 -55.15
N SER D 326 -53.18 45.51 -55.20
CA SER D 326 -52.39 44.83 -54.18
C SER D 326 -52.54 45.44 -52.78
N MET D 327 -52.74 46.75 -52.67
CA MET D 327 -53.06 47.39 -51.40
C MET D 327 -54.47 47.06 -50.90
N LYS D 328 -55.41 46.67 -51.76
CA LYS D 328 -56.70 46.20 -51.29
C LYS D 328 -56.54 44.80 -50.68
N CYS D 329 -55.79 43.92 -51.31
CA CYS D 329 -55.47 42.56 -50.83
C CYS D 329 -54.47 42.50 -49.66
N ARG D 330 -53.98 43.64 -49.16
CA ARG D 330 -52.95 43.74 -48.11
C ARG D 330 -51.64 43.00 -48.43
N ARG D 331 -51.36 42.67 -49.69
CA ARG D 331 -50.24 41.79 -50.08
C ARG D 331 -49.23 42.53 -50.92
N LYS D 332 -47.96 42.21 -50.71
CA LYS D 332 -46.83 42.87 -51.36
C LYS D 332 -46.70 42.39 -52.79
N LEU D 333 -46.61 43.31 -53.75
CA LEU D 333 -46.55 42.97 -55.17
C LEU D 333 -45.13 42.74 -55.64
N ASP D 334 -44.91 41.64 -56.35
CA ASP D 334 -43.62 41.32 -56.95
C ASP D 334 -43.79 40.95 -58.43
N ILE D 335 -43.74 41.95 -59.31
CA ILE D 335 -43.85 41.71 -60.76
C ILE D 335 -42.55 41.08 -61.27
N LYS D 336 -42.63 39.89 -61.85
CA LYS D 336 -41.55 39.32 -62.65
C LYS D 336 -41.71 39.81 -64.08
N TRP D 337 -40.70 40.46 -64.63
CA TRP D 337 -40.68 40.92 -66.01
C TRP D 337 -40.13 39.84 -66.94
N VAL D 338 -40.96 39.34 -67.83
CA VAL D 338 -40.60 38.31 -68.80
C VAL D 338 -40.63 38.89 -70.21
N GLU D 339 -39.55 38.81 -70.97
CA GLU D 339 -39.64 39.03 -72.41
C GLU D 339 -40.33 37.83 -73.04
N ALA D 340 -41.46 38.06 -73.68
CA ALA D 340 -42.25 36.99 -74.27
C ALA D 340 -41.46 36.14 -75.27
N THR D 341 -40.60 36.75 -76.08
CA THR D 341 -39.81 36.00 -77.06
C THR D 341 -38.80 35.04 -76.42
N ASP D 342 -38.36 35.26 -75.19
CA ASP D 342 -37.46 34.34 -74.51
C ASP D 342 -38.13 33.04 -74.06
N LEU D 343 -39.46 32.95 -74.10
CA LEU D 343 -40.17 31.70 -73.83
C LEU D 343 -40.16 30.75 -75.02
N GLU D 344 -39.84 31.22 -76.22
CA GLU D 344 -40.03 30.45 -77.45
C GLU D 344 -39.12 29.20 -77.54
N PRO D 345 -39.58 28.09 -78.12
CA PRO D 345 -38.75 26.92 -78.39
C PRO D 345 -37.50 27.20 -79.23
N GLU D 346 -37.51 28.26 -80.05
CA GLU D 346 -36.34 28.73 -80.82
C GLU D 346 -35.30 29.43 -79.93
N ALA D 347 -35.74 30.13 -78.88
CA ALA D 347 -34.82 30.85 -78.00
C ALA D 347 -33.88 29.88 -77.28
N GLN D 348 -34.29 28.61 -77.08
CA GLN D 348 -33.50 27.59 -76.38
C GLN D 348 -32.15 27.30 -77.06
N GLU D 349 -32.06 27.31 -78.38
CA GLU D 349 -30.76 27.19 -79.07
C GLU D 349 -30.08 28.55 -79.28
N SER D 350 -30.86 29.62 -79.43
CA SER D 350 -30.33 30.95 -79.76
C SER D 350 -29.66 31.64 -78.57
N ASN D 351 -30.30 31.61 -77.40
CA ASN D 351 -29.91 32.37 -76.22
C ASN D 351 -30.35 31.65 -74.92
N LYS D 352 -29.86 30.42 -74.75
CA LYS D 352 -30.38 29.45 -73.76
C LYS D 352 -30.50 30.01 -72.35
N THR D 353 -29.53 30.80 -71.88
CA THR D 353 -29.50 31.30 -70.50
C THR D 353 -30.71 32.14 -70.17
N LYS D 354 -31.07 33.10 -71.03
CA LYS D 354 -32.21 33.97 -70.81
C LYS D 354 -33.54 33.22 -70.93
N PHE D 355 -33.58 32.20 -71.78
CA PHE D 355 -34.73 31.30 -71.91
C PHE D 355 -35.04 30.56 -70.60
N HIS D 356 -34.03 30.06 -69.88
CA HIS D 356 -34.26 29.48 -68.55
C HIS D 356 -34.71 30.52 -67.53
N GLU D 357 -34.16 31.74 -67.55
CA GLU D 357 -34.63 32.78 -66.63
C GLU D 357 -36.10 33.12 -66.88
N ALA D 358 -36.50 33.24 -68.13
CA ALA D 358 -37.88 33.49 -68.51
C ALA D 358 -38.82 32.39 -68.02
N TRP D 359 -38.47 31.13 -68.26
CA TRP D 359 -39.30 30.01 -67.84
C TRP D 359 -39.33 29.82 -66.33
N ASN D 360 -38.26 30.09 -65.60
CA ASN D 360 -38.33 30.08 -64.14
C ASN D 360 -39.34 31.10 -63.63
N MET D 361 -39.35 32.32 -64.18
CA MET D 361 -40.33 33.33 -63.77
C MET D 361 -41.75 32.83 -64.03
N VAL D 362 -42.05 32.31 -65.23
CA VAL D 362 -43.39 31.78 -65.56
C VAL D 362 -43.81 30.66 -64.62
N SER D 363 -42.89 29.76 -64.30
CA SER D 363 -43.11 28.62 -63.41
C SER D 363 -43.26 29.00 -61.94
N THR D 364 -42.65 30.09 -61.50
CA THR D 364 -42.70 30.57 -60.11
C THR D 364 -43.99 31.30 -59.82
N ALA D 365 -44.51 32.07 -60.78
CA ALA D 365 -45.52 33.08 -60.51
C ALA D 365 -46.85 32.53 -60.00
N ASP D 366 -47.47 33.23 -59.07
CA ASP D 366 -48.81 32.97 -58.55
C ASP D 366 -49.91 33.42 -59.49
N GLY D 367 -49.59 34.24 -60.48
CA GLY D 367 -50.50 34.68 -61.52
C GLY D 367 -49.76 35.01 -62.81
N ILE D 368 -50.42 34.95 -63.95
CA ILE D 368 -49.88 35.34 -65.24
C ILE D 368 -50.68 36.51 -65.79
N LEU D 369 -50.00 37.42 -66.48
CA LEU D 369 -50.57 38.64 -67.03
C LEU D 369 -49.97 38.88 -68.39
N ILE D 370 -50.82 38.90 -69.42
CA ILE D 370 -50.42 39.28 -70.78
C ILE D 370 -50.97 40.69 -71.00
N PRO D 371 -50.13 41.72 -71.19
CA PRO D 371 -50.46 43.10 -70.83
C PRO D 371 -51.03 43.98 -71.95
N GLY D 372 -51.32 43.43 -73.12
CA GLY D 372 -51.74 44.22 -74.28
C GLY D 372 -50.59 44.87 -75.02
N GLY D 373 -49.64 44.04 -75.44
CA GLY D 373 -48.43 44.47 -76.14
C GLY D 373 -48.66 45.16 -77.47
N PHE D 374 -47.58 45.72 -78.00
CA PHE D 374 -47.53 46.42 -79.29
C PHE D 374 -46.85 45.55 -80.37
N GLY D 375 -47.53 45.34 -81.49
CA GLY D 375 -47.03 44.53 -82.61
C GLY D 375 -46.99 43.02 -82.35
N VAL D 376 -46.51 42.25 -83.33
CA VAL D 376 -46.67 40.78 -83.36
C VAL D 376 -45.57 39.98 -82.65
N ARG D 377 -44.35 40.53 -82.52
CA ARG D 377 -43.12 39.78 -82.19
C ARG D 377 -43.24 38.79 -81.04
N GLY D 378 -43.77 39.21 -79.89
CA GLY D 378 -43.86 38.39 -78.69
C GLY D 378 -44.88 37.24 -78.73
N THR D 379 -45.73 37.18 -79.75
CA THR D 379 -46.95 36.35 -79.74
C THR D 379 -46.66 34.89 -79.41
N GLU D 380 -45.65 34.27 -80.01
CA GLU D 380 -45.43 32.83 -79.88
C GLU D 380 -45.15 32.42 -78.43
N GLY D 381 -44.39 33.21 -77.68
CA GLY D 381 -44.17 32.95 -76.27
C GLY D 381 -45.41 33.25 -75.42
N MET D 382 -46.13 34.31 -75.71
CA MET D 382 -47.36 34.65 -74.99
C MET D 382 -48.43 33.57 -75.14
N VAL D 383 -48.46 32.82 -76.22
CA VAL D 383 -49.31 31.63 -76.37
C VAL D 383 -48.97 30.58 -75.32
N LEU D 384 -47.70 30.23 -75.16
CA LEU D 384 -47.22 29.24 -74.20
C LEU D 384 -47.43 29.69 -72.75
N ALA D 385 -47.35 30.97 -72.45
CA ALA D 385 -47.74 31.51 -71.15
C ALA D 385 -49.25 31.39 -70.89
N ALA D 386 -50.10 31.58 -71.90
CA ALA D 386 -51.54 31.39 -71.74
C ALA D 386 -51.91 29.91 -71.54
N ARG D 387 -51.24 28.99 -72.26
CA ARG D 387 -51.35 27.52 -72.15
C ARG D 387 -50.97 27.04 -70.77
N TRP D 388 -49.88 27.57 -70.25
CA TRP D 388 -49.41 27.28 -68.90
C TRP D 388 -50.43 27.59 -67.82
N ALA D 389 -51.18 28.67 -67.95
CA ALA D 389 -52.24 29.04 -67.02
C ALA D 389 -53.62 28.44 -67.34
N ARG D 390 -53.88 28.01 -68.57
CA ARG D 390 -55.11 27.28 -68.89
C ARG D 390 -55.07 25.90 -68.25
N GLU D 391 -53.98 25.17 -68.45
CA GLU D 391 -53.90 23.75 -68.10
C GLU D 391 -53.71 23.56 -66.61
N ASN D 392 -52.60 24.04 -66.07
CA ASN D 392 -52.37 24.17 -64.64
C ASN D 392 -53.23 25.35 -64.16
N HIS D 393 -53.99 25.25 -63.07
CA HIS D 393 -54.97 26.27 -62.65
C HIS D 393 -54.37 27.58 -62.07
N ILE D 394 -53.37 28.18 -62.72
CA ILE D 394 -52.78 29.48 -62.39
C ILE D 394 -53.76 30.61 -62.72
N PRO D 395 -54.03 31.59 -61.84
CA PRO D 395 -54.76 32.79 -62.17
C PRO D 395 -54.16 33.57 -63.35
N PHE D 396 -54.99 34.14 -64.22
CA PHE D 396 -54.59 34.80 -65.45
C PHE D 396 -55.44 36.02 -65.75
N LEU D 397 -54.81 37.07 -66.30
CA LEU D 397 -55.52 38.15 -66.98
C LEU D 397 -54.86 38.44 -68.33
N GLY D 398 -55.65 38.47 -69.40
CA GLY D 398 -55.21 38.94 -70.69
C GLY D 398 -55.84 40.28 -71.01
N VAL D 399 -55.02 41.28 -71.35
CA VAL D 399 -55.48 42.61 -71.72
C VAL D 399 -55.25 42.84 -73.21
N CYS D 400 -56.29 43.19 -73.98
CA CYS D 400 -56.24 43.46 -75.42
C CYS D 400 -55.59 42.32 -76.23
N LEU D 401 -54.34 42.47 -76.68
CA LEU D 401 -53.58 41.36 -77.28
C LEU D 401 -53.55 40.12 -76.38
N GLY D 402 -53.71 40.28 -75.07
CA GLY D 402 -53.87 39.16 -74.16
C GLY D 402 -55.18 38.41 -74.34
N LEU D 403 -56.31 39.07 -74.62
CA LEU D 403 -57.54 38.33 -74.98
C LEU D 403 -57.37 37.65 -76.33
N GLN D 404 -56.76 38.36 -77.27
CA GLN D 404 -56.44 37.82 -78.57
C GLN D 404 -55.63 36.53 -78.41
N ILE D 405 -54.62 36.52 -77.54
CA ILE D 405 -53.78 35.36 -77.29
C ILE D 405 -54.41 34.31 -76.40
N ALA D 406 -55.27 34.67 -75.45
CA ALA D 406 -56.12 33.71 -74.76
C ALA D 406 -57.02 32.95 -75.74
N THR D 407 -57.55 33.62 -76.76
CA THR D 407 -58.40 33.00 -77.76
C THR D 407 -57.61 32.19 -78.79
N ILE D 408 -56.48 32.72 -79.29
CA ILE D 408 -55.57 31.95 -80.13
C ILE D 408 -55.11 30.70 -79.41
N GLU D 409 -54.76 30.75 -78.12
CA GLU D 409 -54.30 29.55 -77.41
C GLU D 409 -55.43 28.54 -77.23
N PHE D 410 -56.58 28.97 -76.72
CA PHE D 410 -57.71 28.06 -76.55
C PHE D 410 -58.14 27.42 -77.88
N THR D 411 -58.08 28.17 -78.98
CA THR D 411 -58.24 27.61 -80.33
C THR D 411 -57.15 26.58 -80.63
N ARG D 412 -55.88 26.96 -80.50
CA ARG D 412 -54.68 26.18 -80.84
C ARG D 412 -54.46 24.92 -80.00
N SER D 413 -55.18 24.75 -78.88
CA SER D 413 -54.97 23.64 -77.95
C SER D 413 -56.23 22.90 -77.52
N VAL D 414 -57.38 23.57 -77.47
CA VAL D 414 -58.65 22.93 -77.09
C VAL D 414 -59.45 22.51 -78.33
N LEU D 415 -59.45 23.31 -79.40
CA LEU D 415 -60.09 22.95 -80.68
C LEU D 415 -59.15 22.23 -81.67
N GLY D 416 -57.91 21.92 -81.28
CA GLY D 416 -56.86 21.55 -82.24
C GLY D 416 -56.38 22.76 -83.04
N ARG D 417 -56.73 22.84 -84.34
CA ARG D 417 -56.55 24.02 -85.22
C ARG D 417 -55.16 24.70 -85.11
N LYS D 418 -54.09 23.90 -85.14
CA LYS D 418 -52.70 24.34 -84.84
C LYS D 418 -52.15 25.45 -85.77
N ASP D 419 -52.73 25.61 -86.95
CA ASP D 419 -52.40 26.69 -87.91
C ASP D 419 -52.97 28.07 -87.55
N SER D 420 -53.90 28.19 -86.59
CA SER D 420 -54.59 29.45 -86.30
C SER D 420 -53.67 30.53 -85.71
N HIS D 421 -53.92 31.79 -86.03
CA HIS D 421 -53.04 32.93 -85.79
C HIS D 421 -53.84 34.23 -85.77
N SER D 422 -53.25 35.33 -85.31
CA SER D 422 -53.84 36.67 -85.44
C SER D 422 -54.10 37.05 -86.91
N ALA D 423 -55.10 37.91 -87.15
CA ALA D 423 -55.34 38.49 -88.48
C ALA D 423 -54.14 39.25 -89.05
N GLU D 424 -53.16 39.60 -88.20
CA GLU D 424 -51.87 40.14 -88.61
C GLU D 424 -51.15 39.26 -89.67
N PHE D 425 -51.24 37.93 -89.59
CA PHE D 425 -50.75 37.00 -90.62
C PHE D 425 -51.77 36.86 -91.76
N TYR D 426 -52.02 38.00 -92.41
CA TYR D 426 -53.10 38.20 -93.38
C TYR D 426 -53.22 37.11 -94.48
N PRO D 427 -52.15 36.70 -95.19
CA PRO D 427 -52.29 35.83 -96.37
C PRO D 427 -52.61 34.35 -96.07
N ASP D 428 -52.70 33.94 -94.80
CA ASP D 428 -53.24 32.62 -94.45
C ASP D 428 -54.76 32.52 -94.64
N ILE D 429 -55.48 33.66 -94.57
CA ILE D 429 -56.92 33.83 -94.79
C ILE D 429 -57.81 32.90 -93.94
N ASP D 430 -57.95 31.63 -94.29
CA ASP D 430 -58.95 30.70 -93.73
C ASP D 430 -58.79 30.47 -92.23
N GLU D 431 -57.57 30.58 -91.69
CA GLU D 431 -57.22 30.29 -90.29
C GLU D 431 -56.98 31.54 -89.42
N LYS D 432 -57.29 32.75 -89.93
CA LYS D 432 -57.24 33.98 -89.14
C LYS D 432 -58.24 33.90 -87.98
N ASN D 433 -57.74 34.06 -86.76
CA ASN D 433 -58.54 34.01 -85.52
C ASN D 433 -59.34 35.30 -85.27
N HIS D 434 -59.07 36.38 -86.02
CA HIS D 434 -59.59 37.73 -85.80
C HIS D 434 -60.12 38.37 -87.10
N VAL D 435 -60.85 39.47 -86.98
CA VAL D 435 -61.35 40.29 -88.08
C VAL D 435 -61.08 41.78 -87.82
N VAL D 436 -60.80 42.53 -88.88
CA VAL D 436 -60.66 43.98 -88.85
C VAL D 436 -61.96 44.65 -88.44
N VAL D 437 -61.85 45.69 -87.61
CA VAL D 437 -62.97 46.55 -87.20
C VAL D 437 -62.45 47.96 -86.91
N PHE D 438 -62.24 48.77 -87.96
CA PHE D 438 -61.65 50.12 -87.85
C PHE D 438 -62.61 51.19 -87.30
N MET D 439 -63.93 51.00 -87.39
CA MET D 439 -64.97 52.01 -87.09
C MET D 439 -64.68 53.39 -87.71
N MET D 440 -59.41 52.79 -85.82
CA MET D 440 -59.25 52.20 -84.50
C MET D 440 -60.43 52.51 -83.58
N ARG D 441 -60.92 51.51 -82.84
CA ARG D 441 -61.90 51.71 -81.76
C ARG D 441 -61.17 52.31 -80.56
N LEU D 442 -61.64 53.45 -80.05
CA LEU D 442 -60.99 54.27 -79.02
C LEU D 442 -61.99 54.76 -77.97
N GLY D 443 -61.47 55.25 -76.85
CA GLY D 443 -62.23 55.99 -75.84
C GLY D 443 -63.21 55.15 -75.03
N LEU D 444 -63.92 55.82 -74.12
CA LEU D 444 -64.87 55.18 -73.22
C LEU D 444 -66.07 54.69 -74.00
N ARG D 445 -66.22 53.37 -74.08
CA ARG D 445 -67.42 52.71 -74.62
C ARG D 445 -68.02 51.76 -73.58
N PRO D 446 -69.34 51.52 -73.56
CA PRO D 446 -69.95 50.57 -72.63
C PRO D 446 -69.56 49.12 -72.95
N THR D 447 -69.82 48.21 -72.03
CA THR D 447 -69.85 46.75 -72.24
C THR D 447 -70.89 46.12 -71.34
N PHE D 448 -71.68 45.19 -71.87
CA PHE D 448 -72.87 44.63 -71.25
C PHE D 448 -72.67 43.14 -70.98
N PHE D 449 -72.97 42.68 -69.77
CA PHE D 449 -72.85 41.26 -69.44
C PHE D 449 -73.91 40.44 -70.17
N GLN D 450 -73.57 39.24 -70.60
CA GLN D 450 -74.55 38.32 -71.21
C GLN D 450 -75.48 37.76 -70.11
N ASN D 451 -76.79 37.87 -70.30
CA ASN D 451 -77.77 37.88 -69.18
C ASN D 451 -77.87 36.60 -68.33
N GLU D 452 -77.29 35.47 -68.77
CA GLU D 452 -77.32 34.17 -68.09
C GLU D 452 -76.09 33.94 -67.17
N THR D 453 -75.01 34.71 -67.32
CA THR D 453 -73.68 34.37 -66.75
C THR D 453 -73.52 34.70 -65.26
N GLU D 454 -74.48 34.31 -64.44
CA GLU D 454 -74.53 34.53 -62.99
C GLU D 454 -73.39 33.82 -62.23
N TRP D 455 -72.79 32.80 -62.81
CA TRP D 455 -71.65 32.06 -62.27
C TRP D 455 -70.33 32.83 -62.26
N SER D 456 -70.20 33.84 -63.13
CA SER D 456 -68.94 34.53 -63.47
C SER D 456 -68.24 35.13 -62.26
N GLN D 457 -66.94 34.89 -62.14
CA GLN D 457 -66.11 35.54 -61.12
C GLN D 457 -65.97 37.04 -61.41
N ILE D 458 -65.72 37.42 -62.67
CA ILE D 458 -65.51 38.83 -63.01
C ILE D 458 -66.78 39.66 -62.85
N LYS D 459 -67.95 39.22 -63.31
CA LYS D 459 -69.18 40.02 -63.14
C LYS D 459 -69.65 40.08 -61.69
N LYS D 460 -69.14 39.22 -60.80
CA LYS D 460 -69.29 39.36 -59.36
C LYS D 460 -68.44 40.52 -58.83
N LEU D 461 -67.18 40.65 -59.24
CA LEU D 461 -66.32 41.79 -58.82
C LEU D 461 -66.90 43.15 -59.21
N TYR D 462 -67.54 43.27 -60.37
CA TYR D 462 -68.28 44.46 -60.78
C TYR D 462 -69.58 44.72 -59.99
N GLY D 463 -69.86 44.00 -58.90
CA GLY D 463 -70.95 44.29 -57.97
C GLY D 463 -72.35 43.90 -58.47
N ASP D 464 -72.43 42.99 -59.44
CA ASP D 464 -73.68 42.61 -60.12
C ASP D 464 -74.36 43.76 -60.91
N VAL D 465 -73.64 44.84 -61.19
CA VAL D 465 -74.12 45.93 -62.08
C VAL D 465 -74.31 45.41 -63.51
N SER D 466 -75.33 45.91 -64.21
CA SER D 466 -75.74 45.46 -65.55
C SER D 466 -74.74 45.74 -66.68
N GLU D 467 -73.92 46.78 -66.55
CA GLU D 467 -72.94 47.17 -67.55
C GLU D 467 -71.74 47.91 -66.92
N VAL D 468 -70.66 47.99 -67.68
CA VAL D 468 -69.40 48.65 -67.32
C VAL D 468 -69.01 49.65 -68.42
N HIS D 469 -68.13 50.61 -68.15
CA HIS D 469 -67.62 51.53 -69.17
C HIS D 469 -66.09 51.59 -69.14
N GLU D 470 -65.42 51.46 -70.28
CA GLU D 470 -63.98 51.16 -70.35
C GLU D 470 -63.26 51.77 -71.58
N ARG D 471 -61.96 51.96 -71.51
CA ARG D 471 -61.14 52.47 -72.61
C ARG D 471 -60.67 51.38 -73.57
N HIS D 472 -60.59 51.67 -74.86
CA HIS D 472 -60.21 50.72 -75.92
C HIS D 472 -59.10 51.31 -76.81
N ARG D 473 -58.33 50.48 -77.53
CA ARG D 473 -57.30 50.91 -78.50
C ARG D 473 -57.07 49.88 -79.64
N HIS D 474 -58.09 49.16 -80.08
CA HIS D 474 -57.95 47.95 -80.93
C HIS D 474 -58.44 48.14 -82.37
N ARG D 475 -57.72 47.56 -83.34
CA ARG D 475 -58.12 47.43 -84.76
C ARG D 475 -58.63 46.04 -85.16
N TYR D 476 -58.43 45.03 -84.31
CA TYR D 476 -58.86 43.65 -84.50
C TYR D 476 -59.81 43.20 -83.39
N GLU D 477 -60.75 42.33 -83.71
CA GLU D 477 -61.59 41.60 -82.76
C GLU D 477 -61.66 40.12 -83.13
N ILE D 478 -62.03 39.24 -82.20
CA ILE D 478 -62.17 37.81 -82.47
C ILE D 478 -63.27 37.59 -83.51
N ASN D 479 -63.03 36.73 -84.51
CA ASN D 479 -63.94 36.56 -85.65
C ASN D 479 -65.30 36.00 -85.16
N PRO D 480 -66.43 36.73 -85.30
CA PRO D 480 -67.73 36.32 -84.77
C PRO D 480 -68.18 34.94 -85.22
N LYS D 481 -67.77 34.52 -86.42
CA LYS D 481 -68.04 33.19 -86.99
C LYS D 481 -67.62 32.05 -86.04
N MET D 482 -66.51 32.23 -85.33
CA MET D 482 -65.96 31.20 -84.42
C MET D 482 -66.57 31.24 -83.02
N VAL D 483 -67.19 32.34 -82.60
CA VAL D 483 -67.51 32.57 -81.18
C VAL D 483 -68.49 31.55 -80.60
N ASP D 484 -69.42 31.01 -81.40
CA ASP D 484 -70.29 29.93 -80.93
C ASP D 484 -69.49 28.68 -80.54
N GLU D 485 -68.45 28.35 -81.30
CA GLU D 485 -67.59 27.18 -81.06
C GLU D 485 -66.82 27.35 -79.76
N LEU D 486 -66.28 28.54 -79.51
CA LEU D 486 -65.59 28.91 -78.28
C LEU D 486 -66.56 28.94 -77.08
N GLU D 487 -67.75 29.52 -77.21
CA GLU D 487 -68.76 29.51 -76.16
C GLU D 487 -69.21 28.08 -75.81
N ASN D 488 -69.44 27.22 -76.80
CA ASN D 488 -69.84 25.82 -76.62
C ASN D 488 -68.73 24.97 -75.97
N ASN D 489 -67.46 25.26 -76.26
CA ASN D 489 -66.31 24.59 -75.63
C ASN D 489 -65.93 25.14 -74.25
N GLY D 490 -66.47 26.28 -73.83
CA GLY D 490 -66.37 26.79 -72.46
C GLY D 490 -65.60 28.10 -72.29
N LEU D 491 -65.02 28.66 -73.36
CA LEU D 491 -64.40 29.98 -73.37
C LEU D 491 -65.49 31.06 -73.46
N ILE D 492 -66.36 31.15 -72.46
CA ILE D 492 -67.60 31.92 -72.53
C ILE D 492 -67.31 33.43 -72.58
N PHE D 493 -67.77 34.12 -73.62
CA PHE D 493 -67.65 35.57 -73.74
C PHE D 493 -68.66 36.30 -72.86
N VAL D 494 -68.36 36.43 -71.57
CA VAL D 494 -69.28 36.96 -70.56
C VAL D 494 -69.67 38.45 -70.72
N GLY D 495 -69.01 39.20 -71.61
CA GLY D 495 -69.36 40.57 -71.93
C GLY D 495 -69.18 40.91 -73.40
N LYS D 496 -70.15 41.62 -73.97
CA LYS D 496 -70.12 42.10 -75.35
C LYS D 496 -70.59 43.55 -75.42
N ASP D 497 -70.46 44.14 -76.59
CA ASP D 497 -70.84 45.52 -76.84
C ASP D 497 -72.37 45.71 -76.97
N ASP D 498 -72.78 46.95 -77.24
CA ASP D 498 -74.15 47.32 -77.52
C ASP D 498 -74.83 46.47 -78.61
N THR D 499 -74.13 46.16 -79.72
CA THR D 499 -74.68 45.35 -80.83
C THR D 499 -74.71 43.84 -80.52
N GLY D 500 -73.87 43.37 -79.61
CA GLY D 500 -73.63 41.95 -79.36
C GLY D 500 -72.74 41.25 -80.39
N LYS D 501 -72.19 42.00 -81.35
CA LYS D 501 -71.28 41.47 -82.36
C LYS D 501 -69.82 41.40 -81.89
N ARG D 502 -69.42 42.24 -80.92
CA ARG D 502 -68.01 42.46 -80.52
C ARG D 502 -67.64 41.74 -79.23
N CYS D 503 -66.50 41.06 -79.21
CA CYS D 503 -65.96 40.30 -78.09
C CYS D 503 -65.24 41.20 -77.06
N GLU D 504 -65.89 41.60 -75.98
CA GLU D 504 -65.31 42.58 -75.04
C GLU D 504 -64.67 41.93 -73.79
N ILE D 505 -65.21 40.82 -73.28
CA ILE D 505 -64.66 40.06 -72.15
C ILE D 505 -64.76 38.57 -72.43
N LEU D 506 -63.80 37.74 -72.01
CA LEU D 506 -64.02 36.30 -71.86
C LEU D 506 -63.68 35.82 -70.46
N GLU D 507 -64.38 34.77 -70.01
CA GLU D 507 -64.02 33.98 -68.85
C GLU D 507 -64.11 32.51 -69.22
N LEU D 508 -63.08 31.74 -68.92
CA LEU D 508 -63.10 30.29 -69.11
C LEU D 508 -63.92 29.65 -67.98
N LYS D 509 -65.03 29.00 -68.33
CA LYS D 509 -65.93 28.31 -67.40
C LYS D 509 -65.17 27.27 -66.57
N ASN D 510 -65.40 27.27 -65.24
CA ASN D 510 -64.80 26.33 -64.28
C ASN D 510 -63.26 26.32 -64.29
N HIS D 511 -62.66 27.51 -64.15
CA HIS D 511 -61.25 27.74 -63.81
C HIS D 511 -61.18 28.76 -62.67
N PRO D 512 -60.25 28.68 -61.70
CA PRO D 512 -60.23 29.58 -60.55
C PRO D 512 -60.22 31.08 -60.84
N TYR D 513 -59.52 31.51 -61.90
CA TYR D 513 -59.55 32.88 -62.41
C TYR D 513 -58.83 32.96 -63.76
N TYR D 514 -59.54 32.87 -64.86
CA TYR D 514 -58.94 33.01 -66.20
C TYR D 514 -59.82 33.93 -67.01
N ILE D 515 -59.42 35.19 -67.02
CA ILE D 515 -60.15 36.30 -67.62
C ILE D 515 -59.32 36.86 -68.76
N ALA D 516 -59.97 37.37 -69.78
CA ALA D 516 -59.35 38.40 -70.59
C ALA D 516 -60.35 39.50 -70.93
N THR D 517 -59.84 40.69 -71.24
CA THR D 517 -60.59 41.87 -71.66
C THR D 517 -60.04 42.41 -72.96
N GLN D 518 -60.89 42.77 -73.92
CA GLN D 518 -60.42 43.43 -75.13
C GLN D 518 -60.01 44.88 -74.85
N TYR D 519 -60.70 45.54 -73.93
CA TYR D 519 -60.33 46.83 -73.40
C TYR D 519 -59.07 46.77 -72.53
N HIS D 520 -58.52 47.95 -72.24
CA HIS D 520 -57.40 48.19 -71.32
C HIS D 520 -57.91 48.70 -69.96
N PRO D 521 -58.19 47.85 -68.96
CA PRO D 521 -58.74 48.26 -67.67
C PRO D 521 -57.80 49.09 -66.79
N GLU D 522 -56.50 49.01 -67.02
CA GLU D 522 -55.48 49.81 -66.34
C GLU D 522 -55.60 51.30 -66.61
N TYR D 523 -56.33 51.72 -67.65
CA TYR D 523 -56.62 53.14 -67.90
C TYR D 523 -57.83 53.65 -67.10
N THR D 524 -58.41 52.86 -66.20
CA THR D 524 -59.38 53.39 -65.21
C THR D 524 -59.15 52.90 -63.78
N SER D 525 -58.03 52.23 -63.50
CA SER D 525 -57.65 51.94 -62.12
C SER D 525 -57.35 53.20 -61.33
N LYS D 526 -57.92 53.33 -60.12
CA LYS D 526 -57.68 54.44 -59.18
C LYS D 526 -57.24 53.91 -57.83
N VAL D 527 -56.52 54.70 -57.04
CA VAL D 527 -55.87 54.21 -55.81
C VAL D 527 -56.89 53.79 -54.75
N LEU D 528 -58.07 54.43 -54.66
CA LEU D 528 -59.14 54.01 -53.75
C LEU D 528 -60.18 53.08 -54.38
N ASP D 529 -60.23 52.99 -55.71
CA ASP D 529 -61.14 52.13 -56.48
C ASP D 529 -60.35 51.36 -57.55
N PRO D 530 -59.76 50.19 -57.23
CA PRO D 530 -58.90 49.48 -58.15
C PRO D 530 -59.68 48.88 -59.32
N SER D 531 -59.10 48.78 -60.52
CA SER D 531 -59.84 48.28 -61.68
C SER D 531 -60.11 46.79 -61.51
N LYS D 532 -61.37 46.39 -61.61
CA LYS D 532 -61.86 45.06 -61.21
C LYS D 532 -61.13 43.86 -61.85
N PRO D 533 -60.80 43.84 -63.16
CA PRO D 533 -60.07 42.72 -63.76
C PRO D 533 -58.69 42.50 -63.14
N PHE D 534 -58.01 43.58 -62.73
CA PHE D 534 -56.73 43.50 -62.02
C PHE D 534 -56.90 43.16 -60.55
N LEU D 535 -57.96 43.61 -59.88
CA LEU D 535 -58.23 43.18 -58.51
C LEU D 535 -58.44 41.67 -58.44
N GLY D 536 -59.22 41.10 -59.35
CA GLY D 536 -59.41 39.65 -59.43
C GLY D 536 -58.11 38.88 -59.66
N LEU D 537 -57.22 39.35 -60.54
CA LEU D 537 -55.92 38.71 -60.77
C LEU D 537 -55.08 38.67 -59.50
N VAL D 538 -54.97 39.77 -58.77
CA VAL D 538 -54.20 39.76 -57.52
C VAL D 538 -54.89 38.91 -56.48
N ALA D 539 -56.19 39.09 -56.26
CA ALA D 539 -56.91 38.36 -55.23
C ALA D 539 -56.89 36.84 -55.46
N ALA D 540 -57.01 36.36 -56.69
CA ALA D 540 -56.89 34.95 -56.98
C ALA D 540 -55.44 34.47 -56.86
N SER D 541 -54.44 35.27 -57.21
CA SER D 541 -53.03 34.95 -56.97
C SER D 541 -52.73 34.80 -55.48
N ALA D 542 -53.38 35.62 -54.64
CA ALA D 542 -53.37 35.50 -53.19
C ALA D 542 -54.26 34.36 -52.64
N GLY D 543 -55.06 33.72 -53.48
CA GLY D 543 -55.98 32.66 -53.09
C GLY D 543 -57.14 33.12 -52.21
N ILE D 544 -57.50 34.41 -52.30
CA ILE D 544 -58.47 35.09 -51.44
C ILE D 544 -59.68 35.67 -52.20
N LEU D 545 -59.80 35.36 -53.49
CA LEU D 545 -60.77 35.97 -54.43
C LEU D 545 -62.20 35.94 -53.89
N GLN D 546 -62.64 34.83 -53.33
CA GLN D 546 -63.99 34.70 -52.75
C GLN D 546 -64.25 35.81 -51.71
N ASP D 547 -63.30 36.05 -50.82
CA ASP D 547 -63.48 36.91 -49.67
C ASP D 547 -63.40 38.40 -50.03
N VAL D 548 -62.64 38.72 -51.09
CA VAL D 548 -62.64 40.05 -51.72
C VAL D 548 -63.99 40.35 -52.35
N ILE D 549 -64.60 39.37 -53.04
CA ILE D 549 -65.95 39.53 -53.61
C ILE D 549 -67.00 39.65 -52.51
N GLU D 550 -66.90 38.86 -51.46
CA GLU D 550 -67.78 38.90 -50.29
C GLU D 550 -67.62 40.17 -49.43
N GLY D 551 -66.51 40.89 -49.54
CA GLY D 551 -66.31 42.22 -48.97
C GLY D 551 -65.39 42.31 -47.75
N LYS D 552 -64.54 41.32 -47.50
CA LYS D 552 -63.58 41.29 -46.37
C LYS D 552 -62.42 42.30 -46.47
N TYR D 553 -62.41 43.16 -47.48
CA TYR D 553 -61.29 44.06 -47.80
C TYR D 553 -61.69 45.46 -48.29
N ASP D 554 -62.96 45.86 -48.22
CA ASP D 554 -63.35 47.26 -48.40
C ASP D 554 -62.77 48.17 -47.29
N LEU D 555 -62.48 49.44 -47.62
CA LEU D 555 -61.67 50.34 -46.79
C LEU D 555 -62.36 50.86 -45.52
N GLU D 556 -63.67 51.09 -45.57
CA GLU D 556 -64.49 51.54 -44.44
C GLU D 556 -65.71 50.62 -44.30
N ALA D 557 -66.12 50.31 -43.07
CA ALA D 557 -67.24 49.38 -42.79
C ALA D 557 -68.56 49.86 -43.39
N MET E 1 -28.15 -95.99 44.45
CA MET E 1 -27.47 -95.03 43.56
C MET E 1 -27.61 -95.42 42.10
N LYS E 2 -27.49 -94.48 41.17
CA LYS E 2 -27.44 -94.70 39.72
C LYS E 2 -26.07 -94.26 39.16
N TYR E 3 -25.64 -94.77 38.01
CA TYR E 3 -24.35 -94.47 37.38
C TYR E 3 -24.46 -94.41 35.86
N VAL E 4 -23.66 -93.57 35.20
CA VAL E 4 -23.61 -93.46 33.73
C VAL E 4 -22.17 -93.49 33.26
N VAL E 5 -21.71 -94.52 32.59
CA VAL E 5 -20.41 -94.50 31.92
C VAL E 5 -20.49 -93.69 30.64
N VAL E 6 -19.46 -92.91 30.36
CA VAL E 6 -19.15 -92.36 29.04
C VAL E 6 -17.79 -92.88 28.64
N SER E 7 -17.67 -93.50 27.48
CA SER E 7 -16.46 -94.20 27.04
C SER E 7 -16.29 -94.19 25.53
N GLY E 8 -15.20 -94.75 25.00
CA GLY E 8 -15.24 -95.33 23.64
C GLY E 8 -14.43 -94.72 22.52
N GLY E 9 -14.72 -95.21 21.30
CA GLY E 9 -14.26 -94.70 20.01
C GLY E 9 -13.09 -95.47 19.39
N VAL E 10 -12.81 -95.23 18.11
CA VAL E 10 -11.55 -95.64 17.44
C VAL E 10 -10.40 -94.63 17.57
N ILE E 11 -10.61 -93.47 18.19
CA ILE E 11 -9.61 -92.41 18.34
C ILE E 11 -9.77 -91.76 19.71
N SER E 12 -8.66 -91.34 20.30
CA SER E 12 -8.68 -90.38 21.41
C SER E 12 -8.97 -88.97 20.86
N GLY E 13 -9.67 -88.11 21.60
CA GLY E 13 -10.03 -86.76 21.14
C GLY E 13 -11.39 -86.65 20.45
N ILE E 14 -12.22 -87.70 20.51
CA ILE E 14 -13.51 -87.82 19.83
C ILE E 14 -14.62 -86.90 20.36
N GLY E 15 -14.58 -86.48 21.63
CA GLY E 15 -15.61 -85.61 22.22
C GLY E 15 -16.19 -85.98 23.59
N LYS E 16 -15.59 -86.92 24.33
CA LYS E 16 -16.19 -87.49 25.57
C LYS E 16 -16.65 -86.43 26.58
N GLY E 17 -15.74 -85.64 27.15
CA GLY E 17 -16.06 -84.64 28.23
C GLY E 17 -17.31 -83.80 27.98
N VAL E 18 -17.55 -83.30 26.77
CA VAL E 18 -18.75 -82.45 26.43
C VAL E 18 -19.98 -83.37 26.45
N LEU E 19 -19.84 -84.65 26.09
CA LEU E 19 -20.96 -85.63 26.15
C LEU E 19 -21.11 -86.09 27.59
N ALA E 20 -20.08 -85.93 28.43
CA ALA E 20 -20.07 -86.40 29.83
C ALA E 20 -20.72 -85.33 30.73
N SER E 21 -20.02 -84.23 31.01
CA SER E 21 -20.55 -83.20 31.94
C SER E 21 -21.84 -82.69 31.32
N SER E 22 -21.86 -82.45 30.02
CA SER E 22 -23.19 -82.13 29.38
C SER E 22 -24.34 -83.09 29.70
N THR E 23 -24.10 -84.39 29.79
CA THR E 23 -25.14 -85.38 30.19
C THR E 23 -25.41 -85.15 31.67
N GLY E 24 -24.37 -84.82 32.46
CA GLY E 24 -24.51 -84.57 33.92
C GLY E 24 -25.21 -83.27 34.21
N MET E 25 -25.13 -82.27 33.33
CA MET E 25 -25.81 -80.96 33.50
C MET E 25 -27.31 -81.22 33.34
N LEU E 26 -27.69 -82.18 32.50
CA LEU E 26 -29.11 -82.52 32.24
C LEU E 26 -29.61 -83.42 33.37
N MET E 27 -28.74 -84.21 34.00
CA MET E 27 -29.24 -84.93 35.18
C MET E 27 -29.71 -83.94 36.25
N LYS E 28 -28.99 -82.84 36.43
CA LYS E 28 -29.39 -81.73 37.30
C LYS E 28 -30.67 -81.02 36.89
N THR E 29 -31.02 -80.99 35.61
CA THR E 29 -32.33 -80.46 35.15
C THR E 29 -33.48 -81.24 35.77
N LEU E 30 -33.29 -82.54 36.02
CA LEU E 30 -34.29 -83.39 36.69
C LEU E 30 -34.37 -83.14 38.20
N GLY E 31 -33.55 -82.23 38.76
CA GLY E 31 -33.42 -81.95 40.18
C GLY E 31 -32.38 -82.80 40.93
N LEU E 32 -31.78 -83.79 40.27
CA LEU E 32 -30.90 -84.78 40.88
C LEU E 32 -29.66 -84.16 41.52
N LYS E 33 -29.19 -84.75 42.61
CA LYS E 33 -27.84 -84.51 43.13
C LYS E 33 -26.86 -85.22 42.20
N VAL E 34 -25.80 -84.59 41.71
CA VAL E 34 -24.95 -85.19 40.65
C VAL E 34 -23.48 -85.05 40.97
N THR E 35 -22.69 -86.02 40.54
CA THR E 35 -21.24 -86.08 40.71
C THR E 35 -20.59 -86.65 39.46
N SER E 36 -19.28 -86.58 39.37
CA SER E 36 -18.53 -87.05 38.22
C SER E 36 -17.18 -87.60 38.59
N ILE E 37 -16.71 -88.65 37.95
CA ILE E 37 -15.38 -89.22 38.14
C ILE E 37 -14.71 -89.33 36.79
N LYS E 38 -13.48 -88.84 36.62
CA LYS E 38 -12.72 -89.07 35.39
C LYS E 38 -11.64 -90.09 35.62
N ILE E 39 -11.74 -91.20 34.90
CA ILE E 39 -10.79 -92.29 34.92
C ILE E 39 -9.77 -92.01 33.83
N ASP E 40 -8.53 -91.76 34.20
CA ASP E 40 -7.45 -91.49 33.27
C ASP E 40 -6.51 -92.69 33.09
N PRO E 41 -6.25 -93.15 31.87
CA PRO E 41 -5.35 -94.24 31.66
C PRO E 41 -3.87 -93.93 31.84
N TYR E 42 -3.46 -92.65 31.96
CA TYR E 42 -2.05 -92.28 32.14
C TYR E 42 -1.51 -92.63 33.53
N MET E 43 -0.19 -92.79 33.64
CA MET E 43 0.47 -93.24 34.85
C MET E 43 0.95 -92.16 35.82
N ASN E 44 0.77 -90.87 35.57
CA ASN E 44 0.99 -89.86 36.61
C ASN E 44 -0.04 -89.97 37.74
N ILE E 45 0.38 -89.90 39.00
CA ILE E 45 -0.57 -89.88 40.13
C ILE E 45 -1.33 -88.57 40.21
N ASP E 46 -0.72 -87.45 39.82
CA ASP E 46 -1.33 -86.12 39.81
C ASP E 46 -0.64 -85.21 38.80
N ALA E 47 -1.24 -84.08 38.47
CA ALA E 47 -0.65 -83.10 37.57
C ALA E 47 0.45 -82.24 38.21
N GLY E 48 0.81 -82.46 39.48
CA GLY E 48 1.82 -81.69 40.18
C GLY E 48 3.22 -81.85 39.59
N THR E 49 3.51 -82.99 38.96
CA THR E 49 4.77 -83.20 38.21
C THR E 49 4.67 -82.73 36.75
N MET E 50 3.46 -82.62 36.19
CA MET E 50 3.23 -82.40 34.76
C MET E 50 3.40 -80.93 34.38
N SER E 51 4.43 -80.59 33.61
CA SER E 51 4.67 -79.20 33.19
C SER E 51 3.55 -78.71 32.29
N PRO E 52 3.07 -77.46 32.40
CA PRO E 52 1.94 -76.93 31.62
C PRO E 52 2.08 -76.93 30.09
N LEU E 53 3.22 -77.35 29.54
CA LEU E 53 3.48 -77.48 28.11
C LEU E 53 2.79 -78.68 27.46
N GLU E 54 2.65 -79.80 28.16
CA GLU E 54 1.95 -81.00 27.68
C GLU E 54 1.00 -81.53 28.76
N HIS E 55 -0.17 -81.99 28.32
CA HIS E 55 -1.38 -82.18 29.14
C HIS E 55 -1.98 -80.89 29.70
N GLY E 56 -1.37 -79.73 29.47
CA GLY E 56 -1.97 -78.43 29.75
C GLY E 56 -2.07 -78.06 31.23
N GLU E 57 -3.01 -77.19 31.54
CA GLU E 57 -3.09 -76.47 32.81
C GLU E 57 -3.36 -77.40 34.01
N CYS E 58 -2.57 -77.27 35.07
CA CYS E 58 -2.79 -77.95 36.34
C CYS E 58 -4.01 -77.37 37.07
N PHE E 59 -5.21 -77.82 36.72
CA PHE E 59 -6.43 -77.34 37.37
C PHE E 59 -6.38 -77.52 38.89
N VAL E 60 -6.83 -76.52 39.64
CA VAL E 60 -6.80 -76.62 41.10
C VAL E 60 -8.09 -76.63 41.93
N LEU E 61 -8.15 -77.65 42.76
CA LEU E 61 -9.33 -77.97 43.55
C LEU E 61 -9.55 -77.02 44.72
N ASP E 62 -10.75 -77.08 45.29
CA ASP E 62 -11.05 -76.62 46.64
C ASP E 62 -10.04 -77.24 47.64
N ASP E 63 -9.79 -78.55 47.54
CA ASP E 63 -8.79 -79.27 48.34
C ASP E 63 -7.33 -79.07 47.88
N GLY E 64 -7.07 -78.23 46.89
CA GLY E 64 -5.71 -77.80 46.52
C GLY E 64 -4.82 -78.82 45.83
N GLY E 65 -5.33 -79.99 45.49
CA GLY E 65 -4.62 -80.94 44.64
C GLY E 65 -4.50 -80.44 43.21
N GLU E 66 -3.35 -80.66 42.58
CA GLU E 66 -3.16 -80.38 41.16
C GLU E 66 -3.69 -81.54 40.30
N THR E 67 -4.96 -81.48 39.90
CA THR E 67 -5.69 -82.57 39.19
C THR E 67 -5.47 -82.60 37.69
N ASP E 68 -6.02 -83.63 37.04
CA ASP E 68 -6.32 -83.60 35.62
C ASP E 68 -7.07 -82.31 35.22
N LEU E 69 -6.66 -81.68 34.11
CA LEU E 69 -7.28 -80.41 33.61
C LEU E 69 -8.77 -80.63 33.34
N ASP E 70 -9.17 -81.78 32.80
CA ASP E 70 -10.57 -82.02 32.37
C ASP E 70 -11.52 -81.92 33.57
N LEU E 71 -11.08 -82.17 34.81
CA LEU E 71 -12.06 -82.17 35.95
C LEU E 71 -12.77 -80.82 35.93
N GLY E 72 -12.07 -79.76 35.55
CA GLY E 72 -12.66 -78.41 35.55
C GLY E 72 -13.94 -78.38 34.73
N ASN E 73 -13.98 -79.08 33.61
CA ASN E 73 -15.15 -79.06 32.69
C ASN E 73 -16.38 -79.55 33.47
N TYR E 74 -16.23 -80.32 34.54
CA TYR E 74 -17.35 -80.87 35.35
C TYR E 74 -17.73 -79.94 36.48
N GLU E 75 -16.85 -79.03 36.89
CA GLU E 75 -17.13 -78.12 38.03
C GLU E 75 -17.83 -76.90 37.43
N ARG E 76 -17.76 -76.71 36.11
CA ARG E 76 -18.47 -75.60 35.40
C ARG E 76 -19.85 -76.16 35.00
N TYR E 77 -19.88 -77.20 34.16
CA TYR E 77 -21.18 -77.86 33.76
C TYR E 77 -22.16 -78.22 34.89
N LEU E 78 -21.72 -78.75 36.05
CA LEU E 78 -22.61 -79.28 37.13
C LEU E 78 -22.75 -78.28 38.27
N GLY E 79 -21.72 -77.49 38.56
CA GLY E 79 -21.74 -76.63 39.72
C GLY E 79 -21.48 -77.43 41.00
N VAL E 80 -20.35 -78.14 41.04
CA VAL E 80 -19.92 -79.03 42.13
C VAL E 80 -18.47 -78.77 42.51
N THR E 81 -18.12 -78.97 43.78
CA THR E 81 -16.74 -79.02 44.28
C THR E 81 -16.31 -80.48 44.34
N LEU E 82 -15.45 -80.91 43.42
CA LEU E 82 -14.85 -82.24 43.41
C LEU E 82 -13.67 -82.32 44.39
N THR E 83 -13.00 -83.47 44.48
CA THR E 83 -11.85 -83.71 45.38
C THR E 83 -10.73 -84.43 44.63
N LYS E 84 -9.54 -84.56 45.24
CA LYS E 84 -8.39 -85.23 44.62
C LYS E 84 -8.68 -86.70 44.26
N ASP E 85 -9.65 -87.32 44.92
CA ASP E 85 -10.07 -88.70 44.65
C ASP E 85 -10.96 -88.86 43.42
N HIS E 86 -11.64 -87.82 42.92
CA HIS E 86 -12.48 -87.90 41.72
C HIS E 86 -11.70 -88.04 40.42
N ASN E 87 -10.38 -87.94 40.45
CA ASN E 87 -9.54 -88.22 39.31
C ASN E 87 -8.80 -89.52 39.55
N ILE E 88 -9.43 -90.64 39.19
CA ILE E 88 -8.79 -91.95 39.18
C ILE E 88 -7.73 -91.94 38.08
N THR E 89 -6.52 -92.44 38.33
CA THR E 89 -5.51 -92.60 37.28
C THR E 89 -4.83 -93.94 37.40
N THR E 90 -4.25 -94.45 36.31
CA THR E 90 -3.55 -95.74 36.35
C THR E 90 -2.40 -95.73 37.35
N GLY E 91 -1.66 -94.63 37.46
CA GLY E 91 -0.61 -94.53 38.48
C GLY E 91 -1.14 -94.46 39.89
N LYS E 92 -2.32 -93.88 40.09
CA LYS E 92 -2.94 -93.74 41.41
C LYS E 92 -3.43 -95.08 41.92
N ILE E 93 -4.07 -95.88 41.07
CA ILE E 93 -4.61 -97.17 41.51
C ILE E 93 -3.56 -98.27 41.60
N TYR E 94 -2.56 -98.35 40.72
CA TYR E 94 -1.45 -99.26 41.00
C TYR E 94 -0.73 -98.92 42.29
N SER E 95 -0.53 -97.64 42.63
CA SER E 95 0.07 -97.24 43.91
C SER E 95 -0.75 -97.67 45.11
N HIS E 96 -2.07 -97.54 45.06
CA HIS E 96 -2.95 -97.88 46.17
C HIS E 96 -2.99 -99.38 46.44
N VAL E 97 -3.10 -100.21 45.41
CA VAL E 97 -3.00 -101.67 45.57
C VAL E 97 -1.60 -102.11 45.97
N ILE E 98 -0.53 -101.55 45.41
CA ILE E 98 0.84 -101.86 45.84
C ILE E 98 1.08 -101.43 47.30
N ALA E 99 0.47 -100.35 47.80
CA ALA E 99 0.60 -100.01 49.22
C ALA E 99 -0.02 -101.09 50.11
N LYS E 100 -1.23 -101.52 49.80
CA LYS E 100 -1.90 -102.61 50.50
C LYS E 100 -1.14 -103.94 50.39
N GLU E 101 -0.42 -104.20 49.31
CA GLU E 101 0.45 -105.38 49.16
C GLU E 101 1.61 -105.40 50.16
N ARG E 102 2.27 -104.27 50.41
CA ARG E 102 3.40 -104.20 51.38
C ARG E 102 2.95 -104.03 52.82
N LYS E 103 1.80 -103.40 53.06
CA LYS E 103 1.13 -103.42 54.37
C LYS E 103 0.62 -104.83 54.71
N GLY E 104 0.36 -105.66 53.70
CA GLY E 104 -0.07 -107.04 53.86
C GLY E 104 -1.59 -107.20 54.00
N ASP E 105 -2.39 -106.25 53.52
CA ASP E 105 -3.86 -106.27 53.65
C ASP E 105 -4.52 -107.41 52.85
N TYR E 106 -3.79 -108.04 51.93
CA TYR E 106 -4.21 -109.24 51.21
C TYR E 106 -3.95 -110.55 51.96
N LEU E 107 -3.61 -110.53 53.26
CA LEU E 107 -3.48 -111.71 54.11
C LEU E 107 -2.57 -112.79 53.49
N GLY E 108 -1.49 -112.34 52.86
CA GLY E 108 -0.48 -113.20 52.24
C GLY E 108 -0.94 -113.97 50.99
N LYS E 109 -2.14 -113.74 50.45
CA LYS E 109 -2.50 -114.22 49.11
C LYS E 109 -1.56 -113.59 48.08
N THR E 110 -1.40 -114.18 46.90
CA THR E 110 -0.87 -113.41 45.76
C THR E 110 -1.95 -112.45 45.28
N VAL E 111 -1.54 -111.25 44.86
CA VAL E 111 -2.44 -110.18 44.43
C VAL E 111 -2.33 -110.01 42.94
N GLN E 112 -3.46 -109.94 42.25
CA GLN E 112 -3.58 -110.15 40.82
C GLN E 112 -4.30 -109.00 40.17
N ILE E 113 -4.12 -108.76 38.86
CA ILE E 113 -4.88 -107.69 38.21
C ILE E 113 -6.37 -108.04 38.22
N VAL E 114 -6.73 -109.30 38.03
CA VAL E 114 -8.08 -109.80 38.28
C VAL E 114 -8.01 -110.94 39.30
N PRO E 115 -8.78 -110.93 40.40
CA PRO E 115 -9.81 -109.98 40.76
C PRO E 115 -9.35 -108.81 41.63
N HIS E 116 -8.16 -108.80 42.23
CA HIS E 116 -7.84 -107.82 43.26
C HIS E 116 -7.81 -106.37 42.78
N LEU E 117 -7.07 -106.05 41.70
CA LEU E 117 -7.06 -104.69 41.20
C LEU E 117 -8.40 -104.27 40.57
N THR E 118 -9.12 -105.16 39.89
CA THR E 118 -10.45 -104.81 39.38
C THR E 118 -11.48 -104.64 40.48
N ASN E 119 -11.33 -105.29 41.63
CA ASN E 119 -12.07 -104.96 42.83
C ASN E 119 -11.69 -103.60 43.36
N ALA E 120 -10.40 -103.26 43.42
CA ALA E 120 -9.97 -101.94 43.89
C ALA E 120 -10.61 -100.80 43.12
N ILE E 121 -10.64 -100.89 41.79
CA ILE E 121 -11.28 -99.88 40.94
C ILE E 121 -12.79 -99.77 41.25
N GLN E 122 -13.52 -100.87 41.36
CA GLN E 122 -14.94 -100.82 41.74
C GLN E 122 -15.14 -100.23 43.14
N ASP E 123 -14.30 -100.63 44.09
CA ASP E 123 -14.37 -100.12 45.46
C ASP E 123 -14.01 -98.62 45.52
N TRP E 124 -13.16 -98.11 44.63
CA TRP E 124 -12.89 -96.67 44.48
C TRP E 124 -14.07 -95.92 43.88
N ILE E 125 -14.65 -96.38 42.78
CA ILE E 125 -15.80 -95.72 42.16
C ILE E 125 -16.96 -95.63 43.14
N GLU E 126 -17.36 -96.72 43.79
CA GLU E 126 -18.47 -96.66 44.74
C GLU E 126 -18.10 -95.92 46.03
N ARG E 127 -16.81 -95.83 46.41
CA ARG E 127 -16.38 -94.99 47.53
C ARG E 127 -16.62 -93.53 47.19
N VAL E 128 -16.03 -93.07 46.08
CA VAL E 128 -16.05 -91.66 45.68
C VAL E 128 -17.47 -91.19 45.35
N ALA E 129 -18.31 -92.04 44.77
CA ALA E 129 -19.68 -91.70 44.46
C ALA E 129 -20.58 -91.43 45.68
N LYS E 130 -20.13 -91.74 46.91
CA LYS E 130 -20.81 -91.32 48.14
C LYS E 130 -20.58 -89.85 48.53
N ILE E 131 -19.45 -89.27 48.13
CA ILE E 131 -19.00 -87.95 48.62
C ILE E 131 -20.00 -86.87 48.20
N PRO E 132 -20.48 -85.99 49.10
CA PRO E 132 -21.50 -84.99 48.81
C PRO E 132 -20.89 -83.73 48.16
N VAL E 133 -20.66 -83.77 46.85
CA VAL E 133 -20.01 -82.67 46.10
C VAL E 133 -20.93 -81.47 45.80
N ASP E 134 -22.22 -81.59 46.13
CA ASP E 134 -23.31 -80.75 45.67
C ASP E 134 -23.73 -79.66 46.70
N ASP E 135 -24.67 -78.79 46.34
CA ASP E 135 -25.11 -77.63 47.16
C ASP E 135 -25.86 -77.97 48.46
N THR E 136 -25.99 -79.25 48.81
CA THR E 136 -26.37 -79.69 50.15
C THR E 136 -25.71 -81.03 50.42
N GLY E 137 -25.44 -81.34 51.69
CA GLY E 137 -24.56 -82.43 52.12
C GLY E 137 -25.06 -83.86 51.90
N MET E 138 -26.15 -84.10 51.15
CA MET E 138 -26.62 -85.44 50.82
C MET E 138 -25.80 -86.08 49.71
N GLU E 139 -25.59 -87.40 49.78
CA GLU E 139 -24.86 -88.14 48.76
C GLU E 139 -25.51 -88.01 47.36
N PRO E 140 -24.74 -87.96 46.28
CA PRO E 140 -25.27 -87.86 44.92
C PRO E 140 -26.22 -88.99 44.53
N ASP E 141 -27.10 -88.70 43.57
CA ASP E 141 -28.10 -89.64 43.04
C ASP E 141 -27.67 -90.27 41.72
N VAL E 142 -26.87 -89.58 40.92
CA VAL E 142 -26.23 -90.11 39.71
C VAL E 142 -24.75 -89.76 39.73
N CYS E 143 -23.88 -90.67 39.32
CA CYS E 143 -22.47 -90.40 39.05
C CYS E 143 -22.17 -90.60 37.56
N ILE E 144 -21.58 -89.60 36.91
CA ILE E 144 -21.11 -89.71 35.52
C ILE E 144 -19.65 -90.19 35.55
N ILE E 145 -19.35 -91.34 35.01
CA ILE E 145 -18.00 -91.90 34.98
C ILE E 145 -17.44 -91.76 33.58
N GLU E 146 -16.42 -90.95 33.36
CA GLU E 146 -15.79 -90.85 32.06
C GLU E 146 -14.55 -91.69 32.01
N LEU E 147 -14.53 -92.67 31.13
CA LEU E 147 -13.39 -93.54 30.89
C LEU E 147 -12.52 -92.93 29.79
N GLY E 148 -11.36 -92.39 30.13
CA GLY E 148 -10.40 -91.90 29.15
C GLY E 148 -9.72 -92.99 28.33
N GLY E 149 -8.89 -92.57 27.38
CA GLY E 149 -8.28 -93.44 26.38
C GLY E 149 -9.32 -93.98 25.39
N THR E 150 -9.05 -95.12 24.77
CA THR E 150 -10.01 -95.85 23.95
C THR E 150 -10.14 -97.30 24.40
N VAL E 151 -11.33 -97.87 24.33
CA VAL E 151 -11.54 -99.29 24.61
C VAL E 151 -10.72 -100.12 23.61
N GLY E 152 -9.94 -101.08 24.10
CA GLY E 152 -8.97 -101.84 23.30
C GLY E 152 -7.53 -101.32 23.34
N ASP E 153 -7.29 -100.30 24.17
CA ASP E 153 -5.92 -99.83 24.46
C ASP E 153 -5.37 -100.82 25.49
N ILE E 154 -4.04 -101.08 25.54
CA ILE E 154 -3.41 -101.96 26.57
C ILE E 154 -3.30 -101.15 27.86
N GLU E 155 -3.66 -99.87 27.83
CA GLU E 155 -3.58 -98.93 28.97
C GLU E 155 -4.94 -98.82 29.65
N SER E 156 -6.03 -99.10 28.92
CA SER E 156 -7.42 -98.96 29.42
C SER E 156 -8.02 -100.33 29.73
N ALA E 157 -7.27 -101.42 29.57
CA ALA E 157 -7.82 -102.79 29.75
C ALA E 157 -8.22 -103.06 31.21
N PRO E 158 -7.48 -102.63 32.26
CA PRO E 158 -7.91 -102.83 33.64
C PRO E 158 -9.24 -102.19 33.99
N PHE E 159 -9.55 -101.03 33.43
CA PHE E 159 -10.77 -100.29 33.71
C PHE E 159 -12.01 -100.86 33.04
N VAL E 160 -11.93 -101.33 31.80
CA VAL E 160 -13.07 -102.02 31.17
C VAL E 160 -13.38 -103.37 31.82
N GLU E 161 -12.39 -104.07 32.38
CA GLU E 161 -12.65 -105.19 33.27
C GLU E 161 -13.39 -104.72 34.53
N ALA E 162 -12.88 -103.71 35.21
CA ALA E 162 -13.48 -103.28 36.46
C ALA E 162 -14.91 -102.76 36.26
N LEU E 163 -15.15 -101.99 35.20
CA LEU E 163 -16.47 -101.53 34.85
C LEU E 163 -17.38 -102.69 34.45
N ARG E 164 -16.92 -103.73 33.72
CA ARG E 164 -17.79 -104.89 33.41
C ARG E 164 -18.30 -105.53 34.70
N GLN E 165 -17.39 -105.85 35.62
CA GLN E 165 -17.76 -106.44 36.90
C GLN E 165 -18.68 -105.48 37.68
N PHE E 166 -18.49 -104.18 37.54
CA PHE E 166 -19.34 -103.17 38.14
C PHE E 166 -20.76 -103.17 37.59
N GLN E 167 -21.02 -103.63 36.36
CA GLN E 167 -22.38 -103.78 35.85
C GLN E 167 -23.21 -104.84 36.62
N PHE E 168 -22.56 -105.60 37.50
CA PHE E 168 -23.18 -106.65 38.32
C PHE E 168 -23.13 -106.30 39.80
N LYS E 169 -22.02 -105.70 40.26
CA LYS E 169 -21.90 -105.20 41.64
C LYS E 169 -22.92 -104.10 41.91
N VAL E 170 -23.07 -103.18 40.95
CA VAL E 170 -24.27 -102.35 40.73
C VAL E 170 -25.21 -103.14 39.82
N GLY E 171 -26.52 -102.99 39.94
CA GLY E 171 -27.45 -103.66 39.03
C GLY E 171 -27.59 -103.02 37.64
N LYS E 172 -28.03 -103.79 36.64
CA LYS E 172 -28.74 -103.22 35.48
C LYS E 172 -30.02 -102.54 35.99
N GLU E 173 -30.50 -101.51 35.29
CA GLU E 173 -31.44 -100.52 35.84
C GLU E 173 -30.88 -99.66 36.98
N ASN E 174 -29.56 -99.73 37.27
CA ASN E 174 -28.83 -98.70 38.02
C ASN E 174 -27.60 -98.21 37.26
N PHE E 175 -27.00 -99.01 36.40
CA PHE E 175 -25.86 -98.63 35.54
C PHE E 175 -26.30 -98.54 34.07
N ALA E 176 -25.80 -97.55 33.32
CA ALA E 176 -25.94 -97.43 31.87
C ALA E 176 -24.68 -96.89 31.20
N LEU E 177 -24.46 -97.17 29.92
CA LEU E 177 -23.26 -96.73 29.20
C LEU E 177 -23.59 -95.98 27.92
N ILE E 178 -22.92 -94.85 27.71
CA ILE E 178 -22.90 -94.06 26.48
C ILE E 178 -21.56 -94.30 25.79
N HIS E 179 -21.53 -94.80 24.56
CA HIS E 179 -20.29 -95.03 23.83
C HIS E 179 -20.16 -94.00 22.74
N VAL E 180 -19.05 -93.29 22.70
CA VAL E 180 -18.86 -92.17 21.77
C VAL E 180 -17.98 -92.66 20.63
N SER E 181 -18.39 -92.52 19.37
CA SER E 181 -17.74 -93.23 18.25
C SER E 181 -17.68 -92.41 16.96
N LEU E 182 -16.82 -92.80 16.02
CA LEU E 182 -16.51 -91.97 14.86
C LEU E 182 -17.33 -92.39 13.63
N VAL E 183 -17.94 -91.43 12.95
CA VAL E 183 -18.49 -91.62 11.61
C VAL E 183 -17.65 -90.73 10.68
N PRO E 184 -16.53 -91.22 10.10
CA PRO E 184 -15.76 -90.41 9.18
C PRO E 184 -16.56 -90.19 7.90
N VAL E 185 -16.44 -89.01 7.32
CA VAL E 185 -16.99 -88.69 6.02
C VAL E 185 -15.85 -88.60 5.03
N ILE E 186 -15.83 -89.49 4.05
CA ILE E 186 -14.89 -89.42 2.91
C ILE E 186 -15.64 -89.62 1.60
N HIS E 187 -15.19 -88.98 0.52
CA HIS E 187 -15.92 -88.94 -0.74
C HIS E 187 -17.38 -88.46 -0.55
N GLY E 188 -17.60 -87.60 0.44
CA GLY E 188 -18.93 -87.11 0.82
C GLY E 188 -19.90 -88.16 1.39
N GLU E 189 -19.45 -89.34 1.80
CA GLU E 189 -20.28 -90.38 2.42
C GLU E 189 -19.89 -90.70 3.87
N GLN E 190 -20.87 -90.71 4.78
CA GLN E 190 -20.74 -91.14 6.17
C GLN E 190 -20.51 -92.66 6.29
N LYS E 191 -19.31 -93.10 6.66
CA LYS E 191 -18.97 -94.52 6.78
C LYS E 191 -19.23 -95.02 8.21
N THR E 192 -19.97 -96.11 8.38
CA THR E 192 -20.32 -96.66 9.70
C THR E 192 -19.26 -97.58 10.28
N LYS E 193 -18.37 -98.15 9.47
CA LYS E 193 -17.52 -99.28 9.89
C LYS E 193 -16.60 -99.03 11.10
N PRO E 194 -16.02 -97.86 11.36
CA PRO E 194 -15.25 -97.67 12.58
C PRO E 194 -16.11 -97.83 13.84
N THR E 195 -17.39 -97.44 13.80
CA THR E 195 -18.34 -97.74 14.88
C THR E 195 -18.63 -99.23 15.00
N GLN E 196 -18.76 -99.98 13.91
CA GLN E 196 -18.93 -101.44 13.98
C GLN E 196 -17.71 -102.12 14.61
N ALA E 197 -16.50 -101.85 14.14
CA ALA E 197 -15.26 -102.42 14.70
C ALA E 197 -15.00 -102.02 16.16
N ALA E 198 -15.31 -100.79 16.57
CA ALA E 198 -15.17 -100.37 17.97
C ALA E 198 -16.29 -100.89 18.88
N ILE E 199 -17.47 -101.21 18.36
CA ILE E 199 -18.53 -101.87 19.13
C ILE E 199 -18.26 -103.36 19.25
N LYS E 200 -17.73 -104.01 18.21
CA LYS E 200 -17.12 -105.34 18.31
C LYS E 200 -16.07 -105.39 19.41
N GLY E 201 -15.13 -104.43 19.45
CA GLY E 201 -14.19 -104.28 20.56
C GLY E 201 -14.90 -104.13 21.90
N LEU E 202 -15.89 -103.26 22.03
CA LEU E 202 -16.61 -103.02 23.28
C LEU E 202 -17.27 -104.30 23.80
N ARG E 203 -18.06 -105.01 22.99
CA ARG E 203 -18.73 -106.22 23.45
C ARG E 203 -17.73 -107.34 23.78
N SER E 204 -16.56 -107.38 23.15
CA SER E 204 -15.51 -108.35 23.50
C SER E 204 -15.12 -108.24 24.97
N LEU E 205 -14.92 -107.03 25.48
CA LEU E 205 -14.58 -106.77 26.88
C LEU E 205 -15.81 -106.78 27.82
N GLY E 206 -17.02 -106.74 27.26
CA GLY E 206 -18.26 -107.21 27.89
C GLY E 206 -19.25 -106.13 28.31
N LEU E 207 -18.87 -104.87 28.17
CA LEU E 207 -19.77 -103.73 28.30
C LEU E 207 -20.73 -103.73 27.11
N VAL E 208 -21.98 -103.30 27.31
CA VAL E 208 -22.97 -103.10 26.23
C VAL E 208 -23.49 -101.68 26.27
N PRO E 209 -23.51 -100.96 25.13
CA PRO E 209 -23.89 -99.56 25.12
C PRO E 209 -25.40 -99.42 25.10
N ASP E 210 -25.92 -98.59 26.00
CA ASP E 210 -27.32 -98.21 26.03
C ASP E 210 -27.60 -97.03 25.10
N MET E 211 -26.56 -96.29 24.74
CA MET E 211 -26.55 -95.29 23.69
C MET E 211 -25.26 -95.34 22.91
N ILE E 212 -25.31 -94.93 21.66
CA ILE E 212 -24.13 -94.57 20.89
C ILE E 212 -24.22 -93.07 20.61
N ALA E 213 -23.11 -92.35 20.64
CA ALA E 213 -23.07 -90.95 20.31
C ALA E 213 -21.97 -90.66 19.29
N CYS E 214 -22.29 -90.06 18.16
CA CYS E 214 -21.32 -89.97 17.07
C CYS E 214 -20.61 -88.62 16.98
N ARG E 215 -19.28 -88.63 16.93
CA ARG E 215 -18.50 -87.58 16.29
C ARG E 215 -18.67 -87.71 14.80
N CYS E 216 -19.21 -86.69 14.17
CA CYS E 216 -19.36 -86.65 12.73
C CYS E 216 -19.21 -85.20 12.24
N SER E 217 -18.69 -85.02 11.03
CA SER E 217 -18.59 -83.72 10.38
C SER E 217 -19.95 -83.15 9.97
N GLU E 218 -21.02 -83.94 10.03
CA GLU E 218 -22.34 -83.63 9.48
C GLU E 218 -23.48 -83.97 10.45
N THR E 219 -24.71 -83.58 10.13
CA THR E 219 -25.86 -84.29 10.70
C THR E 219 -25.86 -85.72 10.17
N LEU E 220 -25.93 -86.74 11.03
CA LEU E 220 -26.04 -88.13 10.57
C LEU E 220 -27.24 -88.29 9.64
N ASP E 221 -27.04 -88.91 8.49
CA ASP E 221 -28.13 -89.29 7.63
C ASP E 221 -29.03 -90.32 8.32
N LYS E 222 -30.33 -90.28 8.03
CA LYS E 222 -31.32 -91.28 8.43
C LYS E 222 -30.84 -92.72 8.21
N PRO E 223 -30.28 -93.11 7.04
CA PRO E 223 -29.66 -94.41 6.84
C PRO E 223 -28.42 -94.68 7.70
N THR E 224 -27.61 -93.69 8.06
CA THR E 224 -26.44 -93.91 8.93
C THR E 224 -26.88 -94.31 10.33
N ILE E 225 -27.88 -93.66 10.89
CA ILE E 225 -28.50 -94.07 12.16
C ILE E 225 -29.03 -95.48 12.07
N ASP E 226 -29.73 -95.84 11.00
CA ASP E 226 -30.26 -97.19 10.82
C ASP E 226 -29.15 -98.24 10.69
N LYS E 227 -28.06 -97.95 9.95
CA LYS E 227 -26.95 -98.89 9.76
C LYS E 227 -26.02 -98.99 10.98
N ILE E 228 -26.00 -98.02 11.89
CA ILE E 228 -25.42 -98.21 13.24
C ILE E 228 -26.37 -99.04 14.13
N ALA E 229 -27.65 -98.70 14.22
CA ALA E 229 -28.58 -99.44 15.07
C ALA E 229 -28.84 -100.89 14.62
N MET E 230 -28.67 -101.22 13.33
CA MET E 230 -28.69 -102.60 12.82
C MET E 230 -27.47 -103.41 13.24
N PHE E 231 -26.46 -102.78 13.82
CA PHE E 231 -25.17 -103.38 14.20
C PHE E 231 -24.81 -103.26 15.67
N CYS E 232 -25.69 -102.66 16.48
CA CYS E 232 -25.53 -102.45 17.91
C CYS E 232 -26.87 -102.64 18.63
N HIS E 233 -26.85 -102.89 19.92
CA HIS E 233 -28.07 -103.25 20.67
C HIS E 233 -28.89 -102.04 21.16
N VAL E 234 -28.98 -101.00 20.33
CA VAL E 234 -29.66 -99.72 20.61
C VAL E 234 -30.81 -99.50 19.63
N GLY E 235 -31.90 -98.86 20.03
CA GLY E 235 -32.90 -98.39 19.07
C GLY E 235 -32.35 -97.26 18.21
N PRO E 236 -32.93 -96.94 17.05
CA PRO E 236 -32.45 -95.85 16.21
C PRO E 236 -32.55 -94.46 16.88
N GLU E 237 -33.40 -94.32 17.89
CA GLU E 237 -33.57 -93.10 18.69
C GLU E 237 -32.49 -92.91 19.77
N GLN E 238 -31.61 -93.89 20.02
CA GLN E 238 -30.44 -93.80 20.90
C GLN E 238 -29.10 -93.76 20.17
N VAL E 239 -29.09 -93.48 18.86
CA VAL E 239 -27.88 -93.04 18.17
C VAL E 239 -27.86 -91.51 18.18
N VAL E 240 -27.34 -90.95 19.27
CA VAL E 240 -27.18 -89.51 19.52
C VAL E 240 -26.11 -88.93 18.59
N ASN E 241 -26.17 -87.63 18.33
CA ASN E 241 -25.23 -86.97 17.43
C ASN E 241 -24.88 -85.55 17.90
N VAL E 242 -23.64 -85.36 18.39
CA VAL E 242 -23.11 -84.06 18.79
C VAL E 242 -22.52 -83.35 17.57
N HIS E 243 -23.37 -82.79 16.71
CA HIS E 243 -22.95 -82.07 15.50
C HIS E 243 -22.49 -80.64 15.81
N ASP E 244 -22.00 -79.93 14.80
CA ASP E 244 -21.66 -78.51 14.90
C ASP E 244 -22.85 -77.69 15.44
N VAL E 245 -22.58 -76.85 16.45
CA VAL E 245 -23.55 -75.98 17.13
C VAL E 245 -22.94 -74.61 17.38
N ASN E 246 -23.77 -73.60 17.66
CA ASN E 246 -23.30 -72.20 17.74
C ASN E 246 -22.21 -72.01 18.80
N SER E 247 -22.30 -72.73 19.94
CA SER E 247 -21.24 -72.79 20.94
C SER E 247 -21.40 -74.00 21.83
N THR E 248 -20.34 -74.38 22.54
CA THR E 248 -20.29 -75.58 23.38
C THR E 248 -21.36 -75.60 24.48
N TYR E 249 -21.81 -74.44 24.95
CA TYR E 249 -22.86 -74.35 25.95
C TYR E 249 -24.25 -74.76 25.42
N HIS E 250 -24.41 -74.90 24.11
CA HIS E 250 -25.65 -75.43 23.52
C HIS E 250 -25.76 -76.96 23.60
N VAL E 251 -24.66 -77.69 23.76
CA VAL E 251 -24.69 -79.16 23.70
C VAL E 251 -25.71 -79.79 24.64
N PRO E 252 -25.90 -79.40 25.91
CA PRO E 252 -26.94 -80.03 26.70
C PRO E 252 -28.36 -79.77 26.17
N LEU E 253 -28.63 -78.63 25.53
CA LEU E 253 -29.91 -78.48 24.84
C LEU E 253 -29.98 -79.36 23.59
N LEU E 254 -28.90 -79.53 22.82
CA LEU E 254 -28.87 -80.47 21.70
C LEU E 254 -29.18 -81.90 22.14
N LEU E 255 -28.54 -82.39 23.20
CA LEU E 255 -28.78 -83.73 23.75
C LEU E 255 -30.24 -83.86 24.23
N LEU E 256 -30.77 -82.87 24.94
CA LEU E 256 -32.15 -82.89 25.40
C LEU E 256 -33.15 -82.85 24.24
N GLU E 257 -32.90 -82.13 23.16
CA GLU E 257 -33.77 -82.09 21.99
C GLU E 257 -33.67 -83.37 21.14
N GLN E 258 -32.53 -84.07 21.15
CA GLN E 258 -32.39 -85.44 20.63
C GLN E 258 -33.00 -86.50 21.57
N LYS E 259 -33.83 -86.11 22.53
CA LYS E 259 -34.53 -86.99 23.50
C LYS E 259 -33.57 -87.90 24.27
N MET E 260 -32.36 -87.44 24.52
CA MET E 260 -31.34 -88.24 25.19
C MET E 260 -31.78 -88.56 26.63
N ILE E 261 -32.27 -87.58 27.37
CA ILE E 261 -32.73 -87.77 28.76
C ILE E 261 -34.07 -88.49 28.85
N ASP E 262 -34.97 -88.33 27.88
CA ASP E 262 -36.24 -89.02 27.90
C ASP E 262 -36.07 -90.55 27.80
N TYR E 263 -34.93 -91.02 27.30
CA TYR E 263 -34.49 -92.40 27.45
C TYR E 263 -33.83 -92.65 28.81
N LEU E 264 -32.82 -91.89 29.24
CA LEU E 264 -32.14 -92.15 30.52
C LEU E 264 -33.08 -92.15 31.72
N HIS E 265 -34.11 -91.31 31.72
CA HIS E 265 -35.18 -91.34 32.71
C HIS E 265 -35.80 -92.74 32.86
N ALA E 266 -36.10 -93.42 31.75
CA ALA E 266 -36.65 -94.77 31.76
C ALA E 266 -35.57 -95.84 31.99
N ARG E 267 -34.41 -95.72 31.31
CA ARG E 267 -33.32 -96.70 31.33
C ARG E 267 -32.63 -96.81 32.69
N LEU E 268 -32.60 -95.74 33.48
CA LEU E 268 -32.15 -95.70 34.86
C LEU E 268 -33.31 -95.61 35.86
N LYS E 269 -34.55 -95.72 35.38
CA LYS E 269 -35.80 -95.72 36.16
C LYS E 269 -35.82 -94.64 37.25
N LEU E 270 -35.53 -93.40 36.87
CA LEU E 270 -35.26 -92.28 37.79
C LEU E 270 -36.49 -91.75 38.57
N ASP E 271 -37.70 -92.23 38.27
CA ASP E 271 -38.82 -92.09 39.21
C ASP E 271 -38.54 -92.70 40.60
N GLU E 272 -37.57 -93.61 40.71
CA GLU E 272 -37.19 -94.24 41.98
C GLU E 272 -36.34 -93.33 42.89
N ILE E 273 -35.88 -92.15 42.46
CA ILE E 273 -35.25 -91.17 43.36
C ILE E 273 -36.34 -90.32 44.00
N THR E 274 -37.26 -84.76 46.56
CA THR E 274 -37.89 -83.74 47.41
C THR E 274 -38.23 -82.48 46.61
N GLU E 275 -39.17 -81.66 47.07
CA GLU E 275 -39.60 -80.44 46.39
C GLU E 275 -38.44 -79.48 46.09
N GLU E 276 -37.44 -79.39 46.99
CA GLU E 276 -36.24 -78.60 46.75
C GLU E 276 -35.49 -79.05 45.47
N GLU E 277 -35.34 -80.36 45.23
CA GLU E 277 -34.71 -80.88 44.03
C GLU E 277 -35.54 -80.58 42.78
N LYS E 278 -36.85 -80.78 42.85
CA LYS E 278 -37.76 -80.52 41.72
C LYS E 278 -37.71 -79.06 41.33
N GLN E 279 -37.73 -78.14 42.29
CA GLN E 279 -37.57 -76.71 42.05
C GLN E 279 -36.19 -76.38 41.47
N ARG E 280 -35.10 -76.83 42.10
CA ARG E 280 -33.75 -76.58 41.59
C ARG E 280 -33.51 -77.16 40.19
N GLY E 281 -34.25 -78.18 39.79
CA GLY E 281 -34.28 -78.66 38.41
C GLY E 281 -34.87 -77.64 37.46
N LEU E 282 -36.08 -77.13 37.74
CA LEU E 282 -36.72 -76.12 36.89
C LEU E 282 -35.91 -74.82 36.84
N GLU E 283 -35.36 -74.38 37.96
CA GLU E 283 -34.47 -73.22 37.99
C GLU E 283 -33.23 -73.42 37.14
N LEU E 284 -32.61 -74.61 37.12
CA LEU E 284 -31.44 -74.85 36.27
C LEU E 284 -31.81 -74.76 34.79
N LEU E 285 -32.96 -75.28 34.39
CA LEU E 285 -33.45 -75.08 33.03
C LEU E 285 -33.70 -73.60 32.72
N SER E 286 -34.32 -72.83 33.61
CA SER E 286 -34.56 -71.40 33.37
C SER E 286 -33.26 -70.64 33.18
N LYS E 287 -32.26 -70.93 34.02
CA LYS E 287 -30.92 -70.33 33.93
C LYS E 287 -30.17 -70.77 32.68
N TRP E 288 -30.42 -71.99 32.19
CA TRP E 288 -29.88 -72.40 30.90
C TRP E 288 -30.54 -71.64 29.76
N LYS E 289 -31.86 -71.50 29.76
CA LYS E 289 -32.57 -70.68 28.77
C LYS E 289 -32.07 -69.23 28.78
N ALA E 290 -31.78 -68.66 29.94
CA ALA E 290 -31.16 -67.34 30.07
C ALA E 290 -29.77 -67.23 29.43
N THR E 291 -28.79 -68.06 29.79
CA THR E 291 -27.45 -68.01 29.16
C THR E 291 -27.52 -68.33 27.67
N THR E 292 -28.42 -69.20 27.25
CA THR E 292 -28.64 -69.45 25.83
C THR E 292 -29.23 -68.22 25.13
N GLY E 293 -30.24 -67.58 25.72
CA GLY E 293 -30.82 -66.34 25.19
C GLY E 293 -29.78 -65.25 25.06
N ASN E 294 -28.93 -65.06 26.08
CA ASN E 294 -27.81 -64.14 26.05
C ASN E 294 -26.78 -64.42 24.94
N PHE E 295 -26.78 -65.58 24.28
CA PHE E 295 -25.95 -65.84 23.11
C PHE E 295 -26.67 -65.40 21.84
N ASP E 296 -27.93 -65.77 21.66
CA ASP E 296 -28.75 -65.32 20.51
C ASP E 296 -28.92 -63.79 20.50
N GLU E 297 -29.26 -63.22 21.66
CA GLU E 297 -29.45 -61.78 21.91
C GLU E 297 -28.12 -61.02 22.05
N GLU E 298 -23.25 -57.59 19.75
CA GLU E 298 -22.01 -56.79 19.64
C GLU E 298 -20.78 -57.48 20.25
N THR E 299 -19.60 -57.32 19.64
CA THR E 299 -18.33 -57.92 20.10
C THR E 299 -17.62 -57.13 21.18
N VAL E 300 -16.94 -57.83 22.09
CA VAL E 300 -15.91 -57.32 23.00
C VAL E 300 -14.58 -57.96 22.62
N LYS E 301 -13.53 -57.18 22.33
CA LYS E 301 -12.21 -57.70 21.94
C LYS E 301 -11.29 -57.64 23.15
N ILE E 302 -10.67 -58.73 23.58
CA ILE E 302 -9.76 -58.76 24.74
C ILE E 302 -8.40 -59.29 24.33
N ALA E 303 -7.31 -58.60 24.61
CA ALA E 303 -5.98 -59.14 24.39
C ALA E 303 -5.57 -59.95 25.61
N LEU E 304 -5.32 -61.23 25.46
CA LEU E 304 -4.74 -62.07 26.50
C LEU E 304 -3.26 -62.20 26.19
N VAL E 305 -2.42 -61.67 27.07
CA VAL E 305 -1.00 -61.46 26.85
C VAL E 305 -0.20 -62.34 27.80
N GLY E 306 0.55 -63.30 27.29
CA GLY E 306 1.32 -64.18 28.16
C GLY E 306 2.38 -64.97 27.43
N LYS E 307 3.09 -65.84 28.15
CA LYS E 307 4.04 -66.78 27.55
C LYS E 307 3.31 -67.82 26.70
N TYR E 308 3.89 -68.16 25.56
CA TYR E 308 3.54 -69.36 24.75
C TYR E 308 2.03 -69.55 24.53
N THR E 309 1.31 -68.47 24.24
CA THR E 309 -0.12 -68.47 23.91
C THR E 309 -0.50 -69.34 22.72
N ASN E 310 0.46 -69.79 21.92
CA ASN E 310 0.29 -70.83 20.90
C ASN E 310 -0.29 -72.13 21.49
N LEU E 311 0.07 -72.46 22.74
CA LEU E 311 -0.34 -73.65 23.48
C LEU E 311 -1.68 -73.38 24.18
N LYS E 312 -2.74 -73.23 23.40
CA LYS E 312 -4.02 -72.65 23.85
C LYS E 312 -4.73 -73.42 24.99
N ASP E 313 -4.54 -74.73 25.11
CA ASP E 313 -5.03 -75.48 26.28
C ASP E 313 -4.36 -75.06 27.59
N SER E 314 -3.17 -74.48 27.55
CA SER E 314 -2.45 -74.02 28.73
C SER E 314 -3.14 -72.85 29.43
N TYR E 315 -4.10 -72.19 28.77
CA TYR E 315 -4.93 -71.12 29.31
C TYR E 315 -6.42 -71.48 29.34
N LEU E 316 -6.78 -72.77 29.29
CA LEU E 316 -8.17 -73.19 29.12
C LEU E 316 -9.13 -72.57 30.14
N SER E 317 -8.80 -72.55 31.43
CA SER E 317 -9.72 -72.04 32.44
C SER E 317 -10.00 -70.56 32.25
N VAL E 318 -8.97 -69.79 31.88
CA VAL E 318 -9.08 -68.37 31.59
C VAL E 318 -10.07 -68.14 30.47
N ILE E 319 -9.98 -68.91 29.36
CA ILE E 319 -10.93 -68.78 28.26
C ILE E 319 -12.35 -69.03 28.74
N LYS E 320 -12.59 -70.12 29.46
CA LYS E 320 -13.94 -70.44 29.94
C LYS E 320 -14.47 -69.39 30.90
N ALA E 321 -13.65 -68.80 31.76
CA ALA E 321 -14.06 -67.72 32.64
C ALA E 321 -14.48 -66.45 31.89
N LEU E 322 -13.82 -66.13 30.77
CA LEU E 322 -14.23 -65.06 29.88
C LEU E 322 -15.53 -65.40 29.13
N GLU E 323 -15.74 -66.65 28.71
CA GLU E 323 -16.97 -67.07 28.07
C GLU E 323 -18.18 -66.95 29.01
N HIS E 324 -18.08 -67.43 30.26
CA HIS E 324 -19.20 -67.40 31.20
C HIS E 324 -19.66 -65.98 31.47
N SER E 325 -18.71 -65.08 31.65
CA SER E 325 -18.97 -63.66 31.87
C SER E 325 -19.52 -62.98 30.62
N SER E 326 -19.00 -63.28 29.43
CA SER E 326 -19.48 -62.67 28.19
C SER E 326 -20.94 -62.97 27.89
N MET E 327 -21.46 -64.13 28.28
CA MET E 327 -22.89 -64.43 28.18
C MET E 327 -23.73 -63.64 29.18
N LYS E 328 -23.17 -63.18 30.30
CA LYS E 328 -23.92 -62.29 31.19
C LYS E 328 -24.05 -60.91 30.55
N CYS E 329 -22.97 -60.38 29.96
CA CYS E 329 -22.95 -59.11 29.23
C CYS E 329 -23.66 -59.11 27.85
N ARG E 330 -24.24 -60.24 27.42
CA ARG E 330 -24.86 -60.43 26.11
C ARG E 330 -23.93 -60.14 24.92
N ARG E 331 -22.61 -60.13 25.09
CA ARG E 331 -21.66 -59.67 24.08
C ARG E 331 -20.75 -60.80 23.63
N LYS E 332 -20.42 -60.81 22.34
CA LYS E 332 -19.62 -61.84 21.71
C LYS E 332 -18.16 -61.68 22.07
N LEU E 333 -17.50 -62.73 22.52
CA LEU E 333 -16.12 -62.67 22.98
C LEU E 333 -15.15 -62.92 21.83
N ASP E 334 -14.14 -62.08 21.71
CA ASP E 334 -13.07 -62.22 20.72
C ASP E 334 -11.71 -62.09 21.39
N ILE E 335 -11.15 -63.19 21.88
CA ILE E 335 -9.82 -63.19 22.50
C ILE E 335 -8.76 -63.03 21.41
N LYS E 336 -7.94 -61.98 21.49
CA LYS E 336 -6.71 -61.89 20.72
C LYS E 336 -5.60 -62.55 21.52
N TRP E 337 -4.93 -63.54 20.95
CA TRP E 337 -3.80 -64.22 21.56
C TRP E 337 -2.49 -63.50 21.23
N VAL E 338 -1.83 -62.96 22.23
CA VAL E 338 -0.56 -62.26 22.10
C VAL E 338 0.55 -63.03 22.79
N GLU E 339 1.62 -63.39 22.09
CA GLU E 339 2.84 -63.82 22.77
C GLU E 339 3.48 -62.61 23.42
N ALA E 340 3.63 -62.63 24.74
CA ALA E 340 4.17 -61.51 25.48
C ALA E 340 5.57 -61.09 25.00
N THR E 341 6.43 -62.04 24.66
CA THR E 341 7.77 -61.71 24.19
C THR E 341 7.80 -60.98 22.85
N ASP E 342 6.77 -61.09 22.02
CA ASP E 342 6.70 -60.34 20.76
C ASP E 342 6.41 -58.85 20.95
N LEU E 343 6.02 -58.41 22.14
CA LEU E 343 5.87 -56.99 22.45
C LEU E 343 7.20 -56.30 22.72
N GLU E 344 8.26 -57.05 23.00
CA GLU E 344 9.51 -56.47 23.50
C GLU E 344 10.22 -55.56 22.49
N PRO E 345 10.89 -54.48 22.93
CA PRO E 345 11.72 -53.65 22.05
C PRO E 345 12.84 -54.40 21.31
N GLU E 346 13.30 -55.54 21.85
CA GLU E 346 14.26 -56.43 21.19
C GLU E 346 13.63 -57.23 20.03
N ALA E 347 12.35 -57.59 20.14
CA ALA E 347 11.68 -58.36 19.10
C ALA E 347 11.60 -57.57 17.78
N GLN E 348 11.61 -56.24 17.85
CA GLN E 348 11.52 -55.37 16.68
C GLN E 348 12.66 -55.57 15.66
N GLU E 349 13.89 -55.83 16.11
CA GLU E 349 14.98 -56.18 15.18
C GLU E 349 15.05 -57.70 14.91
N SER E 350 14.64 -58.53 15.87
CA SER E 350 14.76 -59.99 15.76
C SER E 350 13.73 -60.61 14.83
N ASN E 351 12.46 -60.22 14.94
CA ASN E 351 11.32 -60.83 14.27
C ASN E 351 10.20 -59.80 14.01
N LYS E 352 10.53 -58.74 13.28
CA LYS E 352 9.72 -57.52 13.18
C LYS E 352 8.25 -57.76 12.83
N THR E 353 7.96 -58.69 11.93
CA THR E 353 6.59 -58.94 11.44
C THR E 353 5.65 -59.34 12.57
N LYS E 354 6.05 -60.30 13.40
CA LYS E 354 5.23 -60.77 14.52
C LYS E 354 5.10 -59.72 15.61
N PHE E 355 6.13 -58.89 15.80
CA PHE E 355 6.08 -57.76 16.72
C PHE E 355 4.99 -56.75 16.34
N HIS E 356 4.82 -56.42 15.06
CA HIS E 356 3.69 -55.58 14.63
C HIS E 356 2.34 -56.26 14.84
N GLU E 357 2.23 -57.56 14.57
CA GLU E 357 0.97 -58.27 14.83
C GLU E 357 0.60 -58.24 16.31
N ALA E 358 1.56 -58.45 17.19
CA ALA E 358 1.37 -58.38 18.63
C ALA E 358 0.91 -57.00 19.08
N TRP E 359 1.57 -55.95 18.62
CA TRP E 359 1.20 -54.59 18.99
C TRP E 359 -0.12 -54.13 18.39
N ASN E 360 -0.49 -54.56 17.19
CA ASN E 360 -1.83 -54.27 16.68
C ASN E 360 -2.90 -54.87 17.58
N MET E 361 -2.74 -56.12 18.04
CA MET E 361 -3.69 -56.75 18.95
C MET E 361 -3.82 -55.93 20.23
N VAL E 362 -2.70 -55.56 20.87
CA VAL E 362 -2.72 -54.76 22.11
C VAL E 362 -3.41 -53.42 21.90
N SER E 363 -3.15 -52.75 20.79
CA SER E 363 -3.74 -51.46 20.42
C SER E 363 -5.21 -51.53 20.06
N THR E 364 -5.68 -52.65 19.52
CA THR E 364 -7.08 -52.85 19.12
C THR E 364 -7.98 -53.14 20.32
N ALA E 365 -7.48 -53.89 21.30
CA ALA E 365 -8.34 -54.53 22.29
C ALA E 365 -9.11 -53.55 23.19
N ASP E 366 -10.35 -53.88 23.51
CA ASP E 366 -11.19 -53.18 24.46
C ASP E 366 -10.84 -53.48 25.92
N GLY E 367 -10.05 -54.50 26.17
CA GLY E 367 -9.53 -54.85 27.48
C GLY E 367 -8.22 -55.60 27.37
N ILE E 368 -7.39 -55.55 28.41
CA ILE E 368 -6.13 -56.30 28.49
C ILE E 368 -6.22 -57.29 29.65
N LEU E 369 -5.62 -58.45 29.49
CA LEU E 369 -5.63 -59.54 30.44
C LEU E 369 -4.26 -60.17 30.49
N ILE E 370 -3.62 -60.14 31.64
CA ILE E 370 -2.36 -60.84 31.89
C ILE E 370 -2.70 -62.07 32.74
N PRO E 371 -2.53 -63.30 32.25
CA PRO E 371 -3.34 -64.45 32.66
C PRO E 371 -2.74 -65.33 33.78
N GLY E 372 -1.64 -64.93 34.40
CA GLY E 372 -0.94 -65.76 35.38
C GLY E 372 -0.06 -66.82 34.75
N GLY E 373 0.86 -66.37 33.91
CA GLY E 373 1.79 -67.23 33.17
C GLY E 373 2.74 -68.06 34.03
N PHE E 374 3.44 -68.97 33.37
CA PHE E 374 4.43 -69.87 33.97
C PHE E 374 5.86 -69.42 33.62
N GLY E 375 6.71 -69.24 34.62
CA GLY E 375 8.08 -68.79 34.47
C GLY E 375 8.28 -67.33 34.04
N VAL E 376 9.52 -66.90 33.85
CA VAL E 376 9.87 -65.47 33.74
C VAL E 376 9.82 -64.90 32.32
N ARG E 377 9.98 -65.73 31.27
CA ARG E 377 10.30 -65.29 29.89
C ARG E 377 9.47 -64.12 29.36
N GLY E 378 8.14 -64.18 29.48
CA GLY E 378 7.25 -63.16 28.92
C GLY E 378 7.24 -61.80 29.64
N THR E 379 7.89 -61.69 30.80
CA THR E 379 7.69 -60.58 31.73
C THR E 379 7.87 -59.22 31.08
N GLU E 380 8.92 -59.02 30.29
CA GLU E 380 9.25 -57.68 29.77
C GLU E 380 8.15 -57.11 28.86
N GLY E 381 7.52 -57.94 28.04
CA GLY E 381 6.38 -57.51 27.24
C GLY E 381 5.12 -57.30 28.07
N MET E 382 4.85 -58.16 29.03
CA MET E 382 3.71 -58.03 29.93
C MET E 382 3.75 -56.74 30.74
N VAL E 383 4.93 -56.21 31.06
CA VAL E 383 5.08 -54.88 31.66
C VAL E 383 4.53 -53.80 30.74
N LEU E 384 4.91 -53.78 29.47
CA LEU E 384 4.47 -52.81 28.48
C LEU E 384 2.96 -52.92 28.19
N ALA E 385 2.39 -54.12 28.23
CA ALA E 385 0.94 -54.29 28.17
C ALA E 385 0.22 -53.72 29.41
N ALA E 386 0.78 -53.84 30.60
CA ALA E 386 0.20 -53.24 31.80
C ALA E 386 0.30 -51.70 31.80
N ARG E 387 1.41 -51.14 31.29
CA ARG E 387 1.67 -49.70 31.08
C ARG E 387 0.67 -49.11 30.09
N TRP E 388 0.43 -49.82 29.01
CA TRP E 388 -0.54 -49.44 27.99
C TRP E 388 -1.96 -49.26 28.55
N ALA E 389 -2.38 -50.11 29.49
CA ALA E 389 -3.67 -50.00 30.14
C ALA E 389 -3.69 -49.11 31.40
N ARG E 390 -2.55 -48.85 32.04
CA ARG E 390 -2.49 -47.88 33.14
C ARG E 390 -2.69 -46.48 32.60
N GLU E 391 -1.95 -46.12 31.56
CA GLU E 391 -1.86 -44.73 31.07
C GLU E 391 -3.10 -44.35 30.28
N ASN E 392 -3.33 -45.01 29.16
CA ASN E 392 -4.59 -44.95 28.43
C ASN E 392 -5.62 -45.75 29.22
N HIS E 393 -6.83 -45.25 29.47
CA HIS E 393 -7.81 -45.88 30.36
C HIS E 393 -8.48 -47.19 29.85
N ILE E 394 -7.70 -48.14 29.31
CA ILE E 394 -8.15 -49.47 28.89
C ILE E 394 -8.49 -50.32 30.13
N PRO E 395 -9.63 -51.03 30.19
CA PRO E 395 -9.89 -52.03 31.21
C PRO E 395 -8.82 -53.13 31.29
N PHE E 396 -8.48 -53.59 32.48
CA PHE E 396 -7.40 -54.54 32.72
C PHE E 396 -7.74 -55.53 33.83
N LEU E 397 -7.31 -56.78 33.69
CA LEU E 397 -7.21 -57.73 34.79
C LEU E 397 -5.86 -58.42 34.77
N GLY E 398 -5.17 -58.41 35.91
CA GLY E 398 -3.97 -59.21 36.11
C GLY E 398 -4.25 -60.36 37.05
N VAL E 399 -3.92 -61.58 36.64
CA VAL E 399 -4.10 -62.79 37.45
C VAL E 399 -2.74 -63.32 37.87
N CYS E 400 -2.49 -63.50 39.16
CA CYS E 400 -1.24 -64.02 39.74
C CYS E 400 0.01 -63.28 39.25
N LEU E 401 0.80 -63.83 38.34
CA LEU E 401 1.89 -63.09 37.68
C LEU E 401 1.42 -61.76 37.07
N GLY E 402 0.15 -61.63 36.73
CA GLY E 402 -0.44 -60.38 36.30
C GLY E 402 -0.53 -59.35 37.41
N LEU E 403 -0.83 -59.70 38.67
CA LEU E 403 -0.73 -58.75 39.78
C LEU E 403 0.73 -58.38 40.02
N GLN E 404 1.60 -59.38 39.97
CA GLN E 404 3.03 -59.18 40.10
C GLN E 404 3.49 -58.15 39.07
N ILE E 405 3.05 -58.27 37.82
CA ILE E 405 3.42 -57.36 36.73
C ILE E 405 2.67 -56.03 36.76
N ALA E 406 1.43 -55.97 37.25
CA ALA E 406 0.77 -54.71 37.55
C ALA E 406 1.55 -53.92 38.61
N THR E 407 2.12 -54.59 39.61
CA THR E 407 2.89 -53.93 40.65
C THR E 407 4.30 -53.58 40.19
N ILE E 408 5.01 -54.47 39.47
CA ILE E 408 6.28 -54.14 38.83
C ILE E 408 6.10 -52.94 37.91
N GLU E 409 5.04 -52.86 37.09
CA GLU E 409 4.88 -51.74 36.17
C GLU E 409 4.60 -50.44 36.93
N PHE E 410 3.64 -50.44 37.85
CA PHE E 410 3.34 -49.26 38.63
C PHE E 410 4.56 -48.76 39.42
N THR E 411 5.38 -49.67 39.94
CA THR E 411 6.69 -49.33 40.51
C THR E 411 7.60 -48.71 39.45
N ARG E 412 7.81 -49.40 38.32
CA ARG E 412 8.74 -49.04 37.23
C ARG E 412 8.37 -47.76 36.46
N SER E 413 7.18 -47.21 36.64
CA SER E 413 6.70 -46.05 35.88
C SER E 413 6.09 -44.94 36.72
N VAL E 414 5.46 -45.24 37.86
CA VAL E 414 4.85 -44.23 38.73
C VAL E 414 5.81 -43.83 39.85
N LEU E 415 6.58 -44.77 40.43
CA LEU E 415 7.61 -44.48 41.44
C LEU E 415 9.01 -44.22 40.85
N GLY E 416 9.17 -44.21 39.52
CA GLY E 416 10.48 -44.30 38.87
C GLY E 416 11.04 -45.72 38.99
N ARG E 417 12.08 -45.93 39.82
CA ARG E 417 12.63 -47.25 40.22
C ARG E 417 12.82 -48.24 39.07
N LYS E 418 13.43 -47.79 37.97
CA LYS E 418 13.50 -48.54 36.68
C LYS E 418 14.23 -49.89 36.76
N ASP E 419 15.07 -50.10 37.77
CA ASP E 419 15.77 -51.37 38.04
C ASP E 419 14.87 -52.46 38.68
N SER E 420 13.67 -52.15 39.16
CA SER E 420 12.84 -53.11 39.91
C SER E 420 12.33 -54.27 39.04
N HIS E 421 12.20 -55.45 39.64
CA HIS E 421 11.99 -56.74 38.95
C HIS E 421 11.36 -57.74 39.92
N SER E 422 10.85 -58.86 39.41
CA SER E 422 10.41 -60.00 40.24
C SER E 422 11.56 -60.54 41.12
N ALA E 423 11.21 -61.12 42.28
CA ALA E 423 12.16 -61.84 43.12
C ALA E 423 12.89 -62.98 42.41
N GLU E 424 12.37 -63.44 41.27
CA GLU E 424 13.03 -64.36 40.37
C GLU E 424 14.46 -63.92 39.96
N PHE E 425 14.70 -62.61 39.76
CA PHE E 425 16.05 -62.05 39.54
C PHE E 425 16.77 -61.84 40.89
N TYR E 426 16.98 -62.96 41.58
CA TYR E 426 17.43 -63.02 42.97
C TYR E 426 18.67 -62.16 43.30
N PRO E 427 19.78 -62.18 42.55
CA PRO E 427 21.02 -61.52 42.97
C PRO E 427 21.03 -59.99 42.87
N ASP E 428 19.97 -59.35 42.38
CA ASP E 428 19.82 -57.89 42.48
C ASP E 428 19.50 -57.42 43.90
N ILE E 429 18.90 -58.29 44.73
CA ILE E 429 18.57 -58.10 46.16
C ILE E 429 17.74 -56.83 46.46
N ASP E 430 18.34 -55.64 46.48
CA ASP E 430 17.74 -54.40 46.98
C ASP E 430 16.49 -53.96 46.21
N GLU E 431 16.40 -54.30 44.92
CA GLU E 431 15.33 -53.88 43.99
C GLU E 431 14.28 -54.98 43.67
N LYS E 432 14.33 -56.12 44.38
CA LYS E 432 13.31 -57.17 44.26
C LYS E 432 11.95 -56.62 44.68
N ASN E 433 10.97 -56.69 43.79
CA ASN E 433 9.59 -56.22 44.01
C ASN E 433 8.75 -57.19 44.87
N HIS E 434 9.24 -58.39 45.12
CA HIS E 434 8.51 -59.50 45.75
C HIS E 434 9.33 -60.18 46.87
N VAL E 435 8.69 -61.02 47.67
CA VAL E 435 9.30 -61.83 48.72
C VAL E 435 8.77 -63.27 48.65
N VAL E 436 9.62 -64.24 48.95
CA VAL E 436 9.26 -65.65 49.08
C VAL E 436 8.27 -65.86 50.23
N VAL E 437 7.28 -66.73 49.99
CA VAL E 437 6.31 -67.16 50.99
C VAL E 437 5.84 -68.60 50.69
N PHE E 438 6.66 -69.59 51.05
CA PHE E 438 6.40 -71.01 50.73
C PHE E 438 5.29 -71.68 51.58
N MET E 439 4.98 -71.15 52.77
CA MET E 439 4.09 -71.78 53.77
C MET E 439 4.38 -73.26 54.01
N MET E 440 4.63 -73.81 48.41
CA MET E 440 3.65 -73.06 47.64
C MET E 440 2.33 -72.86 48.41
N ARG E 441 1.76 -71.66 48.37
CA ARG E 441 0.39 -71.40 48.86
C ARG E 441 -0.59 -71.96 47.84
N LEU E 442 -1.51 -72.82 48.29
CA LEU E 442 -2.44 -73.58 47.45
C LEU E 442 -3.86 -73.61 48.03
N GLY E 443 -4.82 -74.01 47.20
CA GLY E 443 -6.19 -74.32 47.63
C GLY E 443 -7.04 -73.13 48.03
N LEU E 444 -8.27 -73.41 48.45
CA LEU E 444 -9.24 -72.39 48.82
C LEU E 444 -8.82 -71.73 50.12
N ARG E 445 -8.45 -70.46 50.05
CA ARG E 445 -8.19 -69.60 51.22
C ARG E 445 -9.09 -68.36 51.17
N PRO E 446 -9.48 -67.77 52.31
CA PRO E 446 -10.28 -66.55 52.32
C PRO E 446 -9.47 -65.32 51.83
N THR E 447 -10.16 -64.23 51.52
CA THR E 447 -9.58 -62.89 51.36
C THR E 447 -10.59 -61.84 51.83
N PHE E 448 -10.13 -60.84 52.57
CA PHE E 448 -10.96 -59.89 53.30
C PHE E 448 -10.74 -58.48 52.74
N PHE E 449 -11.81 -57.76 52.43
CA PHE E 449 -11.69 -56.38 51.94
C PHE E 449 -11.19 -55.44 53.03
N GLN E 450 -10.35 -54.47 52.67
CA GLN E 450 -9.89 -53.44 53.60
C GLN E 450 -11.05 -52.47 53.91
N ASN E 451 -11.36 -52.25 55.19
CA ASN E 451 -12.70 -51.81 55.62
C ASN E 451 -13.16 -50.41 55.15
N GLU E 452 -12.28 -49.59 54.60
CA GLU E 452 -12.56 -48.23 54.10
C GLU E 452 -12.91 -48.18 52.60
N THR E 453 -12.61 -49.24 51.82
CA THR E 453 -12.58 -49.17 50.35
C THR E 453 -13.96 -49.26 49.68
N GLU E 454 -14.94 -48.48 50.15
CA GLU E 454 -16.32 -48.44 49.65
C GLU E 454 -16.43 -47.95 48.20
N TRP E 455 -15.42 -47.25 47.70
CA TRP E 455 -15.33 -46.75 46.33
C TRP E 455 -15.09 -47.84 45.28
N SER E 456 -14.54 -48.99 45.69
CA SER E 456 -13.99 -50.02 44.82
C SER E 456 -14.99 -50.58 43.83
N GLN E 457 -14.60 -50.69 42.56
CA GLN E 457 -15.42 -51.35 41.54
C GLN E 457 -15.49 -52.87 41.80
N ILE E 458 -14.38 -53.51 42.16
CA ILE E 458 -14.37 -54.96 42.36
C ILE E 458 -15.16 -55.38 43.58
N LYS E 459 -15.03 -54.72 44.73
CA LYS E 459 -15.81 -55.11 45.91
C LYS E 459 -17.30 -54.79 45.80
N LYS E 460 -17.70 -53.95 44.82
CA LYS E 460 -19.09 -53.80 44.42
C LYS E 460 -19.58 -55.03 43.67
N LEU E 461 -18.82 -55.58 42.71
CA LEU E 461 -19.20 -56.80 41.98
C LEU E 461 -19.42 -58.01 42.91
N TYR E 462 -18.62 -58.15 43.97
CA TYR E 462 -18.82 -59.15 45.02
C TYR E 462 -20.04 -58.90 45.93
N GLY E 463 -20.92 -57.96 45.62
CA GLY E 463 -22.20 -57.77 46.29
C GLY E 463 -22.12 -57.12 47.67
N ASP E 464 -21.04 -56.39 47.95
CA ASP E 464 -20.74 -55.81 49.28
C ASP E 464 -20.57 -56.85 50.42
N VAL E 465 -20.34 -58.13 50.08
CA VAL E 465 -20.00 -59.17 51.06
C VAL E 465 -18.65 -58.88 51.70
N SER E 466 -18.48 -59.20 52.99
CA SER E 466 -17.30 -58.89 53.80
C SER E 466 -16.01 -59.62 53.39
N GLU E 467 -16.12 -60.82 52.80
CA GLU E 467 -14.99 -61.63 52.38
C GLU E 467 -15.34 -62.53 51.20
N VAL E 468 -14.32 -63.05 50.54
CA VAL E 468 -14.39 -63.95 49.39
C VAL E 468 -13.53 -65.19 49.64
N HIS E 469 -13.72 -66.29 48.91
CA HIS E 469 -12.87 -67.47 49.03
C HIS E 469 -12.39 -67.94 47.66
N GLU E 470 -11.09 -68.20 47.49
CA GLU E 470 -10.47 -68.32 46.15
C GLU E 470 -9.29 -69.30 46.11
N ARG E 471 -8.96 -69.83 44.93
CA ARG E 471 -7.81 -70.74 44.73
C ARG E 471 -6.49 -70.00 44.48
N HIS E 472 -5.38 -70.52 44.97
CA HIS E 472 -4.05 -69.91 44.87
C HIS E 472 -3.03 -70.92 44.33
N ARG E 473 -1.89 -70.47 43.75
CA ARG E 473 -0.78 -71.32 43.30
C ARG E 473 0.60 -70.62 43.34
N HIS E 474 0.85 -69.71 44.29
CA HIS E 474 1.97 -68.77 44.27
C HIS E 474 3.06 -69.06 45.32
N ARG E 475 4.32 -68.88 44.94
CA ARG E 475 5.52 -68.90 45.84
C ARG E 475 6.06 -67.51 46.19
N TYR E 476 5.63 -66.47 45.48
CA TYR E 476 6.03 -65.08 45.68
C TYR E 476 4.81 -64.19 46.02
N GLU E 477 5.02 -63.17 46.84
CA GLU E 477 4.06 -62.09 47.09
C GLU E 477 4.76 -60.73 47.02
N ILE E 478 4.03 -59.64 46.82
CA ILE E 478 4.61 -58.29 46.78
C ILE E 478 5.23 -57.97 48.15
N ASN E 479 6.44 -57.40 48.16
CA ASN E 479 7.20 -57.17 49.40
C ASN E 479 6.44 -56.20 50.33
N PRO E 480 6.00 -56.61 51.53
CA PRO E 480 5.18 -55.77 52.42
C PRO E 480 5.81 -54.42 52.74
N LYS E 481 7.14 -54.34 52.75
CA LYS E 481 7.91 -53.12 52.98
C LYS E 481 7.50 -51.98 52.02
N MET E 482 7.19 -52.32 50.77
CA MET E 482 6.82 -51.35 49.74
C MET E 482 5.34 -50.97 49.74
N VAL E 483 4.46 -51.76 50.34
CA VAL E 483 3.01 -51.65 50.12
C VAL E 483 2.43 -50.32 50.58
N ASP E 484 2.97 -49.70 51.63
CA ASP E 484 2.54 -48.36 52.02
C ASP E 484 2.79 -47.32 50.92
N GLU E 485 3.92 -47.43 50.23
CA GLU E 485 4.29 -46.52 49.14
C GLU E 485 3.33 -46.66 47.96
N LEU E 486 2.98 -47.89 47.61
CA LEU E 486 2.01 -48.21 46.57
C LEU E 486 0.59 -47.77 46.96
N GLU E 487 0.15 -48.01 48.20
CA GLU E 487 -1.15 -47.54 48.69
C GLU E 487 -1.24 -46.01 48.70
N ASN E 488 -0.19 -45.30 49.14
CA ASN E 488 -0.11 -43.84 49.16
C ASN E 488 -0.09 -43.23 47.75
N ASN E 489 0.51 -43.90 46.76
CA ASN E 489 0.51 -43.47 45.36
C ASN E 489 -0.75 -43.85 44.58
N GLY E 490 -1.62 -44.70 45.12
CA GLY E 490 -2.96 -44.99 44.58
C GLY E 490 -3.18 -46.40 44.07
N LEU E 491 -2.18 -47.26 44.07
CA LEU E 491 -2.30 -48.69 43.76
C LEU E 491 -2.87 -49.43 44.99
N ILE E 492 -4.10 -49.11 45.39
CA ILE E 492 -4.66 -49.51 46.68
C ILE E 492 -4.92 -51.02 46.71
N PHE E 493 -4.32 -51.73 47.66
CA PHE E 493 -4.55 -53.16 47.88
C PHE E 493 -5.87 -53.43 48.58
N VAL E 494 -6.97 -53.41 47.83
CA VAL E 494 -8.35 -53.49 48.36
C VAL E 494 -8.71 -54.82 49.05
N GLY E 495 -7.88 -55.85 48.94
CA GLY E 495 -8.08 -57.11 49.65
C GLY E 495 -6.78 -57.74 50.13
N LYS E 496 -6.79 -58.25 51.35
CA LYS E 496 -5.65 -58.95 51.96
C LYS E 496 -6.13 -60.21 52.68
N ASP E 497 -5.18 -61.01 53.13
CA ASP E 497 -5.44 -62.26 53.84
C ASP E 497 -5.90 -62.04 55.28
N ASP E 498 -6.12 -63.15 55.99
CA ASP E 498 -6.43 -63.17 57.42
C ASP E 498 -5.43 -62.37 58.29
N THR E 499 -4.13 -62.46 58.04
CA THR E 499 -3.10 -61.74 58.82
C THR E 499 -2.99 -60.26 58.44
N GLY E 500 -3.41 -59.88 57.24
CA GLY E 500 -3.18 -58.54 56.67
C GLY E 500 -1.76 -58.31 56.14
N LYS E 501 -0.90 -59.33 56.15
CA LYS E 501 0.46 -59.26 55.63
C LYS E 501 0.55 -59.52 54.12
N ARG E 502 -0.41 -60.24 53.53
CA ARG E 502 -0.35 -60.76 52.16
C ARG E 502 -1.21 -59.96 51.18
N CYS E 503 -0.65 -59.62 50.02
CA CYS E 503 -1.29 -58.85 48.95
C CYS E 503 -2.21 -59.72 48.06
N GLU E 504 -3.52 -59.74 48.30
CA GLU E 504 -4.43 -60.65 47.59
C GLU E 504 -5.16 -60.00 46.40
N ILE E 505 -5.52 -58.72 46.48
CA ILE E 505 -6.16 -57.95 45.40
C ILE E 505 -5.53 -56.56 45.33
N LEU E 506 -5.38 -55.96 44.14
CA LEU E 506 -5.20 -54.52 44.01
C LEU E 506 -6.23 -53.90 43.07
N GLU E 507 -6.59 -52.65 43.32
CA GLU E 507 -7.32 -51.80 42.40
C GLU E 507 -6.62 -50.44 42.34
N LEU E 508 -6.34 -49.94 41.15
CA LEU E 508 -5.79 -48.60 40.98
C LEU E 508 -6.92 -47.58 41.16
N LYS E 509 -6.81 -46.72 42.16
CA LYS E 509 -7.77 -45.66 42.49
C LYS E 509 -8.00 -44.74 41.28
N ASN E 510 -9.27 -44.45 40.97
CA ASN E 510 -9.70 -43.55 39.88
C ASN E 510 -9.15 -43.95 38.49
N HIS E 511 -9.39 -45.22 38.12
CA HIS E 511 -9.28 -45.76 36.75
C HIS E 511 -10.56 -46.55 36.43
N PRO E 512 -11.09 -46.56 35.20
CA PRO E 512 -12.37 -47.22 34.90
C PRO E 512 -12.49 -48.69 35.28
N TYR E 513 -11.42 -49.47 35.15
CA TYR E 513 -11.32 -50.85 35.64
C TYR E 513 -9.88 -51.36 35.53
N TYR E 514 -9.10 -51.27 36.58
CA TYR E 514 -7.74 -51.79 36.60
C TYR E 514 -7.54 -52.57 37.88
N ILE E 515 -7.73 -53.87 37.76
CA ILE E 515 -7.73 -54.83 38.86
C ILE E 515 -6.57 -55.79 38.67
N ALA E 516 -5.99 -56.26 39.76
CA ALA E 516 -5.32 -57.55 39.70
C ALA E 516 -5.65 -58.38 40.94
N THR E 517 -5.50 -59.69 40.83
CA THR E 517 -5.70 -60.69 41.88
C THR E 517 -4.46 -61.57 42.00
N GLN E 518 -3.99 -61.84 43.20
CA GLN E 518 -2.90 -62.81 43.37
C GLN E 518 -3.41 -64.24 43.16
N TYR E 519 -4.64 -64.52 43.56
CA TYR E 519 -5.34 -65.76 43.26
C TYR E 519 -5.68 -65.89 41.76
N HIS E 520 -6.06 -67.11 41.37
CA HIS E 520 -6.58 -67.47 40.06
C HIS E 520 -8.12 -67.59 40.08
N PRO E 521 -8.89 -66.52 39.78
CA PRO E 521 -10.36 -66.54 39.84
C PRO E 521 -11.04 -67.43 38.81
N GLU E 522 -10.37 -67.74 37.71
CA GLU E 522 -10.85 -68.66 36.68
C GLU E 522 -11.04 -70.10 37.17
N TYR E 523 -10.46 -70.47 38.31
CA TYR E 523 -10.71 -71.77 38.93
C TYR E 523 -11.97 -71.79 39.80
N THR E 524 -12.79 -70.73 39.83
CA THR E 524 -14.14 -70.79 40.41
C THR E 524 -15.22 -70.14 39.56
N SER E 525 -14.92 -69.77 38.31
CA SER E 525 -15.96 -69.34 37.37
C SER E 525 -16.91 -70.49 37.03
N LYS E 526 -18.23 -70.25 37.09
CA LYS E 526 -19.29 -71.20 36.71
C LYS E 526 -20.22 -70.58 35.68
N VAL E 527 -20.89 -71.39 34.87
CA VAL E 527 -21.66 -70.88 33.72
C VAL E 527 -22.84 -70.02 34.14
N LEU E 528 -23.49 -70.29 35.28
CA LEU E 528 -24.58 -69.45 35.80
C LEU E 528 -24.12 -68.39 36.82
N ASP E 529 -22.90 -68.52 37.37
CA ASP E 529 -22.29 -67.60 38.34
C ASP E 529 -20.86 -67.28 37.90
N PRO E 530 -20.63 -66.27 37.03
CA PRO E 530 -19.32 -65.98 36.48
C PRO E 530 -18.37 -65.41 37.53
N SER E 531 -17.07 -65.69 37.46
CA SER E 531 -16.13 -65.22 38.48
C SER E 531 -15.98 -63.71 38.38
N LYS E 532 -16.22 -63.00 39.49
CA LYS E 532 -16.40 -61.55 39.51
C LYS E 532 -15.26 -60.72 38.91
N PRO E 533 -13.96 -61.01 39.10
CA PRO E 533 -12.88 -60.25 38.47
C PRO E 533 -12.90 -60.32 36.94
N PHE E 534 -13.33 -61.45 36.37
CA PHE E 534 -13.52 -61.60 34.92
C PHE E 534 -14.81 -60.97 34.43
N LEU E 535 -15.89 -60.98 35.22
CA LEU E 535 -17.11 -60.27 34.85
C LEU E 535 -16.85 -58.77 34.72
N GLY E 536 -16.14 -58.18 35.67
CA GLY E 536 -15.75 -56.78 35.60
C GLY E 536 -14.90 -56.44 34.38
N LEU E 537 -13.93 -57.28 34.01
CA LEU E 537 -13.12 -57.06 32.82
C LEU E 537 -13.96 -57.04 31.55
N VAL E 538 -14.88 -57.99 31.36
CA VAL E 538 -15.74 -57.97 30.18
C VAL E 538 -16.69 -56.79 30.24
N ALA E 539 -17.37 -56.57 31.36
CA ALA E 539 -18.36 -55.50 31.47
C ALA E 539 -17.74 -54.11 31.25
N ALA E 540 -16.55 -53.84 31.75
CA ALA E 540 -15.87 -52.58 31.49
C ALA E 540 -15.36 -52.50 30.05
N SER E 541 -14.92 -53.60 29.44
CA SER E 541 -14.57 -53.63 28.01
C SER E 541 -15.77 -53.31 27.13
N ALA E 542 -16.96 -53.76 27.53
CA ALA E 542 -18.25 -53.40 26.94
C ALA E 542 -18.74 -51.99 27.31
N GLY E 543 -18.09 -51.31 28.25
CA GLY E 543 -18.48 -49.98 28.72
C GLY E 543 -19.78 -49.96 29.51
N ILE E 544 -20.16 -51.10 30.11
CA ILE E 544 -21.45 -51.33 30.78
C ILE E 544 -21.33 -51.68 32.26
N LEU E 545 -20.12 -51.58 32.83
CA LEU E 545 -19.76 -52.05 34.18
C LEU E 545 -20.72 -51.55 35.25
N GLN E 546 -21.09 -50.27 35.22
CA GLN E 546 -22.04 -49.69 36.17
C GLN E 546 -23.36 -50.47 36.23
N ASP E 547 -23.90 -50.82 35.06
CA ASP E 547 -25.23 -51.37 34.93
C ASP E 547 -25.26 -52.87 35.28
N VAL E 548 -24.14 -53.56 35.07
CA VAL E 548 -23.92 -54.93 35.56
C VAL E 548 -23.88 -54.96 37.08
N ILE E 549 -23.21 -53.98 37.72
CA ILE E 549 -23.19 -53.87 39.18
C ILE E 549 -24.58 -53.52 39.72
N GLU E 550 -25.28 -52.60 39.07
CA GLU E 550 -26.65 -52.20 39.43
C GLU E 550 -27.71 -53.28 39.17
N GLY E 551 -27.40 -54.29 38.35
CA GLY E 551 -28.22 -55.51 38.19
C GLY E 551 -29.03 -55.64 36.90
N LYS E 552 -28.70 -54.89 35.85
CA LYS E 552 -29.39 -54.92 34.54
C LYS E 552 -29.17 -56.21 33.72
N TYR E 553 -28.49 -57.21 34.27
CA TYR E 553 -28.06 -58.42 33.55
C TYR E 553 -28.11 -59.71 34.37
N ASP E 554 -28.71 -59.74 35.56
CA ASP E 554 -29.05 -60.99 36.24
C ASP E 554 -30.09 -61.81 35.45
N LEU E 555 -30.04 -63.14 35.57
CA LEU E 555 -30.75 -64.08 34.68
C LEU E 555 -32.26 -64.16 34.89
N GLU E 556 -32.72 -64.04 36.14
CA GLU E 556 -34.14 -64.04 36.51
C GLU E 556 -34.45 -62.81 37.39
N ALA E 557 -35.62 -62.19 37.22
CA ALA E 557 -35.99 -60.97 37.94
C ALA E 557 -36.02 -61.16 39.46
N MET F 1 7.33 -116.78 -10.93
CA MET F 1 6.45 -115.60 -10.99
C MET F 1 6.55 -114.77 -9.71
N LYS F 2 6.21 -113.48 -9.76
CA LYS F 2 6.08 -112.58 -8.61
C LYS F 2 4.64 -112.10 -8.46
N TYR F 3 4.21 -111.67 -7.28
CA TYR F 3 2.84 -111.22 -6.99
C TYR F 3 2.82 -110.05 -6.00
N VAL F 4 1.86 -109.13 -6.11
CA VAL F 4 1.69 -108.00 -5.18
C VAL F 4 0.23 -107.91 -4.75
N VAL F 5 -0.09 -108.19 -3.51
CA VAL F 5 -1.43 -107.89 -2.99
C VAL F 5 -1.58 -106.41 -2.71
N VAL F 6 -2.73 -105.85 -3.02
CA VAL F 6 -3.22 -104.57 -2.51
C VAL F 6 -4.51 -104.84 -1.76
N SER F 7 -4.61 -104.41 -0.51
CA SER F 7 -5.74 -104.76 0.38
C SER F 7 -6.01 -103.68 1.41
N GLY F 8 -7.03 -103.83 2.25
CA GLY F 8 -7.00 -103.24 3.60
C GLY F 8 -7.97 -102.13 3.97
N GLY F 9 -7.70 -101.54 5.13
CA GLY F 9 -8.33 -100.33 5.67
C GLY F 9 -9.41 -100.57 6.74
N VAL F 10 -9.83 -99.51 7.45
CA VAL F 10 -11.05 -99.51 8.28
C VAL F 10 -12.33 -99.12 7.53
N ILE F 11 -12.25 -98.76 6.26
CA ILE F 11 -13.39 -98.32 5.43
C ILE F 11 -13.24 -98.86 4.02
N SER F 12 -14.36 -99.20 3.38
CA SER F 12 -14.40 -99.35 1.93
C SER F 12 -14.37 -97.96 1.26
N GLY F 13 -13.77 -97.82 0.09
CA GLY F 13 -13.66 -96.54 -0.62
C GLY F 13 -12.38 -95.73 -0.31
N ILE F 14 -11.40 -96.36 0.35
CA ILE F 14 -10.16 -95.72 0.81
C ILE F 14 -9.17 -95.32 -0.29
N GLY F 15 -9.18 -95.98 -1.45
CA GLY F 15 -8.26 -95.66 -2.55
C GLY F 15 -7.53 -96.82 -3.25
N LYS F 16 -7.92 -98.07 -3.03
CA LYS F 16 -7.15 -99.27 -3.50
C LYS F 16 -6.80 -99.22 -4.99
N GLY F 17 -7.77 -99.25 -5.91
CA GLY F 17 -7.52 -99.33 -7.38
C GLY F 17 -6.44 -98.39 -7.90
N VAL F 18 -6.37 -97.13 -7.47
CA VAL F 18 -5.36 -96.13 -7.93
C VAL F 18 -4.00 -96.55 -7.35
N LEU F 19 -3.97 -97.17 -6.17
CA LEU F 19 -2.70 -97.69 -5.56
C LEU F 19 -2.37 -99.02 -6.23
N ALA F 20 -3.36 -99.69 -6.84
CA ALA F 20 -3.18 -101.03 -7.45
C ALA F 20 -2.66 -100.87 -8.89
N SER F 21 -3.49 -100.44 -9.83
CA SER F 21 -3.07 -100.36 -11.25
C SER F 21 -1.91 -99.36 -11.28
N SER F 22 -2.03 -98.24 -10.57
CA SER F 22 -0.83 -97.35 -10.47
C SER F 22 0.49 -98.04 -10.06
N THR F 23 0.47 -99.01 -9.15
CA THR F 23 1.66 -99.80 -8.76
C THR F 23 2.01 -100.68 -9.96
N GLY F 24 1.01 -101.20 -10.67
CA GLY F 24 1.19 -102.08 -11.86
C GLY F 24 1.71 -101.32 -13.06
N MET F 25 1.41 -100.02 -13.17
CA MET F 25 1.88 -99.16 -14.29
C MET F 25 3.39 -98.98 -14.09
N LEU F 26 3.85 -98.94 -12.84
CA LEU F 26 5.28 -98.75 -12.52
C LEU F 26 6.00 -100.09 -12.65
N MET F 27 5.32 -101.23 -12.45
CA MET F 27 6.00 -102.48 -12.76
C MET F 27 6.38 -102.52 -14.25
N LYS F 28 5.52 -102.04 -15.12
CA LYS F 28 5.81 -101.87 -16.55
C LYS F 28 6.92 -100.89 -16.87
N THR F 29 7.18 -99.88 -16.04
CA THR F 29 8.34 -99.00 -16.20
C THR F 29 9.65 -99.78 -16.13
N LEU F 30 9.69 -100.86 -15.34
CA LEU F 30 10.85 -101.75 -15.24
C LEU F 30 11.00 -102.68 -16.46
N GLY F 31 10.09 -102.60 -17.44
CA GLY F 31 10.02 -103.48 -18.62
C GLY F 31 9.19 -104.75 -18.44
N LEU F 32 8.70 -105.02 -17.23
CA LEU F 32 8.04 -106.27 -16.86
C LEU F 32 6.76 -106.52 -17.68
N LYS F 33 6.46 -107.79 -17.95
CA LYS F 33 5.14 -108.22 -18.39
C LYS F 33 4.21 -108.18 -17.18
N VAL F 34 3.04 -107.57 -17.24
CA VAL F 34 2.22 -107.32 -16.03
C VAL F 34 0.77 -107.70 -16.24
N THR F 35 0.12 -108.16 -15.18
CA THR F 35 -1.28 -108.56 -15.16
C THR F 35 -1.93 -108.12 -13.86
N SER F 36 -3.25 -108.23 -13.76
CA SER F 36 -3.99 -107.82 -12.59
C SER F 36 -5.21 -108.67 -12.35
N ILE F 37 -5.56 -108.97 -11.11
CA ILE F 37 -6.76 -109.71 -10.74
C ILE F 37 -7.51 -108.90 -9.70
N LYS F 38 -8.80 -108.65 -9.86
CA LYS F 38 -9.60 -108.02 -8.80
C LYS F 38 -10.49 -109.05 -8.15
N ILE F 39 -10.28 -109.25 -6.86
CA ILE F 39 -11.04 -110.14 -6.01
C ILE F 39 -12.17 -109.33 -5.41
N ASP F 40 -13.41 -109.63 -5.76
CA ASP F 40 -14.58 -108.94 -5.26
C ASP F 40 -15.32 -109.76 -4.20
N PRO F 41 -15.60 -109.21 -3.02
CA PRO F 41 -16.33 -109.94 -2.01
C PRO F 41 -17.83 -110.09 -2.27
N TYR F 42 -18.42 -109.39 -3.24
CA TYR F 42 -19.84 -109.50 -3.56
C TYR F 42 -20.23 -110.83 -4.20
N MET F 43 -21.49 -111.23 -4.08
CA MET F 43 -21.99 -112.53 -4.53
C MET F 43 -22.55 -112.58 -5.95
N ASN F 44 -22.60 -111.52 -6.74
CA ASN F 44 -22.90 -111.63 -8.16
C ASN F 44 -21.78 -112.37 -8.92
N ILE F 45 -22.12 -113.31 -9.80
CA ILE F 45 -21.11 -113.97 -10.65
C ILE F 45 -20.55 -113.03 -11.72
N ASP F 46 -21.36 -112.10 -12.23
CA ASP F 46 -20.96 -111.11 -13.23
C ASP F 46 -21.87 -109.88 -13.16
N ALA F 47 -21.46 -108.78 -13.80
CA ALA F 47 -22.27 -107.57 -13.86
C ALA F 47 -23.44 -107.65 -14.84
N GLY F 48 -23.66 -108.77 -15.53
CA GLY F 48 -24.74 -108.94 -16.50
C GLY F 48 -26.13 -108.83 -15.89
N THR F 49 -26.28 -109.18 -14.61
CA THR F 49 -27.54 -108.97 -13.87
C THR F 49 -27.63 -107.58 -13.21
N MET F 50 -26.49 -106.90 -13.00
CA MET F 50 -26.41 -105.68 -12.20
C MET F 50 -26.83 -104.44 -13.00
N SER F 51 -27.96 -103.83 -12.66
CA SER F 51 -28.44 -102.63 -13.37
C SER F 51 -27.47 -101.47 -13.19
N PRO F 52 -27.19 -100.64 -14.22
CA PRO F 52 -26.22 -99.54 -14.13
C PRO F 52 -26.47 -98.44 -13.08
N LEU F 53 -27.57 -98.51 -12.33
CA LEU F 53 -27.92 -97.60 -11.24
C LEU F 53 -27.08 -97.81 -9.97
N GLU F 54 -26.73 -99.05 -9.64
CA GLU F 54 -25.88 -99.38 -8.49
C GLU F 54 -24.78 -100.37 -8.89
N HIS F 55 -23.60 -100.17 -8.33
CA HIS F 55 -22.31 -100.70 -8.83
C HIS F 55 -21.88 -100.15 -10.20
N GLY F 56 -22.68 -99.30 -10.85
CA GLY F 56 -22.26 -98.55 -12.02
C GLY F 56 -22.13 -99.37 -13.31
N GLU F 57 -21.31 -98.86 -14.22
CA GLU F 57 -21.25 -99.30 -15.61
C GLU F 57 -20.75 -100.74 -15.78
N CYS F 58 -21.48 -101.56 -16.54
CA CYS F 58 -21.05 -102.91 -16.91
C CYS F 58 -19.89 -102.85 -17.91
N PHE F 59 -18.66 -102.72 -17.43
CA PHE F 59 -17.49 -102.67 -18.30
C PHE F 59 -17.40 -103.90 -19.20
N VAL F 60 -17.06 -103.71 -20.47
CA VAL F 60 -16.96 -104.84 -21.39
C VAL F 60 -15.63 -105.25 -22.04
N LEU F 61 -15.35 -106.53 -21.85
CA LEU F 61 -14.09 -107.13 -22.25
C LEU F 61 -13.93 -107.32 -23.75
N ASP F 62 -12.70 -107.58 -24.16
CA ASP F 62 -12.38 -108.22 -25.44
C ASP F 62 -13.20 -109.51 -25.60
N ASP F 63 -13.24 -110.35 -24.57
CA ASP F 63 -14.06 -111.58 -24.51
C ASP F 63 -15.57 -111.34 -24.26
N GLY F 64 -16.03 -110.10 -24.17
CA GLY F 64 -17.47 -109.76 -24.15
C GLY F 64 -18.23 -110.07 -22.87
N GLY F 65 -17.56 -110.53 -21.82
CA GLY F 65 -18.18 -110.66 -20.51
C GLY F 65 -18.48 -109.30 -19.89
N GLU F 66 -19.62 -109.17 -19.22
CA GLU F 66 -19.96 -107.97 -18.45
C GLU F 66 -19.33 -108.04 -17.06
N THR F 67 -18.11 -107.51 -16.91
CA THR F 67 -17.27 -107.59 -15.68
C THR F 67 -17.59 -106.55 -14.62
N ASP F 68 -16.94 -106.68 -13.46
CA ASP F 68 -16.75 -105.58 -12.54
C ASP F 68 -16.25 -104.31 -13.25
N LEU F 69 -16.82 -103.14 -12.93
CA LEU F 69 -16.44 -101.83 -13.55
C LEU F 69 -14.96 -101.55 -13.31
N ASP F 70 -14.43 -101.85 -12.12
CA ASP F 70 -13.04 -101.48 -11.76
C ASP F 70 -12.03 -102.13 -12.70
N LEU F 71 -12.34 -103.27 -13.35
CA LEU F 71 -11.30 -103.95 -14.18
C LEU F 71 -10.81 -102.93 -15.20
N GLY F 72 -11.69 -102.06 -15.67
CA GLY F 72 -11.31 -101.06 -16.69
C GLY F 72 -10.12 -100.24 -16.24
N ASN F 73 -10.06 -99.87 -14.96
CA ASN F 73 -8.98 -99.01 -14.43
C ASN F 73 -7.62 -99.70 -14.68
N TYR F 74 -7.58 -101.03 -14.84
CA TYR F 74 -6.33 -101.80 -15.06
C TYR F 74 -6.02 -101.96 -16.54
N GLU F 75 -7.00 -101.78 -17.41
CA GLU F 75 -6.79 -101.96 -18.87
C GLU F 75 -6.32 -100.60 -19.41
N ARG F 76 -6.53 -99.52 -18.65
CA ARG F 76 -6.05 -98.16 -19.01
C ARG F 76 -4.63 -98.02 -18.42
N TYR F 77 -4.49 -98.08 -17.10
CA TYR F 77 -3.15 -98.01 -16.42
C TYR F 77 -2.04 -98.94 -17.00
N LEU F 78 -2.30 -100.20 -17.37
CA LEU F 78 -1.27 -101.20 -17.77
C LEU F 78 -1.20 -101.34 -19.30
N GLY F 79 -2.31 -101.20 -20.00
CA GLY F 79 -2.35 -101.47 -21.43
C GLY F 79 -2.38 -102.97 -21.69
N VAL F 80 -3.39 -103.65 -21.13
CA VAL F 80 -3.59 -105.11 -21.19
C VAL F 80 -5.03 -105.45 -21.54
N THR F 81 -5.25 -106.56 -22.24
CA THR F 81 -6.56 -107.17 -22.45
C THR F 81 -6.77 -108.27 -21.40
N LEU F 82 -7.61 -108.01 -20.41
CA LEU F 82 -7.99 -108.99 -19.39
C LEU F 82 -9.06 -109.95 -19.92
N THR F 83 -9.55 -110.87 -19.10
CA THR F 83 -10.56 -111.88 -19.45
C THR F 83 -11.62 -112.00 -18.35
N LYS F 84 -12.72 -112.70 -18.59
CA LYS F 84 -13.79 -112.90 -17.61
C LYS F 84 -13.31 -113.56 -16.31
N ASP F 85 -12.20 -114.30 -16.37
CA ASP F 85 -11.60 -114.96 -15.21
C ASP F 85 -10.78 -114.01 -14.31
N HIS F 86 -10.32 -112.86 -14.78
CA HIS F 86 -9.57 -111.91 -13.95
C HIS F 86 -10.40 -111.17 -12.90
N ASN F 87 -11.71 -111.33 -12.93
CA ASN F 87 -12.59 -110.83 -11.89
C ASN F 87 -13.09 -111.99 -11.05
N ILE F 88 -12.33 -112.37 -10.04
CA ILE F 88 -12.76 -113.34 -9.03
C ILE F 88 -13.89 -112.70 -8.22
N THR F 89 -14.97 -113.40 -7.94
CA THR F 89 -16.02 -112.90 -7.04
C THR F 89 -16.47 -114.00 -6.10
N THR F 90 -17.04 -113.64 -4.96
CA THR F 90 -17.52 -114.63 -3.99
C THR F 90 -18.59 -115.54 -4.60
N GLY F 91 -19.48 -115.01 -5.43
CA GLY F 91 -20.46 -115.85 -6.12
C GLY F 91 -19.84 -116.75 -7.18
N LYS F 92 -18.76 -116.32 -7.82
CA LYS F 92 -18.08 -117.09 -8.86
C LYS F 92 -17.34 -118.28 -8.26
N ILE F 93 -16.65 -118.10 -7.13
CA ILE F 93 -15.88 -119.18 -6.53
C ILE F 93 -16.73 -120.14 -5.72
N TYR F 94 -17.77 -119.72 -5.00
CA TYR F 94 -18.70 -120.70 -4.45
C TYR F 94 -19.38 -121.53 -5.54
N SER F 95 -19.74 -120.96 -6.69
CA SER F 95 -20.31 -121.72 -7.81
C SER F 95 -19.34 -122.75 -8.37
N HIS F 96 -18.07 -122.41 -8.51
CA HIS F 96 -17.07 -123.31 -9.07
C HIS F 96 -16.78 -124.51 -8.16
N VAL F 97 -16.61 -124.29 -6.87
CA VAL F 97 -16.46 -125.39 -5.91
C VAL F 97 -17.75 -126.21 -5.76
N ILE F 98 -18.93 -125.59 -5.73
CA ILE F 98 -20.19 -126.34 -5.71
C ILE F 98 -20.40 -127.13 -6.99
N ALA F 99 -19.93 -126.69 -8.16
CA ALA F 99 -20.01 -127.52 -9.37
C ALA F 99 -19.17 -128.80 -9.23
N LYS F 100 -17.92 -128.65 -8.78
CA LYS F 100 -17.03 -129.79 -8.51
C LYS F 100 -17.59 -130.72 -7.42
N GLU F 101 -18.34 -130.22 -6.44
CA GLU F 101 -19.03 -131.03 -5.42
C GLU F 101 -20.09 -131.96 -6.01
N ARG F 102 -20.91 -131.50 -6.97
CA ARG F 102 -21.95 -132.33 -7.60
C ARG F 102 -21.43 -133.21 -8.73
N LYS F 103 -20.38 -132.77 -9.43
CA LYS F 103 -19.62 -133.63 -10.34
C LYS F 103 -18.87 -134.73 -9.59
N GLY F 104 -18.56 -134.50 -8.31
CA GLY F 104 -17.90 -135.47 -7.44
C GLY F 104 -16.37 -135.44 -7.52
N ASP F 105 -15.77 -134.34 -7.93
CA ASP F 105 -14.31 -134.21 -8.10
C ASP F 105 -13.54 -134.27 -6.77
N TYR F 106 -14.23 -134.15 -5.64
CA TYR F 106 -13.68 -134.35 -4.30
C TYR F 106 -13.68 -135.81 -3.84
N LEU F 107 -13.92 -136.79 -4.72
CA LEU F 107 -13.80 -138.23 -4.43
C LEU F 107 -14.57 -138.63 -3.16
N GLY F 108 -15.76 -138.06 -2.98
CA GLY F 108 -16.65 -138.34 -1.88
C GLY F 108 -16.18 -137.86 -0.49
N LYS F 109 -15.07 -137.12 -0.37
CA LYS F 109 -14.74 -136.41 0.87
C LYS F 109 -15.83 -135.39 1.17
N THR F 110 -16.00 -134.95 2.42
CA THR F 110 -16.71 -133.69 2.66
C THR F 110 -15.83 -132.52 2.23
N VAL F 111 -16.46 -131.48 1.67
CA VAL F 111 -15.76 -130.32 1.11
C VAL F 111 -16.02 -129.13 2.02
N GLN F 112 -14.96 -128.42 2.35
CA GLN F 112 -14.92 -127.48 3.48
C GLN F 112 -14.43 -126.12 3.04
N ILE F 113 -14.75 -125.04 3.76
CA ILE F 113 -14.21 -123.74 3.37
C ILE F 113 -12.69 -123.73 3.52
N VAL F 114 -12.15 -124.38 4.54
CA VAL F 114 -10.72 -124.68 4.66
C VAL F 114 -10.54 -126.19 4.79
N PRO F 115 -9.71 -126.87 3.98
CA PRO F 115 -8.81 -126.33 2.98
C PRO F 115 -9.38 -126.26 1.56
N HIS F 116 -10.52 -126.88 1.24
CA HIS F 116 -10.91 -127.03 -0.17
C HIS F 116 -11.20 -125.72 -0.89
N LEU F 117 -12.05 -124.84 -0.34
CA LEU F 117 -12.31 -123.56 -0.99
C LEU F 117 -11.10 -122.61 -0.96
N THR F 118 -10.31 -122.59 0.11
CA THR F 118 -9.09 -121.77 0.11
C THR F 118 -8.02 -122.30 -0.84
N ASN F 119 -7.99 -123.60 -1.12
CA ASN F 119 -7.21 -124.14 -2.24
C ASN F 119 -7.77 -123.68 -3.57
N ALA F 120 -9.09 -123.70 -3.77
CA ALA F 120 -9.68 -123.24 -5.03
C ALA F 120 -9.29 -121.81 -5.37
N ILE F 121 -9.34 -120.90 -4.41
CA ILE F 121 -8.93 -119.51 -4.60
C ILE F 121 -7.45 -119.41 -4.98
N GLN F 122 -6.54 -120.11 -4.31
CA GLN F 122 -5.12 -120.12 -4.70
C GLN F 122 -4.91 -120.72 -6.10
N ASP F 123 -5.61 -121.81 -6.41
CA ASP F 123 -5.53 -122.46 -7.71
C ASP F 123 -6.10 -121.57 -8.82
N TRP F 124 -7.07 -120.71 -8.53
CA TRP F 124 -7.58 -119.69 -9.46
C TRP F 124 -6.59 -118.57 -9.68
N ILE F 125 -6.02 -117.97 -8.63
CA ILE F 125 -5.04 -116.89 -8.77
C ILE F 125 -3.83 -117.36 -9.57
N GLU F 126 -3.22 -118.50 -9.24
CA GLU F 126 -2.07 -118.98 -10.01
C GLU F 126 -2.46 -119.49 -11.40
N ARG F 127 -3.72 -119.90 -11.64
CA ARG F 127 -4.19 -120.23 -12.99
C ARG F 127 -4.21 -118.97 -13.83
N VAL F 128 -4.93 -117.96 -13.38
CA VAL F 128 -5.16 -116.73 -14.14
C VAL F 128 -3.88 -115.95 -14.35
N ALA F 129 -2.96 -115.95 -13.39
CA ALA F 129 -1.67 -115.27 -13.51
C ALA F 129 -0.75 -115.84 -14.60
N LYS F 130 -1.04 -117.01 -15.19
CA LYS F 130 -0.36 -117.53 -16.38
C LYS F 130 -0.78 -116.87 -17.69
N ILE F 131 -2.02 -116.38 -17.78
CA ILE F 131 -2.63 -115.93 -19.04
C ILE F 131 -1.85 -114.73 -19.60
N PRO F 132 -1.44 -114.73 -20.90
CA PRO F 132 -0.63 -113.69 -21.49
C PRO F 132 -1.46 -112.48 -21.93
N VAL F 133 -1.78 -111.58 -21.00
CA VAL F 133 -2.64 -110.41 -21.23
C VAL F 133 -1.94 -109.25 -21.97
N ASP F 134 -0.64 -109.36 -22.19
CA ASP F 134 0.28 -108.29 -22.57
C ASP F 134 0.59 -108.25 -24.08
N ASP F 135 1.36 -107.27 -24.54
CA ASP F 135 1.67 -107.01 -25.97
C ASP F 135 2.55 -108.07 -26.66
N THR F 136 2.92 -109.15 -25.98
CA THR F 136 3.46 -110.36 -26.58
C THR F 136 3.03 -111.56 -25.76
N GLY F 137 2.90 -112.73 -26.37
CA GLY F 137 2.24 -113.91 -25.83
C GLY F 137 2.94 -114.62 -24.65
N MET F 138 4.00 -114.05 -24.04
CA MET F 138 4.65 -114.65 -22.88
C MET F 138 3.85 -114.39 -21.59
N GLU F 139 3.86 -115.36 -20.67
CA GLU F 139 3.18 -115.22 -19.37
C GLU F 139 3.70 -114.01 -18.57
N PRO F 140 2.85 -113.30 -17.81
CA PRO F 140 3.26 -112.17 -17.00
C PRO F 140 4.35 -112.48 -15.97
N ASP F 141 5.11 -111.45 -15.58
CA ASP F 141 6.19 -111.54 -14.60
C ASP F 141 5.78 -111.06 -13.22
N VAL F 142 4.82 -110.14 -13.12
CA VAL F 142 4.17 -109.71 -11.88
C VAL F 142 2.67 -109.73 -12.04
N CYS F 143 1.93 -110.18 -11.04
CA CYS F 143 0.48 -110.03 -10.96
C CYS F 143 0.10 -109.12 -9.79
N ILE F 144 -0.69 -108.08 -10.03
CA ILE F 144 -1.24 -107.21 -8.98
C ILE F 144 -2.58 -107.78 -8.55
N ILE F 145 -2.75 -108.21 -7.31
CA ILE F 145 -4.00 -108.78 -6.80
C ILE F 145 -4.67 -107.75 -5.91
N GLU F 146 -5.81 -107.20 -6.30
CA GLU F 146 -6.54 -106.29 -5.44
C GLU F 146 -7.65 -107.02 -4.71
N LEU F 147 -7.57 -107.04 -3.39
CA LEU F 147 -8.58 -107.62 -2.52
C LEU F 147 -9.61 -106.55 -2.16
N GLY F 148 -10.81 -106.62 -2.70
CA GLY F 148 -11.91 -105.74 -2.35
C GLY F 148 -12.47 -105.97 -0.95
N GLY F 149 -13.42 -105.14 -0.55
CA GLY F 149 -13.95 -105.08 0.80
C GLY F 149 -12.92 -104.55 1.81
N THR F 150 -13.06 -104.90 3.08
CA THR F 150 -12.05 -104.64 4.11
C THR F 150 -11.68 -105.91 4.85
N VAL F 151 -10.41 -106.04 5.23
CA VAL F 151 -9.96 -107.16 6.07
C VAL F 151 -10.72 -107.12 7.41
N GLY F 152 -11.29 -108.24 7.83
CA GLY F 152 -12.19 -108.32 8.98
C GLY F 152 -13.68 -108.24 8.66
N ASP F 153 -14.01 -108.19 7.38
CA ASP F 153 -15.42 -108.31 6.93
C ASP F 153 -15.73 -109.82 6.99
N ILE F 154 -16.99 -110.23 7.23
CA ILE F 154 -17.40 -111.67 7.22
C ILE F 154 -17.55 -112.09 5.75
N GLU F 155 -17.39 -111.15 4.81
CA GLU F 155 -17.54 -111.37 3.35
C GLU F 155 -16.16 -111.59 2.72
N SER F 156 -15.11 -111.07 3.35
CA SER F 156 -13.72 -111.12 2.82
C SER F 156 -12.90 -112.15 3.56
N ALA F 157 -13.47 -112.88 4.52
CA ALA F 157 -12.71 -113.84 5.37
C ALA F 157 -12.16 -115.02 4.54
N PRO F 158 -12.88 -115.61 3.56
CA PRO F 158 -12.33 -116.69 2.74
C PRO F 158 -11.08 -116.31 1.94
N PHE F 159 -11.01 -115.07 1.46
CA PHE F 159 -9.90 -114.60 0.65
C PHE F 159 -8.63 -114.27 1.44
N VAL F 160 -8.73 -113.71 2.63
CA VAL F 160 -7.54 -113.52 3.49
C VAL F 160 -6.98 -114.85 4.01
N GLU F 161 -7.81 -115.87 4.21
CA GLU F 161 -7.30 -117.23 4.40
C GLU F 161 -6.56 -117.71 3.15
N ALA F 162 -7.18 -117.62 1.98
CA ALA F 162 -6.56 -118.15 0.78
C ALA F 162 -5.24 -117.44 0.45
N LEU F 163 -5.20 -116.10 0.59
CA LEU F 163 -4.00 -115.33 0.41
C LEU F 163 -2.95 -115.67 1.47
N ARG F 164 -3.29 -115.91 2.76
CA ARG F 164 -2.29 -116.32 3.76
C ARG F 164 -1.59 -117.59 3.32
N GLN F 165 -2.36 -118.62 2.98
CA GLN F 165 -1.82 -119.90 2.51
C GLN F 165 -0.99 -119.67 1.22
N PHE F 166 -1.41 -118.74 0.37
CA PHE F 166 -0.68 -118.36 -0.83
C PHE F 166 0.68 -117.72 -0.54
N GLN F 167 0.91 -117.10 0.61
CA GLN F 167 2.24 -116.62 0.99
C GLN F 167 3.27 -117.74 1.17
N PHE F 168 2.83 -119.00 1.18
CA PHE F 168 3.66 -120.19 1.34
C PHE F 168 3.66 -121.05 0.08
N LYS F 169 2.52 -121.16 -0.60
CA LYS F 169 2.41 -121.87 -1.89
C LYS F 169 3.28 -121.15 -2.95
N VAL F 170 3.20 -119.83 -2.97
CA VAL F 170 4.23 -118.92 -3.50
C VAL F 170 5.22 -118.63 -2.37
N GLY F 171 6.50 -118.41 -2.64
CA GLY F 171 7.45 -118.04 -1.60
C GLY F 171 7.39 -116.58 -1.14
N LYS F 172 7.86 -116.30 0.08
CA LYS F 172 8.39 -114.96 0.41
C LYS F 172 9.58 -114.67 -0.51
N GLU F 173 9.84 -113.40 -0.82
CA GLU F 173 10.66 -112.99 -1.98
C GLU F 173 10.05 -113.35 -3.35
N ASN F 174 8.80 -113.81 -3.41
CA ASN F 174 7.96 -113.79 -4.62
C ASN F 174 6.62 -113.10 -4.38
N PHE F 175 6.08 -113.10 -3.17
CA PHE F 175 4.85 -112.41 -2.79
C PHE F 175 5.15 -111.20 -1.88
N ALA F 176 4.45 -110.08 -2.06
CA ALA F 176 4.47 -108.92 -1.17
C ALA F 176 3.09 -108.28 -1.04
N LEU F 177 2.83 -107.55 0.05
CA LEU F 177 1.52 -106.94 0.31
C LEU F 177 1.64 -105.44 0.61
N ILE F 178 0.78 -104.64 -0.03
CA ILE F 178 0.55 -103.23 0.24
C ILE F 178 -0.79 -103.10 0.97
N HIS F 179 -0.82 -102.54 2.17
CA HIS F 179 -2.06 -102.37 2.93
C HIS F 179 -2.44 -100.90 2.91
N VAL F 180 -3.64 -100.57 2.48
CA VAL F 180 -4.08 -99.19 2.32
C VAL F 180 -4.94 -98.82 3.52
N SER F 181 -4.66 -97.74 4.24
CA SER F 181 -5.26 -97.50 5.57
C SER F 181 -5.54 -96.03 5.85
N LEU F 182 -6.40 -95.74 6.84
CA LEU F 182 -6.92 -94.39 7.04
C LEU F 182 -6.14 -93.64 8.13
N VAL F 183 -5.74 -92.41 7.85
CA VAL F 183 -5.27 -91.47 8.86
C VAL F 183 -6.29 -90.34 8.92
N PRO F 184 -7.36 -90.41 9.72
CA PRO F 184 -8.31 -89.33 9.81
C PRO F 184 -7.66 -88.14 10.47
N VAL F 185 -8.00 -86.95 10.01
CA VAL F 185 -7.61 -85.69 10.63
C VAL F 185 -8.81 -85.09 11.31
N ILE F 186 -8.77 -84.97 12.63
CA ILE F 186 -9.79 -84.25 13.41
C ILE F 186 -9.11 -83.31 14.40
N HIS F 187 -9.73 -82.17 14.71
CA HIS F 187 -9.11 -81.10 15.48
C HIS F 187 -7.74 -80.68 14.91
N GLY F 188 -7.57 -80.79 13.59
CA GLY F 188 -6.32 -80.53 12.89
C GLY F 188 -5.16 -81.49 13.20
N GLU F 189 -5.39 -82.66 13.82
CA GLU F 189 -4.36 -83.67 14.10
C GLU F 189 -4.59 -85.00 13.36
N GLN F 190 -3.55 -85.51 12.70
CA GLN F 190 -3.51 -86.84 12.07
C GLN F 190 -3.50 -87.97 13.12
N LYS F 191 -4.59 -88.72 13.26
CA LYS F 191 -4.68 -89.82 14.24
C LYS F 191 -4.25 -91.14 13.62
N THR F 192 -3.34 -91.87 14.25
CA THR F 192 -2.82 -93.14 13.72
C THR F 192 -3.66 -94.35 14.07
N LYS F 193 -4.52 -94.28 15.10
CA LYS F 193 -5.15 -95.47 15.68
C LYS F 193 -6.00 -96.33 14.74
N PRO F 194 -6.74 -95.83 13.75
CA PRO F 194 -7.44 -96.72 12.83
C PRO F 194 -6.47 -97.60 12.04
N THR F 195 -5.27 -97.11 11.70
CA THR F 195 -4.21 -97.96 11.12
C THR F 195 -3.68 -99.00 12.10
N GLN F 196 -3.51 -98.68 13.39
CA GLN F 196 -3.11 -99.67 14.38
C GLN F 196 -4.16 -100.78 14.53
N ALA F 197 -5.44 -100.45 14.74
CA ALA F 197 -6.53 -101.43 14.86
C ALA F 197 -6.74 -102.27 13.59
N ALA F 198 -6.59 -101.71 12.38
CA ALA F 198 -6.69 -102.47 11.13
C ALA F 198 -5.44 -103.29 10.82
N ILE F 199 -4.28 -102.94 11.33
CA ILE F 199 -3.07 -103.77 11.22
C ILE F 199 -3.10 -104.89 12.24
N LYS F 200 -3.59 -104.65 13.45
CA LYS F 200 -3.97 -105.72 14.40
C LYS F 200 -4.92 -106.72 13.75
N GLY F 201 -5.98 -106.25 13.09
CA GLY F 201 -6.86 -107.11 12.29
C GLY F 201 -6.08 -107.88 11.22
N LEU F 202 -5.24 -107.23 10.43
CA LEU F 202 -4.47 -107.88 9.37
C LEU F 202 -3.59 -109.00 9.89
N ARG F 203 -2.76 -108.76 10.91
CA ARG F 203 -1.88 -109.79 11.45
C ARG F 203 -2.66 -110.93 12.10
N SER F 204 -3.85 -110.68 12.63
CA SER F 204 -4.71 -111.75 13.17
C SER F 204 -4.99 -112.82 12.12
N LEU F 205 -5.36 -112.42 10.90
CA LEU F 205 -5.62 -113.31 9.77
C LEU F 205 -4.34 -113.82 9.07
N GLY F 206 -3.20 -113.18 9.34
CA GLY F 206 -1.87 -113.76 9.17
C GLY F 206 -1.03 -113.18 8.04
N LEU F 207 -1.61 -112.30 7.24
CA LEU F 207 -0.90 -111.50 6.26
C LEU F 207 -0.02 -110.47 7.00
N VAL F 208 1.15 -110.13 6.47
CA VAL F 208 2.01 -109.07 6.99
C VAL F 208 2.30 -108.05 5.90
N PRO F 209 2.13 -106.74 6.14
CA PRO F 209 2.29 -105.74 5.10
C PRO F 209 3.75 -105.41 4.92
N ASP F 210 4.20 -105.42 3.67
CA ASP F 210 5.52 -104.95 3.28
C ASP F 210 5.55 -103.45 3.03
N MET F 211 4.37 -102.87 2.80
CA MET F 211 4.14 -101.43 2.79
C MET F 211 2.82 -101.10 3.45
N ILE F 212 2.72 -99.90 4.00
CA ILE F 212 1.43 -99.30 4.33
C ILE F 212 1.27 -98.08 3.42
N ALA F 213 0.07 -97.81 2.95
CA ALA F 213 -0.22 -96.63 2.15
C ALA F 213 -1.42 -95.88 2.71
N CYS F 214 -1.29 -94.59 3.01
CA CYS F 214 -2.34 -93.90 3.75
C CYS F 214 -3.25 -93.04 2.89
N ARG F 215 -4.56 -93.23 3.02
CA ARG F 215 -5.54 -92.19 2.72
C ARG F 215 -5.46 -91.17 3.82
N CYS F 216 -5.12 -89.94 3.48
CA CYS F 216 -5.10 -88.85 4.41
C CYS F 216 -5.51 -87.55 3.71
N SER F 217 -6.14 -86.63 4.44
CA SER F 217 -6.49 -85.30 3.93
C SER F 217 -5.27 -84.41 3.71
N GLU F 218 -4.08 -84.81 4.16
CA GLU F 218 -2.87 -83.99 4.23
C GLU F 218 -1.63 -84.74 3.74
N THR F 219 -0.50 -84.05 3.60
CA THR F 219 0.79 -84.76 3.65
C THR F 219 0.97 -85.31 5.06
N LEU F 220 1.26 -86.62 5.21
CA LEU F 220 1.55 -87.19 6.53
C LEU F 220 2.70 -86.43 7.20
N ASP F 221 2.50 -86.04 8.45
CA ASP F 221 3.59 -85.48 9.25
C ASP F 221 4.68 -86.53 9.47
N LYS F 222 5.93 -86.08 9.55
CA LYS F 222 7.09 -86.88 9.94
C LYS F 222 6.82 -87.75 11.18
N PRO F 223 6.26 -87.24 12.29
CA PRO F 223 5.83 -88.07 13.42
C PRO F 223 4.72 -89.07 13.11
N THR F 224 3.79 -88.80 12.20
CA THR F 224 2.73 -89.77 11.84
C THR F 224 3.33 -90.99 11.16
N ILE F 225 4.26 -90.80 10.23
CA ILE F 225 5.01 -91.90 9.62
C ILE F 225 5.76 -92.71 10.68
N ASP F 226 6.43 -92.04 11.62
CA ASP F 226 7.14 -92.73 12.70
C ASP F 226 6.20 -93.50 13.62
N LYS F 227 5.04 -92.96 13.99
CA LYS F 227 4.07 -93.62 14.88
C LYS F 227 3.27 -94.71 14.18
N ILE F 228 3.16 -94.74 12.85
CA ILE F 228 2.72 -95.94 12.11
C ILE F 228 3.83 -96.98 12.05
N ALA F 229 5.05 -96.62 11.65
CA ALA F 229 6.15 -97.59 11.55
C ALA F 229 6.60 -98.19 12.91
N MET F 230 6.40 -97.49 14.03
CA MET F 230 6.60 -98.03 15.39
C MET F 230 5.54 -99.08 15.78
N PHE F 231 4.49 -99.24 14.97
CA PHE F 231 3.34 -100.12 15.26
C PHE F 231 3.09 -101.18 14.18
N CYS F 232 3.91 -101.22 13.14
CA CYS F 232 3.83 -102.15 12.02
C CYS F 232 5.23 -102.59 11.58
N HIS F 233 5.34 -103.70 10.88
CA HIS F 233 6.66 -104.29 10.56
C HIS F 233 7.31 -103.71 9.29
N VAL F 234 7.17 -102.40 9.09
CA VAL F 234 7.66 -101.64 7.92
C VAL F 234 8.69 -100.59 8.35
N GLY F 235 9.70 -100.29 7.54
CA GLY F 235 10.54 -99.12 7.78
C GLY F 235 9.74 -97.82 7.58
N PRO F 236 10.19 -96.67 8.10
CA PRO F 236 9.48 -95.42 7.91
C PRO F 236 9.42 -94.97 6.44
N GLU F 237 10.31 -95.46 5.59
CA GLU F 237 10.35 -95.21 4.14
C GLU F 237 9.31 -96.05 3.33
N GLN F 238 8.63 -97.02 3.94
CA GLN F 238 7.53 -97.79 3.34
C GLN F 238 6.15 -97.44 3.92
N VAL F 239 6.00 -96.30 4.60
CA VAL F 239 4.69 -95.71 4.82
C VAL F 239 4.42 -94.70 3.70
N VAL F 240 3.90 -95.19 2.58
CA VAL F 240 3.55 -94.45 1.38
C VAL F 240 2.34 -93.55 1.65
N ASN F 241 2.16 -92.49 0.88
CA ASN F 241 1.07 -91.55 1.06
C ASN F 241 0.53 -91.00 -0.26
N VAL F 242 -0.67 -91.42 -0.65
CA VAL F 242 -1.36 -90.93 -1.85
C VAL F 242 -2.15 -89.67 -1.48
N HIS F 243 -1.47 -88.53 -1.36
CA HIS F 243 -2.08 -87.24 -1.05
C HIS F 243 -2.73 -86.58 -2.27
N ASP F 244 -3.40 -85.45 -2.07
CA ASP F 244 -3.95 -84.63 -3.15
C ASP F 244 -2.87 -84.29 -4.19
N VAL F 245 -3.19 -84.51 -5.46
CA VAL F 245 -2.32 -84.27 -6.63
C VAL F 245 -3.12 -83.64 -7.77
N ASN F 246 -2.45 -83.04 -8.75
CA ASN F 246 -3.11 -82.25 -9.78
C ASN F 246 -4.14 -83.06 -10.58
N SER F 247 -3.86 -84.35 -10.84
CA SER F 247 -4.82 -85.29 -11.40
C SER F 247 -4.41 -86.73 -11.14
N THR F 248 -5.34 -87.66 -11.27
CA THR F 248 -5.14 -89.08 -10.97
C THR F 248 -4.00 -89.74 -11.77
N TYR F 249 -3.71 -89.23 -12.96
CA TYR F 249 -2.60 -89.73 -13.78
C TYR F 249 -1.23 -89.39 -13.21
N HIS F 250 -1.13 -88.50 -12.23
CA HIS F 250 0.13 -88.23 -11.52
C HIS F 250 0.48 -89.28 -10.47
N VAL F 251 -0.47 -90.08 -9.97
CA VAL F 251 -0.22 -90.99 -8.86
C VAL F 251 0.96 -91.94 -9.11
N PRO F 252 1.17 -92.58 -10.27
CA PRO F 252 2.35 -93.42 -10.42
C PRO F 252 3.67 -92.62 -10.34
N LEU F 253 3.72 -91.36 -10.75
CA LEU F 253 4.90 -90.54 -10.47
C LEU F 253 5.02 -90.21 -8.98
N LEU F 254 3.93 -89.93 -8.27
CA LEU F 254 3.96 -89.74 -6.82
C LEU F 254 4.52 -90.98 -6.09
N LEU F 255 4.04 -92.18 -6.42
CA LEU F 255 4.53 -93.42 -5.83
C LEU F 255 6.02 -93.62 -6.15
N LEU F 256 6.43 -93.41 -7.40
CA LEU F 256 7.84 -93.53 -7.78
C LEU F 256 8.74 -92.50 -7.09
N GLU F 257 8.29 -91.28 -6.86
CA GLU F 257 9.05 -90.25 -6.14
C GLU F 257 9.09 -90.51 -4.63
N GLN F 258 8.08 -91.16 -4.05
CA GLN F 258 8.12 -91.72 -2.70
C GLN F 258 8.96 -93.00 -2.60
N LYS F 259 9.80 -93.32 -3.60
CA LYS F 259 10.68 -94.49 -3.65
C LYS F 259 9.94 -95.82 -3.46
N MET F 260 8.69 -95.88 -3.87
CA MET F 260 7.87 -97.07 -3.69
C MET F 260 8.44 -98.27 -4.46
N ILE F 261 8.83 -98.07 -5.72
CA ILE F 261 9.42 -99.14 -6.55
C ILE F 261 10.86 -99.47 -6.17
N ASP F 262 11.64 -98.51 -5.69
CA ASP F 262 13.01 -98.79 -5.28
C ASP F 262 13.07 -99.77 -4.09
N TYR F 263 11.98 -99.88 -3.33
CA TYR F 263 11.78 -100.98 -2.40
C TYR F 263 11.28 -102.25 -3.10
N LEU F 264 10.18 -102.22 -3.88
CA LEU F 264 9.64 -103.44 -4.51
C LEU F 264 10.66 -104.15 -5.40
N HIS F 265 11.54 -103.44 -6.07
CA HIS F 265 12.68 -104.00 -6.79
C HIS F 265 13.51 -104.94 -5.92
N ALA F 266 13.84 -104.55 -4.68
CA ALA F 266 14.59 -105.36 -3.74
C ALA F 266 13.71 -106.42 -3.05
N ARG F 267 12.51 -106.02 -2.60
CA ARG F 267 11.58 -106.87 -1.82
C ARG F 267 11.01 -108.04 -2.63
N LEU F 268 10.88 -107.89 -3.93
CA LEU F 268 10.53 -108.96 -4.87
C LEU F 268 11.73 -109.44 -5.70
N LYS F 269 12.94 -108.96 -5.37
CA LYS F 269 14.22 -109.34 -6.00
C LYS F 269 14.16 -109.40 -7.52
N LEU F 270 13.64 -108.35 -8.15
CA LEU F 270 13.27 -108.32 -9.58
C LEU F 270 14.46 -108.34 -10.56
N ASP F 271 15.70 -108.25 -10.10
CA ASP F 271 16.86 -108.66 -10.90
C ASP F 271 16.76 -110.12 -11.40
N GLU F 272 15.97 -110.97 -10.74
CA GLU F 272 15.79 -112.37 -11.12
C GLU F 272 14.87 -112.56 -12.36
N ILE F 273 14.20 -111.53 -12.88
CA ILE F 273 13.50 -111.63 -14.16
C ILE F 273 14.49 -111.37 -15.30
N THR F 274 14.71 -109.38 -21.15
CA THR F 274 15.23 -109.22 -22.51
C THR F 274 15.31 -107.74 -22.92
N GLU F 275 16.15 -107.39 -23.89
CA GLU F 275 16.33 -106.01 -24.34
C GLU F 275 15.01 -105.34 -24.77
N GLU F 276 14.09 -106.08 -25.38
CA GLU F 276 12.74 -105.58 -25.71
C GLU F 276 12.00 -105.07 -24.47
N GLU F 277 12.03 -105.79 -23.35
CA GLU F 277 11.41 -105.36 -22.10
C GLU F 277 12.08 -104.12 -21.52
N LYS F 278 13.41 -104.09 -21.51
CA LYS F 278 14.18 -102.96 -20.99
C LYS F 278 13.88 -101.70 -21.79
N GLN F 279 13.82 -101.79 -23.11
CA GLN F 279 13.43 -100.68 -23.98
C GLN F 279 11.97 -100.26 -23.73
N ARG F 280 11.01 -101.19 -23.76
CA ARG F 280 9.61 -100.88 -23.52
C ARG F 280 9.36 -100.27 -22.13
N GLY F 281 10.22 -100.55 -21.15
CA GLY F 281 10.22 -99.86 -19.87
C GLY F 281 10.58 -98.38 -20.01
N LEU F 282 11.70 -98.07 -20.64
CA LEU F 282 12.13 -96.67 -20.84
C LEU F 282 11.12 -95.90 -21.70
N GLU F 283 10.58 -96.51 -22.75
CA GLU F 283 9.53 -95.90 -23.57
C GLU F 283 8.27 -95.61 -22.75
N LEU F 284 7.85 -96.49 -21.84
CA LEU F 284 6.68 -96.22 -21.00
C LEU F 284 6.92 -95.02 -20.09
N LEU F 285 8.10 -94.88 -19.50
CA LEU F 285 8.46 -93.68 -18.76
C LEU F 285 8.44 -92.42 -19.64
N SER F 286 9.00 -92.47 -20.85
CA SER F 286 9.00 -91.32 -21.74
C SER F 286 7.58 -90.87 -22.09
N LYS F 287 6.70 -91.83 -22.40
CA LYS F 287 5.28 -91.58 -22.68
C LYS F 287 4.53 -91.09 -21.45
N TRP F 288 4.92 -91.50 -20.25
CA TRP F 288 4.36 -90.92 -19.03
C TRP F 288 4.80 -89.48 -18.85
N LYS F 289 6.09 -89.18 -19.05
CA LYS F 289 6.58 -87.79 -19.01
C LYS F 289 5.87 -86.92 -20.05
N ALA F 290 5.57 -87.43 -21.23
CA ALA F 290 4.77 -86.74 -22.25
C ALA F 290 3.33 -86.43 -21.79
N THR F 291 2.52 -87.40 -21.37
CA THR F 291 1.16 -87.11 -20.89
C THR F 291 1.16 -86.23 -19.65
N THR F 292 2.15 -86.35 -18.78
CA THR F 292 2.32 -85.45 -17.65
C THR F 292 2.64 -84.04 -18.11
N GLY F 293 3.58 -83.87 -19.04
CA GLY F 293 3.93 -82.57 -19.62
C GLY F 293 2.71 -81.92 -20.27
N ASN F 294 1.93 -82.67 -21.04
CA ASN F 294 0.67 -82.21 -21.62
C ASN F 294 -0.38 -81.75 -20.59
N PHE F 295 -0.25 -82.06 -19.30
CA PHE F 295 -1.10 -81.50 -18.26
C PHE F 295 -0.56 -80.16 -17.76
N ASP F 296 0.74 -80.08 -17.44
CA ASP F 296 1.38 -78.81 -17.06
C ASP F 296 1.31 -77.76 -18.18
N GLU F 297 1.64 -78.17 -19.41
CA GLU F 297 1.62 -77.36 -20.63
C GLU F 297 0.21 -77.17 -21.20
N GLU F 298 -5.30 -73.99 -21.81
CA GLU F 298 -6.65 -73.57 -22.24
C GLU F 298 -7.71 -74.68 -22.08
N THR F 299 -8.95 -74.31 -21.71
CA THR F 299 -10.06 -75.25 -21.49
C THR F 299 -10.82 -75.62 -22.75
N VAL F 300 -11.30 -76.87 -22.82
CA VAL F 300 -12.34 -77.35 -23.74
C VAL F 300 -13.57 -77.71 -22.92
N LYS F 301 -14.75 -77.15 -23.24
CA LYS F 301 -16.00 -77.42 -22.50
C LYS F 301 -16.82 -78.41 -23.31
N ILE F 302 -17.24 -79.55 -22.77
CA ILE F 302 -18.04 -80.56 -23.48
C ILE F 302 -19.32 -80.83 -22.72
N ALA F 303 -20.50 -80.75 -23.35
CA ALA F 303 -21.73 -81.16 -22.71
C ALA F 303 -21.92 -82.65 -22.93
N LEU F 304 -21.97 -83.43 -21.87
CA LEU F 304 -22.33 -84.85 -21.92
C LEU F 304 -23.80 -84.95 -21.53
N VAL F 305 -24.64 -85.38 -22.46
CA VAL F 305 -26.10 -85.30 -22.37
C VAL F 305 -26.67 -86.69 -22.32
N GLY F 306 -27.30 -87.09 -21.23
CA GLY F 306 -27.86 -88.43 -21.13
C GLY F 306 -28.83 -88.59 -19.98
N LYS F 307 -29.34 -89.81 -19.79
CA LYS F 307 -30.18 -90.15 -18.64
C LYS F 307 -29.35 -90.11 -17.35
N TYR F 308 -29.95 -89.60 -16.27
CA TYR F 308 -29.49 -89.75 -14.88
C TYR F 308 -27.99 -89.47 -14.70
N THR F 309 -27.46 -88.42 -15.33
CA THR F 309 -26.08 -87.96 -15.21
C THR F 309 -25.64 -87.60 -13.78
N ASN F 310 -26.59 -87.48 -12.84
CA ASN F 310 -26.33 -87.41 -11.40
C ASN F 310 -25.51 -88.61 -10.90
N LEU F 311 -25.73 -89.79 -11.47
CA LEU F 311 -25.08 -91.06 -11.14
C LEU F 311 -23.75 -91.19 -11.90
N LYS F 312 -22.79 -90.35 -11.55
CA LYS F 312 -21.58 -90.09 -12.36
C LYS F 312 -20.68 -91.30 -12.63
N ASP F 313 -20.66 -92.29 -11.74
CA ASP F 313 -19.98 -93.56 -12.01
C ASP F 313 -20.60 -94.36 -13.18
N SER F 314 -21.87 -94.12 -13.49
CA SER F 314 -22.56 -94.80 -14.59
C SER F 314 -22.02 -94.42 -15.97
N TYR F 315 -21.22 -93.35 -16.05
CA TYR F 315 -20.53 -92.89 -17.26
C TYR F 315 -19.00 -92.92 -17.12
N LEU F 316 -18.46 -93.68 -16.16
CA LEU F 316 -17.03 -93.61 -15.83
C LEU F 316 -16.11 -93.80 -17.03
N SER F 317 -16.33 -94.77 -17.92
CA SER F 317 -15.44 -95.02 -19.04
C SER F 317 -15.41 -93.84 -19.99
N VAL F 318 -16.57 -93.24 -20.24
CA VAL F 318 -16.71 -92.06 -21.09
C VAL F 318 -15.86 -90.93 -20.55
N ILE F 319 -15.90 -90.65 -19.23
CA ILE F 319 -15.06 -89.61 -18.64
C ILE F 319 -13.59 -89.90 -18.88
N LYS F 320 -13.13 -91.11 -18.59
CA LYS F 320 -11.72 -91.46 -18.77
C LYS F 320 -11.29 -91.37 -20.23
N ALA F 321 -12.13 -91.75 -21.19
CA ALA F 321 -11.83 -91.60 -22.60
C ALA F 321 -11.67 -90.13 -23.04
N LEU F 322 -12.45 -89.22 -22.47
CA LEU F 322 -12.27 -87.78 -22.67
C LEU F 322 -11.01 -87.26 -22.00
N GLU F 323 -10.63 -87.75 -20.81
CA GLU F 323 -9.39 -87.36 -20.16
C GLU F 323 -8.16 -87.78 -20.96
N HIS F 324 -8.10 -89.03 -21.44
CA HIS F 324 -6.92 -89.52 -22.18
C HIS F 324 -6.66 -88.69 -23.43
N SER F 325 -7.73 -88.37 -24.15
CA SER F 325 -7.68 -87.55 -25.36
C SER F 325 -7.33 -86.09 -25.04
N SER F 326 -7.89 -85.51 -23.98
CA SER F 326 -7.60 -84.13 -23.60
C SER F 326 -6.13 -83.87 -23.28
N MET F 327 -5.41 -84.84 -22.73
CA MET F 327 -3.97 -84.75 -22.54
C MET F 327 -3.19 -84.83 -23.85
N LYS F 328 -3.73 -85.41 -24.91
CA LYS F 328 -3.07 -85.36 -26.22
C LYS F 328 -3.21 -83.94 -26.80
N CYS F 329 -4.38 -83.33 -26.71
CA CYS F 329 -4.66 -81.95 -27.13
C CYS F 329 -4.07 -80.85 -26.24
N ARG F 330 -3.35 -81.19 -25.17
CA ARG F 330 -2.80 -80.26 -24.17
C ARG F 330 -3.85 -79.34 -23.51
N ARG F 331 -5.14 -79.68 -23.56
CA ARG F 331 -6.23 -78.79 -23.14
C ARG F 331 -6.98 -79.35 -21.96
N LYS F 332 -7.39 -78.47 -21.05
CA LYS F 332 -8.06 -78.83 -19.80
C LYS F 332 -9.51 -79.21 -20.08
N LEU F 333 -9.95 -80.35 -19.58
CA LEU F 333 -11.29 -80.86 -19.84
C LEU F 333 -12.29 -80.35 -18.80
N ASP F 334 -13.42 -79.85 -19.28
CA ASP F 334 -14.53 -79.41 -18.44
C ASP F 334 -15.85 -80.02 -18.90
N ILE F 335 -16.19 -81.20 -18.38
CA ILE F 335 -17.45 -81.86 -18.72
C ILE F 335 -18.60 -81.13 -18.02
N LYS F 336 -19.56 -80.63 -18.79
CA LYS F 336 -20.85 -80.21 -18.25
C LYS F 336 -21.78 -81.41 -18.25
N TRP F 337 -22.33 -81.75 -17.10
CA TRP F 337 -23.29 -82.82 -16.93
C TRP F 337 -24.72 -82.32 -17.14
N VAL F 338 -25.38 -82.79 -18.19
CA VAL F 338 -26.75 -82.43 -18.53
C VAL F 338 -27.67 -83.63 -18.35
N GLU F 339 -28.72 -83.53 -17.55
CA GLU F 339 -29.79 -84.51 -17.62
C GLU F 339 -30.58 -84.28 -18.90
N ALA F 340 -30.62 -85.27 -19.78
CA ALA F 340 -31.28 -85.16 -21.06
C ALA F 340 -32.74 -84.75 -20.95
N THR F 341 -33.47 -85.27 -19.97
CA THR F 341 -34.89 -84.93 -19.80
C THR F 341 -35.13 -83.47 -19.43
N ASP F 342 -34.15 -82.77 -18.84
CA ASP F 342 -34.30 -81.35 -18.53
C ASP F 342 -34.23 -80.45 -19.77
N LEU F 343 -33.84 -80.96 -20.93
CA LEU F 343 -33.88 -80.21 -22.19
C LEU F 343 -35.28 -80.17 -22.79
N GLU F 344 -36.19 -81.04 -22.37
CA GLU F 344 -37.47 -81.22 -23.04
C GLU F 344 -38.39 -79.98 -22.97
N PRO F 345 -39.19 -79.69 -24.01
CA PRO F 345 -40.20 -78.64 -23.97
C PRO F 345 -41.24 -78.77 -22.84
N GLU F 346 -41.47 -79.98 -22.35
CA GLU F 346 -42.33 -80.26 -21.18
C GLU F 346 -41.67 -79.85 -19.86
N ALA F 347 -40.33 -79.97 -19.76
CA ALA F 347 -39.63 -79.61 -18.53
C ALA F 347 -39.77 -78.12 -18.22
N GLN F 348 -39.98 -77.27 -19.22
CA GLN F 348 -40.11 -75.82 -19.07
C GLN F 348 -41.28 -75.40 -18.16
N GLU F 349 -42.42 -76.10 -18.19
CA GLU F 349 -43.51 -75.84 -17.23
C GLU F 349 -43.35 -76.65 -15.94
N SER F 350 -42.76 -77.85 -16.01
CA SER F 350 -42.66 -78.76 -14.87
C SER F 350 -41.61 -78.32 -13.84
N ASN F 351 -40.42 -77.94 -14.29
CA ASN F 351 -39.25 -77.68 -13.45
C ASN F 351 -38.32 -76.63 -14.11
N LYS F 352 -38.87 -75.44 -14.37
CA LYS F 352 -38.27 -74.42 -15.24
C LYS F 352 -36.81 -74.11 -14.92
N THR F 353 -36.44 -74.02 -13.65
CA THR F 353 -35.08 -73.61 -13.22
C THR F 353 -34.01 -74.54 -13.77
N LYS F 354 -34.21 -75.85 -13.60
CA LYS F 354 -33.24 -76.84 -14.07
C LYS F 354 -33.20 -76.93 -15.59
N PHE F 355 -34.31 -76.68 -16.25
CA PHE F 355 -34.39 -76.59 -17.71
C PHE F 355 -33.50 -75.46 -18.27
N HIS F 356 -33.47 -74.28 -17.64
CA HIS F 356 -32.52 -73.23 -18.04
C HIS F 356 -31.08 -73.62 -17.76
N GLU F 357 -30.77 -74.27 -16.64
CA GLU F 357 -29.40 -74.73 -16.38
C GLU F 357 -28.93 -75.72 -17.44
N ALA F 358 -29.80 -76.66 -17.82
CA ALA F 358 -29.50 -77.63 -18.87
C ALA F 358 -29.23 -76.97 -20.21
N TRP F 359 -30.08 -76.03 -20.63
CA TRP F 359 -29.90 -75.34 -21.89
C TRP F 359 -28.72 -74.39 -21.91
N ASN F 360 -28.38 -73.74 -20.80
CA ASN F 360 -27.14 -72.96 -20.75
C ASN F 360 -25.93 -73.85 -20.99
N MET F 361 -25.87 -75.04 -20.38
CA MET F 361 -24.75 -75.97 -20.61
C MET F 361 -24.68 -76.33 -22.09
N VAL F 362 -25.78 -76.75 -22.72
CA VAL F 362 -25.79 -77.11 -24.15
C VAL F 362 -25.34 -75.95 -25.04
N SER F 363 -25.78 -74.73 -24.74
CA SER F 363 -25.43 -73.51 -25.46
C SER F 363 -24.00 -73.06 -25.27
N THR F 364 -23.40 -73.34 -24.12
CA THR F 364 -22.02 -72.96 -23.78
C THR F 364 -21.00 -73.88 -24.44
N ALA F 365 -21.29 -75.18 -24.55
CA ALA F 365 -20.28 -76.19 -24.80
C ALA F 365 -19.61 -76.07 -26.18
N ASP F 366 -18.32 -76.32 -26.23
CA ASP F 366 -17.52 -76.41 -27.45
C ASP F 366 -17.72 -77.73 -28.20
N GLY F 367 -18.31 -78.72 -27.57
CA GLY F 367 -18.68 -79.99 -28.17
C GLY F 367 -19.87 -80.63 -27.47
N ILE F 368 -20.61 -81.48 -28.16
CA ILE F 368 -21.71 -82.23 -27.58
C ILE F 368 -21.40 -83.73 -27.66
N LEU F 369 -21.83 -84.48 -26.66
CA LEU F 369 -21.58 -85.89 -26.52
C LEU F 369 -22.82 -86.57 -25.99
N ILE F 370 -23.37 -87.48 -26.76
CA ILE F 370 -24.49 -88.34 -26.34
C ILE F 370 -23.88 -89.72 -26.05
N PRO F 371 -23.90 -90.22 -24.80
CA PRO F 371 -22.90 -91.15 -24.30
C PRO F 371 -23.26 -92.64 -24.37
N GLY F 372 -24.37 -93.00 -25.02
CA GLY F 372 -24.85 -94.39 -25.03
C GLY F 372 -25.60 -94.77 -23.77
N GLY F 373 -26.64 -94.00 -23.47
CA GLY F 373 -27.49 -94.18 -22.29
C GLY F 373 -28.21 -95.51 -22.20
N PHE F 374 -28.81 -95.76 -21.04
CA PHE F 374 -29.60 -96.96 -20.73
C PHE F 374 -31.11 -96.63 -20.71
N GLY F 375 -31.89 -97.37 -21.49
CA GLY F 375 -33.34 -97.17 -21.61
C GLY F 375 -33.78 -95.93 -22.38
N VAL F 376 -35.10 -95.70 -22.48
CA VAL F 376 -35.68 -94.73 -23.42
C VAL F 376 -35.82 -93.30 -22.88
N ARG F 377 -35.91 -93.11 -21.56
CA ARG F 377 -36.39 -91.86 -20.90
C ARG F 377 -35.80 -90.57 -21.45
N GLY F 378 -34.48 -90.48 -21.58
CA GLY F 378 -33.79 -89.25 -22.00
C GLY F 378 -33.95 -88.88 -23.48
N THR F 379 -34.52 -89.76 -24.31
CA THR F 379 -34.43 -89.65 -25.76
C THR F 379 -34.87 -88.30 -26.31
N GLU F 380 -35.99 -87.76 -25.84
CA GLU F 380 -36.56 -86.54 -26.44
C GLU F 380 -35.64 -85.33 -26.31
N GLY F 381 -34.95 -85.18 -25.19
CA GLY F 381 -33.95 -84.12 -25.04
C GLY F 381 -32.67 -84.39 -25.83
N MET F 382 -32.22 -85.63 -25.89
CA MET F 382 -31.04 -86.01 -26.66
C MET F 382 -31.22 -85.75 -28.16
N VAL F 383 -32.44 -85.82 -28.68
CA VAL F 383 -32.76 -85.39 -30.05
C VAL F 383 -32.45 -83.92 -30.26
N LEU F 384 -32.92 -83.04 -29.37
CA LEU F 384 -32.72 -81.60 -29.43
C LEU F 384 -31.24 -81.22 -29.25
N ALA F 385 -30.47 -81.95 -28.45
CA ALA F 385 -29.02 -81.79 -28.38
C ALA F 385 -28.32 -82.20 -29.69
N ALA F 386 -28.77 -83.24 -30.37
CA ALA F 386 -28.20 -83.62 -31.67
C ALA F 386 -28.53 -82.61 -32.77
N ARG F 387 -29.75 -82.04 -32.77
CA ARG F 387 -30.24 -80.97 -33.65
C ARG F 387 -29.43 -79.70 -33.49
N TRP F 388 -29.16 -79.34 -32.24
CA TRP F 388 -28.34 -78.20 -31.89
C TRP F 388 -26.93 -78.27 -32.49
N ALA F 389 -26.32 -79.44 -32.54
CA ALA F 389 -25.01 -79.64 -33.15
C ALA F 389 -25.04 -79.96 -34.65
N ARG F 390 -26.15 -80.44 -35.21
CA ARG F 390 -26.29 -80.60 -36.65
C ARG F 390 -26.35 -79.24 -37.32
N GLU F 391 -27.21 -78.36 -36.83
CA GLU F 391 -27.56 -77.10 -37.50
C GLU F 391 -26.45 -76.06 -37.34
N ASN F 392 -26.20 -75.64 -36.09
CA ASN F 392 -25.03 -74.88 -35.72
C ASN F 392 -23.82 -75.83 -35.76
N HIS F 393 -22.69 -75.47 -36.36
CA HIS F 393 -21.56 -76.40 -36.58
C HIS F 393 -20.74 -76.79 -35.31
N ILE F 394 -21.39 -77.14 -34.21
CA ILE F 394 -20.78 -77.66 -32.98
C ILE F 394 -20.22 -79.08 -33.21
N PRO F 395 -18.98 -79.41 -32.82
CA PRO F 395 -18.49 -80.78 -32.80
C PRO F 395 -19.36 -81.73 -31.98
N PHE F 396 -19.55 -82.97 -32.43
CA PHE F 396 -20.43 -83.94 -31.84
C PHE F 396 -19.87 -85.36 -31.89
N LEU F 397 -20.11 -86.15 -30.85
CA LEU F 397 -19.97 -87.61 -30.90
C LEU F 397 -21.20 -88.27 -30.29
N GLY F 398 -21.80 -89.20 -31.03
CA GLY F 398 -22.85 -90.07 -30.52
C GLY F 398 -22.31 -91.48 -30.32
N VAL F 399 -22.48 -92.04 -29.14
CA VAL F 399 -22.06 -93.41 -28.82
C VAL F 399 -23.29 -94.29 -28.63
N CYS F 400 -23.41 -95.39 -29.36
CA CYS F 400 -24.50 -96.35 -29.29
C CYS F 400 -25.90 -95.71 -29.43
N LEU F 401 -26.66 -95.52 -28.34
CA LEU F 401 -27.90 -94.74 -28.36
C LEU F 401 -27.68 -93.34 -28.95
N GLY F 402 -26.47 -92.79 -28.89
CA GLY F 402 -26.12 -91.55 -29.56
C GLY F 402 -26.12 -91.66 -31.08
N LEU F 403 -25.67 -92.76 -31.69
CA LEU F 403 -25.85 -92.95 -33.13
C LEU F 403 -27.31 -93.12 -33.47
N GLN F 404 -28.02 -93.89 -32.66
CA GLN F 404 -29.45 -94.08 -32.80
C GLN F 404 -30.15 -92.72 -32.81
N ILE F 405 -29.78 -91.81 -31.90
CA ILE F 405 -30.36 -90.48 -31.81
C ILE F 405 -29.83 -89.49 -32.84
N ALA F 406 -28.59 -89.60 -33.29
CA ALA F 406 -28.11 -88.89 -34.46
C ALA F 406 -28.93 -89.25 -35.71
N THR F 407 -29.30 -90.52 -35.86
CA THR F 407 -30.10 -90.96 -37.00
C THR F 407 -31.57 -90.62 -36.85
N ILE F 408 -32.17 -90.80 -35.67
CA ILE F 408 -33.53 -90.32 -35.40
C ILE F 408 -33.62 -88.82 -35.64
N GLU F 409 -32.65 -88.00 -35.22
CA GLU F 409 -32.72 -86.56 -35.42
C GLU F 409 -32.60 -86.20 -36.90
N PHE F 410 -31.58 -86.72 -37.59
CA PHE F 410 -31.40 -86.44 -39.01
C PHE F 410 -32.63 -86.89 -39.83
N THR F 411 -33.26 -88.01 -39.47
CA THR F 411 -34.56 -88.40 -40.02
C THR F 411 -35.64 -87.37 -39.69
N ARG F 412 -35.82 -87.03 -38.41
CA ARG F 412 -36.87 -86.15 -37.86
C ARG F 412 -36.77 -84.68 -38.31
N SER F 413 -35.66 -84.25 -38.90
CA SER F 413 -35.42 -82.85 -39.26
C SER F 413 -34.93 -82.62 -40.68
N VAL F 414 -34.19 -83.55 -41.27
CA VAL F 414 -33.69 -83.43 -42.64
C VAL F 414 -34.62 -84.13 -43.64
N LEU F 415 -35.17 -85.29 -43.29
CA LEU F 415 -36.17 -86.00 -44.12
C LEU F 415 -37.63 -85.63 -43.82
N GLY F 416 -37.87 -84.67 -42.92
CA GLY F 416 -39.20 -84.47 -42.33
C GLY F 416 -39.54 -85.59 -41.33
N ARG F 417 -40.46 -86.49 -41.68
CA ARG F 417 -40.76 -87.76 -40.96
C ARG F 417 -40.88 -87.61 -39.42
N LYS F 418 -41.63 -86.59 -38.96
CA LYS F 418 -41.68 -86.17 -37.54
C LYS F 418 -42.18 -87.24 -36.56
N ASP F 419 -42.90 -88.26 -37.05
CA ASP F 419 -43.37 -89.41 -36.25
C ASP F 419 -42.27 -90.46 -35.94
N SER F 420 -41.09 -90.42 -36.59
CA SER F 420 -40.07 -91.46 -36.44
C SER F 420 -39.46 -91.53 -35.04
N HIS F 421 -39.10 -92.73 -34.59
CA HIS F 421 -38.75 -93.04 -33.21
C HIS F 421 -37.89 -94.32 -33.17
N SER F 422 -37.25 -94.62 -32.04
CA SER F 422 -36.59 -95.90 -31.81
C SER F 422 -37.56 -97.09 -31.93
N ALA F 423 -37.05 -98.26 -32.32
CA ALA F 423 -37.81 -99.51 -32.31
C ALA F 423 -38.39 -99.87 -30.93
N GLU F 424 -37.90 -99.25 -29.87
CA GLU F 424 -38.48 -99.31 -28.54
C GLU F 424 -39.98 -98.95 -28.49
N PHE F 425 -40.44 -97.98 -29.30
CA PHE F 425 -41.87 -97.66 -29.46
C PHE F 425 -42.50 -98.62 -30.49
N TYR F 426 -42.49 -99.90 -30.14
CA TYR F 426 -42.82 -101.03 -31.00
C TYR F 426 -44.16 -100.89 -31.78
N PRO F 427 -45.31 -100.54 -31.17
CA PRO F 427 -46.60 -100.61 -31.86
C PRO F 427 -46.85 -99.51 -32.91
N ASP F 428 -45.94 -98.56 -33.12
CA ASP F 428 -46.02 -97.63 -34.25
C ASP F 428 -45.67 -98.31 -35.59
N ILE F 429 -44.88 -99.39 -35.56
CA ILE F 429 -44.47 -100.25 -36.69
C ILE F 429 -43.84 -99.49 -37.87
N ASP F 430 -44.62 -98.82 -38.71
CA ASP F 430 -44.19 -98.26 -40.00
C ASP F 430 -43.08 -97.20 -39.87
N GLU F 431 -43.03 -96.48 -38.75
CA GLU F 431 -42.10 -95.36 -38.50
C GLU F 431 -40.93 -95.68 -37.55
N LYS F 432 -40.75 -96.97 -37.20
CA LYS F 432 -39.59 -97.42 -36.42
C LYS F 432 -38.30 -97.13 -37.19
N ASN F 433 -37.39 -96.38 -36.60
CA ASN F 433 -36.09 -96.00 -37.19
C ASN F 433 -35.05 -97.13 -37.12
N HIS F 434 -35.33 -98.21 -36.38
CA HIS F 434 -34.39 -99.28 -36.05
C HIS F 434 -35.01 -100.68 -36.26
N VAL F 435 -34.19 -101.72 -36.24
CA VAL F 435 -34.58 -103.13 -36.31
C VAL F 435 -33.84 -103.95 -35.25
N VAL F 436 -34.50 -104.96 -34.70
CA VAL F 436 -33.93 -105.93 -33.78
C VAL F 436 -32.82 -106.74 -34.46
N VAL F 437 -31.73 -106.99 -33.74
CA VAL F 437 -30.63 -107.86 -34.17
C VAL F 437 -29.97 -108.51 -32.94
N PHE F 438 -30.59 -109.58 -32.41
CA PHE F 438 -30.15 -110.24 -31.17
C PHE F 438 -28.89 -111.13 -31.34
N MET F 439 -28.57 -111.59 -32.56
CA MET F 439 -27.53 -112.60 -32.84
C MET F 439 -27.56 -113.80 -31.90
N MET F 440 -28.13 -110.14 -27.68
CA MET F 440 -27.34 -108.92 -27.76
C MET F 440 -26.02 -109.13 -28.51
N ARG F 441 -25.64 -108.21 -29.40
CA ARG F 441 -24.30 -108.18 -30.01
C ARG F 441 -23.32 -107.65 -28.98
N LEU F 442 -22.25 -108.40 -28.71
CA LEU F 442 -21.26 -108.15 -27.64
C LEU F 442 -19.83 -108.36 -28.11
N GLY F 443 -18.87 -107.88 -27.32
CA GLY F 443 -17.44 -108.18 -27.47
C GLY F 443 -16.78 -107.54 -28.67
N LEU F 444 -15.49 -107.83 -28.84
CA LEU F 444 -14.66 -107.28 -29.89
C LEU F 444 -15.08 -107.86 -31.23
N ARG F 445 -15.65 -107.00 -32.08
CA ARG F 445 -15.96 -107.33 -33.49
C ARG F 445 -15.27 -106.32 -34.42
N PRO F 446 -14.89 -106.70 -35.65
CA PRO F 446 -14.30 -105.76 -36.61
C PRO F 446 -15.33 -104.72 -37.10
N THR F 447 -14.84 -103.65 -37.74
CA THR F 447 -15.63 -102.74 -38.58
C THR F 447 -14.77 -102.22 -39.72
N PHE F 448 -15.31 -102.17 -40.93
CA PHE F 448 -14.60 -101.93 -42.17
C PHE F 448 -15.08 -100.62 -42.80
N PHE F 449 -14.16 -99.75 -43.19
CA PHE F 449 -14.52 -98.50 -43.85
C PHE F 449 -15.09 -98.75 -45.25
N GLN F 450 -16.09 -97.96 -45.66
CA GLN F 450 -16.63 -98.03 -47.02
C GLN F 450 -15.62 -97.44 -48.01
N ASN F 451 -15.26 -98.17 -49.06
CA ASN F 451 -13.98 -97.97 -49.76
C ASN F 451 -13.77 -96.63 -50.50
N GLU F 452 -14.81 -95.81 -50.66
CA GLU F 452 -14.78 -94.50 -51.33
C GLU F 452 -14.55 -93.32 -50.36
N THR F 453 -14.74 -93.50 -49.05
CA THR F 453 -14.88 -92.39 -48.09
C THR F 453 -13.56 -91.75 -47.66
N GLU F 454 -12.70 -91.41 -48.61
CA GLU F 454 -11.38 -90.80 -48.39
C GLU F 454 -11.45 -89.40 -47.77
N TRP F 455 -12.58 -88.73 -47.88
CA TRP F 455 -12.85 -87.41 -47.31
C TRP F 455 -12.99 -87.41 -45.77
N SER F 456 -13.33 -88.56 -45.18
CA SER F 456 -13.77 -88.70 -43.79
C SER F 456 -12.77 -88.19 -42.77
N GLN F 457 -13.23 -87.40 -41.81
CA GLN F 457 -12.40 -86.97 -40.68
C GLN F 457 -12.07 -88.15 -39.76
N ILE F 458 -13.04 -89.02 -39.46
CA ILE F 458 -12.81 -90.12 -38.54
C ILE F 458 -11.87 -91.17 -39.13
N LYS F 459 -12.02 -91.61 -40.39
CA LYS F 459 -11.11 -92.60 -40.95
C LYS F 459 -9.70 -92.05 -41.20
N LYS F 460 -9.51 -90.73 -41.18
CA LYS F 460 -8.19 -90.11 -41.10
C LYS F 460 -7.56 -90.30 -39.72
N LEU F 461 -8.30 -90.09 -38.63
CA LEU F 461 -7.78 -90.32 -37.26
C LEU F 461 -7.32 -91.76 -37.02
N TYR F 462 -8.01 -92.76 -37.59
CA TYR F 462 -7.58 -94.17 -37.59
C TYR F 462 -6.35 -94.46 -38.47
N GLY F 463 -5.65 -93.46 -39.00
CA GLY F 463 -4.36 -93.62 -39.68
C GLY F 463 -4.44 -94.21 -41.09
N ASP F 464 -5.60 -94.10 -41.75
CA ASP F 464 -5.89 -94.73 -43.05
C ASP F 464 -5.82 -96.28 -43.05
N VAL F 465 -5.86 -96.92 -41.88
CA VAL F 465 -5.96 -98.38 -41.76
C VAL F 465 -7.30 -98.88 -42.32
N SER F 466 -7.31 -100.05 -42.96
CA SER F 466 -8.48 -100.62 -43.66
C SER F 466 -9.66 -101.03 -42.75
N GLU F 467 -9.41 -101.37 -41.50
CA GLU F 467 -10.43 -101.78 -40.54
C GLU F 467 -10.02 -101.46 -39.10
N VAL F 468 -11.00 -101.49 -38.21
CA VAL F 468 -10.88 -101.24 -36.77
C VAL F 468 -11.51 -102.39 -35.98
N HIS F 469 -11.19 -102.56 -34.70
CA HIS F 469 -11.84 -103.57 -33.85
C HIS F 469 -12.33 -102.95 -32.55
N GLU F 470 -13.59 -103.21 -32.16
CA GLU F 470 -14.28 -102.42 -31.12
C GLU F 470 -15.30 -103.23 -30.30
N ARG F 471 -15.63 -102.78 -29.09
CA ARG F 471 -16.62 -103.42 -28.22
C ARG F 471 -18.06 -102.95 -28.51
N HIS F 472 -19.04 -103.82 -28.38
CA HIS F 472 -20.45 -103.57 -28.67
C HIS F 472 -21.34 -104.00 -27.50
N ARG F 473 -22.57 -103.47 -27.37
CA ARG F 473 -23.57 -103.88 -26.36
C ARG F 473 -25.03 -103.66 -26.81
N HIS F 474 -25.34 -103.80 -28.10
CA HIS F 474 -26.61 -103.34 -28.69
C HIS F 474 -27.55 -104.48 -29.13
N ARG F 475 -28.86 -104.28 -28.93
CA ARG F 475 -29.96 -105.13 -29.45
C ARG F 475 -30.69 -104.55 -30.66
N TYR F 476 -30.48 -103.27 -30.96
CA TYR F 476 -31.07 -102.55 -32.09
C TYR F 476 -30.00 -102.02 -33.04
N GLU F 477 -30.29 -101.97 -34.34
CA GLU F 477 -29.50 -101.28 -35.36
C GLU F 477 -30.41 -100.44 -36.26
N ILE F 478 -29.87 -99.44 -36.96
CA ILE F 478 -30.66 -98.61 -37.88
C ILE F 478 -31.22 -99.49 -39.01
N ASN F 479 -32.50 -99.31 -39.36
CA ASN F 479 -33.19 -100.18 -40.31
C ASN F 479 -32.53 -100.09 -41.70
N PRO F 480 -31.94 -101.17 -42.26
CA PRO F 480 -31.21 -101.13 -43.52
C PRO F 480 -32.01 -100.56 -44.69
N LYS F 481 -33.33 -100.74 -44.66
CA LYS F 481 -34.27 -100.21 -45.66
C LYS F 481 -34.12 -98.70 -45.86
N MET F 482 -33.84 -97.96 -44.79
CA MET F 482 -33.71 -96.49 -44.82
C MET F 482 -32.31 -96.00 -45.19
N VAL F 483 -31.27 -96.84 -45.08
CA VAL F 483 -29.88 -96.37 -45.10
C VAL F 483 -29.48 -95.72 -46.43
N ASP F 484 -30.04 -96.16 -47.56
CA ASP F 484 -29.78 -95.48 -48.83
C ASP F 484 -30.28 -94.03 -48.82
N GLU F 485 -31.42 -93.77 -48.20
CA GLU F 485 -32.02 -92.43 -48.10
C GLU F 485 -31.13 -91.52 -47.26
N LEU F 486 -30.62 -92.02 -46.14
CA LEU F 486 -29.69 -91.32 -45.26
C LEU F 486 -28.33 -91.09 -45.95
N GLU F 487 -27.77 -92.09 -46.64
CA GLU F 487 -26.53 -91.92 -47.41
C GLU F 487 -26.68 -90.90 -48.54
N ASN F 488 -27.79 -90.92 -49.27
CA ASN F 488 -28.08 -89.96 -50.36
C ASN F 488 -28.30 -88.53 -49.84
N ASN F 489 -28.87 -88.36 -48.64
CA ASN F 489 -29.04 -87.05 -48.01
C ASN F 489 -27.79 -86.53 -47.27
N GLY F 490 -26.76 -87.36 -47.07
CA GLY F 490 -25.44 -86.94 -46.59
C GLY F 490 -25.03 -87.47 -45.22
N LEU F 491 -25.90 -88.20 -44.53
CA LEU F 491 -25.57 -88.91 -43.29
C LEU F 491 -24.80 -90.20 -43.61
N ILE F 492 -23.62 -90.09 -44.20
CA ILE F 492 -22.90 -91.21 -44.82
C ILE F 492 -22.41 -92.20 -43.77
N PHE F 493 -22.83 -93.46 -43.86
CA PHE F 493 -22.36 -94.52 -42.98
C PHE F 493 -20.96 -95.01 -43.34
N VAL F 494 -19.94 -94.27 -42.91
CA VAL F 494 -18.53 -94.49 -43.31
C VAL F 494 -17.92 -95.82 -42.84
N GLY F 495 -18.57 -96.57 -41.96
CA GLY F 495 -18.14 -97.88 -41.53
C GLY F 495 -19.28 -98.86 -41.31
N LYS F 496 -19.10 -100.09 -41.76
CA LYS F 496 -20.07 -101.18 -41.60
C LYS F 496 -19.35 -102.47 -41.20
N ASP F 497 -20.12 -103.48 -40.86
CA ASP F 497 -19.62 -104.78 -40.45
C ASP F 497 -19.09 -105.63 -41.63
N ASP F 498 -18.66 -106.84 -41.31
CA ASP F 498 -18.24 -107.85 -42.29
C ASP F 498 -19.28 -108.11 -43.40
N THR F 499 -20.57 -108.20 -43.08
CA THR F 499 -21.65 -108.45 -44.07
C THR F 499 -22.01 -107.20 -44.88
N GLY F 500 -21.76 -106.00 -44.37
CA GLY F 500 -22.22 -104.74 -44.94
C GLY F 500 -23.69 -104.43 -44.66
N LYS F 501 -24.37 -105.25 -43.86
CA LYS F 501 -25.78 -105.04 -43.47
C LYS F 501 -25.93 -104.12 -42.26
N ARG F 502 -24.92 -104.02 -41.39
CA ARG F 502 -24.99 -103.38 -40.07
C ARG F 502 -24.34 -101.99 -40.04
N CYS F 503 -25.03 -101.02 -39.46
CA CYS F 503 -24.60 -99.63 -39.34
C CYS F 503 -23.62 -99.41 -38.16
N GLU F 504 -22.31 -99.37 -38.39
CA GLU F 504 -21.32 -99.32 -37.30
C GLU F 504 -20.78 -97.91 -37.01
N ILE F 505 -20.63 -97.06 -38.02
CA ILE F 505 -20.21 -95.65 -37.89
C ILE F 505 -21.04 -94.77 -38.82
N LEU F 506 -21.37 -93.54 -38.44
CA LEU F 506 -21.78 -92.51 -39.39
C LEU F 506 -20.94 -91.25 -39.27
N GLU F 507 -20.76 -90.54 -40.37
CA GLU F 507 -20.24 -89.18 -40.42
C GLU F 507 -21.15 -88.36 -41.32
N LEU F 508 -21.59 -87.20 -40.86
CA LEU F 508 -22.35 -86.27 -41.68
C LEU F 508 -21.38 -85.53 -42.62
N LYS F 509 -21.55 -85.71 -43.94
CA LYS F 509 -20.75 -85.09 -44.98
C LYS F 509 -20.76 -83.56 -44.85
N ASN F 510 -19.58 -82.93 -44.94
CA ASN F 510 -19.38 -81.48 -44.87
C ASN F 510 -19.95 -80.82 -43.60
N HIS F 511 -19.54 -81.35 -42.44
CA HIS F 511 -19.67 -80.75 -41.11
C HIS F 511 -18.31 -80.83 -40.40
N PRO F 512 -17.86 -79.85 -39.58
CA PRO F 512 -16.53 -79.86 -38.99
C PRO F 512 -16.15 -81.10 -38.18
N TYR F 513 -17.10 -81.70 -37.44
CA TYR F 513 -16.94 -82.99 -36.76
C TYR F 513 -18.29 -83.48 -36.23
N TYR F 514 -18.99 -84.32 -36.96
CA TYR F 514 -20.26 -84.89 -36.50
C TYR F 514 -20.23 -86.38 -36.79
N ILE F 515 -19.85 -87.13 -35.77
CA ILE F 515 -19.62 -88.56 -35.82
C ILE F 515 -20.63 -89.24 -34.92
N ALA F 516 -21.04 -90.44 -35.27
CA ALA F 516 -21.50 -91.37 -34.25
C ALA F 516 -20.97 -92.77 -34.51
N THR F 517 -20.91 -93.59 -33.46
CA THR F 517 -20.49 -94.99 -33.48
C THR F 517 -21.55 -95.86 -32.83
N GLN F 518 -21.89 -96.99 -33.42
CA GLN F 518 -22.79 -97.94 -32.76
C GLN F 518 -22.10 -98.65 -31.61
N TYR F 519 -20.80 -98.92 -31.75
CA TYR F 519 -19.95 -99.42 -30.68
C TYR F 519 -19.70 -98.37 -29.60
N HIS F 520 -19.16 -98.83 -28.47
CA HIS F 520 -18.69 -98.03 -27.35
C HIS F 520 -17.16 -97.89 -27.38
N PRO F 521 -16.59 -96.83 -27.99
CA PRO F 521 -15.14 -96.65 -28.12
C PRO F 521 -14.39 -96.37 -26.82
N GLU F 522 -15.08 -95.90 -25.79
CA GLU F 522 -14.55 -95.68 -24.45
C GLU F 522 -14.10 -96.97 -23.75
N TYR F 523 -14.53 -98.13 -24.22
CA TYR F 523 -14.03 -99.41 -23.71
C TYR F 523 -12.72 -99.85 -24.37
N THR F 524 -12.08 -99.04 -25.21
CA THR F 524 -10.70 -99.29 -25.65
C THR F 524 -9.80 -98.06 -25.62
N SER F 525 -10.24 -96.96 -25.02
CA SER F 525 -9.35 -95.82 -24.75
C SER F 525 -8.26 -96.18 -23.75
N LYS F 526 -7.00 -95.86 -24.06
CA LYS F 526 -5.83 -96.05 -23.17
C LYS F 526 -5.09 -94.73 -22.99
N VAL F 527 -4.36 -94.57 -21.88
CA VAL F 527 -3.77 -93.27 -21.52
C VAL F 527 -2.70 -92.82 -22.52
N LEU F 528 -1.95 -93.73 -23.13
CA LEU F 528 -0.96 -93.38 -24.17
C LEU F 528 -1.51 -93.49 -25.61
N ASP F 529 -2.64 -94.17 -25.81
CA ASP F 529 -3.32 -94.35 -27.10
C ASP F 529 -4.82 -94.05 -26.94
N PRO F 530 -5.25 -92.78 -27.07
CA PRO F 530 -6.63 -92.41 -26.82
C PRO F 530 -7.58 -92.94 -27.89
N SER F 531 -8.82 -93.28 -27.55
CA SER F 531 -9.75 -93.85 -28.54
C SER F 531 -10.13 -92.81 -29.56
N LYS F 532 -9.93 -93.09 -30.84
CA LYS F 532 -9.99 -92.13 -31.94
C LYS F 532 -11.29 -91.31 -32.04
N PRO F 533 -12.51 -91.85 -31.89
CA PRO F 533 -13.74 -91.07 -31.94
C PRO F 533 -13.80 -89.99 -30.85
N PHE F 534 -13.26 -90.25 -29.67
CA PHE F 534 -13.15 -89.27 -28.59
C PHE F 534 -12.01 -88.29 -28.80
N LEU F 535 -10.88 -88.70 -29.39
CA LEU F 535 -9.82 -87.76 -29.73
C LEU F 535 -10.33 -86.71 -30.73
N GLY F 536 -11.05 -87.13 -31.76
CA GLY F 536 -11.65 -86.20 -32.71
C GLY F 536 -12.63 -85.22 -32.07
N LEU F 537 -13.49 -85.66 -31.14
CA LEU F 537 -14.41 -84.78 -30.43
C LEU F 537 -13.67 -83.71 -29.64
N VAL F 538 -12.64 -84.05 -28.89
CA VAL F 538 -11.88 -83.05 -28.14
C VAL F 538 -11.12 -82.15 -29.11
N ALA F 539 -10.40 -82.71 -30.08
CA ALA F 539 -9.59 -81.92 -31.00
C ALA F 539 -10.43 -80.93 -31.83
N ALA F 540 -11.61 -81.31 -32.29
CA ALA F 540 -12.49 -80.40 -32.98
C ALA F 540 -13.12 -79.38 -32.02
N SER F 541 -13.42 -79.73 -30.78
CA SER F 541 -13.86 -78.77 -29.77
C SER F 541 -12.79 -77.72 -29.47
N ALA F 542 -11.52 -78.12 -29.49
CA ALA F 542 -10.35 -77.24 -29.44
C ALA F 542 -10.06 -76.50 -30.76
N GLY F 543 -10.75 -76.83 -31.84
CA GLY F 543 -10.53 -76.22 -33.16
C GLY F 543 -9.19 -76.58 -33.79
N ILE F 544 -8.60 -77.71 -33.40
CA ILE F 544 -7.25 -78.14 -33.77
C ILE F 544 -7.21 -79.48 -34.52
N LEU F 545 -8.37 -80.02 -34.89
CA LEU F 545 -8.55 -81.37 -35.45
C LEU F 545 -7.60 -81.67 -36.61
N GLN F 546 -7.44 -80.74 -37.54
CA GLN F 546 -6.53 -80.90 -38.68
C GLN F 546 -5.11 -81.25 -38.22
N ASP F 547 -4.60 -80.54 -37.22
CA ASP F 547 -3.21 -80.59 -36.81
C ASP F 547 -2.92 -81.84 -35.96
N VAL F 548 -3.94 -82.33 -35.24
CA VAL F 548 -3.91 -83.64 -34.56
C VAL F 548 -3.83 -84.77 -35.59
N ILE F 549 -4.59 -84.69 -36.68
CA ILE F 549 -4.52 -85.68 -37.76
C ILE F 549 -3.17 -85.63 -38.47
N GLU F 550 -2.67 -84.43 -38.74
CA GLU F 550 -1.36 -84.20 -39.36
C GLU F 550 -0.16 -84.57 -38.46
N GLY F 551 -0.36 -84.69 -37.15
CA GLY F 551 0.61 -85.25 -36.21
C GLY F 551 1.34 -84.27 -35.30
N LYS F 552 0.83 -83.05 -35.11
CA LYS F 552 1.41 -82.01 -34.24
C LYS F 552 1.34 -82.30 -32.72
N TYR F 553 0.86 -83.48 -32.32
CA TYR F 553 0.57 -83.84 -30.92
C TYR F 553 0.90 -85.29 -30.53
N ASP F 554 1.57 -86.06 -31.37
CA ASP F 554 2.15 -87.35 -30.94
C ASP F 554 3.26 -87.15 -29.87
N LEU F 555 3.41 -88.13 -28.97
CA LEU F 555 4.19 -87.99 -27.73
C LEU F 555 5.71 -87.97 -27.92
N GLU F 556 6.24 -88.71 -28.89
CA GLU F 556 7.66 -88.76 -29.24
C GLU F 556 7.83 -88.53 -30.75
N ALA F 557 8.87 -87.81 -31.16
CA ALA F 557 9.11 -87.45 -32.57
C ALA F 557 9.28 -88.69 -33.46
N MET G 1 24.44 -109.67 21.76
CA MET G 1 23.75 -110.65 22.60
C MET G 1 22.64 -111.35 21.83
N LYS G 2 22.24 -112.56 22.25
CA LYS G 2 21.08 -113.31 21.74
C LYS G 2 20.02 -113.49 22.84
N TYR G 3 18.76 -113.70 22.49
CA TYR G 3 17.64 -113.84 23.44
C TYR G 3 16.63 -114.89 22.96
N VAL G 4 15.97 -115.61 23.87
CA VAL G 4 14.92 -116.59 23.55
C VAL G 4 13.72 -116.35 24.44
N VAL G 5 12.60 -115.90 23.92
CA VAL G 5 11.34 -115.88 24.68
C VAL G 5 10.75 -117.28 24.77
N VAL G 6 10.21 -117.63 25.93
CA VAL G 6 9.28 -118.74 26.12
C VAL G 6 7.98 -118.15 26.65
N SER G 7 6.87 -118.42 26.02
CA SER G 7 5.58 -117.79 26.33
C SER G 7 4.39 -118.68 26.02
N GLY G 8 3.16 -118.25 26.30
CA GLY G 8 2.01 -118.72 25.51
C GLY G 8 0.93 -119.57 26.16
N GLY G 9 0.05 -120.09 25.29
CA GLY G 9 -0.98 -121.10 25.58
C GLY G 9 -2.39 -120.56 25.75
N VAL G 10 -3.40 -121.44 25.75
CA VAL G 10 -4.78 -121.12 26.20
C VAL G 10 -5.02 -121.33 27.71
N ILE G 11 -4.03 -121.81 28.46
CA ILE G 11 -4.14 -122.10 29.90
C ILE G 11 -2.82 -121.73 30.59
N SER G 12 -2.92 -121.25 31.82
CA SER G 12 -1.77 -121.22 32.73
C SER G 12 -1.50 -122.64 33.25
N GLY G 13 -0.24 -123.01 33.51
CA GLY G 13 0.13 -124.36 33.97
C GLY G 13 0.48 -125.36 32.86
N ILE G 14 0.65 -124.89 31.62
CA ILE G 14 0.89 -125.70 30.43
C ILE G 14 2.26 -126.38 30.36
N GLY G 15 3.30 -125.86 31.00
CA GLY G 15 4.64 -126.45 30.99
C GLY G 15 5.83 -125.53 30.73
N LYS G 16 5.68 -124.20 30.78
CA LYS G 16 6.74 -123.23 30.34
C LYS G 16 8.11 -123.49 30.98
N GLY G 17 8.26 -123.36 32.29
CA GLY G 17 9.58 -123.47 32.99
C GLY G 17 10.45 -124.65 32.55
N VAL G 18 9.90 -125.85 32.36
CA VAL G 18 10.67 -127.07 31.93
C VAL G 18 11.08 -126.87 30.48
N LEU G 19 10.29 -126.16 29.67
CA LEU G 19 10.65 -125.84 28.25
C LEU G 19 11.63 -124.67 28.27
N ALA G 20 11.66 -123.89 29.35
CA ALA G 20 12.51 -122.68 29.45
C ALA G 20 13.90 -123.06 29.93
N SER G 21 14.09 -123.40 31.21
CA SER G 21 15.45 -123.70 31.74
C SER G 21 15.94 -124.90 30.96
N SER G 22 15.11 -125.91 30.72
CA SER G 22 15.55 -127.00 29.79
C SER G 22 16.14 -126.54 28.44
N THR G 23 15.59 -125.51 27.81
CA THR G 23 16.14 -124.93 26.56
C THR G 23 17.46 -124.25 26.93
N GLY G 24 17.53 -123.61 28.10
CA GLY G 24 18.74 -122.91 28.59
C GLY G 24 19.84 -123.87 28.99
N MET G 25 19.51 -125.09 29.43
CA MET G 25 20.50 -126.13 29.81
C MET G 25 21.18 -126.58 28.53
N LEU G 26 20.46 -126.58 27.41
CA LEU G 26 21.02 -127.01 26.10
C LEU G 26 21.80 -125.86 25.48
N MET G 27 21.46 -124.61 25.79
CA MET G 27 22.35 -123.54 25.31
C MET G 27 23.75 -123.72 25.92
N LYS G 28 23.84 -124.11 27.18
CA LYS G 28 25.10 -124.45 27.84
C LYS G 28 25.82 -125.67 27.25
N THR G 29 25.11 -126.62 26.65
CA THR G 29 25.75 -127.73 25.91
C THR G 29 26.61 -127.21 24.76
N LEU G 30 26.23 -126.09 24.15
CA LEU G 30 26.99 -125.44 23.09
C LEU G 30 28.22 -124.68 23.62
N GLY G 31 28.45 -124.66 24.94
CA GLY G 31 29.50 -123.91 25.63
C GLY G 31 29.12 -122.49 26.05
N LEU G 32 27.93 -122.01 25.66
CA LEU G 32 27.50 -120.62 25.85
C LEU G 32 27.44 -120.21 27.32
N LYS G 33 27.73 -118.94 27.59
CA LYS G 33 27.39 -118.31 28.87
C LYS G 33 25.88 -118.05 28.86
N VAL G 34 25.12 -118.43 29.88
CA VAL G 34 23.65 -118.38 29.80
C VAL G 34 23.04 -117.76 31.05
N THR G 35 21.91 -117.09 30.87
CA THR G 35 21.14 -116.42 31.93
C THR G 35 19.66 -116.59 31.68
N SER G 36 18.83 -116.22 32.64
CA SER G 36 17.39 -116.36 32.55
C SER G 36 16.66 -115.28 33.29
N ILE G 37 15.54 -114.80 32.77
CA ILE G 37 14.69 -113.81 33.42
C ILE G 37 13.27 -114.36 33.46
N LYS G 38 12.58 -114.36 34.60
CA LYS G 38 11.17 -114.71 34.64
C LYS G 38 10.33 -113.47 34.85
N ILE G 39 9.47 -113.19 33.87
CA ILE G 39 8.53 -112.10 33.86
C ILE G 39 7.24 -112.62 34.47
N ASP G 40 6.86 -112.11 35.62
CA ASP G 40 5.64 -112.51 36.31
C ASP G 40 4.53 -111.47 36.17
N PRO G 41 3.33 -111.84 35.72
CA PRO G 41 2.25 -110.89 35.61
C PRO G 41 1.61 -110.47 36.93
N TYR G 42 1.90 -111.13 38.07
CA TYR G 42 1.33 -110.78 39.36
C TYR G 42 1.87 -109.47 39.93
N MET G 43 1.11 -108.82 40.82
CA MET G 43 1.42 -107.50 41.35
C MET G 43 2.23 -107.46 42.65
N ASN G 44 2.61 -108.57 43.28
CA ASN G 44 3.59 -108.54 44.37
C ASN G 44 4.97 -108.11 43.87
N ILE G 45 5.64 -107.21 44.58
CA ILE G 45 7.03 -106.85 44.24
C ILE G 45 8.02 -107.97 44.54
N ASP G 46 7.77 -108.76 45.58
CA ASP G 46 8.60 -109.91 45.98
C ASP G 46 7.78 -110.93 46.76
N ALA G 47 8.30 -112.14 46.94
CA ALA G 47 7.64 -113.17 47.74
C ALA G 47 7.75 -112.96 49.25
N GLY G 48 8.37 -111.89 49.72
CA GLY G 48 8.55 -111.61 51.15
C GLY G 48 7.23 -111.38 51.89
N THR G 49 6.20 -110.89 51.20
CA THR G 49 4.84 -110.78 51.75
C THR G 49 4.01 -112.06 51.55
N MET G 50 4.36 -112.91 50.60
CA MET G 50 3.55 -114.05 50.17
C MET G 50 3.69 -115.25 51.11
N SER G 51 2.64 -115.60 51.85
CA SER G 51 2.70 -116.74 52.78
C SER G 51 2.90 -118.05 52.03
N PRO G 52 3.70 -119.00 52.51
CA PRO G 52 3.99 -120.27 51.80
C PRO G 52 2.81 -121.18 51.46
N LEU G 53 1.59 -120.83 51.86
CA LEU G 53 0.35 -121.56 51.57
C LEU G 53 -0.13 -121.39 50.11
N GLU G 54 0.06 -120.22 49.51
CA GLU G 54 -0.28 -119.95 48.11
C GLU G 54 0.87 -119.24 47.39
N HIS G 55 1.08 -119.61 46.13
CA HIS G 55 2.34 -119.39 45.38
C HIS G 55 3.56 -120.14 45.93
N GLY G 56 3.43 -120.87 47.03
CA GLY G 56 4.45 -121.80 47.50
C GLY G 56 5.72 -121.15 48.09
N GLU G 57 6.80 -121.90 48.06
CA GLU G 57 8.02 -121.60 48.81
C GLU G 57 8.72 -120.31 48.38
N CYS G 58 9.06 -119.44 49.34
CA CYS G 58 9.86 -118.24 49.10
C CYS G 58 11.31 -118.62 48.80
N PHE G 59 11.63 -118.95 47.54
CA PHE G 59 12.99 -119.31 47.16
C PHE G 59 13.99 -118.21 47.52
N VAL G 60 15.16 -118.58 48.05
CA VAL G 60 16.15 -117.58 48.42
C VAL G 60 17.52 -117.50 47.72
N LEU G 61 17.78 -116.29 47.26
CA LEU G 61 18.96 -115.99 46.45
C LEU G 61 20.27 -115.98 47.23
N ASP G 62 21.36 -116.01 46.49
CA ASP G 62 22.67 -115.56 46.95
C ASP G 62 22.57 -114.16 47.57
N ASP G 63 21.89 -113.23 46.89
CA ASP G 63 21.61 -111.87 47.37
C ASP G 63 20.48 -111.78 48.43
N GLY G 64 19.91 -112.90 48.87
CA GLY G 64 18.99 -112.95 50.01
C GLY G 64 17.59 -112.37 49.81
N GLY G 65 17.24 -111.96 48.59
CA GLY G 65 15.87 -111.58 48.26
C GLY G 65 14.94 -112.80 48.26
N GLU G 66 13.72 -112.64 48.77
CA GLU G 66 12.69 -113.67 48.68
C GLU G 66 11.97 -113.59 47.32
N THR G 67 12.47 -114.33 46.33
CA THR G 67 12.01 -114.30 44.91
C THR G 67 10.78 -115.15 44.62
N ASP G 68 10.29 -115.04 43.39
CA ASP G 68 9.45 -116.07 42.78
C ASP G 68 10.06 -117.46 42.94
N LEU G 69 9.24 -118.46 43.32
CA LEU G 69 9.71 -119.87 43.52
C LEU G 69 10.33 -120.43 42.23
N ASP G 70 9.76 -120.11 41.07
CA ASP G 70 10.21 -120.72 39.79
C ASP G 70 11.68 -120.36 39.51
N LEU G 71 12.22 -119.25 40.03
CA LEU G 71 13.62 -118.87 39.65
C LEU G 71 14.52 -120.06 39.99
N GLY G 72 14.19 -120.79 41.05
CA GLY G 72 15.03 -121.93 41.47
C GLY G 72 15.21 -122.91 40.34
N ASN G 73 14.17 -123.16 39.55
CA ASN G 73 14.22 -124.17 38.46
C ASN G 73 15.34 -123.78 37.48
N TYR G 74 15.76 -122.51 37.41
CA TYR G 74 16.81 -122.02 36.49
C TYR G 74 18.18 -122.08 37.14
N GLU G 75 18.27 -122.13 38.46
CA GLU G 75 19.58 -122.14 39.16
C GLU G 75 20.00 -123.61 39.25
N ARG G 76 19.07 -124.55 39.05
CA ARG G 76 19.37 -126.01 39.03
C ARG G 76 19.72 -126.37 37.57
N TYR G 77 18.78 -126.21 36.65
CA TYR G 77 19.01 -126.46 35.18
C TYR G 77 20.30 -125.83 34.57
N LEU G 78 20.68 -124.59 34.89
CA LEU G 78 21.79 -123.85 34.22
C LEU G 78 23.05 -123.87 35.08
N GLY G 79 22.92 -123.86 36.39
CA GLY G 79 24.08 -123.73 37.27
C GLY G 79 24.56 -122.28 37.31
N VAL G 80 23.67 -121.37 37.69
CA VAL G 80 23.87 -119.91 37.75
C VAL G 80 23.37 -119.33 39.06
N THR G 81 24.01 -118.27 39.55
CA THR G 81 23.52 -117.44 40.65
C THR G 81 22.80 -116.23 40.06
N LEU G 82 21.46 -116.22 40.14
CA LEU G 82 20.63 -115.09 39.73
C LEU G 82 20.61 -114.00 40.81
N THR G 83 19.86 -112.92 40.60
CA THR G 83 19.73 -111.77 41.52
C THR G 83 18.27 -111.35 41.65
N LYS G 84 17.96 -110.47 42.61
CA LYS G 84 16.59 -109.98 42.83
C LYS G 84 15.98 -109.30 41.59
N ASP G 85 16.81 -108.79 40.69
CA ASP G 85 16.39 -108.16 39.43
C ASP G 85 15.97 -109.15 38.34
N HIS G 86 16.39 -110.43 38.37
CA HIS G 86 16.00 -111.43 37.37
C HIS G 86 14.55 -111.87 37.46
N ASN G 87 13.82 -111.47 38.50
CA ASN G 87 12.40 -111.69 38.60
C ASN G 87 11.66 -110.37 38.37
N ILE G 88 11.38 -110.06 37.11
CA ILE G 88 10.52 -108.94 36.74
C ILE G 88 9.11 -109.26 37.20
N THR G 89 8.38 -108.34 37.82
CA THR G 89 6.96 -108.53 38.14
C THR G 89 6.17 -107.29 37.82
N THR G 90 4.87 -107.41 37.61
CA THR G 90 4.03 -106.26 37.30
C THR G 90 4.05 -105.23 38.42
N GLY G 91 4.08 -105.64 39.68
CA GLY G 91 4.22 -104.71 40.79
C GLY G 91 5.58 -104.05 40.86
N LYS G 92 6.64 -104.74 40.44
CA LYS G 92 8.00 -104.22 40.45
C LYS G 92 8.19 -103.15 39.40
N ILE G 93 7.69 -103.36 38.19
CA ILE G 93 7.87 -102.39 37.11
C ILE G 93 6.91 -101.20 37.20
N TYR G 94 5.66 -101.34 37.61
CA TYR G 94 4.86 -100.15 37.92
C TYR G 94 5.49 -99.31 39.03
N SER G 95 6.07 -99.91 40.06
CA SER G 95 6.77 -99.16 41.12
C SER G 95 7.98 -98.40 40.61
N HIS G 96 8.76 -98.99 39.73
CA HIS G 96 9.97 -98.36 39.19
C HIS G 96 9.66 -97.17 38.30
N VAL G 97 8.69 -97.29 37.39
CA VAL G 97 8.23 -96.15 36.58
C VAL G 97 7.53 -95.08 37.43
N ILE G 98 6.68 -95.46 38.39
CA ILE G 98 6.07 -94.48 39.31
C ILE G 98 7.12 -93.78 40.17
N ALA G 99 8.24 -94.42 40.56
CA ALA G 99 9.30 -93.71 41.27
C ALA G 99 9.92 -92.62 40.39
N LYS G 100 10.27 -92.96 39.16
CA LYS G 100 10.79 -91.99 38.18
C LYS G 100 9.79 -90.87 37.87
N GLU G 101 8.48 -91.12 37.91
CA GLU G 101 7.44 -90.10 37.76
C GLU G 101 7.46 -89.04 38.85
N ARG G 102 7.64 -89.42 40.12
CA ARG G 102 7.69 -88.46 41.25
C ARG G 102 9.06 -87.82 41.45
N LYS G 103 10.14 -88.52 41.09
CA LYS G 103 11.47 -87.91 40.97
C LYS G 103 11.53 -86.91 39.81
N GLY G 104 10.66 -87.08 38.80
CA GLY G 104 10.54 -86.17 37.66
C GLY G 104 11.50 -86.50 36.51
N ASP G 105 11.96 -87.75 36.40
CA ASP G 105 12.93 -88.16 35.36
C ASP G 105 12.35 -88.13 33.94
N TYR G 106 11.03 -88.01 33.81
CA TYR G 106 10.33 -87.80 32.54
C TYR G 106 10.26 -86.32 32.11
N LEU G 107 10.98 -85.40 32.74
CA LEU G 107 11.10 -83.99 32.32
C LEU G 107 9.73 -83.34 32.12
N GLY G 108 8.79 -83.65 33.01
CA GLY G 108 7.45 -83.09 33.00
C GLY G 108 6.55 -83.52 31.84
N LYS G 109 6.96 -84.44 30.97
CA LYS G 109 6.04 -85.09 30.02
C LYS G 109 4.95 -85.84 30.79
N THR G 110 3.80 -86.12 30.21
CA THR G 110 2.94 -87.19 30.74
C THR G 110 3.57 -88.53 30.44
N VAL G 111 3.45 -89.49 31.37
CA VAL G 111 4.06 -90.80 31.26
C VAL G 111 2.98 -91.83 31.04
N GLN G 112 3.18 -92.70 30.07
CA GLN G 112 2.15 -93.51 29.44
C GLN G 112 2.53 -94.98 29.46
N ILE G 113 1.56 -95.91 29.38
CA ILE G 113 1.93 -97.32 29.31
C ILE G 113 2.70 -97.61 28.03
N VAL G 114 2.34 -96.98 26.91
CA VAL G 114 3.15 -96.96 25.69
C VAL G 114 3.43 -95.50 25.32
N PRO G 115 4.68 -95.08 25.10
CA PRO G 115 5.89 -95.88 25.06
C PRO G 115 6.66 -95.97 26.37
N HIS G 116 6.37 -95.18 27.41
CA HIS G 116 7.28 -95.09 28.56
C HIS G 116 7.42 -96.37 29.35
N LEU G 117 6.33 -97.01 29.77
CA LEU G 117 6.44 -98.27 30.50
C LEU G 117 6.94 -99.43 29.62
N THR G 118 6.56 -99.51 28.35
CA THR G 118 7.11 -100.54 27.47
C THR G 118 8.58 -100.32 27.15
N ASN G 119 9.08 -99.09 27.17
CA ASN G 119 10.51 -98.82 27.18
C ASN G 119 11.14 -99.29 28.48
N ALA G 120 10.54 -99.03 29.65
CA ALA G 120 11.09 -99.48 30.92
C ALA G 120 11.32 -101.00 30.95
N ILE G 121 10.35 -101.78 30.50
CA ILE G 121 10.48 -103.24 30.43
C ILE G 121 11.63 -103.65 29.51
N GLN G 122 11.77 -103.08 28.31
CA GLN G 122 12.91 -103.38 27.43
C GLN G 122 14.24 -102.97 28.06
N ASP G 123 14.29 -101.81 28.69
CA ASP G 123 15.49 -101.31 29.36
C ASP G 123 15.85 -102.17 30.58
N TRP G 124 14.88 -102.80 31.25
CA TRP G 124 15.13 -103.78 32.32
C TRP G 124 15.66 -105.10 31.77
N ILE G 125 15.05 -105.69 30.75
CA ILE G 125 15.53 -106.94 30.16
C ILE G 125 16.96 -106.79 29.65
N GLU G 126 17.28 -105.77 28.87
CA GLU G 126 18.65 -105.60 28.39
C GLU G 126 19.61 -105.16 29.49
N ARG G 127 19.14 -104.53 30.58
CA ARG G 127 20.00 -104.25 31.75
C ARG G 127 20.41 -105.55 32.39
N VAL G 128 19.43 -106.36 32.79
CA VAL G 128 19.65 -107.58 33.55
C VAL G 128 20.42 -108.62 32.74
N ALA G 129 20.20 -108.71 31.44
CA ALA G 129 20.93 -109.63 30.57
C ALA G 129 22.44 -109.36 30.45
N LYS G 130 22.94 -108.21 30.92
CA LYS G 130 24.39 -107.95 31.05
C LYS G 130 25.04 -108.64 32.25
N ILE G 131 24.29 -108.89 33.33
CA ILE G 131 24.83 -109.33 34.62
C ILE G 131 25.51 -110.71 34.46
N PRO G 132 26.76 -110.90 34.93
CA PRO G 132 27.51 -112.14 34.76
C PRO G 132 27.13 -113.20 35.80
N VAL G 133 26.04 -113.93 35.57
CA VAL G 133 25.50 -114.92 36.50
C VAL G 133 26.26 -116.25 36.52
N ASP G 134 27.21 -116.43 35.62
CA ASP G 134 27.85 -117.70 35.24
C ASP G 134 29.21 -117.93 35.90
N ASP G 135 29.83 -119.09 35.68
CA ASP G 135 31.08 -119.53 36.33
C ASP G 135 32.36 -118.73 35.95
N THR G 136 32.24 -117.68 35.15
CA THR G 136 33.26 -116.66 34.97
C THR G 136 32.59 -115.33 34.68
N GLY G 137 33.24 -114.23 35.05
CA GLY G 137 32.64 -112.90 35.12
C GLY G 137 32.26 -112.23 33.78
N MET G 138 32.30 -112.92 32.63
CA MET G 138 31.87 -112.35 31.35
C MET G 138 30.35 -112.34 31.22
N GLU G 139 29.81 -111.31 30.56
CA GLU G 139 28.37 -111.18 30.32
C GLU G 139 27.80 -112.38 29.54
N PRO G 140 26.57 -112.84 29.81
CA PRO G 140 25.95 -113.96 29.11
C PRO G 140 25.84 -113.77 27.59
N ASP G 141 25.78 -114.88 26.87
CA ASP G 141 25.65 -114.91 25.40
C ASP G 141 24.23 -115.17 24.94
N VAL G 142 23.42 -115.87 25.73
CA VAL G 142 21.98 -116.04 25.51
C VAL G 142 21.23 -115.75 26.80
N CYS G 143 20.09 -115.07 26.72
CA CYS G 143 19.15 -114.93 27.83
C CYS G 143 17.84 -115.63 27.51
N ILE G 144 17.36 -116.52 28.38
CA ILE G 144 16.05 -117.16 28.24
C ILE G 144 15.04 -116.30 29.00
N ILE G 145 14.04 -115.72 28.32
CA ILE G 145 13.02 -114.88 28.94
C ILE G 145 11.73 -115.66 29.04
N GLU G 146 11.25 -116.01 30.22
CA GLU G 146 9.98 -116.69 30.36
C GLU G 146 8.89 -115.69 30.72
N LEU G 147 7.91 -115.56 29.85
CA LEU G 147 6.75 -114.71 30.05
C LEU G 147 5.65 -115.52 30.74
N GLY G 148 5.39 -115.26 32.01
CA GLY G 148 4.29 -115.88 32.74
C GLY G 148 2.91 -115.41 32.31
N GLY G 149 1.88 -116.01 32.91
CA GLY G 149 0.49 -115.83 32.50
C GLY G 149 0.20 -116.44 31.14
N THR G 150 -0.82 -115.95 30.43
CA THR G 150 -1.09 -116.32 29.03
C THR G 150 -1.20 -115.08 28.16
N VAL G 151 -0.74 -115.16 26.92
CA VAL G 151 -0.92 -114.07 25.95
C VAL G 151 -2.42 -113.84 25.74
N GLY G 152 -2.88 -112.59 25.83
CA GLY G 152 -4.30 -112.23 25.81
C GLY G 152 -4.94 -112.05 27.20
N ASP G 153 -4.12 -112.15 28.23
CA ASP G 153 -4.57 -111.80 29.61
C ASP G 153 -4.51 -110.27 29.67
N ILE G 154 -5.36 -109.60 30.47
CA ILE G 154 -5.30 -108.11 30.67
C ILE G 154 -4.16 -107.82 31.64
N GLU G 155 -3.51 -108.84 32.17
CA GLU G 155 -2.40 -108.75 33.16
C GLU G 155 -1.07 -108.86 32.44
N SER G 156 -1.04 -109.52 31.28
CA SER G 156 0.21 -109.79 30.50
C SER G 156 0.31 -108.86 29.30
N ALA G 157 -0.64 -107.95 29.09
CA ALA G 157 -0.68 -107.09 27.88
C ALA G 157 0.52 -106.12 27.84
N PRO G 158 0.98 -105.50 28.95
CA PRO G 158 2.17 -104.63 28.91
C PRO G 158 3.44 -105.32 28.46
N PHE G 159 3.63 -106.58 28.81
CA PHE G 159 4.83 -107.35 28.48
C PHE G 159 4.88 -107.83 27.03
N VAL G 160 3.77 -108.25 26.44
CA VAL G 160 3.76 -108.58 24.99
C VAL G 160 3.93 -107.35 24.12
N GLU G 161 3.49 -106.17 24.54
CA GLU G 161 3.90 -104.92 23.90
C GLU G 161 5.41 -104.71 24.02
N ALA G 162 5.96 -104.79 25.23
CA ALA G 162 7.37 -104.51 25.41
C ALA G 162 8.25 -105.50 24.66
N LEU G 163 7.91 -106.79 24.67
CA LEU G 163 8.61 -107.81 23.91
C LEU G 163 8.46 -107.57 22.40
N ARG G 164 7.29 -107.16 21.87
CA ARG G 164 7.17 -106.85 20.42
C ARG G 164 8.17 -105.78 20.02
N GLN G 165 8.18 -104.66 20.73
CA GLN G 165 9.12 -103.57 20.47
C GLN G 165 10.57 -104.07 20.62
N PHE G 166 10.81 -104.98 21.56
CA PHE G 166 12.12 -105.60 21.75
C PHE G 166 12.57 -106.45 20.57
N GLN G 167 11.67 -107.01 19.75
CA GLN G 167 12.06 -107.71 18.51
C GLN G 167 12.73 -106.79 17.49
N PHE G 168 12.71 -105.47 17.71
CA PHE G 168 13.30 -104.45 16.83
C PHE G 168 14.46 -103.73 17.52
N LYS G 169 14.35 -103.47 18.83
CA LYS G 169 15.44 -102.89 19.63
C LYS G 169 16.64 -103.85 19.66
N VAL G 170 16.36 -105.13 19.87
CA VAL G 170 17.21 -106.27 19.46
C VAL G 170 16.84 -106.64 18.03
N GLY G 171 17.76 -107.13 17.21
CA GLY G 171 17.42 -107.58 15.85
C GLY G 171 16.73 -108.94 15.77
N LYS G 172 16.00 -109.21 14.68
CA LYS G 172 15.79 -110.57 14.20
C LYS G 172 17.17 -111.18 13.85
N GLU G 173 17.31 -112.49 13.95
CA GLU G 173 18.62 -113.16 14.05
C GLU G 173 19.41 -112.83 15.33
N ASN G 174 18.81 -112.13 16.32
CA ASN G 174 19.28 -112.11 17.71
C ASN G 174 18.16 -112.50 18.69
N PHE G 175 16.91 -112.29 18.38
CA PHE G 175 15.75 -112.68 19.18
C PHE G 175 14.97 -113.82 18.51
N ALA G 176 14.49 -114.80 19.28
CA ALA G 176 13.58 -115.86 18.83
C ALA G 176 12.54 -116.21 19.89
N LEU G 177 11.39 -116.75 19.51
CA LEU G 177 10.30 -117.07 20.45
C LEU G 177 9.84 -118.53 20.33
N ILE G 178 9.68 -119.20 21.45
CA ILE G 178 9.06 -120.51 21.62
C ILE G 178 7.68 -120.31 22.24
N HIS G 179 6.60 -120.73 21.58
CA HIS G 179 5.26 -120.59 22.12
C HIS G 179 4.76 -121.94 22.57
N VAL G 180 4.33 -122.08 23.80
CA VAL G 180 3.93 -123.36 24.39
C VAL G 180 2.41 -123.43 24.37
N SER G 181 1.81 -124.48 23.81
CA SER G 181 0.36 -124.47 23.50
C SER G 181 -0.31 -125.82 23.69
N LEU G 182 -1.65 -125.85 23.80
CA LEU G 182 -2.37 -127.05 24.21
C LEU G 182 -2.91 -127.82 23.02
N VAL G 183 -2.70 -129.13 22.98
CA VAL G 183 -3.40 -130.05 22.09
C VAL G 183 -4.25 -130.94 22.98
N PRO G 184 -5.51 -130.58 23.32
CA PRO G 184 -6.35 -131.45 24.12
C PRO G 184 -6.72 -132.68 23.31
N VAL G 185 -6.79 -133.82 23.98
CA VAL G 185 -7.28 -135.06 23.42
C VAL G 185 -8.64 -135.34 24.01
N ILE G 186 -9.68 -135.35 23.18
CA ILE G 186 -11.03 -135.78 23.57
C ILE G 186 -11.59 -136.73 22.53
N HIS G 187 -12.42 -137.69 22.96
CA HIS G 187 -12.87 -138.79 22.10
C HIS G 187 -11.69 -139.51 21.40
N GLY G 188 -10.54 -139.57 22.07
CA GLY G 188 -9.31 -140.13 21.54
C GLY G 188 -8.70 -139.40 20.34
N GLU G 189 -9.08 -138.15 20.03
CA GLU G 189 -8.51 -137.33 18.95
C GLU G 189 -7.80 -136.07 19.45
N GLN G 190 -6.58 -135.83 18.98
CA GLN G 190 -5.80 -134.61 19.21
C GLN G 190 -6.39 -133.39 18.45
N LYS G 191 -7.00 -132.44 19.15
CA LYS G 191 -7.61 -131.26 18.52
C LYS G 191 -6.61 -130.12 18.42
N THR G 192 -6.44 -129.52 17.25
CA THR G 192 -5.46 -128.42 17.04
C THR G 192 -6.01 -127.05 17.37
N LYS G 193 -7.33 -126.85 17.42
CA LYS G 193 -7.93 -125.51 17.44
C LYS G 193 -7.52 -124.59 18.61
N PRO G 194 -7.26 -125.03 19.84
CA PRO G 194 -6.78 -124.12 20.86
C PRO G 194 -5.42 -123.52 20.49
N THR G 195 -4.55 -124.26 19.82
CA THR G 195 -3.31 -123.70 19.26
C THR G 195 -3.57 -122.70 18.14
N GLN G 196 -4.54 -122.92 17.24
CA GLN G 196 -4.91 -121.93 16.22
C GLN G 196 -5.43 -120.63 16.85
N ALA G 197 -6.39 -120.68 17.77
CA ALA G 197 -6.93 -119.51 18.45
C ALA G 197 -5.89 -118.76 19.32
N ALA G 198 -4.97 -119.46 19.99
CA ALA G 198 -3.90 -118.81 20.75
C ALA G 198 -2.76 -118.27 19.88
N ILE G 199 -2.55 -118.80 18.68
CA ILE G 199 -1.59 -118.24 17.72
C ILE G 199 -2.20 -117.03 17.01
N LYS G 200 -3.49 -117.06 16.69
CA LYS G 200 -4.25 -115.87 16.30
C LYS G 200 -4.11 -114.77 17.35
N GLY G 201 -4.30 -115.07 18.63
CA GLY G 201 -4.00 -114.13 19.72
C GLY G 201 -2.56 -113.63 19.69
N LEU G 202 -1.58 -114.51 19.57
CA LEU G 202 -0.16 -114.14 19.55
C LEU G 202 0.17 -113.16 18.42
N ARG G 203 -0.21 -113.46 17.18
CA ARG G 203 0.09 -112.56 16.06
C ARG G 203 -0.67 -111.24 16.15
N SER G 204 -1.82 -111.20 16.80
CA SER G 204 -2.54 -109.95 17.04
C SER G 204 -1.68 -108.95 17.81
N LEU G 205 -1.01 -109.38 18.87
CA LEU G 205 -0.10 -108.56 19.68
C LEU G 205 1.30 -108.39 19.05
N GLY G 206 1.64 -109.20 18.05
CA GLY G 206 2.65 -108.92 17.04
C GLY G 206 3.92 -109.75 17.13
N LEU G 207 4.04 -110.57 18.16
CA LEU G 207 5.07 -111.59 18.27
C LEU G 207 4.81 -112.69 17.25
N VAL G 208 5.84 -113.30 16.67
CA VAL G 208 5.72 -114.46 15.78
C VAL G 208 6.57 -115.61 16.32
N PRO G 209 6.02 -116.83 16.44
CA PRO G 209 6.73 -117.93 17.04
C PRO G 209 7.67 -118.57 16.04
N ASP G 210 8.91 -118.76 16.44
CA ASP G 210 9.91 -119.51 15.68
C ASP G 210 9.83 -121.00 15.96
N MET G 211 9.21 -121.37 17.08
CA MET G 211 8.82 -122.72 17.41
C MET G 211 7.45 -122.73 18.09
N ILE G 212 6.73 -123.82 17.95
CA ILE G 212 5.60 -124.13 18.81
C ILE G 212 5.98 -125.37 19.61
N ALA G 213 5.61 -125.46 20.88
CA ALA G 213 5.84 -126.62 21.71
C ALA G 213 4.55 -127.07 22.38
N CYS G 214 4.14 -128.32 22.22
CA CYS G 214 2.80 -128.72 22.66
C CYS G 214 2.79 -129.47 23.99
N ARG G 215 1.95 -129.01 24.93
CA ARG G 215 1.41 -129.86 25.98
C ARG G 215 0.39 -130.78 25.34
N CYS G 216 0.62 -132.08 25.41
CA CYS G 216 -0.31 -133.06 24.92
C CYS G 216 -0.25 -134.31 25.81
N SER G 217 -1.37 -135.01 25.95
CA SER G 217 -1.43 -136.29 26.66
C SER G 217 -0.71 -137.43 25.92
N GLU G 218 -0.30 -137.22 24.68
CA GLU G 218 0.20 -138.25 23.75
C GLU G 218 1.45 -137.81 23.00
N THR G 219 2.09 -138.72 22.27
CA THR G 219 2.95 -138.27 21.16
C THR G 219 2.05 -137.63 20.09
N LEU G 220 2.35 -136.40 19.65
CA LEU G 220 1.60 -135.78 18.57
C LEU G 220 1.59 -136.67 17.33
N ASP G 221 0.42 -136.91 16.76
CA ASP G 221 0.31 -137.57 15.47
C ASP G 221 0.98 -136.74 14.38
N LYS G 222 1.57 -137.42 13.38
CA LYS G 222 2.09 -136.82 12.16
C LYS G 222 1.13 -135.81 11.52
N PRO G 223 -0.17 -136.09 11.35
CA PRO G 223 -1.16 -135.09 10.91
C PRO G 223 -1.37 -133.92 11.88
N THR G 224 -1.24 -134.09 13.19
CA THR G 224 -1.39 -132.97 14.14
C THR G 224 -0.27 -131.96 13.97
N ILE G 225 0.96 -132.42 13.82
CA ILE G 225 2.10 -131.55 13.49
C ILE G 225 1.85 -130.81 12.18
N ASP G 226 1.38 -131.50 11.15
CA ASP G 226 1.08 -130.86 9.86
C ASP G 226 -0.04 -129.84 9.97
N LYS G 227 -1.12 -130.12 10.71
CA LYS G 227 -2.25 -129.20 10.87
C LYS G 227 -1.97 -128.03 11.82
N ILE G 228 -0.97 -128.10 12.71
CA ILE G 228 -0.43 -126.92 13.39
C ILE G 228 0.48 -126.13 12.45
N ALA G 229 1.45 -126.75 11.76
CA ALA G 229 2.35 -126.03 10.86
C ALA G 229 1.67 -125.41 9.62
N MET G 230 0.53 -125.95 9.17
CA MET G 230 -0.32 -125.32 8.13
C MET G 230 -1.05 -124.07 8.63
N PHE G 231 -1.00 -123.77 9.93
CA PHE G 231 -1.72 -122.66 10.57
C PHE G 231 -0.81 -121.68 11.33
N CYS G 232 0.49 -121.91 11.31
CA CYS G 232 1.51 -121.09 11.97
C CYS G 232 2.75 -120.98 11.09
N HIS G 233 3.59 -119.98 11.32
CA HIS G 233 4.72 -119.69 10.42
C HIS G 233 6.00 -120.50 10.74
N VAL G 234 5.82 -121.78 11.09
CA VAL G 234 6.87 -122.73 11.50
C VAL G 234 6.93 -123.90 10.53
N GLY G 235 8.10 -124.48 10.27
CA GLY G 235 8.17 -125.76 9.56
C GLY G 235 7.62 -126.88 10.42
N PRO G 236 7.25 -128.04 9.88
CA PRO G 236 6.75 -129.15 10.67
C PRO G 236 7.78 -129.72 11.67
N GLU G 237 9.07 -129.49 11.43
CA GLU G 237 10.18 -129.87 12.32
C GLU G 237 10.37 -128.94 13.54
N GLN G 238 9.68 -127.80 13.61
CA GLN G 238 9.66 -126.89 14.76
C GLN G 238 8.33 -126.91 15.54
N VAL G 239 7.49 -127.92 15.35
CA VAL G 239 6.42 -128.24 16.31
C VAL G 239 6.96 -129.27 17.30
N VAL G 240 7.63 -128.79 18.33
CA VAL G 240 8.23 -129.56 19.42
C VAL G 240 7.13 -130.18 20.29
N ASN G 241 7.42 -131.25 21.00
CA ASN G 241 6.46 -131.95 21.85
C ASN G 241 7.09 -132.50 23.13
N VAL G 242 6.77 -131.89 24.27
CA VAL G 242 7.21 -132.34 25.59
C VAL G 242 6.22 -133.39 26.12
N HIS G 243 6.31 -134.62 25.62
CA HIS G 243 5.44 -135.73 26.02
C HIS G 243 5.90 -136.36 27.35
N ASP G 244 5.13 -137.32 27.86
CA ASP G 244 5.50 -138.12 29.04
C ASP G 244 6.89 -138.75 28.86
N VAL G 245 7.75 -138.60 29.86
CA VAL G 245 9.13 -139.11 29.92
C VAL G 245 9.43 -139.69 31.30
N ASN G 246 10.48 -140.49 31.42
CA ASN G 246 10.76 -141.23 32.65
C ASN G 246 10.94 -140.31 33.86
N SER G 247 11.56 -139.14 33.68
CA SER G 247 11.62 -138.08 34.69
C SER G 247 11.93 -136.73 34.07
N THR G 248 11.67 -135.66 34.78
CA THR G 248 11.82 -134.28 34.30
C THR G 248 13.24 -133.94 33.84
N TYR G 249 14.26 -134.60 34.38
CA TYR G 249 15.65 -134.41 33.96
C TYR G 249 15.94 -134.95 32.56
N HIS G 250 15.05 -135.75 31.97
CA HIS G 250 15.18 -136.18 30.58
C HIS G 250 14.75 -135.12 29.56
N VAL G 251 13.96 -134.12 29.93
CA VAL G 251 13.41 -133.17 28.95
C VAL G 251 14.47 -132.50 28.09
N PRO G 252 15.64 -132.03 28.57
CA PRO G 252 16.61 -131.46 27.65
C PRO G 252 17.17 -132.48 26.63
N LEU G 253 17.27 -133.75 26.98
CA LEU G 253 17.60 -134.77 25.96
C LEU G 253 16.43 -134.97 24.98
N LEU G 254 15.17 -134.96 25.44
CA LEU G 254 14.01 -135.01 24.55
C LEU G 254 14.00 -133.86 23.55
N LEU G 255 14.21 -132.62 24.01
CA LEU G 255 14.28 -131.44 23.14
C LEU G 255 15.44 -131.56 22.14
N LEU G 256 16.62 -131.97 22.59
CA LEU G 256 17.78 -132.16 21.72
C LEU G 256 17.55 -133.28 20.68
N GLU G 257 16.88 -134.36 21.02
CA GLU G 257 16.56 -135.44 20.09
C GLU G 257 15.45 -135.06 19.10
N GLN G 258 14.52 -134.18 19.48
CA GLN G 258 13.58 -133.50 18.57
C GLN G 258 14.25 -132.39 17.73
N LYS G 259 15.58 -132.36 17.65
CA LYS G 259 16.38 -131.39 16.87
C LYS G 259 16.04 -129.94 17.20
N MET G 260 15.65 -129.66 18.44
CA MET G 260 15.24 -128.32 18.85
C MET G 260 16.42 -127.35 18.75
N ILE G 261 17.60 -127.73 19.23
CA ILE G 261 18.80 -126.88 19.17
C ILE G 261 19.42 -126.80 17.79
N ASP G 262 19.31 -127.84 16.97
CA ASP G 262 19.85 -127.80 15.61
C ASP G 262 19.14 -126.75 14.74
N TYR G 263 17.92 -126.35 15.11
CA TYR G 263 17.27 -125.15 14.61
C TYR G 263 17.78 -123.88 15.31
N LEU G 264 17.75 -123.77 16.64
CA LEU G 264 18.17 -122.54 17.33
C LEU G 264 19.61 -122.12 17.00
N HIS G 265 20.51 -123.05 16.79
CA HIS G 265 21.84 -122.79 16.29
C HIS G 265 21.84 -121.95 15.00
N ALA G 266 20.98 -122.29 14.03
CA ALA G 266 20.83 -121.54 12.78
C ALA G 266 19.97 -120.29 12.96
N ARG G 267 18.84 -120.39 13.66
CA ARG G 267 17.85 -119.30 13.83
C ARG G 267 18.38 -118.13 14.65
N LEU G 268 19.30 -118.36 15.57
CA LEU G 268 20.04 -117.34 16.33
C LEU G 268 21.49 -117.19 15.83
N LYS G 269 21.85 -117.86 14.72
CA LYS G 269 23.16 -117.80 14.06
C LYS G 269 24.34 -117.88 15.04
N LEU G 270 24.32 -118.87 15.93
CA LEU G 270 25.23 -118.96 17.09
C LEU G 270 26.69 -119.26 16.75
N ASP G 271 27.04 -119.54 15.49
CA ASP G 271 28.44 -119.45 15.04
C ASP G 271 29.05 -118.06 15.27
N GLU G 272 28.23 -117.01 15.40
CA GLU G 272 28.70 -115.64 15.66
C GLU G 272 29.17 -115.39 17.11
N ILE G 273 29.00 -116.31 18.05
CA ILE G 273 29.61 -116.20 19.38
C ILE G 273 31.04 -116.76 19.32
N THR G 274 35.39 -119.30 22.90
CA THR G 274 36.73 -119.68 23.34
C THR G 274 36.81 -121.18 23.66
N GLU G 275 38.00 -121.78 23.64
CA GLU G 275 38.19 -123.21 23.91
C GLU G 275 37.62 -123.65 25.27
N GLU G 276 37.71 -122.80 26.30
CA GLU G 276 37.09 -123.06 27.60
C GLU G 276 35.58 -123.30 27.48
N GLU G 277 34.85 -122.50 26.70
CA GLU G 277 33.41 -122.67 26.48
C GLU G 277 33.12 -123.96 25.71
N LYS G 278 33.88 -124.23 24.66
CA LYS G 278 33.71 -125.45 23.85
C LYS G 278 33.91 -126.70 24.69
N GLN G 279 34.95 -126.72 25.53
CA GLN G 279 35.18 -127.81 26.49
C GLN G 279 34.05 -127.92 27.52
N ARG G 280 33.70 -126.82 28.20
CA ARG G 280 32.62 -126.83 29.19
C ARG G 280 31.26 -127.24 28.60
N GLY G 281 31.05 -127.04 27.30
CA GLY G 281 29.90 -127.60 26.59
C GLY G 281 29.94 -129.13 26.53
N LEU G 282 31.03 -129.71 26.06
CA LEU G 282 31.17 -131.18 25.99
C LEU G 282 31.10 -131.82 27.39
N GLU G 283 31.74 -131.22 28.39
CA GLU G 283 31.65 -131.68 29.76
C GLU G 283 30.21 -131.64 30.28
N LEU G 284 29.41 -130.62 29.98
CA LEU G 284 28.02 -130.58 30.43
C LEU G 284 27.20 -131.70 29.79
N LEU G 285 27.41 -132.01 28.52
CA LEU G 285 26.80 -133.18 27.91
C LEU G 285 27.25 -134.48 28.57
N SER G 286 28.54 -134.66 28.87
CA SER G 286 29.01 -135.88 29.53
C SER G 286 28.38 -136.06 30.90
N LYS G 287 28.28 -134.99 31.68
CA LYS G 287 27.62 -134.98 32.99
C LYS G 287 26.12 -135.20 32.89
N TRP G 288 25.48 -134.77 31.81
CA TRP G 288 24.08 -135.10 31.56
C TRP G 288 23.93 -136.58 31.24
N LYS G 289 24.78 -137.15 30.38
CA LYS G 289 24.76 -138.60 30.11
C LYS G 289 25.00 -139.41 31.38
N ALA G 290 25.86 -138.96 32.29
CA ALA G 290 26.05 -139.57 33.60
C ALA G 290 24.79 -139.56 34.49
N THR G 291 24.17 -138.40 34.77
CA THR G 291 22.94 -138.37 35.59
C THR G 291 21.80 -139.12 34.92
N THR G 292 21.72 -139.10 33.59
CA THR G 292 20.75 -139.91 32.86
C THR G 292 21.02 -141.40 33.02
N GLY G 293 22.28 -141.83 32.87
CA GLY G 293 22.69 -143.23 33.08
C GLY G 293 22.36 -143.69 34.49
N ASN G 294 22.65 -142.88 35.50
CA ASN G 294 22.28 -143.13 36.89
C ASN G 294 20.76 -143.27 37.14
N PHE G 295 19.89 -142.88 36.22
CA PHE G 295 18.45 -143.16 36.31
C PHE G 295 18.13 -144.52 35.71
N ASP G 296 18.62 -144.83 34.51
CA ASP G 296 18.44 -146.15 33.89
C ASP G 296 19.08 -147.28 34.73
N GLU G 297 20.32 -147.07 35.17
CA GLU G 297 21.12 -147.97 36.01
C GLU G 297 20.69 -147.92 37.49
N GLU G 298 17.33 -150.01 42.51
CA GLU G 298 16.81 -150.20 43.88
C GLU G 298 16.27 -148.90 44.50
N THR G 299 15.19 -148.97 45.29
CA THR G 299 14.55 -147.83 45.93
C THR G 299 15.18 -147.43 47.27
N VAL G 300 15.18 -146.13 47.57
CA VAL G 300 15.39 -145.55 48.90
C VAL G 300 14.10 -144.87 49.34
N LYS G 301 13.55 -145.22 50.50
CA LYS G 301 12.29 -144.65 51.02
C LYS G 301 12.64 -143.59 52.07
N ILE G 302 12.18 -142.35 51.94
CA ILE G 302 12.48 -141.27 52.91
C ILE G 302 11.17 -140.69 53.43
N ALA G 303 10.96 -140.60 54.74
CA ALA G 303 9.81 -139.90 55.29
C ALA G 303 10.17 -138.43 55.43
N LEU G 304 9.46 -137.55 54.74
CA LEU G 304 9.55 -136.11 54.92
C LEU G 304 8.41 -135.69 55.82
N VAL G 305 8.74 -135.20 57.01
CA VAL G 305 7.80 -134.98 58.10
C VAL G 305 7.69 -133.50 58.40
N GLY G 306 6.55 -132.88 58.18
CA GLY G 306 6.39 -131.46 58.43
C GLY G 306 4.96 -131.00 58.49
N LYS G 307 4.74 -129.70 58.66
CA LYS G 307 3.41 -129.08 58.57
C LYS G 307 2.87 -129.17 57.14
N TYR G 308 1.58 -129.45 57.02
CA TYR G 308 0.78 -129.26 55.78
C TYR G 308 1.46 -129.81 54.52
N THR G 309 2.06 -130.99 54.59
CA THR G 309 2.68 -131.71 53.47
C THR G 309 1.74 -131.99 52.30
N ASN G 310 0.43 -131.84 52.47
CA ASN G 310 -0.57 -131.82 51.41
C ASN G 310 -0.26 -130.77 50.34
N LEU G 311 0.31 -129.63 50.74
CA LEU G 311 0.67 -128.48 49.91
C LEU G 311 2.07 -128.69 49.32
N LYS G 312 2.19 -129.67 48.43
CA LYS G 312 3.49 -130.23 48.00
C LYS G 312 4.45 -129.24 47.33
N ASP G 313 3.96 -128.19 46.67
CA ASP G 313 4.83 -127.11 46.18
C ASP G 313 5.53 -126.33 47.30
N SER G 314 4.98 -126.34 48.51
CA SER G 314 5.57 -125.65 49.65
C SER G 314 6.91 -126.26 50.11
N TYR G 315 7.23 -127.47 49.63
CA TYR G 315 8.51 -128.16 49.88
C TYR G 315 9.29 -128.42 48.58
N LEU G 316 9.00 -127.69 47.50
CA LEU G 316 9.57 -128.00 46.18
C LEU G 316 11.09 -128.12 46.17
N SER G 317 11.83 -127.21 46.78
CA SER G 317 13.29 -127.24 46.75
C SER G 317 13.84 -128.49 47.42
N VAL G 318 13.23 -128.88 48.54
CA VAL G 318 13.60 -130.08 49.28
C VAL G 318 13.45 -131.31 48.40
N ILE G 319 12.34 -131.44 47.66
CA ILE G 319 12.15 -132.57 46.73
C ILE G 319 13.26 -132.58 45.69
N LYS G 320 13.54 -131.47 45.04
CA LYS G 320 14.57 -131.42 43.99
C LYS G 320 15.96 -131.72 44.56
N ALA G 321 16.28 -131.29 45.77
CA ALA G 321 17.56 -131.63 46.41
C ALA G 321 17.71 -133.13 46.70
N LEU G 322 16.63 -133.81 47.05
CA LEU G 322 16.60 -135.27 47.18
C LEU G 322 16.72 -135.97 45.82
N GLU G 323 16.11 -135.45 44.75
CA GLU G 323 16.23 -136.00 43.41
C GLU G 323 17.67 -135.91 42.90
N HIS G 324 18.33 -134.76 43.02
CA HIS G 324 19.70 -134.58 42.50
C HIS G 324 20.66 -135.55 43.14
N SER G 325 20.54 -135.71 44.44
CA SER G 325 21.36 -136.65 45.22
C SER G 325 21.03 -138.11 44.89
N SER G 326 19.76 -138.47 44.74
CA SER G 326 19.37 -139.84 44.43
C SER G 326 19.93 -140.34 43.09
N MET G 327 20.10 -139.48 42.10
CA MET G 327 20.77 -139.84 40.85
C MET G 327 22.28 -140.04 41.04
N LYS G 328 22.91 -139.47 42.05
CA LYS G 328 24.32 -139.77 42.33
C LYS G 328 24.42 -141.17 42.93
N CYS G 329 23.54 -141.53 43.86
CA CYS G 329 23.46 -142.87 44.48
C CYS G 329 22.89 -143.98 43.57
N ARG G 330 22.52 -143.68 42.32
CA ARG G 330 21.88 -144.60 41.37
C ARG G 330 20.57 -145.23 41.88
N ARG G 331 19.92 -144.65 42.90
CA ARG G 331 18.77 -145.27 43.58
C ARG G 331 17.51 -144.46 43.40
N LYS G 332 16.38 -145.16 43.26
CA LYS G 332 15.08 -144.56 42.99
C LYS G 332 14.53 -143.93 44.25
N LEU G 333 14.09 -142.69 44.19
CA LEU G 333 13.61 -141.95 45.35
C LEU G 333 12.11 -142.16 45.56
N ASP G 334 11.73 -142.46 46.79
CA ASP G 334 10.33 -142.61 47.19
C ASP G 334 10.04 -141.79 48.44
N ILE G 335 9.66 -140.52 48.28
CA ILE G 335 9.32 -139.66 49.42
C ILE G 335 7.96 -140.09 49.97
N LYS G 336 7.90 -140.47 51.25
CA LYS G 336 6.64 -140.58 51.97
C LYS G 336 6.32 -139.23 52.58
N TRP G 337 5.16 -138.67 52.27
CA TRP G 337 4.68 -137.42 52.83
C TRP G 337 3.92 -137.66 54.12
N VAL G 338 4.44 -137.16 55.24
CA VAL G 338 3.83 -137.28 56.57
C VAL G 338 3.39 -135.92 57.07
N GLU G 339 2.13 -135.73 57.41
CA GLU G 339 1.73 -134.57 58.21
C GLU G 339 2.24 -134.77 59.63
N ALA G 340 3.10 -133.87 60.10
CA ALA G 340 3.71 -133.98 61.41
C ALA G 340 2.68 -134.08 62.53
N THR G 341 1.58 -133.34 62.46
CA THR G 341 0.56 -133.38 63.50
C THR G 341 -0.17 -134.72 63.61
N ASP G 342 -0.18 -135.54 62.55
CA ASP G 342 -0.79 -136.87 62.62
C ASP G 342 0.04 -137.89 63.40
N LEU G 343 1.29 -137.57 63.75
CA LEU G 343 2.11 -138.41 64.61
C LEU G 343 1.76 -138.24 66.09
N GLU G 344 1.06 -137.18 66.47
CA GLU G 344 0.88 -136.80 67.87
C GLU G 344 0.05 -137.82 68.68
N PRO G 345 0.34 -138.06 69.97
CA PRO G 345 -0.49 -138.88 70.84
C PRO G 345 -1.95 -138.44 70.96
N GLU G 346 -2.24 -137.16 70.71
CA GLU G 346 -3.61 -136.62 70.65
C GLU G 346 -4.35 -137.02 69.37
N ALA G 347 -3.63 -137.16 68.25
CA ALA G 347 -4.25 -137.53 66.98
C ALA G 347 -4.87 -138.93 67.03
N GLN G 348 -4.36 -139.81 67.91
CA GLN G 348 -4.84 -141.18 68.06
C GLN G 348 -6.32 -141.28 68.47
N GLU G 349 -6.82 -140.38 69.31
CA GLU G 349 -8.27 -140.33 69.60
C GLU G 349 -9.05 -139.44 68.62
N SER G 350 -8.41 -138.41 68.07
CA SER G 350 -9.07 -137.42 67.22
C SER G 350 -9.35 -137.95 65.81
N ASN G 351 -8.36 -138.59 65.18
CA ASN G 351 -8.39 -139.01 63.78
C ASN G 351 -7.55 -140.27 63.55
N LYS G 352 -7.89 -141.35 64.25
CA LYS G 352 -7.04 -142.55 64.42
C LYS G 352 -6.51 -143.11 63.09
N THR G 353 -7.31 -143.15 62.04
CA THR G 353 -6.93 -143.77 60.76
C THR G 353 -5.70 -143.11 60.16
N LYS G 354 -5.69 -141.78 60.08
CA LYS G 354 -4.55 -141.05 59.51
C LYS G 354 -3.31 -141.12 60.38
N PHE G 355 -3.49 -141.21 61.70
CA PHE G 355 -2.42 -141.43 62.65
C PHE G 355 -1.67 -142.75 62.40
N HIS G 356 -2.38 -143.85 62.11
CA HIS G 356 -1.71 -145.09 61.71
C HIS G 356 -1.00 -144.97 60.37
N GLU G 357 -1.58 -144.29 59.38
CA GLU G 357 -0.90 -144.08 58.10
C GLU G 357 0.40 -143.30 58.28
N ALA G 358 0.38 -142.25 59.10
CA ALA G 358 1.56 -141.46 59.40
C ALA G 358 2.65 -142.30 60.08
N TRP G 359 2.29 -143.08 61.09
CA TRP G 359 3.27 -143.90 61.79
C TRP G 359 3.78 -145.07 60.96
N ASN G 360 2.99 -145.66 60.08
CA ASN G 360 3.52 -146.65 59.15
C ASN G 360 4.59 -146.06 58.25
N MET G 361 4.38 -144.85 57.72
CA MET G 361 5.39 -144.18 56.89
C MET G 361 6.67 -143.97 57.69
N VAL G 362 6.60 -143.43 58.91
CA VAL G 362 7.78 -143.20 59.76
C VAL G 362 8.53 -144.50 60.04
N SER G 363 7.80 -145.57 60.33
CA SER G 363 8.35 -146.91 60.63
C SER G 363 8.94 -147.61 59.42
N THR G 364 8.45 -147.34 58.22
CA THR G 364 8.92 -147.95 56.97
C THR G 364 10.21 -147.31 56.48
N ALA G 365 10.36 -146.00 56.64
CA ALA G 365 11.35 -145.24 55.91
C ALA G 365 12.80 -145.61 56.24
N ASP G 366 13.66 -145.61 55.21
CA ASP G 366 15.10 -145.81 55.33
C ASP G 366 15.82 -144.55 55.81
N GLY G 367 15.17 -143.41 55.80
CA GLY G 367 15.69 -142.15 56.32
C GLY G 367 14.56 -141.23 56.77
N ILE G 368 14.83 -140.33 57.69
CA ILE G 368 13.87 -139.31 58.13
C ILE G 368 14.42 -137.93 57.79
N LEU G 369 13.52 -137.02 57.44
CA LEU G 369 13.83 -135.67 57.02
C LEU G 369 12.82 -134.72 57.62
N ILE G 370 13.28 -133.79 58.43
CA ILE G 370 12.45 -132.70 58.96
C ILE G 370 12.84 -131.44 58.18
N PRO G 371 11.94 -130.84 57.39
CA PRO G 371 12.31 -130.06 56.19
C PRO G 371 12.45 -128.55 56.38
N GLY G 372 12.39 -128.04 57.61
CA GLY G 372 12.39 -126.60 57.87
C GLY G 372 11.02 -125.95 57.65
N GLY G 373 10.02 -126.47 58.36
CA GLY G 373 8.65 -126.02 58.28
C GLY G 373 8.40 -124.57 58.68
N PHE G 374 7.18 -124.10 58.42
CA PHE G 374 6.71 -122.76 58.73
C PHE G 374 5.76 -122.79 59.95
N GLY G 375 6.04 -121.98 60.97
CA GLY G 375 5.26 -121.89 62.20
C GLY G 375 5.36 -123.10 63.13
N VAL G 376 4.63 -123.07 64.24
CA VAL G 376 4.84 -124.01 65.37
C VAL G 376 4.06 -125.33 65.29
N ARG G 377 2.92 -125.36 64.58
CA ARG G 377 1.89 -126.41 64.68
C ARG G 377 2.41 -127.85 64.68
N GLY G 378 3.27 -128.20 63.72
CA GLY G 378 3.77 -129.58 63.55
C GLY G 378 4.77 -130.06 64.62
N THR G 379 5.26 -129.17 65.49
CA THR G 379 6.44 -129.42 66.32
C THR G 379 6.34 -130.70 67.12
N GLU G 380 5.22 -130.98 67.78
CA GLU G 380 5.12 -132.11 68.71
C GLU G 380 5.32 -133.46 68.01
N GLY G 381 4.81 -133.63 66.81
CA GLY G 381 5.07 -134.84 66.04
C GLY G 381 6.49 -134.90 65.49
N MET G 382 7.05 -133.79 65.03
CA MET G 382 8.42 -133.72 64.54
C MET G 382 9.44 -134.08 65.63
N VAL G 383 9.15 -133.83 66.89
CA VAL G 383 9.96 -134.31 68.02
C VAL G 383 10.02 -135.84 68.04
N LEU G 384 8.87 -136.51 67.97
CA LEU G 384 8.77 -137.97 67.99
C LEU G 384 9.42 -138.61 66.75
N ALA G 385 9.37 -137.97 65.58
CA ALA G 385 10.13 -138.40 64.42
C ALA G 385 11.66 -138.26 64.62
N ALA G 386 12.13 -137.22 65.29
CA ALA G 386 13.55 -137.09 65.60
C ALA G 386 14.04 -138.11 66.63
N ARG G 387 13.21 -138.42 67.64
CA ARG G 387 13.41 -139.46 68.67
C ARG G 387 13.51 -140.84 68.05
N TRP G 388 12.61 -141.13 67.12
CA TRP G 388 12.61 -142.37 66.37
C TRP G 388 13.91 -142.64 65.63
N ALA G 389 14.54 -141.62 65.06
CA ALA G 389 15.82 -141.74 64.38
C ALA G 389 17.05 -141.55 65.29
N ARG G 390 16.92 -140.92 66.45
CA ARG G 390 18.03 -140.88 67.43
C ARG G 390 18.25 -142.25 68.01
N GLU G 391 17.18 -142.90 68.48
CA GLU G 391 17.27 -144.13 69.27
C GLU G 391 17.58 -145.34 68.41
N ASN G 392 16.68 -145.68 67.50
CA ASN G 392 16.92 -146.62 66.42
C ASN G 392 17.83 -145.93 65.40
N HIS G 393 18.90 -146.56 64.92
CA HIS G 393 19.91 -145.89 64.06
C HIS G 393 19.48 -145.56 62.61
N ILE G 394 18.30 -144.97 62.41
CA ILE G 394 17.78 -144.48 61.13
C ILE G 394 18.57 -143.23 60.69
N PRO G 395 19.04 -143.10 59.46
CA PRO G 395 19.58 -141.86 58.92
C PRO G 395 18.61 -140.68 59.01
N PHE G 396 19.10 -139.48 59.31
CA PHE G 396 18.30 -138.30 59.55
C PHE G 396 18.95 -137.04 59.00
N LEU G 397 18.15 -136.11 58.48
CA LEU G 397 18.55 -134.73 58.27
C LEU G 397 17.48 -133.78 58.80
N GLY G 398 17.88 -132.82 59.63
CA GLY G 398 17.03 -131.73 60.05
C GLY G 398 17.47 -130.43 59.38
N VAL G 399 16.55 -129.74 58.73
CA VAL G 399 16.81 -128.46 58.07
C VAL G 399 16.12 -127.34 58.83
N CYS G 400 16.82 -126.31 59.26
CA CYS G 400 16.31 -125.15 60.00
C CYS G 400 15.48 -125.53 61.23
N LEU G 401 14.16 -125.45 61.20
CA LEU G 401 13.29 -125.98 62.26
C LEU G 401 13.61 -127.45 62.58
N GLY G 402 14.16 -128.20 61.64
CA GLY G 402 14.65 -129.55 61.90
C GLY G 402 15.87 -129.58 62.81
N LEU G 403 16.83 -128.66 62.72
CA LEU G 403 17.90 -128.57 63.72
C LEU G 403 17.34 -128.15 65.07
N GLN G 404 16.43 -127.19 65.05
CA GLN G 404 15.74 -126.74 66.24
C GLN G 404 15.08 -127.93 66.93
N ILE G 405 14.40 -128.80 66.18
CA ILE G 405 13.73 -129.99 66.71
C ILE G 405 14.67 -131.15 67.01
N ALA G 406 15.76 -131.32 66.30
CA ALA G 406 16.82 -132.23 66.71
C ALA G 406 17.41 -131.83 68.07
N THR G 407 17.55 -130.53 68.34
CA THR G 407 18.07 -130.05 69.62
C THR G 407 17.02 -130.08 70.72
N ILE G 408 15.77 -129.69 70.47
CA ILE G 408 14.67 -129.87 71.41
C ILE G 408 14.53 -131.33 71.77
N GLU G 409 14.60 -132.28 70.83
CA GLU G 409 14.44 -133.70 71.15
C GLU G 409 15.61 -134.20 71.99
N PHE G 410 16.84 -133.97 71.56
CA PHE G 410 18.01 -134.40 72.32
C PHE G 410 18.03 -133.80 73.73
N THR G 411 17.59 -132.56 73.90
CA THR G 411 17.33 -131.97 75.22
C THR G 411 16.25 -132.74 75.97
N ARG G 412 15.07 -132.91 75.37
CA ARG G 412 13.85 -133.51 75.95
C ARG G 412 13.97 -135.01 76.27
N SER G 413 15.01 -135.70 75.81
CA SER G 413 15.16 -137.15 75.99
C SER G 413 16.53 -137.61 76.48
N VAL G 414 17.60 -136.90 76.16
CA VAL G 414 18.95 -137.25 76.62
C VAL G 414 19.33 -136.48 77.89
N LEU G 415 18.96 -135.20 78.00
CA LEU G 415 19.16 -134.40 79.22
C LEU G 415 17.99 -134.45 80.22
N GLY G 416 16.96 -135.25 79.96
CA GLY G 416 15.67 -135.12 80.66
C GLY G 416 14.91 -133.88 80.21
N ARG G 417 14.83 -132.84 81.06
CA ARG G 417 14.32 -131.48 80.73
C ARG G 417 13.02 -131.46 79.91
N LYS G 418 12.02 -132.26 80.31
CA LYS G 418 10.79 -132.52 79.54
C LYS G 418 9.93 -131.29 79.22
N ASP G 419 10.09 -130.20 79.98
CA ASP G 419 9.42 -128.91 79.76
C ASP G 419 10.02 -128.07 78.60
N SER G 420 11.20 -128.42 78.07
CA SER G 420 11.88 -127.57 77.09
C SER G 420 11.15 -127.50 75.74
N HIS G 421 11.25 -126.35 75.06
CA HIS G 421 10.42 -125.98 73.92
C HIS G 421 11.14 -124.90 73.09
N SER G 422 10.68 -124.62 71.88
CA SER G 422 11.14 -123.48 71.08
C SER G 422 10.89 -122.15 71.81
N ALA G 423 11.73 -121.13 71.52
CA ALA G 423 11.52 -119.76 72.00
C ALA G 423 10.17 -119.17 71.59
N GLU G 424 9.49 -119.77 70.60
CA GLU G 424 8.11 -119.47 70.24
C GLU G 424 7.13 -119.52 71.43
N PHE G 425 7.30 -120.46 72.38
CA PHE G 425 6.55 -120.50 73.64
C PHE G 425 7.16 -119.54 74.67
N TYR G 426 7.13 -118.26 74.31
CA TYR G 426 7.83 -117.18 74.99
C TYR G 426 7.65 -117.12 76.53
N PRO G 427 6.43 -117.19 77.10
CA PRO G 427 6.23 -116.94 78.53
C PRO G 427 6.69 -118.05 79.48
N ASP G 428 7.20 -119.18 78.98
CA ASP G 428 7.87 -120.18 79.82
C ASP G 428 9.27 -119.72 80.29
N ILE G 429 9.91 -118.80 79.55
CA ILE G 429 11.20 -118.15 79.83
C ILE G 429 12.36 -119.13 80.13
N ASP G 430 12.44 -119.72 81.32
CA ASP G 430 13.59 -120.47 81.82
C ASP G 430 13.94 -121.71 80.98
N GLU G 431 12.94 -122.32 80.33
CA GLU G 431 13.07 -123.57 79.55
C GLU G 431 13.07 -123.39 78.02
N LYS G 432 13.15 -122.14 77.53
CA LYS G 432 13.30 -121.85 76.10
C LYS G 432 14.61 -122.45 75.58
N ASN G 433 14.53 -123.31 74.59
CA ASN G 433 15.68 -123.98 73.96
C ASN G 433 16.46 -123.07 72.99
N HIS G 434 15.92 -121.90 72.64
CA HIS G 434 16.42 -121.00 71.61
C HIS G 434 16.49 -119.54 72.08
N VAL G 435 17.16 -118.68 71.32
CA VAL G 435 17.25 -117.23 71.54
C VAL G 435 17.02 -116.49 70.23
N VAL G 436 16.38 -115.32 70.32
CA VAL G 436 16.19 -114.39 69.20
C VAL G 436 17.53 -113.88 68.68
N VAL G 437 17.65 -113.78 67.35
CA VAL G 437 18.79 -113.19 66.66
C VAL G 437 18.34 -112.56 65.34
N PHE G 438 17.76 -111.36 65.39
CA PHE G 438 17.19 -110.67 64.22
C PHE G 438 18.22 -110.06 63.26
N MET G 439 19.45 -109.79 63.69
CA MET G 439 20.49 -109.04 62.95
C MET G 439 19.95 -107.76 62.28
N MET G 440 15.59 -110.83 60.52
CA MET G 440 15.88 -112.19 60.07
C MET G 440 17.28 -112.31 59.45
N ARG G 441 18.03 -113.36 59.79
CA ARG G 441 19.29 -113.72 59.12
C ARG G 441 18.96 -114.33 57.77
N LEU G 442 19.51 -113.78 56.68
CA LEU G 442 19.19 -114.11 55.29
C LEU G 442 20.45 -114.23 54.42
N GLY G 443 20.29 -114.82 53.23
CA GLY G 443 21.30 -114.80 52.18
C GLY G 443 22.51 -115.68 52.44
N LEU G 444 23.46 -115.66 51.50
CA LEU G 444 24.67 -116.47 51.55
C LEU G 444 25.59 -115.94 52.64
N ARG G 445 25.76 -116.74 53.69
CA ARG G 445 26.74 -116.50 54.75
C ARG G 445 27.69 -117.70 54.87
N PRO G 446 28.95 -117.53 55.30
CA PRO G 446 29.87 -118.65 55.50
C PRO G 446 29.47 -119.52 56.71
N THR G 447 30.04 -120.71 56.82
CA THR G 447 30.06 -121.53 58.04
C THR G 447 31.37 -122.30 58.11
N PHE G 448 31.99 -122.37 59.29
CA PHE G 448 33.34 -122.85 59.50
C PHE G 448 33.29 -124.10 60.39
N PHE G 449 33.98 -125.18 59.99
CA PHE G 449 34.04 -126.39 60.80
C PHE G 449 34.85 -126.16 62.07
N GLN G 450 34.45 -126.77 63.18
CA GLN G 450 35.21 -126.72 64.43
C GLN G 450 36.46 -127.60 64.30
N ASN G 451 37.64 -127.06 64.59
CA ASN G 451 38.91 -127.57 64.03
C ASN G 451 39.35 -128.99 64.44
N GLU G 452 38.71 -129.60 65.44
CA GLU G 452 39.00 -130.95 65.97
C GLU G 452 38.15 -132.05 65.30
N THR G 453 37.05 -131.71 64.62
CA THR G 453 35.98 -132.68 64.26
C THR G 453 36.29 -133.53 63.02
N GLU G 454 37.48 -134.11 62.95
CA GLU G 454 37.97 -134.94 61.84
C GLU G 454 37.17 -136.23 61.66
N TRP G 455 36.46 -136.69 62.68
CA TRP G 455 35.59 -137.86 62.66
C TRP G 455 34.31 -137.69 61.85
N SER G 456 33.86 -136.44 61.65
CA SER G 456 32.53 -136.08 61.14
C SER G 456 32.22 -136.69 59.77
N GLN G 457 31.04 -137.27 59.62
CA GLN G 457 30.56 -137.75 58.33
C GLN G 457 30.26 -136.57 57.39
N ILE G 458 29.62 -135.51 57.89
CA ILE G 458 29.25 -134.38 57.04
C ILE G 458 30.46 -133.60 56.55
N LYS G 459 31.45 -133.27 57.39
CA LYS G 459 32.62 -132.53 56.91
C LYS G 459 33.53 -133.36 56.02
N LYS G 460 33.37 -134.69 55.99
CA LYS G 460 33.96 -135.54 54.96
C LYS G 460 33.27 -135.34 53.60
N LEU G 461 31.94 -135.31 53.54
CA LEU G 461 31.21 -135.06 52.28
C LEU G 461 31.58 -133.71 51.64
N TYR G 462 31.81 -132.66 52.42
CA TYR G 462 32.33 -131.38 51.94
C TYR G 462 33.80 -131.40 51.49
N GLY G 463 34.44 -132.57 51.36
CA GLY G 463 35.77 -132.73 50.74
C GLY G 463 36.94 -132.28 51.61
N ASP G 464 36.76 -132.21 52.93
CA ASP G 464 37.73 -131.67 53.88
C ASP G 464 38.08 -130.17 53.68
N VAL G 465 37.25 -129.43 52.94
CA VAL G 465 37.38 -127.96 52.80
C VAL G 465 37.14 -127.27 54.15
N SER G 466 37.85 -126.19 54.43
CA SER G 466 37.84 -125.47 55.72
C SER G 466 36.52 -124.76 56.06
N GLU G 467 35.74 -124.35 55.06
CA GLU G 467 34.47 -123.67 55.23
C GLU G 467 33.51 -123.91 54.07
N VAL G 468 32.24 -123.62 54.30
CA VAL G 468 31.13 -123.74 53.34
C VAL G 468 30.37 -122.43 53.25
N HIS G 469 29.57 -122.19 52.21
CA HIS G 469 28.72 -121.00 52.10
C HIS G 469 27.28 -121.38 51.76
N GLU G 470 26.29 -120.86 52.49
CA GLU G 470 24.92 -121.39 52.47
C GLU G 470 23.83 -120.33 52.69
N ARG G 471 22.60 -120.59 52.26
CA ARG G 471 21.46 -119.69 52.46
C ARG G 471 20.75 -119.89 53.80
N HIS G 472 20.25 -118.83 54.41
CA HIS G 472 19.60 -118.84 55.72
C HIS G 472 18.24 -118.13 55.66
N ARG G 473 17.31 -118.40 56.60
CA ARG G 473 16.01 -117.71 56.73
C ARG G 473 15.47 -117.67 58.19
N HIS G 474 16.33 -117.60 59.21
CA HIS G 474 15.97 -117.87 60.60
C HIS G 474 15.98 -116.61 61.50
N ARG G 475 15.01 -116.53 62.42
CA ARG G 475 14.95 -115.53 63.52
C ARG G 475 15.36 -116.08 64.90
N TYR G 476 15.47 -117.39 65.05
CA TYR G 476 15.88 -118.08 66.27
C TYR G 476 17.16 -118.91 66.05
N GLU G 477 17.99 -119.02 67.07
CA GLU G 477 19.13 -119.94 67.14
C GLU G 477 19.13 -120.68 68.48
N ILE G 478 19.81 -121.82 68.59
CA ILE G 478 19.92 -122.57 69.86
C ILE G 478 20.65 -121.71 70.90
N ASN G 479 20.14 -121.66 72.13
CA ASN G 479 20.65 -120.77 73.17
C ASN G 479 22.11 -121.11 73.51
N PRO G 480 23.10 -120.23 73.28
CA PRO G 480 24.52 -120.54 73.48
C PRO G 480 24.87 -121.04 74.87
N LYS G 481 24.10 -120.61 75.88
CA LYS G 481 24.24 -121.04 77.28
C LYS G 481 24.19 -122.57 77.42
N MET G 482 23.36 -123.24 76.63
CA MET G 482 23.18 -124.69 76.67
C MET G 482 24.20 -125.48 75.85
N VAL G 483 24.88 -124.86 74.89
CA VAL G 483 25.62 -125.60 73.85
C VAL G 483 26.77 -126.42 74.42
N ASP G 484 27.42 -126.00 75.49
CA ASP G 484 28.45 -126.83 76.14
C ASP G 484 27.86 -128.15 76.66
N GLU G 485 26.65 -128.12 77.21
CA GLU G 485 25.97 -129.30 77.75
C GLU G 485 25.64 -130.29 76.63
N LEU G 486 25.16 -129.79 75.49
CA LEU G 486 24.89 -130.56 74.30
C LEU G 486 26.17 -131.12 73.67
N GLU G 487 27.24 -130.32 73.55
CA GLU G 487 28.54 -130.80 73.06
C GLU G 487 29.13 -131.88 73.96
N ASN G 488 29.07 -131.71 75.28
CA ASN G 488 29.57 -132.69 76.27
C ASN G 488 28.75 -134.00 76.26
N ASN G 489 27.45 -133.94 76.00
CA ASN G 489 26.59 -135.13 75.88
C ASN G 489 26.65 -135.81 74.50
N GLY G 490 27.25 -135.18 73.49
CA GLY G 490 27.57 -135.80 72.20
C GLY G 490 26.83 -135.24 70.99
N LEU G 491 25.92 -134.27 71.17
CA LEU G 491 25.27 -133.54 70.09
C LEU G 491 26.23 -132.46 69.56
N ILE G 492 27.37 -132.86 68.99
CA ILE G 492 28.48 -131.96 68.70
C ILE G 492 28.13 -130.99 67.58
N PHE G 493 28.21 -129.69 67.83
CA PHE G 493 27.99 -128.65 66.82
C PHE G 493 29.20 -128.49 65.90
N VAL G 494 29.31 -129.37 64.90
CA VAL G 494 30.49 -129.46 64.02
C VAL G 494 30.73 -128.24 63.11
N GLY G 495 29.80 -127.30 63.02
CA GLY G 495 29.98 -126.06 62.29
C GLY G 495 29.32 -124.87 62.96
N LYS G 496 30.02 -123.74 62.98
CA LYS G 496 29.53 -122.48 63.53
C LYS G 496 29.90 -121.31 62.60
N ASP G 497 29.38 -120.15 62.90
CA ASP G 497 29.59 -118.93 62.12
C ASP G 497 30.98 -118.32 62.35
N ASP G 498 31.23 -117.20 61.69
CA ASP G 498 32.44 -116.38 61.86
C ASP G 498 32.76 -116.03 63.33
N THR G 499 31.76 -115.66 64.14
CA THR G 499 31.96 -115.31 65.56
C THR G 499 32.15 -116.52 66.47
N GLY G 500 31.67 -117.70 66.07
CA GLY G 500 31.59 -118.90 66.91
C GLY G 500 30.45 -118.88 67.92
N LYS G 501 29.58 -117.88 67.90
CA LYS G 501 28.42 -117.77 68.79
C LYS G 501 27.19 -118.52 68.25
N ARG G 502 27.08 -118.74 66.93
CA ARG G 502 25.88 -119.22 66.26
C ARG G 502 25.97 -120.70 65.86
N CYS G 503 24.92 -121.47 66.14
CA CYS G 503 24.79 -122.89 65.87
C CYS G 503 24.41 -123.19 64.40
N GLU G 504 25.35 -123.49 63.51
CA GLU G 504 25.06 -123.63 62.09
C GLU G 504 24.87 -125.08 61.61
N ILE G 505 25.59 -126.05 62.20
CA ILE G 505 25.47 -127.49 61.92
C ILE G 505 25.53 -128.27 63.23
N LEU G 506 24.80 -129.37 63.38
CA LEU G 506 25.12 -130.40 64.38
C LEU G 506 25.27 -131.77 63.77
N GLU G 507 26.11 -132.61 64.37
CA GLU G 507 26.18 -134.04 64.12
C GLU G 507 26.20 -134.75 65.46
N LEU G 508 25.35 -135.75 65.64
CA LEU G 508 25.39 -136.59 66.84
C LEU G 508 26.55 -137.59 66.72
N LYS G 509 27.51 -137.50 67.63
CA LYS G 509 28.69 -138.37 67.71
C LYS G 509 28.28 -139.85 67.77
N ASN G 510 28.92 -140.70 66.96
CA ASN G 510 28.71 -142.15 66.91
C ASN G 510 27.24 -142.56 66.64
N HIS G 511 26.67 -142.01 65.57
CA HIS G 511 25.43 -142.46 64.91
C HIS G 511 25.69 -142.57 63.40
N PRO G 512 25.12 -143.53 62.65
CA PRO G 512 25.42 -143.72 61.23
C PRO G 512 25.25 -142.51 60.34
N TYR G 513 24.24 -141.67 60.57
CA TYR G 513 24.05 -140.38 59.90
C TYR G 513 22.92 -139.60 60.59
N TYR G 514 23.26 -138.70 61.51
CA TYR G 514 22.26 -137.85 62.16
C TYR G 514 22.79 -136.44 62.18
N ILE G 515 22.35 -135.68 61.19
CA ILE G 515 22.81 -134.33 60.89
C ILE G 515 21.64 -133.39 61.07
N ALA G 516 21.91 -132.16 61.49
CA ALA G 516 21.02 -131.08 61.14
C ALA G 516 21.80 -129.83 60.74
N THR G 517 21.17 -128.95 59.98
CA THR G 517 21.70 -127.67 59.52
C THR G 517 20.73 -126.55 59.87
N GLN G 518 21.21 -125.42 60.39
CA GLN G 518 20.35 -124.27 60.61
C GLN G 518 19.99 -123.59 59.28
N TYR G 519 20.92 -123.59 58.33
CA TYR G 519 20.68 -123.18 56.96
C TYR G 519 19.76 -124.15 56.20
N HIS G 520 19.28 -123.70 55.04
CA HIS G 520 18.52 -124.46 54.07
C HIS G 520 19.41 -124.91 52.89
N PRO G 521 20.02 -126.10 52.93
CA PRO G 521 20.94 -126.57 51.88
C PRO G 521 20.29 -126.86 50.53
N GLU G 522 18.99 -127.09 50.50
CA GLU G 522 18.21 -127.29 49.28
C GLU G 522 18.17 -126.05 48.37
N TYR G 523 18.51 -124.88 48.88
CA TYR G 523 18.64 -123.67 48.05
C TYR G 523 20.01 -123.56 47.38
N THR G 524 20.90 -124.56 47.47
CA THR G 524 22.10 -124.63 46.63
C THR G 524 22.37 -125.99 46.02
N SER G 525 21.42 -126.94 46.10
CA SER G 525 21.51 -128.19 45.37
C SER G 525 21.43 -127.96 43.85
N LYS G 526 22.34 -128.55 43.08
CA LYS G 526 22.37 -128.50 41.61
C LYS G 526 22.41 -129.91 41.03
N VAL G 527 21.93 -130.11 39.80
CA VAL G 527 21.73 -131.46 39.24
C VAL G 527 23.07 -132.20 39.05
N LEU G 528 24.17 -131.52 38.74
CA LEU G 528 25.50 -132.15 38.65
C LEU G 528 26.33 -132.08 39.93
N ASP G 529 25.96 -131.21 40.88
CA ASP G 529 26.61 -131.03 42.19
C ASP G 529 25.55 -131.01 43.30
N PRO G 530 25.15 -132.18 43.84
CA PRO G 530 24.07 -132.24 44.82
C PRO G 530 24.46 -131.65 46.16
N SER G 531 23.54 -131.04 46.90
CA SER G 531 23.88 -130.39 48.17
C SER G 531 24.25 -131.44 49.20
N LYS G 532 25.44 -131.32 49.79
CA LYS G 532 26.08 -132.36 50.60
C LYS G 532 25.25 -132.91 51.76
N PRO G 533 24.52 -132.13 52.57
CA PRO G 533 23.68 -132.67 53.65
C PRO G 533 22.57 -133.59 53.15
N PHE G 534 22.02 -133.33 51.96
CA PHE G 534 21.04 -134.21 51.32
C PHE G 534 21.68 -135.40 50.64
N LEU G 535 22.88 -135.28 50.08
CA LEU G 535 23.59 -136.45 49.55
C LEU G 535 23.89 -137.46 50.65
N GLY G 536 24.35 -137.02 51.81
CA GLY G 536 24.57 -137.89 52.95
C GLY G 536 23.30 -138.60 53.43
N LEU G 537 22.16 -137.91 53.50
CA LEU G 537 20.88 -138.52 53.87
C LEU G 537 20.49 -139.64 52.92
N VAL G 538 20.57 -139.43 51.60
CA VAL G 538 20.23 -140.49 50.66
C VAL G 538 21.26 -141.61 50.74
N ALA G 539 22.55 -141.30 50.70
CA ALA G 539 23.60 -142.30 50.71
C ALA G 539 23.57 -143.18 51.97
N ALA G 540 23.31 -142.63 53.14
CA ALA G 540 23.16 -143.42 54.35
C ALA G 540 21.85 -144.21 54.36
N SER G 541 20.76 -143.69 53.81
CA SER G 541 19.51 -144.43 53.63
C SER G 541 19.71 -145.64 52.71
N ALA G 542 20.55 -145.50 51.68
CA ALA G 542 21.02 -146.58 50.82
C ALA G 542 22.08 -147.49 51.46
N GLY G 543 22.61 -147.14 52.63
CA GLY G 543 23.65 -147.89 53.32
C GLY G 543 25.00 -147.87 52.62
N ILE G 544 25.25 -146.84 51.80
CA ILE G 544 26.43 -146.72 50.93
C ILE G 544 27.29 -145.49 51.22
N LEU G 545 27.01 -144.77 52.31
CA LEU G 545 27.61 -143.47 52.66
C LEU G 545 29.14 -143.47 52.59
N GLN G 546 29.79 -144.50 53.12
CA GLN G 546 31.25 -144.64 53.08
C GLN G 546 31.79 -144.52 51.65
N ASP G 547 31.16 -145.22 50.72
CA ASP G 547 31.65 -145.39 49.36
C ASP G 547 31.40 -144.16 48.49
N VAL G 548 30.33 -143.41 48.81
CA VAL G 548 30.07 -142.08 48.24
C VAL G 548 31.14 -141.09 48.69
N ILE G 549 31.54 -141.11 49.96
CA ILE G 549 32.62 -140.26 50.47
C ILE G 549 33.96 -140.65 49.85
N GLU G 550 34.22 -141.94 49.73
CA GLU G 550 35.45 -142.48 49.10
C GLU G 550 35.51 -142.27 47.58
N GLY G 551 34.38 -141.98 46.92
CA GLY G 551 34.33 -141.54 45.53
C GLY G 551 33.83 -142.55 44.49
N LYS G 552 33.15 -143.62 44.90
CA LYS G 552 32.60 -144.67 44.00
C LYS G 552 31.43 -144.23 43.12
N TYR G 553 31.06 -142.94 43.14
CA TYR G 553 29.86 -142.42 42.48
C TYR G 553 30.02 -141.01 41.85
N ASP G 554 31.23 -140.47 41.75
CA ASP G 554 31.47 -139.29 40.90
C ASP G 554 31.24 -139.60 39.40
N LEU G 555 30.82 -138.58 38.64
CA LEU G 555 30.26 -138.75 37.29
C LEU G 555 31.30 -139.10 36.20
N GLU G 556 32.52 -138.56 36.31
CA GLU G 556 33.64 -138.83 35.39
C GLU G 556 34.88 -139.22 36.19
N ALA G 557 35.68 -140.17 35.71
CA ALA G 557 36.85 -140.70 36.41
C ALA G 557 37.90 -139.61 36.70
N MET H 1 -43.94 -117.85 18.30
CA MET H 1 -43.05 -119.01 18.40
C MET H 1 -41.89 -118.74 19.36
N LYS H 2 -41.28 -119.78 19.92
CA LYS H 2 -40.04 -119.71 20.73
C LYS H 2 -38.90 -120.47 20.03
N TYR H 3 -37.65 -120.16 20.34
CA TYR H 3 -36.46 -120.78 19.72
C TYR H 3 -35.32 -120.96 20.73
N VAL H 4 -34.50 -122.00 20.58
CA VAL H 4 -33.33 -122.25 21.44
C VAL H 4 -32.13 -122.55 20.57
N VAL H 5 -31.13 -121.70 20.52
CA VAL H 5 -29.85 -122.04 19.89
C VAL H 5 -29.03 -122.95 20.80
N VAL H 6 -28.37 -123.95 20.24
CA VAL H 6 -27.26 -124.66 20.84
C VAL H 6 -26.05 -124.46 19.96
N SER H 7 -24.94 -123.99 20.51
CA SER H 7 -23.75 -123.60 19.74
C SER H 7 -22.46 -123.79 20.52
N GLY H 8 -21.30 -123.50 19.92
CA GLY H 8 -20.14 -123.05 20.72
C GLY H 8 -18.90 -123.93 20.82
N GLY H 9 -18.01 -123.50 21.72
CA GLY H 9 -16.81 -124.23 22.19
C GLY H 9 -15.50 -123.76 21.56
N VAL H 10 -14.37 -124.19 22.13
CA VAL H 10 -13.03 -124.09 21.50
C VAL H 10 -12.66 -125.29 20.61
N ILE H 11 -13.50 -126.32 20.53
CA ILE H 11 -13.26 -127.54 19.75
C ILE H 11 -14.56 -128.01 19.11
N SER H 12 -14.47 -128.58 17.91
CA SER H 12 -15.54 -129.41 17.36
C SER H 12 -15.55 -130.77 18.07
N GLY H 13 -16.71 -131.41 18.25
CA GLY H 13 -16.83 -132.70 18.96
C GLY H 13 -17.09 -132.60 20.47
N ILE H 14 -17.41 -131.41 20.97
CA ILE H 14 -17.59 -131.11 22.40
C ILE H 14 -18.83 -131.73 23.04
N GLY H 15 -19.90 -132.02 22.30
CA GLY H 15 -21.13 -132.61 22.84
C GLY H 15 -22.48 -132.00 22.43
N LYS H 16 -22.53 -131.13 21.42
CA LYS H 16 -23.75 -130.34 21.09
C LYS H 16 -25.02 -131.19 20.95
N GLY H 17 -25.11 -132.09 19.96
CA GLY H 17 -26.34 -132.87 19.67
C GLY H 17 -27.04 -133.47 20.89
N VAL H 18 -26.31 -134.05 21.87
CA VAL H 18 -26.90 -134.66 23.10
C VAL H 18 -27.44 -133.52 23.98
N LEU H 19 -26.83 -132.34 23.94
CA LEU H 19 -27.33 -131.15 24.70
C LEU H 19 -28.48 -130.54 23.90
N ALA H 20 -28.56 -130.82 22.60
CA ALA H 20 -29.58 -130.22 21.70
C ALA H 20 -30.88 -131.05 21.77
N SER H 21 -30.91 -132.24 21.16
CA SER H 21 -32.16 -133.04 21.12
C SER H 21 -32.51 -133.35 22.57
N SER H 22 -31.54 -133.70 23.40
CA SER H 22 -31.86 -133.82 24.86
C SER H 22 -32.60 -132.62 25.49
N THR H 23 -32.28 -131.38 25.12
CA THR H 23 -32.99 -130.17 25.58
C THR H 23 -34.37 -130.21 24.94
N GLY H 24 -34.47 -130.65 23.69
CA GLY H 24 -35.74 -130.72 22.92
C GLY H 24 -36.64 -131.83 23.43
N MET H 25 -36.08 -132.91 24.01
CA MET H 25 -36.87 -134.03 24.58
C MET H 25 -37.57 -133.50 25.83
N LEU H 26 -36.93 -132.57 26.54
CA LEU H 26 -37.49 -131.98 27.79
C LEU H 26 -38.48 -130.90 27.41
N MET H 27 -38.34 -130.23 26.27
CA MET H 27 -39.41 -129.32 25.87
C MET H 27 -40.72 -130.10 25.70
N LYS H 28 -40.66 -131.30 25.13
CA LYS H 28 -41.81 -132.21 25.04
C LYS H 28 -42.36 -132.69 26.37
N THR H 29 -41.54 -132.78 27.43
CA THR H 29 -42.04 -133.07 28.78
C THR H 29 -43.05 -132.02 29.24
N LEU H 30 -42.90 -130.77 28.82
CA LEU H 30 -43.83 -129.68 29.12
C LEU H 30 -45.13 -129.76 28.29
N GLY H 31 -45.26 -130.76 27.40
CA GLY H 31 -46.38 -130.92 26.46
C GLY H 31 -46.20 -130.23 25.11
N LEU H 32 -45.13 -129.44 24.93
CA LEU H 32 -44.92 -128.58 23.76
C LEU H 32 -44.83 -129.38 22.46
N LYS H 33 -45.29 -128.79 21.37
CA LYS H 33 -44.98 -129.24 20.01
C LYS H 33 -43.53 -128.83 19.72
N VAL H 34 -42.66 -129.71 19.25
CA VAL H 34 -41.21 -129.39 19.15
C VAL H 34 -40.64 -129.78 17.82
N THR H 35 -39.65 -129.04 17.36
CA THR H 35 -38.94 -129.24 16.10
C THR H 35 -37.46 -128.94 16.28
N SER H 36 -36.64 -129.27 15.30
CA SER H 36 -35.21 -129.08 15.36
C SER H 36 -34.61 -128.77 14.01
N ILE H 37 -33.62 -127.91 13.92
CA ILE H 37 -32.89 -127.59 12.69
C ILE H 37 -31.42 -127.75 12.96
N LYS H 38 -30.67 -128.49 12.15
CA LYS H 38 -29.20 -128.53 12.27
C LYS H 38 -28.57 -127.72 11.16
N ILE H 39 -27.84 -126.69 11.56
CA ILE H 39 -27.09 -125.81 10.69
C ILE H 39 -25.69 -126.39 10.57
N ASP H 40 -25.32 -126.84 9.38
CA ASP H 40 -24.01 -127.41 9.12
C ASP H 40 -23.10 -126.46 8.37
N PRO H 41 -21.88 -126.18 8.86
CA PRO H 41 -20.98 -125.30 8.16
C PRO H 41 -20.33 -125.89 6.90
N TYR H 42 -20.43 -127.19 6.64
CA TYR H 42 -19.84 -127.82 5.46
C TYR H 42 -20.55 -127.45 4.15
N MET H 43 -19.85 -127.55 3.03
CA MET H 43 -20.34 -127.12 1.72
C MET H 43 -21.04 -128.17 0.87
N ASN H 44 -21.19 -129.43 1.29
CA ASN H 44 -22.09 -130.35 0.60
C ASN H 44 -23.56 -129.93 0.72
N ILE H 45 -24.33 -129.96 -0.37
CA ILE H 45 -25.77 -129.68 -0.30
C ILE H 45 -26.54 -130.80 0.40
N ASP H 46 -26.09 -132.05 0.25
CA ASP H 46 -26.71 -133.23 0.88
C ASP H 46 -25.68 -134.36 1.02
N ALA H 47 -25.98 -135.37 1.82
CA ALA H 47 -25.12 -136.53 2.00
C ALA H 47 -25.15 -137.52 0.81
N GLY H 48 -25.92 -137.25 -0.24
CA GLY H 48 -26.03 -138.13 -1.40
C GLY H 48 -24.72 -138.31 -2.16
N THR H 49 -23.83 -137.32 -2.13
CA THR H 49 -22.47 -137.45 -2.69
C THR H 49 -21.47 -138.01 -1.68
N MET H 50 -21.75 -137.94 -0.38
CA MET H 50 -20.79 -138.25 0.68
C MET H 50 -20.67 -139.75 0.93
N SER H 51 -19.54 -140.36 0.61
CA SER H 51 -19.34 -141.81 0.81
C SER H 51 -19.38 -142.15 2.30
N PRO H 52 -19.99 -143.27 2.73
CA PRO H 52 -20.11 -143.63 4.15
C PRO H 52 -18.82 -143.81 4.97
N LEU H 53 -17.65 -143.68 4.35
CA LEU H 53 -16.34 -143.74 4.99
C LEU H 53 -15.98 -142.50 5.82
N GLU H 54 -16.40 -141.30 5.38
CA GLU H 54 -16.20 -140.05 6.11
C GLU H 54 -17.49 -139.24 6.16
N HIS H 55 -17.73 -138.59 7.30
CA HIS H 55 -19.05 -138.10 7.75
C HIS H 55 -20.10 -139.19 8.01
N GLY H 56 -19.78 -140.46 7.78
CA GLY H 56 -20.60 -141.58 8.22
C GLY H 56 -21.91 -141.77 7.45
N GLU H 57 -22.87 -142.42 8.09
CA GLU H 57 -24.07 -142.96 7.46
C GLU H 57 -24.99 -141.90 6.86
N CYS H 58 -25.39 -142.09 5.60
CA CYS H 58 -26.39 -141.24 4.94
C CYS H 58 -27.79 -141.50 5.53
N PHE H 59 -28.13 -140.85 6.64
CA PHE H 59 -29.44 -141.03 7.27
C PHE H 59 -30.57 -140.72 6.29
N VAL H 60 -31.63 -141.53 6.29
CA VAL H 60 -32.74 -141.29 5.38
C VAL H 60 -34.15 -140.95 5.90
N LEU H 61 -34.63 -139.85 5.35
CA LEU H 61 -35.89 -139.24 5.77
C LEU H 61 -37.13 -140.00 5.33
N ASP H 62 -38.25 -139.66 5.94
CA ASP H 62 -39.58 -139.91 5.39
C ASP H 62 -39.67 -139.42 3.93
N ASP H 63 -39.19 -138.19 3.67
CA ASP H 63 -39.10 -137.60 2.32
C ASP H 63 -37.94 -138.14 1.47
N GLY H 64 -37.17 -139.11 1.93
CA GLY H 64 -36.18 -139.83 1.12
C GLY H 64 -34.90 -139.08 0.74
N GLY H 65 -34.71 -137.87 1.23
CA GLY H 65 -33.44 -137.16 1.08
C GLY H 65 -32.33 -137.81 1.90
N GLU H 66 -31.12 -137.89 1.36
CA GLU H 66 -29.94 -138.35 2.09
C GLU H 66 -29.35 -137.19 2.90
N THR H 67 -29.77 -137.03 4.15
CA THR H 67 -29.42 -135.90 5.05
C THR H 67 -28.10 -136.05 5.78
N ASP H 68 -27.71 -135.00 6.50
CA ASP H 68 -26.76 -135.11 7.61
C ASP H 68 -27.12 -136.25 8.57
N LEU H 69 -26.14 -137.06 8.98
CA LEU H 69 -26.35 -138.22 9.91
C LEU H 69 -26.96 -137.74 11.23
N ASP H 70 -26.52 -136.60 11.75
CA ASP H 70 -26.96 -136.13 13.09
C ASP H 70 -28.47 -135.92 13.13
N LEU H 71 -29.16 -135.65 12.01
CA LEU H 71 -30.62 -135.34 12.09
C LEU H 71 -31.29 -136.51 12.80
N GLY H 72 -30.78 -137.72 12.58
CA GLY H 72 -31.39 -138.92 13.18
C GLY H 72 -31.49 -138.78 14.68
N ASN H 73 -30.48 -138.20 15.34
CA ASN H 73 -30.44 -138.07 16.82
C ASN H 73 -31.67 -137.29 17.28
N TYR H 74 -32.28 -136.45 16.42
CA TYR H 74 -33.46 -135.61 16.77
C TYR H 74 -34.77 -136.34 16.48
N GLU H 75 -34.75 -137.36 15.63
CA GLU H 75 -35.98 -138.09 15.26
C GLU H 75 -36.17 -139.19 16.30
N ARG H 76 -35.11 -139.52 17.05
CA ARG H 76 -35.19 -140.53 18.16
C ARG H 76 -35.56 -139.76 19.43
N TYR H 77 -34.71 -138.82 19.87
CA TYR H 77 -35.00 -137.96 21.07
C TYR H 77 -36.41 -137.29 21.12
N LEU H 78 -36.96 -136.75 20.03
CA LEU H 78 -38.22 -135.95 20.02
C LEU H 78 -39.41 -136.79 19.54
N GLY H 79 -39.19 -137.73 18.64
CA GLY H 79 -40.30 -138.46 18.02
C GLY H 79 -41.00 -137.60 16.99
N VAL H 80 -40.24 -137.13 15.99
CA VAL H 80 -40.68 -136.25 14.90
C VAL H 80 -40.19 -136.74 13.55
N THR H 81 -40.95 -136.50 12.49
CA THR H 81 -40.54 -136.68 11.09
C THR H 81 -40.06 -135.34 10.56
N LEU H 82 -38.74 -135.18 10.39
CA LEU H 82 -38.13 -133.99 9.80
C LEU H 82 -38.21 -134.05 8.26
N THR H 83 -37.65 -133.06 7.56
CA THR H 83 -37.67 -132.96 6.09
C THR H 83 -36.28 -132.54 5.57
N LYS H 84 -36.06 -132.61 4.26
CA LYS H 84 -34.77 -132.23 3.65
C LYS H 84 -34.36 -130.78 3.95
N ASP H 85 -35.32 -129.92 4.26
CA ASP H 85 -35.08 -128.51 4.61
C ASP H 85 -34.58 -128.30 6.05
N HIS H 86 -34.79 -129.24 6.99
CA HIS H 86 -34.32 -129.10 8.37
C HIS H 86 -32.80 -129.24 8.53
N ASN H 87 -32.08 -129.61 7.48
CA ASN H 87 -30.64 -129.61 7.46
C ASN H 87 -30.15 -128.46 6.60
N ILE H 88 -30.00 -127.28 7.20
CA ILE H 88 -29.37 -126.14 6.57
C ILE H 88 -27.89 -126.46 6.39
N THR H 89 -27.28 -126.19 5.25
CA THR H 89 -25.84 -126.33 5.06
C THR H 89 -25.27 -125.14 4.31
N THR H 90 -23.99 -124.86 4.46
CA THR H 90 -23.36 -123.74 3.76
C THR H 90 -23.48 -123.88 2.25
N GLY H 91 -23.36 -125.08 1.70
CA GLY H 91 -23.57 -125.29 0.27
C GLY H 91 -25.02 -125.12 -0.16
N LYS H 92 -25.97 -125.44 0.71
CA LYS H 92 -27.40 -125.32 0.42
C LYS H 92 -27.83 -123.86 0.37
N ILE H 93 -27.37 -123.04 1.30
CA ILE H 93 -27.78 -121.64 1.34
C ILE H 93 -27.03 -120.77 0.34
N TYR H 94 -25.73 -120.97 0.07
CA TYR H 94 -25.13 -120.28 -1.07
C TYR H 94 -25.81 -120.63 -2.39
N SER H 95 -26.21 -121.87 -2.62
CA SER H 95 -26.95 -122.26 -3.82
C SER H 95 -28.29 -121.56 -3.94
N HIS H 96 -29.04 -121.45 -2.85
CA HIS H 96 -30.36 -120.82 -2.86
C HIS H 96 -30.31 -119.32 -3.15
N VAL H 97 -29.39 -118.59 -2.52
CA VAL H 97 -29.18 -117.17 -2.84
C VAL H 97 -28.60 -116.97 -4.24
N ILE H 98 -27.65 -117.79 -4.69
CA ILE H 98 -27.14 -117.72 -6.06
C ILE H 98 -28.23 -118.05 -7.08
N ALA H 99 -29.19 -118.93 -6.79
CA ALA H 99 -30.31 -119.15 -7.71
C ALA H 99 -31.15 -117.89 -7.88
N LYS H 100 -31.53 -117.26 -6.77
CA LYS H 100 -32.26 -115.99 -6.77
C LYS H 100 -31.48 -114.86 -7.45
N GLU H 101 -30.15 -114.85 -7.39
CA GLU H 101 -29.29 -113.89 -8.10
C GLU H 101 -29.41 -114.00 -9.63
N ARG H 102 -29.45 -115.21 -10.20
CA ARG H 102 -29.58 -115.40 -11.66
C ARG H 102 -31.02 -115.35 -12.16
N LYS H 103 -31.99 -115.71 -11.32
CA LYS H 103 -33.40 -115.42 -11.59
C LYS H 103 -33.70 -113.92 -11.53
N GLY H 104 -32.89 -113.17 -10.80
CA GLY H 104 -33.00 -111.71 -10.69
C GLY H 104 -33.95 -111.24 -9.59
N ASP H 105 -34.21 -112.05 -8.57
CA ASP H 105 -35.17 -111.73 -7.50
C ASP H 105 -34.70 -110.57 -6.60
N TYR H 106 -33.42 -110.19 -6.69
CA TYR H 106 -32.86 -109.00 -6.05
C TYR H 106 -33.04 -107.70 -6.83
N LEU H 107 -33.88 -107.67 -7.87
CA LEU H 107 -34.24 -106.45 -8.62
C LEU H 107 -33.02 -105.65 -9.07
N GLY H 108 -31.98 -106.35 -9.50
CA GLY H 108 -30.74 -105.77 -10.01
C GLY H 108 -29.86 -105.06 -8.98
N LYS H 109 -30.18 -105.10 -7.67
CA LYS H 109 -29.23 -104.69 -6.62
C LYS H 109 -28.00 -105.59 -6.69
N THR H 110 -26.85 -105.15 -6.16
CA THR H 110 -25.79 -106.12 -5.82
C THR H 110 -26.21 -106.89 -4.58
N VAL H 111 -25.89 -108.18 -4.52
CA VAL H 111 -26.28 -109.08 -3.44
C VAL H 111 -25.06 -109.42 -2.62
N GLN H 112 -25.19 -109.32 -1.31
CA GLN H 112 -24.08 -109.24 -0.37
C GLN H 112 -24.22 -110.30 0.72
N ILE H 113 -23.12 -110.68 1.38
CA ILE H 113 -23.26 -111.64 2.48
C ILE H 113 -24.06 -111.02 3.62
N VAL H 114 -23.88 -109.72 3.89
CA VAL H 114 -24.75 -108.94 4.76
C VAL H 114 -25.30 -107.75 3.98
N PRO H 115 -26.62 -107.50 3.92
CA PRO H 115 -27.68 -108.19 4.61
C PRO H 115 -28.33 -109.34 3.84
N HIS H 116 -28.11 -109.53 2.54
CA HIS H 116 -28.95 -110.44 1.76
C HIS H 116 -28.82 -111.90 2.18
N LEU H 117 -27.61 -112.46 2.28
CA LEU H 117 -27.47 -113.84 2.72
C LEU H 117 -27.84 -114.05 4.19
N THR H 118 -27.53 -113.11 5.09
CA THR H 118 -27.97 -113.25 6.47
C THR H 118 -29.47 -113.10 6.65
N ASN H 119 -30.16 -112.37 5.77
CA ASN H 119 -31.61 -112.43 5.67
C ASN H 119 -32.08 -113.79 5.17
N ALA H 120 -31.44 -114.37 4.15
CA ALA H 120 -31.83 -115.69 3.65
C ALA H 120 -31.81 -116.75 4.76
N ILE H 121 -30.76 -116.79 5.57
CA ILE H 121 -30.66 -117.73 6.69
C ILE H 121 -31.78 -117.52 7.70
N GLN H 122 -32.08 -116.28 8.11
CA GLN H 122 -33.22 -116.01 9.01
C GLN H 122 -34.56 -116.41 8.38
N ASP H 123 -34.75 -116.11 7.10
CA ASP H 123 -35.97 -116.46 6.38
C ASP H 123 -36.10 -117.97 6.21
N TRP H 124 -35.01 -118.73 6.13
CA TRP H 124 -35.01 -120.20 6.14
C TRP H 124 -35.37 -120.76 7.51
N ILE H 125 -34.75 -120.30 8.60
CA ILE H 125 -35.05 -120.78 9.94
C ILE H 125 -36.52 -120.54 10.29
N GLU H 126 -37.04 -119.34 10.10
CA GLU H 126 -38.45 -119.08 10.40
C GLU H 126 -39.40 -119.75 9.40
N ARG H 127 -38.97 -120.06 8.17
CA ARG H 127 -39.77 -120.86 7.24
C ARG H 127 -39.92 -122.26 7.78
N VAL H 128 -38.81 -122.93 8.03
CA VAL H 128 -38.78 -124.33 8.43
C VAL H 128 -39.42 -124.56 9.80
N ALA H 129 -39.28 -123.62 10.73
CA ALA H 129 -39.90 -123.71 12.04
C ALA H 129 -41.44 -123.68 12.04
N LYS H 130 -42.09 -123.35 10.92
CA LYS H 130 -43.55 -123.50 10.74
C LYS H 130 -44.01 -124.94 10.48
N ILE H 131 -43.16 -125.77 9.87
CA ILE H 131 -43.53 -127.09 9.36
C ILE H 131 -43.99 -127.99 10.52
N PRO H 132 -45.15 -128.67 10.44
CA PRO H 132 -45.71 -129.47 11.52
C PRO H 132 -45.10 -130.89 11.56
N VAL H 133 -43.92 -131.02 12.16
CA VAL H 133 -43.16 -132.29 12.22
C VAL H 133 -43.69 -133.31 13.24
N ASP H 134 -44.66 -132.91 14.05
CA ASP H 134 -45.11 -133.56 15.28
C ASP H 134 -46.38 -134.43 15.10
N ASP H 135 -46.81 -135.13 16.14
CA ASP H 135 -47.93 -136.10 16.12
C ASP H 135 -49.33 -135.49 15.89
N THR H 136 -49.44 -134.19 15.66
CA THR H 136 -50.63 -133.54 15.10
C THR H 136 -50.21 -132.34 14.28
N GLY H 137 -50.99 -131.98 13.27
CA GLY H 137 -50.61 -131.05 12.21
C GLY H 137 -50.43 -129.58 12.60
N MET H 138 -50.44 -129.20 13.89
CA MET H 138 -50.19 -127.82 14.31
C MET H 138 -48.70 -127.47 14.27
N GLU H 139 -48.38 -126.22 13.93
CA GLU H 139 -47.00 -125.73 13.89
C GLU H 139 -46.30 -125.87 15.26
N PRO H 140 -44.99 -126.18 15.32
CA PRO H 140 -44.25 -126.31 16.55
C PRO H 140 -44.27 -125.05 17.44
N ASP H 141 -44.08 -125.25 18.74
CA ASP H 141 -44.04 -124.19 19.76
C ASP H 141 -42.63 -123.79 20.15
N VAL H 142 -41.68 -124.71 20.07
CA VAL H 142 -40.24 -124.43 20.24
C VAL H 142 -39.47 -125.06 19.09
N CYS H 143 -38.46 -124.37 18.56
CA CYS H 143 -37.48 -124.95 17.64
C CYS H 143 -36.10 -124.96 18.26
N ILE H 144 -35.42 -126.11 18.30
CA ILE H 144 -34.04 -126.24 18.75
C ILE H 144 -33.13 -126.06 17.54
N ILE H 145 -32.29 -125.03 17.51
CA ILE H 145 -31.38 -124.76 16.40
C ILE H 145 -29.97 -125.14 16.81
N GLU H 146 -29.38 -126.17 16.22
CA GLU H 146 -28.00 -126.52 16.53
C GLU H 146 -27.07 -125.94 15.47
N LEU H 147 -26.18 -125.07 15.90
CA LEU H 147 -25.16 -124.46 15.06
C LEU H 147 -23.90 -125.34 15.10
N GLY H 148 -23.60 -126.06 14.02
CA GLY H 148 -22.37 -126.83 13.90
C GLY H 148 -21.12 -125.99 13.75
N GLY H 149 -19.97 -126.66 13.70
CA GLY H 149 -18.65 -126.02 13.75
C GLY H 149 -18.36 -125.38 15.11
N THR H 150 -17.49 -124.38 15.14
CA THR H 150 -17.25 -123.56 16.34
C THR H 150 -17.39 -122.07 16.02
N VAL H 151 -17.92 -121.30 16.96
CA VAL H 151 -17.98 -119.84 16.81
C VAL H 151 -16.55 -119.30 16.67
N GLY H 152 -16.30 -118.46 15.66
CA GLY H 152 -14.96 -117.99 15.30
C GLY H 152 -14.27 -118.78 14.18
N ASP H 153 -14.99 -119.73 13.61
CA ASP H 153 -14.51 -120.43 12.39
C ASP H 153 -14.80 -119.48 11.23
N ILE H 154 -14.03 -119.48 10.13
CA ILE H 154 -14.32 -118.64 8.92
C ILE H 154 -15.42 -119.33 8.13
N GLU H 155 -15.86 -120.52 8.57
CA GLU H 155 -16.91 -121.35 7.90
C GLU H 155 -18.25 -121.11 8.58
N SER H 156 -18.24 -120.70 9.85
CA SER H 156 -19.48 -120.51 10.67
C SER H 156 -19.81 -119.03 10.82
N ALA H 157 -19.03 -118.12 10.22
CA ALA H 157 -19.21 -116.65 10.40
C ALA H 157 -20.55 -116.18 9.81
N PRO H 158 -21.04 -116.65 8.64
CA PRO H 158 -22.34 -116.22 8.13
C PRO H 158 -23.52 -116.55 9.03
N PHE H 159 -23.47 -117.67 9.73
CA PHE H 159 -24.56 -118.13 10.60
C PHE H 159 -24.63 -117.40 11.94
N VAL H 160 -23.51 -117.07 12.57
CA VAL H 160 -23.53 -116.24 13.79
C VAL H 160 -23.97 -114.80 13.49
N GLU H 161 -23.69 -114.26 12.31
CA GLU H 161 -24.34 -113.03 11.86
C GLU H 161 -25.85 -113.21 11.73
N ALA H 162 -26.29 -114.24 11.01
CA ALA H 162 -27.72 -114.41 10.79
C ALA H 162 -28.48 -114.65 12.09
N LEU H 163 -27.94 -115.47 13.00
CA LEU H 163 -28.51 -115.69 14.31
C LEU H 163 -28.50 -114.41 15.15
N ARG H 164 -27.45 -113.56 15.13
CA ARG H 164 -27.48 -112.28 15.87
C ARG H 164 -28.66 -111.43 15.43
N GLN H 165 -28.81 -111.21 14.13
CA GLN H 165 -29.92 -110.45 13.58
C GLN H 165 -31.26 -111.11 13.96
N PHE H 166 -31.28 -112.44 14.01
CA PHE H 166 -32.45 -113.20 14.42
C PHE H 166 -32.84 -112.98 15.88
N GLN H 167 -31.93 -112.59 16.78
CA GLN H 167 -32.27 -112.22 18.15
C GLN H 167 -33.16 -110.96 18.23
N PHE H 168 -33.33 -110.25 17.12
CA PHE H 168 -34.13 -109.03 17.01
C PHE H 168 -35.35 -109.24 16.10
N LYS H 169 -35.19 -110.00 15.02
CA LYS H 169 -36.30 -110.37 14.13
C LYS H 169 -37.33 -111.22 14.90
N VAL H 170 -36.84 -112.17 15.68
CA VAL H 170 -37.51 -112.77 16.84
C VAL H 170 -37.19 -111.90 18.06
N GLY H 171 -38.07 -111.78 19.04
CA GLY H 171 -37.75 -111.03 20.27
C GLY H 171 -36.86 -111.77 21.27
N LYS H 172 -36.18 -111.02 22.14
CA LYS H 172 -35.77 -111.55 23.45
C LYS H 172 -37.05 -111.92 24.23
N GLU H 173 -36.98 -112.89 25.14
CA GLU H 173 -38.16 -113.62 25.66
C GLU H 173 -38.90 -114.45 24.60
N ASN H 174 -38.36 -114.61 23.39
CA ASN H 174 -38.73 -115.69 22.45
C ASN H 174 -37.51 -116.49 22.00
N PHE H 175 -36.32 -115.91 21.96
CA PHE H 175 -35.06 -116.59 21.62
C PHE H 175 -34.16 -116.73 22.84
N ALA H 176 -33.48 -117.87 23.00
CA ALA H 176 -32.43 -118.10 24.01
C ALA H 176 -31.28 -118.94 23.46
N LEU H 177 -30.10 -118.84 24.04
CA LEU H 177 -28.91 -119.57 23.56
C LEU H 177 -28.23 -120.37 24.68
N ILE H 178 -27.89 -121.63 24.38
CA ILE H 178 -27.07 -122.51 25.19
C ILE H 178 -25.69 -122.61 24.52
N HIS H 179 -24.61 -122.25 25.19
CA HIS H 179 -23.26 -122.33 24.62
C HIS H 179 -22.53 -123.48 25.27
N VAL H 180 -22.00 -124.41 24.49
CA VAL H 180 -21.36 -125.61 25.01
C VAL H 180 -19.86 -125.42 24.97
N SER H 181 -19.12 -125.60 26.06
CA SER H 181 -17.73 -125.14 26.16
C SER H 181 -16.84 -126.08 26.96
N LEU H 182 -15.51 -125.96 26.82
CA LEU H 182 -14.58 -126.95 27.36
C LEU H 182 -14.00 -126.49 28.69
N VAL H 183 -14.00 -127.38 29.69
CA VAL H 183 -13.21 -127.22 30.91
C VAL H 183 -12.17 -128.33 30.90
N PRO H 184 -10.97 -128.14 30.31
CA PRO H 184 -9.96 -129.17 30.34
C PRO H 184 -9.45 -129.33 31.76
N VAL H 185 -9.15 -130.58 32.13
CA VAL H 185 -8.51 -130.90 33.39
C VAL H 185 -7.08 -131.32 33.10
N ILE H 186 -6.11 -130.54 33.58
CA ILE H 186 -4.68 -130.91 33.53
C ILE H 186 -4.05 -130.69 34.89
N HIS H 187 -3.05 -131.50 35.25
CA HIS H 187 -2.48 -131.53 36.60
C HIS H 187 -3.57 -131.70 37.68
N GLY H 188 -4.65 -132.39 37.36
CA GLY H 188 -5.81 -132.57 38.22
C GLY H 188 -6.62 -131.30 38.55
N GLU H 189 -6.45 -130.19 37.81
CA GLU H 189 -7.22 -128.95 37.99
C GLU H 189 -8.08 -128.58 36.77
N GLN H 190 -9.36 -128.29 37.01
CA GLN H 190 -10.31 -127.75 36.02
C GLN H 190 -9.97 -126.31 35.60
N LYS H 191 -9.48 -126.09 34.39
CA LYS H 191 -9.11 -124.75 33.91
C LYS H 191 -10.29 -124.07 33.21
N THR H 192 -10.63 -122.85 33.59
CA THR H 192 -11.78 -122.12 33.00
C THR H 192 -11.44 -121.37 31.72
N LYS H 193 -10.17 -121.07 31.45
CA LYS H 193 -9.79 -120.10 30.41
C LYS H 193 -10.27 -120.40 28.98
N PRO H 194 -10.37 -121.63 28.49
CA PRO H 194 -10.93 -121.86 27.16
C PRO H 194 -12.39 -121.41 27.07
N THR H 195 -13.17 -121.54 28.14
CA THR H 195 -14.52 -120.95 28.20
C THR H 195 -14.50 -119.42 28.21
N GLN H 196 -13.56 -118.77 28.91
CA GLN H 196 -13.43 -117.31 28.84
C GLN H 196 -13.09 -116.82 27.43
N ALA H 197 -12.07 -117.38 26.78
CA ALA H 197 -11.68 -117.01 25.41
C ALA H 197 -12.76 -117.31 24.36
N ALA H 198 -13.51 -118.40 24.48
CA ALA H 198 -14.62 -118.71 23.57
C ALA H 198 -15.89 -117.89 23.85
N ILE H 199 -16.09 -117.40 25.06
CA ILE H 199 -17.20 -116.48 25.38
C ILE H 199 -16.83 -115.07 24.93
N LYS H 200 -15.57 -114.64 25.08
CA LYS H 200 -15.05 -113.44 24.41
C LYS H 200 -15.30 -113.50 22.91
N GLY H 201 -14.97 -114.61 22.25
CA GLY H 201 -15.35 -114.84 20.84
C GLY H 201 -16.84 -114.71 20.60
N LEU H 202 -17.68 -115.36 21.40
CA LEU H 202 -19.14 -115.32 21.24
C LEU H 202 -19.68 -113.90 21.32
N ARG H 203 -19.35 -113.13 22.36
CA ARG H 203 -19.87 -111.76 22.49
C ARG H 203 -19.34 -110.84 21.40
N SER H 204 -18.15 -111.09 20.84
CA SER H 204 -17.63 -110.33 19.71
C SER H 204 -18.59 -110.36 18.52
N LEU H 205 -19.11 -111.54 18.17
CA LEU H 205 -20.08 -111.72 17.08
C LEU H 205 -21.53 -111.38 17.50
N GLY H 206 -21.80 -111.24 18.79
CA GLY H 206 -22.92 -110.46 19.34
C GLY H 206 -24.03 -111.28 19.99
N LEU H 207 -23.95 -112.60 19.89
CA LEU H 207 -24.79 -113.51 20.64
C LEU H 207 -24.41 -113.46 22.12
N VAL H 208 -25.38 -113.61 23.03
CA VAL H 208 -25.13 -113.70 24.48
C VAL H 208 -25.75 -114.99 25.02
N PRO H 209 -25.01 -115.80 25.78
CA PRO H 209 -25.48 -117.09 26.24
C PRO H 209 -26.37 -116.93 27.45
N ASP H 210 -27.54 -117.55 27.41
CA ASP H 210 -28.45 -117.63 28.55
C ASP H 210 -28.11 -118.81 29.44
N MET H 211 -27.37 -119.78 28.91
CA MET H 211 -26.73 -120.86 29.63
C MET H 211 -25.35 -121.15 29.09
N ILE H 212 -24.47 -121.66 29.92
CA ILE H 212 -23.25 -122.32 29.49
C ILE H 212 -23.38 -123.78 29.88
N ALA H 213 -22.90 -124.70 29.05
CA ALA H 213 -22.88 -126.12 29.36
C ALA H 213 -21.51 -126.71 29.13
N CYS H 214 -20.91 -127.34 30.13
CA CYS H 214 -19.50 -127.73 30.01
C CYS H 214 -19.28 -129.20 29.66
N ARG H 215 -18.47 -129.45 28.63
CA ARG H 215 -17.73 -130.70 28.50
C ARG H 215 -16.62 -130.67 29.52
N CYS H 216 -16.63 -131.62 30.43
CA CYS H 216 -15.59 -131.78 31.42
C CYS H 216 -15.39 -133.26 31.74
N SER H 217 -14.16 -133.66 32.07
CA SER H 217 -13.85 -135.02 32.53
C SER H 217 -14.42 -135.34 33.91
N GLU H 218 -14.95 -134.36 34.63
CA GLU H 218 -15.33 -134.44 36.04
C GLU H 218 -16.69 -133.80 36.32
N THR H 219 -17.22 -133.96 37.53
CA THR H 219 -18.20 -132.99 38.03
C THR H 219 -17.50 -131.64 38.21
N LEU H 220 -18.02 -130.55 37.64
CA LEU H 220 -17.45 -129.23 37.87
C LEU H 220 -17.39 -128.92 39.36
N ASP H 221 -16.23 -128.46 39.83
CA ASP H 221 -16.10 -127.96 41.18
C ASP H 221 -16.96 -126.71 41.37
N LYS H 222 -17.50 -126.52 42.57
CA LYS H 222 -18.19 -125.31 43.01
C LYS H 222 -17.44 -124.02 42.63
N PRO H 223 -16.13 -123.87 42.85
CA PRO H 223 -15.36 -122.73 42.35
C PRO H 223 -15.27 -122.64 40.83
N THR H 224 -15.28 -123.73 40.06
CA THR H 224 -15.25 -123.66 38.59
C THR H 224 -16.53 -123.05 38.04
N ILE H 225 -17.69 -123.43 38.57
CA ILE H 225 -18.96 -122.80 38.25
C ILE H 225 -18.92 -121.30 38.58
N ASP H 226 -18.41 -120.93 39.76
CA ASP H 226 -18.31 -119.52 40.14
C ASP H 226 -17.36 -118.73 39.24
N LYS H 227 -16.21 -119.30 38.85
CA LYS H 227 -15.23 -118.62 37.99
C LYS H 227 -15.63 -118.59 36.51
N ILE H 228 -16.53 -119.45 36.04
CA ILE H 228 -17.23 -119.25 34.76
C ILE H 228 -18.31 -118.17 34.88
N ALA H 229 -19.20 -118.24 35.87
CA ALA H 229 -20.27 -117.25 36.02
C ALA H 229 -19.78 -115.83 36.36
N MET H 230 -18.60 -115.66 36.97
CA MET H 230 -17.93 -114.36 37.16
C MET H 230 -17.39 -113.77 35.84
N PHE H 231 -17.39 -114.53 34.75
CA PHE H 231 -16.82 -114.16 33.46
C PHE H 231 -17.81 -114.21 32.30
N CYS H 232 -19.08 -114.55 32.56
CA CYS H 232 -20.16 -114.65 31.59
C CYS H 232 -21.47 -114.12 32.21
N HIS H 233 -22.43 -113.76 31.38
CA HIS H 233 -23.65 -113.09 31.86
C HIS H 233 -24.76 -114.06 32.33
N VAL H 234 -24.36 -115.13 33.01
CA VAL H 234 -25.22 -116.23 33.51
C VAL H 234 -25.15 -116.31 35.03
N GLY H 235 -26.22 -116.68 35.72
CA GLY H 235 -26.14 -117.03 37.14
C GLY H 235 -25.36 -118.33 37.33
N PRO H 236 -24.84 -118.63 38.52
CA PRO H 236 -24.11 -119.88 38.75
C PRO H 236 -24.97 -121.14 38.57
N GLU H 237 -26.29 -121.02 38.65
CA GLU H 237 -27.26 -122.09 38.42
C GLU H 237 -27.53 -122.39 36.93
N GLN H 238 -27.02 -121.58 36.00
CA GLN H 238 -27.07 -121.82 34.54
C GLN H 238 -25.71 -122.19 33.93
N VAL H 239 -24.73 -122.60 34.74
CA VAL H 239 -23.57 -123.33 34.25
C VAL H 239 -23.86 -124.82 34.37
N VAL H 240 -24.53 -125.37 33.36
CA VAL H 240 -24.92 -126.78 33.22
C VAL H 240 -23.69 -127.64 33.00
N ASN H 241 -23.76 -128.93 33.33
CA ASN H 241 -22.64 -129.85 33.19
C ASN H 241 -23.08 -131.26 32.77
N VAL H 242 -22.80 -131.63 31.53
CA VAL H 242 -23.06 -132.98 31.00
C VAL H 242 -21.88 -133.90 31.33
N HIS H 243 -21.81 -134.36 32.58
CA HIS H 243 -20.75 -135.26 33.05
C HIS H 243 -21.01 -136.73 32.64
N ASP H 244 -20.06 -137.60 32.94
CA ASP H 244 -20.22 -139.05 32.76
C ASP H 244 -21.51 -139.57 33.44
N VAL H 245 -22.30 -140.34 32.71
CA VAL H 245 -23.58 -140.93 33.16
C VAL H 245 -23.70 -142.37 32.65
N ASN H 246 -24.60 -143.16 33.24
CA ASN H 246 -24.66 -144.60 32.97
C ASN H 246 -24.91 -144.90 31.48
N SER H 247 -25.72 -144.08 30.81
CA SER H 247 -25.89 -144.13 29.36
C SER H 247 -26.45 -142.83 28.81
N THR H 248 -26.33 -142.60 27.51
CA THR H 248 -26.72 -141.35 26.84
C THR H 248 -28.21 -141.02 27.02
N TYR H 249 -29.06 -142.01 27.21
CA TYR H 249 -30.49 -141.79 27.46
C TYR H 249 -30.79 -141.18 28.83
N HIS H 250 -29.82 -141.13 29.74
CA HIS H 250 -29.97 -140.42 31.01
C HIS H 250 -29.79 -138.91 30.90
N VAL H 251 -29.14 -138.39 29.87
CA VAL H 251 -28.81 -136.97 29.78
C VAL H 251 -30.03 -136.06 29.95
N PRO H 252 -31.22 -136.27 29.38
CA PRO H 252 -32.33 -135.38 29.66
C PRO H 252 -32.77 -135.40 31.13
N LEU H 253 -32.65 -136.51 31.84
CA LEU H 253 -32.87 -136.48 33.29
C LEU H 253 -31.76 -135.72 34.01
N LEU H 254 -30.50 -135.86 33.60
CA LEU H 254 -29.40 -135.06 34.17
C LEU H 254 -29.65 -133.55 33.99
N LEU H 255 -30.02 -133.10 32.79
CA LEU H 255 -30.33 -131.69 32.53
C LEU H 255 -31.52 -131.23 33.38
N LEU H 256 -32.59 -132.02 33.46
CA LEU H 256 -33.76 -131.68 34.28
C LEU H 256 -33.42 -131.63 35.78
N GLU H 257 -32.56 -132.49 36.30
CA GLU H 257 -32.14 -132.47 37.70
C GLU H 257 -31.17 -131.32 37.99
N GLN H 258 -30.37 -130.87 37.02
CA GLN H 258 -29.61 -129.62 37.09
C GLN H 258 -30.50 -128.37 36.90
N LYS H 259 -31.83 -128.49 37.02
CA LYS H 259 -32.81 -127.41 36.90
C LYS H 259 -32.70 -126.63 35.58
N MET H 260 -32.28 -127.29 34.52
CA MET H 260 -32.08 -126.65 33.23
C MET H 260 -33.39 -126.11 32.67
N ILE H 261 -34.47 -126.90 32.71
CA ILE H 261 -35.79 -126.48 32.22
C ILE H 261 -36.49 -125.51 33.15
N ASP H 262 -36.28 -125.59 34.46
CA ASP H 262 -36.90 -124.65 35.39
C ASP H 262 -36.42 -123.20 35.16
N TYR H 263 -35.27 -123.02 34.51
CA TYR H 263 -34.87 -121.74 33.94
C TYR H 263 -35.52 -121.50 32.58
N LEU H 264 -35.42 -122.41 31.59
CA LEU H 264 -35.99 -122.16 30.25
C LEU H 264 -37.48 -121.86 30.28
N HIS H 265 -38.23 -122.48 31.17
CA HIS H 265 -39.63 -122.14 31.42
C HIS H 265 -39.84 -120.63 31.68
N ALA H 266 -39.01 -120.01 32.52
CA ALA H 266 -39.06 -118.59 32.81
C ALA H 266 -38.41 -117.75 31.71
N ARG H 267 -37.23 -118.15 31.22
CA ARG H 267 -36.42 -117.40 30.24
C ARG H 267 -37.08 -117.31 28.86
N LEU H 268 -37.88 -118.28 28.48
CA LEU H 268 -38.73 -118.27 27.28
C LEU H 268 -40.21 -118.03 27.62
N LYS H 269 -40.52 -117.73 28.87
CA LYS H 269 -41.87 -117.41 29.38
C LYS H 269 -42.96 -118.36 28.86
N LEU H 270 -42.73 -119.66 28.98
CA LEU H 270 -43.52 -120.71 28.33
C LEU H 270 -44.95 -120.91 28.88
N ASP H 271 -45.33 -120.23 29.97
CA ASP H 271 -46.75 -120.05 30.31
C ASP H 271 -47.56 -119.39 29.18
N GLU H 272 -46.91 -118.67 28.26
CA GLU H 272 -47.58 -118.01 27.13
C GLU H 272 -47.98 -118.98 26.00
N ILE H 273 -47.59 -120.26 26.01
CA ILE H 273 -48.14 -121.25 25.07
C ILE H 273 -49.45 -121.80 25.64
N THR H 274 -53.09 -126.79 25.38
CA THR H 274 -54.33 -127.58 25.47
C THR H 274 -54.14 -128.82 26.34
N GLU H 275 -55.21 -129.39 26.89
CA GLU H 275 -55.16 -130.56 27.76
C GLU H 275 -54.44 -131.77 27.12
N GLU H 276 -54.59 -131.97 25.80
CA GLU H 276 -53.85 -133.00 25.07
C GLU H 276 -52.34 -132.83 25.21
N GLU H 277 -51.80 -131.60 25.10
CA GLU H 277 -50.37 -131.33 25.28
C GLU H 277 -49.92 -131.58 26.70
N LYS H 278 -50.70 -131.12 27.68
CA LYS H 278 -50.39 -131.30 29.11
C LYS H 278 -50.34 -132.78 29.46
N GLN H 279 -51.28 -133.58 28.99
CA GLN H 279 -51.28 -135.03 29.15
C GLN H 279 -50.08 -135.67 28.44
N ARG H 280 -49.86 -135.40 27.16
CA ARG H 280 -48.73 -135.95 26.41
C ARG H 280 -47.37 -135.58 27.01
N GLY H 281 -47.28 -134.47 27.73
CA GLY H 281 -46.12 -134.13 28.54
C GLY H 281 -45.91 -135.11 29.70
N LEU H 282 -46.92 -135.33 30.52
CA LEU H 282 -46.82 -136.27 31.64
C LEU H 282 -46.56 -137.70 31.17
N GLU H 283 -47.22 -138.13 30.10
CA GLU H 283 -46.97 -139.44 29.49
C GLU H 283 -45.53 -139.57 29.00
N LEU H 284 -44.91 -138.54 28.41
CA LEU H 284 -43.52 -138.62 27.97
C LEU H 284 -42.58 -138.77 29.16
N LEU H 285 -42.83 -138.08 30.28
CA LEU H 285 -42.07 -138.31 31.50
C LEU H 285 -42.26 -139.73 32.02
N SER H 286 -43.48 -140.27 32.06
CA SER H 286 -43.70 -141.63 32.53
C SER H 286 -42.95 -142.66 31.69
N LYS H 287 -42.99 -142.51 30.37
CA LYS H 287 -42.25 -143.35 29.43
C LYS H 287 -40.74 -143.19 29.54
N TRP H 288 -40.25 -142.01 29.91
CA TRP H 288 -38.84 -141.83 30.22
C TRP H 288 -38.48 -142.55 31.50
N LYS H 289 -39.27 -142.43 32.56
CA LYS H 289 -39.05 -143.19 33.81
C LYS H 289 -39.05 -144.70 33.55
N ALA H 290 -39.92 -145.20 32.67
CA ALA H 290 -39.92 -146.60 32.24
C ALA H 290 -38.63 -147.03 31.53
N THR H 291 -38.19 -146.38 30.46
CA THR H 291 -36.92 -146.76 29.79
C THR H 291 -35.72 -146.59 30.71
N THR H 292 -35.73 -145.60 31.59
CA THR H 292 -34.70 -145.45 32.60
C THR H 292 -34.72 -146.59 33.60
N GLY H 293 -35.89 -146.97 34.11
CA GLY H 293 -36.06 -148.11 35.02
C GLY H 293 -35.56 -149.40 34.38
N ASN H 294 -35.92 -149.65 33.12
CA ASN H 294 -35.42 -150.77 32.34
C ASN H 294 -33.89 -150.81 32.15
N PHE H 295 -33.15 -149.74 32.43
CA PHE H 295 -31.69 -149.76 32.46
C PHE H 295 -31.19 -150.18 33.85
N ASP H 296 -31.70 -149.58 34.92
CA ASP H 296 -31.35 -149.98 36.29
C ASP H 296 -31.75 -151.43 36.60
N GLU H 297 -32.98 -151.82 36.23
CA GLU H 297 -33.55 -153.15 36.37
C GLU H 297 -33.05 -154.14 35.31
N GLU H 298 -29.07 -158.67 33.18
CA GLU H 298 -28.44 -159.71 32.35
C GLU H 298 -28.08 -159.22 30.94
N THR H 299 -26.94 -159.67 30.39
CA THR H 299 -26.45 -159.29 29.06
C THR H 299 -27.04 -160.09 27.91
N VAL H 300 -27.25 -159.46 26.75
CA VAL H 300 -27.46 -160.07 25.44
C VAL H 300 -26.26 -159.74 24.56
N LYS H 301 -25.59 -160.74 23.99
CA LYS H 301 -24.41 -160.54 23.12
C LYS H 301 -24.85 -160.66 21.66
N ILE H 302 -24.61 -159.68 20.81
CA ILE H 302 -25.01 -159.72 19.37
C ILE H 302 -23.78 -159.51 18.50
N ALA H 303 -23.51 -160.37 17.53
CA ALA H 303 -22.46 -160.12 16.57
C ALA H 303 -23.04 -159.30 15.42
N LEU H 304 -22.51 -158.10 15.20
CA LEU H 304 -22.83 -157.30 14.02
C LEU H 304 -21.71 -157.50 13.02
N VAL H 305 -22.04 -158.10 11.88
CA VAL H 305 -21.07 -158.61 10.91
C VAL H 305 -21.19 -157.82 9.62
N GLY H 306 -20.16 -157.07 9.23
CA GLY H 306 -20.24 -156.28 8.01
C GLY H 306 -18.88 -155.79 7.53
N LYS H 307 -18.88 -155.02 6.45
CA LYS H 307 -17.67 -154.35 5.96
C LYS H 307 -17.22 -153.27 6.95
N TYR H 308 -15.91 -153.15 7.14
CA TYR H 308 -15.23 -152.01 7.78
C TYR H 308 -15.90 -151.54 9.10
N THR H 309 -16.30 -152.49 9.95
CA THR H 309 -16.87 -152.23 11.28
C THR H 309 -15.97 -151.42 12.22
N ASN H 310 -14.69 -151.24 11.89
CA ASN H 310 -13.78 -150.30 12.53
C ASN H 310 -14.33 -148.86 12.50
N LEU H 311 -15.04 -148.49 11.43
CA LEU H 311 -15.64 -147.18 11.19
C LEU H 311 -17.02 -147.10 11.86
N LYS H 312 -17.05 -147.12 13.18
CA LYS H 312 -18.26 -147.38 13.98
C LYS H 312 -19.41 -146.38 13.78
N ASP H 313 -19.15 -145.13 13.42
CA ASP H 313 -20.20 -144.18 13.03
C ASP H 313 -20.95 -144.60 11.75
N SER H 314 -20.32 -145.41 10.89
CA SER H 314 -20.95 -145.89 9.66
C SER H 314 -22.13 -146.83 9.90
N TYR H 315 -22.29 -147.34 11.13
CA TYR H 315 -23.40 -148.17 11.56
C TYR H 315 -24.22 -147.52 12.68
N LEU H 316 -24.13 -146.20 12.87
CA LEU H 316 -24.73 -145.53 14.04
C LEU H 316 -26.20 -145.84 14.24
N SER H 317 -27.05 -145.80 13.21
CA SER H 317 -28.48 -146.03 13.37
C SER H 317 -28.77 -147.43 13.86
N VAL H 318 -28.04 -148.42 13.35
CA VAL H 318 -28.15 -149.81 13.75
C VAL H 318 -27.87 -149.95 15.23
N ILE H 319 -26.81 -149.33 15.75
CA ILE H 319 -26.50 -149.36 17.19
C ILE H 319 -27.65 -148.79 17.99
N LYS H 320 -28.15 -147.62 17.64
CA LYS H 320 -29.24 -146.98 18.37
C LYS H 320 -30.53 -147.81 18.33
N ALA H 321 -30.84 -148.47 17.21
CA ALA H 321 -31.99 -149.36 17.12
C ALA H 321 -31.89 -150.59 18.03
N LEU H 322 -30.68 -151.13 18.22
CA LEU H 322 -30.43 -152.18 19.19
C LEU H 322 -30.51 -151.68 20.63
N GLU H 323 -30.06 -150.46 20.92
CA GLU H 323 -30.18 -149.87 22.25
C GLU H 323 -31.65 -149.65 22.65
N HIS H 324 -32.48 -149.08 21.76
CA HIS H 324 -33.89 -148.78 22.09
C HIS H 324 -34.64 -150.05 22.44
N SER H 325 -34.41 -151.10 21.66
CA SER H 325 -35.01 -152.42 21.88
C SER H 325 -34.47 -153.09 23.13
N SER H 326 -33.18 -153.02 23.41
CA SER H 326 -32.59 -153.65 24.60
C SER H 326 -33.14 -153.09 25.92
N MET H 327 -33.52 -151.81 25.97
CA MET H 327 -34.21 -151.25 27.12
C MET H 327 -35.65 -151.75 27.27
N LYS H 328 -36.29 -152.21 26.20
CA LYS H 328 -37.61 -152.84 26.34
C LYS H 328 -37.45 -154.24 26.96
N CYS H 329 -36.46 -155.01 26.53
CA CYS H 329 -36.11 -156.33 27.08
C CYS H 329 -35.44 -156.32 28.47
N ARG H 330 -35.22 -155.15 29.08
CA ARG H 330 -34.49 -154.97 30.34
C ARG H 330 -33.07 -155.55 30.35
N ARG H 331 -32.45 -155.80 29.20
CA ARG H 331 -31.18 -156.54 29.10
C ARG H 331 -30.08 -155.67 28.54
N LYS H 332 -28.87 -155.84 29.06
CA LYS H 332 -27.70 -155.05 28.70
C LYS H 332 -27.18 -155.47 27.35
N LEU H 333 -26.95 -154.53 26.45
CA LEU H 333 -26.51 -154.81 25.09
C LEU H 333 -25.00 -154.87 24.98
N ASP H 334 -24.48 -155.90 24.35
CA ASP H 334 -23.06 -156.07 24.08
C ASP H 334 -22.83 -156.41 22.61
N ILE H 335 -22.67 -155.39 21.77
CA ILE H 335 -22.40 -155.59 20.34
C ILE H 335 -20.95 -156.06 20.17
N LYS H 336 -20.74 -157.24 19.58
CA LYS H 336 -19.44 -157.65 19.07
C LYS H 336 -19.30 -157.15 17.65
N TRP H 337 -18.27 -156.38 17.37
CA TRP H 337 -17.96 -155.87 16.04
C TRP H 337 -17.08 -156.86 15.28
N VAL H 338 -17.60 -157.42 14.19
CA VAL H 338 -16.90 -158.38 13.34
C VAL H 338 -16.65 -157.77 11.97
N GLU H 339 -15.41 -157.71 11.51
CA GLU H 339 -15.16 -157.46 10.10
C GLU H 339 -15.54 -158.70 9.32
N ALA H 340 -16.49 -158.59 8.41
CA ALA H 340 -16.99 -159.72 7.63
C ALA H 340 -15.89 -160.43 6.87
N THR H 341 -14.93 -159.72 6.29
CA THR H 341 -13.84 -160.35 5.55
C THR H 341 -12.91 -161.21 6.41
N ASP H 342 -12.83 -160.97 7.71
CA ASP H 342 -12.01 -161.81 8.60
C ASP H 342 -12.62 -163.18 8.87
N LEU H 343 -13.88 -163.42 8.49
CA LEU H 343 -14.49 -164.75 8.57
C LEU H 343 -14.08 -165.67 7.43
N GLU H 344 -13.53 -165.11 6.34
CA GLU H 344 -13.32 -165.87 5.10
C GLU H 344 -12.28 -167.01 5.25
N PRO H 345 -12.46 -168.15 4.56
CA PRO H 345 -11.45 -169.21 4.51
C PRO H 345 -10.06 -168.76 4.00
N GLU H 346 -10.01 -167.70 3.21
CA GLU H 346 -8.75 -167.07 2.75
C GLU H 346 -8.04 -166.29 3.86
N ALA H 347 -8.80 -165.67 4.77
CA ALA H 347 -8.22 -164.89 5.86
C ALA H 347 -7.38 -165.76 6.79
N GLN H 348 -7.67 -167.07 6.88
CA GLN H 348 -6.97 -168.01 7.75
C GLN H 348 -5.47 -168.14 7.44
N GLU H 349 -5.07 -168.08 6.17
CA GLU H 349 -3.63 -168.04 5.83
C GLU H 349 -3.08 -166.61 5.80
N SER H 350 -3.91 -165.62 5.45
CA SER H 350 -3.47 -164.23 5.27
C SER H 350 -3.20 -163.51 6.58
N ASN H 351 -4.10 -163.63 7.56
CA ASN H 351 -4.10 -162.87 8.81
C ASN H 351 -4.75 -163.68 9.95
N LYS H 352 -4.20 -164.86 10.24
CA LYS H 352 -4.82 -165.90 11.07
C LYS H 352 -5.36 -165.39 12.41
N THR H 353 -4.63 -164.52 13.09
CA THR H 353 -4.98 -164.06 14.44
C THR H 353 -6.34 -163.38 14.48
N LYS H 354 -6.57 -162.43 13.55
CA LYS H 354 -7.83 -161.70 13.48
C LYS H 354 -8.99 -162.60 13.03
N PHE H 355 -8.71 -163.58 12.19
CA PHE H 355 -9.68 -164.59 11.78
C PHE H 355 -10.22 -165.41 12.97
N HIS H 356 -9.37 -165.82 13.92
CA HIS H 356 -9.84 -166.45 15.15
C HIS H 356 -10.65 -165.50 16.03
N GLU H 357 -10.25 -164.24 16.16
CA GLU H 357 -11.04 -163.27 16.93
C GLU H 357 -12.44 -163.09 16.32
N ALA H 358 -12.54 -162.99 15.00
CA ALA H 358 -13.80 -162.87 14.30
C ALA H 358 -14.70 -164.09 14.53
N TRP H 359 -14.15 -165.29 14.39
CA TRP H 359 -14.93 -166.50 14.60
C TRP H 359 -15.31 -166.75 16.05
N ASN H 360 -14.48 -166.38 17.03
CA ASN H 360 -14.91 -166.44 18.43
C ASN H 360 -16.12 -165.55 18.67
N MET H 361 -16.15 -164.33 18.13
CA MET H 361 -17.30 -163.44 18.28
C MET H 361 -18.55 -164.09 17.68
N VAL H 362 -18.49 -164.60 16.45
CA VAL H 362 -19.63 -165.27 15.80
C VAL H 362 -20.14 -166.46 16.60
N SER H 363 -19.22 -167.27 17.14
CA SER H 363 -19.53 -168.44 17.95
C SER H 363 -20.08 -168.13 19.34
N THR H 364 -19.71 -166.98 19.91
CA THR H 364 -20.16 -166.56 21.24
C THR H 364 -21.57 -165.98 21.20
N ALA H 365 -21.92 -165.25 20.14
CA ALA H 365 -23.07 -164.36 20.16
C ALA H 365 -24.41 -165.07 20.32
N ASP H 366 -25.32 -164.47 21.08
CA ASP H 366 -26.70 -164.90 21.25
C ASP H 366 -27.59 -164.54 20.06
N GLY H 367 -27.13 -163.67 19.18
CA GLY H 367 -27.81 -163.31 17.95
C GLY H 367 -26.81 -162.84 16.89
N ILE H 368 -27.16 -162.95 15.61
CA ILE H 368 -26.36 -162.46 14.51
C ILE H 368 -27.13 -161.37 13.77
N LEU H 369 -26.42 -160.37 13.27
CA LEU H 369 -26.97 -159.22 12.60
C LEU H 369 -26.10 -158.87 11.42
N ILE H 370 -26.64 -158.91 10.22
CA ILE H 370 -25.97 -158.45 9.01
C ILE H 370 -26.61 -157.10 8.65
N PRO H 371 -25.87 -155.98 8.68
CA PRO H 371 -26.44 -154.66 8.95
C PRO H 371 -26.81 -153.82 7.72
N GLY H 372 -26.74 -154.37 6.51
CA GLY H 372 -26.96 -153.59 5.29
C GLY H 372 -25.74 -152.80 4.86
N GLY H 373 -24.62 -153.50 4.69
CA GLY H 373 -23.34 -152.93 4.31
C GLY H 373 -23.30 -152.22 2.96
N PHE H 374 -22.20 -151.52 2.71
CA PHE H 374 -21.93 -150.78 1.47
C PHE H 374 -20.91 -151.54 0.59
N GLY H 375 -21.25 -151.79 -0.66
CA GLY H 375 -20.41 -152.52 -1.61
C GLY H 375 -20.25 -154.02 -1.36
N VAL H 376 -19.47 -154.70 -2.19
CA VAL H 376 -19.45 -156.18 -2.25
C VAL H 376 -18.47 -156.87 -1.30
N ARG H 377 -17.39 -156.19 -0.87
CA ARG H 377 -16.20 -156.81 -0.24
C ARG H 377 -16.49 -157.84 0.85
N GLY H 378 -17.33 -157.51 1.82
CA GLY H 378 -17.62 -158.38 2.97
C GLY H 378 -18.45 -159.63 2.67
N THR H 379 -19.02 -159.75 1.47
CA THR H 379 -20.08 -160.71 1.18
C THR H 379 -19.73 -162.14 1.56
N GLU H 380 -18.54 -162.62 1.23
CA GLU H 380 -18.20 -164.04 1.42
C GLU H 380 -18.23 -164.46 2.89
N GLY H 381 -17.77 -163.61 3.80
CA GLY H 381 -17.89 -163.88 5.22
C GLY H 381 -19.31 -163.75 5.75
N MET H 382 -20.07 -162.77 5.29
CA MET H 382 -21.46 -162.58 5.67
C MET H 382 -22.33 -163.77 5.27
N VAL H 383 -22.01 -164.49 4.20
CA VAL H 383 -22.65 -165.76 3.86
C VAL H 383 -22.47 -166.80 4.96
N LEU H 384 -21.23 -167.01 5.42
CA LEU H 384 -20.89 -167.97 6.47
C LEU H 384 -21.51 -167.59 7.82
N ALA H 385 -21.64 -166.30 8.14
CA ALA H 385 -22.41 -165.86 9.30
C ALA H 385 -23.92 -166.16 9.18
N ALA H 386 -24.51 -166.03 7.99
CA ALA H 386 -25.91 -166.39 7.79
C ALA H 386 -26.15 -167.91 7.88
N ARG H 387 -25.22 -168.72 7.36
CA ARG H 387 -25.18 -170.19 7.43
C ARG H 387 -25.10 -170.67 8.86
N TRP H 388 -24.24 -170.04 9.64
CA TRP H 388 -24.08 -170.32 11.07
C TRP H 388 -25.37 -170.15 11.85
N ALA H 389 -26.19 -169.15 11.54
CA ALA H 389 -27.47 -168.94 12.19
C ALA H 389 -28.65 -169.67 11.53
N ARG H 390 -28.55 -170.10 10.27
CA ARG H 390 -29.58 -170.95 9.65
C ARG H 390 -29.54 -172.33 10.29
N GLU H 391 -28.35 -172.93 10.36
CA GLU H 391 -28.19 -174.34 10.72
C GLU H 391 -28.35 -174.56 12.22
N ASN H 392 -27.47 -173.98 13.01
CA ASN H 392 -27.64 -173.85 14.45
C ASN H 392 -28.70 -172.79 14.71
N HIS H 393 -29.69 -173.02 15.57
CA HIS H 393 -30.85 -172.12 15.74
C HIS H 393 -30.57 -170.77 16.45
N ILE H 394 -29.52 -170.04 16.07
CA ILE H 394 -29.18 -168.70 16.54
C ILE H 394 -30.17 -167.67 15.98
N PRO H 395 -30.75 -166.75 16.76
CA PRO H 395 -31.52 -165.62 16.26
C PRO H 395 -30.75 -164.75 15.26
N PHE H 396 -31.40 -164.26 14.22
CA PHE H 396 -30.78 -163.52 13.13
C PHE H 396 -31.67 -162.39 12.63
N LEU H 397 -31.05 -161.27 12.25
CA LEU H 397 -31.69 -160.25 11.41
C LEU H 397 -30.76 -159.84 10.27
N GLY H 398 -31.26 -159.87 9.05
CA GLY H 398 -30.56 -159.32 7.90
C GLY H 398 -31.24 -158.04 7.44
N VAL H 399 -30.49 -156.96 7.31
CA VAL H 399 -31.00 -155.67 6.83
C VAL H 399 -30.44 -155.38 5.45
N CYS H 400 -31.28 -155.12 4.46
CA CYS H 400 -30.91 -154.81 3.08
C CYS H 400 -29.95 -155.84 2.45
N LEU H 401 -28.66 -155.54 2.32
CA LEU H 401 -27.66 -156.54 1.92
C LEU H 401 -27.72 -157.79 2.80
N GLY H 402 -28.20 -157.70 4.02
CA GLY H 402 -28.45 -158.86 4.87
C GLY H 402 -29.59 -159.73 4.38
N LEU H 403 -30.67 -159.21 3.82
CA LEU H 403 -31.68 -160.06 3.17
C LEU H 403 -31.10 -160.68 1.91
N GLN H 404 -30.37 -159.89 1.14
CA GLN H 404 -29.68 -160.34 -0.04
C GLN H 404 -28.80 -161.53 0.31
N ILE H 405 -28.04 -161.46 1.41
CA ILE H 405 -27.15 -162.52 1.86
C ILE H 405 -27.87 -163.66 2.58
N ALA H 406 -28.97 -163.44 3.27
CA ALA H 406 -29.84 -164.50 3.73
C ALA H 406 -30.39 -165.33 2.56
N THR H 407 -30.72 -164.69 1.44
CA THR H 407 -31.22 -165.38 0.26
C THR H 407 -30.10 -166.04 -0.55
N ILE H 408 -28.97 -165.39 -0.75
CA ILE H 408 -27.78 -166.03 -1.34
C ILE H 408 -27.38 -167.25 -0.52
N GLU H 409 -27.36 -167.20 0.80
CA GLU H 409 -26.96 -168.34 1.61
C GLU H 409 -27.97 -169.49 1.50
N PHE H 410 -29.25 -169.21 1.71
CA PHE H 410 -30.28 -170.23 1.61
C PHE H 410 -30.30 -170.88 0.20
N THR H 411 -30.05 -170.11 -0.85
CA THR H 411 -29.81 -170.64 -2.20
C THR H 411 -28.58 -171.52 -2.22
N ARG H 412 -27.42 -171.01 -1.77
CA ARG H 412 -26.09 -171.63 -1.81
C ARG H 412 -25.94 -172.90 -0.94
N SER H 413 -26.89 -173.18 -0.04
CA SER H 413 -26.79 -174.29 0.91
C SER H 413 -28.02 -175.17 1.01
N VAL H 414 -29.23 -174.64 0.79
CA VAL H 414 -30.47 -175.42 0.84
C VAL H 414 -30.88 -175.89 -0.56
N LEU H 415 -30.71 -175.06 -1.60
CA LEU H 415 -30.97 -175.45 -3.01
C LEU H 415 -29.74 -176.04 -3.72
N GLY H 416 -28.61 -176.21 -3.05
CA GLY H 416 -27.32 -176.44 -3.71
C GLY H 416 -26.80 -175.16 -4.37
N ARG H 417 -26.82 -175.09 -5.71
CA ARG H 417 -26.57 -173.86 -6.52
C ARG H 417 -25.34 -173.05 -6.07
N LYS H 418 -24.20 -173.71 -5.84
CA LYS H 418 -23.00 -173.12 -5.20
C LYS H 418 -22.37 -171.95 -5.97
N ASP H 419 -22.66 -171.80 -7.26
CA ASP H 419 -22.22 -170.68 -8.09
C ASP H 419 -23.01 -169.37 -7.88
N SER H 420 -24.17 -169.39 -7.19
CA SER H 420 -25.04 -168.22 -7.08
C SER H 420 -24.42 -167.07 -6.28
N HIS H 421 -24.74 -165.84 -6.64
CA HIS H 421 -24.07 -164.61 -6.20
C HIS H 421 -25.00 -163.41 -6.38
N SER H 422 -24.67 -162.27 -5.78
CA SER H 422 -25.36 -160.99 -6.05
C SER H 422 -25.29 -160.60 -7.54
N ALA H 423 -26.29 -159.85 -8.02
CA ALA H 423 -26.27 -159.27 -9.36
C ALA H 423 -25.05 -158.36 -9.62
N GLU H 424 -24.37 -157.93 -8.55
CA GLU H 424 -23.08 -157.24 -8.64
C GLU H 424 -22.03 -158.00 -9.48
N PHE H 425 -21.98 -159.34 -9.42
CA PHE H 425 -21.15 -160.17 -10.30
C PHE H 425 -21.84 -160.38 -11.65
N TYR H 426 -22.05 -159.27 -12.35
CA TYR H 426 -22.86 -159.16 -13.55
C TYR H 426 -22.59 -160.22 -14.66
N PRO H 427 -21.33 -160.49 -15.08
CA PRO H 427 -21.09 -161.33 -16.25
C PRO H 427 -21.31 -162.85 -16.05
N ASP H 428 -21.66 -163.31 -14.84
CA ASP H 428 -22.10 -164.69 -14.64
C ASP H 428 -23.51 -164.94 -15.19
N ILE H 429 -24.35 -163.90 -15.31
CA ILE H 429 -25.70 -163.88 -15.88
C ILE H 429 -26.66 -164.92 -15.27
N ASP H 430 -26.56 -166.19 -15.65
CA ASP H 430 -27.56 -167.24 -15.36
C ASP H 430 -27.75 -167.51 -13.85
N GLU H 431 -26.72 -167.27 -13.04
CA GLU H 431 -26.69 -167.57 -11.60
C GLU H 431 -26.82 -166.32 -10.68
N LYS H 432 -27.12 -165.15 -11.26
CA LYS H 432 -27.42 -163.93 -10.49
C LYS H 432 -28.65 -164.15 -9.61
N ASN H 433 -28.50 -163.98 -8.30
CA ASN H 433 -29.56 -164.15 -7.30
C ASN H 433 -30.54 -162.96 -7.25
N HIS H 434 -30.22 -161.85 -7.91
CA HIS H 434 -30.93 -160.57 -7.82
C HIS H 434 -31.20 -159.96 -9.21
N VAL H 435 -32.04 -158.94 -9.27
CA VAL H 435 -32.36 -158.15 -10.47
C VAL H 435 -32.34 -156.66 -10.15
N VAL H 436 -31.88 -155.85 -11.11
CA VAL H 436 -31.92 -154.39 -11.04
C VAL H 436 -33.36 -153.87 -10.96
N VAL H 437 -33.57 -152.87 -10.13
CA VAL H 437 -34.84 -152.15 -10.01
C VAL H 437 -34.59 -150.69 -9.59
N PHE H 438 -34.21 -149.84 -10.56
CA PHE H 438 -33.82 -148.44 -10.31
C PHE H 438 -35.01 -147.48 -10.02
N MET H 439 -36.24 -147.83 -10.43
CA MET H 439 -37.42 -146.94 -10.40
C MET H 439 -37.15 -145.52 -10.91
N MET H 440 -32.48 -145.58 -7.79
CA MET H 440 -32.58 -146.20 -6.47
C MET H 440 -33.98 -146.05 -5.87
N ARG H 441 -34.52 -147.11 -5.27
CA ARG H 441 -35.75 -147.06 -4.46
C ARG H 441 -35.41 -146.42 -3.13
N LEU H 442 -36.12 -145.35 -2.76
CA LEU H 442 -35.85 -144.50 -1.59
C LEU H 442 -37.12 -144.14 -0.82
N GLY H 443 -36.94 -143.63 0.39
CA GLY H 443 -38.01 -143.01 1.19
C GLY H 443 -39.06 -143.98 1.74
N LEU H 444 -40.04 -143.42 2.43
CA LEU H 444 -41.10 -144.18 3.08
C LEU H 444 -42.01 -144.79 2.02
N ARG H 445 -41.99 -146.10 1.90
CA ARG H 445 -42.93 -146.88 1.08
C ARG H 445 -43.66 -147.92 1.95
N PRO H 446 -44.90 -148.31 1.63
CA PRO H 446 -45.61 -149.35 2.38
C PRO H 446 -45.00 -150.75 2.16
N THR H 447 -45.36 -151.70 2.99
CA THR H 447 -45.17 -153.15 2.77
C THR H 447 -46.33 -153.92 3.39
N PHE H 448 -46.85 -154.91 2.68
CA PHE H 448 -48.08 -155.61 2.99
C PHE H 448 -47.78 -157.07 3.30
N PHE H 449 -48.31 -157.60 4.40
CA PHE H 449 -48.12 -159.01 4.76
C PHE H 449 -48.87 -159.92 3.79
N GLN H 450 -48.30 -161.07 3.45
CA GLN H 450 -48.98 -162.08 2.62
C GLN H 450 -50.08 -162.76 3.44
N ASN H 451 -51.31 -162.80 2.94
CA ASN H 451 -52.52 -162.92 3.77
C ASN H 451 -52.70 -164.24 4.58
N GLU H 452 -51.90 -165.27 4.29
CA GLU H 452 -51.93 -166.60 4.94
C GLU H 452 -50.95 -166.70 6.13
N THR H 453 -49.97 -165.81 6.27
CA THR H 453 -48.79 -166.03 7.14
C THR H 453 -49.04 -165.73 8.63
N GLU H 454 -50.12 -166.25 9.18
CA GLU H 454 -50.54 -166.07 10.58
C GLU H 454 -49.56 -166.67 11.59
N TRP H 455 -48.72 -167.60 11.17
CA TRP H 455 -47.68 -168.23 11.98
C TRP H 455 -46.48 -167.31 12.31
N SER H 456 -46.27 -166.27 11.51
CA SER H 456 -45.06 -165.45 11.49
C SER H 456 -44.74 -164.81 12.84
N GLN H 457 -43.49 -164.89 13.28
CA GLN H 457 -43.02 -164.19 14.47
C GLN H 457 -42.98 -162.68 14.22
N ILE H 458 -42.49 -162.24 13.06
CA ILE H 458 -42.35 -160.81 12.79
C ILE H 458 -43.71 -160.12 12.63
N LYS H 459 -44.68 -160.68 11.90
CA LYS H 459 -45.99 -160.03 11.76
C LYS H 459 -46.82 -160.06 13.05
N LYS H 460 -46.43 -160.89 14.03
CA LYS H 460 -46.95 -160.80 15.40
C LYS H 460 -46.40 -159.57 16.12
N LEU H 461 -45.10 -159.29 16.03
CA LEU H 461 -44.50 -158.09 16.65
C LEU H 461 -45.13 -156.77 16.14
N TYR H 462 -45.47 -156.69 14.85
CA TYR H 462 -46.22 -155.57 14.27
C TYR H 462 -47.70 -155.49 14.72
N GLY H 463 -48.15 -156.27 15.70
CA GLY H 463 -49.46 -156.13 16.33
C GLY H 463 -50.63 -156.65 15.51
N ASP H 464 -50.38 -157.55 14.54
CA ASP H 464 -51.36 -158.04 13.57
C ASP H 464 -51.95 -156.95 12.64
N VAL H 465 -51.32 -155.79 12.54
CA VAL H 465 -51.69 -154.73 11.58
C VAL H 465 -51.47 -155.23 10.13
N SER H 466 -52.33 -154.82 9.21
CA SER H 466 -52.35 -155.28 7.80
C SER H 466 -51.13 -154.85 6.96
N GLU H 467 -50.50 -153.73 7.29
CA GLU H 467 -49.35 -153.20 6.57
C GLU H 467 -48.44 -152.36 7.47
N VAL H 468 -47.23 -152.14 7.00
CA VAL H 468 -46.17 -151.35 7.66
C VAL H 468 -45.63 -150.29 6.70
N HIS H 469 -44.96 -149.24 7.18
CA HIS H 469 -44.32 -148.24 6.32
C HIS H 469 -42.87 -148.01 6.72
N GLU H 470 -41.93 -148.04 5.77
CA GLU H 470 -40.50 -148.18 6.07
C GLU H 470 -39.58 -147.45 5.06
N ARG H 471 -38.35 -147.11 5.45
CA ARG H 471 -37.36 -146.48 4.59
C ARG H 471 -36.54 -147.49 3.77
N HIS H 472 -36.18 -147.15 2.54
CA HIS H 472 -35.45 -148.01 1.60
C HIS H 472 -34.23 -147.29 1.02
N ARG H 473 -33.22 -148.01 0.52
CA ARG H 473 -32.04 -147.43 -0.18
C ARG H 473 -31.41 -148.39 -1.22
N HIS H 474 -32.20 -149.23 -1.90
CA HIS H 474 -31.72 -150.38 -2.69
C HIS H 474 -31.87 -150.20 -4.21
N ARG H 475 -30.86 -150.67 -4.97
CA ARG H 475 -30.89 -150.80 -6.45
C ARG H 475 -31.12 -152.22 -6.95
N TYR H 476 -31.01 -153.22 -6.08
CA TYR H 476 -31.21 -154.64 -6.38
C TYR H 476 -32.36 -155.23 -5.53
N GLU H 477 -33.09 -156.19 -6.08
CA GLU H 477 -34.05 -157.02 -5.37
C GLU H 477 -33.86 -158.50 -5.75
N ILE H 478 -34.33 -159.44 -4.93
CA ILE H 478 -34.24 -160.88 -5.23
C ILE H 478 -35.02 -161.19 -6.51
N ASN H 479 -34.45 -161.98 -7.43
CA ASN H 479 -35.02 -162.22 -8.75
C ASN H 479 -36.39 -162.93 -8.62
N PRO H 480 -37.52 -162.33 -9.03
CA PRO H 480 -38.85 -162.90 -8.84
C PRO H 480 -39.02 -164.32 -9.39
N LYS H 481 -38.28 -164.64 -10.45
CA LYS H 481 -38.24 -165.97 -11.07
C LYS H 481 -37.94 -167.09 -10.05
N MET H 482 -37.07 -166.83 -9.09
CA MET H 482 -36.65 -167.80 -8.07
C MET H 482 -37.58 -167.87 -6.86
N VAL H 483 -38.42 -166.87 -6.60
CA VAL H 483 -39.10 -166.71 -5.31
C VAL H 483 -40.06 -167.84 -5.00
N ASP H 484 -40.70 -168.46 -6.00
CA ASP H 484 -41.53 -169.65 -5.75
C ASP H 484 -40.70 -170.81 -5.19
N GLU H 485 -39.48 -171.00 -5.67
CA GLU H 485 -38.59 -172.07 -5.22
C GLU H 485 -38.18 -171.86 -3.76
N LEU H 486 -37.86 -170.62 -3.40
CA LEU H 486 -37.54 -170.22 -2.04
C LEU H 486 -38.77 -170.33 -1.11
N GLU H 487 -39.95 -169.88 -1.53
CA GLU H 487 -41.19 -170.04 -0.75
C GLU H 487 -41.54 -171.52 -0.53
N ASN H 488 -41.42 -172.36 -1.56
CA ASN H 488 -41.68 -173.81 -1.47
C ASN H 488 -40.67 -174.55 -0.58
N ASN H 489 -39.41 -174.11 -0.53
CA ASN H 489 -38.39 -174.67 0.36
C ASN H 489 -38.42 -174.11 1.79
N GLY H 490 -39.18 -173.06 2.06
CA GLY H 490 -39.47 -172.58 3.42
C GLY H 490 -38.93 -171.20 3.77
N LEU H 491 -38.18 -170.55 2.88
CA LEU H 491 -37.73 -169.17 3.03
C LEU H 491 -38.88 -168.22 2.66
N ILE H 492 -39.97 -168.25 3.42
CA ILE H 492 -41.24 -167.62 3.05
C ILE H 492 -41.12 -166.09 3.08
N PHE H 493 -41.39 -165.42 1.95
CA PHE H 493 -41.40 -163.96 1.87
C PHE H 493 -42.68 -163.37 2.47
N VAL H 494 -42.72 -163.24 3.79
CA VAL H 494 -43.92 -162.85 4.54
C VAL H 494 -44.41 -161.41 4.28
N GLY H 495 -43.66 -160.57 3.59
CA GLY H 495 -44.07 -159.24 3.19
C GLY H 495 -43.58 -158.84 1.82
N LYS H 496 -44.45 -158.21 1.04
CA LYS H 496 -44.14 -157.71 -0.30
C LYS H 496 -44.74 -156.31 -0.48
N ASP H 497 -44.40 -155.67 -1.58
CA ASP H 497 -44.85 -154.34 -1.93
C ASP H 497 -46.31 -154.31 -2.42
N ASP H 498 -46.78 -153.13 -2.79
CA ASP H 498 -48.08 -152.90 -3.40
C ASP H 498 -48.36 -153.79 -4.63
N THR H 499 -47.39 -153.98 -5.53
CA THR H 499 -47.54 -154.82 -6.74
C THR H 499 -47.48 -156.33 -6.45
N GLY H 500 -46.83 -156.73 -5.36
CA GLY H 500 -46.51 -158.13 -5.06
C GLY H 500 -45.33 -158.68 -5.84
N LYS H 501 -44.64 -157.86 -6.62
CA LYS H 501 -43.45 -158.25 -7.39
C LYS H 501 -42.15 -158.16 -6.57
N ARG H 502 -42.10 -157.33 -5.52
CA ARG H 502 -40.87 -156.96 -4.80
C ARG H 502 -40.76 -157.67 -3.45
N CYS H 503 -39.58 -158.22 -3.16
CA CYS H 503 -39.25 -158.95 -1.94
C CYS H 503 -38.91 -158.01 -0.75
N GLU H 504 -39.85 -157.71 0.14
CA GLU H 504 -39.63 -156.71 1.20
C GLU H 504 -39.25 -157.30 2.55
N ILE H 505 -39.77 -158.48 2.92
CA ILE H 505 -39.42 -159.22 4.15
C ILE H 505 -39.28 -160.71 3.84
N LEU H 506 -38.37 -161.42 4.50
CA LEU H 506 -38.45 -162.89 4.58
C LEU H 506 -38.42 -163.37 6.02
N GLU H 507 -39.07 -164.50 6.28
CA GLU H 507 -38.93 -165.28 7.50
C GLU H 507 -38.75 -166.75 7.11
N LEU H 508 -37.75 -167.40 7.66
CA LEU H 508 -37.56 -168.83 7.47
C LEU H 508 -38.55 -169.58 8.36
N LYS H 509 -39.45 -170.36 7.75
CA LYS H 509 -40.47 -171.17 8.42
C LYS H 509 -39.82 -172.14 9.42
N ASN H 510 -40.37 -172.21 10.65
CA ASN H 510 -39.93 -173.10 11.73
C ASN H 510 -38.44 -172.94 12.10
N HIS H 511 -38.03 -171.69 12.38
CA HIS H 511 -36.78 -171.32 13.06
C HIS H 511 -37.12 -170.33 14.19
N PRO H 512 -36.44 -170.33 15.36
CA PRO H 512 -36.82 -169.47 16.48
C PRO H 512 -36.90 -167.98 16.20
N TYR H 513 -36.02 -167.43 15.35
CA TYR H 513 -36.09 -166.06 14.84
C TYR H 513 -35.06 -165.86 13.72
N TYR H 514 -35.46 -166.01 12.47
CA TYR H 514 -34.58 -165.76 11.33
C TYR H 514 -35.33 -164.91 10.32
N ILE H 515 -35.10 -163.62 10.41
CA ILE H 515 -35.77 -162.57 9.66
C ILE H 515 -34.77 -161.89 8.76
N ALA H 516 -35.20 -161.44 7.60
CA ALA H 516 -34.52 -160.33 6.97
C ALA H 516 -35.52 -159.33 6.39
N THR H 517 -35.09 -158.09 6.22
CA THR H 517 -35.85 -156.97 5.63
C THR H 517 -35.06 -156.34 4.50
N GLN H 518 -35.67 -156.05 3.37
CA GLN H 518 -34.99 -155.31 2.31
C GLN H 518 -34.84 -153.84 2.69
N TYR H 519 -35.82 -153.28 3.41
CA TYR H 519 -35.73 -151.96 4.02
C TYR H 519 -34.73 -151.92 5.17
N HIS H 520 -34.40 -150.69 5.59
CA HIS H 520 -33.59 -150.36 6.76
C HIS H 520 -34.47 -149.94 7.94
N PRO H 521 -34.89 -150.85 8.85
CA PRO H 521 -35.78 -150.54 9.97
C PRO H 521 -35.18 -149.65 11.04
N GLU H 522 -33.87 -149.57 11.14
CA GLU H 522 -33.14 -148.68 12.05
C GLU H 522 -33.36 -147.20 11.76
N TYR H 523 -33.86 -146.84 10.57
CA TYR H 523 -34.25 -145.46 10.27
C TYR H 523 -35.65 -145.11 10.74
N THR H 524 -36.35 -145.98 11.47
CA THR H 524 -37.59 -145.59 12.19
C THR H 524 -37.67 -146.09 13.63
N SER H 525 -36.58 -146.64 14.19
CA SER H 525 -36.51 -146.94 15.62
C SER H 525 -36.57 -145.67 16.46
N LYS H 526 -37.42 -145.63 17.48
CA LYS H 526 -37.55 -144.54 18.45
C LYS H 526 -37.40 -145.05 19.88
N VAL H 527 -36.98 -144.21 20.82
CA VAL H 527 -36.61 -144.67 22.17
C VAL H 527 -37.82 -145.23 22.94
N LEU H 528 -39.03 -144.72 22.73
CA LEU H 528 -40.24 -145.28 23.35
C LEU H 528 -40.99 -146.30 22.49
N ASP H 529 -40.69 -146.36 21.19
CA ASP H 529 -41.29 -147.29 20.21
C ASP H 529 -40.17 -147.94 19.36
N PRO H 530 -39.55 -149.04 19.83
CA PRO H 530 -38.41 -149.63 19.14
C PRO H 530 -38.81 -150.28 17.82
N SER H 531 -37.95 -150.27 16.80
CA SER H 531 -38.30 -150.83 15.49
C SER H 531 -38.44 -152.34 15.59
N LYS H 532 -39.59 -152.87 15.18
CA LYS H 532 -40.00 -154.25 15.45
C LYS H 532 -39.01 -155.35 14.99
N PRO H 533 -38.36 -155.30 13.82
CA PRO H 533 -37.39 -156.31 13.42
C PRO H 533 -36.18 -156.39 14.35
N PHE H 534 -35.75 -155.26 14.92
CA PHE H 534 -34.69 -155.22 15.93
C PHE H 534 -35.17 -155.62 17.31
N LEU H 535 -36.41 -155.32 17.69
CA LEU H 535 -36.96 -155.80 18.96
C LEU H 535 -37.01 -157.33 18.98
N GLY H 536 -37.46 -157.95 17.90
CA GLY H 536 -37.46 -159.41 17.77
C GLY H 536 -36.07 -160.03 17.87
N LEU H 537 -35.05 -159.44 17.24
CA LEU H 537 -33.67 -159.92 17.34
C LEU H 537 -33.16 -159.90 18.78
N VAL H 538 -33.36 -158.81 19.52
CA VAL H 538 -32.92 -158.77 20.92
C VAL H 538 -33.75 -159.74 21.75
N ALA H 539 -35.08 -159.70 21.64
CA ALA H 539 -35.94 -160.54 22.46
C ALA H 539 -35.69 -162.04 22.24
N ALA H 540 -35.45 -162.49 21.02
CA ALA H 540 -35.09 -163.88 20.76
C ALA H 540 -33.67 -164.20 21.23
N SER H 541 -32.73 -163.27 21.15
CA SER H 541 -31.38 -163.45 21.73
C SER H 541 -31.45 -163.61 23.25
N ALA H 542 -32.36 -162.89 23.90
CA ALA H 542 -32.71 -163.05 25.31
C ALA H 542 -33.57 -164.29 25.62
N GLY H 543 -34.05 -164.99 24.61
CA GLY H 543 -34.91 -166.17 24.76
C GLY H 543 -36.30 -165.86 25.32
N ILE H 544 -36.77 -164.62 25.15
CA ILE H 544 -38.00 -164.07 25.74
C ILE H 544 -39.04 -163.61 24.71
N LEU H 545 -38.80 -163.89 23.43
CA LEU H 545 -39.58 -163.37 22.28
C LEU H 545 -41.08 -163.56 22.45
N GLN H 546 -41.52 -164.74 22.88
CA GLN H 546 -42.94 -165.03 23.11
C GLN H 546 -43.58 -163.98 24.05
N ASP H 547 -42.91 -163.67 25.14
CA ASP H 547 -43.47 -162.87 26.23
C ASP H 547 -43.47 -161.37 25.89
N VAL H 548 -42.52 -160.94 25.05
CA VAL H 548 -42.50 -159.60 24.44
C VAL H 548 -43.69 -159.44 23.49
N ILE H 549 -44.00 -160.45 22.68
CA ILE H 549 -45.17 -160.43 21.79
C ILE H 549 -46.46 -160.45 22.59
N GLU H 550 -46.53 -161.26 23.64
CA GLU H 550 -47.69 -161.35 24.55
C GLU H 550 -47.89 -160.10 25.43
N GLY H 551 -46.86 -159.26 25.59
CA GLY H 551 -46.97 -157.93 26.20
C GLY H 551 -46.40 -157.77 27.61
N LYS H 552 -45.52 -158.67 28.06
CA LYS H 552 -44.87 -158.63 29.39
C LYS H 552 -43.84 -157.49 29.59
N TYR H 553 -43.68 -156.60 28.61
CA TYR H 553 -42.63 -155.58 28.58
C TYR H 553 -43.06 -154.22 28.00
N ASP H 554 -44.34 -153.97 27.76
CA ASP H 554 -44.83 -152.61 27.49
C ASP H 554 -44.65 -151.68 28.71
N LEU H 555 -44.45 -150.37 28.46
CA LEU H 555 -43.97 -149.41 29.47
C LEU H 555 -45.00 -149.01 30.52
N GLU H 556 -46.28 -148.93 30.15
CA GLU H 556 -47.40 -148.60 31.04
C GLU H 556 -48.51 -149.66 30.88
N ALA H 557 -49.17 -150.05 31.97
CA ALA H 557 -50.19 -151.10 31.97
C ALA H 557 -51.38 -150.76 31.05
N MET I 1 -48.44 -15.38 96.52
CA MET I 1 -47.67 -14.50 95.63
C MET I 1 -47.91 -14.84 94.17
N LYS I 2 -47.68 -13.90 93.25
CA LYS I 2 -47.70 -14.11 91.79
C LYS I 2 -46.31 -13.83 91.19
N TYR I 3 -45.98 -14.38 90.03
CA TYR I 3 -44.68 -14.24 89.37
C TYR I 3 -44.82 -14.14 87.84
N VAL I 4 -43.94 -13.40 87.16
CA VAL I 4 -43.92 -13.27 85.70
C VAL I 4 -42.51 -13.48 85.20
N VAL I 5 -42.21 -14.55 84.49
CA VAL I 5 -40.94 -14.69 83.79
C VAL I 5 -40.94 -13.85 82.52
N VAL I 6 -39.83 -13.20 82.22
CA VAL I 6 -39.49 -12.68 80.90
C VAL I 6 -38.23 -13.37 80.44
N SER I 7 -38.23 -13.97 79.26
CA SER I 7 -37.11 -14.82 78.79
C SER I 7 -37.00 -14.80 77.27
N GLY I 8 -36.01 -15.49 76.70
CA GLY I 8 -36.17 -16.03 75.33
C GLY I 8 -35.32 -15.51 74.20
N GLY I 9 -35.70 -15.94 72.99
CA GLY I 9 -35.22 -15.47 71.69
C GLY I 9 -34.18 -16.38 71.02
N VAL I 10 -33.89 -16.15 69.73
CA VAL I 10 -32.72 -16.72 69.02
C VAL I 10 -31.44 -15.87 69.13
N ILE I 11 -31.49 -14.70 69.77
CA ILE I 11 -30.36 -13.77 69.90
C ILE I 11 -30.38 -13.14 71.29
N SER I 12 -29.21 -12.88 71.86
CA SER I 12 -29.08 -11.94 72.96
C SER I 12 -29.20 -10.50 72.44
N GLY I 13 -29.75 -9.57 73.22
CA GLY I 13 -29.95 -8.18 72.80
C GLY I 13 -31.31 -7.88 72.14
N ILE I 14 -32.25 -8.81 72.22
CA ILE I 14 -33.57 -8.75 71.58
C ILE I 14 -34.53 -7.70 72.16
N GLY I 15 -34.42 -7.32 73.43
CA GLY I 15 -35.29 -6.33 74.06
C GLY I 15 -35.88 -6.64 75.45
N LYS I 16 -35.38 -7.67 76.14
CA LYS I 16 -36.02 -8.18 77.41
C LYS I 16 -36.30 -7.07 78.44
N GLY I 17 -35.28 -6.42 79.00
CA GLY I 17 -35.44 -5.42 80.10
C GLY I 17 -36.58 -4.42 79.90
N VAL I 18 -36.78 -3.86 78.70
CA VAL I 18 -37.87 -2.86 78.42
C VAL I 18 -39.20 -3.60 78.45
N LEU I 19 -39.24 -4.89 78.08
CA LEU I 19 -40.49 -5.72 78.16
C LEU I 19 -40.65 -6.17 79.60
N ALA I 20 -39.58 -6.18 80.40
CA ALA I 20 -39.60 -6.66 81.80
C ALA I 20 -40.07 -5.54 82.73
N SER I 21 -39.22 -4.54 83.00
CA SER I 21 -39.59 -3.47 83.97
C SER I 21 -40.82 -2.79 83.39
N SER I 22 -40.85 -2.52 82.10
CA SER I 22 -42.13 -2.00 81.51
C SER I 22 -43.40 -2.81 81.85
N THR I 23 -43.33 -4.15 81.91
CA THR I 23 -44.47 -5.00 82.32
C THR I 23 -44.67 -4.76 83.82
N GLY I 24 -43.58 -4.58 84.58
CA GLY I 24 -43.63 -4.35 86.04
C GLY I 24 -44.15 -2.96 86.39
N MET I 25 -43.96 -1.97 85.51
CA MET I 25 -44.46 -0.58 85.71
C MET I 25 -45.99 -0.65 85.60
N LEU I 26 -46.51 -1.53 84.76
CA LEU I 26 -47.97 -1.67 84.55
C LEU I 26 -48.55 -2.52 85.67
N MET I 27 -47.78 -3.44 86.27
CA MET I 27 -48.33 -4.11 87.45
C MET I 27 -48.64 -3.08 88.55
N LYS I 28 -47.77 -2.08 88.72
CA LYS I 28 -48.00 -0.95 89.62
C LYS I 28 -49.19 -0.07 89.26
N THR I 29 -49.57 0.03 87.98
CA THR I 29 -50.81 0.72 87.58
C THR I 29 -52.03 0.10 88.23
N LEU I 30 -52.02 -1.21 88.44
CA LEU I 30 -53.09 -1.93 89.13
C LEU I 30 -53.10 -1.70 90.65
N GLY I 31 -52.15 -0.93 91.19
CA GLY I 31 -51.94 -0.69 92.62
C GLY I 31 -51.01 -1.69 93.33
N LEU I 32 -50.56 -2.73 92.63
CA LEU I 32 -49.80 -3.84 93.21
C LEU I 32 -48.47 -3.40 93.81
N LYS I 33 -48.05 -4.07 94.88
CA LYS I 33 -46.67 -4.01 95.37
C LYS I 33 -45.81 -4.83 94.39
N VAL I 34 -44.70 -4.33 93.88
CA VAL I 34 -43.96 -5.02 92.79
C VAL I 34 -42.48 -5.09 93.05
N THR I 35 -41.83 -6.14 92.58
CA THR I 35 -40.40 -6.39 92.71
C THR I 35 -39.87 -7.01 91.44
N SER I 36 -38.56 -7.12 91.31
CA SER I 36 -37.91 -7.66 90.13
C SER I 36 -36.63 -8.39 90.44
N ILE I 37 -36.33 -9.48 89.77
CA ILE I 37 -35.08 -10.23 89.92
C ILE I 37 -34.46 -10.39 88.54
N LYS I 38 -33.19 -10.07 88.34
CA LYS I 38 -32.50 -10.38 87.08
C LYS I 38 -31.55 -11.54 87.28
N ILE I 39 -31.82 -12.61 86.54
CA ILE I 39 -31.03 -13.82 86.51
C ILE I 39 -30.01 -13.65 85.39
N ASP I 40 -28.73 -13.57 85.74
CA ASP I 40 -27.66 -13.43 84.78
C ASP I 40 -26.90 -14.73 84.55
N PRO I 41 -26.73 -15.19 83.31
CA PRO I 41 -25.99 -16.40 83.06
C PRO I 41 -24.47 -16.29 83.20
N TYR I 42 -23.90 -15.08 83.32
CA TYR I 42 -22.45 -14.89 83.47
C TYR I 42 -21.92 -15.34 84.83
N MET I 43 -20.63 -15.67 84.90
CA MET I 43 -20.00 -16.24 86.08
C MET I 43 -19.36 -15.24 87.06
N ASN I 44 -19.36 -13.93 86.82
CA ASN I 44 -18.98 -12.97 87.87
C ASN I 44 -19.99 -12.97 89.03
N ILE I 45 -19.53 -12.99 90.28
CA ILE I 45 -20.43 -12.86 91.44
C ILE I 45 -21.01 -11.45 91.56
N ASP I 46 -20.27 -10.42 91.18
CA ASP I 46 -20.70 -9.02 91.20
C ASP I 46 -19.93 -8.20 90.18
N ALA I 47 -20.38 -6.99 89.88
CA ALA I 47 -19.69 -6.07 88.97
C ALA I 47 -18.46 -5.38 89.59
N GLY I 48 -18.12 -5.68 90.85
CA GLY I 48 -16.98 -5.06 91.53
C GLY I 48 -15.64 -5.38 90.90
N THR I 49 -15.52 -6.54 90.25
CA THR I 49 -14.32 -6.90 89.45
C THR I 49 -14.40 -6.40 88.01
N MET I 50 -15.60 -6.12 87.49
CA MET I 50 -15.84 -5.85 86.07
C MET I 50 -15.49 -4.41 85.69
N SER I 51 -14.44 -4.18 84.90
CA SER I 51 -14.03 -2.84 84.50
C SER I 51 -15.12 -2.18 83.63
N PRO I 52 -15.41 -0.88 83.78
CA PRO I 52 -16.49 -0.20 83.03
C PRO I 52 -16.40 -0.19 81.50
N LEU I 53 -15.33 -0.74 80.92
CA LEU I 53 -15.13 -0.88 79.48
C LEU I 53 -16.00 -1.97 78.83
N GLU I 54 -16.25 -3.08 79.52
CA GLU I 54 -17.12 -4.16 79.05
C GLU I 54 -18.10 -4.58 80.14
N HIS I 55 -19.34 -4.89 79.74
CA HIS I 55 -20.54 -4.92 80.59
C HIS I 55 -20.95 -3.57 81.19
N GLY I 56 -20.20 -2.49 80.95
CA GLY I 56 -20.62 -1.13 81.27
C GLY I 56 -20.62 -0.78 82.76
N GLU I 57 -21.43 0.21 83.10
CA GLU I 57 -21.38 0.89 84.39
C GLU I 57 -21.74 0.00 85.59
N CYS I 58 -20.89 0.00 86.63
CA CYS I 58 -21.17 -0.67 87.89
C CYS I 58 -22.28 0.05 88.65
N PHE I 59 -23.55 -0.24 88.36
CA PHE I 59 -24.67 0.39 89.03
C PHE I 59 -24.60 0.18 90.55
N VAL I 60 -24.89 1.22 91.34
CA VAL I 60 -24.83 1.09 92.79
C VAL I 60 -26.10 1.23 93.66
N LEU I 61 -26.26 0.21 94.47
CA LEU I 61 -27.45 0.04 95.30
C LEU I 61 -27.51 0.99 96.49
N ASP I 62 -28.69 1.07 97.08
CA ASP I 62 -28.87 1.54 98.46
C ASP I 62 -27.94 0.77 99.42
N ASP I 63 -27.87 -0.56 99.29
CA ASP I 63 -26.95 -1.42 100.05
C ASP I 63 -25.49 -1.40 99.55
N GLY I 64 -25.14 -0.58 98.56
CA GLY I 64 -23.75 -0.32 98.16
C GLY I 64 -23.02 -1.44 97.43
N GLY I 65 -23.70 -2.53 97.08
CA GLY I 65 -23.14 -3.55 96.20
C GLY I 65 -23.00 -3.04 94.77
N GLU I 66 -21.91 -3.39 94.10
CA GLU I 66 -21.72 -3.12 92.68
C GLU I 66 -22.42 -4.18 91.82
N THR I 67 -23.68 -3.96 91.47
CA THR I 67 -24.57 -4.92 90.76
C THR I 67 -24.40 -4.95 89.25
N ASP I 68 -25.10 -5.89 88.61
CA ASP I 68 -25.43 -5.80 87.19
C ASP I 68 -26.02 -4.42 86.84
N LEU I 69 -25.56 -3.82 85.72
CA LEU I 69 -26.03 -2.48 85.26
C LEU I 69 -27.55 -2.49 85.04
N ASP I 70 -28.09 -3.57 84.49
CA ASP I 70 -29.53 -3.61 84.11
C ASP I 70 -30.43 -3.41 85.34
N LEU I 71 -30.00 -3.73 86.55
CA LEU I 71 -30.93 -3.64 87.73
C LEU I 71 -31.45 -2.20 87.76
N GLY I 72 -30.63 -1.24 87.36
CA GLY I 72 -31.04 0.18 87.41
C GLY I 72 -32.32 0.39 86.63
N ASN I 73 -32.49 -0.28 85.48
CA ASN I 73 -33.67 -0.08 84.61
C ASN I 73 -34.93 -0.42 85.41
N TYR I 74 -34.85 -1.23 86.48
CA TYR I 74 -36.02 -1.64 87.31
C TYR I 74 -36.23 -0.68 88.47
N GLU I 75 -35.23 0.08 88.85
CA GLU I 75 -35.35 1.01 90.02
C GLU I 75 -35.91 2.32 89.46
N ARG I 76 -35.85 2.52 88.14
CA ARG I 76 -36.44 3.72 87.47
C ARG I 76 -37.88 3.36 87.11
N TYR I 77 -38.08 2.36 86.25
CA TYR I 77 -39.46 1.88 85.88
C TYR I 77 -40.45 1.63 87.04
N LEU I 78 -40.05 1.03 88.18
CA LEU I 78 -40.97 0.59 89.27
C LEU I 78 -40.94 1.59 90.43
N GLY I 79 -39.81 2.22 90.70
CA GLY I 79 -39.68 3.06 91.88
C GLY I 79 -39.49 2.21 93.13
N VAL I 80 -38.46 1.36 93.12
CA VAL I 80 -38.13 0.40 94.19
C VAL I 80 -36.64 0.46 94.54
N THR I 81 -36.29 0.19 95.79
CA THR I 81 -34.91 -0.05 96.24
C THR I 81 -34.67 -1.55 96.27
N LEU I 82 -33.90 -2.08 95.31
CA LEU I 82 -33.49 -3.47 95.26
C LEU I 82 -32.30 -3.72 96.21
N THR I 83 -31.78 -4.95 96.25
CA THR I 83 -30.65 -5.37 97.12
C THR I 83 -29.65 -6.21 96.33
N LYS I 84 -28.48 -6.49 96.90
CA LYS I 84 -27.45 -7.31 96.24
C LYS I 84 -27.94 -8.72 95.86
N ASP I 85 -28.97 -9.22 96.54
CA ASP I 85 -29.56 -10.53 96.27
C ASP I 85 -30.51 -10.54 95.06
N HIS I 86 -31.05 -9.41 94.60
CA HIS I 86 -31.94 -9.37 93.43
C HIS I 86 -31.22 -9.59 92.10
N ASN I 87 -29.90 -9.64 92.09
CA ASN I 87 -29.13 -10.02 90.92
C ASN I 87 -28.55 -11.42 91.12
N ILE I 88 -29.33 -12.43 90.76
CA ILE I 88 -28.87 -13.82 90.71
C ILE I 88 -27.85 -13.93 89.59
N THR I 89 -26.72 -14.58 89.78
CA THR I 89 -25.77 -14.86 88.70
C THR I 89 -25.26 -16.28 88.78
N THR I 90 -24.79 -16.84 87.68
CA THR I 90 -24.27 -18.21 87.67
C THR I 90 -23.10 -18.37 88.63
N GLY I 91 -22.23 -17.38 88.73
CA GLY I 91 -21.13 -17.43 89.71
C GLY I 91 -21.61 -17.32 91.15
N LYS I 92 -22.70 -16.59 91.39
CA LYS I 92 -23.25 -16.40 92.73
C LYS I 92 -23.90 -17.66 93.24
N ILE I 93 -24.67 -18.37 92.41
CA ILE I 93 -25.36 -19.58 92.84
C ILE I 93 -24.46 -20.80 92.88
N TYR I 94 -23.50 -21.00 91.97
CA TYR I 94 -22.52 -22.05 92.20
C TYR I 94 -21.72 -21.83 93.48
N SER I 95 -21.34 -20.61 93.83
CA SER I 95 -20.66 -20.31 95.10
C SER I 95 -21.49 -20.64 96.30
N HIS I 96 -22.78 -20.34 96.30
CA HIS I 96 -23.67 -20.59 97.44
C HIS I 96 -23.89 -22.07 97.68
N VAL I 97 -24.15 -22.86 96.64
CA VAL I 97 -24.24 -24.33 96.78
C VAL I 97 -22.89 -24.96 97.14
N ILE I 98 -21.78 -24.53 96.56
CA ILE I 98 -20.46 -25.02 96.94
C ILE I 98 -20.11 -24.65 98.39
N ALA I 99 -20.56 -23.51 98.92
CA ALA I 99 -20.34 -23.22 100.33
C ALA I 99 -21.08 -24.23 101.23
N LYS I 100 -22.34 -24.48 100.95
CA LYS I 100 -23.14 -25.49 101.66
C LYS I 100 -22.55 -26.90 101.52
N GLU I 101 -21.91 -27.24 100.40
CA GLU I 101 -21.20 -28.51 100.20
C GLU I 101 -20.03 -28.71 101.18
N ARG I 102 -19.21 -27.68 101.42
CA ARG I 102 -18.07 -27.79 102.35
C ARG I 102 -18.44 -27.57 103.81
N LYS I 103 -19.49 -26.81 104.10
CA LYS I 103 -20.12 -26.76 105.42
C LYS I 103 -20.80 -28.10 105.75
N GLY I 104 -21.20 -28.86 104.74
CA GLY I 104 -21.80 -30.18 104.89
C GLY I 104 -23.33 -30.15 105.09
N ASP I 105 -24.00 -29.09 104.64
CA ASP I 105 -25.46 -28.93 104.82
C ASP I 105 -26.29 -29.94 104.02
N TYR I 106 -25.68 -30.65 103.09
CA TYR I 106 -26.27 -31.78 102.35
C TYR I 106 -26.16 -33.12 103.07
N LEU I 107 -25.78 -33.16 104.35
CA LEU I 107 -25.79 -34.37 105.19
C LEU I 107 -25.05 -35.55 104.52
N GLY I 108 -23.93 -35.24 103.87
CA GLY I 108 -23.07 -36.20 103.20
C GLY I 108 -23.66 -36.88 101.97
N LYS I 109 -24.83 -36.49 101.46
CA LYS I 109 -25.29 -36.89 100.12
C LYS I 109 -24.30 -36.37 99.07
N THR I 110 -24.26 -36.96 97.88
CA THR I 110 -23.67 -36.25 96.73
C THR I 110 -24.62 -35.15 96.30
N VAL I 111 -24.08 -34.00 95.88
CA VAL I 111 -24.85 -32.82 95.50
C VAL I 111 -24.74 -32.63 94.00
N GLN I 112 -25.87 -32.41 93.37
CA GLN I 112 -26.07 -32.57 91.93
C GLN I 112 -26.66 -31.32 91.31
N ILE I 113 -26.48 -31.09 90.01
CA ILE I 113 -27.11 -29.91 89.40
C ILE I 113 -28.63 -30.06 89.45
N VAL I 114 -29.16 -31.26 89.26
CA VAL I 114 -30.55 -31.58 89.54
C VAL I 114 -30.60 -32.74 90.54
N PRO I 115 -31.32 -32.65 91.67
CA PRO I 115 -32.22 -31.57 92.07
C PRO I 115 -31.58 -30.50 92.94
N HIS I 116 -30.38 -30.66 93.50
CA HIS I 116 -29.91 -29.73 94.54
C HIS I 116 -29.70 -28.31 94.07
N LEU I 117 -28.97 -28.07 92.98
CA LEU I 117 -28.79 -26.70 92.49
C LEU I 117 -30.08 -26.10 91.91
N THR I 118 -30.93 -26.88 91.23
CA THR I 118 -32.21 -26.34 90.77
C THR I 118 -33.17 -26.06 91.91
N ASN I 119 -33.08 -26.75 93.05
CA ASN I 119 -33.75 -26.35 94.27
C ASN I 119 -33.16 -25.05 94.82
N ALA I 120 -31.84 -24.88 94.84
CA ALA I 120 -31.23 -23.65 95.33
C ALA I 120 -31.73 -22.42 94.58
N ILE I 121 -31.82 -22.48 93.25
CA ILE I 121 -32.35 -21.38 92.44
C ILE I 121 -33.80 -21.08 92.80
N GLN I 122 -34.67 -22.08 92.91
CA GLN I 122 -36.07 -21.85 93.34
C GLN I 122 -36.14 -21.26 94.75
N ASP I 123 -35.33 -21.78 95.67
CA ASP I 123 -35.30 -21.29 97.04
C ASP I 123 -34.75 -19.86 97.12
N TRP I 124 -33.87 -19.44 96.21
CA TRP I 124 -33.42 -18.05 96.07
C TRP I 124 -34.50 -17.14 95.52
N ILE I 125 -35.17 -17.50 94.43
CA ILE I 125 -36.24 -16.68 93.85
C ILE I 125 -37.35 -16.46 94.87
N GLU I 126 -37.87 -17.50 95.51
CA GLU I 126 -38.93 -17.31 96.50
C GLU I 126 -38.43 -16.65 97.79
N ARG I 127 -37.13 -16.74 98.13
CA ARG I 127 -36.56 -15.98 99.25
C ARG I 127 -36.61 -14.51 98.93
N VAL I 128 -36.01 -14.10 97.82
CA VAL I 128 -35.86 -12.70 97.45
C VAL I 128 -37.20 -12.04 97.16
N ALA I 129 -38.15 -12.75 96.59
CA ALA I 129 -39.49 -12.23 96.33
C ALA I 129 -40.31 -11.87 97.58
N LYS I 130 -39.88 -12.26 98.79
CA LYS I 130 -40.45 -11.78 100.06
C LYS I 130 -40.02 -10.36 100.44
N ILE I 131 -38.83 -9.93 100.04
CA ILE I 131 -38.20 -8.69 100.52
C ILE I 131 -39.06 -7.48 100.14
N PRO I 132 -39.40 -6.56 101.08
CA PRO I 132 -40.28 -5.42 100.83
C PRO I 132 -39.53 -4.24 100.18
N VAL I 133 -39.34 -4.28 98.87
CA VAL I 133 -38.58 -3.27 98.11
C VAL I 133 -39.35 -1.96 97.86
N ASP I 134 -40.61 -1.92 98.22
CA ASP I 134 -41.61 -0.91 97.81
C ASP I 134 -41.85 0.19 98.87
N ASP I 135 -42.68 1.18 98.56
CA ASP I 135 -42.94 2.37 99.39
C ASP I 135 -43.69 2.11 100.71
N THR I 136 -43.98 0.86 101.05
CA THR I 136 -44.37 0.44 102.40
C THR I 136 -43.89 -0.98 102.63
N GLY I 137 -43.62 -1.34 103.88
CA GLY I 137 -42.88 -2.54 104.28
C GLY I 137 -43.57 -3.89 104.04
N MET I 138 -44.71 -3.96 103.33
CA MET I 138 -45.36 -5.24 103.01
C MET I 138 -44.65 -5.95 101.85
N GLU I 139 -44.62 -7.29 101.90
CA GLU I 139 -44.03 -8.11 100.84
C GLU I 139 -44.69 -7.87 99.47
N PRO I 140 -43.95 -7.90 98.35
CA PRO I 140 -44.50 -7.71 97.02
C PRO I 140 -45.61 -8.69 96.64
N ASP I 141 -46.47 -8.28 95.71
CA ASP I 141 -47.59 -9.06 95.20
C ASP I 141 -47.29 -9.71 93.87
N VAL I 142 -46.44 -9.12 93.04
CA VAL I 142 -45.90 -9.71 91.81
C VAL I 142 -44.40 -9.56 91.79
N CYS I 143 -43.66 -10.57 91.34
CA CYS I 143 -42.24 -10.48 91.02
C CYS I 143 -42.00 -10.69 89.53
N ILE I 144 -41.30 -9.77 88.87
CA ILE I 144 -40.89 -9.91 87.47
C ILE I 144 -39.52 -10.57 87.45
N ILE I 145 -39.38 -11.77 86.87
CA ILE I 145 -38.12 -12.49 86.80
C ILE I 145 -37.58 -12.40 85.38
N GLU I 146 -36.48 -11.71 85.15
CA GLU I 146 -35.88 -11.67 83.83
C GLU I 146 -34.75 -12.67 83.73
N LEU I 147 -34.89 -13.64 82.83
CA LEU I 147 -33.89 -14.64 82.54
C LEU I 147 -32.98 -14.13 81.42
N GLY I 148 -31.75 -13.76 81.74
CA GLY I 148 -30.75 -13.37 80.74
C GLY I 148 -30.25 -14.52 79.88
N GLY I 149 -29.40 -14.20 78.92
CA GLY I 149 -28.95 -15.13 77.89
C GLY I 149 -30.07 -15.51 76.92
N THR I 150 -29.96 -16.66 76.27
CA THR I 150 -31.05 -17.25 75.48
C THR I 150 -31.34 -18.67 75.91
N VAL I 151 -32.61 -19.07 75.86
CA VAL I 151 -33.00 -20.46 76.13
C VAL I 151 -32.31 -21.38 75.09
N GLY I 152 -31.66 -22.44 75.55
CA GLY I 152 -30.81 -23.30 74.71
C GLY I 152 -29.32 -22.98 74.71
N ASP I 153 -28.93 -22.02 75.54
CA ASP I 153 -27.50 -21.74 75.80
C ASP I 153 -27.05 -22.81 76.79
N ILE I 154 -25.77 -23.24 76.80
CA ILE I 154 -25.23 -24.22 77.80
C ILE I 154 -24.97 -23.45 79.09
N GLU I 155 -25.16 -22.13 79.10
CA GLU I 155 -24.92 -21.22 80.25
C GLU I 155 -26.24 -20.96 80.97
N SER I 156 -27.37 -21.08 80.28
CA SER I 156 -28.73 -20.77 80.82
C SER I 156 -29.49 -22.04 81.13
N ALA I 157 -28.90 -23.22 80.93
CA ALA I 157 -29.61 -24.52 81.10
C ALA I 157 -30.00 -24.76 82.57
N PRO I 158 -29.19 -24.44 83.60
CA PRO I 158 -29.59 -24.62 85.00
C PRO I 158 -30.83 -23.81 85.41
N PHE I 159 -30.99 -22.61 84.86
CA PHE I 159 -32.10 -21.72 85.19
C PHE I 159 -33.43 -22.10 84.55
N VAL I 160 -33.44 -22.57 83.30
CA VAL I 160 -34.68 -23.09 82.70
C VAL I 160 -35.14 -24.39 83.34
N GLU I 161 -34.23 -25.23 83.85
CA GLU I 161 -34.62 -26.32 84.75
C GLU I 161 -35.26 -25.79 86.03
N ALA I 162 -34.59 -24.86 86.72
CA ALA I 162 -35.10 -24.38 87.98
C ALA I 162 -36.45 -23.68 87.82
N LEU I 163 -36.62 -22.86 86.79
CA LEU I 163 -37.88 -22.22 86.48
C LEU I 163 -38.94 -23.25 86.09
N ARG I 164 -38.66 -24.33 85.34
CA ARG I 164 -39.66 -25.36 85.05
C ARG I 164 -40.22 -25.96 86.33
N GLN I 165 -39.34 -26.40 87.22
CA GLN I 165 -39.74 -26.95 88.51
C GLN I 165 -40.51 -25.91 89.33
N PHE I 166 -40.14 -24.63 89.20
CA PHE I 166 -40.84 -23.53 89.84
C PHE I 166 -42.27 -23.33 89.33
N GLN I 167 -42.61 -23.74 88.11
CA GLN I 167 -44.00 -23.70 87.63
C GLN I 167 -44.93 -24.64 88.42
N PHE I 168 -44.37 -25.52 89.27
CA PHE I 168 -45.09 -26.48 90.08
C PHE I 168 -44.96 -26.17 91.58
N LYS I 169 -43.77 -25.72 92.01
CA LYS I 169 -43.54 -25.28 93.39
C LYS I 169 -44.41 -24.05 93.70
N VAL I 170 -44.46 -23.11 92.76
CA VAL I 170 -45.54 -22.13 92.60
C VAL I 170 -46.60 -22.76 91.71
N GLY I 171 -47.88 -22.45 91.86
CA GLY I 171 -48.92 -22.98 90.96
C GLY I 171 -49.00 -22.29 89.60
N LYS I 172 -49.58 -22.98 88.61
CA LYS I 172 -50.23 -22.30 87.47
C LYS I 172 -51.40 -21.47 88.04
N GLU I 173 -51.76 -20.37 87.37
CA GLU I 173 -52.55 -19.28 87.96
C GLU I 173 -51.84 -18.53 89.10
N ASN I 174 -50.55 -18.77 89.34
CA ASN I 174 -49.66 -17.86 90.08
C ASN I 174 -48.40 -17.51 89.29
N PHE I 175 -47.93 -18.37 88.39
CA PHE I 175 -46.79 -18.13 87.51
C PHE I 175 -47.24 -17.97 86.05
N ALA I 176 -46.64 -17.03 85.30
CA ALA I 176 -46.81 -16.87 83.86
C ALA I 176 -45.50 -16.48 83.16
N LEU I 177 -45.36 -16.76 81.88
CA LEU I 177 -44.14 -16.48 81.13
C LEU I 177 -44.41 -15.66 79.86
N ILE I 178 -43.59 -14.62 79.65
CA ILE I 178 -43.51 -13.83 78.43
C ILE I 178 -42.22 -14.22 77.70
N HIS I 179 -42.30 -14.70 76.46
CA HIS I 179 -41.12 -15.09 75.68
C HIS I 179 -40.88 -14.05 74.61
N VAL I 180 -39.70 -13.48 74.54
CA VAL I 180 -39.38 -12.39 73.63
C VAL I 180 -38.62 -12.98 72.45
N SER I 181 -39.03 -12.76 71.21
CA SER I 181 -38.52 -13.53 70.05
C SER I 181 -38.39 -12.70 68.77
N LEU I 182 -37.62 -13.18 67.80
CA LEU I 182 -37.24 -12.37 66.64
C LEU I 182 -38.13 -12.66 65.44
N VAL I 183 -38.64 -11.61 64.79
CA VAL I 183 -39.24 -11.71 63.47
C VAL I 183 -38.33 -10.93 62.52
N PRO I 184 -37.29 -11.54 61.91
CA PRO I 184 -36.44 -10.82 60.97
C PRO I 184 -37.25 -10.49 59.73
N VAL I 185 -36.99 -9.32 59.15
CA VAL I 185 -37.53 -8.90 57.87
C VAL I 185 -36.42 -8.94 56.86
N ILE I 186 -36.54 -9.81 55.86
CA ILE I 186 -35.65 -9.84 54.69
C ILE I 186 -36.45 -9.93 53.41
N HIS I 187 -35.94 -9.33 52.32
CA HIS I 187 -36.70 -9.16 51.08
C HIS I 187 -38.08 -8.50 51.32
N GLY I 188 -38.17 -7.63 52.33
CA GLY I 188 -39.39 -6.99 52.76
C GLY I 188 -40.48 -7.91 53.34
N GLU I 189 -40.17 -9.15 53.73
CA GLU I 189 -41.12 -10.08 54.36
C GLU I 189 -40.73 -10.47 55.79
N GLN I 190 -41.68 -10.38 56.72
CA GLN I 190 -41.57 -10.84 58.11
C GLN I 190 -41.53 -12.39 58.20
N LYS I 191 -40.38 -12.98 58.53
CA LYS I 191 -40.24 -14.43 58.62
C LYS I 191 -40.53 -14.92 60.04
N THR I 192 -41.39 -15.90 60.21
CA THR I 192 -41.77 -16.43 61.54
C THR I 192 -40.84 -17.49 62.07
N LYS I 193 -40.04 -18.16 61.22
CA LYS I 193 -39.34 -19.40 61.60
C LYS I 193 -38.36 -19.29 62.78
N PRO I 194 -37.63 -18.21 63.04
CA PRO I 194 -36.81 -18.14 64.24
C PRO I 194 -37.64 -18.22 65.52
N THR I 195 -38.85 -17.66 65.53
CA THR I 195 -39.80 -17.86 66.64
C THR I 195 -40.29 -19.30 66.75
N GLN I 196 -40.55 -20.01 65.65
CA GLN I 196 -40.90 -21.43 65.71
C GLN I 196 -39.77 -22.28 66.29
N ALA I 197 -38.54 -22.16 65.78
CA ALA I 197 -37.38 -22.89 66.29
C ALA I 197 -37.02 -22.56 67.75
N ALA I 198 -37.16 -21.31 68.20
CA ALA I 198 -36.93 -20.93 69.60
C ALA I 198 -38.07 -21.32 70.53
N ILE I 199 -39.29 -21.47 70.04
CA ILE I 199 -40.41 -22.00 70.83
C ILE I 199 -40.33 -23.51 70.92
N LYS I 200 -39.92 -24.20 69.86
CA LYS I 200 -39.50 -25.61 69.92
C LYS I 200 -38.43 -25.81 71.00
N GLY I 201 -37.38 -25.00 71.01
CA GLY I 201 -36.39 -24.98 72.09
C GLY I 201 -37.03 -24.78 73.46
N LEU I 202 -37.90 -23.78 73.63
CA LEU I 202 -38.54 -23.48 74.91
C LEU I 202 -39.35 -24.66 75.44
N ARG I 203 -40.25 -25.25 74.63
CA ARG I 203 -41.05 -26.37 75.10
C ARG I 203 -40.21 -27.61 75.37
N SER I 204 -39.07 -27.80 74.71
CA SER I 204 -38.15 -28.90 75.01
C SER I 204 -37.72 -28.88 76.47
N LEU I 205 -37.33 -27.71 77.00
CA LEU I 205 -36.92 -27.52 78.39
C LEU I 205 -38.12 -27.39 79.36
N GLY I 206 -39.33 -27.17 78.85
CA GLY I 206 -40.59 -27.49 79.51
C GLY I 206 -41.42 -26.31 79.97
N LEU I 207 -40.88 -25.11 79.83
CA LEU I 207 -41.62 -23.87 80.01
C LEU I 207 -42.61 -23.70 78.85
N VAL I 208 -43.79 -23.12 79.10
CA VAL I 208 -44.76 -22.78 78.06
C VAL I 208 -45.10 -21.29 78.12
N PRO I 209 -45.05 -20.55 77.01
CA PRO I 209 -45.25 -19.11 77.02
C PRO I 209 -46.72 -18.78 77.05
N ASP I 210 -47.10 -17.92 77.98
CA ASP I 210 -48.44 -17.35 78.04
C ASP I 210 -48.59 -16.13 77.15
N MET I 211 -47.48 -15.52 76.77
CA MET I 211 -47.37 -14.51 75.73
C MET I 211 -46.11 -14.71 74.91
N ILE I 212 -46.15 -14.28 73.67
CA ILE I 212 -44.95 -14.07 72.87
C ILE I 212 -44.85 -12.57 72.62
N ALA I 213 -43.66 -12.00 72.62
CA ALA I 213 -43.44 -10.60 72.31
C ALA I 213 -42.34 -10.45 71.27
N CYS I 214 -42.62 -9.77 70.15
CA CYS I 214 -41.67 -9.80 69.04
C CYS I 214 -40.79 -8.55 68.93
N ARG I 215 -39.48 -8.75 68.85
CA ARG I 215 -38.58 -7.78 68.21
C ARG I 215 -38.81 -7.87 66.72
N CYS I 216 -39.24 -6.78 66.12
CA CYS I 216 -39.42 -6.68 64.68
C CYS I 216 -39.09 -5.27 64.21
N SER I 217 -38.58 -5.14 62.99
CA SER I 217 -38.34 -3.85 62.35
C SER I 217 -39.62 -3.10 62.00
N GLU I 218 -40.78 -3.74 62.09
CA GLU I 218 -42.07 -3.26 61.57
C GLU I 218 -43.21 -3.45 62.57
N THR I 219 -44.39 -2.90 62.30
CA THR I 219 -45.61 -3.46 62.89
C THR I 219 -45.81 -4.88 62.33
N LEU I 220 -45.99 -5.89 63.19
CA LEU I 220 -46.29 -7.23 62.71
C LEU I 220 -47.54 -7.23 61.82
N ASP I 221 -47.44 -7.85 60.66
CA ASP I 221 -48.60 -8.07 59.81
C ASP I 221 -49.61 -8.98 60.52
N LYS I 222 -50.91 -8.76 60.27
CA LYS I 222 -52.00 -9.63 60.69
C LYS I 222 -51.72 -11.12 60.43
N PRO I 223 -51.26 -11.55 59.23
CA PRO I 223 -50.82 -12.93 59.00
C PRO I 223 -49.60 -13.37 59.83
N THR I 224 -48.66 -12.50 60.16
CA THR I 224 -47.50 -12.90 61.00
C THR I 224 -47.95 -13.26 62.41
N ILE I 225 -48.84 -12.49 63.00
CA ILE I 225 -49.46 -12.83 64.28
C ILE I 225 -50.18 -14.17 64.20
N ASP I 226 -50.95 -14.40 63.14
CA ASP I 226 -51.66 -15.68 62.96
C ASP I 226 -50.70 -16.85 62.78
N LYS I 227 -49.61 -16.70 62.02
CA LYS I 227 -48.64 -17.77 61.78
C LYS I 227 -47.69 -18.02 62.96
N ILE I 228 -47.52 -17.08 63.89
CA ILE I 228 -46.93 -17.37 65.21
C ILE I 228 -47.94 -18.08 66.12
N ALA I 229 -49.18 -17.58 66.26
CA ALA I 229 -50.17 -18.20 67.13
C ALA I 229 -50.64 -19.60 66.66
N MET I 230 -50.55 -19.92 65.36
CA MET I 230 -50.76 -21.28 64.84
C MET I 230 -49.64 -22.25 65.19
N PHE I 231 -48.54 -21.77 65.76
CA PHE I 231 -47.33 -22.54 66.09
C PHE I 231 -46.92 -22.50 67.56
N CYS I 232 -47.69 -21.79 68.40
CA CYS I 232 -47.46 -21.63 69.82
C CYS I 232 -48.79 -21.67 70.58
N HIS I 233 -48.77 -21.93 71.88
CA HIS I 233 -50.00 -22.15 72.65
C HIS I 233 -50.64 -20.85 73.19
N VAL I 234 -50.62 -19.79 72.37
CA VAL I 234 -51.12 -18.43 72.69
C VAL I 234 -52.25 -18.05 71.75
N GLY I 235 -53.24 -17.28 72.19
CA GLY I 235 -54.21 -16.68 71.27
C GLY I 235 -53.52 -15.60 70.40
N PRO I 236 -54.10 -15.20 69.27
CA PRO I 236 -53.49 -14.16 68.43
C PRO I 236 -53.39 -12.78 69.13
N GLU I 237 -54.19 -12.55 70.16
CA GLU I 237 -54.18 -11.33 70.98
C GLU I 237 -53.04 -11.30 72.04
N GLN I 238 -52.30 -12.39 72.25
CA GLN I 238 -51.10 -12.48 73.09
C GLN I 238 -49.79 -12.60 72.31
N VAL I 239 -49.79 -12.30 71.01
CA VAL I 239 -48.55 -12.00 70.29
C VAL I 239 -48.31 -10.49 70.32
N VAL I 240 -47.69 -10.03 71.41
CA VAL I 240 -47.35 -8.63 71.67
C VAL I 240 -46.24 -8.17 70.72
N ASN I 241 -46.12 -6.87 70.47
CA ASN I 241 -45.14 -6.32 69.56
C ASN I 241 -44.59 -4.97 70.03
N VAL I 242 -43.33 -4.96 70.49
CA VAL I 242 -42.62 -3.74 70.90
C VAL I 242 -41.97 -3.10 69.66
N HIS I 243 -42.77 -2.42 68.84
CA HIS I 243 -42.29 -1.73 67.63
C HIS I 243 -41.64 -0.38 67.94
N ASP I 244 -41.09 0.27 66.92
CA ASP I 244 -40.56 1.64 67.03
C ASP I 244 -41.62 2.60 67.63
N VAL I 245 -41.21 3.37 68.63
CA VAL I 245 -42.04 4.36 69.37
C VAL I 245 -41.24 5.63 69.61
N ASN I 246 -41.92 6.73 69.93
CA ASN I 246 -41.28 8.05 70.02
C ASN I 246 -40.15 8.08 71.05
N SER I 247 -40.29 7.37 72.17
CA SER I 247 -39.22 7.15 73.15
C SER I 247 -39.51 5.95 74.03
N THR I 248 -38.49 5.42 74.69
CA THR I 248 -38.58 4.21 75.51
C THR I 248 -39.60 4.31 76.64
N TYR I 249 -39.88 5.50 77.15
CA TYR I 249 -40.89 5.71 78.18
C TYR I 249 -42.33 5.51 77.69
N HIS I 250 -42.55 5.40 76.38
CA HIS I 250 -43.86 5.06 75.82
C HIS I 250 -44.17 3.55 75.88
N VAL I 251 -43.17 2.68 76.00
CA VAL I 251 -43.40 1.23 75.91
C VAL I 251 -44.46 0.72 76.88
N PRO I 252 -44.56 1.11 78.16
CA PRO I 252 -45.66 0.60 78.98
C PRO I 252 -47.04 1.06 78.49
N LEU I 253 -47.19 2.23 77.88
CA LEU I 253 -48.45 2.58 77.23
C LEU I 253 -48.67 1.73 75.96
N LEU I 254 -47.64 1.43 75.17
CA LEU I 254 -47.77 0.52 74.03
C LEU I 254 -48.25 -0.87 74.46
N LEU I 255 -47.65 -1.46 75.49
CA LEU I 255 -48.06 -2.76 76.03
C LEU I 255 -49.50 -2.71 76.55
N LEU I 256 -49.87 -1.68 77.30
CA LEU I 256 -51.23 -1.52 77.79
C LEU I 256 -52.25 -1.33 76.67
N GLU I 257 -51.93 -0.63 75.59
CA GLU I 257 -52.82 -0.46 74.44
C GLU I 257 -52.92 -1.73 73.58
N GLN I 258 -51.88 -2.57 73.53
CA GLN I 258 -51.94 -3.92 73.00
C GLN I 258 -52.66 -4.92 73.94
N LYS I 259 -53.41 -4.43 74.94
CA LYS I 259 -54.18 -5.23 75.90
C LYS I 259 -53.34 -6.27 76.64
N MET I 260 -52.06 -5.98 76.85
CA MET I 260 -51.14 -6.93 77.49
C MET I 260 -51.57 -7.21 78.93
N ILE I 261 -51.91 -6.18 79.70
CA ILE I 261 -52.35 -6.34 81.10
C ILE I 261 -53.77 -6.89 81.22
N ASP I 262 -54.66 -6.59 80.29
CA ASP I 262 -56.02 -7.11 80.34
C ASP I 262 -56.05 -8.64 80.21
N TYR I 263 -55.00 -9.25 79.66
CA TYR I 263 -54.74 -10.68 79.78
C TYR I 263 -54.09 -11.03 81.12
N LEU I 264 -52.97 -10.42 81.53
CA LEU I 264 -52.29 -10.80 82.78
C LEU I 264 -53.19 -10.68 84.01
N HIS I 265 -54.09 -9.73 84.05
CA HIS I 265 -55.13 -9.63 85.07
C HIS I 265 -55.93 -10.94 85.22
N ALA I 266 -56.35 -11.56 84.12
CA ALA I 266 -57.07 -12.83 84.13
C ALA I 266 -56.13 -14.02 84.31
N ARG I 267 -54.99 -14.05 83.59
CA ARG I 267 -54.04 -15.16 83.57
C ARG I 267 -53.33 -15.39 84.90
N LEU I 268 -53.13 -14.34 85.69
CA LEU I 268 -52.64 -14.39 87.06
C LEU I 268 -53.75 -14.16 88.10
N LYS I 269 -55.01 -14.11 87.66
CA LYS I 269 -56.22 -13.95 88.49
C LYS I 269 -56.08 -12.89 89.58
N LEU I 270 -55.62 -11.70 89.22
CA LEU I 270 -55.19 -10.64 90.14
C LEU I 270 -56.32 -9.98 90.96
N ASP I 271 -57.59 -10.28 90.71
CA ASP I 271 -58.66 -10.02 91.68
C ASP I 271 -58.41 -10.68 93.04
N GLU I 272 -57.58 -11.71 93.11
CA GLU I 272 -57.24 -12.40 94.37
C GLU I 272 -56.25 -11.63 95.27
N ILE I 273 -55.65 -10.52 94.82
CA ILE I 273 -54.87 -9.64 95.72
C ILE I 273 -55.83 -8.69 96.41
N THR I 274 -55.94 -3.09 99.06
CA THR I 274 -56.40 -2.02 99.95
C THR I 274 -56.59 -0.70 99.19
N GLU I 275 -57.40 0.22 99.69
CA GLU I 275 -57.68 1.50 99.04
C GLU I 275 -56.42 2.31 98.72
N GLU I 276 -55.40 2.25 99.58
CA GLU I 276 -54.10 2.89 99.32
C GLU I 276 -53.46 2.36 98.02
N GLU I 277 -53.49 1.05 97.75
CA GLU I 277 -52.96 0.46 96.51
C GLU I 277 -53.78 0.90 95.31
N LYS I 278 -55.11 0.86 95.41
CA LYS I 278 -56.00 1.26 94.31
C LYS I 278 -55.78 2.72 93.94
N GLN I 279 -55.65 3.61 94.92
CA GLN I 279 -55.31 5.01 94.69
C GLN I 279 -53.91 5.17 94.07
N ARG I 280 -52.88 4.58 94.66
CA ARG I 280 -51.51 4.64 94.11
C ARG I 280 -51.39 4.07 92.70
N GLY I 281 -52.27 3.16 92.31
CA GLY I 281 -52.40 2.72 90.93
C GLY I 281 -52.89 3.83 90.00
N LEU I 282 -54.01 4.48 90.33
CA LEU I 282 -54.54 5.57 89.52
C LEU I 282 -53.57 6.76 89.46
N GLU I 283 -52.92 7.11 90.57
CA GLU I 283 -51.90 8.14 90.59
C GLU I 283 -50.71 7.79 89.69
N LEU I 284 -50.26 6.54 89.64
CA LEU I 284 -49.16 6.16 88.75
C LEU I 284 -49.55 6.32 87.29
N LEU I 285 -50.77 5.96 86.91
CA LEU I 285 -51.28 6.26 85.56
C LEU I 285 -51.33 7.76 85.28
N SER I 286 -51.83 8.58 86.21
CA SER I 286 -51.87 10.03 86.00
C SER I 286 -50.49 10.62 85.78
N LYS I 287 -49.51 10.20 86.58
CA LYS I 287 -48.11 10.62 86.46
C LYS I 287 -47.47 10.10 85.18
N TRP I 288 -47.88 8.94 84.68
CA TRP I 288 -47.45 8.48 83.37
C TRP I 288 -48.03 9.34 82.26
N LYS I 289 -49.33 9.65 82.31
CA LYS I 289 -49.94 10.57 81.35
C LYS I 289 -49.26 11.95 81.37
N ALA I 290 -48.85 12.46 82.53
CA ALA I 290 -48.07 13.68 82.65
C ALA I 290 -46.69 13.61 81.97
N THR I 291 -45.82 12.66 82.29
CA THR I 291 -44.51 12.54 81.61
C THR I 291 -44.65 12.27 80.12
N THR I 292 -45.68 11.53 79.72
CA THR I 292 -45.98 11.33 78.31
C THR I 292 -46.42 12.64 77.65
N GLY I 293 -47.32 13.40 78.27
CA GLY I 293 -47.75 14.71 77.78
C GLY I 293 -46.56 15.66 77.64
N ASN I 294 -45.68 15.72 78.62
CA ASN I 294 -44.44 16.48 78.57
C ASN I 294 -43.48 16.08 77.43
N PHE I 295 -43.66 14.95 76.76
CA PHE I 295 -42.91 14.61 75.55
C PHE I 295 -43.61 15.17 74.31
N ASP I 296 -44.91 14.96 74.17
CA ASP I 296 -45.68 15.54 73.06
C ASP I 296 -45.65 17.09 73.07
N GLU I 297 -45.89 17.68 74.25
CA GLU I 297 -45.88 19.11 74.52
C GLU I 297 -44.46 19.69 74.63
N GLU I 298 -39.24 22.49 72.22
CA GLU I 298 -37.92 23.13 72.10
C GLU I 298 -36.76 22.27 72.66
N THR I 299 -35.59 22.29 72.02
CA THR I 299 -34.42 21.52 72.42
C THR I 299 -33.56 22.18 73.49
N VAL I 300 -32.96 21.38 74.38
CA VAL I 300 -31.84 21.74 75.26
C VAL I 300 -30.61 20.93 74.82
N LYS I 301 -29.49 21.58 74.51
CA LYS I 301 -28.25 20.90 74.08
C LYS I 301 -27.30 20.82 75.26
N ILE I 302 -26.82 19.65 75.66
CA ILE I 302 -25.89 19.48 76.79
C ILE I 302 -24.62 18.77 76.32
N ALA I 303 -23.43 19.32 76.59
CA ALA I 303 -22.20 18.61 76.31
C ALA I 303 -21.87 17.74 77.51
N LEU I 304 -21.80 16.43 77.33
CA LEU I 304 -21.30 15.50 78.33
C LEU I 304 -19.86 15.18 77.98
N VAL I 305 -18.93 15.58 78.85
CA VAL I 305 -17.50 15.61 78.58
C VAL I 305 -16.80 14.62 79.50
N GLY I 306 -16.19 13.58 78.95
CA GLY I 306 -15.53 12.59 79.78
C GLY I 306 -14.60 11.68 79.01
N LYS I 307 -13.99 10.72 79.70
CA LYS I 307 -13.19 9.67 79.06
C LYS I 307 -14.07 8.75 78.22
N TYR I 308 -13.58 8.34 77.05
CA TYR I 308 -14.10 7.23 76.23
C TYR I 308 -15.62 7.24 76.05
N THR I 309 -16.21 8.41 75.81
CA THR I 309 -17.65 8.60 75.52
C THR I 309 -18.17 7.81 74.33
N ASN I 310 -17.30 7.25 73.50
CA ASN I 310 -17.63 6.26 72.48
C ASN I 310 -18.36 5.04 73.06
N LEU I 311 -18.01 4.64 74.28
CA LEU I 311 -18.55 3.51 75.02
C LEU I 311 -19.82 3.93 75.78
N LYS I 312 -20.87 4.24 75.03
CA LYS I 312 -22.05 4.96 75.52
C LYS I 312 -22.83 4.28 76.67
N ASP I 313 -22.81 2.96 76.77
CA ASP I 313 -23.36 2.25 77.94
C ASP I 313 -22.60 2.55 79.24
N SER I 314 -21.34 2.98 79.16
CA SER I 314 -20.54 3.32 80.34
C SER I 314 -21.05 4.56 81.07
N TYR I 315 -21.93 5.34 80.45
CA TYR I 315 -22.60 6.51 81.04
C TYR I 315 -24.11 6.34 81.11
N LEU I 316 -24.64 5.11 81.05
CA LEU I 316 -26.08 4.88 80.91
C LEU I 316 -26.93 5.60 81.96
N SER I 317 -26.56 5.56 83.24
CA SER I 317 -27.38 6.18 84.29
C SER I 317 -27.46 7.67 84.13
N VAL I 318 -26.35 8.31 83.74
CA VAL I 318 -26.28 9.74 83.48
C VAL I 318 -27.25 10.11 82.38
N ILE I 319 -27.32 9.36 81.28
CA ILE I 319 -28.27 9.63 80.19
C ILE I 319 -29.69 9.56 80.72
N LYS I 320 -30.05 8.50 81.42
CA LYS I 320 -31.42 8.34 81.95
C LYS I 320 -31.78 9.45 82.94
N ALA I 321 -30.85 9.90 83.79
CA ALA I 321 -31.10 11.02 84.69
C ALA I 321 -31.36 12.35 83.96
N LEU I 322 -30.71 12.59 82.84
CA LEU I 322 -31.00 13.72 81.97
C LEU I 322 -32.35 13.57 81.26
N GLU I 323 -32.74 12.37 80.84
CA GLU I 323 -34.04 12.13 80.22
C GLU I 323 -35.18 12.38 81.20
N HIS I 324 -35.11 11.87 82.43
CA HIS I 324 -36.20 12.02 83.41
C HIS I 324 -36.45 13.49 83.70
N SER I 325 -35.39 14.26 83.88
CA SER I 325 -35.45 15.69 84.12
C SER I 325 -35.94 16.46 82.90
N SER I 326 -35.50 16.12 81.70
CA SER I 326 -35.93 16.81 80.47
C SER I 326 -37.44 16.71 80.21
N MET I 327 -38.09 15.62 80.60
CA MET I 327 -39.54 15.51 80.55
C MET I 327 -40.24 16.38 81.59
N LYS I 328 -39.60 16.75 82.69
CA LYS I 328 -40.20 17.71 83.62
C LYS I 328 -40.16 19.11 83.01
N CYS I 329 -39.05 19.51 82.39
CA CYS I 329 -38.88 20.78 81.68
C CYS I 329 -39.62 20.89 80.33
N ARG I 330 -40.36 19.86 79.89
CA ARG I 330 -41.03 19.77 78.60
C ARG I 330 -40.11 19.95 77.39
N ARG I 331 -38.80 19.80 77.52
CA ARG I 331 -37.81 20.14 76.49
C ARG I 331 -37.07 18.92 75.98
N LYS I 332 -36.78 18.89 74.69
CA LYS I 332 -36.15 17.76 74.01
C LYS I 332 -34.67 17.74 74.34
N LEU I 333 -34.16 16.60 74.75
CA LEU I 333 -32.75 16.46 75.16
C LEU I 333 -31.86 16.11 73.98
N ASP I 334 -30.75 16.81 73.84
CA ASP I 334 -29.74 16.55 72.82
C ASP I 334 -28.35 16.49 73.45
N ILE I 335 -27.94 15.32 73.90
CA ILE I 335 -26.60 15.13 74.49
C ILE I 335 -25.56 15.17 73.37
N LYS I 336 -24.60 16.09 73.43
CA LYS I 336 -23.38 16.04 72.63
C LYS I 336 -22.35 15.22 73.39
N TRP I 337 -21.84 14.18 72.77
CA TRP I 337 -20.79 13.34 73.34
C TRP I 337 -19.42 13.87 72.97
N VAL I 338 -18.66 14.31 73.97
CA VAL I 338 -17.31 14.85 73.81
C VAL I 338 -16.29 13.92 74.46
N GLU I 339 -15.29 13.44 73.72
CA GLU I 339 -14.13 12.85 74.36
C GLU I 339 -13.31 13.94 75.00
N ALA I 340 -13.13 13.89 76.31
CA ALA I 340 -12.42 14.91 77.06
C ALA I 340 -11.00 15.15 76.53
N THR I 341 -10.29 14.10 76.16
CA THR I 341 -8.92 14.25 75.65
C THR I 341 -8.83 15.01 74.32
N ASP I 342 -9.90 15.04 73.52
CA ASP I 342 -9.90 15.82 72.27
C ASP I 342 -9.99 17.32 72.49
N LEU I 343 -10.27 17.80 73.71
CA LEU I 343 -10.23 19.22 74.03
C LEU I 343 -8.82 19.73 74.28
N GLU I 344 -7.86 18.85 74.51
CA GLU I 344 -6.53 19.24 74.99
C GLU I 344 -5.73 20.07 73.96
N PRO I 345 -4.91 21.04 74.39
CA PRO I 345 -4.00 21.78 73.51
C PRO I 345 -3.02 20.89 72.73
N GLU I 346 -2.70 19.70 73.23
CA GLU I 346 -1.88 18.69 72.53
C GLU I 346 -2.64 18.00 71.38
N ALA I 347 -3.95 17.82 71.52
CA ALA I 347 -4.76 17.16 70.50
C ALA I 347 -4.77 17.98 69.20
N GLN I 348 -4.58 19.29 69.27
CA GLN I 348 -4.59 20.20 68.12
C GLN I 348 -3.52 19.87 67.07
N GLU I 349 -2.32 19.43 67.47
CA GLU I 349 -1.31 18.95 66.50
C GLU I 349 -1.46 17.45 66.20
N SER I 350 -1.94 16.66 67.17
CA SER I 350 -2.01 15.20 67.04
C SER I 350 -3.14 14.73 66.13
N ASN I 351 -4.34 15.30 66.29
CA ASN I 351 -5.58 14.85 65.63
C ASN I 351 -6.55 16.02 65.43
N LYS I 352 -6.11 17.04 64.71
CA LYS I 352 -6.75 18.36 64.64
C LYS I 352 -8.26 18.31 64.35
N THR I 353 -8.69 17.45 63.44
CA THR I 353 -10.09 17.39 62.99
C THR I 353 -11.05 17.11 64.14
N LYS I 354 -10.74 16.08 64.94
CA LYS I 354 -11.59 15.69 66.08
C LYS I 354 -11.56 16.74 67.20
N PHE I 355 -10.43 17.41 67.36
CA PHE I 355 -10.29 18.53 68.29
C PHE I 355 -11.24 19.69 67.97
N HIS I 356 -11.42 20.05 66.70
CA HIS I 356 -12.43 21.05 66.32
C HIS I 356 -13.85 20.54 66.55
N GLU I 357 -14.15 19.27 66.27
CA GLU I 357 -15.48 18.73 66.55
C GLU I 357 -15.80 18.79 68.05
N ALA I 358 -14.84 18.44 68.90
CA ALA I 358 -14.99 18.50 70.34
C ALA I 358 -15.25 19.93 70.82
N TRP I 359 -14.47 20.89 70.36
CA TRP I 359 -14.64 22.28 70.76
C TRP I 359 -15.92 22.91 70.22
N ASN I 360 -16.36 22.57 69.01
CA ASN I 360 -17.67 23.03 68.54
C ASN I 360 -18.79 22.55 69.47
N MET I 361 -18.77 21.30 69.91
CA MET I 361 -19.78 20.79 70.84
C MET I 361 -19.75 21.59 72.14
N VAL I 362 -18.58 21.79 72.75
CA VAL I 362 -18.45 22.57 74.00
C VAL I 362 -18.97 23.99 73.84
N SER I 363 -18.66 24.63 72.71
CA SER I 363 -19.08 26.00 72.39
C SER I 363 -20.56 26.13 72.08
N THR I 364 -21.20 25.09 71.54
CA THR I 364 -22.61 25.08 71.18
C THR I 364 -23.51 24.89 72.39
N ALA I 365 -23.09 24.07 73.36
CA ALA I 365 -23.99 23.53 74.35
C ALA I 365 -24.59 24.58 75.30
N ASP I 366 -25.86 24.41 75.65
CA ASP I 366 -26.58 25.19 76.63
C ASP I 366 -26.23 24.84 78.06
N GLY I 367 -25.57 23.70 78.28
CA GLY I 367 -25.07 23.27 79.57
C GLY I 367 -23.86 22.35 79.41
N ILE I 368 -23.01 22.28 80.42
CA ILE I 368 -21.87 21.37 80.45
C ILE I 368 -22.05 20.38 81.61
N LEU I 369 -21.60 19.15 81.40
CA LEU I 369 -21.73 18.06 82.34
C LEU I 369 -20.45 17.24 82.34
N ILE I 370 -19.78 17.18 83.47
CA ILE I 370 -18.63 16.31 83.67
C ILE I 370 -19.11 15.11 84.51
N PRO I 371 -19.11 13.88 83.99
CA PRO I 371 -20.05 12.84 84.43
C PRO I 371 -19.53 11.87 85.50
N GLY I 372 -18.38 12.12 86.10
CA GLY I 372 -17.77 11.18 87.04
C GLY I 372 -17.05 10.03 86.37
N GLY I 373 -16.10 10.37 85.51
CA GLY I 373 -15.31 9.42 84.74
C GLY I 373 -14.46 8.45 85.54
N PHE I 374 -13.91 7.46 84.86
CA PHE I 374 -13.02 6.43 85.42
C PHE I 374 -11.56 6.69 85.02
N GLY I 375 -10.67 6.75 86.01
CA GLY I 375 -9.24 7.02 85.81
C GLY I 375 -8.88 8.44 85.41
N VAL I 376 -7.59 8.71 85.18
CA VAL I 376 -7.05 10.08 85.07
C VAL I 376 -7.07 10.69 83.67
N ARG I 377 -7.06 9.87 82.61
CA ARG I 377 -6.73 10.28 81.22
C ARG I 377 -7.41 11.56 80.73
N GLY I 378 -8.72 11.68 80.89
CA GLY I 378 -9.50 12.81 80.37
C GLY I 378 -9.31 14.14 81.12
N THR I 379 -8.62 14.14 82.26
CA THR I 379 -8.64 15.25 83.22
C THR I 379 -8.30 16.60 82.57
N GLU I 380 -7.26 16.68 81.74
CA GLU I 380 -6.77 17.96 81.23
C GLU I 380 -7.81 18.68 80.38
N GLY I 381 -8.56 17.95 79.56
CA GLY I 381 -9.65 18.56 78.80
C GLY I 381 -10.86 18.91 79.68
N MET I 382 -11.20 18.07 80.64
CA MET I 382 -12.30 18.34 81.56
C MET I 382 -12.07 19.60 82.40
N VAL I 383 -10.82 19.96 82.68
CA VAL I 383 -10.47 21.24 83.30
C VAL I 383 -10.90 22.41 82.42
N LEU I 384 -10.56 22.39 81.13
CA LEU I 384 -10.90 23.44 80.17
C LEU I 384 -12.41 23.53 79.92
N ALA I 385 -13.14 22.42 79.96
CA ALA I 385 -14.60 22.44 79.95
C ALA I 385 -15.20 23.08 81.22
N ALA I 386 -14.62 22.86 82.39
CA ALA I 386 -15.08 23.52 83.61
C ALA I 386 -14.79 25.03 83.62
N ARG I 387 -13.63 25.45 83.09
CA ARG I 387 -13.19 26.83 82.90
C ARG I 387 -14.13 27.57 81.96
N TRP I 388 -14.48 26.93 80.86
CA TRP I 388 -15.44 27.45 79.89
C TRP I 388 -16.79 27.80 80.50
N ALA I 389 -17.30 26.99 81.43
CA ALA I 389 -18.55 27.26 82.12
C ALA I 389 -18.42 28.12 83.40
N ARG I 390 -17.23 28.22 84.01
CA ARG I 390 -17.01 29.15 85.11
C ARG I 390 -17.05 30.58 84.59
N GLU I 391 -16.29 30.86 83.54
CA GLU I 391 -16.03 32.22 83.08
C GLU I 391 -17.23 32.79 82.33
N ASN I 392 -17.58 32.19 81.20
CA ASN I 392 -18.84 32.41 80.51
C ASN I 392 -19.95 31.74 81.33
N HIS I 393 -21.07 32.40 81.61
CA HIS I 393 -22.10 31.88 82.53
C HIS I 393 -22.95 30.69 82.02
N ILE I 394 -22.32 29.66 81.44
CA ILE I 394 -22.95 28.40 81.02
C ILE I 394 -23.37 27.56 82.24
N PRO I 395 -24.58 27.02 82.34
CA PRO I 395 -24.95 26.04 83.36
C PRO I 395 -24.03 24.81 83.37
N PHE I 396 -23.71 24.29 84.56
CA PHE I 396 -22.77 23.20 84.75
C PHE I 396 -23.20 22.25 85.86
N LEU I 397 -22.94 20.95 85.68
CA LEU I 397 -22.94 19.98 86.77
C LEU I 397 -21.69 19.12 86.70
N GLY I 398 -20.97 19.01 87.80
CA GLY I 398 -19.88 18.06 87.97
C GLY I 398 -20.28 16.94 88.89
N VAL I 399 -20.14 15.70 88.45
CA VAL I 399 -20.44 14.51 89.26
C VAL I 399 -19.15 13.79 89.63
N CYS I 400 -18.89 13.55 90.90
CA CYS I 400 -17.71 12.87 91.43
C CYS I 400 -16.39 13.46 90.92
N LEU I 401 -15.69 12.82 89.98
CA LEU I 401 -14.54 13.42 89.30
C LEU I 401 -14.86 14.80 88.72
N GLY I 402 -16.11 15.11 88.42
CA GLY I 402 -16.53 16.44 88.03
C GLY I 402 -16.45 17.45 89.16
N LEU I 403 -16.77 17.11 90.42
CA LEU I 403 -16.50 18.03 91.53
C LEU I 403 -15.00 18.19 91.75
N GLN I 404 -14.27 17.10 91.65
CA GLN I 404 -12.83 17.10 91.74
C GLN I 404 -12.27 18.07 90.70
N ILE I 405 -12.75 18.04 89.47
CA ILE I 405 -12.29 18.92 88.39
C ILE I 405 -12.88 20.33 88.46
N ALA I 406 -14.08 20.54 88.98
CA ALA I 406 -14.55 21.87 89.32
C ALA I 406 -13.65 22.54 90.36
N THR I 407 -13.14 21.78 91.33
CA THR I 407 -12.26 22.31 92.37
C THR I 407 -10.82 22.48 91.87
N ILE I 408 -10.28 21.53 91.11
CA ILE I 408 -8.98 21.70 90.44
C ILE I 408 -9.03 22.92 89.53
N GLU I 409 -10.08 23.15 88.76
CA GLU I 409 -10.14 24.30 87.86
C GLU I 409 -10.22 25.61 88.64
N PHE I 410 -11.14 25.72 89.59
CA PHE I 410 -11.27 26.93 90.40
C PHE I 410 -9.97 27.24 91.16
N THR I 411 -9.26 26.22 91.64
CA THR I 411 -7.89 26.38 92.17
C THR I 411 -6.94 26.90 91.09
N ARG I 412 -6.85 26.21 89.96
CA ARG I 412 -5.92 26.46 88.84
C ARG I 412 -6.13 27.78 88.10
N SER I 413 -7.24 28.49 88.33
CA SER I 413 -7.58 29.71 87.59
C SER I 413 -8.02 30.88 88.46
N VAL I 414 -8.65 30.64 89.61
CA VAL I 414 -9.09 31.70 90.52
C VAL I 414 -8.05 31.96 91.63
N LEU I 415 -7.41 30.91 92.16
CA LEU I 415 -6.31 31.04 93.14
C LEU I 415 -4.90 31.13 92.51
N GLY I 416 -4.79 31.15 91.19
CA GLY I 416 -3.53 30.89 90.49
C GLY I 416 -3.14 29.40 90.57
N ARG I 417 -2.13 29.05 91.37
CA ARG I 417 -1.74 27.67 91.74
C ARG I 417 -1.72 26.67 90.55
N LYS I 418 -1.09 27.06 89.44
CA LYS I 418 -1.14 26.33 88.14
C LYS I 418 -0.59 24.91 88.18
N ASP I 419 0.22 24.56 89.17
CA ASP I 419 0.76 23.21 89.40
C ASP I 419 -0.25 22.23 90.04
N SER I 420 -1.39 22.69 90.57
CA SER I 420 -2.31 21.83 91.32
C SER I 420 -2.99 20.76 90.45
N HIS I 421 -3.27 19.60 91.05
CA HIS I 421 -3.66 18.38 90.35
C HIS I 421 -4.39 17.44 91.32
N SER I 422 -5.05 16.40 90.81
CA SER I 422 -5.62 15.32 91.63
C SER I 422 -4.53 14.61 92.47
N ALA I 423 -4.91 14.06 93.63
CA ALA I 423 -4.04 13.22 94.44
C ALA I 423 -3.49 11.99 93.68
N GLU I 424 -4.10 11.64 92.55
CA GLU I 424 -3.59 10.65 91.61
C GLU I 424 -2.13 10.91 91.17
N PHE I 425 -1.72 12.17 90.99
CA PHE I 425 -0.32 12.56 90.74
C PHE I 425 0.46 12.65 92.06
N TYR I 426 0.55 11.50 92.73
CA TYR I 426 1.02 11.34 94.10
C TYR I 426 2.36 12.03 94.41
N PRO I 427 3.45 11.88 93.63
CA PRO I 427 4.78 12.37 94.02
C PRO I 427 4.99 13.89 93.94
N ASP I 428 4.00 14.67 93.48
CA ASP I 428 4.05 16.13 93.62
C ASP I 428 3.83 16.61 95.06
N ILE I 429 3.15 15.82 95.88
CA ILE I 429 2.88 16.02 97.32
C ILE I 429 2.23 17.39 97.66
N ASP I 430 2.99 18.48 97.68
CA ASP I 430 2.57 19.78 98.23
C ASP I 430 1.38 20.40 97.49
N GLU I 431 1.20 20.09 96.20
CA GLU I 431 0.16 20.67 95.32
C GLU I 431 -1.02 19.72 95.02
N LYS I 432 -1.11 18.58 95.70
CA LYS I 432 -2.26 17.67 95.60
C LYS I 432 -3.52 18.38 96.07
N ASN I 433 -4.53 18.46 95.21
CA ASN I 433 -5.82 19.10 95.48
C ASN I 433 -6.76 18.24 96.36
N HIS I 434 -6.42 16.97 96.57
CA HIS I 434 -7.27 15.96 97.21
C HIS I 434 -6.52 15.16 98.28
N VAL I 435 -7.24 14.40 99.10
CA VAL I 435 -6.72 13.49 100.11
C VAL I 435 -7.44 12.14 100.04
N VAL I 436 -6.70 11.06 100.31
CA VAL I 436 -7.24 9.70 100.43
C VAL I 436 -8.23 9.60 101.59
N VAL I 437 -9.33 8.88 101.37
CA VAL I 437 -10.31 8.56 102.41
C VAL I 437 -10.98 7.20 102.09
N PHE I 438 -10.29 6.10 102.42
CA PHE I 438 -10.73 4.74 102.09
C PHE I 438 -11.90 4.20 102.96
N MET I 439 -12.11 4.74 104.17
CA MET I 439 -13.04 4.23 105.19
C MET I 439 -12.95 2.71 105.39
N MET I 440 -12.93 2.24 99.78
CA MET I 440 -13.82 3.12 99.06
C MET I 440 -15.09 3.48 99.87
N ARG I 441 -15.50 4.75 99.86
CA ARG I 441 -16.79 5.18 100.41
C ARG I 441 -17.88 4.78 99.41
N LEU I 442 -18.89 4.03 99.86
CA LEU I 442 -19.93 3.40 99.05
C LEU I 442 -21.33 3.56 99.66
N GLY I 443 -22.36 3.30 98.87
CA GLY I 443 -23.74 3.16 99.33
C GLY I 443 -24.41 4.45 99.78
N LEU I 444 -25.65 4.33 100.23
CA LEU I 444 -26.47 5.45 100.64
C LEU I 444 -25.92 6.03 101.94
N ARG I 445 -25.40 7.24 101.86
CA ARG I 445 -24.99 8.04 103.04
C ARG I 445 -25.73 9.39 103.05
N PRO I 446 -26.00 10.01 104.20
CA PRO I 446 -26.62 11.32 104.24
C PRO I 446 -25.69 12.44 103.75
N THR I 447 -26.22 13.61 103.48
CA THR I 447 -25.49 14.88 103.33
C THR I 447 -26.33 16.04 103.84
N PHE I 448 -25.72 16.95 104.59
CA PHE I 448 -26.39 18.00 105.35
C PHE I 448 -26.01 19.37 104.80
N PHE I 449 -26.99 20.23 104.54
CA PHE I 449 -26.71 21.58 104.06
C PHE I 449 -26.04 22.43 105.15
N GLN I 450 -25.11 23.30 104.78
CA GLN I 450 -24.49 24.24 105.72
C GLN I 450 -25.50 25.34 106.07
N ASN I 451 -25.74 25.59 107.36
CA ASN I 451 -26.99 26.19 107.85
C ASN I 451 -27.29 27.65 107.41
N GLU I 452 -26.32 28.36 106.84
CA GLU I 452 -26.43 29.75 106.36
C GLU I 452 -26.82 29.87 104.88
N THR I 453 -26.69 28.80 104.08
CA THR I 453 -26.68 28.88 102.60
C THR I 453 -28.08 28.98 101.97
N GLU I 454 -28.93 29.88 102.49
CA GLU I 454 -30.30 30.11 102.04
C GLU I 454 -30.40 30.64 100.60
N TRP I 455 -29.32 31.21 100.08
CA TRP I 455 -29.21 31.71 98.70
C TRP I 455 -29.14 30.62 97.64
N SER I 456 -28.73 29.41 98.02
CA SER I 456 -28.34 28.32 97.11
C SER I 456 -29.45 27.92 96.14
N GLN I 457 -29.11 27.78 94.86
CA GLN I 457 -30.03 27.24 93.85
C GLN I 457 -30.30 25.76 94.09
N ILE I 458 -29.27 24.98 94.41
CA ILE I 458 -29.44 23.52 94.59
C ILE I 458 -30.26 23.20 95.84
N LYS I 459 -30.00 23.81 96.99
CA LYS I 459 -30.80 23.50 98.20
C LYS I 459 -32.23 24.02 98.12
N LYS I 460 -32.53 24.91 97.18
CA LYS I 460 -33.91 25.25 96.82
C LYS I 460 -34.58 24.11 96.06
N LEU I 461 -33.93 23.49 95.07
CA LEU I 461 -34.49 22.33 94.34
C LEU I 461 -34.83 21.15 95.26
N TYR I 462 -34.03 20.88 96.29
CA TYR I 462 -34.33 19.90 97.34
C TYR I 462 -35.48 20.29 98.28
N GLY I 463 -36.23 21.36 98.00
CA GLY I 463 -37.47 21.70 98.73
C GLY I 463 -37.26 22.31 100.11
N ASP I 464 -36.09 22.87 100.37
CA ASP I 464 -35.67 23.38 101.69
C ASP I 464 -35.61 22.31 102.81
N VAL I 465 -35.56 21.03 102.45
CA VAL I 465 -35.34 19.93 103.41
C VAL I 465 -33.92 20.02 104.01
N SER I 466 -33.78 19.66 105.28
CA SER I 466 -32.53 19.80 106.05
C SER I 466 -31.37 18.91 105.59
N GLU I 467 -31.65 17.76 105.01
CA GLU I 467 -30.65 16.81 104.53
C GLU I 467 -31.16 15.98 103.35
N VAL I 468 -30.22 15.36 102.64
CA VAL I 468 -30.44 14.48 101.49
C VAL I 468 -29.75 13.14 101.70
N HIS I 469 -30.10 12.09 100.97
CA HIS I 469 -29.42 10.80 101.04
C HIS I 469 -29.05 10.29 99.64
N GLU I 470 -27.80 9.88 99.42
CA GLU I 470 -27.24 9.70 98.07
C GLU I 470 -26.19 8.57 97.98
N ARG I 471 -25.96 8.02 96.79
CA ARG I 471 -24.96 6.98 96.54
C ARG I 471 -23.56 7.55 96.25
N HIS I 472 -22.51 6.87 96.70
CA HIS I 472 -21.12 7.31 96.57
C HIS I 472 -20.26 6.18 95.97
N ARG I 473 -19.09 6.49 95.38
CA ARG I 473 -18.11 5.51 94.88
C ARG I 473 -16.65 6.03 94.89
N HIS I 474 -16.26 6.87 95.85
CA HIS I 474 -15.02 7.65 95.80
C HIS I 474 -13.95 7.20 96.81
N ARG I 475 -12.68 7.23 96.40
CA ARG I 475 -11.49 7.04 97.27
C ARG I 475 -10.74 8.34 97.61
N TYR I 476 -11.05 9.44 96.93
CA TYR I 476 -10.47 10.76 97.15
C TYR I 476 -11.54 11.78 97.53
N GLU I 477 -11.19 12.77 98.35
CA GLU I 477 -11.99 13.95 98.65
C GLU I 477 -11.11 15.20 98.58
N ILE I 478 -11.70 16.39 98.41
CA ILE I 478 -10.96 17.66 98.38
C ILE I 478 -10.26 17.87 99.73
N ASN I 479 -8.99 18.28 99.71
CA ASN I 479 -8.17 18.37 100.92
C ASN I 479 -8.75 19.42 101.89
N PRO I 480 -9.22 19.06 103.11
CA PRO I 480 -9.89 19.98 104.03
C PRO I 480 -9.08 21.23 104.35
N LYS I 481 -7.75 21.13 104.32
CA LYS I 481 -6.82 22.24 104.54
C LYS I 481 -7.11 23.43 103.61
N MET I 482 -7.49 23.16 102.38
CA MET I 482 -7.76 24.19 101.36
C MET I 482 -9.18 24.76 101.41
N VAL I 483 -10.14 24.08 102.04
CA VAL I 483 -11.56 24.38 101.85
C VAL I 483 -11.95 25.77 102.35
N ASP I 484 -11.31 26.29 103.40
CA ASP I 484 -11.55 27.68 103.83
C ASP I 484 -11.19 28.69 102.73
N GLU I 485 -10.11 28.45 101.99
CA GLU I 485 -9.65 29.32 100.90
C GLU I 485 -10.66 29.33 99.76
N LEU I 486 -11.17 28.17 99.39
CA LEU I 486 -12.20 27.99 98.39
C LEU I 486 -13.54 28.61 98.84
N GLU I 487 -13.98 28.40 100.08
CA GLU I 487 -15.19 29.04 100.63
C GLU I 487 -15.07 30.57 100.65
N ASN I 488 -13.93 31.10 101.06
CA ASN I 488 -13.67 32.56 101.10
C ASN I 488 -13.61 33.19 99.70
N ASN I 489 -13.13 32.46 98.69
CA ASN I 489 -13.10 32.92 97.30
C ASN I 489 -14.43 32.71 96.55
N GLY I 490 -15.38 31.97 97.10
CA GLY I 490 -16.76 31.88 96.61
C GLY I 490 -17.19 30.52 96.08
N LEU I 491 -16.31 29.52 96.04
CA LEU I 491 -16.62 28.14 95.71
C LEU I 491 -17.25 27.45 96.94
N ILE I 492 -18.42 27.92 97.39
CA ILE I 492 -18.99 27.57 98.68
C ILE I 492 -19.44 26.11 98.71
N PHE I 493 -18.91 25.31 99.64
CA PHE I 493 -19.32 23.92 99.83
C PHE I 493 -20.64 23.82 100.57
N VAL I 494 -21.76 23.99 99.85
CA VAL I 494 -23.12 24.09 100.42
C VAL I 494 -23.62 22.80 101.11
N GLY I 495 -22.95 21.66 100.96
CA GLY I 495 -23.29 20.44 101.65
C GLY I 495 -22.07 19.64 102.08
N LYS I 496 -22.11 19.10 103.30
CA LYS I 496 -21.06 18.25 103.85
C LYS I 496 -21.68 17.05 104.58
N ASP I 497 -20.84 16.13 104.98
CA ASP I 497 -21.23 14.91 105.67
C ASP I 497 -21.61 15.16 107.15
N ASP I 498 -21.95 14.08 107.84
CA ASP I 498 -22.23 14.06 109.28
C ASP I 498 -21.12 14.71 110.13
N THR I 499 -19.84 14.45 109.84
CA THR I 499 -18.69 15.03 110.59
C THR I 499 -18.41 16.49 110.24
N GLY I 500 -18.80 16.95 109.05
CA GLY I 500 -18.42 18.24 108.50
C GLY I 500 -17.00 18.29 107.93
N LYS I 501 -16.29 17.17 107.89
CA LYS I 501 -14.93 17.08 107.34
C LYS I 501 -14.92 16.84 105.82
N ARG I 502 -15.99 16.26 105.25
CA ARG I 502 -16.04 15.76 103.87
C ARG I 502 -16.82 16.68 102.93
N CYS I 503 -16.25 16.96 101.76
CA CYS I 503 -16.81 17.83 100.72
C CYS I 503 -17.86 17.11 99.85
N GLU I 504 -19.15 17.26 100.12
CA GLU I 504 -20.19 16.48 99.43
C GLU I 504 -20.88 17.24 98.28
N ILE I 505 -21.05 18.55 98.38
CA ILE I 505 -21.61 19.42 97.32
C ILE I 505 -20.82 20.73 97.26
N LEU I 506 -20.62 21.31 96.08
CA LEU I 506 -20.26 22.74 95.97
C LEU I 506 -21.23 23.50 95.06
N GLU I 507 -21.41 24.78 95.35
CA GLU I 507 -22.04 25.74 94.45
C GLU I 507 -21.17 26.99 94.40
N LEU I 508 -20.86 27.47 93.21
CA LEU I 508 -20.16 28.73 93.04
C LEU I 508 -21.13 29.88 93.26
N LYS I 509 -20.88 30.71 94.28
CA LYS I 509 -21.68 31.88 94.65
C LYS I 509 -21.82 32.84 93.46
N ASN I 510 -23.05 33.30 93.19
CA ASN I 510 -23.38 34.27 92.13
C ASN I 510 -22.94 33.81 90.72
N HIS I 511 -23.36 32.60 90.34
CA HIS I 511 -23.35 32.08 88.97
C HIS I 511 -24.74 31.47 88.67
N PRO I 512 -25.31 31.55 87.46
CA PRO I 512 -26.66 31.07 87.19
C PRO I 512 -26.96 29.62 87.55
N TYR I 513 -26.01 28.71 87.37
CA TYR I 513 -26.09 27.32 87.84
C TYR I 513 -24.73 26.64 87.68
N TYR I 514 -23.90 26.59 88.71
CA TYR I 514 -22.63 25.89 88.68
C TYR I 514 -22.50 25.08 89.94
N ILE I 515 -22.86 23.81 89.81
CA ILE I 515 -22.95 22.84 90.89
C ILE I 515 -21.93 21.76 90.65
N ALA I 516 -21.40 21.18 91.71
CA ALA I 516 -20.91 19.82 91.62
C ALA I 516 -21.30 19.01 92.85
N THR I 517 -21.33 17.69 92.72
CA THR I 517 -21.62 16.72 93.77
C THR I 517 -20.52 15.68 93.83
N GLN I 518 -20.04 15.33 95.01
CA GLN I 518 -19.09 14.22 95.14
C GLN I 518 -19.78 12.87 94.92
N TYR I 519 -21.03 12.75 95.35
CA TYR I 519 -21.90 11.62 95.05
C TYR I 519 -22.29 11.56 93.58
N HIS I 520 -22.85 10.42 93.18
CA HIS I 520 -23.45 10.15 91.88
C HIS I 520 -24.98 10.23 91.94
N PRO I 521 -25.62 11.39 91.68
CA PRO I 521 -27.07 11.56 91.79
C PRO I 521 -27.89 10.80 90.76
N GLU I 522 -27.30 10.41 89.64
CA GLU I 522 -27.93 9.58 88.61
C GLU I 522 -28.29 8.18 89.08
N TYR I 523 -27.73 7.72 90.21
CA TYR I 523 -28.14 6.45 90.82
C TYR I 523 -29.36 6.58 91.72
N THR I 524 -30.03 7.74 91.79
CA THR I 524 -31.36 7.83 92.41
C THR I 524 -32.38 8.64 91.60
N SER I 525 -32.07 8.99 90.35
CA SER I 525 -33.06 9.56 89.45
C SER I 525 -34.17 8.57 89.12
N LYS I 526 -35.43 8.97 89.22
CA LYS I 526 -36.62 8.18 88.87
C LYS I 526 -37.50 8.93 87.87
N VAL I 527 -38.29 8.23 87.07
CA VAL I 527 -39.01 8.85 85.95
C VAL I 527 -40.07 9.86 86.42
N LEU I 528 -40.71 9.64 87.58
CA LEU I 528 -41.66 10.61 88.16
C LEU I 528 -41.03 11.58 89.17
N ASP I 529 -39.83 11.29 89.68
CA ASP I 529 -39.07 12.11 90.64
C ASP I 529 -37.62 12.24 90.16
N PRO I 530 -37.30 13.23 89.31
CA PRO I 530 -35.97 13.35 88.71
C PRO I 530 -34.93 13.78 89.74
N SER I 531 -33.68 13.33 89.62
CA SER I 531 -32.66 13.66 90.62
C SER I 531 -32.32 15.14 90.54
N LYS I 532 -32.43 15.85 91.67
CA LYS I 532 -32.41 17.31 91.72
C LYS I 532 -31.18 17.99 91.08
N PRO I 533 -29.93 17.54 91.24
CA PRO I 533 -28.78 18.16 90.58
C PRO I 533 -28.86 18.12 89.06
N PHE I 534 -29.45 17.07 88.48
CA PHE I 534 -29.69 16.98 87.04
C PHE I 534 -30.91 17.77 86.60
N LEU I 535 -31.96 17.89 87.42
CA LEU I 535 -33.07 18.76 87.09
C LEU I 535 -32.63 20.21 86.98
N GLY I 536 -31.82 20.69 87.92
CA GLY I 536 -31.25 22.02 87.86
C GLY I 536 -30.40 22.27 86.61
N LEU I 537 -29.56 21.32 86.20
CA LEU I 537 -28.75 21.45 84.98
C LEU I 537 -29.63 21.61 83.75
N VAL I 538 -30.67 20.80 83.57
CA VAL I 538 -31.55 20.94 82.42
C VAL I 538 -32.33 22.24 82.53
N ALA I 539 -32.96 22.53 83.67
CA ALA I 539 -33.79 23.71 83.82
C ALA I 539 -32.99 25.02 83.61
N ALA I 540 -31.77 25.12 84.08
CA ALA I 540 -30.93 26.28 83.82
C ALA I 540 -30.46 26.31 82.36
N SER I 541 -30.19 25.18 81.72
CA SER I 541 -29.88 25.13 80.28
C SER I 541 -31.07 25.61 79.44
N ALA I 542 -32.29 25.32 79.87
CA ALA I 542 -33.53 25.86 79.33
C ALA I 542 -33.83 27.32 79.73
N GLY I 543 -33.06 27.89 80.66
CA GLY I 543 -33.25 29.24 81.15
C GLY I 543 -34.52 29.43 81.99
N ILE I 544 -35.03 28.34 82.58
CA ILE I 544 -36.32 28.27 83.28
C ILE I 544 -36.20 27.88 84.76
N LEU I 545 -34.97 27.80 85.29
CA LEU I 545 -34.64 27.27 86.63
C LEU I 545 -35.50 27.87 87.73
N GLN I 546 -35.70 29.18 87.74
CA GLN I 546 -36.53 29.87 88.73
C GLN I 546 -37.94 29.25 88.80
N ASP I 547 -38.55 29.01 87.66
CA ASP I 547 -39.95 28.64 87.55
C ASP I 547 -40.17 27.15 87.87
N VAL I 548 -39.16 26.32 87.63
CA VAL I 548 -39.09 24.93 88.10
C VAL I 548 -39.02 24.87 89.62
N ILE I 549 -38.21 25.74 90.25
CA ILE I 549 -38.14 25.82 91.71
C ILE I 549 -39.44 26.34 92.29
N GLU I 550 -40.04 27.35 91.67
CA GLU I 550 -41.33 27.92 92.08
C GLU I 550 -42.53 26.99 91.84
N GLY I 551 -42.40 25.96 90.99
CA GLY I 551 -43.36 24.87 90.85
C GLY I 551 -44.21 24.87 89.59
N LYS I 552 -43.83 25.60 88.53
CA LYS I 552 -44.55 25.68 87.24
C LYS I 552 -44.53 24.39 86.40
N TYR I 553 -43.96 23.30 86.91
CA TYR I 553 -43.72 22.06 86.17
C TYR I 553 -43.92 20.76 86.96
N ASP I 554 -44.49 20.79 88.17
CA ASP I 554 -44.97 19.58 88.84
C ASP I 554 -46.13 18.92 88.07
N LEU I 555 -46.25 17.59 88.17
CA LEU I 555 -47.10 16.77 87.29
C LEU I 555 -48.60 16.88 87.56
N GLU I 556 -49.01 17.05 88.81
CA GLU I 556 -50.40 17.23 89.24
C GLU I 556 -50.52 18.46 90.14
N ALA I 557 -51.60 19.24 90.00
CA ALA I 557 -51.79 20.49 90.76
C ALA I 557 -51.80 20.27 92.28
N MET J 1 -17.63 -39.63 39.78
CA MET J 1 -18.34 -38.34 39.76
C MET J 1 -18.10 -37.56 41.05
N LYS J 2 -18.26 -36.23 41.03
CA LYS J 2 -18.23 -35.34 42.20
C LYS J 2 -19.60 -34.67 42.40
N TYR J 3 -19.93 -34.22 43.60
CA TYR J 3 -21.22 -33.60 43.94
C TYR J 3 -21.05 -32.45 44.95
N VAL J 4 -21.90 -31.41 44.88
CA VAL J 4 -21.89 -30.29 45.83
C VAL J 4 -23.31 -30.02 46.30
N VAL J 5 -23.63 -30.27 47.55
CA VAL J 5 -24.91 -29.82 48.12
C VAL J 5 -24.85 -28.33 48.42
N VAL J 6 -25.93 -27.61 48.15
CA VAL J 6 -26.22 -26.29 48.70
C VAL J 6 -27.51 -26.41 49.48
N SER J 7 -27.53 -26.00 50.74
CA SER J 7 -28.66 -26.20 51.65
C SER J 7 -28.76 -25.11 52.71
N GLY J 8 -29.77 -25.16 53.58
CA GLY J 8 -29.61 -24.59 54.93
C GLY J 8 -30.43 -23.37 55.35
N GLY J 9 -30.05 -22.84 56.52
CA GLY J 9 -30.49 -21.57 57.09
C GLY J 9 -31.56 -21.69 58.18
N VAL J 10 -31.82 -20.60 58.91
CA VAL J 10 -33.00 -20.45 59.80
C VAL J 10 -34.24 -19.87 59.10
N ILE J 11 -34.16 -19.51 57.82
CA ILE J 11 -35.25 -18.91 57.03
C ILE J 11 -35.21 -19.44 55.61
N SER J 12 -36.38 -19.61 55.01
CA SER J 12 -36.49 -19.74 53.55
C SER J 12 -36.30 -18.35 52.91
N GLY J 13 -35.71 -18.27 51.71
CA GLY J 13 -35.45 -16.99 51.03
C GLY J 13 -34.08 -16.38 51.31
N ILE J 14 -33.16 -17.13 51.93
CA ILE J 14 -31.84 -16.68 52.36
C ILE J 14 -30.84 -16.40 51.24
N GLY J 15 -30.96 -17.02 50.07
CA GLY J 15 -30.05 -16.80 48.94
C GLY J 15 -29.50 -18.03 48.20
N LYS J 16 -30.04 -19.23 48.42
CA LYS J 16 -29.45 -20.50 47.90
C LYS J 16 -29.14 -20.48 46.40
N GLY J 17 -30.13 -20.37 45.51
CA GLY J 17 -29.94 -20.44 44.04
C GLY J 17 -28.75 -19.65 43.49
N VAL J 18 -28.51 -18.42 43.95
CA VAL J 18 -27.39 -17.55 43.47
C VAL J 18 -26.08 -18.15 44.00
N LEU J 19 -26.09 -18.79 45.17
CA LEU J 19 -24.89 -19.48 45.73
C LEU J 19 -24.76 -20.84 45.03
N ALA J 20 -25.84 -21.36 44.45
CA ALA J 20 -25.86 -22.69 43.80
C ALA J 20 -25.37 -22.58 42.36
N SER J 21 -26.16 -22.03 41.45
CA SER J 21 -25.77 -21.98 40.02
C SER J 21 -24.50 -21.14 39.96
N SER J 22 -24.44 -20.03 40.69
CA SER J 22 -23.14 -19.31 40.77
C SER J 22 -21.90 -20.17 41.13
N THR J 23 -22.02 -21.15 42.03
CA THR J 23 -20.94 -22.10 42.36
C THR J 23 -20.75 -22.99 41.14
N GLY J 24 -21.84 -23.36 40.45
CA GLY J 24 -21.79 -24.24 39.26
C GLY J 24 -21.22 -23.52 38.05
N MET J 25 -21.35 -22.20 37.96
CA MET J 25 -20.79 -21.38 36.84
C MET J 25 -19.28 -21.42 37.00
N LEU J 26 -18.78 -21.45 38.24
CA LEU J 26 -17.32 -21.47 38.52
C LEU J 26 -16.79 -22.88 38.34
N MET J 27 -17.61 -23.92 38.54
CA MET J 27 -17.10 -25.25 38.20
C MET J 27 -16.77 -25.31 36.70
N LYS J 28 -17.60 -24.70 35.85
CA LYS J 28 -17.33 -24.55 34.41
C LYS J 28 -16.10 -23.71 34.08
N THR J 29 -15.70 -22.76 34.92
CA THR J 29 -14.43 -22.03 34.74
C THR J 29 -13.24 -22.98 34.75
N LEU J 30 -13.31 -24.07 35.52
CA LEU J 30 -12.28 -25.11 35.57
C LEU J 30 -12.28 -26.02 34.34
N GLY J 31 -13.21 -25.82 33.39
CA GLY J 31 -13.42 -26.65 32.21
C GLY J 31 -14.41 -27.81 32.39
N LEU J 32 -14.90 -28.03 33.62
CA LEU J 32 -15.71 -29.20 33.98
C LEU J 32 -17.03 -29.26 33.20
N LYS J 33 -17.49 -30.47 32.92
CA LYS J 33 -18.88 -30.72 32.51
C LYS J 33 -19.76 -30.57 33.75
N VAL J 34 -20.84 -29.82 33.74
CA VAL J 34 -21.58 -29.49 34.98
C VAL J 34 -23.08 -29.67 34.81
N THR J 35 -23.75 -30.06 35.87
CA THR J 35 -25.20 -30.27 35.94
C THR J 35 -25.74 -29.78 37.26
N SER J 36 -27.05 -29.71 37.40
CA SER J 36 -27.70 -29.23 38.60
C SER J 36 -29.02 -29.92 38.86
N ILE J 37 -29.37 -30.20 40.10
CA ILE J 37 -30.65 -30.77 40.51
C ILE J 37 -31.26 -29.89 41.58
N LYS J 38 -32.51 -29.47 41.46
CA LYS J 38 -33.19 -28.77 42.57
C LYS J 38 -34.18 -29.68 43.22
N ILE J 39 -33.95 -29.93 44.51
CA ILE J 39 -34.81 -30.73 45.36
C ILE J 39 -35.80 -29.78 46.01
N ASP J 40 -37.08 -29.91 45.69
CA ASP J 40 -38.13 -29.09 46.24
C ASP J 40 -38.95 -29.81 47.30
N PRO J 41 -39.11 -29.26 48.50
CA PRO J 41 -39.90 -29.90 49.53
C PRO J 41 -41.41 -29.86 49.31
N TYR J 42 -41.93 -29.07 48.36
CA TYR J 42 -43.37 -28.98 48.09
C TYR J 42 -43.95 -30.24 47.43
N MET J 43 -45.26 -30.47 47.59
CA MET J 43 -45.93 -31.68 47.14
C MET J 43 -46.53 -31.64 45.74
N ASN J 44 -46.46 -30.56 44.96
CA ASN J 44 -46.82 -30.61 43.55
C ASN J 44 -45.83 -31.47 42.74
N ILE J 45 -46.31 -32.34 41.87
CA ILE J 45 -45.42 -33.12 40.99
C ILE J 45 -44.77 -32.23 39.91
N ASP J 46 -45.47 -31.21 39.44
CA ASP J 46 -44.97 -30.26 38.44
C ASP J 46 -45.70 -28.91 38.55
N ALA J 47 -45.18 -27.86 37.92
CA ALA J 47 -45.82 -26.55 37.90
C ALA J 47 -47.03 -26.46 36.95
N GLY J 48 -47.41 -27.54 36.26
CA GLY J 48 -48.51 -27.54 35.32
C GLY J 48 -49.86 -27.27 35.97
N THR J 49 -50.03 -27.62 37.25
CA THR J 49 -51.23 -27.26 38.04
C THR J 49 -51.11 -25.88 38.70
N MET J 50 -49.90 -25.37 38.90
CA MET J 50 -49.62 -24.18 39.71
C MET J 50 -49.90 -22.88 38.94
N SER J 51 -50.93 -22.13 39.32
CA SER J 51 -51.27 -20.88 38.64
C SER J 51 -50.15 -19.84 38.82
N PRO J 52 -49.80 -19.04 37.79
CA PRO J 52 -48.69 -18.09 37.87
C PRO J 52 -48.76 -16.98 38.94
N LEU J 53 -49.83 -16.92 39.72
CA LEU J 53 -50.03 -15.98 40.83
C LEU J 53 -49.20 -16.33 42.07
N GLU J 54 -49.00 -17.60 42.38
CA GLU J 54 -48.17 -18.07 43.50
C GLU J 54 -47.22 -19.18 43.04
N HIS J 55 -46.00 -19.16 43.57
CA HIS J 55 -44.81 -19.83 43.02
C HIS J 55 -44.35 -19.33 41.65
N GLY J 56 -45.05 -18.38 41.04
CA GLY J 56 -44.58 -17.65 39.87
C GLY J 56 -44.58 -18.46 38.57
N GLU J 57 -43.73 -18.04 37.63
CA GLU J 57 -43.77 -18.47 36.24
C GLU J 57 -43.47 -19.96 36.04
N CYS J 58 -44.32 -20.66 35.28
CA CYS J 58 -44.10 -22.04 34.87
C CYS J 58 -42.96 -22.12 33.84
N PHE J 59 -41.71 -22.16 34.29
CA PHE J 59 -40.56 -22.24 33.39
C PHE J 59 -40.67 -23.46 32.46
N VAL J 60 -40.34 -23.30 31.18
CA VAL J 60 -40.43 -24.43 30.25
C VAL J 60 -39.17 -24.98 29.56
N LEU J 61 -39.06 -26.29 29.72
CA LEU J 61 -37.90 -27.05 29.27
C LEU J 61 -37.82 -27.23 27.76
N ASP J 62 -36.64 -27.63 27.30
CA ASP J 62 -36.45 -28.28 26.01
C ASP J 62 -37.44 -29.46 25.85
N ASP J 63 -37.55 -30.30 26.88
CA ASP J 63 -38.52 -31.41 26.94
C ASP J 63 -39.98 -30.99 27.25
N GLY J 64 -40.27 -29.69 27.35
CA GLY J 64 -41.65 -29.18 27.43
C GLY J 64 -42.41 -29.41 28.73
N GLY J 65 -41.78 -29.97 29.75
CA GLY J 65 -42.37 -30.04 31.08
C GLY J 65 -42.47 -28.66 31.73
N GLU J 66 -43.56 -28.39 32.44
CA GLU J 66 -43.71 -27.18 33.24
C GLU J 66 -43.05 -27.35 34.61
N THR J 67 -41.78 -27.00 34.72
CA THR J 67 -40.92 -27.20 35.92
C THR J 67 -41.07 -26.16 37.01
N ASP J 68 -40.41 -26.39 38.13
CA ASP J 68 -40.05 -25.34 39.08
C ASP J 68 -39.41 -24.13 38.37
N LEU J 69 -39.81 -22.90 38.73
CA LEU J 69 -39.28 -21.65 38.11
C LEU J 69 -37.77 -21.56 38.31
N ASP J 70 -37.26 -21.95 39.47
CA ASP J 70 -35.82 -21.77 39.80
C ASP J 70 -34.93 -22.54 38.82
N LEU J 71 -35.40 -23.61 38.17
CA LEU J 71 -34.48 -24.40 37.29
C LEU J 71 -33.89 -23.44 36.27
N GLY J 72 -34.66 -22.44 35.85
CA GLY J 72 -34.19 -21.49 34.83
C GLY J 72 -32.90 -20.85 35.25
N ASN J 73 -32.74 -20.52 36.53
CA ASN J 73 -31.54 -19.81 37.04
C ASN J 73 -30.30 -20.66 36.74
N TYR J 74 -30.43 -21.98 36.56
CA TYR J 74 -29.30 -22.91 36.29
C TYR J 74 -29.06 -23.07 34.79
N GLU J 75 -30.03 -22.76 33.96
CA GLU J 75 -29.89 -22.94 32.48
C GLU J 75 -29.26 -21.64 31.96
N ARG J 76 -29.30 -20.56 32.75
CA ARG J 76 -28.66 -19.27 32.39
C ARG J 76 -27.22 -19.32 32.92
N TYR J 77 -27.05 -19.43 34.25
CA TYR J 77 -25.69 -19.55 34.88
C TYR J 77 -24.73 -20.60 34.26
N LEU J 78 -25.17 -21.81 33.88
CA LEU J 78 -24.28 -22.93 33.42
C LEU J 78 -24.29 -23.05 31.91
N GLY J 79 -25.38 -22.75 31.24
CA GLY J 79 -25.51 -22.99 29.81
C GLY J 79 -25.74 -24.47 29.52
N VAL J 80 -26.80 -25.02 30.10
CA VAL J 80 -27.20 -26.44 30.03
C VAL J 80 -28.68 -26.58 29.72
N THR J 81 -29.06 -27.63 29.01
CA THR J 81 -30.45 -28.07 28.83
C THR J 81 -30.76 -29.14 29.87
N LEU J 82 -31.54 -28.80 30.90
CA LEU J 82 -32.01 -29.74 31.91
C LEU J 82 -33.23 -30.54 31.39
N THR J 83 -33.80 -31.41 32.22
CA THR J 83 -34.96 -32.27 31.88
C THR J 83 -35.98 -32.27 33.03
N LYS J 84 -37.17 -32.82 32.79
CA LYS J 84 -38.23 -32.88 33.82
C LYS J 84 -37.80 -33.63 35.09
N ASP J 85 -36.80 -34.51 34.98
CA ASP J 85 -36.26 -35.26 36.12
C ASP J 85 -35.30 -34.45 37.00
N HIS J 86 -34.69 -33.35 36.54
CA HIS J 86 -33.81 -32.52 37.35
C HIS J 86 -34.50 -31.71 38.43
N ASN J 87 -35.83 -31.69 38.45
CA ASN J 87 -36.60 -31.10 39.52
C ASN J 87 -37.23 -32.20 40.36
N ILE J 88 -36.49 -32.69 41.35
CA ILE J 88 -37.02 -33.61 42.36
C ILE J 88 -38.02 -32.85 43.20
N THR J 89 -39.18 -33.40 43.51
CA THR J 89 -40.14 -32.80 44.45
C THR J 89 -40.70 -33.84 45.39
N THR J 90 -41.18 -33.43 46.55
CA THR J 90 -41.77 -34.37 47.51
C THR J 90 -42.95 -35.12 46.92
N GLY J 91 -43.79 -34.45 46.13
CA GLY J 91 -44.89 -35.15 45.45
C GLY J 91 -44.42 -36.10 44.37
N LYS J 92 -43.32 -35.80 43.70
CA LYS J 92 -42.77 -36.64 42.64
C LYS J 92 -42.19 -37.92 43.19
N ILE J 93 -41.44 -37.85 44.29
CA ILE J 93 -40.80 -39.03 44.86
C ILE J 93 -41.76 -39.89 45.68
N TYR J 94 -42.71 -39.35 46.44
CA TYR J 94 -43.75 -40.22 47.00
C TYR J 94 -44.55 -40.94 45.93
N SER J 95 -44.87 -40.31 44.80
CA SER J 95 -45.56 -40.95 43.68
C SER J 95 -44.76 -42.10 43.08
N HIS J 96 -43.46 -41.92 42.90
CA HIS J 96 -42.60 -42.94 42.30
C HIS J 96 -42.44 -44.17 43.17
N VAL J 97 -42.21 -44.00 44.47
CA VAL J 97 -42.19 -45.14 45.41
C VAL J 97 -43.56 -45.78 45.58
N ILE J 98 -44.65 -45.02 45.67
CA ILE J 98 -46.00 -45.58 45.72
C ILE J 98 -46.35 -46.33 44.42
N ALA J 99 -45.86 -45.92 43.25
CA ALA J 99 -46.07 -46.71 42.03
C ALA J 99 -45.40 -48.09 42.13
N LYS J 100 -44.14 -48.12 42.54
CA LYS J 100 -43.40 -49.37 42.77
C LYS J 100 -44.05 -50.23 43.86
N GLU J 101 -44.69 -49.66 44.87
CA GLU J 101 -45.45 -50.38 45.90
C GLU J 101 -46.64 -51.16 45.33
N ARG J 102 -47.42 -50.58 44.40
CA ARG J 102 -48.58 -51.27 43.79
C ARG J 102 -48.22 -52.17 42.62
N LYS J 103 -47.14 -51.87 41.91
CA LYS J 103 -46.52 -52.80 40.96
C LYS J 103 -45.90 -54.01 41.67
N GLY J 104 -45.52 -53.84 42.94
CA GLY J 104 -44.98 -54.90 43.78
C GLY J 104 -43.47 -55.08 43.66
N ASP J 105 -42.73 -54.06 43.23
CA ASP J 105 -41.27 -54.12 43.02
C ASP J 105 -40.49 -54.30 44.32
N TYR J 106 -41.11 -54.11 45.48
CA TYR J 106 -40.56 -54.40 46.80
C TYR J 106 -40.74 -55.87 47.25
N LEU J 107 -41.13 -56.79 46.36
CA LEU J 107 -41.20 -58.23 46.64
C LEU J 107 -41.97 -58.55 47.91
N GLY J 108 -43.07 -57.83 48.13
CA GLY J 108 -43.96 -58.01 49.27
C GLY J 108 -43.40 -57.63 50.64
N LYS J 109 -42.19 -57.04 50.73
CA LYS J 109 -41.73 -56.40 51.97
C LYS J 109 -42.67 -55.24 52.33
N THR J 110 -42.73 -54.81 53.59
CA THR J 110 -43.28 -53.48 53.87
C THR J 110 -42.27 -52.43 53.43
N VAL J 111 -42.76 -51.31 52.89
CA VAL J 111 -41.94 -50.24 52.33
C VAL J 111 -42.01 -49.04 53.27
N GLN J 112 -40.86 -48.48 53.58
CA GLN J 112 -40.65 -47.58 54.72
C GLN J 112 -40.01 -46.28 54.28
N ILE J 113 -40.15 -45.20 55.02
CA ILE J 113 -39.47 -43.96 54.64
C ILE J 113 -37.96 -44.15 54.75
N VAL J 114 -37.47 -44.89 55.74
CA VAL J 114 -36.09 -45.38 55.79
C VAL J 114 -36.11 -46.90 55.91
N PRO J 115 -35.40 -47.66 55.07
CA PRO J 115 -34.47 -47.23 54.05
C PRO J 115 -35.06 -47.06 52.65
N HIS J 116 -36.28 -47.51 52.34
CA HIS J 116 -36.73 -47.59 50.94
C HIS J 116 -36.87 -46.24 50.26
N LEU J 117 -37.57 -45.27 50.85
CA LEU J 117 -37.69 -43.95 50.22
C LEU J 117 -36.36 -43.17 50.24
N THR J 118 -35.55 -43.27 51.27
CA THR J 118 -34.23 -42.62 51.25
C THR J 118 -33.27 -43.27 50.27
N ASN J 119 -33.42 -44.55 49.96
CA ASN J 119 -32.74 -45.17 48.82
C ASN J 119 -33.28 -44.62 47.50
N ALA J 120 -34.60 -44.46 47.34
CA ALA J 120 -35.16 -43.91 46.12
C ALA J 120 -34.58 -42.54 45.78
N ILE J 121 -34.48 -41.64 46.76
CA ILE J 121 -33.90 -40.31 46.57
C ILE J 121 -32.44 -40.40 46.14
N GLN J 122 -31.61 -41.23 46.77
CA GLN J 122 -30.22 -41.42 46.34
C GLN J 122 -30.13 -42.01 44.93
N ASP J 123 -30.97 -43.00 44.63
CA ASP J 123 -31.02 -43.63 43.31
C ASP J 123 -31.50 -42.65 42.24
N TRP J 124 -32.34 -41.67 42.57
CA TRP J 124 -32.74 -40.58 41.67
C TRP J 124 -31.61 -39.59 41.44
N ILE J 125 -30.94 -39.10 42.47
CA ILE J 125 -29.83 -38.15 42.32
C ILE J 125 -28.71 -38.76 41.47
N GLU J 126 -28.26 -39.98 41.76
CA GLU J 126 -27.21 -40.59 40.96
C GLU J 126 -27.69 -41.02 39.58
N ARG J 127 -29.00 -41.27 39.37
CA ARG J 127 -29.56 -41.49 38.02
C ARG J 127 -29.43 -40.23 37.20
N VAL J 128 -30.00 -39.14 37.69
CA VAL J 128 -30.08 -37.88 36.97
C VAL J 128 -28.71 -37.26 36.72
N ALA J 129 -27.77 -37.41 37.64
CA ALA J 129 -26.41 -36.91 37.50
C ALA J 129 -25.61 -37.57 36.37
N LYS J 130 -26.07 -38.68 35.78
CA LYS J 130 -25.49 -39.27 34.56
C LYS J 130 -25.87 -38.53 33.27
N ILE J 131 -27.03 -37.88 33.23
CA ILE J 131 -27.61 -37.33 32.00
C ILE J 131 -26.69 -36.23 31.43
N PRO J 132 -26.34 -36.27 30.12
CA PRO J 132 -25.40 -35.33 29.51
C PRO J 132 -26.08 -34.01 29.12
N VAL J 133 -26.25 -33.09 30.07
CA VAL J 133 -26.96 -31.81 29.88
C VAL J 133 -26.13 -30.75 29.14
N ASP J 134 -24.86 -31.02 28.88
CA ASP J 134 -23.82 -30.06 28.48
C ASP J 134 -23.56 -30.05 26.96
N ASP J 135 -22.68 -29.16 26.49
CA ASP J 135 -22.38 -28.93 25.07
C ASP J 135 -21.66 -30.08 24.33
N THR J 136 -21.43 -31.21 24.98
CA THR J 136 -21.06 -32.47 24.35
C THR J 136 -21.62 -33.62 25.18
N GLY J 137 -21.91 -34.75 24.53
CA GLY J 137 -22.71 -35.84 25.09
C GLY J 137 -22.07 -36.66 26.23
N MET J 138 -20.94 -36.24 26.81
CA MET J 138 -20.35 -36.95 27.96
C MET J 138 -21.06 -36.60 29.27
N GLU J 139 -21.15 -37.57 30.17
CA GLU J 139 -21.77 -37.39 31.49
C GLU J 139 -21.07 -36.27 32.29
N PRO J 140 -21.80 -35.47 33.09
CA PRO J 140 -21.23 -34.41 33.91
C PRO J 140 -20.16 -34.87 34.90
N ASP J 141 -19.27 -33.97 35.28
CA ASP J 141 -18.16 -34.20 36.22
C ASP J 141 -18.47 -33.71 37.62
N VAL J 142 -19.30 -32.66 37.76
CA VAL J 142 -19.84 -32.20 39.03
C VAL J 142 -21.34 -32.01 38.91
N CYS J 143 -22.11 -32.38 39.93
CA CYS J 143 -23.53 -32.03 40.06
C CYS J 143 -23.75 -31.11 41.25
N ILE J 144 -24.39 -29.96 41.05
CA ILE J 144 -24.80 -29.05 42.13
C ILE J 144 -26.20 -29.44 42.59
N ILE J 145 -26.37 -29.88 43.83
CA ILE J 145 -27.67 -30.28 44.37
C ILE J 145 -28.19 -29.20 45.29
N GLU J 146 -29.25 -28.50 44.95
CA GLU J 146 -29.83 -27.50 45.84
C GLU J 146 -31.00 -28.10 46.60
N LEU J 147 -30.89 -28.15 47.91
CA LEU J 147 -31.93 -28.61 48.81
C LEU J 147 -32.79 -27.42 49.21
N GLY J 148 -34.02 -27.33 48.71
CA GLY J 148 -34.98 -26.31 49.12
C GLY J 148 -35.53 -26.50 50.53
N GLY J 149 -36.35 -25.55 50.95
CA GLY J 149 -36.82 -25.46 52.33
C GLY J 149 -35.71 -25.08 53.31
N THR J 150 -35.85 -25.44 54.58
CA THR J 150 -34.79 -25.32 55.58
C THR J 150 -34.56 -26.64 56.30
N VAL J 151 -33.32 -26.95 56.64
CA VAL J 151 -32.99 -28.13 57.43
C VAL J 151 -33.70 -28.02 58.81
N GLY J 152 -34.41 -29.06 59.23
CA GLY J 152 -35.27 -29.04 60.41
C GLY J 152 -36.75 -28.76 60.14
N ASP J 153 -37.11 -28.65 58.86
CA ASP J 153 -38.53 -28.58 58.45
C ASP J 153 -39.05 -30.02 58.50
N ILE J 154 -40.34 -30.27 58.78
CA ILE J 154 -40.92 -31.66 58.75
C ILE J 154 -41.17 -32.02 57.29
N GLU J 155 -40.93 -31.10 56.36
CA GLU J 155 -41.14 -31.27 54.90
C GLU J 155 -39.82 -31.64 54.23
N SER J 156 -38.69 -31.28 54.82
CA SER J 156 -37.34 -31.50 54.24
C SER J 156 -36.63 -32.65 54.95
N ALA J 157 -37.27 -33.32 55.92
CA ALA J 157 -36.61 -34.38 56.73
C ALA J 157 -36.25 -35.61 55.87
N PRO J 158 -37.07 -36.08 54.90
CA PRO J 158 -36.68 -37.21 54.05
C PRO J 158 -35.43 -36.98 53.21
N PHE J 159 -35.20 -35.75 52.76
CA PHE J 159 -34.06 -35.41 51.92
C PHE J 159 -32.75 -35.27 52.67
N VAL J 160 -32.73 -34.72 53.87
CA VAL J 160 -31.51 -34.71 54.70
C VAL J 160 -31.12 -36.11 55.18
N GLU J 161 -32.06 -37.02 55.39
CA GLU J 161 -31.74 -38.43 55.54
C GLU J 161 -31.09 -38.99 54.27
N ALA J 162 -31.73 -38.80 53.12
CA ALA J 162 -31.23 -39.38 51.89
C ALA J 162 -29.85 -38.83 51.53
N LEU J 163 -29.62 -37.52 51.69
CA LEU J 163 -28.32 -36.91 51.48
C LEU J 163 -27.30 -37.40 52.50
N ARG J 164 -27.64 -37.61 53.80
CA ARG J 164 -26.66 -38.18 54.76
C ARG J 164 -26.15 -39.53 54.28
N GLN J 165 -27.07 -40.44 53.95
CA GLN J 165 -26.71 -41.76 53.45
C GLN J 165 -25.90 -41.62 52.14
N PHE J 166 -26.21 -40.63 51.32
CA PHE J 166 -25.48 -40.33 50.10
C PHE J 166 -24.03 -39.88 50.34
N GLN J 167 -23.69 -39.32 51.51
CA GLN J 167 -22.29 -39.01 51.85
C GLN J 167 -21.42 -40.27 51.98
N PHE J 168 -22.03 -41.46 51.99
CA PHE J 168 -21.35 -42.75 52.11
C PHE J 168 -21.50 -43.58 50.83
N LYS J 169 -22.67 -43.53 50.18
CA LYS J 169 -22.90 -44.18 48.89
C LYS J 169 -21.98 -43.58 47.82
N VAL J 170 -21.88 -42.25 47.82
CA VAL J 170 -20.76 -41.48 47.26
C VAL J 170 -19.71 -41.34 48.37
N GLY J 171 -18.42 -41.29 48.06
CA GLY J 171 -17.40 -41.06 49.09
C GLY J 171 -17.26 -39.61 49.57
N LYS J 172 -16.71 -39.41 50.77
CA LYS J 172 -16.00 -38.17 51.11
C LYS J 172 -14.80 -38.02 50.15
N GLU J 173 -14.39 -36.79 49.85
CA GLU J 173 -13.56 -36.47 48.67
C GLU J 173 -14.26 -36.72 47.31
N ASN J 174 -15.56 -37.01 47.30
CA ASN J 174 -16.41 -36.86 46.11
C ASN J 174 -17.65 -36.00 46.40
N PHE J 175 -18.15 -35.95 47.63
CA PHE J 175 -19.27 -35.11 48.06
C PHE J 175 -18.78 -33.98 48.97
N ALA J 176 -19.33 -32.78 48.83
CA ALA J 176 -19.13 -31.63 49.73
C ALA J 176 -20.41 -30.82 49.93
N LEU J 177 -20.55 -30.10 51.03
CA LEU J 177 -21.75 -29.32 51.33
C LEU J 177 -21.43 -27.85 51.64
N ILE J 178 -22.19 -26.94 51.05
CA ILE J 178 -22.23 -25.51 51.35
C ILE J 178 -23.52 -25.21 52.12
N HIS J 179 -23.44 -24.68 53.32
CA HIS J 179 -24.63 -24.36 54.12
C HIS J 179 -24.81 -22.87 54.14
N VAL J 180 -25.97 -22.37 53.77
CA VAL J 180 -26.23 -20.93 53.63
C VAL J 180 -26.99 -20.48 54.86
N SER J 181 -26.55 -19.47 55.59
CA SER J 181 -27.08 -19.16 56.93
C SER J 181 -27.16 -17.68 57.24
N LEU J 182 -27.94 -17.29 58.25
CA LEU J 182 -28.27 -15.88 58.50
C LEU J 182 -27.37 -15.28 59.57
N VAL J 183 -26.82 -14.10 59.30
CA VAL J 183 -26.20 -13.25 60.31
C VAL J 183 -27.06 -11.99 60.41
N PRO J 184 -28.12 -11.94 61.25
CA PRO J 184 -28.92 -10.75 61.39
C PRO J 184 -28.07 -9.65 62.05
N VAL J 185 -28.28 -8.43 61.61
CA VAL J 185 -27.71 -7.24 62.23
C VAL J 185 -28.81 -6.50 62.97
N ILE J 186 -28.70 -6.41 64.28
CA ILE J 186 -29.59 -5.57 65.10
C ILE J 186 -28.77 -4.76 66.08
N HIS J 187 -29.24 -3.55 66.43
CA HIS J 187 -28.45 -2.58 67.20
C HIS J 187 -27.06 -2.34 66.58
N GLY J 188 -26.94 -2.44 65.26
CA GLY J 188 -25.69 -2.34 64.52
C GLY J 188 -24.65 -3.45 64.79
N GLU J 189 -25.02 -4.59 65.39
CA GLU J 189 -24.13 -5.73 65.63
C GLU J 189 -24.55 -7.00 64.88
N GLN J 190 -23.61 -7.63 64.18
CA GLN J 190 -23.75 -8.94 63.54
C GLN J 190 -23.86 -10.09 64.55
N LYS J 191 -25.05 -10.69 64.72
CA LYS J 191 -25.25 -11.78 65.69
C LYS J 191 -25.01 -13.14 65.03
N THR J 192 -24.18 -13.99 65.63
CA THR J 192 -23.85 -15.32 65.06
C THR J 192 -24.84 -16.41 65.43
N LYS J 193 -25.65 -16.25 66.48
CA LYS J 193 -26.41 -17.35 67.07
C LYS J 193 -27.40 -18.08 66.15
N PRO J 194 -28.08 -17.47 65.17
CA PRO J 194 -28.92 -18.24 64.26
C PRO J 194 -28.10 -19.23 63.43
N THR J 195 -26.86 -18.90 63.06
CA THR J 195 -25.94 -19.85 62.44
C THR J 195 -25.52 -20.97 63.39
N GLN J 196 -25.28 -20.70 64.67
CA GLN J 196 -24.99 -21.76 65.64
C GLN J 196 -26.17 -22.72 65.82
N ALA J 197 -27.38 -22.23 66.06
CA ALA J 197 -28.58 -23.06 66.20
C ALA J 197 -28.95 -23.84 64.92
N ALA J 198 -28.76 -23.29 63.72
CA ALA J 198 -28.99 -24.00 62.47
C ALA J 198 -27.88 -24.98 62.10
N ILE J 199 -26.65 -24.79 62.58
CA ILE J 199 -25.57 -25.77 62.42
C ILE J 199 -25.72 -26.90 63.43
N LYS J 200 -26.15 -26.62 64.66
CA LYS J 200 -26.63 -27.63 65.60
C LYS J 200 -27.72 -28.50 64.97
N GLY J 201 -28.74 -27.88 64.35
CA GLY J 201 -29.74 -28.61 63.56
C GLY J 201 -29.11 -29.45 62.46
N LEU J 202 -28.21 -28.89 61.65
CA LEU J 202 -27.56 -29.63 60.56
C LEU J 202 -26.81 -30.86 61.03
N ARG J 203 -25.93 -30.74 62.04
CA ARG J 203 -25.18 -31.91 62.52
C ARG J 203 -26.08 -32.94 63.19
N SER J 204 -27.22 -32.55 63.76
CA SER J 204 -28.18 -33.50 64.31
C SER J 204 -28.65 -34.50 63.26
N LEU J 205 -28.99 -34.03 62.05
CA LEU J 205 -29.41 -34.87 60.92
C LEU J 205 -28.21 -35.52 60.18
N GLY J 206 -27.00 -35.05 60.41
CA GLY J 206 -25.75 -35.79 60.20
C GLY J 206 -24.88 -35.31 59.05
N LEU J 207 -25.36 -34.35 58.28
CA LEU J 207 -24.58 -33.63 57.30
C LEU J 207 -23.57 -32.73 58.01
N VAL J 208 -22.37 -32.54 57.45
CA VAL J 208 -21.36 -31.61 57.98
C VAL J 208 -20.96 -30.61 56.88
N PRO J 209 -20.96 -29.30 57.14
CA PRO J 209 -20.70 -28.32 56.12
C PRO J 209 -19.21 -28.17 55.89
N ASP J 210 -18.81 -28.22 54.64
CA ASP J 210 -17.44 -27.93 54.21
C ASP J 210 -17.23 -26.44 53.97
N MET J 211 -18.32 -25.69 53.80
CA MET J 211 -18.36 -24.25 53.81
C MET J 211 -19.61 -23.75 54.51
N ILE J 212 -19.54 -22.57 55.09
CA ILE J 212 -20.72 -21.80 55.46
C ILE J 212 -20.75 -20.56 54.58
N ALA J 213 -21.92 -20.12 54.14
CA ALA J 213 -22.08 -18.91 53.38
C ALA J 213 -23.15 -18.01 53.98
N CYS J 214 -22.83 -16.76 54.31
CA CYS J 214 -23.76 -15.95 55.08
C CYS J 214 -24.58 -14.96 54.25
N ARG J 215 -25.90 -14.97 54.42
CA ARG J 215 -26.74 -13.81 54.17
C ARG J 215 -26.50 -12.84 55.28
N CYS J 216 -26.02 -11.65 54.94
CA CYS J 216 -25.81 -10.59 55.89
C CYS J 216 -26.08 -9.23 55.22
N SER J 217 -26.56 -8.25 55.98
CA SER J 217 -26.74 -6.88 55.51
C SER J 217 -25.42 -6.16 55.27
N GLU J 218 -24.29 -6.71 55.67
CA GLU J 218 -22.98 -6.06 55.72
C GLU J 218 -21.85 -6.96 55.18
N THR J 219 -20.65 -6.41 55.01
CA THR J 219 -19.46 -7.29 55.01
C THR J 219 -19.32 -7.89 56.41
N LEU J 220 -19.20 -9.23 56.54
CA LEU J 220 -18.94 -9.85 57.83
C LEU J 220 -17.69 -9.26 58.47
N ASP J 221 -17.79 -8.87 59.74
CA ASP J 221 -16.63 -8.48 60.52
C ASP J 221 -15.67 -9.67 60.68
N LYS J 222 -14.38 -9.38 60.73
CA LYS J 222 -13.33 -10.34 61.08
C LYS J 222 -13.66 -11.19 62.30
N PRO J 223 -14.13 -10.64 63.44
CA PRO J 223 -14.62 -11.42 64.57
C PRO J 223 -15.86 -12.26 64.27
N THR J 224 -16.78 -11.85 63.40
CA THR J 224 -17.96 -12.67 63.07
C THR J 224 -17.56 -13.94 62.35
N ILE J 225 -16.64 -13.86 61.39
CA ILE J 225 -16.05 -15.04 60.75
C ILE J 225 -15.38 -15.95 61.78
N ASP J 226 -14.60 -15.40 62.71
CA ASP J 226 -13.96 -16.20 63.74
C ASP J 226 -14.96 -16.85 64.69
N LYS J 227 -16.03 -16.17 65.09
CA LYS J 227 -17.04 -16.71 66.00
C LYS J 227 -18.02 -17.67 65.32
N ILE J 228 -18.17 -17.67 63.99
CA ILE J 228 -18.78 -18.78 63.24
C ILE J 228 -17.81 -19.96 63.13
N ALA J 229 -16.57 -19.77 62.71
CA ALA J 229 -15.61 -20.86 62.55
C ALA J 229 -15.20 -21.53 63.89
N MET J 230 -15.28 -20.84 65.03
CA MET J 230 -15.12 -21.43 66.37
C MET J 230 -16.30 -22.33 66.78
N PHE J 231 -17.39 -22.34 66.01
CA PHE J 231 -18.63 -23.07 66.31
C PHE J 231 -19.05 -24.06 65.23
N CYS J 232 -18.26 -24.19 64.16
CA CYS J 232 -18.50 -25.08 63.03
C CYS J 232 -17.19 -25.70 62.54
N HIS J 233 -17.24 -26.80 61.82
CA HIS J 233 -16.03 -27.55 61.45
C HIS J 233 -15.33 -27.04 60.17
N VAL J 234 -15.29 -25.72 59.99
CA VAL J 234 -14.75 -25.00 58.82
C VAL J 234 -13.59 -24.11 59.24
N GLY J 235 -12.57 -23.92 58.40
CA GLY J 235 -11.57 -22.89 58.64
C GLY J 235 -12.20 -21.49 58.48
N PRO J 236 -11.59 -20.42 59.00
CA PRO J 236 -12.13 -19.07 58.85
C PRO J 236 -12.18 -18.60 57.38
N GLU J 237 -11.38 -19.19 56.49
CA GLU J 237 -11.36 -18.93 55.05
C GLU J 237 -12.51 -19.60 54.27
N GLN J 238 -13.30 -20.48 54.88
CA GLN J 238 -14.51 -21.09 54.31
C GLN J 238 -15.82 -20.57 54.93
N VAL J 239 -15.79 -19.44 55.63
CA VAL J 239 -17.01 -18.67 55.91
C VAL J 239 -17.17 -17.62 54.81
N VAL J 240 -17.78 -18.03 53.70
CA VAL J 240 -18.08 -17.22 52.52
C VAL J 240 -19.14 -16.17 52.83
N ASN J 241 -19.20 -15.09 52.09
CA ASN J 241 -20.16 -14.01 52.32
C ASN J 241 -20.65 -13.37 51.02
N VAL J 242 -21.91 -13.64 50.65
CA VAL J 242 -22.57 -13.03 49.50
C VAL J 242 -23.18 -11.68 49.90
N HIS J 243 -22.34 -10.65 50.01
CA HIS J 243 -22.77 -9.30 50.38
C HIS J 243 -23.37 -8.53 49.18
N ASP J 244 -23.87 -7.33 49.42
CA ASP J 244 -24.34 -6.42 48.37
C ASP J 244 -23.26 -6.21 47.29
N VAL J 245 -23.65 -6.36 46.02
CA VAL J 245 -22.78 -6.22 44.83
C VAL J 245 -23.52 -5.46 43.73
N ASN J 246 -22.79 -4.95 42.75
CA ASN J 246 -23.39 -4.06 41.73
C ASN J 246 -24.54 -4.71 40.97
N SER J 247 -24.43 -6.01 40.68
CA SER J 247 -25.52 -6.82 40.13
C SER J 247 -25.30 -8.30 40.36
N THR J 248 -26.35 -9.11 40.24
CA THR J 248 -26.32 -10.54 40.53
C THR J 248 -25.31 -11.32 39.68
N TYR J 249 -24.99 -10.84 38.48
CA TYR J 249 -23.99 -11.46 37.63
C TYR J 249 -22.56 -11.31 38.15
N HIS J 250 -22.31 -10.47 39.15
CA HIS J 250 -21.01 -10.38 39.82
C HIS J 250 -20.77 -11.49 40.85
N VAL J 251 -21.82 -12.14 41.36
CA VAL J 251 -21.65 -13.11 42.45
C VAL J 251 -20.62 -14.20 42.15
N PRO J 252 -20.52 -14.85 40.98
CA PRO J 252 -19.46 -15.82 40.77
C PRO J 252 -18.05 -15.21 40.83
N LEU J 253 -17.85 -13.96 40.44
CA LEU J 253 -16.56 -13.31 40.68
C LEU J 253 -16.35 -13.03 42.18
N LEU J 254 -17.38 -12.62 42.92
CA LEU J 254 -17.28 -12.46 44.38
C LEU J 254 -16.87 -13.77 45.07
N LEU J 255 -17.51 -14.89 44.75
CA LEU J 255 -17.17 -16.20 45.29
C LEU J 255 -15.73 -16.59 44.92
N LEU J 256 -15.33 -16.41 43.68
CA LEU J 256 -13.96 -16.71 43.24
C LEU J 256 -12.92 -15.81 43.93
N GLU J 257 -13.20 -14.54 44.18
CA GLU J 257 -12.28 -13.65 44.89
C GLU J 257 -12.23 -13.94 46.39
N GLN J 258 -13.31 -14.45 46.99
CA GLN J 258 -13.30 -15.04 48.34
C GLN J 258 -12.64 -16.43 48.40
N LYS J 259 -11.88 -16.83 47.36
CA LYS J 259 -11.16 -18.10 47.26
C LYS J 259 -12.05 -19.32 47.46
N MET J 260 -13.32 -19.22 47.08
CA MET J 260 -14.28 -20.29 47.28
C MET J 260 -13.89 -21.54 46.48
N ILE J 261 -13.52 -21.37 45.21
CA ILE J 261 -13.11 -22.49 44.34
C ILE J 261 -11.72 -23.02 44.68
N ASP J 262 -10.80 -22.18 45.14
CA ASP J 262 -9.46 -22.64 45.51
C ASP J 262 -9.50 -23.64 46.68
N TYR J 263 -10.57 -23.63 47.47
CA TYR J 263 -10.89 -24.71 48.40
C TYR J 263 -11.57 -25.88 47.70
N LEU J 264 -12.67 -25.69 46.94
CA LEU J 264 -13.39 -26.82 46.31
C LEU J 264 -12.50 -27.65 45.39
N HIS J 265 -11.55 -27.04 44.69
CA HIS J 265 -10.52 -27.73 43.93
C HIS J 265 -9.79 -28.79 44.76
N ALA J 266 -9.38 -28.47 45.99
CA ALA J 266 -8.71 -29.39 46.90
C ALA J 266 -9.70 -30.32 47.61
N ARG J 267 -10.84 -29.79 48.10
CA ARG J 267 -11.84 -30.52 48.89
C ARG J 267 -12.57 -31.60 48.09
N LEU J 268 -12.73 -31.41 46.79
CA LEU J 268 -13.25 -32.40 45.84
C LEU J 268 -12.14 -33.02 44.97
N LYS J 269 -10.87 -32.72 45.27
CA LYS J 269 -9.67 -33.25 44.61
C LYS J 269 -9.79 -33.27 43.08
N LEU J 270 -10.18 -32.14 42.48
CA LEU J 270 -10.58 -32.04 41.07
C LEU J 270 -9.44 -32.20 40.05
N ASP J 271 -8.18 -32.29 40.47
CA ASP J 271 -7.11 -32.83 39.62
C ASP J 271 -7.40 -34.25 39.12
N GLU J 272 -8.28 -35.00 39.78
CA GLU J 272 -8.67 -36.36 39.38
C GLU J 272 -9.63 -36.41 38.18
N ILE J 273 -10.18 -35.29 37.69
CA ILE J 273 -10.93 -35.27 36.43
C ILE J 273 -9.94 -35.12 35.27
N THR J 274 -9.63 -33.07 29.45
CA THR J 274 -9.13 -32.95 28.06
C THR J 274 -8.87 -31.50 27.67
N GLU J 275 -8.02 -31.24 26.69
CA GLU J 275 -7.67 -29.89 26.25
C GLU J 275 -8.90 -29.04 25.87
N GLU J 276 -9.94 -29.64 25.28
CA GLU J 276 -11.20 -28.97 25.00
C GLU J 276 -11.84 -28.38 26.27
N GLU J 277 -11.87 -29.12 27.38
CA GLU J 277 -12.40 -28.64 28.66
C GLU J 277 -11.55 -27.52 29.23
N LYS J 278 -10.23 -27.66 29.20
CA LYS J 278 -9.30 -26.64 29.71
C LYS J 278 -9.45 -25.34 28.94
N GLN J 279 -9.56 -25.40 27.62
CA GLN J 279 -9.84 -24.23 26.78
C GLN J 279 -11.22 -23.63 27.07
N ARG J 280 -12.29 -24.42 27.06
CA ARG J 280 -13.63 -23.93 27.36
C ARG J 280 -13.76 -23.32 28.76
N GLY J 281 -12.92 -23.74 29.71
CA GLY J 281 -12.79 -23.07 30.99
C GLY J 281 -12.24 -21.65 30.87
N LEU J 282 -11.10 -21.47 30.20
CA LEU J 282 -10.51 -20.14 30.02
C LEU J 282 -11.43 -19.22 29.20
N GLU J 283 -12.07 -19.74 28.15
CA GLU J 283 -13.05 -18.99 27.38
C GLU J 283 -14.23 -18.55 28.23
N LEU J 284 -14.75 -19.38 29.16
CA LEU J 284 -15.86 -18.97 30.03
C LEU J 284 -15.43 -17.84 30.95
N LEU J 285 -14.22 -17.87 31.49
CA LEU J 285 -13.69 -16.73 32.25
C LEU J 285 -13.56 -15.47 31.39
N SER J 286 -13.05 -15.57 30.15
CA SER J 286 -12.93 -14.41 29.28
C SER J 286 -14.28 -13.78 28.99
N LYS J 287 -15.29 -14.60 28.69
CA LYS J 287 -16.67 -14.16 28.47
C LYS J 287 -17.32 -13.60 29.72
N TRP J 288 -16.95 -14.08 30.90
CA TRP J 288 -17.39 -13.46 32.15
C TRP J 288 -16.75 -12.09 32.33
N LYS J 289 -15.44 -11.96 32.09
CA LYS J 289 -14.77 -10.64 32.14
C LYS J 289 -15.40 -9.66 31.14
N ALA J 290 -15.79 -10.12 29.95
CA ALA J 290 -16.53 -9.30 28.98
C ALA J 290 -17.89 -8.81 29.48
N THR J 291 -18.82 -9.69 29.92
CA THR J 291 -20.11 -9.23 30.44
C THR J 291 -19.96 -8.37 31.68
N THR J 292 -18.97 -8.65 32.52
CA THR J 292 -18.66 -7.80 33.67
C THR J 292 -18.15 -6.43 33.22
N GLY J 293 -17.24 -6.37 32.26
CA GLY J 293 -16.74 -5.11 31.68
C GLY J 293 -17.87 -4.29 31.09
N ASN J 294 -18.77 -4.92 30.33
CA ASN J 294 -19.97 -4.29 29.80
C ASN J 294 -20.93 -3.72 30.87
N PHE J 295 -20.80 -4.06 32.14
CA PHE J 295 -21.55 -3.42 33.22
C PHE J 295 -20.81 -2.17 33.71
N ASP J 296 -19.51 -2.27 34.00
CA ASP J 296 -18.70 -1.10 34.39
C ASP J 296 -18.66 -0.02 33.28
N GLU J 297 -18.42 -0.45 32.04
CA GLU J 297 -18.37 0.37 30.83
C GLU J 297 -19.76 0.76 30.31
N GLU J 298 -24.82 4.64 29.91
CA GLU J 298 -26.11 5.24 29.53
C GLU J 298 -27.30 4.29 29.70
N THR J 299 -28.46 4.80 30.12
CA THR J 299 -29.69 4.01 30.36
C THR J 299 -30.53 3.76 29.11
N VAL J 300 -31.17 2.60 29.04
CA VAL J 300 -32.29 2.27 28.14
C VAL J 300 -33.54 2.06 29.00
N LYS J 301 -34.63 2.77 28.73
CA LYS J 301 -35.88 2.67 29.49
C LYS J 301 -36.86 1.80 28.70
N ILE J 302 -37.40 0.72 29.24
CA ILE J 302 -38.36 -0.17 28.54
C ILE J 302 -39.64 -0.28 29.34
N ALA J 303 -40.80 -0.04 28.75
CA ALA J 303 -42.06 -0.29 29.42
C ALA J 303 -42.46 -1.75 29.18
N LEU J 304 -42.58 -2.53 30.24
CA LEU J 304 -43.13 -3.88 30.17
C LEU J 304 -44.58 -3.79 30.61
N VAL J 305 -45.49 -4.09 29.69
CA VAL J 305 -46.92 -3.83 29.83
C VAL J 305 -47.68 -5.15 29.87
N GLY J 306 -48.32 -5.46 30.99
CA GLY J 306 -49.05 -6.73 31.09
C GLY J 306 -50.00 -6.78 32.26
N LYS J 307 -50.67 -7.92 32.44
CA LYS J 307 -51.50 -8.17 33.61
C LYS J 307 -50.64 -8.26 34.88
N TYR J 308 -51.14 -7.70 35.98
CA TYR J 308 -50.66 -7.93 37.35
C TYR J 308 -49.12 -7.85 37.50
N THR J 309 -48.49 -6.87 36.86
CA THR J 309 -47.05 -6.60 36.96
C THR J 309 -46.54 -6.34 38.38
N ASN J 310 -47.42 -6.10 39.34
CA ASN J 310 -47.12 -6.09 40.77
C ASN J 310 -46.45 -7.39 41.24
N LEU J 311 -46.84 -8.52 40.64
CA LEU J 311 -46.35 -9.88 40.94
C LEU J 311 -45.08 -10.16 40.14
N LYS J 312 -44.00 -9.46 40.46
CA LYS J 312 -42.79 -9.34 39.62
C LYS J 312 -42.08 -10.67 39.32
N ASP J 313 -42.15 -11.66 40.19
CA ASP J 313 -41.66 -13.02 39.88
C ASP J 313 -42.41 -13.69 38.72
N SER J 314 -43.65 -13.29 38.45
CA SER J 314 -44.45 -13.85 37.37
C SER J 314 -43.90 -13.51 35.97
N TYR J 315 -42.97 -12.56 35.88
CA TYR J 315 -42.27 -12.18 34.65
C TYR J 315 -40.75 -12.41 34.75
N LEU J 316 -40.28 -13.25 35.69
CA LEU J 316 -38.85 -13.38 35.97
C LEU J 316 -37.99 -13.66 34.74
N SER J 317 -38.37 -14.59 33.85
CA SER J 317 -37.54 -14.92 32.69
C SER J 317 -37.40 -13.75 31.75
N VAL J 318 -38.47 -12.99 31.56
CA VAL J 318 -38.48 -11.79 30.73
C VAL J 318 -37.47 -10.79 31.25
N ILE J 319 -37.44 -10.52 32.56
CA ILE J 319 -36.46 -9.62 33.16
C ILE J 319 -35.05 -10.10 32.87
N LYS J 320 -34.73 -11.36 33.13
CA LYS J 320 -33.39 -11.89 32.91
C LYS J 320 -32.99 -11.84 31.42
N ALA J 321 -33.91 -12.07 30.49
CA ALA J 321 -33.62 -11.95 29.06
C ALA J 321 -33.28 -10.50 28.65
N LEU J 322 -33.92 -9.50 29.25
CA LEU J 322 -33.57 -8.10 29.06
C LEU J 322 -32.22 -7.75 29.70
N GLU J 323 -31.88 -8.32 30.87
CA GLU J 323 -30.58 -8.11 31.50
C GLU J 323 -29.44 -8.67 30.65
N HIS J 324 -29.55 -9.90 30.14
CA HIS J 324 -28.47 -10.53 29.37
C HIS J 324 -28.15 -9.72 28.12
N SER J 325 -29.18 -9.26 27.44
CA SER J 325 -29.07 -8.42 26.24
C SER J 325 -28.52 -7.04 26.58
N SER J 326 -28.96 -6.40 27.66
CA SER J 326 -28.49 -5.07 28.04
C SER J 326 -26.98 -5.02 28.32
N MET J 327 -26.39 -6.08 28.84
CA MET J 327 -24.94 -6.18 28.98
C MET J 327 -24.21 -6.34 27.65
N LYS J 328 -24.86 -6.83 26.60
CA LYS J 328 -24.23 -6.83 25.28
C LYS J 328 -24.20 -5.41 24.71
N CYS J 329 -25.28 -4.65 24.85
CA CYS J 329 -25.38 -3.24 24.45
C CYS J 329 -24.63 -2.23 25.34
N ARG J 330 -23.92 -2.69 26.38
CA ARG J 330 -23.24 -1.85 27.38
C ARG J 330 -24.13 -0.82 28.08
N ARG J 331 -25.46 -0.99 28.07
CA ARG J 331 -26.41 0.03 28.54
C ARG J 331 -27.20 -0.45 29.74
N LYS J 332 -27.47 0.46 30.67
CA LYS J 332 -28.14 0.17 31.94
C LYS J 332 -29.62 -0.01 31.69
N LEU J 333 -30.19 -1.09 32.19
CA LEU J 333 -31.61 -1.42 31.97
C LEU J 333 -32.49 -0.79 33.03
N ASP J 334 -33.57 -0.15 32.61
CA ASP J 334 -34.57 0.42 33.49
C ASP J 334 -35.98 0.00 33.06
N ILE J 335 -36.45 -1.14 33.57
CA ILE J 335 -37.80 -1.62 33.26
C ILE J 335 -38.83 -0.77 34.00
N LYS J 336 -39.74 -0.12 33.28
CA LYS J 336 -40.94 0.46 33.86
C LYS J 336 -42.02 -0.61 33.87
N TRP J 337 -42.58 -0.90 35.04
CA TRP J 337 -43.66 -1.84 35.21
C TRP J 337 -45.01 -1.15 35.06
N VAL J 338 -45.77 -1.52 34.02
CA VAL J 338 -47.09 -0.97 33.74
C VAL J 338 -48.16 -2.04 33.92
N GLU J 339 -49.15 -1.81 34.75
CA GLU J 339 -50.35 -2.65 34.71
C GLU J 339 -51.14 -2.29 33.45
N ALA J 340 -51.33 -3.25 32.56
CA ALA J 340 -52.00 -3.03 31.29
C ALA J 340 -53.40 -2.44 31.47
N THR J 341 -54.16 -2.88 32.46
CA THR J 341 -55.51 -2.36 32.68
C THR J 341 -55.55 -0.88 33.08
N ASP J 342 -54.47 -0.33 33.64
CA ASP J 342 -54.43 1.10 33.98
C ASP J 342 -54.27 2.01 32.76
N LEU J 343 -53.98 1.46 31.57
CA LEU J 343 -53.96 2.23 30.33
C LEU J 343 -55.36 2.48 29.77
N GLU J 344 -56.37 1.72 30.21
CA GLU J 344 -57.68 1.72 29.56
C GLU J 344 -58.43 3.06 29.69
N PRO J 345 -59.20 3.48 28.68
CA PRO J 345 -60.07 4.66 28.76
C PRO J 345 -61.08 4.63 29.92
N GLU J 346 -61.46 3.45 30.40
CA GLU J 346 -62.31 3.27 31.59
C GLU J 346 -61.56 3.57 32.90
N ALA J 347 -60.26 3.28 32.96
CA ALA J 347 -59.47 3.51 34.17
C ALA J 347 -59.41 5.01 34.51
N GLN J 348 -59.54 5.89 33.51
CA GLN J 348 -59.48 7.35 33.70
C GLN J 348 -60.56 7.89 34.65
N GLU J 349 -61.77 7.35 34.64
CA GLU J 349 -62.78 7.74 35.65
C GLU J 349 -62.70 6.89 36.92
N SER J 350 -62.26 5.63 36.81
CA SER J 350 -62.27 4.69 37.93
C SER J 350 -61.14 4.96 38.94
N ASN J 351 -59.92 5.20 38.45
CA ASN J 351 -58.69 5.29 39.25
C ASN J 351 -57.66 6.22 38.59
N LYS J 352 -58.05 7.48 38.36
CA LYS J 352 -57.34 8.42 37.49
C LYS J 352 -55.85 8.54 37.76
N THR J 353 -55.44 8.55 39.03
CA THR J 353 -54.03 8.78 39.41
C THR J 353 -53.11 7.72 38.83
N LYS J 354 -53.47 6.44 38.98
CA LYS J 354 -52.65 5.34 38.46
C LYS J 354 -52.66 5.28 36.95
N PHE J 355 -53.75 5.68 36.32
CA PHE J 355 -53.86 5.82 34.87
C PHE J 355 -52.85 6.82 34.30
N HIS J 356 -52.64 7.97 34.94
CA HIS J 356 -51.58 8.90 34.53
C HIS J 356 -50.20 8.32 34.75
N GLU J 357 -49.95 7.61 35.85
CA GLU J 357 -48.64 6.98 36.07
C GLU J 357 -48.34 5.95 34.98
N ALA J 358 -49.32 5.13 34.61
CA ALA J 358 -49.19 4.15 33.55
C ALA J 358 -48.88 4.81 32.20
N TRP J 359 -49.61 5.84 31.84
CA TRP J 359 -49.38 6.53 30.57
C TRP J 359 -48.07 7.32 30.53
N ASN J 360 -47.62 7.90 31.64
CA ASN J 360 -46.30 8.51 31.66
C ASN J 360 -45.21 7.47 31.37
N MET J 361 -45.29 6.28 31.95
CA MET J 361 -44.32 5.22 31.68
C MET J 361 -44.33 4.86 30.20
N VAL J 362 -45.49 4.61 29.60
CA VAL J 362 -45.60 4.29 28.16
C VAL J 362 -45.01 5.39 27.27
N SER J 363 -45.29 6.65 27.61
CA SER J 363 -44.80 7.82 26.89
C SER J 363 -43.32 8.08 27.04
N THR J 364 -42.73 7.70 28.17
CA THR J 364 -41.30 7.89 28.46
C THR J 364 -40.43 6.86 27.76
N ALA J 365 -40.90 5.62 27.66
CA ALA J 365 -40.03 4.49 27.35
C ALA J 365 -39.40 4.54 25.96
N ASP J 366 -38.14 4.11 25.85
CA ASP J 366 -37.41 3.95 24.61
C ASP J 366 -37.80 2.69 23.85
N GLY J 367 -38.50 1.77 24.49
CA GLY J 367 -39.04 0.56 23.88
C GLY J 367 -40.28 0.08 24.60
N ILE J 368 -41.15 -0.66 23.93
CA ILE J 368 -42.33 -1.27 24.53
C ILE J 368 -42.21 -2.79 24.42
N LEU J 369 -42.71 -3.49 25.42
CA LEU J 369 -42.64 -4.93 25.54
C LEU J 369 -43.95 -5.46 26.09
N ILE J 370 -44.64 -6.28 25.32
CA ILE J 370 -45.84 -6.98 25.77
C ILE J 370 -45.42 -8.44 26.03
N PRO J 371 -45.47 -8.95 27.27
CA PRO J 371 -44.58 -10.02 27.72
C PRO J 371 -45.14 -11.44 27.64
N GLY J 372 -46.31 -11.65 27.02
CA GLY J 372 -46.96 -12.96 27.00
C GLY J 372 -47.73 -13.25 28.28
N GLY J 373 -48.65 -12.37 28.62
CA GLY J 373 -49.47 -12.46 29.83
C GLY J 373 -50.37 -13.68 29.92
N PHE J 374 -50.96 -13.87 31.09
CA PHE J 374 -51.88 -14.95 31.42
C PHE J 374 -53.34 -14.43 31.47
N GLY J 375 -54.24 -15.05 30.72
CA GLY J 375 -55.65 -14.67 30.64
C GLY J 375 -55.94 -13.36 29.90
N VAL J 376 -57.22 -12.96 29.84
CA VAL J 376 -57.69 -11.89 28.93
C VAL J 376 -57.63 -10.47 29.51
N ARG J 377 -57.66 -10.29 30.84
CA ARG J 377 -57.95 -9.02 31.52
C ARG J 377 -57.21 -7.80 30.97
N GLY J 378 -55.90 -7.88 30.80
CA GLY J 378 -55.07 -6.74 30.38
C GLY J 378 -55.21 -6.32 28.91
N THR J 379 -55.92 -7.11 28.09
CA THR J 379 -55.85 -7.00 26.63
C THR J 379 -56.13 -5.59 26.12
N GLU J 380 -57.15 -4.90 26.62
CA GLU J 380 -57.58 -3.61 26.07
C GLU J 380 -56.49 -2.54 26.18
N GLY J 381 -55.76 -2.50 27.29
CA GLY J 381 -54.64 -1.59 27.43
C GLY J 381 -53.43 -2.01 26.59
N MET J 382 -53.13 -3.29 26.51
CA MET J 382 -52.04 -3.80 25.69
C MET J 382 -52.23 -3.50 24.20
N VAL J 383 -53.47 -3.40 23.71
CA VAL J 383 -53.77 -2.91 22.37
C VAL J 383 -53.26 -1.48 22.17
N LEU J 384 -53.60 -0.57 23.08
CA LEU J 384 -53.20 0.84 23.03
C LEU J 384 -51.68 1.01 23.17
N ALA J 385 -51.00 0.18 23.95
CA ALA J 385 -49.54 0.14 23.96
C ALA J 385 -48.93 -0.34 22.64
N ALA J 386 -49.53 -1.30 21.95
CA ALA J 386 -49.07 -1.72 20.63
C ALA J 386 -49.30 -0.65 19.55
N ARG J 387 -50.42 0.07 19.60
CA ARG J 387 -50.79 1.20 18.74
C ARG J 387 -49.82 2.35 18.91
N TRP J 388 -49.47 2.65 20.15
CA TRP J 388 -48.48 3.68 20.49
C TRP J 388 -47.13 3.44 19.84
N ALA J 389 -46.67 2.19 19.76
CA ALA J 389 -45.42 1.84 19.11
C ALA J 389 -45.53 1.55 17.60
N ARG J 390 -46.72 1.23 17.07
CA ARG J 390 -46.91 1.11 15.63
C ARG J 390 -46.81 2.49 14.98
N GLU J 391 -47.53 3.46 15.51
CA GLU J 391 -47.72 4.76 14.87
C GLU J 391 -46.49 5.64 15.02
N ASN J 392 -46.16 5.99 16.25
CA ASN J 392 -44.88 6.60 16.60
C ASN J 392 -43.82 5.51 16.53
N HIS J 393 -42.66 5.71 15.88
CA HIS J 393 -41.67 4.66 15.62
C HIS J 393 -40.87 4.14 16.85
N ILE J 394 -41.53 3.85 17.97
CA ILE J 394 -40.96 3.24 19.18
C ILE J 394 -40.60 1.77 18.91
N PRO J 395 -39.41 1.26 19.25
CA PRO J 395 -39.09 -0.16 19.24
C PRO J 395 -40.06 -1.00 20.07
N PHE J 396 -40.41 -2.19 19.60
CA PHE J 396 -41.42 -3.05 20.22
C PHE J 396 -41.04 -4.53 20.12
N LEU J 397 -41.35 -5.30 21.16
CA LEU J 397 -41.41 -6.76 21.08
C LEU J 397 -42.70 -7.27 21.71
N GLY J 398 -43.44 -8.11 20.99
CA GLY J 398 -44.56 -8.84 21.53
C GLY J 398 -44.23 -10.31 21.67
N VAL J 399 -44.42 -10.87 22.86
CA VAL J 399 -44.18 -12.28 23.14
C VAL J 399 -45.50 -13.00 23.36
N CYS J 400 -45.79 -14.06 22.62
CA CYS J 400 -47.01 -14.87 22.71
C CYS J 400 -48.30 -14.04 22.62
N LEU J 401 -49.00 -13.79 23.74
CA LEU J 401 -50.13 -12.84 23.76
C LEU J 401 -49.74 -11.47 23.19
N GLY J 402 -48.47 -11.09 23.22
CA GLY J 402 -47.98 -9.89 22.56
C GLY J 402 -48.03 -9.98 21.04
N LEU J 403 -47.75 -11.11 20.40
CA LEU J 403 -47.99 -11.26 18.96
C LEU J 403 -49.49 -11.21 18.66
N GLN J 404 -50.26 -11.91 19.49
CA GLN J 404 -51.71 -11.91 19.39
C GLN J 404 -52.21 -10.46 19.42
N ILE J 405 -51.71 -9.63 20.33
CA ILE J 405 -52.11 -8.23 20.45
C ILE J 405 -51.47 -7.30 19.42
N ALA J 406 -50.27 -7.57 18.94
CA ALA J 406 -49.74 -6.90 17.76
C ALA J 406 -50.63 -7.13 16.53
N THR J 407 -51.18 -8.34 16.38
CA THR J 407 -52.06 -8.66 15.25
C THR J 407 -53.47 -8.12 15.46
N ILE J 408 -54.06 -8.24 16.65
CA ILE J 408 -55.33 -7.59 16.97
C ILE J 408 -55.22 -6.09 16.75
N GLU J 409 -54.15 -5.42 17.15
CA GLU J 409 -54.03 -3.97 16.98
C GLU J 409 -53.90 -3.61 15.49
N PHE J 410 -52.98 -4.24 14.76
CA PHE J 410 -52.82 -3.97 13.34
C PHE J 410 -54.12 -4.23 12.56
N THR J 411 -54.88 -5.26 12.93
CA THR J 411 -56.23 -5.47 12.41
C THR J 411 -57.15 -4.31 12.79
N ARG J 412 -57.25 -3.98 14.07
CA ARG J 412 -58.16 -2.98 14.67
C ARG J 412 -57.88 -1.52 14.25
N SER J 413 -56.74 -1.23 13.62
CA SER J 413 -56.33 0.13 13.27
C SER J 413 -55.85 0.32 11.85
N VAL J 414 -55.26 -0.69 11.22
CA VAL J 414 -54.79 -0.60 9.83
C VAL J 414 -55.83 -1.16 8.86
N LEU J 415 -56.53 -2.25 9.20
CA LEU J 415 -57.62 -2.81 8.39
C LEU J 415 -59.01 -2.24 8.75
N GLY J 416 -59.11 -1.29 9.66
CA GLY J 416 -60.38 -0.92 10.31
C GLY J 416 -60.82 -2.01 11.29
N ARG J 417 -61.87 -2.78 10.96
CA ARG J 417 -62.32 -4.01 11.67
C ARG J 417 -62.37 -3.87 13.21
N LYS J 418 -62.97 -2.78 13.71
CA LYS J 418 -62.93 -2.38 15.14
C LYS J 418 -63.53 -3.39 16.12
N ASP J 419 -64.39 -4.29 15.64
CA ASP J 419 -64.98 -5.39 16.43
C ASP J 419 -64.02 -6.57 16.69
N SER J 420 -62.87 -6.67 16.01
CA SER J 420 -61.99 -7.86 16.11
C SER J 420 -61.35 -8.02 17.49
N HIS J 421 -61.14 -9.27 17.91
CA HIS J 421 -60.79 -9.65 19.28
C HIS J 421 -60.12 -11.02 19.27
N SER J 422 -59.49 -11.42 20.37
CA SER J 422 -58.99 -12.79 20.57
C SER J 422 -60.11 -13.84 20.46
N ALA J 423 -59.77 -15.06 20.05
CA ALA J 423 -60.69 -16.19 20.05
C ALA J 423 -61.28 -16.50 21.44
N GLU J 424 -60.68 -15.98 22.50
CA GLU J 424 -61.22 -15.99 23.85
C GLU J 424 -62.66 -15.43 23.94
N PHE J 425 -63.01 -14.39 23.18
CA PHE J 425 -64.39 -13.89 23.05
C PHE J 425 -65.17 -14.73 22.03
N TYR J 426 -65.32 -16.02 22.38
CA TYR J 426 -65.83 -17.08 21.51
C TYR J 426 -67.14 -16.75 20.76
N PRO J 427 -68.22 -16.25 21.41
CA PRO J 427 -69.54 -16.13 20.76
C PRO J 427 -69.68 -15.00 19.73
N ASP J 428 -68.65 -14.17 19.52
CA ASP J 428 -68.63 -13.22 18.39
C ASP J 428 -68.42 -13.92 17.04
N ILE J 429 -67.78 -15.09 17.03
CA ILE J 429 -67.52 -15.98 15.88
C ILE J 429 -66.82 -15.29 14.69
N ASP J 430 -67.53 -14.51 13.88
CA ASP J 430 -67.07 -13.98 12.58
C ASP J 430 -65.83 -13.08 12.69
N GLU J 431 -65.64 -12.39 13.82
CA GLU J 431 -64.58 -11.41 14.06
C GLU J 431 -63.43 -11.90 14.97
N LYS J 432 -63.41 -13.20 15.30
CA LYS J 432 -62.30 -13.82 16.04
C LYS J 432 -61.01 -13.69 15.23
N ASN J 433 -59.98 -13.07 15.81
CA ASN J 433 -58.67 -12.86 15.18
C ASN J 433 -57.78 -14.12 15.20
N HIS J 434 -58.18 -15.16 15.93
CA HIS J 434 -57.37 -16.36 16.22
C HIS J 434 -58.18 -17.65 16.01
N VAL J 435 -57.50 -18.80 15.98
CA VAL J 435 -58.08 -20.13 15.91
C VAL J 435 -57.42 -21.07 16.93
N VAL J 436 -58.20 -21.98 17.49
CA VAL J 436 -57.72 -23.05 18.38
C VAL J 436 -56.77 -23.98 17.64
N VAL J 437 -55.69 -24.38 18.34
CA VAL J 437 -54.73 -25.38 17.85
C VAL J 437 -54.13 -26.15 19.05
N PHE J 438 -54.87 -27.12 19.59
CA PHE J 438 -54.47 -27.86 20.80
C PHE J 438 -53.36 -28.90 20.58
N MET J 439 -53.14 -29.39 19.36
CA MET J 439 -52.24 -30.51 19.03
C MET J 439 -52.40 -31.72 19.95
N MET J 440 -52.35 -28.08 24.24
CA MET J 440 -51.43 -26.98 24.15
C MET J 440 -50.16 -27.36 23.35
N ARG J 441 -49.69 -26.47 22.46
CA ARG J 441 -48.38 -26.60 21.80
C ARG J 441 -47.31 -26.23 22.82
N LEU J 442 -46.33 -27.12 23.04
CA LEU J 442 -45.30 -27.02 24.09
C LEU J 442 -43.92 -27.41 23.57
N GLY J 443 -42.89 -27.07 24.34
CA GLY J 443 -41.52 -27.55 24.14
C GLY J 443 -40.80 -26.99 22.92
N LEU J 444 -39.57 -27.44 22.72
CA LEU J 444 -38.71 -26.97 21.64
C LEU J 444 -39.25 -27.47 20.31
N ARG J 445 -39.72 -26.54 19.50
CA ARG J 445 -40.11 -26.79 18.09
C ARG J 445 -39.32 -25.87 17.15
N PRO J 446 -39.03 -26.26 15.90
CA PRO J 446 -38.34 -25.39 14.95
C PRO J 446 -39.23 -24.21 14.49
N THR J 447 -38.63 -23.22 13.85
CA THR J 447 -39.31 -22.20 13.06
C THR J 447 -38.43 -21.77 11.89
N PHE J 448 -39.00 -21.63 10.71
CA PHE J 448 -38.30 -21.47 9.45
C PHE J 448 -38.62 -20.09 8.85
N PHE J 449 -37.60 -19.34 8.43
CA PHE J 449 -37.81 -18.04 7.82
C PHE J 449 -38.44 -18.19 6.44
N GLN J 450 -39.34 -17.27 6.06
CA GLN J 450 -39.94 -17.25 4.72
C GLN J 450 -38.89 -16.77 3.71
N ASN J 451 -38.65 -17.51 2.64
CA ASN J 451 -37.38 -17.48 1.90
C ASN J 451 -37.01 -16.16 1.18
N GLU J 452 -37.94 -15.21 1.06
CA GLU J 452 -37.76 -13.90 0.40
C GLU J 452 -37.35 -12.78 1.38
N THR J 453 -37.52 -12.97 2.69
CA THR J 453 -37.50 -11.86 3.68
C THR J 453 -36.09 -11.39 4.08
N GLU J 454 -35.21 -11.17 3.11
CA GLU J 454 -33.82 -10.74 3.28
C GLU J 454 -33.68 -9.35 3.93
N TRP J 455 -34.72 -8.53 3.87
CA TRP J 455 -34.79 -7.20 4.48
C TRP J 455 -34.90 -7.22 6.01
N SER J 456 -35.36 -8.33 6.59
CA SER J 456 -35.78 -8.44 7.99
C SER J 456 -34.69 -8.08 8.99
N GLN J 457 -35.01 -7.25 9.97
CA GLN J 457 -34.10 -6.94 11.08
C GLN J 457 -33.90 -8.18 11.97
N ILE J 458 -34.98 -8.91 12.29
CA ILE J 458 -34.86 -10.06 13.18
C ILE J 458 -34.09 -11.21 12.56
N LYS J 459 -34.32 -11.60 11.30
CA LYS J 459 -33.56 -12.70 10.69
C LYS J 459 -32.11 -12.34 10.40
N LYS J 460 -31.75 -11.04 10.44
CA LYS J 460 -30.35 -10.61 10.49
C LYS J 460 -29.72 -10.91 11.85
N LEU J 461 -30.39 -10.62 12.96
CA LEU J 461 -29.87 -10.94 14.31
C LEU J 461 -29.60 -12.43 14.51
N TYR J 462 -30.43 -13.31 13.95
CA TYR J 462 -30.19 -14.76 13.92
C TYR J 462 -29.03 -15.20 13.00
N GLY J 463 -28.22 -14.29 12.46
CA GLY J 463 -26.99 -14.61 11.73
C GLY J 463 -27.18 -15.16 10.32
N ASP J 464 -28.33 -14.89 9.71
CA ASP J 464 -28.74 -15.45 8.40
C ASP J 464 -28.88 -17.00 8.37
N VAL J 465 -28.97 -17.65 9.54
CA VAL J 465 -29.26 -19.08 9.64
C VAL J 465 -30.67 -19.39 9.11
N SER J 466 -30.85 -20.54 8.46
CA SER J 466 -32.10 -20.94 7.79
C SER J 466 -33.30 -21.20 8.72
N GLU J 467 -33.05 -21.59 9.97
CA GLU J 467 -34.09 -21.89 10.95
C GLU J 467 -33.60 -21.66 12.38
N VAL J 468 -34.56 -21.57 13.30
CA VAL J 468 -34.36 -21.37 14.74
C VAL J 468 -35.11 -22.43 15.53
N HIS J 469 -34.79 -22.67 16.80
CA HIS J 469 -35.54 -23.61 17.65
C HIS J 469 -35.91 -22.95 18.98
N GLU J 470 -37.17 -23.05 19.40
CA GLU J 470 -37.73 -22.19 20.47
C GLU J 470 -38.81 -22.88 21.32
N ARG J 471 -39.05 -22.40 22.54
CA ARG J 471 -40.10 -22.93 23.43
C ARG J 471 -41.47 -22.26 23.20
N HIS J 472 -42.54 -23.02 23.34
CA HIS J 472 -43.92 -22.56 23.09
C HIS J 472 -44.82 -22.90 24.29
N ARG J 473 -45.96 -22.22 24.47
CA ARG J 473 -46.98 -22.50 25.50
C ARG J 473 -48.42 -22.09 25.10
N HIS J 474 -48.79 -22.16 23.82
CA HIS J 474 -49.99 -21.52 23.26
C HIS J 474 -51.09 -22.52 22.85
N ARG J 475 -52.35 -22.15 23.09
CA ARG J 475 -53.56 -22.86 22.59
C ARG J 475 -54.26 -22.16 21.41
N TYR J 476 -53.89 -20.91 21.12
CA TYR J 476 -54.41 -20.11 20.01
C TYR J 476 -53.30 -19.70 19.04
N GLU J 477 -53.63 -19.58 17.76
CA GLU J 477 -52.78 -18.99 16.73
C GLU J 477 -53.59 -18.01 15.86
N ILE J 478 -52.96 -17.08 15.16
CA ILE J 478 -53.64 -16.14 14.27
C ILE J 478 -54.35 -16.92 13.15
N ASN J 479 -55.60 -16.57 12.85
CA ASN J 479 -56.43 -17.33 11.90
C ASN J 479 -55.81 -17.30 10.50
N PRO J 480 -55.38 -18.43 9.91
CA PRO J 480 -54.68 -18.46 8.62
C PRO J 480 -55.43 -17.78 7.48
N LYS J 481 -56.77 -17.78 7.55
CA LYS J 481 -57.66 -17.11 6.59
C LYS J 481 -57.31 -15.62 6.40
N MET J 482 -56.91 -14.95 7.48
CA MET J 482 -56.58 -13.52 7.47
C MET J 482 -55.14 -13.21 7.06
N VAL J 483 -54.23 -14.17 7.13
CA VAL J 483 -52.79 -13.89 7.07
C VAL J 483 -52.35 -13.28 5.74
N ASP J 484 -52.99 -13.62 4.62
CA ASP J 484 -52.68 -12.95 3.35
C ASP J 484 -52.98 -11.45 3.39
N GLU J 485 -54.06 -11.06 4.05
CA GLU J 485 -54.47 -9.66 4.20
C GLU J 485 -53.45 -8.88 5.02
N LEU J 486 -52.98 -9.46 6.11
CA LEU J 486 -51.94 -8.91 6.97
C LEU J 486 -50.58 -8.86 6.25
N GLU J 487 -50.18 -9.90 5.53
CA GLU J 487 -48.95 -9.88 4.72
C GLU J 487 -48.99 -8.82 3.62
N ASN J 488 -50.12 -8.68 2.91
CA ASN J 488 -50.32 -7.69 1.86
C ASN J 488 -50.33 -6.24 2.40
N ASN J 489 -50.83 -6.01 3.61
CA ASN J 489 -50.81 -4.71 4.27
C ASN J 489 -49.49 -4.37 4.97
N GLY J 490 -48.57 -5.33 5.13
CA GLY J 490 -47.19 -5.10 5.58
C GLY J 490 -46.82 -5.70 6.93
N LEU J 491 -47.75 -6.33 7.64
CA LEU J 491 -47.49 -7.10 8.86
C LEU J 491 -46.90 -8.47 8.49
N ILE J 492 -45.72 -8.50 7.86
CA ILE J 492 -45.19 -9.69 7.21
C ILE J 492 -44.80 -10.77 8.23
N PHE J 493 -45.38 -11.96 8.13
CA PHE J 493 -45.03 -13.08 8.99
C PHE J 493 -43.72 -13.74 8.57
N VAL J 494 -42.59 -13.16 8.99
CA VAL J 494 -41.25 -13.55 8.54
C VAL J 494 -40.80 -14.96 8.97
N GLY J 495 -41.52 -15.63 9.86
CA GLY J 495 -41.25 -17.00 10.25
C GLY J 495 -42.51 -17.82 10.49
N LYS J 496 -42.50 -19.06 10.02
CA LYS J 496 -43.60 -20.01 10.20
C LYS J 496 -43.04 -21.39 10.55
N ASP J 497 -43.93 -22.29 10.91
CA ASP J 497 -43.60 -23.66 11.28
C ASP J 497 -43.22 -24.54 10.08
N ASP J 498 -42.94 -25.81 10.37
CA ASP J 498 -42.68 -26.85 9.36
C ASP J 498 -43.78 -26.95 8.27
N THR J 499 -45.07 -26.87 8.64
CA THR J 499 -46.19 -26.96 7.68
C THR J 499 -46.41 -25.67 6.89
N GLY J 500 -45.98 -24.52 7.41
CA GLY J 500 -46.30 -23.20 6.88
C GLY J 500 -47.71 -22.70 7.21
N LYS J 501 -48.47 -23.44 8.02
CA LYS J 501 -49.82 -23.05 8.44
C LYS J 501 -49.82 -22.14 9.68
N ARG J 502 -48.77 -22.19 10.52
CA ARG J 502 -48.72 -21.57 11.85
C ARG J 502 -47.89 -20.29 11.87
N CYS J 503 -48.43 -19.24 12.49
CA CYS J 503 -47.83 -17.92 12.62
C CYS J 503 -46.78 -17.85 13.77
N GLU J 504 -45.50 -17.99 13.50
CA GLU J 504 -44.48 -18.09 14.56
C GLU J 504 -43.75 -16.76 14.85
N ILE J 505 -43.51 -15.91 13.85
CA ILE J 505 -42.91 -14.58 13.98
C ILE J 505 -43.64 -13.58 13.10
N LEU J 506 -43.80 -12.33 13.51
CA LEU J 506 -44.09 -11.23 12.58
C LEU J 506 -43.08 -10.09 12.70
N GLU J 507 -42.85 -9.40 11.60
CA GLU J 507 -42.16 -8.11 11.56
C GLU J 507 -42.97 -7.16 10.70
N LEU J 508 -43.24 -5.96 11.18
CA LEU J 508 -43.90 -4.94 10.39
C LEU J 508 -42.87 -4.31 9.44
N LYS J 509 -43.11 -4.44 8.13
CA LYS J 509 -42.26 -3.91 7.06
C LYS J 509 -42.06 -2.40 7.22
N ASN J 510 -40.81 -1.92 7.12
CA ASN J 510 -40.41 -0.51 7.19
C ASN J 510 -40.85 0.18 8.49
N HIS J 511 -40.50 -0.42 9.63
CA HIS J 511 -40.50 0.18 10.97
C HIS J 511 -39.14 -0.09 11.63
N PRO J 512 -38.55 0.80 12.45
CA PRO J 512 -37.21 0.61 13.01
C PRO J 512 -36.98 -0.68 13.78
N TYR J 513 -37.97 -1.16 14.54
CA TYR J 513 -37.96 -2.48 15.19
C TYR J 513 -39.35 -2.79 15.76
N TYR J 514 -40.18 -3.51 15.04
CA TYR J 514 -41.49 -3.93 15.53
C TYR J 514 -41.67 -5.40 15.21
N ILE J 515 -41.36 -6.22 16.22
CA ILE J 515 -41.32 -7.67 16.14
C ILE J 515 -42.39 -8.22 17.06
N ALA J 516 -42.96 -9.35 16.70
CA ALA J 516 -43.52 -10.22 17.73
C ALA J 516 -43.19 -11.68 17.43
N THR J 517 -43.21 -12.52 18.47
CA THR J 517 -42.97 -13.97 18.41
C THR J 517 -44.11 -14.70 19.08
N GLN J 518 -44.63 -15.77 18.50
CA GLN J 518 -45.62 -16.60 19.16
C GLN J 518 -44.99 -17.43 20.29
N TYR J 519 -43.74 -17.86 20.09
CA TYR J 519 -42.93 -18.49 21.13
C TYR J 519 -42.51 -17.49 22.22
N HIS J 520 -42.01 -18.04 23.32
CA HIS J 520 -41.41 -17.33 24.45
C HIS J 520 -39.87 -17.38 24.37
N PRO J 521 -39.18 -16.41 23.75
CA PRO J 521 -37.73 -16.41 23.58
C PRO J 521 -36.92 -16.27 24.87
N GLU J 522 -37.51 -15.72 25.92
CA GLU J 522 -36.91 -15.59 27.24
C GLU J 522 -36.62 -16.94 27.91
N TYR J 523 -37.21 -18.04 27.44
CA TYR J 523 -36.87 -19.38 27.92
C TYR J 523 -35.64 -19.98 27.21
N THR J 524 -34.93 -19.24 26.36
CA THR J 524 -33.61 -19.66 25.88
C THR J 524 -32.54 -18.56 25.90
N SER J 525 -32.82 -17.41 26.53
CA SER J 525 -31.79 -16.41 26.78
C SER J 525 -30.72 -16.93 27.74
N LYS J 526 -29.44 -16.77 27.40
CA LYS J 526 -28.29 -17.13 28.24
C LYS J 526 -27.38 -15.93 28.43
N VAL J 527 -26.59 -15.88 29.52
CA VAL J 527 -25.83 -14.67 29.88
C VAL J 527 -24.74 -14.35 28.85
N LEU J 528 -24.12 -15.34 28.20
CA LEU J 528 -23.14 -15.10 27.13
C LEU J 528 -23.73 -15.11 25.72
N ASP J 529 -24.96 -15.63 25.54
CA ASP J 529 -25.69 -15.71 24.26
C ASP J 529 -27.13 -15.21 24.47
N PRO J 530 -27.40 -13.89 24.38
CA PRO J 530 -28.71 -13.34 24.68
C PRO J 530 -29.75 -13.73 23.63
N SER J 531 -31.01 -13.91 24.00
CA SER J 531 -32.04 -14.34 23.04
C SER J 531 -32.30 -13.23 22.04
N LYS J 532 -32.18 -13.52 20.75
CA LYS J 532 -32.13 -12.53 19.67
C LYS J 532 -33.32 -11.55 19.62
N PRO J 533 -34.60 -11.94 19.81
CA PRO J 533 -35.71 -10.99 19.80
C PRO J 533 -35.61 -9.93 20.90
N PHE J 534 -35.07 -10.29 22.07
CA PHE J 534 -34.80 -9.35 23.16
C PHE J 534 -33.55 -8.53 22.93
N LEU J 535 -32.51 -9.06 22.30
CA LEU J 535 -31.34 -8.26 21.94
C LEU J 535 -31.72 -7.14 20.97
N GLY J 536 -32.53 -7.44 19.96
CA GLY J 536 -33.03 -6.43 19.04
C GLY J 536 -33.86 -5.34 19.72
N LEU J 537 -34.73 -5.69 20.67
CA LEU J 537 -35.51 -4.70 21.42
C LEU J 537 -34.61 -3.75 22.21
N VAL J 538 -33.61 -4.24 22.92
CA VAL J 538 -32.71 -3.35 23.65
C VAL J 538 -31.87 -2.55 22.67
N ALA J 539 -31.25 -3.18 21.68
CA ALA J 539 -30.37 -2.49 20.75
C ALA J 539 -31.10 -1.39 19.95
N ALA J 540 -32.33 -1.60 19.53
CA ALA J 540 -33.11 -0.56 18.87
C ALA J 540 -33.57 0.51 19.87
N SER J 541 -33.88 0.18 21.11
CA SER J 541 -34.16 1.17 22.16
C SER J 541 -32.95 2.07 22.43
N ALA J 542 -31.74 1.50 22.36
CA ALA J 542 -30.46 2.21 22.39
C ALA J 542 -30.12 2.95 21.08
N GLY J 543 -30.88 2.73 20.01
CA GLY J 543 -30.63 3.32 18.69
C GLY J 543 -29.36 2.81 18.01
N ILE J 544 -28.91 1.60 18.37
CA ILE J 544 -27.63 1.00 17.95
C ILE J 544 -27.79 -0.31 17.19
N LEU J 545 -29.03 -0.70 16.83
CA LEU J 545 -29.40 -2.00 16.27
C LEU J 545 -28.53 -2.39 15.08
N GLN J 546 -28.28 -1.48 14.15
CA GLN J 546 -27.43 -1.74 12.98
C GLN J 546 -26.05 -2.28 13.40
N ASP J 547 -25.43 -1.66 14.39
CA ASP J 547 -24.05 -1.90 14.76
C ASP J 547 -23.89 -3.20 15.58
N VAL J 548 -24.95 -3.57 16.33
CA VAL J 548 -25.07 -4.87 16.98
C VAL J 548 -25.17 -5.98 15.94
N ILE J 549 -25.95 -5.79 14.87
CA ILE J 549 -26.05 -6.77 13.78
C ILE J 549 -24.72 -6.87 13.02
N GLU J 550 -24.07 -5.73 12.77
CA GLU J 550 -22.77 -5.67 12.10
C GLU J 550 -21.59 -6.21 12.95
N GLY J 551 -21.77 -6.33 14.27
CA GLY J 551 -20.86 -7.04 15.16
C GLY J 551 -19.98 -6.17 16.08
N LYS J 552 -20.33 -4.90 16.30
CA LYS J 552 -19.58 -3.96 17.17
C LYS J 552 -19.65 -4.27 18.68
N TYR J 553 -20.26 -5.38 19.08
CA TYR J 553 -20.55 -5.71 20.48
C TYR J 553 -20.42 -7.21 20.83
N ASP J 554 -19.87 -8.05 19.97
CA ASP J 554 -19.46 -9.40 20.37
C ASP J 554 -18.30 -9.37 21.40
N LEU J 555 -18.26 -10.39 22.28
CA LEU J 555 -17.43 -10.37 23.49
C LEU J 555 -15.92 -10.54 23.26
N GLU J 556 -15.53 -11.33 22.27
CA GLU J 556 -14.13 -11.56 21.87
C GLU J 556 -13.97 -11.34 20.35
N ALA J 557 -12.86 -10.74 19.93
CA ALA J 557 -12.61 -10.40 18.52
C ALA J 557 -12.64 -11.63 17.60
N MET K 1 1.22 -35.42 72.02
CA MET K 1 0.43 -36.31 72.87
C MET K 1 -0.79 -36.85 72.13
N LYS K 2 -1.33 -38.00 72.54
CA LYS K 2 -2.60 -38.58 72.05
C LYS K 2 -3.64 -38.64 73.18
N TYR K 3 -4.93 -38.68 72.87
CA TYR K 3 -6.03 -38.70 73.85
C TYR K 3 -7.18 -39.60 73.38
N VAL K 4 -7.90 -40.23 74.31
CA VAL K 4 -9.08 -41.07 74.01
C VAL K 4 -10.22 -40.69 74.94
N VAL K 5 -11.28 -40.09 74.46
CA VAL K 5 -12.49 -39.90 75.26
C VAL K 5 -13.27 -41.22 75.35
N VAL K 6 -13.81 -41.53 76.51
CA VAL K 6 -14.87 -42.49 76.72
C VAL K 6 -16.06 -41.75 77.31
N SER K 7 -17.24 -41.86 76.70
CA SER K 7 -18.42 -41.07 77.06
C SER K 7 -19.72 -41.80 76.78
N GLY K 8 -20.87 -41.22 77.09
CA GLY K 8 -22.09 -41.52 76.33
C GLY K 8 -23.26 -42.23 77.01
N GLY K 9 -24.22 -42.62 76.15
CA GLY K 9 -25.36 -43.49 76.46
C GLY K 9 -26.69 -42.76 76.69
N VAL K 10 -27.81 -43.50 76.70
CA VAL K 10 -29.12 -43.02 77.21
C VAL K 10 -29.35 -43.21 78.71
N ILE K 11 -28.41 -43.83 79.43
CA ILE K 11 -28.50 -44.14 80.87
C ILE K 11 -27.14 -43.96 81.52
N SER K 12 -27.13 -43.49 82.76
CA SER K 12 -25.97 -43.63 83.63
C SER K 12 -25.86 -45.09 84.12
N GLY K 13 -24.66 -45.63 84.34
CA GLY K 13 -24.46 -47.01 84.77
C GLY K 13 -24.28 -48.03 83.64
N ILE K 14 -24.08 -47.56 82.39
CA ILE K 14 -23.99 -48.38 81.18
C ILE K 14 -22.72 -49.23 81.06
N GLY K 15 -21.60 -48.86 81.68
CA GLY K 15 -20.35 -49.62 81.62
C GLY K 15 -19.05 -48.87 81.34
N LYS K 16 -19.03 -47.53 81.41
CA LYS K 16 -17.87 -46.70 80.95
C LYS K 16 -16.52 -47.15 81.54
N GLY K 17 -16.32 -47.05 82.85
CA GLY K 17 -15.01 -47.35 83.50
C GLY K 17 -14.31 -48.63 83.03
N VAL K 18 -15.02 -49.74 82.84
CA VAL K 18 -14.43 -51.04 82.37
C VAL K 18 -14.03 -50.87 80.90
N LEU K 19 -14.75 -50.04 80.12
CA LEU K 19 -14.39 -49.75 78.71
C LEU K 19 -13.27 -48.72 78.71
N ALA K 20 -13.10 -47.97 79.79
CA ALA K 20 -12.09 -46.88 79.89
C ALA K 20 -10.75 -47.46 80.32
N SER K 21 -10.58 -47.84 81.59
CA SER K 21 -9.26 -48.33 82.07
C SER K 21 -8.95 -49.57 81.25
N SER K 22 -9.91 -50.45 81.03
CA SER K 22 -9.64 -51.57 80.07
C SER K 22 -9.04 -51.18 78.72
N THR K 23 -9.46 -50.07 78.11
CA THR K 23 -8.88 -49.54 76.85
C THR K 23 -7.47 -49.05 77.20
N GLY K 24 -7.29 -48.45 78.38
CA GLY K 24 -5.98 -47.91 78.83
C GLY K 24 -5.00 -49.02 79.19
N MET K 25 -5.49 -50.19 79.61
CA MET K 25 -4.63 -51.36 79.95
C MET K 25 -4.04 -51.87 78.64
N LEU K 26 -4.79 -51.77 77.55
CA LEU K 26 -4.34 -52.24 76.21
C LEU K 26 -3.43 -51.18 75.59
N MET K 27 -3.60 -49.90 75.93
CA MET K 27 -2.58 -48.96 75.44
C MET K 27 -1.20 -49.32 75.99
N LYS K 28 -1.12 -49.75 77.25
CA LYS K 28 0.10 -50.27 77.86
C LYS K 28 0.63 -51.55 77.24
N THR K 29 -0.22 -52.40 76.65
CA THR K 29 0.25 -53.57 75.87
C THR K 29 1.15 -53.14 74.71
N LEU K 30 0.89 -51.98 74.12
CA LEU K 30 1.71 -51.41 73.05
C LEU K 30 3.04 -50.83 73.55
N GLY K 31 3.30 -50.86 74.86
CA GLY K 31 4.47 -50.27 75.53
C GLY K 31 4.29 -48.82 75.98
N LEU K 32 3.16 -48.18 75.64
CA LEU K 32 2.92 -46.75 75.85
C LEU K 32 2.96 -46.36 77.33
N LYS K 33 3.43 -45.15 77.62
CA LYS K 33 3.21 -44.49 78.91
C LYS K 33 1.74 -44.05 78.96
N VAL K 34 0.97 -44.34 79.99
CA VAL K 34 -0.49 -44.10 79.96
C VAL K 34 -0.97 -43.42 81.22
N THR K 35 -2.01 -42.60 81.09
CA THR K 35 -2.65 -41.86 82.18
C THR K 35 -4.14 -41.83 81.98
N SER K 36 -4.89 -41.38 82.97
CA SER K 36 -6.35 -41.33 82.93
C SER K 36 -6.91 -40.16 83.70
N ILE K 37 -7.96 -39.53 83.24
CA ILE K 37 -8.66 -38.45 83.93
C ILE K 37 -10.14 -38.81 83.99
N LYS K 38 -10.78 -38.74 85.16
CA LYS K 38 -12.24 -38.91 85.24
C LYS K 38 -12.89 -37.57 85.48
N ILE K 39 -13.73 -37.17 84.53
CA ILE K 39 -14.51 -35.96 84.58
C ILE K 39 -15.85 -36.31 85.22
N ASP K 40 -16.13 -35.78 86.39
CA ASP K 40 -17.37 -36.03 87.10
C ASP K 40 -18.34 -34.86 87.01
N PRO K 41 -19.58 -35.06 86.59
CA PRO K 41 -20.54 -33.97 86.53
C PRO K 41 -21.08 -33.50 87.88
N TYR K 42 -20.85 -34.21 88.99
CA TYR K 42 -21.33 -33.81 90.31
C TYR K 42 -20.60 -32.59 90.88
N MET K 43 -21.25 -31.87 91.80
CA MET K 43 -20.74 -30.60 92.34
C MET K 43 -19.91 -30.70 93.62
N ASN K 44 -19.66 -31.87 94.22
CA ASN K 44 -18.65 -31.98 95.28
C ASN K 44 -17.23 -31.72 94.75
N ILE K 45 -16.43 -30.93 95.45
CA ILE K 45 -15.02 -30.75 95.06
C ILE K 45 -14.17 -32.00 95.32
N ASP K 46 -14.50 -32.77 96.35
CA ASP K 46 -13.82 -34.03 96.71
C ASP K 46 -14.74 -34.94 97.51
N ALA K 47 -14.38 -36.21 97.66
CA ALA K 47 -15.14 -37.16 98.46
C ALA K 47 -14.97 -36.99 99.98
N GLY K 48 -14.20 -36.02 100.44
CA GLY K 48 -13.95 -35.79 101.86
C GLY K 48 -15.19 -35.40 102.64
N THR K 49 -16.18 -34.77 101.99
CA THR K 49 -17.49 -34.49 102.59
C THR K 49 -18.48 -35.65 102.40
N MET K 50 -18.27 -36.53 101.42
CA MET K 50 -19.24 -37.54 101.00
C MET K 50 -19.23 -38.76 101.92
N SER K 51 -20.30 -38.99 102.68
CA SER K 51 -20.37 -40.14 103.60
C SER K 51 -20.37 -41.45 102.81
N PRO K 52 -19.68 -42.51 103.26
CA PRO K 52 -19.58 -43.79 102.53
C PRO K 52 -20.88 -44.54 102.21
N LEU K 53 -22.03 -44.04 102.66
CA LEU K 53 -23.36 -44.59 102.38
C LEU K 53 -23.86 -44.34 100.95
N GLU K 54 -23.53 -43.18 100.36
CA GLU K 54 -23.88 -42.84 98.98
C GLU K 54 -22.67 -42.28 98.23
N HIS K 55 -22.53 -42.65 96.96
CA HIS K 55 -21.30 -42.58 96.17
C HIS K 55 -20.16 -43.50 96.68
N GLY K 56 -20.35 -44.23 97.77
CA GLY K 56 -19.44 -45.29 98.19
C GLY K 56 -18.11 -44.82 98.75
N GLU K 57 -17.12 -45.70 98.67
CA GLU K 57 -15.85 -45.59 99.39
C GLU K 57 -14.99 -44.39 98.96
N CYS K 58 -14.52 -43.59 99.91
CA CYS K 58 -13.58 -42.51 99.68
C CYS K 58 -12.20 -43.06 99.33
N PHE K 59 -11.96 -43.40 98.05
CA PHE K 59 -10.67 -43.94 97.63
C PHE K 59 -9.52 -42.99 97.97
N VAL K 60 -8.40 -43.50 98.45
CA VAL K 60 -7.28 -42.65 98.81
C VAL K 60 -5.93 -42.75 98.06
N LEU K 61 -5.52 -41.58 97.62
CA LEU K 61 -4.34 -41.41 96.77
C LEU K 61 -3.03 -41.59 97.51
N ASP K 62 -1.96 -41.75 96.74
CA ASP K 62 -0.59 -41.49 97.16
C ASP K 62 -0.49 -40.08 97.81
N ASP K 63 -1.06 -39.07 97.15
CA ASP K 63 -1.14 -37.69 97.68
C ASP K 63 -2.22 -37.47 98.77
N GLY K 64 -2.92 -38.51 99.21
CA GLY K 64 -3.81 -38.47 100.38
C GLY K 64 -5.12 -37.71 100.23
N GLY K 65 -5.44 -37.23 99.04
CA GLY K 65 -6.76 -36.67 98.75
C GLY K 65 -7.84 -37.75 98.75
N GLU K 66 -9.01 -37.45 99.30
CA GLU K 66 -10.18 -38.32 99.23
C GLU K 66 -10.92 -38.14 97.89
N THR K 67 -10.56 -38.91 96.88
CA THR K 67 -11.04 -38.79 95.48
C THR K 67 -12.38 -39.47 95.21
N ASP K 68 -12.89 -39.28 94.00
CA ASP K 68 -13.88 -40.18 93.40
C ASP K 68 -13.45 -41.64 93.52
N LEU K 69 -14.39 -42.54 93.91
CA LEU K 69 -14.10 -43.99 94.09
C LEU K 69 -13.60 -44.60 92.77
N ASP K 70 -14.15 -44.20 91.63
CA ASP K 70 -13.82 -44.82 90.33
C ASP K 70 -12.33 -44.67 90.00
N LEU K 71 -11.63 -43.65 90.52
CA LEU K 71 -10.21 -43.45 90.11
C LEU K 71 -9.46 -44.74 90.40
N GLY K 72 -9.84 -45.45 91.46
CA GLY K 72 -9.16 -46.69 91.85
C GLY K 72 -9.13 -47.67 90.70
N ASN K 73 -10.23 -47.77 89.93
CA ASN K 73 -10.34 -48.76 88.82
C ASN K 73 -9.21 -48.50 87.81
N TYR K 74 -8.63 -47.29 87.75
CA TYR K 74 -7.55 -46.92 86.80
C TYR K 74 -6.18 -47.17 87.41
N GLU K 75 -6.07 -47.27 88.73
CA GLU K 75 -4.75 -47.46 89.39
C GLU K 75 -4.51 -48.97 89.44
N ARG K 76 -5.56 -49.78 89.26
CA ARG K 76 -5.45 -51.26 89.20
C ARG K 76 -5.21 -51.64 87.73
N TYR K 77 -6.15 -51.33 86.84
CA TYR K 77 -5.99 -51.60 85.36
C TYR K 77 -4.65 -51.13 84.72
N LEU K 78 -4.10 -49.95 85.04
CA LEU K 78 -2.92 -49.36 84.35
C LEU K 78 -1.65 -49.56 85.17
N GLY K 79 -1.74 -49.56 86.50
CA GLY K 79 -0.55 -49.58 87.33
C GLY K 79 0.12 -48.21 87.37
N VAL K 80 -0.64 -47.20 87.80
CA VAL K 80 -0.23 -45.78 87.87
C VAL K 80 -0.62 -45.17 89.21
N THR K 81 0.17 -44.21 89.68
CA THR K 81 -0.16 -43.34 90.82
C THR K 81 -0.76 -42.04 90.27
N LEU K 82 -2.07 -41.86 90.39
CA LEU K 82 -2.76 -40.62 90.02
C LEU K 82 -2.60 -39.56 91.12
N THR K 83 -3.21 -38.38 90.95
CA THR K 83 -3.15 -37.24 91.88
C THR K 83 -4.55 -36.63 92.07
N LYS K 84 -4.72 -35.74 93.05
CA LYS K 84 -6.00 -35.09 93.31
C LYS K 84 -6.56 -34.30 92.11
N ASP K 85 -5.68 -33.89 91.18
CA ASP K 85 -6.06 -33.20 89.96
C ASP K 85 -6.63 -34.10 88.86
N HIS K 86 -6.39 -35.41 88.86
CA HIS K 86 -6.93 -36.33 87.86
C HIS K 86 -8.43 -36.59 87.99
N ASN K 87 -9.07 -36.11 89.05
CA ASN K 87 -10.50 -36.14 89.19
C ASN K 87 -11.06 -34.74 89.01
N ILE K 88 -11.33 -34.36 87.77
CA ILE K 88 -12.05 -33.13 87.44
C ILE K 88 -13.48 -33.28 87.94
N THR K 89 -14.05 -32.28 88.58
CA THR K 89 -15.48 -32.30 88.96
C THR K 89 -16.11 -30.96 88.67
N THR K 90 -17.42 -30.90 88.50
CA THR K 90 -18.12 -29.65 88.24
C THR K 90 -17.92 -28.64 89.36
N GLY K 91 -17.92 -29.09 90.62
CA GLY K 91 -17.62 -28.20 91.73
C GLY K 91 -16.18 -27.73 91.77
N LYS K 92 -15.24 -28.54 91.31
CA LYS K 92 -13.82 -28.20 91.29
C LYS K 92 -13.52 -27.15 90.25
N ILE K 93 -14.09 -27.26 89.05
CA ILE K 93 -13.81 -26.30 87.98
C ILE K 93 -14.59 -25.01 88.12
N TYR K 94 -15.85 -24.99 88.57
CA TYR K 94 -16.46 -23.71 88.91
C TYR K 94 -15.70 -22.98 90.01
N SER K 95 -15.18 -23.66 91.03
CA SER K 95 -14.36 -23.04 92.07
C SER K 95 -13.08 -22.42 91.53
N HIS K 96 -12.40 -23.10 90.61
CA HIS K 96 -11.13 -22.62 90.05
C HIS K 96 -11.31 -21.39 89.18
N VAL K 97 -12.31 -21.37 88.30
CA VAL K 97 -12.64 -20.16 87.53
C VAL K 97 -13.18 -19.03 88.41
N ILE K 98 -14.03 -19.30 89.40
CA ILE K 98 -14.48 -18.28 90.34
C ILE K 98 -13.32 -17.73 91.19
N ALA K 99 -12.30 -18.52 91.53
CA ALA K 99 -11.14 -17.97 92.22
C ALA K 99 -10.40 -16.96 91.34
N LYS K 100 -10.13 -17.31 90.09
CA LYS K 100 -9.51 -16.41 89.12
C LYS K 100 -10.36 -15.16 88.84
N GLU K 101 -11.69 -15.24 88.93
CA GLU K 101 -12.60 -14.09 88.81
C GLU K 101 -12.40 -13.06 89.92
N ARG K 102 -12.23 -13.48 91.19
CA ARG K 102 -12.03 -12.55 92.32
C ARG K 102 -10.58 -12.11 92.49
N LYS K 103 -9.61 -12.92 92.08
CA LYS K 103 -8.22 -12.50 91.93
C LYS K 103 -8.06 -11.50 90.78
N GLY K 104 -8.97 -11.52 89.81
CA GLY K 104 -9.00 -10.60 88.68
C GLY K 104 -8.14 -11.03 87.50
N ASP K 105 -7.84 -12.32 87.35
CA ASP K 105 -6.97 -12.84 86.28
C ASP K 105 -7.59 -12.70 84.88
N TYR K 106 -8.87 -12.41 84.78
CA TYR K 106 -9.57 -12.08 83.54
C TYR K 106 -9.47 -10.60 83.14
N LEU K 107 -8.61 -9.79 83.76
CA LEU K 107 -8.32 -8.41 83.36
C LEU K 107 -9.59 -7.57 83.21
N GLY K 108 -10.54 -7.77 84.11
CA GLY K 108 -11.80 -7.05 84.17
C GLY K 108 -12.78 -7.33 83.03
N LYS K 109 -12.53 -8.29 82.13
CA LYS K 109 -13.55 -8.79 81.20
C LYS K 109 -14.70 -9.42 82.00
N THR K 110 -15.90 -9.52 81.43
CA THR K 110 -16.88 -10.48 81.98
C THR K 110 -16.43 -11.89 81.65
N VAL K 111 -16.65 -12.84 82.56
CA VAL K 111 -16.22 -14.22 82.43
C VAL K 111 -17.44 -15.09 82.21
N GLN K 112 -17.37 -15.96 81.23
CA GLN K 112 -18.53 -16.62 80.62
C GLN K 112 -18.35 -18.13 80.61
N ILE K 113 -19.43 -18.91 80.53
CA ILE K 113 -19.25 -20.36 80.45
C ILE K 113 -18.57 -20.72 79.13
N VAL K 114 -18.87 -20.04 78.04
CA VAL K 114 -18.10 -20.09 76.79
C VAL K 114 -17.64 -18.69 76.44
N PRO K 115 -16.34 -18.43 76.18
CA PRO K 115 -15.26 -19.38 76.09
C PRO K 115 -14.47 -19.59 77.38
N HIS K 116 -14.62 -18.79 78.44
CA HIS K 116 -13.67 -18.84 79.56
C HIS K 116 -13.68 -20.15 80.32
N LEU K 117 -14.84 -20.65 80.77
CA LEU K 117 -14.87 -21.93 81.47
C LEU K 117 -14.56 -23.11 80.56
N THR K 118 -14.98 -23.13 79.30
CA THR K 118 -14.60 -24.21 78.40
C THR K 118 -13.12 -24.18 78.04
N ASN K 119 -12.46 -23.03 78.06
CA ASN K 119 -11.01 -22.95 78.03
C ASN K 119 -10.40 -23.51 79.30
N ALA K 120 -10.93 -23.20 80.48
CA ALA K 120 -10.41 -23.74 81.73
C ALA K 120 -10.39 -25.27 81.74
N ILE K 121 -11.46 -25.92 81.30
CA ILE K 121 -11.53 -27.37 81.21
C ILE K 121 -10.46 -27.92 80.25
N GLN K 122 -10.29 -27.35 79.06
CA GLN K 122 -9.23 -27.78 78.14
C GLN K 122 -7.83 -27.56 78.73
N ASP K 123 -7.61 -26.41 79.37
CA ASP K 123 -6.34 -26.10 80.02
C ASP K 123 -6.06 -27.02 81.20
N TRP K 124 -7.08 -27.53 81.91
CA TRP K 124 -6.94 -28.54 82.94
C TRP K 124 -6.60 -29.92 82.36
N ILE K 125 -7.31 -30.40 81.36
CA ILE K 125 -7.02 -31.69 80.74
C ILE K 125 -5.59 -31.73 80.19
N GLU K 126 -5.16 -30.74 79.40
CA GLU K 126 -3.81 -30.75 78.89
C GLU K 126 -2.75 -30.46 79.96
N ARG K 127 -3.10 -29.79 81.07
CA ARG K 127 -2.19 -29.65 82.22
C ARG K 127 -1.93 -31.00 82.83
N VAL K 128 -2.99 -31.68 83.25
CA VAL K 128 -2.92 -32.94 83.98
C VAL K 128 -2.32 -34.06 83.14
N ALA K 129 -2.58 -34.09 81.83
CA ALA K 129 -2.01 -35.08 80.93
C ALA K 129 -0.48 -35.00 80.77
N LYS K 130 0.19 -33.94 81.24
CA LYS K 130 1.65 -33.88 81.34
C LYS K 130 2.25 -34.67 82.50
N ILE K 131 1.50 -34.84 83.60
CA ILE K 131 2.02 -35.36 84.86
C ILE K 131 2.51 -36.81 84.67
N PRO K 132 3.73 -37.18 85.10
CA PRO K 132 4.31 -38.51 84.88
C PRO K 132 3.83 -39.53 85.92
N VAL K 133 2.63 -40.10 85.71
CA VAL K 133 1.99 -41.03 86.66
C VAL K 133 2.57 -42.46 86.63
N ASP K 134 3.47 -42.73 85.68
CA ASP K 134 3.91 -44.07 85.27
C ASP K 134 5.26 -44.49 85.90
N ASP K 135 5.71 -45.72 85.64
CA ASP K 135 6.92 -46.33 86.24
C ASP K 135 8.26 -45.70 85.83
N THR K 136 8.27 -44.63 85.05
CA THR K 136 9.42 -43.75 84.86
C THR K 136 8.92 -42.33 84.60
N GLY K 137 9.71 -41.33 84.96
CA GLY K 137 9.29 -39.94 85.07
C GLY K 137 8.98 -39.20 83.76
N MET K 138 8.88 -39.87 82.61
CA MET K 138 8.50 -39.24 81.34
C MET K 138 6.99 -39.01 81.26
N GLU K 139 6.57 -37.91 80.63
CA GLU K 139 5.15 -37.60 80.43
C GLU K 139 4.41 -38.70 79.66
N PRO K 140 3.14 -38.99 79.97
CA PRO K 140 2.36 -39.99 79.26
C PRO K 140 2.23 -39.76 77.75
N ASP K 141 2.00 -40.85 77.01
CA ASP K 141 1.83 -40.84 75.56
C ASP K 141 0.37 -40.90 75.12
N VAL K 142 -0.50 -41.50 75.93
CA VAL K 142 -1.95 -41.48 75.75
C VAL K 142 -2.62 -41.12 77.06
N CYS K 143 -3.66 -40.29 77.04
CA CYS K 143 -4.54 -40.05 78.18
C CYS K 143 -5.95 -40.56 77.88
N ILE K 144 -6.51 -41.40 78.75
CA ILE K 144 -7.90 -41.86 78.65
C ILE K 144 -8.78 -40.89 79.45
N ILE K 145 -9.69 -40.18 78.82
CA ILE K 145 -10.58 -39.21 79.47
C ILE K 145 -11.96 -39.82 79.60
N GLU K 146 -12.44 -40.14 80.79
CA GLU K 146 -13.80 -40.63 80.96
C GLU K 146 -14.72 -39.50 81.36
N LEU K 147 -15.71 -39.24 80.53
CA LEU K 147 -16.74 -38.25 80.78
C LEU K 147 -17.92 -38.92 81.50
N GLY K 148 -18.10 -38.65 82.78
CA GLY K 148 -19.25 -39.13 83.54
C GLY K 148 -20.57 -38.47 83.15
N GLY K 149 -21.65 -38.94 83.77
CA GLY K 149 -23.03 -38.57 83.41
C GLY K 149 -23.43 -39.13 82.04
N THR K 150 -24.38 -38.49 81.38
CA THR K 150 -24.74 -38.79 79.99
C THR K 150 -24.72 -37.54 79.13
N VAL K 151 -24.31 -37.65 77.88
CA VAL K 151 -24.37 -36.54 76.93
C VAL K 151 -25.83 -36.11 76.76
N GLY K 152 -26.12 -34.81 76.89
CA GLY K 152 -27.48 -34.26 76.93
C GLY K 152 -28.05 -34.02 78.32
N ASP K 153 -27.23 -34.25 79.35
CA ASP K 153 -27.59 -33.87 80.73
C ASP K 153 -27.33 -32.36 80.82
N ILE K 154 -28.05 -31.60 81.65
CA ILE K 154 -27.79 -30.13 81.86
C ILE K 154 -26.60 -30.01 82.80
N GLU K 155 -26.07 -31.13 83.31
CA GLU K 155 -24.93 -31.19 84.26
C GLU K 155 -23.64 -31.47 83.49
N SER K 156 -23.74 -32.10 82.33
CA SER K 156 -22.56 -32.52 81.51
C SER K 156 -22.38 -31.60 80.31
N ALA K 157 -23.20 -30.56 80.15
CA ALA K 157 -23.17 -29.68 78.95
C ALA K 157 -21.85 -28.87 78.89
N PRO K 158 -21.27 -28.34 79.99
CA PRO K 158 -19.98 -27.63 79.93
C PRO K 158 -18.82 -28.48 79.42
N PHE K 159 -18.80 -29.76 79.75
CA PHE K 159 -17.72 -30.66 79.37
C PHE K 159 -17.77 -31.12 77.92
N VAL K 160 -18.94 -31.39 77.35
CA VAL K 160 -19.05 -31.69 75.91
C VAL K 160 -18.73 -30.47 75.04
N GLU K 161 -19.00 -29.25 75.50
CA GLU K 161 -18.46 -28.06 74.86
C GLU K 161 -16.92 -28.05 74.94
N ALA K 162 -16.36 -28.22 76.12
CA ALA K 162 -14.92 -28.14 76.28
C ALA K 162 -14.19 -29.21 75.48
N LEU K 163 -14.70 -30.44 75.48
CA LEU K 163 -14.16 -31.53 74.69
C LEU K 163 -14.33 -31.25 73.18
N ARG K 164 -15.45 -30.68 72.70
CA ARG K 164 -15.56 -30.33 71.26
C ARG K 164 -14.45 -29.39 70.84
N GLN K 165 -14.26 -28.30 71.57
CA GLN K 165 -13.21 -27.34 71.29
C GLN K 165 -11.83 -28.03 71.39
N PHE K 166 -11.68 -28.98 72.31
CA PHE K 166 -10.47 -29.77 72.45
C PHE K 166 -10.17 -30.65 71.25
N GLN K 167 -11.15 -31.07 70.44
CA GLN K 167 -10.89 -31.79 69.18
C GLN K 167 -10.13 -30.94 68.15
N PHE K 168 -9.98 -29.64 68.40
CA PHE K 168 -9.28 -28.70 67.52
C PHE K 168 -8.02 -28.15 68.17
N LYS K 169 -8.05 -27.89 69.49
CA LYS K 169 -6.87 -27.48 70.26
C LYS K 169 -5.81 -28.58 70.24
N VAL K 170 -6.25 -29.82 70.44
CA VAL K 170 -5.58 -31.06 70.00
C VAL K 170 -6.03 -31.35 68.57
N GLY K 171 -5.20 -31.95 67.72
CA GLY K 171 -5.65 -32.31 66.37
C GLY K 171 -6.50 -33.58 66.28
N LYS K 172 -7.29 -33.71 65.22
CA LYS K 172 -7.69 -35.05 64.71
C LYS K 172 -6.42 -35.81 64.32
N GLU K 173 -6.44 -37.14 64.40
CA GLU K 173 -5.23 -37.99 64.45
C GLU K 173 -4.38 -37.78 65.71
N ASN K 174 -4.85 -37.03 66.72
CA ASN K 174 -4.34 -37.09 68.10
C ASN K 174 -5.46 -37.34 69.11
N PHE K 175 -6.70 -36.96 68.84
CA PHE K 175 -7.87 -37.21 69.67
C PHE K 175 -8.81 -38.23 69.01
N ALA K 176 -9.39 -39.16 69.78
CA ALA K 176 -10.45 -40.07 69.34
C ALA K 176 -11.49 -40.30 70.44
N LEU K 177 -12.72 -40.68 70.08
CA LEU K 177 -13.81 -40.88 71.03
C LEU K 177 -14.46 -42.25 70.91
N ILE K 178 -14.68 -42.92 72.04
CA ILE K 178 -15.45 -44.14 72.19
C ILE K 178 -16.78 -43.77 72.87
N HIS K 179 -17.91 -44.04 72.24
CA HIS K 179 -19.23 -43.74 72.82
C HIS K 179 -19.88 -45.02 73.26
N VAL K 180 -20.29 -45.11 74.51
CA VAL K 180 -20.84 -46.35 75.08
C VAL K 180 -22.35 -46.23 75.11
N SER K 181 -23.11 -47.16 74.56
CA SER K 181 -24.55 -46.96 74.29
C SER K 181 -25.38 -48.22 74.49
N LEU K 182 -26.70 -48.07 74.63
CA LEU K 182 -27.57 -49.18 75.06
C LEU K 182 -28.24 -49.85 73.86
N VAL K 183 -28.21 -51.17 73.81
CA VAL K 183 -29.05 -51.97 72.92
C VAL K 183 -29.99 -52.76 73.82
N PRO K 184 -31.18 -52.24 74.21
CA PRO K 184 -32.09 -53.00 75.01
C PRO K 184 -32.65 -54.17 74.21
N VAL K 185 -32.85 -55.30 74.87
CA VAL K 185 -33.52 -56.46 74.29
C VAL K 185 -34.89 -56.57 74.93
N ILE K 186 -35.94 -56.42 74.13
CA ILE K 186 -37.32 -56.68 74.56
C ILE K 186 -38.03 -57.53 73.52
N HIS K 187 -38.97 -58.38 73.96
CA HIS K 187 -39.58 -59.40 73.10
C HIS K 187 -38.54 -60.26 72.36
N GLY K 188 -37.38 -60.47 72.99
CA GLY K 188 -36.25 -61.18 72.41
C GLY K 188 -35.58 -60.51 71.20
N GLU K 189 -35.80 -59.22 70.92
CA GLU K 189 -35.15 -58.47 69.84
C GLU K 189 -34.28 -57.32 70.33
N GLN K 190 -33.05 -57.23 69.83
CA GLN K 190 -32.11 -56.12 70.04
C GLN K 190 -32.55 -54.84 69.33
N LYS K 191 -33.01 -53.82 70.05
CA LYS K 191 -33.49 -52.55 69.47
C LYS K 191 -32.34 -51.55 69.36
N THR K 192 -32.13 -50.96 68.19
CA THR K 192 -31.03 -50.01 67.96
C THR K 192 -31.37 -48.57 68.33
N LYS K 193 -32.66 -48.21 68.43
CA LYS K 193 -33.07 -46.79 68.49
C LYS K 193 -32.52 -45.96 69.65
N PRO K 194 -32.28 -46.45 70.87
CA PRO K 194 -31.65 -45.63 71.88
C PRO K 194 -30.23 -45.21 71.49
N THR K 195 -29.49 -46.04 70.77
CA THR K 195 -28.20 -45.64 70.17
C THR K 195 -28.36 -44.59 69.08
N GLN K 196 -29.38 -44.67 68.22
CA GLN K 196 -29.64 -43.62 67.23
C GLN K 196 -29.96 -42.27 67.88
N ALA K 197 -30.90 -42.22 68.82
CA ALA K 197 -31.26 -40.99 69.55
C ALA K 197 -30.11 -40.41 70.39
N ALA K 198 -29.27 -41.23 71.03
CA ALA K 198 -28.11 -40.74 71.76
C ALA K 198 -26.94 -40.35 70.86
N ILE K 199 -26.82 -40.88 69.65
CA ILE K 199 -25.83 -40.43 68.67
C ILE K 199 -26.29 -39.14 68.00
N LYS K 200 -27.59 -38.99 67.71
CA LYS K 200 -28.19 -37.70 67.36
C LYS K 200 -27.86 -36.64 68.43
N GLY K 201 -28.07 -36.94 69.70
CA GLY K 201 -27.62 -36.08 70.80
C GLY K 201 -26.13 -35.77 70.74
N LEU K 202 -25.26 -36.77 70.57
CA LEU K 202 -23.82 -36.58 70.51
C LEU K 202 -23.40 -35.63 69.39
N ARG K 203 -23.85 -35.86 68.15
CA ARG K 203 -23.46 -34.99 67.04
C ARG K 203 -24.03 -33.59 67.18
N SER K 204 -25.15 -33.40 67.86
CA SER K 204 -25.70 -32.06 68.13
C SER K 204 -24.69 -31.20 68.89
N LEU K 205 -24.05 -31.74 69.92
CA LEU K 205 -23.02 -31.06 70.72
C LEU K 205 -21.63 -31.07 70.05
N GLY K 206 -21.44 -31.90 69.03
CA GLY K 206 -20.41 -31.73 67.99
C GLY K 206 -19.25 -32.72 68.03
N LEU K 207 -19.23 -33.57 69.05
CA LEU K 207 -18.33 -34.72 69.10
C LEU K 207 -18.77 -35.75 68.07
N VAL K 208 -17.84 -36.49 67.46
CA VAL K 208 -18.13 -37.60 66.55
C VAL K 208 -17.44 -38.86 67.04
N PRO K 209 -18.13 -40.01 67.16
CA PRO K 209 -17.56 -41.20 67.73
C PRO K 209 -16.74 -41.93 66.70
N ASP K 210 -15.52 -42.30 67.06
CA ASP K 210 -14.66 -43.16 66.25
C ASP K 210 -14.91 -44.62 66.51
N MET K 211 -15.55 -44.94 67.65
CA MET K 211 -16.12 -46.22 67.98
C MET K 211 -17.44 -46.07 68.69
N ILE K 212 -18.31 -47.05 68.56
CA ILE K 212 -19.45 -47.23 69.45
C ILE K 212 -19.20 -48.52 70.22
N ALA K 213 -19.56 -48.58 71.50
CA ALA K 213 -19.46 -49.78 72.30
C ALA K 213 -20.77 -50.07 73.01
N CYS K 214 -21.35 -51.25 72.83
CA CYS K 214 -22.71 -51.48 73.32
C CYS K 214 -22.78 -52.24 74.63
N ARG K 215 -23.52 -51.70 75.61
CA ARG K 215 -24.14 -52.49 76.66
C ARG K 215 -25.29 -53.24 76.04
N CYS K 216 -25.23 -54.56 76.09
CA CYS K 216 -26.30 -55.42 75.62
C CYS K 216 -26.38 -56.68 76.48
N SER K 217 -27.58 -57.23 76.64
CA SER K 217 -27.79 -58.50 77.34
C SER K 217 -27.25 -59.71 76.57
N GLU K 218 -26.84 -59.54 75.31
CA GLU K 218 -26.51 -60.60 74.36
C GLU K 218 -25.24 -60.32 73.57
N THR K 219 -24.74 -61.28 72.80
CA THR K 219 -23.87 -60.94 71.67
C THR K 219 -24.70 -60.16 70.65
N LEU K 220 -24.25 -58.98 70.22
CA LEU K 220 -24.95 -58.24 69.16
C LEU K 220 -25.11 -59.11 67.91
N ASP K 221 -26.31 -59.17 67.37
CA ASP K 221 -26.54 -59.80 66.09
C ASP K 221 -25.81 -59.05 64.98
N LYS K 222 -25.35 -59.77 63.96
CA LYS K 222 -24.78 -59.22 62.72
C LYS K 222 -25.62 -58.08 62.14
N PRO K 223 -26.96 -58.18 62.00
CA PRO K 223 -27.80 -57.06 61.61
C PRO K 223 -27.84 -55.89 62.60
N THR K 224 -27.70 -56.10 63.90
CA THR K 224 -27.67 -54.99 64.87
C THR K 224 -26.43 -54.13 64.69
N ILE K 225 -25.27 -54.74 64.50
CA ILE K 225 -24.04 -54.03 64.14
C ILE K 225 -24.23 -53.24 62.85
N ASP K 226 -24.82 -53.84 61.82
CA ASP K 226 -25.06 -53.14 60.55
C ASP K 226 -26.05 -51.98 60.71
N LYS K 227 -27.12 -52.13 61.47
CA LYS K 227 -28.12 -51.08 61.67
C LYS K 227 -27.66 -49.98 62.64
N ILE K 228 -26.67 -50.20 63.50
CA ILE K 228 -25.93 -49.11 64.18
C ILE K 228 -24.96 -48.42 63.22
N ALA K 229 -24.11 -49.15 62.49
CA ALA K 229 -23.14 -48.55 61.58
C ALA K 229 -23.77 -47.82 60.38
N MET K 230 -24.98 -48.19 59.95
CA MET K 230 -25.77 -47.44 58.95
C MET K 230 -26.32 -46.11 59.48
N PHE K 231 -26.20 -45.84 60.79
CA PHE K 231 -26.74 -44.66 61.47
C PHE K 231 -25.70 -43.83 62.20
N CYS K 232 -24.43 -44.22 62.14
CA CYS K 232 -23.30 -43.55 62.78
C CYS K 232 -22.08 -43.59 61.87
N HIS K 233 -21.11 -42.71 62.09
CA HIS K 233 -19.97 -42.56 61.16
C HIS K 233 -18.81 -43.54 61.42
N VAL K 234 -19.13 -44.78 61.76
CA VAL K 234 -18.21 -45.87 62.12
C VAL K 234 -18.33 -47.03 61.14
N GLY K 235 -17.25 -47.74 60.82
CA GLY K 235 -17.37 -49.01 60.10
C GLY K 235 -18.05 -50.07 60.97
N PRO K 236 -18.58 -51.15 60.41
CA PRO K 236 -19.20 -52.21 61.22
C PRO K 236 -18.23 -52.92 62.16
N GLU K 237 -16.92 -52.86 61.90
CA GLU K 237 -15.85 -53.41 62.74
C GLU K 237 -15.49 -52.53 63.96
N GLN K 238 -16.03 -51.31 64.07
CA GLN K 238 -15.90 -50.42 65.24
C GLN K 238 -17.20 -50.28 66.06
N VAL K 239 -18.17 -51.17 65.87
CA VAL K 239 -19.24 -51.36 66.86
C VAL K 239 -18.82 -52.47 67.81
N VAL K 240 -18.06 -52.10 68.84
CA VAL K 240 -17.53 -52.97 69.90
C VAL K 240 -18.68 -53.45 70.80
N ASN K 241 -18.51 -54.56 71.49
CA ASN K 241 -19.53 -55.14 72.35
C ASN K 241 -18.95 -55.79 73.60
N VAL K 242 -19.15 -55.17 74.76
CA VAL K 242 -18.74 -55.70 76.06
C VAL K 242 -19.84 -56.62 76.60
N HIS K 243 -19.93 -57.84 76.07
CA HIS K 243 -20.92 -58.83 76.50
C HIS K 243 -20.51 -59.55 77.80
N ASP K 244 -21.40 -60.40 78.32
CA ASP K 244 -21.09 -61.26 79.47
C ASP K 244 -19.80 -62.07 79.24
N VAL K 245 -18.90 -62.05 80.22
CA VAL K 245 -17.60 -62.74 80.23
C VAL K 245 -17.33 -63.37 81.59
N ASN K 246 -16.40 -64.31 81.67
CA ASN K 246 -16.19 -65.11 82.88
C ASN K 246 -15.85 -64.24 84.10
N SER K 247 -15.09 -63.15 83.90
CA SER K 247 -14.86 -62.14 84.93
C SER K 247 -14.39 -60.83 84.32
N THR K 248 -14.49 -59.74 85.06
CA THR K 248 -14.17 -58.38 84.59
C THR K 248 -12.73 -58.23 84.09
N TYR K 249 -11.79 -59.03 84.59
CA TYR K 249 -10.41 -59.01 84.13
C TYR K 249 -10.23 -59.56 82.72
N HIS K 250 -11.23 -60.22 82.14
CA HIS K 250 -11.20 -60.65 80.74
C HIS K 250 -11.51 -59.52 79.75
N VAL K 251 -12.16 -58.43 80.16
CA VAL K 251 -12.60 -57.40 79.22
C VAL K 251 -11.48 -56.86 78.34
N PRO K 252 -10.25 -56.55 78.78
CA PRO K 252 -9.24 -56.10 77.83
C PRO K 252 -8.86 -57.17 76.80
N LEU K 253 -8.91 -58.45 77.11
CA LEU K 253 -8.75 -59.47 76.07
C LEU K 253 -9.97 -59.50 75.14
N LEU K 254 -11.20 -59.33 75.63
CA LEU K 254 -12.38 -59.22 74.77
C LEU K 254 -12.26 -58.05 73.79
N LEU K 255 -11.88 -56.86 74.26
CA LEU K 255 -11.68 -55.69 73.40
C LEU K 255 -10.58 -55.95 72.37
N LEU K 256 -9.45 -56.51 72.77
CA LEU K 256 -8.35 -56.84 71.87
C LEU K 256 -8.75 -57.90 70.82
N GLU K 257 -9.55 -58.89 71.16
CA GLU K 257 -10.03 -59.89 70.22
C GLU K 257 -11.12 -59.35 69.28
N GLN K 258 -11.91 -58.36 69.71
CA GLN K 258 -12.77 -57.57 68.83
C GLN K 258 -12.00 -56.53 67.98
N LYS K 259 -10.67 -56.67 67.87
CA LYS K 259 -9.78 -55.80 67.07
C LYS K 259 -9.91 -54.32 67.43
N MET K 260 -10.23 -54.02 68.69
CA MET K 260 -10.43 -52.65 69.14
C MET K 260 -9.14 -51.83 69.01
N ILE K 261 -8.01 -52.38 69.46
CA ILE K 261 -6.71 -51.69 69.36
C ILE K 261 -6.14 -51.67 67.95
N ASP K 262 -6.39 -52.66 67.13
CA ASP K 262 -5.91 -52.67 65.76
C ASP K 262 -6.50 -51.53 64.92
N TYR K 263 -7.64 -50.97 65.35
CA TYR K 263 -8.13 -49.69 64.87
C TYR K 263 -7.45 -48.51 65.58
N LEU K 264 -7.42 -48.42 66.91
CA LEU K 264 -6.82 -47.27 67.61
C LEU K 264 -5.35 -47.04 67.24
N HIS K 265 -4.59 -48.08 66.99
CA HIS K 265 -3.25 -47.99 66.44
C HIS K 265 -3.18 -47.13 65.17
N ALA K 266 -4.10 -47.33 64.22
CA ALA K 266 -4.19 -46.55 62.99
C ALA K 266 -4.86 -45.19 63.21
N ARG K 267 -5.98 -45.16 63.95
CA ARG K 267 -6.81 -43.97 64.17
C ARG K 267 -6.11 -42.88 64.98
N LEU K 268 -5.21 -43.26 65.87
CA LEU K 268 -4.31 -42.35 66.61
C LEU K 268 -2.88 -42.38 66.08
N LYS K 269 -2.63 -43.07 64.95
CA LYS K 269 -1.35 -43.17 64.24
C LYS K 269 -0.17 -43.41 65.18
N LEU K 270 -0.28 -44.41 66.06
CA LEU K 270 0.63 -44.65 67.19
C LEU K 270 2.04 -45.13 66.81
N ASP K 271 2.32 -45.44 65.54
CA ASP K 271 3.70 -45.52 65.04
C ASP K 271 4.49 -44.21 65.27
N GLU K 272 3.82 -43.07 65.45
CA GLU K 272 4.48 -41.79 65.70
C GLU K 272 5.02 -41.63 67.14
N ILE K 273 4.75 -42.53 68.07
CA ILE K 273 5.41 -42.52 69.39
C ILE K 273 6.74 -43.27 69.27
N THR K 274 10.82 -46.42 72.69
CA THR K 274 12.12 -46.98 73.08
C THR K 274 12.01 -48.49 73.38
N GLU K 275 13.11 -49.23 73.31
CA GLU K 275 13.12 -50.68 73.55
C GLU K 275 12.54 -51.07 74.92
N GLU K 276 12.76 -50.26 75.96
CA GLU K 276 12.15 -50.46 77.27
C GLU K 276 10.63 -50.49 77.20
N GLU K 277 9.98 -49.59 76.46
CA GLU K 277 8.53 -49.57 76.27
C GLU K 277 8.04 -50.78 75.49
N LYS K 278 8.74 -51.15 74.42
CA LYS K 278 8.38 -52.31 73.59
C LYS K 278 8.44 -53.60 74.42
N GLN K 279 9.48 -53.77 75.22
CA GLN K 279 9.60 -54.89 76.16
C GLN K 279 8.50 -54.86 77.23
N ARG K 280 8.31 -53.75 77.92
CA ARG K 280 7.27 -53.63 78.94
C ARG K 280 5.85 -53.86 78.39
N GLY K 281 5.64 -53.61 77.11
CA GLY K 281 4.41 -53.99 76.42
C GLY K 281 4.24 -55.51 76.34
N LEU K 282 5.24 -56.23 75.83
CA LEU K 282 5.17 -57.69 75.74
C LEU K 282 5.07 -58.35 77.12
N GLU K 283 5.80 -57.85 78.11
CA GLU K 283 5.69 -58.32 79.48
C GLU K 283 4.29 -58.11 80.04
N LEU K 284 3.62 -56.98 79.79
CA LEU K 284 2.25 -56.76 80.27
C LEU K 284 1.28 -57.76 79.64
N LEU K 285 1.42 -58.07 78.36
CA LEU K 285 0.64 -59.15 77.75
C LEU K 285 0.93 -60.50 78.39
N SER K 286 2.19 -60.86 78.64
CA SER K 286 2.52 -62.14 79.27
C SER K 286 1.90 -62.27 80.65
N LYS K 287 1.98 -61.20 81.46
CA LYS K 287 1.36 -61.13 82.78
C LYS K 287 -0.17 -61.15 82.72
N TRP K 288 -0.77 -60.61 81.67
CA TRP K 288 -2.20 -60.76 81.45
C TRP K 288 -2.56 -62.20 81.12
N LYS K 289 -1.82 -62.86 80.23
CA LYS K 289 -2.03 -64.28 79.94
C LYS K 289 -1.88 -65.14 81.20
N ALA K 290 -0.94 -64.82 82.08
CA ALA K 290 -0.79 -65.48 83.38
C ALA K 290 -2.01 -65.32 84.30
N THR K 291 -2.46 -64.10 84.63
CA THR K 291 -3.66 -63.92 85.48
C THR K 291 -4.91 -64.50 84.83
N THR K 292 -5.02 -64.45 83.51
CA THR K 292 -6.11 -65.11 82.80
C THR K 292 -6.02 -66.63 82.93
N GLY K 293 -4.84 -67.21 82.73
CA GLY K 293 -4.61 -68.65 82.90
C GLY K 293 -4.96 -69.10 84.32
N ASN K 294 -4.53 -68.35 85.34
CA ASN K 294 -4.90 -68.58 86.73
C ASN K 294 -6.41 -68.53 87.03
N PHE K 295 -7.25 -68.01 86.14
CA PHE K 295 -8.70 -68.10 86.27
C PHE K 295 -9.22 -69.39 85.66
N ASP K 296 -8.81 -69.74 84.44
CA ASP K 296 -9.18 -71.01 83.81
C ASP K 296 -8.67 -72.23 84.62
N GLU K 297 -7.41 -72.19 85.02
CA GLU K 297 -6.71 -73.20 85.82
C GLU K 297 -7.08 -73.13 87.31
N GLU K 298 -10.53 -74.85 92.41
CA GLU K 298 -11.05 -74.99 93.78
C GLU K 298 -11.39 -73.64 94.44
N THR K 299 -12.45 -73.60 95.25
CA THR K 299 -12.91 -72.38 95.95
C THR K 299 -12.20 -72.09 97.26
N VAL K 300 -12.01 -70.81 97.59
CA VAL K 300 -11.69 -70.29 98.91
C VAL K 300 -12.88 -69.46 99.40
N LYS K 301 -13.43 -69.75 100.58
CA LYS K 301 -14.59 -69.03 101.14
C LYS K 301 -14.08 -68.05 102.19
N ILE K 302 -14.36 -66.76 102.10
CA ILE K 302 -13.90 -65.74 103.08
C ILE K 302 -15.10 -65.00 103.64
N ALA K 303 -15.25 -64.91 104.96
CA ALA K 303 -16.29 -64.07 105.54
C ALA K 303 -15.74 -62.66 105.70
N LEU K 304 -16.36 -61.69 105.05
CA LEU K 304 -16.05 -60.28 105.25
C LEU K 304 -17.11 -59.73 106.19
N VAL K 305 -16.69 -59.30 107.37
CA VAL K 305 -17.56 -58.99 108.50
C VAL K 305 -17.46 -57.50 108.82
N GLY K 306 -18.53 -56.74 108.64
CA GLY K 306 -18.49 -55.31 108.92
C GLY K 306 -19.85 -54.68 109.02
N LYS K 307 -19.88 -53.35 109.22
CA LYS K 307 -21.12 -52.58 109.19
C LYS K 307 -21.71 -52.56 107.77
N TYR K 308 -23.03 -52.66 107.67
CA TYR K 308 -23.83 -52.35 106.48
C TYR K 308 -23.27 -52.96 105.18
N THR K 309 -22.83 -54.21 105.23
CA THR K 309 -22.33 -54.99 104.07
C THR K 309 -23.34 -55.13 102.92
N ASN K 310 -24.61 -54.80 103.15
CA ASN K 310 -25.63 -54.64 102.11
C ASN K 310 -25.21 -53.61 101.05
N LEU K 311 -24.50 -52.56 101.45
CA LEU K 311 -24.01 -51.46 100.62
C LEU K 311 -22.66 -51.84 99.98
N LYS K 312 -22.69 -52.80 99.08
CA LYS K 312 -21.50 -53.53 98.60
C LYS K 312 -20.43 -52.66 97.92
N ASP K 313 -20.80 -51.55 97.29
CA ASP K 313 -19.81 -50.57 96.78
C ASP K 313 -18.98 -49.92 97.89
N SER K 314 -19.49 -49.87 99.13
CA SER K 314 -18.78 -49.29 100.26
C SER K 314 -17.53 -50.08 100.66
N TYR K 315 -17.38 -51.31 100.16
CA TYR K 315 -16.21 -52.17 100.35
C TYR K 315 -15.50 -52.50 99.03
N LEU K 316 -15.71 -51.72 97.97
CA LEU K 316 -15.24 -52.08 96.62
C LEU K 316 -13.75 -52.40 96.56
N SER K 317 -12.87 -51.60 97.18
CA SER K 317 -11.43 -51.84 97.08
C SER K 317 -11.03 -53.14 97.73
N VAL K 318 -11.65 -53.47 98.86
CA VAL K 318 -11.43 -54.73 99.57
C VAL K 318 -11.76 -55.91 98.68
N ILE K 319 -12.90 -55.88 97.96
CA ILE K 319 -13.26 -56.95 97.03
C ILE K 319 -12.20 -57.10 95.96
N LYS K 320 -11.79 -56.02 95.31
CA LYS K 320 -10.79 -56.09 94.24
C LYS K 320 -9.44 -56.58 94.75
N ALA K 321 -9.02 -56.21 95.96
CA ALA K 321 -7.78 -56.73 96.56
C ALA K 321 -7.83 -58.25 96.81
N LEU K 322 -8.98 -58.79 97.19
CA LEU K 322 -9.18 -60.23 97.29
C LEU K 322 -9.20 -60.92 95.93
N GLU K 323 -9.77 -60.29 94.89
CA GLU K 323 -9.76 -60.84 93.53
C GLU K 323 -8.34 -60.93 92.98
N HIS K 324 -7.53 -59.87 93.09
CA HIS K 324 -6.18 -59.86 92.53
C HIS K 324 -5.33 -60.96 93.13
N SER K 325 -5.42 -61.14 94.44
CA SER K 325 -4.72 -62.18 95.18
C SER K 325 -5.24 -63.58 94.85
N SER K 326 -6.55 -63.77 94.72
CA SER K 326 -7.13 -65.06 94.40
C SER K 326 -6.69 -65.62 93.05
N MET K 327 -6.42 -64.76 92.06
CA MET K 327 -5.84 -65.19 90.79
C MET K 327 -4.37 -65.59 90.92
N LYS K 328 -3.63 -65.12 91.92
CA LYS K 328 -2.29 -65.62 92.16
C LYS K 328 -2.34 -67.03 92.73
N CYS K 329 -3.24 -67.29 93.68
CA CYS K 329 -3.49 -68.61 94.28
C CYS K 329 -4.21 -69.62 93.37
N ARG K 330 -4.56 -69.25 92.14
CA ARG K 330 -5.36 -70.07 91.20
C ARG K 330 -6.73 -70.52 91.74
N ARG K 331 -7.26 -69.90 92.78
CA ARG K 331 -8.46 -70.37 93.49
C ARG K 331 -9.62 -69.39 93.36
N LYS K 332 -10.83 -69.92 93.25
CA LYS K 332 -12.04 -69.16 93.02
C LYS K 332 -12.47 -68.49 94.33
N LEU K 333 -12.74 -67.20 94.28
CA LEU K 333 -13.09 -66.42 95.48
C LEU K 333 -14.59 -66.44 95.72
N ASP K 334 -14.98 -66.71 96.96
CA ASP K 334 -16.37 -66.68 97.40
C ASP K 334 -16.52 -65.86 98.68
N ILE K 335 -16.72 -64.55 98.54
CA ILE K 335 -16.92 -63.67 99.71
C ILE K 335 -18.31 -63.92 100.29
N LYS K 336 -18.38 -64.31 101.56
CA LYS K 336 -19.63 -64.27 102.33
C LYS K 336 -19.74 -62.89 102.97
N TRP K 337 -20.83 -62.19 102.71
CA TRP K 337 -21.13 -60.90 103.29
C TRP K 337 -21.88 -61.06 104.61
N VAL K 338 -21.26 -60.65 105.71
CA VAL K 338 -21.84 -60.72 107.05
C VAL K 338 -22.09 -59.31 107.58
N GLU K 339 -23.30 -58.98 107.97
CA GLU K 339 -23.51 -57.79 108.80
C GLU K 339 -23.00 -58.08 110.19
N ALA K 340 -22.01 -57.31 110.65
CA ALA K 340 -21.39 -57.52 111.94
C ALA K 340 -22.39 -57.50 113.09
N THR K 341 -23.38 -56.62 113.07
CA THR K 341 -24.37 -56.55 114.14
C THR K 341 -25.25 -57.79 114.25
N ASP K 342 -25.42 -58.57 113.18
CA ASP K 342 -26.20 -59.81 113.25
C ASP K 342 -25.47 -60.94 113.99
N LEU K 343 -24.19 -60.80 114.30
CA LEU K 343 -23.46 -61.75 115.14
C LEU K 343 -23.74 -61.57 116.62
N GLU K 344 -24.28 -60.43 117.03
CA GLU K 344 -24.38 -60.07 118.45
C GLU K 344 -25.31 -60.99 119.26
N PRO K 345 -25.01 -61.27 120.54
CA PRO K 345 -25.92 -62.00 121.43
C PRO K 345 -27.31 -61.37 121.59
N GLU K 346 -27.43 -60.06 121.39
CA GLU K 346 -28.72 -59.34 121.38
C GLU K 346 -29.54 -59.62 120.10
N ALA K 347 -28.88 -59.83 118.96
CA ALA K 347 -29.57 -60.09 117.70
C ALA K 347 -30.38 -61.40 117.76
N GLN K 348 -29.97 -62.35 118.60
CA GLN K 348 -30.62 -63.66 118.75
C GLN K 348 -32.08 -63.56 119.20
N GLU K 349 -32.44 -62.62 120.08
CA GLU K 349 -33.85 -62.39 120.41
C GLU K 349 -34.53 -61.39 119.47
N SER K 350 -33.78 -60.44 118.91
CA SER K 350 -34.34 -59.36 118.09
C SER K 350 -34.72 -59.83 116.69
N ASN K 351 -33.86 -60.58 116.02
CA ASN K 351 -33.97 -60.96 114.61
C ASN K 351 -33.31 -62.32 114.34
N LYS K 352 -33.77 -63.36 115.04
CA LYS K 352 -33.08 -64.66 115.16
C LYS K 352 -32.66 -65.26 113.82
N THR K 353 -33.49 -65.17 112.78
CA THR K 353 -33.24 -65.82 111.48
C THR K 353 -31.95 -65.32 110.85
N LYS K 354 -31.76 -64.00 110.79
CA LYS K 354 -30.56 -63.40 110.20
C LYS K 354 -29.32 -63.66 111.03
N PHE K 355 -29.47 -63.75 112.35
CA PHE K 355 -28.40 -64.12 113.26
C PHE K 355 -27.84 -65.53 112.97
N HIS K 356 -28.70 -66.52 112.69
CA HIS K 356 -28.21 -67.83 112.25
C HIS K 356 -27.53 -67.78 110.89
N GLU K 357 -28.05 -67.01 109.93
CA GLU K 357 -27.38 -66.87 108.63
C GLU K 357 -25.98 -66.27 108.78
N ALA K 358 -25.84 -65.24 109.62
CA ALA K 358 -24.56 -64.62 109.90
C ALA K 358 -23.57 -65.59 110.53
N TRP K 359 -24.00 -66.35 111.55
CA TRP K 359 -23.12 -67.30 112.19
C TRP K 359 -22.78 -68.51 111.34
N ASN K 360 -23.68 -68.98 110.47
CA ASN K 360 -23.31 -70.02 109.51
C ASN K 360 -22.19 -69.55 108.59
N MET K 361 -22.25 -68.31 108.08
CA MET K 361 -21.19 -67.77 107.24
C MET K 361 -19.87 -67.74 107.99
N VAL K 362 -19.84 -67.21 109.21
CA VAL K 362 -18.61 -67.16 110.03
C VAL K 362 -18.04 -68.55 110.28
N SER K 363 -18.89 -69.53 110.58
CA SER K 363 -18.52 -70.92 110.83
C SER K 363 -18.05 -71.68 109.60
N THR K 364 -18.54 -71.32 108.41
CA THR K 364 -18.19 -71.96 107.15
C THR K 364 -16.84 -71.49 106.63
N ALA K 365 -16.51 -70.22 106.81
CA ALA K 365 -15.46 -69.58 106.05
C ALA K 365 -14.05 -70.14 106.32
N ASP K 366 -13.24 -70.25 105.27
CA ASP K 366 -11.83 -70.62 105.35
C ASP K 366 -10.93 -69.49 105.82
N GLY K 367 -11.43 -68.27 105.85
CA GLY K 367 -10.74 -67.10 106.37
C GLY K 367 -11.72 -66.05 106.87
N ILE K 368 -11.31 -65.20 107.80
CA ILE K 368 -12.11 -64.08 108.28
C ILE K 368 -11.41 -62.77 107.94
N LEU K 369 -12.19 -61.74 107.64
CA LEU K 369 -11.71 -60.44 107.21
C LEU K 369 -12.56 -59.37 107.86
N ILE K 370 -11.96 -58.52 108.67
CA ILE K 370 -12.62 -57.35 109.25
C ILE K 370 -12.10 -56.14 108.47
N PRO K 371 -12.94 -55.41 107.71
CA PRO K 371 -12.49 -54.67 106.52
C PRO K 371 -12.16 -53.19 106.74
N GLY K 372 -12.12 -52.70 107.97
CA GLY K 372 -11.92 -51.27 108.23
C GLY K 372 -13.19 -50.46 108.08
N GLY K 373 -14.22 -50.85 108.81
CA GLY K 373 -15.54 -50.22 108.78
C GLY K 373 -15.58 -48.76 109.21
N PHE K 374 -16.73 -48.14 108.99
CA PHE K 374 -17.02 -46.73 109.33
C PHE K 374 -17.93 -46.67 110.57
N GLY K 375 -17.50 -45.92 111.59
CA GLY K 375 -18.24 -45.76 112.85
C GLY K 375 -18.27 -46.98 113.77
N VAL K 376 -18.96 -46.88 114.90
CA VAL K 376 -18.84 -47.86 116.01
C VAL K 376 -19.79 -49.05 115.93
N ARG K 377 -20.94 -48.94 115.25
CA ARG K 377 -22.10 -49.84 115.38
C ARG K 377 -21.76 -51.33 115.34
N GLY K 378 -21.00 -51.78 114.35
CA GLY K 378 -20.69 -53.21 114.15
C GLY K 378 -19.74 -53.83 115.17
N THR K 379 -19.11 -53.03 116.04
CA THR K 379 -17.94 -53.44 116.83
C THR K 379 -18.18 -54.73 117.61
N GLU K 380 -19.32 -54.85 118.30
CA GLU K 380 -19.53 -55.98 119.22
C GLU K 380 -19.53 -57.33 118.49
N GLY K 381 -20.10 -57.42 117.30
CA GLY K 381 -20.02 -58.64 116.51
C GLY K 381 -18.63 -58.88 115.92
N MET K 382 -17.95 -57.84 115.47
CA MET K 382 -16.59 -57.94 114.93
C MET K 382 -15.60 -58.45 115.98
N VAL K 383 -15.82 -58.18 117.26
CA VAL K 383 -15.05 -58.78 118.36
C VAL K 383 -15.20 -60.31 118.36
N LEU K 384 -16.42 -60.82 118.29
CA LEU K 384 -16.71 -62.26 118.30
C LEU K 384 -16.19 -62.96 117.03
N ALA K 385 -16.18 -62.29 115.88
CA ALA K 385 -15.52 -62.79 114.69
C ALA K 385 -13.98 -62.87 114.84
N ALA K 386 -13.35 -61.91 115.51
CA ALA K 386 -11.91 -61.96 115.78
C ALA K 386 -11.55 -63.07 116.79
N ARG K 387 -12.38 -63.28 117.81
CA ARG K 387 -12.28 -64.35 118.82
C ARG K 387 -12.39 -65.73 118.18
N TRP K 388 -13.33 -65.88 117.27
CA TRP K 388 -13.53 -67.09 116.50
C TRP K 388 -12.29 -67.52 115.72
N ALA K 389 -11.56 -66.57 115.14
CA ALA K 389 -10.32 -66.85 114.42
C ALA K 389 -9.05 -66.85 115.29
N ARG K 390 -9.05 -66.23 116.48
CA ARG K 390 -7.94 -66.34 117.41
C ARG K 390 -7.87 -67.75 117.97
N GLU K 391 -9.00 -68.26 118.47
CA GLU K 391 -9.05 -69.50 119.24
C GLU K 391 -8.94 -70.73 118.35
N ASN K 392 -9.91 -70.92 117.46
CA ASN K 392 -9.81 -71.87 116.36
C ASN K 392 -8.85 -71.29 115.33
N HIS K 393 -7.89 -72.04 114.80
CA HIS K 393 -6.83 -71.50 113.93
C HIS K 393 -7.25 -71.09 112.50
N ILE K 394 -8.35 -70.35 112.34
CA ILE K 394 -8.83 -69.77 111.08
C ILE K 394 -7.90 -68.63 110.64
N PRO K 395 -7.45 -68.53 109.39
CA PRO K 395 -6.76 -67.36 108.85
C PRO K 395 -7.58 -66.07 108.99
N PHE K 396 -6.91 -64.96 109.29
CA PHE K 396 -7.55 -63.68 109.58
C PHE K 396 -6.75 -62.50 109.02
N LEU K 397 -7.45 -61.48 108.54
CA LEU K 397 -6.87 -60.15 108.34
C LEU K 397 -7.79 -59.08 108.91
N GLY K 398 -7.24 -58.19 109.74
CA GLY K 398 -7.93 -57.01 110.20
C GLY K 398 -7.35 -55.77 109.54
N VAL K 399 -8.18 -54.95 108.93
CA VAL K 399 -7.78 -53.70 108.29
C VAL K 399 -8.30 -52.52 109.08
N CYS K 400 -7.44 -51.60 109.50
CA CYS K 400 -7.78 -50.39 110.27
C CYS K 400 -8.61 -50.69 111.53
N LEU K 401 -9.92 -50.42 111.53
CA LEU K 401 -10.82 -50.86 112.61
C LEU K 401 -10.68 -52.36 112.89
N GLY K 402 -10.26 -53.17 111.94
CA GLY K 402 -9.95 -54.57 112.16
C GLY K 402 -8.72 -54.78 113.02
N LEU K 403 -7.65 -53.99 112.93
CA LEU K 403 -6.55 -54.06 113.89
C LEU K 403 -7.01 -53.60 115.26
N GLN K 404 -7.78 -52.52 115.29
CA GLN K 404 -8.38 -52.00 116.51
C GLN K 404 -9.16 -53.12 117.19
N ILE K 405 -9.97 -53.88 116.45
CA ILE K 405 -10.79 -54.97 116.99
C ILE K 405 -9.99 -56.25 117.25
N ALA K 406 -8.95 -56.56 116.49
CA ALA K 406 -8.01 -57.60 116.86
C ALA K 406 -7.34 -57.31 118.21
N THR K 407 -7.02 -56.05 118.50
CA THR K 407 -6.40 -55.66 119.76
C THR K 407 -7.42 -55.58 120.90
N ILE K 408 -8.60 -55.01 120.68
CA ILE K 408 -9.69 -55.06 121.65
C ILE K 408 -10.02 -56.51 121.99
N GLU K 409 -10.10 -57.43 121.04
CA GLU K 409 -10.44 -58.82 121.35
C GLU K 409 -9.32 -59.50 122.15
N PHE K 410 -8.07 -59.42 121.68
CA PHE K 410 -6.95 -60.01 122.39
C PHE K 410 -6.83 -59.44 123.82
N THR K 411 -7.09 -58.15 124.02
CA THR K 411 -7.23 -57.57 125.36
C THR K 411 -8.38 -58.20 126.13
N ARG K 412 -9.59 -58.21 125.56
CA ARG K 412 -10.86 -58.65 126.16
C ARG K 412 -10.92 -60.16 126.47
N SER K 413 -10.00 -60.98 125.96
CA SER K 413 -10.04 -62.44 126.11
C SER K 413 -8.73 -63.07 126.56
N VAL K 414 -7.58 -62.51 126.22
CA VAL K 414 -6.28 -63.04 126.62
C VAL K 414 -5.77 -62.34 127.89
N LEU K 415 -5.96 -61.03 128.03
CA LEU K 415 -5.61 -60.28 129.26
C LEU K 415 -6.75 -60.20 130.30
N GLY K 416 -7.89 -60.85 130.06
CA GLY K 416 -9.13 -60.57 130.80
C GLY K 416 -9.73 -59.23 130.38
N ARG K 417 -9.66 -58.20 131.25
CA ARG K 417 -9.99 -56.78 130.96
C ARG K 417 -11.30 -56.58 130.18
N LYS K 418 -12.38 -57.25 130.61
CA LYS K 418 -13.66 -57.34 129.86
C LYS K 418 -14.35 -55.99 129.60
N ASP K 419 -14.03 -54.95 130.36
CA ASP K 419 -14.54 -53.58 130.17
C ASP K 419 -13.87 -52.80 129.02
N SER K 420 -12.75 -53.28 128.44
CA SER K 420 -11.99 -52.52 127.44
C SER K 420 -12.74 -52.33 126.12
N HIS K 421 -12.52 -51.20 125.47
CA HIS K 421 -13.32 -50.70 124.34
C HIS K 421 -12.49 -49.70 123.52
N SER K 422 -12.94 -49.35 122.32
CA SER K 422 -12.37 -48.26 121.53
C SER K 422 -12.40 -46.92 122.28
N ALA K 423 -11.46 -46.02 121.98
CA ALA K 423 -11.48 -44.64 122.49
C ALA K 423 -12.75 -43.87 122.13
N GLU K 424 -13.52 -44.35 121.15
CA GLU K 424 -14.86 -43.87 120.83
C GLU K 424 -15.81 -43.81 122.06
N PHE K 425 -15.73 -44.78 122.99
CA PHE K 425 -16.46 -44.75 124.27
C PHE K 425 -15.68 -43.91 125.30
N TYR K 426 -15.55 -42.62 124.96
CA TYR K 426 -14.70 -41.65 125.63
C TYR K 426 -14.83 -41.60 127.18
N PRO K 427 -16.03 -41.52 127.78
CA PRO K 427 -16.16 -41.26 129.23
C PRO K 427 -15.82 -42.46 130.14
N ASP K 428 -15.48 -43.63 129.60
CA ASP K 428 -14.92 -44.72 130.41
C ASP K 428 -13.45 -44.45 130.85
N ILE K 429 -12.72 -43.62 130.10
CA ILE K 429 -11.35 -43.15 130.35
C ILE K 429 -10.32 -44.28 130.59
N ASP K 430 -10.29 -44.89 131.77
CA ASP K 430 -9.23 -45.80 132.23
C ASP K 430 -9.07 -47.05 131.36
N GLU K 431 -10.16 -47.52 130.73
CA GLU K 431 -10.22 -48.76 129.93
C GLU K 431 -10.24 -48.55 128.40
N LYS K 432 -10.01 -47.32 127.93
CA LYS K 432 -9.86 -47.02 126.49
C LYS K 432 -8.66 -47.77 125.94
N ASN K 433 -8.88 -48.61 124.92
CA ASN K 433 -7.85 -49.41 124.25
C ASN K 433 -6.99 -48.59 123.28
N HIS K 434 -7.37 -47.36 122.96
CA HIS K 434 -6.79 -46.51 121.92
C HIS K 434 -6.52 -45.08 122.42
N VAL K 435 -5.76 -44.31 121.65
CA VAL K 435 -5.47 -42.88 121.89
C VAL K 435 -5.64 -42.08 120.60
N VAL K 436 -6.12 -40.85 120.72
CA VAL K 436 -6.22 -39.89 119.62
C VAL K 436 -4.84 -39.53 119.06
N VAL K 437 -4.74 -39.43 117.74
CA VAL K 437 -3.55 -38.98 117.03
C VAL K 437 -3.95 -38.28 115.72
N PHE K 438 -4.37 -37.00 115.81
CA PHE K 438 -4.89 -36.23 114.67
C PHE K 438 -3.81 -35.75 113.67
N MET K 439 -2.53 -35.64 114.08
CA MET K 439 -1.44 -35.02 113.31
C MET K 439 -1.81 -33.68 112.68
N MET K 440 -6.60 -36.12 111.01
CA MET K 440 -6.49 -37.49 110.53
C MET K 440 -5.14 -37.78 109.88
N ARG K 441 -4.52 -38.94 110.18
CA ARG K 441 -3.35 -39.43 109.46
C ARG K 441 -3.79 -39.97 108.11
N LEU K 442 -3.20 -39.48 107.02
CA LEU K 442 -3.60 -39.74 105.63
C LEU K 442 -2.40 -40.01 104.72
N GLY K 443 -2.67 -40.54 103.54
CA GLY K 443 -1.70 -40.65 102.45
C GLY K 443 -0.60 -41.68 102.66
N LEU K 444 0.31 -41.77 101.69
CA LEU K 444 1.40 -42.72 101.69
C LEU K 444 2.41 -42.35 102.76
N ARG K 445 2.50 -43.19 103.79
CA ARG K 445 3.55 -43.09 104.83
C ARG K 445 4.33 -44.42 104.90
N PRO K 446 5.62 -44.41 105.29
CA PRO K 446 6.38 -45.64 105.45
C PRO K 446 5.90 -46.47 106.65
N THR K 447 6.32 -47.73 106.73
CA THR K 447 6.27 -48.57 107.93
C THR K 447 7.46 -49.51 107.95
N PHE K 448 8.10 -49.68 109.11
CA PHE K 448 9.39 -50.35 109.28
C PHE K 448 9.20 -51.59 110.14
N PHE K 449 9.73 -52.73 109.71
CA PHE K 449 9.65 -53.96 110.50
C PHE K 449 10.52 -53.87 111.75
N GLN K 450 10.06 -54.44 112.86
CA GLN K 450 10.87 -54.51 114.09
C GLN K 450 11.99 -55.55 113.91
N ASN K 451 13.24 -55.17 114.17
CA ASN K 451 14.42 -55.83 113.56
C ASN K 451 14.67 -57.30 113.94
N GLU K 452 13.99 -57.84 114.95
CA GLU K 452 14.11 -59.22 115.44
C GLU K 452 13.10 -60.19 114.80
N THR K 453 12.04 -59.70 114.15
CA THR K 453 10.84 -60.51 113.82
C THR K 453 11.00 -61.37 112.55
N GLU K 454 12.11 -62.10 112.44
CA GLU K 454 12.45 -62.98 111.31
C GLU K 454 11.48 -64.15 111.12
N TRP K 455 10.73 -64.51 112.16
CA TRP K 455 9.73 -65.58 112.15
C TRP K 455 8.46 -65.21 111.38
N SER K 456 8.17 -63.91 111.21
CA SER K 456 6.89 -63.38 110.74
C SER K 456 6.46 -63.91 109.38
N GLN K 457 5.21 -64.34 109.26
CA GLN K 457 4.64 -64.72 107.98
C GLN K 457 4.46 -63.49 107.07
N ILE K 458 3.99 -62.37 107.60
CA ILE K 458 3.74 -61.19 106.78
C ILE K 458 5.03 -60.56 106.26
N LYS K 459 6.07 -60.39 107.08
CA LYS K 459 7.33 -59.79 106.58
C LYS K 459 8.09 -60.71 105.64
N LYS K 460 7.75 -62.01 105.59
CA LYS K 460 8.20 -62.92 104.53
C LYS K 460 7.51 -62.61 103.21
N LEU K 461 6.19 -62.40 103.19
CA LEU K 461 5.46 -62.02 101.95
C LEU K 461 5.98 -60.73 101.31
N TYR K 462 6.37 -59.74 102.11
CA TYR K 462 7.05 -58.52 101.64
C TYR K 462 8.49 -58.73 101.12
N GLY K 463 8.96 -59.97 100.97
CA GLY K 463 10.23 -60.29 100.31
C GLY K 463 11.48 -60.01 101.14
N ASP K 464 11.35 -59.95 102.47
CA ASP K 464 12.42 -59.55 103.40
C ASP K 464 12.95 -58.11 103.20
N VAL K 465 12.20 -57.25 102.50
CA VAL K 465 12.53 -55.82 102.38
C VAL K 465 12.41 -55.12 103.74
N SER K 466 13.27 -54.15 104.02
CA SER K 466 13.38 -53.45 105.32
C SER K 466 12.18 -52.59 105.70
N GLU K 467 11.44 -52.06 104.74
CA GLU K 467 10.27 -51.22 104.97
C GLU K 467 9.25 -51.31 103.83
N VAL K 468 8.04 -50.86 104.10
CA VAL K 468 6.90 -50.82 103.18
C VAL K 468 6.31 -49.41 103.13
N HIS K 469 5.52 -49.06 102.12
CA HIS K 469 4.84 -47.77 102.06
C HIS K 469 3.35 -47.95 101.75
N GLU K 470 2.46 -47.31 102.50
CA GLU K 470 1.03 -47.66 102.54
C GLU K 470 0.10 -46.47 102.80
N ARG K 471 -1.16 -46.56 102.41
CA ARG K 471 -2.18 -45.52 102.65
C ARG K 471 -2.87 -45.66 104.01
N HIS K 472 -3.20 -44.55 104.65
CA HIS K 472 -3.81 -44.49 105.99
C HIS K 472 -5.07 -43.61 105.98
N ARG K 473 -6.00 -43.77 106.94
CA ARG K 473 -7.19 -42.92 107.12
C ARG K 473 -7.68 -42.84 108.59
N HIS K 474 -6.79 -42.90 109.58
CA HIS K 474 -7.14 -43.14 110.99
C HIS K 474 -6.94 -41.92 111.90
N ARG K 475 -7.86 -41.73 112.86
CA ARG K 475 -7.76 -40.74 113.96
C ARG K 475 -7.39 -41.37 115.32
N TYR K 476 -7.44 -42.69 115.44
CA TYR K 476 -7.09 -43.44 116.65
C TYR K 476 -5.94 -44.43 116.38
N GLU K 477 -5.11 -44.67 117.37
CA GLU K 477 -4.10 -45.73 117.39
C GLU K 477 -4.15 -46.48 118.73
N ILE K 478 -3.62 -47.71 118.79
CA ILE K 478 -3.58 -48.49 120.04
C ILE K 478 -2.71 -47.75 121.07
N ASN K 479 -3.18 -47.65 122.33
CA ASN K 479 -2.52 -46.85 123.36
C ASN K 479 -1.11 -47.40 123.65
N PRO K 480 -0.02 -46.65 123.39
CA PRO K 480 1.35 -47.14 123.55
C PRO K 480 1.66 -47.71 124.92
N LYS K 481 1.00 -47.21 125.96
CA LYS K 481 1.11 -47.67 127.35
C LYS K 481 0.88 -49.19 127.48
N MET K 482 -0.06 -49.73 126.70
CA MET K 482 -0.43 -51.15 126.73
C MET K 482 0.45 -52.04 125.86
N VAL K 483 1.18 -51.50 124.89
CA VAL K 483 1.78 -52.30 123.82
C VAL K 483 2.83 -53.29 124.33
N ASP K 484 3.57 -52.97 125.40
CA ASP K 484 4.49 -53.95 126.01
C ASP K 484 3.76 -55.18 126.52
N GLU K 485 2.58 -55.01 127.11
CA GLU K 485 1.76 -56.10 127.64
C GLU K 485 1.28 -57.02 126.53
N LEU K 486 0.83 -56.44 125.41
CA LEU K 486 0.41 -57.14 124.21
C LEU K 486 1.60 -57.85 123.54
N GLU K 487 2.76 -57.20 123.40
CA GLU K 487 3.98 -57.83 122.86
C GLU K 487 4.44 -59.01 123.73
N ASN K 488 4.44 -58.85 125.06
CA ASN K 488 4.83 -59.90 126.01
C ASN K 488 3.86 -61.10 126.01
N ASN K 489 2.56 -60.86 125.79
CA ASN K 489 1.56 -61.92 125.67
C ASN K 489 1.48 -62.57 124.28
N GLY K 490 2.14 -62.01 123.26
CA GLY K 490 2.32 -62.64 121.96
C GLY K 490 1.64 -61.96 120.78
N LEU K 491 0.87 -60.90 121.00
CA LEU K 491 0.29 -60.07 119.95
C LEU K 491 1.36 -59.11 119.41
N ILE K 492 2.43 -59.64 118.80
CA ILE K 492 3.64 -58.91 118.49
C ILE K 492 3.39 -57.86 117.39
N PHE K 493 3.64 -56.59 117.66
CA PHE K 493 3.53 -55.52 116.68
C PHE K 493 4.72 -55.50 115.72
N VAL K 494 4.69 -56.36 114.70
CA VAL K 494 5.82 -56.60 113.79
C VAL K 494 6.20 -55.40 112.89
N GLY K 495 5.39 -54.35 112.84
CA GLY K 495 5.71 -53.13 112.12
C GLY K 495 5.24 -51.87 112.83
N LYS K 496 6.08 -50.85 112.84
CA LYS K 496 5.78 -49.54 113.43
C LYS K 496 6.26 -48.42 112.50
N ASP K 497 5.91 -47.20 112.84
CA ASP K 497 6.26 -46.01 112.07
C ASP K 497 7.74 -45.59 112.26
N ASP K 498 8.10 -44.49 111.61
CA ASP K 498 9.41 -43.85 111.75
C ASP K 498 9.81 -43.58 113.22
N THR K 499 8.90 -43.09 114.07
CA THR K 499 9.18 -42.80 115.48
C THR K 499 9.24 -44.04 116.37
N GLY K 500 8.60 -45.13 115.97
CA GLY K 500 8.40 -46.32 116.79
C GLY K 500 7.29 -46.19 117.84
N LYS K 501 6.55 -45.07 117.85
CA LYS K 501 5.45 -44.83 118.78
C LYS K 501 4.12 -45.40 118.27
N ARG K 502 3.94 -45.57 116.96
CA ARG K 502 2.66 -45.88 116.30
C ARG K 502 2.55 -47.35 115.89
N CYS K 503 1.42 -47.98 116.20
CA CYS K 503 1.10 -49.37 115.91
C CYS K 503 0.63 -49.59 114.45
N GLU K 504 1.49 -50.00 113.53
CA GLU K 504 1.15 -50.07 112.11
C GLU K 504 0.76 -51.48 111.62
N ILE K 505 1.36 -52.54 112.17
CA ILE K 505 1.04 -53.95 111.87
C ILE K 505 1.05 -54.76 113.17
N LEU K 506 0.18 -55.75 113.33
CA LEU K 506 0.39 -56.83 114.31
C LEU K 506 0.34 -58.21 113.66
N GLU K 507 1.08 -59.15 114.23
CA GLU K 507 0.95 -60.57 113.96
C GLU K 507 0.92 -61.31 115.29
N LEU K 508 -0.05 -62.20 115.48
CA LEU K 508 -0.09 -63.05 116.65
C LEU K 508 0.92 -64.18 116.50
N LYS K 509 1.91 -64.25 117.38
CA LYS K 509 2.98 -65.26 117.40
C LYS K 509 2.38 -66.67 117.46
N ASN K 510 2.87 -67.58 116.62
CA ASN K 510 2.47 -68.99 116.55
C ASN K 510 0.95 -69.20 116.32
N HIS K 511 0.43 -68.56 115.27
CA HIS K 511 -0.87 -68.84 114.65
C HIS K 511 -0.69 -68.95 113.13
N PRO K 512 -1.39 -69.82 112.38
CA PRO K 512 -1.15 -70.02 110.95
C PRO K 512 -1.19 -68.78 110.07
N TYR K 513 -2.08 -67.82 110.35
CA TYR K 513 -2.12 -66.50 109.72
C TYR K 513 -3.10 -65.59 110.45
N TYR K 514 -2.64 -64.76 111.37
CA TYR K 514 -3.49 -63.81 112.07
C TYR K 514 -2.78 -62.48 112.08
N ILE K 515 -3.13 -61.64 111.12
CA ILE K 515 -2.53 -60.35 110.83
C ILE K 515 -3.55 -59.28 111.06
N ALA K 516 -3.10 -58.10 111.48
CA ALA K 516 -3.86 -56.91 111.18
C ALA K 516 -2.94 -55.77 110.77
N THR K 517 -3.46 -54.79 110.05
CA THR K 517 -2.78 -53.58 109.58
C THR K 517 -3.58 -52.35 109.99
N GLN K 518 -2.94 -51.32 110.50
CA GLN K 518 -3.64 -50.05 110.77
C GLN K 518 -3.94 -49.31 109.46
N TYR K 519 -3.05 -49.42 108.47
CA TYR K 519 -3.28 -48.95 107.12
C TYR K 519 -4.34 -49.78 106.39
N HIS K 520 -4.78 -49.25 105.25
CA HIS K 520 -5.67 -49.89 104.28
C HIS K 520 -4.88 -50.42 103.08
N PRO K 521 -4.43 -51.70 103.07
CA PRO K 521 -3.61 -52.26 101.99
C PRO K 521 -4.34 -52.43 100.65
N GLU K 522 -5.66 -52.50 100.66
CA GLU K 522 -6.49 -52.56 99.47
C GLU K 522 -6.40 -51.32 98.58
N TYR K 523 -5.88 -50.20 99.08
CA TYR K 523 -5.61 -49.02 98.28
C TYR K 523 -4.27 -49.07 97.57
N THR K 524 -3.52 -50.18 97.62
CA THR K 524 -2.35 -50.39 96.73
C THR K 524 -2.29 -51.77 96.09
N SER K 525 -3.35 -52.58 96.19
CA SER K 525 -3.45 -53.82 95.44
C SER K 525 -3.54 -53.56 93.94
N LYS K 526 -2.74 -54.24 93.13
CA LYS K 526 -2.74 -54.17 91.65
C LYS K 526 -2.92 -55.57 91.05
N VAL K 527 -3.44 -55.69 89.84
CA VAL K 527 -3.82 -56.98 89.27
C VAL K 527 -2.62 -57.89 89.02
N LEU K 528 -1.44 -57.35 88.69
CA LEU K 528 -0.21 -58.15 88.54
C LEU K 528 0.66 -58.21 89.81
N ASP K 529 0.43 -57.31 90.78
CA ASP K 529 1.13 -57.24 92.06
C ASP K 529 0.12 -57.11 93.21
N PRO K 530 -0.41 -58.22 93.75
CA PRO K 530 -1.47 -58.16 94.75
C PRO K 530 -0.96 -57.66 96.09
N SER K 531 -1.77 -56.94 96.87
CA SER K 531 -1.31 -56.37 98.14
C SER K 531 -1.04 -57.48 99.14
N LYS K 532 0.16 -57.52 99.70
CA LYS K 532 0.68 -58.65 100.46
C LYS K 532 -0.18 -59.11 101.65
N PRO K 533 -0.78 -58.25 102.49
CA PRO K 533 -1.64 -58.69 103.58
C PRO K 533 -2.88 -59.46 103.10
N PHE K 534 -3.43 -59.10 101.95
CA PHE K 534 -4.54 -59.84 101.32
C PHE K 534 -4.08 -61.09 100.61
N LEU K 535 -2.88 -61.11 100.01
CA LEU K 535 -2.35 -62.35 99.44
C LEU K 535 -2.16 -63.42 100.51
N GLY K 536 -1.61 -63.06 101.67
CA GLY K 536 -1.48 -63.97 102.79
C GLY K 536 -2.81 -64.52 103.30
N LEU K 537 -3.86 -63.69 103.41
CA LEU K 537 -5.19 -64.14 103.82
C LEU K 537 -5.75 -65.18 102.86
N VAL K 538 -5.68 -64.96 101.54
CA VAL K 538 -6.19 -65.95 100.59
C VAL K 538 -5.31 -67.19 100.63
N ALA K 539 -3.98 -67.04 100.56
CA ALA K 539 -3.09 -68.19 100.52
C ALA K 539 -3.19 -69.08 101.77
N ALA K 540 -3.33 -68.51 102.95
CA ALA K 540 -3.55 -69.30 104.16
C ALA K 540 -4.96 -69.90 104.19
N SER K 541 -5.99 -69.24 103.68
CA SER K 541 -7.33 -69.82 103.52
C SER K 541 -7.31 -71.02 102.58
N ALA K 542 -6.49 -70.97 101.53
CA ALA K 542 -6.19 -72.08 100.63
C ALA K 542 -5.24 -73.14 101.24
N GLY K 543 -4.65 -72.88 102.40
CA GLY K 543 -3.70 -73.77 103.05
C GLY K 543 -2.36 -73.91 102.31
N ILE K 544 -2.00 -72.92 101.49
CA ILE K 544 -0.85 -72.93 100.58
C ILE K 544 0.18 -71.83 100.86
N LEU K 545 0.03 -71.11 101.97
CA LEU K 545 0.80 -69.90 102.32
C LEU K 545 2.30 -70.10 102.20
N GLN K 546 2.83 -71.21 102.71
CA GLN K 546 4.26 -71.54 102.61
C GLN K 546 4.77 -71.48 101.17
N ASP K 547 4.02 -72.07 100.25
CA ASP K 547 4.45 -72.28 98.87
C ASP K 547 4.34 -71.00 98.02
N VAL K 548 3.39 -70.12 98.38
CA VAL K 548 3.29 -68.76 97.85
C VAL K 548 4.48 -67.93 98.28
N ILE K 549 4.92 -68.03 99.54
CA ILE K 549 6.12 -67.33 100.02
C ILE K 549 7.37 -67.89 99.36
N GLU K 550 7.47 -69.20 99.21
CA GLU K 550 8.59 -69.89 98.54
C GLU K 550 8.64 -69.65 97.02
N GLY K 551 7.53 -69.22 96.40
CA GLY K 551 7.50 -68.74 95.01
C GLY K 551 6.85 -69.66 93.98
N LYS K 552 6.04 -70.63 94.39
CA LYS K 552 5.34 -71.59 93.51
C LYS K 552 4.20 -70.97 92.66
N TYR K 553 4.01 -69.66 92.70
CA TYR K 553 2.86 -68.96 92.09
C TYR K 553 3.20 -67.59 91.48
N ASP K 554 4.46 -67.21 91.34
CA ASP K 554 4.84 -66.05 90.51
C ASP K 554 4.52 -66.30 89.02
N LEU K 555 4.21 -65.22 88.28
CA LEU K 555 3.60 -65.29 86.94
C LEU K 555 4.55 -65.75 85.82
N GLU K 556 5.84 -65.38 85.89
CA GLU K 556 6.88 -65.77 84.95
C GLU K 556 8.09 -66.34 85.70
N ALA K 557 8.73 -67.38 85.18
CA ALA K 557 9.85 -68.07 85.83
C ALA K 557 11.04 -67.14 86.10
N MET L 1 -67.73 -34.50 70.57
CA MET L 1 -66.99 -35.76 70.62
C MET L 1 -65.78 -35.67 71.55
N LYS L 2 -65.29 -36.79 72.07
CA LYS L 2 -64.04 -36.89 72.85
C LYS L 2 -63.02 -37.78 72.11
N TYR L 3 -61.73 -37.65 72.37
CA TYR L 3 -60.65 -38.40 71.71
C TYR L 3 -59.52 -38.75 72.68
N VAL L 4 -58.85 -39.89 72.49
CA VAL L 4 -57.69 -40.30 73.31
C VAL L 4 -56.57 -40.75 72.40
N VAL L 5 -55.47 -40.04 72.33
CA VAL L 5 -54.27 -40.53 71.66
C VAL L 5 -53.54 -41.55 72.53
N VAL L 6 -53.04 -42.62 71.94
CA VAL L 6 -52.01 -43.48 72.50
C VAL L 6 -50.82 -43.43 71.58
N SER L 7 -49.64 -43.12 72.10
CA SER L 7 -48.43 -42.88 71.29
C SER L 7 -47.15 -43.24 72.04
N GLY L 8 -45.99 -43.11 71.40
CA GLY L 8 -44.75 -42.82 72.17
C GLY L 8 -43.63 -43.86 72.22
N GLY L 9 -42.67 -43.56 73.10
CA GLY L 9 -41.57 -44.44 73.52
C GLY L 9 -40.23 -44.15 72.86
N VAL L 10 -39.14 -44.73 73.39
CA VAL L 10 -37.82 -44.79 72.71
C VAL L 10 -37.63 -46.01 71.80
N ILE L 11 -38.61 -46.92 71.71
CA ILE L 11 -38.56 -48.16 70.92
C ILE L 11 -39.93 -48.44 70.32
N SER L 12 -39.94 -48.99 69.11
CA SER L 12 -41.13 -49.66 68.58
C SER L 12 -41.30 -51.03 69.27
N GLY L 13 -42.52 -51.50 69.48
CA GLY L 13 -42.79 -52.78 70.17
C GLY L 13 -42.99 -52.67 71.69
N ILE L 14 -43.14 -51.46 72.22
CA ILE L 14 -43.24 -51.17 73.65
C ILE L 14 -44.53 -51.63 74.34
N GLY L 15 -45.64 -51.76 73.61
CA GLY L 15 -46.93 -52.20 74.19
C GLY L 15 -48.19 -51.41 73.82
N LYS L 16 -48.16 -50.52 72.84
CA LYS L 16 -49.28 -49.57 72.55
C LYS L 16 -50.66 -50.25 72.43
N GLY L 17 -50.89 -51.11 71.44
CA GLY L 17 -52.22 -51.72 71.17
C GLY L 17 -52.96 -52.24 72.41
N VAL L 18 -52.28 -52.92 73.35
CA VAL L 18 -52.91 -53.48 74.59
C VAL L 18 -53.27 -52.30 75.50
N LEU L 19 -52.51 -51.20 75.47
CA LEU L 19 -52.83 -49.97 76.25
C LEU L 19 -53.91 -49.21 75.50
N ALA L 20 -54.06 -49.44 74.20
CA ALA L 20 -55.03 -48.70 73.35
C ALA L 20 -56.41 -49.36 73.44
N SER L 21 -56.62 -50.52 72.82
CA SER L 21 -57.97 -51.14 72.81
C SER L 21 -58.30 -51.43 74.26
N SER L 22 -57.37 -51.92 75.05
CA SER L 22 -57.66 -52.03 76.52
C SER L 22 -58.22 -50.75 77.19
N THR L 23 -57.74 -49.56 76.81
CA THR L 23 -58.29 -48.28 77.34
C THR L 23 -59.67 -48.12 76.73
N GLY L 24 -59.87 -48.53 75.47
CA GLY L 24 -61.16 -48.41 74.75
C GLY L 24 -62.18 -49.41 75.27
N MET L 25 -61.75 -50.55 75.81
CA MET L 25 -62.67 -51.58 76.39
C MET L 25 -63.25 -50.98 77.67
N LEU L 26 -62.47 -50.16 78.37
CA LEU L 26 -62.92 -49.53 79.64
C LEU L 26 -63.77 -48.31 79.32
N MET L 27 -63.56 -47.65 78.17
CA MET L 27 -64.52 -46.59 77.83
C MET L 27 -65.93 -47.19 77.68
N LYS L 28 -66.05 -48.38 77.10
CA LYS L 28 -67.30 -49.14 77.02
C LYS L 28 -67.87 -49.57 78.37
N THR L 29 -67.05 -49.78 79.40
CA THR L 29 -67.54 -50.02 80.76
C THR L 29 -68.39 -48.86 81.27
N LEU L 30 -68.08 -47.64 80.86
CA LEU L 30 -68.86 -46.43 81.20
C LEU L 30 -70.17 -46.33 80.41
N GLY L 31 -70.47 -47.28 79.52
CA GLY L 31 -71.62 -47.29 78.61
C GLY L 31 -71.39 -46.59 77.27
N LEU L 32 -70.24 -45.95 77.06
CA LEU L 32 -69.95 -45.11 75.90
C LEU L 32 -70.00 -45.89 74.59
N LYS L 33 -70.42 -45.22 73.52
CA LYS L 33 -70.21 -45.68 72.14
C LYS L 33 -68.73 -45.45 71.81
N VAL L 34 -67.99 -46.43 71.30
CA VAL L 34 -66.52 -46.31 71.17
C VAL L 34 -66.03 -46.75 69.80
N THR L 35 -64.97 -46.13 69.32
CA THR L 35 -64.33 -46.40 68.04
C THR L 35 -62.83 -46.31 68.18
N SER L 36 -62.08 -46.72 67.17
CA SER L 36 -60.63 -46.72 67.20
C SER L 36 -60.03 -46.47 65.82
N ILE L 37 -58.95 -45.74 65.72
CA ILE L 37 -58.22 -45.50 64.48
C ILE L 37 -56.77 -45.86 64.70
N LYS L 38 -56.14 -46.66 63.85
CA LYS L 38 -54.70 -46.90 63.93
C LYS L 38 -53.99 -46.17 62.81
N ILE L 39 -53.12 -45.25 63.20
CA ILE L 39 -52.29 -44.46 62.32
C ILE L 39 -50.98 -45.22 62.15
N ASP L 40 -50.71 -45.69 60.94
CA ASP L 40 -49.49 -46.43 60.63
C ASP L 40 -48.48 -45.58 59.87
N PRO L 41 -47.24 -45.47 60.32
CA PRO L 41 -46.24 -44.70 59.60
C PRO L 41 -45.71 -45.35 58.33
N TYR L 42 -45.99 -46.62 58.05
CA TYR L 42 -45.52 -47.31 56.84
C TYR L 42 -46.21 -46.82 55.57
N MET L 43 -45.56 -47.00 54.42
CA MET L 43 -46.03 -46.47 53.14
C MET L 43 -46.89 -47.41 52.29
N ASN L 44 -47.20 -48.64 52.70
CA ASN L 44 -48.23 -49.44 52.02
C ASN L 44 -49.62 -48.82 52.18
N ILE L 45 -50.41 -48.72 51.13
CA ILE L 45 -51.81 -48.27 51.24
C ILE L 45 -52.70 -49.30 51.94
N ASP L 46 -52.43 -50.58 51.77
CA ASP L 46 -53.16 -51.68 52.39
C ASP L 46 -52.29 -52.94 52.50
N ALA L 47 -52.71 -53.92 53.29
CA ALA L 47 -51.99 -55.19 53.42
C ALA L 47 -52.19 -56.14 52.22
N GLY L 48 -52.95 -55.75 51.20
CA GLY L 48 -53.22 -56.59 50.04
C GLY L 48 -51.97 -56.93 49.22
N THR L 49 -50.95 -56.06 49.25
CA THR L 49 -49.64 -56.35 48.64
C THR L 49 -48.69 -57.07 49.60
N MET L 50 -48.91 -56.98 50.92
CA MET L 50 -47.97 -57.43 51.94
C MET L 50 -48.05 -58.94 52.18
N SER L 51 -47.01 -59.69 51.80
CA SER L 51 -47.00 -61.14 51.98
C SER L 51 -47.04 -61.51 53.46
N PRO L 52 -47.78 -62.55 53.90
CA PRO L 52 -47.91 -62.91 55.32
C PRO L 52 -46.63 -63.28 56.09
N LEU L 53 -45.47 -63.29 55.44
CA LEU L 53 -44.16 -63.54 56.04
C LEU L 53 -43.63 -62.36 56.87
N GLU L 54 -43.89 -61.12 56.47
CA GLU L 54 -43.51 -59.91 57.21
C GLU L 54 -44.68 -58.95 57.31
N HIS L 55 -44.80 -58.30 58.46
CA HIS L 55 -46.02 -57.64 58.96
C HIS L 55 -47.20 -58.58 59.24
N GLY L 56 -47.06 -59.88 58.99
CA GLY L 56 -48.01 -60.89 59.43
C GLY L 56 -49.35 -60.90 58.69
N GLU L 57 -50.37 -61.43 59.36
CA GLU L 57 -51.64 -61.80 58.76
C GLU L 57 -52.44 -60.62 58.19
N CYS L 58 -52.90 -60.72 56.95
CA CYS L 58 -53.80 -59.74 56.34
C CYS L 58 -55.20 -59.83 56.97
N PHE L 59 -55.42 -59.15 58.09
CA PHE L 59 -56.71 -59.17 58.76
C PHE L 59 -57.83 -58.69 57.83
N VAL L 60 -58.98 -59.35 57.84
CA VAL L 60 -60.09 -58.97 56.97
C VAL L 60 -61.42 -58.44 57.55
N LEU L 61 -61.77 -57.29 57.02
CA LEU L 61 -62.91 -56.52 57.49
C LEU L 61 -64.26 -57.12 57.07
N ASP L 62 -65.31 -56.64 57.72
CA ASP L 62 -66.68 -56.70 57.22
C ASP L 62 -66.74 -56.16 55.76
N ASP L 63 -66.12 -55.01 55.51
CA ASP L 63 -65.98 -54.42 54.16
C ASP L 63 -64.94 -55.09 53.26
N GLY L 64 -64.27 -56.15 53.69
CA GLY L 64 -63.41 -56.99 52.84
C GLY L 64 -62.07 -56.40 52.43
N GLY L 65 -61.70 -55.24 52.94
CA GLY L 65 -60.35 -54.70 52.76
C GLY L 65 -59.32 -55.51 53.54
N GLU L 66 -58.15 -55.73 52.95
CA GLU L 66 -57.02 -56.35 53.64
C GLU L 66 -56.25 -55.30 54.45
N THR L 67 -56.62 -55.11 55.71
CA THR L 67 -56.09 -54.05 56.62
C THR L 67 -54.78 -54.39 57.30
N ASP L 68 -54.23 -53.41 58.03
CA ASP L 68 -53.27 -53.66 59.10
C ASP L 68 -53.76 -54.76 60.05
N LEU L 69 -52.88 -55.70 60.43
CA LEU L 69 -53.21 -56.84 61.34
C LEU L 69 -53.71 -56.31 62.68
N ASP L 70 -53.11 -55.24 63.21
CA ASP L 70 -53.44 -54.74 64.57
C ASP L 70 -54.92 -54.34 64.66
N LEU L 71 -55.59 -53.97 63.56
CA LEU L 71 -57.00 -53.46 63.70
C LEU L 71 -57.80 -54.55 64.41
N GLY L 72 -57.46 -55.82 64.16
CA GLY L 72 -58.21 -56.93 64.77
C GLY L 72 -58.24 -56.81 66.27
N ASN L 73 -57.15 -56.37 66.89
CA ASN L 73 -57.05 -56.29 68.37
C ASN L 73 -58.15 -55.35 68.88
N TYR L 74 -58.67 -54.43 68.06
CA TYR L 74 -59.72 -53.44 68.45
C TYR L 74 -61.12 -54.00 68.19
N GLU L 75 -61.26 -54.99 67.33
CA GLU L 75 -62.59 -55.54 66.98
C GLU L 75 -62.88 -56.63 68.02
N ARG L 76 -61.87 -57.11 68.74
CA ARG L 76 -62.04 -58.12 69.82
C ARG L 76 -62.26 -57.33 71.12
N TYR L 77 -61.29 -56.52 71.54
CA TYR L 77 -61.43 -55.65 72.77
C TYR L 77 -62.73 -54.80 72.87
N LEU L 78 -63.25 -54.18 71.80
CA LEU L 78 -64.39 -53.22 71.85
C LEU L 78 -65.69 -53.89 71.40
N GLY L 79 -65.63 -54.83 70.47
CA GLY L 79 -66.83 -55.41 69.88
C GLY L 79 -67.45 -54.44 68.88
N VAL L 80 -66.66 -54.05 67.87
CA VAL L 80 -67.01 -53.10 66.80
C VAL L 80 -66.63 -53.63 65.43
N THR L 81 -67.39 -53.26 64.40
CA THR L 81 -67.04 -53.46 62.99
C THR L 81 -66.40 -52.19 62.46
N LEU L 82 -65.07 -52.21 62.26
CA LEU L 82 -64.33 -51.10 61.65
C LEU L 82 -64.46 -51.12 60.11
N THR L 83 -63.81 -50.21 59.42
CA THR L 83 -63.84 -50.07 57.95
C THR L 83 -62.43 -49.83 57.39
N LYS L 84 -62.25 -49.90 56.08
CA LYS L 84 -60.94 -49.69 55.44
C LYS L 84 -60.34 -48.31 55.74
N ASP L 85 -61.18 -47.32 56.10
CA ASP L 85 -60.74 -45.98 56.45
C ASP L 85 -60.18 -45.86 57.88
N HIS L 86 -60.48 -46.77 58.81
CA HIS L 86 -59.95 -46.72 60.18
C HIS L 86 -58.47 -47.07 60.29
N ASN L 87 -57.84 -47.51 59.21
CA ASN L 87 -56.40 -47.70 59.15
C ASN L 87 -55.78 -46.60 58.29
N ILE L 88 -55.47 -45.47 58.91
CA ILE L 88 -54.70 -44.40 58.26
C ILE L 88 -53.29 -44.92 58.05
N THR L 89 -52.70 -44.71 56.89
CA THR L 89 -51.28 -45.03 56.65
C THR L 89 -50.58 -43.91 55.90
N THR L 90 -49.27 -43.81 56.01
CA THR L 90 -48.52 -42.77 55.31
C THR L 90 -48.70 -42.87 53.80
N GLY L 91 -48.76 -44.06 53.24
CA GLY L 91 -49.04 -44.22 51.81
C GLY L 91 -50.46 -43.85 51.43
N LYS L 92 -51.42 -44.06 52.32
CA LYS L 92 -52.83 -43.75 52.08
C LYS L 92 -53.06 -42.26 52.05
N ILE L 93 -52.47 -41.51 52.99
CA ILE L 93 -52.69 -40.06 53.06
C ILE L 93 -51.86 -39.28 52.06
N TYR L 94 -50.62 -39.65 51.73
CA TYR L 94 -49.96 -39.01 50.59
C TYR L 94 -50.71 -39.25 49.29
N SER L 95 -51.29 -40.43 49.06
CA SER L 95 -52.11 -40.70 47.87
C SER L 95 -53.34 -39.83 47.80
N HIS L 96 -54.03 -39.62 48.91
CA HIS L 96 -55.27 -38.83 48.95
C HIS L 96 -55.02 -37.36 48.68
N VAL L 97 -54.00 -36.76 49.31
CA VAL L 97 -53.61 -35.37 49.00
C VAL L 97 -53.06 -35.23 47.58
N ILE L 98 -52.24 -36.16 47.09
CA ILE L 98 -51.76 -36.13 45.70
C ILE L 98 -52.91 -36.30 44.70
N ALA L 99 -53.97 -37.04 45.01
CA ALA L 99 -55.13 -37.10 44.13
C ALA L 99 -55.81 -35.73 44.00
N LYS L 100 -56.07 -35.09 45.14
CA LYS L 100 -56.63 -33.72 45.18
C LYS L 100 -55.72 -32.70 44.49
N GLU L 101 -54.40 -32.86 44.51
CA GLU L 101 -53.45 -32.01 43.78
C GLU L 101 -53.62 -32.07 42.26
N ARG L 102 -53.83 -33.26 41.68
CA ARG L 102 -54.03 -33.40 40.21
C ARG L 102 -55.46 -33.15 39.76
N LYS L 103 -56.45 -33.40 40.62
CA LYS L 103 -57.82 -32.93 40.41
C LYS L 103 -57.91 -31.40 40.49
N GLY L 104 -56.99 -30.77 41.21
CA GLY L 104 -56.90 -29.32 41.34
C GLY L 104 -57.76 -28.74 42.47
N ASP L 105 -58.10 -29.53 43.49
CA ASP L 105 -58.96 -29.10 44.60
C ASP L 105 -58.32 -28.03 45.50
N TYR L 106 -57.02 -27.82 45.37
CA TYR L 106 -56.28 -26.74 46.02
C TYR L 106 -56.31 -25.40 45.25
N LEU L 107 -57.16 -25.24 44.23
CA LEU L 107 -57.39 -23.98 43.52
C LEU L 107 -56.08 -23.34 43.05
N GLY L 108 -55.16 -24.15 42.57
CA GLY L 108 -53.87 -23.74 42.03
C GLY L 108 -52.88 -23.16 43.05
N LYS L 109 -53.16 -23.19 44.36
CA LYS L 109 -52.13 -22.93 45.39
C LYS L 109 -51.02 -23.98 45.28
N THR L 110 -49.82 -23.71 45.77
CA THR L 110 -48.90 -24.81 46.07
C THR L 110 -49.38 -25.54 47.31
N VAL L 111 -49.22 -26.87 47.33
CA VAL L 111 -49.70 -27.73 48.41
C VAL L 111 -48.51 -28.24 49.19
N GLN L 112 -48.59 -28.15 50.51
CA GLN L 112 -47.45 -28.22 51.42
C GLN L 112 -47.69 -29.27 52.49
N ILE L 113 -46.63 -29.81 53.11
CA ILE L 113 -46.87 -30.76 54.20
C ILE L 113 -47.54 -30.06 55.37
N VAL L 114 -47.18 -28.80 55.66
CA VAL L 114 -47.93 -27.93 56.57
C VAL L 114 -48.33 -26.67 55.81
N PRO L 115 -49.61 -26.25 55.81
CA PRO L 115 -50.74 -26.80 56.52
C PRO L 115 -51.55 -27.84 55.75
N HIS L 116 -51.39 -28.03 54.45
CA HIS L 116 -52.36 -28.82 53.68
C HIS L 116 -52.42 -30.29 54.07
N LEU L 117 -51.29 -31.00 54.13
CA LEU L 117 -51.32 -32.40 54.53
C LEU L 117 -51.66 -32.59 56.02
N THR L 118 -51.22 -31.71 56.92
CA THR L 118 -51.62 -31.81 58.32
C THR L 118 -53.09 -31.47 58.54
N ASN L 119 -53.70 -30.65 57.69
CA ASN L 119 -55.15 -30.51 57.64
C ASN L 119 -55.81 -31.79 57.13
N ALA L 120 -55.29 -32.43 56.09
CA ALA L 120 -55.86 -33.68 55.59
C ALA L 120 -55.94 -34.76 56.66
N ILE L 121 -54.89 -34.94 57.45
CA ILE L 121 -54.87 -35.91 58.55
C ILE L 121 -55.93 -35.56 59.60
N GLN L 122 -56.06 -34.31 60.03
CA GLN L 122 -57.12 -33.91 60.97
C GLN L 122 -58.52 -34.12 60.38
N ASP L 123 -58.70 -33.77 59.11
CA ASP L 123 -59.98 -33.94 58.43
C ASP L 123 -60.32 -35.42 58.24
N TRP L 124 -59.34 -36.31 58.12
CA TRP L 124 -59.54 -37.76 58.11
C TRP L 124 -59.92 -38.31 59.48
N ILE L 125 -59.20 -37.96 60.55
CA ILE L 125 -59.53 -38.41 61.90
C ILE L 125 -60.95 -37.99 62.29
N GLU L 126 -61.32 -36.73 62.13
CA GLU L 126 -62.67 -36.29 62.48
C GLU L 126 -63.73 -36.81 61.51
N ARG L 127 -63.38 -37.15 60.26
CA ARG L 127 -64.31 -37.83 59.34
C ARG L 127 -64.63 -39.21 59.86
N VAL L 128 -63.60 -40.01 60.07
CA VAL L 128 -63.74 -41.42 60.45
C VAL L 128 -64.38 -41.58 61.82
N ALA L 129 -64.08 -40.69 62.77
CA ALA L 129 -64.67 -40.72 64.10
C ALA L 129 -66.20 -40.48 64.14
N LYS L 130 -66.83 -40.05 63.05
CA LYS L 130 -68.30 -40.01 62.91
C LYS L 130 -68.94 -41.36 62.65
N ILE L 131 -68.23 -42.29 62.01
CA ILE L 131 -68.79 -43.54 61.49
C ILE L 131 -69.33 -44.40 62.65
N PRO L 132 -70.58 -44.92 62.59
CA PRO L 132 -71.19 -45.67 63.68
C PRO L 132 -70.78 -47.14 63.68
N VAL L 133 -69.61 -47.44 64.25
CA VAL L 133 -69.03 -48.80 64.26
C VAL L 133 -69.66 -49.76 65.28
N ASP L 134 -70.54 -49.25 66.12
CA ASP L 134 -71.03 -49.87 67.36
C ASP L 134 -72.41 -50.55 67.20
N ASP L 135 -72.90 -51.20 68.25
CA ASP L 135 -74.14 -52.02 68.24
C ASP L 135 -75.45 -51.23 68.07
N THR L 136 -75.40 -49.92 67.86
CA THR L 136 -76.51 -49.11 67.35
C THR L 136 -75.95 -47.96 66.53
N GLY L 137 -76.71 -47.49 65.56
CA GLY L 137 -76.25 -46.59 64.49
C GLY L 137 -75.87 -45.16 64.90
N MET L 138 -75.77 -44.81 66.19
CA MET L 138 -75.34 -43.48 66.63
C MET L 138 -73.82 -43.34 66.55
N GLU L 139 -73.35 -42.13 66.22
CA GLU L 139 -71.92 -41.83 66.15
C GLU L 139 -71.20 -42.09 67.49
N PRO L 140 -69.94 -42.57 67.50
CA PRO L 140 -69.19 -42.81 68.71
C PRO L 140 -69.02 -41.58 69.62
N ASP L 141 -68.82 -41.82 70.91
CA ASP L 141 -68.62 -40.79 71.93
C ASP L 141 -67.16 -40.58 72.29
N VAL L 142 -66.32 -41.62 72.17
CA VAL L 142 -64.87 -41.54 72.28
C VAL L 142 -64.22 -42.24 71.12
N CYS L 143 -63.14 -41.68 70.56
CA CYS L 143 -62.27 -42.36 69.60
C CYS L 143 -60.89 -42.57 70.19
N ILE L 144 -60.37 -43.80 70.18
CA ILE L 144 -59.00 -44.12 70.59
C ILE L 144 -58.11 -44.04 69.36
N ILE L 145 -57.14 -43.13 69.31
CA ILE L 145 -56.24 -42.95 68.17
C ILE L 145 -54.88 -43.52 68.54
N GLU L 146 -54.45 -44.61 67.92
CA GLU L 146 -53.12 -45.15 68.18
C GLU L 146 -52.16 -44.68 67.10
N LEU L 147 -51.14 -43.93 67.51
CA LEU L 147 -50.07 -43.46 66.65
C LEU L 147 -48.94 -44.49 66.63
N GLY L 148 -48.77 -45.23 65.54
CA GLY L 148 -47.66 -46.15 65.37
C GLY L 148 -46.30 -45.47 65.19
N GLY L 149 -45.26 -46.28 65.11
CA GLY L 149 -43.87 -45.83 65.11
C GLY L 149 -43.46 -45.25 66.47
N THR L 150 -42.46 -44.38 66.49
CA THR L 150 -42.08 -43.62 67.69
C THR L 150 -42.04 -42.13 67.40
N VAL L 151 -42.42 -41.30 68.36
CA VAL L 151 -42.30 -39.85 68.24
C VAL L 151 -40.83 -39.48 68.07
N GLY L 152 -40.49 -38.67 67.06
CA GLY L 152 -39.11 -38.37 66.67
C GLY L 152 -38.56 -39.22 65.52
N ASP L 153 -39.41 -40.07 64.95
CA ASP L 153 -39.07 -40.81 63.71
C ASP L 153 -39.27 -39.80 62.57
N ILE L 154 -38.54 -39.88 61.44
CA ILE L 154 -38.74 -39.00 60.26
C ILE L 154 -39.95 -39.53 59.50
N GLU L 155 -40.53 -40.65 59.93
CA GLU L 155 -41.69 -41.32 59.28
C GLU L 155 -42.97 -40.92 60.01
N SER L 156 -42.88 -40.53 61.28
CA SER L 156 -44.05 -40.20 62.14
C SER L 156 -44.17 -38.69 62.32
N ALA L 157 -43.30 -37.89 61.71
CA ALA L 157 -43.29 -36.41 61.93
C ALA L 157 -44.57 -35.75 61.37
N PRO L 158 -45.15 -36.13 60.21
CA PRO L 158 -46.40 -35.53 59.74
C PRO L 158 -47.59 -35.72 60.69
N PHE L 159 -47.67 -36.85 61.36
CA PHE L 159 -48.77 -37.17 62.27
C PHE L 159 -48.71 -36.47 63.62
N VAL L 160 -47.54 -36.30 64.22
CA VAL L 160 -47.41 -35.49 65.44
C VAL L 160 -47.66 -34.00 65.18
N GLU L 161 -47.36 -33.48 64.00
CA GLU L 161 -47.84 -32.17 63.59
C GLU L 161 -49.38 -32.16 63.52
N ALA L 162 -49.97 -33.09 62.79
CA ALA L 162 -51.41 -33.08 62.60
C ALA L 162 -52.15 -33.25 63.93
N LEU L 163 -51.70 -34.14 64.80
CA LEU L 163 -52.26 -34.30 66.14
C LEU L 163 -52.05 -33.05 66.99
N ARG L 164 -50.90 -32.34 66.94
CA ARG L 164 -50.74 -31.09 67.71
C ARG L 164 -51.81 -30.09 67.32
N GLN L 165 -51.97 -29.83 66.03
CA GLN L 165 -52.99 -28.91 65.52
C GLN L 165 -54.39 -29.41 65.93
N PHE L 166 -54.59 -30.72 65.96
CA PHE L 166 -55.83 -31.33 66.40
C PHE L 166 -56.15 -31.08 67.87
N GLN L 167 -55.17 -30.83 68.74
CA GLN L 167 -55.42 -30.45 70.13
C GLN L 167 -56.13 -29.08 70.26
N PHE L 168 -56.25 -28.34 69.16
CA PHE L 168 -56.88 -27.01 69.10
C PHE L 168 -58.14 -27.04 68.23
N LYS L 169 -58.12 -27.80 67.12
CA LYS L 169 -59.29 -28.01 66.27
C LYS L 169 -60.40 -28.73 67.05
N VAL L 170 -60.01 -29.75 67.81
CA VAL L 170 -60.72 -30.28 68.98
C VAL L 170 -60.26 -29.49 70.20
N GLY L 171 -61.08 -29.27 71.20
CA GLY L 171 -60.63 -28.58 72.43
C GLY L 171 -59.81 -29.45 73.40
N LYS L 172 -59.02 -28.83 74.26
CA LYS L 172 -58.65 -29.42 75.56
C LYS L 172 -59.94 -29.62 76.37
N GLU L 173 -59.97 -30.62 77.26
CA GLU L 173 -61.22 -31.19 77.80
C GLU L 173 -62.10 -31.90 76.75
N ASN L 174 -61.61 -32.12 75.52
CA ASN L 174 -62.15 -33.11 74.59
C ASN L 174 -61.06 -34.07 74.08
N PHE L 175 -59.81 -33.64 74.01
CA PHE L 175 -58.66 -34.47 73.61
C PHE L 175 -57.75 -34.75 74.82
N ALA L 176 -57.21 -35.97 74.94
CA ALA L 176 -56.19 -36.36 75.91
C ALA L 176 -55.17 -37.33 75.32
N LEU L 177 -53.96 -37.40 75.85
CA LEU L 177 -52.90 -38.27 75.33
C LEU L 177 -52.30 -39.17 76.41
N ILE L 178 -52.14 -40.45 76.10
CA ILE L 178 -51.41 -41.46 76.86
C ILE L 178 -50.08 -41.72 76.14
N HIS L 179 -48.94 -41.51 76.79
CA HIS L 179 -47.64 -41.77 76.19
C HIS L 179 -47.04 -43.01 76.79
N VAL L 180 -46.66 -43.99 75.98
CA VAL L 180 -46.18 -45.27 76.46
C VAL L 180 -44.66 -45.27 76.37
N SER L 181 -43.93 -45.57 77.44
CA SER L 181 -42.48 -45.30 77.50
C SER L 181 -41.70 -46.37 78.27
N LEU L 182 -40.37 -46.42 78.08
CA LEU L 182 -39.56 -47.53 78.58
C LEU L 182 -38.89 -47.18 79.89
N VAL L 183 -38.98 -48.07 80.88
CA VAL L 183 -38.15 -48.03 82.08
C VAL L 183 -37.26 -49.28 82.02
N PRO L 184 -36.06 -49.23 81.40
CA PRO L 184 -35.19 -50.39 81.38
C PRO L 184 -34.66 -50.65 82.78
N VAL L 185 -34.53 -51.92 83.13
CA VAL L 185 -33.89 -52.36 84.37
C VAL L 185 -32.54 -52.94 84.01
N ILE L 186 -31.46 -52.32 84.47
CA ILE L 186 -30.11 -52.87 84.39
C ILE L 186 -29.40 -52.75 85.73
N HIS L 187 -28.51 -53.70 86.04
CA HIS L 187 -27.92 -53.83 87.37
C HIS L 187 -28.98 -53.87 88.48
N GLY L 188 -30.15 -54.41 88.18
CA GLY L 188 -31.31 -54.44 89.09
C GLY L 188 -31.92 -53.09 89.45
N GLU L 189 -31.63 -52.00 88.73
CA GLU L 189 -32.23 -50.67 88.95
C GLU L 189 -33.08 -50.17 87.76
N GLN L 190 -34.29 -49.71 88.04
CA GLN L 190 -35.19 -49.04 87.10
C GLN L 190 -34.67 -47.65 86.69
N LYS L 191 -34.20 -47.48 85.46
CA LYS L 191 -33.67 -46.19 84.99
C LYS L 191 -34.77 -45.35 84.34
N THR L 192 -34.94 -44.10 84.73
CA THR L 192 -35.99 -43.21 84.20
C THR L 192 -35.59 -42.49 82.93
N LYS L 193 -34.31 -42.35 82.62
CA LYS L 193 -33.83 -41.42 81.58
C LYS L 193 -34.38 -41.64 80.16
N PRO L 194 -34.66 -42.84 79.65
CA PRO L 194 -35.28 -42.96 78.34
C PRO L 194 -36.67 -42.32 78.30
N THR L 195 -37.44 -42.36 79.39
CA THR L 195 -38.70 -41.61 79.51
C THR L 195 -38.47 -40.10 79.53
N GLN L 196 -37.44 -39.59 80.21
CA GLN L 196 -37.11 -38.15 80.17
C GLN L 196 -36.75 -37.69 78.75
N ALA L 197 -35.83 -38.35 78.06
CA ALA L 197 -35.44 -38.02 76.69
C ALA L 197 -36.58 -38.17 75.67
N ALA L 198 -37.47 -39.15 75.79
CA ALA L 198 -38.64 -39.29 74.92
C ALA L 198 -39.77 -38.32 75.25
N ILE L 199 -39.87 -37.83 76.47
CA ILE L 199 -40.83 -36.77 76.83
C ILE L 199 -40.30 -35.41 76.40
N LYS L 200 -39.00 -35.16 76.51
CA LYS L 200 -38.34 -34.03 75.84
C LYS L 200 -38.64 -34.03 74.34
N GLY L 201 -38.48 -35.16 73.66
CA GLY L 201 -38.92 -35.31 72.26
C GLY L 201 -40.40 -34.98 72.07
N LEU L 202 -41.29 -35.53 72.89
CA LEU L 202 -42.72 -35.29 72.77
C LEU L 202 -43.08 -33.82 72.89
N ARG L 203 -42.62 -33.12 73.93
CA ARG L 203 -42.94 -31.70 74.09
C ARG L 203 -42.33 -30.83 73.00
N SER L 204 -41.21 -31.23 72.40
CA SER L 204 -40.62 -30.51 71.26
C SER L 204 -41.61 -30.40 70.11
N LEU L 205 -42.29 -31.49 69.75
CA LEU L 205 -43.31 -31.53 68.70
C LEU L 205 -44.69 -31.00 69.16
N GLY L 206 -44.90 -30.85 70.46
CA GLY L 206 -45.89 -29.95 71.06
C GLY L 206 -47.07 -30.62 71.73
N LEU L 207 -47.17 -31.94 71.61
CA LEU L 207 -48.11 -32.76 72.36
C LEU L 207 -47.68 -32.78 73.84
N VAL L 208 -48.63 -32.81 74.78
CA VAL L 208 -48.36 -32.96 76.21
C VAL L 208 -49.12 -34.17 76.75
N PRO L 209 -48.47 -35.09 77.49
CA PRO L 209 -49.10 -36.31 77.94
C PRO L 209 -49.92 -36.05 79.18
N ASP L 210 -51.17 -36.51 79.16
CA ASP L 210 -52.05 -36.50 80.32
C ASP L 210 -51.84 -37.73 81.20
N MET L 211 -51.25 -38.78 80.63
CA MET L 211 -50.74 -39.94 81.31
C MET L 211 -49.42 -40.40 80.72
N ILE L 212 -48.59 -41.03 81.53
CA ILE L 212 -47.48 -41.84 81.04
C ILE L 212 -47.80 -43.29 81.41
N ALA L 213 -47.47 -44.24 80.55
CA ALA L 213 -47.63 -45.65 80.84
C ALA L 213 -46.34 -46.42 80.57
N CYS L 214 -45.81 -47.15 81.53
CA CYS L 214 -44.47 -47.72 81.37
C CYS L 214 -44.46 -49.19 80.99
N ARG L 215 -43.72 -49.52 79.93
CA ARG L 215 -43.14 -50.86 79.76
C ARG L 215 -42.01 -50.99 80.75
N CYS L 216 -42.12 -51.95 81.64
CA CYS L 216 -41.09 -52.26 82.61
C CYS L 216 -41.08 -53.77 82.90
N SER L 217 -39.90 -54.32 83.18
CA SER L 217 -39.75 -55.72 83.60
C SER L 217 -40.32 -55.99 85.00
N GLU L 218 -40.69 -54.96 85.76
CA GLU L 218 -41.04 -55.01 87.17
C GLU L 218 -42.30 -54.20 87.51
N THR L 219 -42.81 -54.33 88.73
CA THR L 219 -43.64 -53.24 89.27
C THR L 219 -42.76 -52.00 89.45
N LEU L 220 -43.15 -50.84 88.91
CA LEU L 220 -42.41 -49.60 89.13
C LEU L 220 -42.26 -49.33 90.62
N ASP L 221 -41.04 -49.04 91.06
CA ASP L 221 -40.80 -48.58 92.43
C ASP L 221 -41.49 -47.23 92.66
N LYS L 222 -41.95 -47.00 93.88
CA LYS L 222 -42.48 -45.71 94.35
C LYS L 222 -41.58 -44.53 93.97
N PRO L 223 -40.24 -44.56 94.16
CA PRO L 223 -39.35 -43.52 93.65
C PRO L 223 -39.29 -43.41 92.12
N THR L 224 -39.47 -44.48 91.34
CA THR L 224 -39.47 -44.39 89.88
C THR L 224 -40.67 -43.60 89.38
N ILE L 225 -41.85 -43.84 89.94
CA ILE L 225 -43.04 -43.04 89.65
C ILE L 225 -42.80 -41.57 90.01
N ASP L 226 -42.21 -41.29 91.17
CA ASP L 226 -41.92 -39.91 91.58
C ASP L 226 -40.89 -39.25 90.66
N LYS L 227 -39.83 -39.94 90.23
CA LYS L 227 -38.80 -39.39 89.34
C LYS L 227 -39.24 -39.27 87.89
N ILE L 228 -40.26 -40.00 87.42
CA ILE L 228 -40.97 -39.69 86.16
C ILE L 228 -41.89 -38.48 86.34
N ALA L 229 -42.75 -38.45 87.35
CA ALA L 229 -43.68 -37.33 87.55
C ALA L 229 -42.99 -35.99 87.89
N MET L 230 -41.78 -35.99 88.47
CA MET L 230 -40.95 -34.79 88.65
C MET L 230 -40.36 -34.26 87.34
N PHE L 231 -40.51 -34.99 86.24
CA PHE L 231 -39.93 -34.67 84.92
C PHE L 231 -40.95 -34.56 83.79
N CYS L 232 -42.24 -34.74 84.10
CA CYS L 232 -43.35 -34.69 83.16
C CYS L 232 -44.56 -34.00 83.81
N HIS L 233 -45.50 -33.50 83.02
CA HIS L 233 -46.60 -32.69 83.56
C HIS L 233 -47.81 -33.52 84.05
N VAL L 234 -47.53 -34.64 84.70
CA VAL L 234 -48.51 -35.63 85.21
C VAL L 234 -48.41 -35.74 86.73
N GLY L 235 -49.51 -35.98 87.44
CA GLY L 235 -49.42 -36.35 88.85
C GLY L 235 -48.82 -37.76 89.00
N PRO L 236 -48.31 -38.15 90.17
CA PRO L 236 -47.74 -39.47 90.37
C PRO L 236 -48.77 -40.61 90.19
N GLU L 237 -50.06 -40.32 90.32
CA GLU L 237 -51.17 -41.26 90.10
C GLU L 237 -51.51 -41.50 88.61
N GLN L 238 -50.93 -40.74 87.67
CA GLN L 238 -51.06 -40.94 86.22
C GLN L 238 -49.78 -41.47 85.56
N VAL L 239 -48.84 -42.02 86.33
CA VAL L 239 -47.79 -42.89 85.79
C VAL L 239 -48.28 -44.33 85.90
N VAL L 240 -49.04 -44.77 84.90
CA VAL L 240 -49.63 -46.11 84.77
C VAL L 240 -48.52 -47.13 84.49
N ASN L 241 -48.75 -48.40 84.81
CA ASN L 241 -47.77 -49.46 84.62
C ASN L 241 -48.40 -50.79 84.20
N VAL L 242 -48.20 -51.18 82.94
CA VAL L 242 -48.66 -52.46 82.40
C VAL L 242 -47.60 -53.53 82.68
N HIS L 243 -47.56 -54.02 83.91
CA HIS L 243 -46.61 -55.06 84.34
C HIS L 243 -47.07 -56.47 83.92
N ASP L 244 -46.24 -57.48 84.18
CA ASP L 244 -46.60 -58.89 83.98
C ASP L 244 -47.91 -59.24 84.70
N VAL L 245 -48.83 -59.89 83.98
CA VAL L 245 -50.15 -60.32 84.44
C VAL L 245 -50.47 -61.71 83.94
N ASN L 246 -51.45 -62.39 84.54
CA ASN L 246 -51.71 -63.80 84.24
C ASN L 246 -52.05 -64.05 82.77
N SER L 247 -52.76 -63.11 82.12
CA SER L 247 -52.97 -63.11 80.67
C SER L 247 -53.37 -61.74 80.17
N THR L 248 -53.26 -61.51 78.87
CA THR L 248 -53.50 -60.21 78.24
C THR L 248 -54.93 -59.68 78.46
N TYR L 249 -55.91 -60.56 78.66
CA TYR L 249 -57.28 -60.16 78.95
C TYR L 249 -57.45 -59.53 80.34
N HIS L 250 -56.46 -59.63 81.22
CA HIS L 250 -56.48 -58.94 82.52
C HIS L 250 -56.10 -57.46 82.42
N VAL L 251 -55.42 -57.01 81.37
CA VAL L 251 -54.92 -55.64 81.30
C VAL L 251 -56.00 -54.58 81.52
N PRO L 252 -57.23 -54.63 80.97
CA PRO L 252 -58.20 -53.60 81.30
C PRO L 252 -58.60 -53.59 82.79
N LEU L 253 -58.61 -54.72 83.49
CA LEU L 253 -58.78 -54.69 84.94
C LEU L 253 -57.55 -54.10 85.63
N LEU L 254 -56.32 -54.38 85.18
CA LEU L 254 -55.12 -53.75 85.72
C LEU L 254 -55.17 -52.22 85.58
N LEU L 255 -55.51 -51.70 84.40
CA LEU L 255 -55.66 -50.26 84.17
C LEU L 255 -56.74 -49.66 85.05
N LEU L 256 -57.91 -50.30 85.16
CA LEU L 256 -58.98 -49.84 86.02
C LEU L 256 -58.61 -49.85 87.51
N GLU L 257 -57.85 -50.83 87.98
CA GLU L 257 -57.40 -50.89 89.37
C GLU L 257 -56.27 -49.89 89.66
N GLN L 258 -55.45 -49.52 88.67
CA GLN L 258 -54.54 -48.38 88.73
C GLN L 258 -55.25 -47.02 88.58
N LYS L 259 -56.58 -46.98 88.74
CA LYS L 259 -57.42 -45.77 88.67
C LYS L 259 -57.24 -44.99 87.37
N MET L 260 -56.94 -45.68 86.28
CA MET L 260 -56.69 -45.04 84.99
C MET L 260 -57.94 -44.33 84.48
N ILE L 261 -59.11 -44.97 84.54
CA ILE L 261 -60.38 -44.38 84.11
C ILE L 261 -60.92 -43.34 85.07
N ASP L 262 -60.69 -43.46 86.36
CA ASP L 262 -61.15 -42.46 87.33
C ASP L 262 -60.49 -41.10 87.10
N TYR L 263 -59.33 -41.05 86.43
CA TYR L 263 -58.78 -39.84 85.86
C TYR L 263 -59.44 -39.48 84.52
N LEU L 264 -59.49 -40.37 83.52
CA LEU L 264 -60.06 -40.02 82.20
C LEU L 264 -61.51 -39.54 82.27
N HIS L 265 -62.30 -40.07 83.18
CA HIS L 265 -63.64 -39.55 83.49
C HIS L 265 -63.63 -38.04 83.76
N ALA L 266 -62.71 -37.55 84.58
CA ALA L 266 -62.57 -36.13 84.90
C ALA L 266 -61.84 -35.36 83.79
N ARG L 267 -60.75 -35.91 83.26
CA ARG L 267 -59.87 -35.25 82.27
C ARG L 267 -60.54 -35.04 80.92
N LEU L 268 -61.49 -35.91 80.54
CA LEU L 268 -62.35 -35.76 79.37
C LEU L 268 -63.78 -35.34 79.75
N LYS L 269 -64.02 -35.01 81.04
CA LYS L 269 -65.30 -34.53 81.59
C LYS L 269 -66.51 -35.31 81.08
N LEU L 270 -66.45 -36.65 81.17
CA LEU L 270 -67.40 -37.57 80.53
C LEU L 270 -68.82 -37.58 81.12
N ASP L 271 -69.07 -36.88 82.23
CA ASP L 271 -70.45 -36.52 82.62
C ASP L 271 -71.19 -35.74 81.52
N GLU L 272 -70.48 -35.10 80.60
CA GLU L 272 -71.09 -34.34 79.50
C GLU L 272 -71.66 -35.23 78.36
N ILE L 273 -71.44 -36.55 78.35
CA ILE L 273 -72.13 -37.44 77.41
C ILE L 273 -73.49 -37.83 78.01
N THR L 274 -77.76 -42.29 77.80
CA THR L 274 -79.09 -42.92 77.90
C THR L 274 -79.04 -44.19 78.76
N GLU L 275 -80.17 -44.61 79.34
CA GLU L 275 -80.24 -45.80 80.18
C GLU L 275 -79.70 -47.07 79.51
N GLU L 276 -79.91 -47.23 78.19
CA GLU L 276 -79.34 -48.33 77.42
C GLU L 276 -77.81 -48.36 77.51
N GLU L 277 -77.12 -47.22 77.40
CA GLU L 277 -75.66 -47.15 77.54
C GLU L 277 -75.21 -47.47 78.96
N LYS L 278 -75.89 -46.93 79.96
CA LYS L 278 -75.57 -47.18 81.37
C LYS L 278 -75.69 -48.66 81.71
N GLN L 279 -76.76 -49.32 81.25
CA GLN L 279 -76.94 -50.76 81.39
C GLN L 279 -75.86 -51.55 80.63
N ARG L 280 -75.64 -51.27 79.35
CA ARG L 280 -74.61 -51.96 78.56
C ARG L 280 -73.20 -51.78 79.12
N GLY L 281 -72.95 -50.71 79.86
CA GLY L 281 -71.73 -50.54 80.63
C GLY L 281 -71.61 -51.56 81.77
N LEU L 282 -72.62 -51.65 82.62
CA LEU L 282 -72.61 -52.62 83.73
C LEU L 282 -72.56 -54.06 83.22
N GLU L 283 -73.29 -54.38 82.16
CA GLU L 283 -73.24 -55.70 81.54
C GLU L 283 -71.84 -56.01 81.01
N LEU L 284 -71.12 -55.05 80.40
CA LEU L 284 -69.76 -55.31 79.92
C LEU L 284 -68.82 -55.61 81.08
N LEU L 285 -68.93 -54.91 82.21
CA LEU L 285 -68.19 -55.26 83.41
C LEU L 285 -68.54 -56.65 83.92
N SER L 286 -69.82 -57.03 83.98
CA SER L 286 -70.21 -58.36 84.44
C SER L 286 -69.63 -59.46 83.56
N LYS L 287 -69.67 -59.28 82.24
CA LYS L 287 -69.09 -60.21 81.26
C LYS L 287 -67.56 -60.23 81.34
N TRP L 288 -66.92 -59.14 81.71
CA TRP L 288 -65.48 -59.15 81.98
C TRP L 288 -65.18 -59.94 83.24
N LYS L 289 -65.92 -59.74 84.33
CA LYS L 289 -65.77 -60.53 85.55
C LYS L 289 -65.98 -62.02 85.27
N ALA L 290 -66.92 -62.39 84.41
CA ALA L 290 -67.13 -63.77 83.96
C ALA L 290 -65.91 -64.36 83.21
N THR L 291 -65.43 -63.75 82.13
CA THR L 291 -64.24 -64.28 81.42
C THR L 291 -62.99 -64.29 82.30
N THR L 292 -62.86 -63.32 83.19
CA THR L 292 -61.79 -63.32 84.17
C THR L 292 -61.93 -64.47 85.16
N GLY L 293 -63.13 -64.70 85.70
CA GLY L 293 -63.41 -65.82 86.59
C GLY L 293 -63.11 -67.16 85.92
N ASN L 294 -63.53 -67.34 84.67
CA ASN L 294 -63.20 -68.50 83.85
C ASN L 294 -61.70 -68.74 83.63
N PHE L 295 -60.81 -67.78 83.90
CA PHE L 295 -59.37 -68.00 83.88
C PHE L 295 -58.89 -68.49 85.25
N ASP L 296 -59.29 -67.85 86.34
CA ASP L 296 -58.96 -68.33 87.70
C ASP L 296 -59.54 -69.71 87.99
N GLU L 297 -60.81 -69.93 87.65
CA GLU L 297 -61.55 -71.18 87.80
C GLU L 297 -61.22 -72.20 86.71
N GLU L 298 -57.94 -77.18 84.40
CA GLU L 298 -57.46 -78.27 83.53
C GLU L 298 -57.08 -77.82 82.11
N THR L 299 -56.04 -78.40 81.52
CA THR L 299 -55.54 -78.05 80.18
C THR L 299 -56.26 -78.76 79.03
N VAL L 300 -56.41 -78.08 77.91
CA VAL L 300 -56.75 -78.64 76.59
C VAL L 300 -55.53 -78.46 75.67
N LYS L 301 -55.01 -79.52 75.06
CA LYS L 301 -53.85 -79.46 74.17
C LYS L 301 -54.34 -79.50 72.72
N ILE L 302 -54.01 -78.54 71.88
CA ILE L 302 -54.44 -78.50 70.46
C ILE L 302 -53.22 -78.43 69.55
N ALA L 303 -53.10 -79.30 68.56
CA ALA L 303 -52.04 -79.18 67.56
C ALA L 303 -52.54 -78.27 66.44
N LEU L 304 -51.88 -77.15 66.22
CA LEU L 304 -52.12 -76.29 65.08
C LEU L 304 -51.06 -76.62 64.03
N VAL L 305 -51.50 -77.15 62.89
CA VAL L 305 -50.64 -77.76 61.89
C VAL L 305 -50.69 -76.93 60.61
N GLY L 306 -49.59 -76.33 60.20
CA GLY L 306 -49.58 -75.51 59.00
C GLY L 306 -48.20 -75.20 58.48
N LYS L 307 -48.12 -74.41 57.41
CA LYS L 307 -46.85 -73.89 56.89
C LYS L 307 -46.24 -72.91 57.89
N TYR L 308 -44.91 -72.96 58.04
CA TYR L 308 -44.08 -71.93 58.68
C TYR L 308 -44.64 -71.41 60.02
N THR L 309 -45.13 -72.30 60.86
CA THR L 309 -45.63 -72.00 62.22
C THR L 309 -44.60 -71.32 63.14
N ASN L 310 -43.32 -71.32 62.77
CA ASN L 310 -42.27 -70.51 63.40
C ASN L 310 -42.64 -69.01 63.41
N LEU L 311 -43.32 -68.53 62.38
CA LEU L 311 -43.74 -67.14 62.17
C LEU L 311 -45.09 -66.90 62.87
N LYS L 312 -45.08 -66.94 64.19
CA LYS L 312 -46.29 -67.06 65.03
C LYS L 312 -47.31 -65.92 64.88
N ASP L 313 -46.88 -64.70 64.54
CA ASP L 313 -47.82 -63.61 64.19
C ASP L 313 -48.64 -63.91 62.93
N SER L 314 -48.16 -64.78 62.03
CA SER L 314 -48.87 -65.14 60.82
C SER L 314 -50.16 -65.92 61.07
N TYR L 315 -50.35 -66.44 62.30
CA TYR L 315 -51.56 -67.12 62.76
C TYR L 315 -52.25 -66.39 63.91
N LEU L 316 -51.98 -65.10 64.11
CA LEU L 316 -52.45 -64.38 65.31
C LEU L 316 -53.95 -64.49 65.56
N SER L 317 -54.81 -64.32 64.55
CA SER L 317 -56.25 -64.36 64.76
C SER L 317 -56.71 -65.72 65.24
N VAL L 318 -56.13 -66.78 64.68
CA VAL L 318 -56.41 -68.17 65.07
C VAL L 318 -56.11 -68.36 66.54
N ILE L 319 -54.96 -67.90 67.04
CA ILE L 319 -54.62 -68.00 68.46
C ILE L 319 -55.67 -67.30 69.31
N LYS L 320 -56.02 -66.06 68.99
CA LYS L 320 -57.00 -65.30 69.77
C LYS L 320 -58.38 -65.96 69.75
N ALA L 321 -58.81 -66.54 68.64
CA ALA L 321 -60.07 -67.27 68.57
C ALA L 321 -60.09 -68.52 69.46
N LEU L 322 -58.97 -69.22 69.60
CA LEU L 322 -58.82 -70.32 70.54
C LEU L 322 -58.80 -69.83 71.99
N GLU L 323 -58.18 -68.68 72.30
CA GLU L 323 -58.19 -68.11 73.63
C GLU L 323 -59.60 -67.71 74.07
N HIS L 324 -60.38 -67.02 73.23
CA HIS L 324 -61.72 -66.55 73.59
C HIS L 324 -62.62 -67.71 73.95
N SER L 325 -62.56 -68.77 73.16
CA SER L 325 -63.32 -69.99 73.37
C SER L 325 -62.84 -70.76 74.60
N SER L 326 -61.54 -70.86 74.84
CA SER L 326 -61.00 -71.58 76.00
C SER L 326 -61.44 -70.98 77.34
N MET L 327 -61.64 -69.67 77.42
CA MET L 327 -62.22 -69.04 78.61
C MET L 327 -63.70 -69.35 78.78
N LYS L 328 -64.44 -69.70 77.73
CA LYS L 328 -65.82 -70.16 77.90
C LYS L 328 -65.83 -71.57 78.51
N CYS L 329 -64.96 -72.46 78.03
CA CYS L 329 -64.78 -73.83 78.55
C CYS L 329 -64.06 -73.92 79.91
N ARG L 330 -63.67 -72.80 80.53
CA ARG L 330 -62.89 -72.74 81.77
C ARG L 330 -61.57 -73.50 81.73
N ARG L 331 -61.02 -73.82 80.56
CA ARG L 331 -59.86 -74.71 80.41
C ARG L 331 -58.66 -73.99 79.84
N LYS L 332 -57.48 -74.33 80.31
CA LYS L 332 -56.22 -73.69 79.94
C LYS L 332 -55.80 -74.15 78.55
N LEU L 333 -55.48 -73.23 77.66
CA LEU L 333 -55.12 -73.54 76.28
C LEU L 333 -53.63 -73.79 76.14
N ASP L 334 -53.27 -74.88 75.46
CA ASP L 334 -51.90 -75.23 75.15
C ASP L 334 -51.75 -75.57 73.67
N ILE L 335 -51.49 -74.56 72.84
CA ILE L 335 -51.28 -74.77 71.39
C ILE L 335 -49.92 -75.42 71.18
N LYS L 336 -49.88 -76.60 70.56
CA LYS L 336 -48.66 -77.18 70.01
C LYS L 336 -48.49 -76.67 68.59
N TRP L 337 -47.38 -76.03 68.29
CA TRP L 337 -47.04 -75.55 66.96
C TRP L 337 -46.33 -76.63 66.15
N VAL L 338 -46.94 -77.10 65.08
CA VAL L 338 -46.40 -78.12 64.20
C VAL L 338 -46.12 -77.53 62.83
N GLU L 339 -44.89 -77.62 62.32
CA GLU L 339 -44.65 -77.37 60.91
C GLU L 339 -45.22 -78.55 60.12
N ALA L 340 -46.17 -78.29 59.24
CA ALA L 340 -46.83 -79.33 58.47
C ALA L 340 -45.85 -80.18 57.66
N THR L 341 -44.83 -79.58 57.06
CA THR L 341 -43.86 -80.33 56.27
C THR L 341 -43.02 -81.32 57.09
N ASP L 342 -42.88 -81.13 58.40
CA ASP L 342 -42.15 -82.08 59.25
C ASP L 342 -42.93 -83.37 59.52
N LEU L 343 -44.22 -83.43 59.19
CA LEU L 343 -44.99 -84.67 59.27
C LEU L 343 -44.73 -85.60 58.08
N GLU L 344 -44.15 -85.11 57.00
CA GLU L 344 -44.08 -85.87 55.74
C GLU L 344 -43.20 -87.13 55.83
N PRO L 345 -43.54 -88.23 55.14
CA PRO L 345 -42.68 -89.41 55.04
C PRO L 345 -41.27 -89.15 54.50
N GLU L 346 -41.09 -88.07 53.72
CA GLU L 346 -39.78 -87.62 53.23
C GLU L 346 -38.94 -86.95 54.34
N ALA L 347 -39.59 -86.26 55.28
CA ALA L 347 -38.87 -85.58 56.35
C ALA L 347 -38.13 -86.58 57.25
N GLN L 348 -38.59 -87.82 57.32
CA GLN L 348 -37.99 -88.87 58.17
C GLN L 348 -36.53 -89.19 57.80
N GLU L 349 -36.16 -89.16 56.52
CA GLU L 349 -34.74 -89.30 56.14
C GLU L 349 -34.00 -87.96 56.10
N SER L 350 -34.71 -86.85 55.80
CA SER L 350 -34.10 -85.54 55.62
C SER L 350 -33.70 -84.88 56.95
N ASN L 351 -34.59 -84.90 57.94
CA ASN L 351 -34.45 -84.17 59.20
C ASN L 351 -35.16 -84.91 60.35
N LYS L 352 -34.76 -86.15 60.60
CA LYS L 352 -35.49 -87.12 61.43
C LYS L 352 -35.91 -86.58 62.80
N THR L 353 -35.06 -85.81 63.47
CA THR L 353 -35.31 -85.34 64.84
C THR L 353 -36.56 -84.48 64.91
N LYS L 354 -36.70 -83.50 64.02
CA LYS L 354 -37.86 -82.61 64.00
C LYS L 354 -39.13 -83.33 63.58
N PHE L 355 -39.01 -84.34 62.71
CA PHE L 355 -40.12 -85.21 62.32
C PHE L 355 -40.71 -85.96 63.51
N HIS L 356 -39.90 -86.49 64.43
CA HIS L 356 -40.42 -87.08 65.67
C HIS L 356 -41.07 -86.05 66.58
N GLU L 357 -40.51 -84.85 66.71
CA GLU L 357 -41.14 -83.81 67.52
C GLU L 357 -42.52 -83.43 66.97
N ALA L 358 -42.64 -83.29 65.65
CA ALA L 358 -43.90 -83.00 64.99
C ALA L 358 -44.94 -84.09 65.23
N TRP L 359 -44.56 -85.36 65.06
CA TRP L 359 -45.49 -86.46 65.27
C TRP L 359 -45.85 -86.68 66.72
N ASN L 360 -44.96 -86.44 67.68
CA ASN L 360 -45.34 -86.46 69.09
C ASN L 360 -46.42 -85.43 69.39
N MET L 361 -46.31 -84.21 68.87
CA MET L 361 -47.32 -83.18 69.06
C MET L 361 -48.66 -83.65 68.50
N VAL L 362 -48.70 -84.14 67.26
CA VAL L 362 -49.95 -84.64 66.63
C VAL L 362 -50.58 -85.76 67.44
N SER L 363 -49.76 -86.69 67.94
CA SER L 363 -50.20 -87.84 68.74
C SER L 363 -50.66 -87.48 70.14
N THR L 364 -50.13 -86.41 70.72
CA THR L 364 -50.48 -85.94 72.07
C THR L 364 -51.80 -85.18 72.08
N ALA L 365 -52.08 -84.40 71.04
CA ALA L 365 -53.10 -83.36 71.12
C ALA L 365 -54.53 -83.90 71.31
N ASP L 366 -55.33 -83.19 72.10
CA ASP L 366 -56.75 -83.45 72.30
C ASP L 366 -57.61 -82.96 71.15
N GLY L 367 -57.07 -82.13 70.27
CA GLY L 367 -57.73 -81.66 69.06
C GLY L 367 -56.71 -81.31 67.98
N ILE L 368 -57.11 -81.35 66.72
CA ILE L 368 -56.28 -80.95 65.59
C ILE L 368 -56.92 -79.75 64.89
N LEU L 369 -56.10 -78.85 64.39
CA LEU L 369 -56.51 -77.62 63.75
C LEU L 369 -55.63 -77.36 62.55
N ILE L 370 -56.21 -77.32 61.37
CA ILE L 370 -55.53 -76.93 60.14
C ILE L 370 -55.99 -75.49 59.82
N PRO L 371 -55.11 -74.49 59.84
CA PRO L 371 -55.50 -73.10 60.15
C PRO L 371 -55.78 -72.20 58.95
N GLY L 372 -55.82 -72.73 57.73
CA GLY L 372 -55.97 -71.91 56.52
C GLY L 372 -54.67 -71.27 56.07
N GLY L 373 -53.67 -72.12 55.85
CA GLY L 373 -52.33 -71.70 55.44
C GLY L 373 -52.23 -70.98 54.10
N PHE L 374 -51.06 -70.44 53.83
CA PHE L 374 -50.73 -69.72 52.59
C PHE L 374 -49.84 -70.58 51.68
N GLY L 375 -50.25 -70.77 50.43
CA GLY L 375 -49.55 -71.58 49.44
C GLY L 375 -49.58 -73.09 49.66
N VAL L 376 -48.91 -73.85 48.80
CA VAL L 376 -49.09 -75.32 48.71
C VAL L 376 -48.18 -76.15 49.63
N ARG L 377 -47.01 -75.63 50.03
CA ARG L 377 -45.89 -76.41 50.61
C ARG L 377 -46.29 -77.42 51.69
N GLY L 378 -47.05 -77.00 52.69
CA GLY L 378 -47.41 -77.84 53.85
C GLY L 378 -48.42 -78.96 53.56
N THR L 379 -49.03 -78.99 52.37
CA THR L 379 -50.22 -79.80 52.09
C THR L 379 -50.04 -81.26 52.45
N GLU L 380 -48.93 -81.90 52.08
CA GLU L 380 -48.78 -83.34 52.24
C GLU L 380 -48.82 -83.78 53.71
N GLY L 381 -48.23 -83.02 54.61
CA GLY L 381 -48.35 -83.30 56.04
C GLY L 381 -49.72 -83.00 56.60
N MET L 382 -50.35 -81.91 56.17
CA MET L 382 -51.70 -81.56 56.61
C MET L 382 -52.74 -82.61 56.22
N VAL L 383 -52.54 -83.34 55.13
CA VAL L 383 -53.35 -84.51 54.78
C VAL L 383 -53.27 -85.58 55.86
N LEU L 384 -52.06 -85.96 56.29
CA LEU L 384 -51.82 -86.98 57.31
C LEU L 384 -52.34 -86.55 58.69
N ALA L 385 -52.30 -85.26 59.02
CA ALA L 385 -52.96 -84.74 60.21
C ALA L 385 -54.50 -84.83 60.14
N ALA L 386 -55.11 -84.61 58.97
CA ALA L 386 -56.55 -84.79 58.81
C ALA L 386 -56.98 -86.25 58.88
N ARG L 387 -56.18 -87.17 58.32
CA ARG L 387 -56.34 -88.63 58.37
C ARG L 387 -56.27 -89.15 59.79
N TRP L 388 -55.31 -88.65 60.56
CA TRP L 388 -55.15 -88.97 61.97
C TRP L 388 -56.38 -88.66 62.80
N ALA L 389 -57.07 -87.55 62.53
CA ALA L 389 -58.31 -87.18 63.21
C ALA L 389 -59.59 -87.74 62.58
N ARG L 390 -59.58 -88.15 61.31
CA ARG L 390 -60.73 -88.85 60.72
C ARG L 390 -60.86 -90.23 61.33
N GLU L 391 -59.75 -90.99 61.35
CA GLU L 391 -59.77 -92.42 61.70
C GLU L 391 -59.92 -92.64 63.19
N ASN L 392 -58.95 -92.19 63.96
CA ASN L 392 -59.04 -92.07 65.42
C ASN L 392 -59.96 -90.88 65.72
N HIS L 393 -60.95 -90.99 66.61
CA HIS L 393 -61.97 -89.95 66.82
C HIS L 393 -61.49 -88.66 67.54
N ILE L 394 -60.36 -88.08 67.14
CA ILE L 394 -59.84 -86.79 67.62
C ILE L 394 -60.71 -85.64 67.10
N PRO L 395 -61.13 -84.67 67.92
CA PRO L 395 -61.76 -83.44 67.45
C PRO L 395 -60.91 -82.66 66.46
N PHE L 396 -61.53 -82.07 65.44
CA PHE L 396 -60.84 -81.40 64.33
C PHE L 396 -61.58 -80.14 63.88
N LEU L 397 -60.84 -79.11 63.49
CA LEU L 397 -61.36 -78.00 62.70
C LEU L 397 -60.42 -77.70 61.54
N GLY L 398 -60.95 -77.65 60.33
CA GLY L 398 -60.23 -77.17 59.16
C GLY L 398 -60.74 -75.80 58.74
N VAL L 399 -59.86 -74.83 58.60
CA VAL L 399 -60.21 -73.48 58.16
C VAL L 399 -59.66 -73.23 56.76
N CYS L 400 -60.48 -72.85 55.80
CA CYS L 400 -60.12 -72.56 54.41
C CYS L 400 -59.33 -73.69 53.74
N LEU L 401 -58.01 -73.57 53.58
CA LEU L 401 -57.15 -74.68 53.14
C LEU L 401 -57.34 -75.93 54.00
N GLY L 402 -57.78 -75.80 55.25
CA GLY L 402 -58.15 -76.93 56.08
C GLY L 402 -59.41 -77.64 55.60
N LEU L 403 -60.44 -76.96 55.10
CA LEU L 403 -61.56 -77.67 54.46
C LEU L 403 -61.12 -78.33 53.17
N GLN L 404 -60.30 -77.63 52.39
CA GLN L 404 -59.72 -78.14 51.18
C GLN L 404 -58.98 -79.46 51.50
N ILE L 405 -58.19 -79.50 52.56
CA ILE L 405 -57.43 -80.68 52.98
C ILE L 405 -58.28 -81.73 53.69
N ALA L 406 -59.31 -81.37 54.43
CA ALA L 406 -60.32 -82.32 54.90
C ALA L 406 -60.99 -83.05 53.73
N THR L 407 -61.27 -82.34 52.63
CA THR L 407 -61.90 -82.94 51.46
C THR L 407 -60.90 -83.74 50.61
N ILE L 408 -59.69 -83.23 50.38
CA ILE L 408 -58.62 -84.01 49.75
C ILE L 408 -58.36 -85.29 50.53
N GLU L 409 -58.30 -85.26 51.86
CA GLU L 409 -58.02 -86.47 52.64
C GLU L 409 -59.18 -87.46 52.55
N PHE L 410 -60.41 -87.02 52.80
CA PHE L 410 -61.56 -87.90 52.71
C PHE L 410 -61.70 -88.52 51.30
N THR L 411 -61.39 -87.76 50.24
CA THR L 411 -61.27 -88.30 48.89
C THR L 411 -60.15 -89.34 48.82
N ARG L 412 -58.93 -88.98 49.24
CA ARG L 412 -57.70 -89.78 49.14
C ARG L 412 -57.69 -91.06 49.99
N SER L 413 -58.64 -91.24 50.92
CA SER L 413 -58.66 -92.37 51.85
C SER L 413 -59.99 -93.08 51.97
N VAL L 414 -61.12 -92.40 51.79
CA VAL L 414 -62.46 -93.00 51.88
C VAL L 414 -62.97 -93.39 50.48
N LEU L 415 -62.72 -92.59 49.44
CA LEU L 415 -63.06 -92.91 48.05
C LEU L 415 -61.95 -93.64 47.28
N GLY L 416 -60.83 -93.97 47.91
CA GLY L 416 -59.60 -94.35 47.21
C GLY L 416 -58.93 -93.14 46.56
N ARG L 417 -58.98 -93.04 45.23
CA ARG L 417 -58.59 -91.85 44.42
C ARG L 417 -57.26 -91.20 44.85
N LYS L 418 -56.22 -92.01 45.03
CA LYS L 418 -54.92 -91.60 45.63
C LYS L 418 -54.17 -90.50 44.88
N ASP L 419 -54.47 -90.30 43.59
CA ASP L 419 -53.91 -89.23 42.75
C ASP L 419 -54.53 -87.83 43.01
N SER L 420 -55.64 -87.72 43.74
CA SER L 420 -56.35 -86.44 43.89
C SER L 420 -55.56 -85.39 44.69
N HIS L 421 -55.73 -84.12 44.36
CA HIS L 421 -54.89 -83.01 44.80
C HIS L 421 -55.66 -81.69 44.66
N SER L 422 -55.17 -80.61 45.26
CA SER L 422 -55.69 -79.25 45.03
C SER L 422 -55.61 -78.85 43.54
N ALA L 423 -56.52 -77.96 43.11
CA ALA L 423 -56.46 -77.36 41.78
C ALA L 423 -55.15 -76.61 41.50
N GLU L 424 -54.37 -76.29 42.54
CA GLU L 424 -53.01 -75.79 42.43
C GLU L 424 -52.10 -76.65 41.55
N PHE L 425 -52.22 -78.00 41.58
CA PHE L 425 -51.53 -78.91 40.67
C PHE L 425 -52.28 -79.01 39.33
N TYR L 426 -52.35 -77.87 38.66
CA TYR L 426 -53.19 -77.62 37.48
C TYR L 426 -53.09 -78.69 36.37
N PRO L 427 -51.90 -79.11 35.89
CA PRO L 427 -51.79 -79.97 34.71
C PRO L 427 -52.20 -81.44 34.89
N ASP L 428 -52.58 -81.87 36.10
CA ASP L 428 -53.20 -83.19 36.30
C ASP L 428 -54.64 -83.25 35.79
N ILE L 429 -55.33 -82.11 35.71
CA ILE L 429 -56.69 -81.89 35.18
C ILE L 429 -57.76 -82.81 35.80
N ASP L 430 -57.85 -84.07 35.41
CA ASP L 430 -58.96 -84.99 35.72
C ASP L 430 -59.14 -85.25 37.22
N GLU L 431 -58.06 -85.18 38.01
CA GLU L 431 -58.03 -85.48 39.45
C GLU L 431 -57.96 -84.25 40.37
N LYS L 432 -58.14 -83.04 39.83
CA LYS L 432 -58.24 -81.82 40.63
C LYS L 432 -59.47 -81.89 41.54
N ASN L 433 -59.26 -81.76 42.85
CA ASN L 433 -60.30 -81.81 43.87
C ASN L 433 -61.12 -80.51 43.98
N HIS L 434 -60.67 -79.43 43.32
CA HIS L 434 -61.20 -78.07 43.45
C HIS L 434 -61.43 -77.40 42.07
N VAL L 435 -62.13 -76.28 42.05
CA VAL L 435 -62.37 -75.44 40.88
C VAL L 435 -62.14 -73.97 41.22
N VAL L 436 -61.62 -73.21 40.26
CA VAL L 436 -61.46 -71.75 40.34
C VAL L 436 -62.82 -71.05 40.47
N VAL L 437 -62.87 -70.03 41.33
CA VAL L 437 -64.04 -69.17 41.50
C VAL L 437 -63.57 -67.76 41.92
N PHE L 438 -63.12 -66.95 40.96
CA PHE L 438 -62.55 -65.62 41.22
C PHE L 438 -63.58 -64.53 41.56
N MET L 439 -64.86 -64.69 41.19
CA MET L 439 -65.92 -63.66 41.27
C MET L 439 -65.48 -62.28 40.76
N MET L 440 -60.76 -63.01 43.74
CA MET L 440 -60.90 -63.63 45.05
C MET L 440 -62.26 -63.32 45.69
N ARG L 441 -62.92 -64.31 46.29
CA ARG L 441 -64.11 -64.11 47.14
C ARG L 441 -63.64 -63.54 48.48
N LEU L 442 -64.20 -62.39 48.89
CA LEU L 442 -63.78 -61.61 50.06
C LEU L 442 -64.97 -61.10 50.87
N GLY L 443 -64.70 -60.65 52.09
CA GLY L 443 -65.65 -59.91 52.93
C GLY L 443 -66.79 -60.73 53.49
N LEU L 444 -67.68 -60.07 54.22
CA LEU L 444 -68.81 -60.69 54.89
C LEU L 444 -69.83 -61.15 53.85
N ARG L 445 -69.98 -62.46 53.72
CA ARG L 445 -71.04 -63.09 52.91
C ARG L 445 -71.87 -64.04 53.78
N PRO L 446 -73.16 -64.25 53.50
CA PRO L 446 -73.97 -65.21 54.25
C PRO L 446 -73.55 -66.66 54.00
N THR L 447 -74.03 -67.59 54.83
CA THR L 447 -74.03 -69.03 54.58
C THR L 447 -75.26 -69.66 55.22
N PHE L 448 -75.92 -70.56 54.52
CA PHE L 448 -77.24 -71.10 54.85
C PHE L 448 -77.13 -72.60 55.13
N PHE L 449 -77.68 -73.07 56.24
CA PHE L 449 -77.66 -74.50 56.57
C PHE L 449 -78.56 -75.29 55.61
N GLN L 450 -78.16 -76.49 55.23
CA GLN L 450 -78.99 -77.39 54.41
C GLN L 450 -80.15 -77.94 55.26
N ASN L 451 -81.39 -77.80 54.80
CA ASN L 451 -82.57 -77.78 55.67
C ASN L 451 -82.89 -79.08 56.45
N GLU L 452 -82.26 -80.20 56.13
CA GLU L 452 -82.44 -81.51 56.77
C GLU L 452 -81.45 -81.79 57.93
N THR L 453 -80.35 -81.03 58.03
CA THR L 453 -79.19 -81.41 58.87
C THR L 453 -79.36 -81.11 60.37
N GLU L 454 -80.48 -81.50 60.95
CA GLU L 454 -80.84 -81.28 62.36
C GLU L 454 -79.90 -82.02 63.34
N TRP L 455 -79.21 -83.05 62.88
CA TRP L 455 -78.23 -83.83 63.65
C TRP L 455 -76.93 -83.08 63.95
N SER L 456 -76.60 -82.06 63.15
CA SER L 456 -75.29 -81.40 63.12
C SER L 456 -74.86 -80.83 64.46
N GLN L 457 -73.61 -81.10 64.86
CA GLN L 457 -73.03 -80.48 66.05
C GLN L 457 -72.79 -78.98 65.82
N ILE L 458 -72.27 -78.59 64.65
CA ILE L 458 -71.96 -77.18 64.39
C ILE L 458 -73.22 -76.32 64.29
N LYS L 459 -74.27 -76.73 63.58
CA LYS L 459 -75.49 -75.91 63.49
C LYS L 459 -76.28 -75.86 64.80
N LYS L 460 -75.98 -76.75 65.76
CA LYS L 460 -76.45 -76.61 67.14
C LYS L 460 -75.72 -75.49 67.86
N LEU L 461 -74.38 -75.38 67.74
CA LEU L 461 -73.62 -74.27 68.36
C LEU L 461 -74.08 -72.88 67.88
N TYR L 462 -74.45 -72.73 66.62
CA TYR L 462 -75.06 -71.52 66.07
C TYR L 462 -76.50 -71.24 66.56
N GLY L 463 -77.02 -71.97 67.55
CA GLY L 463 -78.29 -71.68 68.22
C GLY L 463 -79.54 -72.02 67.42
N ASP L 464 -79.43 -72.93 66.45
CA ASP L 464 -80.50 -73.27 65.49
C ASP L 464 -80.97 -72.10 64.60
N VAL L 465 -80.19 -71.02 64.50
CA VAL L 465 -80.45 -69.92 63.56
C VAL L 465 -80.33 -70.41 62.11
N SER L 466 -81.15 -69.88 61.21
CA SER L 466 -81.27 -70.31 59.80
C SER L 466 -80.04 -70.02 58.93
N GLU L 467 -79.26 -69.00 59.24
CA GLU L 467 -78.07 -68.62 58.49
C GLU L 467 -77.04 -67.91 59.38
N VAL L 468 -75.81 -67.85 58.88
CA VAL L 468 -74.65 -67.21 59.52
C VAL L 468 -74.00 -66.21 58.56
N HIS L 469 -73.18 -65.27 59.03
CA HIS L 469 -72.45 -64.35 58.17
C HIS L 469 -70.96 -64.32 58.53
N GLU L 470 -70.07 -64.45 57.55
CA GLU L 470 -68.65 -64.78 57.80
C GLU L 470 -67.68 -64.17 56.77
N ARG L 471 -66.40 -64.00 57.14
CA ARG L 471 -65.36 -63.49 56.24
C ARG L 471 -64.70 -64.58 55.38
N HIS L 472 -64.35 -64.27 54.15
CA HIS L 472 -63.76 -65.21 53.19
C HIS L 472 -62.48 -64.64 52.58
N ARG L 473 -61.57 -65.47 52.03
CA ARG L 473 -60.35 -65.05 51.31
C ARG L 473 -59.89 -66.06 50.23
N HIS L 474 -60.80 -66.76 49.56
CA HIS L 474 -60.50 -67.95 48.75
C HIS L 474 -60.66 -67.73 47.24
N ARG L 475 -59.75 -68.32 46.44
CA ARG L 475 -59.84 -68.41 44.96
C ARG L 475 -60.26 -69.79 44.44
N TYR L 476 -60.27 -70.81 45.29
CA TYR L 476 -60.66 -72.18 44.98
C TYR L 476 -61.85 -72.63 45.85
N GLU L 477 -62.71 -73.48 45.31
CA GLU L 477 -63.76 -74.20 46.05
C GLU L 477 -63.77 -75.67 45.63
N ILE L 478 -64.34 -76.56 46.45
CA ILE L 478 -64.45 -77.99 46.13
C ILE L 478 -65.30 -78.17 44.87
N ASN L 479 -64.86 -79.02 43.93
CA ASN L 479 -65.50 -79.15 42.62
C ASN L 479 -66.95 -79.68 42.78
N PRO L 480 -68.00 -78.92 42.42
CA PRO L 480 -69.39 -79.32 42.64
C PRO L 480 -69.75 -80.69 42.08
N LYS L 481 -69.10 -81.10 40.99
CA LYS L 481 -69.25 -82.42 40.35
C LYS L 481 -69.07 -83.57 41.34
N MET L 482 -68.15 -83.44 42.29
CA MET L 482 -67.83 -84.47 43.27
C MET L 482 -68.73 -84.45 44.50
N VAL L 483 -69.42 -83.35 44.80
CA VAL L 483 -70.02 -83.13 46.12
C VAL L 483 -71.12 -84.14 46.44
N ASP L 484 -71.87 -84.64 45.46
CA ASP L 484 -72.85 -85.72 45.71
C ASP L 484 -72.17 -86.99 46.24
N GLU L 485 -71.00 -87.33 45.71
CA GLU L 485 -70.23 -88.51 46.12
C GLU L 485 -69.76 -88.39 47.56
N LEU L 486 -69.26 -87.21 47.94
CA LEU L 486 -68.85 -86.87 49.29
C LEU L 486 -70.06 -86.83 50.26
N GLU L 487 -71.18 -86.23 49.88
CA GLU L 487 -72.41 -86.24 50.68
C GLU L 487 -72.95 -87.67 50.91
N ASN L 488 -72.96 -88.50 49.87
CA ASN L 488 -73.42 -89.90 49.93
C ASN L 488 -72.49 -90.78 50.79
N ASN L 489 -71.18 -90.50 50.80
CA ASN L 489 -70.21 -91.22 51.65
C ASN L 489 -70.13 -90.69 53.09
N GLY L 490 -70.74 -89.55 53.40
CA GLY L 490 -70.93 -89.05 54.77
C GLY L 490 -70.19 -87.77 55.12
N LEU L 491 -69.39 -87.21 54.22
CA LEU L 491 -68.76 -85.90 54.37
C LEU L 491 -69.78 -84.79 54.06
N ILE L 492 -70.85 -84.69 54.85
CA ILE L 492 -72.03 -83.91 54.53
C ILE L 492 -71.71 -82.41 54.57
N PHE L 493 -71.92 -81.69 53.46
CA PHE L 493 -71.75 -80.24 53.41
C PHE L 493 -72.92 -79.50 54.05
N VAL L 494 -72.90 -79.39 55.38
CA VAL L 494 -74.02 -78.85 56.17
C VAL L 494 -74.33 -77.36 55.96
N GLY L 495 -73.48 -76.61 55.24
CA GLY L 495 -73.74 -75.24 54.88
C GLY L 495 -73.23 -74.88 53.49
N LYS L 496 -74.03 -74.13 52.75
CA LYS L 496 -73.69 -73.64 51.41
C LYS L 496 -74.11 -72.17 51.27
N ASP L 497 -73.72 -71.57 50.17
CA ASP L 497 -74.01 -70.18 49.86
C ASP L 497 -75.46 -69.96 49.41
N ASP L 498 -75.78 -68.71 49.07
CA ASP L 498 -77.06 -68.30 48.50
C ASP L 498 -77.49 -69.13 47.26
N THR L 499 -76.58 -69.43 46.35
CA THR L 499 -76.88 -70.21 45.13
C THR L 499 -77.00 -71.71 45.39
N GLY L 500 -76.39 -72.22 46.45
CA GLY L 500 -76.25 -73.66 46.72
C GLY L 500 -75.16 -74.35 45.90
N LYS L 501 -74.40 -73.61 45.11
CA LYS L 501 -73.29 -74.14 44.30
C LYS L 501 -71.97 -74.24 45.08
N ARG L 502 -71.78 -73.43 46.14
CA ARG L 502 -70.49 -73.24 46.83
C ARG L 502 -70.44 -73.99 48.17
N CYS L 503 -69.33 -74.69 48.41
CA CYS L 503 -69.07 -75.48 49.61
C CYS L 503 -68.57 -74.61 50.79
N GLU L 504 -69.43 -74.21 51.72
CA GLU L 504 -69.06 -73.27 52.78
C GLU L 504 -68.72 -73.93 54.12
N ILE L 505 -69.37 -75.03 54.48
CA ILE L 505 -69.10 -75.83 55.70
C ILE L 505 -69.16 -77.32 55.36
N LEU L 506 -68.34 -78.16 55.97
CA LEU L 506 -68.61 -79.60 56.04
C LEU L 506 -68.59 -80.12 57.47
N GLU L 507 -69.39 -81.15 57.74
CA GLU L 507 -69.30 -81.97 58.94
C GLU L 507 -69.34 -83.43 58.52
N LEU L 508 -68.41 -84.23 59.04
CA LEU L 508 -68.43 -85.67 58.81
C LEU L 508 -69.47 -86.30 59.72
N LYS L 509 -70.49 -86.94 59.13
CA LYS L 509 -71.58 -87.62 59.83
C LYS L 509 -71.04 -88.68 60.79
N ASN L 510 -71.56 -88.70 62.03
CA ASN L 510 -71.21 -89.67 63.09
C ASN L 510 -69.70 -89.71 63.41
N HIS L 511 -69.12 -88.54 63.70
CA HIS L 511 -67.82 -88.34 64.34
C HIS L 511 -67.98 -87.34 65.50
N PRO L 512 -67.29 -87.44 66.64
CA PRO L 512 -67.51 -86.57 67.79
C PRO L 512 -67.40 -85.07 67.52
N TYR L 513 -66.49 -84.63 66.66
CA TYR L 513 -66.38 -83.25 66.17
C TYR L 513 -65.37 -83.17 65.03
N TYR L 514 -65.83 -83.23 63.78
CA TYR L 514 -64.96 -83.08 62.62
C TYR L 514 -65.63 -82.13 61.65
N ILE L 515 -65.21 -80.88 61.75
CA ILE L 515 -65.76 -79.74 61.03
C ILE L 515 -64.70 -79.18 60.12
N ALA L 516 -65.11 -78.65 58.98
CA ALA L 516 -64.30 -77.63 58.34
C ALA L 516 -65.18 -76.50 57.81
N THR L 517 -64.59 -75.31 57.64
CA THR L 517 -65.22 -74.11 57.10
C THR L 517 -64.39 -73.57 55.95
N GLN L 518 -64.99 -73.17 54.85
CA GLN L 518 -64.25 -72.51 53.78
C GLN L 518 -63.88 -71.07 54.17
N TYR L 519 -64.77 -70.40 54.92
CA TYR L 519 -64.48 -69.12 55.55
C TYR L 519 -63.45 -69.23 56.67
N HIS L 520 -62.96 -68.07 57.10
CA HIS L 520 -62.08 -67.87 58.24
C HIS L 520 -62.86 -67.36 59.46
N PRO L 521 -63.37 -68.22 60.35
CA PRO L 521 -64.18 -67.82 61.51
C PRO L 521 -63.44 -67.03 62.58
N GLU L 522 -62.11 -67.13 62.64
CA GLU L 522 -61.27 -66.36 63.55
C GLU L 522 -61.29 -64.85 63.28
N TYR L 523 -61.77 -64.41 62.12
CA TYR L 523 -61.98 -62.99 61.85
C TYR L 523 -63.31 -62.46 62.37
N THR L 524 -64.10 -63.25 63.10
CA THR L 524 -65.25 -62.72 63.87
C THR L 524 -65.35 -63.23 65.30
N SER L 525 -64.34 -63.92 65.81
CA SER L 525 -64.27 -64.26 67.23
C SER L 525 -64.13 -63.00 68.10
N LYS L 526 -64.95 -62.88 69.15
CA LYS L 526 -64.90 -61.78 70.13
C LYS L 526 -64.77 -62.35 71.55
N VAL L 527 -64.22 -61.59 72.49
CA VAL L 527 -63.88 -62.11 73.82
C VAL L 527 -65.12 -62.52 74.62
N LEU L 528 -66.27 -61.85 74.46
CA LEU L 528 -67.52 -62.26 75.11
C LEU L 528 -68.41 -63.16 74.26
N ASP L 529 -68.18 -63.24 72.95
CA ASP L 529 -68.92 -64.07 71.97
C ASP L 529 -67.92 -64.83 71.09
N PRO L 530 -67.44 -66.02 71.50
CA PRO L 530 -66.40 -66.73 70.78
C PRO L 530 -66.92 -67.31 69.46
N SER L 531 -66.09 -67.39 68.42
CA SER L 531 -66.55 -67.87 67.11
C SER L 531 -66.89 -69.35 67.19
N LYS L 532 -68.11 -69.72 66.82
CA LYS L 532 -68.69 -71.04 67.07
C LYS L 532 -67.87 -72.24 66.57
N PRO L 533 -67.25 -72.27 65.37
CA PRO L 533 -66.42 -73.39 64.94
C PRO L 533 -65.21 -73.64 65.83
N PHE L 534 -64.63 -72.59 66.40
CA PHE L 534 -63.54 -72.71 67.38
C PHE L 534 -64.03 -73.07 68.77
N LEU L 535 -65.21 -72.61 69.19
CA LEU L 535 -65.77 -73.05 70.46
C LEU L 535 -66.02 -74.56 70.46
N GLY L 536 -66.59 -75.09 69.38
CA GLY L 536 -66.78 -76.53 69.25
C GLY L 536 -65.48 -77.32 69.29
N LEU L 537 -64.41 -76.87 68.64
CA LEU L 537 -63.11 -77.52 68.69
C LEU L 537 -62.56 -77.60 70.11
N VAL L 538 -62.60 -76.51 70.87
CA VAL L 538 -62.11 -76.56 72.26
C VAL L 538 -63.04 -77.41 73.09
N ALA L 539 -64.34 -77.20 73.03
CA ALA L 539 -65.30 -77.93 73.86
C ALA L 539 -65.25 -79.45 73.61
N ALA L 540 -65.10 -79.91 72.38
CA ALA L 540 -64.94 -81.32 72.10
C ALA L 540 -63.56 -81.83 72.52
N SER L 541 -62.50 -81.04 72.42
CA SER L 541 -61.18 -81.40 72.95
C SER L 541 -61.22 -81.57 74.47
N ALA L 542 -62.01 -80.77 75.16
CA ALA L 542 -62.34 -80.90 76.58
C ALA L 542 -63.34 -82.03 76.89
N GLY L 543 -63.95 -82.64 75.89
CA GLY L 543 -64.95 -83.69 76.05
C GLY L 543 -66.26 -83.21 76.66
N ILE L 544 -66.57 -81.91 76.51
CA ILE L 544 -67.71 -81.22 77.16
C ILE L 544 -68.70 -80.62 76.16
N LEU L 545 -68.54 -80.90 74.86
CA LEU L 545 -69.27 -80.26 73.76
C LEU L 545 -70.78 -80.25 73.97
N GLN L 546 -71.36 -81.37 74.39
CA GLN L 546 -72.80 -81.48 74.67
C GLN L 546 -73.27 -80.38 75.64
N ASP L 547 -72.53 -80.17 76.72
CA ASP L 547 -72.95 -79.32 77.82
C ASP L 547 -72.76 -77.84 77.51
N VAL L 548 -71.79 -77.51 76.65
CA VAL L 548 -71.62 -76.18 76.06
C VAL L 548 -72.80 -75.85 75.15
N ILE L 549 -73.26 -76.80 74.33
CA ILE L 549 -74.45 -76.61 73.48
C ILE L 549 -75.71 -76.47 74.33
N GLU L 550 -75.84 -77.28 75.36
CA GLU L 550 -76.97 -77.24 76.31
C GLU L 550 -76.98 -75.99 77.21
N GLY L 551 -75.85 -75.29 77.34
CA GLY L 551 -75.77 -73.97 77.98
C GLY L 551 -75.13 -73.91 79.37
N LYS L 552 -74.38 -74.93 79.79
CA LYS L 552 -73.69 -74.99 81.10
C LYS L 552 -72.51 -74.02 81.28
N TYR L 553 -72.27 -73.13 80.31
CA TYR L 553 -71.09 -72.25 80.26
C TYR L 553 -71.36 -70.84 79.72
N ASP L 554 -72.60 -70.42 79.52
CA ASP L 554 -72.91 -69.00 79.28
C ASP L 554 -72.58 -68.12 80.50
N LEU L 555 -72.21 -66.86 80.27
CA LEU L 555 -71.57 -65.98 81.27
C LEU L 555 -72.53 -65.46 82.37
N GLU L 556 -73.78 -65.20 82.04
CA GLU L 556 -74.82 -64.76 82.97
C GLU L 556 -76.07 -65.65 82.82
N ALA L 557 -76.74 -65.98 83.92
CA ALA L 557 -77.91 -66.88 83.94
C ALA L 557 -79.06 -66.37 83.07
N MET M 1 -41.16 83.98 57.06
CA MET M 1 -40.45 84.82 56.09
C MET M 1 -40.89 84.50 54.65
N LYS M 2 -40.74 85.45 53.72
CA LYS M 2 -40.95 85.26 52.28
C LYS M 2 -39.63 85.46 51.51
N TYR M 3 -39.48 84.90 50.31
CA TYR M 3 -38.26 84.98 49.49
C TYR M 3 -38.58 85.10 47.99
N VAL M 4 -37.76 85.80 47.22
CA VAL M 4 -37.91 85.93 45.76
C VAL M 4 -36.59 85.65 45.09
N VAL M 5 -36.45 84.57 44.35
CA VAL M 5 -35.27 84.36 43.49
C VAL M 5 -35.39 85.21 42.23
N VAL M 6 -34.29 85.80 41.80
CA VAL M 6 -34.09 86.32 40.44
C VAL M 6 -32.93 85.56 39.84
N SER M 7 -33.10 84.97 38.67
CA SER M 7 -32.12 84.07 38.05
C SER M 7 -32.19 84.09 36.53
N GLY M 8 -31.32 83.35 35.84
CA GLY M 8 -31.69 82.83 34.51
C GLY M 8 -30.95 83.31 33.27
N GLY M 9 -31.50 82.91 32.12
CA GLY M 9 -31.16 83.37 30.76
C GLY M 9 -30.26 82.42 29.97
N VAL M 10 -30.13 82.64 28.66
CA VAL M 10 -29.09 82.01 27.80
C VAL M 10 -27.76 82.79 27.75
N ILE M 11 -27.65 83.94 28.40
CA ILE M 11 -26.47 84.81 28.40
C ILE M 11 -26.28 85.44 29.77
N SER M 12 -25.04 85.62 30.19
CA SER M 12 -24.71 86.53 31.28
C SER M 12 -24.82 87.98 30.78
N GLY M 13 -25.21 88.93 31.62
CA GLY M 13 -25.38 90.34 31.23
C GLY M 13 -26.79 90.72 30.75
N ILE M 14 -27.77 89.85 30.95
CA ILE M 14 -29.15 90.00 30.47
C ILE M 14 -29.98 91.08 31.17
N GLY M 15 -29.67 91.44 32.41
CA GLY M 15 -30.42 92.49 33.15
C GLY M 15 -30.83 92.18 34.60
N LYS M 16 -30.32 91.14 35.23
CA LYS M 16 -30.82 90.65 36.55
C LYS M 16 -30.90 91.75 37.63
N GLY M 17 -29.79 92.35 38.05
CA GLY M 17 -29.75 93.34 39.16
C GLY M 17 -30.85 94.41 39.11
N VAL M 18 -31.17 94.99 37.95
CA VAL M 18 -32.22 96.04 37.80
C VAL M 18 -33.58 95.38 38.00
N LEU M 19 -33.74 94.11 37.63
CA LEU M 19 -35.01 93.35 37.86
C LEU M 19 -35.02 92.89 39.32
N ALA M 20 -33.86 92.83 39.97
CA ALA M 20 -33.74 92.32 41.37
C ALA M 20 -34.01 93.47 42.35
N SER M 21 -33.09 94.41 42.52
CA SER M 21 -33.27 95.49 43.53
C SER M 21 -34.52 96.25 43.11
N SER M 22 -34.69 96.53 41.82
CA SER M 22 -36.01 97.11 41.40
C SER M 22 -37.27 96.37 41.90
N THR M 23 -37.27 95.05 41.94
CA THR M 23 -38.39 94.25 42.50
C THR M 23 -38.40 94.49 44.00
N GLY M 24 -37.21 94.60 44.63
CA GLY M 24 -37.07 94.82 46.09
C GLY M 24 -37.46 96.23 46.49
N MET M 25 -37.32 97.21 45.61
CA MET M 25 -37.72 98.63 45.86
C MET M 25 -39.24 98.65 45.95
N LEU M 26 -39.91 97.81 45.17
CA LEU M 26 -41.40 97.75 45.15
C LEU M 26 -41.88 96.92 46.33
N MET M 27 -41.10 95.96 46.83
CA MET M 27 -41.54 95.32 48.06
C MET M 27 -41.64 96.35 49.20
N LYS M 28 -40.70 97.29 49.26
CA LYS M 28 -40.75 98.43 50.20
C LYS M 28 -41.92 99.38 49.98
N THR M 29 -42.45 99.51 48.76
CA THR M 29 -43.69 100.28 48.52
C THR M 29 -44.86 99.72 49.31
N LEU M 30 -44.89 98.40 49.52
CA LEU M 30 -45.91 97.74 50.34
C LEU M 30 -45.72 97.95 51.85
N GLY M 31 -44.66 98.66 52.26
CA GLY M 31 -44.27 98.89 53.66
C GLY M 31 -43.30 97.83 54.23
N LEU M 32 -43.01 96.76 53.49
CA LEU M 32 -42.25 95.61 53.96
C LEU M 32 -40.84 95.97 54.40
N LYS M 33 -40.32 95.27 55.40
CA LYS M 33 -38.89 95.24 55.72
C LYS M 33 -38.21 94.38 54.65
N VAL M 34 -37.14 94.83 53.99
CA VAL M 34 -36.60 94.11 52.82
C VAL M 34 -35.09 93.95 52.89
N THR M 35 -34.57 92.87 52.35
CA THR M 35 -33.16 92.53 52.30
C THR M 35 -32.82 91.90 50.96
N SER M 36 -31.54 91.71 50.67
CA SER M 36 -31.09 91.15 49.41
C SER M 36 -29.82 90.34 49.58
N ILE M 37 -29.66 89.25 48.86
CA ILE M 37 -28.45 88.43 48.85
C ILE M 37 -28.02 88.25 47.41
N LYS M 38 -26.76 88.49 47.05
CA LYS M 38 -26.26 88.16 45.71
C LYS M 38 -25.37 86.94 45.78
N ILE M 39 -25.78 85.89 45.09
CA ILE M 39 -25.07 84.64 44.96
C ILE M 39 -24.19 84.77 43.72
N ASP M 40 -22.88 84.77 43.90
CA ASP M 40 -21.92 84.86 42.82
C ASP M 40 -21.27 83.52 42.50
N PRO M 41 -21.29 83.05 41.24
CA PRO M 41 -20.66 81.80 40.89
C PRO M 41 -19.13 81.84 40.85
N TYR M 42 -18.48 83.00 40.89
CA TYR M 42 -17.01 83.11 40.85
C TYR M 42 -16.34 82.62 42.15
N MET M 43 -15.07 82.22 42.05
CA MET M 43 -14.33 81.61 43.15
C MET M 43 -13.51 82.56 44.03
N ASN M 44 -13.48 83.87 43.81
CA ASN M 44 -12.93 84.79 44.81
C ASN M 44 -13.78 84.83 46.08
N ILE M 45 -13.16 84.78 47.26
CA ILE M 45 -13.90 84.95 48.52
C ILE M 45 -14.38 86.39 48.73
N ASP M 46 -13.64 87.38 48.25
CA ASP M 46 -13.98 88.80 48.33
C ASP M 46 -13.28 89.60 47.23
N ALA M 47 -13.71 90.83 46.99
CA ALA M 47 -13.09 91.71 45.99
C ALA M 47 -11.75 92.32 46.47
N GLY M 48 -11.28 92.00 47.66
CA GLY M 48 -10.03 92.55 48.20
C GLY M 48 -8.80 92.15 47.40
N THR M 49 -8.83 90.99 46.74
CA THR M 49 -7.76 90.57 45.80
C THR M 49 -7.99 91.10 44.37
N MET M 50 -9.23 91.45 44.00
CA MET M 50 -9.62 91.75 42.64
C MET M 50 -9.24 93.17 42.22
N SER M 51 -8.28 93.34 41.31
CA SER M 51 -7.85 94.67 40.86
C SER M 51 -9.00 95.39 40.14
N PRO M 52 -9.20 96.70 40.33
CA PRO M 52 -10.31 97.45 39.72
C PRO M 52 -10.42 97.47 38.19
N LEU M 53 -9.47 96.86 37.47
CA LEU M 53 -9.45 96.72 36.02
C LEU M 53 -10.45 95.69 35.48
N GLU M 54 -10.69 94.60 36.20
CA GLU M 54 -11.68 93.57 35.83
C GLU M 54 -12.54 93.19 37.04
N HIS M 55 -13.81 92.96 36.79
CA HIS M 55 -14.90 92.99 37.79
C HIS M 55 -15.15 94.35 38.45
N GLY M 56 -14.39 95.39 38.11
CA GLY M 56 -14.68 96.76 38.48
C GLY M 56 -14.47 97.10 39.96
N GLU M 57 -15.18 98.14 40.40
CA GLU M 57 -14.93 98.80 41.68
C GLU M 57 -15.18 97.92 42.91
N CYS M 58 -14.23 97.86 43.84
CA CYS M 58 -14.38 97.19 45.12
C CYS M 58 -15.34 97.97 46.02
N PHE M 59 -16.64 97.77 45.88
CA PHE M 59 -17.64 98.45 46.70
C PHE M 59 -17.39 98.21 48.19
N VAL M 60 -17.53 99.26 49.01
CA VAL M 60 -17.29 99.12 50.45
C VAL M 60 -18.43 99.33 51.46
N LEU M 61 -18.55 98.31 52.29
CA LEU M 61 -19.63 98.19 53.26
C LEU M 61 -19.48 99.13 54.46
N ASP M 62 -20.57 99.29 55.19
CA ASP M 62 -20.57 99.74 56.58
C ASP M 62 -19.56 98.91 57.41
N ASP M 63 -19.58 97.59 57.27
CA ASP M 63 -18.63 96.67 57.91
C ASP M 63 -17.24 96.61 57.23
N GLY M 64 -16.98 97.42 56.20
CA GLY M 64 -15.63 97.60 55.63
C GLY M 64 -15.06 96.45 54.81
N GLY M 65 -15.85 95.40 54.55
CA GLY M 65 -15.46 94.37 53.61
C GLY M 65 -15.46 94.87 52.17
N GLU M 66 -14.49 94.46 51.37
CA GLU M 66 -14.47 94.74 49.93
C GLU M 66 -15.33 93.73 49.18
N THR M 67 -16.61 94.04 48.98
CA THR M 67 -17.63 93.12 48.38
C THR M 67 -17.65 93.10 46.87
N ASP M 68 -18.48 92.21 46.31
CA ASP M 68 -18.99 92.33 44.95
C ASP M 68 -19.52 93.74 44.67
N LEU M 69 -19.18 94.32 43.51
CA LEU M 69 -19.62 95.69 43.12
C LEU M 69 -21.15 95.77 43.08
N ASP M 70 -21.83 94.73 42.60
CA ASP M 70 -23.30 94.78 42.41
C ASP M 70 -24.03 95.01 43.73
N LEU M 71 -23.46 94.66 44.90
CA LEU M 71 -24.22 94.79 46.17
C LEU M 71 -24.66 96.25 46.27
N GLY M 72 -23.84 97.17 45.78
CA GLY M 72 -24.17 98.61 45.87
C GLY M 72 -25.51 98.90 45.27
N ASN M 73 -25.86 98.25 44.15
CA ASN M 73 -27.13 98.52 43.43
C ASN M 73 -28.30 98.25 44.38
N TYR M 74 -28.13 97.44 45.43
CA TYR M 74 -29.20 97.07 46.40
C TYR M 74 -29.22 98.03 47.59
N GLU M 75 -28.14 98.74 47.83
CA GLU M 75 -28.06 99.66 49.01
C GLU M 75 -28.61 101.00 48.53
N ARG M 76 -28.70 101.22 47.21
CA ARG M 76 -29.30 102.46 46.62
C ARG M 76 -30.79 102.19 46.44
N TYR M 77 -31.16 101.20 45.61
CA TYR M 77 -32.59 100.80 45.41
C TYR M 77 -33.45 100.60 46.69
N LEU M 78 -32.94 99.96 47.77
CA LEU M 78 -33.74 99.57 48.96
C LEU M 78 -33.51 100.55 50.11
N GLY M 79 -32.32 101.12 50.24
CA GLY M 79 -31.99 101.94 51.39
C GLY M 79 -31.71 101.06 52.61
N VAL M 80 -30.74 100.16 52.48
CA VAL M 80 -30.33 99.17 53.49
C VAL M 80 -28.81 99.14 53.64
N THR M 81 -28.32 98.84 54.85
CA THR M 81 -26.92 98.52 55.12
C THR M 81 -26.75 97.00 55.12
N LEU M 82 -26.14 96.46 54.07
CA LEU M 82 -25.82 95.03 53.97
C LEU M 82 -24.54 94.71 54.77
N THR M 83 -24.08 93.45 54.73
CA THR M 83 -22.89 92.96 55.45
C THR M 83 -22.05 92.07 54.54
N LYS M 84 -20.83 91.72 54.96
CA LYS M 84 -19.93 90.85 54.17
C LYS M 84 -20.55 89.48 53.86
N ASP M 85 -21.51 89.02 54.66
CA ASP M 85 -22.21 87.76 54.46
C ASP M 85 -23.30 87.80 53.38
N HIS M 86 -23.83 88.97 52.99
CA HIS M 86 -24.85 89.08 51.94
C HIS M 86 -24.31 88.83 50.53
N ASN M 87 -23.02 88.70 50.35
CA ASN M 87 -22.42 88.29 49.11
C ASN M 87 -21.91 86.86 49.22
N ILE M 88 -22.78 85.90 48.96
CA ILE M 88 -22.40 84.49 48.85
C ILE M 88 -21.54 84.33 47.61
N THR M 89 -20.44 83.61 47.66
CA THR M 89 -19.65 83.29 46.46
C THR M 89 -19.22 81.84 46.49
N THR M 90 -18.92 81.26 45.33
CA THR M 90 -18.48 79.87 45.25
C THR M 90 -17.21 79.63 46.05
N GLY M 91 -16.27 80.56 46.06
CA GLY M 91 -15.07 80.45 46.89
C GLY M 91 -15.36 80.58 48.38
N LYS M 92 -16.37 81.36 48.76
CA LYS M 92 -16.74 81.57 50.15
C LYS M 92 -17.39 80.33 50.73
N ILE M 93 -18.29 79.68 50.00
CA ILE M 93 -19.00 78.51 50.52
C ILE M 93 -18.17 77.24 50.44
N TYR M 94 -17.35 77.00 49.42
CA TYR M 94 -16.40 75.89 49.52
C TYR M 94 -15.44 76.04 50.69
N SER M 95 -14.96 77.26 50.99
CA SER M 95 -14.10 77.50 52.15
C SER M 95 -14.80 77.19 53.47
N HIS M 96 -16.05 77.57 53.63
CA HIS M 96 -16.81 77.37 54.86
C HIS M 96 -17.08 75.89 55.13
N VAL M 97 -17.52 75.13 54.13
CA VAL M 97 -17.67 73.67 54.27
C VAL M 97 -16.33 72.96 54.46
N ILE M 98 -15.27 73.34 53.74
CA ILE M 98 -13.94 72.76 53.96
C ILE M 98 -13.39 73.11 55.35
N ALA M 99 -13.71 74.26 55.94
CA ALA M 99 -13.30 74.53 57.32
C ALA M 99 -13.97 73.55 58.29
N LYS M 100 -15.28 73.37 58.18
CA LYS M 100 -16.03 72.40 58.98
C LYS M 100 -15.55 70.96 58.76
N GLU M 101 -15.07 70.59 57.57
CA GLU M 101 -14.47 69.29 57.28
C GLU M 101 -13.21 69.02 58.10
N ARG M 102 -12.30 70.00 58.24
CA ARG M 102 -11.05 69.82 59.03
C ARG M 102 -11.24 70.03 60.52
N LYS M 103 -12.20 70.86 60.94
CA LYS M 103 -12.66 70.92 62.32
C LYS M 103 -13.37 69.63 62.74
N GLY M 104 -13.92 68.90 61.79
CA GLY M 104 -14.58 67.62 62.01
C GLY M 104 -16.06 67.74 62.39
N ASP M 105 -16.73 68.83 62.03
CA ASP M 105 -18.14 69.08 62.39
C ASP M 105 -19.12 68.11 61.70
N TYR M 106 -18.67 67.38 60.69
CA TYR M 106 -19.42 66.30 60.03
C TYR M 106 -19.30 64.94 60.74
N LEU M 107 -18.76 64.87 61.96
CA LEU M 107 -18.73 63.65 62.79
C LEU M 107 -18.15 62.45 62.04
N GLY M 108 -17.11 62.69 61.25
CA GLY M 108 -16.39 61.68 60.48
C GLY M 108 -17.17 61.06 59.32
N LYS M 109 -18.37 61.52 58.97
CA LYS M 109 -19.01 61.16 57.69
C LYS M 109 -18.14 61.63 56.53
N THR M 110 -18.27 61.05 55.34
CA THR M 110 -17.79 61.75 54.13
C THR M 110 -18.72 62.90 53.82
N VAL M 111 -18.18 64.01 53.35
CA VAL M 111 -18.91 65.24 53.06
C VAL M 111 -19.00 65.44 51.56
N GLN M 112 -20.18 65.72 51.07
CA GLN M 112 -20.55 65.59 49.67
C GLN M 112 -21.14 66.89 49.14
N ILE M 113 -21.11 67.12 47.82
CA ILE M 113 -21.75 68.33 47.29
C ILE M 113 -23.26 68.27 47.53
N VAL M 114 -23.87 67.10 47.41
CA VAL M 114 -25.25 66.85 47.86
C VAL M 114 -25.24 65.69 48.86
N PRO M 115 -25.81 65.81 50.07
CA PRO M 115 -26.57 66.93 50.58
C PRO M 115 -25.77 67.96 51.37
N HIS M 116 -24.52 67.74 51.77
CA HIS M 116 -23.87 68.62 52.75
C HIS M 116 -23.64 70.03 52.25
N LEU M 117 -23.04 70.24 51.09
CA LEU M 117 -22.85 71.60 50.58
C LEU M 117 -24.16 72.28 50.17
N THR M 118 -25.13 71.57 49.60
CA THR M 118 -26.42 72.17 49.31
C THR M 118 -27.23 72.50 50.55
N ASN M 119 -27.03 71.79 51.66
CA ASN M 119 -27.52 72.22 52.97
C ASN M 119 -26.79 73.46 53.44
N ALA M 120 -25.47 73.57 53.29
CA ALA M 120 -24.73 74.76 53.70
C ALA M 120 -25.26 76.02 53.03
N ILE M 121 -25.51 75.98 51.72
CA ILE M 121 -26.07 77.11 50.99
C ILE M 121 -27.45 77.49 51.52
N GLN M 122 -28.36 76.55 51.74
CA GLN M 122 -29.67 76.85 52.34
C GLN M 122 -29.54 77.43 53.76
N ASP M 123 -28.65 76.86 54.57
CA ASP M 123 -28.41 77.32 55.92
C ASP M 123 -27.78 78.72 55.94
N TRP M 124 -27.00 79.10 54.92
CA TRP M 124 -26.49 80.46 54.73
C TRP M 124 -27.57 81.44 54.32
N ILE M 125 -28.39 81.13 53.32
CA ILE M 125 -29.47 82.01 52.89
C ILE M 125 -30.45 82.29 54.03
N GLU M 126 -30.93 81.27 54.74
CA GLU M 126 -31.85 81.51 55.84
C GLU M 126 -31.15 82.12 57.06
N ARG M 127 -29.84 81.97 57.24
CA ARG M 127 -29.08 82.68 58.27
C ARG M 127 -29.09 84.16 57.97
N VAL M 128 -28.61 84.54 56.80
CA VAL M 128 -28.43 85.94 56.41
C VAL M 128 -29.75 86.67 56.30
N ALA M 129 -30.81 86.02 55.85
CA ALA M 129 -32.14 86.62 55.76
C ALA M 129 -32.77 87.02 57.10
N LYS M 130 -32.21 86.60 58.25
CA LYS M 130 -32.59 87.10 59.58
C LYS M 130 -32.04 88.48 59.91
N ILE M 131 -30.89 88.85 59.35
CA ILE M 131 -30.13 90.04 59.76
C ILE M 131 -30.96 91.31 59.50
N PRO M 132 -31.12 92.23 60.46
CA PRO M 132 -31.96 93.42 60.34
C PRO M 132 -31.23 94.56 59.60
N VAL M 133 -31.23 94.53 58.27
CA VAL M 133 -30.50 95.49 57.43
C VAL M 133 -31.21 96.85 57.27
N ASP M 134 -32.43 96.97 57.79
CA ASP M 134 -33.40 98.02 57.52
C ASP M 134 -33.44 99.12 58.59
N ASP M 135 -34.24 100.16 58.39
CA ASP M 135 -34.32 101.36 59.26
C ASP M 135 -34.92 101.13 60.67
N THR M 136 -35.24 99.90 61.03
CA THR M 136 -35.49 99.49 62.41
C THR M 136 -35.06 98.04 62.58
N GLY M 137 -34.66 97.66 63.79
CA GLY M 137 -33.95 96.42 64.08
C GLY M 137 -34.74 95.11 63.93
N MET M 138 -35.95 95.10 63.36
CA MET M 138 -36.72 93.87 63.12
C MET M 138 -36.21 93.13 61.89
N GLU M 139 -36.25 91.79 61.93
CA GLU M 139 -35.83 90.94 60.81
C GLU M 139 -36.65 91.24 59.53
N PRO M 140 -36.05 91.19 58.33
CA PRO M 140 -36.75 91.42 57.08
C PRO M 140 -37.96 90.49 56.83
N ASP M 141 -38.90 90.97 56.02
CA ASP M 141 -40.12 90.25 55.66
C ASP M 141 -40.03 89.59 54.29
N VAL M 142 -39.24 90.15 53.37
CA VAL M 142 -38.90 89.55 52.08
C VAL M 142 -37.40 89.60 51.86
N CYS M 143 -36.80 88.56 51.33
CA CYS M 143 -35.41 88.57 50.84
C CYS M 143 -35.38 88.37 49.33
N ILE M 144 -34.72 89.25 48.59
CA ILE M 144 -34.50 89.10 47.15
C ILE M 144 -33.18 88.36 46.95
N ILE M 145 -33.18 87.17 46.37
CA ILE M 145 -31.98 86.37 46.13
C ILE M 145 -31.62 86.45 44.66
N GLU M 146 -30.51 87.08 44.29
CA GLU M 146 -30.09 87.09 42.90
C GLU M 146 -29.03 86.03 42.66
N LEU M 147 -29.34 85.08 41.80
CA LEU M 147 -28.45 84.02 41.37
C LEU M 147 -27.65 84.49 40.15
N GLY M 148 -26.37 84.79 40.31
CA GLY M 148 -25.49 85.13 39.20
C GLY M 148 -25.16 83.96 38.29
N GLY M 149 -24.42 84.25 37.22
CA GLY M 149 -24.15 83.30 36.13
C GLY M 149 -25.41 83.00 35.32
N THR M 150 -25.45 81.84 34.66
CA THR M 150 -26.66 81.33 34.00
C THR M 150 -26.98 79.92 34.45
N VAL M 151 -28.26 79.59 34.57
CA VAL M 151 -28.68 78.22 34.88
C VAL M 151 -28.19 77.28 33.77
N GLY M 152 -27.55 76.18 34.13
CA GLY M 152 -26.87 75.27 33.19
C GLY M 152 -25.37 75.52 33.02
N ASP M 153 -24.82 76.45 33.80
CA ASP M 153 -23.36 76.64 33.87
C ASP M 153 -22.85 75.53 34.80
N ILE M 154 -21.61 75.03 34.65
CA ILE M 154 -21.02 74.01 35.57
C ILE M 154 -20.55 74.76 36.82
N GLU M 155 -20.66 76.08 36.85
CA GLU M 155 -20.22 76.96 37.97
C GLU M 155 -21.43 77.29 38.85
N SER M 156 -22.64 77.26 38.30
CA SER M 156 -23.89 77.63 39.01
C SER M 156 -24.68 76.39 39.41
N ALA M 157 -24.20 75.19 39.13
CA ALA M 157 -24.95 73.93 39.38
C ALA M 157 -25.16 73.70 40.90
N PRO M 158 -24.21 73.96 41.81
CA PRO M 158 -24.46 73.80 43.24
C PRO M 158 -25.58 74.67 43.80
N PHE M 159 -25.74 75.88 43.29
CA PHE M 159 -26.75 76.83 43.77
C PHE M 159 -28.16 76.53 43.29
N VAL M 160 -28.36 76.08 42.05
CA VAL M 160 -29.70 75.63 41.61
C VAL M 160 -30.14 74.34 42.30
N GLU M 161 -29.23 73.46 42.70
CA GLU M 161 -29.56 72.38 43.62
C GLU M 161 -30.01 72.95 44.97
N ALA M 162 -29.21 73.82 45.57
CA ALA M 162 -29.52 74.32 46.90
C ALA M 162 -30.83 75.10 46.92
N LEU M 163 -31.09 75.93 45.92
CA LEU M 163 -32.34 76.65 45.76
C LEU M 163 -33.51 75.68 45.51
N ARG M 164 -33.37 74.60 44.72
CA ARG M 164 -34.47 73.63 44.56
C ARG M 164 -34.89 73.05 45.90
N GLN M 165 -33.94 72.55 46.67
CA GLN M 165 -34.20 72.00 48.00
C GLN M 165 -34.81 73.09 48.90
N PHE M 166 -34.38 74.34 48.74
CA PHE M 166 -34.93 75.48 49.46
C PHE M 166 -36.40 75.76 49.13
N GLN M 167 -36.92 75.39 47.97
CA GLN M 167 -38.34 75.50 47.66
C GLN M 167 -39.22 74.61 48.56
N PHE M 168 -38.61 73.70 49.33
CA PHE M 168 -39.28 72.77 50.23
C PHE M 168 -38.95 73.06 51.70
N LYS M 169 -37.69 73.43 51.98
CA LYS M 169 -37.26 73.85 53.32
C LYS M 169 -38.01 75.12 53.74
N VAL M 170 -38.13 76.07 52.81
CA VAL M 170 -39.16 77.12 52.78
C VAL M 170 -40.36 76.55 52.03
N GLY M 171 -41.59 76.94 52.35
CA GLY M 171 -42.76 76.48 51.59
C GLY M 171 -42.98 77.17 50.24
N LYS M 172 -43.71 76.54 49.33
CA LYS M 172 -44.46 77.26 48.29
C LYS M 172 -45.50 78.15 48.99
N GLU M 173 -45.88 79.27 48.37
CA GLU M 173 -46.52 80.41 49.06
C GLU M 173 -45.63 81.10 50.11
N ASN M 174 -44.34 80.78 50.19
CA ASN M 174 -43.31 81.63 50.81
C ASN M 174 -42.15 81.92 49.87
N PHE M 175 -41.84 81.04 48.92
CA PHE M 175 -40.80 81.22 47.90
C PHE M 175 -41.42 81.43 46.52
N ALA M 176 -40.86 82.34 45.71
CA ALA M 176 -41.21 82.53 44.28
C ALA M 176 -39.98 82.84 43.44
N LEU M 177 -40.02 82.56 42.14
CA LEU M 177 -38.88 82.79 41.24
C LEU M 177 -39.25 83.63 40.03
N ILE M 178 -38.41 84.62 39.71
CA ILE M 178 -38.43 85.42 38.49
C ILE M 178 -37.27 84.96 37.60
N HIS M 179 -37.53 84.50 36.39
CA HIS M 179 -36.49 84.05 35.47
C HIS M 179 -36.32 85.08 34.37
N VAL M 180 -35.13 85.58 34.17
CA VAL M 180 -34.86 86.66 33.21
C VAL M 180 -34.29 86.04 31.95
N SER M 181 -34.84 86.30 30.76
CA SER M 181 -34.52 85.51 29.56
C SER M 181 -34.51 86.35 28.28
N LEU M 182 -33.89 85.83 27.22
CA LEU M 182 -33.61 86.63 26.02
C LEU M 182 -34.67 86.40 24.94
N VAL M 183 -35.17 87.48 24.36
CA VAL M 183 -35.95 87.44 23.12
C VAL M 183 -35.11 88.17 22.06
N PRO M 184 -34.21 87.51 21.33
CA PRO M 184 -33.44 88.18 20.29
C PRO M 184 -34.37 88.57 19.16
N VAL M 185 -34.12 89.74 18.57
CA VAL M 185 -34.80 90.20 17.37
C VAL M 185 -33.82 90.10 16.21
N ILE M 186 -34.12 89.25 15.24
CA ILE M 186 -33.37 89.17 13.97
C ILE M 186 -34.33 89.15 12.79
N HIS M 187 -33.93 89.72 11.65
CA HIS M 187 -34.84 89.95 10.52
C HIS M 187 -36.12 90.68 10.94
N GLY M 188 -36.04 91.55 11.94
CA GLY M 188 -37.17 92.26 12.53
C GLY M 188 -38.22 91.39 13.24
N GLU M 189 -37.94 90.13 13.58
CA GLU M 189 -38.85 89.25 14.32
C GLU M 189 -38.30 88.83 15.69
N GLN M 190 -39.13 88.96 16.74
CA GLN M 190 -38.88 88.48 18.09
C GLN M 190 -38.92 86.93 18.18
N LYS M 191 -37.77 86.28 18.36
CA LYS M 191 -37.70 84.81 18.42
C LYS M 191 -37.83 84.34 19.88
N THR M 192 -38.73 83.39 20.15
CA THR M 192 -38.97 82.88 21.52
C THR M 192 -38.03 81.76 21.92
N LYS M 193 -37.40 81.06 20.98
CA LYS M 193 -36.72 79.78 21.27
C LYS M 193 -35.60 79.81 22.32
N PRO M 194 -34.77 80.86 22.49
CA PRO M 194 -33.81 80.87 23.58
C PRO M 194 -34.49 80.83 24.95
N THR M 195 -35.65 81.44 25.11
CA THR M 195 -36.47 81.30 26.33
C THR M 195 -37.01 79.89 26.50
N GLN M 196 -37.46 79.21 25.43
CA GLN M 196 -37.88 77.80 25.53
C GLN M 196 -36.73 76.88 25.96
N ALA M 197 -35.57 76.93 25.31
CA ALA M 197 -34.40 76.14 25.67
C ALA M 197 -33.84 76.43 27.08
N ALA M 198 -33.85 77.68 27.54
CA ALA M 198 -33.42 78.03 28.90
C ALA M 198 -34.47 77.71 29.96
N ILE M 199 -35.75 77.63 29.63
CA ILE M 199 -36.79 77.16 30.56
C ILE M 199 -36.79 75.63 30.63
N LYS M 200 -36.55 74.94 29.52
CA LYS M 200 -36.21 73.51 29.53
C LYS M 200 -35.02 73.24 30.46
N GLY M 201 -33.93 74.00 30.35
CA GLY M 201 -32.82 73.94 31.30
C GLY M 201 -33.27 74.17 32.74
N LEU M 202 -34.05 75.22 33.01
CA LEU M 202 -34.52 75.54 34.36
C LEU M 202 -35.31 74.40 34.98
N ARG M 203 -36.34 73.87 34.29
CA ARG M 203 -37.14 72.79 34.86
C ARG M 203 -36.35 71.49 35.03
N SER M 204 -35.31 71.26 34.23
CA SER M 204 -34.43 70.11 34.41
C SER M 204 -33.80 70.09 35.80
N LEU M 205 -33.29 71.22 36.27
CA LEU M 205 -32.70 71.38 37.60
C LEU M 205 -33.76 71.57 38.72
N GLY M 206 -35.01 71.85 38.35
CA GLY M 206 -36.20 71.60 39.17
C GLY M 206 -36.89 72.83 39.73
N LEU M 207 -36.31 74.00 39.53
CA LEU M 207 -36.94 75.28 39.80
C LEU M 207 -38.06 75.51 38.78
N VAL M 208 -39.16 76.16 39.17
CA VAL M 208 -40.25 76.57 38.26
C VAL M 208 -40.48 78.07 38.37
N PRO M 209 -40.53 78.81 37.26
CA PRO M 209 -40.64 80.25 37.30
C PRO M 209 -42.08 80.67 37.52
N ASP M 210 -42.29 81.55 38.49
CA ASP M 210 -43.57 82.19 38.73
C ASP M 210 -43.76 83.42 37.86
N MET M 211 -42.67 83.97 37.34
CA MET M 211 -42.63 84.98 36.31
C MET M 211 -41.51 84.71 35.33
N ILE M 212 -41.67 85.16 34.09
CA ILE M 212 -40.57 85.33 33.16
C ILE M 212 -40.42 86.81 32.89
N ALA M 213 -39.20 87.31 32.76
CA ALA M 213 -38.94 88.70 32.42
C ALA M 213 -37.98 88.80 31.25
N CYS M 214 -38.35 89.49 30.18
CA CYS M 214 -37.55 89.43 28.96
C CYS M 214 -36.62 90.62 28.75
N ARG M 215 -35.35 90.35 28.50
CA ARG M 215 -34.49 91.27 27.75
C ARG M 215 -34.91 91.21 26.31
N CYS M 216 -35.34 92.34 25.76
CA CYS M 216 -35.68 92.45 24.36
C CYS M 216 -35.33 93.84 23.85
N SER M 217 -34.98 93.96 22.57
CA SER M 217 -34.74 95.24 21.91
C SER M 217 -36.01 96.07 21.72
N GLU M 218 -37.20 95.49 21.96
CA GLU M 218 -38.50 96.05 21.62
C GLU M 218 -39.52 95.91 22.75
N THR M 219 -40.70 96.53 22.62
CA THR M 219 -41.86 96.03 23.36
C THR M 219 -42.21 94.64 22.84
N LEU M 220 -42.34 93.63 23.69
CA LEU M 220 -42.78 92.30 23.26
C LEU M 220 -44.12 92.40 22.53
N ASP M 221 -44.20 91.78 21.37
CA ASP M 221 -45.48 91.63 20.68
C ASP M 221 -46.43 90.77 21.50
N LYS M 222 -47.73 91.06 21.41
CA LYS M 222 -48.81 90.26 21.97
C LYS M 222 -48.65 88.76 21.66
N PRO M 223 -48.37 88.31 20.42
CA PRO M 223 -48.05 86.91 20.14
C PRO M 223 -46.76 86.40 20.80
N THR M 224 -45.73 87.21 21.02
CA THR M 224 -44.51 86.74 21.71
C THR M 224 -44.79 86.39 23.15
N ILE M 225 -45.56 87.20 23.86
CA ILE M 225 -46.04 86.88 25.20
C ILE M 225 -46.84 85.59 25.21
N ASP M 226 -47.75 85.41 24.25
CA ASP M 226 -48.54 84.18 24.16
C ASP M 226 -47.67 82.95 23.85
N LYS M 227 -46.69 83.05 22.97
CA LYS M 227 -45.82 81.93 22.60
C LYS M 227 -44.75 81.62 23.66
N ILE M 228 -44.41 82.54 24.56
CA ILE M 228 -43.67 82.20 25.80
C ILE M 228 -44.61 81.54 26.82
N ALA M 229 -45.78 82.11 27.11
CA ALA M 229 -46.69 81.53 28.10
C ALA M 229 -47.29 80.17 27.69
N MET M 230 -47.39 79.85 26.40
CA MET M 230 -47.75 78.52 25.89
C MET M 230 -46.65 77.48 26.11
N PHE M 231 -45.45 77.89 26.54
CA PHE M 231 -44.26 77.04 26.71
C PHE M 231 -43.68 77.06 28.11
N CYS M 232 -44.29 77.79 29.04
CA CYS M 232 -43.88 77.93 30.44
C CYS M 232 -45.09 77.97 31.36
N HIS M 233 -44.93 77.69 32.63
CA HIS M 233 -46.07 77.53 33.55
C HIS M 233 -46.56 78.86 34.16
N VAL M 234 -46.58 79.93 33.37
CA VAL M 234 -46.95 81.31 33.74
C VAL M 234 -48.18 81.76 32.95
N GLY M 235 -49.05 82.59 33.52
CA GLY M 235 -50.08 83.26 32.72
C GLY M 235 -49.46 84.29 31.78
N PRO M 236 -50.14 84.73 30.73
CA PRO M 236 -49.59 85.75 29.82
C PRO M 236 -49.33 87.11 30.50
N GLU M 237 -49.98 87.38 31.63
CA GLU M 237 -49.78 88.59 32.45
C GLU M 237 -48.53 88.54 33.35
N GLN M 238 -47.83 87.41 33.46
CA GLN M 238 -46.55 87.25 34.15
C GLN M 238 -45.35 87.06 33.21
N VAL M 239 -45.49 87.37 31.92
CA VAL M 239 -44.34 87.60 31.05
C VAL M 239 -44.02 89.09 31.06
N VAL M 240 -43.24 89.52 32.05
CA VAL M 240 -42.78 90.89 32.28
C VAL M 240 -41.78 91.30 31.20
N ASN M 241 -41.62 92.59 30.94
CA ASN M 241 -40.72 93.09 29.92
C ASN M 241 -40.04 94.40 30.32
N VAL M 242 -38.74 94.35 30.62
CA VAL M 242 -37.92 95.51 30.93
C VAL M 242 -37.39 96.13 29.63
N HIS M 243 -38.24 96.86 28.91
CA HIS M 243 -37.88 97.52 27.66
C HIS M 243 -37.12 98.84 27.89
N ASP M 244 -36.66 99.47 26.81
CA ASP M 244 -36.06 100.81 26.85
C ASP M 244 -36.95 101.82 27.58
N VAL M 245 -36.39 102.55 28.53
CA VAL M 245 -37.06 103.58 29.35
C VAL M 245 -36.17 104.80 29.51
N ASN M 246 -36.74 105.94 29.92
CA ASN M 246 -36.01 107.22 29.92
C ASN M 246 -34.76 107.17 30.80
N SER M 247 -34.81 106.46 31.93
CA SER M 247 -33.64 106.16 32.76
C SER M 247 -33.88 104.97 33.67
N THR M 248 -32.83 104.39 34.21
CA THR M 248 -32.88 103.17 35.03
C THR M 248 -33.75 103.32 36.27
N TYR M 249 -33.89 104.53 36.81
CA TYR M 249 -34.75 104.79 37.96
C TYR M 249 -36.24 104.66 37.65
N HIS M 250 -36.64 104.58 36.38
CA HIS M 250 -38.02 104.31 36.00
C HIS M 250 -38.41 102.84 36.08
N VAL M 251 -37.45 101.91 36.08
CA VAL M 251 -37.78 100.48 36.01
C VAL M 251 -38.74 100.02 37.11
N PRO M 252 -38.65 100.39 38.39
CA PRO M 252 -39.66 99.95 39.34
C PRO M 252 -41.08 100.48 39.03
N LEU M 253 -41.23 101.66 38.44
CA LEU M 253 -42.54 102.08 37.96
C LEU M 253 -42.96 101.26 36.74
N LEU M 254 -42.07 100.92 35.81
CA LEU M 254 -42.39 100.02 34.70
C LEU M 254 -42.88 98.66 35.18
N LEU M 255 -42.20 98.03 36.13
CA LEU M 255 -42.61 96.75 36.71
C LEU M 255 -43.96 96.87 37.39
N LEU M 256 -44.18 97.92 38.19
CA LEU M 256 -45.46 98.15 38.85
C LEU M 256 -46.60 98.41 37.87
N GLU M 257 -46.38 99.10 36.76
CA GLU M 257 -47.39 99.33 35.74
C GLU M 257 -47.67 98.08 34.90
N GLN M 258 -46.69 97.19 34.72
CA GLN M 258 -46.89 95.84 34.18
C GLN M 258 -47.55 94.87 35.21
N LYS M 259 -48.13 95.39 36.29
CA LYS M 259 -48.83 94.63 37.34
C LYS M 259 -47.96 93.53 37.96
N MET M 260 -46.65 93.75 38.01
CA MET M 260 -45.72 92.75 38.53
C MET M 260 -45.98 92.48 40.01
N ILE M 261 -46.16 93.52 40.82
CA ILE M 261 -46.43 93.37 42.26
C ILE M 261 -47.86 92.91 42.56
N ASP M 262 -48.84 93.27 41.75
CA ASP M 262 -50.21 92.82 41.96
C ASP M 262 -50.34 91.29 41.84
N TYR M 263 -49.40 90.63 41.16
CA TYR M 263 -49.22 89.19 41.24
C TYR M 263 -48.43 88.78 42.49
N LEU M 264 -47.23 89.33 42.76
CA LEU M 264 -46.42 88.89 43.91
C LEU M 264 -47.15 89.06 45.25
N HIS M 265 -47.98 90.06 45.41
CA HIS M 265 -48.89 90.21 46.54
C HIS M 265 -49.73 88.95 46.79
N ALA M 266 -50.31 88.36 45.75
CA ALA M 266 -51.11 87.14 45.83
C ALA M 266 -50.22 85.89 45.90
N ARG M 267 -49.19 85.81 45.05
CA ARG M 267 -48.30 84.63 44.91
C ARG M 267 -47.45 84.36 46.14
N LEU M 268 -47.09 85.38 46.90
CA LEU M 268 -46.43 85.30 48.21
C LEU M 268 -47.40 85.57 49.37
N LYS M 269 -48.70 85.71 49.09
CA LYS M 269 -49.78 85.93 50.06
C LYS M 269 -49.44 86.96 51.14
N LEU M 270 -48.97 88.14 50.71
CA LEU M 270 -48.37 89.16 51.58
C LEU M 270 -49.34 89.87 52.53
N ASP M 271 -50.65 89.64 52.44
CA ASP M 271 -51.58 89.96 53.53
C ASP M 271 -51.19 89.27 54.86
N GLU M 272 -50.42 88.19 54.83
CA GLU M 272 -49.97 87.47 56.02
C GLU M 272 -48.84 88.18 56.79
N ILE M 273 -48.23 89.25 56.28
CA ILE M 273 -47.30 90.07 57.08
C ILE M 273 -48.11 91.09 57.89
N THR M 274 -47.56 96.65 60.54
CA THR M 274 -47.84 97.75 61.49
C THR M 274 -48.06 99.07 60.75
N GLU M 275 -48.75 100.04 61.36
CA GLU M 275 -49.03 101.33 60.74
C GLU M 275 -47.77 102.07 60.27
N GLU M 276 -46.65 101.96 61.00
CA GLU M 276 -45.36 102.50 60.57
C GLU M 276 -44.93 101.97 59.20
N GLU M 277 -45.06 100.66 58.95
CA GLU M 277 -44.73 100.05 57.65
C GLU M 277 -45.67 100.54 56.55
N LYS M 278 -46.97 100.59 56.82
CA LYS M 278 -47.97 101.04 55.86
C LYS M 278 -47.71 102.50 55.45
N GLN M 279 -47.41 103.36 56.41
CA GLN M 279 -47.02 104.75 56.14
C GLN M 279 -45.70 104.82 55.35
N ARG M 280 -44.64 104.17 55.80
CA ARG M 280 -43.35 104.17 55.11
C ARG M 280 -43.45 103.61 53.68
N GLY M 281 -44.41 102.74 53.40
CA GLY M 281 -44.75 102.33 52.04
C GLY M 281 -45.28 103.48 51.19
N LEU M 282 -46.31 104.18 51.66
CA LEU M 282 -46.87 105.32 50.92
C LEU M 282 -45.84 106.44 50.74
N GLU M 283 -45.05 106.74 51.76
CA GLU M 283 -43.96 107.72 51.65
C GLU M 283 -42.93 107.30 50.61
N LEU M 284 -42.55 106.03 50.51
CA LEU M 284 -41.60 105.59 49.48
C LEU M 284 -42.16 105.79 48.08
N LEU M 285 -43.44 105.52 47.86
CA LEU M 285 -44.09 105.85 46.59
C LEU M 285 -44.09 107.35 46.32
N SER M 286 -44.41 108.19 47.30
CA SER M 286 -44.41 109.64 47.11
C SER M 286 -43.03 110.16 46.72
N LYS M 287 -41.99 109.68 47.39
CA LYS M 287 -40.59 110.01 47.09
C LYS M 287 -40.15 109.47 45.74
N TRP M 288 -40.69 108.33 45.29
CA TRP M 288 -40.44 107.87 43.94
C TRP M 288 -41.11 108.76 42.91
N LYS M 289 -42.36 109.16 43.12
CA LYS M 289 -43.04 110.12 42.25
C LYS M 289 -42.29 111.45 42.18
N ALA M 290 -41.71 111.93 43.29
CA ALA M 290 -40.85 113.11 43.32
C ALA M 290 -39.57 112.96 42.46
N THR M 291 -38.73 111.95 42.67
CA THR M 291 -37.52 111.78 41.85
C THR M 291 -37.86 111.52 40.38
N THR M 292 -38.97 110.84 40.10
CA THR M 292 -39.45 110.68 38.74
C THR M 292 -39.89 112.01 38.15
N GLY M 293 -40.66 112.82 38.87
CA GLY M 293 -41.07 114.16 38.45
C GLY M 293 -39.87 115.04 38.15
N ASN M 294 -38.87 115.04 39.02
CA ASN M 294 -37.60 115.73 38.82
C ASN M 294 -36.81 115.30 37.57
N PHE M 295 -37.13 114.17 36.93
CA PHE M 295 -36.56 113.80 35.63
C PHE M 295 -37.38 114.41 34.49
N ASP M 296 -38.70 114.28 34.51
CA ASP M 296 -39.57 114.92 33.50
C ASP M 296 -39.46 116.45 33.52
N GLU M 297 -39.51 117.04 34.71
CA GLU M 297 -39.38 118.48 34.98
C GLU M 297 -37.93 118.98 34.92
N GLU M 298 -32.89 121.49 31.89
CA GLU M 298 -31.56 122.05 31.59
C GLU M 298 -30.40 121.13 32.00
N THR M 299 -29.32 121.08 31.22
CA THR M 299 -28.14 120.24 31.47
C THR M 299 -27.12 120.85 32.44
N VAL M 300 -26.47 120.01 33.23
CA VAL M 300 -25.23 120.30 33.97
C VAL M 300 -24.12 119.42 33.38
N LYS M 301 -23.00 120.01 32.94
CA LYS M 301 -21.87 119.27 32.35
C LYS M 301 -20.78 119.12 33.41
N ILE M 302 -20.33 117.91 33.73
CA ILE M 302 -19.27 117.69 34.75
C ILE M 302 -18.11 116.92 34.12
N ALA M 303 -16.88 117.39 34.24
CA ALA M 303 -15.73 116.61 33.80
C ALA M 303 -15.30 115.72 34.95
N LEU M 304 -15.33 114.40 34.76
CA LEU M 304 -14.77 113.44 35.70
C LEU M 304 -13.40 113.05 35.16
N VAL M 305 -12.35 113.38 35.91
CA VAL M 305 -10.97 113.33 35.47
C VAL M 305 -10.22 112.30 36.28
N GLY M 306 -9.74 111.23 35.66
CA GLY M 306 -9.03 110.19 36.41
C GLY M 306 -8.26 109.23 35.52
N LYS M 307 -7.62 108.23 36.12
CA LYS M 307 -6.97 107.15 35.38
C LYS M 307 -8.01 106.29 34.66
N TYR M 308 -7.69 105.87 33.43
CA TYR M 308 -8.37 104.80 32.69
C TYR M 308 -9.91 104.90 32.70
N THR M 309 -10.44 106.09 32.53
CA THR M 309 -11.89 106.38 32.43
C THR M 309 -12.61 105.62 31.31
N ASN M 310 -11.87 105.02 30.38
CA ASN M 310 -12.39 104.06 29.40
C ASN M 310 -13.11 102.88 30.06
N LEU M 311 -12.63 102.46 31.24
CA LEU M 311 -13.15 101.34 32.04
C LEU M 311 -14.29 101.83 32.94
N LYS M 312 -15.40 102.20 32.33
CA LYS M 312 -16.47 102.99 32.98
C LYS M 312 -17.12 102.34 34.21
N ASP M 313 -17.17 101.01 34.30
CA ASP M 313 -17.61 100.33 35.52
C ASP M 313 -16.68 100.58 36.73
N SER M 314 -15.42 100.93 36.49
CA SER M 314 -14.46 101.22 37.55
C SER M 314 -14.80 102.48 38.35
N TYR M 315 -15.71 103.32 37.85
CA TYR M 315 -16.23 104.52 38.51
C TYR M 315 -17.74 104.44 38.77
N LEU M 316 -18.33 103.23 38.77
CA LEU M 316 -19.80 103.09 38.82
C LEU M 316 -20.45 103.84 39.97
N SER M 317 -19.94 103.77 41.20
CA SER M 317 -20.57 104.42 42.34
C SER M 317 -20.59 105.92 42.20
N VAL M 318 -19.51 106.49 41.67
CA VAL M 318 -19.39 107.92 41.40
C VAL M 318 -20.47 108.37 40.44
N ILE M 319 -20.71 107.63 39.34
CA ILE M 319 -21.77 107.96 38.39
C ILE M 319 -23.12 107.96 39.09
N LYS M 320 -23.45 106.93 39.84
CA LYS M 320 -24.75 106.84 40.52
C LYS M 320 -24.92 107.95 41.56
N ALA M 321 -23.88 108.35 42.28
CA ALA M 321 -23.93 109.46 43.22
C ALA M 321 -24.22 110.81 42.52
N LEU M 322 -23.69 111.02 41.33
CA LEU M 322 -24.02 112.18 40.51
C LEU M 322 -25.45 112.11 39.96
N GLU M 323 -25.96 110.94 39.59
CA GLU M 323 -27.34 110.78 39.14
C GLU M 323 -28.34 111.08 40.26
N HIS M 324 -28.14 110.56 41.47
CA HIS M 324 -29.08 110.77 42.58
C HIS M 324 -29.22 112.24 42.91
N SER M 325 -28.10 112.94 42.95
CA SER M 325 -28.05 114.38 43.20
C SER M 325 -28.64 115.19 42.05
N SER M 326 -28.38 114.83 40.80
CA SER M 326 -28.92 115.55 39.65
C SER M 326 -30.45 115.55 39.58
N MET M 327 -31.10 114.49 40.05
CA MET M 327 -32.55 114.47 40.17
C MET M 327 -33.07 115.37 41.30
N LYS M 328 -32.28 115.69 42.31
CA LYS M 328 -32.69 116.67 43.30
C LYS M 328 -32.65 118.08 42.69
N CYS M 329 -31.60 118.40 41.94
CA CYS M 329 -31.45 119.67 41.21
C CYS M 329 -32.36 119.84 39.97
N ARG M 330 -33.20 118.85 39.63
CA ARG M 330 -34.02 118.82 38.42
C ARG M 330 -33.26 118.97 37.11
N ARG M 331 -31.94 118.73 37.08
CA ARG M 331 -31.08 119.03 35.93
C ARG M 331 -30.48 117.77 35.34
N LYS M 332 -30.36 117.73 34.02
CA LYS M 332 -29.88 116.58 33.26
C LYS M 332 -28.38 116.46 33.40
N LEU M 333 -27.87 115.30 33.75
CA LEU M 333 -26.45 115.08 33.97
C LEU M 333 -25.74 114.69 32.69
N ASP M 334 -24.61 115.33 32.41
CA ASP M 334 -23.75 115.02 31.28
C ASP M 334 -22.30 114.88 31.73
N ILE M 335 -21.89 113.67 32.12
CA ILE M 335 -20.51 113.41 32.53
C ILE M 335 -19.61 113.40 31.29
N LYS M 336 -18.61 114.27 31.24
CA LYS M 336 -17.51 114.15 30.30
C LYS M 336 -16.44 113.28 30.92
N TRP M 337 -16.07 112.20 30.25
CA TRP M 337 -15.00 111.30 30.67
C TRP M 337 -13.66 111.76 30.13
N VAL M 338 -12.75 112.15 31.04
CA VAL M 338 -11.41 112.61 30.71
C VAL M 338 -10.37 111.61 31.22
N GLU M 339 -9.51 111.09 30.36
CA GLU M 339 -8.31 110.41 30.84
C GLU M 339 -7.35 111.46 31.38
N ALA M 340 -7.02 111.38 32.66
CA ALA M 340 -6.17 112.36 33.32
C ALA M 340 -4.81 112.52 32.63
N THR M 341 -4.21 111.43 32.16
CA THR M 341 -2.91 111.52 31.48
C THR M 341 -2.94 112.28 30.15
N ASP M 342 -4.09 112.38 29.49
CA ASP M 342 -4.21 113.16 28.26
C ASP M 342 -4.18 114.67 28.49
N LEU M 343 -4.29 115.15 29.73
CA LEU M 343 -4.12 116.57 30.05
C LEU M 343 -2.66 116.99 30.13
N GLU M 344 -1.72 116.05 30.23
CA GLU M 344 -0.33 116.36 30.54
C GLU M 344 0.38 117.16 29.42
N PRO M 345 1.30 118.08 29.75
CA PRO M 345 2.13 118.77 28.76
C PRO M 345 2.95 117.84 27.86
N GLU M 346 3.27 116.62 28.31
CA GLU M 346 3.93 115.58 27.51
C GLU M 346 2.99 114.95 26.47
N ALA M 347 1.71 114.83 26.78
CA ALA M 347 0.74 114.24 25.85
C ALA M 347 0.62 115.05 24.57
N GLN M 348 0.89 116.36 24.62
CA GLN M 348 0.79 117.28 23.48
C GLN M 348 1.70 116.89 22.30
N GLU M 349 2.91 116.39 22.55
CA GLU M 349 3.76 115.86 21.46
C GLU M 349 3.49 114.38 21.18
N SER M 350 3.09 113.60 22.20
CA SER M 350 2.92 112.16 22.08
C SER M 350 1.66 111.76 21.31
N ASN M 351 0.52 112.38 21.62
CA ASN M 351 -0.80 112.01 21.13
C ASN M 351 -1.73 113.24 21.05
N LYS M 352 -1.32 114.25 20.28
CA LYS M 352 -1.89 115.60 20.30
C LYS M 352 -3.43 115.63 20.20
N THR M 353 -4.02 114.80 19.34
CA THR M 353 -5.47 114.83 19.07
C THR M 353 -6.29 114.59 20.33
N LYS M 354 -5.94 113.54 21.08
CA LYS M 354 -6.66 113.20 22.32
C LYS M 354 -6.43 114.23 23.42
N PHE M 355 -5.25 114.84 23.46
CA PHE M 355 -4.93 115.94 24.36
C PHE M 355 -5.86 117.14 24.16
N HIS M 356 -6.16 117.54 22.92
CA HIS M 356 -7.16 118.59 22.67
C HIS M 356 -8.57 118.16 23.09
N GLU M 357 -8.96 116.92 22.84
CA GLU M 357 -10.29 116.44 23.28
C GLU M 357 -10.41 116.51 24.81
N ALA M 358 -9.37 116.09 25.53
CA ALA M 358 -9.34 116.15 26.98
C ALA M 358 -9.45 117.58 27.50
N TRP M 359 -8.67 118.51 26.94
CA TRP M 359 -8.73 119.90 27.36
C TRP M 359 -10.01 120.61 26.98
N ASN M 360 -10.63 120.30 25.84
CA ASN M 360 -11.96 120.84 25.55
C ASN M 360 -12.97 120.42 26.60
N MET M 361 -12.98 119.16 27.03
CA MET M 361 -13.89 118.70 28.08
C MET M 361 -13.65 119.48 29.36
N VAL M 362 -12.41 119.61 29.83
CA VAL M 362 -12.08 120.37 31.06
C VAL M 362 -12.54 121.83 30.96
N SER M 363 -12.32 122.46 29.81
CA SER M 363 -12.71 123.85 29.54
C SER M 363 -14.20 124.07 29.41
N THR M 364 -14.96 123.07 28.96
CA THR M 364 -16.41 123.15 28.78
C THR M 364 -17.15 122.99 30.09
N ALA M 365 -16.67 122.15 30.99
CA ALA M 365 -17.46 121.64 32.09
C ALA M 365 -17.89 122.71 33.11
N ASP M 366 -19.11 122.62 33.62
CA ASP M 366 -19.65 123.44 34.68
C ASP M 366 -19.14 123.04 36.07
N GLY M 367 -18.53 121.87 36.18
CA GLY M 367 -17.90 121.40 37.40
C GLY M 367 -16.78 120.42 37.10
N ILE M 368 -15.81 120.28 37.99
CA ILE M 368 -14.73 119.30 37.88
C ILE M 368 -14.82 118.32 39.05
N LEU M 369 -14.47 117.07 38.78
CA LEU M 369 -14.55 115.98 39.74
C LEU M 369 -13.33 115.09 39.57
N ILE M 370 -12.52 114.98 40.61
CA ILE M 370 -11.40 114.05 40.65
C ILE M 370 -11.84 112.88 41.55
N PRO M 371 -11.98 111.64 41.03
CA PRO M 371 -12.91 110.65 41.57
C PRO M 371 -12.33 109.66 42.58
N GLY M 372 -11.10 109.82 43.02
CA GLY M 372 -10.43 108.84 43.89
C GLY M 372 -9.87 107.66 43.13
N GLY M 373 -9.02 107.96 42.15
CA GLY M 373 -8.38 106.97 41.29
C GLY M 373 -7.49 105.95 41.97
N PHE M 374 -7.09 104.93 41.22
CA PHE M 374 -6.21 103.85 41.66
C PHE M 374 -4.79 104.04 41.09
N GLY M 375 -3.78 104.03 41.96
CA GLY M 375 -2.38 104.22 41.58
C GLY M 375 -1.99 105.63 41.14
N VAL M 376 -0.72 105.82 40.76
CA VAL M 376 -0.12 107.16 40.59
C VAL M 376 -0.29 107.78 39.19
N ARG M 377 -0.46 106.97 38.14
CA ARG M 377 -0.27 107.37 36.72
C ARG M 377 -0.93 108.69 36.32
N GLY M 378 -2.20 108.88 36.65
CA GLY M 378 -2.98 110.06 36.24
C GLY M 378 -2.61 111.37 36.95
N THR M 379 -1.79 111.32 38.00
CA THR M 379 -1.63 112.43 38.95
C THR M 379 -1.29 113.75 38.27
N GLU M 380 -0.36 113.78 37.33
CA GLU M 380 0.13 115.04 36.76
C GLU M 380 -0.97 115.83 36.04
N GLY M 381 -1.85 115.16 35.32
CA GLY M 381 -2.99 115.82 34.71
C GLY M 381 -4.06 116.24 35.72
N MET M 382 -4.33 115.41 36.73
CA MET M 382 -5.28 115.73 37.78
C MET M 382 -4.87 116.97 38.59
N VAL M 383 -3.58 117.25 38.72
CA VAL M 383 -3.09 118.51 39.28
C VAL M 383 -3.56 119.72 38.46
N LEU M 384 -3.38 119.69 37.14
CA LEU M 384 -3.78 120.76 36.22
C LEU M 384 -5.30 120.94 36.18
N ALA M 385 -6.08 119.87 36.30
CA ALA M 385 -7.52 119.98 36.47
C ALA M 385 -7.93 120.63 37.81
N ALA M 386 -7.23 120.37 38.90
CA ALA M 386 -7.48 121.05 40.17
C ALA M 386 -7.11 122.54 40.15
N ARG M 387 -6.00 122.89 39.48
CA ARG M 387 -5.51 124.26 39.23
C ARG M 387 -6.51 125.06 38.42
N TRP M 388 -7.05 124.44 37.37
CA TRP M 388 -8.08 125.02 36.53
C TRP M 388 -9.33 125.44 37.30
N ALA M 389 -9.75 124.66 38.29
CA ALA M 389 -10.89 125.00 39.14
C ALA M 389 -10.55 125.82 40.38
N ARG M 390 -9.29 125.85 40.84
CA ARG M 390 -8.88 126.77 41.91
C ARG M 390 -8.90 128.19 41.40
N GLU M 391 -8.27 128.44 40.27
CA GLU M 391 -7.99 129.79 39.77
C GLU M 391 -9.25 130.44 39.18
N ASN M 392 -9.76 129.86 38.11
CA ASN M 392 -11.08 130.17 37.58
C ASN M 392 -12.12 129.55 38.53
N HIS M 393 -13.15 130.26 38.95
CA HIS M 393 -14.09 129.80 39.99
C HIS M 393 -15.07 128.66 39.59
N ILE M 394 -14.58 127.60 38.94
CA ILE M 394 -15.32 126.39 38.58
C ILE M 394 -15.62 125.56 39.86
N PRO M 395 -16.85 125.09 40.10
CA PRO M 395 -17.14 124.12 41.15
C PRO M 395 -16.31 122.84 41.05
N PHE M 396 -15.88 122.29 42.18
CA PHE M 396 -14.98 121.16 42.25
C PHE M 396 -15.32 120.21 43.40
N LEU M 397 -15.16 118.91 43.20
CA LEU M 397 -15.08 117.93 44.27
C LEU M 397 -13.90 117.00 44.05
N GLY M 398 -13.06 116.83 45.06
CA GLY M 398 -12.01 115.83 45.08
C GLY M 398 -12.36 114.72 46.04
N VAL M 399 -12.34 113.47 45.59
CA VAL M 399 -12.61 112.31 46.42
C VAL M 399 -11.33 111.51 46.62
N CYS M 400 -10.93 111.24 47.86
CA CYS M 400 -9.73 110.49 48.23
C CYS M 400 -8.44 111.00 47.56
N LEU M 401 -7.92 110.34 46.53
CA LEU M 401 -6.82 110.88 45.72
C LEU M 401 -7.13 112.29 45.19
N GLY M 402 -8.39 112.66 45.05
CA GLY M 402 -8.78 114.01 44.72
C GLY M 402 -8.50 115.01 45.83
N LEU M 403 -8.67 114.68 47.12
CA LEU M 403 -8.22 115.57 48.19
C LEU M 403 -6.70 115.65 48.21
N GLN M 404 -6.05 114.51 48.04
CA GLN M 404 -4.61 114.43 47.94
C GLN M 404 -4.12 115.39 46.84
N ILE M 405 -4.76 115.39 45.68
CA ILE M 405 -4.39 116.25 44.55
C ILE M 405 -4.87 117.69 44.69
N ALA M 406 -5.99 117.96 45.35
CA ALA M 406 -6.35 119.32 45.76
C ALA M 406 -5.28 119.92 46.69
N THR M 407 -4.71 119.12 47.59
CA THR M 407 -3.67 119.58 48.49
C THR M 407 -2.30 119.69 47.82
N ILE M 408 -1.90 118.71 47.01
CA ILE M 408 -0.70 118.81 46.18
C ILE M 408 -0.79 120.04 45.28
N GLU M 409 -1.91 120.34 44.65
CA GLU M 409 -2.00 121.51 43.77
C GLU M 409 -1.92 122.81 44.56
N PHE M 410 -2.71 122.96 45.62
CA PHE M 410 -2.66 124.17 46.43
C PHE M 410 -1.26 124.40 47.02
N THR M 411 -0.56 123.34 47.41
CA THR M 411 0.87 123.41 47.77
C THR M 411 1.70 123.88 46.59
N ARG M 412 1.61 123.20 45.44
CA ARG M 412 2.42 123.40 44.22
C ARG M 412 2.19 124.76 43.52
N SER M 413 1.16 125.52 43.88
CA SER M 413 0.79 126.76 43.20
C SER M 413 0.53 127.95 44.12
N VAL M 414 0.04 127.73 45.33
CA VAL M 414 -0.22 128.80 46.30
C VAL M 414 0.96 129.00 47.26
N LEU M 415 1.61 127.91 47.70
CA LEU M 415 2.82 127.97 48.55
C LEU M 415 4.14 127.97 47.75
N GLY M 416 4.08 128.00 46.42
CA GLY M 416 5.24 127.68 45.58
C GLY M 416 5.54 126.19 45.59
N ARG M 417 6.63 125.76 46.26
CA ARG M 417 6.98 124.35 46.57
C ARG M 417 6.80 123.37 45.40
N LYS M 418 7.31 123.73 44.21
CA LYS M 418 7.04 123.02 42.94
C LYS M 418 7.51 121.56 42.89
N ASP M 419 8.42 121.16 43.77
CA ASP M 419 8.91 119.79 43.93
C ASP M 419 7.94 118.85 44.69
N SER M 420 6.90 119.38 45.36
CA SER M 420 6.02 118.56 46.22
C SER M 420 5.18 117.55 45.45
N HIS M 421 4.92 116.39 46.06
CA HIS M 421 4.37 115.20 45.41
C HIS M 421 3.71 114.29 46.46
N SER M 422 2.94 113.30 46.05
CA SER M 422 2.42 112.24 46.93
C SER M 422 3.56 111.48 47.62
N ALA M 423 3.29 110.93 48.82
CA ALA M 423 4.21 110.03 49.50
C ALA M 423 4.58 108.79 48.69
N GLU M 424 3.82 108.48 47.64
CA GLU M 424 4.15 107.46 46.65
C GLU M 424 5.56 107.65 46.03
N PHE M 425 6.02 108.89 45.79
CA PHE M 425 7.39 109.20 45.38
C PHE M 425 8.33 109.23 46.59
N TYR M 426 8.43 108.07 47.24
CA TYR M 426 9.07 107.88 48.54
C TYR M 426 10.49 108.49 48.68
N PRO M 427 11.45 108.28 47.76
CA PRO M 427 12.84 108.68 47.99
C PRO M 427 13.13 110.20 47.89
N ASP M 428 12.14 111.03 47.56
CA ASP M 428 12.28 112.49 47.68
C ASP M 428 12.27 112.97 49.15
N ILE M 429 11.65 112.21 50.06
CA ILE M 429 11.58 112.41 51.51
C ILE M 429 11.06 113.80 51.93
N ASP M 430 11.88 114.86 51.87
CA ASP M 430 11.61 116.18 52.46
C ASP M 430 10.37 116.86 51.89
N GLU M 431 10.01 116.58 50.62
CA GLU M 431 8.91 117.22 49.88
C GLU M 431 7.64 116.35 49.72
N LYS M 432 7.58 115.20 50.41
CA LYS M 432 6.37 114.36 50.45
C LYS M 432 5.22 115.14 51.08
N ASN M 433 4.12 115.28 50.35
CA ASN M 433 2.92 116.00 50.78
C ASN M 433 2.05 115.19 51.76
N HIS M 434 2.33 113.89 51.93
CA HIS M 434 1.50 112.93 52.67
C HIS M 434 2.34 112.07 53.64
N VAL M 435 1.68 111.36 54.54
CA VAL M 435 2.28 110.39 55.47
C VAL M 435 1.48 109.10 55.49
N VAL M 436 2.18 107.97 55.66
CA VAL M 436 1.57 106.64 55.84
C VAL M 436 0.74 106.59 57.13
N VAL M 437 -0.41 105.94 57.05
CA VAL M 437 -1.29 105.66 58.19
C VAL M 437 -2.06 104.34 57.95
N PHE M 438 -1.40 103.20 58.19
CA PHE M 438 -1.96 101.88 57.92
C PHE M 438 -3.03 101.40 58.93
N MET M 439 -3.06 101.94 60.15
CA MET M 439 -3.89 101.46 61.28
C MET M 439 -3.85 99.95 61.47
N MET M 440 -4.56 99.52 55.90
CA MET M 440 -5.50 100.47 55.29
C MET M 440 -6.61 100.88 56.25
N ARG M 441 -6.96 102.18 56.30
CA ARG M 441 -8.14 102.67 57.00
C ARG M 441 -9.37 102.35 56.15
N LEU M 442 -10.35 101.65 56.72
CA LEU M 442 -11.53 101.09 56.03
C LEU M 442 -12.82 101.33 56.83
N GLY M 443 -13.95 101.13 56.17
CA GLY M 443 -15.28 101.06 56.80
C GLY M 443 -15.80 102.38 57.33
N LEU M 444 -16.99 102.33 57.93
CA LEU M 444 -17.68 103.50 58.45
C LEU M 444 -16.95 104.02 59.68
N ARG M 445 -16.37 105.21 59.54
CA ARG M 445 -15.78 105.97 60.65
C ARG M 445 -16.42 107.36 60.75
N PRO M 446 -16.52 107.98 61.94
CA PRO M 446 -17.05 109.33 62.06
C PRO M 446 -16.12 110.39 61.45
N THR M 447 -16.63 111.61 61.25
CA THR M 447 -15.84 112.82 61.01
C THR M 447 -16.55 114.02 61.63
N PHE M 448 -15.80 114.89 62.30
CA PHE M 448 -16.30 115.97 63.14
C PHE M 448 -15.91 117.32 62.55
N PHE M 449 -16.86 118.24 62.42
CA PHE M 449 -16.57 119.58 61.90
C PHE M 449 -15.73 120.38 62.90
N GLN M 450 -14.80 121.19 62.42
CA GLN M 450 -14.01 122.08 63.27
C GLN M 450 -14.91 123.24 63.76
N ASN M 451 -14.96 123.48 65.07
CA ASN M 451 -16.12 124.16 65.71
C ASN M 451 -16.38 125.63 65.32
N GLU M 452 -15.44 126.29 64.63
CA GLU M 452 -15.53 127.69 64.18
C GLU M 452 -16.10 127.84 62.75
N THR M 453 -16.13 126.78 61.94
CA THR M 453 -16.31 126.88 60.47
C THR M 453 -17.77 127.06 60.02
N GLU M 454 -18.49 127.99 60.64
CA GLU M 454 -19.90 128.31 60.37
C GLU M 454 -20.14 128.86 58.95
N TRP M 455 -19.11 129.37 58.30
CA TRP M 455 -19.13 129.89 56.93
C TRP M 455 -19.26 128.79 55.86
N SER M 456 -18.87 127.56 56.18
CA SER M 456 -18.67 126.46 55.23
C SER M 456 -19.91 126.13 54.41
N GLN M 457 -19.74 125.98 53.09
CA GLN M 457 -20.80 125.52 52.21
C GLN M 457 -21.12 124.04 52.48
N ILE M 458 -20.11 123.20 52.66
CA ILE M 458 -20.35 121.77 52.86
C ILE M 458 -21.01 121.46 54.19
N LYS M 459 -20.58 122.06 55.31
CA LYS M 459 -21.24 121.78 56.60
C LYS M 459 -22.64 122.38 56.70
N LYS M 460 -23.01 123.30 55.80
CA LYS M 460 -24.39 123.72 55.63
C LYS M 460 -25.22 122.62 54.96
N LEU M 461 -24.73 121.98 53.89
CA LEU M 461 -25.45 120.86 53.23
C LEU M 461 -25.73 119.69 54.18
N TYR M 462 -24.83 119.37 55.10
CA TYR M 462 -25.05 118.40 56.18
C TYR M 462 -26.04 118.84 57.27
N GLY M 463 -26.78 119.95 57.09
CA GLY M 463 -27.89 120.36 57.95
C GLY M 463 -27.48 120.94 59.30
N ASP M 464 -26.25 121.44 59.42
CA ASP M 464 -25.64 121.91 60.68
C ASP M 464 -25.49 120.82 61.77
N VAL M 465 -25.58 119.54 61.41
CA VAL M 465 -25.29 118.42 62.33
C VAL M 465 -23.81 118.43 62.75
N SER M 466 -23.53 118.05 64.00
CA SER M 466 -22.19 118.11 64.61
C SER M 466 -21.15 117.16 64.01
N GLU M 467 -21.57 116.03 63.45
CA GLU M 467 -20.68 115.04 62.85
C GLU M 467 -21.38 114.24 61.74
N VAL M 468 -20.58 113.58 60.93
CA VAL M 468 -20.99 112.73 59.80
C VAL M 468 -20.36 111.35 59.92
N HIS M 469 -20.86 110.33 59.24
CA HIS M 469 -20.24 109.00 59.22
C HIS M 469 -20.08 108.48 57.79
N GLU M 470 -18.90 108.00 57.41
CA GLU M 470 -18.51 107.80 56.01
C GLU M 470 -17.56 106.61 55.78
N ARG M 471 -17.52 106.07 54.56
CA ARG M 471 -16.61 104.98 54.19
C ARG M 471 -15.24 105.47 53.73
N HIS M 472 -14.17 104.73 54.05
CA HIS M 472 -12.78 105.08 53.74
C HIS M 472 -12.07 103.91 53.04
N ARG M 473 -10.97 104.17 52.31
CA ARG M 473 -10.12 103.12 51.68
C ARG M 473 -8.65 103.57 51.51
N HIS M 474 -8.08 104.37 52.41
CA HIS M 474 -6.82 105.09 52.22
C HIS M 474 -5.66 104.56 53.09
N ARG M 475 -4.45 104.53 52.53
CA ARG M 475 -3.17 104.26 53.23
C ARG M 475 -2.31 105.51 53.49
N TYR M 476 -2.65 106.63 52.85
CA TYR M 476 -1.97 107.92 52.99
C TYR M 476 -2.93 109.00 53.51
N GLU M 477 -2.41 109.94 54.29
CA GLU M 477 -3.10 111.18 54.69
C GLU M 477 -2.17 112.38 54.50
N ILE M 478 -2.71 113.59 54.41
CA ILE M 478 -1.89 114.82 54.29
C ILE M 478 -1.02 114.98 55.54
N ASN M 479 0.26 115.31 55.38
CA ASN M 479 1.23 115.35 56.47
C ASN M 479 0.82 116.42 57.51
N PRO M 480 0.49 116.07 58.77
CA PRO M 480 -0.01 117.02 59.77
C PRO M 480 0.91 118.22 59.99
N LYS M 481 2.21 118.04 59.81
CA LYS M 481 3.23 119.10 59.90
C LYS M 481 2.91 120.32 59.02
N MET M 482 2.34 120.08 57.84
CA MET M 482 2.01 121.13 56.87
C MET M 482 0.65 121.78 57.10
N VAL M 483 -0.26 121.15 57.84
CA VAL M 483 -1.68 121.53 57.83
C VAL M 483 -1.92 122.93 58.38
N ASP M 484 -1.13 123.42 59.33
CA ASP M 484 -1.23 124.80 59.79
C ASP M 484 -0.96 125.80 58.66
N GLU M 485 0.01 125.51 57.80
CA GLU M 485 0.38 126.36 56.67
C GLU M 485 -0.76 126.45 55.65
N LEU M 486 -1.38 125.31 55.35
CA LEU M 486 -2.54 125.21 54.48
C LEU M 486 -3.78 125.89 55.09
N GLU M 487 -4.06 125.70 56.39
CA GLU M 487 -5.16 126.39 57.07
C GLU M 487 -4.95 127.92 57.08
N ASN M 488 -3.73 128.39 57.36
CA ASN M 488 -3.39 129.82 57.37
C ASN M 488 -3.46 130.46 55.97
N ASN M 489 -3.15 129.72 54.91
CA ASN M 489 -3.28 130.18 53.52
C ASN M 489 -4.70 130.07 52.94
N GLY M 490 -5.62 129.37 53.62
CA GLY M 490 -7.05 129.36 53.30
C GLY M 490 -7.62 128.03 52.81
N LEU M 491 -6.80 126.99 52.67
CA LEU M 491 -7.25 125.62 52.38
C LEU M 491 -7.75 124.97 53.67
N ILE M 492 -8.82 125.50 54.26
CA ILE M 492 -9.25 125.17 55.62
C ILE M 492 -9.77 123.74 55.70
N PHE M 493 -9.17 122.90 56.55
CA PHE M 493 -9.65 121.53 56.79
C PHE M 493 -10.87 121.50 57.69
N VAL M 494 -12.05 121.74 57.12
CA VAL M 494 -13.32 121.91 57.85
C VAL M 494 -13.82 120.66 58.59
N GLY M 495 -13.22 119.48 58.37
CA GLY M 495 -13.54 118.26 59.09
C GLY M 495 -12.33 117.39 59.36
N LYS M 496 -12.25 116.84 60.57
CA LYS M 496 -11.19 115.94 60.99
C LYS M 496 -11.78 114.77 61.78
N ASP M 497 -10.94 113.79 62.08
CA ASP M 497 -11.33 112.59 62.81
C ASP M 497 -11.51 112.85 64.32
N ASP M 498 -11.82 111.78 65.05
CA ASP M 498 -11.91 111.78 66.51
C ASP M 498 -10.67 112.35 67.21
N THR M 499 -9.45 112.03 66.77
CA THR M 499 -8.20 112.52 67.37
C THR M 499 -7.87 113.96 66.99
N GLY M 500 -8.38 114.46 65.86
CA GLY M 500 -8.00 115.73 65.27
C GLY M 500 -6.66 115.71 64.52
N LYS M 501 -6.02 114.55 64.40
CA LYS M 501 -4.76 114.39 63.67
C LYS M 501 -4.95 114.15 62.17
N ARG M 502 -6.11 113.65 61.74
CA ARG M 502 -6.36 113.16 60.37
C ARG M 502 -7.19 114.14 59.53
N CYS M 503 -6.76 114.39 58.31
CA CYS M 503 -7.39 115.30 57.35
C CYS M 503 -8.58 114.65 56.61
N GLU M 504 -9.83 114.87 57.04
CA GLU M 504 -10.98 114.16 56.48
C GLU M 504 -11.77 114.97 55.43
N ILE M 505 -11.85 116.29 55.55
CA ILE M 505 -12.49 117.20 54.58
C ILE M 505 -11.62 118.46 54.42
N LEU M 506 -11.55 119.04 53.23
CA LEU M 506 -11.12 120.44 53.08
C LEU M 506 -12.15 121.26 52.30
N GLU M 507 -12.22 122.55 52.60
CA GLU M 507 -12.90 123.55 51.80
C GLU M 507 -11.97 124.75 51.64
N LEU M 508 -11.79 125.23 50.42
CA LEU M 508 -11.04 126.45 50.17
C LEU M 508 -11.91 127.65 50.52
N LYS M 509 -11.48 128.45 51.49
CA LYS M 509 -12.17 129.66 51.96
C LYS M 509 -12.40 130.63 50.81
N ASN M 510 -13.62 131.17 50.69
CA ASN M 510 -14.03 132.17 49.68
C ASN M 510 -13.79 131.70 48.22
N HIS M 511 -14.32 130.52 47.90
CA HIS M 511 -14.52 130.00 46.53
C HIS M 511 -15.96 129.48 46.41
N PRO M 512 -16.67 129.60 45.28
CA PRO M 512 -18.08 129.20 45.18
C PRO M 512 -18.42 127.78 45.57
N TYR M 513 -17.54 126.81 45.28
CA TYR M 513 -17.64 125.42 45.74
C TYR M 513 -16.35 124.66 45.42
N TYR M 514 -15.41 124.57 46.35
CA TYR M 514 -14.19 123.80 46.15
C TYR M 514 -13.95 122.96 47.38
N ILE M 515 -14.40 121.71 47.29
CA ILE M 515 -14.41 120.74 48.38
C ILE M 515 -13.50 119.60 48.00
N ALA M 516 -12.87 119.00 48.99
CA ALA M 516 -12.47 117.61 48.83
C ALA M 516 -12.74 116.82 50.10
N THR M 517 -12.88 115.50 49.96
CA THR M 517 -13.09 114.53 51.05
C THR M 517 -12.05 113.43 50.97
N GLN M 518 -11.46 113.03 52.08
CA GLN M 518 -10.55 111.88 52.09
C GLN M 518 -11.34 110.57 51.96
N TYR M 519 -12.54 110.52 52.54
CA TYR M 519 -13.49 109.44 52.34
C TYR M 519 -14.07 109.42 50.93
N HIS M 520 -14.74 108.32 50.60
CA HIS M 520 -15.51 108.09 49.38
C HIS M 520 -17.02 108.26 49.64
N PRO M 521 -17.61 109.46 49.47
CA PRO M 521 -19.03 109.71 49.75
C PRO M 521 -20.02 109.00 48.84
N GLU M 522 -19.59 108.60 47.65
CA GLU M 522 -20.39 107.81 46.70
C GLU M 522 -20.77 106.43 47.22
N TYR M 523 -20.11 105.92 48.26
CA TYR M 523 -20.50 104.67 48.91
C TYR M 523 -21.60 104.87 49.96
N THR M 524 -22.18 106.05 50.11
CA THR M 524 -23.41 106.22 50.90
C THR M 524 -24.48 107.10 50.22
N SER M 525 -24.31 107.44 48.95
CA SER M 525 -25.37 108.08 48.18
C SER M 525 -26.56 107.14 47.98
N LYS M 526 -27.78 107.62 48.24
CA LYS M 526 -29.05 106.90 48.05
C LYS M 526 -29.99 107.71 47.16
N VAL M 527 -30.93 107.07 46.46
CA VAL M 527 -31.74 107.74 45.45
C VAL M 527 -32.67 108.80 46.05
N LEU M 528 -33.17 108.61 47.27
CA LEU M 528 -33.98 109.62 47.96
C LEU M 528 -33.19 110.54 48.89
N ASP M 529 -31.95 110.18 49.25
CA ASP M 529 -31.04 110.94 50.11
C ASP M 529 -29.65 111.01 49.45
N PRO M 530 -29.38 111.97 48.57
CA PRO M 530 -28.12 112.02 47.82
C PRO M 530 -26.95 112.39 48.70
N SER M 531 -25.75 111.87 48.43
CA SER M 531 -24.59 112.14 49.29
C SER M 531 -24.18 113.59 49.18
N LYS M 532 -24.11 114.30 50.31
CA LYS M 532 -23.99 115.76 50.36
C LYS M 532 -22.83 116.37 49.58
N PRO M 533 -21.59 115.85 49.58
CA PRO M 533 -20.50 116.40 48.78
C PRO M 533 -20.76 116.39 47.27
N PHE M 534 -21.48 115.37 46.78
CA PHE M 534 -21.91 115.31 45.38
C PHE M 534 -23.12 116.17 45.10
N LEU M 535 -24.05 116.34 46.03
CA LEU M 535 -25.15 117.28 45.85
C LEU M 535 -24.64 118.70 45.69
N GLY M 536 -23.69 119.12 46.53
CA GLY M 536 -23.07 120.43 46.39
C GLY M 536 -22.36 120.64 45.06
N LEU M 537 -21.63 119.65 44.54
CA LEU M 537 -20.98 119.73 43.23
C LEU M 537 -21.99 119.96 42.12
N VAL M 538 -23.09 119.21 42.07
CA VAL M 538 -24.09 119.41 41.03
C VAL M 538 -24.79 120.75 41.25
N ALA M 539 -25.24 121.07 42.45
CA ALA M 539 -25.98 122.30 42.72
C ALA M 539 -25.15 123.55 42.41
N ALA M 540 -23.86 123.58 42.71
CA ALA M 540 -23.00 124.69 42.36
C ALA M 540 -22.71 124.72 40.85
N SER M 541 -22.59 123.58 40.18
CA SER M 541 -22.47 123.52 38.72
C SER M 541 -23.72 124.09 38.03
N ALA M 542 -24.90 123.86 38.61
CA ALA M 542 -26.16 124.47 38.23
C ALA M 542 -26.32 125.94 38.67
N GLY M 543 -25.41 126.45 39.49
CA GLY M 543 -25.46 127.81 40.01
C GLY M 543 -26.60 128.06 41.00
N ILE M 544 -27.10 127.00 41.65
CA ILE M 544 -28.29 127.00 42.51
C ILE M 544 -28.01 126.58 43.95
N LEU M 545 -26.73 126.43 44.33
CA LEU M 545 -26.28 125.87 45.61
C LEU M 545 -26.94 126.51 46.82
N GLN M 546 -27.07 127.82 46.85
CA GLN M 546 -27.74 128.55 47.93
C GLN M 546 -29.15 128.02 48.19
N ASP M 547 -29.92 127.82 47.13
CA ASP M 547 -31.33 127.53 47.20
C ASP M 547 -31.60 126.05 47.55
N VAL M 548 -30.67 125.17 47.17
CA VAL M 548 -30.64 123.77 47.62
C VAL M 548 -30.37 123.70 49.12
N ILE M 549 -29.44 124.51 49.64
CA ILE M 549 -29.18 124.57 51.08
C ILE M 549 -30.38 125.16 51.83
N GLU M 550 -30.98 126.21 51.29
CA GLU M 550 -32.19 126.85 51.85
C GLU M 550 -33.46 125.99 51.77
N GLY M 551 -33.48 124.97 50.91
CA GLY M 551 -34.52 123.93 50.89
C GLY M 551 -35.53 123.99 49.74
N LYS M 552 -35.23 124.70 48.64
CA LYS M 552 -36.10 124.83 47.45
C LYS M 552 -36.26 123.56 46.61
N TYR M 553 -35.70 122.43 47.05
CA TYR M 553 -35.62 121.18 46.27
C TYR M 553 -35.79 119.89 47.10
N ASP M 554 -36.20 119.95 48.36
CA ASP M 554 -36.67 118.76 49.09
C ASP M 554 -37.95 118.17 48.47
N LEU M 555 -38.13 116.84 48.57
CA LEU M 555 -39.13 116.08 47.81
C LEU M 555 -40.59 116.29 48.26
N GLU M 556 -40.81 116.46 49.56
CA GLU M 556 -42.14 116.71 50.15
C GLU M 556 -42.07 117.95 51.06
N ALA M 557 -43.10 118.79 51.06
CA ALA M 557 -43.13 120.04 51.83
C ALA M 557 -42.97 119.81 53.35
N MET N 1 -19.08 58.56 -3.14
CA MET N 1 -19.72 59.88 -3.07
C MET N 1 -19.28 60.64 -1.82
N LYS N 2 -19.37 61.98 -1.82
CA LYS N 2 -19.14 62.84 -0.65
C LYS N 2 -20.44 63.60 -0.29
N TYR N 3 -20.59 64.05 0.95
CA TYR N 3 -21.79 64.74 1.44
C TYR N 3 -21.43 65.86 2.44
N VAL N 4 -22.21 66.95 2.47
CA VAL N 4 -22.02 68.06 3.41
C VAL N 4 -23.35 68.40 4.06
N VAL N 5 -23.54 68.16 5.34
CA VAL N 5 -24.70 68.68 6.06
C VAL N 5 -24.53 70.16 6.36
N VAL N 6 -25.58 70.95 6.23
CA VAL N 6 -25.74 72.27 6.82
C VAL N 6 -26.92 72.23 7.75
N SER N 7 -26.75 72.63 9.01
CA SER N 7 -27.77 72.47 10.05
C SER N 7 -27.67 73.55 11.12
N GLY N 8 -28.57 73.56 12.10
CA GLY N 8 -28.21 74.11 13.42
C GLY N 8 -28.90 75.37 13.94
N GLY N 9 -28.35 75.87 15.05
CA GLY N 9 -28.64 77.16 15.68
C GLY N 9 -29.58 77.10 16.90
N VAL N 10 -29.67 78.17 17.67
CA VAL N 10 -30.73 78.39 18.69
C VAL N 10 -32.02 79.04 18.15
N ILE N 11 -32.07 79.41 16.86
CA ILE N 11 -33.21 80.08 16.24
C ILE N 11 -33.38 79.56 14.81
N SER N 12 -34.63 79.45 14.35
CA SER N 12 -34.92 79.36 12.93
C SER N 12 -34.73 80.73 12.26
N GLY N 13 -34.30 80.79 11.00
CA GLY N 13 -34.04 82.06 10.29
C GLY N 13 -32.62 82.59 10.40
N ILE N 14 -31.69 81.78 10.91
CA ILE N 14 -30.29 82.16 11.17
C ILE N 14 -29.42 82.39 9.93
N GLY N 15 -29.72 81.79 8.78
CA GLY N 15 -28.94 81.96 7.55
C GLY N 15 -28.57 80.72 6.75
N LYS N 16 -29.15 79.55 7.02
CA LYS N 16 -28.70 78.25 6.43
C LYS N 16 -28.57 78.27 4.91
N GLY N 17 -29.66 78.44 4.16
CA GLY N 17 -29.66 78.36 2.67
C GLY N 17 -28.51 79.10 1.98
N VAL N 18 -28.14 80.31 2.40
CA VAL N 18 -27.04 81.12 1.78
C VAL N 18 -25.71 80.43 2.14
N LEU N 19 -25.61 79.78 3.30
CA LEU N 19 -24.39 79.03 3.71
C LEU N 19 -24.43 77.67 3.00
N ALA N 20 -25.60 77.22 2.55
CA ALA N 20 -25.78 75.89 1.91
C ALA N 20 -25.46 75.99 0.43
N SER N 21 -26.33 76.59 -0.39
CA SER N 21 -26.12 76.63 -1.85
C SER N 21 -24.82 77.40 -2.06
N SER N 22 -24.60 78.50 -1.35
CA SER N 22 -23.26 79.14 -1.42
C SER N 22 -22.05 78.20 -1.23
N THR N 23 -22.11 77.23 -0.32
CA THR N 23 -21.05 76.22 -0.12
C THR N 23 -21.06 75.33 -1.35
N GLY N 24 -22.24 75.03 -1.91
CA GLY N 24 -22.40 74.16 -3.10
C GLY N 24 -21.95 74.86 -4.38
N MET N 25 -22.01 76.19 -4.45
CA MET N 25 -21.55 76.98 -5.62
C MET N 25 -20.02 76.86 -5.66
N LEU N 26 -19.38 76.77 -4.49
CA LEU N 26 -17.90 76.68 -4.40
C LEU N 26 -17.49 75.24 -4.64
N MET N 27 -18.33 74.25 -4.33
CA MET N 27 -17.95 72.90 -4.74
C MET N 27 -17.81 72.82 -6.27
N LYS N 28 -18.69 73.50 -7.01
CA LYS N 28 -18.60 73.64 -8.46
C LYS N 28 -17.38 74.41 -8.95
N THR N 29 -16.83 75.34 -8.17
CA THR N 29 -15.54 75.98 -8.51
C THR N 29 -14.42 74.97 -8.64
N LEU N 30 -14.46 73.89 -7.87
CA LEU N 30 -13.49 72.79 -7.95
C LEU N 30 -13.70 71.89 -9.18
N GLY N 31 -14.72 72.15 -10.01
CA GLY N 31 -15.13 71.34 -11.16
C GLY N 31 -16.16 70.24 -10.85
N LEU N 32 -16.49 70.03 -9.58
CA LEU N 32 -17.32 68.91 -9.11
C LEU N 32 -18.72 68.93 -9.72
N LYS N 33 -19.29 67.75 -9.95
CA LYS N 33 -20.73 67.58 -10.18
C LYS N 33 -21.44 67.77 -8.83
N VAL N 34 -22.46 68.60 -8.71
CA VAL N 34 -23.03 68.94 -7.39
C VAL N 34 -24.53 68.86 -7.37
N THR N 35 -25.10 68.50 -6.22
CA THR N 35 -26.53 68.37 -5.99
C THR N 35 -26.88 68.88 -4.61
N SER N 36 -28.16 69.01 -4.30
CA SER N 36 -28.62 69.52 -3.02
C SER N 36 -29.94 68.90 -2.61
N ILE N 37 -30.14 68.63 -1.33
CA ILE N 37 -31.40 68.13 -0.78
C ILE N 37 -31.80 69.04 0.37
N LYS N 38 -33.04 69.52 0.41
CA LYS N 38 -33.54 70.25 1.58
C LYS N 38 -34.50 69.39 2.36
N ILE N 39 -34.13 69.12 3.61
CA ILE N 39 -34.91 68.36 4.57
C ILE N 39 -35.75 69.36 5.33
N ASP N 40 -37.07 69.30 5.18
CA ASP N 40 -37.99 70.18 5.85
C ASP N 40 -38.71 69.49 7.00
N PRO N 41 -38.69 70.04 8.22
CA PRO N 41 -39.39 69.44 9.34
C PRO N 41 -40.91 69.58 9.31
N TYR N 42 -41.50 70.39 8.43
CA TYR N 42 -42.95 70.57 8.35
C TYR N 42 -43.68 69.35 7.76
N MET N 43 -44.97 69.19 8.08
CA MET N 43 -45.75 68.03 7.71
C MET N 43 -46.53 68.11 6.40
N ASN N 44 -46.50 69.20 5.63
CA ASN N 44 -47.02 69.18 4.26
C ASN N 44 -46.18 68.27 3.35
N ILE N 45 -46.83 67.44 2.53
CA ILE N 45 -46.10 66.62 1.54
C ILE N 45 -45.54 67.47 0.39
N ASP N 46 -46.23 68.54 0.01
CA ASP N 46 -45.81 69.47 -1.03
C ASP N 46 -46.44 70.85 -0.82
N ALA N 47 -45.94 71.88 -1.52
CA ALA N 47 -46.50 73.22 -1.45
C ALA N 47 -47.82 73.40 -2.24
N GLY N 48 -48.33 72.35 -2.88
CA GLY N 48 -49.55 72.41 -3.68
C GLY N 48 -50.79 72.76 -2.86
N THR N 49 -50.82 72.41 -1.58
CA THR N 49 -51.88 72.82 -0.65
C THR N 49 -51.60 74.19 0.00
N MET N 50 -50.35 74.63 0.05
CA MET N 50 -49.91 75.80 0.82
C MET N 50 -50.21 77.11 0.10
N SER N 51 -51.14 77.92 0.60
CA SER N 51 -51.49 79.20 -0.02
C SER N 51 -50.30 80.16 0.01
N PRO N 52 -50.03 80.95 -1.05
CA PRO N 52 -48.86 81.85 -1.11
C PRO N 52 -48.74 82.94 -0.04
N LEU N 53 -49.70 83.06 0.87
CA LEU N 53 -49.71 84.00 1.99
C LEU N 53 -48.75 83.59 3.13
N GLU N 54 -48.58 82.29 3.40
CA GLU N 54 -47.65 81.78 4.41
C GLU N 54 -46.83 80.61 3.84
N HIS N 55 -45.55 80.57 4.21
CA HIS N 55 -44.49 79.83 3.52
C HIS N 55 -44.17 80.32 2.08
N GLY N 56 -44.88 81.32 1.59
CA GLY N 56 -44.52 82.02 0.35
C GLY N 56 -44.73 81.23 -0.94
N GLU N 57 -43.98 81.61 -1.97
CA GLU N 57 -44.21 81.19 -3.34
C GLU N 57 -44.03 79.69 -3.58
N CYS N 58 -45.01 79.05 -4.23
CA CYS N 58 -44.91 77.65 -4.66
C CYS N 58 -43.92 77.53 -5.83
N PHE N 59 -42.63 77.41 -5.54
CA PHE N 59 -41.62 77.27 -6.59
C PHE N 59 -41.90 76.07 -7.49
N VAL N 60 -41.73 76.22 -8.80
CA VAL N 60 -41.99 75.12 -9.72
C VAL N 60 -40.86 74.49 -10.56
N LEU N 61 -40.81 73.19 -10.42
CA LEU N 61 -39.76 72.36 -11.00
C LEU N 61 -39.88 72.20 -12.52
N ASP N 62 -38.79 71.73 -13.12
CA ASP N 62 -38.79 71.07 -14.42
C ASP N 62 -39.87 69.96 -14.46
N ASP N 63 -39.91 69.11 -13.43
CA ASP N 63 -40.92 68.07 -13.25
C ASP N 63 -42.30 68.57 -12.76
N GLY N 64 -42.50 69.88 -12.61
CA GLY N 64 -43.82 70.47 -12.37
C GLY N 64 -44.43 70.27 -10.98
N GLY N 65 -43.71 69.67 -10.05
CA GLY N 65 -44.13 69.62 -8.66
C GLY N 65 -44.07 70.98 -7.99
N GLU N 66 -45.05 71.31 -7.17
CA GLU N 66 -45.04 72.52 -6.35
C GLU N 66 -44.22 72.30 -5.07
N THR N 67 -42.92 72.60 -5.11
CA THR N 67 -41.94 72.32 -4.03
C THR N 67 -41.89 73.36 -2.93
N ASP N 68 -41.10 73.08 -1.89
CA ASP N 68 -40.57 74.11 -1.00
C ASP N 68 -39.96 75.27 -1.79
N LEU N 69 -40.24 76.52 -1.38
CA LEU N 69 -39.72 77.75 -2.05
C LEU N 69 -38.19 77.75 -2.04
N ASP N 70 -37.56 77.32 -0.95
CA ASP N 70 -36.08 77.42 -0.81
C ASP N 70 -35.37 76.61 -1.90
N LEU N 71 -35.98 75.57 -2.48
CA LEU N 71 -35.23 74.73 -3.47
C LEU N 71 -34.71 75.67 -4.56
N GLY N 72 -35.48 76.71 -4.88
CA GLY N 72 -35.08 77.64 -5.95
C GLY N 72 -33.70 78.21 -5.69
N ASN N 73 -33.37 78.52 -4.43
CA ASN N 73 -32.07 79.15 -4.08
C ASN N 73 -30.94 78.23 -4.54
N TYR N 74 -31.16 76.93 -4.71
CA TYR N 74 -30.13 75.94 -5.11
C TYR N 74 -30.09 75.78 -6.63
N GLU N 75 -31.14 76.15 -7.34
CA GLU N 75 -31.19 75.98 -8.81
C GLU N 75 -30.56 77.24 -9.40
N ARG N 76 -30.44 78.32 -8.62
CA ARG N 76 -29.77 79.58 -9.05
C ARG N 76 -28.28 79.44 -8.70
N TYR N 77 -27.96 79.31 -7.42
CA TYR N 77 -26.53 79.10 -6.95
C TYR N 77 -25.72 78.00 -7.69
N LEU N 78 -26.27 76.82 -8.02
CA LEU N 78 -25.52 75.66 -8.58
C LEU N 78 -25.72 75.56 -10.09
N GLY N 79 -26.87 75.93 -10.61
CA GLY N 79 -27.18 75.71 -12.02
C GLY N 79 -27.53 74.25 -12.26
N VAL N 80 -28.55 73.75 -11.57
CA VAL N 80 -29.03 72.36 -11.59
C VAL N 80 -30.55 72.31 -11.72
N THR N 81 -31.08 71.28 -12.37
CA THR N 81 -32.50 70.93 -12.37
C THR N 81 -32.74 69.86 -11.31
N LEU N 82 -33.36 70.24 -10.19
CA LEU N 82 -33.76 69.32 -9.13
C LEU N 82 -35.07 68.60 -9.50
N THR N 83 -35.59 67.75 -8.60
CA THR N 83 -36.82 66.96 -8.79
C THR N 83 -37.69 67.01 -7.54
N LYS N 84 -38.93 66.53 -7.61
CA LYS N 84 -39.86 66.51 -6.46
C LYS N 84 -39.32 65.73 -5.27
N ASP N 85 -38.40 64.79 -5.49
CA ASP N 85 -37.76 64.00 -4.44
C ASP N 85 -36.65 64.75 -3.67
N HIS N 86 -36.05 65.82 -4.21
CA HIS N 86 -35.01 66.59 -3.51
C HIS N 86 -35.53 67.43 -2.35
N ASN N 87 -36.83 67.52 -2.17
CA ASN N 87 -37.43 68.15 -1.01
C ASN N 87 -38.01 67.07 -0.10
N ILE N 88 -37.19 66.53 0.78
CA ILE N 88 -37.63 65.64 1.85
C ILE N 88 -38.49 66.45 2.82
N THR N 89 -39.63 65.95 3.27
CA THR N 89 -40.41 66.61 4.32
C THR N 89 -40.92 65.60 5.31
N THR N 90 -41.23 66.02 6.53
CA THR N 90 -41.74 65.10 7.56
C THR N 90 -43.03 64.43 7.12
N GLY N 91 -43.92 65.14 6.44
CA GLY N 91 -45.14 64.53 5.90
C GLY N 91 -44.87 63.55 4.77
N LYS N 92 -43.84 63.80 3.97
CA LYS N 92 -43.47 62.95 2.84
C LYS N 92 -42.90 61.62 3.31
N ILE N 93 -42.02 61.64 4.31
CA ILE N 93 -41.39 60.41 4.80
C ILE N 93 -42.27 59.60 5.72
N TYR N 94 -43.09 60.19 6.60
CA TYR N 94 -44.10 59.39 7.29
C TYR N 94 -45.07 58.72 6.31
N SER N 95 -45.49 59.38 5.24
CA SER N 95 -46.36 58.78 4.22
C SER N 95 -45.70 57.60 3.52
N HIS N 96 -44.42 57.70 3.18
CA HIS N 96 -43.71 56.64 2.46
C HIS N 96 -43.52 55.40 3.31
N VAL N 97 -43.11 55.54 4.57
CA VAL N 97 -43.04 54.40 5.50
C VAL N 97 -44.41 53.83 5.84
N ILE N 98 -45.44 54.66 6.07
CA ILE N 98 -46.81 54.17 6.28
C ILE N 98 -47.35 53.45 5.03
N ALA N 99 -46.98 53.83 3.81
CA ALA N 99 -47.40 53.08 2.62
C ALA N 99 -46.80 51.66 2.64
N LYS N 100 -45.50 51.56 2.89
CA LYS N 100 -44.82 50.27 3.03
C LYS N 100 -45.37 49.42 4.18
N GLU N 101 -45.85 50.03 5.27
CA GLU N 101 -46.52 49.33 6.38
C GLU N 101 -47.81 48.63 5.96
N ARG N 102 -48.66 49.26 5.14
CA ARG N 102 -49.93 48.66 4.68
C ARG N 102 -49.76 47.74 3.48
N LYS N 103 -48.76 47.99 2.63
CA LYS N 103 -48.33 47.03 1.60
C LYS N 103 -47.70 45.79 2.23
N GLY N 104 -47.15 45.92 3.45
CA GLY N 104 -46.57 44.82 4.21
C GLY N 104 -45.09 44.56 3.90
N ASP N 105 -44.37 45.55 3.39
CA ASP N 105 -42.95 45.40 3.00
C ASP N 105 -42.01 45.15 4.18
N TYR N 106 -42.48 45.37 5.42
CA TYR N 106 -41.78 45.04 6.66
C TYR N 106 -41.99 43.58 7.12
N LEU N 107 -42.55 42.69 6.29
CA LEU N 107 -42.66 41.25 6.56
C LEU N 107 -43.28 40.97 7.93
N GLY N 108 -44.29 41.75 8.29
CA GLY N 108 -45.06 41.61 9.52
C GLY N 108 -44.29 41.95 10.81
N LYS N 109 -43.06 42.46 10.76
CA LYS N 109 -42.42 43.06 11.93
C LYS N 109 -43.25 44.27 12.41
N THR N 110 -43.12 44.69 13.66
CA THR N 110 -43.54 46.05 14.01
C THR N 110 -42.55 47.04 13.45
N VAL N 111 -43.03 48.19 12.98
CA VAL N 111 -42.22 49.23 12.34
C VAL N 111 -42.11 50.42 13.27
N GLN N 112 -40.89 50.91 13.44
CA GLN N 112 -40.50 51.78 14.54
C GLN N 112 -39.84 53.04 14.02
N ILE N 113 -39.84 54.14 14.78
CA ILE N 113 -39.12 55.33 14.32
C ILE N 113 -37.63 55.05 14.23
N VAL N 114 -37.07 54.28 15.16
CA VAL N 114 -35.73 53.72 15.05
C VAL N 114 -35.82 52.19 15.16
N PRO N 115 -35.25 51.39 14.24
CA PRO N 115 -34.44 51.79 13.10
C PRO N 115 -35.20 52.01 11.79
N HIS N 116 -36.47 51.62 11.64
CA HIS N 116 -37.09 51.59 10.30
C HIS N 116 -37.23 52.95 9.64
N LEU N 117 -37.80 53.95 10.32
CA LEU N 117 -37.91 55.28 9.71
C LEU N 117 -36.55 55.98 9.56
N THR N 118 -35.62 55.83 10.50
CA THR N 118 -34.28 56.40 10.31
C THR N 118 -33.49 55.71 9.21
N ASN N 119 -33.75 54.44 8.91
CA ASN N 119 -33.27 53.80 7.71
C ASN N 119 -33.93 54.39 6.47
N ALA N 120 -35.24 54.63 6.47
CA ALA N 120 -35.92 55.22 5.32
C ALA N 120 -35.31 56.56 4.93
N ILE N 121 -35.05 57.44 5.88
CA ILE N 121 -34.41 58.74 5.62
C ILE N 121 -33.02 58.57 5.01
N GLN N 122 -32.16 57.68 5.54
CA GLN N 122 -30.85 57.41 4.94
C GLN N 122 -30.98 56.84 3.53
N ASP N 123 -31.91 55.90 3.33
CA ASP N 123 -32.14 55.28 2.03
C ASP N 123 -32.71 56.30 1.02
N TRP N 124 -33.45 57.32 1.46
CA TRP N 124 -33.89 58.44 0.62
C TRP N 124 -32.74 59.37 0.26
N ILE N 125 -31.91 59.81 1.19
CA ILE N 125 -30.78 60.69 0.91
C ILE N 125 -29.81 60.03 -0.07
N GLU N 126 -29.40 58.78 0.15
CA GLU N 126 -28.49 58.13 -0.77
C GLU N 126 -29.17 57.74 -2.09
N ARG N 127 -30.50 57.57 -2.13
CA ARG N 127 -31.23 57.38 -3.40
C ARG N 127 -31.14 58.64 -4.22
N VAL N 128 -31.57 59.77 -3.67
CA VAL N 128 -31.68 61.04 -4.38
C VAL N 128 -30.32 61.58 -4.79
N ALA N 129 -29.28 61.37 -3.99
CA ALA N 129 -27.93 61.79 -4.30
C ALA N 129 -27.30 61.09 -5.53
N LYS N 130 -27.90 60.02 -6.06
CA LYS N 130 -27.51 59.41 -7.34
C LYS N 130 -28.00 60.18 -8.56
N ILE N 131 -29.12 60.90 -8.46
CA ILE N 131 -29.81 61.49 -9.61
C ILE N 131 -28.92 62.53 -10.29
N PRO N 132 -28.73 62.50 -11.62
CA PRO N 132 -27.83 63.39 -12.34
C PRO N 132 -28.48 64.74 -12.65
N VAL N 133 -28.46 65.66 -11.68
CA VAL N 133 -29.12 66.98 -11.78
C VAL N 133 -28.34 68.00 -12.62
N ASP N 134 -27.13 67.66 -13.03
CA ASP N 134 -26.10 68.55 -13.55
C ASP N 134 -26.01 68.57 -15.09
N ASP N 135 -25.15 69.42 -15.67
CA ASP N 135 -25.02 69.64 -17.12
C ASP N 135 -24.46 68.46 -17.95
N THR N 136 -24.22 67.32 -17.33
CA THR N 136 -24.01 66.03 -18.01
C THR N 136 -24.52 64.92 -17.12
N GLY N 137 -24.96 63.81 -17.72
CA GLY N 137 -25.74 62.76 -17.06
C GLY N 137 -25.02 61.91 -16.02
N MET N 138 -23.81 62.24 -15.58
CA MET N 138 -23.11 61.49 -14.52
C MET N 138 -23.63 61.86 -13.14
N GLU N 139 -23.66 60.89 -12.23
CA GLU N 139 -24.09 61.11 -10.85
C GLU N 139 -23.25 62.17 -10.12
N PRO N 140 -23.82 63.01 -9.25
CA PRO N 140 -23.09 64.02 -8.51
C PRO N 140 -21.93 63.49 -7.66
N ASP N 141 -20.96 64.34 -7.39
CA ASP N 141 -19.76 64.04 -6.60
C ASP N 141 -19.86 64.54 -5.16
N VAL N 142 -20.60 65.62 -4.93
CA VAL N 142 -20.96 66.11 -3.59
C VAL N 142 -22.45 66.38 -3.52
N CYS N 143 -23.10 66.05 -2.42
CA CYS N 143 -24.46 66.47 -2.11
C CYS N 143 -24.49 67.40 -0.90
N ILE N 144 -25.08 68.58 -1.00
CA ILE N 144 -25.30 69.50 0.11
C ILE N 144 -26.65 69.18 0.74
N ILE N 145 -26.70 68.75 1.99
CA ILE N 145 -27.94 68.41 2.70
C ILE N 145 -28.27 69.51 3.67
N GLU N 146 -29.33 70.28 3.46
CA GLU N 146 -29.73 71.29 4.43
C GLU N 146 -30.83 70.76 5.32
N LEU N 147 -30.56 70.69 6.61
CA LEU N 147 -31.50 70.28 7.63
C LEU N 147 -32.25 71.51 8.15
N GLY N 148 -33.51 71.68 7.79
CA GLY N 148 -34.36 72.74 8.31
C GLY N 148 -34.73 72.58 9.78
N GLY N 149 -35.44 73.57 10.32
CA GLY N 149 -35.74 73.68 11.75
C GLY N 149 -34.49 73.97 12.58
N THR N 150 -34.50 73.62 13.85
CA THR N 150 -33.30 73.66 14.72
C THR N 150 -33.07 72.32 15.39
N VAL N 151 -31.81 71.95 15.58
CA VAL N 151 -31.46 70.74 16.32
C VAL N 151 -31.98 70.88 17.77
N GLY N 152 -32.69 69.87 18.27
CA GLY N 152 -33.40 69.93 19.56
C GLY N 152 -34.88 70.30 19.47
N ASP N 153 -35.38 70.43 18.25
CA ASP N 153 -36.84 70.60 18.02
C ASP N 153 -37.43 69.19 18.13
N ILE N 154 -38.69 69.00 18.57
CA ILE N 154 -39.35 67.66 18.61
C ILE N 154 -39.80 67.33 17.19
N GLU N 155 -39.62 68.25 16.23
CA GLU N 155 -40.02 68.09 14.81
C GLU N 155 -38.82 67.65 13.99
N SER N 156 -37.60 67.94 14.44
CA SER N 156 -36.35 67.65 13.70
C SER N 156 -35.63 66.46 14.30
N ALA N 157 -36.18 65.83 15.34
CA ALA N 157 -35.48 64.72 16.06
C ALA N 157 -35.31 63.47 15.16
N PRO N 158 -36.27 63.06 14.30
CA PRO N 158 -36.06 61.92 13.40
C PRO N 158 -34.91 62.08 12.42
N PHE N 159 -34.67 63.30 11.93
CA PHE N 159 -33.62 63.59 10.97
C PHE N 159 -32.22 63.64 11.55
N VAL N 160 -32.03 64.18 12.74
CA VAL N 160 -30.71 64.12 13.40
C VAL N 160 -30.34 62.70 13.84
N GLU N 161 -31.30 61.84 14.15
CA GLU N 161 -31.05 60.40 14.26
C GLU N 161 -30.60 59.83 12.92
N ALA N 162 -31.36 60.06 11.86
CA ALA N 162 -31.03 59.46 10.58
C ALA N 162 -29.68 59.94 10.04
N LEU N 163 -29.37 61.22 10.18
CA LEU N 163 -28.08 61.77 9.81
C LEU N 163 -26.96 61.21 10.71
N ARG N 164 -27.14 61.01 12.02
CA ARG N 164 -26.09 60.37 12.85
C ARG N 164 -25.73 59.01 12.31
N GLN N 165 -26.73 58.15 12.10
CA GLN N 165 -26.52 56.81 11.55
C GLN N 165 -25.87 56.91 10.16
N PHE N 166 -26.22 57.94 9.38
CA PHE N 166 -25.63 58.21 8.08
C PHE N 166 -24.14 58.57 8.15
N GLN N 167 -23.61 59.10 9.26
CA GLN N 167 -22.17 59.32 9.42
C GLN N 167 -21.37 58.01 9.44
N PHE N 168 -22.04 56.86 9.51
CA PHE N 168 -21.43 55.53 9.55
C PHE N 168 -21.78 54.72 8.30
N LYS N 169 -23.02 54.85 7.81
CA LYS N 169 -23.44 54.22 6.55
C LYS N 169 -22.63 54.78 5.38
N VAL N 170 -22.46 56.11 5.36
CA VAL N 170 -21.37 56.82 4.68
C VAL N 170 -20.19 56.89 5.64
N GLY N 171 -18.95 56.88 5.17
CA GLY N 171 -17.79 57.02 6.06
C GLY N 171 -17.51 58.46 6.53
N LYS N 172 -16.80 58.61 7.65
CA LYS N 172 -16.00 59.82 7.89
C LYS N 172 -14.92 59.91 6.80
N GLU N 173 -14.47 61.10 6.46
CA GLU N 173 -13.78 61.40 5.18
C GLU N 173 -14.65 61.19 3.93
N ASN N 174 -15.97 60.98 4.06
CA ASN N 174 -16.94 61.19 2.99
C ASN N 174 -18.09 62.11 3.44
N PHE N 175 -18.42 62.18 4.72
CA PHE N 175 -19.44 63.08 5.28
C PHE N 175 -18.77 64.17 6.13
N ALA N 176 -19.26 65.41 6.06
CA ALA N 176 -18.89 66.53 6.94
C ALA N 176 -20.08 67.41 7.29
N LEU N 177 -20.04 68.13 8.40
CA LEU N 177 -21.15 68.98 8.86
C LEU N 177 -20.71 70.42 9.14
N ILE N 178 -21.49 71.38 8.64
CA ILE N 178 -21.40 72.80 8.94
C ILE N 178 -22.57 73.16 9.87
N HIS N 179 -22.31 73.68 11.06
CA HIS N 179 -23.37 74.06 12.00
C HIS N 179 -23.46 75.56 12.05
N VAL N 180 -24.62 76.13 11.81
CA VAL N 180 -24.81 77.58 11.72
C VAL N 180 -25.39 78.06 13.03
N SER N 181 -24.80 79.05 13.70
CA SER N 181 -25.15 79.36 15.10
C SER N 181 -25.10 80.85 15.42
N LEU N 182 -25.73 81.27 16.53
CA LEU N 182 -25.94 82.69 16.82
C LEU N 182 -24.89 83.24 17.77
N VAL N 183 -24.30 84.38 17.43
CA VAL N 183 -23.51 85.19 18.36
C VAL N 183 -24.28 86.49 18.56
N PRO N 184 -25.22 86.59 19.53
CA PRO N 184 -25.92 87.82 19.77
C PRO N 184 -24.95 88.86 20.32
N VAL N 185 -25.13 90.11 19.92
CA VAL N 185 -24.42 91.25 20.46
C VAL N 185 -25.38 92.05 21.33
N ILE N 186 -25.11 92.11 22.63
CA ILE N 186 -25.83 92.99 23.55
C ILE N 186 -24.86 93.75 24.43
N HIS N 187 -25.20 94.98 24.83
CA HIS N 187 -24.27 95.90 25.49
C HIS N 187 -22.95 96.06 24.72
N GLY N 188 -23.02 95.97 23.39
CA GLY N 188 -21.85 96.01 22.50
C GLY N 188 -20.86 94.84 22.63
N GLU N 189 -21.21 93.72 23.27
CA GLU N 189 -20.37 92.53 23.40
C GLU N 189 -20.95 91.29 22.70
N GLN N 190 -20.14 90.62 21.89
CA GLN N 190 -20.45 89.31 21.26
C GLN N 190 -20.49 88.17 22.28
N LYS N 191 -21.67 87.63 22.60
CA LYS N 191 -21.82 86.55 23.58
C LYS N 191 -21.74 85.19 22.89
N THR N 192 -20.90 84.28 23.38
CA THR N 192 -20.71 82.95 22.78
C THR N 192 -21.72 81.91 23.26
N LYS N 193 -22.37 82.11 24.40
CA LYS N 193 -23.12 81.04 25.08
C LYS N 193 -24.25 80.38 24.29
N PRO N 194 -25.01 81.03 23.42
CA PRO N 194 -26.00 80.32 22.61
C PRO N 194 -25.36 79.30 21.69
N THR N 195 -24.16 79.56 21.16
CA THR N 195 -23.38 78.56 20.42
C THR N 195 -22.91 77.41 21.31
N GLN N 196 -22.48 77.65 22.56
CA GLN N 196 -22.13 76.57 23.49
C GLN N 196 -23.34 75.67 23.79
N ALA N 197 -24.49 76.23 24.18
CA ALA N 197 -25.70 75.47 24.47
C ALA N 197 -26.27 74.73 23.26
N ALA N 198 -26.20 75.28 22.04
CA ALA N 198 -26.64 74.59 20.82
C ALA N 198 -25.63 73.55 20.32
N ILE N 199 -24.35 73.66 20.65
CA ILE N 199 -23.34 72.63 20.35
C ILE N 199 -23.43 71.50 21.37
N LYS N 200 -23.69 71.80 22.64
CA LYS N 200 -24.11 70.80 23.63
C LYS N 200 -25.32 70.01 23.14
N GLY N 201 -26.37 70.68 22.65
CA GLY N 201 -27.49 70.02 21.99
C GLY N 201 -27.05 69.15 20.81
N LEU N 202 -26.23 69.66 19.91
CA LEU N 202 -25.77 68.92 18.73
C LEU N 202 -25.04 67.63 19.12
N ARG N 203 -24.04 67.69 20.00
CA ARG N 203 -23.31 66.49 20.39
C ARG N 203 -24.17 65.50 21.16
N SER N 204 -25.21 65.94 21.87
CA SER N 204 -26.15 65.05 22.53
C SER N 204 -26.80 64.09 21.54
N LEU N 205 -27.25 64.58 20.39
CA LEU N 205 -27.85 63.78 19.32
C LEU N 205 -26.81 63.07 18.42
N GLY N 206 -25.55 63.47 18.51
CA GLY N 206 -24.38 62.66 18.14
C GLY N 206 -23.63 63.10 16.89
N LEU N 207 -24.16 64.10 16.20
CA LEU N 207 -23.45 64.77 15.12
C LEU N 207 -22.31 65.61 15.71
N VAL N 208 -21.19 65.73 15.00
CA VAL N 208 -20.07 66.61 15.39
C VAL N 208 -19.75 67.58 14.27
N PRO N 209 -19.64 68.88 14.53
CA PRO N 209 -19.46 69.87 13.48
C PRO N 209 -18.00 69.94 13.07
N ASP N 210 -17.76 69.88 11.77
CA ASP N 210 -16.45 70.09 11.18
C ASP N 210 -16.17 71.56 10.94
N MET N 211 -17.24 72.38 10.88
CA MET N 211 -17.20 73.82 10.91
C MET N 211 -18.32 74.37 11.76
N ILE N 212 -18.11 75.55 12.32
CA ILE N 212 -19.18 76.38 12.85
C ILE N 212 -19.25 77.63 11.97
N ALA N 213 -20.43 78.14 11.69
CA ALA N 213 -20.61 79.36 10.95
C ALA N 213 -21.55 80.32 11.68
N CYS N 214 -21.12 81.55 11.97
CA CYS N 214 -21.91 82.40 12.85
C CYS N 214 -22.77 83.44 12.14
N ARG N 215 -24.05 83.50 12.47
CA ARG N 215 -24.85 84.71 12.33
C ARG N 215 -24.40 85.66 13.42
N CYS N 216 -23.91 86.82 13.02
CA CYS N 216 -23.53 87.87 13.94
C CYS N 216 -23.79 89.23 13.30
N SER N 217 -24.12 90.23 14.12
CA SER N 217 -24.28 91.62 13.68
C SER N 217 -22.96 92.28 13.27
N GLU N 218 -21.82 91.64 13.53
CA GLU N 218 -20.48 92.22 13.41
C GLU N 218 -19.48 91.26 12.73
N THR N 219 -18.28 91.74 12.42
CA THR N 219 -17.16 90.80 12.28
C THR N 219 -16.88 90.17 13.64
N LEU N 220 -16.82 88.84 13.75
CA LEU N 220 -16.44 88.19 15.00
C LEU N 220 -15.08 88.70 15.48
N ASP N 221 -15.00 89.08 16.74
CA ASP N 221 -13.74 89.40 17.38
C ASP N 221 -12.84 88.16 17.42
N LYS N 222 -11.52 88.37 17.31
CA LYS N 222 -10.50 87.34 17.51
C LYS N 222 -10.73 86.52 18.78
N PRO N 223 -11.01 87.09 19.97
CA PRO N 223 -11.41 86.32 21.15
C PRO N 223 -12.73 85.55 21.01
N THR N 224 -13.72 86.02 20.25
CA THR N 224 -14.98 85.26 20.07
C THR N 224 -14.74 83.99 19.29
N ILE N 225 -13.94 84.02 18.24
CA ILE N 225 -13.51 82.82 17.52
C ILE N 225 -12.78 81.86 18.46
N ASP N 226 -11.86 82.36 19.28
CA ASP N 226 -11.13 81.52 20.23
C ASP N 226 -12.05 80.91 21.29
N LYS N 227 -13.01 81.65 21.83
CA LYS N 227 -13.94 81.15 22.85
C LYS N 227 -15.04 80.25 22.29
N ILE N 228 -15.35 80.28 20.99
CA ILE N 228 -16.12 79.21 20.34
C ILE N 228 -15.24 77.98 20.10
N ALA N 229 -14.04 78.11 19.52
CA ALA N 229 -13.18 76.96 19.25
C ALA N 229 -12.66 76.25 20.52
N MET N 230 -12.55 76.94 21.66
CA MET N 230 -12.25 76.33 22.97
C MET N 230 -13.42 75.50 23.52
N PHE N 231 -14.59 75.55 22.89
CA PHE N 231 -15.83 74.90 23.35
C PHE N 231 -16.44 73.94 22.32
N CYS N 232 -15.80 73.78 21.16
CA CYS N 232 -16.24 72.91 20.07
C CYS N 232 -15.02 72.23 19.42
N HIS N 233 -15.23 71.13 18.70
CA HIS N 233 -14.12 70.32 18.19
C HIS N 233 -13.57 70.81 16.83
N VAL N 234 -13.48 72.13 16.65
CA VAL N 234 -13.04 72.81 15.43
C VAL N 234 -11.78 73.63 15.70
N GLY N 235 -10.87 73.78 14.73
CA GLY N 235 -9.79 74.75 14.85
C GLY N 235 -10.34 76.17 14.77
N PRO N 236 -9.62 77.20 15.22
CA PRO N 236 -10.10 78.59 15.14
C PRO N 236 -10.30 79.08 13.69
N GLU N 237 -9.66 78.45 12.72
CA GLU N 237 -9.79 78.73 11.28
C GLU N 237 -11.07 78.13 10.64
N GLN N 238 -11.83 77.28 11.35
CA GLN N 238 -13.13 76.75 10.93
C GLN N 238 -14.32 77.34 11.70
N VAL N 239 -14.14 78.46 12.40
CA VAL N 239 -15.27 79.29 12.82
C VAL N 239 -15.50 80.35 11.76
N VAL N 240 -16.27 79.99 10.74
CA VAL N 240 -16.66 80.83 9.60
C VAL N 240 -17.63 81.93 10.06
N ASN N 241 -17.71 83.03 9.32
CA ASN N 241 -18.57 84.16 9.67
C ASN N 241 -19.18 84.83 8.45
N VAL N 242 -20.49 84.65 8.24
CA VAL N 242 -21.26 85.30 7.17
C VAL N 242 -21.72 86.67 7.65
N HIS N 243 -20.82 87.66 7.67
CA HIS N 243 -21.12 89.03 8.08
C HIS N 243 -21.81 89.84 6.97
N ASP N 244 -22.22 91.07 7.27
CA ASP N 244 -22.76 92.00 6.29
C ASP N 244 -21.82 92.17 5.09
N VAL N 245 -22.36 92.05 3.88
CA VAL N 245 -21.65 92.16 2.59
C VAL N 245 -22.48 92.95 1.59
N ASN N 246 -21.86 93.45 0.53
CA ASN N 246 -22.51 94.38 -0.41
C ASN N 246 -23.78 93.80 -1.02
N SER N 247 -23.79 92.49 -1.32
CA SER N 247 -24.98 91.76 -1.73
C SER N 247 -24.82 90.26 -1.53
N THR N 248 -25.92 89.53 -1.52
CA THR N 248 -25.94 88.07 -1.25
C THR N 248 -25.09 87.26 -2.22
N TYR N 249 -24.90 87.72 -3.44
CA TYR N 249 -24.04 87.06 -4.42
C TYR N 249 -22.55 87.11 -4.08
N HIS N 250 -22.13 87.94 -3.12
CA HIS N 250 -20.77 87.95 -2.62
C HIS N 250 -20.46 86.82 -1.62
N VAL N 251 -21.47 86.21 -0.99
CA VAL N 251 -21.22 85.23 0.07
C VAL N 251 -20.30 84.09 -0.35
N PRO N 252 -20.38 83.46 -1.53
CA PRO N 252 -19.42 82.41 -1.87
C PRO N 252 -17.98 82.94 -1.98
N LEU N 253 -17.76 84.18 -2.40
CA LEU N 253 -16.41 84.76 -2.32
C LEU N 253 -16.01 85.02 -0.86
N LEU N 254 -16.91 85.48 0.01
CA LEU N 254 -16.62 85.62 1.43
C LEU N 254 -16.20 84.28 2.07
N LEU N 255 -16.94 83.20 1.83
CA LEU N 255 -16.60 81.87 2.32
C LEU N 255 -15.26 81.40 1.78
N LEU N 256 -15.00 81.56 0.49
CA LEU N 256 -13.72 81.20 -0.11
C LEU N 256 -12.54 82.02 0.44
N GLU N 257 -12.72 83.31 0.72
CA GLU N 257 -11.67 84.14 1.32
C GLU N 257 -11.44 83.84 2.80
N GLN N 258 -12.46 83.38 3.54
CA GLN N 258 -12.33 82.78 4.87
C GLN N 258 -11.75 81.35 4.84
N LYS N 259 -11.15 80.92 3.72
CA LYS N 259 -10.52 79.60 3.52
C LYS N 259 -11.45 78.44 3.84
N MET N 260 -12.75 78.62 3.62
CA MET N 260 -13.74 77.60 3.93
C MET N 260 -13.53 76.35 3.08
N ILE N 261 -13.31 76.50 1.77
CA ILE N 261 -13.06 75.36 0.86
C ILE N 261 -11.67 74.76 1.01
N ASP N 262 -10.66 75.53 1.37
CA ASP N 262 -9.32 75.00 1.56
C ASP N 262 -9.26 74.00 2.72
N TYR N 263 -10.22 74.06 3.65
CA TYR N 263 -10.48 72.99 4.60
C TYR N 263 -11.33 71.87 3.99
N LEU N 264 -12.49 72.12 3.38
CA LEU N 264 -13.34 71.04 2.84
C LEU N 264 -12.62 70.17 1.80
N HIS N 265 -11.74 70.73 1.00
CA HIS N 265 -10.85 69.99 0.12
C HIS N 265 -10.09 68.88 0.85
N ALA N 266 -9.52 69.17 2.02
CA ALA N 266 -8.79 68.20 2.84
C ALA N 266 -9.74 67.32 3.66
N ARG N 267 -10.76 67.91 4.28
CA ARG N 267 -11.71 67.23 5.20
C ARG N 267 -12.59 66.20 4.49
N LEU N 268 -12.90 66.42 3.22
CA LEU N 268 -13.59 65.46 2.34
C LEU N 268 -12.63 64.79 1.35
N LYS N 269 -11.32 65.02 1.48
CA LYS N 269 -10.25 64.43 0.66
C LYS N 269 -10.55 64.42 -0.84
N LEU N 270 -10.95 65.58 -1.37
CA LEU N 270 -11.51 65.72 -2.72
C LEU N 270 -10.52 65.50 -3.88
N ASP N 271 -9.22 65.35 -3.62
CA ASP N 271 -8.30 64.75 -4.60
C ASP N 271 -8.75 63.35 -5.06
N GLU N 272 -9.57 62.64 -4.30
CA GLU N 272 -10.08 61.32 -4.65
C GLU N 272 -11.19 61.33 -5.72
N ILE N 273 -11.72 62.48 -6.13
CA ILE N 273 -12.62 62.55 -7.29
C ILE N 273 -11.78 62.66 -8.56
N THR N 274 -12.08 64.75 -14.38
CA THR N 274 -11.75 64.84 -15.81
C THR N 274 -11.46 66.29 -16.22
N GLU N 275 -10.72 66.51 -17.31
CA GLU N 275 -10.36 67.84 -17.79
C GLU N 275 -11.57 68.76 -18.00
N GLU N 276 -12.71 68.23 -18.46
CA GLU N 276 -13.96 68.98 -18.58
C GLU N 276 -14.40 69.58 -17.24
N GLU N 277 -14.33 68.83 -16.14
CA GLU N 277 -14.67 69.33 -14.80
C GLU N 277 -13.69 70.41 -14.34
N LYS N 278 -12.39 70.18 -14.53
CA LYS N 278 -11.36 71.14 -14.14
C LYS N 278 -11.53 72.46 -14.88
N GLN N 279 -11.81 72.41 -16.18
CA GLN N 279 -12.12 73.60 -16.98
C GLN N 279 -13.40 74.28 -16.51
N ARG N 280 -14.51 73.55 -16.39
CA ARG N 280 -15.79 74.12 -15.93
C ARG N 280 -15.70 74.71 -14.52
N GLY N 281 -14.77 74.25 -13.70
CA GLY N 281 -14.44 74.90 -12.43
C GLY N 281 -13.83 76.28 -12.62
N LEU N 282 -12.78 76.40 -13.42
CA LEU N 282 -12.14 77.69 -13.68
C LEU N 282 -13.11 78.67 -14.37
N GLU N 283 -13.90 78.20 -15.33
CA GLU N 283 -14.92 79.01 -15.97
C GLU N 283 -15.96 79.51 -14.97
N LEU N 284 -16.41 78.71 -13.99
CA LEU N 284 -17.37 79.17 -13.00
C LEU N 284 -16.76 80.27 -12.13
N LEU N 285 -15.50 80.17 -11.73
CA LEU N 285 -14.81 81.26 -11.06
C LEU N 285 -14.73 82.51 -11.92
N SER N 286 -14.37 82.40 -13.21
CA SER N 286 -14.30 83.57 -14.09
C SER N 286 -15.64 84.27 -14.21
N LYS N 287 -16.73 83.51 -14.37
CA LYS N 287 -18.09 84.02 -14.43
C LYS N 287 -18.54 84.62 -13.10
N TRP N 288 -18.06 84.10 -11.97
CA TRP N 288 -18.30 84.74 -10.68
C TRP N 288 -17.57 86.07 -10.58
N LYS N 289 -16.29 86.13 -10.97
CA LYS N 289 -15.56 87.40 -11.01
C LYS N 289 -16.24 88.42 -11.93
N ALA N 290 -16.81 88.01 -13.05
CA ALA N 290 -17.61 88.86 -13.92
C ALA N 290 -18.87 89.42 -13.26
N THR N 291 -19.78 88.60 -12.72
CA THR N 291 -20.98 89.13 -12.03
C THR N 291 -20.63 89.97 -10.81
N THR N 292 -19.55 89.63 -10.11
CA THR N 292 -19.05 90.45 -9.00
C THR N 292 -18.53 91.79 -9.51
N GLY N 293 -17.73 91.80 -10.58
CA GLY N 293 -17.24 93.04 -11.21
C GLY N 293 -18.39 93.92 -11.66
N ASN N 294 -19.41 93.36 -12.30
CA ASN N 294 -20.63 94.05 -12.67
C ASN N 294 -21.42 94.67 -11.50
N PHE N 295 -21.14 94.32 -10.24
CA PHE N 295 -21.71 94.99 -9.08
C PHE N 295 -20.85 96.18 -8.67
N ASP N 296 -19.54 96.01 -8.57
CA ASP N 296 -18.61 97.13 -8.28
C ASP N 296 -18.65 98.21 -9.37
N GLU N 297 -18.59 97.79 -10.64
CA GLU N 297 -18.65 98.62 -11.85
C GLU N 297 -20.07 99.09 -12.19
N GLU N 298 -24.91 103.26 -11.94
CA GLU N 298 -26.20 103.92 -12.15
C GLU N 298 -27.41 103.04 -11.82
N THR N 299 -28.48 103.62 -11.27
CA THR N 299 -29.70 102.89 -10.88
C THR N 299 -30.71 102.70 -12.02
N VAL N 300 -31.43 101.57 -12.01
CA VAL N 300 -32.66 101.33 -12.76
C VAL N 300 -33.80 101.18 -11.76
N LYS N 301 -34.87 101.96 -11.89
CA LYS N 301 -36.03 101.91 -10.97
C LYS N 301 -37.15 101.11 -11.64
N ILE N 302 -37.67 100.05 -11.04
CA ILE N 302 -38.76 99.22 -11.62
C ILE N 302 -39.94 99.19 -10.67
N ALA N 303 -41.15 99.50 -11.11
CA ALA N 303 -42.33 99.31 -10.29
C ALA N 303 -42.84 97.89 -10.48
N LEU N 304 -42.87 97.10 -9.42
CA LEU N 304 -43.50 95.78 -9.41
C LEU N 304 -44.88 95.95 -8.80
N VAL N 305 -45.91 95.71 -9.59
CA VAL N 305 -47.29 96.06 -9.28
C VAL N 305 -48.11 94.79 -9.15
N GLY N 306 -48.62 94.48 -7.96
CA GLY N 306 -49.41 93.26 -7.77
C GLY N 306 -50.21 93.26 -6.50
N LYS N 307 -50.91 92.16 -6.23
CA LYS N 307 -51.60 91.94 -4.96
C LYS N 307 -50.60 91.79 -3.81
N TYR N 308 -50.93 92.37 -2.66
CA TYR N 308 -50.28 92.09 -1.35
C TYR N 308 -48.76 92.09 -1.40
N THR N 309 -48.15 93.03 -2.11
CA THR N 309 -46.69 93.23 -2.19
C THR N 309 -45.99 93.45 -0.86
N ASN N 310 -46.75 93.72 0.21
CA ASN N 310 -46.26 93.70 1.60
C ASN N 310 -45.62 92.36 1.98
N LEU N 311 -46.13 91.26 1.43
CA LEU N 311 -45.70 89.87 1.66
C LEU N 311 -44.55 89.52 0.71
N LYS N 312 -43.40 90.16 0.90
CA LYS N 312 -42.31 90.21 -0.09
C LYS N 312 -41.70 88.85 -0.48
N ASP N 313 -41.73 87.86 0.39
CA ASP N 313 -41.35 86.48 0.02
C ASP N 313 -42.28 85.86 -1.04
N SER N 314 -43.52 86.33 -1.15
CA SER N 314 -44.49 85.83 -2.13
C SER N 314 -44.10 86.14 -3.58
N TYR N 315 -43.13 87.05 -3.79
CA TYR N 315 -42.56 87.40 -5.09
C TYR N 315 -41.06 87.08 -5.18
N LEU N 316 -40.54 86.21 -4.32
CA LEU N 316 -39.08 86.00 -4.21
C LEU N 316 -38.40 85.68 -5.55
N SER N 317 -38.94 84.79 -6.38
CA SER N 317 -38.29 84.42 -7.63
C SER N 317 -38.19 85.59 -8.57
N VAL N 318 -39.23 86.42 -8.64
CA VAL N 318 -39.28 87.62 -9.45
C VAL N 318 -38.15 88.55 -9.06
N ILE N 319 -37.94 88.80 -7.76
CA ILE N 319 -36.84 89.64 -7.29
C ILE N 319 -35.51 89.10 -7.76
N LYS N 320 -35.24 87.81 -7.55
CA LYS N 320 -33.97 87.20 -7.94
C LYS N 320 -33.75 87.26 -9.45
N ALA N 321 -34.79 87.08 -10.26
CA ALA N 321 -34.68 87.20 -11.71
C ALA N 321 -34.32 88.63 -12.17
N LEU N 322 -34.81 89.65 -11.49
CA LEU N 322 -34.41 91.04 -11.71
C LEU N 322 -32.97 91.30 -11.24
N GLU N 323 -32.52 90.70 -10.14
CA GLU N 323 -31.14 90.83 -9.67
C GLU N 323 -30.16 90.22 -10.66
N HIS N 324 -30.40 89.00 -11.15
CA HIS N 324 -29.46 88.32 -12.06
C HIS N 324 -29.26 89.13 -13.33
N SER N 325 -30.34 89.65 -13.88
CA SER N 325 -30.31 90.49 -15.07
C SER N 325 -29.66 91.84 -14.81
N SER N 326 -29.92 92.48 -13.68
CA SER N 326 -29.32 93.78 -13.36
C SER N 326 -27.80 93.75 -13.26
N MET N 327 -27.21 92.64 -12.82
CA MET N 327 -25.76 92.46 -12.87
C MET N 327 -25.22 92.28 -14.28
N LYS N 328 -26.01 91.83 -15.24
CA LYS N 328 -25.56 91.80 -16.63
C LYS N 328 -25.51 93.23 -17.19
N CYS N 329 -26.52 94.05 -16.91
CA CYS N 329 -26.60 95.46 -17.30
C CYS N 329 -25.68 96.42 -16.51
N ARG N 330 -24.88 95.92 -15.57
CA ARG N 330 -24.02 96.70 -14.66
C ARG N 330 -24.77 97.77 -13.85
N ARG N 331 -26.09 97.69 -13.69
CA ARG N 331 -26.91 98.76 -13.11
C ARG N 331 -27.57 98.31 -11.82
N LYS N 332 -27.67 99.22 -10.87
CA LYS N 332 -28.19 98.96 -9.53
C LYS N 332 -29.70 98.87 -9.58
N LEU N 333 -30.27 97.81 -9.02
CA LEU N 333 -31.71 97.56 -9.06
C LEU N 333 -32.43 98.23 -7.90
N ASP N 334 -33.51 98.94 -8.18
CA ASP N 334 -34.36 99.56 -7.18
C ASP N 334 -35.83 99.22 -7.43
N ILE N 335 -36.30 98.11 -6.87
CA ILE N 335 -37.71 97.70 -7.01
C ILE N 335 -38.58 98.61 -6.15
N LYS N 336 -39.53 99.31 -6.75
CA LYS N 336 -40.63 99.95 -6.02
C LYS N 336 -41.75 98.95 -5.87
N TRP N 337 -42.17 98.68 -4.65
CA TRP N 337 -43.28 97.79 -4.34
C TRP N 337 -44.60 98.56 -4.32
N VAL N 338 -45.50 98.25 -5.25
CA VAL N 338 -46.81 98.87 -5.37
C VAL N 338 -47.90 97.86 -5.06
N GLU N 339 -48.78 98.14 -4.11
CA GLU N 339 -50.02 97.38 -4.01
C GLU N 339 -50.93 97.79 -5.16
N ALA N 340 -51.29 96.85 -6.01
CA ALA N 340 -52.09 97.12 -7.19
C ALA N 340 -53.44 97.79 -6.84
N THR N 341 -54.09 97.38 -5.76
CA THR N 341 -55.37 97.98 -5.37
C THR N 341 -55.27 99.45 -4.96
N ASP N 342 -54.10 99.94 -4.54
CA ASP N 342 -53.92 101.36 -4.22
C ASP N 342 -53.88 102.26 -5.44
N LEU N 343 -53.76 101.72 -6.66
CA LEU N 343 -53.86 102.49 -7.89
C LEU N 343 -55.30 102.82 -8.27
N GLU N 344 -56.28 102.12 -7.71
CA GLU N 344 -57.67 102.20 -8.18
C GLU N 344 -58.31 103.58 -7.97
N PRO N 345 -59.19 104.05 -8.88
CA PRO N 345 -59.97 105.28 -8.68
C PRO N 345 -60.82 105.30 -7.40
N GLU N 346 -61.20 104.14 -6.88
CA GLU N 346 -61.91 103.99 -5.59
C GLU N 346 -60.98 104.24 -4.39
N ALA N 347 -59.71 103.87 -4.49
CA ALA N 347 -58.76 104.05 -3.39
C ALA N 347 -58.58 105.54 -3.05
N GLN N 348 -58.77 106.43 -4.02
CA GLN N 348 -58.60 107.88 -3.85
C GLN N 348 -59.52 108.49 -2.77
N GLU N 349 -60.76 108.01 -2.62
CA GLU N 349 -61.61 108.44 -1.50
C GLU N 349 -61.43 107.58 -0.25
N SER N 350 -61.08 106.30 -0.42
CA SER N 350 -60.99 105.35 0.70
C SER N 350 -59.74 105.55 1.55
N ASN N 351 -58.57 105.71 0.92
CA ASN N 351 -57.26 105.73 1.56
C ASN N 351 -56.26 106.61 0.77
N LYS N 352 -56.61 107.89 0.61
CA LYS N 352 -55.97 108.81 -0.35
C LYS N 352 -54.44 108.82 -0.26
N THR N 353 -53.87 108.81 0.94
CA THR N 353 -52.42 108.95 1.14
C THR N 353 -51.63 107.85 0.45
N LYS N 354 -52.05 106.59 0.64
CA LYS N 354 -51.37 105.44 0.03
C LYS N 354 -51.57 105.40 -1.48
N PHE N 355 -52.71 105.87 -1.96
CA PHE N 355 -52.99 106.02 -3.39
C PHE N 355 -52.00 106.98 -4.07
N HIS N 356 -51.65 108.11 -3.46
CA HIS N 356 -50.60 108.98 -4.00
C HIS N 356 -49.22 108.32 -3.96
N GLU N 357 -48.87 107.59 -2.89
CA GLU N 357 -47.60 106.88 -2.85
C GLU N 357 -47.50 105.84 -3.97
N ALA N 358 -48.56 105.10 -4.21
CA ALA N 358 -48.62 104.11 -5.29
C ALA N 358 -48.44 104.75 -6.66
N TRP N 359 -49.15 105.84 -6.93
CA TRP N 359 -49.04 106.52 -8.21
C TRP N 359 -47.71 107.23 -8.41
N ASN N 360 -47.09 107.79 -7.37
CA ASN N 360 -45.73 108.31 -7.51
C ASN N 360 -44.76 107.22 -7.94
N MET N 361 -44.83 106.02 -7.35
CA MET N 361 -43.97 104.91 -7.74
C MET N 361 -44.18 104.58 -9.22
N VAL N 362 -45.42 104.40 -9.67
CA VAL N 362 -45.73 104.09 -11.08
C VAL N 362 -45.20 105.17 -12.03
N SER N 363 -45.35 106.44 -11.66
CA SER N 363 -44.89 107.58 -12.43
C SER N 363 -43.38 107.76 -12.46
N THR N 364 -42.68 107.34 -11.43
CA THR N 364 -41.22 107.44 -11.31
C THR N 364 -40.51 106.38 -12.11
N ALA N 365 -41.05 105.15 -12.16
CA ALA N 365 -40.30 103.98 -12.58
C ALA N 365 -39.84 104.01 -14.05
N ASP N 366 -38.63 103.52 -14.29
CA ASP N 366 -38.07 103.33 -15.62
C ASP N 366 -38.62 102.09 -16.33
N GLY N 367 -39.30 101.21 -15.62
CA GLY N 367 -39.97 100.04 -16.16
C GLY N 367 -41.15 99.62 -15.28
N ILE N 368 -42.13 98.95 -15.85
CA ILE N 368 -43.26 98.40 -15.10
C ILE N 368 -43.24 96.87 -15.23
N LEU N 369 -43.65 96.19 -14.17
CA LEU N 369 -43.65 94.74 -14.07
C LEU N 369 -44.91 94.30 -13.36
N ILE N 370 -45.74 93.52 -14.04
CA ILE N 370 -46.91 92.88 -13.45
C ILE N 370 -46.55 91.40 -13.25
N PRO N 371 -46.47 90.88 -12.00
CA PRO N 371 -45.60 89.76 -11.67
C PRO N 371 -46.24 88.37 -11.69
N GLY N 372 -47.48 88.24 -12.16
CA GLY N 372 -48.21 86.96 -12.10
C GLY N 372 -48.82 86.70 -10.74
N GLY N 373 -49.64 87.63 -10.27
CA GLY N 373 -50.31 87.58 -8.98
C GLY N 373 -51.26 86.41 -8.78
N PHE N 374 -51.71 86.25 -7.54
CA PHE N 374 -52.65 85.21 -7.11
C PHE N 374 -54.05 85.82 -6.87
N GLY N 375 -55.07 85.26 -7.51
CA GLY N 375 -56.46 85.72 -7.40
C GLY N 375 -56.77 87.05 -8.10
N VAL N 376 -58.01 87.52 -7.98
CA VAL N 376 -58.53 88.62 -8.83
C VAL N 376 -58.31 90.03 -8.28
N ARG N 377 -58.18 90.19 -6.95
CA ARG N 377 -58.31 91.48 -6.23
C ARG N 377 -57.57 92.66 -6.87
N GLY N 378 -56.30 92.51 -7.19
CA GLY N 378 -55.45 93.59 -7.72
C GLY N 378 -55.77 94.04 -9.16
N THR N 379 -56.60 93.31 -9.89
CA THR N 379 -56.73 93.42 -11.35
C THR N 379 -56.98 94.86 -11.81
N GLU N 380 -57.89 95.59 -11.18
CA GLU N 380 -58.31 96.90 -11.68
C GLU N 380 -57.15 97.91 -11.70
N GLY N 381 -56.30 97.90 -10.69
CA GLY N 381 -55.11 98.75 -10.70
C GLY N 381 -54.04 98.27 -11.68
N MET N 382 -53.83 96.97 -11.79
CA MET N 382 -52.88 96.41 -12.75
C MET N 382 -53.23 96.73 -14.20
N VAL N 383 -54.52 96.90 -14.52
CA VAL N 383 -54.95 97.43 -15.83
C VAL N 383 -54.40 98.83 -16.08
N LEU N 384 -54.55 99.75 -15.13
CA LEU N 384 -54.09 101.13 -15.23
C LEU N 384 -52.56 101.21 -15.27
N ALA N 385 -51.83 100.33 -14.60
CA ALA N 385 -50.39 100.22 -14.76
C ALA N 385 -49.98 99.72 -16.15
N ALA N 386 -50.72 98.81 -16.77
CA ALA N 386 -50.44 98.37 -18.13
C ALA N 386 -50.74 99.46 -19.18
N ARG N 387 -51.81 100.23 -18.98
CA ARG N 387 -52.22 101.40 -19.78
C ARG N 387 -51.17 102.49 -19.74
N TRP N 388 -50.65 102.76 -18.55
CA TRP N 388 -49.57 103.71 -18.33
C TRP N 388 -48.32 103.41 -19.15
N ALA N 389 -47.95 102.14 -19.28
CA ALA N 389 -46.82 101.72 -20.09
C ALA N 389 -47.13 101.44 -21.57
N ARG N 390 -48.39 101.20 -21.95
CA ARG N 390 -48.77 101.11 -23.36
C ARG N 390 -48.66 102.49 -24.00
N GLU N 391 -49.27 103.49 -23.39
CA GLU N 391 -49.46 104.80 -24.00
C GLU N 391 -48.17 105.62 -24.01
N ASN N 392 -47.66 105.94 -22.82
CA ASN N 392 -46.32 106.48 -22.63
C ASN N 392 -45.33 105.32 -22.85
N HIS N 393 -44.27 105.47 -23.62
CA HIS N 393 -43.37 104.36 -24.01
C HIS N 393 -42.46 103.79 -22.89
N ILE N 394 -42.98 103.52 -21.70
CA ILE N 394 -42.30 102.87 -20.58
C ILE N 394 -42.06 101.38 -20.89
N PRO N 395 -40.88 100.81 -20.70
CA PRO N 395 -40.65 99.37 -20.76
C PRO N 395 -41.55 98.58 -19.81
N PHE N 396 -42.03 97.41 -20.23
CA PHE N 396 -42.99 96.60 -19.50
C PHE N 396 -42.72 95.11 -19.64
N LEU N 397 -42.94 94.34 -18.58
CA LEU N 397 -43.09 92.89 -18.65
C LEU N 397 -44.32 92.45 -17.86
N GLY N 398 -45.19 91.66 -18.50
CA GLY N 398 -46.29 91.00 -17.82
C GLY N 398 -46.01 89.51 -17.72
N VAL N 399 -46.09 88.95 -16.51
CA VAL N 399 -45.90 87.52 -16.28
C VAL N 399 -47.22 86.88 -15.89
N CYS N 400 -47.66 85.84 -16.59
CA CYS N 400 -48.90 85.10 -16.35
C CYS N 400 -50.14 86.00 -16.28
N LEU N 401 -50.69 86.29 -15.09
CA LEU N 401 -51.74 87.29 -14.91
C LEU N 401 -51.35 88.65 -15.53
N GLY N 402 -50.07 88.94 -15.66
CA GLY N 402 -49.60 90.12 -16.37
C GLY N 402 -49.84 90.05 -17.88
N LEU N 403 -49.71 88.91 -18.54
CA LEU N 403 -50.14 88.80 -19.94
C LEU N 403 -51.65 88.92 -20.05
N GLN N 404 -52.35 88.27 -19.14
CA GLN N 404 -53.79 88.36 -19.05
C GLN N 404 -54.21 89.82 -18.96
N ILE N 405 -53.55 90.62 -18.12
CA ILE N 405 -53.85 92.04 -17.94
C ILE N 405 -53.30 92.93 -19.05
N ALA N 406 -52.18 92.60 -19.67
CA ALA N 406 -51.76 93.26 -20.91
C ALA N 406 -52.82 93.09 -22.01
N THR N 407 -53.45 91.92 -22.10
CA THR N 407 -54.48 91.66 -23.11
C THR N 407 -55.82 92.27 -22.74
N ILE N 408 -56.25 92.18 -21.48
CA ILE N 408 -57.44 92.89 -20.99
C ILE N 408 -57.28 94.39 -21.22
N GLU N 409 -56.11 94.99 -20.95
CA GLU N 409 -55.95 96.44 -21.15
C GLU N 409 -55.99 96.80 -22.63
N PHE N 410 -55.19 96.13 -23.47
CA PHE N 410 -55.20 96.40 -24.90
C PHE N 410 -56.59 96.22 -25.51
N THR N 411 -57.36 95.23 -25.06
CA THR N 411 -58.78 95.10 -25.40
C THR N 411 -59.58 96.31 -24.91
N ARG N 412 -59.50 96.64 -23.62
CA ARG N 412 -60.26 97.67 -22.91
C ARG N 412 -59.96 99.12 -23.36
N SER N 413 -58.89 99.35 -24.12
CA SER N 413 -58.45 100.70 -24.52
C SER N 413 -58.15 100.88 -26.00
N VAL N 414 -57.68 99.83 -26.70
CA VAL N 414 -57.39 99.90 -28.13
C VAL N 414 -58.57 99.42 -28.98
N LEU N 415 -59.29 98.36 -28.54
CA LEU N 415 -60.50 97.87 -29.21
C LEU N 415 -61.81 98.51 -28.68
N GLY N 416 -61.73 99.47 -27.76
CA GLY N 416 -62.89 99.89 -26.97
C GLY N 416 -63.27 98.83 -25.92
N ARG N 417 -64.39 98.12 -26.13
CA ARG N 417 -64.82 96.92 -25.37
C ARG N 417 -64.67 97.05 -23.84
N LYS N 418 -65.13 98.16 -23.26
CA LYS N 418 -64.89 98.54 -21.85
C LYS N 418 -65.43 97.56 -20.81
N ASP N 419 -66.38 96.71 -21.18
CA ASP N 419 -66.94 95.65 -20.32
C ASP N 419 -66.03 94.40 -20.18
N SER N 420 -64.98 94.24 -21.00
CA SER N 420 -64.17 93.02 -21.02
C SER N 420 -63.36 92.80 -19.73
N HIS N 421 -63.17 91.54 -19.34
CA HIS N 421 -62.68 91.12 -18.02
C HIS N 421 -62.09 89.71 -18.12
N SER N 422 -61.35 89.27 -17.11
CA SER N 422 -60.92 87.88 -16.97
C SER N 422 -62.10 86.89 -16.95
N ALA N 423 -61.88 85.66 -17.41
CA ALA N 423 -62.86 84.57 -17.28
C ALA N 423 -63.29 84.29 -15.83
N GLU N 424 -62.53 84.77 -14.86
CA GLU N 424 -62.90 84.78 -13.44
C GLU N 424 -64.28 85.41 -13.17
N PHE N 425 -64.66 86.48 -13.89
CA PHE N 425 -66.02 87.06 -13.85
C PHE N 425 -66.97 86.27 -14.75
N TYR N 426 -67.15 85.00 -14.40
CA TYR N 426 -67.82 83.98 -15.21
C TYR N 426 -69.20 84.39 -15.77
N PRO N 427 -70.15 84.93 -15.00
CA PRO N 427 -71.53 85.13 -15.48
C PRO N 427 -71.73 86.28 -16.48
N ASP N 428 -70.69 87.05 -16.81
CA ASP N 428 -70.76 88.01 -17.93
C ASP N 428 -70.76 87.32 -19.30
N ILE N 429 -70.19 86.10 -19.40
CA ILE N 429 -70.13 85.22 -20.57
C ILE N 429 -69.55 85.87 -21.84
N ASP N 430 -70.30 86.71 -22.55
CA ASP N 430 -69.97 87.22 -23.89
C ASP N 430 -68.69 88.05 -23.94
N GLU N 431 -68.33 88.71 -22.84
CA GLU N 431 -67.18 89.64 -22.74
C GLU N 431 -65.97 89.07 -21.98
N LYS N 432 -65.97 87.76 -21.66
CA LYS N 432 -64.81 87.08 -21.06
C LYS N 432 -63.63 87.14 -22.03
N ASN N 433 -62.51 87.70 -21.58
CA ASN N 433 -61.28 87.84 -22.36
C ASN N 433 -60.46 86.53 -22.46
N HIS N 434 -60.82 85.51 -21.68
CA HIS N 434 -60.07 84.26 -21.51
C HIS N 434 -60.96 83.02 -21.61
N VAL N 435 -60.36 81.84 -21.72
CA VAL N 435 -61.02 80.53 -21.73
C VAL N 435 -60.29 79.56 -20.80
N VAL N 436 -61.04 78.68 -20.15
CA VAL N 436 -60.52 77.59 -19.33
C VAL N 436 -59.72 76.60 -20.18
N VAL N 437 -58.59 76.14 -19.63
CA VAL N 437 -57.76 75.09 -20.22
C VAL N 437 -57.06 74.29 -19.11
N PHE N 438 -57.79 73.35 -18.50
CA PHE N 438 -57.28 72.57 -17.35
C PHE N 438 -56.26 71.46 -17.70
N MET N 439 -56.22 70.99 -18.95
CA MET N 439 -55.44 69.82 -19.39
C MET N 439 -55.56 68.61 -18.46
N MET N 440 -54.77 72.19 -14.20
CA MET N 440 -53.79 73.25 -14.40
C MET N 440 -52.66 72.81 -15.35
N ARG N 441 -52.25 73.67 -16.29
CA ARG N 441 -51.05 73.47 -17.10
C ARG N 441 -49.83 73.77 -16.23
N LEU N 442 -48.90 72.84 -16.13
CA LEU N 442 -47.74 72.87 -15.22
C LEU N 442 -46.45 72.40 -15.92
N GLY N 443 -45.32 72.67 -15.28
CA GLY N 443 -44.01 72.11 -15.65
C GLY N 443 -43.42 72.65 -16.94
N LEU N 444 -42.26 72.14 -17.30
CA LEU N 444 -41.51 72.55 -18.47
C LEU N 444 -42.23 72.10 -19.73
N ARG N 445 -42.75 73.07 -20.48
CA ARG N 445 -43.32 72.85 -21.82
C ARG N 445 -42.61 73.73 -22.86
N PRO N 446 -42.49 73.34 -24.13
CA PRO N 446 -41.89 74.17 -25.17
C PRO N 446 -42.75 75.39 -25.50
N THR N 447 -42.18 76.37 -26.20
CA THR N 447 -42.90 77.44 -26.91
C THR N 447 -42.15 77.82 -28.17
N PHE N 448 -42.85 78.00 -29.28
CA PHE N 448 -42.30 78.15 -30.61
C PHE N 448 -42.61 79.54 -31.16
N PHE N 449 -41.61 80.24 -31.70
CA PHE N 449 -41.82 81.56 -32.28
C PHE N 449 -42.63 81.45 -33.58
N GLN N 450 -43.52 82.42 -33.83
CA GLN N 450 -44.27 82.50 -35.09
C GLN N 450 -43.33 82.92 -36.23
N ASN N 451 -43.27 82.17 -37.32
CA ASN N 451 -42.10 82.14 -38.22
C ASN N 451 -41.76 83.45 -38.97
N GLU N 452 -42.64 84.45 -38.97
CA GLU N 452 -42.46 85.75 -39.64
C GLU N 452 -41.87 86.84 -38.72
N THR N 453 -41.88 86.65 -37.39
CA THR N 453 -41.67 87.74 -36.42
C THR N 453 -40.20 88.11 -36.19
N GLU N 454 -39.44 88.31 -37.27
CA GLU N 454 -38.01 88.66 -37.27
C GLU N 454 -37.72 90.03 -36.64
N TRP N 455 -38.71 90.90 -36.57
CA TRP N 455 -38.63 92.23 -35.96
C TRP N 455 -38.54 92.21 -34.43
N SER N 456 -39.00 91.13 -33.79
CA SER N 456 -39.24 91.03 -32.35
C SER N 456 -38.02 91.32 -31.50
N GLN N 457 -38.17 92.15 -30.47
CA GLN N 457 -37.11 92.38 -29.49
C GLN N 457 -36.87 91.13 -28.63
N ILE N 458 -37.93 90.46 -28.19
CA ILE N 458 -37.78 89.30 -27.31
C ILE N 458 -37.15 88.10 -28.02
N LYS N 459 -37.57 87.76 -29.25
CA LYS N 459 -36.95 86.62 -29.96
C LYS N 459 -35.53 86.89 -30.42
N LYS N 460 -35.09 88.17 -30.42
CA LYS N 460 -33.68 88.52 -30.55
C LYS N 460 -32.90 88.18 -29.28
N LEU N 461 -33.41 88.49 -28.08
CA LEU N 461 -32.75 88.14 -26.81
C LEU N 461 -32.53 86.62 -26.66
N TYR N 462 -33.47 85.79 -27.11
CA TYR N 462 -33.32 84.33 -27.17
C TYR N 462 -32.32 83.83 -28.23
N GLY N 463 -31.53 84.70 -28.87
CA GLY N 463 -30.41 84.32 -29.74
C GLY N 463 -30.82 83.80 -31.13
N ASP N 464 -32.03 84.14 -31.59
CA ASP N 464 -32.62 83.61 -32.83
C ASP N 464 -32.84 82.08 -32.84
N VAL N 465 -32.84 81.43 -31.68
CA VAL N 465 -33.19 80.01 -31.55
C VAL N 465 -34.67 79.79 -31.90
N SER N 466 -35.00 78.65 -32.51
CA SER N 466 -36.34 78.33 -33.03
C SER N 466 -37.42 78.13 -31.96
N GLU N 467 -37.05 77.71 -30.76
CA GLU N 467 -37.98 77.47 -29.65
C GLU N 467 -37.30 77.65 -28.29
N VAL N 468 -38.12 77.79 -27.27
CA VAL N 468 -37.74 77.97 -25.85
C VAL N 468 -38.44 76.93 -24.98
N HIS N 469 -37.98 76.67 -23.76
CA HIS N 469 -38.67 75.77 -22.83
C HIS N 469 -38.84 76.44 -21.46
N GLU N 470 -40.04 76.41 -20.87
CA GLU N 470 -40.41 77.29 -19.75
C GLU N 470 -41.42 76.66 -18.78
N ARG N 471 -41.47 77.13 -17.53
CA ARG N 471 -42.43 76.67 -16.52
C ARG N 471 -43.77 77.40 -16.58
N HIS N 472 -44.87 76.71 -16.30
CA HIS N 472 -46.23 77.24 -16.37
C HIS N 472 -47.00 76.95 -15.08
N ARG N 473 -48.07 77.70 -14.76
CA ARG N 473 -48.96 77.45 -13.61
C ARG N 473 -50.41 77.95 -13.83
N HIS N 474 -50.94 77.91 -15.05
CA HIS N 474 -52.16 78.61 -15.45
C HIS N 474 -53.37 77.69 -15.73
N ARG N 475 -54.56 78.12 -15.33
CA ARG N 475 -55.86 77.50 -15.67
C ARG N 475 -56.66 78.25 -16.75
N TYR N 476 -56.26 79.47 -17.09
CA TYR N 476 -56.86 80.31 -18.11
C TYR N 476 -55.87 80.67 -19.22
N GLU N 477 -56.33 80.82 -20.45
CA GLU N 477 -55.60 81.37 -21.58
C GLU N 477 -56.46 82.40 -22.32
N ILE N 478 -55.85 83.30 -23.11
CA ILE N 478 -56.60 84.29 -23.90
C ILE N 478 -57.48 83.56 -24.92
N ASN N 479 -58.74 83.98 -25.07
CA ASN N 479 -59.72 83.28 -25.91
C ASN N 479 -59.28 83.29 -27.38
N PRO N 480 -58.98 82.13 -28.02
CA PRO N 480 -58.46 82.08 -29.39
C PRO N 480 -59.31 82.81 -30.41
N LYS N 481 -60.63 82.89 -30.18
CA LYS N 481 -61.60 83.62 -31.02
C LYS N 481 -61.19 85.08 -31.25
N MET N 482 -60.61 85.72 -30.23
CA MET N 482 -60.21 87.13 -30.28
C MET N 482 -58.81 87.36 -30.86
N VAL N 483 -57.96 86.35 -30.91
CA VAL N 483 -56.52 86.55 -31.14
C VAL N 483 -56.21 87.14 -32.51
N ASP N 484 -57.00 86.85 -33.55
CA ASP N 484 -56.82 87.51 -34.85
C ASP N 484 -57.03 89.03 -34.77
N GLU N 485 -57.99 89.48 -33.97
CA GLU N 485 -58.30 90.90 -33.78
C GLU N 485 -57.14 91.61 -33.09
N LEU N 486 -56.57 90.99 -32.05
CA LEU N 486 -55.40 91.48 -31.34
C LEU N 486 -54.15 91.47 -32.23
N GLU N 487 -53.89 90.40 -32.99
CA GLU N 487 -52.78 90.35 -33.95
C GLU N 487 -52.90 91.43 -35.04
N ASN N 488 -54.09 91.63 -35.59
CA ASN N 488 -54.37 92.66 -36.61
C ASN N 488 -54.22 94.10 -36.07
N ASN N 489 -54.56 94.34 -34.80
CA ASN N 489 -54.39 95.63 -34.15
C ASN N 489 -52.96 95.88 -33.62
N GLY N 490 -52.09 94.88 -33.58
CA GLY N 490 -50.66 95.02 -33.30
C GLY N 490 -50.15 94.39 -32.01
N LEU N 491 -51.02 93.80 -31.19
CA LEU N 491 -50.65 93.01 -30.02
C LEU N 491 -50.20 91.61 -30.47
N ILE N 492 -49.11 91.52 -31.23
CA ILE N 492 -48.72 90.31 -31.95
C ILE N 492 -48.28 89.22 -30.98
N PHE N 493 -48.94 88.05 -31.01
CA PHE N 493 -48.54 86.90 -30.20
C PHE N 493 -47.34 86.18 -30.79
N VAL N 494 -46.14 86.69 -30.53
CA VAL N 494 -44.88 86.22 -31.14
C VAL N 494 -44.46 84.78 -30.76
N GLY N 495 -45.11 84.14 -29.79
CA GLY N 495 -44.87 82.76 -29.44
C GLY N 495 -46.13 82.02 -29.04
N LYS N 496 -46.26 80.78 -29.52
CA LYS N 496 -47.38 79.89 -29.20
C LYS N 496 -46.86 78.48 -28.92
N ASP N 497 -47.75 77.62 -28.47
CA ASP N 497 -47.45 76.23 -28.14
C ASP N 497 -47.28 75.34 -29.38
N ASP N 498 -47.04 74.06 -29.14
CA ASP N 498 -46.97 73.02 -30.17
C ASP N 498 -48.20 72.99 -31.10
N THR N 499 -49.42 73.14 -30.58
CA THR N 499 -50.66 73.12 -31.40
C THR N 499 -50.89 74.44 -32.15
N GLY N 500 -50.34 75.55 -31.68
CA GLY N 500 -50.64 76.89 -32.17
C GLY N 500 -51.97 77.46 -31.66
N LYS N 501 -52.67 76.77 -30.77
CA LYS N 501 -53.93 77.22 -30.17
C LYS N 501 -53.72 78.11 -28.94
N ARG N 502 -52.58 78.00 -28.24
CA ARG N 502 -52.33 78.60 -26.93
C ARG N 502 -51.44 79.84 -27.01
N CYS N 503 -51.83 80.91 -26.32
CA CYS N 503 -51.14 82.19 -26.27
C CYS N 503 -49.97 82.20 -25.25
N GLU N 504 -48.73 82.00 -25.68
CA GLU N 504 -47.60 81.83 -24.76
C GLU N 504 -46.76 83.09 -24.56
N ILE N 505 -46.61 83.95 -25.58
CA ILE N 505 -45.91 85.23 -25.52
C ILE N 505 -46.69 86.29 -26.31
N LEU N 506 -46.72 87.55 -25.87
CA LEU N 506 -47.07 88.67 -26.76
C LEU N 506 -45.99 89.74 -26.77
N GLU N 507 -45.85 90.43 -27.89
CA GLU N 507 -45.10 91.67 -28.01
C GLU N 507 -45.96 92.67 -28.76
N LEU N 508 -46.10 93.88 -28.23
CA LEU N 508 -46.78 94.96 -28.94
C LEU N 508 -45.85 95.53 -30.02
N LYS N 509 -46.24 95.42 -31.28
CA LYS N 509 -45.51 95.92 -32.45
C LYS N 509 -45.20 97.41 -32.31
N ASN N 510 -43.96 97.81 -32.57
CA ASN N 510 -43.48 99.20 -32.54
C ASN N 510 -43.72 99.92 -31.20
N HIS N 511 -43.24 99.29 -30.11
CA HIS N 511 -43.05 99.87 -28.78
C HIS N 511 -41.64 99.52 -28.29
N PRO N 512 -40.90 100.37 -27.56
CA PRO N 512 -39.52 100.09 -27.17
C PRO N 512 -39.26 98.78 -26.43
N TYR N 513 -40.18 98.34 -25.56
CA TYR N 513 -40.17 97.03 -24.92
C TYR N 513 -41.48 96.79 -24.18
N TYR N 514 -42.45 96.12 -24.79
CA TYR N 514 -43.70 95.77 -24.14
C TYR N 514 -44.01 94.32 -24.43
N ILE N 515 -43.63 93.48 -23.49
CA ILE N 515 -43.68 92.03 -23.56
C ILE N 515 -44.65 91.52 -22.52
N ALA N 516 -45.33 90.43 -22.80
CA ALA N 516 -45.80 89.59 -21.73
C ALA N 516 -45.58 88.11 -22.06
N THR N 517 -45.53 87.27 -21.04
CA THR N 517 -45.38 85.81 -21.12
C THR N 517 -46.48 85.14 -20.32
N GLN N 518 -47.12 84.10 -20.84
CA GLN N 518 -48.07 83.33 -20.05
C GLN N 518 -47.35 82.46 -19.01
N TYR N 519 -46.17 81.95 -19.36
CA TYR N 519 -45.27 81.28 -18.44
C TYR N 519 -44.66 82.23 -17.40
N HIS N 520 -44.06 81.64 -16.38
CA HIS N 520 -43.28 82.31 -15.33
C HIS N 520 -41.77 82.16 -15.61
N PRO N 521 -41.11 83.11 -16.31
CA PRO N 521 -39.68 83.02 -16.65
C PRO N 521 -38.72 83.12 -15.47
N GLU N 522 -39.15 83.68 -14.35
CA GLU N 522 -38.37 83.77 -13.12
C GLU N 522 -38.07 82.40 -12.49
N TYR N 523 -38.78 81.34 -12.89
CA TYR N 523 -38.47 79.98 -12.46
C TYR N 523 -37.38 79.31 -13.31
N THR N 524 -36.74 80.02 -14.25
CA THR N 524 -35.51 79.53 -14.90
C THR N 524 -34.39 80.57 -15.01
N SER N 525 -34.52 81.71 -14.35
CA SER N 525 -33.41 82.65 -14.22
C SER N 525 -32.26 82.07 -13.40
N LYS N 526 -31.02 82.16 -13.89
CA LYS N 526 -29.80 81.73 -13.20
C LYS N 526 -28.80 82.88 -13.13
N VAL N 527 -27.89 82.87 -12.15
CA VAL N 527 -27.02 84.02 -11.88
C VAL N 527 -26.05 84.29 -13.04
N LEU N 528 -25.57 83.28 -13.76
CA LEU N 528 -24.72 83.47 -14.95
C LEU N 528 -25.49 83.50 -16.28
N ASP N 529 -26.75 83.06 -16.30
CA ASP N 529 -27.64 83.04 -17.47
C ASP N 529 -29.01 83.61 -17.09
N PRO N 530 -29.21 84.95 -17.15
CA PRO N 530 -30.45 85.57 -16.68
C PRO N 530 -31.62 85.25 -17.59
N SER N 531 -32.84 85.14 -17.07
CA SER N 531 -34.00 84.78 -17.90
C SER N 531 -34.33 85.91 -18.85
N LYS N 532 -34.38 85.62 -20.15
CA LYS N 532 -34.41 86.61 -21.22
C LYS N 532 -35.54 87.67 -21.13
N PRO N 533 -36.80 87.35 -20.78
CA PRO N 533 -37.85 88.36 -20.64
C PRO N 533 -37.55 89.39 -19.55
N PHE N 534 -36.89 89.00 -18.47
CA PHE N 534 -36.44 89.91 -17.42
C PHE N 534 -35.18 90.67 -17.80
N LEU N 535 -34.26 90.07 -18.56
CA LEU N 535 -33.10 90.81 -19.06
C LEU N 535 -33.53 91.96 -19.97
N GLY N 536 -34.47 91.72 -20.88
CA GLY N 536 -35.03 92.77 -21.72
C GLY N 536 -35.69 93.90 -20.94
N LEU N 537 -36.48 93.60 -19.90
CA LEU N 537 -37.09 94.62 -19.04
C LEU N 537 -36.04 95.50 -18.39
N VAL N 538 -34.99 94.95 -17.79
CA VAL N 538 -33.95 95.78 -17.18
C VAL N 538 -33.20 96.54 -18.25
N ALA N 539 -32.75 95.88 -19.32
CA ALA N 539 -31.95 96.53 -20.35
C ALA N 539 -32.71 97.68 -21.04
N ALA N 540 -33.99 97.54 -21.31
CA ALA N 540 -34.79 98.63 -21.86
C ALA N 540 -35.06 99.72 -20.82
N SER N 541 -35.23 99.40 -19.55
CA SER N 541 -35.32 100.39 -18.47
C SER N 541 -34.04 101.22 -18.35
N ALA N 542 -32.88 100.59 -18.57
CA ALA N 542 -31.58 101.22 -18.70
C ALA N 542 -31.35 101.94 -20.04
N GLY N 543 -32.24 101.78 -21.01
CA GLY N 543 -32.13 102.37 -22.34
C GLY N 543 -30.99 101.79 -23.18
N ILE N 544 -30.56 100.56 -22.88
CA ILE N 544 -29.40 99.89 -23.46
C ILE N 544 -29.72 98.59 -24.20
N LEU N 545 -31.01 98.28 -24.39
CA LEU N 545 -31.52 97.01 -24.92
C LEU N 545 -30.83 96.58 -26.20
N GLN N 546 -30.64 97.48 -27.16
CA GLN N 546 -29.96 97.20 -28.42
C GLN N 546 -28.57 96.57 -28.18
N ASP N 547 -27.80 97.14 -27.28
CA ASP N 547 -26.40 96.81 -27.08
C ASP N 547 -26.22 95.51 -26.29
N VAL N 548 -27.20 95.19 -25.42
CA VAL N 548 -27.31 93.89 -24.75
C VAL N 548 -27.60 92.79 -25.77
N ILE N 549 -28.49 93.05 -26.74
CA ILE N 549 -28.78 92.09 -27.81
C ILE N 549 -27.57 91.92 -28.73
N GLU N 550 -26.89 93.01 -29.07
CA GLU N 550 -25.68 93.00 -29.89
C GLU N 550 -24.45 92.39 -29.19
N GLY N 551 -24.46 92.26 -27.86
CA GLY N 551 -23.48 91.50 -27.09
C GLY N 551 -22.45 92.31 -26.29
N LYS N 552 -22.69 93.60 -26.02
CA LYS N 552 -21.80 94.49 -25.24
C LYS N 552 -21.69 94.16 -23.75
N TYR N 553 -22.31 93.09 -23.27
CA TYR N 553 -22.45 92.76 -21.85
C TYR N 553 -22.36 91.25 -21.52
N ASP N 554 -21.96 90.39 -22.45
CA ASP N 554 -21.58 89.01 -22.12
C ASP N 554 -20.32 88.96 -21.22
N LEU N 555 -20.21 87.95 -20.36
CA LEU N 555 -19.24 87.90 -19.25
C LEU N 555 -17.79 87.65 -19.67
N GLU N 556 -17.56 86.84 -20.72
CA GLU N 556 -16.24 86.54 -21.28
C GLU N 556 -16.26 86.77 -22.80
N ALA N 557 -15.19 87.32 -23.37
CA ALA N 557 -15.10 87.65 -24.79
C ALA N 557 -15.30 86.44 -25.71
N MET O 1 3.83 61.39 26.51
CA MET O 1 3.10 60.53 27.45
C MET O 1 1.77 60.07 26.86
N LYS O 2 1.21 58.95 27.33
CA LYS O 2 -0.12 58.45 27.00
C LYS O 2 -1.02 58.44 28.25
N TYR O 3 -2.34 58.47 28.11
CA TYR O 3 -3.31 58.51 29.22
C TYR O 3 -4.56 57.69 28.90
N VAL O 4 -5.20 57.07 29.91
CA VAL O 4 -6.45 56.32 29.75
C VAL O 4 -7.43 56.75 30.81
N VAL O 5 -8.52 57.41 30.48
CA VAL O 5 -9.61 57.65 31.42
C VAL O 5 -10.44 56.38 31.61
N VAL O 6 -10.85 56.10 32.83
CA VAL O 6 -11.94 55.20 33.17
C VAL O 6 -13.00 55.99 33.89
N SER O 7 -14.23 55.96 33.43
CA SER O 7 -15.31 56.81 33.94
C SER O 7 -16.69 56.16 33.82
N GLY O 8 -17.75 56.80 34.28
CA GLY O 8 -19.09 56.58 33.68
C GLY O 8 -20.19 55.93 34.49
N GLY O 9 -21.27 55.60 33.77
CA GLY O 9 -22.42 54.80 34.21
C GLY O 9 -23.66 55.59 34.60
N VAL O 10 -24.80 54.92 34.76
CA VAL O 10 -26.02 55.48 35.42
C VAL O 10 -26.06 55.27 36.94
N ILE O 11 -25.08 54.60 37.53
CA ILE O 11 -25.01 54.29 38.97
C ILE O 11 -23.58 54.38 39.45
N SER O 12 -23.38 54.83 40.69
CA SER O 12 -22.12 54.62 41.40
C SER O 12 -22.04 53.15 41.87
N GLY O 13 -20.86 52.56 41.93
CA GLY O 13 -20.68 51.15 42.33
C GLY O 13 -20.70 50.13 41.19
N ILE O 14 -20.64 50.61 39.93
CA ILE O 14 -20.74 49.79 38.71
C ILE O 14 -19.55 48.87 38.44
N GLY O 15 -18.34 49.17 38.91
CA GLY O 15 -17.15 48.34 38.69
C GLY O 15 -15.85 49.03 38.25
N LYS O 16 -15.76 50.36 38.32
CA LYS O 16 -14.62 51.13 37.72
C LYS O 16 -13.23 50.60 38.14
N GLY O 17 -12.86 50.67 39.42
CA GLY O 17 -11.50 50.29 39.90
C GLY O 17 -10.94 48.98 39.33
N VAL O 18 -11.74 47.90 39.22
CA VAL O 18 -11.29 46.58 38.69
C VAL O 18 -11.06 46.74 37.18
N LEU O 19 -11.81 47.61 36.51
CA LEU O 19 -11.62 47.89 35.05
C LEU O 19 -10.45 48.86 34.92
N ALA O 20 -10.11 49.60 35.98
CA ALA O 20 -9.04 50.63 35.95
C ALA O 20 -7.69 49.97 36.21
N SER O 21 -7.38 49.56 37.44
CA SER O 21 -6.04 48.99 37.76
C SER O 21 -5.91 47.74 36.90
N SER O 22 -6.94 46.93 36.80
CA SER O 22 -6.86 45.79 35.82
C SER O 22 -6.41 46.18 34.39
N THR O 23 -6.84 47.31 33.85
CA THR O 23 -6.38 47.81 32.53
C THR O 23 -4.93 48.22 32.70
N GLY O 24 -4.56 48.80 33.85
CA GLY O 24 -3.18 49.26 34.13
C GLY O 24 -2.23 48.10 34.37
N MET O 25 -2.72 46.94 34.85
CA MET O 25 -1.89 45.72 35.07
C MET O 25 -1.51 45.19 33.70
N LEU O 26 -2.37 45.36 32.70
CA LEU O 26 -2.12 44.87 31.33
C LEU O 26 -1.24 45.88 30.60
N MET O 27 -1.28 47.16 30.95
CA MET O 27 -0.29 48.05 30.35
C MET O 27 1.13 47.60 30.72
N LYS O 28 1.33 47.17 31.95
CA LYS O 28 2.59 46.57 32.41
C LYS O 28 2.97 45.27 31.72
N THR O 29 2.01 44.47 31.24
CA THR O 29 2.31 43.29 30.41
C THR O 29 3.07 43.67 29.14
N LEU O 30 2.81 44.85 28.59
CA LEU O 30 3.52 45.39 27.42
C LEU O 30 4.94 45.88 27.76
N GLY O 31 5.37 45.82 29.03
CA GLY O 31 6.63 46.35 29.54
C GLY O 31 6.59 47.81 30.02
N LEU O 32 5.47 48.50 29.83
CA LEU O 32 5.34 49.94 30.07
C LEU O 32 5.59 50.31 31.53
N LYS O 33 6.15 51.50 31.76
CA LYS O 33 6.14 52.15 33.08
C LYS O 33 4.72 52.68 33.29
N VAL O 34 4.06 52.42 34.42
CA VAL O 34 2.62 52.74 34.59
C VAL O 34 2.34 53.44 35.89
N THR O 35 1.35 54.31 35.90
CA THR O 35 0.89 55.08 37.05
C THR O 35 -0.61 55.20 37.05
N SER O 36 -1.20 55.68 38.12
CA SER O 36 -2.64 55.81 38.26
C SER O 36 -3.04 57.01 39.10
N ILE O 37 -4.10 57.69 38.77
CA ILE O 37 -4.65 58.81 39.54
C ILE O 37 -6.12 58.53 39.79
N LYS O 38 -6.61 58.62 41.02
CA LYS O 38 -8.05 58.55 41.29
C LYS O 38 -8.59 59.91 41.62
N ILE O 39 -9.52 60.37 40.78
CA ILE O 39 -10.23 61.62 40.93
C ILE O 39 -11.48 61.33 41.72
N ASP O 40 -11.59 61.86 42.93
CA ASP O 40 -12.74 61.68 43.79
C ASP O 40 -13.64 62.92 43.83
N PRO O 41 -14.94 62.79 43.56
CA PRO O 41 -15.83 63.93 43.63
C PRO O 41 -16.17 64.43 45.03
N TYR O 42 -15.84 63.68 46.10
CA TYR O 42 -16.14 64.11 47.47
C TYR O 42 -15.27 65.28 47.95
N MET O 43 -15.76 66.03 48.94
CA MET O 43 -15.11 67.25 49.42
C MET O 43 -14.14 67.09 50.59
N ASN O 44 -13.88 65.92 51.15
CA ASN O 44 -12.76 65.73 52.07
C ASN O 44 -11.41 65.91 51.37
N ILE O 45 -10.48 66.65 51.96
CA ILE O 45 -9.12 66.76 51.41
C ILE O 45 -8.32 65.46 51.55
N ASP O 46 -8.55 64.70 52.62
CA ASP O 46 -7.91 63.40 52.89
C ASP O 46 -8.79 62.54 53.79
N ALA O 47 -8.47 61.24 53.89
CA ALA O 47 -9.19 60.32 54.77
C ALA O 47 -8.82 60.47 56.26
N GLY O 48 -7.93 61.39 56.62
CA GLY O 48 -7.49 61.59 58.00
C GLY O 48 -8.61 62.04 58.94
N THR O 49 -9.62 62.74 58.41
CA THR O 49 -10.84 63.09 59.18
C THR O 49 -11.92 61.99 59.11
N MET O 50 -11.88 61.11 58.11
CA MET O 50 -12.95 60.15 57.81
C MET O 50 -12.90 58.92 58.72
N SER O 51 -13.86 58.76 59.61
CA SER O 51 -13.90 57.61 60.52
C SER O 51 -14.07 56.30 59.74
N PRO O 52 -13.39 55.20 60.09
CA PRO O 52 -13.46 53.93 59.34
C PRO O 52 -14.83 53.25 59.19
N LEU O 53 -15.88 53.82 59.78
CA LEU O 53 -17.26 53.35 59.68
C LEU O 53 -17.92 53.64 58.32
N GLU O 54 -17.60 54.77 57.70
CA GLU O 54 -18.10 55.14 56.37
C GLU O 54 -16.96 55.64 55.48
N HIS O 55 -17.01 55.29 54.20
CA HIS O 55 -15.87 55.28 53.27
C HIS O 55 -14.74 54.31 53.62
N GLY O 56 -14.84 53.58 54.73
CA GLY O 56 -13.95 52.46 55.02
C GLY O 56 -12.52 52.85 55.41
N GLU O 57 -11.60 51.90 55.21
CA GLU O 57 -10.25 51.94 55.77
C GLU O 57 -9.40 53.10 55.24
N CYS O 58 -8.76 53.85 56.13
CA CYS O 58 -7.79 54.90 55.78
C CYS O 58 -6.49 54.26 55.25
N PHE O 59 -6.44 53.91 53.97
CA PHE O 59 -5.25 53.31 53.37
C PHE O 59 -4.01 54.20 53.58
N VAL O 60 -2.88 53.61 53.91
CA VAL O 60 -1.66 54.39 54.13
C VAL O 60 -0.43 54.23 53.23
N LEU O 61 -0.01 55.38 52.74
CA LEU O 61 1.06 55.49 51.75
C LEU O 61 2.45 55.23 52.32
N ASP O 62 3.39 55.01 51.41
CA ASP O 62 4.82 55.19 51.66
C ASP O 62 5.09 56.57 52.29
N ASP O 63 4.49 57.64 51.73
CA ASP O 63 4.55 59.01 52.25
C ASP O 63 3.64 59.28 53.46
N GLY O 64 2.94 58.27 53.99
CA GLY O 64 2.21 58.36 55.27
C GLY O 64 0.93 59.20 55.28
N GLY O 65 0.49 59.70 54.13
CA GLY O 65 -0.82 60.34 54.03
C GLY O 65 -1.95 59.32 54.16
N GLU O 66 -3.03 59.68 54.85
CA GLU O 66 -4.24 58.88 54.92
C GLU O 66 -5.13 59.13 53.69
N THR O 67 -4.93 58.33 52.63
CA THR O 67 -5.59 58.49 51.31
C THR O 67 -6.99 57.89 51.20
N ASP O 68 -7.64 58.12 50.06
CA ASP O 68 -8.74 57.29 49.59
C ASP O 68 -8.38 55.80 49.66
N LEU O 69 -9.30 54.96 50.16
CA LEU O 69 -9.10 53.49 50.29
C LEU O 69 -8.79 52.87 48.93
N ASP O 70 -9.46 53.31 47.86
CA ASP O 70 -9.32 52.68 46.52
C ASP O 70 -7.88 52.75 46.02
N LEU O 71 -7.06 53.72 46.44
CA LEU O 71 -5.70 53.85 45.86
C LEU O 71 -5.00 52.50 46.05
N GLY O 72 -5.29 51.82 47.15
CA GLY O 72 -4.63 50.53 47.45
C GLY O 72 -4.81 49.57 46.30
N ASN O 73 -5.99 49.54 45.67
CA ASN O 73 -6.29 48.57 44.59
C ASN O 73 -5.29 48.77 43.45
N TYR O 74 -4.65 49.95 43.32
CA TYR O 74 -3.68 50.26 42.24
C TYR O 74 -2.26 49.93 42.67
N GLU O 75 -1.99 49.81 43.96
CA GLU O 75 -0.61 49.54 44.45
C GLU O 75 -0.46 48.02 44.47
N ARG O 76 -1.57 47.27 44.42
CA ARG O 76 -1.55 45.78 44.35
C ARG O 76 -1.51 45.41 42.86
N TYR O 77 -2.54 45.78 42.10
CA TYR O 77 -2.58 45.52 40.61
C TYR O 77 -1.32 45.92 39.81
N LEU O 78 -0.66 47.06 40.06
CA LEU O 78 0.46 47.59 39.22
C LEU O 78 1.82 47.31 39.88
N GLY O 79 1.89 47.30 41.20
CA GLY O 79 3.17 47.20 41.89
C GLY O 79 3.92 48.53 41.85
N VAL O 80 3.28 49.58 42.36
CA VAL O 80 3.77 50.97 42.39
C VAL O 80 3.59 51.59 43.76
N THR O 81 4.48 52.50 44.14
CA THR O 81 4.34 53.39 45.32
C THR O 81 3.76 54.71 44.84
N LEU O 82 2.49 54.98 45.13
CA LEU O 82 1.84 56.25 44.85
C LEU O 82 2.19 57.29 45.92
N THR O 83 1.62 58.51 45.83
CA THR O 83 1.86 59.63 46.75
C THR O 83 0.54 60.32 47.12
N LYS O 84 0.56 61.21 48.10
CA LYS O 84 -0.65 61.93 48.53
C LYS O 84 -1.30 62.75 47.41
N ASP O 85 -0.53 63.12 46.38
CA ASP O 85 -1.02 63.86 45.22
C ASP O 85 -1.78 62.99 44.20
N HIS O 86 -1.61 61.67 44.17
CA HIS O 86 -2.33 60.79 43.24
C HIS O 86 -3.81 60.62 43.55
N ASN O 87 -4.28 61.12 44.68
CA ASN O 87 -5.68 61.16 45.01
C ASN O 87 -6.18 62.60 44.90
N ILE O 88 -6.58 63.00 43.70
CA ILE O 88 -7.26 64.27 43.46
C ILE O 88 -8.63 64.20 44.14
N THR O 89 -9.06 65.22 44.86
CA THR O 89 -10.42 65.29 45.40
C THR O 89 -11.01 66.68 45.20
N THR O 90 -12.32 66.79 45.19
CA THR O 90 -12.97 68.09 45.02
C THR O 90 -12.58 69.08 46.12
N GLY O 91 -12.44 68.62 47.35
CA GLY O 91 -11.96 69.48 48.44
C GLY O 91 -10.50 69.87 48.30
N LYS O 92 -9.67 69.00 47.72
CA LYS O 92 -8.25 69.26 47.52
C LYS O 92 -8.03 70.31 46.45
N ILE O 93 -8.74 70.24 45.34
CA ILE O 93 -8.55 71.19 44.24
C ILE O 93 -9.23 72.52 44.47
N TYR O 94 -10.42 72.61 45.08
CA TYR O 94 -10.91 73.92 45.50
C TYR O 94 -9.97 74.60 46.49
N SER O 95 -9.37 73.88 47.44
CA SER O 95 -8.39 74.44 48.37
C SER O 95 -7.16 74.99 47.68
N HIS O 96 -6.64 74.28 46.68
CA HIS O 96 -5.43 74.69 45.97
C HIS O 96 -5.64 75.95 45.12
N VAL O 97 -6.74 76.03 44.38
CA VAL O 97 -7.09 77.26 43.65
C VAL O 97 -7.44 78.42 44.60
N ILE O 98 -8.19 78.18 45.69
CA ILE O 98 -8.46 79.21 46.68
C ILE O 98 -7.17 79.69 47.38
N ALA O 99 -6.16 78.85 47.58
CA ALA O 99 -4.89 79.31 48.12
C ALA O 99 -4.21 80.30 47.17
N LYS O 100 -4.12 79.94 45.89
CA LYS O 100 -3.58 80.81 44.85
C LYS O 100 -4.38 82.11 44.69
N GLU O 101 -5.69 82.11 44.93
CA GLU O 101 -6.54 83.31 44.93
C GLU O 101 -6.15 84.32 46.02
N ARG O 102 -5.85 83.87 47.25
CA ARG O 102 -5.45 84.77 48.36
C ARG O 102 -3.98 85.14 48.34
N LYS O 103 -3.11 84.27 47.81
CA LYS O 103 -1.73 84.62 47.48
C LYS O 103 -1.66 85.62 46.33
N GLY O 104 -2.67 85.65 45.47
CA GLY O 104 -2.79 86.59 44.37
C GLY O 104 -2.11 86.12 43.09
N ASP O 105 -1.91 84.82 42.90
CA ASP O 105 -1.21 84.26 41.73
C ASP O 105 -1.98 84.45 40.41
N TYR O 106 -3.25 84.81 40.48
CA TYR O 106 -4.09 85.19 39.33
C TYR O 106 -3.95 86.67 38.93
N LEU O 107 -2.97 87.41 39.44
CA LEU O 107 -2.66 88.78 39.01
C LEU O 107 -3.89 89.69 39.02
N GLY O 108 -4.72 89.53 40.03
CA GLY O 108 -5.93 90.33 40.24
C GLY O 108 -7.06 90.12 39.24
N LYS O 109 -6.97 89.16 38.31
CA LYS O 109 -8.13 88.72 37.52
C LYS O 109 -9.20 88.16 38.45
N THR O 110 -10.47 88.12 38.04
CA THR O 110 -11.42 87.22 38.71
C THR O 110 -11.11 85.79 38.31
N VAL O 111 -11.26 84.86 39.25
CA VAL O 111 -10.93 83.44 39.05
C VAL O 111 -12.22 82.65 38.99
N GLN O 112 -12.32 81.78 38.00
CA GLN O 112 -13.58 81.20 37.54
C GLN O 112 -13.49 79.67 37.51
N ILE O 113 -14.61 78.96 37.57
CA ILE O 113 -14.54 77.50 37.45
C ILE O 113 -14.04 77.11 36.07
N VAL O 114 -14.44 77.83 35.02
CA VAL O 114 -13.84 77.74 33.69
C VAL O 114 -13.33 79.12 33.28
N PRO O 115 -12.07 79.31 32.86
CA PRO O 115 -11.06 78.30 32.63
C PRO O 115 -10.13 78.02 33.82
N HIS O 116 -10.10 78.83 34.88
CA HIS O 116 -9.02 78.71 35.88
C HIS O 116 -9.02 77.40 36.63
N LEU O 117 -10.14 76.97 37.22
CA LEU O 117 -10.16 75.67 37.92
C LEU O 117 -10.02 74.48 36.98
N THR O 118 -10.61 74.51 35.78
CA THR O 118 -10.40 73.42 34.82
C THR O 118 -8.98 73.37 34.29
N ASN O 119 -8.26 74.48 34.23
CA ASN O 119 -6.82 74.48 34.02
C ASN O 119 -6.09 73.87 35.20
N ALA O 120 -6.45 74.20 36.45
CA ALA O 120 -5.81 73.62 37.62
C ALA O 120 -5.87 72.09 37.62
N ILE O 121 -7.03 71.50 37.32
CA ILE O 121 -7.19 70.05 37.23
C ILE O 121 -6.29 69.46 36.14
N GLN O 122 -6.23 70.03 34.94
CA GLN O 122 -5.31 69.55 33.89
C GLN O 122 -3.85 69.68 34.32
N ASP O 123 -3.48 70.81 34.93
CA ASP O 123 -2.13 71.04 35.40
C ASP O 123 -1.76 70.10 36.54
N TRP O 124 -2.70 69.64 37.36
CA TRP O 124 -2.50 68.60 38.38
C TRP O 124 -2.31 67.23 37.75
N ILE O 125 -3.16 66.79 36.84
CA ILE O 125 -3.03 65.49 36.19
C ILE O 125 -1.69 65.38 35.46
N GLU O 126 -1.31 66.35 34.64
CA GLU O 126 -0.02 66.28 33.95
C GLU O 126 1.16 66.49 34.89
N ARG O 127 1.00 67.16 36.04
CA ARG O 127 2.05 67.25 37.06
C ARG O 127 2.30 65.88 37.64
N VAL O 128 1.26 65.25 38.17
CA VAL O 128 1.36 63.98 38.89
C VAL O 128 1.79 62.84 37.98
N ALA O 129 1.37 62.84 36.73
CA ALA O 129 1.76 61.83 35.75
C ALA O 129 3.25 61.81 35.40
N LYS O 130 4.04 62.83 35.79
CA LYS O 130 5.51 62.81 35.70
C LYS O 130 6.20 61.98 36.78
N ILE O 131 5.59 61.85 37.96
CA ILE O 131 6.23 61.27 39.15
C ILE O 131 6.59 59.80 38.90
N PRO O 132 7.84 59.36 39.16
CA PRO O 132 8.31 58.01 38.87
C PRO O 132 7.90 57.01 39.96
N VAL O 133 6.67 56.51 39.90
CA VAL O 133 6.09 55.60 40.91
C VAL O 133 6.59 54.15 40.81
N ASP O 134 7.34 53.83 39.76
CA ASP O 134 7.65 52.48 39.29
C ASP O 134 9.04 51.97 39.74
N ASP O 135 9.39 50.73 39.42
CA ASP O 135 10.61 50.05 39.88
C ASP O 135 11.94 50.59 39.30
N THR O 136 11.90 51.67 38.53
CA THR O 136 13.07 52.49 38.20
C THR O 136 12.63 53.93 38.01
N GLY O 137 13.51 54.88 38.28
CA GLY O 137 13.19 56.29 38.44
C GLY O 137 12.76 57.06 37.17
N MET O 138 12.49 56.41 36.04
CA MET O 138 11.98 57.08 34.84
C MET O 138 10.48 57.38 34.94
N GLU O 139 10.06 58.51 34.37
CA GLU O 139 8.65 58.92 34.36
C GLU O 139 7.76 57.86 33.68
N PRO O 140 6.51 57.63 34.14
CA PRO O 140 5.60 56.69 33.54
C PRO O 140 5.29 56.93 32.06
N ASP O 141 4.91 55.87 31.35
CA ASP O 141 4.57 55.90 29.92
C ASP O 141 3.07 55.94 29.68
N VAL O 142 2.27 55.37 30.59
CA VAL O 142 0.81 55.48 30.59
C VAL O 142 0.33 55.87 31.98
N CYS O 143 -0.65 56.75 32.08
CA CYS O 143 -1.38 57.03 33.32
C CYS O 143 -2.84 56.60 33.21
N ILE O 144 -3.34 55.79 34.14
CA ILE O 144 -4.75 55.42 34.22
C ILE O 144 -5.46 56.43 35.11
N ILE O 145 -6.41 57.20 34.60
CA ILE O 145 -7.14 58.20 35.37
C ILE O 145 -8.54 57.66 35.66
N GLU O 146 -8.88 57.37 36.90
CA GLU O 146 -10.23 56.95 37.24
C GLU O 146 -11.03 58.13 37.76
N LEU O 147 -12.10 58.45 37.06
CA LEU O 147 -13.04 59.50 37.43
C LEU O 147 -14.15 58.89 38.28
N GLY O 148 -14.16 59.15 39.58
CA GLY O 148 -15.23 58.74 40.48
C GLY O 148 -16.55 59.46 40.27
N GLY O 149 -17.57 59.05 41.01
CA GLY O 149 -18.95 59.50 40.82
C GLY O 149 -19.55 58.99 39.51
N THR O 150 -20.55 59.68 38.98
CA THR O 150 -21.09 59.41 37.64
C THR O 150 -21.11 60.68 36.80
N VAL O 151 -20.87 60.55 35.50
CA VAL O 151 -20.97 61.68 34.57
C VAL O 151 -22.42 62.19 34.58
N GLY O 152 -22.61 63.50 34.75
CA GLY O 152 -23.92 64.12 34.96
C GLY O 152 -24.30 64.38 36.42
N ASP O 153 -23.37 64.10 37.32
CA ASP O 153 -23.53 64.48 38.75
C ASP O 153 -23.17 65.97 38.81
N ILE O 154 -23.75 66.78 39.73
CA ILE O 154 -23.38 68.22 39.91
C ILE O 154 -22.07 68.26 40.69
N GLU O 155 -21.55 67.12 41.13
CA GLU O 155 -20.31 66.98 41.92
C GLU O 155 -19.14 66.63 41.00
N SER O 156 -19.42 66.02 39.85
CA SER O 156 -18.38 65.54 38.89
C SER O 156 -18.29 66.47 37.69
N ALA O 157 -19.07 67.55 37.63
CA ALA O 157 -19.13 68.44 36.45
C ALA O 157 -17.79 69.17 36.22
N PRO O 158 -17.05 69.66 37.24
CA PRO O 158 -15.75 70.29 37.01
C PRO O 158 -14.70 69.39 36.37
N PHE O 159 -14.71 68.10 36.69
CA PHE O 159 -13.75 67.14 36.17
C PHE O 159 -14.00 66.70 34.74
N VAL O 160 -15.25 66.50 34.32
CA VAL O 160 -15.54 66.23 32.90
C VAL O 160 -15.27 67.43 32.01
N GLU O 161 -15.41 68.66 32.50
CA GLU O 161 -14.88 69.83 31.80
C GLU O 161 -13.36 69.75 31.68
N ALA O 162 -12.65 69.53 32.79
CA ALA O 162 -11.21 69.54 32.76
C ALA O 162 -10.65 68.42 31.87
N LEU O 163 -11.23 67.22 31.94
CA LEU O 163 -10.86 66.11 31.08
C LEU O 163 -11.19 66.42 29.61
N ARG O 164 -12.33 67.06 29.27
CA ARG O 164 -12.60 67.42 27.86
C ARG O 164 -11.49 68.30 27.31
N GLN O 165 -11.16 69.37 28.00
CA GLN O 165 -10.08 70.28 27.60
C GLN O 165 -8.75 69.51 27.53
N PHE O 166 -8.54 68.55 28.41
CA PHE O 166 -7.37 67.69 28.41
C PHE O 166 -7.27 66.80 27.18
N GLN O 167 -8.37 66.45 26.50
CA GLN O 167 -8.31 65.73 25.22
C GLN O 167 -7.64 66.53 24.10
N PHE O 168 -7.37 67.82 24.32
CA PHE O 168 -6.75 68.73 23.37
C PHE O 168 -5.38 69.20 23.86
N LYS O 169 -5.24 69.45 25.17
CA LYS O 169 -3.95 69.79 25.79
C LYS O 169 -2.96 68.62 25.64
N VAL O 170 -3.44 67.41 25.88
CA VAL O 170 -2.90 66.15 25.36
C VAL O 170 -3.55 65.89 24.00
N GLY O 171 -2.87 65.26 23.05
CA GLY O 171 -3.50 64.92 21.76
C GLY O 171 -4.43 63.71 21.78
N LYS O 172 -5.34 63.63 20.82
CA LYS O 172 -5.89 62.34 20.37
C LYS O 172 -4.72 61.50 19.82
N GLU O 173 -4.81 60.17 19.89
CA GLU O 173 -3.65 59.26 19.80
C GLU O 173 -2.63 59.41 20.94
N ASN O 174 -2.93 60.17 21.99
CA ASN O 174 -2.27 60.07 23.30
C ASN O 174 -3.26 59.87 24.44
N PHE O 175 -4.50 60.33 24.33
CA PHE O 175 -5.57 60.13 25.30
C PHE O 175 -6.64 59.17 24.76
N ALA O 176 -7.17 58.28 25.60
CA ALA O 176 -8.33 57.42 25.29
C ALA O 176 -9.25 57.25 26.51
N LEU O 177 -10.53 56.95 26.31
CA LEU O 177 -11.50 56.79 27.40
C LEU O 177 -12.23 55.46 27.34
N ILE O 178 -12.33 54.80 28.49
CA ILE O 178 -13.16 53.62 28.74
C ILE O 178 -14.37 54.06 29.57
N HIS O 179 -15.59 53.87 29.10
CA HIS O 179 -16.80 54.24 29.84
C HIS O 179 -17.47 52.98 30.35
N VAL O 180 -17.72 52.91 31.64
CA VAL O 180 -18.26 51.70 32.27
C VAL O 180 -19.76 51.91 32.49
N SER O 181 -20.63 51.01 32.03
CA SER O 181 -22.07 51.31 31.96
C SER O 181 -22.95 50.10 32.25
N LEU O 182 -24.23 50.31 32.55
CA LEU O 182 -25.11 49.26 33.08
C LEU O 182 -25.96 48.65 31.98
N VAL O 183 -26.00 47.32 31.92
CA VAL O 183 -26.99 46.58 31.14
C VAL O 183 -27.86 45.83 32.15
N PRO O 184 -28.95 46.41 32.68
CA PRO O 184 -29.81 45.69 33.60
C PRO O 184 -30.52 44.57 32.87
N VAL O 185 -30.70 43.45 33.53
CA VAL O 185 -31.50 42.33 33.05
C VAL O 185 -32.79 42.29 33.86
N ILE O 186 -33.91 42.51 33.19
CA ILE O 186 -35.25 42.32 33.79
C ILE O 186 -36.14 41.53 32.85
N HIS O 187 -37.06 40.72 33.39
CA HIS O 187 -37.83 39.76 32.61
C HIS O 187 -36.93 38.85 31.75
N GLY O 188 -35.73 38.56 32.22
CA GLY O 188 -34.71 37.79 31.51
C GLY O 188 -34.15 38.43 30.23
N GLU O 189 -34.35 39.74 29.99
CA GLU O 189 -33.80 40.45 28.83
C GLU O 189 -32.81 41.56 29.21
N GLN O 190 -31.64 41.58 28.57
CA GLN O 190 -30.62 42.63 28.66
C GLN O 190 -31.08 43.95 28.01
N LYS O 191 -31.38 44.98 28.79
CA LYS O 191 -31.84 46.27 28.27
C LYS O 191 -30.67 47.21 28.02
N THR O 192 -30.57 47.80 26.83
CA THR O 192 -29.45 48.69 26.47
C THR O 192 -29.67 50.14 26.88
N LYS O 193 -30.91 50.58 27.14
CA LYS O 193 -31.24 52.01 27.25
C LYS O 193 -30.49 52.80 28.33
N PRO O 194 -30.13 52.28 29.52
CA PRO O 194 -29.33 53.06 30.45
C PRO O 194 -27.96 53.41 29.88
N THR O 195 -27.35 52.54 29.07
CA THR O 195 -26.13 52.87 28.32
C THR O 195 -26.36 53.93 27.26
N GLN O 196 -27.48 53.93 26.53
CA GLN O 196 -27.81 55.00 25.58
C GLN O 196 -27.96 56.35 26.28
N ALA O 197 -28.78 56.45 27.33
CA ALA O 197 -28.97 57.68 28.09
C ALA O 197 -27.70 58.19 28.79
N ALA O 198 -26.83 57.32 29.31
CA ALA O 198 -25.55 57.73 29.90
C ALA O 198 -24.48 58.07 28.86
N ILE O 199 -24.55 57.56 27.64
CA ILE O 199 -23.66 57.95 26.55
C ILE O 199 -24.14 59.27 25.94
N LYS O 200 -25.44 59.50 25.82
CA LYS O 200 -26.01 60.82 25.55
C LYS O 200 -25.50 61.85 26.57
N GLY O 201 -25.55 61.55 27.86
CA GLY O 201 -24.93 62.37 28.89
C GLY O 201 -23.43 62.60 28.65
N LEU O 202 -22.66 61.55 28.37
CA LEU O 202 -21.23 61.67 28.14
C LEU O 202 -20.90 62.60 26.97
N ARG O 203 -21.51 62.40 25.79
CA ARG O 203 -21.22 63.26 24.65
C ARG O 203 -21.68 64.70 24.86
N SER O 204 -22.69 64.94 25.67
CA SER O 204 -23.13 66.29 26.02
C SER O 204 -21.98 67.09 26.64
N LEU O 205 -21.25 66.51 27.59
CA LEU O 205 -20.10 67.13 28.25
C LEU O 205 -18.80 67.04 27.41
N GLY O 206 -18.78 66.22 26.37
CA GLY O 206 -17.88 66.33 25.22
C GLY O 206 -16.79 65.28 25.10
N LEU O 207 -16.68 64.42 26.11
CA LEU O 207 -15.86 63.23 26.05
C LEU O 207 -16.48 62.22 25.08
N VAL O 208 -15.68 61.45 24.36
CA VAL O 208 -16.15 60.35 23.50
C VAL O 208 -15.46 59.05 23.89
N PRO O 209 -16.21 57.95 24.09
CA PRO O 209 -15.63 56.71 24.59
C PRO O 209 -14.99 55.95 23.44
N ASP O 210 -13.76 55.52 23.65
CA ASP O 210 -13.06 54.62 22.75
C ASP O 210 -13.37 53.16 23.03
N MET O 211 -13.87 52.87 24.24
CA MET O 211 -14.47 51.62 24.63
C MET O 211 -15.69 51.85 25.51
N ILE O 212 -16.61 50.91 25.48
CA ILE O 212 -17.64 50.79 26.51
C ILE O 212 -17.38 49.48 27.24
N ALA O 213 -17.57 49.43 28.55
CA ALA O 213 -17.44 48.22 29.33
C ALA O 213 -18.67 48.00 30.20
N CYS O 214 -19.33 46.85 30.09
CA CYS O 214 -20.63 46.70 30.75
C CYS O 214 -20.59 45.93 32.06
N ARG O 215 -21.16 46.50 33.11
CA ARG O 215 -21.70 45.73 34.24
C ARG O 215 -22.95 45.06 33.76
N CYS O 216 -22.97 43.74 33.80
CA CYS O 216 -24.13 42.95 33.47
C CYS O 216 -24.17 41.68 34.33
N SER O 217 -25.37 41.20 34.64
CA SER O 217 -25.57 39.93 35.35
C SER O 217 -25.20 38.71 34.51
N GLU O 218 -24.94 38.87 33.21
CA GLU O 218 -24.80 37.80 32.23
C GLU O 218 -23.60 38.02 31.29
N THR O 219 -23.28 37.02 30.47
CA THR O 219 -22.53 37.33 29.24
C THR O 219 -23.43 38.17 28.32
N LEU O 220 -22.99 39.33 27.84
CA LEU O 220 -23.75 40.12 26.88
C LEU O 220 -24.12 39.27 25.66
N ASP O 221 -25.39 39.28 25.28
CA ASP O 221 -25.82 38.68 24.03
C ASP O 221 -25.18 39.40 22.84
N LYS O 222 -24.89 38.66 21.78
CA LYS O 222 -24.45 39.18 20.48
C LYS O 222 -25.29 40.38 20.00
N PRO O 223 -26.64 40.35 20.03
CA PRO O 223 -27.46 41.53 19.75
C PRO O 223 -27.30 42.68 20.74
N THR O 224 -27.01 42.46 22.02
CA THR O 224 -26.80 43.55 22.98
C THR O 224 -25.55 44.34 22.64
N ILE O 225 -24.46 43.67 22.30
CA ILE O 225 -23.25 44.31 21.80
C ILE O 225 -23.54 45.13 20.54
N ASP O 226 -24.29 44.57 19.59
CA ASP O 226 -24.65 45.29 18.37
C ASP O 226 -25.54 46.50 18.64
N LYS O 227 -26.52 46.41 19.54
CA LYS O 227 -27.42 47.52 19.87
C LYS O 227 -26.77 48.58 20.77
N ILE O 228 -25.70 48.29 21.50
CA ILE O 228 -24.84 49.33 22.08
C ILE O 228 -23.95 49.97 21.01
N ALA O 229 -23.24 49.21 20.19
CA ALA O 229 -22.35 49.77 19.16
C ALA O 229 -23.09 50.54 18.05
N MET O 230 -24.37 50.24 17.77
CA MET O 230 -25.23 51.05 16.88
C MET O 230 -25.62 52.39 17.47
N PHE O 231 -25.33 52.64 18.75
CA PHE O 231 -25.72 53.84 19.50
C PHE O 231 -24.54 54.61 20.11
N CYS O 232 -23.31 54.15 19.89
CA CYS O 232 -22.07 54.74 20.39
C CYS O 232 -20.97 54.66 19.32
N HIS O 233 -19.95 55.47 19.41
CA HIS O 233 -18.93 55.56 18.36
C HIS O 233 -17.79 54.52 18.47
N VAL O 234 -18.15 53.29 18.84
CA VAL O 234 -17.25 52.16 19.09
C VAL O 234 -17.56 51.01 18.12
N GLY O 235 -16.57 50.23 17.68
CA GLY O 235 -16.85 48.99 16.97
C GLY O 235 -17.47 47.95 17.91
N PRO O 236 -18.13 46.90 17.43
CA PRO O 236 -18.71 45.89 18.30
C PRO O 236 -17.66 45.11 19.12
N GLU O 237 -16.41 45.10 18.69
CA GLU O 237 -15.27 44.49 19.38
C GLU O 237 -14.72 45.33 20.56
N GLN O 238 -15.16 46.58 20.75
CA GLN O 238 -14.84 47.44 21.88
C GLN O 238 -16.02 47.65 22.85
N VAL O 239 -17.05 46.82 22.80
CA VAL O 239 -18.00 46.68 23.90
C VAL O 239 -17.52 45.54 24.80
N VAL O 240 -16.63 45.86 25.72
CA VAL O 240 -16.02 44.95 26.70
C VAL O 240 -17.07 44.53 27.74
N ASN O 241 -16.88 43.40 28.40
CA ASN O 241 -17.82 42.87 29.37
C ASN O 241 -17.12 42.17 30.55
N VAL O 242 -17.13 42.80 31.72
CA VAL O 242 -16.60 42.23 32.96
C VAL O 242 -17.68 41.38 33.64
N HIS O 243 -17.90 40.17 33.12
CA HIS O 243 -18.89 39.23 33.67
C HIS O 243 -18.36 38.48 34.91
N ASP O 244 -19.22 37.67 35.53
CA ASP O 244 -18.83 36.78 36.62
C ASP O 244 -17.62 35.90 36.24
N VAL O 245 -16.61 35.87 37.10
CA VAL O 245 -15.36 35.10 36.94
C VAL O 245 -14.96 34.44 38.26
N ASN O 246 -14.08 33.45 38.21
CA ASN O 246 -13.77 32.63 39.39
C ASN O 246 -13.23 33.47 40.56
N SER O 247 -12.44 34.51 40.27
CA SER O 247 -12.02 35.51 41.26
C SER O 247 -11.56 36.79 40.59
N THR O 248 -11.50 37.88 41.35
CA THR O 248 -11.17 39.22 40.85
C THR O 248 -9.79 39.29 40.17
N TYR O 249 -8.84 38.44 40.55
CA TYR O 249 -7.53 38.38 39.92
C TYR O 249 -7.56 37.84 38.49
N HIS O 250 -8.67 37.24 38.04
CA HIS O 250 -8.84 36.82 36.65
C HIS O 250 -9.20 37.97 35.71
N VAL O 251 -9.73 39.09 36.21
CA VAL O 251 -10.23 40.16 35.32
C VAL O 251 -9.20 40.65 34.31
N PRO O 252 -7.91 40.88 34.60
CA PRO O 252 -6.99 41.28 33.54
C PRO O 252 -6.80 40.21 32.45
N LEU O 253 -6.89 38.91 32.77
CA LEU O 253 -6.93 37.89 31.72
C LEU O 253 -8.24 37.95 30.93
N LEU O 254 -9.39 38.18 31.58
CA LEU O 254 -10.67 38.37 30.88
C LEU O 254 -10.61 39.54 29.89
N LEU O 255 -10.10 40.70 30.31
CA LEU O 255 -9.94 41.86 29.44
C LEU O 255 -8.99 41.56 28.29
N LEU O 256 -7.85 40.93 28.54
CA LEU O 256 -6.91 40.54 27.49
C LEU O 256 -7.49 39.53 26.51
N GLU O 257 -8.30 38.57 26.95
CA GLU O 257 -8.95 37.60 26.07
C GLU O 257 -10.11 38.21 25.28
N GLN O 258 -10.78 39.25 25.79
CA GLN O 258 -11.71 40.10 25.04
C GLN O 258 -10.98 41.09 24.10
N LYS O 259 -9.69 40.89 23.82
CA LYS O 259 -8.85 41.71 22.92
C LYS O 259 -8.85 43.19 23.30
N MET O 260 -9.00 43.50 24.58
CA MET O 260 -9.06 44.87 25.05
C MET O 260 -7.75 45.62 24.78
N ILE O 261 -6.61 45.01 25.07
CA ILE O 261 -5.28 45.61 24.82
C ILE O 261 -4.90 45.62 23.35
N ASP O 262 -5.31 44.64 22.56
CA ASP O 262 -5.01 44.62 21.14
C ASP O 262 -5.62 45.82 20.40
N TYR O 263 -6.67 46.42 20.95
CA TYR O 263 -7.14 47.73 20.55
C TYR O 263 -6.31 48.87 21.16
N LEU O 264 -6.11 48.94 22.49
CA LEU O 264 -5.37 50.06 23.10
C LEU O 264 -3.94 50.20 22.56
N HIS O 265 -3.28 49.12 22.21
CA HIS O 265 -2.01 49.14 21.50
C HIS O 265 -2.06 50.01 20.22
N ALA O 266 -3.10 49.86 19.40
CA ALA O 266 -3.29 50.66 18.20
C ALA O 266 -3.86 52.05 18.50
N ARG O 267 -4.87 52.14 19.37
CA ARG O 267 -5.59 53.38 19.70
C ARG O 267 -4.74 54.42 20.42
N LEU O 268 -3.74 53.98 21.19
CA LEU O 268 -2.72 54.83 21.81
C LEU O 268 -1.37 54.72 21.11
N LYS O 269 -1.32 54.03 19.96
CA LYS O 269 -0.13 53.87 19.09
C LYS O 269 1.15 53.55 19.88
N LEU O 270 1.09 52.54 20.76
CA LEU O 270 2.12 52.25 21.76
C LEU O 270 3.44 51.69 21.21
N ASP O 271 3.53 51.38 19.91
CA ASP O 271 4.84 51.23 19.25
C ASP O 271 5.72 52.49 19.38
N GLU O 272 5.16 53.66 19.65
CA GLU O 272 5.90 54.91 19.82
C GLU O 272 6.62 55.02 21.18
N ILE O 273 6.42 54.12 22.14
CA ILE O 273 7.25 54.07 23.36
C ILE O 273 8.50 53.26 23.07
N THR O 274 12.79 49.85 25.94
CA THR O 274 14.09 49.21 26.17
C THR O 274 13.93 47.72 26.48
N GLU O 275 14.97 46.91 26.26
CA GLU O 275 14.94 45.46 26.50
C GLU O 275 14.50 45.10 27.93
N GLU O 276 14.91 45.88 28.94
CA GLU O 276 14.45 45.70 30.32
C GLU O 276 12.91 45.76 30.44
N GLU O 277 12.25 46.70 29.78
CA GLU O 277 10.78 46.80 29.77
C GLU O 277 10.14 45.62 29.07
N LYS O 278 10.66 45.23 27.91
CA LYS O 278 10.14 44.10 27.14
C LYS O 278 10.24 42.81 27.94
N GLN O 279 11.36 42.57 28.61
CA GLN O 279 11.52 41.43 29.52
C GLN O 279 10.57 41.51 30.72
N ARG O 280 10.53 42.62 31.44
CA ARG O 280 9.64 42.79 32.59
C ARG O 280 8.15 42.66 32.21
N GLY O 281 7.79 42.93 30.96
CA GLY O 281 6.47 42.62 30.44
C GLY O 281 6.20 41.12 30.37
N LEU O 282 7.08 40.35 29.74
CA LEU O 282 6.93 38.89 29.65
C LEU O 282 6.96 38.23 31.03
N GLU O 283 7.84 38.67 31.92
CA GLU O 283 7.87 38.19 33.30
C GLU O 283 6.56 38.49 34.04
N LEU O 284 5.93 39.66 33.86
CA LEU O 284 4.65 39.94 34.51
C LEU O 284 3.56 39.00 34.02
N LEU O 285 3.52 38.69 32.72
CA LEU O 285 2.61 37.67 32.21
C LEU O 285 2.89 36.29 32.80
N SER O 286 4.15 35.87 32.89
CA SER O 286 4.48 34.57 33.48
C SER O 286 4.03 34.47 34.92
N LYS O 287 4.27 35.52 35.72
CA LYS O 287 3.83 35.61 37.11
C LYS O 287 2.31 35.68 37.24
N TRP O 288 1.62 36.25 36.28
CA TRP O 288 0.16 36.19 36.24
C TRP O 288 -0.32 34.78 35.96
N LYS O 289 0.27 34.09 34.97
CA LYS O 289 -0.05 32.68 34.70
C LYS O 289 0.20 31.80 35.94
N ALA O 290 1.25 32.05 36.69
CA ALA O 290 1.53 31.38 37.96
C ALA O 290 0.44 31.60 39.03
N THR O 291 0.11 32.84 39.41
CA THR O 291 -0.97 33.08 40.40
C THR O 291 -2.32 32.58 39.92
N THR O 292 -2.59 32.65 38.62
CA THR O 292 -3.79 32.06 38.05
C THR O 292 -3.78 30.54 38.16
N GLY O 293 -2.67 29.88 37.82
CA GLY O 293 -2.51 28.44 37.96
C GLY O 293 -2.70 28.00 39.41
N ASN O 294 -2.10 28.71 40.36
CA ASN O 294 -2.31 28.49 41.79
C ASN O 294 -3.76 28.63 42.27
N PHE O 295 -4.68 29.21 41.50
CA PHE O 295 -6.10 29.20 41.81
C PHE O 295 -6.77 27.93 41.26
N ASP O 296 -6.53 27.59 40.00
CA ASP O 296 -7.06 26.33 39.42
C ASP O 296 -6.52 25.09 40.15
N GLU O 297 -5.21 25.05 40.40
CA GLU O 297 -4.47 23.99 41.11
C GLU O 297 -4.66 24.07 42.63
N GLU O 298 -7.55 22.49 48.11
CA GLU O 298 -7.89 22.38 49.54
C GLU O 298 -8.07 23.73 50.25
N THR O 299 -9.01 23.83 51.18
CA THR O 299 -9.32 25.06 51.93
C THR O 299 -8.43 25.30 53.15
N VAL O 300 -8.13 26.57 53.44
CA VAL O 300 -7.61 27.06 54.72
C VAL O 300 -8.68 27.95 55.36
N LYS O 301 -9.10 27.67 56.58
CA LYS O 301 -10.13 28.45 57.30
C LYS O 301 -9.44 29.39 58.28
N ILE O 302 -9.65 30.71 58.23
CA ILE O 302 -9.03 31.68 59.14
C ILE O 302 -10.11 32.49 59.85
N ALA O 303 -10.09 32.57 61.18
CA ALA O 303 -10.99 33.46 61.89
C ALA O 303 -10.34 34.83 61.98
N LEU O 304 -10.97 35.85 61.41
CA LEU O 304 -10.58 37.24 61.58
C LEU O 304 -11.47 37.84 62.65
N VAL O 305 -10.88 38.23 63.77
CA VAL O 305 -11.58 38.59 64.99
C VAL O 305 -11.36 40.05 65.30
N GLY O 306 -12.40 40.88 65.26
CA GLY O 306 -12.24 42.30 65.53
C GLY O 306 -13.54 43.02 65.81
N LYS O 307 -13.47 44.33 66.01
CA LYS O 307 -14.66 45.18 66.13
C LYS O 307 -15.41 45.24 64.80
N TYR O 308 -16.74 45.21 64.87
CA TYR O 308 -17.67 45.58 63.78
C TYR O 308 -17.30 44.95 62.43
N THR O 309 -16.93 43.68 62.41
CA THR O 309 -16.63 42.89 61.20
C THR O 309 -17.78 42.82 60.18
N ASN O 310 -19.00 43.21 60.57
CA ASN O 310 -20.13 43.44 59.67
C ASN O 310 -19.78 44.46 58.56
N LEU O 311 -18.96 45.45 58.88
CA LEU O 311 -18.52 46.54 57.99
C LEU O 311 -17.29 46.09 57.19
N LYS O 312 -17.48 45.13 56.30
CA LYS O 312 -16.41 44.35 55.68
C LYS O 312 -15.38 45.16 54.86
N ASP O 313 -15.76 46.29 54.29
CA ASP O 313 -14.80 47.22 53.66
C ASP O 313 -13.80 47.82 54.67
N SER O 314 -14.14 47.88 55.95
CA SER O 314 -13.26 48.41 56.99
C SER O 314 -12.02 47.54 57.23
N TYR O 315 -12.00 46.31 56.71
CA TYR O 315 -10.87 45.38 56.75
C TYR O 315 -10.35 45.03 55.35
N LEU O 316 -10.65 45.83 54.33
CA LEU O 316 -10.37 45.46 52.93
C LEU O 316 -8.91 45.06 52.69
N SER O 317 -7.92 45.79 53.19
CA SER O 317 -6.52 45.49 52.92
C SER O 317 -6.12 44.14 53.49
N VAL O 318 -6.61 43.84 54.71
CA VAL O 318 -6.38 42.57 55.38
C VAL O 318 -6.88 41.42 54.53
N ILE O 319 -8.10 41.51 53.96
CA ILE O 319 -8.64 40.47 53.08
C ILE O 319 -7.73 40.28 51.88
N LYS O 320 -7.35 41.34 51.19
CA LYS O 320 -6.49 41.24 50.01
C LYS O 320 -5.11 40.65 50.34
N ALA O 321 -4.53 40.98 51.50
CA ALA O 321 -3.26 40.39 51.93
C ALA O 321 -3.36 38.88 52.18
N LEU O 322 -4.48 38.39 52.70
CA LEU O 322 -4.76 36.97 52.83
C LEU O 322 -4.98 36.30 51.47
N GLU O 323 -5.64 36.96 50.52
CA GLU O 323 -5.83 36.43 49.16
C GLU O 323 -4.50 36.27 48.44
N HIS O 324 -3.62 37.27 48.46
CA HIS O 324 -2.34 37.22 47.72
C HIS O 324 -1.49 36.06 48.21
N SER O 325 -1.43 35.87 49.52
CA SER O 325 -0.70 34.79 50.16
C SER O 325 -1.35 33.43 49.89
N SER O 326 -2.67 33.32 49.93
CA SER O 326 -3.36 32.05 49.69
C SER O 326 -3.11 31.49 48.29
N MET O 327 -2.94 32.33 47.28
CA MET O 327 -2.54 31.89 45.94
C MET O 327 -1.09 31.41 45.89
N LYS O 328 -0.21 31.83 46.79
CA LYS O 328 1.13 31.25 46.85
C LYS O 328 1.06 29.83 47.43
N CYS O 329 0.28 29.62 48.49
CA CYS O 329 0.04 28.31 49.10
C CYS O 329 -0.86 27.35 48.30
N ARG O 330 -1.35 27.75 47.12
CA ARG O 330 -2.29 26.99 46.28
C ARG O 330 -3.59 26.60 46.99
N ARG O 331 -3.97 27.26 48.09
CA ARG O 331 -5.09 26.85 48.95
C ARG O 331 -6.19 27.88 48.96
N LYS O 332 -7.44 27.42 49.00
CA LYS O 332 -8.64 28.25 48.93
C LYS O 332 -8.85 28.94 50.27
N LEU O 333 -9.05 30.25 50.27
CA LEU O 333 -9.21 31.03 51.49
C LEU O 333 -10.66 31.09 51.93
N ASP O 334 -10.91 30.83 53.20
CA ASP O 334 -12.23 30.94 53.81
C ASP O 334 -12.16 31.76 55.10
N ILE O 335 -12.31 33.07 55.00
CA ILE O 335 -12.31 33.95 56.17
C ILE O 335 -13.63 33.78 56.93
N LYS O 336 -13.57 33.38 58.20
CA LYS O 336 -14.70 33.48 59.12
C LYS O 336 -14.65 34.85 59.77
N TRP O 337 -15.73 35.61 59.64
CA TRP O 337 -15.88 36.93 60.26
C TRP O 337 -16.46 36.80 61.66
N VAL O 338 -15.69 37.16 62.68
CA VAL O 338 -16.11 37.11 64.09
C VAL O 338 -16.20 38.52 64.64
N GLU O 339 -17.34 38.92 65.18
CA GLU O 339 -17.37 40.11 66.03
C GLU O 339 -16.71 39.78 67.35
N ALA O 340 -15.64 40.49 67.69
CA ALA O 340 -14.86 40.23 68.89
C ALA O 340 -15.71 40.29 70.16
N THR O 341 -16.64 41.23 70.25
CA THR O 341 -17.50 41.35 71.44
C THR O 341 -18.43 40.16 71.66
N ASP O 342 -18.77 39.40 70.62
CA ASP O 342 -19.60 38.20 70.78
C ASP O 342 -18.85 37.03 71.43
N LEU O 343 -17.53 37.09 71.57
CA LEU O 343 -16.76 36.08 72.31
C LEU O 343 -16.84 36.28 73.82
N GLU O 344 -17.27 37.45 74.29
CA GLU O 344 -17.16 37.80 75.72
C GLU O 344 -18.04 36.93 76.63
N PRO O 345 -17.60 36.61 77.86
CA PRO O 345 -18.43 35.93 78.85
C PRO O 345 -19.75 36.63 79.19
N GLU O 346 -19.83 37.95 79.00
CA GLU O 346 -21.05 38.74 79.16
C GLU O 346 -22.04 38.52 77.99
N ALA O 347 -21.55 38.28 76.78
CA ALA O 347 -22.40 38.08 75.62
C ALA O 347 -23.26 36.81 75.78
N GLN O 348 -22.80 35.83 76.56
CA GLN O 348 -23.51 34.56 76.78
C GLN O 348 -24.90 34.73 77.41
N GLU O 349 -25.09 35.69 78.33
CA GLU O 349 -26.44 36.00 78.83
C GLU O 349 -27.17 37.04 77.98
N SER O 350 -26.44 37.96 77.35
CA SER O 350 -27.03 39.07 76.61
C SER O 350 -27.62 38.64 75.25
N ASN O 351 -26.88 37.85 74.48
CA ASN O 351 -27.19 37.49 73.10
C ASN O 351 -26.65 36.09 72.74
N LYS O 352 -27.07 35.07 73.49
CA LYS O 352 -26.47 33.74 73.52
C LYS O 352 -26.24 33.12 72.13
N THR O 353 -27.19 33.27 71.21
CA THR O 353 -27.13 32.63 69.89
C THR O 353 -25.90 33.05 69.11
N LYS O 354 -25.66 34.36 69.03
CA LYS O 354 -24.51 34.90 68.28
C LYS O 354 -23.18 34.56 68.97
N PHE O 355 -23.18 34.47 70.28
CA PHE O 355 -22.02 34.02 71.06
C PHE O 355 -21.59 32.60 70.70
N HIS O 356 -22.52 31.65 70.52
CA HIS O 356 -22.17 30.32 70.03
C HIS O 356 -21.67 30.35 68.59
N GLU O 357 -22.26 31.16 67.70
CA GLU O 357 -21.75 31.27 66.33
C GLU O 357 -20.31 31.79 66.32
N ALA O 358 -20.00 32.80 67.12
CA ALA O 358 -18.67 33.35 67.24
C ALA O 358 -17.66 32.30 67.74
N TRP O 359 -18.00 31.58 68.79
CA TRP O 359 -17.11 30.57 69.33
C TRP O 359 -16.95 29.35 68.43
N ASN O 360 -17.98 28.93 67.69
CA ASN O 360 -17.79 27.89 66.68
C ASN O 360 -16.76 28.30 65.63
N MET O 361 -16.82 29.54 65.15
CA MET O 361 -15.85 30.03 64.17
C MET O 361 -14.44 29.97 64.76
N VAL O 362 -14.22 30.49 65.96
CA VAL O 362 -12.90 30.47 66.63
C VAL O 362 -12.38 29.04 66.80
N SER O 363 -13.25 28.11 67.19
CA SER O 363 -12.93 26.70 67.40
C SER O 363 -12.67 25.93 66.12
N THR O 364 -13.28 26.32 65.00
CA THR O 364 -13.12 25.67 63.70
C THR O 364 -11.83 26.07 63.02
N ALA O 365 -11.41 27.33 63.15
CA ALA O 365 -10.41 27.91 62.27
C ALA O 365 -9.02 27.27 62.37
N ASP O 366 -8.35 27.13 61.23
CA ASP O 366 -6.97 26.67 61.12
C ASP O 366 -5.96 27.74 61.48
N GLY O 367 -6.38 29.00 61.57
CA GLY O 367 -5.56 30.12 62.01
C GLY O 367 -6.42 31.22 62.63
N ILE O 368 -5.84 32.04 63.50
CA ILE O 368 -6.51 33.20 64.08
C ILE O 368 -5.78 34.46 63.66
N LEU O 369 -6.53 35.53 63.46
CA LEU O 369 -6.04 36.82 62.99
C LEU O 369 -6.74 37.92 63.74
N ILE O 370 -6.00 38.72 64.47
CA ILE O 370 -6.50 39.93 65.12
C ILE O 370 -6.01 41.11 64.28
N PRO O 371 -6.90 41.91 63.64
CA PRO O 371 -6.56 42.63 62.40
C PRO O 371 -6.12 44.09 62.57
N GLY O 372 -5.90 44.56 63.79
CA GLY O 372 -5.58 45.97 64.04
C GLY O 372 -6.82 46.85 64.05
N GLY O 373 -7.78 46.52 64.90
CA GLY O 373 -9.05 47.22 65.03
C GLY O 373 -8.95 48.67 65.46
N PHE O 374 -10.08 49.36 65.40
CA PHE O 374 -10.24 50.77 65.78
C PHE O 374 -10.98 50.89 67.12
N GLY O 375 -10.39 51.59 68.08
CA GLY O 375 -10.95 51.78 69.42
C GLY O 375 -10.94 50.56 70.33
N VAL O 376 -11.47 50.68 71.54
CA VAL O 376 -11.28 49.70 72.62
C VAL O 376 -12.30 48.56 72.67
N ARG O 377 -13.52 48.75 72.14
CA ARG O 377 -14.70 47.90 72.41
C ARG O 377 -14.47 46.40 72.32
N GLY O 378 -13.85 45.91 71.25
CA GLY O 378 -13.65 44.47 71.00
C GLY O 378 -12.60 43.79 71.90
N THR O 379 -11.83 44.55 72.68
CA THR O 379 -10.60 44.05 73.31
C THR O 379 -10.83 42.78 74.12
N GLU O 380 -11.86 42.71 74.95
CA GLU O 380 -12.03 41.60 75.88
C GLU O 380 -12.19 40.25 75.16
N GLY O 381 -12.91 40.21 74.05
CA GLY O 381 -13.00 39.00 73.25
C GLY O 381 -11.72 38.68 72.49
N MET O 382 -11.04 39.69 71.95
CA MET O 382 -9.77 39.52 71.26
C MET O 382 -8.68 38.94 72.17
N VAL O 383 -8.72 39.20 73.47
CA VAL O 383 -7.86 38.55 74.45
C VAL O 383 -8.08 37.04 74.47
N LEU O 384 -9.34 36.59 74.57
CA LEU O 384 -9.71 35.18 74.60
C LEU O 384 -9.40 34.46 73.28
N ALA O 385 -9.49 35.13 72.13
CA ALA O 385 -9.01 34.60 70.87
C ALA O 385 -7.48 34.45 70.83
N ALA O 386 -6.71 35.36 71.43
CA ALA O 386 -5.26 35.22 71.51
C ALA O 386 -4.83 34.08 72.45
N ARG O 387 -5.54 33.91 73.58
CA ARG O 387 -5.38 32.83 74.56
C ARG O 387 -5.65 31.47 73.94
N TRP O 388 -6.70 31.38 73.15
CA TRP O 388 -7.06 30.18 72.41
C TRP O 388 -5.96 29.70 71.48
N ALA O 389 -5.25 30.61 70.82
CA ALA O 389 -4.12 30.26 69.95
C ALA O 389 -2.76 30.19 70.65
N ARG O 390 -2.59 30.80 71.83
CA ARG O 390 -1.36 30.61 72.62
C ARG O 390 -1.32 29.19 73.16
N GLU O 391 -2.40 28.75 73.79
CA GLU O 391 -2.43 27.50 74.56
C GLU O 391 -2.50 26.28 73.66
N ASN O 392 -3.57 26.15 72.90
CA ASN O 392 -3.67 25.21 71.80
C ASN O 392 -2.82 25.74 70.65
N HIS O 393 -1.97 24.94 70.01
CA HIS O 393 -0.99 25.43 69.01
C HIS O 393 -1.58 25.88 67.64
N ILE O 394 -2.63 26.68 67.63
CA ILE O 394 -3.24 27.30 66.43
C ILE O 394 -2.31 28.40 65.89
N PRO O 395 -2.01 28.47 64.59
CA PRO O 395 -1.33 29.60 63.98
C PRO O 395 -2.03 30.94 64.21
N PHE O 396 -1.29 32.01 64.43
CA PHE O 396 -1.80 33.32 64.81
C PHE O 396 -1.02 34.46 64.16
N LEU O 397 -1.70 35.53 63.77
CA LEU O 397 -1.08 36.82 63.49
C LEU O 397 -1.87 37.93 64.19
N GLY O 398 -1.16 38.78 64.93
CA GLY O 398 -1.72 39.99 65.48
C GLY O 398 -1.15 41.21 64.76
N VAL O 399 -2.01 42.08 64.26
CA VAL O 399 -1.62 43.30 63.57
C VAL O 399 -1.97 44.51 64.43
N CYS O 400 -1.01 45.38 64.73
CA CYS O 400 -1.18 46.59 65.54
C CYS O 400 -1.87 46.34 66.89
N LEU O 401 -3.15 46.67 67.06
CA LEU O 401 -3.92 46.28 68.24
C LEU O 401 -3.85 44.76 68.51
N GLY O 402 -3.59 43.94 67.50
CA GLY O 402 -3.33 42.53 67.68
C GLY O 402 -2.02 42.23 68.39
N LEU O 403 -0.93 42.98 68.15
CA LEU O 403 0.27 42.82 68.97
C LEU O 403 0.02 43.30 70.40
N GLN O 404 -0.68 44.42 70.52
CA GLN O 404 -1.08 44.96 71.80
C GLN O 404 -1.85 43.89 72.58
N ILE O 405 -2.78 43.18 71.95
CA ILE O 405 -3.58 42.12 72.58
C ILE O 405 -2.84 40.80 72.74
N ALA O 406 -1.92 40.44 71.85
CA ALA O 406 -0.99 39.34 72.10
C ALA O 406 -0.15 39.59 73.36
N THR O 407 0.27 40.83 73.61
CA THR O 407 1.06 41.17 74.78
C THR O 407 0.20 41.29 76.03
N ILE O 408 -0.97 41.92 75.97
CA ILE O 408 -1.93 41.93 77.07
C ILE O 408 -2.30 40.50 77.45
N GLU O 409 -2.55 39.59 76.51
CA GLU O 409 -2.92 38.22 76.86
C GLU O 409 -1.75 37.48 77.50
N PHE O 410 -0.57 37.49 76.89
CA PHE O 410 0.59 36.83 77.46
C PHE O 410 0.93 37.37 78.85
N THR O 411 0.76 38.67 79.08
CA THR O 411 0.83 39.26 80.43
C THR O 411 -0.25 38.68 81.33
N ARG O 412 -1.52 38.74 80.92
CA ARG O 412 -2.72 38.38 81.68
C ARG O 412 -2.84 36.87 81.99
N SER O 413 -2.04 36.01 81.36
CA SER O 413 -2.14 34.55 81.52
C SER O 413 -0.82 33.83 81.80
N VAL O 414 0.30 34.34 81.32
CA VAL O 414 1.62 33.73 81.56
C VAL O 414 2.33 34.37 82.75
N LEU O 415 2.21 35.70 82.92
CA LEU O 415 2.76 36.42 84.09
C LEU O 415 1.77 36.56 85.26
N GLY O 416 0.57 35.98 85.17
CA GLY O 416 -0.55 36.31 86.06
C GLY O 416 -1.12 37.69 85.72
N ARG O 417 -0.88 38.70 86.57
CA ARG O 417 -1.15 40.14 86.33
C ARG O 417 -2.55 40.43 85.73
N LYS O 418 -3.60 39.82 86.28
CA LYS O 418 -4.97 39.81 85.70
C LYS O 418 -5.61 41.20 85.53
N ASP O 419 -5.14 42.21 86.25
CA ASP O 419 -5.58 43.61 86.13
C ASP O 419 -5.01 44.36 84.91
N SER O 420 -4.01 43.82 84.19
CA SER O 420 -3.34 44.55 83.11
C SER O 420 -4.24 44.79 81.89
N HIS O 421 -4.04 45.92 81.22
CA HIS O 421 -4.94 46.47 80.19
C HIS O 421 -4.16 47.42 79.28
N SER O 422 -4.74 47.80 78.15
CA SER O 422 -4.20 48.88 77.30
C SER O 422 -4.06 50.21 78.05
N ALA O 423 -3.12 51.06 77.63
CA ALA O 423 -2.98 52.43 78.14
C ALA O 423 -4.25 53.27 77.94
N GLU O 424 -5.17 52.84 77.07
CA GLU O 424 -6.50 53.41 76.93
C GLU O 424 -7.29 53.49 78.25
N PHE O 425 -7.15 52.52 79.17
CA PHE O 425 -7.70 52.58 80.54
C PHE O 425 -6.77 53.38 81.45
N TYR O 426 -6.61 54.65 81.10
CA TYR O 426 -5.62 55.57 81.67
C TYR O 426 -5.56 55.61 83.21
N PRO O 427 -6.66 55.76 83.97
CA PRO O 427 -6.60 56.00 85.42
C PRO O 427 -6.21 54.78 86.28
N ASP O 428 -6.01 53.60 85.70
CA ASP O 428 -5.41 52.47 86.43
C ASP O 428 -3.90 52.66 86.69
N ILE O 429 -3.22 53.44 85.85
CA ILE O 429 -1.80 53.84 85.93
C ILE O 429 -0.82 52.65 86.04
N ASP O 430 -0.67 52.02 87.21
CA ASP O 430 0.39 51.06 87.52
C ASP O 430 0.36 49.80 86.64
N GLU O 431 -0.82 49.40 86.15
CA GLU O 431 -1.06 48.18 85.37
C GLU O 431 -1.25 48.40 83.85
N LYS O 432 -1.02 49.63 83.36
CA LYS O 432 -1.03 49.92 81.91
C LYS O 432 0.05 49.10 81.20
N ASN O 433 -0.35 48.30 80.23
CA ASN O 433 0.54 47.45 79.43
C ASN O 433 1.33 48.22 78.35
N HIS O 434 0.97 49.48 78.10
CA HIS O 434 1.47 50.30 76.99
C HIS O 434 1.88 51.71 77.45
N VAL O 435 2.58 52.45 76.60
CA VAL O 435 2.98 53.85 76.80
C VAL O 435 2.69 54.67 75.54
N VAL O 436 2.31 55.93 75.73
CA VAL O 436 2.13 56.91 74.65
C VAL O 436 3.45 57.18 73.92
N VAL O 437 3.38 57.29 72.60
CA VAL O 437 4.50 57.68 71.74
C VAL O 437 3.98 58.42 70.50
N PHE O 438 3.66 59.71 70.65
CA PHE O 438 3.05 60.52 69.58
C PHE O 438 4.02 60.96 68.46
N MET O 439 5.33 60.98 68.70
CA MET O 439 6.36 61.55 67.81
C MET O 439 5.99 62.91 67.23
N MET O 440 0.90 60.76 66.16
CA MET O 440 0.86 59.40 65.67
C MET O 440 2.11 59.03 64.86
N ARG O 441 2.69 57.85 65.07
CA ARG O 441 3.74 57.29 64.22
C ARG O 441 3.09 56.79 62.93
N LEU O 442 3.57 57.25 61.78
CA LEU O 442 2.98 57.04 60.44
C LEU O 442 4.05 56.70 59.40
N GLY O 443 3.60 56.20 58.25
CA GLY O 443 4.43 56.04 57.04
C GLY O 443 5.49 54.95 57.12
N LEU O 444 6.26 54.83 56.04
CA LEU O 444 7.28 53.81 55.90
C LEU O 444 8.44 54.11 56.84
N ARG O 445 8.61 53.26 57.85
CA ARG O 445 9.78 53.29 58.75
C ARG O 445 10.49 51.93 58.72
N PRO O 446 11.81 51.84 58.94
CA PRO O 446 12.51 50.57 59.01
C PRO O 446 12.15 49.76 60.26
N THR O 447 12.50 48.48 60.28
CA THR O 447 12.55 47.63 61.48
C THR O 447 13.67 46.62 61.35
N PHE O 448 14.44 46.41 62.41
CA PHE O 448 15.69 45.67 62.42
C PHE O 448 15.56 44.43 63.30
N PHE O 449 15.95 43.27 62.81
CA PHE O 449 15.91 42.04 63.59
C PHE O 449 16.93 42.06 64.73
N GLN O 450 16.59 41.52 65.88
CA GLN O 450 17.53 41.39 67.00
C GLN O 450 18.56 40.29 66.68
N ASN O 451 19.86 40.59 66.78
CA ASN O 451 20.90 39.87 66.02
C ASN O 451 21.12 38.38 66.37
N GLU O 452 20.54 37.88 67.46
CA GLU O 452 20.64 36.49 67.92
C GLU O 452 19.50 35.58 67.41
N THR O 453 18.39 36.14 66.91
CA THR O 453 17.13 35.40 66.72
C THR O 453 17.07 34.54 65.44
N GLU O 454 18.11 33.75 65.19
CA GLU O 454 18.26 32.88 64.02
C GLU O 454 17.20 31.76 63.96
N TRP O 455 16.59 31.42 65.08
CA TRP O 455 15.52 30.42 65.20
C TRP O 455 14.18 30.87 64.59
N SER O 456 13.95 32.17 64.46
CA SER O 456 12.66 32.79 64.16
C SER O 456 12.03 32.29 62.86
N GLN O 457 10.76 31.94 62.89
CA GLN O 457 10.00 31.60 61.69
C GLN O 457 9.80 32.84 60.81
N ILE O 458 9.45 33.99 61.40
CA ILE O 458 9.16 35.19 60.61
C ILE O 458 10.42 35.75 59.95
N LYS O 459 11.57 35.86 60.63
CA LYS O 459 12.78 36.38 59.98
C LYS O 459 13.37 35.42 58.94
N LYS O 460 12.95 34.16 58.94
CA LYS O 460 13.21 33.23 57.83
C LYS O 460 12.38 33.59 56.61
N LEU O 461 11.08 33.89 56.75
CA LEU O 461 10.23 34.30 55.62
C LEU O 461 10.75 35.57 54.92
N TYR O 462 11.29 36.54 55.66
CA TYR O 462 11.96 37.72 55.11
C TYR O 462 13.31 37.43 54.43
N GLY O 463 13.68 36.17 54.20
CA GLY O 463 14.85 35.78 53.39
C GLY O 463 16.21 35.98 54.06
N ASP O 464 16.24 36.04 55.40
CA ASP O 464 17.44 36.37 56.18
C ASP O 464 18.03 37.77 55.93
N VAL O 465 17.25 38.69 55.33
CA VAL O 465 17.64 40.10 55.17
C VAL O 465 17.73 40.78 56.54
N SER O 466 18.68 41.71 56.71
CA SER O 466 18.99 42.38 57.98
C SER O 466 17.89 43.31 58.52
N GLU O 467 17.06 43.89 57.65
CA GLU O 467 15.99 44.79 58.02
C GLU O 467 14.83 44.77 57.02
N VAL O 468 13.69 45.29 57.45
CA VAL O 468 12.45 45.39 56.68
C VAL O 468 11.94 46.84 56.70
N HIS O 469 11.05 47.24 55.80
CA HIS O 469 10.44 48.57 55.82
C HIS O 469 8.93 48.48 55.70
N GLU O 470 8.17 49.16 56.57
CA GLU O 470 6.74 48.89 56.78
C GLU O 470 5.92 50.13 57.16
N ARG O 471 4.61 50.12 56.93
CA ARG O 471 3.69 51.21 57.30
C ARG O 471 3.17 51.10 58.74
N HIS O 472 2.99 52.22 59.41
CA HIS O 472 2.56 52.30 60.81
C HIS O 472 1.36 53.25 60.96
N ARG O 473 0.55 53.13 62.03
CA ARG O 473 -0.56 54.05 62.36
C ARG O 473 -0.86 54.14 63.87
N HIS O 474 0.14 54.02 64.75
CA HIS O 474 -0.04 53.79 66.20
C HIS O 474 0.34 54.98 67.08
N ARG O 475 -0.44 55.23 68.15
CA ARG O 475 -0.15 56.18 69.23
C ARG O 475 0.36 55.53 70.53
N TYR O 476 0.24 54.22 70.66
CA TYR O 476 0.69 53.43 71.80
C TYR O 476 1.74 52.39 71.39
N GLU O 477 2.68 52.08 72.27
CA GLU O 477 3.62 50.97 72.17
C GLU O 477 3.69 50.21 73.49
N ILE O 478 4.15 48.95 73.50
CA ILE O 478 4.30 48.16 74.72
C ILE O 478 5.33 48.84 75.64
N ASN O 479 5.03 48.95 76.94
CA ASN O 479 5.86 49.70 77.88
C ASN O 479 7.27 49.08 77.99
N PRO O 480 8.36 49.77 77.61
CA PRO O 480 9.70 49.19 77.58
C PRO O 480 10.15 48.59 78.91
N LYS O 481 9.65 49.13 80.03
CA LYS O 481 9.90 48.65 81.39
C LYS O 481 9.60 47.14 81.55
N MET O 482 8.55 46.66 80.89
CA MET O 482 8.11 45.26 80.96
C MET O 482 8.81 44.34 79.99
N VAL O 483 9.44 44.84 78.93
CA VAL O 483 9.87 44.01 77.80
C VAL O 483 10.92 42.97 78.17
N ASP O 484 11.80 43.22 79.13
CA ASP O 484 12.72 42.20 79.61
C ASP O 484 11.99 41.00 80.22
N GLU O 485 10.90 41.24 80.94
CA GLU O 485 10.10 40.20 81.58
C GLU O 485 9.43 39.32 80.53
N LEU O 486 8.88 39.93 79.49
CA LEU O 486 8.29 39.25 78.35
C LEU O 486 9.34 38.48 77.52
N GLU O 487 10.50 39.07 77.24
CA GLU O 487 11.60 38.37 76.56
C GLU O 487 12.11 37.17 77.36
N ASN O 488 12.28 37.31 78.67
CA ASN O 488 12.72 36.23 79.57
C ASN O 488 11.68 35.09 79.69
N ASN O 489 10.39 35.41 79.63
CA ASN O 489 9.33 34.40 79.64
C ASN O 489 9.03 33.77 78.27
N GLY O 490 9.59 34.30 77.18
CA GLY O 490 9.58 33.67 75.86
C GLY O 490 8.79 34.40 74.77
N LEU O 491 8.11 35.51 75.10
CA LEU O 491 7.46 36.38 74.13
C LEU O 491 8.52 37.29 73.45
N ILE O 492 9.45 36.69 72.72
CA ILE O 492 10.66 37.37 72.26
C ILE O 492 10.33 38.43 71.20
N PHE O 493 10.70 39.68 71.44
CA PHE O 493 10.52 40.77 70.48
C PHE O 493 11.58 40.73 69.38
N VAL O 494 11.38 39.88 68.37
CA VAL O 494 12.37 39.59 67.32
C VAL O 494 12.70 40.76 66.39
N GLY O 495 11.95 41.87 66.45
CA GLY O 495 12.25 43.08 65.69
C GLY O 495 11.94 44.35 66.45
N LYS O 496 12.84 45.33 66.37
CA LYS O 496 12.69 46.64 66.99
C LYS O 496 13.12 47.74 66.01
N ASP O 497 12.87 48.97 66.39
CA ASP O 497 13.20 50.15 65.59
C ASP O 497 14.71 50.48 65.59
N ASP O 498 15.06 51.56 64.91
CA ASP O 498 16.41 52.13 64.89
C ASP O 498 17.00 52.37 66.30
N THR O 499 16.23 52.90 67.25
CA THR O 499 16.71 53.17 68.62
C THR O 499 16.80 51.91 69.49
N GLY O 500 16.05 50.85 69.17
CA GLY O 500 15.88 49.68 70.01
C GLY O 500 14.93 49.86 71.19
N LYS O 501 14.26 51.02 71.29
CA LYS O 501 13.29 51.31 72.36
C LYS O 501 11.88 50.82 72.02
N ARG O 502 11.54 50.67 70.73
CA ARG O 502 10.17 50.44 70.24
C ARG O 502 9.92 48.99 69.84
N CYS O 503 8.80 48.43 70.29
CA CYS O 503 8.37 47.05 70.03
C CYS O 503 7.71 46.87 68.65
N GLU O 504 8.43 46.43 67.62
CA GLU O 504 7.90 46.39 66.26
C GLU O 504 7.38 45.01 65.83
N ILE O 505 7.99 43.91 66.29
CA ILE O 505 7.56 42.53 66.03
C ILE O 505 7.67 41.71 67.32
N LEU O 506 6.77 40.76 67.57
CA LEU O 506 7.04 39.67 68.52
C LEU O 506 6.82 38.30 67.88
N GLU O 507 7.58 37.31 68.34
CA GLU O 507 7.34 35.90 68.10
C GLU O 507 7.44 35.15 69.42
N LEU O 508 6.44 34.32 69.73
CA LEU O 508 6.50 33.45 70.89
C LEU O 508 7.41 32.27 70.61
N LYS O 509 8.51 32.14 71.36
CA LYS O 509 9.50 31.07 71.25
C LYS O 509 8.83 29.69 71.37
N ASN O 510 9.16 28.77 70.47
CA ASN O 510 8.68 27.38 70.46
C ASN O 510 7.14 27.26 70.41
N HIS O 511 6.53 27.95 69.45
CA HIS O 511 5.14 27.75 69.00
C HIS O 511 5.13 27.63 67.46
N PRO O 512 4.29 26.82 66.81
CA PRO O 512 4.33 26.62 65.36
C PRO O 512 4.26 27.87 64.49
N TYR O 513 3.47 28.87 64.88
CA TYR O 513 3.42 30.19 64.25
C TYR O 513 2.59 31.15 65.11
N TYR O 514 3.22 31.94 65.97
CA TYR O 514 2.52 32.94 66.76
C TYR O 514 3.30 34.23 66.70
N ILE O 515 2.87 35.08 65.78
CA ILE O 515 3.52 36.34 65.42
C ILE O 515 2.59 37.47 65.78
N ALA O 516 3.15 38.61 66.15
CA ALA O 516 2.43 39.85 65.95
C ALA O 516 3.37 40.95 65.44
N THR O 517 2.81 41.96 64.78
CA THR O 517 3.50 43.13 64.24
C THR O 517 2.83 44.39 64.74
N GLN O 518 3.59 45.40 65.17
CA GLN O 518 3.00 46.69 65.52
C GLN O 518 2.58 47.45 64.27
N TYR O 519 3.33 47.31 63.18
CA TYR O 519 2.96 47.80 61.86
C TYR O 519 1.78 47.04 61.26
N HIS O 520 1.22 47.61 60.20
CA HIS O 520 0.18 47.03 59.34
C HIS O 520 0.79 46.46 58.05
N PRO O 521 1.16 45.17 57.98
CA PRO O 521 1.80 44.57 56.81
C PRO O 521 0.92 44.44 55.57
N GLU O 522 -0.40 44.46 55.74
CA GLU O 522 -1.38 44.45 54.66
C GLU O 522 -1.32 45.69 53.77
N TYR O 523 -0.68 46.77 54.21
CA TYR O 523 -0.45 47.95 53.38
C TYR O 523 0.79 47.83 52.50
N THR O 524 1.47 46.68 52.46
CA THR O 524 2.51 46.41 51.43
C THR O 524 2.41 45.03 50.79
N SER O 525 1.33 44.29 51.02
CA SER O 525 1.06 43.06 50.28
C SER O 525 0.80 43.35 48.80
N LYS O 526 1.46 42.62 47.89
CA LYS O 526 1.28 42.70 46.44
C LYS O 526 0.94 41.33 45.86
N VAL O 527 0.27 41.25 44.72
CA VAL O 527 -0.27 39.98 44.20
C VAL O 527 0.86 39.01 43.81
N LEU O 528 2.00 39.48 43.32
CA LEU O 528 3.16 38.63 43.03
C LEU O 528 4.18 38.50 44.17
N ASP O 529 4.12 39.39 45.16
CA ASP O 529 4.99 39.42 46.36
C ASP O 529 4.14 39.60 47.62
N PRO O 530 3.61 38.51 48.22
CA PRO O 530 2.69 38.61 49.34
C PRO O 530 3.40 39.09 50.61
N SER O 531 2.72 39.83 51.49
CA SER O 531 3.37 40.37 52.69
C SER O 531 3.70 39.24 53.65
N LYS O 532 4.96 39.13 54.05
CA LYS O 532 5.51 37.96 54.75
C LYS O 532 4.77 37.54 56.03
N PRO O 533 4.33 38.42 56.94
CA PRO O 533 3.59 38.02 58.13
C PRO O 533 2.25 37.32 57.81
N PHE O 534 1.59 37.72 56.73
CA PHE O 534 0.37 37.06 56.25
C PHE O 534 0.66 35.78 55.48
N LEU O 535 1.77 35.70 54.73
CA LEU O 535 2.16 34.44 54.10
C LEU O 535 2.41 33.36 55.14
N GLY O 536 3.13 33.68 56.21
CA GLY O 536 3.35 32.74 57.31
C GLY O 536 2.06 32.27 57.97
N LEU O 537 1.09 33.16 58.22
CA LEU O 537 -0.20 32.78 58.79
C LEU O 537 -0.95 31.78 57.91
N VAL O 538 -1.03 32.02 56.60
CA VAL O 538 -1.70 31.06 55.71
C VAL O 538 -0.90 29.77 55.63
N ALA O 539 0.41 29.84 55.40
CA ALA O 539 1.23 28.65 55.24
C ALA O 539 1.23 27.76 56.49
N ALA O 540 1.26 28.31 57.69
CA ALA O 540 1.15 27.54 58.91
C ALA O 540 -0.28 27.01 59.12
N SER O 541 -1.30 27.75 58.74
CA SER O 541 -2.69 27.24 58.76
C SER O 541 -2.86 26.05 57.82
N ALA O 542 -2.18 26.06 56.67
CA ALA O 542 -2.06 24.93 55.75
C ALA O 542 -1.10 23.82 56.22
N GLY O 543 -0.35 24.04 57.29
CA GLY O 543 0.62 23.09 57.83
C GLY O 543 1.84 22.87 56.92
N ILE O 544 2.15 23.86 56.07
CA ILE O 544 3.17 23.78 55.02
C ILE O 544 4.29 24.82 55.18
N LEU O 545 4.33 25.54 56.30
CA LEU O 545 5.20 26.70 56.55
C LEU O 545 6.66 26.42 56.24
N GLN O 546 7.18 25.27 56.67
CA GLN O 546 8.57 24.86 56.40
C GLN O 546 8.89 24.92 54.90
N ASP O 547 8.02 24.37 54.07
CA ASP O 547 8.26 24.15 52.66
C ASP O 547 8.11 25.44 51.84
N VAL O 548 7.26 26.37 52.31
CA VAL O 548 7.17 27.74 51.80
C VAL O 548 8.46 28.50 52.08
N ILE O 549 9.05 28.35 53.28
CA ILE O 549 10.33 28.98 53.61
C ILE O 549 11.46 28.36 52.79
N GLU O 550 11.46 27.05 52.63
CA GLU O 550 12.44 26.31 51.82
C GLU O 550 12.32 26.55 50.31
N GLY O 551 11.17 27.06 49.83
CA GLY O 551 11.00 27.56 48.46
C GLY O 551 10.17 26.68 47.52
N LYS O 552 9.37 25.74 48.03
CA LYS O 552 8.50 24.84 47.23
C LYS O 552 7.31 25.52 46.53
N TYR O 553 7.20 26.85 46.61
CA TYR O 553 6.03 27.61 46.15
C TYR O 553 6.36 28.97 45.49
N ASP O 554 7.62 29.29 45.20
CA ASP O 554 7.95 30.42 44.33
C ASP O 554 7.44 30.21 42.89
N LEU O 555 7.10 31.32 42.20
CA LEU O 555 6.34 31.29 40.94
C LEU O 555 7.11 30.79 39.71
N GLU O 556 8.41 31.08 39.63
CA GLU O 556 9.31 30.64 38.56
C GLU O 556 10.56 30.00 39.15
N ALA O 557 11.07 28.93 38.55
CA ALA O 557 12.23 28.17 39.06
C ALA O 557 13.49 29.04 39.19
N MET P 1 -64.59 66.23 33.67
CA MET P 1 -63.93 64.93 33.63
C MET P 1 -62.61 64.95 34.40
N LYS P 2 -62.12 63.80 34.86
CA LYS P 2 -60.79 63.61 35.47
C LYS P 2 -59.93 62.67 34.61
N TYR P 3 -58.61 62.73 34.70
CA TYR P 3 -57.67 61.92 33.91
C TYR P 3 -56.45 61.50 34.73
N VAL P 4 -55.87 60.33 34.47
CA VAL P 4 -54.65 59.84 35.12
C VAL P 4 -53.67 59.34 34.09
N VAL P 5 -52.55 59.99 33.88
CA VAL P 5 -51.47 59.43 33.06
C VAL P 5 -50.71 58.37 33.83
N VAL P 6 -50.35 57.29 33.18
CA VAL P 6 -49.30 56.35 33.61
C VAL P 6 -48.22 56.36 32.54
N SER P 7 -46.98 56.58 32.91
CA SER P 7 -45.88 56.77 31.96
C SER P 7 -44.53 56.33 32.54
N GLY P 8 -43.45 56.41 31.77
CA GLY P 8 -42.12 56.61 32.37
C GLY P 8 -41.07 55.51 32.28
N GLY P 9 -39.98 55.73 33.03
CA GLY P 9 -38.89 54.79 33.31
C GLY P 9 -37.62 55.02 32.49
N VAL P 10 -36.51 54.38 32.88
CA VAL P 10 -35.29 54.24 32.04
C VAL P 10 -35.30 53.02 31.11
N ILE P 11 -36.32 52.17 31.15
CA ILE P 11 -36.44 50.94 30.36
C ILE P 11 -37.89 50.74 29.92
N SER P 12 -38.09 50.20 28.73
CA SER P 12 -39.37 49.61 28.35
C SER P 12 -39.53 48.24 29.05
N GLY P 13 -40.74 47.83 29.42
CA GLY P 13 -40.99 46.57 30.13
C GLY P 13 -40.99 46.67 31.65
N ILE P 14 -41.01 47.89 32.20
CA ILE P 14 -40.91 48.17 33.64
C ILE P 14 -42.13 47.77 34.48
N GLY P 15 -43.34 47.72 33.90
CA GLY P 15 -44.56 47.35 34.63
C GLY P 15 -45.81 48.21 34.43
N LYS P 16 -45.86 49.10 33.44
CA LYS P 16 -46.94 50.12 33.30
C LYS P 16 -48.35 49.53 33.36
N GLY P 17 -48.76 48.69 32.40
CA GLY P 17 -50.15 48.15 32.29
C GLY P 17 -50.75 47.66 33.62
N VAL P 18 -50.00 46.93 34.47
CA VAL P 18 -50.51 46.41 35.77
C VAL P 18 -50.68 47.60 36.72
N LEU P 19 -49.87 48.64 36.60
CA LEU P 19 -50.01 49.88 37.42
C LEU P 19 -51.14 50.72 36.82
N ALA P 20 -51.47 50.50 35.54
CA ALA P 20 -52.48 51.30 34.81
C ALA P 20 -53.87 50.73 35.07
N SER P 21 -54.23 49.59 34.48
CA SER P 21 -55.60 49.04 34.64
C SER P 21 -55.78 48.76 36.12
N SER P 22 -54.78 48.20 36.79
CA SER P 22 -54.89 48.11 38.29
C SER P 22 -55.29 49.40 39.01
N THR P 23 -54.80 50.57 38.60
CA THR P 23 -55.19 51.87 39.18
C THR P 23 -56.63 52.12 38.75
N GLY P 24 -57.00 51.74 37.52
CA GLY P 24 -58.37 51.92 36.97
C GLY P 24 -59.37 50.99 37.61
N MET P 25 -58.95 49.81 38.09
CA MET P 25 -59.83 48.83 38.78
C MET P 25 -60.22 49.46 40.12
N LEU P 26 -59.31 50.23 40.73
CA LEU P 26 -59.56 50.87 42.05
C LEU P 26 -60.37 52.14 41.82
N MET P 27 -60.28 52.79 40.67
CA MET P 27 -61.21 53.91 40.46
C MET P 27 -62.66 53.39 40.48
N LYS P 28 -62.91 52.22 39.92
CA LYS P 28 -64.21 51.54 39.99
C LYS P 28 -64.62 51.13 41.39
N THR P 29 -63.70 50.87 42.31
CA THR P 29 -64.03 50.63 43.73
C THR P 29 -64.75 51.83 44.34
N LEU P 30 -64.42 53.04 43.90
CA LEU P 30 -65.07 54.28 44.35
C LEU P 30 -66.47 54.47 43.73
N GLY P 31 -66.92 53.55 42.86
CA GLY P 31 -68.18 53.62 42.10
C GLY P 31 -68.08 54.31 40.75
N LEU P 32 -66.93 54.88 40.41
CA LEU P 32 -66.73 55.72 39.22
C LEU P 32 -67.00 54.96 37.92
N LYS P 33 -67.51 55.67 36.91
CA LYS P 33 -67.49 55.20 35.53
C LYS P 33 -66.06 55.34 35.01
N VAL P 34 -65.44 54.32 34.41
CA VAL P 34 -64.00 54.36 34.09
C VAL P 34 -63.72 53.91 32.68
N THR P 35 -62.68 54.47 32.07
CA THR P 35 -62.22 54.18 30.72
C THR P 35 -60.71 54.19 30.67
N SER P 36 -60.13 53.74 29.57
CA SER P 36 -58.68 53.66 29.41
C SER P 36 -58.25 53.89 27.98
N ILE P 37 -57.14 54.56 27.74
CA ILE P 37 -56.57 54.77 26.42
C ILE P 37 -55.12 54.32 26.46
N LYS P 38 -54.66 53.48 25.53
CA LYS P 38 -53.22 53.17 25.42
C LYS P 38 -52.62 53.87 24.24
N ILE P 39 -51.66 54.74 24.52
CA ILE P 39 -50.90 55.49 23.55
C ILE P 39 -49.67 54.65 23.20
N ASP P 40 -49.57 54.18 21.97
CA ASP P 40 -48.45 53.39 21.51
C ASP P 40 -47.49 54.18 20.63
N PRO P 41 -46.20 54.21 20.93
CA PRO P 41 -45.26 54.93 20.09
C PRO P 41 -44.94 54.26 18.76
N TYR P 42 -45.31 53.00 18.51
CA TYR P 42 -45.04 52.31 17.25
C TYR P 42 -45.86 52.85 16.07
N MET P 43 -45.36 52.65 14.85
CA MET P 43 -45.95 53.20 13.64
C MET P 43 -46.97 52.33 12.91
N ASN P 44 -47.29 51.11 13.35
CA ASN P 44 -48.45 50.39 12.80
C ASN P 44 -49.77 51.08 13.14
N ILE P 45 -50.68 51.23 12.19
CA ILE P 45 -52.02 51.77 12.48
C ILE P 45 -52.88 50.78 13.28
N ASP P 46 -52.71 49.48 13.07
CA ASP P 46 -53.42 48.42 13.79
C ASP P 46 -52.62 47.12 13.78
N ALA P 47 -52.98 46.15 14.61
CA ALA P 47 -52.34 44.85 14.65
C ALA P 47 -52.74 43.91 13.49
N GLY P 48 -53.59 44.36 12.56
CA GLY P 48 -54.04 43.55 11.44
C GLY P 48 -52.93 43.15 10.48
N THR P 49 -51.87 43.95 10.38
CA THR P 49 -50.66 43.60 9.61
C THR P 49 -49.64 42.82 10.45
N MET P 50 -49.69 42.90 11.79
CA MET P 50 -48.66 42.39 12.69
C MET P 50 -48.79 40.88 12.92
N SER P 51 -47.86 40.08 12.41
CA SER P 51 -47.91 38.62 12.59
C SER P 51 -47.78 38.25 14.06
N PRO P 52 -48.52 37.25 14.58
CA PRO P 52 -48.50 36.88 16.00
C PRO P 52 -47.16 36.45 16.61
N LEU P 53 -46.09 36.37 15.81
CA LEU P 53 -44.73 36.03 16.24
C LEU P 53 -44.03 37.18 17.02
N GLU P 54 -44.27 38.43 16.65
CA GLU P 54 -43.72 39.61 17.33
C GLU P 54 -44.82 40.64 17.59
N HIS P 55 -44.75 41.29 18.75
CA HIS P 55 -45.86 42.01 19.39
C HIS P 55 -47.06 41.13 19.82
N GLY P 56 -47.03 39.83 19.55
CA GLY P 56 -47.97 38.87 20.11
C GLY P 56 -49.39 38.93 19.54
N GLU P 57 -50.34 38.47 20.33
CA GLU P 57 -51.70 38.17 19.88
C GLU P 57 -52.49 39.41 19.44
N CYS P 58 -53.10 39.34 18.25
CA CYS P 58 -54.02 40.38 17.76
C CYS P 58 -55.33 40.36 18.56
N PHE P 59 -55.37 41.03 19.71
CA PHE P 59 -56.57 41.09 20.53
C PHE P 59 -57.77 41.64 19.74
N VAL P 60 -58.95 41.04 19.90
CA VAL P 60 -60.12 41.50 19.17
C VAL P 60 -61.34 42.09 19.91
N LEU P 61 -61.69 43.27 19.44
CA LEU P 61 -62.72 44.10 20.05
C LEU P 61 -64.14 43.58 19.79
N ASP P 62 -65.08 44.12 20.57
CA ASP P 62 -66.50 44.14 20.25
C ASP P 62 -66.71 44.68 18.81
N ASP P 63 -66.06 45.80 18.48
CA ASP P 63 -66.06 46.40 17.14
C ASP P 63 -65.16 45.68 16.11
N GLY P 64 -64.52 44.57 16.45
CA GLY P 64 -63.82 43.70 15.50
C GLY P 64 -62.51 44.22 14.93
N GLY P 65 -62.01 45.35 15.38
CA GLY P 65 -60.67 45.81 15.04
C GLY P 65 -59.60 44.94 15.67
N GLU P 66 -58.52 44.65 14.95
CA GLU P 66 -57.36 43.97 15.49
C GLU P 66 -56.42 44.97 16.20
N THR P 67 -56.62 45.16 17.51
CA THR P 67 -55.93 46.18 18.34
C THR P 67 -54.56 45.76 18.85
N ASP P 68 -53.87 46.70 19.51
CA ASP P 68 -52.80 46.39 20.45
C ASP P 68 -53.23 45.31 21.45
N LEU P 69 -52.36 44.32 21.71
CA LEU P 69 -52.65 43.19 22.65
C LEU P 69 -52.95 43.74 24.05
N ASP P 70 -52.23 44.77 24.49
CA ASP P 70 -52.36 45.27 25.90
C ASP P 70 -53.79 45.76 26.17
N LEU P 71 -54.57 46.18 25.16
CA LEU P 71 -55.92 46.76 25.48
C LEU P 71 -56.68 45.70 26.28
N GLY P 72 -56.45 44.43 25.99
CA GLY P 72 -57.18 43.34 26.68
C GLY P 72 -57.02 43.46 28.18
N ASN P 73 -55.83 43.83 28.65
CA ASN P 73 -55.54 43.89 30.12
C ASN P 73 -56.51 44.89 30.76
N TYR P 74 -57.09 45.84 30.01
CA TYR P 74 -58.01 46.88 30.54
C TYR P 74 -59.46 46.42 30.45
N GLU P 75 -59.76 45.43 29.61
CA GLU P 75 -61.17 44.97 29.44
C GLU P 75 -61.38 43.88 30.49
N ARG P 76 -60.31 43.33 31.07
CA ARG P 76 -60.40 42.34 32.17
C ARG P 76 -60.42 43.13 33.49
N TYR P 77 -59.36 43.88 33.79
CA TYR P 77 -59.30 44.75 35.03
C TYR P 77 -60.52 45.66 35.29
N LEU P 78 -61.14 46.32 34.29
CA LEU P 78 -62.20 47.34 34.48
C LEU P 78 -63.59 46.75 34.20
N GLY P 79 -63.69 45.82 33.27
CA GLY P 79 -64.99 45.32 32.83
C GLY P 79 -65.67 46.32 31.91
N VAL P 80 -65.00 46.67 30.81
CA VAL P 80 -65.42 47.66 29.81
C VAL P 80 -65.25 47.12 28.40
N THR P 81 -66.10 47.53 27.47
CA THR P 81 -65.95 47.33 26.03
C THR P 81 -65.30 48.56 25.42
N LEU P 82 -64.02 48.48 25.06
CA LEU P 82 -63.29 49.55 24.37
C LEU P 82 -63.62 49.55 22.87
N THR P 83 -63.00 50.43 22.09
CA THR P 83 -63.21 50.59 20.64
C THR P 83 -61.87 50.74 19.91
N LYS P 84 -61.86 50.68 18.58
CA LYS P 84 -60.63 50.82 17.78
C LYS P 84 -59.91 52.16 18.01
N ASP P 85 -60.64 53.19 18.46
CA ASP P 85 -60.09 54.51 18.78
C ASP P 85 -59.35 54.58 20.12
N HIS P 86 -59.58 53.67 21.07
CA HIS P 86 -58.89 53.68 22.37
C HIS P 86 -57.42 53.26 22.29
N ASN P 87 -56.96 52.79 21.14
CA ASN P 87 -55.55 52.52 20.90
C ASN P 87 -54.99 53.58 19.98
N ILE P 88 -54.54 54.69 20.55
CA ILE P 88 -53.80 55.72 19.82
C ILE P 88 -52.45 55.13 19.42
N THR P 89 -51.99 55.32 18.20
CA THR P 89 -50.63 54.91 17.79
C THR P 89 -49.99 55.99 16.96
N THR P 90 -48.66 56.02 16.91
CA THR P 90 -47.94 57.03 16.11
C THR P 90 -48.31 56.96 14.64
N GLY P 91 -48.51 55.77 14.09
CA GLY P 91 -48.98 55.64 12.71
C GLY P 91 -50.41 56.09 12.50
N LYS P 92 -51.26 55.93 13.52
CA LYS P 92 -52.67 56.32 13.45
C LYS P 92 -52.82 57.83 13.46
N ILE P 93 -52.07 58.54 14.31
CA ILE P 93 -52.20 59.99 14.42
C ILE P 93 -51.46 60.73 13.31
N TYR P 94 -50.29 60.30 12.84
CA TYR P 94 -49.74 60.91 11.62
C TYR P 94 -50.67 60.72 10.43
N SER P 95 -51.33 59.58 10.27
CA SER P 95 -52.30 59.37 9.18
C SER P 95 -53.49 60.31 9.27
N HIS P 96 -54.02 60.55 10.47
CA HIS P 96 -55.19 61.40 10.67
C HIS P 96 -54.89 62.86 10.37
N VAL P 97 -53.78 63.39 10.86
CA VAL P 97 -53.35 64.75 10.51
C VAL P 97 -52.96 64.88 9.03
N ILE P 98 -52.26 63.91 8.44
CA ILE P 98 -51.97 63.93 7.00
C ILE P 98 -53.24 63.83 6.17
N ALA P 99 -54.30 63.15 6.60
CA ALA P 99 -55.56 63.17 5.86
C ALA P 99 -56.17 64.57 5.83
N LYS P 100 -56.24 65.22 6.98
CA LYS P 100 -56.71 66.61 7.09
C LYS P 100 -55.84 67.59 6.30
N GLU P 101 -54.54 67.35 6.16
CA GLU P 101 -53.63 68.15 5.31
C GLU P 101 -54.01 68.11 3.83
N ARG P 102 -54.36 66.95 3.27
CA ARG P 102 -54.74 66.83 1.85
C ARG P 102 -56.20 67.17 1.57
N LYS P 103 -57.10 66.97 2.55
CA LYS P 103 -58.45 67.52 2.51
C LYS P 103 -58.44 69.05 2.62
N GLY P 104 -57.39 69.62 3.21
CA GLY P 104 -57.21 71.06 3.34
C GLY P 104 -57.89 71.67 4.57
N ASP P 105 -58.14 70.90 5.62
CA ASP P 105 -58.84 71.36 6.83
C ASP P 105 -58.02 72.38 7.63
N TYR P 106 -56.74 72.53 7.35
CA TYR P 106 -55.86 73.56 7.90
C TYR P 106 -55.92 74.90 7.15
N LEU P 107 -56.88 75.11 6.24
CA LEU P 107 -57.11 76.40 5.57
C LEU P 107 -55.84 76.98 4.94
N GLY P 108 -55.04 76.10 4.35
CA GLY P 108 -53.80 76.45 3.66
C GLY P 108 -52.66 76.96 4.54
N LYS P 109 -52.77 76.94 5.88
CA LYS P 109 -51.61 77.13 6.77
C LYS P 109 -50.59 76.02 6.51
N THR P 110 -49.33 76.22 6.85
CA THR P 110 -48.43 75.06 7.04
C THR P 110 -48.80 74.35 8.33
N VAL P 111 -48.72 73.02 8.33
CA VAL P 111 -49.10 72.18 9.45
C VAL P 111 -47.86 71.59 10.09
N GLN P 112 -47.76 71.67 11.39
CA GLN P 112 -46.53 71.52 12.16
C GLN P 112 -46.69 70.48 13.25
N ILE P 113 -45.61 69.87 13.73
CA ILE P 113 -45.75 68.93 14.85
C ILE P 113 -46.23 69.66 16.09
N VAL P 114 -45.77 70.88 16.33
CA VAL P 114 -46.35 71.79 17.33
C VAL P 114 -46.77 73.09 16.63
N PRO P 115 -48.01 73.58 16.78
CA PRO P 115 -49.07 73.08 17.64
C PRO P 115 -50.03 72.10 16.97
N HIS P 116 -50.05 71.91 15.65
CA HIS P 116 -51.16 71.18 15.01
C HIS P 116 -51.25 69.72 15.40
N LEU P 117 -50.16 68.94 15.32
CA LEU P 117 -50.22 67.54 15.73
C LEU P 117 -50.39 67.36 17.24
N THR P 118 -49.78 68.21 18.07
CA THR P 118 -50.01 68.12 19.52
C THR P 118 -51.42 68.54 19.91
N ASN P 119 -52.09 69.40 19.16
CA ASN P 119 -53.53 69.62 19.28
C ASN P 119 -54.30 68.39 18.86
N ALA P 120 -53.95 67.72 17.75
CA ALA P 120 -54.65 66.52 17.32
C ALA P 120 -54.67 65.44 18.41
N ILE P 121 -53.53 65.18 19.05
CA ILE P 121 -53.44 64.21 20.14
C ILE P 121 -54.34 64.60 21.32
N GLN P 122 -54.34 65.86 21.77
CA GLN P 122 -55.25 66.31 22.83
C GLN P 122 -56.72 66.18 22.41
N ASP P 123 -57.05 66.55 21.18
CA ASP P 123 -58.40 66.46 20.65
C ASP P 123 -58.85 65.01 20.51
N TRP P 124 -57.94 64.06 20.27
CA TRP P 124 -58.21 62.62 20.28
C TRP P 124 -58.46 62.09 21.69
N ILE P 125 -57.60 62.39 22.66
CA ILE P 125 -57.79 61.94 24.04
C ILE P 125 -59.11 62.44 24.60
N GLU P 126 -59.43 63.72 24.50
CA GLU P 126 -60.69 64.23 25.02
C GLU P 126 -61.89 63.77 24.18
N ARG P 127 -61.73 63.44 22.89
CA ARG P 127 -62.80 62.82 22.10
C ARG P 127 -63.13 61.46 22.66
N VAL P 128 -62.13 60.58 22.73
CA VAL P 128 -62.31 59.19 23.12
C VAL P 128 -62.77 59.05 24.57
N ALA P 129 -62.31 59.91 25.46
CA ALA P 129 -62.73 59.91 26.86
C ALA P 129 -64.22 60.22 27.09
N LYS P 130 -64.96 60.70 26.09
CA LYS P 130 -66.42 60.84 26.14
C LYS P 130 -67.17 59.52 25.95
N ILE P 131 -66.60 58.56 25.22
CA ILE P 131 -67.30 57.34 24.77
C ILE P 131 -67.73 56.51 25.99
N PRO P 132 -69.01 56.07 26.09
CA PRO P 132 -69.53 55.34 27.24
C PRO P 132 -69.20 53.84 27.19
N VAL P 133 -67.99 53.47 27.61
CA VAL P 133 -67.48 52.08 27.54
C VAL P 133 -68.04 51.16 28.63
N ASP P 134 -68.79 51.71 29.58
CA ASP P 134 -69.15 51.11 30.87
C ASP P 134 -70.57 50.50 30.88
N ASP P 135 -70.97 49.87 31.98
CA ASP P 135 -72.24 49.13 32.13
C ASP P 135 -73.52 49.99 32.13
N THR P 136 -73.41 51.30 31.91
CA THR P 136 -74.54 52.17 31.55
C THR P 136 -74.01 53.29 30.66
N GLY P 137 -74.87 53.82 29.79
CA GLY P 137 -74.48 54.70 28.68
C GLY P 137 -73.97 56.10 29.05
N MET P 138 -73.71 56.43 30.31
CA MET P 138 -73.14 57.73 30.70
C MET P 138 -71.64 57.79 30.42
N GLU P 139 -71.14 58.97 30.04
CA GLU P 139 -69.71 59.19 29.79
C GLU P 139 -68.85 58.88 31.04
N PRO P 140 -67.64 58.33 30.89
CA PRO P 140 -66.75 58.04 32.00
C PRO P 140 -66.40 59.24 32.87
N ASP P 141 -66.06 58.98 34.13
CA ASP P 141 -65.67 59.99 35.12
C ASP P 141 -64.16 60.10 35.30
N VAL P 142 -63.42 59.03 35.07
CA VAL P 142 -61.95 59.03 35.00
C VAL P 142 -61.49 58.30 33.76
N CYS P 143 -60.47 58.79 33.08
CA CYS P 143 -59.76 58.08 32.01
C CYS P 143 -58.33 57.78 32.43
N ILE P 144 -57.89 56.53 32.35
CA ILE P 144 -56.49 56.13 32.59
C ILE P 144 -55.77 56.17 31.25
N ILE P 145 -54.77 57.03 31.08
CA ILE P 145 -54.00 57.16 29.84
C ILE P 145 -52.65 56.51 30.04
N GLU P 146 -52.35 55.40 29.36
CA GLU P 146 -51.03 54.80 29.45
C GLU P 146 -50.18 55.22 28.27
N LEU P 147 -49.08 55.90 28.54
CA LEU P 147 -48.11 56.32 27.56
C LEU P 147 -47.05 55.23 27.41
N GLY P 148 -47.06 54.49 26.30
CA GLY P 148 -46.03 53.50 25.98
C GLY P 148 -44.67 54.12 25.64
N GLY P 149 -43.69 53.25 25.42
CA GLY P 149 -42.29 53.62 25.25
C GLY P 149 -41.68 54.15 26.56
N THR P 150 -40.64 54.96 26.46
CA THR P 150 -40.07 55.70 27.60
C THR P 150 -39.98 57.18 27.30
N VAL P 151 -40.20 58.02 28.31
CA VAL P 151 -40.01 59.48 28.18
C VAL P 151 -38.54 59.75 27.82
N GLY P 152 -38.29 60.55 26.79
CA GLY P 152 -36.96 60.78 26.22
C GLY P 152 -36.60 59.90 25.01
N ASP P 153 -37.57 59.11 24.55
CA ASP P 153 -37.42 58.36 23.28
C ASP P 153 -37.71 59.40 22.18
N ILE P 154 -37.12 59.28 20.97
CA ILE P 154 -37.43 60.19 19.82
C ILE P 154 -38.75 59.74 19.20
N GLU P 155 -39.34 58.65 19.70
CA GLU P 155 -40.61 58.05 19.21
C GLU P 155 -41.75 58.52 20.10
N SER P 156 -41.48 58.88 21.35
CA SER P 156 -42.52 59.27 22.34
C SER P 156 -42.53 60.79 22.54
N ALA P 157 -41.70 61.55 21.83
CA ALA P 157 -41.57 63.01 22.04
C ALA P 157 -42.87 63.75 21.66
N PRO P 158 -43.61 63.41 20.58
CA PRO P 158 -44.87 64.09 20.27
C PRO P 158 -45.94 63.96 21.35
N PHE P 159 -46.00 62.82 22.04
CA PHE P 159 -47.00 62.57 23.07
C PHE P 159 -46.73 63.25 24.39
N VAL P 160 -45.48 63.35 24.84
CA VAL P 160 -45.17 64.14 26.05
C VAL P 160 -45.37 65.64 25.83
N GLU P 161 -45.18 66.15 24.62
CA GLU P 161 -45.63 67.50 24.28
C GLU P 161 -47.15 67.59 24.38
N ALA P 162 -47.89 66.70 23.74
CA ALA P 162 -49.34 66.79 23.74
C ALA P 162 -49.92 66.66 25.14
N LEU P 163 -49.41 65.74 25.96
CA LEU P 163 -49.82 65.59 27.34
C LEU P 163 -49.43 66.82 28.17
N ARG P 164 -48.26 67.46 27.98
CA ARG P 164 -47.93 68.70 28.72
C ARG P 164 -48.98 69.77 28.47
N GLN P 165 -49.29 70.04 27.21
CA GLN P 165 -50.30 71.03 26.84
C GLN P 165 -51.66 70.61 27.41
N PHE P 166 -51.94 69.31 27.47
CA PHE P 166 -53.15 68.77 28.06
C PHE P 166 -53.27 69.01 29.56
N GLN P 167 -52.16 69.20 30.31
CA GLN P 167 -52.22 69.58 31.72
C GLN P 167 -52.84 70.99 31.93
N PHE P 168 -53.04 71.76 30.85
CA PHE P 168 -53.60 73.10 30.87
C PHE P 168 -54.96 73.15 30.16
N LYS P 169 -55.12 72.41 29.07
CA LYS P 169 -56.40 72.27 28.36
C LYS P 169 -57.44 71.61 29.29
N VAL P 170 -57.02 70.56 29.98
CA VAL P 170 -57.61 70.07 31.24
C VAL P 170 -56.95 70.81 32.38
N GLY P 171 -57.63 71.08 33.49
CA GLY P 171 -56.99 71.71 34.64
C GLY P 171 -56.12 70.80 35.51
N LYS P 172 -55.18 71.37 36.26
CA LYS P 172 -54.70 70.74 37.50
C LYS P 172 -55.88 70.60 38.47
N GLU P 173 -55.85 69.60 39.35
CA GLU P 173 -57.06 69.10 40.04
C GLU P 173 -58.10 68.45 39.11
N ASN P 174 -57.78 68.22 37.82
CA ASN P 174 -58.49 67.26 36.96
C ASN P 174 -57.53 66.25 36.32
N PHE P 175 -56.27 66.60 36.10
CA PHE P 175 -55.23 65.71 35.57
C PHE P 175 -54.19 65.37 36.64
N ALA P 176 -53.72 64.12 36.70
CA ALA P 176 -52.61 63.67 37.53
C ALA P 176 -51.73 62.65 36.82
N LEU P 177 -50.47 62.50 37.19
CA LEU P 177 -49.53 61.58 36.54
C LEU P 177 -48.85 60.64 37.54
N ILE P 178 -48.81 59.35 37.19
CA ILE P 178 -48.04 58.30 37.87
C ILE P 178 -46.84 57.96 36.99
N HIS P 179 -45.62 58.11 37.48
CA HIS P 179 -44.41 57.79 36.71
C HIS P 179 -43.82 56.50 37.24
N VAL P 180 -43.59 55.52 36.40
CA VAL P 180 -43.13 54.19 36.81
C VAL P 180 -41.65 54.12 36.53
N SER P 181 -40.80 53.76 37.50
CA SER P 181 -39.34 53.95 37.37
C SER P 181 -38.53 52.84 38.04
N LEU P 182 -37.25 52.71 37.68
CA LEU P 182 -36.44 51.55 38.07
C LEU P 182 -35.59 51.85 39.30
N VAL P 183 -35.61 50.96 40.29
CA VAL P 183 -34.63 50.93 41.37
C VAL P 183 -33.83 49.64 41.21
N PRO P 184 -32.73 49.62 40.44
CA PRO P 184 -31.93 48.42 40.30
C PRO P 184 -31.25 48.12 41.63
N VAL P 185 -31.14 46.84 41.95
CA VAL P 185 -30.38 46.35 43.09
C VAL P 185 -29.12 45.69 42.58
N ILE P 186 -27.96 46.25 42.91
CA ILE P 186 -26.66 45.63 42.64
C ILE P 186 -25.79 45.69 43.88
N HIS P 187 -24.92 44.69 44.09
CA HIS P 187 -24.17 44.52 45.34
C HIS P 187 -25.10 44.53 46.57
N GLY P 188 -26.32 44.05 46.41
CA GLY P 188 -27.35 44.08 47.46
C GLY P 188 -27.85 45.46 47.90
N GLU P 189 -27.59 46.54 47.14
CA GLU P 189 -28.08 47.90 47.44
C GLU P 189 -29.03 48.45 46.37
N GLN P 190 -30.18 48.98 46.80
CA GLN P 190 -31.14 49.72 45.98
C GLN P 190 -30.61 51.08 45.52
N LYS P 191 -30.27 51.24 44.23
CA LYS P 191 -29.73 52.50 43.70
C LYS P 191 -30.86 53.40 43.19
N THR P 192 -30.90 54.65 43.61
CA THR P 192 -31.96 55.60 43.22
C THR P 192 -31.69 56.31 41.91
N LYS P 193 -30.44 56.38 41.43
CA LYS P 193 -30.04 57.29 40.35
C LYS P 193 -30.78 57.13 39.02
N PRO P 194 -31.19 55.95 38.54
CA PRO P 194 -31.98 55.87 37.31
C PRO P 194 -33.31 56.59 37.45
N THR P 195 -33.94 56.58 38.63
CA THR P 195 -35.13 57.40 38.90
C THR P 195 -34.81 58.90 38.91
N GLN P 196 -33.68 59.34 39.44
CA GLN P 196 -33.29 60.75 39.37
C GLN P 196 -33.08 61.21 37.91
N ALA P 197 -32.29 60.50 37.11
CA ALA P 197 -32.05 60.82 35.71
C ALA P 197 -33.32 60.76 34.83
N ALA P 198 -34.24 59.82 35.06
CA ALA P 198 -35.52 59.76 34.34
C ALA P 198 -36.54 60.78 34.82
N ILE P 199 -36.46 61.27 36.04
CA ILE P 199 -37.30 62.37 36.53
C ILE P 199 -36.75 63.71 36.03
N LYS P 200 -35.44 63.88 35.98
CA LYS P 200 -34.79 64.98 35.24
C LYS P 200 -35.28 65.02 33.79
N GLY P 201 -35.28 63.89 33.09
CA GLY P 201 -35.89 63.77 31.76
C GLY P 201 -37.35 64.18 31.75
N LEU P 202 -38.18 63.68 32.67
CA LEU P 202 -39.60 64.00 32.74
C LEU P 202 -39.85 65.49 32.90
N ARG P 203 -39.22 66.15 33.87
CA ARG P 203 -39.45 67.59 34.08
C ARG P 203 -38.92 68.43 32.92
N SER P 204 -37.91 67.97 32.19
CA SER P 204 -37.43 68.66 30.99
C SER P 204 -38.55 68.84 29.97
N LEU P 205 -39.33 67.80 29.70
CA LEU P 205 -40.47 67.83 28.78
C LEU P 205 -41.74 68.42 29.41
N GLY P 206 -41.78 68.58 30.73
CA GLY P 206 -42.64 69.53 31.44
C GLY P 206 -43.77 68.91 32.25
N LEU P 207 -43.96 67.61 32.15
CA LEU P 207 -44.84 66.84 33.02
C LEU P 207 -44.24 66.79 34.43
N VAL P 208 -45.06 66.79 35.46
CA VAL P 208 -44.62 66.62 36.86
C VAL P 208 -45.38 65.44 37.49
N PRO P 209 -44.69 64.49 38.14
CA PRO P 209 -45.33 63.31 38.66
C PRO P 209 -45.98 63.60 39.99
N ASP P 210 -47.23 63.20 40.13
CA ASP P 210 -47.96 63.25 41.39
C ASP P 210 -47.73 62.00 42.23
N MET P 211 -47.27 60.93 41.58
CA MET P 211 -46.74 59.73 42.20
C MET P 211 -45.54 59.21 41.44
N ILE P 212 -44.65 58.51 42.14
CA ILE P 212 -43.66 57.65 41.52
C ILE P 212 -44.01 56.22 41.92
N ALA P 213 -43.85 55.26 41.03
CA ALA P 213 -44.05 53.86 41.34
C ALA P 213 -42.86 53.02 40.90
N CYS P 214 -42.24 52.26 41.79
CA CYS P 214 -40.97 51.61 41.46
C CYS P 214 -41.08 50.15 41.07
N ARG P 215 -40.50 49.78 39.93
CA ARG P 215 -40.04 48.42 39.69
C ARG P 215 -38.80 48.21 40.53
N CYS P 216 -38.86 47.25 41.44
CA CYS P 216 -37.73 46.88 42.25
C CYS P 216 -37.76 45.37 42.53
N SER P 217 -36.60 44.75 42.67
CA SER P 217 -36.47 43.34 43.07
C SER P 217 -36.89 43.09 44.52
N GLU P 218 -37.10 44.13 45.32
CA GLU P 218 -37.27 44.07 46.77
C GLU P 218 -38.42 44.96 47.26
N THR P 219 -38.79 44.85 48.54
CA THR P 219 -39.48 45.98 49.18
C THR P 219 -38.52 47.16 49.24
N LEU P 220 -38.91 48.35 48.76
CA LEU P 220 -38.07 49.54 48.90
C LEU P 220 -37.72 49.79 50.36
N ASP P 221 -36.45 50.00 50.65
CA ASP P 221 -36.01 50.44 51.97
C ASP P 221 -36.59 51.82 52.29
N LYS P 222 -36.89 52.06 53.56
CA LYS P 222 -37.27 53.37 54.09
C LYS P 222 -36.36 54.51 53.60
N PRO P 223 -35.01 54.40 53.62
CA PRO P 223 -34.13 55.40 53.00
C PRO P 223 -34.26 55.52 51.49
N THR P 224 -34.59 54.47 50.74
CA THR P 224 -34.77 54.58 49.28
C THR P 224 -35.98 55.43 48.94
N ILE P 225 -37.09 55.26 49.64
CA ILE P 225 -38.25 56.13 49.52
C ILE P 225 -37.89 57.57 49.84
N ASP P 226 -37.14 57.81 50.91
CA ASP P 226 -36.72 59.17 51.27
C ASP P 226 -35.78 59.79 50.24
N LYS P 227 -34.83 59.03 49.68
CA LYS P 227 -33.89 59.54 48.68
C LYS P 227 -34.50 59.69 47.28
N ILE P 228 -35.61 59.02 46.95
CA ILE P 228 -36.44 59.39 45.79
C ILE P 228 -37.27 60.64 46.08
N ALA P 229 -37.98 60.71 47.20
CA ALA P 229 -38.81 61.88 47.52
C ALA P 229 -38.01 63.18 47.77
N MET P 230 -36.75 63.10 48.19
CA MET P 230 -35.84 64.25 48.27
C MET P 230 -35.39 64.77 46.90
N PHE P 231 -35.70 64.05 45.82
CA PHE P 231 -35.27 64.34 44.45
C PHE P 231 -36.43 64.52 43.45
N CYS P 232 -37.67 64.42 43.92
CA CYS P 232 -38.89 64.55 43.13
C CYS P 232 -39.97 65.29 43.93
N HIS P 233 -40.96 65.84 43.26
CA HIS P 233 -41.94 66.72 43.92
C HIS P 233 -43.13 65.96 44.57
N VAL P 234 -42.84 64.81 45.18
CA VAL P 234 -43.80 63.88 45.80
C VAL P 234 -43.52 63.75 47.29
N GLY P 235 -44.53 63.57 48.14
CA GLY P 235 -44.30 63.16 49.52
C GLY P 235 -43.75 61.73 49.59
N PRO P 236 -43.13 61.31 50.69
CA PRO P 236 -42.62 59.94 50.81
C PRO P 236 -43.72 58.87 50.76
N GLU P 237 -44.97 59.23 51.05
CA GLU P 237 -46.15 58.36 50.97
C GLU P 237 -46.69 58.16 49.53
N GLN P 238 -46.19 58.89 48.53
CA GLN P 238 -46.50 58.71 47.11
C GLN P 238 -45.34 58.11 46.30
N VAL P 239 -44.35 57.50 46.94
CA VAL P 239 -43.44 56.58 46.27
C VAL P 239 -43.99 55.16 46.44
N VAL P 240 -44.89 54.79 45.55
CA VAL P 240 -45.56 53.48 45.47
C VAL P 240 -44.55 52.40 45.06
N ASN P 241 -44.82 51.14 45.40
CA ASN P 241 -43.93 50.03 45.09
C ASN P 241 -44.69 48.74 44.74
N VAL P 242 -44.67 48.36 43.47
CA VAL P 242 -45.27 47.11 42.98
C VAL P 242 -44.25 45.98 43.13
N HIS P 243 -44.07 45.48 44.35
CA HIS P 243 -43.14 44.37 44.65
C HIS P 243 -43.73 43.00 44.30
N ASP P 244 -42.93 41.94 44.44
CA ASP P 244 -43.39 40.56 44.29
C ASP P 244 -44.63 40.28 45.16
N VAL P 245 -45.66 39.69 44.57
CA VAL P 245 -46.94 39.33 45.20
C VAL P 245 -47.40 37.95 44.72
N ASN P 246 -48.33 37.32 45.44
CA ASN P 246 -48.72 35.94 45.18
C ASN P 246 -49.24 35.73 43.75
N SER P 247 -49.97 36.70 43.20
CA SER P 247 -50.36 36.74 41.80
C SER P 247 -50.75 38.13 41.35
N THR P 248 -50.78 38.36 40.04
CA THR P 248 -51.03 39.68 39.45
C THR P 248 -52.38 40.29 39.86
N TYR P 249 -53.38 39.47 40.17
CA TYR P 249 -54.67 39.94 40.63
C TYR P 249 -54.63 40.56 42.03
N HIS P 250 -53.55 40.40 42.79
CA HIS P 250 -53.37 41.08 44.07
C HIS P 250 -52.93 42.54 43.93
N VAL P 251 -52.36 42.96 42.80
CA VAL P 251 -51.78 44.30 42.68
C VAL P 251 -52.77 45.42 43.03
N PRO P 252 -54.05 45.44 42.64
CA PRO P 252 -54.91 46.52 43.10
C PRO P 252 -55.13 46.54 44.61
N LEU P 253 -55.11 45.41 45.31
CA LEU P 253 -55.10 45.43 46.76
C LEU P 253 -53.76 45.94 47.30
N LEU P 254 -52.62 45.60 46.71
CA LEU P 254 -51.32 46.16 47.10
C LEU P 254 -51.30 47.69 46.96
N LEU P 255 -51.76 48.24 45.84
CA LEU P 255 -51.85 49.69 45.62
C LEU P 255 -52.78 50.33 46.64
N LEU P 256 -53.95 49.77 46.89
CA LEU P 256 -54.90 50.28 47.88
C LEU P 256 -54.33 50.23 49.31
N GLU P 257 -53.58 49.20 49.69
CA GLU P 257 -52.96 49.10 51.00
C GLU P 257 -51.75 50.04 51.15
N GLN P 258 -51.04 50.36 50.07
CA GLN P 258 -50.06 51.46 50.01
C GLN P 258 -50.71 52.86 49.96
N LYS P 259 -52.01 52.97 50.29
CA LYS P 259 -52.77 54.23 50.33
C LYS P 259 -52.72 55.01 49.01
N MET P 260 -52.59 54.31 47.89
CA MET P 260 -52.47 54.95 46.59
C MET P 260 -53.74 55.73 46.23
N ILE P 261 -54.92 55.15 46.44
CA ILE P 261 -56.20 55.83 46.16
C ILE P 261 -56.56 56.89 47.19
N ASP P 262 -56.16 56.74 48.45
CA ASP P 262 -56.44 57.74 49.46
C ASP P 262 -55.74 59.08 49.16
N TYR P 263 -54.68 59.06 48.35
CA TYR P 263 -54.14 60.25 47.72
C TYR P 263 -54.93 60.66 46.47
N LEU P 264 -55.17 59.78 45.48
CA LEU P 264 -55.86 60.17 44.24
C LEU P 264 -57.26 60.74 44.50
N HIS P 265 -57.97 60.26 45.50
CA HIS P 265 -59.23 60.83 45.97
C HIS P 265 -59.10 62.34 46.25
N ALA P 266 -58.05 62.78 46.95
CA ALA P 266 -57.79 64.18 47.25
C ALA P 266 -57.16 64.92 46.05
N ARG P 267 -56.17 64.31 45.40
CA ARG P 267 -55.40 64.92 44.30
C ARG P 267 -56.22 65.17 43.04
N LEU P 268 -57.25 64.38 42.79
CA LEU P 268 -58.25 64.58 41.73
C LEU P 268 -59.58 65.09 42.29
N LYS P 269 -59.65 65.41 43.59
CA LYS P 269 -60.81 65.96 44.29
C LYS P 269 -62.12 65.25 43.95
N LEU P 270 -62.13 63.91 44.03
CA LEU P 270 -63.21 63.05 43.51
C LEU P 270 -64.54 63.12 44.28
N ASP P 271 -64.61 63.82 45.40
CA ASP P 271 -65.90 64.25 45.96
C ASP P 271 -66.73 65.08 44.97
N GLU P 272 -66.11 65.70 43.97
CA GLU P 272 -66.80 66.49 42.96
C GLU P 272 -67.56 65.66 41.89
N ILE P 273 -67.42 64.33 41.86
CA ILE P 273 -68.27 63.47 41.01
C ILE P 273 -69.56 63.17 41.77
N THR P 274 -74.08 58.96 42.08
CA THR P 274 -75.42 58.40 42.35
C THR P 274 -75.33 57.12 43.19
N GLU P 275 -76.40 56.76 43.90
CA GLU P 275 -76.44 55.57 44.76
C GLU P 275 -76.06 54.28 44.01
N GLU P 276 -76.45 54.14 42.73
CA GLU P 276 -76.03 53.02 41.89
C GLU P 276 -74.51 52.89 41.79
N GLU P 277 -73.78 53.99 41.60
CA GLU P 277 -72.31 53.99 41.55
C GLU P 277 -71.71 53.63 42.90
N LYS P 278 -72.22 54.19 43.99
CA LYS P 278 -71.74 53.91 45.35
C LYS P 278 -71.92 52.44 45.69
N GLN P 279 -73.06 51.85 45.36
CA GLN P 279 -73.31 50.42 45.52
C GLN P 279 -72.37 49.58 44.64
N ARG P 280 -72.30 49.85 43.33
CA ARG P 280 -71.42 49.12 42.43
C ARG P 280 -69.95 49.21 42.81
N GLY P 281 -69.53 50.27 43.50
CA GLY P 281 -68.23 50.35 44.13
C GLY P 281 -68.02 49.32 45.22
N LEU P 282 -68.92 49.26 46.21
CA LEU P 282 -68.83 48.29 47.31
C LEU P 282 -68.94 46.85 46.79
N GLU P 283 -69.81 46.59 45.83
CA GLU P 283 -69.90 45.27 45.19
C GLU P 283 -68.60 44.90 44.49
N LEU P 284 -67.91 45.81 43.80
CA LEU P 284 -66.64 45.48 43.16
C LEU P 284 -65.57 45.12 44.19
N LEU P 285 -65.51 45.81 45.32
CA LEU P 285 -64.65 45.41 46.42
C LEU P 285 -65.01 44.03 46.97
N SER P 286 -66.29 43.73 47.19
CA SER P 286 -66.70 42.42 47.69
C SER P 286 -66.30 41.30 46.75
N LYS P 287 -66.49 41.50 45.44
CA LYS P 287 -66.08 40.55 44.41
C LYS P 287 -64.57 40.43 44.28
N TRP P 288 -63.82 41.48 44.57
CA TRP P 288 -62.36 41.39 44.66
C TRP P 288 -61.95 40.57 45.87
N LYS P 289 -62.54 40.80 47.04
CA LYS P 289 -62.28 39.99 48.23
C LYS P 289 -62.61 38.51 47.98
N ALA P 290 -63.67 38.21 47.25
CA ALA P 290 -64.01 36.85 46.82
C ALA P 290 -62.94 36.20 45.92
N THR P 291 -62.55 36.79 44.79
CA THR P 291 -61.50 36.19 43.94
C THR P 291 -60.16 36.11 44.65
N THR P 292 -59.86 37.07 45.53
CA THR P 292 -58.66 36.99 46.37
C THR P 292 -58.76 35.84 47.36
N GLY P 293 -59.89 35.67 48.05
CA GLY P 293 -60.13 34.57 48.97
C GLY P 293 -59.99 33.22 48.26
N ASN P 294 -60.57 33.08 47.07
CA ASN P 294 -60.42 31.91 46.22
C ASN P 294 -58.97 31.59 45.81
N PHE P 295 -58.00 32.50 45.97
CA PHE P 295 -56.58 32.20 45.77
C PHE P 295 -55.97 31.66 47.06
N ASP P 296 -56.19 32.31 48.20
CA ASP P 296 -55.72 31.81 49.50
C ASP P 296 -56.33 30.44 49.86
N GLU P 297 -57.65 30.32 49.69
CA GLU P 297 -58.45 29.10 49.92
C GLU P 297 -58.31 28.07 48.79
N GLU P 298 -55.63 22.93 46.08
CA GLU P 298 -55.33 21.82 45.16
C GLU P 298 -55.10 22.27 43.71
N THR P 299 -54.17 21.64 42.99
CA THR P 299 -53.82 21.96 41.59
C THR P 299 -54.73 21.32 40.55
N VAL P 300 -54.98 22.01 39.44
CA VAL P 300 -55.50 21.48 38.17
C VAL P 300 -54.41 21.61 37.12
N LYS P 301 -54.03 20.52 36.44
CA LYS P 301 -52.98 20.53 35.41
C LYS P 301 -53.65 20.53 34.04
N ILE P 302 -53.38 21.48 33.16
CA ILE P 302 -53.97 21.56 31.81
C ILE P 302 -52.88 21.56 30.76
N ALA P 303 -52.93 20.69 29.76
CA ALA P 303 -52.01 20.76 28.64
C ALA P 303 -52.58 21.70 27.60
N LEU P 304 -51.89 22.79 27.29
CA LEU P 304 -52.22 23.67 26.18
C LEU P 304 -51.32 23.29 25.01
N VAL P 305 -51.92 22.81 23.94
CA VAL P 305 -51.24 22.15 22.83
C VAL P 305 -51.39 22.99 21.57
N GLY P 306 -50.33 23.54 21.03
CA GLY P 306 -50.43 24.37 19.84
C GLY P 306 -49.10 24.61 19.16
N LYS P 307 -49.11 25.39 18.09
CA LYS P 307 -47.88 25.85 17.41
C LYS P 307 -47.09 26.79 18.32
N TYR P 308 -45.76 26.66 18.32
CA TYR P 308 -44.80 27.64 18.85
C TYR P 308 -45.15 28.17 20.24
N THR P 309 -45.59 27.30 21.14
CA THR P 309 -45.90 27.62 22.55
C THR P 309 -44.73 28.22 23.34
N ASN P 310 -43.51 28.16 22.81
CA ASN P 310 -42.34 28.91 23.30
C ASN P 310 -42.61 30.42 23.37
N LEU P 311 -43.39 30.94 22.42
CA LEU P 311 -43.76 32.36 22.27
C LEU P 311 -44.99 32.67 23.13
N LYS P 312 -44.81 32.62 24.45
CA LYS P 312 -45.92 32.56 25.43
C LYS P 312 -46.88 33.76 25.41
N ASP P 313 -46.43 34.95 25.02
CA ASP P 313 -47.34 36.09 24.79
C ASP P 313 -48.34 35.86 23.64
N SER P 314 -48.01 34.97 22.70
CA SER P 314 -48.90 34.66 21.58
C SER P 314 -50.18 33.95 21.99
N TYR P 315 -50.25 33.45 23.23
CA TYR P 315 -51.43 32.82 23.84
C TYR P 315 -51.93 33.58 25.07
N LEU P 316 -51.56 34.86 25.24
CA LEU P 316 -51.83 35.59 26.48
C LEU P 316 -53.29 35.55 26.91
N SER P 317 -54.25 35.78 26.03
CA SER P 317 -55.67 35.82 26.41
C SER P 317 -56.14 34.49 26.94
N VAL P 318 -55.70 33.39 26.32
CA VAL P 318 -56.01 32.03 26.73
C VAL P 318 -55.54 31.80 28.16
N ILE P 319 -54.31 32.19 28.50
CA ILE P 319 -53.80 32.07 29.87
C ILE P 319 -54.68 32.81 30.85
N LYS P 320 -55.00 34.08 30.57
CA LYS P 320 -55.83 34.88 31.47
C LYS P 320 -57.24 34.30 31.62
N ALA P 321 -57.83 33.75 30.57
CA ALA P 321 -59.14 33.09 30.66
C ALA P 321 -59.13 31.84 31.54
N LEU P 322 -58.03 31.08 31.54
CA LEU P 322 -57.83 29.96 32.46
C LEU P 322 -57.60 30.44 33.90
N GLU P 323 -56.89 31.55 34.11
CA GLU P 323 -56.70 32.11 35.45
C GLU P 323 -58.01 32.59 36.06
N HIS P 324 -58.85 33.33 35.32
CA HIS P 324 -60.10 33.86 35.85
C HIS P 324 -61.02 32.74 36.32
N SER P 325 -61.13 31.69 35.52
CA SER P 325 -61.92 30.52 35.83
C SER P 325 -61.34 29.72 36.98
N SER P 326 -60.03 29.54 37.05
CA SER P 326 -59.38 28.79 38.13
C SER P 326 -59.62 29.39 39.53
N MET P 327 -59.74 30.71 39.64
CA MET P 327 -60.13 31.37 40.89
C MET P 327 -61.59 31.13 41.24
N LYS P 328 -62.47 30.83 40.30
CA LYS P 328 -63.84 30.46 40.63
C LYS P 328 -63.85 29.04 41.23
N CYS P 329 -63.11 28.10 40.64
CA CYS P 329 -62.94 26.73 41.14
C CYS P 329 -62.07 26.57 42.40
N ARG P 330 -61.54 27.67 42.96
CA ARG P 330 -60.61 27.67 44.10
C ARG P 330 -59.34 26.84 43.90
N ARG P 331 -58.97 26.50 42.67
CA ARG P 331 -57.88 25.55 42.37
C ARG P 331 -56.73 26.21 41.65
N LYS P 332 -55.51 25.80 41.97
CA LYS P 332 -54.28 26.37 41.44
C LYS P 332 -54.07 25.90 40.01
N LEU P 333 -53.80 26.81 39.10
CA LEU P 333 -53.64 26.49 37.68
C LEU P 333 -52.19 26.15 37.35
N ASP P 334 -52.00 25.05 36.64
CA ASP P 334 -50.68 24.63 36.15
C ASP P 334 -50.74 24.30 34.66
N ILE P 335 -50.53 25.29 33.81
CA ILE P 335 -50.51 25.08 32.35
C ILE P 335 -49.22 24.36 31.97
N LYS P 336 -49.34 23.18 31.35
CA LYS P 336 -48.23 22.55 30.64
C LYS P 336 -48.22 23.06 29.21
N TRP P 337 -47.11 23.64 28.78
CA TRP P 337 -46.92 24.11 27.42
C TRP P 337 -46.37 23.00 26.53
N VAL P 338 -47.14 22.57 25.54
CA VAL P 338 -46.77 21.53 24.60
C VAL P 338 -46.62 22.12 23.19
N GLU P 339 -45.48 21.97 22.55
CA GLU P 339 -45.41 22.20 21.11
C GLU P 339 -46.13 21.08 20.40
N ALA P 340 -47.18 21.39 19.65
CA ALA P 340 -47.98 20.39 18.96
C ALA P 340 -47.16 19.50 18.04
N THR P 341 -46.19 20.05 17.32
CA THR P 341 -45.36 19.25 16.42
C THR P 341 -44.49 18.21 17.12
N ASP P 342 -44.17 18.39 18.39
CA ASP P 342 -43.39 17.39 19.15
C ASP P 342 -44.21 16.14 19.51
N LEU P 343 -45.53 16.14 19.33
CA LEU P 343 -46.36 14.96 19.51
C LEU P 343 -46.31 14.03 18.31
N GLU P 344 -45.84 14.49 17.15
CA GLU P 344 -45.97 13.74 15.90
C GLU P 344 -45.16 12.43 15.87
N PRO P 345 -45.63 11.36 15.23
CA PRO P 345 -44.87 10.13 15.03
C PRO P 345 -43.52 10.33 14.31
N GLU P 346 -43.38 11.39 13.51
CA GLU P 346 -42.12 11.77 12.87
C GLU P 346 -41.12 12.39 13.85
N ALA P 347 -41.59 13.10 14.88
CA ALA P 347 -40.72 13.73 15.86
C ALA P 347 -39.92 12.69 16.64
N GLN P 348 -40.45 11.47 16.78
CA GLN P 348 -39.81 10.38 17.53
C GLN P 348 -38.43 9.98 16.99
N GLU P 349 -38.22 10.00 15.68
CA GLU P 349 -36.87 9.78 15.11
C GLU P 349 -36.07 11.09 14.99
N SER P 350 -36.74 12.22 14.79
CA SER P 350 -36.07 13.50 14.54
C SER P 350 -35.48 14.13 15.79
N ASN P 351 -36.24 14.14 16.90
CA ASN P 351 -35.90 14.85 18.13
C ASN P 351 -36.51 14.15 19.36
N LYS P 352 -36.14 12.88 19.56
CA LYS P 352 -36.83 11.96 20.47
C LYS P 352 -37.04 12.51 21.88
N THR P 353 -36.06 13.21 22.44
CA THR P 353 -36.12 13.69 23.84
C THR P 353 -37.30 14.61 24.06
N LYS P 354 -37.49 15.61 23.20
CA LYS P 354 -38.59 16.57 23.32
C LYS P 354 -39.95 15.93 23.06
N PHE P 355 -39.99 14.92 22.19
CA PHE P 355 -41.19 14.12 21.94
C PHE P 355 -41.67 13.39 23.19
N HIS P 356 -40.78 12.81 24.00
CA HIS P 356 -41.18 12.22 25.29
C HIS P 356 -41.65 13.29 26.28
N GLU P 357 -41.00 14.45 26.34
CA GLU P 357 -41.47 15.53 27.23
C GLU P 357 -42.88 15.98 26.85
N ALA P 358 -43.16 16.14 25.55
CA ALA P 358 -44.48 16.51 25.06
C ALA P 358 -45.54 15.47 25.43
N TRP P 359 -45.25 14.19 25.20
CA TRP P 359 -46.21 13.15 25.53
C TRP P 359 -46.40 12.93 27.02
N ASN P 360 -45.39 13.11 27.86
CA ASN P 360 -45.59 13.09 29.30
C ASN P 360 -46.57 14.18 29.73
N MET P 361 -46.44 15.41 29.20
CA MET P 361 -47.37 16.49 29.53
C MET P 361 -48.79 16.10 29.13
N VAL P 362 -49.01 15.62 27.91
CA VAL P 362 -50.35 15.20 27.44
C VAL P 362 -50.95 14.11 28.31
N SER P 363 -50.12 13.12 28.70
CA SER P 363 -50.52 12.01 29.55
C SER P 363 -50.79 12.38 31.00
N THR P 364 -50.13 13.41 31.52
CA THR P 364 -50.29 13.88 32.89
C THR P 364 -51.54 14.71 33.08
N ALA P 365 -51.91 15.52 32.09
CA ALA P 365 -52.85 16.61 32.28
C ALA P 365 -54.27 16.16 32.64
N ASP P 366 -54.92 16.90 33.54
CA ASP P 366 -56.31 16.73 33.92
C ASP P 366 -57.29 17.28 32.88
N GLY P 367 -56.81 18.07 31.95
CA GLY P 367 -57.59 18.60 30.83
C GLY P 367 -56.69 18.89 29.62
N ILE P 368 -57.26 18.88 28.43
CA ILE P 368 -56.54 19.25 27.20
C ILE P 368 -57.20 20.49 26.59
N LEU P 369 -56.39 21.35 25.99
CA LEU P 369 -56.81 22.61 25.42
C LEU P 369 -56.07 22.83 24.11
N ILE P 370 -56.79 22.92 23.01
CA ILE P 370 -56.25 23.27 21.71
C ILE P 370 -56.66 24.73 21.45
N PRO P 371 -55.73 25.70 21.37
CA PRO P 371 -56.00 27.10 21.73
C PRO P 371 -56.37 28.03 20.57
N GLY P 372 -56.60 27.51 19.36
CA GLY P 372 -56.84 28.35 18.19
C GLY P 372 -55.58 28.91 17.58
N GLY P 373 -54.66 28.02 17.23
CA GLY P 373 -53.36 28.35 16.66
C GLY P 373 -53.40 29.08 15.33
N PHE P 374 -52.23 29.56 14.90
CA PHE P 374 -52.01 30.27 13.64
C PHE P 374 -51.30 29.36 12.62
N GLY P 375 -51.87 29.21 11.43
CA GLY P 375 -51.34 28.37 10.36
C GLY P 375 -51.43 26.87 10.59
N VAL P 376 -50.93 26.07 9.64
CA VAL P 376 -51.20 24.62 9.57
C VAL P 376 -50.23 23.73 10.37
N ARG P 377 -49.00 24.18 10.63
CA ARG P 377 -47.86 23.34 11.06
C ARG P 377 -48.17 22.34 12.18
N GLY P 378 -48.78 22.79 13.27
CA GLY P 378 -49.05 21.97 14.45
C GLY P 378 -50.13 20.90 14.29
N THR P 379 -50.89 20.92 13.19
CA THR P 379 -52.15 20.19 13.06
C THR P 379 -52.02 18.72 13.39
N GLU P 380 -51.00 18.02 12.88
CA GLU P 380 -50.91 16.57 13.01
C GLU P 380 -50.80 16.11 14.47
N GLY P 381 -50.06 16.84 15.30
CA GLY P 381 -50.01 16.54 16.73
C GLY P 381 -51.29 16.92 17.46
N MET P 382 -51.90 18.05 17.12
CA MET P 382 -53.16 18.48 17.72
C MET P 382 -54.30 17.48 17.46
N VAL P 383 -54.27 16.75 16.35
CA VAL P 383 -55.20 15.63 16.11
C VAL P 383 -55.04 14.55 17.17
N LEU P 384 -53.81 14.10 17.44
CA LEU P 384 -53.51 13.05 18.42
C LEU P 384 -53.83 13.51 19.85
N ALA P 385 -53.67 14.78 20.19
CA ALA P 385 -54.14 15.33 21.44
C ALA P 385 -55.68 15.33 21.57
N ALA P 386 -56.41 15.59 20.49
CA ALA P 386 -57.88 15.51 20.50
C ALA P 386 -58.37 14.06 20.63
N ARG P 387 -57.71 13.10 19.97
CA ARG P 387 -57.94 11.64 20.03
C ARG P 387 -57.73 11.12 21.44
N TRP P 388 -56.65 11.56 22.07
CA TRP P 388 -56.33 11.22 23.45
C TRP P 388 -57.44 11.59 24.43
N ALA P 389 -58.08 12.74 24.25
CA ALA P 389 -59.21 13.17 25.08
C ALA P 389 -60.59 12.68 24.62
N ARG P 390 -60.77 12.29 23.35
CA ARG P 390 -62.01 11.66 22.91
C ARG P 390 -62.14 10.29 23.53
N GLU P 391 -61.09 9.46 23.41
CA GLU P 391 -61.14 8.04 23.75
C GLU P 391 -61.12 7.82 25.26
N ASN P 392 -60.04 8.20 25.90
CA ASN P 392 -59.94 8.32 27.35
C ASN P 392 -60.75 9.54 27.77
N HIS P 393 -61.61 9.48 28.77
CA HIS P 393 -62.54 10.58 29.12
C HIS P 393 -61.91 11.83 29.78
N ILE P 394 -60.80 12.36 29.24
CA ILE P 394 -60.15 13.61 29.65
C ILE P 394 -61.01 14.81 29.24
N PRO P 395 -61.28 15.79 30.11
CA PRO P 395 -61.88 17.06 29.73
C PRO P 395 -61.12 17.80 28.64
N PHE P 396 -61.82 18.44 27.71
CA PHE P 396 -61.25 19.08 26.53
C PHE P 396 -61.96 20.37 26.17
N LEU P 397 -61.21 21.37 25.70
CA LEU P 397 -61.77 22.51 24.97
C LEU P 397 -60.96 22.76 23.71
N GLY P 398 -61.63 22.87 22.57
CA GLY P 398 -61.04 23.31 21.33
C GLY P 398 -61.52 24.71 20.98
N VAL P 399 -60.61 25.64 20.73
CA VAL P 399 -60.93 27.01 20.34
C VAL P 399 -60.54 27.23 18.89
N CYS P 400 -61.46 27.68 18.04
CA CYS P 400 -61.26 27.95 16.61
C CYS P 400 -60.61 26.78 15.85
N LEU P 401 -59.33 26.83 15.52
CA LEU P 401 -58.60 25.68 14.97
C LEU P 401 -58.76 24.43 15.85
N GLY P 402 -59.03 24.58 17.14
CA GLY P 402 -59.35 23.46 18.01
C GLY P 402 -60.69 22.82 17.69
N LEU P 403 -61.74 23.56 17.32
CA LEU P 403 -62.97 22.94 16.82
C LEU P 403 -62.73 22.26 15.49
N GLN P 404 -61.98 22.93 14.62
CA GLN P 404 -61.58 22.38 13.34
C GLN P 404 -60.89 21.03 13.56
N ILE P 405 -59.98 20.93 14.52
CA ILE P 405 -59.25 19.71 14.83
C ILE P 405 -60.05 18.70 15.65
N ALA P 406 -60.96 19.12 16.51
CA ALA P 406 -61.95 18.21 17.10
C ALA P 406 -62.80 17.54 16.02
N THR P 407 -63.17 18.27 14.97
CA THR P 407 -63.98 17.72 13.88
C THR P 407 -63.14 16.87 12.92
N ILE P 408 -61.95 17.31 12.54
CA ILE P 408 -61.02 16.48 11.77
C ILE P 408 -60.73 15.19 12.52
N GLU P 409 -60.50 15.19 13.83
CA GLU P 409 -60.20 13.96 14.55
C GLU P 409 -61.41 13.04 14.61
N PHE P 410 -62.58 13.54 15.02
CA PHE P 410 -63.78 12.73 15.06
C PHE P 410 -64.14 12.15 13.69
N THR P 411 -63.91 12.89 12.61
CA THR P 411 -63.99 12.35 11.24
C THR P 411 -62.95 11.25 11.02
N ARG P 412 -61.67 11.54 11.29
CA ARG P 412 -60.51 10.67 11.04
C ARG P 412 -60.47 9.38 11.89
N SER P 413 -61.30 9.26 12.92
CA SER P 413 -61.26 8.12 13.85
C SER P 413 -62.62 7.48 14.13
N VAL P 414 -63.71 8.23 14.10
CA VAL P 414 -65.06 7.70 14.33
C VAL P 414 -65.76 7.35 13.03
N LEU P 415 -65.60 8.16 11.96
CA LEU P 415 -66.14 7.86 10.62
C LEU P 415 -65.17 7.08 9.71
N GLY P 416 -64.00 6.68 10.21
CA GLY P 416 -62.88 6.24 9.36
C GLY P 416 -62.24 7.41 8.63
N ARG P 417 -62.46 7.53 7.31
CA ARG P 417 -62.09 8.71 6.47
C ARG P 417 -60.69 9.27 6.72
N LYS P 418 -59.67 8.39 6.77
CA LYS P 418 -58.29 8.73 7.21
C LYS P 418 -57.58 9.79 6.37
N ASP P 419 -58.03 10.02 5.13
CA ASP P 419 -57.52 11.07 4.23
C ASP P 419 -58.01 12.50 4.56
N SER P 420 -59.02 12.67 5.43
CA SER P 420 -59.63 13.98 5.67
C SER P 420 -58.69 14.98 6.37
N HIS P 421 -58.83 16.25 6.05
CA HIS P 421 -57.87 17.32 6.40
C HIS P 421 -58.58 18.68 6.36
N SER P 422 -57.96 19.72 6.90
CA SER P 422 -58.42 21.11 6.74
C SER P 422 -58.50 21.51 5.25
N ALA P 423 -59.41 22.46 4.93
CA ALA P 423 -59.49 23.07 3.61
C ALA P 423 -58.18 23.74 3.17
N GLU P 424 -57.26 24.01 4.11
CA GLU P 424 -55.89 24.44 3.83
C GLU P 424 -55.14 23.53 2.84
N PHE P 425 -55.35 22.21 2.88
CA PHE P 425 -54.82 21.25 1.89
C PHE P 425 -55.75 21.21 0.66
N TYR P 426 -55.84 22.37 0.00
CA TYR P 426 -56.79 22.67 -1.07
C TYR P 426 -56.89 21.60 -2.19
N PRO P 427 -55.80 21.12 -2.80
CA PRO P 427 -55.89 20.26 -4.00
C PRO P 427 -56.35 18.82 -3.76
N ASP P 428 -56.60 18.40 -2.52
CA ASP P 428 -57.26 17.12 -2.24
C ASP P 428 -58.76 17.14 -2.58
N ILE P 429 -59.39 18.33 -2.56
CA ILE P 429 -60.79 18.62 -2.92
C ILE P 429 -61.83 17.76 -2.17
N ASP P 430 -62.04 16.50 -2.55
CA ASP P 430 -63.15 15.65 -2.11
C ASP P 430 -63.16 15.38 -0.60
N GLU P 431 -61.99 15.39 0.04
CA GLU P 431 -61.79 15.06 1.47
C GLU P 431 -61.55 16.29 2.39
N LYS P 432 -61.72 17.51 1.87
CA LYS P 432 -61.65 18.74 2.68
C LYS P 432 -62.75 18.72 3.74
N ASN P 433 -62.36 18.83 5.00
CA ASN P 433 -63.28 18.83 6.16
C ASN P 433 -64.00 20.17 6.36
N HIS P 434 -63.58 21.23 5.65
CA HIS P 434 -64.01 22.62 5.86
C HIS P 434 -64.37 23.30 4.52
N VAL P 435 -65.00 24.47 4.59
CA VAL P 435 -65.35 25.33 3.46
C VAL P 435 -64.99 26.79 3.77
N VAL P 436 -64.55 27.53 2.75
CA VAL P 436 -64.30 28.96 2.82
C VAL P 436 -65.58 29.74 3.12
N VAL P 437 -65.47 30.74 3.98
CA VAL P 437 -66.55 31.68 4.30
C VAL P 437 -65.96 33.06 4.66
N PHE P 438 -65.58 33.85 3.65
CA PHE P 438 -64.91 35.14 3.84
C PHE P 438 -65.83 36.30 4.31
N MET P 439 -67.15 36.20 4.09
CA MET P 439 -68.12 37.28 4.31
C MET P 439 -67.68 38.65 3.76
N MET P 440 -62.68 37.62 6.12
CA MET P 440 -62.68 37.00 7.43
C MET P 440 -63.93 37.39 8.25
N ARG P 441 -64.56 36.42 8.93
CA ARG P 441 -65.62 36.69 9.91
C ARG P 441 -64.97 37.22 11.18
N LEU P 442 -65.40 38.38 11.66
CA LEU P 442 -64.80 39.13 12.77
C LEU P 442 -65.84 39.70 13.72
N GLY P 443 -65.39 40.13 14.90
CA GLY P 443 -66.19 40.92 15.85
C GLY P 443 -67.30 40.15 16.55
N LEU P 444 -68.05 40.85 17.39
CA LEU P 444 -69.12 40.29 18.19
C LEU P 444 -70.29 39.90 17.29
N ARG P 445 -70.53 38.60 17.17
CA ARG P 445 -71.71 38.04 16.50
C ARG P 445 -72.48 37.13 17.47
N PRO P 446 -73.82 36.99 17.35
CA PRO P 446 -74.58 36.08 18.19
C PRO P 446 -74.28 34.60 17.90
N THR P 447 -74.69 33.71 18.77
CA THR P 447 -74.82 32.26 18.52
C THR P 447 -75.99 31.70 19.31
N PHE P 448 -76.78 30.84 18.69
CA PHE P 448 -78.08 30.37 19.19
C PHE P 448 -78.02 28.87 19.45
N PHE P 449 -78.46 28.42 20.62
CA PHE P 449 -78.48 27.00 20.94
C PHE P 449 -79.54 26.26 20.09
N GLN P 450 -79.24 25.04 19.67
CA GLN P 450 -80.22 24.20 18.95
C GLN P 450 -81.30 23.72 19.94
N ASN P 451 -82.57 23.92 19.63
CA ASN P 451 -83.64 24.00 20.66
C ASN P 451 -83.94 22.72 21.47
N GLU P 452 -83.41 21.56 21.06
CA GLU P 452 -83.58 20.25 21.72
C GLU P 452 -82.48 19.92 22.74
N THR P 453 -81.34 20.61 22.72
CA THR P 453 -80.10 20.16 23.39
C THR P 453 -80.06 20.46 24.90
N GLU P 454 -81.12 20.12 25.63
CA GLU P 454 -81.29 20.34 27.07
C GLU P 454 -80.28 19.55 27.92
N TRP P 455 -79.71 18.48 27.38
CA TRP P 455 -78.70 17.65 28.01
C TRP P 455 -77.33 18.32 28.15
N SER P 456 -77.03 19.32 27.33
CA SER P 456 -75.70 19.90 27.12
C SER P 456 -75.07 20.44 28.40
N GLN P 457 -73.81 20.10 28.65
CA GLN P 457 -73.04 20.66 29.75
C GLN P 457 -72.75 22.16 29.50
N ILE P 458 -72.37 22.52 28.27
CA ILE P 458 -72.01 23.92 27.98
C ILE P 458 -73.22 24.85 28.04
N LYS P 459 -74.37 24.50 27.46
CA LYS P 459 -75.54 25.39 27.53
C LYS P 459 -76.15 25.48 28.94
N LYS P 460 -75.80 24.56 29.85
CA LYS P 460 -76.08 24.70 31.27
C LYS P 460 -75.20 25.79 31.89
N LEU P 461 -73.89 25.83 31.61
CA LEU P 461 -72.99 26.88 32.13
C LEU P 461 -73.42 28.30 31.72
N TYR P 462 -73.94 28.48 30.50
CA TYR P 462 -74.55 29.73 30.05
C TYR P 462 -75.90 30.08 30.72
N GLY P 463 -76.32 29.37 31.75
CA GLY P 463 -77.48 29.73 32.58
C GLY P 463 -78.84 29.47 31.94
N ASP P 464 -78.91 28.57 30.96
CA ASP P 464 -80.11 28.30 30.15
C ASP P 464 -80.62 29.51 29.32
N VAL P 465 -79.79 30.53 29.12
CA VAL P 465 -80.10 31.66 28.23
C VAL P 465 -80.20 31.18 26.77
N SER P 466 -81.10 31.77 25.98
CA SER P 466 -81.41 31.36 24.61
C SER P 466 -80.28 31.57 23.59
N GLU P 467 -79.42 32.55 23.80
CA GLU P 467 -78.30 32.87 22.91
C GLU P 467 -77.13 33.51 23.66
N VAL P 468 -75.97 33.51 23.01
CA VAL P 468 -74.70 34.07 23.51
C VAL P 468 -74.12 35.04 22.48
N HIS P 469 -73.20 35.92 22.84
CA HIS P 469 -72.53 36.81 21.89
C HIS P 469 -71.01 36.75 22.07
N GLU P 470 -70.26 36.58 20.99
CA GLU P 470 -68.83 36.17 21.05
C GLU P 470 -67.96 36.74 19.91
N ARG P 471 -66.66 36.82 20.12
CA ARG P 471 -65.70 37.29 19.10
C ARG P 471 -65.22 36.17 18.17
N HIS P 472 -65.00 36.47 16.89
CA HIS P 472 -64.59 35.52 15.86
C HIS P 472 -63.35 36.02 15.10
N ARG P 473 -62.59 35.14 14.44
CA ARG P 473 -61.44 35.49 13.58
C ARG P 473 -61.17 34.47 12.45
N HIS P 474 -62.20 33.83 11.90
CA HIS P 474 -62.06 32.63 11.05
C HIS P 474 -62.41 32.87 9.57
N ARG P 475 -61.64 32.24 8.66
CA ARG P 475 -61.92 32.17 7.20
C ARG P 475 -62.48 30.82 6.74
N TYR P 476 -62.44 29.79 7.59
CA TYR P 476 -62.95 28.46 7.33
C TYR P 476 -64.05 28.06 8.33
N GLU P 477 -65.01 27.26 7.90
CA GLU P 477 -65.99 26.61 8.76
C GLU P 477 -66.14 25.13 8.35
N ILE P 478 -66.66 24.28 9.24
CA ILE P 478 -66.88 22.86 8.92
C ILE P 478 -67.90 22.74 7.78
N ASN P 479 -67.63 21.88 6.79
CA ASN P 479 -68.44 21.78 5.57
C ASN P 479 -69.87 21.33 5.91
N PRO P 480 -70.93 22.15 5.68
CA PRO P 480 -72.30 21.84 6.09
C PRO P 480 -72.81 20.50 5.56
N LYS P 481 -72.31 20.06 4.39
CA LYS P 481 -72.62 18.77 3.78
C LYS P 481 -72.39 17.59 4.73
N MET P 482 -71.34 17.66 5.56
CA MET P 482 -70.97 16.60 6.48
C MET P 482 -71.71 16.66 7.84
N VAL P 483 -72.28 17.80 8.21
CA VAL P 483 -72.72 18.04 9.59
C VAL P 483 -73.82 17.09 10.05
N ASP P 484 -74.71 16.64 9.17
CA ASP P 484 -75.70 15.62 9.53
C ASP P 484 -75.04 14.31 9.97
N GLU P 485 -73.96 13.91 9.30
CA GLU P 485 -73.22 12.68 9.61
C GLU P 485 -72.57 12.77 10.98
N LEU P 486 -71.97 13.91 11.30
CA LEU P 486 -71.38 14.21 12.60
C LEU P 486 -72.44 14.30 13.70
N GLU P 487 -73.57 14.97 13.47
CA GLU P 487 -74.68 15.03 14.42
C GLU P 487 -75.26 13.63 14.70
N ASN P 488 -75.46 12.81 13.67
CA ASN P 488 -75.98 11.45 13.79
C ASN P 488 -75.00 10.50 14.52
N ASN P 489 -73.70 10.69 14.37
CA ASN P 489 -72.68 9.93 15.08
C ASN P 489 -72.39 10.44 16.51
N GLY P 490 -72.88 11.61 16.89
CA GLY P 490 -72.87 12.10 18.28
C GLY P 490 -72.02 13.34 18.54
N LEU P 491 -71.31 13.86 17.55
CA LEU P 491 -70.59 15.13 17.62
C LEU P 491 -71.58 16.29 17.44
N ILE P 492 -72.52 16.44 18.36
CA ILE P 492 -73.69 17.30 18.19
C ILE P 492 -73.29 18.78 18.20
N PHE P 493 -73.59 19.52 17.13
CA PHE P 493 -73.34 20.96 17.04
C PHE P 493 -74.37 21.76 17.83
N VAL P 494 -74.19 21.85 19.15
CA VAL P 494 -75.16 22.45 20.09
C VAL P 494 -75.41 23.95 19.90
N GLY P 495 -74.62 24.66 19.10
CA GLY P 495 -74.84 26.05 18.77
C GLY P 495 -74.49 26.40 17.33
N LYS P 496 -75.33 27.20 16.69
CA LYS P 496 -75.14 27.68 15.32
C LYS P 496 -75.49 29.17 15.23
N ASP P 497 -75.20 29.76 14.10
CA ASP P 497 -75.45 31.17 13.83
C ASP P 497 -76.93 31.47 13.56
N ASP P 498 -77.21 32.74 13.27
CA ASP P 498 -78.53 33.23 12.86
C ASP P 498 -79.16 32.44 11.71
N THR P 499 -78.38 32.09 10.66
CA THR P 499 -78.88 31.34 9.49
C THR P 499 -79.06 29.84 9.77
N GLY P 500 -78.34 29.29 10.75
CA GLY P 500 -78.26 27.84 10.99
C GLY P 500 -77.32 27.10 10.04
N LYS P 501 -76.62 27.80 9.16
CA LYS P 501 -75.66 27.22 8.22
C LYS P 501 -74.25 27.03 8.83
N ARG P 502 -73.89 27.82 9.85
CA ARG P 502 -72.52 27.93 10.38
C ARG P 502 -72.33 27.17 11.70
N CYS P 503 -71.26 26.41 11.80
CA CYS P 503 -70.88 25.59 12.96
C CYS P 503 -70.20 26.42 14.07
N GLU P 504 -70.91 26.86 15.10
CA GLU P 504 -70.36 27.77 16.11
C GLU P 504 -69.89 27.08 17.39
N ILE P 505 -70.56 26.00 17.83
CA ILE P 505 -70.18 25.18 19.00
C ILE P 505 -70.37 23.71 18.67
N LEU P 506 -69.52 22.81 19.17
CA LEU P 506 -69.87 21.38 19.27
C LEU P 506 -69.71 20.86 20.68
N GLU P 507 -70.52 19.87 21.05
CA GLU P 507 -70.34 19.04 22.23
C GLU P 507 -70.50 17.59 21.82
N LEU P 508 -69.56 16.72 22.21
CA LEU P 508 -69.68 15.29 21.99
C LEU P 508 -70.65 14.70 23.02
N LYS P 509 -71.76 14.14 22.56
CA LYS P 509 -72.81 13.51 23.38
C LYS P 509 -72.22 12.42 24.27
N ASN P 510 -72.56 12.41 25.56
CA ASN P 510 -72.14 11.43 26.56
C ASN P 510 -70.61 11.29 26.69
N HIS P 511 -69.94 12.43 26.91
CA HIS P 511 -68.55 12.55 27.39
C HIS P 511 -68.52 13.55 28.56
N PRO P 512 -67.69 13.38 29.61
CA PRO P 512 -67.72 14.26 30.77
C PRO P 512 -67.56 15.76 30.51
N TYR P 513 -66.73 16.15 29.54
CA TYR P 513 -66.60 17.52 29.04
C TYR P 513 -65.75 17.55 27.77
N TYR P 514 -66.36 17.54 26.60
CA TYR P 514 -65.63 17.65 25.34
C TYR P 514 -66.35 18.65 24.46
N ILE P 515 -65.86 19.87 24.51
CA ILE P 515 -66.44 21.04 23.87
C ILE P 515 -65.47 21.55 22.82
N ALA P 516 -65.98 22.12 21.75
CA ALA P 516 -65.20 23.09 21.03
C ALA P 516 -66.07 24.28 20.61
N THR P 517 -65.45 25.42 20.37
CA THR P 517 -66.06 26.67 19.90
C THR P 517 -65.34 27.17 18.67
N GLN P 518 -66.06 27.61 17.65
CA GLN P 518 -65.43 28.24 16.50
C GLN P 518 -64.93 29.66 16.84
N TYR P 519 -65.67 30.36 17.71
CA TYR P 519 -65.24 31.61 18.30
C TYR P 519 -64.09 31.44 19.27
N HIS P 520 -63.48 32.57 19.64
CA HIS P 520 -62.45 32.71 20.66
C HIS P 520 -63.04 33.26 21.97
N PRO P 521 -63.48 32.41 22.93
CA PRO P 521 -64.12 32.85 24.17
C PRO P 521 -63.21 33.59 25.14
N GLU P 522 -61.90 33.41 25.04
CA GLU P 522 -60.90 34.12 25.83
C GLU P 522 -60.87 35.63 25.57
N TYR P 523 -61.46 36.11 24.48
CA TYR P 523 -61.62 37.55 24.24
C TYR P 523 -62.85 38.13 24.93
N THR P 524 -63.58 37.39 25.75
CA THR P 524 -64.60 37.98 26.65
C THR P 524 -64.55 37.46 28.08
N SER P 525 -63.52 36.71 28.46
CA SER P 525 -63.29 36.36 29.87
C SER P 525 -62.98 37.59 30.71
N LYS P 526 -63.64 37.76 31.86
CA LYS P 526 -63.42 38.83 32.83
C LYS P 526 -63.15 38.25 34.22
N VAL P 527 -62.43 38.97 35.09
CA VAL P 527 -61.96 38.42 36.36
C VAL P 527 -63.12 38.07 37.31
N LEU P 528 -64.23 38.80 37.29
CA LEU P 528 -65.42 38.46 38.09
C LEU P 528 -66.47 37.62 37.35
N ASP P 529 -66.40 37.54 36.02
CA ASP P 529 -67.28 36.77 35.15
C ASP P 529 -66.46 35.95 34.15
N PRO P 530 -66.00 34.74 34.50
CA PRO P 530 -65.11 33.97 33.65
C PRO P 530 -65.81 33.44 32.40
N SER P 531 -65.13 33.32 31.26
CA SER P 531 -65.78 32.88 30.03
C SER P 531 -66.18 31.43 30.14
N LYS P 532 -67.46 31.12 29.92
CA LYS P 532 -68.08 29.83 30.24
C LYS P 532 -67.40 28.59 29.64
N PRO P 533 -66.94 28.56 28.38
CA PRO P 533 -66.24 27.38 27.84
C PRO P 533 -64.95 27.05 28.57
N PHE P 534 -64.23 28.07 29.07
CA PHE P 534 -63.04 27.88 29.90
C PHE P 534 -63.37 27.54 31.34
N LEU P 535 -64.46 28.06 31.90
CA LEU P 535 -64.89 27.64 33.24
C LEU P 535 -65.23 26.15 33.27
N GLY P 536 -65.95 25.65 32.27
CA GLY P 536 -66.24 24.23 32.15
C GLY P 536 -64.99 23.36 32.03
N LEU P 537 -63.98 23.77 31.24
CA LEU P 537 -62.72 23.03 31.13
C LEU P 537 -62.01 22.91 32.48
N VAL P 538 -61.89 24.00 33.24
CA VAL P 538 -61.24 23.91 34.55
C VAL P 538 -62.10 23.10 35.50
N ALA P 539 -63.39 23.39 35.59
CA ALA P 539 -64.27 22.70 36.55
C ALA P 539 -64.34 21.19 36.29
N ALA P 540 -64.38 20.73 35.04
CA ALA P 540 -64.33 19.32 34.74
C ALA P 540 -62.94 18.72 34.98
N SER P 541 -61.87 19.45 34.75
CA SER P 541 -60.50 19.02 35.12
C SER P 541 -60.37 18.82 36.62
N ALA P 542 -61.02 19.67 37.42
CA ALA P 542 -61.18 19.55 38.87
C ALA P 542 -62.19 18.48 39.31
N GLY P 543 -62.96 17.91 38.37
CA GLY P 543 -63.98 16.91 38.66
C GLY P 543 -65.18 17.46 39.43
N ILE P 544 -65.44 18.77 39.33
CA ILE P 544 -66.44 19.52 40.11
C ILE P 544 -67.51 20.20 39.24
N LEU P 545 -67.54 19.92 37.94
CA LEU P 545 -68.36 20.60 36.93
C LEU P 545 -69.83 20.70 37.33
N GLN P 546 -70.41 19.60 37.83
CA GLN P 546 -71.81 19.59 38.27
C GLN P 546 -72.10 20.69 39.29
N ASP P 547 -71.22 20.85 40.28
CA ASP P 547 -71.44 21.71 41.43
C ASP P 547 -71.21 23.18 41.10
N VAL P 548 -70.33 23.46 40.13
CA VAL P 548 -70.16 24.79 39.52
C VAL P 548 -71.42 25.20 38.76
N ILE P 549 -72.04 24.28 38.01
CA ILE P 549 -73.30 24.55 37.31
C ILE P 549 -74.44 24.75 38.31
N GLU P 550 -74.50 23.93 39.35
CA GLU P 550 -75.49 24.04 40.43
C GLU P 550 -75.32 25.27 41.33
N GLY P 551 -74.14 25.91 41.32
CA GLY P 551 -73.91 27.22 41.94
C GLY P 551 -73.11 27.23 43.25
N LYS P 552 -72.36 26.16 43.56
CA LYS P 552 -71.51 26.04 44.78
C LYS P 552 -70.28 26.96 44.81
N TYR P 553 -70.10 27.84 43.82
CA TYR P 553 -68.88 28.64 43.63
C TYR P 553 -69.14 30.07 43.12
N ASP P 554 -70.37 30.57 43.08
CA ASP P 554 -70.63 31.99 42.89
C ASP P 554 -70.09 32.85 44.07
N LEU P 555 -69.69 34.09 43.78
CA LEU P 555 -68.88 34.92 44.70
C LEU P 555 -69.66 35.48 45.91
N GLU P 556 -70.93 35.81 45.73
CA GLU P 556 -71.83 36.31 46.80
C GLU P 556 -73.12 35.49 46.81
N ALA P 557 -73.67 35.19 47.99
CA ALA P 557 -74.87 34.35 48.13
C ALA P 557 -76.10 34.94 47.42
N MET Q 1 46.58 -28.44 38.90
CA MET Q 1 47.26 -27.61 37.90
C MET Q 1 47.05 -28.15 36.49
N LYS Q 2 47.17 -27.31 35.46
CA LYS Q 2 47.17 -27.69 34.04
C LYS Q 2 48.53 -27.38 33.39
N TYR Q 3 48.89 -28.03 32.30
CA TYR Q 3 50.17 -27.85 31.60
C TYR Q 3 50.01 -27.96 30.07
N VAL Q 4 50.82 -27.23 29.30
CA VAL Q 4 50.81 -27.29 27.83
C VAL Q 4 52.24 -27.44 27.33
N VAL Q 5 52.61 -28.55 26.75
CA VAL Q 5 53.90 -28.67 26.05
C VAL Q 5 53.81 -28.00 24.69
N VAL Q 6 54.86 -27.29 24.29
CA VAL Q 6 55.14 -26.91 22.91
C VAL Q 6 56.46 -27.54 22.52
N SER Q 7 56.51 -28.27 21.43
CA SER Q 7 57.69 -29.07 21.03
C SER Q 7 57.79 -29.24 19.53
N GLY Q 8 58.83 -29.90 19.02
CA GLY Q 8 58.71 -30.63 17.74
C GLY Q 8 59.51 -30.17 16.52
N GLY Q 9 59.15 -30.78 15.39
CA GLY Q 9 59.59 -30.43 14.04
C GLY Q 9 60.70 -31.32 13.46
N VAL Q 10 60.95 -31.23 12.15
CA VAL Q 10 62.16 -31.77 11.49
C VAL Q 10 63.36 -30.81 11.47
N ILE Q 11 63.22 -29.58 11.97
CA ILE Q 11 64.26 -28.55 11.97
C ILE Q 11 64.19 -27.74 13.27
N SER Q 12 65.33 -27.32 13.78
CA SER Q 12 65.40 -26.24 14.76
C SER Q 12 65.14 -24.90 14.08
N GLY Q 13 64.51 -23.93 14.74
CA GLY Q 13 64.18 -22.62 14.15
C GLY Q 13 62.81 -22.52 13.49
N ILE Q 14 61.94 -23.52 13.69
CA ILE Q 14 60.62 -23.65 13.08
C ILE Q 14 59.57 -22.63 13.54
N GLY Q 15 59.67 -22.08 14.75
CA GLY Q 15 58.70 -21.10 15.27
C GLY Q 15 58.17 -21.30 16.70
N LYS Q 16 58.75 -22.17 17.51
CA LYS Q 16 58.18 -22.58 18.83
C LYS Q 16 57.80 -21.39 19.73
N GLY Q 17 58.76 -20.58 20.19
CA GLY Q 17 58.53 -19.47 21.16
C GLY Q 17 57.30 -18.61 20.86
N VAL Q 18 57.03 -18.22 19.61
CA VAL Q 18 55.87 -17.37 19.22
C VAL Q 18 54.61 -18.21 19.36
N LEU Q 19 54.67 -19.54 19.15
CA LEU Q 19 53.51 -20.46 19.35
C LEU Q 19 53.40 -20.74 20.85
N ALA Q 20 54.46 -20.54 21.62
CA ALA Q 20 54.50 -20.85 23.07
C ALA Q 20 53.95 -19.67 23.86
N SER Q 21 54.69 -18.58 24.00
CA SER Q 21 54.24 -17.44 24.83
C SER Q 21 52.95 -16.94 24.20
N SER Q 22 52.88 -16.83 22.88
CA SER Q 22 51.56 -16.52 22.26
C SER Q 22 50.38 -17.38 22.72
N THR Q 23 50.56 -18.69 22.94
CA THR Q 23 49.51 -19.58 23.48
C THR Q 23 49.30 -19.17 24.93
N GLY Q 24 50.37 -18.81 25.65
CA GLY Q 24 50.31 -18.40 27.07
C GLY Q 24 49.68 -17.04 27.25
N MET Q 25 49.76 -16.15 26.26
CA MET Q 25 49.14 -14.79 26.30
C MET Q 25 47.63 -15.01 26.23
N LEU Q 26 47.19 -16.03 25.51
CA LEU Q 26 45.74 -16.32 25.34
C LEU Q 26 45.24 -17.07 26.57
N MET Q 27 46.10 -17.84 27.26
CA MET Q 27 45.61 -18.40 28.52
C MET Q 27 45.23 -17.27 29.49
N LYS Q 28 46.00 -16.20 29.53
CA LYS Q 28 45.68 -14.99 30.29
C LYS Q 28 44.42 -14.26 29.83
N THR Q 29 44.03 -14.36 28.57
CA THR Q 29 42.73 -13.82 28.10
C THR Q 29 41.56 -14.48 28.84
N LEU Q 30 41.69 -15.74 29.23
CA LEU Q 30 40.69 -16.47 30.01
C LEU Q 30 40.68 -16.06 31.50
N GLY Q 31 41.57 -15.14 31.92
CA GLY Q 31 41.76 -14.70 33.30
C GLY Q 31 42.78 -15.52 34.10
N LEU Q 32 43.32 -16.60 33.53
CA LEU Q 32 44.17 -17.55 34.23
C LEU Q 32 45.46 -16.93 34.76
N LYS Q 33 45.95 -17.42 35.89
CA LYS Q 33 47.32 -17.18 36.33
C LYS Q 33 48.24 -18.04 35.45
N VAL Q 34 49.31 -17.51 34.86
CA VAL Q 34 50.09 -18.26 33.85
C VAL Q 34 51.58 -18.16 34.10
N THR Q 35 52.31 -19.21 33.74
CA THR Q 35 53.76 -19.32 33.88
C THR Q 35 54.34 -20.04 32.68
N SER Q 36 55.65 -20.05 32.55
CA SER Q 36 56.33 -20.67 31.42
C SER Q 36 57.67 -21.24 31.81
N ILE Q 37 58.07 -22.38 31.27
CA ILE Q 37 59.37 -22.99 31.48
C ILE Q 37 59.99 -23.26 30.12
N LYS Q 38 61.24 -22.86 29.87
CA LYS Q 38 61.94 -23.26 28.63
C LYS Q 38 62.98 -24.30 28.96
N ILE Q 39 62.81 -25.47 28.36
CA ILE Q 39 63.72 -26.59 28.47
C ILE Q 39 64.71 -26.48 27.32
N ASP Q 40 65.96 -26.25 27.63
CA ASP Q 40 67.02 -26.13 26.64
C ASP Q 40 67.89 -27.38 26.56
N PRO Q 41 68.09 -27.98 25.38
CA PRO Q 41 68.93 -29.14 25.27
C PRO Q 41 70.43 -28.87 25.37
N TYR Q 42 70.90 -27.61 25.33
CA TYR Q 42 72.33 -27.28 25.42
C TYR Q 42 72.91 -27.51 26.82
N MET Q 43 74.22 -27.71 26.91
CA MET Q 43 74.92 -28.08 28.14
C MET Q 43 75.46 -26.91 28.97
N ASN Q 44 75.34 -25.64 28.58
CA ASN Q 44 75.64 -24.54 29.49
C ASN Q 44 74.65 -24.49 30.67
N ILE Q 45 75.12 -24.31 31.89
CA ILE Q 45 74.22 -24.11 33.05
C ILE Q 45 73.50 -22.76 33.01
N ASP Q 46 74.15 -21.73 32.49
CA ASP Q 46 73.60 -20.37 32.35
C ASP Q 46 74.30 -19.61 31.22
N ALA Q 47 73.73 -18.49 30.78
CA ALA Q 47 74.32 -17.65 29.76
C ALA Q 47 75.50 -16.79 30.27
N GLY Q 48 75.87 -16.88 31.54
CA GLY Q 48 76.95 -16.09 32.13
C GLY Q 48 78.32 -16.37 31.51
N THR Q 49 78.54 -17.59 31.01
CA THR Q 49 79.76 -17.93 30.24
C THR Q 49 79.62 -17.63 28.74
N MET Q 50 78.40 -17.51 28.21
CA MET Q 50 78.12 -17.44 26.78
C MET Q 50 78.34 -16.03 26.22
N SER Q 51 79.36 -15.81 25.39
CA SER Q 51 79.64 -14.50 24.82
C SER Q 51 78.50 -14.05 23.91
N PRO Q 52 78.08 -12.77 23.89
CA PRO Q 52 76.96 -12.29 23.09
C PRO Q 52 77.04 -12.47 21.57
N LEU Q 53 78.14 -12.99 21.04
CA LEU Q 53 78.35 -13.27 19.62
C LEU Q 53 77.57 -14.52 19.12
N GLU Q 54 77.42 -15.55 19.95
CA GLU Q 54 76.64 -16.75 19.63
C GLU Q 54 75.71 -17.12 20.78
N HIS Q 55 74.51 -17.58 20.44
CA HIS Q 55 73.32 -17.62 21.31
C HIS Q 55 72.80 -16.24 21.76
N GLY Q 56 73.44 -15.15 21.37
CA GLY Q 56 72.92 -13.80 21.53
C GLY Q 56 72.88 -13.27 22.96
N GLU Q 57 71.99 -12.31 23.20
CA GLU Q 57 71.99 -11.47 24.40
C GLU Q 57 71.73 -12.24 25.70
N CYS Q 58 72.57 -12.03 26.71
CA CYS Q 58 72.36 -12.57 28.05
C CYS Q 58 71.19 -11.86 28.75
N PHE Q 59 69.96 -12.29 28.50
CA PHE Q 59 68.79 -11.69 29.12
C PHE Q 59 68.89 -11.69 30.65
N VAL Q 60 68.51 -10.61 31.31
CA VAL Q 60 68.59 -10.55 32.77
C VAL Q 60 67.33 -10.41 33.63
N LEU Q 61 67.27 -11.34 34.57
CA LEU Q 61 66.11 -11.51 35.43
C LEU Q 61 65.98 -10.42 36.50
N ASP Q 62 64.79 -10.37 37.10
CA ASP Q 62 64.57 -9.76 38.41
C ASP Q 62 65.59 -10.31 39.44
N ASP Q 63 65.76 -11.63 39.48
CA ASP Q 63 66.76 -12.32 40.31
C ASP Q 63 68.22 -12.23 39.79
N GLY Q 64 68.47 -11.51 38.70
CA GLY Q 64 69.84 -11.19 38.25
C GLY Q 64 70.66 -12.32 37.64
N GLY Q 65 70.07 -13.49 37.45
CA GLY Q 65 70.72 -14.56 36.69
C GLY Q 65 70.81 -14.23 35.20
N GLU Q 66 71.92 -14.57 34.56
CA GLU Q 66 72.07 -14.44 33.11
C GLU Q 66 71.46 -15.67 32.41
N THR Q 67 70.18 -15.59 32.05
CA THR Q 67 69.38 -16.71 31.47
C THR Q 67 69.55 -16.91 29.98
N ASP Q 68 68.92 -17.98 29.48
CA ASP Q 68 68.57 -18.10 28.07
C ASP Q 68 67.86 -16.83 27.55
N LEU Q 69 68.25 -16.34 26.37
CA LEU Q 69 67.66 -15.10 25.75
C LEU Q 69 66.15 -15.27 25.56
N ASP Q 70 65.71 -16.46 25.15
CA ASP Q 70 64.27 -16.68 24.81
C ASP Q 70 63.37 -16.41 26.02
N LEU Q 71 63.84 -16.53 27.26
CA LEU Q 71 62.92 -16.37 28.43
C LEU Q 71 62.26 -15.00 28.29
N GLY Q 72 62.99 -14.02 27.77
CA GLY Q 72 62.46 -12.65 27.64
C GLY Q 72 61.15 -12.66 26.88
N ASN Q 73 61.04 -13.47 25.82
CA ASN Q 73 59.84 -13.49 24.94
C ASN Q 73 58.62 -13.84 25.81
N TYR Q 74 58.78 -14.49 26.97
CA TYR Q 74 57.67 -14.91 27.86
C TYR Q 74 57.37 -13.83 28.90
N GLU Q 75 58.30 -12.93 29.18
CA GLU Q 75 58.11 -11.89 30.21
C GLU Q 75 57.42 -10.72 29.51
N ARG Q 76 57.47 -10.67 28.17
CA ARG Q 76 56.77 -9.61 27.37
C ARG Q 76 55.36 -10.14 27.08
N TYR Q 77 55.24 -11.26 26.36
CA TYR Q 77 53.91 -11.90 26.07
C TYR Q 77 52.96 -12.09 27.27
N LEU Q 78 53.41 -12.52 28.46
CA LEU Q 78 52.55 -12.89 29.62
C LEU Q 78 52.50 -11.76 30.65
N GLY Q 79 53.56 -11.00 30.82
CA GLY Q 79 53.63 -10.01 31.89
C GLY Q 79 53.89 -10.69 33.23
N VAL Q 80 55.00 -11.43 33.32
CA VAL Q 80 55.43 -12.22 34.48
C VAL Q 80 56.90 -11.99 34.78
N THR Q 81 57.28 -12.07 36.05
CA THR Q 81 58.68 -12.13 36.50
C THR Q 81 59.06 -13.59 36.72
N LEU Q 82 59.87 -14.15 35.82
CA LEU Q 82 60.40 -15.51 35.94
C LEU Q 82 61.62 -15.53 36.88
N THR Q 83 62.24 -16.69 37.06
CA THR Q 83 63.40 -16.91 37.95
C THR Q 83 64.48 -17.75 37.25
N LYS Q 84 65.66 -17.86 37.83
CA LYS Q 84 66.77 -18.65 37.26
C LYS Q 84 66.40 -20.13 37.06
N ASP Q 85 65.43 -20.63 37.82
CA ASP Q 85 64.94 -22.02 37.73
C ASP Q 85 64.00 -22.26 36.54
N HIS Q 86 63.35 -21.25 35.96
CA HIS Q 86 62.46 -21.43 34.80
C HIS Q 86 63.18 -21.75 33.50
N ASN Q 87 64.50 -21.68 33.48
CA ASN Q 87 65.29 -22.13 32.35
C ASN Q 87 65.99 -23.44 32.70
N ILE Q 88 65.31 -24.55 32.49
CA ILE Q 88 65.88 -25.89 32.59
C ILE Q 88 66.91 -26.04 31.47
N THR Q 89 68.09 -26.57 31.72
CA THR Q 89 69.06 -26.90 30.67
C THR Q 89 69.69 -28.25 30.92
N THR Q 90 70.20 -28.89 29.89
CA THR Q 90 70.85 -30.20 30.03
C THR Q 90 72.03 -30.14 30.98
N GLY Q 91 72.82 -29.08 30.95
CA GLY Q 91 73.91 -28.90 31.91
C GLY Q 91 73.44 -28.65 33.33
N LYS Q 92 72.30 -28.00 33.50
CA LYS Q 92 71.73 -27.69 34.81
C LYS Q 92 71.21 -28.94 35.49
N ILE Q 93 70.50 -29.82 34.76
CA ILE Q 93 69.91 -31.02 35.34
C ILE Q 93 70.92 -32.14 35.52
N TYR Q 94 71.88 -32.37 34.62
CA TYR Q 94 72.97 -33.29 34.96
C TYR Q 94 73.75 -32.85 36.19
N SER Q 95 74.01 -31.56 36.38
CA SER Q 95 74.68 -31.04 37.58
C SER Q 95 73.89 -31.30 38.85
N HIS Q 96 72.58 -31.11 38.83
CA HIS Q 96 71.72 -31.30 40.00
C HIS Q 96 71.63 -32.75 40.44
N VAL Q 97 71.44 -33.68 39.50
CA VAL Q 97 71.49 -35.12 39.82
C VAL Q 97 72.88 -35.59 40.23
N ILE Q 98 73.95 -35.13 39.58
CA ILE Q 98 75.32 -35.46 39.99
C ILE Q 98 75.64 -34.88 41.37
N ALA Q 99 75.09 -33.74 41.78
CA ALA Q 99 75.29 -33.25 43.15
C ALA Q 99 74.66 -34.20 44.16
N LYS Q 100 73.41 -34.60 43.94
CA LYS Q 100 72.72 -35.58 44.78
C LYS Q 100 73.43 -36.95 44.80
N GLU Q 101 74.10 -37.35 43.73
CA GLU Q 101 74.91 -38.57 43.68
C GLU Q 101 76.10 -38.55 44.64
N ARG Q 102 76.83 -37.43 44.75
CA ARG Q 102 77.98 -37.31 45.66
C ARG Q 102 77.60 -36.96 47.09
N LYS Q 103 76.48 -36.26 47.30
CA LYS Q 103 75.87 -36.11 48.62
C LYS Q 103 75.30 -37.44 49.13
N GLY Q 104 74.97 -38.36 48.22
CA GLY Q 104 74.49 -39.70 48.54
C GLY Q 104 72.98 -39.77 48.75
N ASP Q 105 72.19 -38.84 48.19
CA ASP Q 105 70.74 -38.78 48.37
C ASP Q 105 70.00 -39.96 47.73
N TYR Q 106 70.66 -40.73 46.87
CA TYR Q 106 70.16 -41.97 46.29
C TYR Q 106 70.40 -43.21 47.18
N LEU Q 107 70.79 -43.06 48.44
CA LEU Q 107 70.90 -44.16 49.42
C LEU Q 107 71.74 -45.33 48.88
N GLY Q 108 72.82 -45.01 48.18
CA GLY Q 108 73.75 -45.97 47.63
C GLY Q 108 73.23 -46.84 46.48
N LYS Q 109 72.02 -46.62 45.96
CA LYS Q 109 71.59 -47.22 44.69
C LYS Q 109 72.51 -46.75 43.57
N THR Q 110 72.61 -47.48 42.46
CA THR Q 110 73.12 -46.86 41.22
C THR Q 110 72.07 -45.91 40.67
N VAL Q 111 72.51 -44.78 40.11
CA VAL Q 111 71.63 -43.72 39.60
C VAL Q 111 71.70 -43.72 38.09
N GLN Q 112 70.55 -43.68 37.45
CA GLN Q 112 70.37 -44.04 36.04
C GLN Q 112 69.67 -42.91 35.29
N ILE Q 113 69.81 -42.83 33.97
CA ILE Q 113 69.08 -41.80 33.23
C ILE Q 113 67.57 -42.08 33.32
N VAL Q 114 67.15 -43.34 33.29
CA VAL Q 114 65.79 -43.75 33.64
C VAL Q 114 65.86 -44.77 34.77
N PRO Q 115 65.13 -44.60 35.89
CA PRO Q 115 64.15 -43.57 36.18
C PRO Q 115 64.70 -42.34 36.89
N HIS Q 116 65.92 -42.32 37.44
CA HIS Q 116 66.31 -41.24 38.36
C HIS Q 116 66.39 -39.87 37.71
N LEU Q 117 67.08 -39.71 36.59
CA LEU Q 117 67.13 -38.40 35.94
C LEU Q 117 65.80 -38.00 35.32
N THR Q 118 65.01 -38.91 34.75
CA THR Q 118 63.68 -38.56 34.26
C THR Q 118 62.70 -38.23 35.36
N ASN Q 119 62.87 -38.75 36.57
CA ASN Q 119 62.18 -38.27 37.76
C ASN Q 119 62.65 -36.87 38.13
N ALA Q 120 63.95 -36.58 38.09
CA ALA Q 120 64.46 -35.25 38.42
C ALA Q 120 63.84 -34.16 37.53
N ILE Q 121 63.75 -34.40 36.22
CA ILE Q 121 63.12 -33.46 35.29
C ILE Q 121 61.64 -33.25 35.64
N GLN Q 122 60.86 -34.29 35.90
CA GLN Q 122 59.46 -34.13 36.31
C GLN Q 122 59.34 -33.39 37.65
N ASP Q 123 60.20 -33.72 38.60
CA ASP Q 123 60.21 -33.06 39.91
C ASP Q 123 60.62 -31.59 39.80
N TRP Q 124 61.45 -31.21 38.82
CA TRP Q 124 61.79 -29.82 38.51
C TRP Q 124 60.62 -29.08 37.87
N ILE Q 125 59.97 -29.63 36.85
CA ILE Q 125 58.83 -28.98 36.20
C ILE Q 125 57.71 -28.73 37.19
N GLU Q 126 57.30 -29.73 37.97
CA GLU Q 126 56.23 -29.51 38.96
C GLU Q 126 56.67 -28.66 40.14
N ARG Q 127 57.98 -28.59 40.46
CA ARG Q 127 58.49 -27.65 41.47
C ARG Q 127 58.31 -26.23 40.98
N VAL Q 128 58.85 -25.93 39.82
CA VAL Q 128 58.88 -24.56 39.27
C VAL Q 128 57.49 -24.07 38.92
N ALA Q 129 56.59 -24.93 38.47
CA ALA Q 129 55.21 -24.57 38.17
C ALA Q 129 54.38 -24.11 39.39
N LYS Q 130 54.85 -24.31 40.62
CA LYS Q 130 54.24 -23.74 41.83
C LYS Q 130 54.55 -22.25 42.04
N ILE Q 131 55.69 -21.77 41.55
CA ILE Q 131 56.21 -20.43 41.88
C ILE Q 131 55.24 -19.35 41.36
N PRO Q 132 54.84 -18.36 42.18
CA PRO Q 132 53.85 -17.34 41.81
C PRO Q 132 54.49 -16.20 41.01
N VAL Q 133 54.66 -16.38 39.71
CA VAL Q 133 55.33 -15.40 38.82
C VAL Q 133 54.45 -14.20 38.43
N ASP Q 134 53.18 -14.23 38.80
CA ASP Q 134 52.10 -13.38 38.29
C ASP Q 134 51.77 -12.19 39.21
N ASP Q 135 50.86 -11.32 38.79
CA ASP Q 135 50.50 -10.05 39.49
C ASP Q 135 49.79 -10.21 40.84
N THR Q 136 49.60 -11.43 41.34
CA THR Q 136 49.26 -11.72 42.73
C THR Q 136 49.88 -13.05 43.12
N GLY Q 137 50.18 -13.22 44.41
CA GLY Q 137 51.03 -14.30 44.93
C GLY Q 137 50.45 -15.73 44.87
N MET Q 138 49.33 -15.98 44.19
CA MET Q 138 48.79 -17.35 44.04
C MET Q 138 49.54 -18.13 42.98
N GLU Q 139 49.70 -19.44 43.19
CA GLU Q 139 50.36 -20.34 42.22
C GLU Q 139 49.66 -20.32 40.84
N PRO Q 140 50.40 -20.42 39.73
CA PRO Q 140 49.82 -20.44 38.39
C PRO Q 140 48.81 -21.56 38.15
N ASP Q 141 47.90 -21.34 37.20
CA ASP Q 141 46.85 -22.28 36.81
C ASP Q 141 47.20 -23.07 35.56
N VAL Q 142 47.99 -22.50 34.65
CA VAL Q 142 48.57 -23.19 33.50
C VAL Q 142 50.06 -22.91 33.43
N CYS Q 143 50.87 -23.90 33.08
CA CYS Q 143 52.29 -23.74 32.74
C CYS Q 143 52.53 -24.09 31.28
N ILE Q 144 53.14 -23.21 30.50
CA ILE Q 144 53.55 -23.48 29.12
C ILE Q 144 54.97 -24.02 29.16
N ILE Q 145 55.21 -25.26 28.73
CA ILE Q 145 56.54 -25.88 28.72
C ILE Q 145 57.05 -25.90 27.30
N GLU Q 146 58.09 -25.16 26.96
CA GLU Q 146 58.67 -25.24 25.62
C GLU Q 146 59.88 -26.13 25.63
N LEU Q 147 59.82 -27.21 24.87
CA LEU Q 147 60.91 -28.16 24.68
C LEU Q 147 61.76 -27.71 23.49
N GLY Q 148 62.95 -27.19 23.73
CA GLY Q 148 63.91 -26.85 22.69
C GLY Q 148 64.51 -28.05 21.96
N GLY Q 149 65.31 -27.77 20.95
CA GLY Q 149 65.84 -28.77 20.03
C GLY Q 149 64.75 -29.37 19.14
N THR Q 150 64.95 -30.58 18.64
CA THR Q 150 63.92 -31.35 17.93
C THR Q 150 63.76 -32.73 18.54
N VAL Q 151 62.53 -33.24 18.56
CA VAL Q 151 62.28 -34.62 19.01
C VAL Q 151 63.03 -35.59 18.08
N GLY Q 152 63.78 -36.52 18.65
CA GLY Q 152 64.69 -37.42 17.90
C GLY Q 152 66.15 -36.96 17.85
N ASP Q 153 66.45 -35.87 18.55
CA ASP Q 153 67.86 -35.43 18.74
C ASP Q 153 68.41 -36.33 19.86
N ILE Q 154 69.72 -36.65 19.89
CA ILE Q 154 70.35 -37.44 20.99
C ILE Q 154 70.55 -36.50 22.18
N GLU Q 155 70.24 -35.21 22.03
CA GLU Q 155 70.41 -34.16 23.05
C GLU Q 155 69.08 -33.92 23.76
N SER Q 156 67.95 -34.22 23.10
CA SER Q 156 66.59 -33.97 23.63
C SER Q 156 65.94 -35.26 24.10
N ALA Q 157 66.63 -36.39 24.04
CA ALA Q 157 66.04 -37.72 24.38
C ALA Q 157 65.69 -37.81 25.88
N PRO Q 158 66.47 -37.30 26.84
CA PRO Q 158 66.09 -37.33 28.26
C PRO Q 158 64.80 -36.60 28.58
N PHE Q 159 64.52 -35.49 27.90
CA PHE Q 159 63.35 -34.67 28.14
C PHE Q 159 62.06 -35.24 27.58
N VAL Q 160 62.07 -35.85 26.39
CA VAL Q 160 60.88 -36.55 25.88
C VAL Q 160 60.54 -37.81 26.70
N GLU Q 161 61.52 -38.49 27.28
CA GLU Q 161 61.23 -39.49 28.31
C GLU Q 161 60.56 -38.86 29.52
N ALA Q 162 61.15 -37.80 30.09
CA ALA Q 162 60.61 -37.21 31.29
C ALA Q 162 59.21 -36.66 31.07
N LEU Q 163 58.96 -36.00 29.96
CA LEU Q 163 57.64 -35.51 29.59
C LEU Q 163 56.66 -36.67 29.34
N ARG Q 164 57.05 -37.80 28.73
CA ARG Q 164 56.13 -38.95 28.58
C ARG Q 164 55.65 -39.42 29.94
N GLN Q 165 56.56 -39.68 30.86
CA GLN Q 165 56.22 -40.11 32.22
C GLN Q 165 55.36 -39.03 32.91
N PHE Q 166 55.62 -37.76 32.63
CA PHE Q 166 54.84 -36.65 33.14
C PHE Q 166 53.39 -36.64 32.63
N GLN Q 167 53.07 -37.22 31.47
CA GLN Q 167 51.68 -37.37 31.02
C GLN Q 167 50.85 -38.29 31.93
N PHE Q 168 51.49 -38.99 32.87
CA PHE Q 168 50.85 -39.91 33.82
C PHE Q 168 50.98 -39.40 35.26
N LYS Q 169 52.13 -38.81 35.61
CA LYS Q 169 52.32 -38.17 36.92
C LYS Q 169 51.35 -37.00 37.10
N VAL Q 170 51.20 -36.19 36.06
CA VAL Q 170 50.05 -35.33 35.78
C VAL Q 170 49.03 -36.17 35.00
N GLY Q 171 47.74 -35.94 35.14
CA GLY Q 171 46.74 -36.67 34.32
C GLY Q 171 46.59 -36.17 32.89
N LYS Q 172 46.07 -37.02 32.00
CA LYS Q 172 45.35 -36.55 30.81
C LYS Q 172 44.11 -35.76 31.28
N GLU Q 173 43.65 -34.79 30.49
CA GLU Q 173 42.77 -33.71 30.96
C GLU Q 173 43.43 -32.76 31.98
N ASN Q 174 44.73 -32.85 32.23
CA ASN Q 174 45.54 -31.79 32.84
C ASN Q 174 46.76 -31.44 31.98
N PHE Q 175 47.30 -32.35 31.20
CA PHE Q 175 48.41 -32.13 30.27
C PHE Q 175 47.93 -32.17 28.81
N ALA Q 176 48.44 -31.30 27.95
CA ALA Q 176 48.24 -31.32 26.49
C ALA Q 176 49.51 -30.91 25.73
N LEU Q 177 49.67 -31.34 24.48
CA LEU Q 177 50.85 -31.04 23.68
C LEU Q 177 50.51 -30.41 22.33
N ILE Q 178 51.23 -29.35 21.98
CA ILE Q 178 51.23 -28.70 20.67
C ILE Q 178 52.54 -29.07 19.97
N HIS Q 179 52.50 -29.70 18.80
CA HIS Q 179 53.70 -30.08 18.06
C HIS Q 179 53.83 -29.16 16.86
N VAL Q 180 54.97 -28.51 16.71
CA VAL Q 180 55.17 -27.52 15.66
C VAL Q 180 55.98 -28.17 14.55
N SER Q 181 55.54 -28.14 13.30
CA SER Q 181 56.10 -29.00 12.24
C SER Q 181 56.15 -28.33 10.86
N LEU Q 182 56.96 -28.85 9.94
CA LEU Q 182 57.26 -28.17 8.68
C LEU Q 182 56.39 -28.68 7.54
N VAL Q 183 55.79 -27.77 6.79
CA VAL Q 183 55.19 -28.08 5.49
C VAL Q 183 56.01 -27.34 4.43
N PRO Q 184 57.10 -27.93 3.88
CA PRO Q 184 57.86 -27.26 2.85
C PRO Q 184 57.03 -27.15 1.59
N VAL Q 185 57.18 -26.05 0.88
CA VAL Q 185 56.59 -25.84 -0.44
C VAL Q 185 57.70 -25.91 -1.46
N ILE Q 186 57.64 -26.91 -2.34
CA ILE Q 186 58.54 -26.99 -3.51
C ILE Q 186 57.73 -27.32 -4.76
N HIS Q 187 58.18 -26.82 -5.92
CA HIS Q 187 57.39 -26.87 -7.16
C HIS Q 187 55.97 -26.30 -6.97
N GLY Q 188 55.81 -25.33 -6.08
CA GLY Q 188 54.53 -24.74 -5.72
C GLY Q 188 53.53 -25.67 -5.00
N GLU Q 189 53.96 -26.83 -4.48
CA GLU Q 189 53.10 -27.76 -3.72
C GLU Q 189 53.54 -27.93 -2.25
N GLN Q 190 52.59 -27.80 -1.32
CA GLN Q 190 52.74 -28.09 0.10
C GLN Q 190 52.93 -29.59 0.39
N LYS Q 191 54.12 -30.04 0.76
CA LYS Q 191 54.40 -31.46 1.03
C LYS Q 191 54.16 -31.79 2.50
N THR Q 192 53.39 -32.82 2.81
CA THR Q 192 53.07 -33.20 4.20
C THR Q 192 54.11 -34.11 4.84
N LYS Q 193 54.94 -34.81 4.07
CA LYS Q 193 55.76 -35.92 4.58
C LYS Q 193 56.73 -35.59 5.72
N PRO Q 194 57.37 -34.42 5.84
CA PRO Q 194 58.18 -34.13 7.01
C PRO Q 194 57.37 -34.12 8.29
N THR Q 195 56.11 -33.67 8.25
CA THR Q 195 55.19 -33.81 9.40
C THR Q 195 54.84 -35.27 9.70
N GLN Q 196 54.63 -36.12 8.70
CA GLN Q 196 54.40 -37.56 8.93
C GLN Q 196 55.62 -38.22 9.59
N ALA Q 197 56.83 -38.06 9.06
CA ALA Q 197 58.05 -38.62 9.62
C ALA Q 197 58.39 -38.08 11.03
N ALA Q 198 58.15 -36.80 11.32
CA ALA Q 198 58.35 -36.23 12.66
C ALA Q 198 57.25 -36.60 13.65
N ILE Q 199 56.04 -36.93 13.21
CA ILE Q 199 54.98 -37.44 14.09
C ILE Q 199 55.20 -38.92 14.35
N LYS Q 200 55.67 -39.71 13.38
CA LYS Q 200 56.20 -41.04 13.60
C LYS Q 200 57.31 -41.02 14.67
N GLY Q 201 58.27 -40.12 14.57
CA GLY Q 201 59.26 -39.89 15.63
C GLY Q 201 58.61 -39.56 16.97
N LEU Q 202 57.67 -38.64 17.02
CA LEU Q 202 57.01 -38.24 18.27
C LEU Q 202 56.31 -39.41 18.95
N ARG Q 203 55.46 -40.17 18.25
CA ARG Q 203 54.76 -41.30 18.86
C ARG Q 203 55.72 -42.42 19.26
N SER Q 204 56.86 -42.58 18.62
CA SER Q 204 57.88 -43.55 19.03
C SER Q 204 58.33 -43.30 20.46
N LEU Q 205 58.61 -42.06 20.84
CA LEU Q 205 59.01 -41.66 22.20
C LEU Q 205 57.82 -41.51 23.16
N GLY Q 206 56.59 -41.48 22.64
CA GLY Q 206 55.36 -41.82 23.36
C GLY Q 206 54.43 -40.66 23.68
N LEU Q 207 54.86 -39.44 23.39
CA LEU Q 207 54.02 -38.26 23.43
C LEU Q 207 53.00 -38.32 22.28
N VAL Q 208 51.79 -37.82 22.47
CA VAL Q 208 50.77 -37.70 21.42
C VAL Q 208 50.30 -36.26 21.31
N PRO Q 209 50.28 -35.65 20.11
CA PRO Q 209 49.96 -34.25 19.95
C PRO Q 209 48.45 -34.05 19.98
N ASP Q 210 48.00 -33.11 20.78
CA ASP Q 210 46.62 -32.66 20.82
C ASP Q 210 46.36 -31.58 19.78
N MET Q 211 47.41 -30.92 19.31
CA MET Q 211 47.42 -30.05 18.15
C MET Q 211 48.69 -30.24 17.34
N ILE Q 212 48.60 -29.97 16.05
CA ILE Q 212 49.77 -29.74 15.21
C ILE Q 212 49.73 -28.29 14.78
N ALA Q 213 50.87 -27.62 14.69
CA ALA Q 213 50.96 -26.27 14.20
C ALA Q 213 52.03 -26.14 13.13
N CYS Q 214 51.70 -25.64 11.95
CA CYS Q 214 52.64 -25.72 10.83
C CYS Q 214 53.39 -24.42 10.56
N ARG Q 215 54.72 -24.50 10.47
CA ARG Q 215 55.52 -23.55 9.70
C ARG Q 215 55.29 -23.85 8.25
N CYS Q 216 54.76 -22.88 7.52
CA CYS Q 216 54.57 -22.98 6.08
C CYS Q 216 54.77 -21.61 5.44
N SER Q 217 55.25 -21.58 4.20
CA SER Q 217 55.38 -20.36 3.40
C SER Q 217 54.02 -19.78 2.98
N GLU Q 218 52.92 -20.50 3.17
CA GLU Q 218 51.60 -20.20 2.63
C GLU Q 218 50.48 -20.38 3.66
N THR Q 219 49.26 -19.97 3.34
CA THR Q 219 48.09 -20.55 4.03
C THR Q 219 48.02 -22.03 3.65
N LEU Q 220 47.94 -22.95 4.62
CA LEU Q 220 47.74 -24.37 4.32
C LEU Q 220 46.51 -24.58 3.46
N ASP Q 221 46.64 -25.32 2.37
CA ASP Q 221 45.50 -25.75 1.59
C ASP Q 221 44.58 -26.66 2.42
N LYS Q 222 43.28 -26.58 2.16
CA LYS Q 222 42.27 -27.48 2.71
C LYS Q 222 42.68 -28.97 2.62
N PRO Q 223 43.17 -29.50 1.49
CA PRO Q 223 43.72 -30.86 1.42
C PRO Q 223 44.98 -31.08 2.26
N THR Q 224 45.85 -30.09 2.48
CA THR Q 224 47.04 -30.28 3.33
C THR Q 224 46.65 -30.50 4.78
N ILE Q 225 45.69 -29.75 5.30
CA ILE Q 225 45.11 -29.98 6.62
C ILE Q 225 44.51 -31.38 6.71
N ASP Q 226 43.75 -31.81 5.70
CA ASP Q 226 43.16 -33.16 5.69
C ASP Q 226 44.23 -34.25 5.64
N LYS Q 227 45.29 -34.10 4.84
CA LYS Q 227 46.35 -35.11 4.72
C LYS Q 227 47.32 -35.11 5.91
N ILE Q 228 47.42 -34.06 6.72
CA ILE Q 228 48.04 -34.13 8.06
C ILE Q 228 47.10 -34.80 9.05
N ALA Q 229 45.83 -34.40 9.16
CA ALA Q 229 44.90 -35.00 10.11
C ALA Q 229 44.56 -36.48 9.83
N MET Q 230 44.66 -36.96 8.58
CA MET Q 230 44.57 -38.38 8.23
C MET Q 230 45.78 -39.20 8.68
N PHE Q 231 46.83 -38.55 9.16
CA PHE Q 231 48.11 -39.18 9.56
C PHE Q 231 48.52 -38.90 11.01
N CYS Q 232 47.70 -38.18 11.76
CA CYS Q 232 47.93 -37.82 13.16
C CYS Q 232 46.61 -37.88 13.95
N HIS Q 233 46.66 -37.98 15.25
CA HIS Q 233 45.46 -38.21 16.07
C HIS Q 233 44.72 -36.91 16.45
N VAL Q 234 44.63 -35.97 15.52
CA VAL Q 234 44.02 -34.63 15.68
C VAL Q 234 42.85 -34.47 14.72
N GLY Q 235 41.79 -33.73 15.08
CA GLY Q 235 40.78 -33.34 14.11
C GLY Q 235 41.36 -32.33 13.11
N PRO Q 236 40.74 -32.11 11.94
CA PRO Q 236 41.24 -31.14 10.97
C PRO Q 236 41.22 -29.69 11.49
N GLU Q 237 40.41 -29.38 12.51
CA GLU Q 237 40.32 -28.09 13.18
C GLU Q 237 41.47 -27.83 14.20
N GLN Q 238 42.30 -28.82 14.52
CA GLN Q 238 43.51 -28.68 15.35
C GLN Q 238 44.82 -28.80 14.56
N VAL Q 239 44.78 -28.66 13.24
CA VAL Q 239 45.99 -28.35 12.47
C VAL Q 239 46.08 -26.83 12.31
N VAL Q 240 46.67 -26.18 13.31
CA VAL Q 240 46.89 -24.73 13.40
C VAL Q 240 47.94 -24.30 12.37
N ASN Q 241 47.94 -23.04 11.97
CA ASN Q 241 48.87 -22.52 10.99
C ASN Q 241 49.30 -21.07 11.28
N VAL Q 242 50.55 -20.89 11.71
CA VAL Q 242 51.15 -19.58 11.95
C VAL Q 242 51.74 -19.04 10.63
N HIS Q 243 50.87 -18.54 9.74
CA HIS Q 243 51.28 -17.97 8.46
C HIS Q 243 51.81 -16.53 8.58
N ASP Q 244 52.29 -15.97 7.49
CA ASP Q 244 52.70 -14.56 7.42
C ASP Q 244 51.57 -13.63 7.91
N VAL Q 245 51.91 -12.71 8.81
CA VAL Q 245 51.00 -11.71 9.42
C VAL Q 245 51.68 -10.36 9.51
N ASN Q 246 50.91 -9.29 9.70
CA ASN Q 246 51.44 -7.91 9.62
C ASN Q 246 52.58 -7.66 10.61
N SER Q 247 52.49 -8.24 11.81
CA SER Q 247 53.58 -8.25 12.78
C SER Q 247 53.42 -9.34 13.81
N THR Q 248 54.48 -9.69 14.52
CA THR Q 248 54.50 -10.81 15.49
C THR Q 248 53.48 -10.65 16.62
N TYR Q 249 53.10 -9.43 16.98
CA TYR Q 249 52.09 -9.19 17.99
C TYR Q 249 50.67 -9.58 17.55
N HIS Q 250 50.44 -9.86 16.27
CA HIS Q 250 49.16 -10.39 15.79
C HIS Q 250 49.00 -11.89 16.03
N VAL Q 251 50.07 -12.66 16.24
CA VAL Q 251 49.98 -14.12 16.32
C VAL Q 251 48.96 -14.59 17.37
N PRO Q 252 48.83 -14.06 18.60
CA PRO Q 252 47.80 -14.55 19.50
C PRO Q 252 46.38 -14.29 18.98
N LEU Q 253 46.12 -13.22 18.23
CA LEU Q 253 44.84 -13.07 17.57
C LEU Q 253 44.67 -14.09 16.43
N LEU Q 254 45.72 -14.38 15.64
CA LEU Q 254 45.67 -15.44 14.63
C LEU Q 254 45.32 -16.80 15.23
N LEU Q 255 45.98 -17.19 16.33
CA LEU Q 255 45.69 -18.46 17.02
C LEU Q 255 44.26 -18.47 17.56
N LEU Q 256 43.80 -17.39 18.18
CA LEU Q 256 42.43 -17.29 18.67
C LEU Q 256 41.39 -17.34 17.55
N GLU Q 257 41.64 -16.74 16.40
CA GLU Q 257 40.72 -16.80 15.25
C GLU Q 257 40.73 -18.16 14.56
N GLN Q 258 41.84 -18.90 14.60
CA GLN Q 258 41.90 -20.32 14.23
C GLN Q 258 41.29 -21.25 15.30
N LYS Q 259 40.50 -20.71 16.24
CA LYS Q 259 39.81 -21.46 17.31
C LYS Q 259 40.75 -22.32 18.15
N MET Q 260 42.00 -21.89 18.30
CA MET Q 260 43.00 -22.67 19.03
C MET Q 260 42.61 -22.80 20.51
N ILE Q 261 42.18 -21.73 21.16
CA ILE Q 261 41.77 -21.75 22.57
C ILE Q 261 40.40 -22.39 22.78
N ASP Q 262 39.49 -22.29 21.83
CA ASP Q 262 38.17 -22.93 21.97
C ASP Q 262 38.28 -24.45 22.03
N TYR Q 263 39.38 -25.03 21.54
CA TYR Q 263 39.77 -26.40 21.83
C TYR Q 263 40.45 -26.54 23.19
N LEU Q 264 41.53 -25.78 23.50
CA LEU Q 264 42.24 -25.94 24.78
C LEU Q 264 41.34 -25.76 26.00
N HIS Q 265 40.36 -24.88 25.94
CA HIS Q 265 39.32 -24.75 26.96
C HIS Q 265 38.65 -26.10 27.29
N ALA Q 266 38.28 -26.88 26.27
CA ALA Q 266 37.67 -28.20 26.45
C ALA Q 266 38.72 -29.27 26.75
N ARG Q 267 39.84 -29.29 26.04
CA ARG Q 267 40.90 -30.31 26.13
C ARG Q 267 41.63 -30.30 27.46
N LEU Q 268 41.73 -29.16 28.12
CA LEU Q 268 42.25 -28.99 29.48
C LEU Q 268 41.12 -28.74 30.50
N LYS Q 269 39.86 -28.85 30.07
CA LYS Q 269 38.65 -28.70 30.90
C LYS Q 269 38.71 -27.51 31.86
N LEU Q 270 39.04 -26.33 31.33
CA LEU Q 270 39.39 -25.13 32.12
C LEU Q 270 38.22 -24.48 32.87
N ASP Q 271 36.97 -24.92 32.68
CA ASP Q 271 35.89 -24.64 33.63
C ASP Q 271 36.21 -25.10 35.05
N GLU Q 272 37.13 -26.04 35.24
CA GLU Q 272 37.54 -26.54 36.56
C GLU Q 272 38.45 -25.58 37.34
N ILE Q 273 38.95 -24.48 36.76
CA ILE Q 273 39.66 -23.44 37.53
C ILE Q 273 38.62 -22.48 38.11
N THR Q 274 38.04 -16.63 40.06
CA THR Q 274 37.48 -15.49 40.82
C THR Q 274 37.17 -14.32 39.90
N GLU Q 275 36.28 -13.41 40.31
CA GLU Q 275 35.88 -12.25 39.50
C GLU Q 275 37.07 -11.39 39.07
N GLU Q 276 38.10 -11.24 39.91
CA GLU Q 276 39.33 -10.54 39.55
C GLU Q 276 40.01 -11.15 38.30
N GLU Q 277 40.09 -12.48 38.21
CA GLU Q 277 40.66 -13.18 37.04
C GLU Q 277 39.80 -12.97 35.81
N LYS Q 278 38.48 -13.10 35.93
CA LYS Q 278 37.55 -12.92 34.82
C LYS Q 278 37.64 -11.51 34.26
N GLN Q 279 37.69 -10.49 35.11
CA GLN Q 279 37.91 -9.11 34.71
C GLN Q 279 39.28 -8.90 34.05
N ARG Q 280 40.37 -9.33 34.70
CA ARG Q 280 41.72 -9.21 34.13
C ARG Q 280 41.87 -9.93 32.79
N GLY Q 281 41.08 -10.96 32.53
CA GLY Q 281 40.97 -11.58 31.22
C GLY Q 281 40.39 -10.65 30.17
N LEU Q 282 39.21 -10.05 30.43
CA LEU Q 282 38.59 -9.12 29.50
C LEU Q 282 39.44 -7.86 29.28
N GLU Q 283 40.07 -7.34 30.33
CA GLU Q 283 41.00 -6.22 30.21
C GLU Q 283 42.20 -6.58 29.34
N LEU Q 284 42.77 -7.78 29.43
CA LEU Q 284 43.89 -8.16 28.58
C LEU Q 284 43.47 -8.22 27.11
N LEU Q 285 42.28 -8.73 26.80
CA LEU Q 285 41.75 -8.64 25.44
C LEU Q 285 41.56 -7.20 24.98
N SER Q 286 41.00 -6.32 25.81
CA SER Q 286 40.81 -4.92 25.43
C SER Q 286 42.14 -4.24 25.10
N LYS Q 287 43.16 -4.47 25.94
CA LYS Q 287 44.51 -3.95 25.74
C LYS Q 287 45.19 -4.57 24.52
N TRP Q 288 44.88 -5.81 24.18
CA TRP Q 288 45.35 -6.39 22.92
C TRP Q 288 44.68 -5.72 21.73
N LYS Q 289 43.36 -5.51 21.76
CA LYS Q 289 42.67 -4.78 20.70
C LYS Q 289 43.22 -3.37 20.54
N ALA Q 290 43.58 -2.68 21.63
CA ALA Q 290 44.26 -1.40 21.58
C ALA Q 290 45.63 -1.42 20.89
N THR Q 291 46.59 -2.25 21.31
CA THR Q 291 47.89 -2.33 20.63
C THR Q 291 47.77 -2.80 19.19
N THR Q 292 46.81 -3.67 18.89
CA THR Q 292 46.52 -4.07 17.52
C THR Q 292 45.97 -2.89 16.71
N GLY Q 293 45.00 -2.14 17.25
CA GLY Q 293 44.45 -0.94 16.62
C GLY Q 293 45.54 0.09 16.34
N ASN Q 294 46.43 0.34 17.29
CA ASN Q 294 47.59 1.20 17.12
C ASN Q 294 48.57 0.75 16.02
N PHE Q 295 48.49 -0.47 15.50
CA PHE Q 295 49.26 -0.89 14.34
C PHE Q 295 48.51 -0.55 13.05
N ASP Q 296 47.23 -0.89 12.95
CA ASP Q 296 46.40 -0.52 11.79
C ASP Q 296 46.29 1.00 11.62
N GLU Q 297 46.01 1.72 12.72
CA GLU Q 297 45.90 3.18 12.81
C GLU Q 297 47.26 3.88 12.83
N GLU Q 298 52.19 6.81 10.01
CA GLU Q 298 53.45 7.54 9.77
C GLU Q 298 54.67 6.86 10.41
N THR Q 299 55.84 6.90 9.75
CA THR Q 299 57.09 6.29 10.23
C THR Q 299 57.89 7.16 11.19
N VAL Q 300 58.56 6.53 12.16
CA VAL Q 300 59.65 7.09 12.97
C VAL Q 300 60.93 6.35 12.61
N LYS Q 301 62.00 7.04 12.21
CA LYS Q 301 63.29 6.43 11.83
C LYS Q 301 64.25 6.58 13.01
N ILE Q 302 64.84 5.51 13.53
CA ILE Q 302 65.79 5.56 14.66
C ILE Q 302 67.10 4.92 14.26
N ALA Q 303 68.24 5.59 14.43
CA ALA Q 303 69.54 4.97 14.22
C ALA Q 303 69.96 4.28 15.51
N LEU Q 304 70.14 2.98 15.48
CA LEU Q 304 70.73 2.22 16.59
C LEU Q 304 72.19 2.00 16.26
N VAL Q 305 73.07 2.58 17.05
CA VAL Q 305 74.50 2.70 16.76
C VAL Q 305 75.29 1.90 17.77
N GLY Q 306 75.98 0.84 17.35
CA GLY Q 306 76.74 0.03 18.28
C GLY Q 306 77.74 -0.88 17.61
N LYS Q 307 78.45 -1.70 18.40
CA LYS Q 307 79.34 -2.74 17.88
C LYS Q 307 78.53 -3.83 17.17
N TYR Q 308 79.05 -4.33 16.05
CA TYR Q 308 78.62 -5.58 15.38
C TYR Q 308 77.09 -5.72 15.23
N THR Q 309 76.41 -4.64 14.86
CA THR Q 309 74.97 -4.62 14.58
C THR Q 309 74.50 -5.60 13.50
N ASN Q 310 75.42 -6.17 12.73
CA ASN Q 310 75.17 -7.30 11.84
C ASN Q 310 74.55 -8.51 12.58
N LEU Q 311 74.95 -8.71 13.85
CA LEU Q 311 74.51 -9.80 14.73
C LEU Q 311 73.21 -9.39 15.44
N LYS Q 312 72.13 -9.28 14.68
CA LYS Q 312 70.90 -8.60 15.11
C LYS Q 312 70.20 -9.20 16.34
N ASP Q 313 70.34 -10.50 16.60
CA ASP Q 313 69.86 -11.10 17.85
C ASP Q 313 70.59 -10.57 19.09
N SER Q 314 71.81 -10.05 18.95
CA SER Q 314 72.58 -9.50 20.05
C SER Q 314 71.98 -8.22 20.64
N TYR Q 315 71.02 -7.60 19.95
CA TYR Q 315 70.25 -6.44 20.40
C TYR Q 315 68.76 -6.74 20.51
N LEU Q 316 68.35 -8.00 20.61
CA LEU Q 316 66.93 -8.36 20.53
C LEU Q 316 66.03 -7.61 21.51
N SER Q 317 66.40 -7.46 22.78
CA SER Q 317 65.55 -6.78 23.76
C SER Q 317 65.33 -5.34 23.41
N VAL Q 318 66.37 -4.66 22.93
CA VAL Q 318 66.32 -3.27 22.49
C VAL Q 318 65.31 -3.12 21.38
N ILE Q 319 65.31 -4.01 20.37
CA ILE Q 319 64.33 -3.96 19.28
C ILE Q 319 62.92 -4.09 19.83
N LYS Q 320 62.65 -5.08 20.67
CA LYS Q 320 61.32 -5.29 21.24
C LYS Q 320 60.86 -4.11 22.09
N ALA Q 321 61.75 -3.47 22.86
CA ALA Q 321 61.41 -2.28 23.63
C ALA Q 321 61.01 -1.09 22.75
N LEU Q 322 61.64 -0.92 21.59
CA LEU Q 322 61.25 0.07 20.59
C LEU Q 322 59.92 -0.29 19.93
N GLU Q 323 59.63 -1.56 19.66
CA GLU Q 323 58.35 -1.99 19.10
C GLU Q 323 57.20 -1.72 20.07
N HIS Q 324 57.32 -2.07 21.36
CA HIS Q 324 56.24 -1.90 22.32
C HIS Q 324 55.84 -0.43 22.44
N SER Q 325 56.85 0.44 22.50
CA SER Q 325 56.65 1.89 22.57
C SER Q 325 56.09 2.46 21.28
N SER Q 326 56.55 2.00 20.11
CA SER Q 326 56.05 2.50 18.82
C SER Q 326 54.56 2.24 18.61
N MET Q 327 54.01 1.15 19.13
CA MET Q 327 52.57 0.91 19.12
C MET Q 327 51.81 1.84 20.06
N LYS Q 328 52.42 2.39 21.10
CA LYS Q 328 51.75 3.40 21.91
C LYS Q 328 51.65 4.72 21.13
N CYS Q 329 52.72 5.13 20.44
CA CYS Q 329 52.77 6.31 19.58
C CYS Q 329 52.01 6.19 18.24
N ARG Q 330 51.37 5.05 17.96
CA ARG Q 330 50.69 4.75 16.69
C ARG Q 330 51.59 4.87 15.45
N ARG Q 331 52.91 4.84 15.57
CA ARG Q 331 53.85 5.14 14.48
C ARG Q 331 54.69 3.93 14.13
N LYS Q 332 54.97 3.77 12.84
CA LYS Q 332 55.70 2.63 12.29
C LYS Q 332 57.18 2.77 12.59
N LEU Q 333 57.80 1.74 13.14
CA LEU Q 333 59.21 1.78 13.54
C LEU Q 333 60.11 1.36 12.39
N ASP Q 334 61.16 2.14 12.14
CA ASP Q 334 62.18 1.85 11.15
C ASP Q 334 63.58 1.99 11.75
N ILE Q 335 64.10 0.92 12.34
CA ILE Q 335 65.45 0.92 12.91
C ILE Q 335 66.48 0.92 11.79
N LYS Q 336 67.34 1.92 11.71
CA LYS Q 336 68.56 1.88 10.90
C LYS Q 336 69.67 1.25 11.74
N TRP Q 337 70.27 0.18 11.25
CA TRP Q 337 71.39 -0.49 11.89
C TRP Q 337 72.71 0.13 11.44
N VAL Q 338 73.43 0.75 12.37
CA VAL Q 338 74.73 1.37 12.11
C VAL Q 338 75.83 0.62 12.84
N GLU Q 339 76.86 0.15 12.15
CA GLU Q 339 78.07 -0.26 12.84
C GLU Q 339 78.80 0.98 13.33
N ALA Q 340 78.99 1.10 14.64
CA ALA Q 340 79.61 2.27 15.24
C ALA Q 340 80.99 2.56 14.67
N THR Q 341 81.81 1.54 14.40
CA THR Q 341 83.15 1.75 13.85
C THR Q 341 83.15 2.34 12.45
N ASP Q 342 82.09 2.18 11.66
CA ASP Q 342 82.01 2.79 10.34
C ASP Q 342 81.80 4.30 10.37
N LEU Q 343 81.47 4.89 11.52
CA LEU Q 343 81.38 6.34 11.67
C LEU Q 343 82.75 7.00 11.83
N GLU Q 344 83.79 6.24 12.15
CA GLU Q 344 85.09 6.80 12.55
C GLU Q 344 85.79 7.57 11.42
N PRO Q 345 86.52 8.65 11.71
CA PRO Q 345 87.36 9.35 10.73
C PRO Q 345 88.41 8.47 10.04
N GLU Q 346 88.84 7.38 10.67
CA GLU Q 346 89.74 6.37 10.09
C GLU Q 346 89.03 5.49 9.05
N ALA Q 347 87.74 5.19 9.24
CA ALA Q 347 87.00 4.35 8.32
C ALA Q 347 86.91 4.99 6.92
N GLN Q 348 86.98 6.33 6.83
CA GLN Q 348 86.87 7.08 5.57
C GLN Q 348 87.96 6.71 4.56
N GLU Q 349 89.20 6.44 4.99
CA GLU Q 349 90.23 5.93 4.08
C GLU Q 349 90.23 4.41 3.96
N SER Q 350 89.82 3.70 5.02
CA SER Q 350 89.89 2.23 5.07
C SER Q 350 88.79 1.56 4.24
N ASN Q 351 87.55 2.02 4.37
CA ASN Q 351 86.35 1.39 3.80
C ASN Q 351 85.27 2.44 3.46
N LYS Q 352 85.62 3.41 2.61
CA LYS Q 352 84.87 4.65 2.40
C LYS Q 352 83.37 4.42 2.14
N THR Q 353 83.00 3.42 1.34
CA THR Q 353 81.61 3.19 0.93
C THR Q 353 80.70 2.96 2.13
N LYS Q 354 81.09 2.08 3.05
CA LYS Q 354 80.29 1.76 4.23
C LYS Q 354 80.25 2.93 5.21
N PHE Q 355 81.31 3.72 5.27
CA PHE Q 355 81.35 4.95 6.06
C PHE Q 355 80.29 5.97 5.62
N HIS Q 356 80.07 6.16 4.31
CA HIS Q 356 78.98 7.01 3.83
C HIS Q 356 77.61 6.41 4.15
N GLU Q 357 77.43 5.10 4.04
CA GLU Q 357 76.14 4.47 4.40
C GLU Q 357 75.83 4.70 5.89
N ALA Q 358 76.83 4.53 6.75
CA ALA Q 358 76.68 4.76 8.18
C ALA Q 358 76.30 6.20 8.50
N TRP Q 359 76.99 7.17 7.89
CA TRP Q 359 76.69 8.57 8.14
C TRP Q 359 75.37 9.03 7.53
N ASN Q 360 74.94 8.49 6.39
CA ASN Q 360 73.60 8.78 5.89
C ASN Q 360 72.53 8.33 6.89
N MET Q 361 72.67 7.14 7.48
CA MET Q 361 71.71 6.66 8.48
C MET Q 361 71.68 7.61 9.67
N VAL Q 362 72.83 7.99 10.24
CA VAL Q 362 72.90 8.92 11.38
C VAL Q 362 72.25 10.27 11.04
N SER Q 363 72.50 10.80 9.85
CA SER Q 363 71.96 12.06 9.37
C SER Q 363 70.46 12.03 9.06
N THR Q 364 69.93 10.88 8.68
CA THR Q 364 68.50 10.70 8.34
C THR Q 364 67.65 10.58 9.58
N ALA Q 365 68.14 9.93 10.63
CA ALA Q 365 67.30 9.43 11.71
C ALA Q 365 66.61 10.54 12.53
N ASP Q 366 65.36 10.29 12.92
CA ASP Q 366 64.59 11.15 13.82
C ASP Q 366 64.99 10.98 15.28
N GLY Q 367 65.74 9.95 15.61
CA GLY Q 367 66.28 9.72 16.94
C GLY Q 367 67.57 8.91 16.88
N ILE Q 368 68.43 9.04 17.87
CA ILE Q 368 69.65 8.23 18.00
C ILE Q 368 69.57 7.39 19.26
N LEU Q 369 70.12 6.18 19.20
CA LEU Q 369 70.09 5.21 20.27
C LEU Q 369 71.44 4.52 20.34
N ILE Q 370 72.12 4.65 21.46
CA ILE Q 370 73.36 3.92 21.75
C ILE Q 370 72.99 2.81 22.73
N PRO Q 371 73.10 1.52 22.37
CA PRO Q 371 72.26 0.46 22.94
C PRO Q 371 72.86 -0.31 24.12
N GLY Q 372 74.00 0.10 24.65
CA GLY Q 372 74.69 -0.66 25.71
C GLY Q 372 75.50 -1.82 25.16
N GLY Q 373 76.41 -1.51 24.25
CA GLY Q 373 77.28 -2.47 23.58
C GLY Q 373 78.21 -3.25 24.49
N PHE Q 374 78.86 -4.27 23.91
CA PHE Q 374 79.83 -5.13 24.58
C PHE Q 374 81.26 -4.80 24.14
N GLY Q 375 82.15 -4.54 25.09
CA GLY Q 375 83.55 -4.18 24.83
C GLY Q 375 83.77 -2.79 24.24
N VAL Q 376 85.04 -2.44 23.97
CA VAL Q 376 85.45 -1.05 23.69
C VAL Q 376 85.36 -0.62 22.21
N ARG Q 377 85.44 -1.56 21.26
CA ARG Q 377 85.72 -1.31 19.83
C ARG Q 377 84.94 -0.16 19.20
N GLY Q 378 83.62 -0.14 19.37
CA GLY Q 378 82.74 0.85 18.73
C GLY Q 378 82.82 2.27 19.31
N THR Q 379 83.51 2.47 20.43
CA THR Q 379 83.39 3.70 21.24
C THR Q 379 83.61 4.97 20.43
N GLU Q 380 84.64 5.04 19.58
CA GLU Q 380 85.01 6.29 18.91
C GLU Q 380 83.89 6.80 17.99
N GLY Q 381 83.21 5.93 17.28
CA GLY Q 381 82.05 6.33 16.48
C GLY Q 381 80.83 6.68 17.32
N MET Q 382 80.57 5.93 18.38
CA MET Q 382 79.46 6.22 19.30
C MET Q 382 79.59 7.58 19.96
N VAL Q 383 80.80 8.09 20.18
CA VAL Q 383 81.04 9.47 20.63
C VAL Q 383 80.49 10.47 19.61
N LEU Q 384 80.83 10.32 18.33
CA LEU Q 384 80.39 11.21 17.25
C LEU Q 384 78.87 11.14 17.03
N ALA Q 385 78.24 9.98 17.22
CA ALA Q 385 76.78 9.88 17.22
C ALA Q 385 76.14 10.60 18.41
N ALA Q 386 76.75 10.59 19.60
CA ALA Q 386 76.24 11.35 20.74
C ALA Q 386 76.40 12.87 20.56
N ARG Q 387 77.51 13.32 19.96
CA ARG Q 387 77.82 14.71 19.59
C ARG Q 387 76.83 15.23 18.58
N TRP Q 388 76.50 14.42 17.58
CA TRP Q 388 75.51 14.74 16.57
C TRP Q 388 74.13 15.04 17.15
N ALA Q 389 73.71 14.32 18.18
CA ALA Q 389 72.45 14.56 18.87
C ALA Q 389 72.51 15.58 20.02
N ARG Q 390 73.69 15.86 20.59
CA ARG Q 390 73.83 16.93 21.57
C ARG Q 390 73.66 18.28 20.88
N GLU Q 391 74.38 18.49 19.79
CA GLU Q 391 74.52 19.80 19.16
C GLU Q 391 73.26 20.17 18.37
N ASN Q 392 72.96 19.40 17.34
CA ASN Q 392 71.68 19.43 16.64
C ASN Q 392 70.65 18.77 17.56
N HIS Q 393 69.47 19.35 17.78
CA HIS Q 393 68.50 18.86 18.78
C HIS Q 393 67.76 17.55 18.42
N ILE Q 394 68.46 16.51 17.97
CA ILE Q 394 67.95 15.16 17.71
C ILE Q 394 67.63 14.46 19.03
N PRO Q 395 66.46 13.82 19.22
CA PRO Q 395 66.20 12.95 20.36
C PRO Q 395 67.20 11.82 20.51
N PHE Q 396 67.57 11.47 21.74
CA PHE Q 396 68.62 10.50 22.05
C PHE Q 396 68.28 9.66 23.26
N LEU Q 397 68.66 8.38 23.24
CA LEU Q 397 68.75 7.55 24.44
C LEU Q 397 70.07 6.80 24.46
N GLY Q 398 70.80 6.89 25.56
CA GLY Q 398 71.98 6.08 25.81
C GLY Q 398 71.69 5.04 26.88
N VAL Q 399 71.94 3.77 26.60
CA VAL Q 399 71.75 2.67 27.53
C VAL Q 399 73.09 2.12 27.97
N CYS Q 400 73.38 2.07 29.26
CA CYS Q 400 74.63 1.56 29.85
C CYS Q 400 75.89 2.19 29.25
N LEU Q 401 76.63 1.51 28.37
CA LEU Q 401 77.72 2.11 27.60
C LEU Q 401 77.28 3.39 26.87
N GLY Q 402 76.00 3.53 26.55
CA GLY Q 402 75.46 4.77 26.02
C GLY Q 402 75.45 5.92 27.01
N LEU Q 403 75.19 5.71 28.30
CA LEU Q 403 75.38 6.77 29.29
C LEU Q 403 76.85 7.10 29.45
N GLN Q 404 77.68 6.06 29.49
CA GLN Q 404 79.12 6.20 29.55
C GLN Q 404 79.58 7.09 28.39
N ILE Q 405 79.10 6.86 27.18
CA ILE Q 405 79.46 7.64 25.99
C ILE Q 405 78.76 8.99 25.90
N ALA Q 406 77.54 9.16 26.40
CA ALA Q 406 76.96 10.47 26.60
C ALA Q 406 77.80 11.34 27.53
N THR Q 407 78.38 10.75 28.58
CA THR Q 407 79.22 11.48 29.52
C THR Q 407 80.63 11.72 28.98
N ILE Q 408 81.26 10.73 28.33
CA ILE Q 408 82.52 10.92 27.63
C ILE Q 408 82.37 12.01 26.58
N GLU Q 409 81.29 12.06 25.80
CA GLU Q 409 81.13 13.08 24.77
C GLU Q 409 80.94 14.47 25.39
N PHE Q 410 80.01 14.61 26.33
CA PHE Q 410 79.79 15.89 26.98
C PHE Q 410 81.06 16.41 27.67
N THR Q 411 81.86 15.52 28.27
CA THR Q 411 83.20 15.86 28.75
C THR Q 411 84.10 16.32 27.61
N ARG Q 412 84.25 15.51 26.55
CA ARG Q 412 85.14 15.69 25.40
C ARG Q 412 84.81 16.91 24.50
N SER Q 413 83.64 17.53 24.66
CA SER Q 413 83.18 18.62 23.80
C SER Q 413 82.64 19.85 24.52
N VAL Q 414 82.06 19.69 25.71
CA VAL Q 414 81.52 20.82 26.49
C VAL Q 414 82.54 21.29 27.53
N LEU Q 415 83.29 20.38 28.18
CA LEU Q 415 84.37 20.74 29.12
C LEU Q 415 85.75 20.86 28.46
N GLY Q 416 85.86 20.73 27.13
CA GLY Q 416 87.14 20.50 26.46
C GLY Q 416 87.65 19.08 26.71
N ARG Q 417 88.71 18.91 27.53
CA ARG Q 417 89.21 17.62 28.05
C ARG Q 417 89.31 16.50 27.00
N LYS Q 418 89.90 16.80 25.84
CA LYS Q 418 89.91 15.92 24.65
C LYS Q 418 90.58 14.56 24.84
N ASP Q 419 91.43 14.41 25.85
CA ASP Q 419 92.09 13.15 26.23
C ASP Q 419 91.18 12.17 27.01
N SER Q 420 90.00 12.59 27.50
CA SER Q 420 89.17 11.75 28.37
C SER Q 420 88.57 10.53 27.65
N HIS Q 421 88.41 9.43 28.38
CA HIS Q 421 88.12 8.09 27.84
C HIS Q 421 87.48 7.22 28.94
N SER Q 422 86.92 6.08 28.57
CA SER Q 422 86.46 5.07 29.53
C SER Q 422 87.61 4.57 30.42
N ALA Q 423 87.28 4.13 31.64
CA ALA Q 423 88.23 3.47 32.55
C ALA Q 423 88.88 2.21 31.93
N GLU Q 424 88.30 1.68 30.86
CA GLU Q 424 88.89 0.62 30.04
C GLU Q 424 90.31 0.95 29.55
N PHE Q 425 90.62 2.22 29.21
CA PHE Q 425 91.98 2.69 28.88
C PHE Q 425 92.75 3.01 30.17
N TYR Q 426 92.94 1.96 30.98
CA TYR Q 426 93.44 2.02 32.34
C TYR Q 426 94.72 2.86 32.54
N PRO Q 427 95.81 2.71 31.76
CA PRO Q 427 97.08 3.36 32.07
C PRO Q 427 97.16 4.87 31.80
N ASP Q 428 96.10 5.50 31.28
CA ASP Q 428 96.02 6.97 31.21
C ASP Q 428 95.77 7.60 32.59
N ILE Q 429 95.16 6.85 33.53
CA ILE Q 429 94.90 7.21 34.93
C ILE Q 429 94.14 8.54 35.12
N ASP Q 430 94.78 9.69 34.99
CA ASP Q 430 94.27 11.01 35.38
C ASP Q 430 93.01 11.43 34.60
N GLU Q 431 92.85 10.95 33.36
CA GLU Q 431 91.77 11.32 32.43
C GLU Q 431 90.67 10.24 32.26
N LYS Q 432 90.69 9.18 33.09
CA LYS Q 432 89.62 8.17 33.12
C LYS Q 432 88.29 8.82 33.52
N ASN Q 433 87.29 8.71 32.67
CA ASN Q 433 85.94 9.27 32.89
C ASN Q 433 85.09 8.44 33.88
N HIS Q 434 85.54 7.24 34.25
CA HIS Q 434 84.78 6.24 35.02
C HIS Q 434 85.62 5.65 36.17
N VAL Q 435 84.97 4.94 37.08
CA VAL Q 435 85.59 4.20 38.19
C VAL Q 435 84.99 2.80 38.30
N VAL Q 436 85.81 1.83 38.67
CA VAL Q 436 85.40 0.46 38.97
C VAL Q 436 84.44 0.41 40.16
N VAL Q 437 83.41 -0.42 40.05
CA VAL Q 437 82.46 -0.71 41.14
C VAL Q 437 81.91 -2.14 41.00
N PHE Q 438 82.70 -3.13 41.44
CA PHE Q 438 82.38 -4.55 41.29
C PHE Q 438 81.27 -5.08 42.25
N MET Q 439 81.03 -4.41 43.38
CA MET Q 439 80.15 -4.88 44.47
C MET Q 439 80.37 -6.35 44.86
N MET Q 440 80.40 -7.51 39.36
CA MET Q 440 79.42 -6.80 38.53
C MET Q 440 78.14 -6.45 39.32
N ARG Q 441 77.61 -5.24 39.16
CA ARG Q 441 76.29 -4.86 39.68
C ARG Q 441 75.25 -5.47 38.75
N LEU Q 442 74.30 -6.24 39.31
CA LEU Q 442 73.31 -7.05 38.60
C LEU Q 442 71.92 -6.94 39.22
N GLY Q 443 70.91 -7.39 38.48
CA GLY Q 443 69.54 -7.60 38.98
C GLY Q 443 68.77 -6.32 39.28
N LEU Q 444 67.54 -6.50 39.76
CA LEU Q 444 66.63 -5.40 40.06
C LEU Q 444 67.13 -4.63 41.27
N ARG Q 445 67.54 -3.39 41.03
CA ARG Q 445 67.89 -2.42 42.10
C ARG Q 445 67.04 -1.16 41.94
N PRO Q 446 66.72 -0.43 43.02
CA PRO Q 446 65.98 0.83 42.92
C PRO Q 446 66.82 1.95 42.27
N THR Q 447 66.17 3.03 41.87
CA THR Q 447 66.79 4.33 41.55
C THR Q 447 65.85 5.45 41.93
N PHE Q 448 66.37 6.51 42.54
CA PHE Q 448 65.62 7.58 43.19
C PHE Q 448 65.87 8.89 42.47
N PHE Q 449 64.83 9.64 42.12
CA PHE Q 449 64.98 10.94 41.47
C PHE Q 449 65.57 11.97 42.44
N GLN Q 450 66.42 12.86 41.95
CA GLN Q 450 66.96 13.96 42.75
C GLN Q 450 65.86 15.00 42.99
N ASN Q 451 65.61 15.38 44.25
CA ASN Q 451 64.31 15.93 44.68
C ASN Q 451 63.88 17.29 44.07
N GLU Q 452 64.78 18.02 43.40
CA GLU Q 452 64.55 19.32 42.76
C GLU Q 452 64.14 19.21 41.28
N THR Q 453 64.35 18.08 40.62
CA THR Q 453 64.35 17.97 39.14
C THR Q 453 62.93 17.88 38.53
N GLU Q 454 62.02 18.74 38.95
CA GLU Q 454 60.62 18.81 38.49
C GLU Q 454 60.47 19.14 37.00
N TRP Q 455 61.49 19.73 36.39
CA TRP Q 455 61.54 20.08 34.97
C TRP Q 455 61.70 18.87 34.04
N SER Q 456 62.22 17.75 34.56
CA SER Q 456 62.70 16.59 33.78
C SER Q 456 61.62 15.98 32.89
N GLN Q 457 61.96 15.72 31.63
CA GLN Q 457 61.09 14.99 30.71
C GLN Q 457 60.96 13.52 31.14
N ILE Q 458 62.06 12.87 31.53
CA ILE Q 458 62.01 11.45 31.88
C ILE Q 458 61.24 11.21 33.18
N LYS Q 459 61.44 11.98 34.25
CA LYS Q 459 60.70 11.75 35.50
C LYS Q 459 59.22 12.13 35.39
N LYS Q 460 58.83 12.88 34.34
CA LYS Q 460 57.42 13.04 33.97
C LYS Q 460 56.85 11.76 33.37
N LEU Q 461 57.55 11.09 32.45
CA LEU Q 461 57.09 9.80 31.88
C LEU Q 461 56.86 8.71 32.94
N TYR Q 462 57.69 8.65 33.98
CA TYR Q 462 57.49 7.78 35.14
C TYR Q 462 56.32 8.18 36.06
N GLY Q 463 55.47 9.12 35.67
CA GLY Q 463 54.21 9.45 36.37
C GLY Q 463 54.37 10.24 37.66
N ASP Q 464 55.49 10.95 37.83
CA ASP Q 464 55.87 11.64 39.07
C ASP Q 464 56.04 10.72 40.31
N VAL Q 465 56.20 9.41 40.11
CA VAL Q 465 56.53 8.47 41.19
C VAL Q 465 57.93 8.76 41.75
N SER Q 466 58.11 8.57 43.05
CA SER Q 466 59.35 8.91 43.79
C SER Q 466 60.58 8.08 43.42
N GLU Q 467 60.40 6.84 42.97
CA GLU Q 467 61.48 5.94 42.60
C GLU Q 467 61.05 4.92 41.53
N VAL Q 468 62.03 4.30 40.90
CA VAL Q 468 61.87 3.28 39.86
C VAL Q 468 62.68 2.03 40.22
N HIS Q 469 62.42 0.88 39.63
CA HIS Q 469 63.22 -0.34 39.84
C HIS Q 469 63.63 -0.97 38.52
N GLU Q 470 64.90 -1.30 38.32
CA GLU Q 470 65.47 -1.59 37.00
C GLU Q 470 66.61 -2.62 37.02
N ARG Q 471 66.87 -3.30 35.90
CA ARG Q 471 67.97 -4.26 35.76
C ARG Q 471 69.31 -3.61 35.38
N HIS Q 472 70.42 -4.13 35.90
CA HIS Q 472 71.76 -3.61 35.69
C HIS Q 472 72.72 -4.71 35.22
N ARG Q 473 73.85 -4.38 34.57
CA ARG Q 473 74.91 -5.34 34.17
C ARG Q 473 76.32 -4.69 34.09
N HIS Q 474 76.65 -3.70 34.93
CA HIS Q 474 77.81 -2.83 34.77
C HIS Q 474 78.92 -3.05 35.82
N ARG Q 475 80.18 -2.97 35.37
CA ARG Q 475 81.39 -2.94 36.23
C ARG Q 475 82.02 -1.55 36.41
N TYR Q 476 81.61 -0.57 35.61
CA TYR Q 476 82.07 0.81 35.64
C TYR Q 476 80.91 1.78 35.92
N GLU Q 477 81.18 2.88 36.61
CA GLU Q 477 80.28 4.02 36.77
C GLU Q 477 81.03 5.33 36.54
N ILE Q 478 80.34 6.43 36.24
CA ILE Q 478 80.97 7.74 36.03
C ILE Q 478 81.67 8.18 37.34
N ASN Q 479 82.90 8.69 37.25
CA ASN Q 479 83.71 9.01 38.42
C ASN Q 479 83.04 10.11 39.27
N PRO Q 480 82.61 9.86 40.53
CA PRO Q 480 81.88 10.82 41.34
C PRO Q 480 82.56 12.17 41.49
N LYS Q 481 83.90 12.18 41.46
CA LYS Q 481 84.74 13.39 41.52
C LYS Q 481 84.34 14.43 40.46
N MET Q 482 83.96 13.98 39.27
CA MET Q 482 83.60 14.84 38.15
C MET Q 482 82.14 15.29 38.15
N VAL Q 483 81.25 14.60 38.87
CA VAL Q 483 79.79 14.76 38.67
C VAL Q 483 79.29 16.16 39.01
N ASP Q 484 79.89 16.86 39.96
CA ASP Q 484 79.53 18.26 40.23
C ASP Q 484 79.78 19.16 39.00
N GLU Q 485 80.88 18.93 38.28
CA GLU Q 485 81.26 19.69 37.09
C GLU Q 485 80.25 19.47 35.97
N LEU Q 486 79.83 18.23 35.76
CA LEU Q 486 78.81 17.85 34.80
C LEU Q 486 77.42 18.39 35.20
N GLU Q 487 77.02 18.30 36.47
CA GLU Q 487 75.76 18.88 36.95
C GLU Q 487 75.74 20.41 36.78
N ASN Q 488 76.83 21.11 37.11
CA ASN Q 488 76.97 22.56 36.97
C ASN Q 488 76.95 23.02 35.49
N ASN Q 489 77.50 22.23 34.58
CA ASN Q 489 77.47 22.50 33.13
C ASN Q 489 76.16 22.09 32.44
N GLY Q 490 75.28 21.34 33.10
CA GLY Q 490 73.91 21.07 32.64
C GLY Q 490 73.60 19.62 32.29
N LEU Q 491 74.57 18.70 32.36
CA LEU Q 491 74.37 17.27 32.21
C LEU Q 491 73.82 16.69 33.52
N ILE Q 492 72.63 17.11 33.93
CA ILE Q 492 72.10 16.88 35.27
C ILE Q 492 71.77 15.39 35.48
N PHE Q 493 72.38 14.76 36.49
CA PHE Q 493 72.10 13.38 36.86
C PHE Q 493 70.79 13.25 37.63
N VAL Q 494 69.67 13.23 36.92
CA VAL Q 494 68.31 13.28 37.50
C VAL Q 494 67.92 12.05 38.34
N GLY Q 495 68.69 10.97 38.32
CA GLY Q 495 68.47 9.81 39.17
C GLY Q 495 69.76 9.18 39.67
N LYS Q 496 69.77 8.80 40.94
CA LYS Q 496 70.90 8.12 41.58
C LYS Q 496 70.40 6.96 42.46
N ASP Q 497 71.33 6.18 42.95
CA ASP Q 497 71.04 5.02 43.80
C ASP Q 497 70.65 5.41 45.23
N ASP Q 498 70.41 4.40 46.06
CA ASP Q 498 70.15 4.55 47.50
C ASP Q 498 71.20 5.40 48.24
N THR Q 499 72.50 5.21 47.96
CA THR Q 499 73.59 5.96 48.62
C THR Q 499 73.74 7.39 48.08
N GLY Q 500 73.30 7.66 46.86
CA GLY Q 500 73.56 8.91 46.14
C GLY Q 500 74.97 9.02 45.54
N LYS Q 501 75.78 7.97 45.63
CA LYS Q 501 77.13 7.92 45.07
C LYS Q 501 77.15 7.50 43.59
N ARG Q 502 76.13 6.77 43.11
CA ARG Q 502 76.12 6.09 41.80
C ARG Q 502 75.26 6.83 40.77
N CYS Q 503 75.79 7.00 39.57
CA CYS Q 503 75.15 7.68 38.44
C CYS Q 503 74.16 6.77 37.68
N GLU Q 504 72.86 6.84 37.96
CA GLU Q 504 71.89 5.90 37.38
C GLU Q 504 71.13 6.45 36.17
N ILE Q 505 70.84 7.74 36.10
CA ILE Q 505 70.20 8.42 34.96
C ILE Q 505 70.87 9.77 34.73
N LEU Q 506 71.02 10.22 33.48
CA LEU Q 506 71.24 11.64 33.18
C LEU Q 506 70.21 12.19 32.22
N GLU Q 507 69.91 13.49 32.34
CA GLU Q 507 69.19 14.27 31.35
C GLU Q 507 69.94 15.57 31.13
N LEU Q 508 70.20 15.93 29.88
CA LEU Q 508 70.79 17.22 29.55
C LEU Q 508 69.72 18.31 29.65
N LYS Q 509 69.90 19.26 30.55
CA LYS Q 509 68.99 20.39 30.79
C LYS Q 509 68.76 21.18 29.49
N ASN Q 510 67.50 21.50 29.19
CA ASN Q 510 67.07 22.30 28.03
C ASN Q 510 67.54 21.71 26.67
N HIS Q 511 67.24 20.44 26.46
CA HIS Q 511 67.27 19.74 25.15
C HIS Q 511 65.95 18.98 24.96
N PRO Q 512 65.37 18.86 23.75
CA PRO Q 512 64.06 18.24 23.58
C PRO Q 512 63.89 16.83 24.12
N TYR Q 513 64.92 15.98 24.04
CA TYR Q 513 64.98 14.66 24.66
C TYR Q 513 66.38 14.08 24.56
N TYR Q 514 67.21 14.25 25.58
CA TYR Q 514 68.56 13.66 25.61
C TYR Q 514 68.77 13.02 26.96
N ILE Q 515 68.51 11.72 27.00
CA ILE Q 515 68.52 10.89 28.19
C ILE Q 515 69.62 9.87 28.07
N ALA Q 516 70.22 9.49 29.17
CA ALA Q 516 70.83 8.17 29.23
C ALA Q 516 70.52 7.50 30.57
N THR Q 517 70.60 6.17 30.60
CA THR Q 517 70.40 5.31 31.76
C THR Q 517 71.60 4.39 31.94
N GLN Q 518 72.11 4.22 33.15
CA GLN Q 518 73.16 3.23 33.39
C GLN Q 518 72.59 1.81 33.36
N TYR Q 519 71.36 1.63 33.82
CA TYR Q 519 70.59 0.40 33.67
C TYR Q 519 70.20 0.12 32.22
N HIS Q 520 69.75 -1.10 31.97
CA HIS Q 520 69.17 -1.59 30.72
C HIS Q 520 67.63 -1.62 30.81
N PRO Q 521 66.89 -0.57 30.42
CA PRO Q 521 65.43 -0.51 30.53
C PRO Q 521 64.67 -1.47 29.62
N GLU Q 522 65.28 -1.94 28.54
CA GLU Q 522 64.72 -2.93 27.63
C GLU Q 522 64.49 -4.29 28.28
N TYR Q 523 65.10 -4.57 29.44
CA TYR Q 523 64.82 -5.78 30.21
C TYR Q 523 63.58 -5.65 31.11
N THR Q 524 62.82 -4.56 31.05
CA THR Q 524 61.49 -4.50 31.68
C THR Q 524 60.40 -3.89 30.80
N SER Q 525 60.67 -3.67 29.52
CA SER Q 525 59.62 -3.30 28.56
C SER Q 525 58.61 -4.43 28.37
N LYS Q 526 57.31 -4.12 28.46
CA LYS Q 526 56.20 -5.06 28.22
C LYS Q 526 55.25 -4.52 27.15
N VAL Q 527 54.52 -5.37 26.45
CA VAL Q 527 53.73 -4.96 25.28
C VAL Q 527 52.59 -4.00 25.66
N LEU Q 528 51.99 -4.13 26.84
CA LEU Q 528 50.96 -3.18 27.30
C LEU Q 528 51.50 -2.04 28.18
N ASP Q 529 52.72 -2.16 28.69
CA ASP Q 529 53.41 -1.17 29.53
C ASP Q 529 54.84 -0.96 29.02
N PRO Q 530 55.07 -0.07 28.04
CA PRO Q 530 56.37 0.09 27.42
C PRO Q 530 57.38 0.74 28.37
N SER Q 531 58.67 0.39 28.29
CA SER Q 531 59.67 0.93 29.22
C SER Q 531 59.87 2.41 28.95
N LYS Q 532 59.71 3.24 29.97
CA LYS Q 532 59.59 4.70 29.86
C LYS Q 532 60.74 5.40 29.12
N PRO Q 533 62.04 5.08 29.30
CA PRO Q 533 63.12 5.71 28.56
C PRO Q 533 63.04 5.48 27.05
N PHE Q 534 62.55 4.31 26.62
CA PHE Q 534 62.29 4.02 25.21
C PHE Q 534 61.01 4.64 24.70
N LEU Q 535 59.97 4.77 25.51
CA LEU Q 535 58.77 5.48 25.09
C LEU Q 535 59.08 6.95 24.81
N GLY Q 536 59.85 7.61 25.66
CA GLY Q 536 60.29 8.97 25.42
C GLY Q 536 61.12 9.14 24.14
N LEU Q 537 62.04 8.23 23.84
CA LEU Q 537 62.81 8.27 22.60
C LEU Q 537 61.92 8.20 21.37
N VAL Q 538 60.96 7.28 21.32
CA VAL Q 538 60.06 7.21 20.17
C VAL Q 538 59.16 8.43 20.13
N ALA Q 539 58.53 8.80 21.24
CA ALA Q 539 57.60 9.92 21.27
C ALA Q 539 58.26 11.25 20.88
N ALA Q 540 59.48 11.52 21.30
CA ALA Q 540 60.21 12.71 20.89
C ALA Q 540 60.67 12.61 19.43
N SER Q 541 61.03 11.44 18.93
CA SER Q 541 61.33 11.22 17.50
C SER Q 541 60.10 11.51 16.63
N ALA Q 542 58.91 11.16 17.11
CA ALA Q 542 57.62 11.52 16.54
C ALA Q 542 57.20 12.98 16.76
N GLY Q 543 57.92 13.73 17.60
CA GLY Q 543 57.62 15.11 17.92
C GLY Q 543 56.34 15.28 18.76
N ILE Q 544 55.93 14.24 19.49
CA ILE Q 544 54.66 14.14 20.22
C ILE Q 544 54.83 13.95 21.73
N LEU Q 545 56.06 14.05 22.24
CA LEU Q 545 56.45 13.71 23.62
C LEU Q 545 55.55 14.37 24.66
N GLN Q 546 55.24 15.65 24.50
CA GLN Q 546 54.35 16.37 25.42
C GLN Q 546 53.00 15.65 25.60
N ASP Q 547 52.40 15.22 24.50
CA ASP Q 547 51.04 14.71 24.47
C ASP Q 547 50.96 13.27 24.98
N VAL Q 548 52.04 12.50 24.82
CA VAL Q 548 52.23 11.19 25.44
C VAL Q 548 52.32 11.33 26.96
N ILE Q 549 53.05 12.34 27.47
CA ILE Q 549 53.13 12.61 28.91
C ILE Q 549 51.78 13.07 29.45
N GLU Q 550 51.09 13.94 28.71
CA GLU Q 550 49.76 14.45 29.08
C GLU Q 550 48.65 13.38 28.98
N GLY Q 551 48.87 12.28 28.26
CA GLY Q 551 48.01 11.10 28.27
C GLY Q 551 47.14 10.87 27.03
N LYS Q 552 47.46 11.49 25.89
CA LYS Q 552 46.72 11.34 24.61
C LYS Q 552 46.85 9.97 23.93
N TYR Q 553 47.51 9.00 24.56
CA TYR Q 553 47.87 7.71 23.97
C TYR Q 553 47.78 6.50 24.93
N ASP Q 554 47.23 6.64 26.13
CA ASP Q 554 46.87 5.48 26.95
C ASP Q 554 45.75 4.63 26.30
N LEU Q 555 45.77 3.31 26.54
CA LEU Q 555 44.98 2.32 25.79
C LEU Q 555 43.47 2.34 26.07
N GLU Q 556 43.07 2.62 27.30
CA GLU Q 556 41.66 2.72 27.72
C GLU Q 556 41.44 4.05 28.47
N ALA Q 557 40.30 4.71 28.26
CA ALA Q 557 40.00 6.02 28.86
C ALA Q 557 40.02 5.99 30.40
N MET R 1 79.04 -56.69 -14.99
CA MET R 1 78.21 -55.49 -15.15
C MET R 1 78.39 -54.53 -13.98
N LYS R 2 78.11 -53.24 -14.16
CA LYS R 2 78.07 -52.22 -13.10
C LYS R 2 76.64 -51.65 -12.97
N TYR R 3 76.28 -51.09 -11.82
CA TYR R 3 74.94 -50.54 -11.54
C TYR R 3 75.01 -49.27 -10.68
N VAL R 4 74.09 -48.33 -10.85
CA VAL R 4 74.00 -47.10 -10.06
C VAL R 4 72.57 -46.90 -9.59
N VAL R 5 72.27 -47.01 -8.32
CA VAL R 5 70.97 -46.61 -7.79
C VAL R 5 70.89 -45.09 -7.67
N VAL R 6 69.76 -44.51 -8.01
CA VAL R 6 69.34 -43.17 -7.61
C VAL R 6 68.08 -43.30 -6.80
N SER R 7 68.03 -42.74 -5.61
CA SER R 7 66.93 -42.93 -4.65
C SER R 7 66.74 -41.74 -3.73
N GLY R 8 65.75 -41.76 -2.84
CA GLY R 8 65.86 -41.02 -1.58
C GLY R 8 64.95 -39.83 -1.30
N GLY R 9 65.28 -39.13 -0.21
CA GLY R 9 64.73 -37.84 0.21
C GLY R 9 63.68 -37.92 1.32
N VAL R 10 63.33 -36.77 1.93
CA VAL R 10 62.15 -36.62 2.80
C VAL R 10 60.85 -36.25 2.06
N ILE R 11 60.90 -36.04 0.75
CA ILE R 11 59.75 -35.63 -0.08
C ILE R 11 59.83 -36.33 -1.43
N SER R 12 58.68 -36.69 -2.00
CA SER R 12 58.57 -36.99 -3.42
C SER R 12 58.63 -35.69 -4.23
N GLY R 13 59.19 -35.70 -5.43
CA GLY R 13 59.34 -34.51 -6.29
C GLY R 13 60.66 -33.74 -6.10
N ILE R 14 61.63 -34.33 -5.41
CA ILE R 14 62.92 -33.71 -5.06
C ILE R 14 63.88 -33.48 -6.23
N GLY R 15 63.80 -34.25 -7.30
CA GLY R 15 64.69 -34.10 -8.47
C GLY R 15 65.33 -35.35 -9.07
N LYS R 16 64.90 -36.56 -8.70
CA LYS R 16 65.60 -37.83 -9.06
C LYS R 16 65.91 -37.96 -10.56
N GLY R 17 64.90 -38.05 -11.43
CA GLY R 17 65.09 -38.30 -12.89
C GLY R 17 66.19 -37.47 -13.55
N VAL R 18 66.33 -36.17 -13.25
CA VAL R 18 67.36 -35.28 -13.85
C VAL R 18 68.73 -35.70 -13.28
N LEU R 19 68.78 -36.18 -12.04
CA LEU R 19 70.04 -36.69 -11.42
C LEU R 19 70.28 -38.10 -11.94
N ALA R 20 69.25 -38.78 -12.45
CA ALA R 20 69.35 -40.18 -12.92
C ALA R 20 69.82 -40.21 -14.37
N SER R 21 68.97 -39.85 -15.34
CA SER R 21 69.35 -39.94 -16.77
C SER R 21 70.54 -39.01 -16.95
N SER R 22 70.50 -37.81 -16.37
CA SER R 22 71.75 -36.98 -16.39
C SER R 22 73.05 -37.68 -15.96
N THR R 23 73.01 -38.55 -14.94
CA THR R 23 74.19 -39.35 -14.52
C THR R 23 74.45 -40.36 -15.62
N GLY R 24 73.40 -40.91 -16.24
CA GLY R 24 73.51 -41.92 -17.32
C GLY R 24 74.00 -41.31 -18.62
N MET R 25 73.75 -40.02 -18.86
CA MET R 25 74.23 -39.31 -20.08
C MET R 25 75.75 -39.18 -19.95
N LEU R 26 76.25 -39.03 -18.73
CA LEU R 26 77.71 -38.88 -18.48
C LEU R 26 78.36 -40.25 -18.49
N MET R 27 77.64 -41.32 -18.14
CA MET R 27 78.25 -42.64 -18.33
C MET R 27 78.59 -42.85 -19.81
N LYS R 28 77.70 -42.42 -20.72
CA LYS R 28 77.94 -42.43 -22.16
C LYS R 28 79.09 -41.54 -22.61
N THR R 29 79.42 -40.46 -21.91
CA THR R 29 80.61 -39.65 -22.21
C THR R 29 81.87 -40.48 -22.10
N LEU R 30 81.91 -41.46 -21.20
CA LEU R 30 83.03 -42.39 -21.03
C LEU R 30 83.10 -43.45 -22.16
N GLY R 31 82.16 -43.45 -23.11
CA GLY R 31 82.01 -44.44 -24.18
C GLY R 31 81.13 -45.65 -23.82
N LEU R 32 80.67 -45.77 -22.58
CA LEU R 32 79.96 -46.94 -22.06
C LEU R 32 78.66 -47.21 -22.79
N LYS R 33 78.30 -48.49 -22.92
CA LYS R 33 76.94 -48.90 -23.27
C LYS R 33 76.06 -48.68 -22.05
N VAL R 34 74.91 -48.03 -22.13
CA VAL R 34 74.16 -47.62 -20.92
C VAL R 34 72.69 -47.95 -21.05
N THR R 35 72.05 -48.26 -19.93
CA THR R 35 70.63 -48.59 -19.81
C THR R 35 70.05 -47.99 -18.55
N SER R 36 68.74 -48.02 -18.40
CA SER R 36 68.06 -47.45 -17.25
C SER R 36 66.81 -48.22 -16.89
N ILE R 37 66.50 -48.37 -15.61
CA ILE R 37 65.28 -49.00 -15.12
C ILE R 37 64.61 -48.05 -14.15
N LYS R 38 63.32 -47.75 -14.30
CA LYS R 38 62.59 -46.99 -13.28
C LYS R 38 61.68 -47.89 -12.50
N ILE R 39 61.94 -47.96 -11.19
CA ILE R 39 61.16 -48.72 -10.23
C ILE R 39 60.10 -47.80 -9.69
N ASP R 40 58.84 -48.08 -9.97
CA ASP R 40 57.71 -47.28 -9.50
C ASP R 40 56.98 -47.95 -8.34
N PRO R 41 56.77 -47.26 -7.21
CA PRO R 41 56.04 -47.84 -6.11
C PRO R 41 54.54 -47.95 -6.31
N TYR R 42 53.94 -47.34 -7.33
CA TYR R 42 52.49 -47.40 -7.58
C TYR R 42 52.03 -48.78 -8.08
N MET R 43 50.76 -49.10 -7.86
CA MET R 43 50.20 -50.42 -8.15
C MET R 43 49.57 -50.61 -9.53
N ASN R 44 49.54 -49.63 -10.43
CA ASN R 44 49.18 -49.88 -11.83
C ASN R 44 50.24 -50.74 -12.53
N ILE R 45 49.83 -51.76 -13.29
CA ILE R 45 50.78 -52.55 -14.09
C ILE R 45 51.34 -51.76 -15.27
N ASP R 46 50.55 -50.86 -15.86
CA ASP R 46 50.95 -50.00 -16.98
C ASP R 46 50.11 -48.73 -17.01
N ALA R 47 50.53 -47.72 -17.77
CA ALA R 47 49.77 -46.49 -17.95
C ALA R 47 48.55 -46.62 -18.88
N GLY R 48 48.27 -47.80 -19.43
CA GLY R 48 47.16 -48.02 -20.34
C GLY R 48 45.79 -47.79 -19.71
N THR R 49 45.67 -47.98 -18.39
CA THR R 49 44.45 -47.64 -17.64
C THR R 49 44.44 -46.19 -17.14
N MET R 50 45.61 -45.54 -17.03
CA MET R 50 45.78 -44.24 -16.38
C MET R 50 45.39 -43.08 -17.29
N SER R 51 44.30 -42.38 -16.99
CA SER R 51 43.84 -41.25 -17.81
C SER R 51 44.86 -40.12 -17.78
N PRO R 52 45.14 -39.42 -18.90
CA PRO R 52 46.16 -38.36 -18.97
C PRO R 52 46.00 -37.15 -18.03
N LEU R 53 44.93 -37.09 -17.25
CA LEU R 53 44.66 -36.04 -16.26
C LEU R 53 45.53 -36.15 -14.99
N GLU R 54 45.84 -37.36 -14.54
CA GLU R 54 46.72 -37.61 -13.39
C GLU R 54 47.76 -38.68 -13.72
N HIS R 55 48.98 -38.49 -13.22
CA HIS R 55 50.21 -39.12 -13.70
C HIS R 55 50.62 -38.75 -15.14
N GLY R 56 49.83 -37.94 -15.84
CA GLY R 56 50.23 -37.34 -17.11
C GLY R 56 50.29 -38.29 -18.30
N GLU R 57 51.09 -37.92 -19.30
CA GLU R 57 51.08 -38.52 -20.62
C GLU R 57 51.51 -39.99 -20.64
N CYS R 58 50.72 -40.85 -21.30
CA CYS R 58 51.07 -42.24 -21.53
C CYS R 58 52.20 -42.35 -22.57
N PHE R 59 53.45 -42.22 -22.15
CA PHE R 59 54.59 -42.32 -23.05
C PHE R 59 54.60 -43.65 -23.81
N VAL R 60 54.89 -43.61 -25.10
CA VAL R 60 54.90 -44.84 -25.91
C VAL R 60 56.20 -45.37 -26.54
N LEU R 61 56.42 -46.64 -26.23
CA LEU R 61 57.65 -47.34 -26.59
C LEU R 61 57.73 -47.70 -28.08
N ASP R 62 58.94 -48.05 -28.50
CA ASP R 62 59.18 -48.84 -29.70
C ASP R 62 58.29 -50.11 -29.70
N ASP R 63 58.26 -50.83 -28.57
CA ASP R 63 57.40 -51.99 -28.35
C ASP R 63 55.91 -51.67 -28.08
N GLY R 64 55.51 -50.40 -28.12
CA GLY R 64 54.09 -49.99 -28.09
C GLY R 64 53.36 -50.13 -26.76
N GLY R 65 54.05 -50.51 -25.69
CA GLY R 65 53.48 -50.47 -24.35
C GLY R 65 53.26 -49.03 -23.87
N GLU R 66 52.15 -48.77 -23.19
CA GLU R 66 51.89 -47.50 -22.55
C GLU R 66 52.58 -47.44 -21.17
N THR R 67 53.81 -46.95 -21.12
CA THR R 67 54.69 -46.94 -19.92
C THR R 67 54.46 -45.78 -18.97
N ASP R 68 55.15 -45.81 -17.83
CA ASP R 68 55.42 -44.62 -17.03
C ASP R 68 55.95 -43.47 -17.89
N LEU R 69 55.44 -42.24 -17.68
CA LEU R 69 55.85 -41.03 -18.46
C LEU R 69 57.35 -40.79 -18.30
N ASP R 70 57.90 -40.99 -17.11
CA ASP R 70 59.32 -40.65 -16.83
C ASP R 70 60.27 -41.44 -17.72
N LEU R 71 59.89 -42.63 -18.23
CA LEU R 71 60.86 -43.44 -19.02
C LEU R 71 61.37 -42.56 -20.16
N GLY R 72 60.50 -41.70 -20.69
CA GLY R 72 60.88 -40.84 -21.83
C GLY R 72 62.12 -40.04 -21.51
N ASN R 73 62.25 -39.54 -20.28
CA ASN R 73 63.39 -38.67 -19.89
C ASN R 73 64.70 -39.44 -20.10
N TYR R 74 64.68 -40.78 -20.12
CA TYR R 74 65.89 -41.64 -20.29
C TYR R 74 66.14 -41.96 -21.76
N GLU R 75 65.13 -41.84 -22.61
CA GLU R 75 65.28 -42.17 -24.05
C GLU R 75 65.79 -40.91 -24.74
N ARG R 76 65.65 -39.74 -24.10
CA ARG R 76 66.18 -38.45 -24.62
C ARG R 76 67.62 -38.31 -24.10
N TYR R 77 67.80 -38.24 -22.79
CA TYR R 77 69.18 -38.17 -22.17
C TYR R 77 70.22 -39.20 -22.67
N LEU R 78 69.89 -40.48 -22.90
CA LEU R 78 70.87 -41.56 -23.21
C LEU R 78 70.87 -41.87 -24.71
N GLY R 79 69.74 -41.74 -25.39
CA GLY R 79 69.63 -42.17 -26.78
C GLY R 79 69.53 -43.69 -26.87
N VAL R 80 68.52 -44.26 -26.21
CA VAL R 80 68.25 -45.70 -26.11
C VAL R 80 66.78 -46.01 -26.37
N THR R 81 66.50 -47.18 -26.94
CA THR R 81 65.15 -47.75 -27.03
C THR R 81 64.94 -48.72 -25.87
N LEU R 82 64.14 -48.31 -24.89
CA LEU R 82 63.77 -49.16 -23.75
C LEU R 82 62.62 -50.12 -24.14
N THR R 83 62.14 -50.93 -23.21
CA THR R 83 61.07 -51.92 -23.41
C THR R 83 60.04 -51.87 -22.27
N LYS R 84 58.91 -52.55 -22.40
CA LYS R 84 57.87 -52.57 -21.37
C LYS R 84 58.37 -53.12 -20.02
N ASP R 85 59.43 -53.92 -20.03
CA ASP R 85 60.06 -54.47 -18.82
C ASP R 85 60.95 -53.47 -18.06
N HIS R 86 61.44 -52.40 -18.66
CA HIS R 86 62.27 -51.39 -17.98
C HIS R 86 61.51 -50.52 -17.00
N ASN R 87 60.19 -50.62 -16.96
CA ASN R 87 59.37 -49.96 -15.96
C ASN R 87 58.85 -51.00 -14.97
N ILE R 88 59.64 -51.30 -13.95
CA ILE R 88 59.21 -52.14 -12.83
C ILE R 88 58.13 -51.37 -12.06
N THR R 89 57.04 -51.98 -11.67
CA THR R 89 56.03 -51.35 -10.79
C THR R 89 55.58 -52.31 -9.72
N THR R 90 55.07 -51.80 -8.61
CA THR R 90 54.58 -52.66 -7.53
C THR R 90 53.45 -53.58 -8.00
N GLY R 91 52.56 -53.10 -8.85
CA GLY R 91 51.52 -53.96 -9.42
C GLY R 91 52.05 -55.00 -10.39
N LYS R 92 53.13 -54.69 -11.10
CA LYS R 92 53.74 -55.60 -12.07
C LYS R 92 54.44 -56.74 -11.37
N ILE R 93 55.19 -56.48 -10.31
CA ILE R 93 55.93 -57.53 -9.61
C ILE R 93 55.07 -58.35 -8.67
N TYR R 94 54.08 -57.80 -7.97
CA TYR R 94 53.12 -58.68 -7.29
C TYR R 94 52.38 -59.59 -8.24
N SER R 95 51.99 -59.13 -9.44
CA SER R 95 51.35 -59.98 -10.45
C SER R 95 52.25 -61.11 -10.93
N HIS R 96 53.53 -60.85 -11.15
CA HIS R 96 54.47 -61.85 -11.64
C HIS R 96 54.75 -62.95 -10.62
N VAL R 97 54.98 -62.60 -9.36
CA VAL R 97 55.11 -63.60 -8.29
C VAL R 97 53.80 -64.34 -8.02
N ILE R 98 52.64 -63.67 -8.01
CA ILE R 98 51.35 -64.34 -7.87
C ILE R 98 51.06 -65.27 -9.06
N ALA R 99 51.51 -64.98 -10.28
CA ALA R 99 51.35 -65.92 -11.38
C ALA R 99 52.14 -67.21 -11.12
N LYS R 100 53.41 -67.08 -10.74
CA LYS R 100 54.25 -68.21 -10.37
C LYS R 100 53.70 -69.00 -9.17
N GLU R 101 53.00 -68.36 -8.23
CA GLU R 101 52.32 -69.03 -7.11
C GLU R 101 51.21 -69.97 -7.55
N ARG R 102 50.37 -69.57 -8.53
CA ARG R 102 49.27 -70.42 -9.03
C ARG R 102 49.70 -71.43 -10.08
N LYS R 103 50.75 -71.13 -10.85
CA LYS R 103 51.43 -72.11 -11.69
C LYS R 103 52.17 -73.16 -10.85
N GLY R 104 52.54 -72.82 -9.62
CA GLY R 104 53.18 -73.70 -8.66
C GLY R 104 54.70 -73.76 -8.79
N ASP R 105 55.34 -72.73 -9.35
CA ASP R 105 56.80 -72.69 -9.58
C ASP R 105 57.61 -72.66 -8.28
N TYR R 106 56.97 -72.38 -7.14
CA TYR R 106 57.57 -72.45 -5.81
C TYR R 106 57.52 -73.86 -5.18
N LEU R 107 57.21 -74.91 -5.94
CA LEU R 107 57.27 -76.31 -5.49
C LEU R 107 56.54 -76.54 -4.17
N GLY R 108 55.39 -75.89 -4.02
CA GLY R 108 54.52 -76.01 -2.86
C GLY R 108 55.05 -75.42 -1.55
N LYS R 109 56.20 -74.72 -1.56
CA LYS R 109 56.61 -73.89 -0.41
C LYS R 109 55.57 -72.79 -0.18
N THR R 110 55.48 -72.21 1.01
CA THR R 110 54.82 -70.90 1.14
C THR R 110 55.73 -69.83 0.56
N VAL R 111 55.14 -68.83 -0.10
CA VAL R 111 55.86 -67.77 -0.79
C VAL R 111 55.68 -66.48 -0.02
N GLN R 112 56.78 -65.78 0.20
CA GLN R 112 56.91 -64.74 1.22
C GLN R 112 57.43 -63.46 0.61
N ILE R 113 57.20 -62.30 1.23
CA ILE R 113 57.78 -61.06 0.67
C ILE R 113 59.29 -61.11 0.78
N VAL R 114 59.85 -61.68 1.85
CA VAL R 114 61.27 -62.03 1.94
C VAL R 114 61.38 -63.52 2.23
N PRO R 115 62.16 -64.32 1.48
CA PRO R 115 63.04 -63.93 0.39
C PRO R 115 62.42 -63.99 -1.00
N HIS R 116 61.25 -64.58 -1.22
CA HIS R 116 60.79 -64.87 -2.59
C HIS R 116 60.53 -63.63 -3.44
N LEU R 117 59.75 -62.66 -2.96
CA LEU R 117 59.52 -61.44 -3.74
C LEU R 117 60.76 -60.57 -3.85
N THR R 118 61.60 -60.46 -2.82
CA THR R 118 62.84 -59.70 -2.94
C THR R 118 63.86 -60.38 -3.86
N ASN R 119 63.82 -61.69 -4.01
CA ASN R 119 64.53 -62.39 -5.08
C ASN R 119 63.95 -62.06 -6.44
N ALA R 120 62.62 -62.03 -6.60
CA ALA R 120 62.00 -61.69 -7.87
C ALA R 120 62.44 -60.31 -8.38
N ILE R 121 62.47 -59.31 -7.52
CA ILE R 121 62.93 -57.96 -7.88
C ILE R 121 64.40 -57.98 -8.33
N GLN R 122 65.30 -58.64 -7.60
CA GLN R 122 66.70 -58.77 -8.04
C GLN R 122 66.83 -59.52 -9.37
N ASP R 123 66.07 -60.61 -9.53
CA ASP R 123 66.09 -61.39 -10.75
C ASP R 123 65.50 -60.61 -11.94
N TRP R 124 64.58 -59.66 -11.71
CA TRP R 124 64.09 -58.73 -12.73
C TRP R 124 65.12 -57.68 -13.10
N ILE R 125 65.75 -57.02 -12.14
CA ILE R 125 66.77 -56.01 -12.43
C ILE R 125 67.92 -56.61 -13.22
N GLU R 126 68.49 -57.73 -12.79
CA GLU R 126 69.59 -58.35 -13.54
C GLU R 126 69.13 -58.98 -14.85
N ARG R 127 67.85 -59.37 -15.00
CA ARG R 127 67.31 -59.80 -16.29
C ARG R 127 67.32 -58.65 -17.26
N VAL R 128 66.65 -57.57 -16.90
CA VAL R 128 66.45 -56.41 -17.78
C VAL R 128 67.76 -55.71 -18.12
N ALA R 129 68.72 -55.66 -17.20
CA ALA R 129 70.02 -55.06 -17.43
C ALA R 129 70.89 -55.80 -18.49
N LYS R 130 70.51 -56.99 -18.93
CA LYS R 130 71.13 -57.67 -20.08
C LYS R 130 70.68 -57.13 -21.44
N ILE R 131 69.46 -56.60 -21.54
CA ILE R 131 68.83 -56.26 -22.82
C ILE R 131 69.64 -55.18 -23.54
N PRO R 132 69.99 -55.33 -24.83
CA PRO R 132 70.84 -54.40 -25.56
C PRO R 132 70.04 -53.20 -26.11
N VAL R 133 69.80 -52.20 -25.27
CA VAL R 133 68.97 -51.02 -25.61
C VAL R 133 69.69 -49.98 -26.48
N ASP R 134 70.98 -50.17 -26.73
CA ASP R 134 71.92 -49.19 -27.26
C ASP R 134 72.19 -49.33 -28.78
N ASP R 135 72.98 -48.43 -29.37
CA ASP R 135 73.24 -48.36 -30.81
C ASP R 135 74.06 -49.52 -31.42
N THR R 136 74.39 -50.54 -30.63
CA THR R 136 74.86 -51.83 -31.13
C THR R 136 74.42 -52.91 -30.15
N GLY R 137 74.22 -54.13 -30.64
CA GLY R 137 73.52 -55.22 -29.94
C GLY R 137 74.24 -55.82 -28.72
N MET R 138 75.34 -55.25 -28.21
CA MET R 138 76.01 -55.74 -27.00
C MET R 138 75.27 -55.30 -25.74
N GLU R 139 75.27 -56.17 -24.71
CA GLU R 139 74.65 -55.87 -23.42
C GLU R 139 75.25 -54.60 -22.77
N PRO R 140 74.46 -53.77 -22.07
CA PRO R 140 74.95 -52.58 -21.39
C PRO R 140 76.06 -52.83 -20.37
N ASP R 141 76.86 -51.80 -20.13
CA ASP R 141 77.98 -51.82 -19.18
C ASP R 141 77.64 -51.18 -17.84
N VAL R 142 76.73 -50.22 -17.83
CA VAL R 142 76.16 -49.63 -16.61
C VAL R 142 74.64 -49.60 -16.72
N CYS R 143 73.93 -49.90 -15.65
CA CYS R 143 72.48 -49.67 -15.53
C CYS R 143 72.19 -48.63 -14.46
N ILE R 144 71.44 -47.58 -14.79
CA ILE R 144 70.97 -46.59 -13.83
C ILE R 144 69.61 -47.04 -13.30
N ILE R 145 69.48 -47.33 -12.01
CA ILE R 145 68.23 -47.78 -11.40
C ILE R 145 67.63 -46.63 -10.61
N GLU R 146 66.50 -46.08 -11.01
CA GLU R 146 65.84 -45.04 -10.24
C GLU R 146 64.73 -45.63 -9.40
N LEU R 147 64.87 -45.51 -8.09
CA LEU R 147 63.87 -45.95 -7.12
C LEU R 147 62.90 -44.80 -6.84
N GLY R 148 61.67 -44.88 -7.34
CA GLY R 148 60.63 -43.92 -7.04
C GLY R 148 60.11 -43.97 -5.62
N GLY R 149 59.21 -43.05 -5.29
CA GLY R 149 58.73 -42.82 -3.92
C GLY R 149 59.82 -42.24 -3.02
N THR R 150 59.72 -42.45 -1.71
CA THR R 150 60.78 -42.12 -0.75
C THR R 150 61.12 -43.31 0.12
N VAL R 151 62.40 -43.46 0.47
CA VAL R 151 62.83 -44.51 1.41
C VAL R 151 62.12 -44.29 2.76
N GLY R 152 61.51 -45.33 3.31
CA GLY R 152 60.66 -45.24 4.50
C GLY R 152 59.16 -45.12 4.22
N ASP R 153 58.79 -45.21 2.96
CA ASP R 153 57.36 -45.31 2.57
C ASP R 153 56.98 -46.77 2.80
N ILE R 154 55.71 -47.11 3.13
CA ILE R 154 55.25 -48.52 3.27
C ILE R 154 55.03 -49.08 1.87
N GLU R 155 55.18 -48.26 0.83
CA GLU R 155 54.98 -48.63 -0.59
C GLU R 155 56.31 -48.98 -1.23
N SER R 156 57.41 -48.44 -0.71
CA SER R 156 58.78 -48.61 -1.28
C SER R 156 59.59 -49.60 -0.44
N ALA R 157 59.03 -50.19 0.61
CA ALA R 157 59.78 -51.09 1.53
C ALA R 157 60.24 -52.37 0.82
N PRO R 158 59.46 -53.03 -0.07
CA PRO R 158 59.93 -54.22 -0.79
C PRO R 158 61.16 -53.99 -1.66
N PHE R 159 61.27 -52.81 -2.27
CA PHE R 159 62.37 -52.47 -3.17
C PHE R 159 63.68 -52.13 -2.46
N VAL R 160 63.64 -51.44 -1.33
CA VAL R 160 64.87 -51.21 -0.54
C VAL R 160 65.39 -52.50 0.10
N GLU R 161 64.53 -53.46 0.44
CA GLU R 161 64.98 -54.81 0.76
C GLU R 161 65.66 -55.46 -0.45
N ALA R 162 65.01 -55.47 -1.61
CA ALA R 162 65.56 -56.15 -2.75
C ALA R 162 66.88 -55.53 -3.21
N LEU R 163 66.99 -54.21 -3.22
CA LEU R 163 68.22 -53.51 -3.52
C LEU R 163 69.29 -53.78 -2.46
N ARG R 164 68.99 -53.86 -1.16
CA ARG R 164 70.01 -54.21 -0.15
C ARG R 164 70.63 -55.56 -0.46
N GLN R 165 69.81 -56.58 -0.66
CA GLN R 165 70.28 -57.91 -1.01
C GLN R 165 71.07 -57.87 -2.33
N PHE R 166 70.66 -57.02 -3.26
CA PHE R 166 71.35 -56.81 -4.52
C PHE R 166 72.74 -56.21 -4.35
N GLN R 167 73.06 -55.48 -3.28
CA GLN R 167 74.42 -55.01 -3.00
C GLN R 167 75.40 -56.16 -2.73
N PHE R 168 74.90 -57.40 -2.58
CA PHE R 168 75.68 -58.59 -2.31
C PHE R 168 75.61 -59.59 -3.47
N LYS R 169 74.43 -59.72 -4.10
CA LYS R 169 74.25 -60.54 -5.30
C LYS R 169 75.10 -59.99 -6.46
N VAL R 170 75.09 -58.67 -6.62
CA VAL R 170 76.13 -57.88 -7.28
C VAL R 170 77.17 -57.52 -6.23
N GLY R 171 78.45 -57.38 -6.56
CA GLY R 171 79.46 -56.95 -5.59
C GLY R 171 79.47 -55.44 -5.28
N LYS R 172 80.01 -55.05 -4.12
CA LYS R 172 80.60 -53.72 -3.97
C LYS R 172 81.77 -53.58 -4.96
N GLU R 173 82.08 -52.37 -5.40
CA GLU R 173 82.86 -52.12 -6.63
C GLU R 173 82.19 -52.60 -7.93
N ASN R 174 80.91 -53.00 -7.90
CA ASN R 174 80.04 -53.08 -9.07
C ASN R 174 78.73 -52.30 -8.87
N PHE R 175 78.25 -52.14 -7.65
CA PHE R 175 77.05 -51.36 -7.31
C PHE R 175 77.44 -50.08 -6.54
N ALA R 176 76.79 -48.96 -6.83
CA ALA R 176 76.89 -47.70 -6.07
C ALA R 176 75.55 -46.99 -5.95
N LEU R 177 75.35 -46.15 -4.95
CA LEU R 177 74.08 -45.45 -4.72
C LEU R 177 74.27 -43.93 -4.58
N ILE R 178 73.43 -43.17 -5.28
CA ILE R 178 73.27 -41.73 -5.15
C ILE R 178 71.96 -41.45 -4.41
N HIS R 179 72.00 -40.77 -3.27
CA HIS R 179 70.79 -40.45 -2.50
C HIS R 179 70.48 -38.99 -2.66
N VAL R 180 69.28 -38.64 -3.08
CA VAL R 180 68.90 -37.27 -3.38
C VAL R 180 68.10 -36.74 -2.21
N SER R 181 68.45 -35.60 -1.61
CA SER R 181 67.91 -35.19 -0.30
C SER R 181 67.70 -33.68 -0.17
N LEU R 182 66.90 -33.25 0.80
CA LEU R 182 66.45 -31.86 0.88
C LEU R 182 67.30 -31.04 1.84
N VAL R 183 67.74 -29.86 1.42
CA VAL R 183 68.29 -28.84 2.31
C VAL R 183 67.32 -27.67 2.27
N PRO R 184 66.27 -27.61 3.12
CA PRO R 184 65.37 -26.47 3.12
C PRO R 184 66.10 -25.24 3.62
N VAL R 185 65.79 -24.09 3.05
CA VAL R 185 66.27 -22.80 3.51
C VAL R 185 65.11 -22.08 4.16
N ILE R 186 65.21 -21.82 5.46
CA ILE R 186 64.26 -20.97 6.19
C ILE R 186 65.01 -19.97 7.05
N HIS R 187 64.44 -18.77 7.25
CA HIS R 187 65.14 -17.65 7.88
C HIS R 187 66.51 -17.36 7.22
N GLY R 188 66.61 -17.62 5.92
CA GLY R 188 67.85 -17.50 5.15
C GLY R 188 68.98 -18.46 5.53
N GLU R 189 68.72 -19.55 6.28
CA GLU R 189 69.72 -20.57 6.63
C GLU R 189 69.40 -21.96 6.06
N GLN R 190 70.39 -22.59 5.42
CA GLN R 190 70.35 -23.98 4.94
C GLN R 190 70.36 -25.00 6.09
N LYS R 191 69.24 -25.67 6.35
CA LYS R 191 69.14 -26.65 7.44
C LYS R 191 69.50 -28.05 6.96
N THR R 192 70.40 -28.74 7.64
CA THR R 192 70.85 -30.09 7.24
C THR R 192 69.95 -31.21 7.75
N LYS R 193 69.15 -31.00 8.79
CA LYS R 193 68.48 -32.09 9.53
C LYS R 193 67.57 -33.00 8.71
N PRO R 194 66.81 -32.58 7.69
CA PRO R 194 66.05 -33.53 6.89
C PRO R 194 66.94 -34.53 6.17
N THR R 195 68.14 -34.14 5.74
CA THR R 195 69.15 -35.09 5.23
C THR R 195 69.67 -36.04 6.29
N GLN R 196 69.90 -35.59 7.54
CA GLN R 196 70.29 -36.49 8.63
C GLN R 196 69.20 -37.53 8.93
N ALA R 197 67.95 -37.12 9.13
CA ALA R 197 66.83 -38.03 9.40
C ALA R 197 66.53 -38.98 8.23
N ALA R 198 66.65 -38.57 6.97
CA ALA R 198 66.48 -39.45 5.81
C ALA R 198 67.68 -40.37 5.56
N ILE R 199 68.88 -40.02 5.99
CA ILE R 199 70.04 -40.90 5.92
C ILE R 199 70.00 -41.91 7.07
N LYS R 200 69.56 -41.52 8.26
CA LYS R 200 69.18 -42.44 9.32
C LYS R 200 68.16 -43.47 8.83
N GLY R 201 67.09 -43.04 8.16
CA GLY R 201 66.15 -43.93 7.48
C GLY R 201 66.85 -44.85 6.48
N LEU R 202 67.70 -44.32 5.59
CA LEU R 202 68.39 -45.12 4.58
C LEU R 202 69.26 -46.21 5.19
N ARG R 203 70.13 -45.90 6.16
CA ARG R 203 70.98 -46.92 6.77
C ARG R 203 70.18 -47.94 7.57
N SER R 204 69.02 -47.59 8.12
CA SER R 204 68.14 -48.55 8.79
C SER R 204 67.76 -49.70 7.88
N LEU R 205 67.37 -49.42 6.63
CA LEU R 205 67.03 -50.43 5.61
C LEU R 205 68.26 -51.05 4.93
N GLY R 206 69.44 -50.45 5.09
CA GLY R 206 70.74 -51.10 4.94
C GLY R 206 71.56 -50.69 3.73
N LEU R 207 70.99 -49.87 2.86
CA LEU R 207 71.70 -49.22 1.79
C LEU R 207 72.64 -48.16 2.36
N VAL R 208 73.80 -47.94 1.76
CA VAL R 208 74.73 -46.86 2.15
C VAL R 208 75.02 -45.98 0.93
N PRO R 209 74.92 -44.65 1.03
CA PRO R 209 75.07 -43.77 -0.10
C PRO R 209 76.54 -43.52 -0.38
N ASP R 210 76.94 -43.69 -1.63
CA ASP R 210 78.27 -43.33 -2.10
C ASP R 210 78.35 -41.88 -2.52
N MET R 211 77.20 -41.26 -2.77
CA MET R 211 77.02 -39.83 -2.94
C MET R 211 75.74 -39.36 -2.28
N ILE R 212 75.71 -38.11 -1.86
CA ILE R 212 74.47 -37.41 -1.55
C ILE R 212 74.33 -36.30 -2.58
N ALA R 213 73.12 -36.03 -3.05
CA ALA R 213 72.85 -34.93 -3.95
C ALA R 213 71.71 -34.06 -3.45
N CYS R 214 71.91 -32.76 -3.29
CA CYS R 214 70.91 -31.95 -2.59
C CYS R 214 70.01 -31.14 -3.52
N ARG R 215 68.70 -31.25 -3.33
CA ARG R 215 67.74 -30.21 -3.70
C ARG R 215 67.92 -29.08 -2.72
N CYS R 216 68.29 -27.91 -3.22
CA CYS R 216 68.39 -26.72 -2.40
C CYS R 216 68.02 -25.49 -3.24
N SER R 217 67.45 -24.47 -2.59
CA SER R 217 67.14 -23.19 -3.22
C SER R 217 68.39 -22.39 -3.58
N GLU R 218 69.58 -22.79 -3.12
CA GLU R 218 70.83 -22.03 -3.18
C GLU R 218 72.02 -22.88 -3.63
N THR R 219 73.17 -22.26 -3.87
CA THR R 219 74.42 -23.01 -3.80
C THR R 219 74.64 -23.43 -2.34
N LEU R 220 74.87 -24.72 -2.06
CA LEU R 220 75.20 -25.15 -0.70
C LEU R 220 76.39 -24.38 -0.15
N ASP R 221 76.26 -23.84 1.05
CA ASP R 221 77.39 -23.27 1.75
C ASP R 221 78.45 -24.33 2.05
N LYS R 222 79.72 -23.93 2.05
CA LYS R 222 80.85 -24.75 2.48
C LYS R 222 80.60 -25.46 3.81
N PRO R 223 80.09 -24.81 4.88
CA PRO R 223 79.69 -25.49 6.11
C PRO R 223 78.52 -26.47 5.94
N THR R 224 77.56 -26.26 5.04
CA THR R 224 76.46 -27.21 4.83
C THR R 224 76.97 -28.52 4.26
N ILE R 225 77.87 -28.48 3.29
CA ILE R 225 78.55 -29.66 2.78
C ILE R 225 79.31 -30.39 3.90
N ASP R 226 80.04 -29.66 4.74
CA ASP R 226 80.77 -30.26 5.86
C ASP R 226 79.82 -30.88 6.89
N LYS R 227 78.70 -30.24 7.23
CA LYS R 227 77.75 -30.76 8.21
C LYS R 227 76.86 -31.89 7.67
N ILE R 228 76.71 -32.05 6.36
CA ILE R 228 76.18 -33.30 5.77
C ILE R 228 77.26 -34.40 5.79
N ALA R 229 78.48 -34.15 5.31
CA ALA R 229 79.53 -35.16 5.28
C ALA R 229 80.00 -35.63 6.67
N MET R 230 79.87 -34.81 7.72
CA MET R 230 80.09 -35.21 9.13
C MET R 230 79.01 -36.15 9.66
N PHE R 231 77.92 -36.35 8.92
CA PHE R 231 76.75 -37.15 9.33
C PHE R 231 76.41 -38.29 8.38
N CYS R 232 77.19 -38.49 7.32
CA CYS R 232 77.03 -39.53 6.32
C CYS R 232 78.39 -40.07 5.88
N HIS R 233 78.43 -41.26 5.30
CA HIS R 233 79.70 -41.94 5.01
C HIS R 233 80.33 -41.53 3.66
N VAL R 234 80.25 -40.25 3.32
CA VAL R 234 80.73 -39.64 2.06
C VAL R 234 81.81 -38.61 2.34
N GLY R 235 82.79 -38.43 1.47
CA GLY R 235 83.70 -37.29 1.56
C GLY R 235 82.96 -35.99 1.25
N PRO R 236 83.47 -34.81 1.62
CA PRO R 236 82.81 -33.55 1.32
C PRO R 236 82.70 -33.26 -0.19
N GLU R 237 83.54 -33.88 -1.01
CA GLU R 237 83.53 -33.79 -2.48
C GLU R 237 82.44 -34.66 -3.16
N GLN R 238 81.74 -35.53 -2.42
CA GLN R 238 80.58 -36.31 -2.89
C GLN R 238 79.25 -35.83 -2.32
N VAL R 239 79.17 -34.63 -1.77
CA VAL R 239 77.89 -33.95 -1.56
C VAL R 239 77.63 -33.05 -2.78
N VAL R 240 77.05 -33.64 -3.82
CA VAL R 240 76.67 -33.02 -5.09
C VAL R 240 75.52 -32.04 -4.87
N ASN R 241 75.36 -31.06 -5.75
CA ASN R 241 74.32 -30.05 -5.64
C ASN R 241 73.75 -29.63 -7.00
N VAL R 242 72.53 -30.04 -7.30
CA VAL R 242 71.80 -29.64 -8.52
C VAL R 242 71.08 -28.32 -8.27
N HIS R 243 71.83 -27.21 -8.30
CA HIS R 243 71.28 -25.86 -8.10
C HIS R 243 70.61 -25.31 -9.37
N ASP R 244 70.00 -24.13 -9.26
CA ASP R 244 69.45 -23.40 -10.41
C ASP R 244 70.49 -23.24 -11.52
N VAL R 245 70.12 -23.58 -12.75
CA VAL R 245 70.95 -23.50 -13.97
C VAL R 245 70.14 -22.96 -15.14
N ASN R 246 70.81 -22.51 -16.20
CA ASN R 246 70.13 -21.81 -17.30
C ASN R 246 69.04 -22.65 -17.96
N SER R 247 69.26 -23.96 -18.08
CA SER R 247 68.24 -24.91 -18.51
C SER R 247 68.60 -26.34 -18.11
N THR R 248 67.63 -27.24 -18.11
CA THR R 248 67.78 -28.62 -17.65
C THR R 248 68.85 -29.40 -18.42
N TYR R 249 69.12 -29.05 -19.67
CA TYR R 249 70.17 -29.68 -20.46
C TYR R 249 71.59 -29.35 -19.98
N HIS R 250 71.76 -28.37 -19.10
CA HIS R 250 73.05 -28.08 -18.47
C HIS R 250 73.39 -29.03 -17.32
N VAL R 251 72.43 -29.71 -16.71
CA VAL R 251 72.69 -30.51 -15.51
C VAL R 251 73.80 -31.54 -15.69
N PRO R 252 73.95 -32.31 -16.79
CA PRO R 252 75.09 -33.20 -16.88
C PRO R 252 76.44 -32.48 -16.92
N LEU R 253 76.53 -31.27 -17.48
CA LEU R 253 77.75 -30.48 -17.33
C LEU R 253 77.94 -30.00 -15.89
N LEU R 254 76.89 -29.59 -15.17
CA LEU R 254 76.98 -29.25 -13.76
C LEU R 254 77.52 -30.41 -12.92
N LEU R 255 76.98 -31.62 -13.09
CA LEU R 255 77.44 -32.82 -12.39
C LEU R 255 78.90 -33.12 -12.74
N LEU R 256 79.27 -33.06 -14.01
CA LEU R 256 80.66 -33.29 -14.43
C LEU R 256 81.63 -32.24 -13.87
N GLU R 257 81.23 -30.98 -13.77
CA GLU R 257 82.07 -29.93 -13.19
C GLU R 257 82.16 -30.01 -11.67
N GLN R 258 81.15 -30.54 -10.99
CA GLN R 258 81.21 -30.96 -9.58
C GLN R 258 81.99 -32.26 -9.37
N LYS R 259 82.78 -32.72 -10.36
CA LYS R 259 83.61 -33.93 -10.31
C LYS R 259 82.82 -35.19 -9.95
N MET R 260 81.55 -35.24 -10.31
CA MET R 260 80.69 -36.37 -9.97
C MET R 260 81.18 -37.67 -10.62
N ILE R 261 81.53 -37.62 -11.91
CA ILE R 261 82.04 -38.80 -12.64
C ILE R 261 83.47 -39.15 -12.28
N ASP R 262 84.31 -38.20 -11.93
CA ASP R 262 85.69 -38.48 -11.53
C ASP R 262 85.75 -39.33 -10.25
N TYR R 263 84.69 -39.31 -9.44
CA TYR R 263 84.47 -40.29 -8.38
C TYR R 263 83.89 -41.60 -8.94
N LEU R 264 82.78 -41.61 -9.67
CA LEU R 264 82.15 -42.86 -10.15
C LEU R 264 83.11 -43.72 -10.99
N HIS R 265 83.99 -43.12 -11.77
CA HIS R 265 85.07 -43.81 -12.46
C HIS R 265 85.91 -44.69 -11.51
N ALA R 266 86.30 -44.18 -10.34
CA ALA R 266 87.05 -44.92 -9.34
C ALA R 266 86.14 -45.84 -8.51
N ARG R 267 84.98 -45.35 -8.06
CA ARG R 267 84.04 -46.07 -7.17
C ARG R 267 83.40 -47.30 -7.82
N LEU R 268 83.23 -47.28 -9.13
CA LEU R 268 82.79 -48.43 -9.94
C LEU R 268 83.94 -49.04 -10.75
N LYS R 269 85.18 -48.59 -10.51
CA LYS R 269 86.42 -49.09 -11.13
C LYS R 269 86.30 -49.32 -12.64
N LEU R 270 85.80 -48.31 -13.36
CA LEU R 270 85.39 -48.42 -14.77
C LEU R 270 86.53 -48.60 -15.78
N ASP R 271 87.80 -48.52 -15.37
CA ASP R 271 88.90 -49.07 -16.17
C ASP R 271 88.73 -50.57 -16.50
N GLU R 272 87.92 -51.31 -15.72
CA GLU R 272 87.67 -52.73 -15.95
C GLU R 272 86.69 -53.01 -17.12
N ILE R 273 86.06 -52.02 -17.73
CA ILE R 273 85.30 -52.22 -18.98
C ILE R 273 86.26 -52.12 -20.16
N THR R 274 86.34 -50.79 -26.20
CA THR R 274 86.82 -50.81 -27.59
C THR R 274 86.94 -49.38 -28.15
N GLU R 275 87.76 -49.18 -29.18
CA GLU R 275 87.98 -47.87 -29.79
C GLU R 275 86.68 -47.18 -30.24
N GLU R 276 85.69 -47.94 -30.74
CA GLU R 276 84.38 -47.42 -31.08
C GLU R 276 83.69 -46.74 -29.87
N GLU R 277 83.74 -47.34 -28.68
CA GLU R 277 83.18 -46.74 -27.46
C GLU R 277 83.93 -45.50 -27.05
N LYS R 278 85.26 -45.53 -27.09
CA LYS R 278 86.10 -44.38 -26.72
C LYS R 278 85.82 -43.19 -27.64
N GLN R 279 85.71 -43.42 -28.95
CA GLN R 279 85.32 -42.40 -29.92
C GLN R 279 83.90 -41.89 -29.67
N ARG R 280 82.91 -42.77 -29.57
CA ARG R 280 81.52 -42.37 -29.31
C ARG R 280 81.35 -41.61 -27.99
N GLY R 281 82.23 -41.81 -27.02
CA GLY R 281 82.31 -40.99 -25.82
C GLY R 281 82.73 -39.55 -26.13
N LEU R 282 83.84 -39.36 -26.83
CA LEU R 282 84.31 -38.02 -27.19
C LEU R 282 83.31 -37.30 -28.10
N GLU R 283 82.71 -37.99 -29.06
CA GLU R 283 81.65 -37.43 -29.90
C GLU R 283 80.45 -37.00 -29.08
N LEU R 284 80.02 -37.75 -28.06
CA LEU R 284 78.89 -37.33 -27.23
C LEU R 284 79.21 -36.05 -26.46
N LEU R 285 80.42 -35.91 -25.93
CA LEU R 285 80.86 -34.65 -25.34
C LEU R 285 80.86 -33.51 -26.35
N SER R 286 81.38 -33.70 -27.56
CA SER R 286 81.39 -32.65 -28.58
C SER R 286 79.98 -32.18 -28.92
N LYS R 287 79.05 -33.12 -29.09
CA LYS R 287 77.63 -32.84 -29.35
C LYS R 287 76.95 -32.18 -28.16
N TRP R 288 77.36 -32.48 -26.93
CA TRP R 288 76.88 -31.75 -25.77
C TRP R 288 77.39 -30.32 -25.77
N LYS R 289 78.68 -30.10 -26.04
CA LYS R 289 79.23 -28.74 -26.17
C LYS R 289 78.52 -27.95 -27.27
N ALA R 290 78.15 -28.58 -28.38
CA ALA R 290 77.34 -27.96 -29.44
C ALA R 290 75.94 -27.54 -28.97
N THR R 291 75.11 -28.43 -28.42
CA THR R 291 73.77 -28.02 -27.93
C THR R 291 73.85 -27.01 -26.80
N THR R 292 74.88 -27.09 -25.96
CA THR R 292 75.12 -26.08 -24.94
C THR R 292 75.49 -24.74 -25.55
N GLY R 293 76.40 -24.71 -26.54
CA GLY R 293 76.78 -23.51 -27.26
C GLY R 293 75.58 -22.86 -27.93
N ASN R 294 74.73 -23.66 -28.59
CA ASN R 294 73.47 -23.21 -29.18
C ASN R 294 72.47 -22.59 -28.17
N PHE R 295 72.65 -22.76 -26.86
CA PHE R 295 71.85 -22.06 -25.86
C PHE R 295 72.47 -20.71 -25.53
N ASP R 296 73.77 -20.65 -25.27
CA ASP R 296 74.49 -19.38 -25.05
C ASP R 296 74.43 -18.45 -26.27
N GLU R 297 74.69 -19.00 -27.45
CA GLU R 297 74.66 -18.32 -28.76
C GLU R 297 73.23 -18.13 -29.29
N GLU R 298 67.85 -14.78 -30.07
CA GLU R 298 66.50 -14.36 -30.50
C GLU R 298 65.40 -15.38 -30.18
N THR R 299 64.20 -14.92 -29.81
CA THR R 299 63.06 -15.78 -29.46
C THR R 299 62.23 -16.26 -30.65
N VAL R 300 61.69 -17.48 -30.57
CA VAL R 300 60.60 -18.01 -31.40
C VAL R 300 59.39 -18.22 -30.50
N LYS R 301 58.24 -17.64 -30.83
CA LYS R 301 56.99 -17.77 -30.04
C LYS R 301 56.10 -18.80 -30.70
N ILE R 302 55.67 -19.85 -30.03
CA ILE R 302 54.79 -20.91 -30.60
C ILE R 302 53.52 -21.03 -29.76
N ALA R 303 52.33 -20.96 -30.37
CA ALA R 303 51.10 -21.25 -29.64
C ALA R 303 50.85 -22.74 -29.70
N LEU R 304 50.80 -23.40 -28.55
CA LEU R 304 50.38 -24.78 -28.44
C LEU R 304 48.92 -24.77 -27.99
N VAL R 305 48.03 -25.27 -28.85
CA VAL R 305 46.59 -25.11 -28.71
C VAL R 305 45.95 -26.47 -28.50
N GLY R 306 45.35 -26.72 -27.34
CA GLY R 306 44.74 -28.00 -27.08
C GLY R 306 43.80 -28.00 -25.89
N LYS R 307 43.25 -29.16 -25.56
CA LYS R 307 42.44 -29.34 -24.34
C LYS R 307 43.32 -29.20 -23.09
N TYR R 308 42.79 -28.55 -22.06
CA TYR R 308 43.29 -28.56 -20.67
C TYR R 308 44.81 -28.33 -20.57
N THR R 309 45.34 -27.39 -21.34
CA THR R 309 46.76 -26.98 -21.30
C THR R 309 47.26 -26.49 -19.93
N ASN R 310 46.36 -26.23 -18.99
CA ASN R 310 46.67 -26.01 -17.58
C ASN R 310 47.45 -27.19 -16.97
N LEU R 311 47.16 -28.42 -17.41
CA LEU R 311 47.77 -29.67 -16.96
C LEU R 311 49.06 -29.94 -17.75
N LYS R 312 50.08 -29.11 -17.52
CA LYS R 312 51.26 -28.99 -18.40
C LYS R 312 52.10 -30.27 -18.55
N ASP R 313 52.11 -31.17 -17.56
CA ASP R 313 52.74 -32.50 -17.71
C ASP R 313 52.03 -33.37 -18.77
N SER R 314 50.76 -33.12 -19.06
CA SER R 314 50.00 -33.87 -20.05
C SER R 314 50.51 -33.66 -21.49
N TYR R 315 51.34 -32.65 -21.72
CA TYR R 315 52.01 -32.36 -22.99
C TYR R 315 53.53 -32.44 -22.89
N LEU R 316 54.08 -33.13 -21.87
CA LEU R 316 55.53 -33.09 -21.61
C LEU R 316 56.40 -33.43 -22.81
N SER R 317 56.09 -34.50 -23.56
CA SER R 317 56.94 -34.90 -24.69
C SER R 317 56.97 -33.84 -25.77
N VAL R 318 55.84 -33.21 -26.04
CA VAL R 318 55.71 -32.13 -27.01
C VAL R 318 56.63 -30.98 -26.62
N ILE R 319 56.66 -30.56 -25.36
CA ILE R 319 57.56 -29.50 -24.89
C ILE R 319 59.01 -29.88 -25.15
N LYS R 320 59.42 -31.08 -24.74
CA LYS R 320 60.81 -31.51 -24.93
C LYS R 320 61.19 -31.61 -26.41
N ALA R 321 60.30 -32.03 -27.29
CA ALA R 321 60.55 -32.05 -28.72
C ALA R 321 60.76 -30.66 -29.32
N LEU R 322 60.04 -29.65 -28.82
CA LEU R 322 60.27 -28.26 -29.19
C LEU R 322 61.59 -27.72 -28.63
N GLU R 323 61.99 -28.10 -27.41
CA GLU R 323 63.26 -27.70 -26.83
C GLU R 323 64.44 -28.26 -27.62
N HIS R 324 64.43 -29.55 -27.98
CA HIS R 324 65.56 -30.17 -28.69
C HIS R 324 65.79 -29.49 -30.03
N SER R 325 64.72 -29.22 -30.74
CA SER R 325 64.76 -28.52 -32.03
C SER R 325 65.18 -27.07 -31.88
N SER R 326 64.69 -26.35 -30.88
CA SER R 326 65.05 -24.94 -30.67
C SER R 326 66.54 -24.72 -30.42
N MET R 327 67.24 -25.66 -29.79
CA MET R 327 68.70 -25.61 -29.66
C MET R 327 69.42 -25.87 -30.99
N LYS R 328 68.81 -26.54 -31.95
CA LYS R 328 69.43 -26.65 -33.27
C LYS R 328 69.33 -25.31 -34.01
N CYS R 329 68.18 -24.63 -33.94
CA CYS R 329 67.95 -23.30 -34.51
C CYS R 329 68.62 -22.14 -33.77
N ARG R 330 69.37 -22.39 -32.69
CA ARG R 330 69.99 -21.38 -31.81
C ARG R 330 69.00 -20.37 -31.23
N ARG R 331 67.70 -20.63 -31.19
CA ARG R 331 66.67 -19.66 -30.84
C ARG R 331 65.94 -20.05 -29.57
N LYS R 332 65.60 -19.06 -28.76
CA LYS R 332 64.96 -19.24 -27.45
C LYS R 332 63.50 -19.59 -27.65
N LEU R 333 63.02 -20.64 -27.01
CA LEU R 333 61.65 -21.12 -27.16
C LEU R 333 60.71 -20.45 -26.16
N ASP R 334 59.58 -19.97 -26.65
CA ASP R 334 58.54 -19.37 -25.82
C ASP R 334 57.17 -19.97 -26.17
N ILE R 335 56.80 -21.07 -25.53
CA ILE R 335 55.51 -21.71 -25.74
C ILE R 335 54.41 -20.86 -25.10
N LYS R 336 53.44 -20.39 -25.88
CA LYS R 336 52.19 -19.85 -25.35
C LYS R 336 51.21 -21.00 -25.18
N TRP R 337 50.69 -21.19 -23.98
CA TRP R 337 49.70 -22.20 -23.67
C TRP R 337 48.29 -21.66 -23.89
N VAL R 338 47.56 -22.21 -24.85
CA VAL R 338 46.20 -21.82 -25.18
C VAL R 338 45.23 -22.95 -24.85
N GLU R 339 44.22 -22.71 -24.03
CA GLU R 339 43.10 -23.64 -23.96
C GLU R 339 42.28 -23.52 -25.23
N ALA R 340 42.16 -24.59 -25.99
CA ALA R 340 41.47 -24.59 -27.27
C ALA R 340 40.02 -24.11 -27.15
N THR R 341 39.31 -24.49 -26.09
CA THR R 341 37.92 -24.06 -25.91
C THR R 341 37.76 -22.55 -25.70
N ASP R 342 38.78 -21.84 -25.22
CA ASP R 342 38.70 -20.39 -25.06
C ASP R 342 38.77 -19.63 -26.39
N LEU R 343 39.10 -20.29 -27.51
CA LEU R 343 39.04 -19.67 -28.84
C LEU R 343 37.62 -19.63 -29.40
N GLU R 344 36.70 -20.41 -28.85
CA GLU R 344 35.38 -20.61 -29.46
C GLU R 344 34.52 -19.32 -29.50
N PRO R 345 33.69 -19.10 -30.53
CA PRO R 345 32.73 -18.01 -30.57
C PRO R 345 31.74 -17.97 -29.41
N GLU R 346 31.46 -19.12 -28.78
CA GLU R 346 30.64 -19.23 -27.56
C GLU R 346 31.37 -18.70 -26.31
N ALA R 347 32.69 -18.87 -26.23
CA ALA R 347 33.46 -18.42 -25.08
C ALA R 347 33.40 -16.89 -24.92
N GLN R 348 33.18 -16.15 -26.01
CA GLN R 348 33.11 -14.70 -26.02
C GLN R 348 32.00 -14.12 -25.12
N GLU R 349 30.83 -14.77 -25.04
CA GLU R 349 29.80 -14.35 -24.07
C GLU R 349 29.97 -15.03 -22.70
N SER R 350 30.51 -16.25 -22.67
CA SER R 350 30.61 -17.03 -21.44
C SER R 350 31.72 -16.54 -20.50
N ASN R 351 32.90 -16.27 -21.03
CA ASN R 351 34.11 -15.97 -20.27
C ASN R 351 35.05 -15.04 -21.05
N LYS R 352 34.55 -13.86 -21.43
CA LYS R 352 35.16 -12.97 -22.43
C LYS R 352 36.65 -12.69 -22.18
N THR R 353 37.07 -12.49 -20.95
CA THR R 353 38.45 -12.10 -20.62
C THR R 353 39.46 -13.13 -21.08
N LYS R 354 39.22 -14.41 -20.77
CA LYS R 354 40.13 -15.50 -21.16
C LYS R 354 40.11 -15.74 -22.66
N PHE R 355 38.97 -15.50 -23.31
CA PHE R 355 38.85 -15.56 -24.77
C PHE R 355 39.77 -14.55 -25.47
N HIS R 356 39.88 -13.31 -24.98
CA HIS R 356 40.84 -12.36 -25.53
C HIS R 356 42.28 -12.78 -25.26
N GLU R 357 42.60 -13.32 -24.08
CA GLU R 357 43.96 -13.81 -23.81
C GLU R 357 44.34 -14.94 -24.77
N ALA R 358 43.42 -15.87 -25.02
CA ALA R 358 43.64 -16.96 -25.95
C ALA R 358 43.89 -16.46 -27.38
N TRP R 359 43.06 -15.54 -27.86
CA TRP R 359 43.23 -15.00 -29.20
C TRP R 359 44.45 -14.10 -29.36
N ASN R 360 44.86 -13.36 -28.34
CA ASN R 360 46.13 -12.63 -28.41
C ASN R 360 47.30 -13.60 -28.60
N MET R 361 47.33 -14.72 -27.87
CA MET R 361 48.39 -15.72 -28.03
C MET R 361 48.40 -16.25 -29.46
N VAL R 362 47.26 -16.67 -30.00
CA VAL R 362 47.17 -17.18 -31.38
C VAL R 362 47.65 -16.15 -32.41
N SER R 363 47.26 -14.89 -32.23
CA SER R 363 47.64 -13.77 -33.10
C SER R 363 49.10 -13.37 -33.00
N THR R 364 49.73 -13.55 -31.84
CA THR R 364 51.13 -13.20 -31.60
C THR R 364 52.09 -14.24 -32.19
N ALA R 365 51.73 -15.51 -32.14
CA ALA R 365 52.69 -16.59 -32.32
C ALA R 365 53.31 -16.66 -33.71
N ASP R 366 54.60 -16.98 -33.79
CA ASP R 366 55.34 -17.24 -35.01
C ASP R 366 55.05 -18.61 -35.61
N GLY R 367 54.44 -19.50 -34.85
CA GLY R 367 54.00 -20.81 -35.30
C GLY R 367 52.81 -21.31 -34.50
N ILE R 368 52.02 -22.20 -35.06
CA ILE R 368 50.90 -22.83 -34.37
C ILE R 368 51.15 -24.34 -34.30
N LEU R 369 50.72 -24.95 -33.20
CA LEU R 369 50.92 -26.36 -32.91
C LEU R 369 49.67 -26.92 -32.28
N ILE R 370 49.05 -27.89 -32.93
CA ILE R 370 47.92 -28.63 -32.38
C ILE R 370 48.47 -30.00 -31.95
N PRO R 371 48.47 -30.36 -30.65
CA PRO R 371 49.45 -31.28 -30.09
C PRO R 371 49.02 -32.75 -29.99
N GLY R 372 47.88 -33.13 -30.55
CA GLY R 372 47.35 -34.49 -30.41
C GLY R 372 46.62 -34.69 -29.09
N GLY R 373 45.62 -33.85 -28.83
CA GLY R 373 44.83 -33.86 -27.61
C GLY R 373 44.04 -35.13 -27.36
N PHE R 374 43.47 -35.23 -26.16
CA PHE R 374 42.65 -36.35 -25.69
C PHE R 374 41.16 -35.95 -25.68
N GLY R 375 40.31 -36.73 -26.33
CA GLY R 375 38.87 -36.49 -26.43
C GLY R 375 38.45 -35.31 -27.30
N VAL R 376 37.15 -35.04 -27.39
CA VAL R 376 36.58 -34.14 -28.42
C VAL R 376 36.52 -32.65 -28.04
N ARG R 377 36.49 -32.33 -26.73
CA ARG R 377 36.08 -30.99 -26.21
C ARG R 377 36.70 -29.80 -26.91
N GLY R 378 38.02 -29.78 -27.09
CA GLY R 378 38.74 -28.64 -27.67
C GLY R 378 38.55 -28.42 -29.17
N THR R 379 37.91 -29.35 -29.88
CA THR R 379 37.95 -29.42 -31.34
C THR R 379 37.55 -28.11 -32.01
N GLU R 380 36.47 -27.47 -31.58
CA GLU R 380 35.93 -26.30 -32.28
C GLU R 380 36.92 -25.12 -32.32
N GLY R 381 37.65 -24.88 -31.24
CA GLY R 381 38.70 -23.87 -31.24
C GLY R 381 39.92 -24.28 -32.04
N MET R 382 40.33 -25.54 -31.97
CA MET R 382 41.46 -26.06 -32.74
C MET R 382 41.23 -25.95 -34.25
N VAL R 383 39.99 -26.01 -34.72
CA VAL R 383 39.64 -25.72 -36.11
C VAL R 383 40.00 -24.30 -36.49
N LEU R 384 39.60 -23.30 -35.69
CA LEU R 384 39.87 -21.88 -35.92
C LEU R 384 41.37 -21.56 -35.82
N ALA R 385 42.13 -22.24 -34.97
CA ALA R 385 43.58 -22.14 -34.97
C ALA R 385 44.23 -22.72 -36.25
N ALA R 386 43.70 -23.80 -36.80
CA ALA R 386 44.20 -24.34 -38.06
C ALA R 386 43.87 -23.44 -39.26
N ARG R 387 42.68 -22.83 -39.28
CA ARG R 387 42.20 -21.84 -40.26
C ARG R 387 43.07 -20.60 -40.26
N TRP R 388 43.40 -20.11 -39.07
CA TRP R 388 44.30 -18.98 -38.88
C TRP R 388 45.67 -19.18 -39.51
N ALA R 389 46.23 -20.38 -39.45
CA ALA R 389 47.51 -20.71 -40.08
C ALA R 389 47.41 -21.19 -41.54
N ARG R 390 46.25 -21.66 -42.00
CA ARG R 390 46.05 -21.97 -43.42
C ARG R 390 46.04 -20.69 -44.23
N GLU R 391 45.23 -19.73 -43.80
CA GLU R 391 44.92 -18.54 -44.60
C GLU R 391 46.07 -17.54 -44.58
N ASN R 392 46.38 -17.00 -43.40
CA ASN R 392 47.60 -16.25 -43.16
C ASN R 392 48.75 -17.26 -43.12
N HIS R 393 49.88 -17.02 -43.79
CA HIS R 393 50.96 -18.01 -43.95
C HIS R 393 51.81 -18.30 -42.68
N ILE R 394 51.19 -18.51 -41.52
CA ILE R 394 51.82 -18.91 -40.26
C ILE R 394 52.32 -20.37 -40.35
N PRO R 395 53.55 -20.72 -39.96
CA PRO R 395 53.97 -22.10 -39.82
C PRO R 395 53.10 -22.92 -38.86
N PHE R 396 52.85 -24.18 -39.18
CA PHE R 396 51.93 -25.05 -38.45
C PHE R 396 52.44 -26.48 -38.36
N LEU R 397 52.20 -27.16 -37.24
CA LEU R 397 52.28 -28.60 -37.14
C LEU R 397 51.04 -29.15 -36.43
N GLY R 398 50.38 -30.12 -37.03
CA GLY R 398 49.33 -30.88 -36.39
C GLY R 398 49.79 -32.28 -36.06
N VAL R 399 49.65 -32.71 -34.82
CA VAL R 399 50.03 -34.05 -34.37
C VAL R 399 48.77 -34.84 -34.04
N CYS R 400 48.58 -36.02 -34.64
CA CYS R 400 47.44 -36.91 -34.42
C CYS R 400 46.08 -36.22 -34.60
N LEU R 401 45.36 -35.89 -33.52
CA LEU R 401 44.16 -35.05 -33.57
C LEU R 401 44.42 -33.72 -34.32
N GLY R 402 45.65 -33.24 -34.36
CA GLY R 402 46.02 -32.09 -35.17
C GLY R 402 45.96 -32.37 -36.67
N LEU R 403 46.34 -33.55 -37.16
CA LEU R 403 46.11 -33.88 -38.57
C LEU R 403 44.62 -34.02 -38.85
N GLN R 404 43.90 -34.66 -37.94
CA GLN R 404 42.47 -34.80 -38.00
C GLN R 404 41.84 -33.42 -38.14
N ILE R 405 42.27 -32.43 -37.35
CA ILE R 405 41.74 -31.07 -37.39
C ILE R 405 42.29 -30.23 -38.53
N ALA R 406 43.51 -30.45 -39.01
CA ALA R 406 43.97 -29.88 -40.26
C ALA R 406 43.09 -30.34 -41.44
N THR R 407 42.65 -31.59 -41.44
CA THR R 407 41.80 -32.13 -42.50
C THR R 407 40.34 -31.71 -42.34
N ILE R 408 39.79 -31.72 -41.13
CA ILE R 408 38.46 -31.15 -40.87
C ILE R 408 38.43 -29.69 -41.27
N GLU R 409 39.45 -28.88 -40.97
CA GLU R 409 39.43 -27.46 -41.33
C GLU R 409 39.52 -27.27 -42.84
N PHE R 410 40.48 -27.91 -43.50
CA PHE R 410 40.62 -27.79 -44.95
C PHE R 410 39.34 -28.26 -45.67
N THR R 411 38.67 -29.31 -45.17
CA THR R 411 37.34 -29.70 -45.63
C THR R 411 36.33 -28.58 -45.39
N ARG R 412 36.20 -28.11 -44.14
CA ARG R 412 35.21 -27.13 -43.66
C ARG R 412 35.36 -25.72 -44.26
N SER R 413 36.46 -25.41 -44.94
CA SER R 413 36.74 -24.06 -45.46
C SER R 413 37.20 -24.01 -46.91
N VAL R 414 37.88 -25.04 -47.42
CA VAL R 414 38.33 -25.08 -48.81
C VAL R 414 37.34 -25.84 -49.70
N LEU R 415 36.74 -26.94 -49.20
CA LEU R 415 35.69 -27.69 -49.92
C LEU R 415 34.26 -27.21 -49.61
N GLY R 416 34.08 -26.16 -48.81
CA GLY R 416 32.79 -25.83 -48.20
C GLY R 416 32.44 -26.82 -47.08
N ARG R 417 31.48 -27.72 -47.30
CA ARG R 417 31.15 -28.88 -46.43
C ARG R 417 31.08 -28.55 -44.92
N LYS R 418 30.40 -27.47 -44.55
CA LYS R 418 30.42 -26.90 -43.18
C LYS R 418 29.91 -27.82 -42.08
N ASP R 419 29.13 -28.85 -42.43
CA ASP R 419 28.65 -29.89 -41.50
C ASP R 419 29.71 -30.96 -41.11
N SER R 420 30.86 -31.03 -41.79
CA SER R 420 31.84 -32.11 -41.56
C SER R 420 32.50 -32.04 -40.18
N HIS R 421 32.83 -33.20 -39.63
CA HIS R 421 33.22 -33.38 -38.22
C HIS R 421 34.02 -34.68 -38.07
N SER R 422 34.69 -34.88 -36.95
CA SER R 422 35.30 -36.17 -36.59
C SER R 422 34.27 -37.31 -36.56
N ALA R 423 34.73 -38.55 -36.82
CA ALA R 423 33.91 -39.75 -36.66
C ALA R 423 33.36 -39.93 -35.24
N GLU R 424 33.93 -39.23 -34.25
CA GLU R 424 33.40 -39.12 -32.90
C GLU R 424 31.92 -38.68 -32.85
N PHE R 425 31.46 -37.79 -33.74
CA PHE R 425 30.04 -37.42 -33.90
C PHE R 425 29.33 -38.46 -34.79
N TYR R 426 29.30 -39.69 -34.30
CA TYR R 426 28.89 -40.89 -35.02
C TYR R 426 27.54 -40.78 -35.76
N PRO R 427 26.42 -40.30 -35.17
CA PRO R 427 25.11 -40.38 -35.80
C PRO R 427 24.85 -39.40 -36.96
N ASP R 428 25.80 -38.52 -37.29
CA ASP R 428 25.73 -37.71 -38.52
C ASP R 428 25.99 -38.55 -39.79
N ILE R 429 26.74 -39.65 -39.67
CA ILE R 429 27.06 -40.65 -40.70
C ILE R 429 27.69 -40.05 -41.98
N ASP R 430 26.91 -39.44 -42.87
CA ASP R 430 27.31 -39.05 -44.22
C ASP R 430 28.46 -38.03 -44.25
N GLU R 431 28.59 -37.19 -43.22
CA GLU R 431 29.57 -36.10 -43.12
C GLU R 431 30.75 -36.37 -42.18
N LYS R 432 30.91 -37.61 -41.69
CA LYS R 432 32.07 -38.03 -40.90
C LYS R 432 33.34 -37.90 -41.74
N ASN R 433 34.31 -37.12 -41.27
CA ASN R 433 35.59 -36.88 -41.94
C ASN R 433 36.59 -38.04 -41.78
N HIS R 434 36.29 -39.01 -40.92
CA HIS R 434 37.20 -40.10 -40.51
C HIS R 434 36.51 -41.47 -40.53
N VAL R 435 37.29 -42.54 -40.43
CA VAL R 435 36.83 -43.93 -40.34
C VAL R 435 37.58 -44.66 -39.23
N VAL R 436 36.88 -45.57 -38.53
CA VAL R 436 37.46 -46.46 -37.54
C VAL R 436 38.50 -47.40 -38.16
N VAL R 437 39.60 -47.61 -37.45
CA VAL R 437 40.64 -48.58 -37.82
C VAL R 437 41.33 -49.12 -36.55
N PHE R 438 40.68 -50.09 -35.89
CA PHE R 438 41.15 -50.65 -34.61
C PHE R 438 42.36 -51.61 -34.71
N MET R 439 42.61 -52.21 -35.87
CA MET R 439 43.59 -53.29 -36.08
C MET R 439 43.55 -54.38 -35.01
N MET R 440 43.30 -50.25 -31.20
CA MET R 440 44.13 -49.08 -31.44
C MET R 440 45.42 -49.45 -32.21
N ARG R 441 45.80 -48.64 -33.21
CA ARG R 441 47.11 -48.74 -33.86
C ARG R 441 48.16 -48.15 -32.93
N LEU R 442 49.21 -48.91 -32.61
CA LEU R 442 50.23 -48.59 -31.60
C LEU R 442 51.64 -48.92 -32.10
N GLY R 443 52.64 -48.40 -31.40
CA GLY R 443 54.05 -48.79 -31.56
C GLY R 443 54.71 -48.31 -32.84
N LEU R 444 55.97 -48.68 -33.02
CA LEU R 444 56.77 -48.28 -34.16
C LEU R 444 56.28 -48.98 -35.41
N ARG R 445 55.72 -48.20 -36.33
CA ARG R 445 55.35 -48.66 -37.68
C ARG R 445 56.04 -47.80 -38.74
N PRO R 446 56.36 -48.31 -39.94
CA PRO R 446 56.95 -47.52 -41.00
C PRO R 446 55.96 -46.49 -41.58
N THR R 447 56.47 -45.52 -42.34
CA THR R 447 55.69 -44.67 -43.25
C THR R 447 56.53 -44.32 -44.48
N PHE R 448 55.94 -44.37 -45.65
CA PHE R 448 56.61 -44.30 -46.94
C PHE R 448 56.16 -43.05 -47.69
N PHE R 449 57.10 -42.27 -48.22
CA PHE R 449 56.78 -41.07 -48.99
C PHE R 449 56.15 -41.44 -50.33
N GLN R 450 55.17 -40.66 -50.80
CA GLN R 450 54.57 -40.86 -52.12
C GLN R 450 55.56 -40.42 -53.20
N ASN R 451 55.86 -41.26 -54.18
CA ASN R 451 57.12 -41.22 -54.94
C ASN R 451 57.36 -39.96 -55.82
N GLU R 452 56.34 -39.13 -56.04
CA GLU R 452 56.40 -37.90 -56.85
C GLU R 452 56.72 -36.63 -56.02
N THR R 453 56.58 -36.66 -54.69
CA THR R 453 56.51 -35.44 -53.85
C THR R 453 57.88 -34.82 -53.54
N GLU R 454 58.72 -34.63 -54.55
CA GLU R 454 60.06 -34.07 -54.45
C GLU R 454 60.09 -32.61 -53.98
N TRP R 455 58.97 -31.90 -54.12
CA TRP R 455 58.79 -30.51 -53.69
C TRP R 455 58.70 -30.35 -52.16
N SER R 456 58.34 -31.41 -51.44
CA SER R 456 57.94 -31.38 -50.02
C SER R 456 59.00 -30.80 -49.10
N GLN R 457 58.62 -29.90 -48.21
CA GLN R 457 59.50 -29.38 -47.17
C GLN R 457 59.81 -30.47 -46.14
N ILE R 458 58.82 -31.26 -45.72
CA ILE R 458 59.04 -32.27 -44.69
C ILE R 458 59.91 -33.42 -45.18
N LYS R 459 59.69 -33.97 -46.38
CA LYS R 459 60.55 -35.06 -46.87
C LYS R 459 61.97 -34.61 -47.22
N LYS R 460 62.20 -33.30 -47.35
CA LYS R 460 63.56 -32.74 -47.38
C LYS R 460 64.23 -32.82 -46.01
N LEU R 461 63.54 -32.45 -44.92
CA LEU R 461 64.09 -32.56 -43.55
C LEU R 461 64.50 -33.99 -43.18
N TYR R 462 63.75 -34.99 -43.61
CA TYR R 462 64.13 -36.41 -43.46
C TYR R 462 65.30 -36.87 -44.35
N GLY R 463 66.03 -35.96 -45.01
CA GLY R 463 67.28 -36.26 -45.71
C GLY R 463 67.12 -36.98 -47.05
N ASP R 464 65.95 -36.90 -47.67
CA ASP R 464 65.58 -37.65 -48.88
C ASP R 464 65.59 -39.19 -48.73
N VAL R 465 65.56 -39.69 -47.49
CA VAL R 465 65.40 -41.13 -47.20
C VAL R 465 64.02 -41.62 -47.66
N SER R 466 63.93 -42.86 -48.16
CA SER R 466 62.73 -43.45 -48.76
C SER R 466 61.56 -43.69 -47.78
N GLU R 467 61.85 -43.91 -46.50
CA GLU R 467 60.84 -44.17 -45.47
C GLU R 467 61.32 -43.72 -44.08
N VAL R 468 60.38 -43.60 -43.17
CA VAL R 468 60.56 -43.21 -41.77
C VAL R 468 59.91 -44.23 -40.85
N HIS R 469 60.27 -44.28 -39.56
CA HIS R 469 59.61 -45.16 -38.59
C HIS R 469 59.19 -44.39 -37.34
N GLU R 470 57.94 -44.54 -36.89
CA GLU R 470 57.32 -43.61 -35.93
C GLU R 470 56.30 -44.27 -34.99
N ARG R 471 56.03 -43.68 -33.82
CA ARG R 471 55.04 -44.18 -32.85
C ARG R 471 53.62 -43.67 -33.14
N HIS R 472 52.61 -44.49 -32.89
CA HIS R 472 51.21 -44.20 -33.16
C HIS R 472 50.34 -44.46 -31.92
N ARG R 473 49.15 -43.86 -31.80
CA ARG R 473 48.17 -44.11 -30.73
C ARG R 473 46.70 -43.88 -31.15
N HIS R 474 46.33 -44.14 -32.41
CA HIS R 474 45.07 -43.69 -33.01
C HIS R 474 44.06 -44.81 -33.28
N ARG R 475 42.77 -44.54 -33.07
CA ARG R 475 41.62 -45.40 -33.45
C ARG R 475 40.86 -44.91 -34.70
N TYR R 476 41.12 -43.68 -35.15
CA TYR R 476 40.52 -43.07 -36.33
C TYR R 476 41.58 -42.69 -37.37
N GLU R 477 41.23 -42.76 -38.64
CA GLU R 477 42.02 -42.22 -39.76
C GLU R 477 41.11 -41.45 -40.72
N ILE R 478 41.66 -40.55 -41.54
CA ILE R 478 40.89 -39.79 -42.53
C ILE R 478 40.24 -40.75 -43.54
N ASN R 479 38.96 -40.57 -43.86
CA ASN R 479 38.19 -41.50 -44.69
C ASN R 479 38.80 -41.59 -46.10
N PRO R 480 39.32 -42.74 -46.55
CA PRO R 480 40.02 -42.87 -47.83
C PRO R 480 39.20 -42.40 -49.03
N LYS R 481 37.86 -42.51 -48.94
CA LYS R 481 36.91 -42.05 -49.96
C LYS R 481 37.12 -40.57 -50.33
N MET R 482 37.47 -39.74 -49.35
CA MET R 482 37.67 -38.30 -49.55
C MET R 482 39.08 -37.92 -50.02
N VAL R 483 40.07 -38.78 -49.85
CA VAL R 483 41.49 -38.38 -49.96
C VAL R 483 41.86 -37.90 -51.37
N ASP R 484 41.25 -38.43 -52.43
CA ASP R 484 41.48 -37.91 -53.78
C ASP R 484 41.05 -36.44 -53.90
N GLU R 485 39.94 -36.06 -53.28
CA GLU R 485 39.41 -34.70 -53.30
C GLU R 485 40.36 -33.73 -52.59
N LEU R 486 40.89 -34.14 -51.45
CA LEU R 486 41.88 -33.40 -50.68
C LEU R 486 43.22 -33.30 -51.43
N GLU R 487 43.72 -34.39 -52.03
CA GLU R 487 44.93 -34.38 -52.85
C GLU R 487 44.79 -33.46 -54.08
N ASN R 488 43.64 -33.51 -54.77
CA ASN R 488 43.35 -32.66 -55.94
C ASN R 488 43.22 -31.18 -55.58
N ASN R 489 42.70 -30.85 -54.39
CA ASN R 489 42.61 -29.48 -53.90
C ASN R 489 43.90 -28.94 -53.27
N GLY R 490 44.90 -29.79 -53.01
CA GLY R 490 46.26 -29.38 -52.62
C GLY R 490 46.69 -29.78 -51.22
N LEU R 491 45.84 -30.40 -50.42
CA LEU R 491 46.17 -30.98 -49.12
C LEU R 491 46.87 -32.34 -49.33
N ILE R 492 48.05 -32.34 -49.96
CA ILE R 492 48.68 -33.54 -50.48
C ILE R 492 49.16 -34.44 -49.34
N PHE R 493 48.70 -35.68 -49.28
CA PHE R 493 49.15 -36.67 -48.29
C PHE R 493 50.52 -37.25 -48.66
N VAL R 494 51.59 -36.52 -48.35
CA VAL R 494 52.96 -36.85 -48.76
C VAL R 494 53.54 -38.14 -48.16
N GLY R 495 52.88 -38.77 -47.19
CA GLY R 495 53.27 -40.05 -46.63
C GLY R 495 52.11 -40.94 -46.27
N LYS R 496 52.21 -42.22 -46.60
CA LYS R 496 51.20 -43.23 -46.28
C LYS R 496 51.88 -44.51 -45.77
N ASP R 497 51.08 -45.43 -45.29
CA ASP R 497 51.54 -46.71 -44.76
C ASP R 497 51.99 -47.70 -45.85
N ASP R 498 52.38 -48.89 -45.42
CA ASP R 498 52.72 -50.02 -46.29
C ASP R 498 51.63 -50.35 -47.34
N THR R 499 50.34 -50.34 -46.97
CA THR R 499 49.22 -50.64 -47.88
C THR R 499 48.89 -49.48 -48.82
N GLY R 500 49.21 -48.25 -48.45
CA GLY R 500 48.77 -47.03 -49.14
C GLY R 500 47.33 -46.62 -48.85
N LYS R 501 46.64 -47.32 -47.94
CA LYS R 501 45.27 -47.01 -47.53
C LYS R 501 45.21 -45.96 -46.41
N ARG R 502 46.26 -45.80 -45.60
CA ARG R 502 46.25 -45.02 -44.36
C ARG R 502 46.96 -43.68 -44.50
N CYS R 503 46.34 -42.61 -44.01
CA CYS R 503 46.83 -41.24 -44.05
C CYS R 503 47.86 -40.94 -42.94
N GLU R 504 49.16 -41.00 -43.21
CA GLU R 504 50.18 -40.87 -42.17
C GLU R 504 50.80 -39.46 -42.05
N ILE R 505 50.94 -38.73 -43.16
CA ILE R 505 51.44 -37.33 -43.19
C ILE R 505 50.61 -36.53 -44.19
N LEU R 506 50.35 -35.25 -43.92
CA LEU R 506 49.95 -34.31 -44.97
C LEU R 506 50.84 -33.09 -45.02
N GLU R 507 51.01 -32.50 -46.20
CA GLU R 507 51.58 -31.19 -46.41
C GLU R 507 50.68 -30.42 -47.37
N LEU R 508 50.31 -29.20 -47.02
CA LEU R 508 49.56 -28.33 -47.92
C LEU R 508 50.52 -27.75 -48.96
N LYS R 509 50.30 -28.05 -50.24
CA LYS R 509 51.09 -27.59 -51.38
C LYS R 509 51.15 -26.06 -51.41
N ASN R 510 52.35 -25.50 -51.60
CA ASN R 510 52.61 -24.05 -51.70
C ASN R 510 52.12 -23.24 -50.49
N HIS R 511 52.54 -23.66 -49.29
CA HIS R 511 52.50 -22.91 -48.04
C HIS R 511 53.88 -22.98 -47.36
N PRO R 512 54.39 -21.94 -46.68
CA PRO R 512 55.74 -21.95 -46.13
C PRO R 512 56.10 -23.11 -45.20
N TYR R 513 55.16 -23.58 -44.37
CA TYR R 513 55.28 -24.79 -43.56
C TYR R 513 53.94 -25.16 -42.94
N TYR R 514 53.16 -26.04 -43.55
CA TYR R 514 51.91 -26.51 -42.99
C TYR R 514 51.85 -28.00 -43.11
N ILE R 515 52.24 -28.66 -42.03
CA ILE R 515 52.40 -30.11 -41.93
C ILE R 515 51.40 -30.63 -40.94
N ALA R 516 50.93 -31.84 -41.13
CA ALA R 516 50.46 -32.62 -40.01
C ALA R 516 50.93 -34.08 -40.12
N THR R 517 50.99 -34.78 -39.00
CA THR R 517 51.36 -36.19 -38.87
C THR R 517 50.28 -36.93 -38.10
N GLN R 518 49.86 -38.11 -38.55
CA GLN R 518 48.95 -38.94 -37.76
C GLN R 518 49.66 -39.56 -36.56
N TYR R 519 50.94 -39.91 -36.71
CA TYR R 519 51.81 -40.31 -35.63
C TYR R 519 52.14 -39.17 -34.68
N HIS R 520 52.70 -39.52 -33.52
CA HIS R 520 53.25 -38.64 -32.50
C HIS R 520 54.78 -38.56 -32.60
N PRO R 521 55.38 -37.62 -33.35
CA PRO R 521 56.83 -37.52 -33.54
C PRO R 521 57.62 -37.14 -32.30
N GLU R 522 56.99 -36.52 -31.31
CA GLU R 522 57.60 -36.18 -30.02
C GLU R 522 58.01 -37.40 -29.20
N TYR R 523 57.52 -38.59 -29.53
CA TYR R 523 57.98 -39.83 -28.89
C TYR R 523 59.24 -40.41 -29.55
N THR R 524 59.88 -39.72 -30.49
CA THR R 524 61.24 -40.08 -30.95
C THR R 524 62.20 -38.90 -31.08
N SER R 525 61.83 -37.71 -30.59
CA SER R 525 62.76 -36.59 -30.47
C SER R 525 63.87 -36.90 -29.48
N LYS R 526 65.13 -36.67 -29.86
CA LYS R 526 66.32 -36.82 -29.00
C LYS R 526 67.13 -35.52 -28.97
N VAL R 527 67.91 -35.28 -27.92
CA VAL R 527 68.57 -33.97 -27.72
C VAL R 527 69.62 -33.69 -28.80
N LEU R 528 70.32 -34.69 -29.33
CA LEU R 528 71.26 -34.50 -30.44
C LEU R 528 70.66 -34.74 -31.83
N ASP R 529 69.50 -35.38 -31.93
CA ASP R 529 68.76 -35.67 -33.17
C ASP R 529 67.28 -35.29 -33.00
N PRO R 530 66.90 -34.02 -33.25
CA PRO R 530 65.55 -33.55 -32.99
C PRO R 530 64.55 -34.16 -33.96
N SER R 531 63.29 -34.40 -33.56
CA SER R 531 62.31 -35.03 -34.44
C SER R 531 61.93 -34.09 -35.56
N LYS R 532 62.07 -34.52 -36.81
CA LYS R 532 62.02 -33.68 -38.00
C LYS R 532 60.75 -32.81 -38.15
N PRO R 533 59.52 -33.29 -37.90
CA PRO R 533 58.33 -32.44 -37.99
C PRO R 533 58.33 -31.26 -37.03
N PHE R 534 58.92 -31.41 -35.84
CA PHE R 534 59.10 -30.33 -34.88
C PHE R 534 60.28 -29.43 -35.23
N LEU R 535 61.36 -29.96 -35.81
CA LEU R 535 62.45 -29.10 -36.28
C LEU R 535 61.96 -28.14 -37.38
N GLY R 536 61.18 -28.63 -38.33
CA GLY R 536 60.58 -27.80 -39.36
C GLY R 536 59.67 -26.71 -38.79
N LEU R 537 58.83 -27.01 -37.80
CA LEU R 537 57.97 -26.01 -37.16
C LEU R 537 58.79 -24.90 -36.51
N VAL R 538 59.83 -25.21 -35.76
CA VAL R 538 60.66 -24.16 -35.16
C VAL R 538 61.42 -23.41 -36.24
N ALA R 539 62.07 -24.10 -37.16
CA ALA R 539 62.88 -23.45 -38.19
C ALA R 539 62.06 -22.53 -39.10
N ALA R 540 60.84 -22.90 -39.47
CA ALA R 540 59.97 -22.02 -40.24
C ALA R 540 59.43 -20.87 -39.37
N SER R 541 59.16 -21.08 -38.09
CA SER R 541 58.80 -19.99 -37.17
C SER R 541 59.92 -18.97 -37.04
N ALA R 542 61.17 -19.42 -37.05
CA ALA R 542 62.38 -18.61 -37.13
C ALA R 542 62.65 -18.01 -38.54
N GLY R 543 61.92 -18.44 -39.55
CA GLY R 543 62.10 -17.98 -40.93
C GLY R 543 63.40 -18.46 -41.57
N ILE R 544 63.96 -19.57 -41.07
CA ILE R 544 65.28 -20.11 -41.44
C ILE R 544 65.24 -21.52 -42.03
N LEU R 545 64.04 -22.05 -42.31
CA LEU R 545 63.78 -23.44 -42.72
C LEU R 545 64.67 -23.91 -43.86
N GLN R 546 64.84 -23.08 -44.89
CA GLN R 546 65.70 -23.41 -46.03
C GLN R 546 67.12 -23.77 -45.59
N ASP R 547 67.69 -22.98 -44.69
CA ASP R 547 69.09 -23.06 -44.32
C ASP R 547 69.36 -24.22 -43.35
N VAL R 548 68.35 -24.59 -42.55
CA VAL R 548 68.36 -25.81 -41.73
C VAL R 548 68.35 -27.05 -42.62
N ILE R 549 67.55 -27.05 -43.70
CA ILE R 549 67.53 -28.16 -44.67
C ILE R 549 68.86 -28.23 -45.42
N GLU R 550 69.40 -27.10 -45.83
CA GLU R 550 70.69 -27.00 -46.52
C GLU R 550 71.90 -27.33 -45.63
N GLY R 551 71.75 -27.30 -44.30
CA GLY R 551 72.74 -27.80 -43.34
C GLY R 551 73.54 -26.76 -42.56
N LYS R 552 73.09 -25.51 -42.48
CA LYS R 552 73.75 -24.40 -41.75
C LYS R 552 73.72 -24.53 -40.22
N TYR R 553 73.21 -25.63 -39.67
CA TYR R 553 72.95 -25.82 -38.24
C TYR R 553 73.23 -27.24 -37.71
N ASP R 554 73.84 -28.13 -38.47
CA ASP R 554 74.38 -29.38 -37.92
C ASP R 554 75.53 -29.13 -36.92
N LEU R 555 75.67 -30.02 -35.92
CA LEU R 555 76.50 -29.77 -34.72
C LEU R 555 78.02 -29.84 -34.98
N GLU R 556 78.47 -30.71 -35.86
CA GLU R 556 79.88 -30.87 -36.26
C GLU R 556 80.01 -30.81 -37.79
N ALA R 557 81.06 -30.17 -38.32
CA ALA R 557 81.26 -29.99 -39.76
C ALA R 557 81.34 -31.32 -40.51
N MET S 1 97.66 -46.91 16.15
CA MET S 1 96.95 -47.76 17.11
C MET S 1 95.79 -48.49 16.46
N LYS S 2 95.34 -49.62 17.02
CA LYS S 2 94.14 -50.37 16.63
C LYS S 2 93.11 -50.37 17.78
N TYR S 3 91.83 -50.57 17.50
CA TYR S 3 90.74 -50.56 18.49
C TYR S 3 89.67 -51.60 18.17
N VAL S 4 89.02 -52.19 19.17
CA VAL S 4 87.91 -53.14 19.00
C VAL S 4 86.76 -52.76 19.89
N VAL S 5 85.64 -52.32 19.37
CA VAL S 5 84.42 -52.15 20.16
C VAL S 5 83.78 -53.51 20.42
N VAL S 6 83.27 -53.71 21.63
CA VAL S 6 82.29 -54.73 21.97
C VAL S 6 81.05 -54.04 22.47
N SER S 7 79.88 -54.32 21.91
CA SER S 7 78.64 -53.59 22.20
C SER S 7 77.40 -54.47 22.01
N GLY S 8 76.21 -53.95 22.29
CA GLY S 8 75.01 -54.45 21.59
C GLY S 8 73.92 -55.17 22.37
N GLY S 9 72.99 -55.75 21.59
CA GLY S 9 71.94 -56.67 22.02
C GLY S 9 70.54 -56.04 22.18
N VAL S 10 69.50 -56.86 22.31
CA VAL S 10 68.16 -56.44 22.77
C VAL S 10 67.96 -56.47 24.29
N ILE S 11 68.96 -56.92 25.06
CA ILE S 11 68.89 -57.04 26.52
C ILE S 11 70.24 -56.67 27.13
N SER S 12 70.22 -56.05 28.31
CA SER S 12 71.40 -55.98 29.16
C SER S 12 71.63 -57.35 29.82
N GLY S 13 72.87 -57.75 30.09
CA GLY S 13 73.21 -59.06 30.68
C GLY S 13 73.47 -60.18 29.67
N ILE S 14 73.61 -59.84 28.39
CA ILE S 14 73.78 -60.80 27.27
C ILE S 14 75.10 -61.55 27.24
N GLY S 15 76.20 -61.00 27.79
CA GLY S 15 77.51 -61.66 27.79
C GLY S 15 78.74 -60.83 27.40
N LYS S 16 78.64 -59.50 27.30
CA LYS S 16 79.71 -58.63 26.73
C LYS S 16 81.11 -58.88 27.34
N GLY S 17 81.31 -58.61 28.64
CA GLY S 17 82.65 -58.72 29.30
C GLY S 17 83.44 -59.97 28.96
N VAL S 18 82.84 -61.16 28.91
CA VAL S 18 83.53 -62.44 28.61
C VAL S 18 83.91 -62.43 27.13
N LEU S 19 83.11 -61.78 26.27
CA LEU S 19 83.44 -61.63 24.81
C LEU S 19 84.47 -60.50 24.67
N ALA S 20 84.57 -59.61 25.66
CA ALA S 20 85.47 -58.44 25.61
C ALA S 20 86.87 -58.84 26.07
N SER S 21 87.08 -59.04 27.37
CA SER S 21 88.44 -59.35 27.89
C SER S 21 88.86 -60.65 27.23
N SER S 22 87.97 -61.63 27.13
CA SER S 22 88.33 -62.84 26.31
C SER S 22 88.89 -62.56 24.90
N THR S 23 88.36 -61.57 24.18
CA THR S 23 88.90 -61.16 22.86
C THR S 23 90.25 -60.51 23.10
N GLY S 24 90.39 -59.75 24.20
CA GLY S 24 91.65 -59.05 24.56
C GLY S 24 92.72 -60.02 25.04
N MET S 25 92.36 -61.16 25.61
CA MET S 25 93.31 -62.20 26.07
C MET S 25 93.93 -62.81 24.82
N LEU S 26 93.17 -62.91 23.73
CA LEU S 26 93.65 -63.51 22.47
C LEU S 26 94.46 -62.46 21.71
N MET S 27 94.19 -61.17 21.88
CA MET S 27 95.10 -60.20 21.26
C MET S 27 96.52 -60.37 21.83
N LYS S 28 96.64 -60.63 23.13
CA LYS S 28 97.91 -60.96 23.78
C LYS S 28 98.54 -62.27 23.31
N THR S 29 97.78 -63.25 22.84
CA THR S 29 98.34 -64.46 22.20
C THR S 29 99.18 -64.10 20.98
N LEU S 30 98.82 -63.04 20.26
CA LEU S 30 99.58 -62.55 19.10
C LEU S 30 100.86 -61.79 19.52
N GLY S 31 101.13 -61.64 20.82
CA GLY S 31 102.24 -60.87 21.38
C GLY S 31 101.94 -59.39 21.66
N LEU S 32 100.75 -58.90 21.27
CA LEU S 32 100.39 -57.48 21.30
C LEU S 32 100.40 -56.91 22.72
N LYS S 33 100.76 -55.64 22.85
CA LYS S 33 100.49 -54.85 24.06
C LYS S 33 99.00 -54.53 24.07
N VAL S 34 98.26 -54.76 25.15
CA VAL S 34 96.78 -54.66 25.12
C VAL S 34 96.25 -53.87 26.31
N THR S 35 95.15 -53.17 26.09
CA THR S 35 94.46 -52.37 27.09
C THR S 35 92.95 -52.48 26.92
N SER S 36 92.18 -51.98 27.86
CA SER S 36 90.72 -52.07 27.83
C SER S 36 90.07 -50.87 28.46
N ILE S 37 88.96 -50.40 27.94
CA ILE S 37 88.16 -49.30 28.50
C ILE S 37 86.74 -49.78 28.64
N LYS S 38 86.10 -49.63 29.80
CA LYS S 38 84.67 -49.91 29.93
C LYS S 38 83.89 -48.62 30.02
N ILE S 39 83.01 -48.41 29.05
CA ILE S 39 82.12 -47.27 28.96
C ILE S 39 80.83 -47.67 29.66
N ASP S 40 80.51 -47.02 30.76
CA ASP S 40 79.31 -47.29 31.52
C ASP S 40 78.23 -46.22 31.31
N PRO S 41 77.01 -46.58 30.94
CA PRO S 41 75.97 -45.60 30.76
C PRO S 41 75.39 -45.00 32.06
N TYR S 42 75.69 -45.55 33.23
CA TYR S 42 75.18 -45.04 34.51
C TYR S 42 75.81 -43.70 34.91
N MET S 43 75.10 -42.92 35.75
CA MET S 43 75.49 -41.57 36.12
C MET S 43 76.35 -41.44 37.38
N ASN S 44 76.70 -42.49 38.12
CA ASN S 44 77.72 -42.38 39.16
C ASN S 44 79.11 -42.07 38.58
N ILE S 45 79.85 -41.13 39.16
CA ILE S 45 81.23 -40.87 38.74
C ILE S 45 82.18 -42.00 39.13
N ASP S 46 81.94 -42.66 40.26
CA ASP S 46 82.73 -43.80 40.75
C ASP S 46 81.89 -44.69 41.67
N ALA S 47 82.37 -45.89 41.97
CA ALA S 47 81.70 -46.81 42.89
C ALA S 47 81.86 -46.44 44.37
N GLY S 48 82.57 -45.35 44.69
CA GLY S 48 82.80 -44.93 46.07
C GLY S 48 81.52 -44.56 46.83
N THR S 49 80.49 -44.10 46.12
CA THR S 49 79.16 -43.86 46.71
C THR S 49 78.27 -45.11 46.68
N MET S 50 78.56 -46.09 45.81
CA MET S 50 77.67 -47.23 45.53
C MET S 50 77.80 -48.32 46.59
N SER S 51 76.77 -48.54 47.40
CA SER S 51 76.80 -49.58 48.44
C SER S 51 76.91 -50.96 47.83
N PRO S 52 77.70 -51.90 48.40
CA PRO S 52 77.91 -53.24 47.81
C PRO S 52 76.67 -54.14 47.61
N LEU S 53 75.48 -53.69 48.02
CA LEU S 53 74.21 -54.38 47.84
C LEU S 53 73.68 -54.35 46.39
N GLU S 54 73.90 -53.26 45.66
CA GLU S 54 73.52 -53.13 44.26
C GLU S 54 74.67 -52.56 43.43
N HIS S 55 74.82 -53.06 42.21
CA HIS S 55 76.05 -52.99 41.39
C HIS S 55 77.26 -53.73 41.99
N GLY S 56 77.15 -54.33 43.17
CA GLY S 56 78.14 -55.26 43.69
C GLY S 56 79.45 -54.60 44.17
N GLU S 57 80.51 -55.40 44.19
CA GLU S 57 81.76 -55.08 44.86
C GLU S 57 82.50 -53.88 44.26
N CYS S 58 82.91 -52.92 45.11
CA CYS S 58 83.75 -51.79 44.72
C CYS S 58 85.17 -52.27 44.41
N PHE S 59 85.43 -52.74 43.20
CA PHE S 59 86.76 -53.21 42.81
C PHE S 59 87.81 -52.13 43.01
N VAL S 60 88.99 -52.49 43.54
CA VAL S 60 90.04 -51.50 43.77
C VAL S 60 91.38 -51.57 43.02
N LEU S 61 91.67 -50.43 42.42
CA LEU S 61 92.82 -50.27 41.54
C LEU S 61 94.16 -50.24 42.28
N ASP S 62 95.23 -50.39 41.50
CA ASP S 62 96.58 -49.97 41.87
C ASP S 62 96.56 -48.49 42.34
N ASP S 63 95.90 -47.62 41.58
CA ASP S 63 95.69 -46.20 41.93
C ASP S 63 94.61 -45.95 43.00
N GLY S 64 94.00 -46.98 43.58
CA GLY S 64 93.13 -46.86 44.75
C GLY S 64 91.75 -46.24 44.53
N GLY S 65 91.38 -45.96 43.29
CA GLY S 65 90.00 -45.55 42.97
C GLY S 65 89.02 -46.71 43.12
N GLU S 66 87.84 -46.46 43.65
CA GLU S 66 86.75 -47.42 43.71
C GLU S 66 85.99 -47.46 42.37
N THR S 67 86.43 -48.34 41.46
CA THR S 67 85.91 -48.43 40.06
C THR S 67 84.63 -49.25 39.90
N ASP S 68 84.10 -49.25 38.68
CA ASP S 68 83.19 -50.29 38.22
C ASP S 68 83.76 -51.70 38.51
N LEU S 69 82.91 -52.61 39.01
CA LEU S 69 83.32 -54.01 39.36
C LEU S 69 83.87 -54.72 38.13
N ASP S 70 83.27 -54.52 36.96
CA ASP S 70 83.65 -55.28 35.73
C ASP S 70 85.11 -55.02 35.37
N LEU S 71 85.73 -53.89 35.75
CA LEU S 71 87.12 -53.61 35.28
C LEU S 71 87.98 -54.80 35.72
N GLY S 72 87.67 -55.39 36.87
CA GLY S 72 88.47 -56.51 37.39
C GLY S 72 88.57 -57.62 36.37
N ASN S 73 87.48 -57.91 35.63
CA ASN S 73 87.45 -59.04 34.66
C ASN S 73 88.56 -58.81 33.61
N TYR S 74 89.02 -57.57 33.39
CA TYR S 74 90.05 -57.23 32.38
C TYR S 74 91.45 -57.28 32.99
N GLU S 75 91.58 -57.21 34.29
CA GLU S 75 92.91 -57.19 34.96
C GLU S 75 93.28 -58.66 35.19
N ARG S 76 92.30 -59.57 35.13
CA ARG S 76 92.55 -61.04 35.25
C ARG S 76 92.82 -61.57 33.84
N TYR S 77 91.84 -61.46 32.93
CA TYR S 77 92.02 -61.89 31.49
C TYR S 77 93.30 -61.39 30.78
N LEU S 78 93.75 -60.14 30.94
CA LEU S 78 94.87 -59.53 30.16
C LEU S 78 96.16 -59.52 30.98
N GLY S 79 96.08 -59.35 32.29
CA GLY S 79 97.27 -59.18 33.11
C GLY S 79 97.81 -57.76 32.96
N VAL S 80 96.97 -56.77 33.28
CA VAL S 80 97.25 -55.33 33.16
C VAL S 80 96.82 -54.59 34.42
N THR S 81 97.52 -53.51 34.77
CA THR S 81 97.11 -52.55 35.79
C THR S 81 96.41 -51.38 35.10
N LEU S 82 95.08 -51.29 35.23
CA LEU S 82 94.29 -50.18 34.72
C LEU S 82 94.35 -48.97 35.67
N THR S 83 93.64 -47.90 35.37
CA THR S 83 93.61 -46.64 36.16
C THR S 83 92.16 -46.14 36.30
N LYS S 84 91.93 -45.15 37.16
CA LYS S 84 90.58 -44.58 37.37
C LYS S 84 89.96 -44.01 36.09
N ASP S 85 90.78 -43.65 35.10
CA ASP S 85 90.33 -43.13 33.81
C ASP S 85 89.84 -44.22 32.84
N HIS S 86 90.20 -45.50 32.99
CA HIS S 86 89.73 -46.57 32.12
C HIS S 86 88.27 -46.94 32.30
N ASN S 87 87.60 -46.39 33.32
CA ASN S 87 86.17 -46.53 33.49
C ASN S 87 85.48 -45.22 33.15
N ILE S 88 85.17 -45.03 31.87
CA ILE S 88 84.35 -43.92 31.40
C ILE S 88 82.94 -44.13 31.94
N THR S 89 82.29 -43.11 32.48
CA THR S 89 80.87 -43.20 32.87
C THR S 89 80.11 -41.96 32.44
N THR S 90 78.80 -42.05 32.28
CA THR S 90 77.99 -40.90 31.88
C THR S 90 78.11 -39.76 32.87
N GLY S 91 78.17 -40.04 34.17
CA GLY S 91 78.39 -38.99 35.17
C GLY S 91 79.78 -38.39 35.13
N LYS S 92 80.79 -39.17 34.75
CA LYS S 92 82.17 -38.72 34.66
C LYS S 92 82.37 -37.78 33.49
N ILE S 93 81.80 -38.09 32.33
CA ILE S 93 81.99 -37.25 31.14
C ILE S 93 81.10 -36.02 31.12
N TYR S 94 79.85 -36.06 31.60
CA TYR S 94 79.12 -34.80 31.79
C TYR S 94 79.82 -33.88 32.78
N SER S 95 80.41 -34.38 33.87
CA SER S 95 81.18 -33.56 34.81
C SER S 95 82.39 -32.91 34.17
N HIS S 96 83.13 -33.63 33.34
CA HIS S 96 84.34 -33.12 32.69
C HIS S 96 84.04 -32.03 31.69
N VAL S 97 83.04 -32.20 30.83
CA VAL S 97 82.60 -31.13 29.92
C VAL S 97 81.97 -29.95 30.67
N ILE S 98 81.15 -30.17 31.70
CA ILE S 98 80.61 -29.08 32.52
C ILE S 98 81.73 -28.34 33.27
N ALA S 99 82.82 -28.98 33.68
CA ALA S 99 83.94 -28.25 34.28
C ALA S 99 84.58 -27.29 33.27
N LYS S 100 84.87 -27.77 32.07
CA LYS S 100 85.39 -26.95 30.98
C LYS S 100 84.43 -25.82 30.57
N GLU S 101 83.12 -26.00 30.68
CA GLU S 101 82.11 -24.96 30.45
C GLU S 101 82.22 -23.79 31.42
N ARG S 102 82.43 -24.04 32.73
CA ARG S 102 82.57 -22.97 33.73
C ARG S 102 83.96 -22.37 33.82
N LYS S 103 85.00 -23.15 33.50
CA LYS S 103 86.35 -22.63 33.27
C LYS S 103 86.40 -21.76 32.00
N GLY S 104 85.50 -21.99 31.06
CA GLY S 104 85.38 -21.21 29.82
C GLY S 104 86.27 -21.71 28.69
N ASP S 105 86.68 -22.98 28.69
CA ASP S 105 87.58 -23.55 27.68
C ASP S 105 86.96 -23.63 26.29
N TYR S 106 85.64 -23.48 26.18
CA TYR S 106 84.90 -23.36 24.92
C TYR S 106 84.86 -21.94 24.34
N LEU S 107 85.67 -21.00 24.84
CA LEU S 107 85.83 -19.65 24.27
C LEU S 107 84.48 -18.95 24.04
N GLY S 108 83.55 -19.13 24.98
CA GLY S 108 82.24 -18.52 24.97
C GLY S 108 81.28 -19.01 23.89
N LYS S 109 81.62 -20.05 23.10
CA LYS S 109 80.63 -20.75 22.27
C LYS S 109 79.55 -21.37 23.16
N THR S 110 78.36 -21.65 22.63
CA THR S 110 77.48 -22.61 23.32
C THR S 110 78.04 -24.02 23.14
N VAL S 111 77.92 -24.85 24.17
CA VAL S 111 78.47 -26.20 24.19
C VAL S 111 77.33 -27.20 24.12
N GLN S 112 77.46 -28.17 23.24
CA GLN S 112 76.37 -29.00 22.73
C GLN S 112 76.68 -30.48 22.91
N ILE S 113 75.68 -31.34 22.95
CA ILE S 113 75.98 -32.79 23.04
C ILE S 113 76.69 -33.24 21.76
N VAL S 114 76.31 -32.73 20.60
CA VAL S 114 77.08 -32.87 19.37
C VAL S 114 77.42 -31.47 18.82
N PRO S 115 78.67 -31.15 18.51
CA PRO S 115 79.85 -31.99 18.52
C PRO S 115 80.66 -31.98 19.82
N HIS S 116 80.44 -31.07 20.76
CA HIS S 116 81.40 -30.90 21.87
C HIS S 116 81.51 -32.10 22.79
N LEU S 117 80.41 -32.64 23.31
CA LEU S 117 80.49 -33.82 24.17
C LEU S 117 80.91 -35.08 23.40
N THR S 118 80.47 -35.28 22.17
CA THR S 118 80.95 -36.42 21.39
C THR S 118 82.41 -36.31 20.99
N ASN S 119 82.97 -35.11 20.87
CA ASN S 119 84.41 -34.91 20.80
C ASN S 119 85.07 -35.26 22.12
N ALA S 120 84.52 -34.85 23.27
CA ALA S 120 85.10 -35.19 24.56
C ALA S 120 85.26 -36.69 24.76
N ILE S 121 84.24 -37.48 24.42
CA ILE S 121 84.31 -38.94 24.52
C ILE S 121 85.41 -39.50 23.61
N GLN S 122 85.52 -39.08 22.35
CA GLN S 122 86.62 -39.52 21.47
C GLN S 122 87.98 -39.10 22.01
N ASP S 123 88.11 -37.88 22.50
CA ASP S 123 89.35 -37.38 23.07
C ASP S 123 89.73 -38.11 24.36
N TRP S 124 88.76 -38.62 25.13
CA TRP S 124 89.00 -39.48 26.29
C TRP S 124 89.45 -40.88 25.88
N ILE S 125 88.79 -41.55 24.95
CA ILE S 125 89.18 -42.88 24.49
C ILE S 125 90.60 -42.86 23.92
N GLU S 126 90.93 -41.94 23.02
CA GLU S 126 92.29 -41.88 22.47
C GLU S 126 93.31 -41.38 23.49
N ARG S 127 92.92 -40.61 24.51
CA ARG S 127 93.82 -40.24 25.62
C ARG S 127 94.19 -41.48 26.39
N VAL S 128 93.21 -42.20 26.90
CA VAL S 128 93.40 -43.34 27.78
C VAL S 128 94.09 -44.50 27.07
N ALA S 129 93.82 -44.72 25.80
CA ALA S 129 94.47 -45.76 25.01
C ALA S 129 95.98 -45.57 24.81
N LYS S 130 96.56 -44.40 25.13
CA LYS S 130 98.02 -44.20 25.19
C LYS S 130 98.69 -44.78 26.44
N ILE S 131 97.97 -44.87 27.56
CA ILE S 131 98.54 -45.20 28.88
C ILE S 131 99.15 -46.62 28.85
N PRO S 132 100.40 -46.82 29.29
CA PRO S 132 101.09 -48.10 29.23
C PRO S 132 100.72 -49.03 30.39
N VAL S 133 99.58 -49.72 30.27
CA VAL S 133 99.03 -50.58 31.34
C VAL S 133 99.73 -51.95 31.47
N ASP S 134 100.65 -52.25 30.55
CA ASP S 134 101.21 -53.58 30.30
C ASP S 134 102.59 -53.81 30.95
N ASP S 135 103.15 -55.01 30.83
CA ASP S 135 104.40 -55.44 31.49
C ASP S 135 105.69 -54.75 30.99
N THR S 136 105.59 -53.78 30.07
CA THR S 136 106.66 -52.84 29.75
C THR S 136 106.03 -51.51 29.34
N GLY S 137 106.74 -50.41 29.56
CA GLY S 137 106.20 -49.05 29.50
C GLY S 137 105.80 -48.52 28.11
N MET S 138 105.76 -49.33 27.06
CA MET S 138 105.31 -48.89 25.73
C MET S 138 103.78 -48.81 25.65
N GLU S 139 103.28 -47.84 24.90
CA GLU S 139 101.83 -47.67 24.69
C GLU S 139 101.18 -48.93 24.06
N PRO S 140 99.94 -49.29 24.43
CA PRO S 140 99.25 -50.44 23.87
C PRO S 140 99.09 -50.41 22.35
N ASP S 141 98.95 -51.59 21.75
CA ASP S 141 98.78 -51.79 20.31
C ASP S 141 97.33 -52.02 19.91
N VAL S 142 96.51 -52.60 20.80
CA VAL S 142 95.07 -52.72 20.65
C VAL S 142 94.38 -52.25 21.92
N CYS S 143 93.27 -51.53 21.80
CA CYS S 143 92.37 -51.23 22.93
C CYS S 143 91.02 -51.89 22.73
N ILE S 144 90.54 -52.67 23.70
CA ILE S 144 89.19 -53.25 23.69
C ILE S 144 88.24 -52.27 24.36
N ILE S 145 87.26 -51.73 23.67
CA ILE S 145 86.29 -50.77 24.23
C ILE S 145 84.97 -51.49 24.44
N GLU S 146 84.54 -51.68 25.67
CA GLU S 146 83.23 -52.28 25.93
C GLU S 146 82.20 -51.20 26.21
N LEU S 147 81.19 -51.11 25.37
CA LEU S 147 80.08 -50.20 25.51
C LEU S 147 78.97 -50.88 26.32
N GLY S 148 78.77 -50.47 27.56
CA GLY S 148 77.68 -50.95 28.40
C GLY S 148 76.30 -50.47 27.96
N GLY S 149 75.28 -50.95 28.65
CA GLY S 149 73.87 -50.75 28.27
C GLY S 149 73.51 -51.50 26.98
N THR S 150 72.49 -51.04 26.27
CA THR S 150 72.16 -51.54 24.93
C THR S 150 72.06 -50.40 23.93
N VAL S 151 72.47 -50.63 22.68
CA VAL S 151 72.30 -49.66 21.61
C VAL S 151 70.81 -49.38 21.43
N GLY S 152 70.41 -48.10 21.39
CA GLY S 152 69.00 -47.68 21.39
C GLY S 152 68.42 -47.32 22.76
N ASP S 153 69.27 -47.34 23.78
CA ASP S 153 68.89 -46.83 25.12
C ASP S 153 69.01 -45.31 25.01
N ILE S 154 68.23 -44.51 25.77
CA ILE S 154 68.35 -43.01 25.79
C ILE S 154 69.55 -42.68 26.68
N GLU S 155 70.17 -43.67 27.32
CA GLU S 155 71.33 -43.51 28.25
C GLU S 155 72.62 -43.77 27.49
N SER S 156 72.58 -44.54 26.41
CA SER S 156 73.77 -44.95 25.64
C SER S 156 73.87 -44.17 24.33
N ALA S 157 72.96 -43.25 24.06
CA ALA S 157 72.91 -42.52 22.76
C ALA S 157 74.15 -41.61 22.59
N PRO S 158 74.69 -40.90 23.59
CA PRO S 158 75.90 -40.10 23.43
C PRO S 158 77.12 -40.89 23.00
N PHE S 159 77.27 -42.12 23.49
CA PHE S 159 78.42 -42.96 23.20
C PHE S 159 78.40 -43.60 21.82
N VAL S 160 77.25 -44.03 21.31
CA VAL S 160 77.17 -44.52 19.92
C VAL S 160 77.37 -43.39 18.90
N GLU S 161 76.99 -42.15 19.21
CA GLU S 161 77.43 -41.01 18.42
C GLU S 161 78.95 -40.85 18.46
N ALA S 162 79.54 -40.83 19.66
CA ALA S 162 80.96 -40.60 19.77
C ALA S 162 81.78 -41.70 19.10
N LEU S 163 81.38 -42.96 19.26
CA LEU S 163 82.00 -44.08 18.59
C LEU S 163 81.80 -44.02 17.07
N ARG S 164 80.64 -43.60 16.53
CA ARG S 164 80.47 -43.45 15.07
C ARG S 164 81.51 -42.48 14.52
N GLN S 165 81.60 -41.29 15.10
CA GLN S 165 82.56 -40.27 14.70
C GLN S 165 84.00 -40.82 14.85
N PHE S 166 84.23 -41.64 15.87
CA PHE S 166 85.52 -42.29 16.10
C PHE S 166 85.88 -43.30 15.00
N GLN S 167 84.94 -43.89 14.27
CA GLN S 167 85.25 -44.73 13.11
C GLN S 167 85.92 -43.96 11.97
N PHE S 168 85.96 -42.63 12.05
CA PHE S 168 86.56 -41.74 11.04
C PHE S 168 87.78 -41.01 11.61
N LYS S 169 87.73 -40.60 12.88
CA LYS S 169 88.87 -39.98 13.58
C LYS S 169 90.03 -40.99 13.68
N VAL S 170 89.70 -42.23 14.03
CA VAL S 170 90.48 -43.44 13.73
C VAL S 170 90.05 -43.94 12.36
N GLY S 171 90.92 -44.56 11.57
CA GLY S 171 90.50 -45.14 10.28
C GLY S 171 89.76 -46.48 10.37
N LYS S 172 88.98 -46.82 9.33
CA LYS S 172 88.70 -48.22 9.01
C LYS S 172 90.03 -48.92 8.69
N GLU S 173 90.12 -50.22 8.93
CA GLU S 173 91.41 -50.94 9.07
C GLU S 173 92.25 -50.50 10.27
N ASN S 174 91.72 -49.68 11.20
CA ASN S 174 92.24 -49.53 12.56
C ASN S 174 91.15 -49.76 13.61
N PHE S 175 89.88 -49.52 13.32
CA PHE S 175 88.74 -49.77 14.20
C PHE S 175 87.89 -50.94 13.68
N ALA S 176 87.40 -51.81 14.57
CA ALA S 176 86.43 -52.87 14.27
C ALA S 176 85.42 -53.04 15.40
N LEU S 177 84.23 -53.57 15.11
CA LEU S 177 83.18 -53.75 16.11
C LEU S 177 82.64 -55.18 16.16
N ILE S 178 82.50 -55.72 17.37
CA ILE S 178 81.84 -56.97 17.69
C ILE S 178 80.49 -56.65 18.33
N HIS S 179 79.37 -57.09 17.77
CA HIS S 179 78.04 -56.82 18.33
C HIS S 179 77.51 -58.10 18.92
N VAL S 180 77.12 -58.07 20.19
CA VAL S 180 76.69 -59.27 20.92
C VAL S 180 75.17 -59.27 20.95
N SER S 181 74.50 -60.34 20.54
CA SER S 181 73.04 -60.29 20.28
C SER S 181 72.32 -61.59 20.65
N LEU S 182 71.00 -61.55 20.79
CA LEU S 182 70.23 -62.65 21.35
C LEU S 182 69.62 -63.53 20.27
N VAL S 183 69.77 -64.84 20.38
CA VAL S 183 69.00 -65.81 19.60
C VAL S 183 68.13 -66.57 20.62
N PRO S 184 66.91 -66.11 20.95
CA PRO S 184 66.07 -66.85 21.87
C PRO S 184 65.62 -68.14 21.22
N VAL S 185 65.53 -69.20 22.01
CA VAL S 185 64.96 -70.47 21.60
C VAL S 185 63.61 -70.62 22.27
N ILE S 186 62.54 -70.66 21.48
CA ILE S 186 61.19 -71.00 21.96
C ILE S 186 60.55 -72.02 21.05
N HIS S 187 59.70 -72.90 21.60
CA HIS S 187 59.16 -74.06 20.88
C HIS S 187 60.28 -74.90 20.24
N GLY S 188 61.46 -74.94 20.86
CA GLY S 188 62.65 -75.62 20.35
C GLY S 188 63.25 -75.04 19.05
N GLU S 189 62.90 -73.82 18.64
CA GLU S 189 63.47 -73.15 17.45
C GLU S 189 64.24 -71.87 17.79
N GLN S 190 65.46 -71.75 17.27
CA GLN S 190 66.30 -70.54 17.31
C GLN S 190 65.73 -69.40 16.46
N LYS S 191 65.19 -68.34 17.07
CA LYS S 191 64.61 -67.20 16.33
C LYS S 191 65.65 -66.13 16.09
N THR S 192 65.80 -65.67 14.84
CA THR S 192 66.81 -64.66 14.48
C THR S 192 66.34 -63.23 14.67
N LYS S 193 65.04 -62.96 14.75
CA LYS S 193 64.49 -61.60 14.65
C LYS S 193 64.98 -60.58 15.68
N PRO S 194 65.27 -60.90 16.95
CA PRO S 194 65.83 -59.91 17.85
C PRO S 194 67.20 -59.41 17.39
N THR S 195 68.02 -60.26 16.75
CA THR S 195 69.25 -59.82 16.10
C THR S 195 68.99 -58.93 14.88
N GLN S 196 67.98 -59.21 14.06
CA GLN S 196 67.63 -58.31 12.95
C GLN S 196 67.19 -56.94 13.44
N ALA S 197 66.25 -56.84 14.39
CA ALA S 197 65.78 -55.57 14.95
C ALA S 197 66.88 -54.79 15.70
N ALA S 198 67.81 -55.44 16.41
CA ALA S 198 68.94 -54.78 17.07
C ALA S 198 70.05 -54.39 16.11
N ILE S 199 70.20 -55.05 14.97
CA ILE S 199 71.14 -54.65 13.92
C ILE S 199 70.56 -53.50 13.11
N LYS S 200 69.26 -53.49 12.82
CA LYS S 200 68.54 -52.32 12.34
C LYS S 200 68.77 -51.12 13.26
N GLY S 201 68.61 -51.27 14.56
CA GLY S 201 68.98 -50.24 15.53
C GLY S 201 70.44 -49.82 15.40
N LEU S 202 71.39 -50.75 15.35
CA LEU S 202 72.81 -50.43 15.25
C LEU S 202 73.14 -49.60 14.01
N ARG S 203 72.70 -50.02 12.81
CA ARG S 203 73.00 -49.27 11.59
C ARG S 203 72.31 -47.91 11.57
N SER S 204 71.17 -47.74 12.24
CA SER S 204 70.52 -46.43 12.37
C SER S 204 71.46 -45.40 12.99
N LEU S 205 72.14 -45.75 14.08
CA LEU S 205 73.11 -44.89 14.76
C LEU S 205 74.49 -44.85 14.07
N GLY S 206 74.76 -45.78 13.15
CA GLY S 206 75.76 -45.66 12.09
C GLY S 206 77.00 -46.53 12.23
N LEU S 207 77.11 -47.24 13.34
CA LEU S 207 78.11 -48.28 13.52
C LEU S 207 77.75 -49.48 12.63
N VAL S 208 78.74 -50.20 12.10
CA VAL S 208 78.54 -51.44 11.34
C VAL S 208 79.35 -52.57 11.97
N PRO S 209 78.76 -53.74 12.24
CA PRO S 209 79.44 -54.80 12.94
C PRO S 209 80.31 -55.58 11.98
N ASP S 210 81.57 -55.79 12.36
CA ASP S 210 82.50 -56.65 11.66
C ASP S 210 82.37 -58.11 12.10
N MET S 211 81.78 -58.32 13.27
CA MET S 211 81.33 -59.61 13.76
C MET S 211 80.00 -59.48 14.48
N ILE S 212 79.22 -60.55 14.48
CA ILE S 212 78.11 -60.72 15.42
C ILE S 212 78.47 -61.88 16.33
N ALA S 213 78.13 -61.80 17.61
CA ALA S 213 78.35 -62.88 18.55
C ALA S 213 77.07 -63.20 19.32
N CYS S 214 76.60 -64.44 19.29
CA CYS S 214 75.27 -64.72 19.83
C CYS S 214 75.27 -65.32 21.23
N ARG S 215 74.49 -64.73 22.14
CA ARG S 215 73.95 -65.44 23.29
C ARG S 215 72.88 -66.36 22.79
N CYS S 216 73.05 -67.66 23.00
CA CYS S 216 72.06 -68.65 22.66
C CYS S 216 72.10 -69.79 23.67
N SER S 217 70.96 -70.43 23.92
CA SER S 217 70.86 -71.61 24.77
C SER S 217 71.50 -72.86 24.14
N GLU S 218 71.88 -72.81 22.86
CA GLU S 218 72.30 -73.95 22.05
C GLU S 218 73.55 -73.65 21.21
N THR S 219 74.12 -74.66 20.56
CA THR S 219 74.94 -74.38 19.38
C THR S 219 74.04 -73.81 18.28
N LEU S 220 74.37 -72.65 17.69
CA LEU S 220 73.61 -72.12 16.57
C LEU S 220 73.52 -73.14 15.44
N ASP S 221 72.32 -73.38 14.93
CA ASP S 221 72.13 -74.17 13.74
C ASP S 221 72.80 -73.51 12.53
N LYS S 222 73.31 -74.31 11.61
CA LYS S 222 73.82 -73.86 10.31
C LYS S 222 72.87 -72.89 9.59
N PRO S 223 71.55 -73.12 9.49
CA PRO S 223 70.61 -72.13 8.98
C PRO S 223 70.48 -70.85 9.82
N THR S 224 70.64 -70.89 11.15
CA THR S 224 70.58 -69.67 11.97
C THR S 224 71.73 -68.74 11.66
N ILE S 225 72.94 -69.26 11.52
CA ILE S 225 74.10 -68.49 11.05
C ILE S 225 73.84 -67.88 9.68
N ASP S 226 73.30 -68.66 8.74
CA ASP S 226 72.98 -68.15 7.40
C ASP S 226 71.91 -67.08 7.43
N LYS S 227 70.85 -67.21 8.24
CA LYS S 227 69.76 -66.23 8.32
C LYS S 227 70.13 -64.98 9.13
N ILE S 228 71.14 -65.02 10.00
CA ILE S 228 71.77 -63.79 10.53
C ILE S 228 72.68 -63.14 9.47
N ALA S 229 73.59 -63.88 8.83
CA ALA S 229 74.49 -63.31 7.83
C ALA S 229 73.78 -62.79 6.55
N MET S 230 72.61 -63.31 6.20
CA MET S 230 71.75 -62.77 5.14
C MET S 230 71.10 -61.43 5.50
N PHE S 231 71.20 -61.01 6.76
CA PHE S 231 70.56 -59.80 7.31
C PHE S 231 71.53 -58.80 7.92
N CYS S 232 72.82 -59.08 7.88
CA CYS S 232 73.90 -58.24 8.41
C CYS S 232 75.12 -58.27 7.49
N HIS S 233 76.01 -57.30 7.58
CA HIS S 233 77.11 -57.16 6.63
C HIS S 233 78.36 -57.99 6.98
N VAL S 234 78.15 -59.22 7.48
CA VAL S 234 79.17 -60.16 7.95
C VAL S 234 79.14 -61.43 7.11
N GLY S 235 80.28 -62.09 6.87
CA GLY S 235 80.27 -63.44 6.32
C GLY S 235 79.70 -64.44 7.33
N PRO S 236 79.26 -65.64 6.91
CA PRO S 236 78.74 -66.63 7.84
C PRO S 236 79.78 -67.14 8.86
N GLU S 237 81.07 -66.99 8.55
CA GLU S 237 82.20 -67.32 9.44
C GLU S 237 82.48 -66.28 10.53
N GLN S 238 81.83 -65.10 10.52
CA GLN S 238 81.89 -64.08 11.56
C GLN S 238 80.60 -63.95 12.37
N VAL S 239 79.70 -64.94 12.32
CA VAL S 239 78.66 -65.10 13.34
C VAL S 239 79.19 -66.04 14.42
N VAL S 240 79.92 -65.48 15.38
CA VAL S 240 80.53 -66.15 16.53
C VAL S 240 79.44 -66.62 17.49
N ASN S 241 79.72 -67.64 18.31
CA ASN S 241 78.75 -68.18 19.25
C ASN S 241 79.40 -68.63 20.56
N VAL S 242 79.17 -67.88 21.65
CA VAL S 242 79.62 -68.21 23.00
C VAL S 242 78.61 -69.14 23.66
N HIS S 243 78.63 -70.42 23.29
CA HIS S 243 77.73 -71.44 23.86
C HIS S 243 78.21 -71.95 25.23
N ASP S 244 77.41 -72.81 25.86
CA ASP S 244 77.80 -73.50 27.10
C ASP S 244 79.15 -74.21 26.95
N VAL S 245 80.05 -73.99 27.91
CA VAL S 245 81.42 -74.56 27.98
C VAL S 245 81.75 -74.99 29.40
N ASN S 246 82.76 -75.83 29.57
CA ASN S 246 83.05 -76.45 30.87
C ASN S 246 83.31 -75.40 31.96
N SER S 247 83.98 -74.29 31.62
CA SER S 247 84.13 -73.14 32.51
C SER S 247 84.46 -71.88 31.74
N THR S 248 84.28 -70.72 32.34
CA THR S 248 84.47 -69.41 31.71
C THR S 248 85.89 -69.19 31.16
N TYR S 249 86.90 -69.83 31.74
CA TYR S 249 88.27 -69.76 31.25
C TYR S 249 88.49 -70.45 29.91
N HIS S 250 87.55 -71.27 29.45
CA HIS S 250 87.61 -71.86 28.11
C HIS S 250 87.18 -70.90 26.99
N VAL S 251 86.45 -69.83 27.28
CA VAL S 251 85.90 -68.96 26.23
C VAL S 251 86.96 -68.44 25.26
N PRO S 252 88.17 -67.97 25.64
CA PRO S 252 89.13 -67.55 24.64
C PRO S 252 89.60 -68.69 23.72
N LEU S 253 89.66 -69.93 24.19
CA LEU S 253 89.90 -71.06 23.28
C LEU S 253 88.69 -71.31 22.38
N LEU S 254 87.45 -71.19 22.88
CA LEU S 254 86.25 -71.29 22.03
C LEU S 254 86.26 -70.25 20.91
N LEU S 255 86.54 -68.98 21.22
CA LEU S 255 86.63 -67.90 20.23
C LEU S 255 87.74 -68.19 19.21
N LEU S 256 88.92 -68.60 19.67
CA LEU S 256 90.03 -68.94 18.78
C LEU S 256 89.72 -70.15 17.88
N GLU S 257 89.02 -71.17 18.36
CA GLU S 257 88.62 -72.31 17.55
C GLU S 257 87.48 -71.98 16.57
N GLN S 258 86.61 -71.03 16.88
CA GLN S 258 85.67 -70.42 15.94
C GLN S 258 86.36 -69.44 14.96
N LYS S 259 87.68 -69.47 14.84
CA LYS S 259 88.48 -68.63 13.93
C LYS S 259 88.23 -67.14 14.11
N MET S 260 87.89 -66.71 15.32
CA MET S 260 87.57 -65.32 15.60
C MET S 260 88.78 -64.41 15.35
N ILE S 261 89.96 -64.80 15.83
CA ILE S 261 91.20 -64.02 15.64
C ILE S 261 91.75 -64.12 14.23
N ASP S 262 91.58 -65.23 13.54
CA ASP S 262 92.06 -65.36 12.16
C ASP S 262 91.36 -64.39 11.21
N TYR S 263 90.18 -63.89 11.59
CA TYR S 263 89.57 -62.72 10.97
C TYR S 263 90.15 -61.41 11.50
N LEU S 264 90.18 -61.15 12.82
CA LEU S 264 90.68 -59.87 13.36
C LEU S 264 92.11 -59.56 12.94
N HIS S 265 92.96 -60.55 12.81
CA HIS S 265 94.30 -60.41 12.22
C HIS S 265 94.27 -59.71 10.86
N ALA S 266 93.36 -60.11 9.96
CA ALA S 266 93.21 -59.50 8.64
C ALA S 266 92.41 -58.19 8.71
N ARG S 267 91.30 -58.17 9.46
CA ARG S 267 90.36 -57.03 9.55
C ARG S 267 90.97 -55.79 10.21
N LEU S 268 91.92 -55.97 11.12
CA LEU S 268 92.73 -54.92 11.73
C LEU S 268 94.16 -54.88 11.17
N LYS S 269 94.44 -55.68 10.14
CA LYS S 269 95.74 -55.75 9.43
C LYS S 269 96.95 -55.78 10.37
N LEU S 270 96.93 -56.66 11.36
CA LEU S 270 97.87 -56.68 12.50
C LEU S 270 99.30 -57.08 12.15
N ASP S 271 99.59 -57.51 10.92
CA ASP S 271 100.97 -57.53 10.41
C ASP S 271 101.65 -56.15 10.47
N GLU S 272 100.88 -55.05 10.52
CA GLU S 272 101.42 -53.69 10.60
C GLU S 272 101.95 -53.31 11.99
N ILE S 273 101.77 -54.11 13.04
CA ILE S 273 102.45 -53.89 14.34
C ILE S 273 103.84 -54.52 14.28
N THR S 274 108.21 -56.85 17.98
CA THR S 274 109.55 -57.26 18.41
C THR S 274 109.59 -58.71 18.90
N GLU S 275 110.74 -59.37 18.90
CA GLU S 275 110.89 -60.76 19.31
C GLU S 275 110.35 -61.02 20.73
N GLU S 276 110.50 -60.08 21.66
CA GLU S 276 109.93 -60.17 23.00
C GLU S 276 108.40 -60.34 22.96
N GLU S 277 107.68 -59.59 22.12
CA GLU S 277 106.23 -59.73 21.96
C GLU S 277 105.85 -61.07 21.35
N LYS S 278 106.57 -61.51 20.31
CA LYS S 278 106.30 -62.78 19.65
C LYS S 278 106.49 -63.94 20.61
N GLN S 279 107.55 -63.93 21.42
CA GLN S 279 107.77 -64.92 22.48
C GLN S 279 106.68 -64.85 23.55
N ARG S 280 106.40 -63.68 24.12
CA ARG S 280 105.36 -63.53 25.14
C ARG S 280 103.96 -63.94 24.64
N GLY S 281 103.71 -63.87 23.34
CA GLY S 281 102.52 -64.44 22.73
C GLY S 281 102.49 -65.97 22.83
N LEU S 282 103.54 -66.66 22.41
CA LEU S 282 103.61 -68.12 22.48
C LEU S 282 103.57 -68.61 23.94
N GLU S 283 104.27 -67.93 24.84
CA GLU S 283 104.21 -68.23 26.27
C GLU S 283 102.80 -68.07 26.83
N LEU S 284 102.02 -67.05 26.44
CA LEU S 284 100.65 -66.90 26.92
C LEU S 284 99.77 -68.05 26.45
N LEU S 285 99.92 -68.51 25.21
CA LEU S 285 99.24 -69.71 24.74
C LEU S 285 99.65 -70.94 25.54
N SER S 286 100.94 -71.15 25.80
CA SER S 286 101.39 -72.31 26.58
C SER S 286 100.79 -72.32 27.98
N LYS S 287 100.78 -71.16 28.65
CA LYS S 287 100.16 -70.98 29.97
C LYS S 287 98.65 -71.15 29.94
N TRP S 288 97.99 -70.80 28.84
CA TRP S 288 96.57 -71.09 28.67
C TRP S 288 96.35 -72.58 28.52
N LYS S 289 97.14 -73.28 27.71
CA LYS S 289 97.05 -74.75 27.59
C LYS S 289 97.30 -75.42 28.94
N ALA S 290 98.21 -74.93 29.77
CA ALA S 290 98.42 -75.39 31.13
C ALA S 290 97.20 -75.23 32.05
N THR S 291 96.64 -74.03 32.22
CA THR S 291 95.44 -73.85 33.07
C THR S 291 94.24 -74.61 32.53
N THR S 292 94.12 -74.74 31.21
CA THR S 292 93.09 -75.57 30.60
C THR S 292 93.31 -77.04 30.91
N GLY S 293 94.54 -77.56 30.77
CA GLY S 293 94.89 -78.93 31.12
C GLY S 293 94.59 -79.22 32.58
N ASN S 294 94.97 -78.33 33.49
CA ASN S 294 94.63 -78.40 34.91
C ASN S 294 93.12 -78.45 35.23
N PHE S 295 92.23 -78.12 34.29
CA PHE S 295 90.79 -78.32 34.47
C PHE S 295 90.39 -79.72 34.02
N ASP S 296 90.82 -80.18 32.84
CA ASP S 296 90.55 -81.55 32.39
C ASP S 296 91.18 -82.60 33.31
N GLU S 297 92.44 -82.41 33.70
CA GLU S 297 93.23 -83.24 34.61
C GLU S 297 92.87 -83.03 36.08
N GLU S 298 89.62 -84.41 41.41
CA GLU S 298 89.13 -84.41 42.79
C GLU S 298 88.67 -83.03 43.30
N THR S 299 87.61 -82.98 44.11
CA THR S 299 87.05 -81.73 44.66
C THR S 299 87.75 -81.22 45.92
N VAL S 300 87.82 -79.90 46.08
CA VAL S 300 88.10 -79.19 47.33
C VAL S 300 86.85 -78.41 47.74
N LYS S 301 86.33 -78.61 48.94
CA LYS S 301 85.12 -77.93 49.44
C LYS S 301 85.55 -76.79 50.35
N ILE S 302 85.15 -75.54 50.11
CA ILE S 302 85.52 -74.38 50.94
C ILE S 302 84.26 -73.68 51.44
N ALA S 303 84.11 -73.44 52.74
CA ALA S 303 83.02 -72.64 53.24
C ALA S 303 83.44 -71.17 53.20
N LEU S 304 82.74 -70.34 52.45
CA LEU S 304 82.91 -68.90 52.47
C LEU S 304 81.81 -68.33 53.36
N VAL S 305 82.21 -67.73 54.48
CA VAL S 305 81.31 -67.35 55.57
C VAL S 305 81.29 -65.84 55.70
N GLY S 306 80.15 -65.21 55.46
CA GLY S 306 80.07 -63.74 55.55
C GLY S 306 78.66 -63.22 55.60
N LYS S 307 78.51 -61.90 55.64
CA LYS S 307 77.21 -61.24 55.53
C LYS S 307 76.61 -61.46 54.14
N TYR S 308 75.30 -61.69 54.07
CA TYR S 308 74.47 -61.60 52.86
C TYR S 308 75.07 -62.30 51.64
N THR S 309 75.62 -63.50 51.83
CA THR S 309 76.18 -64.36 50.76
C THR S 309 75.18 -64.73 49.66
N ASN S 310 73.88 -64.50 49.88
CA ASN S 310 72.85 -64.56 48.84
C ASN S 310 73.16 -63.63 47.65
N LEU S 311 73.79 -62.48 47.91
CA LEU S 311 74.16 -61.45 46.94
C LEU S 311 75.53 -61.79 46.33
N LYS S 312 75.58 -62.85 45.55
CA LYS S 312 76.83 -63.53 45.14
C LYS S 312 77.82 -62.66 44.34
N ASP S 313 77.34 -61.66 43.59
CA ASP S 313 78.23 -60.68 42.95
C ASP S 313 79.01 -59.82 43.96
N SER S 314 78.51 -59.68 45.18
CA SER S 314 79.17 -58.90 46.22
C SER S 314 80.50 -59.51 46.70
N TYR S 315 80.75 -60.78 46.35
CA TYR S 315 82.00 -61.49 46.62
C TYR S 315 82.73 -61.93 45.34
N LEU S 316 82.43 -61.31 44.18
CA LEU S 316 82.93 -61.79 42.90
C LEU S 316 84.44 -61.98 42.85
N SER S 317 85.25 -61.04 43.34
CA SER S 317 86.71 -61.16 43.25
C SER S 317 87.22 -62.33 44.04
N VAL S 318 86.64 -62.57 45.22
CA VAL S 318 86.98 -63.71 46.07
C VAL S 318 86.74 -65.00 45.33
N ILE S 319 85.61 -65.18 44.65
CA ILE S 319 85.34 -66.38 43.86
C ILE S 319 86.40 -66.57 42.80
N LYS S 320 86.70 -65.54 42.00
CA LYS S 320 87.70 -65.65 40.93
C LYS S 320 89.09 -65.96 41.49
N ALA S 321 89.49 -65.41 42.63
CA ALA S 321 90.76 -65.74 43.26
C ALA S 321 90.86 -67.20 43.70
N LEU S 322 89.76 -67.80 44.16
CA LEU S 322 89.69 -69.23 44.45
C LEU S 322 89.72 -70.07 43.18
N GLU S 323 89.09 -69.64 42.08
CA GLU S 323 89.14 -70.35 40.81
C GLU S 323 90.56 -70.38 40.23
N HIS S 324 91.28 -69.25 40.21
CA HIS S 324 92.62 -69.18 39.62
C HIS S 324 93.58 -70.13 40.34
N SER S 325 93.50 -70.14 41.66
CA SER S 325 94.30 -71.03 42.51
C SER S 325 93.90 -72.49 42.35
N SER S 326 92.61 -72.81 42.27
CA SER S 326 92.15 -74.19 42.13
C SER S 326 92.63 -74.86 40.85
N MET S 327 92.80 -74.12 39.75
CA MET S 327 93.42 -74.64 38.54
C MET S 327 94.92 -74.89 38.69
N LYS S 328 95.61 -74.23 39.61
CA LYS S 328 97.00 -74.58 39.88
C LYS S 328 97.08 -75.91 40.62
N CYS S 329 96.22 -76.12 41.62
CA CYS S 329 96.10 -77.38 42.37
C CYS S 329 95.45 -78.56 41.61
N ARG S 330 95.06 -78.38 40.35
CA ARG S 330 94.33 -79.36 39.54
C ARG S 330 93.02 -79.87 40.15
N ARG S 331 92.44 -79.16 41.12
CA ARG S 331 91.29 -79.65 41.91
C ARG S 331 90.05 -78.81 41.67
N LYS S 332 88.89 -79.45 41.65
CA LYS S 332 87.60 -78.84 41.36
C LYS S 332 87.14 -78.04 42.57
N LEU S 333 86.75 -76.80 42.38
CA LEU S 333 86.34 -75.91 43.47
C LEU S 333 84.85 -76.04 43.74
N ASP S 334 84.49 -76.19 45.02
CA ASP S 334 83.10 -76.22 45.47
C ASP S 334 82.90 -75.26 46.64
N ILE S 335 82.58 -74.00 46.36
CA ILE S 335 82.31 -73.01 47.40
C ILE S 335 80.96 -73.30 48.04
N LYS S 336 80.92 -73.55 49.35
CA LYS S 336 79.69 -73.52 50.13
C LYS S 336 79.46 -72.09 50.59
N TRP S 337 78.30 -71.52 50.26
CA TRP S 337 77.90 -70.20 50.69
C TRP S 337 77.17 -70.25 52.03
N VAL S 338 77.76 -69.67 53.06
CA VAL S 338 77.19 -69.62 54.41
C VAL S 338 76.83 -68.19 54.78
N GLU S 339 75.59 -67.92 55.15
CA GLU S 339 75.28 -66.66 55.82
C GLU S 339 75.84 -66.72 57.24
N ALA S 340 76.74 -65.82 57.58
CA ALA S 340 77.40 -65.81 58.87
C ALA S 340 76.41 -65.74 60.04
N THR S 341 75.34 -64.96 59.91
CA THR S 341 74.35 -64.85 60.99
C THR S 341 73.58 -66.13 61.26
N ASP S 342 73.48 -67.05 60.30
CA ASP S 342 72.82 -68.34 60.54
C ASP S 342 73.64 -69.30 61.40
N LEU S 343 74.92 -69.01 61.66
CA LEU S 343 75.73 -69.79 62.60
C LEU S 343 75.45 -69.45 64.05
N GLU S 344 74.80 -68.32 64.33
CA GLU S 344 74.69 -67.78 65.70
C GLU S 344 73.85 -68.68 66.63
N PRO S 345 74.18 -68.79 67.93
CA PRO S 345 73.36 -69.47 68.91
C PRO S 345 71.92 -68.95 69.02
N GLU S 346 71.67 -67.69 68.66
CA GLU S 346 70.32 -67.10 68.58
C GLU S 346 69.52 -67.60 67.37
N ALA S 347 70.19 -67.89 66.25
CA ALA S 347 69.51 -68.36 65.05
C ALA S 347 68.83 -69.72 65.29
N GLN S 348 69.33 -70.52 66.23
CA GLN S 348 68.80 -71.85 66.54
C GLN S 348 67.34 -71.83 67.01
N GLU S 349 66.90 -70.83 67.76
CA GLU S 349 65.47 -70.68 68.09
C GLU S 349 64.70 -69.87 67.04
N SER S 350 65.37 -68.93 66.37
CA SER S 350 64.71 -68.01 65.43
C SER S 350 64.35 -68.68 64.10
N ASN S 351 65.28 -69.43 63.51
CA ASN S 351 65.19 -69.99 62.17
C ASN S 351 65.98 -71.30 62.05
N LYS S 352 65.62 -72.29 62.88
CA LYS S 352 66.40 -73.50 63.14
C LYS S 352 66.88 -74.22 61.87
N THR S 353 66.03 -74.33 60.86
CA THR S 353 66.34 -75.11 59.64
C THR S 353 67.57 -74.59 58.93
N LYS S 354 67.64 -73.28 58.70
CA LYS S 354 68.77 -72.65 58.02
C LYS S 354 70.04 -72.69 58.87
N PHE S 355 69.90 -72.63 60.18
CA PHE S 355 71.02 -72.79 61.12
C PHE S 355 71.69 -74.16 60.99
N HIS S 356 70.93 -75.26 60.84
CA HIS S 356 71.52 -76.57 60.57
C HIS S 356 72.19 -76.62 59.19
N GLU S 357 71.60 -76.02 58.15
CA GLU S 357 72.24 -75.99 56.84
C GLU S 357 73.58 -75.26 56.89
N ALA S 358 73.63 -74.12 57.58
CA ALA S 358 74.85 -73.36 57.77
C ALA S 358 75.93 -74.16 58.50
N TRP S 359 75.58 -74.82 59.60
CA TRP S 359 76.55 -75.61 60.34
C TRP S 359 76.99 -76.87 59.63
N ASN S 360 76.13 -77.53 58.85
CA ASN S 360 76.58 -78.64 58.02
C ASN S 360 77.65 -78.19 57.03
N MET S 361 77.48 -77.03 56.37
CA MET S 361 78.47 -76.50 55.45
C MET S 361 79.80 -76.27 56.17
N VAL S 362 79.79 -75.60 57.32
CA VAL S 362 81.02 -75.34 58.11
C VAL S 362 81.71 -76.63 58.51
N SER S 363 80.95 -77.63 58.94
CA SER S 363 81.45 -78.95 59.35
C SER S 363 81.96 -79.81 58.22
N THR S 364 81.43 -79.64 57.01
CA THR S 364 81.83 -80.40 55.82
C THR S 364 83.13 -79.88 55.22
N ALA S 365 83.35 -78.57 55.24
CA ALA S 365 84.34 -77.94 54.39
C ALA S 365 85.79 -78.34 54.70
N ASP S 366 86.61 -78.50 53.67
CA ASP S 366 88.04 -78.73 53.75
C ASP S 366 88.84 -77.48 54.07
N GLY S 367 88.23 -76.32 53.95
CA GLY S 367 88.81 -75.03 54.32
C GLY S 367 87.75 -74.03 54.70
N ILE S 368 88.09 -73.03 55.51
CA ILE S 368 87.20 -71.93 55.88
C ILE S 368 87.78 -70.62 55.36
N LEU S 369 86.91 -69.72 54.94
CA LEU S 369 87.26 -68.43 54.36
C LEU S 369 86.32 -67.38 54.88
N ILE S 370 86.84 -66.38 55.58
CA ILE S 370 86.09 -65.21 56.02
C ILE S 370 86.50 -64.07 55.08
N PRO S 371 85.59 -63.50 54.26
CA PRO S 371 85.96 -62.89 52.98
C PRO S 371 86.17 -61.36 53.00
N GLY S 372 86.17 -60.72 54.17
CA GLY S 372 86.24 -59.26 54.26
C GLY S 372 84.90 -58.59 54.02
N GLY S 373 83.91 -58.98 54.81
CA GLY S 373 82.55 -58.47 54.73
C GLY S 373 82.37 -56.98 54.97
N PHE S 374 81.18 -56.49 54.71
CA PHE S 374 80.76 -55.10 54.88
C PHE S 374 79.87 -54.95 56.12
N GLY S 375 80.23 -54.05 57.04
CA GLY S 375 79.49 -53.80 58.28
C GLY S 375 79.57 -54.90 59.33
N VAL S 376 78.89 -54.72 60.46
CA VAL S 376 79.10 -55.53 61.67
C VAL S 376 78.26 -56.81 61.77
N ARG S 377 77.10 -56.88 61.10
CA ARG S 377 76.02 -57.86 61.36
C ARG S 377 76.49 -59.32 61.49
N GLY S 378 77.29 -59.81 60.55
CA GLY S 378 77.72 -61.22 60.52
C GLY S 378 78.74 -61.62 61.60
N THR S 379 79.30 -60.67 62.35
CA THR S 379 80.50 -60.89 63.16
C THR S 379 80.38 -62.07 64.10
N GLU S 380 79.27 -62.22 64.83
CA GLU S 380 79.16 -63.23 65.87
C GLU S 380 79.28 -64.66 65.32
N GLY S 381 78.71 -64.94 64.16
CA GLY S 381 78.90 -66.23 63.51
C GLY S 381 80.29 -66.42 62.93
N MET S 382 80.87 -65.38 62.34
CA MET S 382 82.22 -65.44 61.80
C MET S 382 83.27 -65.73 62.89
N VAL S 383 83.04 -65.32 64.13
CA VAL S 383 83.87 -65.72 65.28
C VAL S 383 83.86 -67.23 65.46
N LEU S 384 82.68 -67.86 65.49
CA LEU S 384 82.52 -69.30 65.68
C LEU S 384 83.10 -70.10 64.49
N ALA S 385 83.04 -69.58 63.27
CA ALA S 385 83.74 -70.18 62.13
C ALA S 385 85.27 -70.09 62.27
N ALA S 386 85.82 -69.01 62.81
CA ALA S 386 87.25 -68.90 63.05
C ALA S 386 87.73 -69.84 64.18
N ARG S 387 86.92 -69.99 65.24
CA ARG S 387 87.12 -70.92 66.37
C ARG S 387 87.14 -72.36 65.90
N TRP S 388 86.20 -72.71 65.04
CA TRP S 388 86.11 -74.02 64.42
C TRP S 388 87.37 -74.43 63.68
N ALA S 389 88.02 -73.51 62.98
CA ALA S 389 89.27 -73.76 62.27
C ALA S 389 90.54 -73.53 63.11
N ARG S 390 90.49 -72.78 64.21
CA ARG S 390 91.62 -72.68 65.14
C ARG S 390 91.81 -74.00 65.86
N GLU S 391 90.73 -74.54 66.44
CA GLU S 391 90.81 -75.67 67.36
C GLU S 391 91.03 -76.99 66.62
N ASN S 392 90.08 -77.37 65.78
CA ASN S 392 90.24 -78.44 64.80
C ASN S 392 91.13 -77.91 63.68
N HIS S 393 92.16 -78.63 63.24
CA HIS S 393 93.16 -78.11 62.29
C HIS S 393 92.69 -77.91 60.82
N ILE S 394 91.53 -77.30 60.59
CA ILE S 394 91.00 -76.93 59.29
C ILE S 394 91.81 -75.76 58.69
N PRO S 395 92.25 -75.80 57.43
CA PRO S 395 92.82 -74.65 56.75
C PRO S 395 91.90 -73.42 56.74
N PHE S 396 92.46 -72.22 56.89
CA PHE S 396 91.71 -70.98 57.03
C PHE S 396 92.39 -69.81 56.32
N LEU S 397 91.61 -68.92 55.73
CA LEU S 397 92.06 -67.58 55.35
C LEU S 397 91.06 -66.54 55.81
N GLY S 398 91.54 -65.51 56.51
CA GLY S 398 90.75 -64.34 56.84
C GLY S 398 91.21 -63.15 56.02
N VAL S 399 90.30 -62.48 55.33
CA VAL S 399 90.59 -61.30 54.53
C VAL S 399 89.97 -60.07 55.18
N CYS S 400 90.74 -59.04 55.48
CA CYS S 400 90.30 -57.78 56.09
C CYS S 400 89.51 -57.99 57.39
N LEU S 401 88.18 -57.85 57.38
CA LEU S 401 87.34 -58.22 58.53
C LEU S 401 87.61 -59.66 58.99
N GLY S 402 88.09 -60.54 58.13
CA GLY S 402 88.53 -61.86 58.52
C GLY S 402 89.78 -61.86 59.38
N LEU S 403 90.77 -61.00 59.16
CA LEU S 403 91.88 -60.85 60.11
C LEU S 403 91.39 -60.27 61.43
N GLN S 404 90.52 -59.26 61.33
CA GLN S 404 89.90 -58.66 62.49
C GLN S 404 89.21 -59.74 63.32
N ILE S 405 88.47 -60.65 62.70
CA ILE S 405 87.77 -61.73 63.38
C ILE S 405 88.67 -62.91 63.77
N ALA S 406 89.74 -63.21 63.05
CA ALA S 406 90.77 -64.12 63.52
C ALA S 406 91.41 -63.60 64.81
N THR S 407 91.62 -62.29 64.94
CA THR S 407 92.21 -61.70 66.13
C THR S 407 91.20 -61.56 67.27
N ILE S 408 89.96 -61.14 67.01
CA ILE S 408 88.89 -61.16 67.99
C ILE S 408 88.69 -62.58 68.52
N GLU S 409 88.69 -63.62 67.69
CA GLU S 409 88.49 -64.98 68.17
C GLU S 409 89.67 -65.45 69.02
N PHE S 410 90.89 -65.32 68.52
CA PHE S 410 92.07 -65.72 69.29
C PHE S 410 92.16 -64.98 70.63
N THR S 411 91.78 -63.70 70.68
CA THR S 411 91.60 -62.96 71.93
C THR S 411 90.51 -63.60 72.79
N ARG S 412 89.30 -63.78 72.25
CA ARG S 412 88.09 -64.25 72.92
C ARG S 412 88.15 -65.71 73.42
N SER S 413 89.14 -66.50 73.00
CA SER S 413 89.23 -67.93 73.32
C SER S 413 90.60 -68.40 73.83
N VAL S 414 91.69 -67.76 73.40
CA VAL S 414 93.05 -68.13 73.84
C VAL S 414 93.51 -67.25 75.01
N LEU S 415 93.19 -65.95 74.99
CA LEU S 415 93.48 -65.02 76.11
C LEU S 415 92.35 -64.92 77.14
N GLY S 416 91.27 -65.68 77.01
CA GLY S 416 90.02 -65.42 77.74
C GLY S 416 89.29 -64.20 77.17
N ARG S 417 89.28 -63.08 77.90
CA ARG S 417 88.83 -61.74 77.45
C ARG S 417 87.49 -61.74 76.67
N LYS S 418 86.48 -62.45 77.20
CA LYS S 418 85.20 -62.74 76.49
C LYS S 418 84.38 -61.51 76.08
N ASP S 419 84.63 -60.36 76.70
CA ASP S 419 84.00 -59.07 76.36
C ASP S 419 84.59 -58.38 75.10
N SER S 420 85.73 -58.83 74.57
CA SER S 420 86.42 -58.13 73.47
C SER S 420 85.64 -58.18 72.15
N HIS S 421 85.76 -57.12 71.36
CA HIS S 421 84.91 -56.83 70.20
C HIS S 421 85.64 -55.88 69.24
N SER S 422 85.15 -55.72 68.02
CA SER S 422 85.62 -54.69 67.08
C SER S 422 85.47 -53.27 67.67
N ALA S 423 86.33 -52.33 67.25
CA ALA S 423 86.20 -50.92 67.58
C ALA S 423 84.85 -50.31 67.15
N GLU S 424 84.12 -50.98 66.26
CA GLU S 424 82.74 -50.65 65.91
C GLU S 424 81.81 -50.53 67.14
N PHE S 425 81.98 -51.36 68.18
CA PHE S 425 81.26 -51.24 69.46
C PHE S 425 81.96 -50.20 70.35
N TYR S 426 81.97 -48.97 69.86
CA TYR S 426 82.75 -47.85 70.39
C TYR S 426 82.62 -47.62 71.93
N PRO S 427 81.42 -47.57 72.54
CA PRO S 427 81.28 -47.17 73.94
C PRO S 427 81.74 -48.19 74.99
N ASP S 428 82.18 -49.39 74.59
CA ASP S 428 82.84 -50.32 75.52
C ASP S 428 84.26 -49.86 75.90
N ILE S 429 84.92 -49.08 75.04
CA ILE S 429 86.24 -48.46 75.20
C ILE S 429 87.37 -49.45 75.56
N ASP S 430 87.47 -49.91 76.81
CA ASP S 430 88.61 -50.65 77.35
C ASP S 430 88.87 -51.99 76.64
N GLU S 431 87.83 -52.62 76.09
CA GLU S 431 87.87 -53.96 75.45
C GLU S 431 87.82 -53.94 73.91
N LYS S 432 87.93 -52.75 73.29
CA LYS S 432 88.04 -52.63 71.83
C LYS S 432 89.31 -53.34 71.34
N ASN S 433 89.15 -54.30 70.44
CA ASN S 433 90.24 -55.09 69.86
C ASN S 433 91.03 -54.33 68.77
N HIS S 434 90.52 -53.18 68.31
CA HIS S 434 91.02 -52.42 67.16
C HIS S 434 91.17 -50.92 67.47
N VAL S 435 91.84 -50.18 66.60
CA VAL S 435 92.01 -48.72 66.66
C VAL S 435 91.76 -48.10 65.28
N VAL S 436 91.17 -46.91 65.27
CA VAL S 436 90.99 -46.10 64.06
C VAL S 436 92.32 -45.71 63.43
N VAL S 437 92.39 -45.76 62.12
CA VAL S 437 93.54 -45.29 61.32
C VAL S 437 93.07 -44.80 59.95
N PHE S 438 92.54 -43.56 59.90
CA PHE S 438 91.95 -42.99 58.68
C PHE S 438 92.97 -42.54 57.61
N MET S 439 94.24 -42.27 57.98
CA MET S 439 95.26 -41.66 57.13
C MET S 439 94.76 -40.44 56.34
N MET S 440 90.21 -43.47 55.07
CA MET S 440 90.43 -44.88 54.75
C MET S 440 91.81 -45.13 54.12
N ARG S 441 92.52 -46.18 54.55
CA ARG S 441 93.74 -46.66 53.88
C ARG S 441 93.32 -47.39 52.61
N LEU S 442 93.86 -46.99 51.46
CA LEU S 442 93.47 -47.46 50.12
C LEU S 442 94.69 -47.73 49.22
N GLY S 443 94.46 -48.43 48.12
CA GLY S 443 95.44 -48.59 47.03
C GLY S 443 96.62 -49.48 47.35
N LEU S 444 97.52 -49.61 46.38
CA LEU S 444 98.69 -50.46 46.48
C LEU S 444 99.68 -49.86 47.47
N ARG S 445 99.86 -50.55 48.59
CA ARG S 445 100.89 -50.25 49.60
C ARG S 445 101.80 -51.47 49.82
N PRO S 446 103.07 -51.31 50.18
CA PRO S 446 103.95 -52.44 50.48
C PRO S 446 103.55 -53.15 51.78
N THR S 447 104.08 -54.35 52.01
CA THR S 447 104.12 -55.04 53.30
C THR S 447 105.39 -55.86 53.42
N PHE S 448 106.04 -55.82 54.57
CA PHE S 448 107.38 -56.35 54.80
C PHE S 448 107.32 -57.49 55.81
N PHE S 449 107.94 -58.63 55.51
CA PHE S 449 107.98 -59.75 56.44
C PHE S 449 108.85 -59.43 57.66
N GLN S 450 108.45 -59.89 58.84
CA GLN S 450 109.27 -59.75 60.06
C GLN S 450 110.48 -60.69 59.98
N ASN S 451 111.70 -60.18 60.17
CA ASN S 451 112.92 -60.80 59.63
C ASN S 451 113.31 -62.19 60.17
N GLU S 452 112.69 -62.66 61.26
CA GLU S 452 112.93 -63.96 61.91
C GLU S 452 112.01 -65.07 61.41
N THR S 453 110.89 -64.77 60.73
CA THR S 453 109.78 -65.71 60.51
C THR S 453 110.00 -66.70 59.36
N GLU S 454 111.17 -67.34 59.32
CA GLU S 454 111.58 -68.31 58.29
C GLU S 454 110.72 -69.58 58.27
N TRP S 455 110.02 -69.89 59.36
CA TRP S 455 109.11 -71.02 59.51
C TRP S 455 107.80 -70.86 58.71
N SER S 456 107.41 -69.63 58.39
CA SER S 456 106.08 -69.27 57.89
C SER S 456 105.69 -70.01 56.61
N GLN S 457 104.48 -70.55 56.56
CA GLN S 457 103.93 -71.14 55.35
C GLN S 457 103.64 -70.06 54.30
N ILE S 458 103.07 -68.91 54.70
CA ILE S 458 102.71 -67.87 53.74
C ILE S 458 103.94 -67.20 53.13
N LYS S 459 104.96 -66.83 53.90
CA LYS S 459 106.16 -66.20 53.31
C LYS S 459 106.99 -67.17 52.47
N LYS S 460 106.77 -68.48 52.59
CA LYS S 460 107.30 -69.46 51.65
C LYS S 460 106.56 -69.38 50.31
N LEU S 461 105.23 -69.29 50.28
CA LEU S 461 104.47 -69.14 49.03
C LEU S 461 104.87 -67.89 48.22
N TYR S 462 105.17 -66.78 48.88
CA TYR S 462 105.73 -65.58 48.25
C TYR S 462 107.18 -65.73 47.75
N GLY S 463 107.76 -66.92 47.73
CA GLY S 463 109.05 -67.22 47.09
C GLY S 463 110.28 -66.73 47.87
N ASP S 464 110.15 -66.51 49.18
CA ASP S 464 111.19 -65.91 50.03
C ASP S 464 111.58 -64.46 49.65
N VAL S 465 110.76 -63.76 48.87
CA VAL S 465 110.95 -62.34 48.56
C VAL S 465 110.79 -61.49 49.84
N SER S 466 111.56 -60.41 49.97
CA SER S 466 111.62 -59.56 51.17
C SER S 466 110.34 -58.77 51.47
N GLU S 467 109.55 -58.43 50.46
CA GLU S 467 108.31 -57.67 50.61
C GLU S 467 107.31 -57.99 49.51
N VAL S 468 106.05 -57.61 49.75
CA VAL S 468 104.91 -57.79 48.84
C VAL S 468 104.20 -56.45 48.63
N HIS S 469 103.38 -56.30 47.60
CA HIS S 469 102.57 -55.09 47.39
C HIS S 469 101.11 -55.43 47.14
N GLU S 470 100.17 -54.79 47.83
CA GLU S 470 98.78 -55.26 47.93
C GLU S 470 97.75 -54.13 48.06
N ARG S 471 96.49 -54.38 47.70
CA ARG S 471 95.39 -53.41 47.84
C ARG S 471 94.72 -53.44 49.21
N HIS S 472 94.30 -52.29 49.72
CA HIS S 472 93.69 -52.13 51.05
C HIS S 472 92.37 -51.37 50.96
N ARG S 473 91.47 -51.49 51.94
CA ARG S 473 90.20 -50.73 52.04
C ARG S 473 89.72 -50.52 53.50
N HIS S 474 90.62 -50.38 54.48
CA HIS S 474 90.30 -50.47 55.91
C HIS S 474 90.40 -49.13 56.67
N ARG S 475 89.47 -48.90 57.61
CA ARG S 475 89.48 -47.79 58.58
C ARG S 475 89.93 -48.19 60.00
N TYR S 476 89.99 -49.50 60.28
CA TYR S 476 90.41 -50.07 61.56
C TYR S 476 91.64 -50.97 61.40
N GLU S 477 92.50 -51.01 62.40
CA GLU S 477 93.60 -51.98 62.53
C GLU S 477 93.63 -52.56 63.95
N ILE S 478 94.25 -53.71 64.15
CA ILE S 478 94.39 -54.32 65.49
C ILE S 478 95.18 -53.39 66.40
N ASN S 479 94.73 -53.18 67.64
CA ASN S 479 95.31 -52.21 68.56
C ASN S 479 96.77 -52.59 68.89
N PRO S 480 97.79 -51.77 68.52
CA PRO S 480 99.20 -52.13 68.71
C PRO S 480 99.57 -52.49 70.14
N LYS S 481 98.87 -51.92 71.12
CA LYS S 481 99.03 -52.20 72.56
C LYS S 481 98.94 -53.70 72.87
N MET S 482 98.05 -54.42 72.18
CA MET S 482 97.81 -55.85 72.39
C MET S 482 98.76 -56.76 71.62
N VAL S 483 99.42 -56.28 70.58
CA VAL S 483 100.09 -57.16 69.61
C VAL S 483 101.23 -57.98 70.22
N ASP S 484 101.94 -57.47 71.22
CA ASP S 484 102.95 -58.27 71.92
C ASP S 484 102.33 -59.50 72.61
N GLU S 485 101.14 -59.35 73.18
CA GLU S 485 100.44 -60.43 73.86
C GLU S 485 100.02 -61.53 72.87
N LEU S 486 99.53 -61.13 71.71
CA LEU S 486 99.17 -62.02 70.61
C LEU S 486 100.41 -62.70 70.01
N GLU S 487 101.50 -61.97 69.76
CA GLU S 487 102.77 -62.55 69.29
C GLU S 487 103.34 -63.56 70.29
N ASN S 488 103.34 -63.25 71.58
CA ASN S 488 103.82 -64.13 72.64
C ASN S 488 102.96 -65.40 72.82
N ASN S 489 101.64 -65.31 72.59
CA ASN S 489 100.74 -66.46 72.62
C ASN S 489 100.71 -67.28 71.33
N GLY S 490 101.31 -66.80 70.23
CA GLY S 490 101.54 -67.57 69.01
C GLY S 490 100.79 -67.10 67.77
N LEU S 491 99.93 -66.09 67.87
CA LEU S 491 99.27 -65.44 66.75
C LEU S 491 100.25 -64.47 66.07
N ILE S 492 101.35 -64.98 65.51
CA ILE S 492 102.50 -64.18 65.08
C ILE S 492 102.14 -63.31 63.87
N PHE S 493 102.28 -62.00 63.98
CA PHE S 493 102.07 -61.06 62.87
C PHE S 493 103.25 -61.07 61.90
N VAL S 494 103.29 -62.04 61.00
CA VAL S 494 104.43 -62.29 60.10
C VAL S 494 104.69 -61.19 59.05
N GLY S 495 103.80 -60.21 58.89
CA GLY S 495 103.99 -59.07 58.03
C GLY S 495 103.42 -57.78 58.58
N LYS S 496 104.16 -56.69 58.45
CA LYS S 496 103.75 -55.35 58.88
C LYS S 496 104.13 -54.33 57.82
N ASP S 497 103.67 -53.11 58.00
CA ASP S 497 103.91 -52.00 57.10
C ASP S 497 105.33 -51.43 57.21
N ASP S 498 105.60 -50.39 56.42
CA ASP S 498 106.85 -49.62 56.46
C ASP S 498 107.24 -49.14 57.87
N THR S 499 106.29 -48.64 58.66
CA THR S 499 106.56 -48.14 60.04
C THR S 499 106.73 -49.26 61.07
N GLY S 500 106.18 -50.44 60.81
CA GLY S 500 106.09 -51.53 61.78
C GLY S 500 104.99 -51.36 62.82
N LYS S 501 104.16 -50.33 62.72
CA LYS S 501 103.03 -50.07 63.62
C LYS S 501 101.76 -50.81 63.21
N ARG S 502 101.60 -51.16 61.94
CA ARG S 502 100.34 -51.66 61.35
C ARG S 502 100.36 -53.17 61.12
N CYS S 503 99.28 -53.86 61.52
CA CYS S 503 99.09 -55.29 61.41
C CYS S 503 98.64 -55.73 59.99
N GLU S 504 99.53 -56.17 59.11
CA GLU S 504 99.17 -56.45 57.72
C GLU S 504 98.91 -57.94 57.42
N ILE S 505 99.61 -58.87 58.08
CA ILE S 505 99.42 -60.32 57.96
C ILE S 505 99.50 -60.96 59.35
N LEU S 506 98.73 -62.00 59.64
CA LEU S 506 99.04 -62.92 60.74
C LEU S 506 99.11 -64.37 60.27
N GLU S 507 99.94 -65.17 60.93
CA GLU S 507 99.93 -66.62 60.84
C GLU S 507 99.97 -67.19 62.25
N LEU S 508 99.10 -68.12 62.57
CA LEU S 508 99.13 -68.83 63.84
C LEU S 508 100.24 -69.89 63.80
N LYS S 509 101.25 -69.74 64.67
CA LYS S 509 102.39 -70.66 64.79
C LYS S 509 101.92 -72.10 65.04
N ASN S 510 102.49 -73.05 64.30
CA ASN S 510 102.22 -74.50 64.42
C ASN S 510 100.72 -74.86 64.24
N HIS S 511 100.13 -74.40 63.13
CA HIS S 511 98.86 -74.86 62.57
C HIS S 511 99.04 -75.15 61.07
N PRO S 512 98.41 -76.16 60.45
CA PRO S 512 98.65 -76.52 59.06
C PRO S 512 98.50 -75.40 58.03
N TYR S 513 97.54 -74.50 58.20
CA TYR S 513 97.37 -73.28 57.41
C TYR S 513 96.31 -72.37 58.05
N TYR S 514 96.71 -71.40 58.86
CA TYR S 514 95.79 -70.44 59.44
C TYR S 514 96.37 -69.06 59.28
N ILE S 515 95.94 -68.39 58.23
CA ILE S 515 96.43 -67.10 57.77
C ILE S 515 95.31 -66.09 57.89
N ALA S 516 95.65 -64.85 58.16
CA ALA S 516 94.79 -63.76 57.73
C ALA S 516 95.61 -62.61 57.17
N THR S 517 94.99 -61.78 56.33
CA THR S 517 95.56 -60.58 55.72
C THR S 517 94.65 -59.39 55.98
N GLN S 518 95.20 -58.24 56.36
CA GLN S 518 94.39 -57.03 56.47
C GLN S 518 94.02 -56.48 55.10
N TYR S 519 94.91 -56.63 54.12
CA TYR S 519 94.63 -56.36 52.71
C TYR S 519 93.64 -57.36 52.10
N HIS S 520 93.14 -57.01 50.92
CA HIS S 520 92.31 -57.84 50.05
C HIS S 520 93.14 -58.45 48.91
N PRO S 521 93.71 -59.66 49.06
CA PRO S 521 94.56 -60.28 48.03
C PRO S 521 93.85 -60.68 46.74
N GLU S 522 92.54 -60.86 46.77
CA GLU S 522 91.70 -61.15 45.62
C GLU S 522 91.68 -60.02 44.58
N TYR S 523 92.10 -58.81 44.94
CA TYR S 523 92.25 -57.71 43.99
C TYR S 523 93.60 -57.74 43.26
N THR S 524 94.44 -58.75 43.44
CA THR S 524 95.61 -58.97 42.57
C THR S 524 95.79 -60.42 42.09
N SER S 525 94.81 -61.29 42.32
CA SER S 525 94.82 -62.62 41.72
C SER S 525 94.69 -62.55 40.20
N LYS S 526 95.54 -63.26 39.46
CA LYS S 526 95.52 -63.38 37.99
C LYS S 526 95.47 -64.85 37.57
N VAL S 527 94.95 -65.15 36.39
CA VAL S 527 94.68 -66.54 35.99
C VAL S 527 95.97 -67.36 35.84
N LEU S 528 97.08 -66.77 35.41
CA LEU S 528 98.38 -67.46 35.35
C LEU S 528 99.26 -67.29 36.59
N ASP S 529 98.96 -66.31 37.45
CA ASP S 529 99.67 -66.01 38.70
C ASP S 529 98.65 -65.83 39.85
N PRO S 530 98.22 -66.91 40.52
CA PRO S 530 97.18 -66.83 41.53
C PRO S 530 97.65 -66.11 42.79
N SER S 531 96.77 -65.38 43.49
CA SER S 531 97.19 -64.61 44.67
C SER S 531 97.57 -65.56 45.79
N LYS S 532 98.77 -65.43 46.32
CA LYS S 532 99.40 -66.41 47.22
C LYS S 532 98.59 -66.80 48.48
N PRO S 533 97.92 -65.89 49.21
CA PRO S 533 97.10 -66.28 50.36
C PRO S 533 95.94 -67.20 50.01
N PHE S 534 95.35 -67.04 48.82
CA PHE S 534 94.32 -67.93 48.31
C PHE S 534 94.88 -69.22 47.75
N LEU S 535 96.07 -69.21 47.14
CA LEU S 535 96.70 -70.46 46.71
C LEU S 535 96.98 -71.38 47.91
N GLY S 536 97.52 -70.82 49.00
CA GLY S 536 97.73 -71.58 50.22
C GLY S 536 96.46 -72.17 50.81
N LEU S 537 95.35 -71.43 50.85
CA LEU S 537 94.06 -71.94 51.32
C LEU S 537 93.59 -73.13 50.51
N VAL S 538 93.62 -73.07 49.18
CA VAL S 538 93.22 -74.21 48.36
C VAL S 538 94.20 -75.35 48.54
N ALA S 539 95.50 -75.10 48.43
CA ALA S 539 96.50 -76.16 48.50
C ALA S 539 96.48 -76.90 49.85
N ALA S 540 96.29 -76.20 50.97
CA ALA S 540 96.15 -76.85 52.26
C ALA S 540 94.81 -77.57 52.40
N SER S 541 93.73 -77.06 51.82
CA SER S 541 92.44 -77.77 51.77
C SER S 541 92.55 -79.08 50.98
N ALA S 542 93.36 -79.08 49.91
CA ALA S 542 93.75 -80.27 49.16
C ALA S 542 94.80 -81.16 49.87
N GLY S 543 95.37 -80.70 50.97
CA GLY S 543 96.40 -81.43 51.72
C GLY S 543 97.73 -81.54 50.98
N ILE S 544 98.00 -80.63 50.03
CA ILE S 544 99.14 -80.65 49.11
C ILE S 544 100.08 -79.44 49.24
N LEU S 545 99.86 -78.59 50.25
CA LEU S 545 100.53 -77.29 50.43
C LEU S 545 102.05 -77.37 50.32
N GLN S 546 102.67 -78.37 50.94
CA GLN S 546 104.12 -78.57 50.86
C GLN S 546 104.61 -78.64 49.42
N ASP S 547 103.92 -79.41 48.58
CA ASP S 547 104.36 -79.75 47.23
C ASP S 547 104.12 -78.60 46.25
N VAL S 548 103.10 -77.77 46.51
CA VAL S 548 102.87 -76.50 45.82
C VAL S 548 104.00 -75.51 46.12
N ILE S 549 104.45 -75.43 47.37
CA ILE S 549 105.58 -74.58 47.75
C ILE S 549 106.88 -75.09 47.13
N GLU S 550 107.09 -76.40 47.15
CA GLU S 550 108.25 -77.06 46.54
C GLU S 550 108.28 -77.01 45.01
N GLY S 551 107.13 -76.75 44.36
CA GLY S 551 107.05 -76.45 42.92
C GLY S 551 106.48 -77.55 42.02
N LYS S 552 105.76 -78.54 42.56
CA LYS S 552 105.14 -79.65 41.81
C LYS S 552 103.95 -79.25 40.92
N TYR S 553 103.64 -77.96 40.81
CA TYR S 553 102.43 -77.45 40.14
C TYR S 553 102.63 -76.14 39.36
N ASP S 554 103.86 -75.66 39.14
CA ASP S 554 104.12 -74.59 38.17
C ASP S 554 103.83 -75.04 36.73
N LEU S 555 103.42 -74.09 35.87
CA LEU S 555 102.81 -74.39 34.56
C LEU S 555 103.78 -74.89 33.49
N GLU S 556 105.03 -74.41 33.49
CA GLU S 556 106.10 -74.82 32.58
C GLU S 556 107.36 -75.18 33.38
N ALA S 557 108.09 -76.23 32.97
CA ALA S 557 109.27 -76.72 33.69
C ALA S 557 110.38 -75.66 33.83
N MET T 1 28.90 -52.23 15.83
CA MET T 1 29.74 -53.41 16.03
C MET T 1 30.95 -53.09 16.91
N LYS T 2 31.54 -54.09 17.57
CA LYS T 2 32.80 -53.98 18.33
C LYS T 2 33.88 -54.87 17.68
N TYR T 3 35.16 -54.59 17.90
CA TYR T 3 36.30 -55.33 17.31
C TYR T 3 37.47 -55.45 18.30
N VAL T 4 38.24 -56.53 18.25
CA VAL T 4 39.42 -56.75 19.09
C VAL T 4 40.58 -57.20 18.22
N VAL T 5 41.62 -56.40 18.04
CA VAL T 5 42.85 -56.87 17.41
C VAL T 5 43.66 -57.71 18.39
N VAL T 6 44.26 -58.80 17.92
CA VAL T 6 45.36 -59.49 18.56
C VAL T 6 46.55 -59.44 17.62
N SER T 7 47.69 -58.97 18.08
CA SER T 7 48.86 -58.72 17.23
C SER T 7 50.18 -58.88 17.98
N GLY T 8 51.32 -58.72 17.32
CA GLY T 8 52.52 -58.24 18.02
C GLY T 8 53.73 -59.16 18.18
N GLY T 9 54.67 -58.68 19.01
CA GLY T 9 55.85 -59.39 19.51
C GLY T 9 57.16 -59.07 18.79
N VAL T 10 58.30 -59.47 19.36
CA VAL T 10 59.61 -59.52 18.68
C VAL T 10 59.91 -60.82 17.92
N ILE T 11 59.01 -61.81 17.97
CA ILE T 11 59.17 -63.12 17.34
C ILE T 11 57.83 -63.60 16.79
N SER T 12 57.85 -64.30 15.66
CA SER T 12 56.72 -65.12 15.24
C SER T 12 56.69 -66.41 16.10
N GLY T 13 55.51 -66.96 16.38
CA GLY T 13 55.36 -68.16 17.22
C GLY T 13 55.17 -67.89 18.72
N ILE T 14 54.91 -66.64 19.10
CA ILE T 14 54.80 -66.17 20.49
C ILE T 14 53.56 -66.66 21.25
N GLY T 15 52.45 -66.98 20.57
CA GLY T 15 51.21 -67.46 21.21
C GLY T 15 49.88 -66.84 20.78
N LYS T 16 49.83 -66.07 19.69
CA LYS T 16 48.63 -65.26 19.31
C LYS T 16 47.31 -66.07 19.30
N GLY T 17 47.16 -67.06 18.42
CA GLY T 17 45.89 -67.82 18.26
C GLY T 17 45.20 -68.25 19.57
N VAL T 18 45.94 -68.74 20.57
CA VAL T 18 45.38 -69.19 21.88
C VAL T 18 44.91 -67.95 22.65
N LEU T 19 45.57 -66.80 22.47
CA LEU T 19 45.16 -65.52 23.11
C LEU T 19 44.00 -64.94 22.28
N ALA T 20 43.86 -65.35 21.02
CA ALA T 20 42.83 -64.81 20.10
C ALA T 20 41.52 -65.57 20.30
N SER T 21 41.40 -66.81 19.83
CA SER T 21 40.13 -67.56 19.91
C SER T 21 39.81 -67.68 21.40
N SER T 22 40.80 -68.00 22.23
CA SER T 22 40.52 -67.94 23.70
C SER T 22 39.85 -66.65 24.22
N THR T 23 40.23 -65.47 23.70
CA THR T 23 39.58 -64.19 24.06
C THR T 23 38.18 -64.22 23.47
N GLY T 24 38.01 -64.80 22.27
CA GLY T 24 36.71 -64.89 21.56
C GLY T 24 35.78 -65.90 22.22
N MET T 25 36.31 -66.93 22.89
CA MET T 25 35.50 -67.95 23.61
C MET T 25 34.89 -67.25 24.82
N LEU T 26 35.58 -66.28 25.40
CA LEU T 26 35.09 -65.53 26.59
C LEU T 26 34.13 -64.45 26.13
N MET T 27 34.27 -63.92 24.91
CA MET T 27 33.22 -63.01 24.46
C MET T 27 31.87 -63.74 24.42
N LYS T 28 31.86 -64.99 23.98
CA LYS T 28 30.67 -65.85 24.02
C LYS T 28 30.15 -66.17 25.42
N THR T 29 31.00 -66.18 26.44
CA THR T 29 30.54 -66.30 27.85
C THR T 29 29.59 -65.16 28.22
N LEU T 30 29.79 -63.97 27.66
CA LEU T 30 28.92 -62.81 27.87
C LEU T 30 27.59 -62.92 27.10
N GLY T 31 27.37 -63.99 26.33
CA GLY T 31 26.22 -64.21 25.45
C GLY T 31 26.37 -63.67 24.02
N LEU T 32 27.46 -62.97 23.72
CA LEU T 32 27.67 -62.26 22.46
C LEU T 32 27.68 -63.18 21.26
N LYS T 33 27.19 -62.69 20.12
CA LYS T 33 27.44 -63.30 18.81
C LYS T 33 28.89 -63.00 18.43
N VAL T 34 29.71 -63.95 18.03
CA VAL T 34 31.16 -63.71 17.85
C VAL T 34 31.68 -64.28 16.54
N THR T 35 32.67 -63.63 15.98
CA THR T 35 33.33 -64.01 14.73
C THR T 35 34.82 -63.76 14.82
N SER T 36 35.58 -64.23 13.86
CA SER T 36 37.03 -64.10 13.85
C SER T 36 37.59 -63.97 12.45
N ILE T 37 38.61 -63.17 12.24
CA ILE T 37 39.31 -63.02 10.96
C ILE T 37 40.78 -63.22 11.20
N LYS T 38 41.46 -64.07 10.44
CA LYS T 38 42.94 -64.16 10.52
C LYS T 38 43.56 -63.51 9.31
N ILE T 39 44.35 -62.48 9.58
CA ILE T 39 45.10 -61.74 8.59
C ILE T 39 46.47 -62.40 8.49
N ASP T 40 46.78 -62.99 7.35
CA ASP T 40 48.05 -63.64 7.11
C ASP T 40 48.97 -62.81 6.23
N PRO T 41 50.21 -62.54 6.64
CA PRO T 41 51.13 -61.78 5.82
C PRO T 41 51.71 -62.53 4.62
N TYR T 42 51.54 -63.86 4.51
CA TYR T 42 52.06 -64.63 3.38
C TYR T 42 51.31 -64.38 2.06
N MET T 43 51.97 -64.63 0.94
CA MET T 43 51.46 -64.31 -0.39
C MET T 43 50.67 -65.42 -1.10
N ASN T 44 50.48 -66.62 -0.54
CA ASN T 44 49.52 -67.57 -1.10
C ASN T 44 48.07 -67.06 -0.98
N ILE T 45 47.28 -67.17 -2.03
CA ILE T 45 45.85 -66.83 -1.95
C ILE T 45 45.05 -67.83 -1.11
N ASP T 46 45.43 -69.11 -1.13
CA ASP T 46 44.80 -70.18 -0.36
C ASP T 46 45.79 -71.33 -0.12
N ALA T 47 45.46 -72.24 0.79
CA ALA T 47 46.28 -73.41 1.07
C ALA T 47 46.17 -74.52 0.00
N GLY T 48 45.38 -74.32 -1.05
CA GLY T 48 45.17 -75.32 -2.10
C GLY T 48 46.44 -75.65 -2.89
N THR T 49 47.37 -74.69 -2.99
CA THR T 49 48.71 -74.94 -3.58
C THR T 49 49.73 -75.45 -2.55
N MET T 50 49.51 -75.22 -1.25
CA MET T 50 50.49 -75.45 -0.19
C MET T 50 50.54 -76.93 0.21
N SER T 51 51.64 -77.62 -0.08
CA SER T 51 51.78 -79.05 0.27
C SER T 51 51.79 -79.22 1.79
N PRO T 52 51.15 -80.26 2.37
CA PRO T 52 51.06 -80.46 3.81
C PRO T 52 52.37 -80.60 4.60
N LEU T 53 53.53 -80.60 3.94
CA LEU T 53 54.86 -80.66 4.54
C LEU T 53 55.29 -79.34 5.21
N GLU T 54 54.91 -78.19 4.66
CA GLU T 54 55.19 -76.88 5.25
C GLU T 54 53.94 -76.01 5.25
N HIS T 55 53.77 -75.23 6.32
CA HIS T 55 52.50 -74.63 6.75
C HIS T 55 51.41 -75.63 7.16
N GLY T 56 51.67 -76.94 7.07
CA GLY T 56 50.80 -77.96 7.66
C GLY T 56 49.47 -78.18 6.95
N GLU T 57 48.51 -78.70 7.70
CA GLU T 57 47.26 -79.26 7.16
C GLU T 57 46.37 -78.22 6.48
N CYS T 58 45.91 -78.52 5.26
CA CYS T 58 44.92 -77.71 4.55
C CYS T 58 43.55 -77.84 5.21
N PHE T 59 43.27 -77.06 6.25
CA PHE T 59 41.99 -77.10 6.93
C PHE T 59 40.82 -76.85 5.97
N VAL T 60 39.73 -77.60 6.10
CA VAL T 60 38.60 -77.42 5.19
C VAL T 60 37.23 -76.95 5.73
N LEU T 61 36.77 -75.90 5.06
CA LEU T 61 35.56 -75.18 5.46
C LEU T 61 34.28 -75.95 5.14
N ASP T 62 33.18 -75.48 5.75
CA ASP T 62 31.82 -75.72 5.28
C ASP T 62 31.70 -75.38 3.77
N ASP T 63 32.22 -74.22 3.37
CA ASP T 63 32.29 -73.79 1.96
C ASP T 63 33.40 -74.47 1.12
N GLY T 64 34.15 -75.42 1.67
CA GLY T 64 35.08 -76.26 0.92
C GLY T 64 36.36 -75.62 0.41
N GLY T 65 36.63 -74.37 0.77
CA GLY T 65 37.92 -73.75 0.50
C GLY T 65 39.03 -74.35 1.34
N GLU T 66 40.20 -74.55 0.78
CA GLU T 66 41.39 -74.98 1.51
C GLU T 66 42.07 -73.76 2.18
N THR T 67 41.69 -73.45 3.42
CA THR T 67 42.13 -72.26 4.18
C THR T 67 43.46 -72.39 4.87
N ASP T 68 43.93 -71.29 5.47
CA ASP T 68 44.92 -71.31 6.54
C ASP T 68 44.54 -72.33 7.63
N LEU T 69 45.51 -73.14 8.09
CA LEU T 69 45.28 -74.17 9.15
C LEU T 69 44.74 -73.53 10.42
N ASP T 70 45.24 -72.36 10.80
CA ASP T 70 44.87 -71.73 12.10
C ASP T 70 43.37 -71.45 12.16
N LEU T 71 42.67 -71.26 11.05
CA LEU T 71 41.22 -70.88 11.14
C LEU T 71 40.53 -71.94 11.99
N GLY T 72 40.97 -73.19 11.90
CA GLY T 72 40.34 -74.28 12.65
C GLY T 72 40.30 -73.98 14.12
N ASN T 73 41.36 -73.37 14.67
CA ASN T 73 41.47 -73.10 16.13
C ASN T 73 40.29 -72.20 16.54
N TYR T 74 39.68 -71.44 15.62
CA TYR T 74 38.55 -70.52 15.91
C TYR T 74 37.20 -71.21 15.74
N GLU T 75 37.14 -72.32 15.01
CA GLU T 75 35.87 -73.02 14.76
C GLU T 75 35.68 -73.99 15.92
N ARG T 76 36.74 -74.29 16.67
CA ARG T 76 36.67 -75.16 17.88
C ARG T 76 36.38 -74.24 19.08
N TYR T 77 37.28 -73.30 19.38
CA TYR T 77 37.07 -72.31 20.49
C TYR T 77 35.70 -71.58 20.51
N LEU T 78 35.13 -71.14 19.39
CA LEU T 78 33.89 -70.28 19.33
C LEU T 78 32.66 -71.11 18.99
N GLY T 79 32.81 -72.16 18.18
CA GLY T 79 31.65 -72.90 17.69
C GLY T 79 30.94 -72.13 16.58
N VAL T 80 31.69 -71.80 15.52
CA VAL T 80 31.24 -71.01 14.36
C VAL T 80 31.66 -71.68 13.06
N THR T 81 30.87 -71.51 12.00
CA THR T 81 31.22 -71.85 10.63
C THR T 81 31.75 -70.60 9.93
N LEU T 82 33.05 -70.52 9.70
CA LEU T 82 33.70 -69.44 8.95
C LEU T 82 33.55 -69.67 7.44
N THR T 83 34.13 -68.78 6.62
CA THR T 83 34.07 -68.83 5.15
C THR T 83 35.44 -68.55 4.55
N LYS T 84 35.62 -68.76 3.24
CA LYS T 84 36.90 -68.51 2.56
C LYS T 84 37.38 -67.05 2.68
N ASP T 85 36.46 -66.12 2.92
CA ASP T 85 36.78 -64.70 3.11
C ASP T 85 37.33 -64.37 4.50
N HIS T 86 37.12 -65.17 5.54
CA HIS T 86 37.66 -64.92 6.88
C HIS T 86 39.17 -65.11 7.01
N ASN T 87 39.83 -65.62 5.97
CA ASN T 87 41.27 -65.69 5.91
C ASN T 87 41.79 -64.66 4.92
N ILE T 88 41.99 -63.43 5.38
CA ILE T 88 42.66 -62.39 4.60
C ILE T 88 44.12 -62.80 4.42
N THR T 89 44.68 -62.68 3.23
CA THR T 89 46.12 -62.92 3.02
C THR T 89 46.70 -61.84 2.13
N THR T 90 48.00 -61.61 2.20
CA THR T 90 48.66 -60.60 1.35
C THR T 90 48.47 -60.90 -0.12
N GLY T 91 48.52 -62.16 -0.53
CA GLY T 91 48.25 -62.51 -1.93
C GLY T 91 46.79 -62.32 -2.33
N LYS T 92 45.87 -62.50 -1.40
CA LYS T 92 44.43 -62.35 -1.65
C LYS T 92 44.07 -60.89 -1.85
N ILE T 93 44.58 -59.98 -1.03
CA ILE T 93 44.24 -58.57 -1.13
C ILE T 93 44.99 -57.84 -2.24
N TYR T 94 46.26 -58.13 -2.53
CA TYR T 94 46.85 -57.59 -3.76
C TYR T 94 46.11 -58.05 -5.01
N SER T 95 45.65 -59.30 -5.08
CA SER T 95 44.84 -59.78 -6.22
C SER T 95 43.53 -59.04 -6.37
N HIS T 96 42.84 -58.76 -5.28
CA HIS T 96 41.54 -58.09 -5.31
C HIS T 96 41.65 -56.64 -5.76
N VAL T 97 42.62 -55.88 -5.24
CA VAL T 97 42.88 -54.51 -5.72
C VAL T 97 43.41 -54.50 -7.15
N ILE T 98 44.31 -55.41 -7.54
CA ILE T 98 44.77 -55.50 -8.93
C ILE T 98 43.62 -55.89 -9.88
N ALA T 99 42.64 -56.69 -9.46
CA ALA T 99 41.49 -56.96 -10.32
C ALA T 99 40.68 -55.67 -10.59
N LYS T 100 40.38 -54.92 -9.54
CA LYS T 100 39.70 -53.62 -9.66
C LYS T 100 40.51 -52.61 -10.48
N GLU T 101 41.84 -52.66 -10.47
CA GLU T 101 42.71 -51.83 -11.32
C GLU T 101 42.52 -52.09 -12.81
N ARG T 102 42.42 -53.34 -13.24
CA ARG T 102 42.22 -53.70 -14.67
C ARG T 102 40.78 -53.62 -15.13
N LYS T 103 39.82 -53.85 -14.23
CA LYS T 103 38.40 -53.53 -14.47
C LYS T 103 38.18 -52.01 -14.56
N GLY T 104 39.05 -51.22 -13.94
CA GLY T 104 39.00 -49.76 -13.99
C GLY T 104 38.11 -49.13 -12.93
N ASP T 105 37.85 -49.81 -11.81
CA ASP T 105 36.95 -49.33 -10.75
C ASP T 105 37.51 -48.11 -10.00
N TYR T 106 38.79 -47.79 -10.18
CA TYR T 106 39.44 -46.58 -9.68
C TYR T 106 39.27 -45.36 -10.60
N LEU T 107 38.40 -45.40 -11.62
CA LEU T 107 38.06 -44.25 -12.47
C LEU T 107 39.30 -43.56 -13.05
N GLY T 108 40.30 -44.36 -13.43
CA GLY T 108 41.54 -43.90 -14.04
C GLY T 108 42.48 -43.11 -13.12
N LYS T 109 42.21 -43.00 -11.82
CA LYS T 109 43.22 -42.52 -10.85
C LYS T 109 44.42 -43.49 -10.85
N THR T 110 45.59 -43.05 -10.41
CA THR T 110 46.62 -44.02 -10.00
C THR T 110 46.21 -44.63 -8.68
N VAL T 111 46.47 -45.93 -8.49
CA VAL T 111 46.09 -46.68 -7.30
C VAL T 111 47.33 -46.99 -6.49
N GLN T 112 47.25 -46.74 -5.19
CA GLN T 112 48.39 -46.61 -4.30
C GLN T 112 48.26 -47.53 -3.10
N ILE T 113 49.36 -47.90 -2.44
CA ILE T 113 49.22 -48.72 -1.23
C ILE T 113 48.50 -47.95 -0.15
N VAL T 114 48.74 -46.64 -0.02
CA VAL T 114 47.92 -45.73 0.78
C VAL T 114 47.41 -44.60 -0.11
N PRO T 115 46.10 -44.30 -0.15
CA PRO T 115 45.04 -44.86 0.65
C PRO T 115 44.31 -46.06 0.04
N HIS T 116 44.47 -46.39 -1.25
CA HIS T 116 43.57 -47.36 -1.89
C HIS T 116 43.65 -48.76 -1.33
N LEU T 117 44.83 -49.36 -1.20
CA LEU T 117 44.93 -50.70 -0.62
C LEU T 117 44.62 -50.72 0.88
N THR T 118 45.00 -49.71 1.65
CA THR T 118 44.60 -49.67 3.06
C THR T 118 43.12 -49.44 3.26
N ASN T 119 42.43 -48.79 2.33
CA ASN T 119 40.97 -48.78 2.29
C ASN T 119 40.43 -50.16 1.96
N ALA T 120 40.99 -50.88 0.99
CA ALA T 120 40.53 -52.22 0.65
C ALA T 120 40.55 -53.16 1.86
N ILE T 121 41.63 -53.16 2.64
CA ILE T 121 41.74 -53.97 3.85
C ILE T 121 40.66 -53.60 4.86
N GLN T 122 40.42 -52.32 5.15
CA GLN T 122 39.34 -51.91 6.05
C GLN T 122 37.96 -52.30 5.52
N ASP T 123 37.73 -52.13 4.22
CA ASP T 123 36.48 -52.50 3.57
C ASP T 123 36.26 -54.01 3.58
N TRP T 124 37.33 -54.82 3.55
CA TRP T 124 37.26 -56.28 3.73
C TRP T 124 36.93 -56.68 5.16
N ILE T 125 37.62 -56.13 6.16
CA ILE T 125 37.34 -56.45 7.56
C ILE T 125 35.90 -56.11 7.93
N GLU T 126 35.42 -54.90 7.62
CA GLU T 126 34.03 -54.56 7.94
C GLU T 126 33.02 -55.28 7.06
N ARG T 127 33.38 -55.74 5.86
CA ARG T 127 32.52 -56.60 5.04
C ARG T 127 32.33 -57.92 5.73
N VAL T 128 33.42 -58.62 6.02
CA VAL T 128 33.41 -59.97 6.57
C VAL T 128 32.80 -60.01 7.97
N ALA T 129 33.02 -58.99 8.78
CA ALA T 129 32.45 -58.91 10.12
C ALA T 129 30.91 -58.80 10.17
N LYS T 130 30.23 -58.57 9.03
CA LYS T 130 28.77 -58.67 8.92
C LYS T 130 28.25 -60.10 8.83
N ILE T 131 29.04 -61.03 8.30
CA ILE T 131 28.58 -62.39 7.94
C ILE T 131 28.13 -63.14 9.21
N PRO T 132 26.93 -63.75 9.25
CA PRO T 132 26.39 -64.43 10.42
C PRO T 132 26.94 -65.85 10.60
N VAL T 133 28.13 -65.97 11.18
CA VAL T 133 28.84 -67.26 11.34
C VAL T 133 28.30 -68.13 12.48
N ASP T 134 27.38 -67.60 13.28
CA ASP T 134 26.95 -68.10 14.59
C ASP T 134 25.64 -68.92 14.54
N ASP T 135 25.22 -69.49 15.67
CA ASP T 135 24.06 -70.40 15.78
C ASP T 135 22.67 -69.76 15.53
N THR T 136 22.62 -68.48 15.18
CA THR T 136 21.43 -67.85 14.59
C THR T 136 21.88 -66.76 13.62
N GLY T 137 21.07 -66.48 12.61
CA GLY T 137 21.45 -65.68 11.44
C GLY T 137 21.70 -64.19 11.66
N MET T 138 21.77 -63.67 12.90
CA MET T 138 22.09 -62.27 13.17
C MET T 138 23.59 -61.99 13.04
N GLU T 139 23.95 -60.81 12.55
CA GLU T 139 25.35 -60.39 12.42
C GLU T 139 26.10 -60.41 13.77
N PRO T 140 27.38 -60.77 13.81
CA PRO T 140 28.16 -60.80 15.03
C PRO T 140 28.24 -59.45 15.78
N ASP T 141 28.46 -59.52 17.09
CA ASP T 141 28.57 -58.36 17.97
C ASP T 141 30.02 -57.98 18.27
N VAL T 142 30.94 -58.95 18.27
CA VAL T 142 32.39 -58.72 18.36
C VAL T 142 33.09 -59.50 17.26
N CYS T 143 34.10 -58.93 16.63
CA CYS T 143 35.02 -59.64 15.74
C CYS T 143 36.43 -59.66 16.32
N ILE T 144 37.05 -60.83 16.46
CA ILE T 144 38.45 -60.96 16.87
C ILE T 144 39.32 -60.96 15.62
N ILE T 145 40.20 -59.99 15.45
CA ILE T 145 41.07 -59.88 14.29
C ILE T 145 42.48 -60.27 14.69
N GLU T 146 43.01 -61.39 14.21
CA GLU T 146 44.38 -61.76 14.50
C GLU T 146 45.29 -61.35 13.36
N LEU T 147 46.24 -60.47 13.65
CA LEU T 147 47.26 -60.01 12.73
C LEU T 147 48.47 -60.94 12.81
N GLY T 148 48.70 -61.79 11.82
CA GLY T 148 49.89 -62.62 11.74
C GLY T 148 51.17 -61.85 11.45
N GLY T 149 52.29 -62.58 11.45
CA GLY T 149 53.64 -62.00 11.38
C GLY T 149 54.00 -61.23 12.64
N THR T 150 54.92 -60.28 12.54
CA THR T 150 55.23 -59.34 13.64
C THR T 150 55.14 -57.90 13.16
N VAL T 151 54.68 -57.01 14.02
CA VAL T 151 54.68 -55.57 13.72
C VAL T 151 56.12 -55.10 13.48
N GLY T 152 56.36 -54.40 12.38
CA GLY T 152 57.71 -54.03 11.92
C GLY T 152 58.33 -54.96 10.87
N ASP T 153 57.55 -55.95 10.43
CA ASP T 153 57.96 -56.80 9.29
C ASP T 153 57.65 -55.96 8.03
N ILE T 154 58.39 -56.11 6.92
CA ILE T 154 58.09 -55.40 5.63
C ILE T 154 56.93 -56.13 4.96
N GLU T 155 56.45 -57.23 5.54
CA GLU T 155 55.35 -58.07 5.00
C GLU T 155 54.05 -57.70 5.70
N SER T 156 54.11 -57.15 6.91
CA SER T 156 52.93 -56.83 7.74
C SER T 156 52.67 -55.33 7.74
N ALA T 157 53.46 -54.52 7.02
CA ALA T 157 53.35 -53.04 7.05
C ALA T 157 52.01 -52.56 6.44
N PRO T 158 51.45 -53.14 5.35
CA PRO T 158 50.15 -52.71 4.84
C PRO T 158 49.00 -52.89 5.81
N PHE T 159 49.02 -53.92 6.63
CA PHE T 159 47.96 -54.23 7.58
C PHE T 159 47.97 -53.37 8.84
N VAL T 160 49.12 -53.02 9.39
CA VAL T 160 49.18 -52.05 10.50
C VAL T 160 48.80 -50.65 10.07
N GLU T 161 49.04 -50.25 8.82
CA GLU T 161 48.44 -49.04 8.27
C GLU T 161 46.91 -49.16 8.22
N ALA T 162 46.40 -50.24 7.63
CA ALA T 162 44.96 -50.38 7.47
C ALA T 162 44.24 -50.44 8.80
N LEU T 163 44.78 -51.17 9.79
CA LEU T 163 44.26 -51.22 11.13
C LEU T 163 44.35 -49.86 11.82
N ARG T 164 45.43 -49.07 11.67
CA ARG T 164 45.49 -47.72 12.27
C ARG T 164 44.33 -46.87 11.79
N GLN T 165 44.14 -46.79 10.47
CA GLN T 165 43.04 -46.03 9.88
C GLN T 165 41.69 -46.59 10.36
N PHE T 166 41.60 -47.90 10.56
CA PHE T 166 40.42 -48.56 11.10
C PHE T 166 40.10 -48.17 12.53
N GLN T 167 41.06 -47.73 13.35
CA GLN T 167 40.78 -47.19 14.69
C GLN T 167 39.96 -45.89 14.65
N PHE T 168 39.77 -45.30 13.47
CA PHE T 168 39.02 -44.07 13.26
C PHE T 168 37.76 -44.30 12.43
N LYS T 169 37.85 -45.19 11.42
CA LYS T 169 36.68 -45.60 10.62
C LYS T 169 35.65 -46.32 11.52
N VAL T 170 36.14 -47.20 12.38
CA VAL T 170 35.48 -47.63 13.62
C VAL T 170 35.89 -46.67 14.72
N GLY T 171 35.05 -46.39 15.70
CA GLY T 171 35.45 -45.53 16.83
C GLY T 171 36.34 -46.19 17.89
N LYS T 172 37.09 -45.39 18.65
CA LYS T 172 37.51 -45.79 20.01
C LYS T 172 36.25 -46.01 20.86
N GLU T 173 36.32 -46.88 21.86
CA GLU T 173 35.13 -47.49 22.49
C GLU T 173 34.31 -48.41 21.55
N ASN T 174 34.80 -48.72 20.35
CA ASN T 174 34.36 -49.87 19.55
C ASN T 174 35.51 -50.78 19.14
N PHE T 175 36.73 -50.27 19.00
CA PHE T 175 37.94 -51.03 18.69
C PHE T 175 38.88 -51.08 19.91
N ALA T 176 39.52 -52.23 20.17
CA ALA T 176 40.59 -52.40 21.16
C ALA T 176 41.69 -53.34 20.67
N LEU T 177 42.91 -53.24 21.19
CA LEU T 177 44.03 -54.07 20.76
C LEU T 177 44.71 -54.77 21.93
N ILE T 178 44.99 -56.06 21.77
CA ILE T 178 45.81 -56.89 22.64
C ILE T 178 47.15 -57.13 21.94
N HIS T 179 48.27 -56.75 22.53
CA HIS T 179 49.59 -56.96 21.93
C HIS T 179 50.30 -58.06 22.68
N VAL T 180 50.75 -59.09 21.99
CA VAL T 180 51.35 -60.27 22.61
C VAL T 180 52.86 -60.13 22.50
N SER T 181 53.63 -60.23 23.57
CA SER T 181 55.06 -59.84 23.58
C SER T 181 55.93 -60.72 24.46
N LEU T 182 57.25 -60.68 24.26
CA LEU T 182 58.17 -61.64 24.86
C LEU T 182 58.82 -61.08 26.13
N VAL T 183 58.81 -61.85 27.21
CA VAL T 183 59.65 -61.60 28.38
C VAL T 183 60.65 -62.75 28.45
N PRO T 184 61.83 -62.68 27.82
CA PRO T 184 62.80 -63.74 27.92
C PRO T 184 63.36 -63.78 29.33
N VAL T 185 63.61 -64.99 29.83
CA VAL T 185 64.30 -65.21 31.10
C VAL T 185 65.69 -65.72 30.80
N ILE T 186 66.70 -64.94 31.16
CA ILE T 186 68.11 -65.38 31.11
C ILE T 186 68.80 -65.04 32.42
N HIS T 187 69.78 -65.86 32.82
CA HIS T 187 70.39 -65.77 34.16
C HIS T 187 69.35 -65.76 35.28
N GLY T 188 68.22 -66.44 35.07
CA GLY T 188 67.08 -66.47 35.99
C GLY T 188 66.34 -65.14 36.20
N GLU T 189 66.53 -64.13 35.34
CA GLU T 189 65.82 -62.83 35.41
C GLU T 189 64.93 -62.56 34.19
N GLN T 190 63.68 -62.18 34.43
CA GLN T 190 62.72 -61.71 33.43
C GLN T 190 63.10 -60.34 32.84
N LYS T 191 63.56 -60.28 31.60
CA LYS T 191 63.96 -59.01 30.96
C LYS T 191 62.79 -58.36 30.23
N THR T 192 62.51 -57.09 30.48
CA THR T 192 61.38 -56.38 29.85
C THR T 192 61.70 -55.78 28.50
N LYS T 193 62.97 -55.57 28.15
CA LYS T 193 63.35 -54.74 26.99
C LYS T 193 62.81 -55.17 25.62
N PRO T 194 62.64 -56.45 25.27
CA PRO T 194 62.03 -56.79 24.00
C PRO T 194 60.58 -56.28 23.90
N THR T 195 59.83 -56.26 25.00
CA THR T 195 58.50 -55.60 25.05
C THR T 195 58.60 -54.09 24.89
N GLN T 196 59.59 -53.41 25.48
CA GLN T 196 59.77 -51.97 25.26
C GLN T 196 60.09 -51.66 23.79
N ALA T 197 61.06 -52.32 23.16
CA ALA T 197 61.41 -52.13 21.75
C ALA T 197 60.28 -52.49 20.78
N ALA T 198 59.48 -53.53 21.04
CA ALA T 198 58.33 -53.87 20.21
C ALA T 198 57.12 -52.98 20.44
N ILE T 199 56.97 -52.35 21.60
CA ILE T 199 55.93 -51.35 21.84
C ILE T 199 56.34 -50.01 21.24
N LYS T 200 57.61 -49.63 21.29
CA LYS T 200 58.16 -48.53 20.48
C LYS T 200 57.85 -48.74 18.99
N GLY T 201 58.11 -49.93 18.46
CA GLY T 201 57.68 -50.29 17.09
C GLY T 201 56.18 -50.12 16.89
N LEU T 202 55.34 -50.64 17.78
CA LEU T 202 53.88 -50.55 17.66
C LEU T 202 53.39 -49.10 17.61
N ARG T 203 53.80 -48.24 18.54
CA ARG T 203 53.35 -46.85 18.55
C ARG T 203 53.88 -46.08 17.34
N SER T 204 55.03 -46.44 16.77
CA SER T 204 55.54 -45.83 15.55
C SER T 204 54.54 -45.94 14.41
N LEU T 205 53.95 -47.12 14.21
CA LEU T 205 52.93 -47.38 13.18
C LEU T 205 51.52 -46.93 13.59
N GLY T 206 51.31 -46.63 14.88
CA GLY T 206 50.24 -45.75 15.37
C GLY T 206 49.12 -46.44 16.13
N LEU T 207 49.15 -47.77 16.19
CA LEU T 207 48.29 -48.56 17.05
C LEU T 207 48.72 -48.36 18.51
N VAL T 208 47.79 -48.37 19.46
CA VAL T 208 48.09 -48.31 20.90
C VAL T 208 47.44 -49.51 21.60
N PRO T 209 48.18 -50.26 22.43
CA PRO T 209 47.66 -51.47 23.04
C PRO T 209 46.82 -51.14 24.25
N ASP T 210 45.63 -51.70 24.31
CA ASP T 210 44.76 -51.63 25.48
C ASP T 210 45.07 -52.72 26.49
N MET T 211 45.76 -53.77 26.04
CA MET T 211 46.37 -54.79 26.86
C MET T 211 47.73 -55.20 26.29
N ILE T 212 48.62 -55.66 27.16
CA ILE T 212 49.78 -56.42 26.75
C ILE T 212 49.61 -57.83 27.31
N ALA T 213 50.02 -58.85 26.58
CA ALA T 213 49.98 -60.22 27.03
C ALA T 213 51.33 -60.90 26.83
N CYS T 214 51.93 -61.45 27.87
CA CYS T 214 53.32 -61.92 27.75
C CYS T 214 53.46 -63.41 27.56
N ARG T 215 54.22 -63.82 26.53
CA ARG T 215 54.90 -65.11 26.51
C ARG T 215 56.05 -65.02 27.48
N CYS T 216 56.03 -65.87 28.50
CA CYS T 216 57.11 -65.96 29.47
C CYS T 216 57.25 -67.41 29.94
N SER T 217 58.47 -67.83 30.27
CA SER T 217 58.74 -69.14 30.86
C SER T 217 58.21 -69.28 32.28
N GLU T 218 57.75 -68.20 32.92
CA GLU T 218 57.42 -68.12 34.34
C GLU T 218 56.10 -67.39 34.60
N THR T 219 55.61 -67.39 35.84
CA THR T 219 54.69 -66.33 36.25
C THR T 219 55.46 -65.00 36.25
N LEU T 220 54.96 -63.96 35.58
CA LEU T 220 55.59 -62.64 35.64
C LEU T 220 55.73 -62.18 37.09
N ASP T 221 56.92 -61.74 37.48
CA ASP T 221 57.12 -61.09 38.76
C ASP T 221 56.31 -59.79 38.84
N LYS T 222 55.84 -59.45 40.04
CA LYS T 222 55.21 -58.17 40.36
C LYS T 222 55.99 -56.97 39.81
N PRO T 223 57.34 -56.85 39.98
CA PRO T 223 58.12 -55.82 39.33
C PRO T 223 58.16 -55.88 37.79
N THR T 224 58.08 -57.05 37.16
CA THR T 224 58.06 -57.14 35.69
C THR T 224 56.79 -56.53 35.13
N ILE T 225 55.64 -56.80 35.73
CA ILE T 225 54.38 -56.15 35.38
C ILE T 225 54.49 -54.63 35.54
N ASP T 226 55.06 -54.16 36.65
CA ASP T 226 55.23 -52.72 36.88
C ASP T 226 56.19 -52.09 35.86
N LYS T 227 57.30 -52.73 35.51
CA LYS T 227 58.27 -52.20 34.54
C LYS T 227 57.81 -52.32 33.09
N ILE T 228 56.86 -53.18 32.74
CA ILE T 228 56.13 -53.09 31.46
C ILE T 228 55.10 -51.95 31.51
N ALA T 229 54.24 -51.87 32.52
CA ALA T 229 53.22 -50.82 32.60
C ALA T 229 53.79 -49.39 32.76
N MET T 230 55.00 -49.23 33.31
CA MET T 230 55.73 -47.94 33.33
C MET T 230 56.25 -47.52 31.96
N PHE T 231 56.17 -48.40 30.96
CA PHE T 231 56.70 -48.19 29.60
C PHE T 231 55.66 -48.32 28.49
N CYS T 232 54.40 -48.56 28.84
CA CYS T 232 53.28 -48.71 27.92
C CYS T 232 52.02 -48.07 28.50
N HIS T 233 51.04 -47.76 27.68
CA HIS T 233 49.87 -46.98 28.12
C HIS T 233 48.74 -47.84 28.73
N VAL T 234 49.12 -48.86 29.51
CA VAL T 234 48.23 -49.85 30.15
C VAL T 234 48.35 -49.77 31.67
N GLY T 235 47.29 -50.02 32.43
CA GLY T 235 47.41 -50.20 33.87
C GLY T 235 48.15 -51.51 34.18
N PRO T 236 48.70 -51.71 35.38
CA PRO T 236 49.38 -52.95 35.73
C PRO T 236 48.46 -54.19 35.71
N GLU T 237 47.15 -54.00 35.83
CA GLU T 237 46.12 -55.05 35.75
C GLU T 237 45.79 -55.49 34.30
N GLN T 238 46.30 -54.81 33.26
CA GLN T 238 46.19 -55.20 31.85
C GLN T 238 47.51 -55.70 31.24
N VAL T 239 48.50 -56.05 32.06
CA VAL T 239 49.60 -56.90 31.61
C VAL T 239 49.25 -58.35 31.90
N VAL T 240 48.52 -58.97 30.98
CA VAL T 240 48.07 -60.37 31.02
C VAL T 240 49.26 -61.31 30.85
N ASN T 241 49.14 -62.55 31.32
CA ASN T 241 50.21 -63.53 31.25
C ASN T 241 49.69 -64.94 31.00
N VAL T 242 49.91 -65.48 29.80
CA VAL T 242 49.58 -66.85 29.42
C VAL T 242 50.72 -67.78 29.82
N HIS T 243 50.82 -68.11 31.10
CA HIS T 243 51.86 -69.01 31.63
C HIS T 243 51.53 -70.49 31.40
N ASP T 244 52.44 -71.37 31.76
CA ASP T 244 52.22 -72.82 31.74
C ASP T 244 50.95 -73.20 32.52
N VAL T 245 50.09 -74.01 31.91
CA VAL T 245 48.80 -74.49 32.45
C VAL T 245 48.61 -75.97 32.12
N ASN T 246 47.70 -76.64 32.82
CA ASN T 246 47.56 -78.10 32.70
C ASN T 246 47.24 -78.55 31.27
N SER T 247 46.44 -77.78 30.52
CA SER T 247 46.22 -77.97 29.10
C SER T 247 45.69 -76.71 28.43
N THR T 248 45.78 -76.63 27.12
CA THR T 248 45.41 -75.44 26.33
C THR T 248 43.94 -75.02 26.52
N TYR T 249 43.05 -75.95 26.85
CA TYR T 249 41.65 -75.64 27.11
C TYR T 249 41.44 -74.87 28.41
N HIS T 250 42.43 -74.77 29.28
CA HIS T 250 42.36 -73.93 30.48
C HIS T 250 42.60 -72.44 30.19
N VAL T 251 43.24 -72.07 29.08
CA VAL T 251 43.62 -70.68 28.83
C VAL T 251 42.44 -69.70 28.94
N PRO T 252 41.22 -69.92 28.43
CA PRO T 252 40.16 -68.94 28.66
C PRO T 252 39.78 -68.79 30.13
N LEU T 253 39.88 -69.82 30.96
CA LEU T 253 39.71 -69.63 32.40
C LEU T 253 40.89 -68.84 33.00
N LEU T 254 42.14 -69.08 32.56
CA LEU T 254 43.28 -68.28 33.00
C LEU T 254 43.09 -66.79 32.67
N LEU T 255 42.69 -66.45 31.45
CA LEU T 255 42.43 -65.07 31.04
C LEU T 255 41.29 -64.47 31.87
N LEU T 256 40.20 -65.19 32.07
CA LEU T 256 39.09 -64.71 32.89
C LEU T 256 39.47 -64.52 34.36
N GLU T 257 40.32 -65.36 34.93
CA GLU T 257 40.78 -65.20 36.32
C GLU T 257 41.82 -64.08 36.46
N GLN T 258 42.60 -63.77 35.42
CA GLN T 258 43.41 -62.55 35.31
C GLN T 258 42.56 -61.29 35.02
N LYS T 259 41.24 -61.34 35.20
CA LYS T 259 40.30 -60.23 34.99
C LYS T 259 40.40 -59.61 33.60
N MET T 260 40.75 -60.40 32.60
CA MET T 260 40.93 -59.91 31.24
C MET T 260 39.62 -59.37 30.67
N ILE T 261 38.51 -60.11 30.83
CA ILE T 261 37.19 -59.67 30.34
C ILE T 261 36.56 -58.57 31.18
N ASP T 262 36.82 -58.52 32.48
CA ASP T 262 36.28 -57.46 33.32
C ASP T 262 36.81 -56.08 32.92
N TYR T 263 37.95 -56.01 32.23
CA TYR T 263 38.39 -54.83 31.50
C TYR T 263 37.69 -54.70 30.14
N LEU T 264 37.71 -55.71 29.26
CA LEU T 264 37.11 -55.58 27.91
C LEU T 264 35.62 -55.22 27.95
N HIS T 265 34.88 -55.69 28.94
CA HIS T 265 33.51 -55.27 29.20
C HIS T 265 33.38 -53.74 29.29
N ALA T 266 34.27 -53.07 30.03
CA ALA T 266 34.29 -51.62 30.17
C ALA T 266 34.93 -50.93 28.96
N ARG T 267 36.07 -51.44 28.49
CA ARG T 267 36.88 -50.85 27.40
C ARG T 267 36.17 -50.87 26.04
N LEU T 268 35.31 -51.84 25.79
CA LEU T 268 34.42 -51.92 24.62
C LEU T 268 32.97 -51.58 24.98
N LYS T 269 32.70 -51.11 26.21
CA LYS T 269 31.40 -50.68 26.72
C LYS T 269 30.25 -51.63 26.35
N LEU T 270 30.43 -52.93 26.60
CA LEU T 270 29.57 -54.01 26.09
C LEU T 270 28.16 -54.07 26.72
N ASP T 271 27.86 -53.26 27.73
CA ASP T 271 26.46 -52.98 28.09
C ASP T 271 25.64 -52.40 26.92
N GLU T 272 26.27 -51.83 25.91
CA GLU T 272 25.60 -51.27 24.74
C GLU T 272 25.11 -52.33 23.73
N ILE T 273 25.43 -53.62 23.87
CA ILE T 273 24.82 -54.68 23.07
C ILE T 273 23.50 -55.10 23.73
N THR T 274 19.65 -59.92 24.14
CA THR T 274 18.38 -60.63 24.36
C THR T 274 18.55 -61.79 25.35
N GLU T 275 17.47 -62.23 26.00
CA GLU T 275 17.51 -63.31 26.99
C GLU T 275 18.15 -64.60 26.45
N GLU T 276 17.95 -64.95 25.18
CA GLU T 276 18.61 -66.07 24.53
C GLU T 276 20.14 -65.96 24.60
N GLU T 277 20.72 -64.79 24.35
CA GLU T 277 22.17 -64.57 24.44
C GLU T 277 22.66 -64.67 25.88
N LYS T 278 21.94 -64.07 26.83
CA LYS T 278 22.30 -64.12 28.25
C LYS T 278 22.31 -65.56 28.76
N GLN T 279 21.30 -66.35 28.41
CA GLN T 279 21.25 -67.77 28.72
C GLN T 279 22.39 -68.56 28.05
N ARG T 280 22.57 -68.42 26.74
CA ARG T 280 23.65 -69.11 26.02
C ARG T 280 25.04 -68.74 26.54
N GLY T 281 25.21 -67.56 27.13
CA GLY T 281 26.42 -67.19 27.86
C GLY T 281 26.63 -68.05 29.11
N LEU T 282 25.64 -68.13 29.99
CA LEU T 282 25.74 -68.94 31.20
C LEU T 282 25.92 -70.43 30.87
N GLU T 283 25.20 -70.94 29.88
CA GLU T 283 25.38 -72.32 29.41
C GLU T 283 26.80 -72.57 28.89
N LEU T 284 27.42 -71.63 28.16
CA LEU T 284 28.79 -71.82 27.70
C LEU T 284 29.77 -71.89 28.86
N LEU T 285 29.59 -71.07 29.90
CA LEU T 285 30.38 -71.21 31.12
C LEU T 285 30.16 -72.55 31.80
N SER T 286 28.92 -73.03 31.94
CA SER T 286 28.65 -74.33 32.56
C SER T 286 29.33 -75.46 31.82
N LYS T 287 29.25 -75.45 30.49
CA LYS T 287 29.91 -76.44 29.61
C LYS T 287 31.43 -76.32 29.67
N TRP T 288 31.98 -75.14 29.89
CA TRP T 288 33.41 -74.99 30.13
C TRP T 288 33.80 -75.59 31.47
N LYS T 289 33.05 -75.32 32.54
CA LYS T 289 33.28 -75.95 33.85
C LYS T 289 33.20 -77.47 33.76
N ALA T 290 32.29 -78.03 32.97
CA ALA T 290 32.21 -79.46 32.69
C ALA T 290 33.46 -80.03 32.00
N THR T 291 33.88 -79.52 30.85
CA THR T 291 35.10 -80.03 30.18
C THR T 291 36.35 -79.81 31.03
N THR T 292 36.40 -78.73 31.80
CA THR T 292 37.49 -78.52 32.75
C THR T 292 37.45 -79.55 33.87
N GLY T 293 36.28 -79.82 34.46
CA GLY T 293 36.11 -80.83 35.49
C GLY T 293 36.51 -82.21 34.98
N ASN T 294 36.10 -82.58 33.77
CA ASN T 294 36.52 -83.80 33.09
C ASN T 294 38.04 -83.93 32.87
N PHE T 295 38.85 -82.87 33.01
CA PHE T 295 40.30 -82.96 32.99
C PHE T 295 40.83 -83.24 34.40
N ASP T 296 40.39 -82.50 35.41
CA ASP T 296 40.77 -82.78 36.81
C ASP T 296 40.33 -84.17 37.29
N GLU T 297 39.07 -84.54 37.00
CA GLU T 297 38.43 -85.82 37.31
C GLU T 297 38.86 -86.94 36.34
N GLU T 298 42.56 -91.85 34.60
CA GLU T 298 43.12 -93.00 33.86
C GLU T 298 43.45 -92.69 32.40
N THR T 299 44.54 -93.25 31.86
CA THR T 299 44.99 -93.03 30.48
C THR T 299 44.32 -93.93 29.45
N VAL T 300 44.11 -93.41 28.23
CA VAL T 300 43.81 -94.15 27.00
C VAL T 300 45.00 -93.97 26.05
N LYS T 301 45.60 -95.06 25.56
CA LYS T 301 46.76 -95.01 24.65
C LYS T 301 46.26 -95.27 23.23
N ILE T 302 46.50 -94.39 22.27
CA ILE T 302 46.05 -94.56 20.86
C ILE T 302 47.26 -94.51 19.93
N ALA T 303 47.45 -95.48 19.05
CA ALA T 303 48.48 -95.39 18.03
C ALA T 303 47.90 -94.67 16.83
N LEU T 304 48.46 -93.54 16.45
CA LEU T 304 48.13 -92.84 15.21
C LEU T 304 49.21 -93.21 14.19
N VAL T 305 48.81 -93.90 13.14
CA VAL T 305 49.72 -94.56 12.20
C VAL T 305 49.58 -93.91 10.84
N GLY T 306 50.62 -93.26 10.34
CA GLY T 306 50.54 -92.60 9.04
C GLY T 306 51.89 -92.23 8.46
N LYS T 307 51.89 -91.58 7.30
CA LYS T 307 53.11 -91.02 6.71
C LYS T 307 53.64 -89.87 7.56
N TYR T 308 54.96 -89.78 7.70
CA TYR T 308 55.70 -88.61 8.18
C TYR T 308 55.12 -87.98 9.46
N THR T 309 54.71 -88.81 10.43
CA THR T 309 54.20 -88.38 11.74
C THR T 309 55.16 -87.51 12.55
N ASN T 310 56.44 -87.44 12.15
CA ASN T 310 57.41 -86.47 12.66
C ASN T 310 56.92 -85.01 12.50
N LEU T 311 56.19 -84.73 11.42
CA LEU T 311 55.64 -83.43 11.06
C LEU T 311 54.29 -83.22 11.75
N LYS T 312 54.31 -83.10 13.07
CA LYS T 312 53.12 -83.22 13.93
C LYS T 312 52.00 -82.19 13.66
N ASP T 313 52.31 -81.00 13.17
CA ASP T 313 51.28 -80.05 12.71
C ASP T 313 50.47 -80.57 11.50
N SER T 314 51.02 -81.49 10.72
CA SER T 314 50.34 -82.07 9.56
C SER T 314 49.12 -82.92 9.94
N TYR T 315 49.00 -83.29 11.23
CA TYR T 315 47.86 -84.02 11.78
C TYR T 315 47.11 -83.21 12.86
N LEU T 316 47.27 -81.88 12.89
CA LEU T 316 46.74 -81.07 13.99
C LEU T 316 45.26 -81.29 14.28
N SER T 317 44.39 -81.32 13.28
CA SER T 317 42.95 -81.46 13.52
C SER T 317 42.62 -82.78 14.16
N VAL T 318 43.29 -83.85 13.73
CA VAL T 318 43.13 -85.19 14.29
C VAL T 318 43.46 -85.18 15.77
N ILE T 319 44.57 -84.56 16.18
CA ILE T 319 44.92 -84.45 17.60
C ILE T 319 43.83 -83.75 18.37
N LYS T 320 43.37 -82.59 17.91
CA LYS T 320 42.33 -81.84 18.62
C LYS T 320 41.01 -82.60 18.70
N ALA T 321 40.63 -83.36 17.67
CA ALA T 321 39.44 -84.20 17.72
C ALA T 321 39.53 -85.33 18.75
N LEU T 322 40.72 -85.90 18.96
CA LEU T 322 40.97 -86.86 20.03
C LEU T 322 40.95 -86.19 21.41
N GLU T 323 41.46 -84.97 21.55
CA GLU T 323 41.41 -84.23 22.81
C GLU T 323 39.97 -83.91 23.22
N HIS T 324 39.14 -83.39 22.32
CA HIS T 324 37.76 -83.01 22.65
C HIS T 324 36.97 -84.20 23.16
N SER T 325 37.13 -85.33 22.50
CA SER T 325 36.48 -86.58 22.88
C SER T 325 37.03 -87.15 24.18
N SER T 326 38.34 -87.10 24.40
CA SER T 326 38.94 -87.62 25.64
C SER T 326 38.46 -86.91 26.90
N MET T 327 38.15 -85.62 26.83
CA MET T 327 37.52 -84.89 27.93
C MET T 327 36.07 -85.31 28.17
N LYS T 328 35.37 -85.85 27.19
CA LYS T 328 34.03 -86.41 27.44
C LYS T 328 34.15 -87.72 28.21
N CYS T 329 35.10 -88.59 27.83
CA CYS T 329 35.39 -89.86 28.51
C CYS T 329 36.13 -89.73 29.86
N ARG T 330 36.42 -88.51 30.33
CA ARG T 330 37.21 -88.22 31.54
C ARG T 330 38.59 -88.87 31.57
N ARG T 331 39.16 -89.27 30.44
CA ARG T 331 40.39 -90.07 30.38
C ARG T 331 41.51 -89.32 29.69
N LYS T 332 42.73 -89.50 30.18
CA LYS T 332 43.92 -88.80 29.71
C LYS T 332 44.37 -89.39 28.38
N LEU T 333 44.61 -88.56 27.39
CA LEU T 333 44.98 -89.01 26.05
C LEU T 333 46.49 -89.15 25.91
N ASP T 334 46.93 -90.28 25.37
CA ASP T 334 48.33 -90.53 25.08
C ASP T 334 48.50 -91.03 23.64
N ILE T 335 48.66 -90.12 22.69
CA ILE T 335 48.88 -90.49 21.28
C ILE T 335 50.29 -91.05 21.12
N LYS T 336 50.43 -92.28 20.66
CA LYS T 336 51.69 -92.81 20.15
C LYS T 336 51.80 -92.47 18.68
N TRP T 337 52.86 -91.78 18.28
CA TRP T 337 53.14 -91.44 16.90
C TRP T 337 53.94 -92.53 16.22
N VAL T 338 53.35 -93.19 15.22
CA VAL T 338 53.99 -94.27 14.46
C VAL T 338 54.20 -93.82 13.02
N GLU T 339 55.43 -93.86 12.51
CA GLU T 339 55.63 -93.78 11.08
C GLU T 339 55.18 -95.09 10.45
N ALA T 340 54.19 -95.03 9.56
CA ALA T 340 53.62 -96.20 8.93
C ALA T 340 54.67 -97.06 8.22
N THR T 341 55.63 -96.45 7.54
CA THR T 341 56.66 -97.20 6.82
C THR T 341 57.58 -98.01 7.74
N ASP T 342 57.73 -97.64 9.02
CA ASP T 342 58.54 -98.41 9.95
C ASP T 342 57.88 -99.72 10.40
N LEU T 343 56.60 -99.95 10.09
CA LEU T 343 55.94 -101.22 10.34
C LEU T 343 56.27 -102.26 9.28
N GLU T 344 56.80 -101.87 8.13
CA GLU T 344 56.92 -102.76 6.97
C GLU T 344 57.92 -103.92 7.20
N PRO T 345 57.68 -105.12 6.66
CA PRO T 345 58.63 -106.23 6.69
C PRO T 345 60.02 -105.90 6.10
N GLU T 346 60.09 -104.93 5.18
CA GLU T 346 61.35 -104.42 4.62
C GLU T 346 62.13 -103.55 5.62
N ALA T 347 61.44 -102.81 6.48
CA ALA T 347 62.10 -101.94 7.45
C ALA T 347 62.94 -102.75 8.45
N GLN T 348 62.58 -104.01 8.69
CA GLN T 348 63.27 -104.90 9.63
C GLN T 348 64.75 -105.12 9.29
N GLU T 349 65.12 -105.22 8.01
CA GLU T 349 66.54 -105.28 7.62
C GLU T 349 67.15 -103.89 7.41
N SER T 350 66.35 -102.90 6.99
CA SER T 350 66.84 -101.57 6.63
C SER T 350 67.19 -100.72 7.86
N ASN T 351 66.31 -100.70 8.87
CA ASN T 351 66.40 -99.82 10.03
C ASN T 351 65.75 -100.46 11.27
N LYS T 352 66.27 -101.62 11.67
CA LYS T 352 65.64 -102.55 12.62
C LYS T 352 65.18 -101.87 13.93
N THR T 353 65.97 -100.96 14.48
CA THR T 353 65.68 -100.34 15.78
C THR T 353 64.36 -99.60 15.78
N LYS T 354 64.13 -98.75 14.77
CA LYS T 354 62.89 -97.97 14.66
C LYS T 354 61.69 -98.86 14.35
N PHE T 355 61.89 -99.94 13.62
CA PHE T 355 60.86 -100.94 13.35
C PHE T 355 60.34 -101.60 14.64
N HIS T 356 61.21 -101.94 15.60
CA HIS T 356 60.75 -102.42 16.91
C HIS T 356 60.02 -101.34 17.70
N GLU T 357 60.47 -100.09 17.67
CA GLU T 357 59.76 -99.01 18.36
C GLU T 357 58.35 -98.83 17.79
N ALA T 358 58.21 -98.87 16.47
CA ALA T 358 56.92 -98.76 15.80
C ALA T 358 55.98 -99.91 16.19
N TRP T 359 56.47 -101.15 16.17
CA TRP T 359 55.65 -102.29 16.52
C TRP T 359 55.31 -102.36 18.01
N ASN T 360 56.19 -101.92 18.91
CA ASN T 360 55.82 -101.82 20.31
C ASN T 360 54.65 -100.85 20.51
N MET T 361 54.66 -99.70 19.84
CA MET T 361 53.55 -98.75 19.93
C MET T 361 52.26 -99.40 19.44
N VAL T 362 52.25 -100.04 18.27
CA VAL T 362 51.06 -100.71 17.73
C VAL T 362 50.53 -101.79 18.69
N SER T 363 51.42 -102.57 19.28
CA SER T 363 51.11 -103.64 20.23
C SER T 363 50.62 -103.15 21.58
N THR T 364 51.05 -101.97 22.01
CA THR T 364 50.67 -101.38 23.30
C THR T 364 49.29 -100.74 23.25
N ALA T 365 48.93 -100.13 22.13
CA ALA T 365 47.82 -99.18 22.09
C ALA T 365 46.45 -99.82 22.36
N ASP T 366 45.60 -99.08 23.08
CA ASP T 366 44.21 -99.43 23.34
C ASP T 366 43.30 -99.17 22.16
N GLY T 367 43.76 -98.41 21.17
CA GLY T 367 43.06 -98.16 19.92
C GLY T 367 44.03 -97.85 18.79
N ILE T 368 43.63 -98.09 17.55
CA ILE T 368 44.41 -97.75 16.36
C ILE T 368 43.66 -96.72 15.54
N LEU T 369 44.40 -95.81 14.92
CA LEU T 369 43.87 -94.71 14.13
C LEU T 369 44.71 -94.53 12.90
N ILE T 370 44.12 -94.67 11.73
CA ILE T 370 44.76 -94.39 10.46
C ILE T 370 44.17 -93.05 9.97
N PRO T 371 44.96 -91.97 9.86
CA PRO T 371 44.45 -90.60 10.00
C PRO T 371 44.08 -89.87 8.70
N GLY T 372 44.07 -90.56 7.55
CA GLY T 372 43.85 -89.90 6.26
C GLY T 372 45.08 -89.23 5.71
N GLY T 373 46.16 -89.99 5.58
CA GLY T 373 47.45 -89.53 5.09
C GLY T 373 47.46 -88.97 3.68
N PHE T 374 48.59 -88.36 3.32
CA PHE T 374 48.85 -87.76 2.00
C PHE T 374 49.79 -88.66 1.18
N GLY T 375 49.39 -89.03 -0.02
CA GLY T 375 50.17 -89.89 -0.92
C GLY T 375 50.27 -91.36 -0.52
N VAL T 376 51.00 -92.17 -1.30
CA VAL T 376 50.95 -93.64 -1.20
C VAL T 376 51.94 -94.27 -0.20
N ARG T 377 53.05 -93.60 0.11
CA ARG T 377 54.24 -94.20 0.76
C ARG T 377 53.94 -95.10 1.96
N GLY T 378 53.16 -94.63 2.92
CA GLY T 378 52.88 -95.35 4.17
C GLY T 378 51.98 -96.59 4.04
N THR T 379 51.37 -96.80 2.88
CA THR T 379 50.24 -97.74 2.73
C THR T 379 50.56 -99.14 3.26
N GLU T 380 51.71 -99.71 2.94
CA GLU T 380 52.00 -101.11 3.28
C GLU T 380 52.01 -101.36 4.79
N GLY T 381 52.52 -100.45 5.58
CA GLY T 381 52.46 -100.56 7.02
C GLY T 381 51.06 -100.31 7.58
N MET T 382 50.34 -99.34 7.04
CA MET T 382 48.96 -99.05 7.45
C MET T 382 48.02 -100.24 7.21
N VAL T 383 48.28 -101.08 6.21
CA VAL T 383 47.57 -102.35 6.02
C VAL T 383 47.76 -103.27 7.22
N LEU T 384 48.99 -103.49 7.68
CA LEU T 384 49.33 -104.35 8.81
C LEU T 384 48.78 -103.79 10.13
N ALA T 385 48.71 -102.48 10.31
CA ALA T 385 48.01 -101.87 11.44
C ALA T 385 46.49 -102.11 11.39
N ALA T 386 45.86 -102.09 10.23
CA ALA T 386 44.44 -102.40 10.11
C ALA T 386 44.14 -103.89 10.37
N ARG T 387 45.01 -104.79 9.91
CA ARG T 387 44.99 -106.25 10.15
C ARG T 387 45.11 -106.57 11.62
N TRP T 388 46.03 -105.90 12.30
CA TRP T 388 46.22 -106.03 13.74
C TRP T 388 44.97 -105.73 14.55
N ALA T 389 44.19 -104.73 14.16
CA ALA T 389 42.93 -104.39 14.81
C ALA T 389 41.69 -105.13 14.27
N ARG T 390 41.73 -105.69 13.06
CA ARG T 390 40.65 -106.55 12.59
C ARG T 390 40.65 -107.85 13.36
N GLU T 391 41.81 -108.50 13.46
CA GLU T 391 41.93 -109.87 13.96
C GLU T 391 41.81 -109.92 15.48
N ASN T 392 42.75 -109.29 16.17
CA ASN T 392 42.65 -109.01 17.60
C ASN T 392 41.63 -107.88 17.78
N HIS T 393 40.66 -107.97 18.69
CA HIS T 393 39.55 -107.00 18.79
C HIS T 393 39.92 -105.59 19.34
N ILE T 394 40.99 -104.96 18.85
CA ILE T 394 41.41 -103.60 19.16
C ILE T 394 40.42 -102.59 18.52
N PRO T 395 39.93 -101.57 19.22
CA PRO T 395 39.19 -100.46 18.62
C PRO T 395 39.96 -99.75 17.51
N PHE T 396 39.29 -99.33 16.45
CA PHE T 396 39.89 -98.75 15.25
C PHE T 396 39.04 -97.63 14.66
N LEU T 397 39.69 -96.59 14.15
CA LEU T 397 39.07 -95.65 13.22
C LEU T 397 39.98 -95.41 12.02
N GLY T 398 39.43 -95.54 10.82
CA GLY T 398 40.10 -95.15 9.59
C GLY T 398 39.46 -93.91 9.02
N VAL T 399 40.25 -92.88 8.75
CA VAL T 399 39.78 -91.63 8.16
C VAL T 399 40.29 -91.51 6.73
N CYS T 400 39.42 -91.32 5.74
CA CYS T 400 39.76 -91.18 4.32
C CYS T 400 40.65 -92.31 3.78
N LEU T 401 41.95 -92.10 3.57
CA LEU T 401 42.90 -93.17 3.26
C LEU T 401 42.82 -94.31 4.27
N GLY T 402 42.38 -94.07 5.49
CA GLY T 402 42.12 -95.12 6.47
C GLY T 402 40.93 -95.99 6.11
N LEU T 403 39.84 -95.47 5.53
CA LEU T 403 38.77 -96.34 5.02
C LEU T 403 39.27 -97.12 3.81
N GLN T 404 40.01 -96.44 2.94
CA GLN T 404 40.63 -97.06 1.79
C GLN T 404 41.48 -98.26 2.25
N ILE T 405 42.28 -98.09 3.30
CA ILE T 405 43.14 -99.14 3.83
C ILE T 405 42.40 -100.17 4.69
N ALA T 406 41.34 -99.81 5.39
CA ALA T 406 40.44 -100.78 6.00
C ALA T 406 39.82 -101.70 4.94
N THR T 407 39.47 -101.17 3.77
CA THR T 407 38.89 -101.96 2.69
C THR T 407 39.95 -102.76 1.92
N ILE T 408 41.12 -102.19 1.62
CA ILE T 408 42.23 -102.94 1.06
C ILE T 408 42.62 -104.07 2.00
N GLU T 409 42.68 -103.88 3.31
CA GLU T 409 43.07 -104.96 4.21
C GLU T 409 42.01 -106.05 4.27
N PHE T 410 40.74 -105.70 4.49
CA PHE T 410 39.68 -106.68 4.53
C PHE T 410 39.58 -107.46 3.21
N THR T 411 39.81 -106.83 2.07
CA THR T 411 39.98 -107.52 0.78
C THR T 411 41.18 -108.46 0.81
N ARG T 412 42.37 -107.95 1.16
CA ARG T 412 43.67 -108.63 1.15
C ARG T 412 43.80 -109.80 2.16
N SER T 413 42.88 -109.94 3.11
CA SER T 413 42.96 -110.94 4.17
C SER T 413 41.70 -111.75 4.40
N VAL T 414 40.51 -111.19 4.17
CA VAL T 414 39.24 -111.90 4.34
C VAL T 414 38.75 -112.51 3.02
N LEU T 415 38.92 -111.81 1.88
CA LEU T 415 38.60 -112.33 0.55
C LEU T 415 39.76 -113.05 -0.15
N GLY T 416 40.92 -113.20 0.50
CA GLY T 416 42.17 -113.56 -0.17
C GLY T 416 42.72 -112.38 -0.98
N ARG T 417 42.65 -112.44 -2.32
CA ARG T 417 42.93 -111.34 -3.27
C ARG T 417 44.20 -110.53 -2.96
N LYS T 418 45.32 -111.22 -2.68
CA LYS T 418 46.57 -110.63 -2.16
C LYS T 418 47.21 -109.56 -3.06
N ASP T 419 46.89 -109.55 -4.36
CA ASP T 419 47.35 -108.55 -5.32
C ASP T 419 46.61 -107.19 -5.22
N SER T 420 45.50 -107.08 -4.50
CA SER T 420 44.67 -105.86 -4.49
C SER T 420 45.37 -104.66 -3.84
N HIS T 421 45.09 -103.46 -4.33
CA HIS T 421 45.83 -102.23 -4.03
C HIS T 421 44.94 -101.01 -4.32
N SER T 422 45.34 -99.83 -3.86
CA SER T 422 44.70 -98.56 -4.25
C SER T 422 44.73 -98.34 -5.78
N ALA T 423 43.74 -97.60 -6.30
CA ALA T 423 43.74 -97.16 -7.70
C ALA T 423 44.98 -96.34 -8.08
N GLU T 424 45.72 -95.83 -7.10
CA GLU T 424 47.04 -95.21 -7.30
C GLU T 424 48.02 -96.11 -8.09
N PHE T 425 48.01 -97.43 -7.90
CA PHE T 425 48.78 -98.40 -8.70
C PHE T 425 48.02 -98.73 -10.00
N TYR T 426 47.85 -97.68 -10.81
CA TYR T 426 46.99 -97.66 -11.99
C TYR T 426 47.18 -98.84 -12.97
N PRO T 427 48.40 -99.22 -13.41
CA PRO T 427 48.57 -100.19 -14.48
C PRO T 427 48.30 -101.66 -14.11
N ASP T 428 47.97 -101.97 -12.85
CA ASP T 428 47.47 -103.31 -12.48
C ASP T 428 46.03 -103.55 -12.96
N ILE T 429 45.24 -102.50 -13.16
CA ILE T 429 43.87 -102.47 -13.69
C ILE T 429 42.88 -103.39 -12.94
N ASP T 430 42.92 -104.70 -13.17
CA ASP T 430 41.89 -105.67 -12.74
C ASP T 430 41.74 -105.75 -11.21
N GLU T 431 42.82 -105.49 -10.46
CA GLU T 431 42.89 -105.62 -8.99
C GLU T 431 42.84 -104.27 -8.22
N LYS T 432 42.56 -103.16 -8.90
CA LYS T 432 42.35 -101.86 -8.26
C LYS T 432 41.14 -101.92 -7.32
N ASN T 433 41.36 -101.62 -6.05
CA ASN T 433 40.33 -101.63 -5.01
C ASN T 433 39.40 -100.40 -5.05
N HIS T 434 39.75 -99.38 -5.84
CA HIS T 434 39.10 -98.07 -5.87
C HIS T 434 38.80 -97.60 -7.32
N VAL T 435 37.99 -96.55 -7.46
CA VAL T 435 37.67 -95.89 -8.71
C VAL T 435 37.77 -94.37 -8.57
N VAL T 436 38.22 -93.69 -9.62
CA VAL T 436 38.25 -92.24 -9.72
C VAL T 436 36.83 -91.65 -9.65
N VAL T 437 36.69 -90.54 -8.92
CA VAL T 437 35.46 -89.76 -8.84
C VAL T 437 35.79 -88.28 -8.59
N PHE T 438 36.17 -87.56 -9.67
CA PHE T 438 36.62 -86.16 -9.58
C PHE T 438 35.49 -85.13 -9.35
N MET T 439 34.24 -85.44 -9.68
CA MET T 439 33.09 -84.51 -9.70
C MET T 439 33.40 -83.17 -10.39
N MET T 440 38.19 -83.11 -7.43
CA MET T 440 38.12 -83.58 -6.05
C MET T 440 36.74 -83.31 -5.43
N ARG T 441 36.18 -84.27 -4.70
CA ARG T 441 34.98 -84.06 -3.87
C ARG T 441 35.39 -83.30 -2.61
N LEU T 442 34.75 -82.17 -2.33
CA LEU T 442 35.11 -81.21 -1.28
C LEU T 442 33.87 -80.71 -0.51
N GLY T 443 34.12 -80.08 0.64
CA GLY T 443 33.11 -79.33 1.39
C GLY T 443 32.04 -80.19 2.07
N LEU T 444 31.11 -79.51 2.74
CA LEU T 444 30.04 -80.15 3.50
C LEU T 444 29.07 -80.82 2.54
N ARG T 445 29.03 -82.14 2.57
CA ARG T 445 28.02 -82.96 1.87
C ARG T 445 27.29 -83.86 2.86
N PRO T 446 26.02 -84.22 2.64
CA PRO T 446 25.30 -85.15 3.51
C PRO T 446 25.84 -86.58 3.43
N THR T 447 25.47 -87.42 4.38
CA THR T 447 25.59 -88.89 4.30
C THR T 447 24.42 -89.54 5.04
N PHE T 448 23.84 -90.58 4.47
CA PHE T 448 22.58 -91.18 4.89
C PHE T 448 22.82 -92.62 5.34
N PHE T 449 22.32 -93.00 6.52
CA PHE T 449 22.46 -94.37 7.01
C PHE T 449 21.64 -95.34 6.17
N GLN T 450 22.15 -96.55 5.94
CA GLN T 450 21.40 -97.60 5.24
C GLN T 450 20.30 -98.14 6.17
N ASN T 451 19.05 -98.17 5.72
CA ASN T 451 17.87 -98.16 6.61
C ASN T 451 17.67 -99.37 7.55
N GLU T 452 18.41 -100.46 7.36
CA GLU T 452 18.34 -101.70 8.16
C GLU T 452 19.35 -101.73 9.32
N THR T 453 20.39 -100.88 9.32
CA THR T 453 21.59 -101.04 10.16
C THR T 453 21.40 -100.58 11.62
N GLU T 454 20.32 -100.98 12.26
CA GLU T 454 19.96 -100.64 13.65
C GLU T 454 20.96 -101.16 14.69
N TRP T 455 21.75 -102.17 14.35
CA TRP T 455 22.79 -102.77 15.18
C TRP T 455 24.02 -101.88 15.37
N SER T 456 24.26 -100.94 14.46
CA SER T 456 25.50 -100.17 14.31
C SER T 456 25.90 -99.40 15.56
N GLN T 457 27.16 -99.51 15.97
CA GLN T 457 27.70 -98.70 17.07
C GLN T 457 27.80 -97.23 16.65
N ILE T 458 28.26 -96.94 15.43
CA ILE T 458 28.44 -95.55 15.00
C ILE T 458 27.11 -94.82 14.82
N LYS T 459 26.10 -95.41 14.18
CA LYS T 459 24.81 -94.72 14.02
C LYS T 459 24.03 -94.58 15.32
N LYS T 460 24.41 -95.31 16.38
CA LYS T 460 23.95 -95.05 17.74
C LYS T 460 24.58 -93.78 18.31
N LEU T 461 25.89 -93.57 18.15
CA LEU T 461 26.57 -92.33 18.61
C LEU T 461 25.97 -91.06 17.98
N TYR T 462 25.59 -91.10 16.71
CA TYR T 462 24.86 -90.02 16.03
C TYR T 462 23.41 -89.81 16.51
N GLY T 463 22.97 -90.46 17.59
CA GLY T 463 21.68 -90.20 18.25
C GLY T 463 20.46 -90.74 17.52
N ASP T 464 20.64 -91.75 16.65
CA ASP T 464 19.60 -92.29 15.77
C ASP T 464 19.01 -91.29 14.74
N VAL T 465 19.70 -90.18 14.49
CA VAL T 465 19.34 -89.22 13.43
C VAL T 465 19.48 -89.87 12.05
N SER T 466 18.61 -89.53 11.11
CA SER T 466 18.53 -90.14 9.77
C SER T 466 19.71 -89.86 8.85
N GLU T 467 20.41 -88.74 9.02
CA GLU T 467 21.56 -88.34 8.21
C GLU T 467 22.53 -87.46 8.98
N VAL T 468 23.73 -87.34 8.46
CA VAL T 468 24.85 -86.53 8.99
C VAL T 468 25.39 -85.60 7.91
N HIS T 469 26.13 -84.55 8.25
CA HIS T 469 26.77 -83.68 7.26
C HIS T 469 28.25 -83.47 7.59
N GLU T 470 29.15 -83.65 6.62
CA GLU T 470 30.59 -83.82 6.89
C GLU T 470 31.49 -83.25 5.77
N ARG T 471 32.75 -82.93 6.08
CA ARG T 471 33.74 -82.45 5.11
C ARG T 471 34.48 -83.57 4.39
N HIS T 472 34.81 -83.39 3.12
CA HIS T 472 35.47 -84.37 2.27
C HIS T 472 36.69 -83.78 1.58
N ARG T 473 37.66 -84.59 1.12
CA ARG T 473 38.83 -84.15 0.33
C ARG T 473 39.37 -85.25 -0.63
N HIS T 474 38.53 -86.10 -1.19
CA HIS T 474 38.93 -87.36 -1.86
C HIS T 474 38.73 -87.34 -3.39
N ARG T 475 39.68 -87.93 -4.12
CA ARG T 475 39.60 -88.21 -5.58
C ARG T 475 39.29 -89.68 -5.92
N TYR T 476 39.39 -90.58 -4.95
CA TYR T 476 39.11 -92.01 -5.07
C TYR T 476 37.98 -92.46 -4.14
N GLU T 477 37.19 -93.43 -4.55
CA GLU T 477 36.21 -94.14 -3.72
C GLU T 477 36.34 -95.66 -3.94
N ILE T 478 35.85 -96.48 -3.01
CA ILE T 478 35.88 -97.95 -3.16
C ILE T 478 35.03 -98.35 -4.37
N ASN T 479 35.53 -99.26 -5.21
CA ASN T 479 34.90 -99.62 -6.48
C ASN T 479 33.51 -100.25 -6.22
N PRO T 480 32.39 -99.64 -6.66
CA PRO T 480 31.04 -100.13 -6.37
C PRO T 480 30.80 -101.58 -6.75
N LYS T 481 31.49 -102.06 -7.79
CA LYS T 481 31.44 -103.45 -8.28
C LYS T 481 31.73 -104.46 -7.15
N MET T 482 32.64 -104.13 -6.25
CA MET T 482 33.05 -105.01 -5.15
C MET T 482 32.17 -104.90 -3.90
N VAL T 483 31.39 -103.84 -3.73
CA VAL T 483 30.77 -103.52 -2.45
C VAL T 483 29.77 -104.57 -1.98
N ASP T 484 29.07 -105.25 -2.87
CA ASP T 484 28.19 -106.37 -2.48
C ASP T 484 28.99 -107.51 -1.81
N GLU T 485 30.18 -107.80 -2.31
CA GLU T 485 31.05 -108.85 -1.78
C GLU T 485 31.52 -108.51 -0.37
N LEU T 486 31.91 -107.25 -0.15
CA LEU T 486 32.29 -106.72 1.14
C LEU T 486 31.10 -106.67 2.12
N GLU T 487 29.92 -106.22 1.69
CA GLU T 487 28.71 -106.23 2.52
C GLU T 487 28.31 -107.66 2.91
N ASN T 488 28.35 -108.62 1.99
CA ASN T 488 28.03 -110.03 2.23
C ASN T 488 29.04 -110.71 3.17
N ASN T 489 30.31 -110.34 3.13
CA ASN T 489 31.35 -110.84 4.04
C ASN T 489 31.40 -110.14 5.40
N GLY T 490 30.68 -109.02 5.58
CA GLY T 490 30.47 -108.38 6.88
C GLY T 490 31.08 -107.00 7.06
N LEU T 491 31.83 -106.49 6.08
CA LEU T 491 32.34 -105.13 6.06
C LEU T 491 31.23 -104.17 5.63
N ILE T 492 30.16 -104.05 6.43
CA ILE T 492 28.91 -103.42 6.03
C ILE T 492 29.09 -101.90 5.89
N PHE T 493 28.81 -101.35 4.71
CA PHE T 493 28.85 -99.92 4.47
C PHE T 493 27.63 -99.21 5.04
N VAL T 494 27.64 -98.92 6.35
CA VAL T 494 26.49 -98.40 7.09
C VAL T 494 26.04 -96.98 6.69
N GLY T 495 26.82 -96.25 5.88
CA GLY T 495 26.43 -94.95 5.35
C GLY T 495 26.90 -94.73 3.93
N LYS T 496 26.02 -94.16 3.10
CA LYS T 496 26.30 -93.80 1.72
C LYS T 496 25.76 -92.41 1.41
N ASP T 497 26.10 -91.91 0.23
CA ASP T 497 25.68 -90.60 -0.25
C ASP T 497 24.20 -90.56 -0.69
N ASP T 498 23.77 -89.39 -1.17
CA ASP T 498 22.46 -89.18 -1.76
C ASP T 498 22.09 -90.18 -2.88
N THR T 499 23.03 -90.53 -3.78
CA THR T 499 22.79 -91.47 -4.88
C THR T 499 22.80 -92.94 -4.43
N GLY T 500 23.47 -93.25 -3.32
CA GLY T 500 23.73 -94.62 -2.89
C GLY T 500 24.88 -95.31 -3.64
N LYS T 501 25.57 -94.61 -4.53
CA LYS T 501 26.70 -95.14 -5.29
C LYS T 501 28.03 -95.03 -4.52
N ARG T 502 28.16 -94.08 -3.58
CA ARG T 502 29.43 -93.70 -2.94
C ARG T 502 29.57 -94.26 -1.52
N CYS T 503 30.72 -94.83 -1.21
CA CYS T 503 31.07 -95.44 0.06
C CYS T 503 31.49 -94.39 1.13
N GLU T 504 30.60 -93.96 2.02
CA GLU T 504 30.90 -92.86 2.94
C GLU T 504 31.31 -93.32 4.36
N ILE T 505 30.76 -94.43 4.85
CA ILE T 505 31.11 -95.04 6.15
C ILE T 505 31.18 -96.56 6.00
N LEU T 506 32.08 -97.24 6.70
CA LEU T 506 31.94 -98.68 6.95
C LEU T 506 32.01 -99.01 8.43
N GLU T 507 31.32 -100.07 8.84
CA GLU T 507 31.48 -100.72 10.13
C GLU T 507 31.58 -102.23 9.90
N LEU T 508 32.58 -102.88 10.48
CA LEU T 508 32.69 -104.32 10.44
C LEU T 508 31.71 -104.93 11.44
N LYS T 509 30.75 -105.72 10.94
CA LYS T 509 29.72 -106.40 11.74
C LYS T 509 30.37 -107.28 12.82
N ASN T 510 29.86 -107.19 14.05
CA ASN T 510 30.31 -107.98 15.21
C ASN T 510 31.81 -107.85 15.51
N HIS T 511 32.28 -106.62 15.64
CA HIS T 511 33.56 -106.23 16.24
C HIS T 511 33.32 -105.10 17.27
N PRO T 512 34.04 -105.01 18.40
CA PRO T 512 33.74 -104.02 19.43
C PRO T 512 33.71 -102.56 18.99
N TYR T 513 34.58 -102.16 18.06
CA TYR T 513 34.56 -100.84 17.42
C TYR T 513 35.55 -100.81 16.24
N TYR T 514 35.09 -101.06 15.02
CA TYR T 514 35.93 -100.99 13.84
C TYR T 514 35.19 -100.22 12.77
N ILE T 515 35.48 -98.94 12.71
CA ILE T 515 34.82 -97.95 11.87
C ILE T 515 35.82 -97.42 10.86
N ALA T 516 35.36 -97.07 9.68
CA ALA T 516 36.07 -96.06 8.91
C ALA T 516 35.09 -95.10 8.27
N THR T 517 35.57 -93.89 7.95
CA THR T 517 34.84 -92.82 7.26
C THR T 517 35.61 -92.36 6.05
N GLN T 518 34.96 -92.16 4.91
CA GLN T 518 35.64 -91.57 3.76
C GLN T 518 35.87 -90.07 3.96
N TYR T 519 34.94 -89.39 4.65
CA TYR T 519 35.11 -88.02 5.11
C TYR T 519 36.16 -87.90 6.21
N HIS T 520 36.55 -86.65 6.49
CA HIS T 520 37.42 -86.24 7.58
C HIS T 520 36.60 -85.64 8.74
N PRO T 521 36.18 -86.44 9.75
CA PRO T 521 35.34 -85.97 10.87
C PRO T 521 36.02 -84.99 11.81
N GLU T 522 37.35 -84.96 11.86
CA GLU T 522 38.13 -84.02 12.64
C GLU T 522 37.97 -82.57 12.20
N TYR T 523 37.44 -82.31 11.00
CA TYR T 523 37.10 -80.96 10.56
C TYR T 523 35.73 -80.50 11.04
N THR T 524 35.02 -81.25 11.88
CA THR T 524 33.83 -80.73 12.59
C THR T 524 33.78 -81.07 14.08
N SER T 525 34.87 -81.59 14.65
CA SER T 525 34.97 -81.75 16.10
C SER T 525 35.00 -80.40 16.80
N LYS T 526 34.18 -80.21 17.84
CA LYS T 526 34.14 -79.01 18.69
C LYS T 526 34.33 -79.38 20.16
N VAL T 527 34.82 -78.46 20.99
CA VAL T 527 35.22 -78.78 22.37
C VAL T 527 34.02 -79.20 23.24
N LEU T 528 32.82 -78.66 23.01
CA LEU T 528 31.61 -79.09 23.73
C LEU T 528 30.79 -80.17 23.00
N ASP T 529 31.03 -80.38 21.71
CA ASP T 529 30.36 -81.39 20.86
C ASP T 529 31.42 -82.16 20.06
N PRO T 530 32.01 -83.24 20.61
CA PRO T 530 33.10 -83.96 19.96
C PRO T 530 32.63 -84.72 18.74
N SER T 531 33.45 -84.86 17.70
CA SER T 531 33.02 -85.54 16.46
C SER T 531 32.82 -87.01 16.73
N LYS T 532 31.63 -87.54 16.42
CA LYS T 532 31.18 -88.87 16.85
C LYS T 532 32.10 -90.04 16.49
N PRO T 533 32.71 -90.16 15.29
CA PRO T 533 33.63 -91.25 14.98
C PRO T 533 34.86 -91.29 15.88
N PHE T 534 35.36 -90.13 16.30
CA PHE T 534 36.46 -90.02 17.26
C PHE T 534 36.01 -90.24 18.69
N LEU T 535 34.80 -89.85 19.08
CA LEU T 535 34.28 -90.17 20.40
C LEU T 535 34.17 -91.68 20.60
N GLY T 536 33.65 -92.40 19.61
CA GLY T 536 33.58 -93.85 19.64
C GLY T 536 34.94 -94.52 19.76
N LEU T 537 35.97 -94.06 19.04
CA LEU T 537 37.32 -94.59 19.14
C LEU T 537 37.88 -94.43 20.55
N VAL T 538 37.77 -93.26 21.18
CA VAL T 538 38.26 -93.10 22.54
C VAL T 538 37.41 -93.92 23.51
N ALA T 539 36.09 -93.84 23.43
CA ALA T 539 35.22 -94.54 24.37
C ALA T 539 35.40 -96.07 24.31
N ALA T 540 35.58 -96.66 23.14
CA ALA T 540 35.86 -98.08 23.02
C ALA T 540 37.29 -98.41 23.48
N SER T 541 38.27 -97.55 23.27
CA SER T 541 39.62 -97.72 23.81
C SER T 541 39.61 -97.72 25.34
N ALA T 542 38.76 -96.89 25.95
CA ALA T 542 38.45 -96.88 27.38
C ALA T 542 37.55 -98.04 27.85
N GLY T 543 36.99 -98.82 26.92
CA GLY T 543 36.10 -99.93 27.24
C GLY T 543 34.75 -99.50 27.81
N ILE T 544 34.32 -98.26 27.51
CA ILE T 544 33.13 -97.60 28.08
C ILE T 544 32.08 -97.20 27.05
N LEU T 545 32.26 -97.63 25.78
CA LEU T 545 31.46 -97.21 24.62
C LEU T 545 29.96 -97.31 24.85
N GLN T 546 29.49 -98.41 25.43
CA GLN T 546 28.06 -98.60 25.74
C GLN T 546 27.50 -97.44 26.58
N ASP T 547 28.23 -97.04 27.60
CA ASP T 547 27.75 -96.10 28.61
C ASP T 547 27.80 -94.65 28.11
N VAL T 548 28.73 -94.35 27.20
CA VAL T 548 28.77 -93.10 26.45
C VAL T 548 27.57 -92.98 25.53
N ILE T 549 27.19 -94.07 24.84
CA ILE T 549 25.99 -94.08 24.00
C ILE T 549 24.72 -93.95 24.84
N GLU T 550 24.66 -94.64 25.96
CA GLU T 550 23.54 -94.58 26.92
C GLU T 550 23.43 -93.24 27.67
N GLY T 551 24.49 -92.43 27.70
CA GLY T 551 24.46 -91.04 28.16
C GLY T 551 25.10 -90.75 29.53
N LYS T 552 25.95 -91.64 30.04
CA LYS T 552 26.65 -91.48 31.34
C LYS T 552 27.73 -90.38 31.38
N TYR T 553 27.89 -89.61 30.31
CA TYR T 553 28.99 -88.64 30.13
C TYR T 553 28.60 -87.34 29.42
N ASP T 554 27.31 -87.05 29.19
CA ASP T 554 26.87 -85.71 28.80
C ASP T 554 27.14 -84.66 29.90
N LEU T 555 27.38 -83.41 29.50
CA LEU T 555 27.95 -82.36 30.37
C LEU T 555 26.97 -81.81 31.42
N GLU T 556 25.68 -81.70 31.07
CA GLU T 556 24.61 -81.24 31.97
C GLU T 556 23.45 -82.24 31.95
N ALA T 557 22.82 -82.49 33.11
CA ALA T 557 21.75 -83.49 33.24
C ALA T 557 20.54 -83.18 32.34
N MET U 1 44.68 65.55 -12.53
CA MET U 1 45.30 66.33 -13.62
C MET U 1 44.89 65.80 -14.98
N LYS U 2 44.95 66.63 -16.03
CA LYS U 2 44.75 66.23 -17.44
C LYS U 2 46.04 66.46 -18.25
N TYR U 3 46.23 65.78 -19.37
CA TYR U 3 47.42 65.86 -20.21
C TYR U 3 47.08 65.76 -21.71
N VAL U 4 47.84 66.43 -22.58
CA VAL U 4 47.66 66.37 -24.04
C VAL U 4 49.01 66.12 -24.70
N VAL U 5 49.24 64.97 -25.30
CA VAL U 5 50.41 64.77 -26.16
C VAL U 5 50.21 65.44 -27.50
N VAL U 6 51.25 66.07 -28.02
CA VAL U 6 51.40 66.43 -29.43
C VAL U 6 52.61 65.71 -29.96
N SER U 7 52.48 64.97 -31.05
CA SER U 7 53.54 64.09 -31.57
C SER U 7 53.46 63.91 -33.08
N GLY U 8 54.39 63.17 -33.69
CA GLY U 8 54.06 62.46 -34.94
C GLY U 8 54.74 62.85 -36.25
N GLY U 9 54.22 62.27 -37.32
CA GLY U 9 54.51 62.58 -38.73
C GLY U 9 55.48 61.62 -39.42
N VAL U 10 55.59 61.69 -40.75
CA VAL U 10 56.67 61.06 -41.54
C VAL U 10 57.93 61.93 -41.71
N ILE U 11 57.93 63.17 -41.21
CA ILE U 11 59.03 64.12 -41.34
C ILE U 11 59.17 64.93 -40.05
N SER U 12 60.40 65.27 -39.68
CA SER U 12 60.65 66.33 -38.72
C SER U 12 60.41 67.70 -39.39
N GLY U 13 59.94 68.71 -38.66
CA GLY U 13 59.64 70.04 -39.22
C GLY U 13 58.21 70.23 -39.72
N ILE U 14 57.31 69.30 -39.41
CA ILE U 14 55.91 69.27 -39.86
C ILE U 14 55.01 70.36 -39.29
N GLY U 15 55.27 70.91 -38.10
CA GLY U 15 54.45 71.95 -37.50
C GLY U 15 54.07 71.80 -36.01
N LYS U 16 54.68 70.88 -35.27
CA LYS U 16 54.24 70.52 -33.88
C LYS U 16 54.06 71.73 -32.95
N GLY U 17 55.12 72.48 -32.62
CA GLY U 17 55.08 73.60 -31.64
C GLY U 17 53.89 74.55 -31.79
N VAL U 18 53.51 74.96 -33.02
CA VAL U 18 52.37 75.89 -33.28
C VAL U 18 51.07 75.13 -32.97
N LEU U 19 51.02 73.82 -33.18
CA LEU U 19 49.83 72.98 -32.84
C LEU U 19 49.88 72.71 -31.33
N ALA U 20 51.04 72.82 -30.69
CA ALA U 20 51.21 72.51 -29.26
C ALA U 20 50.85 73.74 -28.41
N SER U 21 51.68 74.78 -28.38
CA SER U 21 51.41 75.95 -27.51
C SER U 21 50.10 76.53 -27.99
N SER U 22 49.89 76.64 -29.30
CA SER U 22 48.52 77.06 -29.76
C SER U 22 47.34 76.27 -29.16
N THR U 23 47.46 74.96 -28.95
CA THR U 23 46.42 74.15 -28.29
C THR U 23 46.41 74.57 -26.82
N GLY U 24 47.58 74.86 -26.24
CA GLY U 24 47.71 75.26 -24.82
C GLY U 24 47.20 76.67 -24.58
N MET U 25 47.23 77.56 -25.58
CA MET U 25 46.72 78.95 -25.48
C MET U 25 45.21 78.85 -25.38
N LEU U 26 44.60 77.86 -26.03
CA LEU U 26 43.12 77.67 -26.03
C LEU U 26 42.72 76.96 -24.74
N MET U 27 43.61 76.14 -24.15
CA MET U 27 43.23 75.61 -22.83
C MET U 27 43.04 76.76 -21.84
N LYS U 28 43.88 77.79 -21.90
CA LYS U 28 43.74 79.03 -21.12
C LYS U 28 42.50 79.83 -21.43
N THR U 29 41.95 79.77 -22.64
CA THR U 29 40.65 80.39 -22.95
C THR U 29 39.54 79.82 -22.08
N LEU U 30 39.62 78.55 -21.70
CA LEU U 30 38.67 77.90 -20.80
C LEU U 30 38.86 78.31 -19.33
N GLY U 31 39.84 79.17 -19.02
CA GLY U 31 40.23 79.59 -17.67
C GLY U 31 41.28 78.70 -16.99
N LEU U 32 41.67 77.58 -17.61
CA LEU U 32 42.53 76.56 -17.01
C LEU U 32 43.91 77.11 -16.65
N LYS U 33 44.50 76.57 -15.56
CA LYS U 33 45.93 76.72 -15.28
C LYS U 33 46.68 75.80 -16.26
N VAL U 34 47.69 76.25 -16.97
CA VAL U 34 48.29 75.44 -18.06
C VAL U 34 49.81 75.43 -17.99
N THR U 35 50.40 74.33 -18.42
CA THR U 35 51.85 74.11 -18.45
C THR U 35 52.24 73.36 -19.70
N SER U 36 53.52 73.25 -20.00
CA SER U 36 54.02 72.58 -21.17
C SER U 36 55.35 71.92 -20.94
N ILE U 37 55.60 70.76 -21.52
CA ILE U 37 56.88 70.05 -21.45
C ILE U 37 57.31 69.73 -22.87
N LYS U 38 58.54 70.04 -23.27
CA LYS U 38 59.06 69.58 -24.57
C LYS U 38 60.07 68.48 -24.36
N ILE U 39 59.73 67.32 -24.92
CA ILE U 39 60.57 66.13 -24.91
C ILE U 39 61.42 66.18 -26.17
N ASP U 40 62.73 66.31 -26.01
CA ASP U 40 63.66 66.35 -27.12
C ASP U 40 64.43 65.04 -27.28
N PRO U 41 64.44 64.44 -28.47
CA PRO U 41 65.18 63.20 -28.68
C PRO U 41 66.70 63.37 -28.75
N TYR U 42 67.25 64.59 -28.86
CA TYR U 42 68.69 64.81 -28.94
C TYR U 42 69.41 64.55 -27.61
N MET U 43 70.71 64.25 -27.68
CA MET U 43 71.51 63.85 -26.53
C MET U 43 72.24 64.96 -25.77
N ASN U 44 72.16 66.23 -26.16
CA ASN U 44 72.65 67.32 -25.30
C ASN U 44 71.80 67.45 -24.02
N ILE U 45 72.43 67.60 -22.86
CA ILE U 45 71.69 67.85 -21.61
C ILE U 45 71.07 69.24 -21.58
N ASP U 46 71.73 70.24 -22.19
CA ASP U 46 71.26 71.63 -22.27
C ASP U 46 71.88 72.33 -23.49
N ALA U 47 71.33 73.49 -23.86
CA ALA U 47 71.87 74.29 -24.95
C ALA U 47 73.14 75.07 -24.59
N GLY U 48 73.66 74.94 -23.37
CA GLY U 48 74.86 75.65 -22.92
C GLY U 48 76.12 75.28 -23.69
N THR U 49 76.19 74.04 -24.21
CA THR U 49 77.28 73.62 -25.11
C THR U 49 76.99 73.94 -26.58
N MET U 50 75.73 74.12 -26.97
CA MET U 50 75.29 74.22 -28.37
C MET U 50 75.55 75.61 -28.95
N SER U 51 76.48 75.74 -29.90
CA SER U 51 76.78 77.04 -30.51
C SER U 51 75.58 77.56 -31.30
N PRO U 52 75.25 78.86 -31.27
CA PRO U 52 74.08 79.43 -31.94
C PRO U 52 73.97 79.25 -33.46
N LEU U 53 74.96 78.64 -34.11
CA LEU U 53 74.97 78.34 -35.55
C LEU U 53 74.06 77.16 -35.93
N GLU U 54 73.94 76.14 -35.08
CA GLU U 54 73.05 75.00 -35.30
C GLU U 54 72.22 74.70 -34.03
N HIS U 55 70.96 74.33 -34.24
CA HIS U 55 69.89 74.38 -33.23
C HIS U 55 69.53 75.79 -32.74
N GLY U 56 70.20 76.84 -33.21
CA GLY U 56 69.78 78.22 -33.01
C GLY U 56 69.96 78.75 -31.59
N GLU U 57 69.17 79.77 -31.25
CA GLU U 57 69.37 80.61 -30.07
C GLU U 57 69.21 79.87 -28.75
N CYS U 58 70.18 80.01 -27.84
CA CYS U 58 70.09 79.49 -26.48
C CYS U 58 69.07 80.29 -25.66
N PHE U 59 67.79 79.95 -25.76
CA PHE U 59 66.74 80.63 -25.01
C PHE U 59 67.01 80.61 -23.50
N VAL U 60 66.80 81.73 -22.81
CA VAL U 60 67.05 81.79 -21.37
C VAL U 60 65.91 82.03 -20.37
N LEU U 61 65.88 81.11 -19.42
CA LEU U 61 64.83 81.01 -18.43
C LEU U 61 64.90 82.11 -17.36
N ASP U 62 63.80 82.25 -16.63
CA ASP U 62 63.78 82.87 -15.31
C ASP U 62 64.87 82.26 -14.41
N ASP U 63 64.95 80.92 -14.37
CA ASP U 63 65.99 80.17 -13.65
C ASP U 63 67.38 80.15 -14.33
N GLY U 64 67.56 80.85 -15.46
CA GLY U 64 68.88 81.07 -16.07
C GLY U 64 69.54 79.88 -16.76
N GLY U 65 68.85 78.75 -16.86
CA GLY U 65 69.33 77.64 -17.69
C GLY U 65 69.27 77.97 -19.17
N GLU U 66 70.26 77.55 -19.94
CA GLU U 66 70.26 77.65 -21.39
C GLU U 66 69.49 76.48 -22.01
N THR U 67 68.18 76.65 -22.22
CA THR U 67 67.24 75.59 -22.68
C THR U 67 67.21 75.37 -24.19
N ASP U 68 66.46 74.35 -24.61
CA ASP U 68 65.94 74.25 -25.96
C ASP U 68 65.27 75.57 -26.41
N LEU U 69 65.55 76.03 -27.63
CA LEU U 69 64.99 77.30 -28.19
C LEU U 69 63.46 77.23 -28.20
N ASP U 70 62.88 76.09 -28.54
CA ASP U 70 61.40 75.98 -28.71
C ASP U 70 60.67 76.31 -27.41
N LEU U 71 61.27 76.15 -26.23
CA LEU U 71 60.50 76.39 -24.97
C LEU U 71 59.94 77.80 -25.04
N GLY U 72 60.67 78.73 -25.65
CA GLY U 72 60.22 80.13 -25.73
C GLY U 72 58.85 80.22 -26.34
N ASN U 73 58.55 79.41 -27.36
CA ASN U 73 57.25 79.48 -28.09
C ASN U 73 56.12 79.22 -27.08
N TYR U 74 56.37 78.56 -25.95
CA TYR U 74 55.34 78.23 -24.93
C TYR U 74 55.24 79.32 -23.88
N GLU U 75 56.26 80.15 -23.72
CA GLU U 75 56.27 81.21 -22.68
C GLU U 75 55.60 82.42 -23.30
N ARG U 76 55.48 82.47 -24.64
CA ARG U 76 54.78 83.57 -25.36
C ARG U 76 53.30 83.15 -25.48
N TYR U 77 53.03 82.03 -26.17
CA TYR U 77 51.63 81.49 -26.30
C TYR U 77 50.81 81.36 -25.00
N LEU U 78 51.37 80.92 -23.86
CA LEU U 78 50.62 80.61 -22.61
C LEU U 78 50.77 81.75 -21.58
N GLY U 79 51.91 82.42 -21.55
CA GLY U 79 52.17 83.40 -20.51
C GLY U 79 52.53 82.72 -19.20
N VAL U 80 53.58 81.89 -19.24
CA VAL U 80 54.09 81.08 -18.12
C VAL U 80 55.60 81.20 -17.99
N THR U 81 56.13 81.09 -16.78
CA THR U 81 57.55 80.94 -16.49
C THR U 81 57.85 79.45 -16.31
N LEU U 82 58.51 78.83 -17.29
CA LEU U 82 58.95 77.44 -17.22
C LEU U 82 60.26 77.33 -16.41
N THR U 83 60.83 76.13 -16.30
CA THR U 83 62.06 75.84 -15.56
C THR U 83 62.98 74.91 -16.36
N LYS U 84 64.22 74.72 -15.94
CA LYS U 84 65.19 73.85 -16.62
C LYS U 84 64.70 72.40 -16.75
N ASP U 85 63.78 71.96 -15.88
CA ASP U 85 63.20 70.62 -15.91
C ASP U 85 62.10 70.45 -16.97
N HIS U 86 61.46 71.50 -17.49
CA HIS U 86 60.43 71.39 -18.53
C HIS U 86 60.97 71.01 -19.90
N ASN U 87 62.28 70.98 -20.09
CA ASN U 87 62.90 70.48 -21.29
C ASN U 87 63.54 69.12 -21.00
N ILE U 88 62.76 68.06 -21.13
CA ILE U 88 63.26 66.68 -21.07
C ILE U 88 64.12 66.46 -22.30
N THR U 89 65.29 65.85 -22.19
CA THR U 89 66.09 65.45 -23.35
C THR U 89 66.65 64.06 -23.16
N THR U 90 66.99 63.37 -24.24
CA THR U 90 67.55 62.02 -24.16
C THR U 90 68.84 62.00 -23.36
N GLY U 91 69.70 63.00 -23.49
CA GLY U 91 70.90 63.09 -22.65
C GLY U 91 70.61 63.38 -21.19
N LYS U 92 69.55 64.12 -20.91
CA LYS U 92 69.17 64.46 -19.54
C LYS U 92 68.63 63.25 -18.79
N ILE U 93 67.79 62.44 -19.43
CA ILE U 93 67.20 61.28 -18.76
C ILE U 93 68.13 60.09 -18.69
N TYR U 94 68.96 59.80 -19.68
CA TYR U 94 70.01 58.79 -19.47
C TYR U 94 70.96 59.18 -18.35
N SER U 95 71.34 60.45 -18.20
CA SER U 95 72.18 60.92 -17.10
C SER U 95 71.52 60.71 -15.74
N HIS U 96 70.23 60.99 -15.61
CA HIS U 96 69.51 60.88 -14.34
C HIS U 96 69.37 59.43 -13.89
N VAL U 97 69.00 58.51 -14.78
CA VAL U 97 68.97 57.08 -14.46
C VAL U 97 70.38 56.51 -14.21
N ILE U 98 71.40 56.89 -14.99
CA ILE U 98 72.77 56.47 -14.73
C ILE U 98 73.29 57.03 -13.40
N ALA U 99 72.88 58.21 -12.95
CA ALA U 99 73.27 58.68 -11.62
C ALA U 99 72.70 57.78 -10.52
N LYS U 100 71.41 57.47 -10.59
CA LYS U 100 70.75 56.54 -9.67
C LYS U 100 71.35 55.14 -9.71
N GLU U 101 71.86 54.67 -10.86
CA GLU U 101 72.57 53.40 -10.99
C GLU U 101 73.87 53.34 -10.17
N ARG U 102 74.68 54.40 -10.17
CA ARG U 102 75.94 54.45 -9.39
C ARG U 102 75.76 54.82 -7.94
N LYS U 103 74.73 55.60 -7.61
CA LYS U 103 74.27 55.79 -6.22
C LYS U 103 73.68 54.51 -5.64
N GLY U 104 73.18 53.62 -6.49
CA GLY U 104 72.65 52.31 -6.10
C GLY U 104 71.16 52.36 -5.71
N ASP U 105 70.40 53.33 -6.18
CA ASP U 105 68.97 53.50 -5.84
C ASP U 105 68.08 52.37 -6.38
N TYR U 106 68.59 51.56 -7.31
CA TYR U 106 67.93 50.36 -7.81
C TYR U 106 68.18 49.10 -6.95
N LEU U 107 68.72 49.22 -5.73
CA LEU U 107 68.88 48.13 -4.76
C LEU U 107 69.55 46.90 -5.38
N GLY U 108 70.56 47.14 -6.21
CA GLY U 108 71.36 46.11 -6.86
C GLY U 108 70.64 45.27 -7.92
N LYS U 109 69.40 45.58 -8.30
CA LYS U 109 68.78 45.02 -9.51
C LYS U 109 69.60 45.42 -10.74
N THR U 110 69.51 44.68 -11.85
CA THR U 110 69.92 45.26 -13.14
C THR U 110 68.88 46.28 -13.57
N VAL U 111 69.33 47.38 -14.19
CA VAL U 111 68.48 48.49 -14.61
C VAL U 111 68.38 48.49 -16.12
N GLN U 112 67.17 48.61 -16.62
CA GLN U 112 66.79 48.27 -18.00
C GLN U 112 66.09 49.43 -18.66
N ILE U 113 66.09 49.50 -20.00
CA ILE U 113 65.34 50.58 -20.66
C ILE U 113 63.85 50.42 -20.39
N VAL U 114 63.33 49.19 -20.35
CA VAL U 114 62.00 48.88 -19.85
C VAL U 114 62.12 47.86 -18.72
N PRO U 115 61.54 48.07 -17.52
CA PRO U 115 60.69 49.18 -17.14
C PRO U 115 61.39 50.37 -16.50
N HIS U 116 62.66 50.30 -16.10
CA HIS U 116 63.24 51.35 -15.25
C HIS U 116 63.34 52.71 -15.91
N LEU U 117 63.91 52.82 -17.11
CA LEU U 117 63.98 54.12 -17.78
C LEU U 117 62.61 54.62 -18.24
N THR U 118 61.71 53.76 -18.70
CA THR U 118 60.36 54.22 -19.04
C THR U 118 59.54 54.62 -17.83
N ASN U 119 59.81 54.07 -16.65
CA ASN U 119 59.30 54.61 -15.39
C ASN U 119 59.90 55.97 -15.09
N ALA U 120 61.21 56.16 -15.27
CA ALA U 120 61.85 57.46 -15.03
C ALA U 120 61.20 58.58 -15.85
N ILE U 121 60.94 58.36 -17.13
CA ILE U 121 60.28 59.34 -17.99
C ILE U 121 58.87 59.66 -17.48
N GLN U 122 58.06 58.67 -17.13
CA GLN U 122 56.73 58.93 -16.55
C GLN U 122 56.82 59.69 -15.22
N ASP U 123 57.75 59.30 -14.36
CA ASP U 123 57.96 59.95 -13.08
C ASP U 123 58.47 61.39 -13.24
N TRP U 124 59.20 61.71 -14.32
CA TRP U 124 59.59 63.08 -14.67
C TRP U 124 58.42 63.90 -15.19
N ILE U 125 57.63 63.39 -16.12
CA ILE U 125 56.46 64.12 -16.65
C ILE U 125 55.48 64.44 -15.52
N GLU U 126 55.09 63.49 -14.69
CA GLU U 126 54.16 63.77 -13.60
C GLU U 126 54.81 64.60 -12.48
N ARG U 127 56.14 64.58 -12.31
CA ARG U 127 56.83 65.48 -11.38
C ARG U 127 56.69 66.89 -11.86
N VAL U 128 57.13 67.17 -13.09
CA VAL U 128 57.18 68.52 -13.65
C VAL U 128 55.80 69.12 -13.82
N ALA U 129 54.79 68.33 -14.17
CA ALA U 129 53.42 68.79 -14.31
C ALA U 129 52.76 69.30 -13.01
N LYS U 130 53.37 69.06 -11.84
CA LYS U 130 52.95 69.68 -10.57
C LYS U 130 53.38 71.15 -10.41
N ILE U 131 54.49 71.55 -11.04
CA ILE U 131 55.14 72.85 -10.79
C ILE U 131 54.20 74.00 -11.20
N PRO U 132 53.96 75.01 -10.34
CA PRO U 132 53.03 76.09 -10.61
C PRO U 132 53.63 77.19 -11.49
N VAL U 133 53.64 76.99 -12.80
CA VAL U 133 54.27 77.92 -13.77
C VAL U 133 53.45 79.18 -14.07
N ASP U 134 52.22 79.25 -13.55
CA ASP U 134 51.15 80.16 -13.94
C ASP U 134 51.02 81.38 -13.00
N ASP U 135 50.12 82.32 -13.31
CA ASP U 135 49.95 83.60 -12.60
C ASP U 135 49.39 83.49 -11.16
N THR U 136 49.18 82.29 -10.64
CA THR U 136 48.98 82.04 -9.21
C THR U 136 49.54 80.67 -8.88
N GLY U 137 49.99 80.48 -7.64
CA GLY U 137 50.80 79.34 -7.21
C GLY U 137 50.12 77.95 -7.19
N MET U 138 48.92 77.77 -7.72
CA MET U 138 48.27 76.47 -7.80
C MET U 138 48.83 75.62 -8.94
N GLU U 139 48.91 74.31 -8.74
CA GLU U 139 49.39 73.36 -9.76
C GLU U 139 48.54 73.43 -11.05
N PRO U 140 49.13 73.28 -12.24
CA PRO U 140 48.41 73.29 -13.50
C PRO U 140 47.28 72.24 -13.61
N ASP U 141 46.30 72.53 -14.45
CA ASP U 141 45.14 71.67 -14.71
C ASP U 141 45.28 70.86 -15.99
N VAL U 142 46.01 71.36 -16.98
CA VAL U 142 46.40 70.64 -18.19
C VAL U 142 47.88 70.80 -18.44
N CYS U 143 48.58 69.75 -18.86
CA CYS U 143 49.94 69.82 -19.37
C CYS U 143 49.99 69.44 -20.85
N ILE U 144 50.56 70.28 -21.70
CA ILE U 144 50.80 69.97 -23.11
C ILE U 144 52.17 69.33 -23.24
N ILE U 145 52.27 68.08 -23.67
CA ILE U 145 53.53 67.38 -23.83
C ILE U 145 53.88 67.30 -25.30
N GLU U 146 54.91 67.97 -25.77
CA GLU U 146 55.33 67.85 -27.17
C GLU U 146 56.47 66.87 -27.29
N LEU U 147 56.24 65.80 -28.03
CA LEU U 147 57.23 64.78 -28.33
C LEU U 147 57.96 65.15 -29.62
N GLY U 148 59.22 65.58 -29.52
CA GLY U 148 60.06 65.86 -30.68
C GLY U 148 60.48 64.62 -31.45
N GLY U 149 61.19 64.83 -32.55
CA GLY U 149 61.53 63.79 -33.52
C GLY U 149 60.31 63.28 -34.27
N THR U 150 60.36 62.05 -34.78
CA THR U 150 59.20 61.36 -35.35
C THR U 150 59.00 59.99 -34.72
N VAL U 151 57.76 59.57 -34.54
CA VAL U 151 57.46 58.22 -34.06
C VAL U 151 58.02 57.19 -35.05
N GLY U 152 58.77 56.20 -34.57
CA GLY U 152 59.52 55.26 -35.41
C GLY U 152 60.99 55.60 -35.64
N ASP U 153 61.46 56.67 -34.99
CA ASP U 153 62.90 57.00 -34.96
C ASP U 153 63.52 56.06 -33.92
N ILE U 154 64.79 55.66 -34.03
CA ILE U 154 65.49 54.82 -33.00
C ILE U 154 65.88 55.75 -31.86
N GLU U 155 65.66 57.06 -31.99
CA GLU U 155 66.02 58.10 -31.00
C GLU U 155 64.80 58.43 -30.14
N SER U 156 63.59 58.21 -30.65
CA SER U 156 62.32 58.57 -29.98
C SER U 156 61.64 57.32 -29.42
N ALA U 157 62.23 56.13 -29.55
CA ALA U 157 61.59 54.86 -29.13
C ALA U 157 61.41 54.81 -27.60
N PRO U 158 62.34 55.25 -26.74
CA PRO U 158 62.12 55.25 -25.29
C PRO U 158 60.94 56.08 -24.83
N PHE U 159 60.66 57.20 -25.48
CA PHE U 159 59.58 58.10 -25.11
C PHE U 159 58.19 57.63 -25.52
N VAL U 160 58.03 57.01 -26.69
CA VAL U 160 56.74 56.40 -27.05
C VAL U 160 56.41 55.17 -26.20
N GLU U 161 57.40 54.43 -25.71
CA GLU U 161 57.17 53.45 -24.66
C GLU U 161 56.69 54.13 -23.37
N ALA U 162 57.41 55.14 -22.90
CA ALA U 162 57.06 55.78 -21.64
C ALA U 162 55.68 56.42 -21.69
N LEU U 163 55.35 57.11 -22.79
CA LEU U 163 54.03 57.69 -23.01
C LEU U 163 52.96 56.60 -23.11
N ARG U 164 53.19 55.44 -23.76
CA ARG U 164 52.17 54.36 -23.80
C ARG U 164 51.82 53.92 -22.38
N GLN U 165 52.82 53.60 -21.57
CA GLN U 165 52.61 53.21 -20.18
C GLN U 165 51.92 54.34 -19.40
N PHE U 166 52.23 55.59 -19.73
CA PHE U 166 51.60 56.75 -19.15
C PHE U 166 50.10 56.86 -19.48
N GLN U 167 49.60 56.30 -20.58
CA GLN U 167 48.17 56.26 -20.86
C GLN U 167 47.39 55.41 -19.86
N PHE U 168 48.08 54.66 -18.99
CA PHE U 168 47.50 53.79 -17.97
C PHE U 168 47.82 54.29 -16.56
N LYS U 169 49.04 54.80 -16.34
CA LYS U 169 49.44 55.42 -15.07
C LYS U 169 48.58 56.66 -14.80
N VAL U 170 48.37 57.47 -15.82
CA VAL U 170 47.26 58.42 -15.98
C VAL U 170 46.10 57.66 -16.63
N GLY U 171 44.84 57.97 -16.34
CA GLY U 171 43.72 57.31 -17.02
C GLY U 171 43.42 57.83 -18.43
N LYS U 172 42.76 57.01 -19.25
CA LYS U 172 41.93 57.53 -20.35
C LYS U 172 40.82 58.42 -19.74
N GLU U 173 40.34 59.41 -20.49
CA GLU U 173 39.60 60.56 -19.93
C GLU U 173 40.43 61.46 -19.00
N ASN U 174 41.76 61.27 -18.90
CA ASN U 174 42.69 62.27 -18.40
C ASN U 174 43.83 62.54 -19.40
N PHE U 175 44.21 61.59 -20.23
CA PHE U 175 45.22 61.73 -21.29
C PHE U 175 44.58 61.71 -22.68
N ALA U 176 45.04 62.55 -23.60
CA ALA U 176 44.67 62.53 -25.03
C ALA U 176 45.86 62.85 -25.93
N LEU U 177 45.84 62.41 -27.18
CA LEU U 177 46.95 62.62 -28.13
C LEU U 177 46.50 63.28 -29.43
N ILE U 178 47.24 64.28 -29.88
CA ILE U 178 47.14 64.92 -31.19
C ILE U 178 48.32 64.46 -32.03
N HIS U 179 48.10 63.83 -33.18
CA HIS U 179 49.17 63.37 -34.04
C HIS U 179 49.24 64.26 -35.26
N VAL U 180 50.39 64.84 -35.56
CA VAL U 180 50.54 65.81 -36.63
C VAL U 180 51.16 65.10 -37.82
N SER U 181 50.58 65.16 -39.02
CA SER U 181 50.96 64.25 -40.12
C SER U 181 50.89 64.93 -41.50
N LEU U 182 51.54 64.34 -42.51
CA LEU U 182 51.75 64.99 -43.80
C LEU U 182 50.71 64.55 -44.83
N VAL U 183 50.10 65.51 -45.51
CA VAL U 183 49.32 65.24 -46.73
C VAL U 183 50.07 65.91 -47.88
N PRO U 184 51.04 65.24 -48.55
CA PRO U 184 51.72 65.85 -49.66
C PRO U 184 50.76 66.02 -50.83
N VAL U 185 50.90 67.11 -51.56
CA VAL U 185 50.18 67.36 -52.80
C VAL U 185 51.16 67.20 -53.94
N ILE U 186 50.93 66.21 -54.81
CA ILE U 186 51.67 66.06 -56.07
C ILE U 186 50.71 65.80 -57.21
N HIS U 187 51.04 66.26 -58.42
CA HIS U 187 50.12 66.27 -59.56
C HIS U 187 48.77 66.93 -59.22
N GLY U 188 48.79 67.91 -58.32
CA GLY U 188 47.60 68.59 -57.81
C GLY U 188 46.63 67.73 -56.98
N GLU U 189 47.03 66.55 -56.49
CA GLU U 189 46.20 65.68 -55.63
C GLU U 189 46.79 65.50 -54.22
N GLN U 190 45.97 65.68 -53.19
CA GLN U 190 46.27 65.39 -51.78
C GLN U 190 46.38 63.88 -51.51
N LYS U 191 47.57 63.34 -51.28
CA LYS U 191 47.78 61.91 -51.03
C LYS U 191 47.70 61.61 -49.53
N THR U 192 46.89 60.63 -49.13
CA THR U 192 46.72 60.28 -47.71
C THR U 192 47.74 59.29 -47.18
N LYS U 193 48.44 58.54 -48.03
CA LYS U 193 49.22 57.38 -47.62
C LYS U 193 50.34 57.64 -46.60
N PRO U 194 51.07 58.76 -46.57
CA PRO U 194 52.04 58.98 -45.51
C PRO U 194 51.38 59.06 -44.13
N THR U 195 50.16 59.58 -44.03
CA THR U 195 49.38 59.52 -42.78
C THR U 195 48.95 58.10 -42.43
N GLN U 196 48.57 57.25 -43.39
CA GLN U 196 48.27 55.84 -43.12
C GLN U 196 49.50 55.09 -42.60
N ALA U 197 50.65 55.16 -43.27
CA ALA U 197 51.88 54.52 -42.84
C ALA U 197 52.43 55.03 -41.49
N ALA U 198 52.31 56.33 -41.19
CA ALA U 198 52.71 56.89 -39.89
C ALA U 198 51.71 56.59 -38.78
N ILE U 199 50.44 56.37 -39.07
CA ILE U 199 49.45 55.92 -38.07
C ILE U 199 49.59 54.43 -37.81
N LYS U 200 49.89 53.62 -38.84
CA LYS U 200 50.35 52.24 -38.66
C LYS U 200 51.57 52.19 -37.73
N GLY U 201 52.57 53.01 -37.95
CA GLY U 201 53.70 53.17 -37.02
C GLY U 201 53.25 53.55 -35.61
N LEU U 202 52.37 54.55 -35.45
CA LEU U 202 51.89 54.99 -34.15
C LEU U 202 51.20 53.86 -33.38
N ARG U 203 50.22 53.17 -33.97
CA ARG U 203 49.52 52.10 -33.27
C ARG U 203 50.44 50.92 -32.96
N SER U 204 51.48 50.67 -33.73
CA SER U 204 52.47 49.63 -33.44
C SER U 204 53.09 49.84 -32.07
N LEU U 205 53.50 51.07 -31.74
CA LEU U 205 54.08 51.44 -30.45
C LEU U 205 53.03 51.67 -29.35
N GLY U 206 51.76 51.80 -29.72
CA GLY U 206 50.60 51.55 -28.86
C GLY U 206 49.80 52.77 -28.44
N LEU U 207 50.28 53.95 -28.79
CA LEU U 207 49.53 55.20 -28.67
C LEU U 207 48.39 55.19 -29.69
N VAL U 208 47.24 55.78 -29.36
CA VAL U 208 46.12 55.98 -30.29
C VAL U 208 45.75 57.46 -30.36
N PRO U 209 45.62 58.06 -31.56
CA PRO U 209 45.39 59.47 -31.69
C PRO U 209 43.93 59.79 -31.50
N ASP U 210 43.64 60.76 -30.65
CA ASP U 210 42.30 61.31 -30.46
C ASP U 210 41.99 62.40 -31.47
N MET U 211 43.04 62.98 -32.07
CA MET U 211 42.98 63.85 -33.22
C MET U 211 44.12 63.56 -34.18
N ILE U 212 43.90 63.84 -35.45
CA ILE U 212 44.98 63.98 -36.42
C ILE U 212 44.99 65.43 -36.87
N ALA U 213 46.16 66.02 -37.08
CA ALA U 213 46.29 67.36 -37.59
C ALA U 213 47.23 67.41 -38.79
N CYS U 214 46.79 67.92 -39.93
CA CYS U 214 47.59 67.78 -41.15
C CYS U 214 48.40 69.02 -41.52
N ARG U 215 49.70 68.84 -41.76
CA ARG U 215 50.48 69.73 -42.62
C ARG U 215 50.05 69.46 -44.05
N CYS U 216 49.52 70.46 -44.71
CA CYS U 216 49.15 70.36 -46.11
C CYS U 216 49.36 71.72 -46.80
N SER U 217 49.70 71.70 -48.08
CA SER U 217 49.82 72.91 -48.89
C SER U 217 48.47 73.59 -49.16
N GLU U 218 47.35 72.95 -48.84
CA GLU U 218 46.00 73.34 -49.23
C GLU U 218 45.00 73.26 -48.07
N THR U 219 43.78 73.75 -48.25
CA THR U 219 42.67 73.25 -47.43
C THR U 219 42.44 71.77 -47.78
N LEU U 220 42.41 70.87 -46.80
CA LEU U 220 42.08 69.47 -47.05
C LEU U 220 40.75 69.35 -47.77
N ASP U 221 40.70 68.59 -48.85
CA ASP U 221 39.44 68.25 -49.50
C ASP U 221 38.57 67.41 -48.55
N LYS U 222 37.25 67.58 -48.66
CA LYS U 222 36.25 66.75 -47.98
C LYS U 222 36.54 65.25 -48.11
N PRO U 223 36.85 64.68 -49.29
CA PRO U 223 37.30 63.29 -49.41
C PRO U 223 38.63 62.97 -48.71
N THR U 224 39.58 63.90 -48.60
CA THR U 224 40.85 63.62 -47.89
C THR U 224 40.61 63.43 -46.41
N ILE U 225 39.77 64.25 -45.79
CA ILE U 225 39.34 64.06 -44.41
C ILE U 225 38.65 62.71 -44.23
N ASP U 226 37.75 62.34 -45.14
CA ASP U 226 37.07 61.04 -45.07
C ASP U 226 38.05 59.86 -45.24
N LYS U 227 39.01 59.93 -46.15
CA LYS U 227 39.98 58.86 -46.38
C LYS U 227 41.08 58.78 -45.32
N ILE U 228 41.35 59.83 -44.54
CA ILE U 228 42.11 59.72 -43.29
C ILE U 228 41.24 59.11 -42.18
N ALA U 229 40.03 59.60 -41.93
CA ALA U 229 39.18 59.07 -40.87
C ALA U 229 38.71 57.62 -41.09
N MET U 230 38.63 57.15 -42.34
CA MET U 230 38.38 55.73 -42.67
C MET U 230 39.58 54.83 -42.35
N PHE U 231 40.73 55.39 -41.99
CA PHE U 231 41.99 54.69 -41.75
C PHE U 231 42.59 54.92 -40.36
N CYS U 232 41.92 55.70 -39.52
CA CYS U 232 42.32 56.05 -38.16
C CYS U 232 41.11 56.09 -37.24
N HIS U 233 41.32 55.99 -35.94
CA HIS U 233 40.20 55.86 -34.99
C HIS U 233 39.59 57.20 -34.53
N VAL U 234 39.47 58.14 -35.46
CA VAL U 234 38.98 59.52 -35.24
C VAL U 234 37.72 59.77 -36.06
N GLY U 235 36.77 60.58 -35.58
CA GLY U 235 35.68 61.04 -36.43
C GLY U 235 36.21 62.01 -37.50
N PRO U 236 35.47 62.27 -38.59
CA PRO U 236 35.93 63.20 -39.62
C PRO U 236 36.08 64.64 -39.13
N GLU U 237 35.41 65.01 -38.02
CA GLU U 237 35.50 66.31 -37.36
C GLU U 237 36.77 66.49 -36.48
N GLN U 238 37.56 65.44 -36.25
CA GLN U 238 38.86 65.49 -35.57
C GLN U 238 40.06 65.28 -36.50
N VAL U 239 39.89 65.43 -37.81
CA VAL U 239 41.01 65.64 -38.72
C VAL U 239 41.19 67.15 -38.90
N VAL U 240 41.94 67.76 -37.98
CA VAL U 240 42.27 69.18 -37.94
C VAL U 240 43.23 69.54 -39.07
N ASN U 241 43.26 70.80 -39.49
CA ASN U 241 44.11 71.24 -40.59
C ASN U 241 44.67 72.65 -40.36
N VAL U 242 45.98 72.74 -40.08
CA VAL U 242 46.70 74.02 -39.93
C VAL U 242 47.15 74.51 -41.30
N HIS U 243 46.23 75.07 -42.09
CA HIS U 243 46.52 75.60 -43.43
C HIS U 243 47.17 77.00 -43.37
N ASP U 244 47.56 77.52 -44.53
CA ASP U 244 48.05 78.91 -44.65
C ASP U 244 47.06 79.92 -44.04
N VAL U 245 47.57 80.81 -43.20
CA VAL U 245 46.82 81.86 -42.49
C VAL U 245 47.59 83.17 -42.51
N ASN U 246 46.93 84.29 -42.24
CA ASN U 246 47.54 85.62 -42.40
C ASN U 246 48.79 85.79 -41.53
N SER U 247 48.82 85.22 -40.33
CA SER U 247 50.01 85.14 -39.50
C SER U 247 49.88 84.06 -38.44
N THR U 248 50.99 83.63 -37.86
CA THR U 248 51.06 82.53 -36.89
C THR U 248 50.19 82.75 -35.65
N TYR U 249 49.93 84.00 -35.27
CA TYR U 249 49.07 84.32 -34.14
C TYR U 249 47.59 84.03 -34.41
N HIS U 250 47.19 83.77 -35.65
CA HIS U 250 45.84 83.33 -35.97
C HIS U 250 45.59 81.84 -35.70
N VAL U 251 46.62 81.00 -35.61
CA VAL U 251 46.43 79.56 -35.49
C VAL U 251 45.51 79.15 -34.33
N PRO U 252 45.57 79.69 -33.10
CA PRO U 252 44.61 79.28 -32.09
C PRO U 252 43.17 79.64 -32.44
N LEU U 253 42.91 80.73 -33.16
CA LEU U 253 41.56 80.97 -33.67
C LEU U 253 41.20 79.97 -34.78
N LEU U 254 42.11 79.59 -35.68
CA LEU U 254 41.87 78.55 -36.66
C LEU U 254 41.50 77.21 -36.01
N LEU U 255 42.25 76.77 -35.00
CA LEU U 255 41.96 75.53 -34.27
C LEU U 255 40.59 75.63 -33.56
N LEU U 256 40.29 76.74 -32.90
CA LEU U 256 39.00 76.94 -32.25
C LEU U 256 37.83 76.96 -33.24
N GLU U 257 37.99 77.53 -34.43
CA GLU U 257 36.95 77.55 -35.46
C GLU U 257 36.78 76.19 -36.14
N GLN U 258 37.83 75.36 -36.22
CA GLN U 258 37.75 73.94 -36.58
C GLN U 258 37.19 73.07 -35.43
N LYS U 259 36.57 73.66 -34.41
CA LYS U 259 35.95 72.97 -33.27
C LYS U 259 36.92 72.05 -32.52
N MET U 260 38.20 72.38 -32.53
CA MET U 260 39.22 71.54 -31.91
C MET U 260 39.01 71.43 -30.40
N ILE U 261 38.74 72.54 -29.71
CA ILE U 261 38.49 72.54 -28.26
C ILE U 261 37.11 72.00 -27.89
N ASP U 262 36.09 72.17 -28.71
CA ASP U 262 34.77 71.63 -28.43
C ASP U 262 34.78 70.09 -28.36
N TYR U 263 35.76 69.44 -28.97
CA TYR U 263 36.08 68.04 -28.71
C TYR U 263 36.91 67.87 -27.45
N LEU U 264 38.06 68.54 -27.27
CA LEU U 264 38.92 68.33 -26.08
C LEU U 264 38.18 68.58 -24.77
N HIS U 265 37.26 69.53 -24.72
CA HIS U 265 36.35 69.73 -23.59
C HIS U 265 35.64 68.44 -23.17
N ALA U 266 35.09 67.69 -24.12
CA ALA U 266 34.41 66.41 -23.87
C ALA U 266 35.41 65.26 -23.68
N ARG U 267 36.44 65.17 -24.52
CA ARG U 267 37.42 64.07 -24.55
C ARG U 267 38.30 64.03 -23.30
N LEU U 268 38.57 65.17 -22.68
CA LEU U 268 39.24 65.29 -21.39
C LEU U 268 38.27 65.63 -20.25
N LYS U 269 36.96 65.61 -20.51
CA LYS U 269 35.87 65.85 -19.56
C LYS U 269 36.12 67.04 -18.62
N LEU U 270 36.48 68.19 -19.20
CA LEU U 270 36.99 69.37 -18.47
C LEU U 270 35.97 70.10 -17.59
N ASP U 271 34.69 69.74 -17.64
CA ASP U 271 33.75 70.11 -16.57
C ASP U 271 34.20 69.63 -15.19
N GLU U 272 35.06 68.62 -15.10
CA GLU U 272 35.58 68.10 -13.82
C GLU U 272 36.65 68.99 -13.17
N ILE U 273 37.16 70.04 -13.82
CA ILE U 273 38.02 71.04 -13.15
C ILE U 273 37.13 72.08 -12.45
N THR U 274 37.20 77.94 -10.50
CA THR U 274 36.82 79.11 -9.70
C THR U 274 36.49 80.32 -10.59
N GLU U 275 35.71 81.28 -10.09
CA GLU U 275 35.31 82.47 -10.85
C GLU U 275 36.51 83.25 -11.44
N GLU U 276 37.63 83.32 -10.73
CA GLU U 276 38.86 83.93 -11.23
C GLU U 276 39.33 83.27 -12.53
N GLU U 277 39.32 81.93 -12.63
CA GLU U 277 39.69 81.21 -13.84
C GLU U 277 38.71 81.47 -14.98
N LYS U 278 37.41 81.43 -14.69
CA LYS U 278 36.36 81.67 -15.69
C LYS U 278 36.49 83.08 -16.28
N GLN U 279 36.72 84.08 -15.44
CA GLN U 279 36.98 85.46 -15.87
C GLN U 279 38.28 85.55 -16.69
N ARG U 280 39.40 85.05 -16.19
CA ARG U 280 40.68 85.08 -16.90
C ARG U 280 40.63 84.34 -18.25
N GLY U 281 39.74 83.37 -18.40
CA GLY U 281 39.44 82.75 -19.69
C GLY U 281 38.80 83.73 -20.67
N LEU U 282 37.72 84.40 -20.27
CA LEU U 282 37.04 85.38 -21.13
C LEU U 282 37.96 86.56 -21.47
N GLU U 283 38.73 87.05 -20.50
CA GLU U 283 39.72 88.10 -20.74
C GLU U 283 40.78 87.66 -21.74
N LEU U 284 41.28 86.41 -21.71
CA LEU U 284 42.26 85.94 -22.68
C LEU U 284 41.67 85.92 -24.08
N LEU U 285 40.41 85.50 -24.25
CA LEU U 285 39.74 85.62 -25.54
C LEU U 285 39.60 87.07 -25.99
N SER U 286 39.21 87.99 -25.11
CA SER U 286 39.08 89.41 -25.49
C SER U 286 40.40 89.99 -25.95
N LYS U 287 41.49 89.68 -25.25
CA LYS U 287 42.85 90.10 -25.62
C LYS U 287 43.33 89.43 -26.90
N TRP U 288 42.90 88.22 -27.19
CA TRP U 288 43.17 87.60 -28.48
C TRP U 288 42.43 88.31 -29.60
N LYS U 289 41.14 88.62 -29.42
CA LYS U 289 40.37 89.40 -30.39
C LYS U 289 41.00 90.77 -30.63
N ALA U 290 41.54 91.42 -29.60
CA ALA U 290 42.29 92.67 -29.73
C ALA U 290 43.57 92.54 -30.59
N THR U 291 44.51 91.64 -30.27
CA THR U 291 45.72 91.47 -31.10
C THR U 291 45.39 91.01 -32.51
N THR U 292 44.35 90.21 -32.68
CA THR U 292 43.86 89.83 -34.01
C THR U 292 43.31 91.04 -34.76
N GLY U 293 42.48 91.86 -34.12
CA GLY U 293 41.93 93.09 -34.70
C GLY U 293 43.06 94.04 -35.12
N ASN U 294 44.06 94.23 -34.26
CA ASN U 294 45.26 94.99 -34.58
C ASN U 294 46.07 94.48 -35.79
N PHE U 295 45.84 93.27 -36.28
CA PHE U 295 46.44 92.79 -37.52
C PHE U 295 45.57 93.17 -38.72
N ASP U 296 44.27 92.93 -38.66
CA ASP U 296 43.33 93.36 -39.72
C ASP U 296 43.31 94.89 -39.89
N GLU U 297 43.22 95.63 -38.78
CA GLU U 297 43.22 97.09 -38.69
C GLU U 297 44.62 97.69 -38.84
N GLU U 298 49.39 100.25 -42.24
CA GLU U 298 50.66 100.89 -42.63
C GLU U 298 51.90 100.13 -42.12
N THR U 299 52.97 100.08 -42.92
CA THR U 299 54.22 99.38 -42.59
C THR U 299 55.20 100.19 -41.72
N VAL U 300 55.92 99.52 -40.84
CA VAL U 300 57.15 100.00 -40.17
C VAL U 300 58.32 99.16 -40.66
N LYS U 301 59.38 99.79 -41.19
CA LYS U 301 60.56 99.08 -41.72
C LYS U 301 61.67 99.15 -40.67
N ILE U 302 62.24 98.05 -40.20
CA ILE U 302 63.31 98.03 -39.19
C ILE U 302 64.53 97.30 -39.73
N ALA U 303 65.72 97.89 -39.71
CA ALA U 303 66.93 97.16 -40.06
C ALA U 303 67.44 96.46 -38.81
N LEU U 304 67.53 95.14 -38.85
CA LEU U 304 68.18 94.35 -37.81
C LEU U 304 69.58 94.02 -38.31
N VAL U 305 70.60 94.54 -37.63
CA VAL U 305 71.98 94.55 -38.09
C VAL U 305 72.82 93.69 -37.17
N GLY U 306 73.38 92.60 -37.66
CA GLY U 306 74.20 91.72 -36.81
C GLY U 306 75.04 90.75 -37.59
N LYS U 307 75.76 89.89 -36.89
CA LYS U 307 76.51 88.77 -37.48
C LYS U 307 75.54 87.75 -38.09
N TYR U 308 75.90 87.21 -39.25
CA TYR U 308 75.31 86.00 -39.85
C TYR U 308 73.76 85.96 -39.82
N THR U 309 73.13 87.09 -40.13
CA THR U 309 71.66 87.22 -40.24
C THR U 309 71.00 86.27 -41.25
N ASN U 310 71.78 85.62 -42.11
CA ASN U 310 71.35 84.52 -42.96
C ASN U 310 70.74 83.36 -42.13
N LEU U 311 71.27 83.12 -40.92
CA LEU U 311 70.86 82.08 -39.99
C LEU U 311 69.69 82.58 -39.13
N LYS U 312 68.54 82.77 -39.75
CA LYS U 312 67.41 83.55 -39.20
C LYS U 312 66.81 82.99 -37.89
N ASP U 313 66.89 81.69 -37.64
CA ASP U 313 66.52 81.12 -36.32
C ASP U 313 67.44 81.61 -35.18
N SER U 314 68.65 82.03 -35.47
CA SER U 314 69.59 82.52 -34.47
C SER U 314 69.15 83.84 -33.83
N TYR U 315 68.16 84.53 -34.43
CA TYR U 315 67.54 85.75 -33.90
C TYR U 315 66.05 85.56 -33.59
N LEU U 316 65.56 84.33 -33.44
CA LEU U 316 64.12 84.06 -33.35
C LEU U 316 63.41 84.89 -32.28
N SER U 317 63.94 85.02 -31.06
CA SER U 317 63.25 85.74 -30.00
C SER U 317 63.09 87.21 -30.34
N VAL U 318 64.12 87.80 -30.94
CA VAL U 318 64.11 89.20 -31.39
C VAL U 318 62.99 89.42 -32.38
N ILE U 319 62.81 88.54 -33.37
CA ILE U 319 61.72 88.65 -34.34
C ILE U 319 60.38 88.62 -33.62
N LYS U 320 60.14 87.66 -32.75
CA LYS U 320 58.87 87.54 -32.03
C LYS U 320 58.61 88.75 -31.13
N ALA U 321 59.62 89.33 -30.49
CA ALA U 321 59.46 90.54 -29.69
C ALA U 321 59.05 91.76 -30.53
N LEU U 322 59.54 91.87 -31.76
CA LEU U 322 59.11 92.89 -32.71
C LEU U 322 57.69 92.64 -33.22
N GLU U 323 57.29 91.38 -33.43
CA GLU U 323 55.92 91.04 -33.84
C GLU U 323 54.91 91.39 -32.75
N HIS U 324 55.16 91.05 -31.47
CA HIS U 324 54.21 91.30 -30.40
C HIS U 324 53.95 92.79 -30.23
N SER U 325 55.00 93.59 -30.31
CA SER U 325 54.92 95.04 -30.24
C SER U 325 54.25 95.65 -31.46
N SER U 326 54.54 95.16 -32.66
CA SER U 326 53.93 95.69 -33.89
C SER U 326 52.40 95.54 -33.93
N MET U 327 51.85 94.50 -33.33
CA MET U 327 50.41 94.36 -33.18
C MET U 327 49.82 95.34 -32.16
N LYS U 328 50.60 95.85 -31.21
CA LYS U 328 50.10 96.91 -30.33
C LYS U 328 50.00 98.22 -31.11
N CYS U 329 51.02 98.55 -31.92
CA CYS U 329 51.05 99.73 -32.79
C CYS U 329 50.13 99.66 -34.04
N ARG U 330 49.38 98.57 -34.23
CA ARG U 330 48.54 98.31 -35.41
C ARG U 330 49.28 98.37 -36.75
N ARG U 331 50.61 98.24 -36.77
CA ARG U 331 51.43 98.47 -37.97
C ARG U 331 52.14 97.21 -38.40
N LYS U 332 52.25 97.02 -39.71
CA LYS U 332 52.83 95.83 -40.34
C LYS U 332 54.34 95.87 -40.21
N LEU U 333 54.95 94.79 -39.73
CA LEU U 333 56.39 94.73 -39.50
C LEU U 333 57.13 94.25 -40.74
N ASP U 334 58.18 94.96 -41.11
CA ASP U 334 59.06 94.58 -42.22
C ASP U 334 60.52 94.62 -41.78
N ILE U 335 61.04 93.52 -41.25
CA ILE U 335 62.45 93.42 -40.84
C ILE U 335 63.32 93.34 -42.08
N LYS U 336 64.25 94.28 -42.26
CA LYS U 336 65.35 94.15 -43.21
C LYS U 336 66.50 93.45 -42.50
N TRP U 337 66.96 92.34 -43.05
CA TRP U 337 68.11 91.59 -42.53
C TRP U 337 69.40 92.10 -43.14
N VAL U 338 70.27 92.67 -42.31
CA VAL U 338 71.57 93.20 -42.72
C VAL U 338 72.69 92.38 -42.11
N GLU U 339 73.59 91.83 -42.91
CA GLU U 339 74.85 91.33 -42.37
C GLU U 339 75.71 92.51 -41.98
N ALA U 340 76.07 92.63 -40.71
CA ALA U 340 76.83 93.75 -40.19
C ALA U 340 78.16 93.94 -40.93
N THR U 341 78.86 92.86 -41.27
CA THR U 341 80.14 92.98 -41.97
C THR U 341 80.03 93.56 -43.37
N ASP U 342 78.86 93.48 -44.03
CA ASP U 342 78.68 94.09 -45.35
C ASP U 342 78.58 95.61 -45.30
N LEU U 343 78.43 96.22 -44.13
CA LEU U 343 78.46 97.68 -43.98
C LEU U 343 79.88 98.23 -43.99
N GLU U 344 80.90 97.40 -43.78
CA GLU U 344 82.26 97.87 -43.54
C GLU U 344 82.89 98.58 -44.76
N PRO U 345 83.73 99.61 -44.56
CA PRO U 345 84.49 100.24 -45.65
C PRO U 345 85.39 99.29 -46.44
N GLU U 346 85.81 98.17 -45.85
CA GLU U 346 86.56 97.10 -46.53
C GLU U 346 85.68 96.27 -47.47
N ALA U 347 84.40 96.07 -47.13
CA ALA U 347 83.50 95.29 -47.95
C ALA U 347 83.28 95.93 -49.33
N GLN U 348 83.43 97.25 -49.44
CA GLN U 348 83.24 98.00 -50.68
C GLN U 348 84.18 97.56 -51.82
N GLU U 349 85.43 97.20 -51.53
CA GLU U 349 86.32 96.62 -52.56
C GLU U 349 86.19 95.09 -52.65
N SER U 350 85.86 94.41 -51.54
CA SER U 350 85.83 92.96 -51.48
C SER U 350 84.60 92.36 -52.18
N ASN U 351 83.40 92.92 -51.92
CA ASN U 351 82.11 92.37 -52.34
C ASN U 351 81.08 93.49 -52.54
N LYS U 352 81.39 94.43 -53.45
CA LYS U 352 80.70 95.72 -53.58
C LYS U 352 79.18 95.60 -53.66
N THR U 353 78.65 94.63 -54.39
CA THR U 353 77.21 94.50 -54.64
C THR U 353 76.42 94.33 -53.35
N LYS U 354 76.86 93.43 -52.48
CA LYS U 354 76.19 93.17 -51.19
C LYS U 354 76.34 94.35 -50.23
N PHE U 355 77.45 95.05 -50.30
CA PHE U 355 77.67 96.29 -49.53
C PHE U 355 76.65 97.38 -49.86
N HIS U 356 76.30 97.58 -51.14
CA HIS U 356 75.21 98.50 -51.50
C HIS U 356 73.85 98.01 -51.01
N GLU U 357 73.56 96.71 -51.10
CA GLU U 357 72.29 96.19 -50.57
C GLU U 357 72.17 96.42 -49.07
N ALA U 358 73.25 96.19 -48.32
CA ALA U 358 73.28 96.43 -46.89
C ALA U 358 73.06 97.90 -46.54
N TRP U 359 73.73 98.82 -47.23
CA TRP U 359 73.56 100.24 -46.97
C TRP U 359 72.22 100.78 -47.42
N ASN U 360 71.62 100.28 -48.49
CA ASN U 360 70.25 100.66 -48.84
C ASN U 360 69.28 100.29 -47.72
N MET U 361 69.39 99.10 -47.14
CA MET U 361 68.54 98.69 -46.03
C MET U 361 68.71 99.64 -44.85
N VAL U 362 69.94 99.93 -44.43
CA VAL U 362 70.20 100.86 -43.31
C VAL U 362 69.62 102.25 -43.58
N SER U 363 69.77 102.75 -44.80
CA SER U 363 69.26 104.06 -45.23
C SER U 363 67.75 104.14 -45.36
N THR U 364 67.09 103.02 -45.67
CA THR U 364 65.64 102.95 -45.84
C THR U 364 64.92 102.90 -44.49
N ALA U 365 65.48 102.21 -43.51
CA ALA U 365 64.74 101.78 -42.34
C ALA U 365 64.23 102.93 -41.45
N ASP U 366 63.02 102.78 -40.91
CA ASP U 366 62.42 103.68 -39.94
C ASP U 366 62.97 103.50 -38.54
N GLY U 367 63.69 102.42 -38.28
CA GLY U 367 64.37 102.15 -37.03
C GLY U 367 65.58 101.24 -37.23
N ILE U 368 66.55 101.31 -36.34
CA ILE U 368 67.72 100.43 -36.36
C ILE U 368 67.73 99.59 -35.08
N LEU U 369 68.17 98.34 -35.19
CA LEU U 369 68.21 97.38 -34.12
C LEU U 369 69.49 96.59 -34.20
N ILE U 370 70.31 96.67 -33.16
CA ILE U 370 71.51 95.86 -33.02
C ILE U 370 71.19 94.78 -31.98
N PRO U 371 71.17 93.48 -32.34
CA PRO U 371 70.32 92.48 -31.67
C PRO U 371 70.99 91.67 -30.56
N GLY U 372 72.22 92.00 -30.16
CA GLY U 372 72.97 91.20 -29.19
C GLY U 372 73.64 89.99 -29.82
N GLY U 373 74.45 90.23 -30.84
CA GLY U 373 75.16 89.21 -31.59
C GLY U 373 76.14 88.36 -30.79
N PHE U 374 76.63 87.30 -31.42
CA PHE U 374 77.60 86.36 -30.86
C PHE U 374 79.00 86.59 -31.48
N GLY U 375 80.01 86.79 -30.64
CA GLY U 375 81.39 87.04 -31.06
C GLY U 375 81.65 88.42 -31.68
N VAL U 376 82.89 88.68 -32.10
CA VAL U 376 83.37 90.03 -32.45
C VAL U 376 83.14 90.46 -33.90
N ARG U 377 83.04 89.51 -34.85
CA ARG U 377 83.16 89.75 -36.31
C ARG U 377 82.39 90.95 -36.85
N GLY U 378 81.11 91.07 -36.53
CA GLY U 378 80.24 92.12 -37.07
C GLY U 378 80.48 93.53 -36.53
N THR U 379 81.32 93.68 -35.50
CA THR U 379 81.38 94.91 -34.69
C THR U 379 81.59 96.16 -35.53
N GLU U 380 82.52 96.15 -36.49
CA GLU U 380 82.89 97.37 -37.21
C GLU U 380 81.72 97.96 -38.01
N GLY U 381 80.89 97.13 -38.62
CA GLY U 381 79.68 97.62 -39.29
C GLY U 381 78.60 98.05 -38.32
N MET U 382 78.41 97.34 -37.21
CA MET U 382 77.45 97.70 -36.19
C MET U 382 77.75 99.06 -35.56
N VAL U 383 79.01 99.47 -35.48
CA VAL U 383 79.39 100.83 -35.08
C VAL U 383 78.80 101.87 -36.04
N LEU U 384 78.98 101.70 -37.34
CA LEU U 384 78.48 102.62 -38.38
C LEU U 384 76.95 102.65 -38.42
N ALA U 385 76.26 101.55 -38.15
CA ALA U 385 74.82 101.54 -37.96
C ALA U 385 74.36 102.32 -36.71
N ALA U 386 75.10 102.26 -35.61
CA ALA U 386 74.79 103.06 -34.42
C ALA U 386 75.03 104.56 -34.63
N ARG U 387 76.09 104.92 -35.36
CA ARG U 387 76.46 106.29 -35.79
C ARG U 387 75.39 106.89 -36.68
N TRP U 388 74.90 106.11 -37.63
CA TRP U 388 73.81 106.49 -38.52
C TRP U 388 72.54 106.89 -37.78
N ALA U 389 72.19 106.20 -36.70
CA ALA U 389 71.03 106.53 -35.88
C ALA U 389 71.31 107.54 -34.75
N ARG U 390 72.57 107.73 -34.32
CA ARG U 390 72.90 108.80 -33.37
C ARG U 390 72.75 110.16 -34.05
N GLU U 391 73.35 110.32 -35.22
CA GLU U 391 73.50 111.60 -35.88
C GLU U 391 72.20 112.07 -36.52
N ASN U 392 71.72 111.32 -37.51
CA ASN U 392 70.38 111.44 -38.06
C ASN U 392 69.41 110.86 -37.02
N HIS U 393 68.31 111.52 -36.66
CA HIS U 393 67.43 111.11 -35.56
C HIS U 393 66.56 109.85 -35.81
N ILE U 394 67.13 108.77 -36.32
CA ILE U 394 66.50 107.45 -36.51
C ILE U 394 66.28 106.77 -35.15
N PRO U 395 65.10 106.23 -34.82
CA PRO U 395 64.90 105.38 -33.66
C PRO U 395 65.85 104.18 -33.61
N PHE U 396 66.34 103.80 -32.43
CA PHE U 396 67.33 102.76 -32.23
C PHE U 396 67.08 101.95 -30.98
N LEU U 397 67.35 100.65 -31.02
CA LEU U 397 67.53 99.81 -29.84
C LEU U 397 68.80 98.98 -29.97
N GLY U 398 69.65 99.02 -28.96
CA GLY U 398 70.79 98.11 -28.84
C GLY U 398 70.54 97.10 -27.73
N VAL U 399 70.67 95.82 -28.04
CA VAL U 399 70.52 94.74 -27.06
C VAL U 399 71.86 94.09 -26.78
N CYS U 400 72.29 94.02 -25.53
CA CYS U 400 73.56 93.42 -25.09
C CYS U 400 74.78 93.96 -25.84
N LEU U 401 75.36 93.22 -26.80
CA LEU U 401 76.40 93.75 -27.69
C LEU U 401 75.97 95.05 -28.37
N GLY U 402 74.67 95.29 -28.55
CA GLY U 402 74.16 96.55 -29.04
C GLY U 402 74.35 97.71 -28.05
N LEU U 403 74.22 97.52 -26.74
CA LEU U 403 74.60 98.57 -25.78
C LEU U 403 76.11 98.79 -25.80
N GLN U 404 76.86 97.70 -25.86
CA GLN U 404 78.30 97.73 -25.97
C GLN U 404 78.69 98.58 -27.17
N ILE U 405 78.05 98.39 -28.32
CA ILE U 405 78.32 99.13 -29.55
C ILE U 405 77.72 100.53 -29.57
N ALA U 406 76.58 100.78 -28.93
CA ALA U 406 76.12 102.14 -28.69
C ALA U 406 77.14 102.94 -27.87
N THR U 407 77.78 102.32 -26.89
CA THR U 407 78.78 102.98 -26.05
C THR U 407 80.13 103.11 -26.76
N ILE U 408 80.61 102.09 -27.46
CA ILE U 408 81.79 102.20 -28.32
C ILE U 408 81.59 103.28 -29.35
N GLU U 409 80.43 103.40 -30.00
CA GLU U 409 80.23 104.43 -31.02
C GLU U 409 80.21 105.83 -30.39
N PHE U 410 79.41 106.05 -29.35
CA PHE U 410 79.36 107.34 -28.68
C PHE U 410 80.73 107.76 -28.15
N THR U 411 81.54 106.83 -27.64
CA THR U 411 82.95 107.06 -27.33
C THR U 411 83.74 107.46 -28.57
N ARG U 412 83.69 106.64 -29.63
CA ARG U 412 84.46 106.76 -30.88
C ARG U 412 84.11 107.99 -31.74
N SER U 413 83.02 108.69 -31.46
CA SER U 413 82.55 109.81 -32.27
C SER U 413 82.19 111.08 -31.50
N VAL U 414 81.73 110.96 -30.26
CA VAL U 414 81.37 112.13 -29.43
C VAL U 414 82.54 112.53 -28.52
N LEU U 415 83.29 111.56 -27.96
CA LEU U 415 84.49 111.84 -27.15
C LEU U 415 85.80 111.87 -27.97
N GLY U 416 85.74 111.72 -29.29
CA GLY U 416 86.92 111.40 -30.10
C GLY U 416 87.35 109.95 -29.91
N ARG U 417 88.48 109.71 -29.21
CA ARG U 417 88.94 108.39 -28.74
C ARG U 417 88.85 107.25 -29.78
N LYS U 418 89.31 107.51 -31.02
CA LYS U 418 89.11 106.64 -32.19
C LYS U 418 89.70 105.22 -32.05
N ASP U 419 90.65 105.02 -31.15
CA ASP U 419 91.25 103.71 -30.84
C ASP U 419 90.37 102.80 -29.95
N SER U 420 89.30 103.31 -29.34
CA SER U 420 88.51 102.53 -28.36
C SER U 420 87.75 101.36 -28.99
N HIS U 421 87.60 100.27 -28.24
CA HIS U 421 87.16 98.96 -28.72
C HIS U 421 86.59 98.15 -27.56
N SER U 422 85.89 97.05 -27.84
CA SER U 422 85.49 96.07 -26.82
C SER U 422 86.70 95.49 -26.06
N ALA U 423 86.49 95.08 -24.81
CA ALA U 423 87.49 94.35 -24.03
C ALA U 423 87.96 93.05 -24.70
N GLU U 424 87.22 92.55 -25.69
CA GLU U 424 87.64 91.46 -26.56
C GLU U 424 89.02 91.68 -27.22
N PHE U 425 89.36 92.92 -27.61
CA PHE U 425 90.71 93.29 -28.08
C PHE U 425 91.64 93.56 -26.90
N TYR U 426 91.85 92.50 -26.12
CA TYR U 426 92.51 92.53 -24.81
C TYR U 426 93.87 93.28 -24.77
N PRO U 427 94.84 93.04 -25.68
CA PRO U 427 96.20 93.59 -25.53
C PRO U 427 96.34 95.10 -25.82
N ASP U 428 95.28 95.80 -26.22
CA ASP U 428 95.29 97.27 -26.28
C ASP U 428 95.26 97.92 -24.88
N ILE U 429 94.71 97.23 -23.88
CA ILE U 429 94.64 97.60 -22.46
C ILE U 429 94.00 98.98 -22.20
N ASP U 430 94.71 100.08 -22.41
CA ASP U 430 94.33 101.44 -21.99
C ASP U 430 93.02 101.94 -22.62
N GLU U 431 92.69 101.47 -23.83
CA GLU U 431 91.52 101.91 -24.62
C GLU U 431 90.35 100.92 -24.65
N LYS U 432 90.38 99.87 -23.82
CA LYS U 432 89.26 98.94 -23.66
C LYS U 432 88.04 99.68 -23.11
N ASN U 433 86.93 99.64 -23.83
CA ASN U 433 85.68 100.29 -23.47
C ASN U 433 84.88 99.53 -22.38
N HIS U 434 85.29 98.31 -22.06
CA HIS U 434 84.55 97.36 -21.19
C HIS U 434 85.48 96.72 -20.14
N VAL U 435 84.88 96.05 -19.15
CA VAL U 435 85.57 95.28 -18.11
C VAL U 435 84.89 93.93 -17.92
N VAL U 436 85.69 92.89 -17.63
CA VAL U 436 85.21 91.56 -17.27
C VAL U 436 84.40 91.59 -15.98
N VAL U 437 83.30 90.83 -15.97
CA VAL U 437 82.47 90.62 -14.78
C VAL U 437 81.81 89.22 -14.83
N PHE U 438 82.57 88.19 -14.48
CA PHE U 438 82.13 86.79 -14.58
C PHE U 438 81.12 86.35 -13.50
N MET U 439 81.04 87.03 -12.34
CA MET U 439 80.28 86.63 -11.15
C MET U 439 80.44 85.14 -10.78
N MET U 440 79.73 83.99 -16.24
CA MET U 440 78.72 84.75 -16.94
C MET U 440 77.57 85.19 -16.03
N ARG U 441 77.12 86.45 -16.12
CA ARG U 441 75.89 86.92 -15.47
C ARG U 441 74.70 86.38 -16.25
N LEU U 442 73.78 85.68 -15.58
CA LEU U 442 72.66 84.94 -16.17
C LEU U 442 71.36 85.15 -15.39
N GLY U 443 70.24 84.77 -16.00
CA GLY U 443 68.93 84.67 -15.34
C GLY U 443 68.28 86.00 -14.97
N LEU U 444 67.12 85.92 -14.35
CA LEU U 444 66.33 87.07 -13.95
C LEU U 444 67.02 87.81 -12.82
N ARG U 445 67.49 89.02 -13.11
CA ARG U 445 68.03 89.96 -12.11
C ARG U 445 67.26 91.29 -12.17
N PRO U 446 67.12 92.04 -11.07
CA PRO U 446 66.46 93.34 -11.10
C PRO U 446 67.29 94.40 -11.85
N THR U 447 66.68 95.52 -12.18
CA THR U 447 67.35 96.77 -12.59
C THR U 447 66.55 97.96 -12.11
N PHE U 448 67.22 98.98 -11.58
CA PHE U 448 66.62 100.10 -10.86
C PHE U 448 66.88 101.40 -11.62
N PHE U 449 65.86 102.21 -11.83
CA PHE U 449 66.03 103.49 -12.52
C PHE U 449 66.81 104.48 -11.63
N GLN U 450 67.65 105.30 -12.23
CA GLN U 450 68.36 106.37 -11.51
C GLN U 450 67.37 107.49 -11.15
N ASN U 451 67.30 107.89 -9.89
CA ASN U 451 66.10 108.53 -9.31
C ASN U 451 65.70 109.92 -9.88
N GLU U 452 66.57 110.56 -10.66
CA GLU U 452 66.35 111.89 -11.27
C GLU U 452 65.77 111.81 -12.69
N THR U 453 65.83 110.66 -13.37
CA THR U 453 65.62 110.56 -14.84
C THR U 453 64.15 110.56 -15.28
N GLU U 454 63.36 111.49 -14.77
CA GLU U 454 61.92 111.65 -15.05
C GLU U 454 61.62 111.99 -16.51
N TRP U 455 62.61 112.51 -17.25
CA TRP U 455 62.52 112.84 -18.67
C TRP U 455 62.48 111.62 -19.60
N SER U 456 62.98 110.48 -19.13
CA SER U 456 63.27 109.29 -19.94
C SER U 456 62.06 108.75 -20.70
N GLN U 457 62.23 108.47 -21.99
CA GLN U 457 61.20 107.80 -22.79
C GLN U 457 61.02 106.35 -22.34
N ILE U 458 62.11 105.62 -22.08
CA ILE U 458 62.00 104.20 -21.70
C ILE U 458 61.38 104.02 -20.33
N LYS U 459 61.77 104.77 -19.29
CA LYS U 459 61.15 104.61 -17.97
C LYS U 459 59.69 105.09 -17.91
N LYS U 460 59.23 105.86 -18.91
CA LYS U 460 57.81 106.13 -19.11
C LYS U 460 57.09 104.89 -19.63
N LEU U 461 57.63 104.16 -20.62
CA LEU U 461 57.02 102.91 -21.12
C LEU U 461 56.83 101.85 -20.02
N TYR U 462 57.77 101.73 -19.09
CA TYR U 462 57.65 100.88 -17.90
C TYR U 462 56.62 101.36 -16.86
N GLY U 463 55.80 102.37 -17.16
CA GLY U 463 54.65 102.78 -16.33
C GLY U 463 55.03 103.56 -15.07
N ASP U 464 56.21 104.18 -15.03
CA ASP U 464 56.77 104.85 -13.85
C ASP U 464 57.02 103.93 -12.64
N VAL U 465 57.06 102.60 -12.84
CA VAL U 465 57.44 101.63 -11.80
C VAL U 465 58.91 101.83 -11.40
N SER U 466 59.25 101.63 -10.14
CA SER U 466 60.58 101.89 -9.55
C SER U 466 61.70 100.96 -10.05
N GLU U 467 61.38 99.74 -10.47
CA GLU U 467 62.34 98.75 -10.95
C GLU U 467 61.71 97.78 -11.94
N VAL U 468 62.56 97.09 -12.68
CA VAL U 468 62.22 96.08 -13.68
C VAL U 468 62.97 94.78 -13.41
N HIS U 469 62.56 93.64 -13.95
CA HIS U 469 63.29 92.38 -13.82
C HIS U 469 63.50 91.71 -15.19
N GLU U 470 64.71 91.29 -15.52
CA GLU U 470 65.10 90.95 -16.89
C GLU U 470 66.15 89.84 -17.00
N ARG U 471 66.24 89.16 -18.13
CA ARG U 471 67.24 88.10 -18.38
C ARG U 471 68.57 88.66 -18.92
N HIS U 472 69.68 88.06 -18.55
CA HIS U 472 71.03 88.48 -18.92
C HIS U 472 71.85 87.32 -19.49
N ARG U 473 72.92 87.56 -20.26
CA ARG U 473 73.85 86.54 -20.77
C ARG U 473 75.27 87.08 -21.02
N HIS U 474 75.76 88.03 -20.23
CA HIS U 474 76.96 88.83 -20.53
C HIS U 474 78.17 88.53 -19.63
N ARG U 475 79.37 88.51 -20.21
CA ARG U 475 80.67 88.45 -19.49
C ARG U 475 81.42 89.80 -19.42
N TYR U 476 80.98 90.80 -20.17
CA TYR U 476 81.55 92.15 -20.20
C TYR U 476 80.50 93.21 -19.80
N GLU U 477 80.93 94.28 -19.15
CA GLU U 477 80.14 95.48 -18.89
C GLU U 477 80.96 96.73 -19.24
N ILE U 478 80.31 97.87 -19.47
CA ILE U 478 81.01 99.14 -19.75
C ILE U 478 81.87 99.53 -18.55
N ASN U 479 83.12 99.95 -18.78
CA ASN U 479 84.09 100.21 -17.72
C ASN U 479 83.60 101.36 -16.80
N PRO U 480 83.31 101.14 -15.50
CA PRO U 480 82.74 102.16 -14.62
C PRO U 480 83.53 103.45 -14.56
N LYS U 481 84.86 103.36 -14.75
CA LYS U 481 85.78 104.51 -14.80
C LYS U 481 85.34 105.57 -15.82
N MET U 482 84.79 105.15 -16.95
CA MET U 482 84.36 106.04 -18.04
C MET U 482 82.95 106.59 -17.86
N VAL U 483 82.10 105.97 -17.05
CA VAL U 483 80.65 106.23 -17.07
C VAL U 483 80.29 107.66 -16.69
N ASP U 484 81.04 108.32 -15.82
CA ASP U 484 80.81 109.75 -15.53
C ASP U 484 81.00 110.62 -16.78
N GLU U 485 81.99 110.31 -17.62
CA GLU U 485 82.26 111.05 -18.86
C GLU U 485 81.13 110.89 -19.85
N LEU U 486 80.59 109.68 -19.99
CA LEU U 486 79.44 109.37 -20.83
C LEU U 486 78.16 110.02 -20.27
N GLU U 487 77.90 109.96 -18.97
CA GLU U 487 76.75 110.64 -18.35
C GLU U 487 76.82 112.16 -18.53
N ASN U 488 77.99 112.77 -18.34
CA ASN U 488 78.21 114.21 -18.51
C ASN U 488 78.06 114.67 -19.97
N ASN U 489 78.44 113.83 -20.94
CA ASN U 489 78.25 114.11 -22.37
C ASN U 489 76.84 113.79 -22.91
N GLY U 490 75.99 113.11 -22.14
CA GLY U 490 74.58 112.93 -22.43
C GLY U 490 74.12 111.52 -22.73
N LEU U 491 75.02 110.54 -22.77
CA LEU U 491 74.70 109.12 -22.88
C LEU U 491 74.28 108.58 -21.50
N ILE U 492 73.16 109.09 -20.96
CA ILE U 492 72.78 108.89 -19.57
C ILE U 492 72.38 107.43 -19.31
N PHE U 493 73.05 106.76 -18.36
CA PHE U 493 72.72 105.40 -17.96
C PHE U 493 71.50 105.37 -17.04
N VAL U 494 70.31 105.43 -17.61
CA VAL U 494 69.03 105.58 -16.88
C VAL U 494 68.65 104.39 -15.99
N GLY U 495 69.34 103.25 -16.08
CA GLY U 495 69.14 102.12 -15.20
C GLY U 495 70.42 101.39 -14.86
N LYS U 496 70.56 101.01 -13.59
CA LYS U 496 71.70 100.26 -13.07
C LYS U 496 71.22 99.15 -12.14
N ASP U 497 72.15 98.29 -11.74
CA ASP U 497 71.88 97.16 -10.86
C ASP U 497 71.69 97.58 -9.39
N ASP U 498 71.47 96.59 -8.53
CA ASP U 498 71.40 96.76 -7.08
C ASP U 498 72.58 97.52 -6.47
N THR U 499 73.82 97.25 -6.90
CA THR U 499 75.04 97.92 -6.38
C THR U 499 75.23 99.34 -6.95
N GLY U 500 74.67 99.63 -8.11
CA GLY U 500 74.94 100.86 -8.87
C GLY U 500 76.27 100.86 -9.62
N LYS U 501 76.99 99.75 -9.62
CA LYS U 501 78.27 99.62 -10.34
C LYS U 501 78.09 99.19 -11.80
N ARG U 502 76.97 98.53 -12.15
CA ARG U 502 76.76 97.85 -13.44
C ARG U 502 75.84 98.64 -14.37
N CYS U 503 76.23 98.78 -15.63
CA CYS U 503 75.52 99.51 -16.68
C CYS U 503 74.38 98.67 -17.31
N GLU U 504 73.13 98.83 -16.89
CA GLU U 504 72.03 97.96 -17.34
C GLU U 504 71.18 98.56 -18.47
N ILE U 505 70.98 99.88 -18.50
CA ILE U 505 70.25 100.60 -19.56
C ILE U 505 70.99 101.89 -19.89
N LEU U 506 71.02 102.33 -21.15
CA LEU U 506 71.31 103.73 -21.49
C LEU U 506 70.21 104.35 -22.33
N GLU U 507 70.03 105.66 -22.19
CA GLU U 507 69.24 106.49 -23.10
C GLU U 507 70.06 107.74 -23.42
N LEU U 508 70.20 108.08 -24.69
CA LEU U 508 70.84 109.31 -25.10
C LEU U 508 69.86 110.48 -24.89
N LYS U 509 70.23 111.43 -24.02
CA LYS U 509 69.43 112.62 -23.70
C LYS U 509 69.11 113.42 -24.95
N ASN U 510 67.84 113.83 -25.12
CA ASN U 510 67.34 114.65 -26.23
C ASN U 510 67.61 114.03 -27.62
N HIS U 511 67.20 112.78 -27.79
CA HIS U 511 67.03 112.09 -29.08
C HIS U 511 65.64 111.42 -29.11
N PRO U 512 64.91 111.35 -30.24
CA PRO U 512 63.55 110.81 -30.27
C PRO U 512 63.34 109.42 -29.69
N TYR U 513 64.29 108.50 -29.88
CA TYR U 513 64.32 107.18 -29.25
C TYR U 513 65.67 106.50 -29.51
N TYR U 514 66.62 106.60 -28.60
CA TYR U 514 67.90 105.93 -28.71
C TYR U 514 68.23 105.27 -27.39
N ILE U 515 67.89 104.00 -27.32
CA ILE U 515 67.98 103.17 -26.13
C ILE U 515 68.98 102.07 -26.37
N ALA U 516 69.67 101.65 -25.33
CA ALA U 516 70.20 100.30 -25.33
C ALA U 516 70.00 99.64 -23.96
N THR U 517 69.99 98.31 -23.93
CA THR U 517 69.87 97.47 -22.73
C THR U 517 71.00 96.47 -22.69
N GLN U 518 71.64 96.27 -21.56
CA GLN U 518 72.63 95.20 -21.42
C GLN U 518 71.97 93.82 -21.38
N TYR U 519 70.78 93.73 -20.78
CA TYR U 519 69.93 92.57 -20.82
C TYR U 519 69.34 92.32 -22.21
N HIS U 520 68.77 91.12 -22.39
CA HIS U 520 68.02 90.69 -23.56
C HIS U 520 66.50 90.76 -23.29
N PRO U 521 65.80 91.87 -23.61
CA PRO U 521 64.38 92.02 -23.32
C PRO U 521 63.44 91.13 -24.14
N GLU U 522 63.90 90.61 -25.27
CA GLU U 522 63.17 89.65 -26.09
C GLU U 522 62.92 88.32 -25.41
N TYR U 523 63.62 88.00 -24.33
CA TYR U 523 63.35 86.82 -23.52
C TYR U 523 62.25 87.03 -22.48
N THR U 524 61.57 88.18 -22.46
CA THR U 524 60.32 88.34 -21.69
C THR U 524 59.18 89.02 -22.44
N SER U 525 59.31 89.22 -23.75
CA SER U 525 58.19 89.66 -24.58
C SER U 525 57.08 88.61 -24.63
N LYS U 526 55.83 89.01 -24.41
CA LYS U 526 54.64 88.15 -24.50
C LYS U 526 53.61 88.77 -25.46
N VAL U 527 52.74 87.96 -26.05
CA VAL U 527 51.86 88.43 -27.13
C VAL U 527 50.84 89.47 -26.64
N LEU U 528 50.36 89.38 -25.40
CA LEU U 528 49.47 90.40 -24.82
C LEU U 528 50.19 91.50 -24.03
N ASP U 529 51.46 91.30 -23.65
CA ASP U 529 52.30 92.24 -22.91
C ASP U 529 53.68 92.34 -23.59
N PRO U 530 53.85 93.21 -24.59
CA PRO U 530 55.08 93.28 -25.36
C PRO U 530 56.24 93.84 -24.54
N SER U 531 57.48 93.40 -24.77
CA SER U 531 58.62 93.88 -23.97
C SER U 531 58.89 95.34 -24.28
N LYS U 532 58.91 96.19 -23.25
CA LYS U 532 58.89 97.64 -23.37
C LYS U 532 60.00 98.25 -24.24
N PRO U 533 61.27 97.84 -24.21
CA PRO U 533 62.30 98.39 -25.08
C PRO U 533 62.03 98.17 -26.56
N PHE U 534 61.41 97.04 -26.93
CA PHE U 534 60.98 96.76 -28.29
C PHE U 534 59.68 97.48 -28.66
N LEU U 535 58.76 97.68 -27.73
CA LEU U 535 57.57 98.49 -28.01
C LEU U 535 57.95 99.92 -28.35
N GLY U 536 58.87 100.52 -27.59
CA GLY U 536 59.37 101.86 -27.90
C GLY U 536 60.04 101.96 -29.26
N LEU U 537 60.86 100.98 -29.66
CA LEU U 537 61.49 100.96 -30.98
C LEU U 537 60.45 100.96 -32.11
N VAL U 538 59.43 100.11 -32.04
CA VAL U 538 58.39 100.10 -33.07
C VAL U 538 57.59 101.38 -33.02
N ALA U 539 57.12 101.80 -31.85
CA ALA U 539 56.28 102.98 -31.73
C ALA U 539 56.99 104.26 -32.19
N ALA U 540 58.27 104.44 -31.91
CA ALA U 540 59.02 105.57 -32.43
C ALA U 540 59.30 105.44 -33.92
N SER U 541 59.52 104.24 -34.45
CA SER U 541 59.63 104.01 -35.90
C SER U 541 58.33 104.38 -36.63
N ALA U 542 57.19 104.11 -36.00
CA ALA U 542 55.86 104.56 -36.43
C ALA U 542 55.59 106.06 -36.17
N GLY U 543 56.45 106.74 -35.44
CA GLY U 543 56.28 108.15 -35.09
C GLY U 543 55.12 108.42 -34.12
N ILE U 544 54.73 107.40 -33.33
CA ILE U 544 53.56 107.40 -32.46
C ILE U 544 53.88 107.20 -30.97
N LEU U 545 55.17 107.21 -30.61
CA LEU U 545 55.69 106.85 -29.28
C LEU U 545 54.96 107.57 -28.15
N GLN U 546 54.72 108.87 -28.28
CA GLN U 546 54.00 109.66 -27.28
C GLN U 546 52.64 109.04 -26.94
N ASP U 547 51.88 108.65 -27.95
CA ASP U 547 50.50 108.24 -27.82
C ASP U 547 50.38 106.81 -27.29
N VAL U 548 51.38 105.97 -27.57
CA VAL U 548 51.54 104.64 -26.95
C VAL U 548 51.82 104.78 -25.46
N ILE U 549 52.67 105.73 -25.06
CA ILE U 549 52.95 105.99 -23.64
C ILE U 549 51.70 106.56 -22.95
N GLU U 550 51.00 107.47 -23.60
CA GLU U 550 49.75 108.07 -23.09
C GLU U 550 48.56 107.10 -23.05
N GLY U 551 48.63 105.98 -23.78
CA GLY U 551 47.68 104.86 -23.65
C GLY U 551 46.66 104.70 -24.79
N LYS U 552 46.89 105.29 -25.96
CA LYS U 552 46.00 105.20 -27.15
C LYS U 552 45.95 103.81 -27.83
N TYR U 553 46.61 102.80 -27.27
CA TYR U 553 46.81 101.48 -27.88
C TYR U 553 46.75 100.29 -26.91
N ASP U 554 46.34 100.47 -25.66
CA ASP U 554 45.99 99.34 -24.77
C ASP U 554 44.76 98.58 -25.30
N LEU U 555 44.71 97.26 -25.03
CA LEU U 555 43.77 96.32 -25.68
C LEU U 555 42.30 96.45 -25.23
N GLU U 556 42.07 96.76 -23.96
CA GLU U 556 40.74 96.97 -23.38
C GLU U 556 40.71 98.30 -22.62
N ALA U 557 39.59 99.05 -22.70
CA ALA U 557 39.45 100.37 -22.09
C ALA U 557 39.65 100.35 -20.57
N MET V 1 68.50 34.93 -69.56
CA MET V 1 67.76 36.19 -69.64
C MET V 1 68.13 37.13 -68.50
N LYS V 2 67.93 38.44 -68.65
CA LYS V 2 68.08 39.47 -67.62
C LYS V 2 66.73 40.14 -67.32
N TYR V 3 66.54 40.74 -66.14
CA TYR V 3 65.29 41.37 -65.72
C TYR V 3 65.55 42.64 -64.88
N VAL V 4 64.68 43.64 -64.97
CA VAL V 4 64.77 44.88 -64.16
C VAL V 4 63.43 45.18 -63.54
N VAL V 5 63.27 45.09 -62.24
CA VAL V 5 62.07 45.58 -61.57
C VAL V 5 62.13 47.11 -61.45
N VAL V 6 61.00 47.76 -61.66
CA VAL V 6 60.74 49.14 -61.24
C VAL V 6 59.56 49.10 -60.28
N SER V 7 59.70 49.66 -59.09
CA SER V 7 58.70 49.55 -58.02
C SER V 7 58.71 50.76 -57.09
N GLY V 8 57.83 50.81 -56.10
CA GLY V 8 58.15 51.54 -54.86
C GLY V 8 57.36 52.80 -54.49
N GLY V 9 57.87 53.47 -53.45
CA GLY V 9 57.46 54.80 -52.98
C GLY V 9 56.55 54.81 -51.75
N VAL V 10 56.36 55.96 -51.12
CA VAL V 10 55.29 56.21 -50.11
C VAL V 10 53.96 56.67 -50.71
N ILE V 11 53.86 56.87 -52.02
CA ILE V 11 52.65 57.35 -52.71
C ILE V 11 52.52 56.66 -54.06
N SER V 12 51.29 56.38 -54.48
CA SER V 12 50.99 56.09 -55.88
C SER V 12 51.05 57.38 -56.70
N GLY V 13 51.47 57.32 -57.97
CA GLY V 13 51.60 58.50 -58.83
C GLY V 13 52.98 59.17 -58.82
N ILE V 14 53.99 58.52 -58.23
CA ILE V 14 55.34 59.04 -58.05
C ILE V 14 56.17 59.21 -59.31
N GLY V 15 55.93 58.43 -60.38
CA GLY V 15 56.67 58.52 -61.64
C GLY V 15 57.16 57.22 -62.29
N LYS V 16 56.69 56.05 -61.85
CA LYS V 16 57.25 54.73 -62.29
C LYS V 16 57.36 54.58 -63.81
N GLY V 17 56.26 54.55 -64.56
CA GLY V 17 56.25 54.30 -66.03
C GLY V 17 57.32 55.04 -66.82
N VAL V 18 57.59 56.33 -66.56
CA VAL V 18 58.62 57.13 -67.29
C VAL V 18 59.99 56.63 -66.87
N LEU V 19 60.16 56.14 -65.63
CA LEU V 19 61.45 55.54 -65.16
C LEU V 19 61.52 54.11 -65.71
N ALA V 20 60.39 53.51 -66.07
CA ALA V 20 60.34 52.11 -66.54
C ALA V 20 60.63 52.04 -68.04
N SER V 21 59.71 52.46 -68.90
CA SER V 21 59.90 52.34 -70.36
C SER V 21 61.12 53.19 -70.68
N SER V 22 61.25 54.38 -70.12
CA SER V 22 62.53 55.13 -70.30
C SER V 22 63.82 54.33 -70.01
N THR V 23 63.84 53.47 -68.99
CA THR V 23 65.00 52.59 -68.69
C THR V 23 65.06 51.56 -69.81
N GLY V 24 63.90 51.08 -70.30
CA GLY V 24 63.82 50.07 -71.36
C GLY V 24 64.20 50.64 -72.72
N MET V 25 64.02 51.94 -72.95
CA MET V 25 64.40 52.62 -74.23
C MET V 25 65.92 52.63 -74.28
N LEU V 26 66.58 52.75 -73.12
CA LEU V 26 68.06 52.80 -73.05
C LEU V 26 68.60 51.38 -73.12
N MET V 27 67.85 50.36 -72.68
CA MET V 27 68.35 49.01 -72.93
C MET V 27 68.48 48.76 -74.43
N LYS V 28 67.54 49.25 -75.23
CA LYS V 28 67.61 49.23 -76.69
C LYS V 28 68.75 50.03 -77.29
N THR V 29 69.23 51.09 -76.64
CA THR V 29 70.45 51.81 -77.08
C THR V 29 71.65 50.88 -77.11
N LEU V 30 71.71 49.90 -76.21
CA LEU V 30 72.78 48.90 -76.17
C LEU V 30 72.64 47.84 -77.28
N GLY V 31 71.59 47.90 -78.11
CA GLY V 31 71.25 46.93 -79.15
C GLY V 31 70.33 45.78 -78.68
N LEU V 32 70.02 45.71 -77.40
CA LEU V 32 69.30 44.59 -76.79
C LEU V 32 67.90 44.41 -77.36
N LYS V 33 67.43 43.16 -77.43
CA LYS V 33 66.01 42.85 -77.62
C LYS V 33 65.31 43.13 -76.29
N VAL V 34 64.21 43.87 -76.24
CA VAL V 34 63.62 44.33 -74.98
C VAL V 34 62.13 44.11 -74.93
N THR V 35 61.61 43.85 -73.73
CA THR V 35 60.20 43.62 -73.45
C THR V 35 59.81 44.26 -72.13
N SER V 36 58.53 44.33 -71.83
CA SER V 36 58.03 44.95 -70.61
C SER V 36 56.78 44.28 -70.10
N ILE V 37 56.61 44.14 -68.80
CA ILE V 37 55.42 43.60 -68.17
C ILE V 37 54.93 44.60 -67.13
N LYS V 38 53.66 44.99 -67.13
CA LYS V 38 53.10 45.81 -66.04
C LYS V 38 52.23 44.97 -65.15
N ILE V 39 52.63 44.88 -63.88
CA ILE V 39 51.93 44.18 -62.83
C ILE V 39 51.00 45.20 -62.18
N ASP V 40 49.70 44.99 -62.30
CA ASP V 40 48.70 45.87 -61.71
C ASP V 40 48.06 45.26 -60.47
N PRO V 41 48.03 45.97 -59.34
CA PRO V 41 47.40 45.44 -58.14
C PRO V 41 45.88 45.44 -58.16
N TYR V 42 45.21 46.10 -59.12
CA TYR V 42 43.75 46.13 -59.20
C TYR V 42 43.13 44.79 -59.61
N MET V 43 41.86 44.57 -59.26
CA MET V 43 41.18 43.29 -59.47
C MET V 43 40.39 43.15 -60.77
N ASN V 44 40.32 44.12 -61.66
CA ASN V 44 39.79 43.90 -63.01
C ASN V 44 40.69 42.95 -63.83
N ILE V 45 40.13 41.97 -64.51
CA ILE V 45 40.91 41.11 -65.42
C ILE V 45 41.38 41.85 -66.66
N ASP V 46 40.61 42.81 -67.16
CA ASP V 46 40.93 43.64 -68.32
C ASP V 46 40.17 44.97 -68.27
N ALA V 47 40.58 45.94 -69.10
CA ALA V 47 39.90 47.23 -69.18
C ALA V 47 38.58 47.19 -69.96
N GLY V 48 38.15 46.03 -70.46
CA GLY V 48 36.92 45.89 -71.24
C GLY V 48 35.66 46.22 -70.45
N THR V 49 35.68 46.03 -69.13
CA THR V 49 34.58 46.47 -68.24
C THR V 49 34.75 47.92 -67.76
N MET V 50 35.96 48.48 -67.80
CA MET V 50 36.30 49.76 -67.18
C MET V 50 35.88 50.94 -68.05
N SER V 51 34.88 51.72 -67.64
CA SER V 51 34.42 52.87 -68.40
C SER V 51 35.52 53.94 -68.51
N PRO V 52 35.71 54.61 -69.66
CA PRO V 52 36.79 55.59 -69.86
C PRO V 52 36.83 56.81 -68.93
N LEU V 53 35.86 56.96 -68.03
CA LEU V 53 35.78 58.01 -67.02
C LEU V 53 36.78 57.85 -65.86
N GLU V 54 37.06 56.62 -65.43
CA GLU V 54 38.04 56.31 -64.39
C GLU V 54 38.95 55.16 -64.83
N HIS V 55 40.24 55.27 -64.47
CA HIS V 55 41.36 54.55 -65.10
C HIS V 55 41.61 54.89 -66.58
N GLY V 56 40.81 55.75 -67.19
CA GLY V 56 41.11 56.32 -68.50
C GLY V 56 40.97 55.36 -69.68
N GLU V 57 41.66 55.67 -70.76
CA GLU V 57 41.46 55.08 -72.07
C GLU V 57 41.77 53.58 -72.13
N CYS V 58 40.86 52.78 -72.68
CA CYS V 58 41.07 51.35 -72.94
C CYS V 58 42.06 51.17 -74.10
N PHE V 59 43.36 51.21 -73.83
CA PHE V 59 44.38 51.02 -74.85
C PHE V 59 44.19 49.71 -75.60
N VAL V 60 44.34 49.71 -76.92
CA VAL V 60 44.17 48.48 -77.70
C VAL V 60 45.34 47.86 -78.48
N LEU V 61 45.51 46.58 -78.18
CA LEU V 61 46.63 45.79 -78.68
C LEU V 61 46.52 45.43 -80.15
N ASP V 62 47.63 44.99 -80.72
CA ASP V 62 47.68 44.18 -81.93
C ASP V 62 46.72 42.98 -81.81
N ASP V 63 46.76 42.27 -80.69
CA ASP V 63 45.84 41.16 -80.35
C ASP V 63 44.43 41.59 -79.92
N GLY V 64 44.11 42.89 -79.92
CA GLY V 64 42.74 43.39 -79.73
C GLY V 64 42.16 43.31 -78.32
N GLY V 65 42.94 42.90 -77.34
CA GLY V 65 42.53 42.99 -75.94
C GLY V 65 42.48 44.43 -75.45
N GLU V 66 41.48 44.77 -74.65
CA GLU V 66 41.39 46.06 -73.98
C GLU V 66 42.24 46.07 -72.70
N THR V 67 43.50 46.47 -72.80
CA THR V 67 44.51 46.42 -71.72
C THR V 67 44.47 47.59 -70.76
N ASP V 68 45.29 47.51 -69.70
CA ASP V 68 45.74 48.68 -68.95
C ASP V 68 46.24 49.79 -69.88
N LEU V 69 45.85 51.04 -69.63
CA LEU V 69 46.25 52.23 -70.46
C LEU V 69 47.78 52.36 -70.48
N ASP V 70 48.44 52.13 -69.35
CA ASP V 70 49.92 52.36 -69.24
C ASP V 70 50.68 51.50 -70.24
N LEU V 71 50.17 50.35 -70.68
CA LEU V 71 50.99 49.46 -71.57
C LEU V 71 51.41 50.30 -72.78
N GLY V 72 50.56 51.22 -73.21
CA GLY V 72 50.85 52.05 -74.39
C GLY V 72 52.18 52.77 -74.22
N ASN V 73 52.49 53.25 -73.02
CA ASN V 73 53.72 54.04 -72.78
C ASN V 73 54.94 53.17 -73.13
N TYR V 74 54.82 51.83 -73.13
CA TYR V 74 55.95 50.89 -73.43
C TYR V 74 55.99 50.56 -74.92
N GLU V 75 54.90 50.75 -75.66
CA GLU V 75 54.86 50.39 -77.09
C GLU V 75 55.36 51.62 -77.86
N ARG V 76 55.40 52.79 -77.21
CA ARG V 76 55.95 54.04 -77.80
C ARG V 76 57.45 54.08 -77.47
N TYR V 77 57.80 54.14 -76.17
CA TYR V 77 59.23 54.11 -75.71
C TYR V 77 60.13 53.01 -76.33
N LEU V 78 59.68 51.75 -76.51
CA LEU V 78 60.53 50.61 -76.92
C LEU V 78 60.34 50.29 -78.41
N GLY V 79 59.15 50.49 -78.95
CA GLY V 79 58.85 50.08 -80.31
C GLY V 79 58.62 48.58 -80.38
N VAL V 80 57.67 48.08 -79.60
CA VAL V 80 57.31 46.65 -79.46
C VAL V 80 55.80 46.45 -79.54
N THR V 81 55.37 45.31 -80.06
CA THR V 81 53.99 44.84 -79.99
C THR V 81 53.84 43.89 -78.80
N LEU V 82 53.19 44.35 -77.72
CA LEU V 82 52.90 43.54 -76.55
C LEU V 82 51.64 42.66 -76.80
N THR V 83 51.22 41.90 -75.80
CA THR V 83 50.06 40.98 -75.87
C THR V 83 49.19 41.12 -74.62
N LYS V 84 48.00 40.52 -74.62
CA LYS V 84 47.08 40.56 -73.46
C LYS V 84 47.70 39.99 -72.18
N ASP V 85 48.70 39.12 -72.31
CA ASP V 85 49.42 38.52 -71.17
C ASP V 85 50.46 39.45 -70.54
N HIS V 86 50.95 40.49 -71.20
CA HIS V 86 51.92 41.43 -70.63
C HIS V 86 51.35 42.35 -69.56
N ASN V 87 50.04 42.36 -69.37
CA ASN V 87 49.40 43.07 -68.28
C ASN V 87 48.92 42.07 -67.25
N ILE V 88 49.79 41.72 -66.31
CA ILE V 88 49.44 40.92 -65.15
C ILE V 88 48.53 41.76 -64.26
N THR V 89 47.43 41.23 -63.75
CA THR V 89 46.59 41.94 -62.77
C THR V 89 46.19 41.01 -61.63
N THR V 90 45.86 41.56 -60.48
CA THR V 90 45.44 40.74 -59.33
C THR V 90 44.20 39.91 -59.66
N GLY V 91 43.25 40.44 -60.41
CA GLY V 91 42.09 39.67 -60.85
C GLY V 91 42.44 38.58 -61.86
N LYS V 92 43.44 38.82 -62.70
CA LYS V 92 43.87 37.86 -63.72
C LYS V 92 44.56 36.67 -63.09
N ILE V 93 45.44 36.88 -62.12
CA ILE V 93 46.19 35.79 -61.51
C ILE V 93 45.38 35.02 -60.47
N TYR V 94 44.53 35.64 -59.66
CA TYR V 94 43.59 34.84 -58.86
C TYR V 94 42.68 33.99 -59.73
N SER V 95 42.19 34.47 -60.87
CA SER V 95 41.38 33.66 -61.80
C SER V 95 42.12 32.47 -62.36
N HIS V 96 43.39 32.65 -62.73
CA HIS V 96 44.20 31.57 -63.32
C HIS V 96 44.50 30.46 -62.33
N VAL V 97 44.91 30.80 -61.10
CA VAL V 97 45.09 29.79 -60.04
C VAL V 97 43.76 29.15 -59.61
N ILE V 98 42.67 29.90 -59.48
CA ILE V 98 41.36 29.32 -59.18
C ILE V 98 40.87 28.42 -60.31
N ALA V 99 41.19 28.67 -61.58
CA ALA V 99 40.84 27.74 -62.65
C ALA V 99 41.55 26.40 -62.48
N LYS V 100 42.86 26.44 -62.25
CA LYS V 100 43.67 25.24 -61.96
C LYS V 100 43.20 24.51 -60.70
N GLU V 101 42.67 25.20 -59.69
CA GLU V 101 42.08 24.59 -58.49
C GLU V 101 40.86 23.72 -58.80
N ARG V 102 39.95 24.18 -59.67
CA ARG V 102 38.73 23.41 -60.03
C ARG V 102 38.97 22.36 -61.11
N LYS V 103 39.94 22.59 -62.01
CA LYS V 103 40.45 21.56 -62.91
C LYS V 103 41.20 20.46 -62.15
N GLY V 104 41.72 20.79 -60.98
CA GLY V 104 42.41 19.84 -60.09
C GLY V 104 43.90 19.68 -60.40
N ASP V 105 44.54 20.66 -61.03
CA ASP V 105 45.96 20.59 -61.42
C ASP V 105 46.92 20.57 -60.24
N TYR V 106 46.45 20.90 -59.03
CA TYR V 106 47.18 20.79 -57.77
C TYR V 106 47.10 19.39 -57.14
N LEU V 107 46.63 18.35 -57.84
CA LEU V 107 46.65 16.96 -57.40
C LEU V 107 46.06 16.79 -55.99
N GLY V 108 44.97 17.51 -55.71
CA GLY V 108 44.25 17.46 -54.46
C GLY V 108 44.98 18.02 -53.23
N LYS V 109 46.16 18.63 -53.37
CA LYS V 109 46.76 19.44 -52.29
C LYS V 109 45.83 20.60 -51.95
N THR V 110 45.93 21.18 -50.76
CA THR V 110 45.39 22.54 -50.57
C THR V 110 46.29 23.54 -51.27
N VAL V 111 45.70 24.57 -51.86
CA VAL V 111 46.40 25.59 -52.65
C VAL V 111 46.42 26.89 -51.87
N GLN V 112 47.59 27.50 -51.78
CA GLN V 112 47.91 28.53 -50.79
C GLN V 112 48.45 29.77 -51.48
N ILE V 113 48.37 30.95 -50.86
CA ILE V 113 48.96 32.14 -51.48
C ILE V 113 50.47 31.98 -51.56
N VAL V 114 51.11 31.38 -50.55
CA VAL V 114 52.50 30.93 -50.62
C VAL V 114 52.54 29.43 -50.33
N PRO V 115 53.17 28.58 -51.16
CA PRO V 115 53.93 28.90 -52.34
C PRO V 115 53.16 28.88 -53.66
N HIS V 116 51.92 28.38 -53.73
CA HIS V 116 51.30 28.13 -55.04
C HIS V 116 51.03 29.37 -55.85
N LEU V 117 50.38 30.40 -55.30
CA LEU V 117 50.15 31.62 -56.06
C LEU V 117 51.43 32.42 -56.33
N THR V 118 52.38 32.47 -55.40
CA THR V 118 53.66 33.12 -55.68
C THR V 118 54.51 32.38 -56.70
N ASN V 119 54.36 31.07 -56.83
CA ASN V 119 54.89 30.32 -57.96
C ASN V 119 54.17 30.70 -59.24
N ALA V 120 52.84 30.81 -59.25
CA ALA V 120 52.10 31.20 -60.44
C ALA V 120 52.58 32.53 -61.03
N ILE V 121 52.78 33.54 -60.18
CA ILE V 121 53.29 34.84 -60.61
C ILE V 121 54.69 34.72 -61.21
N GLN V 122 55.63 33.99 -60.60
CA GLN V 122 56.95 33.77 -61.19
C GLN V 122 56.87 33.00 -62.51
N ASP V 123 56.02 31.98 -62.58
CA ASP V 123 55.83 31.19 -63.79
C ASP V 123 55.18 32.02 -64.90
N TRP V 124 54.35 33.02 -64.58
CA TRP V 124 53.81 33.98 -65.54
C TRP V 124 54.87 34.96 -66.05
N ILE V 125 55.65 35.59 -65.18
CA ILE V 125 56.71 36.51 -65.59
C ILE V 125 57.71 35.82 -66.50
N GLU V 126 58.24 34.67 -66.14
CA GLU V 126 59.20 33.97 -66.99
C GLU V 126 58.55 33.37 -68.24
N ARG V 127 57.23 33.08 -68.23
CA ARG V 127 56.51 32.67 -69.45
C ARG V 127 56.49 33.82 -70.42
N VAL V 128 55.95 34.96 -70.00
CA VAL V 128 55.73 36.13 -70.86
C VAL V 128 57.04 36.73 -71.36
N ALA V 129 58.09 36.71 -70.56
CA ALA V 129 59.40 37.21 -70.95
C ALA V 129 60.08 36.42 -72.09
N LYS V 130 59.58 35.25 -72.47
CA LYS V 130 60.01 34.52 -73.68
C LYS V 130 59.45 35.08 -74.98
N ILE V 131 58.27 35.71 -74.94
CA ILE V 131 57.52 36.09 -76.14
C ILE V 131 58.31 37.12 -76.97
N PRO V 132 58.49 36.94 -78.29
CA PRO V 132 59.31 37.80 -79.13
C PRO V 132 58.54 39.05 -79.59
N VAL V 133 58.47 40.07 -78.73
CA VAL V 133 57.71 41.31 -78.98
C VAL V 133 58.38 42.29 -79.96
N ASP V 134 59.61 42.01 -80.34
CA ASP V 134 60.56 42.92 -80.99
C ASP V 134 60.64 42.75 -82.52
N ASP V 135 61.41 43.59 -83.21
CA ASP V 135 61.51 43.65 -84.69
C ASP V 135 62.16 42.43 -85.36
N THR V 136 62.52 41.39 -84.61
CA THR V 136 62.83 40.06 -85.14
C THR V 136 62.43 39.01 -84.11
N GLY V 137 62.08 37.81 -84.56
CA GLY V 137 61.41 36.79 -83.77
C GLY V 137 62.21 36.13 -82.64
N MET V 138 63.40 36.62 -82.27
CA MET V 138 64.17 36.08 -81.14
C MET V 138 63.62 36.57 -79.80
N GLU V 139 63.68 35.71 -78.78
CA GLU V 139 63.23 36.06 -77.42
C GLU V 139 63.99 37.29 -76.86
N PRO V 140 63.35 38.17 -76.08
CA PRO V 140 63.99 39.32 -75.48
C PRO V 140 65.20 39.00 -74.59
N ASP V 141 66.10 39.96 -74.45
CA ASP V 141 67.32 39.86 -73.64
C ASP V 141 67.18 40.52 -72.28
N VAL V 142 66.36 41.55 -72.16
CA VAL V 142 65.97 42.18 -70.89
C VAL V 142 64.46 42.33 -70.83
N CYS V 143 63.86 42.07 -69.68
CA CYS V 143 62.46 42.41 -69.41
C CYS V 143 62.35 43.47 -68.32
N ILE V 144 61.66 44.57 -68.57
CA ILE V 144 61.37 45.61 -67.56
C ILE V 144 60.05 45.25 -66.87
N ILE V 145 60.06 44.97 -65.58
CA ILE V 145 58.86 44.61 -64.82
C ILE V 145 58.44 45.80 -63.97
N GLU V 146 57.31 46.43 -64.25
CA GLU V 146 56.83 47.52 -63.41
C GLU V 146 55.79 47.01 -62.44
N LEU V 147 56.07 47.12 -61.16
CA LEU V 147 55.17 46.76 -60.08
C LEU V 147 54.32 47.97 -59.71
N GLY V 148 53.05 47.99 -60.06
CA GLY V 148 52.12 49.03 -59.65
C GLY V 148 51.76 49.02 -58.17
N GLY V 149 50.98 49.99 -57.74
CA GLY V 149 50.68 50.25 -56.34
C GLY V 149 51.91 50.75 -55.58
N THR V 150 51.93 50.56 -54.26
CA THR V 150 53.12 50.82 -53.43
C THR V 150 53.49 49.60 -52.60
N VAL V 151 54.78 49.36 -52.40
CA VAL V 151 55.24 48.29 -51.51
C VAL V 151 54.72 48.56 -50.09
N GLY V 152 54.10 47.57 -49.46
CA GLY V 152 53.40 47.72 -48.17
C GLY V 152 51.89 47.95 -48.27
N ASP V 153 51.36 47.88 -49.49
CA ASP V 153 49.90 47.89 -49.71
C ASP V 153 49.45 46.45 -49.41
N ILE V 154 48.21 46.21 -48.94
CA ILE V 154 47.66 44.83 -48.73
C ILE V 154 47.24 44.29 -50.09
N GLU V 155 47.33 45.09 -51.15
CA GLU V 155 46.93 44.74 -52.54
C GLU V 155 48.16 44.30 -53.32
N SER V 156 49.35 44.75 -52.93
CA SER V 156 50.63 44.48 -53.65
C SER V 156 51.45 43.44 -52.92
N ALA V 157 50.98 42.89 -51.80
CA ALA V 157 51.76 41.95 -50.96
C ALA V 157 52.04 40.63 -51.71
N PRO V 158 51.12 40.03 -52.49
CA PRO V 158 51.41 38.81 -53.25
C PRO V 158 52.55 38.96 -54.26
N PHE V 159 52.67 40.11 -54.90
CA PHE V 159 53.68 40.37 -55.92
C PHE V 159 55.08 40.62 -55.37
N VAL V 160 55.24 41.31 -54.25
CA VAL V 160 56.55 41.46 -53.61
C VAL V 160 57.05 40.12 -53.02
N GLU V 161 56.17 39.23 -52.57
CA GLU V 161 56.56 37.85 -52.30
C GLU V 161 57.04 37.15 -53.57
N ALA V 162 56.26 37.19 -54.64
CA ALA V 162 56.62 36.47 -55.85
C ALA V 162 57.93 36.99 -56.45
N LEU V 163 58.12 38.30 -56.49
CA LEU V 163 59.35 38.92 -56.94
C LEU V 163 60.52 38.56 -56.01
N ARG V 164 60.37 38.51 -54.67
CA ARG V 164 61.47 38.09 -53.78
C ARG V 164 61.96 36.70 -54.16
N GLN V 165 61.04 35.74 -54.25
CA GLN V 165 61.37 34.37 -54.64
C GLN V 165 62.00 34.35 -56.05
N PHE V 166 61.55 35.24 -56.93
CA PHE V 166 62.11 35.40 -58.26
C PHE V 166 63.55 35.89 -58.27
N GLN V 167 64.03 36.60 -57.25
CA GLN V 167 65.45 36.96 -57.13
C GLN V 167 66.37 35.75 -56.97
N PHE V 168 65.81 34.55 -56.74
CA PHE V 168 66.53 33.30 -56.54
C PHE V 168 66.24 32.31 -57.69
N LYS V 169 65.00 32.27 -58.17
CA LYS V 169 64.62 31.46 -59.34
C LYS V 169 65.38 31.94 -60.58
N VAL V 170 65.43 33.26 -60.76
CA VAL V 170 66.45 33.97 -61.55
C VAL V 170 67.62 34.27 -60.62
N GLY V 171 68.85 34.30 -61.11
CA GLY V 171 70.00 34.67 -60.26
C GLY V 171 70.15 36.17 -59.98
N LYS V 172 70.86 36.52 -58.90
CA LYS V 172 71.55 37.81 -58.82
C LYS V 172 72.61 37.85 -59.94
N GLU V 173 72.94 39.04 -60.43
CA GLU V 173 73.59 39.22 -61.74
C GLU V 173 72.74 38.80 -62.95
N ASN V 174 71.45 38.49 -62.77
CA ASN V 174 70.44 38.47 -63.83
C ASN V 174 69.23 39.35 -63.49
N PHE V 175 68.91 39.54 -62.22
CA PHE V 175 67.82 40.41 -61.75
C PHE V 175 68.38 41.65 -61.04
N ALA V 176 67.79 42.82 -61.26
CA ALA V 176 68.07 44.08 -60.53
C ALA V 176 66.80 44.88 -60.27
N LEU V 177 66.78 45.74 -59.26
CA LEU V 177 65.61 46.53 -58.89
C LEU V 177 65.92 48.02 -58.80
N ILE V 178 65.05 48.84 -59.39
CA ILE V 178 65.01 50.29 -59.27
C ILE V 178 63.83 50.66 -58.37
N HIS V 179 64.05 51.34 -57.25
CA HIS V 179 62.97 51.75 -56.35
C HIS V 179 62.74 53.23 -56.49
N VAL V 180 61.53 53.67 -56.77
CA VAL V 180 61.21 55.06 -57.04
C VAL V 180 60.60 55.65 -55.78
N SER V 181 61.09 56.76 -55.25
CA SER V 181 60.74 57.21 -53.89
C SER V 181 60.66 58.73 -53.74
N LEU V 182 60.01 59.22 -52.69
CA LEU V 182 59.66 60.64 -52.58
C LEU V 182 60.68 61.40 -51.73
N VAL V 183 61.16 62.54 -52.22
CA VAL V 183 61.88 63.51 -51.40
C VAL V 183 60.99 64.76 -51.34
N PRO V 184 60.06 64.90 -50.38
CA PRO V 184 59.25 66.09 -50.28
C PRO V 184 60.13 67.26 -49.88
N VAL V 185 59.83 68.44 -50.42
CA VAL V 185 60.45 69.69 -50.03
C VAL V 185 59.43 70.50 -49.26
N ILE V 186 59.69 70.76 -47.98
CA ILE V 186 58.90 71.67 -47.16
C ILE V 186 59.81 72.61 -46.40
N HIS V 187 59.36 73.85 -46.15
CA HIS V 187 60.22 74.93 -45.62
C HIS V 187 61.50 75.10 -46.43
N GLY V 188 61.44 74.84 -47.73
CA GLY V 188 62.59 74.87 -48.64
C GLY V 188 63.68 73.82 -48.38
N GLU V 189 63.43 72.76 -47.60
CA GLU V 189 64.39 71.67 -47.36
C GLU V 189 63.91 70.31 -47.88
N GLN V 190 64.77 69.61 -48.62
CA GLN V 190 64.58 68.23 -49.08
C GLN V 190 64.65 67.21 -47.93
N LYS V 191 63.52 66.62 -47.52
CA LYS V 191 63.48 65.65 -46.42
C LYS V 191 63.67 64.23 -46.93
N THR V 192 64.59 63.47 -46.35
CA THR V 192 64.89 62.09 -46.80
C THR V 192 64.00 61.04 -46.17
N LYS V 193 63.33 61.32 -45.05
CA LYS V 193 62.68 60.27 -44.23
C LYS V 193 61.61 59.42 -44.92
N PRO V 194 60.78 59.90 -45.85
CA PRO V 194 59.86 59.01 -46.54
C PRO V 194 60.58 57.94 -47.35
N THR V 195 61.75 58.24 -47.92
CA THR V 195 62.62 57.23 -48.54
C THR V 195 63.19 56.24 -47.54
N GLN V 196 63.59 56.68 -46.34
CA GLN V 196 64.05 55.76 -45.29
C GLN V 196 62.93 54.80 -44.85
N ALA V 197 61.75 55.30 -44.50
CA ALA V 197 60.60 54.47 -44.10
C ALA V 197 60.10 53.54 -45.21
N ALA V 198 60.10 53.94 -46.48
CA ALA V 198 59.73 53.07 -47.60
C ALA V 198 60.82 52.07 -47.99
N ILE V 199 62.09 52.34 -47.70
CA ILE V 199 63.18 51.37 -47.90
C ILE V 199 63.20 50.36 -46.74
N LYS V 200 62.92 50.80 -45.51
CA LYS V 200 62.61 49.90 -44.41
C LYS V 200 61.46 48.95 -44.78
N GLY V 201 60.36 49.46 -45.31
CA GLY V 201 59.28 48.63 -45.87
C GLY V 201 59.79 47.66 -46.94
N LEU V 202 60.56 48.13 -47.92
CA LEU V 202 61.08 47.29 -49.00
C LEU V 202 61.92 46.12 -48.48
N ARG V 203 62.92 46.38 -47.62
CA ARG V 203 63.77 45.30 -47.11
C ARG V 203 63.00 44.34 -46.21
N SER V 204 61.93 44.78 -45.54
CA SER V 204 61.07 43.89 -44.75
C SER V 204 60.51 42.76 -45.61
N LEU V 205 60.00 43.06 -46.80
CA LEU V 205 59.46 42.09 -47.76
C LEU V 205 60.56 41.38 -48.57
N GLY V 206 61.79 41.89 -48.56
CA GLY V 206 63.02 41.14 -48.85
C GLY V 206 63.72 41.50 -50.15
N LEU V 207 63.10 42.35 -50.96
CA LEU V 207 63.74 42.95 -52.12
C LEU V 207 64.80 43.94 -51.66
N VAL V 208 65.91 44.07 -52.39
CA VAL V 208 66.94 45.09 -52.14
C VAL V 208 67.16 45.94 -53.39
N PRO V 209 67.16 47.28 -53.29
CA PRO V 209 67.25 48.13 -54.44
C PRO V 209 68.68 48.27 -54.88
N ASP V 210 68.92 48.07 -56.16
CA ASP V 210 70.21 48.33 -56.81
C ASP V 210 70.35 49.78 -57.24
N MET V 211 69.22 50.48 -57.36
CA MET V 211 69.13 51.92 -57.52
C MET V 211 67.97 52.47 -56.72
N ILE V 212 68.08 53.72 -56.31
CA ILE V 212 66.93 54.52 -55.87
C ILE V 212 66.76 55.63 -56.88
N ALA V 213 65.52 56.00 -57.21
CA ALA V 213 65.23 57.10 -58.09
C ALA V 213 64.21 58.05 -57.46
N CYS V 214 64.53 59.34 -57.34
CA CYS V 214 63.68 60.23 -56.55
C CYS V 214 62.74 61.09 -57.37
N ARG V 215 61.45 61.07 -57.03
CA ARG V 215 60.54 62.18 -57.30
C ARG V 215 60.90 63.30 -56.35
N CYS V 216 61.29 64.44 -56.90
CA CYS V 216 61.58 65.62 -56.11
C CYS V 216 61.20 66.87 -56.91
N SER V 217 60.79 67.93 -56.21
CA SER V 217 60.50 69.23 -56.82
C SER V 217 61.75 69.94 -57.33
N GLU V 218 62.95 69.45 -57.01
CA GLU V 218 64.23 70.12 -57.22
C GLU V 218 65.30 69.18 -57.79
N THR V 219 66.45 69.72 -58.19
CA THR V 219 67.65 68.88 -58.24
C THR V 219 68.01 68.44 -56.81
N LEU V 220 68.18 67.15 -56.55
CA LEU V 220 68.63 66.69 -55.23
C LEU V 220 69.93 67.37 -54.83
N ASP V 221 69.98 67.92 -53.64
CA ASP V 221 71.23 68.42 -53.07
C ASP V 221 72.24 67.28 -52.89
N LYS V 222 73.52 67.59 -53.05
CA LYS V 222 74.64 66.69 -52.74
C LYS V 222 74.49 66.00 -51.37
N PRO V 223 74.16 66.68 -50.26
CA PRO V 223 73.85 66.04 -48.99
C PRO V 223 72.60 65.15 -49.01
N THR V 224 71.57 65.43 -49.79
CA THR V 224 70.39 64.56 -49.87
C THR V 224 70.72 63.21 -50.48
N ILE V 225 71.51 63.19 -51.56
CA ILE V 225 72.04 61.95 -52.13
C ILE V 225 72.86 61.19 -51.10
N ASP V 226 73.74 61.86 -50.34
CA ASP V 226 74.55 61.21 -49.32
C ASP V 226 73.70 60.65 -48.18
N LYS V 227 72.67 61.38 -47.71
CA LYS V 227 71.80 60.93 -46.62
C LYS V 227 70.78 59.87 -47.04
N ILE V 228 70.46 59.71 -48.33
CA ILE V 228 69.79 58.50 -48.84
C ILE V 228 70.78 57.33 -48.94
N ALA V 229 71.93 57.50 -49.55
CA ALA V 229 72.90 56.41 -49.69
C ALA V 229 73.51 55.90 -48.36
N MET V 230 73.55 56.74 -47.31
CA MET V 230 73.91 56.32 -45.95
C MET V 230 72.84 55.47 -45.28
N PHE V 231 71.65 55.34 -45.89
CA PHE V 231 70.48 54.64 -45.34
C PHE V 231 69.95 53.51 -46.23
N CYS V 232 70.59 53.26 -47.37
CA CYS V 232 70.23 52.23 -48.34
C CYS V 232 71.49 51.59 -48.92
N HIS V 233 71.39 50.40 -49.49
CA HIS V 233 72.56 49.63 -49.92
C HIS V 233 73.05 49.98 -51.34
N VAL V 234 73.03 51.28 -51.67
CA VAL V 234 73.39 51.84 -52.99
C VAL V 234 74.57 52.80 -52.84
N GLY V 235 75.46 52.90 -53.83
CA GLY V 235 76.45 53.97 -53.85
C GLY V 235 75.77 55.33 -54.09
N PRO V 236 76.40 56.46 -53.79
CA PRO V 236 75.81 57.77 -54.03
C PRO V 236 75.55 58.07 -55.52
N GLU V 237 76.24 57.38 -56.43
CA GLU V 237 76.06 57.47 -57.89
C GLU V 237 74.84 56.68 -58.43
N GLN V 238 74.17 55.87 -57.61
CA GLN V 238 72.92 55.18 -57.93
C GLN V 238 71.69 55.75 -57.21
N VAL V 239 71.76 56.95 -56.66
CA VAL V 239 70.57 57.73 -56.31
C VAL V 239 70.23 58.64 -57.50
N VAL V 240 69.49 58.08 -58.46
CA VAL V 240 69.02 58.73 -59.68
C VAL V 240 67.97 59.79 -59.35
N ASN V 241 67.78 60.79 -60.21
CA ASN V 241 66.84 61.86 -59.98
C ASN V 241 66.14 62.33 -61.27
N VAL V 242 64.87 62.00 -61.43
CA VAL V 242 64.04 62.45 -62.55
C VAL V 242 63.44 63.83 -62.23
N HIS V 243 64.26 64.88 -62.36
CA HIS V 243 63.83 66.26 -62.11
C HIS V 243 63.06 66.86 -63.31
N ASP V 244 62.56 68.07 -63.14
CA ASP V 244 61.93 68.83 -64.22
C ASP V 244 62.85 68.93 -65.45
N VAL V 245 62.31 68.61 -66.63
CA VAL V 245 62.99 68.62 -67.93
C VAL V 245 62.09 69.23 -69.00
N ASN V 246 62.66 69.63 -70.14
CA ASN V 246 61.92 70.38 -71.15
C ASN V 246 60.70 69.61 -71.68
N SER V 247 60.81 68.28 -71.82
CA SER V 247 59.68 67.41 -72.11
C SER V 247 59.98 65.96 -71.74
N THR V 248 58.95 65.14 -71.62
CA THR V 248 59.05 63.74 -71.17
C THR V 248 59.97 62.89 -72.05
N TYR V 249 60.12 63.22 -73.33
CA TYR V 249 61.02 62.51 -74.23
C TYR V 249 62.50 62.74 -73.92
N HIS V 250 62.85 63.71 -73.07
CA HIS V 250 64.21 63.90 -72.60
C HIS V 250 64.62 62.93 -71.49
N VAL V 251 63.69 62.33 -70.76
CA VAL V 251 64.02 61.51 -69.59
C VAL V 251 65.04 60.40 -69.89
N PRO V 252 65.00 59.62 -70.98
CA PRO V 252 66.06 58.65 -71.21
C PRO V 252 67.44 59.27 -71.42
N LEU V 253 67.55 60.47 -71.99
CA LEU V 253 68.84 61.17 -72.00
C LEU V 253 69.23 61.64 -70.59
N LEU V 254 68.30 62.12 -69.77
CA LEU V 254 68.59 62.46 -68.37
C LEU V 254 69.12 61.26 -67.59
N LEU V 255 68.48 60.09 -67.68
CA LEU V 255 68.93 58.86 -67.03
C LEU V 255 70.32 58.45 -67.54
N LEU V 256 70.55 58.48 -68.85
CA LEU V 256 71.85 58.16 -69.42
C LEU V 256 72.95 59.14 -69.00
N GLU V 257 72.67 60.43 -68.86
CA GLU V 257 73.64 61.42 -68.39
C GLU V 257 73.90 61.33 -66.89
N GLN V 258 72.93 60.87 -66.08
CA GLN V 258 73.13 60.46 -64.70
C GLN V 258 73.84 59.09 -64.57
N LYS V 259 74.46 58.58 -65.63
CA LYS V 259 75.21 57.31 -65.68
C LYS V 259 74.39 56.11 -65.20
N MET V 260 73.08 56.15 -65.42
CA MET V 260 72.18 55.09 -64.97
C MET V 260 72.51 53.76 -65.66
N ILE V 261 72.70 53.78 -66.97
CA ILE V 261 73.03 52.56 -67.75
C ILE V 261 74.48 52.10 -67.55
N ASP V 262 75.41 53.01 -67.32
CA ASP V 262 76.80 52.62 -67.08
C ASP V 262 76.95 51.78 -65.80
N TYR V 263 76.00 51.87 -64.87
CA TYR V 263 75.84 50.91 -63.80
C TYR V 263 75.10 49.65 -64.25
N LEU V 264 73.91 49.72 -64.87
CA LEU V 264 73.16 48.51 -65.25
C LEU V 264 73.94 47.59 -66.18
N HIS V 265 74.77 48.13 -67.06
CA HIS V 265 75.71 47.36 -67.87
C HIS V 265 76.57 46.42 -67.02
N ALA V 266 77.14 46.90 -65.90
CA ALA V 266 77.94 46.11 -64.99
C ALA V 266 77.07 45.25 -64.06
N ARG V 267 76.02 45.82 -63.48
CA ARG V 267 75.15 45.18 -62.48
C ARG V 267 74.35 44.01 -63.04
N LEU V 268 74.01 44.02 -64.32
CA LEU V 268 73.40 42.91 -65.06
C LEU V 268 74.41 42.21 -65.99
N LYS V 269 75.69 42.57 -65.90
CA LYS V 269 76.82 41.98 -66.65
C LYS V 269 76.50 41.77 -68.14
N LEU V 270 75.99 42.81 -68.81
CA LEU V 270 75.41 42.73 -70.16
C LEU V 270 76.42 42.46 -71.30
N ASP V 271 77.72 42.44 -71.04
CA ASP V 271 78.68 41.82 -71.95
C ASP V 271 78.37 40.34 -72.23
N GLU V 272 77.61 39.67 -71.37
CA GLU V 272 77.23 38.26 -71.55
C GLU V 272 76.10 38.05 -72.60
N ILE V 273 75.47 39.08 -73.14
CA ILE V 273 74.55 38.93 -74.29
C ILE V 273 75.38 38.95 -75.58
N THR V 274 74.85 40.28 -81.59
CA THR V 274 75.16 40.22 -83.04
C THR V 274 75.32 41.63 -83.63
N GLU V 275 76.02 41.77 -84.74
CA GLU V 275 76.26 43.07 -85.39
C GLU V 275 74.98 43.84 -85.69
N GLU V 276 73.89 43.15 -86.06
CA GLU V 276 72.58 43.77 -86.25
C GLU V 276 72.09 44.50 -84.99
N GLU V 277 72.24 43.91 -83.80
CA GLU V 277 71.86 44.53 -82.53
C GLU V 277 72.74 45.73 -82.22
N LYS V 278 74.05 45.61 -82.41
CA LYS V 278 75.01 46.69 -82.16
C LYS V 278 74.71 47.89 -83.04
N GLN V 279 74.43 47.66 -84.33
CA GLN V 279 74.01 48.71 -85.25
C GLN V 279 72.66 49.32 -84.85
N ARG V 280 71.63 48.52 -84.63
CA ARG V 280 70.31 49.02 -84.20
C ARG V 280 70.36 49.79 -82.89
N GLY V 281 71.33 49.52 -82.03
CA GLY V 281 71.61 50.35 -80.85
C GLY V 281 72.09 51.74 -81.22
N LEU V 282 73.12 51.85 -82.05
CA LEU V 282 73.64 53.16 -82.48
C LEU V 282 72.59 53.96 -83.27
N GLU V 283 71.84 53.30 -84.15
CA GLU V 283 70.73 53.94 -84.87
C GLU V 283 69.66 54.47 -83.91
N LEU V 284 69.30 53.74 -82.84
CA LEU V 284 68.32 54.24 -81.89
C LEU V 284 68.82 55.49 -81.17
N LEU V 285 70.09 55.55 -80.79
CA LEU V 285 70.67 56.77 -80.26
C LEU V 285 70.65 57.91 -81.29
N SER V 286 71.00 57.68 -82.55
CA SER V 286 70.97 58.72 -83.57
C SER V 286 69.57 59.29 -83.74
N LYS V 287 68.56 58.41 -83.80
CA LYS V 287 67.14 58.80 -83.89
C LYS V 287 66.65 59.51 -82.64
N TRP V 288 67.18 59.19 -81.47
CA TRP V 288 66.90 59.95 -80.26
C TRP V 288 67.50 61.34 -80.33
N LYS V 289 68.77 61.47 -80.76
CA LYS V 289 69.39 62.78 -80.97
C LYS V 289 68.62 63.62 -81.97
N ALA V 290 68.08 63.02 -83.04
CA ALA V 290 67.20 63.69 -83.99
C ALA V 290 65.89 64.22 -83.37
N THR V 291 65.07 63.40 -82.72
CA THR V 291 63.83 63.89 -82.08
C THR V 291 64.12 64.90 -80.98
N THR V 292 65.23 64.74 -80.27
CA THR V 292 65.66 65.73 -79.28
C THR V 292 66.05 67.04 -79.95
N GLY V 293 66.84 67.00 -81.03
CA GLY V 293 67.21 68.17 -81.82
C GLY V 293 65.99 68.91 -82.35
N ASN V 294 65.02 68.17 -82.90
CA ASN V 294 63.73 68.71 -83.33
C ASN V 294 62.90 69.40 -82.23
N PHE V 295 63.22 69.22 -80.94
CA PHE V 295 62.60 69.98 -79.86
C PHE V 295 63.35 71.28 -79.62
N ASP V 296 64.68 71.25 -79.51
CA ASP V 296 65.49 72.47 -79.38
C ASP V 296 65.36 73.39 -80.60
N GLU V 297 65.45 72.83 -81.80
CA GLU V 297 65.31 73.50 -83.10
C GLU V 297 63.85 73.79 -83.47
N GLU V 298 58.65 77.52 -83.65
CA GLU V 298 57.31 78.04 -83.93
C GLU V 298 56.18 77.10 -83.47
N THR V 299 55.07 77.64 -82.96
CA THR V 299 53.92 76.87 -82.47
C THR V 299 52.93 76.45 -83.56
N VAL V 300 52.32 75.28 -83.40
CA VAL V 300 51.10 74.83 -84.08
C VAL V 300 49.99 74.70 -83.05
N LYS V 301 48.84 75.37 -83.26
CA LYS V 301 47.71 75.32 -82.33
C LYS V 301 46.66 74.36 -82.87
N ILE V 302 46.23 73.34 -82.14
CA ILE V 302 45.22 72.36 -82.59
C ILE V 302 44.06 72.33 -81.62
N ALA V 303 42.82 72.48 -82.08
CA ALA V 303 41.66 72.29 -81.21
C ALA V 303 41.30 70.82 -81.22
N LEU V 304 41.34 70.17 -80.07
CA LEU V 304 40.83 68.80 -79.89
C LEU V 304 39.44 68.93 -79.27
N VAL V 305 38.42 68.51 -80.02
CA VAL V 305 37.02 68.77 -79.72
C VAL V 305 36.32 67.46 -79.42
N GLY V 306 35.84 67.26 -78.20
CA GLY V 306 35.17 66.01 -77.85
C GLY V 306 34.39 66.09 -76.56
N LYS V 307 33.79 64.97 -76.16
CA LYS V 307 33.13 64.85 -74.85
C LYS V 307 34.14 64.93 -73.72
N TYR V 308 33.78 65.62 -72.64
CA TYR V 308 34.44 65.56 -71.32
C TYR V 308 35.98 65.69 -71.40
N THR V 309 36.49 66.58 -72.22
CA THR V 309 37.93 66.90 -72.37
C THR V 309 38.61 67.34 -71.07
N ASN V 310 37.85 67.67 -70.03
CA ASN V 310 38.34 67.87 -68.66
C ASN V 310 39.11 66.65 -68.14
N LEU V 311 38.68 65.44 -68.53
CA LEU V 311 39.24 64.15 -68.14
C LEU V 311 40.41 63.78 -69.07
N LYS V 312 41.50 64.53 -68.98
CA LYS V 312 42.57 64.57 -69.99
C LYS V 312 43.29 63.22 -70.22
N ASP V 313 43.37 62.34 -69.23
CA ASP V 313 43.87 60.97 -69.44
C ASP V 313 42.98 60.14 -70.39
N SER V 314 41.71 60.49 -70.54
CA SER V 314 40.79 59.79 -71.43
C SER V 314 41.13 59.96 -72.91
N TYR V 315 42.02 60.91 -73.25
CA TYR V 315 42.54 61.15 -74.60
C TYR V 315 44.06 60.95 -74.68
N LEU V 316 44.68 60.23 -73.72
CA LEU V 316 46.14 60.17 -73.62
C LEU V 316 46.83 59.76 -74.92
N SER V 317 46.37 58.72 -75.62
CA SER V 317 47.04 58.26 -76.83
C SER V 317 47.03 59.30 -77.92
N VAL V 318 45.92 60.02 -78.06
CA VAL V 318 45.76 61.11 -79.02
C VAL V 318 46.80 62.18 -78.76
N ILE V 319 46.99 62.60 -77.50
CA ILE V 319 48.01 63.59 -77.16
C ILE V 319 49.39 63.10 -77.58
N LYS V 320 49.77 61.88 -77.22
CA LYS V 320 51.10 61.35 -77.55
C LYS V 320 51.29 61.23 -79.07
N ALA V 321 50.27 60.86 -79.83
CA ALA V 321 50.35 60.82 -81.29
C ALA V 321 50.59 62.20 -81.92
N LEU V 322 50.01 63.26 -81.36
CA LEU V 322 50.29 64.64 -81.75
C LEU V 322 51.70 65.08 -81.35
N GLU V 323 52.21 64.67 -80.19
CA GLU V 323 53.58 64.98 -79.77
C GLU V 323 54.61 64.33 -80.69
N HIS V 324 54.47 63.04 -81.03
CA HIS V 324 55.45 62.34 -81.85
C HIS V 324 55.58 63.00 -83.22
N SER V 325 54.45 63.35 -83.81
CA SER V 325 54.39 64.03 -85.10
C SER V 325 54.93 65.47 -85.01
N SER V 326 54.62 66.21 -83.97
CA SER V 326 55.09 67.59 -83.82
C SER V 326 56.62 67.70 -83.75
N MET V 327 57.31 66.71 -83.19
CA MET V 327 58.77 66.66 -83.23
C MET V 327 59.31 66.35 -84.63
N LYS V 328 58.56 65.72 -85.52
CA LYS V 328 58.99 65.57 -86.89
C LYS V 328 58.91 66.90 -87.63
N CYS V 329 57.83 67.66 -87.44
CA CYS V 329 57.63 69.01 -87.99
C CYS V 329 58.47 70.12 -87.34
N ARG V 330 59.31 69.81 -86.35
CA ARG V 330 60.10 70.78 -85.56
C ARG V 330 59.28 71.87 -84.88
N ARG V 331 57.96 71.69 -84.69
CA ARG V 331 57.05 72.75 -84.22
C ARG V 331 56.45 72.42 -82.88
N LYS V 332 56.28 73.42 -82.03
CA LYS V 332 55.79 73.28 -80.67
C LYS V 332 54.28 73.04 -80.69
N LEU V 333 53.82 72.03 -79.98
CA LEU V 333 52.40 71.65 -79.98
C LEU V 333 51.65 72.40 -78.88
N ASP V 334 50.50 72.96 -79.24
CA ASP V 334 49.61 73.63 -78.30
C ASP V 334 48.17 73.12 -78.49
N ILE V 335 47.80 72.05 -77.78
CA ILE V 335 46.44 71.51 -77.85
C ILE V 335 45.49 72.43 -77.08
N LYS V 336 44.48 72.98 -77.76
CA LYS V 336 43.34 73.60 -77.09
C LYS V 336 42.31 72.52 -76.79
N TRP V 337 41.92 72.38 -75.54
CA TRP V 337 40.90 71.45 -75.11
C TRP V 337 39.52 72.09 -75.16
N VAL V 338 38.65 71.59 -76.03
CA VAL V 338 37.28 72.08 -76.20
C VAL V 338 36.29 71.02 -75.75
N GLU V 339 35.40 71.33 -74.82
CA GLU V 339 34.23 70.49 -74.61
C GLU V 339 33.28 70.67 -75.78
N ALA V 340 32.99 69.61 -76.51
CA ALA V 340 32.15 69.66 -77.69
C ALA V 340 30.77 70.24 -77.41
N THR V 341 30.17 69.91 -76.27
CA THR V 341 28.84 70.44 -75.94
C THR V 341 28.81 71.96 -75.72
N ASP V 342 29.93 72.59 -75.38
CA ASP V 342 29.98 74.05 -75.23
C ASP V 342 29.94 74.79 -76.56
N LEU V 343 30.09 74.12 -77.70
CA LEU V 343 29.92 74.73 -79.02
C LEU V 343 28.45 74.88 -79.41
N GLU V 344 27.54 74.17 -78.75
CA GLU V 344 26.15 74.06 -79.20
C GLU V 344 25.39 75.40 -79.15
N PRO V 345 24.46 75.68 -80.09
CA PRO V 345 23.58 76.85 -80.03
C PRO V 345 22.74 76.95 -78.75
N GLU V 346 22.47 75.83 -78.08
CA GLU V 346 21.79 75.79 -76.78
C GLU V 346 22.68 76.25 -75.62
N ALA V 347 23.99 76.00 -75.70
CA ALA V 347 24.92 76.38 -74.65
C ALA V 347 24.99 77.92 -74.50
N GLN V 348 24.70 78.66 -75.57
CA GLN V 348 24.74 80.13 -75.58
C GLN V 348 23.78 80.78 -74.57
N GLU V 349 22.60 80.22 -74.34
CA GLU V 349 21.71 80.71 -73.26
C GLU V 349 21.98 80.04 -71.92
N SER V 350 22.44 78.77 -71.93
CA SER V 350 22.63 77.99 -70.72
C SER V 350 23.86 78.40 -69.92
N ASN V 351 24.99 78.58 -70.58
CA ASN V 351 26.31 78.80 -69.97
C ASN V 351 27.21 79.65 -70.87
N LYS V 352 26.76 80.87 -71.20
CA LYS V 352 27.31 81.71 -72.28
C LYS V 352 28.83 81.87 -72.21
N THR V 353 29.40 82.06 -71.02
CA THR V 353 30.84 82.34 -70.86
C THR V 353 31.71 81.24 -71.43
N LYS V 354 31.42 79.98 -71.08
CA LYS V 354 32.19 78.84 -71.57
C LYS V 354 31.99 78.59 -73.06
N PHE V 355 30.80 78.90 -73.56
CA PHE V 355 30.51 78.85 -75.00
C PHE V 355 31.40 79.79 -75.82
N HIS V 356 31.65 81.01 -75.35
CA HIS V 356 32.61 81.90 -76.01
C HIS V 356 34.04 81.37 -75.91
N GLU V 357 34.46 80.81 -74.77
CA GLU V 357 35.80 80.23 -74.66
C GLU V 357 35.98 79.08 -75.65
N ALA V 358 34.99 78.21 -75.78
CA ALA V 358 35.02 77.10 -76.72
C ALA V 358 35.13 77.59 -78.17
N TRP V 359 34.31 78.57 -78.56
CA TRP V 359 34.36 79.09 -79.92
C TRP V 359 35.62 79.88 -80.22
N ASN V 360 36.20 80.61 -79.27
CA ASN V 360 37.49 81.23 -79.49
C ASN V 360 38.56 80.19 -79.80
N MET V 361 38.60 79.08 -79.08
CA MET V 361 39.56 78.01 -79.34
C MET V 361 39.36 77.47 -80.76
N VAL V 362 38.14 77.13 -81.17
CA VAL V 362 37.85 76.62 -82.52
C VAL V 362 38.28 77.61 -83.60
N SER V 363 38.01 78.90 -83.40
CA SER V 363 38.36 79.99 -84.32
C SER V 363 39.84 80.29 -84.39
N THR V 364 40.59 80.05 -83.31
CA THR V 364 42.03 80.30 -83.24
C THR V 364 42.84 79.21 -83.93
N ALA V 365 42.41 77.96 -83.82
CA ALA V 365 43.25 76.81 -84.10
C ALA V 365 43.70 76.69 -85.56
N ASP V 366 44.94 76.28 -85.77
CA ASP V 366 45.51 75.98 -87.07
C ASP V 366 45.06 74.62 -87.62
N GLY V 367 44.49 73.78 -86.79
CA GLY V 367 43.91 72.51 -87.17
C GLY V 367 42.79 72.09 -86.23
N ILE V 368 41.85 71.26 -86.69
CA ILE V 368 40.79 70.71 -85.86
C ILE V 368 40.94 69.19 -85.80
N LEU V 369 40.60 68.61 -84.66
CA LEU V 369 40.73 67.19 -84.39
C LEU V 369 39.52 66.74 -83.61
N ILE V 370 38.76 65.81 -84.17
CA ILE V 370 37.66 65.15 -83.48
C ILE V 370 38.16 63.74 -83.11
N PRO V 371 38.28 63.39 -81.82
CA PRO V 371 39.26 62.39 -81.36
C PRO V 371 38.73 60.96 -81.20
N GLY V 372 37.52 60.66 -81.62
CA GLY V 372 36.90 59.36 -81.40
C GLY V 372 36.32 59.20 -80.00
N GLY V 373 35.43 60.11 -79.64
CA GLY V 373 34.78 60.16 -78.34
C GLY V 373 33.93 58.95 -77.98
N PHE V 374 33.51 58.90 -76.72
CA PHE V 374 32.67 57.85 -76.15
C PHE V 374 31.22 58.35 -75.97
N GLY V 375 30.25 57.62 -76.51
CA GLY V 375 28.83 57.97 -76.44
C GLY V 375 28.40 59.18 -77.27
N VAL V 376 27.12 59.55 -77.22
CA VAL V 376 26.49 60.48 -78.17
C VAL V 376 26.59 61.96 -77.80
N ARG V 377 26.72 62.30 -76.50
CA ARG V 377 26.48 63.66 -75.94
C ARG V 377 27.11 64.81 -76.74
N GLY V 378 28.39 64.72 -77.06
CA GLY V 378 29.12 65.81 -77.73
C GLY V 378 28.77 66.04 -79.21
N THR V 379 27.98 65.15 -79.83
CA THR V 379 27.85 65.09 -81.29
C THR V 379 27.47 66.42 -81.91
N GLU V 380 26.50 67.14 -81.36
CA GLU V 380 25.96 68.34 -82.02
C GLU V 380 27.02 69.44 -82.17
N GLY V 381 27.89 69.63 -81.19
CA GLY V 381 28.99 70.56 -81.33
C GLY V 381 30.08 70.07 -82.26
N MET V 382 30.41 68.78 -82.22
CA MET V 382 31.40 68.19 -83.11
C MET V 382 31.01 68.30 -84.58
N VAL V 383 29.72 68.33 -84.91
CA VAL V 383 29.23 68.64 -86.25
C VAL V 383 29.65 70.04 -86.68
N LEU V 384 29.42 71.06 -85.85
CA LEU V 384 29.75 72.45 -86.13
C LEU V 384 31.28 72.66 -86.22
N ALA V 385 32.08 71.94 -85.45
CA ALA V 385 33.53 71.94 -85.61
C ALA V 385 33.98 71.30 -86.94
N ALA V 386 33.32 70.25 -87.43
CA ALA V 386 33.62 69.68 -88.73
C ALA V 386 33.22 70.60 -89.89
N ARG V 387 32.08 71.30 -89.78
CA ARG V 387 31.56 72.32 -90.71
C ARG V 387 32.51 73.49 -90.83
N TRP V 388 33.02 73.95 -89.68
CA TRP V 388 34.00 75.02 -89.60
C TRP V 388 35.28 74.73 -90.40
N ALA V 389 35.76 73.49 -90.39
CA ALA V 389 36.92 73.07 -91.15
C ALA V 389 36.61 72.60 -92.58
N ARG V 390 35.38 72.20 -92.91
CA ARG V 390 35.00 71.90 -94.29
C ARG V 390 34.97 73.18 -95.10
N GLU V 391 34.29 74.21 -94.60
CA GLU V 391 33.98 75.41 -95.37
C GLU V 391 35.19 76.32 -95.49
N ASN V 392 35.68 76.84 -94.37
CA ASN V 392 36.97 77.50 -94.27
C ASN V 392 38.04 76.41 -94.36
N HIS V 393 39.09 76.56 -95.16
CA HIS V 393 40.08 75.50 -95.43
C HIS V 393 41.05 75.16 -94.26
N ILE V 394 40.55 74.99 -93.05
CA ILE V 394 41.30 74.55 -91.86
C ILE V 394 41.67 73.05 -91.99
N PRO V 395 42.91 72.62 -91.75
CA PRO V 395 43.25 71.21 -91.64
C PRO V 395 42.44 70.46 -90.58
N PHE V 396 42.07 69.22 -90.85
CA PHE V 396 41.18 68.42 -90.01
C PHE V 396 41.59 66.95 -89.98
N LEU V 397 41.44 66.30 -88.83
CA LEU V 397 41.42 64.85 -88.72
C LEU V 397 40.24 64.41 -87.86
N GLY V 398 39.44 63.47 -88.37
CA GLY V 398 38.42 62.81 -87.60
C GLY V 398 38.82 61.37 -87.32
N VAL V 399 38.80 60.96 -86.07
CA VAL V 399 39.13 59.59 -85.65
C VAL V 399 37.87 58.89 -85.17
N CYS V 400 37.51 57.74 -85.73
CA CYS V 400 36.35 56.92 -85.37
C CYS V 400 35.03 57.72 -85.40
N LEU V 401 34.48 58.09 -84.24
CA LEU V 401 33.33 59.02 -84.17
C LEU V 401 33.60 60.31 -84.95
N GLY V 402 34.85 60.71 -85.14
CA GLY V 402 35.21 61.83 -86.00
C GLY V 402 34.95 61.55 -87.48
N LEU V 403 35.18 60.34 -88.00
CA LEU V 403 34.76 60.04 -89.37
C LEU V 403 33.25 60.00 -89.47
N GLN V 404 32.61 59.41 -88.46
CA GLN V 404 31.16 59.38 -88.36
C GLN V 404 30.61 60.81 -88.45
N ILE V 405 31.21 61.75 -87.73
CA ILE V 405 30.79 63.15 -87.71
C ILE V 405 31.24 63.95 -88.93
N ALA V 406 32.38 63.64 -89.53
CA ALA V 406 32.73 64.17 -90.84
C ALA V 406 31.69 63.78 -91.90
N THR V 407 31.17 62.55 -91.84
CA THR V 407 30.16 62.08 -92.78
C THR V 407 28.77 62.62 -92.46
N ILE V 408 28.36 62.64 -91.20
CA ILE V 408 27.12 63.30 -90.78
C ILE V 408 27.15 64.77 -91.19
N GLU V 409 28.25 65.50 -91.02
CA GLU V 409 28.28 66.92 -91.39
C GLU V 409 28.21 67.09 -92.91
N PHE V 410 29.05 66.39 -93.68
CA PHE V 410 29.01 66.49 -95.12
C PHE V 410 27.62 66.11 -95.69
N THR V 411 26.96 65.13 -95.10
CA THR V 411 25.55 64.82 -95.40
C THR V 411 24.66 66.01 -95.05
N ARG V 412 24.72 66.50 -93.81
CA ARG V 412 23.86 67.55 -93.21
C ARG V 412 24.04 68.95 -93.85
N SER V 413 25.07 69.17 -94.65
CA SER V 413 25.39 70.50 -95.21
C SER V 413 25.66 70.51 -96.71
N VAL V 414 26.21 69.44 -97.28
CA VAL V 414 26.49 69.36 -98.73
C VAL V 414 25.35 68.67 -99.47
N LEU V 415 24.74 67.62 -98.90
CA LEU V 415 23.56 66.94 -99.49
C LEU V 415 22.21 67.53 -99.02
N GLY V 416 22.20 68.59 -98.21
CA GLY V 416 21.02 69.01 -97.46
C GLY V 416 20.75 68.06 -96.29
N ARG V 417 19.69 67.23 -96.39
CA ARG V 417 19.38 66.10 -95.48
C ARG V 417 19.52 66.42 -93.98
N LYS V 418 18.97 67.56 -93.54
CA LYS V 418 19.19 68.14 -92.19
C LYS V 418 18.74 67.24 -91.02
N ASP V 419 17.87 66.27 -91.27
CA ASP V 419 17.41 65.28 -90.28
C ASP V 419 18.43 64.14 -90.01
N SER V 420 19.49 63.98 -90.81
CA SER V 420 20.41 62.83 -90.70
C SER V 420 21.24 62.85 -89.40
N HIS V 421 21.54 61.67 -88.88
CA HIS V 421 22.07 61.47 -87.53
C HIS V 421 22.79 60.11 -87.46
N SER V 422 23.56 59.87 -86.41
CA SER V 422 24.14 58.54 -86.12
C SER V 422 23.03 57.47 -85.95
N ALA V 423 23.36 56.21 -86.26
CA ALA V 423 22.49 55.06 -85.99
C ALA V 423 22.10 54.93 -84.51
N GLU V 424 22.81 55.59 -83.61
CA GLU V 424 22.46 55.74 -82.20
C GLU V 424 21.03 56.28 -81.98
N PHE V 425 20.54 57.20 -82.82
CA PHE V 425 19.14 57.67 -82.82
C PHE V 425 18.26 56.69 -83.62
N TYR V 426 18.20 55.47 -83.10
CA TYR V 426 17.62 54.30 -83.76
C TYR V 426 16.20 54.51 -84.35
N PRO V 427 15.21 55.06 -83.64
CA PRO V 427 13.82 55.07 -84.11
C PRO V 427 13.51 56.06 -85.24
N ASP V 428 14.47 56.88 -85.69
CA ASP V 428 14.31 57.69 -86.91
C ASP V 428 14.36 56.83 -88.19
N ILE V 429 15.04 55.68 -88.14
CA ILE V 429 15.16 54.66 -89.20
C ILE V 429 15.67 55.21 -90.54
N ASP V 430 14.85 55.87 -91.34
CA ASP V 430 15.11 56.23 -92.74
C ASP V 430 16.33 57.16 -92.92
N GLU V 431 16.63 57.99 -91.91
CA GLU V 431 17.70 59.02 -91.94
C GLU V 431 18.96 58.66 -91.14
N LYS V 432 19.07 57.41 -90.66
CA LYS V 432 20.29 56.90 -90.01
C LYS V 432 21.46 56.94 -91.00
N ASN V 433 22.52 57.65 -90.64
CA ASN V 433 23.74 57.81 -91.45
C ASN V 433 24.66 56.56 -91.41
N HIS V 434 24.40 55.62 -90.50
CA HIS V 434 25.27 54.48 -90.19
C HIS V 434 24.48 53.16 -90.13
N VAL V 435 25.19 52.03 -90.10
CA VAL V 435 24.65 50.68 -89.94
C VAL V 435 25.47 49.90 -88.91
N VAL V 436 24.80 49.04 -88.14
CA VAL V 436 25.43 48.11 -87.21
C VAL V 436 26.31 47.10 -87.94
N VAL V 437 27.47 46.80 -87.36
CA VAL V 437 28.40 45.77 -87.84
C VAL V 437 29.17 45.18 -86.65
N PHE V 438 28.54 44.27 -85.91
CA PHE V 438 29.11 43.68 -84.68
C PHE V 438 30.23 42.64 -84.92
N MET V 439 30.30 42.01 -86.10
CA MET V 439 31.18 40.86 -86.41
C MET V 439 31.18 39.77 -85.33
N MET V 440 31.67 43.91 -81.56
CA MET V 440 32.56 45.02 -81.91
C MET V 440 33.71 44.57 -82.81
N ARG V 441 34.03 45.34 -83.85
CA ARG V 441 35.24 45.15 -84.67
C ARG V 441 36.44 45.66 -83.86
N LEU V 442 37.45 44.82 -83.66
CA LEU V 442 38.61 45.07 -82.79
C LEU V 442 39.93 44.64 -83.44
N GLY V 443 41.03 45.09 -82.86
CA GLY V 443 42.39 44.61 -83.18
C GLY V 443 42.92 45.02 -84.54
N LEU V 444 44.12 44.57 -84.86
CA LEU V 444 44.82 44.91 -86.08
C LEU V 444 44.13 44.24 -87.27
N ARG V 445 43.52 45.06 -88.12
CA ARG V 445 42.96 44.63 -89.42
C ARG V 445 43.59 45.44 -90.56
N PRO V 446 43.72 44.89 -91.77
CA PRO V 446 44.25 45.65 -92.91
C PRO V 446 43.27 46.74 -93.38
N THR V 447 43.75 47.66 -94.21
CA THR V 447 42.94 48.58 -95.02
C THR V 447 43.65 48.86 -96.34
N PHE V 448 42.92 48.85 -97.45
CA PHE V 448 43.44 48.87 -98.80
C PHE V 448 43.00 50.15 -99.51
N PHE V 449 43.93 50.86 -100.14
CA PHE V 449 43.60 52.08 -100.88
C PHE V 449 42.79 51.74 -102.14
N GLN V 450 41.83 52.59 -102.49
CA GLN V 450 41.07 52.45 -103.74
C GLN V 450 41.95 52.81 -104.93
N ASN V 451 42.07 51.94 -105.93
CA ASN V 451 43.23 51.90 -106.84
C ASN V 451 43.45 53.13 -107.75
N GLU V 452 42.49 54.03 -107.86
CA GLU V 452 42.53 55.26 -108.68
C GLU V 452 43.04 56.49 -107.91
N THR V 453 43.06 56.47 -106.57
CA THR V 453 43.17 57.69 -105.75
C THR V 453 44.60 58.22 -105.59
N GLU V 454 45.33 58.34 -106.70
CA GLU V 454 46.73 58.81 -106.76
C GLU V 454 46.91 60.26 -106.31
N TRP V 455 45.84 61.06 -106.33
CA TRP V 455 45.81 62.46 -105.89
C TRP V 455 45.90 62.63 -104.36
N SER V 456 45.55 61.60 -103.60
CA SER V 456 45.33 61.65 -102.15
C SER V 456 46.53 62.16 -101.36
N GLN V 457 46.31 63.08 -100.44
CA GLN V 457 47.35 63.54 -99.52
C GLN V 457 47.70 62.43 -98.51
N ILE V 458 46.71 61.72 -97.97
CA ILE V 458 46.98 60.70 -96.97
C ILE V 458 47.70 59.48 -97.54
N LYS V 459 47.31 58.95 -98.71
CA LYS V 459 48.01 57.80 -99.28
C LYS V 459 49.41 58.14 -99.80
N LYS V 460 49.73 59.43 -99.96
CA LYS V 460 51.10 59.89 -100.16
C LYS V 460 51.92 59.78 -98.87
N LEU V 461 51.38 60.19 -97.72
CA LEU V 461 52.09 60.04 -96.42
C LEU V 461 52.44 58.59 -96.08
N TYR V 462 51.58 57.64 -96.41
CA TYR V 462 51.85 56.20 -96.31
C TYR V 462 52.90 55.66 -97.31
N GLY V 463 53.59 56.51 -98.06
CA GLY V 463 54.73 56.13 -98.90
C GLY V 463 54.37 55.41 -100.21
N ASP V 464 53.14 55.57 -100.68
CA ASP V 464 52.57 54.85 -101.84
C ASP V 464 52.49 53.31 -101.66
N VAL V 465 52.58 52.81 -100.43
CA VAL V 465 52.35 51.39 -100.11
C VAL V 465 50.89 51.00 -100.41
N SER V 466 50.66 49.78 -100.88
CA SER V 466 49.34 49.28 -101.32
C SER V 466 48.30 49.12 -100.22
N GLU V 467 48.71 48.88 -98.98
CA GLU V 467 47.83 48.70 -97.83
C GLU V 467 48.48 49.11 -96.52
N VAL V 468 47.66 49.29 -95.51
CA VAL V 468 48.04 49.69 -94.13
C VAL V 468 47.43 48.71 -93.13
N HIS V 469 47.92 48.64 -91.90
CA HIS V 469 47.33 47.80 -90.85
C HIS V 469 47.11 48.61 -89.57
N GLU V 470 45.93 48.56 -88.97
CA GLU V 470 45.48 49.52 -87.94
C GLU V 470 44.54 48.93 -86.89
N ARG V 471 44.45 49.55 -85.71
CA ARG V 471 43.55 49.13 -84.63
C ARG V 471 42.15 49.73 -84.76
N HIS V 472 41.11 48.99 -84.39
CA HIS V 472 39.71 49.38 -84.48
C HIS V 472 38.98 49.19 -83.14
N ARG V 473 37.85 49.87 -82.90
CA ARG V 473 36.99 49.69 -81.71
C ARG V 473 35.50 50.03 -81.97
N HIS V 474 34.97 49.79 -83.17
CA HIS V 474 33.69 50.34 -83.63
C HIS V 474 32.58 49.29 -83.78
N ARG V 475 31.34 49.65 -83.40
CA ARG V 475 30.09 48.88 -83.64
C ARG V 475 29.24 49.42 -84.80
N TYR V 476 29.52 50.62 -85.29
CA TYR V 476 28.83 51.28 -86.40
C TYR V 476 29.79 51.58 -87.56
N GLU V 477 29.29 51.54 -88.79
CA GLU V 477 29.98 52.01 -89.99
C GLU V 477 29.02 52.86 -90.83
N ILE V 478 29.53 53.69 -91.73
CA ILE V 478 28.71 54.52 -92.63
C ILE V 478 27.88 53.59 -93.55
N ASN V 479 26.58 53.88 -93.71
CA ASN V 479 25.66 53.00 -94.43
C ASN V 479 26.09 52.86 -95.91
N PRO V 480 26.49 51.67 -96.41
CA PRO V 480 27.00 51.49 -97.76
C PRO V 480 26.09 52.01 -98.86
N LYS V 481 24.77 52.01 -98.62
CA LYS V 481 23.73 52.53 -99.53
C LYS V 481 24.02 53.99 -99.94
N MET V 482 24.53 54.79 -99.02
CA MET V 482 24.81 56.22 -99.24
C MET V 482 26.17 56.50 -99.88
N VAL V 483 27.12 55.57 -99.81
CA VAL V 483 28.53 55.87 -100.10
C VAL V 483 28.77 56.31 -101.54
N ASP V 484 28.01 55.82 -102.51
CA ASP V 484 28.12 56.33 -103.89
C ASP V 484 27.78 57.82 -103.98
N GLU V 485 26.78 58.28 -103.23
CA GLU V 485 26.35 59.68 -103.21
C GLU V 485 27.44 60.58 -102.63
N LEU V 486 28.07 60.13 -101.55
CA LEU V 486 29.20 60.80 -100.91
C LEU V 486 30.45 60.79 -101.82
N GLU V 487 30.79 59.67 -102.45
CA GLU V 487 31.89 59.61 -103.41
C GLU V 487 31.67 60.53 -104.61
N ASN V 488 30.46 60.56 -105.18
CA ASN V 488 30.09 61.42 -106.31
C ASN V 488 30.10 62.92 -105.95
N ASN V 489 29.76 63.28 -104.71
CA ASN V 489 29.82 64.66 -104.23
C ASN V 489 31.22 65.10 -103.75
N GLY V 490 32.18 64.18 -103.61
CA GLY V 490 33.59 64.49 -103.38
C GLY V 490 34.17 64.06 -102.04
N LEU V 491 33.36 63.50 -101.13
CA LEU V 491 33.81 62.91 -99.88
C LEU V 491 34.37 61.50 -100.15
N ILE V 492 35.46 61.41 -100.92
CA ILE V 492 35.95 60.16 -101.50
C ILE V 492 36.49 59.24 -100.40
N PHE V 493 35.95 58.03 -100.28
CA PHE V 493 36.44 57.02 -99.35
C PHE V 493 37.71 56.34 -99.87
N VAL V 494 38.85 56.98 -99.68
CA VAL V 494 40.15 56.56 -100.25
C VAL V 494 40.69 55.23 -99.71
N GLY V 495 40.11 54.66 -98.66
CA GLY V 495 40.48 53.35 -98.15
C GLY V 495 39.30 52.55 -97.64
N LYS V 496 39.27 51.27 -97.96
CA LYS V 496 38.24 50.32 -97.52
C LYS V 496 38.88 49.01 -97.08
N ASP V 497 38.08 48.13 -96.51
CA ASP V 497 38.50 46.83 -96.02
C ASP V 497 38.74 45.82 -97.14
N ASP V 498 39.10 44.60 -96.75
CA ASP V 498 39.25 43.45 -97.65
C ASP V 498 38.04 43.20 -98.55
N THR V 499 36.80 43.30 -98.03
CA THR V 499 35.56 43.07 -98.81
C THR V 499 35.20 44.26 -99.72
N GLY V 500 35.65 45.47 -99.40
CA GLY V 500 35.24 46.71 -100.04
C GLY V 500 33.87 47.22 -99.59
N LYS V 501 33.24 46.58 -98.60
CA LYS V 501 31.95 46.99 -98.04
C LYS V 501 32.09 48.05 -96.93
N ARG V 502 33.24 48.12 -96.25
CA ARG V 502 33.43 48.90 -95.01
C ARG V 502 34.22 50.19 -95.26
N CYS V 503 33.73 51.30 -94.71
CA CYS V 503 34.31 52.64 -94.82
C CYS V 503 35.48 52.86 -93.83
N GLU V 504 36.73 52.71 -94.26
CA GLU V 504 37.88 52.76 -93.35
C GLU V 504 38.60 54.12 -93.32
N ILE V 505 38.67 54.85 -94.44
CA ILE V 505 39.26 56.19 -94.55
C ILE V 505 38.37 57.06 -95.43
N LEU V 506 38.23 58.36 -95.17
CA LEU V 506 37.79 59.32 -96.18
C LEU V 506 38.76 60.47 -96.33
N GLU V 507 38.83 61.04 -97.54
CA GLU V 507 39.47 62.31 -97.81
C GLU V 507 38.52 63.14 -98.67
N LEU V 508 38.27 64.39 -98.30
CA LEU V 508 37.49 65.30 -99.11
C LEU V 508 38.36 65.81 -100.27
N LYS V 509 37.96 65.52 -101.50
CA LYS V 509 38.65 65.93 -102.73
C LYS V 509 38.82 67.45 -102.78
N ASN V 510 40.02 67.92 -103.12
CA ASN V 510 40.37 69.34 -103.27
C ASN V 510 40.08 70.19 -102.01
N HIS V 511 40.62 69.74 -100.87
CA HIS V 511 40.77 70.50 -99.62
C HIS V 511 42.22 70.33 -99.12
N PRO V 512 42.88 71.33 -98.50
CA PRO V 512 44.28 71.22 -98.11
C PRO V 512 44.66 70.04 -97.23
N TYR V 513 43.79 69.64 -96.29
CA TYR V 513 43.92 68.42 -95.48
C TYR V 513 42.64 68.16 -94.70
N TYR V 514 41.74 67.34 -95.21
CA TYR V 514 40.52 66.96 -94.50
C TYR V 514 40.34 65.47 -94.60
N ILE V 515 40.80 64.79 -93.57
CA ILE V 515 40.87 63.34 -93.47
C ILE V 515 39.97 62.89 -92.36
N ALA V 516 39.39 61.71 -92.50
CA ALA V 516 38.99 60.96 -91.32
C ALA V 516 39.34 59.48 -91.47
N THR V 517 39.48 58.78 -90.35
CA THR V 517 39.76 57.34 -90.26
C THR V 517 38.73 56.69 -89.35
N GLN V 518 38.19 55.54 -89.74
CA GLN V 518 37.31 54.79 -88.85
C GLN V 518 38.11 54.12 -87.72
N TYR V 519 39.33 53.68 -88.02
CA TYR V 519 40.30 53.21 -87.05
C TYR V 519 40.82 54.33 -86.15
N HIS V 520 41.49 53.93 -85.06
CA HIS V 520 42.21 54.78 -84.13
C HIS V 520 43.72 54.75 -84.40
N PRO V 521 44.29 55.65 -85.23
CA PRO V 521 45.71 55.63 -85.59
C PRO V 521 46.67 55.96 -84.44
N GLU V 522 46.21 56.62 -83.40
CA GLU V 522 46.97 56.92 -82.19
C GLU V 522 47.40 55.67 -81.41
N TYR V 523 46.78 54.52 -81.67
CA TYR V 523 47.22 53.26 -81.08
C TYR V 523 48.36 52.59 -81.87
N THR V 524 48.93 53.22 -82.88
CA THR V 524 50.19 52.77 -83.50
C THR V 524 51.22 53.88 -83.75
N SER V 525 50.99 55.08 -83.23
CA SER V 525 52.01 56.13 -83.24
C SER V 525 53.21 55.76 -82.37
N LYS V 526 54.43 55.89 -82.90
CA LYS V 526 55.70 55.66 -82.19
C LYS V 526 56.59 56.89 -82.27
N VAL V 527 57.50 57.08 -81.32
CA VAL V 527 58.27 58.33 -81.20
C VAL V 527 59.21 58.54 -82.40
N LEU V 528 59.77 57.49 -83.00
CA LEU V 528 60.59 57.61 -84.22
C LEU V 528 59.82 57.41 -85.53
N ASP V 529 58.60 56.86 -85.48
CA ASP V 529 57.71 56.61 -86.62
C ASP V 529 56.28 57.10 -86.28
N PRO V 530 55.97 58.39 -86.51
CA PRO V 530 54.70 58.96 -86.09
C PRO V 530 53.55 58.44 -86.94
N SER V 531 52.34 58.28 -86.38
CA SER V 531 51.21 57.72 -87.14
C SER V 531 50.78 58.70 -88.22
N LYS V 532 50.74 58.24 -89.47
CA LYS V 532 50.61 59.10 -90.65
C LYS V 532 49.40 60.04 -90.67
N PRO V 533 48.17 59.66 -90.27
CA PRO V 533 47.03 60.58 -90.22
C PRO V 533 47.25 61.77 -89.29
N PHE V 534 47.96 61.57 -88.17
CA PHE V 534 48.32 62.64 -87.25
C PHE V 534 49.51 63.45 -87.75
N LEU V 535 50.48 62.85 -88.44
CA LEU V 535 51.56 63.63 -89.05
C LEU V 535 51.02 64.60 -90.08
N GLY V 536 50.10 64.17 -90.93
CA GLY V 536 49.45 65.06 -91.90
C GLY V 536 48.69 66.20 -91.24
N LEU V 537 47.95 65.97 -90.15
CA LEU V 537 47.25 67.03 -89.43
C LEU V 537 48.21 68.08 -88.89
N VAL V 538 49.31 67.70 -88.26
CA VAL V 538 50.28 68.68 -87.77
C VAL V 538 50.95 69.38 -88.94
N ALA V 539 51.45 68.63 -89.93
CA ALA V 539 52.18 69.22 -91.04
C ALA V 539 51.32 70.20 -91.86
N ALA V 540 50.05 69.92 -92.09
CA ALA V 540 49.16 70.86 -92.75
C ALA V 540 48.80 72.04 -91.85
N SER V 541 48.67 71.86 -90.54
CA SER V 541 48.50 72.97 -89.60
C SER V 541 49.71 73.91 -89.60
N ALA V 542 50.91 73.36 -89.76
CA ALA V 542 52.15 74.09 -89.99
C ALA V 542 52.30 74.66 -91.41
N GLY V 543 51.41 74.29 -92.34
CA GLY V 543 51.47 74.72 -93.73
C GLY V 543 52.65 74.15 -94.51
N ILE V 544 53.19 73.01 -94.08
CA ILE V 544 54.41 72.38 -94.59
C ILE V 544 54.19 70.97 -95.17
N LEU V 545 52.94 70.53 -95.30
CA LEU V 545 52.54 69.16 -95.64
C LEU V 545 53.25 68.63 -96.88
N GLN V 546 53.35 69.43 -97.94
CA GLN V 546 54.05 69.05 -99.17
C GLN V 546 55.49 68.58 -98.89
N ASP V 547 56.21 69.33 -98.07
CA ASP V 547 57.64 69.15 -97.86
C ASP V 547 57.93 67.97 -96.91
N VAL V 548 57.00 67.69 -96.00
CA VAL V 548 57.01 66.47 -95.18
C VAL V 548 56.81 65.24 -96.05
N ILE V 549 55.90 65.28 -97.03
CA ILE V 549 55.68 64.18 -97.97
C ILE V 549 56.90 64.01 -98.88
N GLU V 550 57.47 65.11 -99.36
CA GLU V 550 58.68 65.11 -100.20
C GLU V 550 59.96 64.69 -99.45
N GLY V 551 59.97 64.73 -98.11
CA GLY V 551 61.03 64.16 -97.27
C GLY V 551 61.98 65.14 -96.60
N LYS V 552 61.62 66.43 -96.48
CA LYS V 552 62.45 67.48 -95.84
C LYS V 552 62.59 67.36 -94.32
N TYR V 553 62.06 66.30 -93.70
CA TYR V 553 61.97 66.13 -92.25
C TYR V 553 62.20 64.70 -91.73
N ASP V 554 62.66 63.76 -92.56
CA ASP V 554 63.17 62.47 -92.06
C ASP V 554 64.44 62.66 -91.20
N LEU V 555 64.64 61.75 -90.22
CA LEU V 555 65.62 61.93 -89.13
C LEU V 555 67.08 61.76 -89.55
N GLU V 556 67.37 60.86 -90.48
CA GLU V 556 68.71 60.61 -91.03
C GLU V 556 68.66 60.65 -92.57
N ALA V 557 69.68 61.20 -93.21
CA ALA V 557 69.73 61.36 -94.68
C ALA V 557 69.62 60.03 -95.43
N MET W 1 91.29 43.40 -40.90
CA MET W 1 90.65 42.59 -39.85
C MET W 1 89.37 41.95 -40.36
N LYS W 2 88.91 40.85 -39.74
CA LYS W 2 87.61 40.21 -39.98
C LYS W 2 86.73 40.27 -38.71
N TYR W 3 85.41 40.17 -38.85
CA TYR W 3 84.46 40.26 -37.73
C TYR W 3 83.27 39.30 -37.92
N VAL W 4 82.71 38.77 -36.84
CA VAL W 4 81.53 37.89 -36.87
C VAL W 4 80.51 38.36 -35.85
N VAL W 5 79.37 38.87 -36.25
CA VAL W 5 78.27 39.14 -35.32
C VAL W 5 77.56 37.83 -34.97
N VAL W 6 77.18 37.66 -33.71
CA VAL W 6 76.19 36.71 -33.25
C VAL W 6 75.07 37.51 -32.61
N SER W 7 73.83 37.30 -33.03
CA SER W 7 72.68 38.12 -32.61
C SER W 7 71.37 37.33 -32.64
N GLY W 8 70.25 37.94 -32.23
CA GLY W 8 68.95 37.52 -32.78
C GLY W 8 67.91 36.88 -31.87
N GLY W 9 66.86 36.38 -32.52
CA GLY W 9 65.80 35.53 -31.97
C GLY W 9 64.48 36.26 -31.65
N VAL W 10 63.41 35.52 -31.40
CA VAL W 10 62.16 36.03 -30.80
C VAL W 10 62.14 36.02 -29.26
N ILE W 11 63.18 35.51 -28.60
CA ILE W 11 63.28 35.38 -27.14
C ILE W 11 64.72 35.66 -26.70
N SER W 12 64.88 36.28 -25.54
CA SER W 12 66.15 36.27 -24.83
C SER W 12 66.36 34.88 -24.18
N GLY W 13 67.60 34.40 -24.06
CA GLY W 13 67.90 33.08 -23.50
C GLY W 13 67.97 31.93 -24.52
N ILE W 14 67.97 32.25 -25.82
CA ILE W 14 67.94 31.29 -26.92
C ILE W 14 69.20 30.44 -27.11
N GLY W 15 70.38 30.91 -26.70
CA GLY W 15 71.64 30.16 -26.84
C GLY W 15 72.87 30.90 -27.38
N LYS W 16 72.85 32.24 -27.48
CA LYS W 16 73.91 33.02 -28.18
C LYS W 16 75.34 32.67 -27.72
N GLY W 17 75.72 32.93 -26.47
CA GLY W 17 77.11 32.73 -25.97
C GLY W 17 77.78 31.42 -26.39
N VAL W 18 77.08 30.27 -26.35
CA VAL W 18 77.65 28.94 -26.72
C VAL W 18 77.84 28.93 -28.24
N LEU W 19 77.01 29.64 -29.01
CA LEU W 19 77.16 29.76 -30.49
C LEU W 19 78.24 30.81 -30.76
N ALA W 20 78.52 31.68 -29.80
CA ALA W 20 79.50 32.79 -29.97
C ALA W 20 80.91 32.29 -29.67
N SER W 21 81.26 32.07 -28.40
CA SER W 21 82.65 31.67 -28.04
C SER W 21 82.89 30.34 -28.74
N SER W 22 81.92 29.43 -28.72
CA SER W 22 82.11 28.20 -29.56
C SER W 22 82.50 28.44 -31.03
N THR W 23 81.98 29.46 -31.70
CA THR W 23 82.37 29.83 -33.07
C THR W 23 83.79 30.37 -32.98
N GLY W 24 84.11 31.12 -31.92
CA GLY W 24 85.45 31.73 -31.73
C GLY W 24 86.51 30.70 -31.37
N MET W 25 86.12 29.58 -30.74
CA MET W 25 87.05 28.47 -30.38
C MET W 25 87.48 27.81 -31.69
N LEU W 26 86.59 27.77 -32.68
CA LEU W 26 86.88 27.14 -33.99
C LEU W 26 87.66 28.12 -34.85
N MET W 27 87.51 29.44 -34.66
CA MET W 27 88.40 30.33 -35.39
C MET W 27 89.86 30.06 -34.99
N LYS W 28 90.11 29.79 -33.71
CA LYS W 28 91.42 29.37 -33.21
C LYS W 28 91.91 28.03 -33.74
N THR W 29 91.03 27.10 -34.10
CA THR W 29 91.41 25.86 -34.79
C THR W 29 92.13 26.15 -36.10
N LEU W 30 91.76 27.23 -36.78
CA LEU W 30 92.42 27.67 -38.03
C LEU W 30 93.78 28.32 -37.78
N GLY W 31 94.22 28.46 -36.51
CA GLY W 31 95.45 29.15 -36.09
C GLY W 31 95.27 30.65 -35.80
N LEU W 32 94.10 31.21 -36.06
CA LEU W 32 93.85 32.66 -35.99
C LEU W 32 94.06 33.23 -34.59
N LYS W 33 94.52 34.48 -34.52
CA LYS W 33 94.46 35.28 -33.30
C LYS W 33 93.00 35.71 -33.11
N VAL W 34 92.37 35.53 -31.95
CA VAL W 34 90.92 35.74 -31.81
C VAL W 34 90.58 36.57 -30.58
N THR W 35 89.52 37.34 -30.67
CA THR W 35 89.01 38.21 -29.61
C THR W 35 87.49 38.19 -29.60
N SER W 36 86.87 38.75 -28.57
CA SER W 36 85.43 38.77 -28.44
C SER W 36 84.93 40.01 -27.74
N ILE W 37 83.80 40.57 -28.13
CA ILE W 37 83.16 41.71 -27.50
C ILE W 37 81.73 41.34 -27.19
N LYS W 38 81.25 41.54 -25.96
CA LYS W 38 79.81 41.37 -25.67
C LYS W 38 79.15 42.71 -25.50
N ILE W 39 78.18 42.98 -26.37
CA ILE W 39 77.36 44.17 -26.37
C ILE W 39 76.15 43.88 -25.51
N ASP W 40 76.00 44.55 -24.39
CA ASP W 40 74.88 44.37 -23.48
C ASP W 40 73.88 45.52 -23.58
N PRO W 41 72.59 45.24 -23.81
CA PRO W 41 71.60 46.30 -23.87
C PRO W 41 71.24 46.93 -22.53
N TYR W 42 71.63 46.36 -21.39
CA TYR W 42 71.31 46.92 -20.06
C TYR W 42 72.07 48.21 -19.75
N MET W 43 71.53 49.02 -18.85
CA MET W 43 72.06 50.35 -18.53
C MET W 43 73.06 50.43 -17.38
N ASN W 44 73.42 49.35 -16.69
CA ASN W 44 74.56 49.38 -15.76
C ASN W 44 75.89 49.60 -16.50
N ILE W 45 76.76 50.48 -16.03
CA ILE W 45 78.09 50.64 -16.61
C ILE W 45 79.00 49.44 -16.32
N ASP W 46 78.84 48.79 -15.17
CA ASP W 46 79.61 47.62 -14.76
C ASP W 46 78.82 46.79 -13.74
N ALA W 47 79.24 45.56 -13.48
CA ALA W 47 78.62 44.69 -12.49
C ALA W 47 78.99 45.06 -11.04
N GLY W 48 79.79 46.09 -10.80
CA GLY W 48 80.21 46.50 -9.47
C GLY W 48 79.07 46.96 -8.57
N THR W 49 77.99 47.49 -9.16
CA THR W 49 76.75 47.82 -8.42
C THR W 49 75.77 46.64 -8.34
N MET W 50 75.89 45.64 -9.22
CA MET W 50 74.91 44.57 -9.39
C MET W 50 75.07 43.47 -8.33
N SER W 51 74.13 43.33 -7.41
CA SER W 51 74.22 42.30 -6.36
C SER W 51 74.16 40.90 -6.98
N PRO W 52 74.93 39.91 -6.50
CA PRO W 52 74.98 38.56 -7.08
C PRO W 52 73.66 37.76 -7.14
N LEU W 53 72.57 38.29 -6.60
CA LEU W 53 71.24 37.69 -6.61
C LEU W 53 70.54 37.76 -8.00
N GLU W 54 70.75 38.83 -8.76
CA GLU W 54 70.21 38.99 -10.11
C GLU W 54 71.30 39.47 -11.07
N HIS W 55 71.28 38.95 -12.29
CA HIS W 55 72.40 38.94 -13.24
C HIS W 55 73.62 38.12 -12.79
N GLY W 56 73.60 37.52 -11.60
CA GLY W 56 74.58 36.53 -11.18
C GLY W 56 75.97 37.08 -10.87
N GLU W 57 76.97 36.21 -10.97
CA GLU W 57 78.32 36.43 -10.45
C GLU W 57 79.06 37.59 -11.14
N CYS W 58 79.63 38.51 -10.36
CA CYS W 58 80.50 39.57 -10.85
C CYS W 58 81.85 38.99 -11.32
N PHE W 59 81.92 38.49 -12.55
CA PHE W 59 83.16 37.93 -13.09
C PHE W 59 84.31 38.94 -13.02
N VAL W 60 85.50 38.50 -12.64
CA VAL W 60 86.64 39.41 -12.54
C VAL W 60 87.88 39.24 -13.43
N LEU W 61 88.18 40.36 -14.07
CA LEU W 61 89.23 40.43 -15.08
C LEU W 61 90.65 40.37 -14.51
N ASP W 62 91.59 40.13 -15.40
CA ASP W 62 93.01 40.47 -15.20
C ASP W 62 93.16 41.94 -14.74
N ASP W 63 92.47 42.86 -15.42
CA ASP W 63 92.41 44.29 -15.08
C ASP W 63 91.48 44.62 -13.88
N GLY W 64 90.88 43.63 -13.23
CA GLY W 64 90.14 43.82 -11.97
C GLY W 64 88.80 44.54 -12.03
N GLY W 65 88.31 44.85 -13.22
CA GLY W 65 86.94 45.34 -13.38
C GLY W 65 85.91 44.26 -13.10
N GLU W 66 84.81 44.61 -12.44
CA GLU W 66 83.68 43.71 -12.25
C GLU W 66 82.77 43.73 -13.48
N THR W 67 83.02 42.82 -14.44
CA THR W 67 82.34 42.77 -15.77
C THR W 67 81.00 42.04 -15.77
N ASP W 68 80.33 42.07 -16.92
CA ASP W 68 79.30 41.09 -17.26
C ASP W 68 79.79 39.66 -17.02
N LEU W 69 78.95 38.81 -16.40
CA LEU W 69 79.29 37.39 -16.10
C LEU W 69 79.64 36.63 -17.39
N ASP W 70 78.93 36.89 -18.48
CA ASP W 70 79.11 36.10 -19.73
C ASP W 70 80.53 36.24 -20.27
N LEU W 71 81.26 37.33 -19.98
CA LEU W 71 82.61 37.50 -20.61
C LEU W 71 83.43 36.26 -20.26
N GLY W 72 83.21 35.69 -19.08
CA GLY W 72 83.98 34.51 -18.64
C GLY W 72 83.88 33.39 -19.65
N ASN W 73 82.70 33.19 -20.25
CA ASN W 73 82.48 32.07 -21.21
C ASN W 73 83.46 32.22 -22.38
N TYR W 74 83.98 33.42 -22.66
CA TYR W 74 84.91 33.68 -23.79
C TYR W 74 86.37 33.53 -23.35
N GLU W 75 86.65 33.60 -22.07
CA GLU W 75 88.05 33.51 -21.56
C GLU W 75 88.34 32.02 -21.36
N ARG W 76 87.29 31.18 -21.30
CA ARG W 76 87.45 29.70 -21.19
C ARG W 76 87.51 29.15 -22.62
N TYR W 77 86.45 29.33 -23.41
CA TYR W 77 86.43 28.89 -24.85
C TYR W 77 87.64 29.29 -25.71
N LEU W 78 88.20 30.51 -25.62
CA LEU W 78 89.26 31.03 -26.53
C LEU W 78 90.63 30.96 -25.87
N GLY W 79 90.72 31.12 -24.55
CA GLY W 79 92.01 31.21 -23.89
C GLY W 79 92.64 32.59 -24.10
N VAL W 80 91.91 33.64 -23.71
CA VAL W 80 92.27 35.05 -23.87
C VAL W 80 92.05 35.83 -22.57
N THR W 81 92.86 36.85 -22.32
CA THR W 81 92.65 37.85 -21.27
C THR W 81 91.96 39.06 -21.88
N LEU W 82 90.66 39.24 -21.61
CA LEU W 82 89.89 40.41 -22.03
C LEU W 82 90.15 41.61 -21.10
N THR W 83 89.49 42.74 -21.33
CA THR W 83 89.62 43.98 -20.56
C THR W 83 88.26 44.59 -20.26
N LYS W 84 88.20 45.60 -19.39
CA LYS W 84 86.94 46.26 -19.02
C LYS W 84 86.20 46.87 -20.23
N ASP W 85 86.93 47.18 -21.31
CA ASP W 85 86.37 47.72 -22.55
C ASP W 85 85.69 46.67 -23.43
N HIS W 86 85.97 45.37 -23.31
CA HIS W 86 85.33 44.33 -24.11
C HIS W 86 83.87 44.06 -23.75
N ASN W 87 83.37 44.66 -22.68
CA ASN W 87 81.97 44.63 -22.34
C ASN W 87 81.34 45.98 -22.62
N ILE W 88 80.90 46.19 -23.85
CA ILE W 88 80.10 47.37 -24.23
C ILE W 88 78.75 47.27 -23.53
N THR W 89 78.25 48.33 -22.93
CA THR W 89 76.88 48.34 -22.37
C THR W 89 76.17 49.62 -22.73
N THR W 90 74.85 49.62 -22.73
CA THR W 90 74.08 50.84 -23.04
C THR W 90 74.39 51.97 -22.08
N GLY W 91 74.59 51.69 -20.80
CA GLY W 91 75.00 52.72 -19.84
C GLY W 91 76.41 53.21 -20.05
N LYS W 92 77.30 52.36 -20.54
CA LYS W 92 78.70 52.71 -20.79
C LYS W 92 78.83 53.64 -21.99
N ILE W 93 78.11 53.37 -23.07
CA ILE W 93 78.21 54.19 -24.28
C ILE W 93 77.41 55.48 -24.19
N TYR W 94 76.23 55.53 -23.58
CA TYR W 94 75.63 56.83 -23.31
C TYR W 94 76.50 57.71 -22.43
N SER W 95 77.17 57.16 -21.42
CA SER W 95 78.10 57.93 -20.58
C SER W 95 79.28 58.49 -21.36
N HIS W 96 79.86 57.71 -22.27
CA HIS W 96 81.02 58.13 -23.05
C HIS W 96 80.69 59.25 -24.03
N VAL W 97 79.58 59.15 -24.76
CA VAL W 97 79.11 60.25 -25.63
C VAL W 97 78.67 61.47 -24.82
N ILE W 98 77.96 61.31 -23.70
CA ILE W 98 77.60 62.44 -22.84
C ILE W 98 78.85 63.10 -22.23
N ALA W 99 79.93 62.38 -21.94
CA ALA W 99 81.16 63.03 -21.48
C ALA W 99 81.74 63.94 -22.57
N LYS W 100 81.86 63.43 -23.79
CA LYS W 100 82.30 64.22 -24.94
C LYS W 100 81.39 65.40 -25.24
N GLU W 101 80.09 65.32 -24.97
CA GLU W 101 79.13 66.43 -25.10
C GLU W 101 79.45 67.59 -24.16
N ARG W 102 79.79 67.33 -22.89
CA ARG W 102 80.11 68.39 -21.92
C ARG W 102 81.55 68.88 -21.99
N LYS W 103 82.49 68.04 -22.43
CA LYS W 103 83.83 68.46 -22.82
C LYS W 103 83.80 69.32 -24.09
N GLY W 104 82.78 69.15 -24.93
CA GLY W 104 82.56 69.94 -26.14
C GLY W 104 83.29 69.37 -27.36
N ASP W 105 83.60 68.08 -27.40
CA ASP W 105 84.33 67.44 -28.50
C ASP W 105 83.54 67.40 -29.81
N TYR W 106 82.24 67.66 -29.77
CA TYR W 106 81.37 67.82 -30.93
C TYR W 106 81.37 69.24 -31.53
N LEU W 107 82.29 70.12 -31.13
CA LEU W 107 82.47 71.45 -31.73
C LEU W 107 81.16 72.25 -31.80
N GLY W 108 80.35 72.13 -30.76
CA GLY W 108 79.08 72.84 -30.62
C GLY W 108 77.97 72.41 -31.58
N LYS W 109 78.14 71.35 -32.39
CA LYS W 109 77.02 70.72 -33.10
C LYS W 109 76.00 70.19 -32.09
N THR W 110 74.75 69.99 -32.46
CA THR W 110 73.88 69.10 -31.68
C THR W 110 74.31 67.67 -31.90
N VAL W 111 74.26 66.83 -30.86
CA VAL W 111 74.70 65.45 -30.88
C VAL W 111 73.50 64.54 -30.81
N GLN W 112 73.46 63.56 -31.69
CA GLN W 112 72.26 62.81 -32.06
C GLN W 112 72.49 61.31 -31.91
N ILE W 113 71.43 60.51 -31.74
CA ILE W 113 71.64 59.06 -31.67
C ILE W 113 72.16 58.55 -33.01
N VAL W 114 71.69 59.09 -34.13
CA VAL W 114 72.29 58.89 -35.45
C VAL W 114 72.65 60.25 -36.03
N PRO W 115 73.90 60.49 -36.50
CA PRO W 115 75.00 59.56 -36.62
C PRO W 115 75.95 59.52 -35.43
N HIS W 116 75.91 60.44 -34.47
CA HIS W 116 77.01 60.55 -33.49
C HIS W 116 77.14 59.34 -32.57
N LEU W 117 76.07 58.89 -31.92
CA LEU W 117 76.16 57.71 -31.06
C LEU W 117 76.40 56.42 -31.86
N THR W 118 75.81 56.25 -33.04
CA THR W 118 76.10 55.07 -33.86
C THR W 118 77.51 55.07 -34.42
N ASN W 119 78.14 56.24 -34.62
CA ASN W 119 79.57 56.33 -34.85
C ASN W 119 80.36 55.94 -33.61
N ALA W 120 79.98 56.39 -32.41
CA ALA W 120 80.67 56.01 -31.20
C ALA W 120 80.75 54.50 -31.01
N ILE W 121 79.65 53.78 -31.21
CA ILE W 121 79.62 52.32 -31.12
C ILE W 121 80.56 51.68 -32.14
N GLN W 122 80.56 52.09 -33.40
CA GLN W 122 81.50 51.57 -34.40
C GLN W 122 82.95 51.89 -34.03
N ASP W 123 83.23 53.11 -33.56
CA ASP W 123 84.56 53.51 -33.14
C ASP W 123 85.03 52.75 -31.90
N TRP W 124 84.12 52.32 -31.02
CA TRP W 124 84.43 51.44 -29.89
C TRP W 124 84.73 50.02 -30.33
N ILE W 125 83.92 49.40 -31.17
CA ILE W 125 84.16 48.04 -31.67
C ILE W 125 85.50 47.96 -32.40
N GLU W 126 85.79 48.85 -33.35
CA GLU W 126 87.07 48.81 -34.04
C GLU W 126 88.24 49.25 -33.16
N ARG W 127 88.03 50.03 -32.09
CA ARG W 127 89.07 50.34 -31.11
C ARG W 127 89.45 49.08 -30.38
N VAL W 128 88.47 48.43 -29.75
CA VAL W 128 88.69 47.27 -28.88
C VAL W 128 89.21 46.08 -29.66
N ALA W 129 88.78 45.87 -30.90
CA ALA W 129 89.25 44.79 -31.75
C ALA W 129 90.75 44.87 -32.12
N LYS W 130 91.43 45.99 -31.87
CA LYS W 130 92.90 46.09 -31.98
C LYS W 130 93.66 45.46 -30.82
N ILE W 131 93.07 45.42 -29.63
CA ILE W 131 93.77 45.06 -28.38
C ILE W 131 94.28 43.59 -28.47
N PRO W 132 95.56 43.30 -28.16
CA PRO W 132 96.14 41.98 -28.30
C PRO W 132 95.83 41.09 -27.09
N VAL W 133 94.65 40.47 -27.06
CA VAL W 133 94.17 39.65 -25.94
C VAL W 133 94.78 38.24 -25.87
N ASP W 134 95.55 37.87 -26.88
CA ASP W 134 95.98 36.50 -27.19
C ASP W 134 97.41 36.18 -26.70
N ASP W 135 97.86 34.94 -26.87
CA ASP W 135 99.15 34.42 -26.37
C ASP W 135 100.43 35.02 -27.02
N THR W 136 100.28 35.98 -27.93
CA THR W 136 101.37 36.85 -28.38
C THR W 136 100.79 38.22 -28.73
N GLY W 137 101.60 39.27 -28.59
CA GLY W 137 101.16 40.66 -28.61
C GLY W 137 100.64 41.21 -29.95
N MET W 138 100.42 40.40 -30.99
CA MET W 138 99.84 40.88 -32.26
C MET W 138 98.34 41.07 -32.16
N GLU W 139 97.81 42.08 -32.86
CA GLU W 139 96.36 42.35 -32.90
C GLU W 139 95.57 41.14 -33.43
N PRO W 140 94.36 40.87 -32.91
CA PRO W 140 93.52 39.77 -33.37
C PRO W 140 93.19 39.81 -34.88
N ASP W 141 92.90 38.64 -35.44
CA ASP W 141 92.53 38.45 -36.85
C ASP W 141 91.03 38.33 -37.07
N VAL W 142 90.30 37.81 -36.09
CA VAL W 142 88.83 37.79 -36.07
C VAL W 142 88.33 38.32 -34.73
N CYS W 143 87.27 39.11 -34.71
CA CYS W 143 86.53 39.48 -33.51
C CYS W 143 85.12 38.92 -33.54
N ILE W 144 84.70 38.18 -32.52
CA ILE W 144 83.34 37.69 -32.36
C ILE W 144 82.54 38.74 -31.58
N ILE W 145 81.53 39.35 -32.17
CA ILE W 145 80.70 40.37 -31.52
C ILE W 145 79.37 39.76 -31.14
N GLU W 146 79.06 39.59 -29.86
CA GLU W 146 77.76 39.10 -29.45
C GLU W 146 76.85 40.26 -29.07
N LEU W 147 75.76 40.41 -29.78
CA LEU W 147 74.73 41.39 -29.53
C LEU W 147 73.69 40.80 -28.58
N GLY W 148 73.66 41.23 -27.32
CA GLY W 148 72.65 40.82 -26.36
C GLY W 148 71.27 41.41 -26.65
N GLY W 149 70.29 41.00 -25.84
CA GLY W 149 68.87 41.30 -26.05
C GLY W 149 68.32 40.58 -27.27
N THR W 150 67.25 41.11 -27.88
CA THR W 150 66.73 40.64 -29.16
C THR W 150 66.59 41.78 -30.15
N VAL W 151 66.84 41.51 -31.43
CA VAL W 151 66.62 42.50 -32.48
C VAL W 151 65.13 42.88 -32.50
N GLY W 152 64.83 44.18 -32.51
CA GLY W 152 63.46 44.71 -32.35
C GLY W 152 63.08 45.10 -30.93
N ASP W 153 64.03 45.03 -30.01
CA ASP W 153 63.85 45.57 -28.63
C ASP W 153 64.06 47.08 -28.77
N ILE W 154 63.44 47.93 -27.94
CA ILE W 154 63.67 49.42 -27.95
C ILE W 154 64.99 49.68 -27.20
N GLU W 155 65.60 48.64 -26.63
CA GLU W 155 66.86 48.71 -25.85
C GLU W 155 68.05 48.35 -26.74
N SER W 156 67.81 47.58 -27.81
CA SER W 156 68.89 47.08 -28.71
C SER W 156 68.89 47.85 -30.02
N ALA W 157 68.01 48.85 -30.20
CA ALA W 157 67.86 49.57 -31.49
C ALA W 157 69.13 50.39 -31.82
N PRO W 158 69.83 51.06 -30.89
CA PRO W 158 71.07 51.77 -31.21
C PRO W 158 72.18 50.89 -31.76
N PHE W 159 72.30 49.67 -31.28
CA PHE W 159 73.34 48.73 -31.69
C PHE W 159 73.12 48.10 -33.06
N VAL W 160 71.89 47.75 -33.43
CA VAL W 160 71.61 47.26 -34.79
C VAL W 160 71.76 48.38 -35.84
N GLU W 161 71.52 49.64 -35.50
CA GLU W 161 71.94 50.75 -36.35
C GLU W 161 73.46 50.79 -36.47
N ALA W 162 74.18 50.78 -35.36
CA ALA W 162 75.63 50.90 -35.42
C ALA W 162 76.28 49.74 -36.17
N LEU W 163 75.82 48.52 -35.95
CA LEU W 163 76.27 47.35 -36.67
C LEU W 163 75.90 47.44 -38.16
N ARG W 164 74.71 47.93 -38.56
CA ARG W 164 74.40 48.09 -40.00
C ARG W 164 75.42 48.98 -40.68
N GLN W 165 75.66 50.17 -40.11
CA GLN W 165 76.64 51.10 -40.65
C GLN W 165 78.04 50.45 -40.65
N PHE W 166 78.34 49.62 -39.66
CA PHE W 166 79.58 48.88 -39.58
C PHE W 166 79.75 47.85 -40.70
N GLN W 167 78.68 47.33 -41.31
CA GLN W 167 78.80 46.46 -42.49
C GLN W 167 79.39 47.18 -43.71
N PHE W 168 79.54 48.51 -43.65
CA PHE W 168 80.07 49.34 -44.72
C PHE W 168 81.40 49.99 -44.31
N LYS W 169 81.53 50.41 -43.05
CA LYS W 169 82.78 50.93 -42.50
C LYS W 169 83.87 49.85 -42.53
N VAL W 170 83.50 48.64 -42.13
CA VAL W 170 84.15 47.37 -42.50
C VAL W 170 83.52 46.89 -43.80
N GLY W 171 84.24 46.22 -44.68
CA GLY W 171 83.65 45.67 -45.91
C GLY W 171 82.83 44.39 -45.73
N LYS W 172 81.91 44.11 -46.66
CA LYS W 172 81.48 42.72 -46.92
C LYS W 172 82.72 41.93 -47.39
N GLU W 173 82.74 40.62 -47.16
CA GLU W 173 83.98 39.82 -47.16
C GLU W 173 84.99 40.19 -46.07
N ASN W 174 84.63 41.05 -45.10
CA ASN W 174 85.32 41.17 -43.80
C ASN W 174 84.34 41.02 -42.64
N PHE W 175 83.07 41.35 -42.78
CA PHE W 175 82.03 41.18 -41.76
C PHE W 175 81.05 40.08 -42.18
N ALA W 176 80.60 39.24 -41.23
CA ALA W 176 79.51 38.26 -41.40
C ALA W 176 78.63 38.16 -40.15
N LEU W 177 77.39 37.72 -40.29
CA LEU W 177 76.44 37.62 -39.18
C LEU W 177 75.83 36.23 -39.05
N ILE W 178 75.79 35.71 -37.83
CA ILE W 178 75.07 34.51 -37.42
C ILE W 178 73.84 34.94 -36.63
N HIS W 179 72.64 34.57 -37.06
CA HIS W 179 71.40 34.93 -36.36
C HIS W 179 70.85 33.69 -35.68
N VAL W 180 70.62 33.75 -34.38
CA VAL W 180 70.19 32.59 -33.59
C VAL W 180 68.69 32.70 -33.37
N SER W 181 67.90 31.69 -33.71
CA SER W 181 66.43 31.83 -33.80
C SER W 181 65.67 30.59 -33.34
N LEU W 182 64.37 30.74 -33.03
CA LEU W 182 63.60 29.68 -32.37
C LEU W 182 62.80 28.86 -33.38
N VAL W 183 62.87 27.54 -33.27
CA VAL W 183 61.95 26.63 -33.93
C VAL W 183 61.16 25.93 -32.82
N PRO W 184 60.02 26.47 -32.35
CA PRO W 184 59.24 25.80 -31.33
C PRO W 184 58.62 24.55 -31.92
N VAL W 185 58.55 23.50 -31.11
CA VAL W 185 57.85 22.27 -31.44
C VAL W 185 56.58 22.21 -30.61
N ILE W 186 55.43 22.25 -31.27
CA ILE W 186 54.13 22.02 -30.64
C ILE W 186 53.30 21.04 -31.46
N HIS W 187 52.46 20.23 -30.80
CA HIS W 187 51.77 19.11 -31.44
C HIS W 187 52.73 18.18 -32.20
N GLY W 188 53.98 18.06 -31.71
CA GLY W 188 55.05 17.30 -32.36
C GLY W 188 55.54 17.84 -33.72
N GLU W 189 55.22 19.07 -34.11
CA GLU W 189 55.70 19.69 -35.36
C GLU W 189 56.59 20.92 -35.12
N GLN W 190 57.74 20.95 -35.79
CA GLN W 190 58.67 22.10 -35.85
C GLN W 190 58.09 23.28 -36.65
N LYS W 191 57.70 24.37 -35.99
CA LYS W 191 57.12 25.54 -36.66
C LYS W 191 58.20 26.55 -37.04
N THR W 192 58.25 26.99 -38.29
CA THR W 192 59.27 27.93 -38.78
C THR W 192 58.92 29.39 -38.54
N LYS W 193 57.66 29.74 -38.32
CA LYS W 193 57.21 31.14 -38.38
C LYS W 193 57.89 32.12 -37.41
N PRO W 194 58.30 31.79 -36.19
CA PRO W 194 59.03 32.74 -35.37
C PRO W 194 60.37 33.13 -36.00
N THR W 195 61.04 32.23 -36.71
CA THR W 195 62.23 32.57 -37.52
C THR W 195 61.89 33.48 -38.69
N GLN W 196 60.77 33.27 -39.40
CA GLN W 196 60.35 34.18 -40.46
C GLN W 196 60.07 35.59 -39.94
N ALA W 197 59.26 35.76 -38.89
CA ALA W 197 58.96 37.05 -38.28
C ALA W 197 60.19 37.76 -37.68
N ALA W 198 61.14 37.04 -37.07
CA ALA W 198 62.38 37.63 -36.56
C ALA W 198 63.40 37.93 -37.65
N ILE W 199 63.37 37.26 -38.79
CA ILE W 199 64.21 37.59 -39.95
C ILE W 199 63.62 38.78 -40.70
N LYS W 200 62.30 38.87 -40.82
CA LYS W 200 61.61 40.10 -41.24
C LYS W 200 62.03 41.29 -40.37
N GLY W 201 62.02 41.15 -39.05
CA GLY W 201 62.58 42.15 -38.13
C GLY W 201 64.04 42.47 -38.43
N LEU W 202 64.90 41.47 -38.59
CA LEU W 202 66.32 41.67 -38.86
C LEU W 202 66.56 42.48 -40.14
N ARG W 203 65.96 42.09 -41.27
CA ARG W 203 66.16 42.82 -42.53
C ARG W 203 65.58 44.23 -42.48
N SER W 204 64.54 44.47 -41.68
CA SER W 204 64.00 45.82 -41.49
C SER W 204 65.07 46.79 -41.00
N LEU W 205 65.86 46.40 -40.00
CA LEU W 205 66.97 47.19 -39.44
C LEU W 205 68.25 47.11 -40.28
N GLY W 206 68.33 46.16 -41.21
CA GLY W 206 69.21 46.22 -42.40
C GLY W 206 70.39 45.26 -42.39
N LEU W 207 70.59 44.55 -41.29
CA LEU W 207 71.52 43.43 -41.22
C LEU W 207 70.97 42.26 -42.04
N VAL W 208 71.84 41.48 -42.69
CA VAL W 208 71.47 40.25 -43.40
C VAL W 208 72.26 39.07 -42.86
N PRO W 209 71.62 37.94 -42.51
CA PRO W 209 72.31 36.83 -41.89
C PRO W 209 73.01 35.99 -42.93
N ASP W 210 74.27 35.69 -42.69
CA ASP W 210 75.05 34.76 -43.49
C ASP W 210 74.87 33.33 -43.03
N MET W 211 74.40 33.15 -41.80
CA MET W 211 73.92 31.90 -41.23
C MET W 211 72.70 32.13 -40.38
N ILE W 212 71.85 31.12 -40.26
CA ILE W 212 70.85 31.04 -39.20
C ILE W 212 71.24 29.85 -38.33
N ALA W 213 71.05 29.96 -37.03
CA ALA W 213 71.29 28.87 -36.11
C ALA W 213 70.10 28.65 -35.19
N CYS W 214 69.54 27.44 -35.14
CA CYS W 214 68.27 27.26 -34.46
C CYS W 214 68.39 26.66 -33.05
N ARG W 215 67.77 27.30 -32.07
CA ARG W 215 67.31 26.63 -30.85
C ARG W 215 66.12 25.80 -31.21
N CYS W 216 66.23 24.50 -31.02
CA CYS W 216 65.14 23.58 -31.24
C CYS W 216 65.21 22.43 -30.22
N SER W 217 64.06 21.88 -29.83
CA SER W 217 63.99 20.70 -28.96
C SER W 217 64.46 19.42 -29.66
N GLU W 218 64.69 19.44 -30.98
CA GLU W 218 64.93 18.27 -31.82
C GLU W 218 66.09 18.48 -32.80
N THR W 219 66.50 17.43 -33.50
CA THR W 219 67.20 17.64 -34.78
C THR W 219 66.21 18.28 -35.77
N LEU W 220 66.56 19.40 -36.40
CA LEU W 220 65.71 19.99 -37.43
C LEU W 220 65.42 18.97 -38.53
N ASP W 221 64.16 18.82 -38.89
CA ASP W 221 63.77 18.04 -40.05
C ASP W 221 64.34 18.66 -41.33
N LYS W 222 64.68 17.82 -42.29
CA LYS W 222 65.07 18.22 -43.65
C LYS W 222 64.11 19.27 -44.26
N PRO W 223 62.77 19.13 -44.21
CA PRO W 223 61.85 20.19 -44.62
C PRO W 223 61.91 21.47 -43.77
N THR W 224 62.23 21.42 -42.48
CA THR W 224 62.35 22.64 -41.67
C THR W 224 63.53 23.49 -42.12
N ILE W 225 64.67 22.88 -42.39
CA ILE W 225 65.81 23.56 -42.99
C ILE W 225 65.44 24.19 -44.34
N ASP W 226 64.74 23.45 -45.20
CA ASP W 226 64.30 23.98 -46.50
C ASP W 226 63.32 25.14 -46.35
N LYS W 227 62.36 25.07 -45.43
CA LYS W 227 61.36 26.12 -45.22
C LYS W 227 61.90 27.35 -44.47
N ILE W 228 63.02 27.25 -43.74
CA ILE W 228 63.78 28.42 -43.30
C ILE W 228 64.61 29.00 -44.46
N ALA W 229 65.37 28.20 -45.19
CA ALA W 229 66.19 28.71 -46.29
C ALA W 229 65.38 29.27 -47.49
N MET W 230 64.14 28.83 -47.70
CA MET W 230 63.20 29.43 -48.66
C MET W 230 62.69 30.81 -48.23
N PHE W 231 62.98 31.24 -47.00
CA PHE W 231 62.49 32.48 -46.39
C PHE W 231 63.59 33.42 -45.91
N CYS W 232 64.86 33.04 -46.09
CA CYS W 232 66.04 33.80 -45.70
C CYS W 232 67.14 33.68 -46.76
N HIS W 233 68.09 34.59 -46.78
CA HIS W 233 69.09 34.63 -47.86
C HIS W 233 70.31 33.72 -47.65
N VAL W 234 70.07 32.52 -47.11
CA VAL W 234 71.07 31.50 -46.75
C VAL W 234 70.85 30.23 -47.57
N GLY W 235 71.90 29.50 -47.94
CA GLY W 235 71.73 28.15 -48.47
C GLY W 235 71.22 27.19 -47.40
N PRO W 236 70.65 26.04 -47.74
CA PRO W 236 70.16 25.09 -46.75
C PRO W 236 71.28 24.51 -45.85
N GLU W 237 72.53 24.56 -46.30
CA GLU W 237 73.72 24.14 -45.55
C GLU W 237 74.21 25.16 -44.51
N GLN W 238 73.66 26.38 -44.47
CA GLN W 238 73.91 27.41 -43.44
C GLN W 238 72.72 27.63 -42.49
N VAL W 239 71.77 26.70 -42.43
CA VAL W 239 70.84 26.63 -41.29
C VAL W 239 71.42 25.64 -40.27
N VAL W 240 72.31 26.16 -39.41
CA VAL W 240 72.99 25.44 -38.33
C VAL W 240 71.99 25.06 -37.24
N ASN W 241 72.29 24.02 -36.45
CA ASN W 241 71.40 23.55 -35.40
C ASN W 241 72.17 23.06 -34.17
N VAL W 242 72.10 23.83 -33.07
CA VAL W 242 72.70 23.46 -31.78
C VAL W 242 71.70 22.60 -30.99
N HIS W 243 71.59 21.33 -31.35
CA HIS W 243 70.69 20.38 -30.68
C HIS W 243 71.29 19.84 -29.37
N ASP W 244 70.52 19.04 -28.63
CA ASP W 244 70.99 18.33 -27.44
C ASP W 244 72.27 17.52 -27.74
N VAL W 245 73.29 17.68 -26.90
CA VAL W 245 74.60 17.02 -26.99
C VAL W 245 75.06 16.56 -25.60
N ASN W 246 76.03 15.65 -25.55
CA ASN W 246 76.42 15.02 -24.28
C ASN W 246 76.89 16.03 -23.24
N SER W 247 77.59 17.10 -23.66
CA SER W 247 77.92 18.24 -22.81
C SER W 247 78.25 19.47 -23.63
N THR W 248 78.23 20.64 -23.02
CA THR W 248 78.44 21.93 -23.69
C THR W 248 79.79 22.04 -24.39
N TYR W 249 80.81 21.34 -23.94
CA TYR W 249 82.12 21.31 -24.57
C TYR W 249 82.13 20.59 -25.92
N HIS W 250 81.08 19.85 -26.26
CA HIS W 250 80.94 19.26 -27.60
C HIS W 250 80.46 20.25 -28.67
N VAL W 251 79.85 21.36 -28.31
CA VAL W 251 79.24 22.27 -29.30
C VAL W 251 80.23 22.71 -30.38
N PRO W 252 81.49 23.10 -30.15
CA PRO W 252 82.36 23.43 -31.27
C PRO W 252 82.63 22.26 -32.21
N LEU W 253 82.66 21.02 -31.74
CA LEU W 253 82.71 19.88 -32.66
C LEU W 253 81.38 19.72 -33.42
N LEU W 254 80.22 19.92 -32.79
CA LEU W 254 78.94 19.91 -33.48
C LEU W 254 78.89 20.95 -34.61
N LEU W 255 79.29 22.20 -34.35
CA LEU W 255 79.34 23.25 -35.36
C LEU W 255 80.31 22.89 -36.48
N LEU W 256 81.50 22.40 -36.16
CA LEU W 256 82.46 21.98 -37.18
C LEU W 256 81.97 20.79 -38.01
N GLU W 257 81.25 19.84 -37.46
CA GLU W 257 80.68 18.72 -38.19
C GLU W 257 79.46 19.12 -39.04
N GLN W 258 78.70 20.14 -38.64
CA GLN W 258 77.71 20.81 -39.48
C GLN W 258 78.33 21.74 -40.53
N LYS W 259 79.64 21.61 -40.81
CA LYS W 259 80.38 22.39 -41.82
C LYS W 259 80.26 23.90 -41.63
N MET W 260 80.10 24.35 -40.38
CA MET W 260 79.91 25.76 -40.08
C MET W 260 81.15 26.58 -40.48
N ILE W 261 82.35 26.11 -40.13
CA ILE W 261 83.60 26.80 -40.47
C ILE W 261 83.99 26.66 -41.94
N ASP W 262 83.65 25.56 -42.60
CA ASP W 262 83.96 25.38 -44.02
C ASP W 262 83.22 26.42 -44.88
N TYR W 263 82.13 27.00 -44.39
CA TYR W 263 81.55 28.21 -44.94
C TYR W 263 82.27 29.48 -44.49
N LEU W 264 82.47 29.72 -43.19
CA LEU W 264 83.12 30.97 -42.72
C LEU W 264 84.51 31.17 -43.31
N HIS W 265 85.28 30.12 -43.54
CA HIS W 265 86.54 30.16 -44.27
C HIS W 265 86.40 30.86 -45.63
N ALA W 266 85.37 30.53 -46.42
CA ALA W 266 85.09 31.15 -47.71
C ALA W 266 84.41 32.51 -47.57
N ARG W 267 83.41 32.62 -46.69
CA ARG W 267 82.57 33.82 -46.51
C ARG W 267 83.34 35.01 -45.93
N LEU W 268 84.36 34.76 -45.13
CA LEU W 268 85.31 35.76 -44.63
C LEU W 268 86.67 35.69 -45.35
N LYS W 269 86.77 34.86 -46.41
CA LYS W 269 87.96 34.69 -47.26
C LYS W 269 89.28 34.59 -46.47
N LEU W 270 89.31 33.72 -45.47
CA LEU W 270 90.37 33.63 -44.46
C LEU W 270 91.72 33.12 -44.97
N ASP W 271 91.84 32.66 -46.21
CA ASP W 271 93.14 32.56 -46.87
C ASP W 271 93.92 33.88 -46.92
N GLU W 272 93.24 35.02 -46.78
CA GLU W 272 93.88 36.35 -46.79
C GLU W 272 94.60 36.70 -45.46
N ILE W 273 94.49 35.90 -44.39
CA ILE W 273 95.32 36.08 -43.18
C ILE W 273 96.65 35.35 -43.40
N THR W 274 101.24 32.71 -40.21
CA THR W 274 102.60 32.22 -39.93
C THR W 274 102.58 30.77 -39.44
N GLU W 275 103.68 30.03 -39.58
CA GLU W 275 103.77 28.63 -39.16
C GLU W 275 103.38 28.40 -37.69
N GLU W 276 103.72 29.34 -36.78
CA GLU W 276 103.29 29.30 -35.39
C GLU W 276 101.77 29.22 -35.25
N GLU W 277 101.01 30.03 -36.01
CA GLU W 277 99.54 30.00 -36.00
C GLU W 277 99.00 28.68 -36.54
N LYS W 278 99.55 28.20 -37.65
CA LYS W 278 99.13 26.94 -38.28
C LYS W 278 99.34 25.77 -37.32
N GLN W 279 100.49 25.71 -36.64
CA GLN W 279 100.75 24.72 -35.61
C GLN W 279 99.80 24.86 -34.42
N ARG W 280 99.68 26.05 -33.83
CA ARG W 280 98.78 26.27 -32.69
C ARG W 280 97.31 25.96 -33.03
N GLY W 281 96.91 26.05 -34.30
CA GLY W 281 95.63 25.56 -34.76
C GLY W 281 95.49 24.05 -34.62
N LEU W 282 96.43 23.28 -35.18
CA LEU W 282 96.41 21.82 -35.09
C LEU W 282 96.50 21.34 -33.63
N GLU W 283 97.35 21.96 -32.82
CA GLU W 283 97.43 21.67 -31.40
C GLU W 283 96.11 21.93 -30.67
N LEU W 284 95.37 23.00 -30.98
CA LEU W 284 94.08 23.26 -30.35
C LEU W 284 93.07 22.18 -30.71
N LEU W 285 93.05 21.70 -31.95
CA LEU W 285 92.23 20.55 -32.32
C LEU W 285 92.64 19.29 -31.56
N SER W 286 93.93 18.99 -31.45
CA SER W 286 94.39 17.80 -30.72
C SER W 286 93.95 17.84 -29.26
N LYS W 287 94.10 19.00 -28.61
CA LYS W 287 93.66 19.22 -27.23
C LYS W 287 92.15 19.17 -27.07
N TRP W 288 91.40 19.57 -28.09
CA TRP W 288 89.95 19.38 -28.09
C TRP W 288 89.59 17.90 -28.19
N LYS W 289 90.23 17.14 -29.10
CA LYS W 289 90.03 15.69 -29.19
C LYS W 289 90.38 15.00 -27.87
N ALA W 290 91.42 15.43 -27.16
CA ALA W 290 91.75 14.95 -25.82
C ALA W 290 90.67 15.20 -24.77
N THR W 291 90.22 16.44 -24.55
CA THR W 291 89.15 16.71 -23.57
C THR W 291 87.83 16.04 -23.96
N THR W 292 87.56 15.92 -25.25
CA THR W 292 86.39 15.17 -25.72
C THR W 292 86.54 13.67 -25.43
N GLY W 293 87.71 13.08 -25.70
CA GLY W 293 88.00 11.69 -25.39
C GLY W 293 87.86 11.42 -23.90
N ASN W 294 88.40 12.29 -23.04
CA ASN W 294 88.23 12.23 -21.60
C ASN W 294 86.77 12.29 -21.11
N PHE W 295 85.79 12.69 -21.94
CA PHE W 295 84.37 12.59 -21.60
C PHE W 295 83.82 11.22 -21.97
N ASP W 296 84.08 10.73 -23.19
CA ASP W 296 83.67 9.38 -23.60
C ASP W 296 84.32 8.29 -22.73
N GLU W 297 85.63 8.40 -22.51
CA GLU W 297 86.46 7.51 -21.69
C GLU W 297 86.29 7.75 -20.18
N GLU W 298 83.59 6.62 -14.50
CA GLU W 298 83.27 6.65 -13.06
C GLU W 298 82.97 8.05 -12.53
N THR W 299 82.03 8.18 -11.59
CA THR W 299 81.62 9.48 -11.00
C THR W 299 82.49 9.93 -9.83
N VAL W 300 82.68 11.24 -9.70
CA VAL W 300 83.16 11.94 -8.49
C VAL W 300 82.02 12.81 -7.96
N LYS W 301 81.63 12.64 -6.69
CA LYS W 301 80.54 13.42 -6.06
C LYS W 301 81.15 14.53 -5.22
N ILE W 302 80.82 15.79 -5.42
CA ILE W 302 81.37 16.93 -4.65
C ILE W 302 80.22 17.72 -4.02
N ALA W 303 80.25 17.96 -2.72
CA ALA W 303 79.28 18.86 -2.09
C ALA W 303 79.80 20.28 -2.20
N LEU W 304 79.07 21.16 -2.87
CA LEU W 304 79.35 22.60 -2.89
C LEU W 304 78.40 23.24 -1.88
N VAL W 305 78.97 23.81 -0.83
CA VAL W 305 78.24 24.25 0.36
C VAL W 305 78.34 25.76 0.48
N GLY W 306 77.23 26.48 0.36
CA GLY W 306 77.27 27.93 0.45
C GLY W 306 75.91 28.56 0.66
N LYS W 307 75.86 29.89 0.70
CA LYS W 307 74.60 30.65 0.74
C LYS W 307 73.84 30.47 -0.57
N TYR W 308 72.51 30.33 -0.47
CA TYR W 308 71.55 30.48 -1.59
C TYR W 308 71.95 29.73 -2.87
N THR W 309 72.44 28.50 -2.73
CA THR W 309 72.80 27.60 -3.84
C THR W 309 71.66 27.30 -4.81
N ASN W 310 70.42 27.63 -4.46
CA ASN W 310 69.27 27.65 -5.36
C ASN W 310 69.51 28.54 -6.60
N LEU W 311 70.25 29.64 -6.41
CA LEU W 311 70.58 30.64 -7.43
C LEU W 311 71.84 30.21 -8.20
N LYS W 312 71.72 29.13 -8.96
CA LYS W 312 72.86 28.37 -9.50
C LYS W 312 73.81 29.16 -10.43
N ASP W 313 73.32 30.19 -11.14
CA ASP W 313 74.20 31.11 -11.89
C ASP W 313 75.15 31.91 -10.98
N SER W 314 74.81 32.10 -9.70
CA SER W 314 75.64 32.83 -8.75
C SER W 314 76.96 32.11 -8.43
N TYR W 315 77.09 30.83 -8.79
CA TYR W 315 78.29 30.02 -8.66
C TYR W 315 78.83 29.54 -10.02
N LEU W 316 78.45 30.18 -11.13
CA LEU W 316 78.76 29.66 -12.47
C LEU W 316 80.24 29.36 -12.69
N SER W 317 81.17 30.24 -12.31
CA SER W 317 82.59 30.02 -12.56
C SER W 317 83.10 28.81 -11.82
N VAL W 318 82.65 28.61 -10.59
CA VAL W 318 83.00 27.47 -9.77
C VAL W 318 82.60 26.18 -10.46
N ILE W 319 81.38 26.09 -11.01
CA ILE W 319 80.93 24.91 -11.75
C ILE W 319 81.84 24.65 -12.93
N LYS W 320 82.12 25.64 -13.76
CA LYS W 320 82.98 25.46 -14.93
C LYS W 320 84.40 25.06 -14.55
N ALA W 321 84.97 25.57 -13.47
CA ALA W 321 86.28 25.16 -12.98
C ALA W 321 86.32 23.69 -12.54
N LEU W 322 85.24 23.17 -11.95
CA LEU W 322 85.11 21.75 -11.64
C LEU W 322 84.92 20.91 -12.90
N GLU W 323 84.20 21.39 -13.92
CA GLU W 323 84.05 20.68 -15.18
C GLU W 323 85.39 20.54 -15.92
N HIS W 324 86.19 21.62 -16.04
CA HIS W 324 87.45 21.58 -16.78
C HIS W 324 88.41 20.57 -16.16
N SER W 325 88.49 20.56 -14.84
CA SER W 325 89.32 19.62 -14.09
C SER W 325 88.79 18.19 -14.18
N SER W 326 87.49 17.97 -14.10
CA SER W 326 86.91 16.63 -14.18
C SER W 326 87.20 15.92 -15.50
N MET W 327 87.29 16.65 -16.61
CA MET W 327 87.72 16.09 -17.89
C MET W 327 89.20 15.72 -17.91
N LYS W 328 90.06 16.32 -17.08
CA LYS W 328 91.43 15.89 -16.97
C LYS W 328 91.50 14.55 -16.23
N CYS W 329 90.75 14.39 -15.14
CA CYS W 329 90.63 13.16 -14.36
C CYS W 329 89.81 12.03 -15.02
N ARG W 330 89.28 12.23 -16.25
CA ARG W 330 88.41 11.30 -16.96
C ARG W 330 87.15 10.89 -16.19
N ARG W 331 86.72 11.64 -15.16
CA ARG W 331 85.65 11.24 -14.24
C ARG W 331 84.46 12.17 -14.34
N LYS W 332 83.26 11.60 -14.22
CA LYS W 332 82.00 12.32 -14.37
C LYS W 332 81.73 13.15 -13.12
N LEU W 333 81.42 14.42 -13.28
CA LEU W 333 81.20 15.32 -12.16
C LEU W 333 79.74 15.31 -11.70
N ASP W 334 79.52 15.19 -10.40
CA ASP W 334 78.21 15.26 -9.79
C ASP W 334 78.21 16.24 -8.61
N ILE W 335 77.94 17.51 -8.87
CA ILE W 335 77.87 18.52 -7.82
C ILE W 335 76.59 18.32 -7.01
N LYS W 336 76.69 18.09 -5.71
CA LYS W 336 75.56 18.21 -4.79
C LYS W 336 75.48 19.65 -4.32
N TRP W 337 74.35 20.30 -4.52
CA TRP W 337 74.09 21.65 -4.05
C TRP W 337 73.52 21.65 -2.64
N VAL W 338 74.27 22.20 -1.69
CA VAL W 338 73.87 22.29 -0.29
C VAL W 338 73.65 23.74 0.10
N GLU W 339 72.49 24.10 0.61
CA GLU W 339 72.35 25.38 1.31
C GLU W 339 73.06 25.29 2.65
N ALA W 340 74.06 26.11 2.87
CA ALA W 340 74.87 26.07 4.08
C ALA W 340 74.02 26.22 5.35
N THR W 341 73.01 27.08 5.34
CA THR W 341 72.16 27.26 6.52
C THR W 341 71.34 26.03 6.90
N ASP W 342 71.07 25.11 5.97
CA ASP W 342 70.35 23.88 6.29
C ASP W 342 71.19 22.87 7.06
N LEU W 343 72.51 23.06 7.17
CA LEU W 343 73.36 22.23 8.01
C LEU W 343 73.28 22.60 9.49
N GLU W 344 72.76 23.77 9.83
CA GLU W 344 72.84 24.31 11.19
C GLU W 344 72.05 23.48 12.22
N PRO W 345 72.52 23.36 13.47
CA PRO W 345 71.77 22.73 14.56
C PRO W 345 70.39 23.35 14.83
N GLU W 346 70.20 24.63 14.49
CA GLU W 346 68.90 25.32 14.56
C GLU W 346 67.93 24.87 13.46
N ALA W 347 68.44 24.54 12.27
CA ALA W 347 67.59 24.11 11.16
C ALA W 347 66.85 22.81 11.49
N GLN W 348 67.40 21.97 12.37
CA GLN W 348 66.81 20.69 12.77
C GLN W 348 65.41 20.82 13.40
N GLU W 349 65.14 21.84 14.19
CA GLU W 349 63.77 22.10 14.68
C GLU W 349 62.95 22.96 13.72
N SER W 350 63.60 23.85 12.96
CA SER W 350 62.90 24.81 12.09
C SER W 350 62.34 24.17 10.82
N ASN W 351 63.15 23.35 10.13
CA ASN W 351 62.86 22.80 8.82
C ASN W 351 63.53 21.43 8.62
N LYS W 352 63.20 20.47 9.50
CA LYS W 352 63.92 19.21 9.68
C LYS W 352 64.19 18.45 8.37
N THR W 353 63.22 18.40 7.46
CA THR W 353 63.32 17.61 6.23
C THR W 353 64.51 18.04 5.37
N LYS W 354 64.64 19.33 5.13
CA LYS W 354 65.73 19.88 4.31
C LYS W 354 67.08 19.75 5.00
N PHE W 355 67.11 19.82 6.32
CA PHE W 355 68.29 19.58 7.12
C PHE W 355 68.85 18.16 6.93
N HIS W 356 68.02 17.13 6.89
CA HIS W 356 68.47 15.78 6.55
C HIS W 356 68.96 15.67 5.11
N GLU W 357 68.30 16.31 4.14
CA GLU W 357 68.78 16.29 2.76
C GLU W 357 70.18 16.93 2.66
N ALA W 358 70.39 18.05 3.33
CA ALA W 358 71.67 18.73 3.36
C ALA W 358 72.77 17.85 3.96
N TRP W 359 72.50 17.22 5.11
CA TRP W 359 73.49 16.38 5.74
C TRP W 359 73.75 15.08 5.00
N ASN W 360 72.76 14.48 4.32
CA ASN W 360 73.03 13.34 3.46
C ASN W 360 74.00 13.71 2.35
N MET W 361 73.83 14.87 1.71
CA MET W 361 74.76 15.33 0.67
C MET W 361 76.17 15.46 1.23
N VAL W 362 76.35 16.14 2.37
CA VAL W 362 77.68 16.31 3.00
C VAL W 362 78.31 14.97 3.33
N SER W 363 77.54 14.03 3.86
CA SER W 363 77.99 12.68 4.22
C SER W 363 78.31 11.78 3.04
N THR W 364 77.65 11.99 1.91
CA THR W 364 77.85 11.19 0.68
C THR W 364 79.11 11.62 -0.07
N ALA W 365 79.42 12.91 -0.10
CA ALA W 365 80.35 13.47 -1.06
C ALA W 365 81.79 12.96 -0.91
N ASP W 366 82.46 12.75 -2.04
CA ASP W 366 83.88 12.40 -2.11
C ASP W 366 84.79 13.60 -1.90
N GLY W 367 84.27 14.81 -1.95
CA GLY W 367 84.98 16.04 -1.67
C GLY W 367 84.03 17.13 -1.18
N ILE W 368 84.54 18.10 -0.43
CA ILE W 368 83.78 19.26 0.02
C ILE W 368 84.39 20.53 -0.57
N LEU W 369 83.54 21.49 -0.89
CA LEU W 369 83.92 22.74 -1.52
C LEU W 369 83.12 23.87 -0.90
N ILE W 370 83.80 24.82 -0.28
CA ILE W 370 83.18 26.04 0.23
C ILE W 370 83.56 27.15 -0.76
N PRO W 371 82.61 27.78 -1.47
CA PRO W 371 82.87 28.36 -2.79
C PRO W 371 83.19 29.87 -2.82
N GLY W 372 83.37 30.50 -1.66
CA GLY W 372 83.55 31.96 -1.60
C GLY W 372 82.25 32.72 -1.68
N GLY W 373 81.33 32.41 -0.77
CA GLY W 373 80.00 33.01 -0.70
C GLY W 373 79.97 34.51 -0.46
N PHE W 374 78.79 35.09 -0.59
CA PHE W 374 78.50 36.52 -0.38
C PHE W 374 77.76 36.73 0.96
N GLY W 375 78.29 37.60 1.81
CA GLY W 375 77.72 37.90 3.13
C GLY W 375 77.85 36.80 4.18
N VAL W 376 77.32 37.03 5.39
CA VAL W 376 77.61 36.20 6.57
C VAL W 376 76.70 35.00 6.77
N ARG W 377 75.47 35.01 6.24
CA ARG W 377 74.36 34.10 6.63
C ARG W 377 74.73 32.62 6.72
N GLY W 378 75.38 32.07 5.70
CA GLY W 378 75.71 30.63 5.64
C GLY W 378 76.81 30.16 6.60
N THR W 379 77.53 31.07 7.26
CA THR W 379 78.79 30.78 7.93
C THR W 379 78.69 29.60 8.90
N GLU W 380 77.67 29.54 9.73
CA GLU W 380 77.61 28.53 10.80
C GLU W 380 77.56 27.10 10.26
N GLY W 381 76.85 26.86 9.17
CA GLY W 381 76.86 25.55 8.52
C GLY W 381 78.16 25.26 7.79
N MET W 382 78.74 26.26 7.12
CA MET W 382 80.02 26.10 6.43
C MET W 382 81.15 25.74 7.39
N VAL W 383 81.10 26.17 8.64
CA VAL W 383 82.03 25.71 9.69
C VAL W 383 81.93 24.20 9.89
N LEU W 384 80.73 23.66 10.06
CA LEU W 384 80.48 22.23 10.27
C LEU W 384 80.86 21.39 9.04
N ALA W 385 80.69 21.91 7.83
CA ALA W 385 81.21 21.27 6.63
C ALA W 385 82.74 21.25 6.58
N ALA W 386 83.43 22.29 7.05
CA ALA W 386 84.89 22.29 7.12
C ALA W 386 85.42 21.32 8.19
N ARG W 387 84.75 21.23 9.34
CA ARG W 387 85.00 20.29 10.44
C ARG W 387 84.86 18.85 9.99
N TRP W 388 83.80 18.57 9.25
CA TRP W 388 83.55 17.25 8.66
C TRP W 388 84.69 16.76 7.78
N ALA W 389 85.31 17.63 6.99
CA ALA W 389 86.46 17.29 6.16
C ALA W 389 87.83 17.42 6.84
N ARG W 390 87.95 18.18 7.93
CA ARG W 390 89.19 18.20 8.72
C ARG W 390 89.36 16.87 9.43
N GLU W 391 88.33 16.42 10.12
CA GLU W 391 88.43 15.28 11.04
C GLU W 391 88.47 13.96 10.29
N ASN W 392 87.40 13.63 9.58
CA ASN W 392 87.36 12.56 8.61
C ASN W 392 88.17 13.02 7.38
N HIS W 393 89.08 12.24 6.83
CA HIS W 393 90.00 12.67 5.76
C HIS W 393 89.37 12.90 4.36
N ILE W 394 88.24 13.60 4.26
CA ILE W 394 87.58 14.01 3.02
C ILE W 394 88.40 15.10 2.32
N PRO W 395 88.68 15.04 1.02
CA PRO W 395 89.26 16.15 0.27
C PRO W 395 88.43 17.44 0.35
N PHE W 396 89.08 18.59 0.42
CA PHE W 396 88.45 19.89 0.64
C PHE W 396 89.13 20.99 -0.16
N LEU W 397 88.35 21.94 -0.66
CA LEU W 397 88.85 23.24 -1.11
C LEU W 397 87.98 24.36 -0.54
N GLY W 398 88.60 25.34 0.08
CA GLY W 398 87.95 26.58 0.49
C GLY W 398 88.40 27.73 -0.39
N VAL W 399 87.46 28.45 -0.97
CA VAL W 399 87.75 29.62 -1.82
C VAL W 399 87.30 30.88 -1.11
N CYS W 400 88.16 31.86 -0.91
CA CYS W 400 87.89 33.14 -0.26
C CYS W 400 87.25 33.01 1.12
N LEU W 401 85.93 33.23 1.27
CA LEU W 401 85.21 32.93 2.50
C LEU W 401 85.43 31.47 2.95
N GLY W 402 85.75 30.56 2.05
CA GLY W 402 86.13 29.20 2.40
C GLY W 402 87.47 29.12 3.11
N LEU W 403 88.49 29.91 2.76
CA LEU W 403 89.70 29.97 3.58
C LEU W 403 89.42 30.60 4.94
N GLN W 404 88.62 31.66 4.94
CA GLN W 404 88.18 32.30 6.15
C GLN W 404 87.52 31.28 7.06
N ILE W 405 86.66 30.42 6.54
CA ILE W 405 85.96 29.39 7.31
C ILE W 405 86.81 28.16 7.61
N ALA W 406 87.76 27.78 6.77
CA ALA W 406 88.77 26.81 7.13
C ALA W 406 89.60 27.28 8.32
N THR W 407 89.91 28.57 8.41
CA THR W 407 90.68 29.13 9.52
C THR W 407 89.82 29.33 10.77
N ILE W 408 88.60 29.84 10.64
CA ILE W 408 87.64 29.90 11.76
C ILE W 408 87.41 28.50 12.32
N GLU W 409 87.24 27.47 11.50
CA GLU W 409 87.00 26.12 12.02
C GLU W 409 88.22 25.56 12.73
N PHE W 410 89.40 25.60 12.10
CA PHE W 410 90.62 25.12 12.72
C PHE W 410 90.91 25.86 14.04
N THR W 411 90.64 27.15 14.11
CA THR W 411 90.66 27.91 15.37
C THR W 411 89.64 27.35 16.36
N ARG W 412 88.37 27.26 15.96
CA ARG W 412 87.21 26.87 16.78
C ARG W 412 87.23 25.41 17.28
N SER W 413 88.11 24.56 16.75
CA SER W 413 88.13 23.13 17.08
C SER W 413 89.50 22.58 17.42
N VAL W 414 90.58 23.11 16.87
CA VAL W 414 91.94 22.65 17.15
C VAL W 414 92.60 23.50 18.24
N LEU W 415 92.38 24.82 18.26
CA LEU W 415 92.86 25.73 19.32
C LEU W 415 91.87 25.91 20.48
N GLY W 416 90.73 25.23 20.48
CA GLY W 416 89.60 25.58 21.34
C GLY W 416 88.89 26.84 20.85
N ARG W 417 89.05 27.97 21.57
CA ARG W 417 88.64 29.34 21.16
C ARG W 417 87.23 29.42 20.54
N LYS W 418 86.23 28.80 21.19
CA LYS W 418 84.88 28.60 20.64
C LYS W 418 84.10 29.89 20.31
N ASP W 419 84.50 31.02 20.89
CA ASP W 419 83.93 32.35 20.62
C ASP W 419 84.41 32.99 19.29
N SER W 420 85.46 32.46 18.64
CA SER W 420 86.06 33.10 17.46
C SER W 420 85.13 33.11 16.23
N HIS W 421 85.23 34.16 15.43
CA HIS W 421 84.27 34.50 14.36
C HIS W 421 84.96 35.40 13.32
N SER W 422 84.34 35.59 12.16
CA SER W 422 84.77 36.58 11.17
C SER W 422 84.78 38.01 11.76
N ALA W 423 85.66 38.88 11.23
CA ALA W 423 85.66 40.31 11.56
C ALA W 423 84.33 41.01 11.29
N GLU W 424 83.46 40.40 10.49
CA GLU W 424 82.06 40.82 10.30
C GLU W 424 81.29 41.01 11.62
N PHE W 425 81.52 40.16 12.64
CA PHE W 425 80.97 40.35 13.99
C PHE W 425 81.84 41.33 14.79
N TYR W 426 81.88 42.56 14.29
CA TYR W 426 82.79 43.61 14.72
C TYR W 426 82.86 43.85 16.25
N PRO W 427 81.75 44.00 17.00
CA PRO W 427 81.80 44.42 18.40
C PRO W 427 82.31 43.36 19.41
N ASP W 428 82.60 42.14 18.97
CA ASP W 428 83.30 41.16 19.82
C ASP W 428 84.79 41.51 20.03
N ILE W 429 85.40 42.25 19.09
CA ILE W 429 86.78 42.77 19.09
C ILE W 429 87.86 41.70 19.33
N ASP W 430 88.07 41.23 20.56
CA ASP W 430 89.21 40.41 20.97
C ASP W 430 89.29 39.05 20.26
N GLU W 431 88.15 38.50 19.84
CA GLU W 431 88.02 37.17 19.21
C GLU W 431 87.79 37.19 17.68
N LYS W 432 87.92 38.36 17.04
CA LYS W 432 87.87 38.47 15.58
C LYS W 432 89.01 37.68 14.95
N ASN W 433 88.68 36.72 14.08
CA ASN W 433 89.64 35.85 13.39
C ASN W 433 90.34 36.56 12.20
N HIS W 434 89.87 37.74 11.80
CA HIS W 434 90.28 38.46 10.59
C HIS W 434 90.58 39.95 10.88
N VAL W 435 91.20 40.64 9.92
CA VAL W 435 91.48 42.07 9.94
C VAL W 435 91.11 42.70 8.60
N VAL W 436 90.61 43.94 8.64
CA VAL W 436 90.33 44.76 7.46
C VAL W 436 91.62 45.06 6.68
N VAL W 437 91.54 44.99 5.35
CA VAL W 437 92.62 45.37 4.43
C VAL W 437 92.02 45.90 3.12
N PHE W 438 91.58 47.16 3.12
CA PHE W 438 90.89 47.78 1.97
C PHE W 438 91.81 48.16 0.78
N MET W 439 93.13 48.33 1.00
CA MET W 439 94.09 48.87 0.02
C MET W 439 93.59 50.12 -0.71
N MET W 440 88.71 47.42 -1.42
CA MET W 440 88.79 46.00 -1.74
C MET W 440 90.06 45.65 -2.52
N ARG W 441 90.73 44.55 -2.17
CA ARG W 441 91.83 43.99 -2.98
C ARG W 441 91.22 43.28 -4.18
N LEU W 442 91.65 43.64 -5.39
CA LEU W 442 91.07 43.20 -6.68
C LEU W 442 92.16 42.84 -7.70
N GLY W 443 91.76 42.17 -8.76
CA GLY W 443 92.57 41.93 -9.95
C GLY W 443 93.73 40.96 -9.77
N LEU W 444 94.50 40.76 -10.83
CA LEU W 444 95.62 39.83 -10.87
C LEU W 444 96.75 40.35 -9.99
N ARG W 445 97.00 39.65 -8.89
CA ARG W 445 98.16 39.89 -8.02
C ARG W 445 98.99 38.60 -7.89
N PRO W 446 100.31 38.66 -7.69
CA PRO W 446 101.13 37.47 -7.49
C PRO W 446 100.85 36.79 -6.13
N THR W 447 101.31 35.57 -5.97
CA THR W 447 101.45 34.88 -4.67
C THR W 447 102.66 33.97 -4.69
N PHE W 448 103.45 33.96 -3.63
CA PHE W 448 104.76 33.34 -3.54
C PHE W 448 104.74 32.21 -2.53
N PHE W 449 105.24 31.02 -2.88
CA PHE W 449 105.30 29.91 -1.96
C PHE W 449 106.33 30.16 -0.85
N GLN W 450 106.04 29.73 0.38
CA GLN W 450 107.01 29.82 1.48
C GLN W 450 108.13 28.80 1.28
N ASN W 451 109.39 29.21 1.32
CA ASN W 451 110.50 28.51 0.63
C ASN W 451 110.85 27.09 1.15
N GLU W 452 110.32 26.68 2.30
CA GLU W 452 110.55 25.36 2.94
C GLU W 452 109.50 24.30 2.56
N THR W 453 108.33 24.70 2.01
CA THR W 453 107.13 23.84 1.94
C THR W 453 107.15 22.82 0.78
N GLU W 454 108.26 22.10 0.60
CA GLU W 454 108.47 21.11 -0.45
C GLU W 454 107.52 19.90 -0.35
N TRP W 455 106.94 19.66 0.81
CA TRP W 455 105.98 18.58 1.07
C TRP W 455 104.60 18.84 0.43
N SER W 456 104.25 20.10 0.15
CA SER W 456 102.91 20.55 -0.20
C SER W 456 102.32 19.85 -1.42
N GLN W 457 101.08 19.39 -1.32
CA GLN W 457 100.34 18.84 -2.46
C GLN W 457 100.02 19.93 -3.47
N ILE W 458 99.58 21.11 -3.02
CA ILE W 458 99.19 22.18 -3.95
C ILE W 458 100.38 22.76 -4.69
N LYS W 459 101.51 23.05 -4.06
CA LYS W 459 102.66 23.59 -4.78
C LYS W 459 103.34 22.58 -5.70
N LYS W 460 103.04 21.28 -5.55
CA LYS W 460 103.37 20.25 -6.54
C LYS W 460 102.49 20.39 -7.78
N LEU W 461 101.18 20.58 -7.65
CA LEU W 461 100.28 20.78 -8.82
C LEU W 461 100.68 21.99 -9.68
N TYR W 462 101.14 23.08 -9.06
CA TYR W 462 101.70 24.24 -9.77
C TYR W 462 103.08 23.99 -10.43
N GLY W 463 103.56 22.74 -10.51
CA GLY W 463 104.75 22.36 -11.29
C GLY W 463 106.08 22.76 -10.67
N ASP W 464 106.12 22.99 -9.36
CA ASP W 464 107.29 23.52 -8.63
C ASP W 464 107.75 24.93 -9.07
N VAL W 465 106.89 25.68 -9.76
CA VAL W 465 107.14 27.10 -10.10
C VAL W 465 107.19 27.95 -8.82
N SER W 466 108.04 28.98 -8.79
CA SER W 466 108.31 29.82 -7.62
C SER W 466 107.14 30.70 -7.17
N GLU W 467 106.25 31.10 -8.09
CA GLU W 467 105.10 31.95 -7.81
C GLU W 467 103.95 31.70 -8.78
N VAL W 468 102.77 32.16 -8.41
CA VAL W 468 101.52 32.07 -9.16
C VAL W 468 100.88 33.45 -9.30
N HIS W 469 99.96 33.66 -10.23
CA HIS W 469 99.23 34.93 -10.36
C HIS W 469 97.72 34.69 -10.44
N GLU W 470 96.92 35.40 -9.65
CA GLU W 470 95.51 35.03 -9.39
C GLU W 470 94.59 36.24 -9.14
N ARG W 471 93.29 36.08 -9.35
CA ARG W 471 92.28 37.12 -9.10
C ARG W 471 91.78 37.15 -7.65
N HIS W 472 91.50 38.32 -7.11
CA HIS W 472 91.07 38.53 -5.73
C HIS W 472 89.80 39.39 -5.67
N ARG W 473 89.01 39.33 -4.58
CA ARG W 473 87.82 40.19 -4.35
C ARG W 473 87.53 40.43 -2.84
N HIS W 474 88.54 40.51 -1.98
CA HIS W 474 88.40 40.44 -0.51
C HIS W 474 88.67 41.77 0.21
N ARG W 475 87.88 42.07 1.24
CA ARG W 475 88.09 43.18 2.20
C ARG W 475 88.66 42.74 3.56
N TYR W 476 88.67 41.44 3.86
CA TYR W 476 89.19 40.85 5.08
C TYR W 476 90.33 39.85 4.78
N GLU W 477 91.30 39.75 5.68
CA GLU W 477 92.33 38.71 5.68
C GLU W 477 92.49 38.13 7.09
N ILE W 478 93.06 36.93 7.24
CA ILE W 478 93.29 36.31 8.56
C ILE W 478 94.26 37.19 9.37
N ASN W 479 93.96 37.42 10.65
CA ASN W 479 94.72 38.36 11.48
C ASN W 479 96.17 37.88 11.64
N PRO W 480 97.20 38.61 11.15
CA PRO W 480 98.59 38.15 11.17
C PRO W 480 99.10 37.76 12.56
N LYS W 481 98.56 38.39 13.60
CA LYS W 481 98.87 38.11 15.02
C LYS W 481 98.71 36.61 15.35
N MET W 482 97.69 35.96 14.78
CA MET W 482 97.37 34.55 15.03
C MET W 482 98.16 33.57 14.17
N VAL W 483 98.74 34.00 13.05
CA VAL W 483 99.22 33.08 12.01
C VAL W 483 100.35 32.18 12.49
N ASP W 484 101.22 32.64 13.40
CA ASP W 484 102.24 31.76 13.99
C ASP W 484 101.62 30.58 14.75
N GLU W 485 100.53 30.82 15.46
CA GLU W 485 99.82 29.79 16.23
C GLU W 485 99.22 28.74 15.30
N LEU W 486 98.62 29.16 14.21
CA LEU W 486 98.07 28.31 13.17
C LEU W 486 99.18 27.53 12.43
N GLU W 487 100.29 28.18 12.05
CA GLU W 487 101.44 27.51 11.44
C GLU W 487 102.06 26.46 12.38
N ASN W 488 102.23 26.77 13.67
CA ASN W 488 102.77 25.86 14.67
C ASN W 488 101.84 24.66 14.95
N ASN W 489 100.52 24.84 14.88
CA ASN W 489 99.54 23.77 15.03
C ASN W 489 99.30 22.94 13.75
N GLY W 490 99.80 23.38 12.60
CA GLY W 490 99.83 22.60 11.35
C GLY W 490 98.98 23.11 10.21
N LEU W 491 98.21 24.18 10.40
CA LEU W 491 97.48 24.87 9.35
C LEU W 491 98.44 25.77 8.55
N ILE W 492 99.42 25.18 7.87
CA ILE W 492 100.56 25.90 7.31
C ILE W 492 100.13 26.78 6.15
N PHE W 493 100.38 28.10 6.22
CA PHE W 493 100.11 29.02 5.13
C PHE W 493 101.16 28.94 4.04
N VAL W 494 101.02 27.96 3.14
CA VAL W 494 102.03 27.63 2.11
C VAL W 494 102.25 28.72 1.04
N GLY W 495 101.41 29.75 0.97
CA GLY W 495 101.60 30.87 0.07
C GLY W 495 101.18 32.19 0.68
N LYS W 496 101.98 33.23 0.46
CA LYS W 496 101.72 34.59 0.92
C LYS W 496 102.04 35.59 -0.20
N ASP W 497 101.69 36.84 0.03
CA ASP W 497 101.90 37.93 -0.91
C ASP W 497 103.37 38.39 -0.97
N ASP W 498 103.62 39.41 -1.79
CA ASP W 498 104.91 40.08 -1.91
C ASP W 498 105.50 40.55 -0.56
N THR W 499 104.69 41.11 0.34
CA THR W 499 105.14 41.60 1.66
C THR W 499 105.36 40.47 2.68
N GLY W 500 104.70 39.32 2.51
CA GLY W 500 104.65 38.25 3.49
C GLY W 500 103.68 38.50 4.65
N LYS W 501 102.93 39.59 4.62
CA LYS W 501 101.94 39.93 5.66
C LYS W 501 100.58 39.28 5.41
N ARG W 502 100.24 38.94 4.16
CA ARG W 502 98.89 38.53 3.73
C ARG W 502 98.77 37.01 3.51
N CYS W 503 97.71 36.42 4.03
CA CYS W 503 97.40 34.99 3.97
C CYS W 503 96.75 34.60 2.62
N GLU W 504 97.50 34.09 1.65
CA GLU W 504 96.97 33.83 0.30
C GLU W 504 96.57 32.37 0.05
N ILE W 505 97.27 31.40 0.64
CA ILE W 505 96.96 29.96 0.56
C ILE W 505 97.16 29.31 1.93
N LEU W 506 96.35 28.33 2.32
CA LEU W 506 96.72 27.39 3.39
C LEU W 506 96.63 25.94 2.93
N GLU W 507 97.47 25.08 3.50
CA GLU W 507 97.36 23.64 3.42
C GLU W 507 97.52 23.07 4.83
N LEU W 508 96.62 22.20 5.25
CA LEU W 508 96.76 21.50 6.51
C LEU W 508 97.77 20.37 6.35
N LYS W 509 98.88 20.43 7.10
CA LYS W 509 99.96 19.45 7.10
C LYS W 509 99.42 18.05 7.41
N ASN W 510 99.83 17.04 6.63
CA ASN W 510 99.47 15.63 6.78
C ASN W 510 97.95 15.37 6.79
N HIS W 511 97.27 15.86 5.75
CA HIS W 511 95.90 15.50 5.34
C HIS W 511 95.89 15.20 3.83
N PRO W 512 95.11 14.23 3.31
CA PRO W 512 95.18 13.86 1.90
C PRO W 512 94.99 14.98 0.89
N TYR W 513 94.11 15.95 1.16
CA TYR W 513 93.94 17.18 0.38
C TYR W 513 93.04 18.17 1.12
N TYR W 514 93.59 19.10 1.87
CA TYR W 514 92.81 20.13 2.55
C TYR W 514 93.48 21.47 2.31
N ILE W 515 92.97 22.16 1.31
CA ILE W 515 93.50 23.41 0.78
C ILE W 515 92.47 24.50 1.02
N ALA W 516 92.93 25.71 1.24
CA ALA W 516 92.10 26.86 0.90
C ALA W 516 92.94 27.96 0.24
N THR W 517 92.28 28.82 -0.53
CA THR W 517 92.86 29.97 -1.22
C THR W 517 92.08 31.23 -0.86
N GLN W 518 92.75 32.33 -0.58
CA GLN W 518 92.05 33.60 -0.37
C GLN W 518 91.56 34.18 -1.70
N TYR W 519 92.31 33.97 -2.77
CA TYR W 519 91.89 34.25 -4.13
C TYR W 519 90.77 33.32 -4.62
N HIS W 520 90.16 33.70 -5.74
CA HIS W 520 89.17 32.94 -6.50
C HIS W 520 89.82 32.27 -7.72
N PRO W 521 90.31 31.02 -7.63
CA PRO W 521 91.00 30.33 -8.74
C PRO W 521 90.11 29.98 -9.93
N GLU W 522 88.79 29.89 -9.74
CA GLU W 522 87.82 29.67 -10.80
C GLU W 522 87.75 30.79 -11.83
N TYR W 523 88.29 31.98 -11.54
CA TYR W 523 88.41 33.05 -12.51
C TYR W 523 89.67 32.93 -13.39
N THR W 524 90.45 31.86 -13.30
CA THR W 524 91.49 31.56 -14.31
C THR W 524 91.51 30.10 -14.78
N SER W 525 90.50 29.30 -14.43
CA SER W 525 90.34 27.97 -15.02
C SER W 525 90.04 28.05 -16.52
N LYS W 526 90.75 27.28 -17.33
CA LYS W 526 90.55 27.16 -18.79
C LYS W 526 90.34 25.70 -19.18
N VAL W 527 89.67 25.43 -20.29
CA VAL W 527 89.24 24.06 -20.65
C VAL W 527 90.45 23.16 -20.94
N LEU W 528 91.55 23.66 -21.50
CA LEU W 528 92.77 22.87 -21.71
C LEU W 528 93.81 22.98 -20.58
N ASP W 529 93.68 23.98 -19.70
CA ASP W 529 94.55 24.23 -18.54
C ASP W 529 93.69 24.49 -17.29
N PRO W 530 93.27 23.44 -16.56
CA PRO W 530 92.36 23.61 -15.44
C PRO W 530 93.01 24.29 -14.25
N SER W 531 92.29 25.08 -13.46
CA SER W 531 92.90 25.81 -12.34
C SER W 531 93.32 24.85 -11.26
N LYS W 532 94.60 24.89 -10.87
CA LYS W 532 95.25 23.87 -10.05
C LYS W 532 94.57 23.54 -8.70
N PRO W 533 94.05 24.49 -7.90
CA PRO W 533 93.35 24.17 -6.66
C PRO W 533 92.10 23.33 -6.87
N PHE W 534 91.38 23.54 -7.97
CA PHE W 534 90.23 22.72 -8.36
C PHE W 534 90.63 21.39 -8.97
N LEU W 535 91.73 21.30 -9.71
CA LEU W 535 92.23 20.02 -10.19
C LEU W 535 92.59 19.10 -9.04
N GLY W 536 93.27 19.61 -8.02
CA GLY W 536 93.58 18.84 -6.82
C GLY W 536 92.35 18.35 -6.08
N LEU W 537 91.30 19.16 -5.93
CA LEU W 537 90.05 18.75 -5.29
C LEU W 537 89.40 17.59 -6.04
N VAL W 538 89.28 17.65 -7.36
CA VAL W 538 88.70 16.54 -8.11
C VAL W 538 89.61 15.32 -8.05
N ALA W 539 90.90 15.48 -8.31
CA ALA W 539 91.83 14.36 -8.34
C ALA W 539 91.92 13.63 -6.98
N ALA W 540 91.91 14.33 -5.87
CA ALA W 540 91.88 13.70 -4.55
C ALA W 540 90.50 13.08 -4.26
N SER W 541 89.40 13.66 -4.71
CA SER W 541 88.07 13.05 -4.61
C SER W 541 88.00 11.73 -5.39
N ALA W 542 88.67 11.66 -6.54
CA ALA W 542 88.89 10.45 -7.32
C ALA W 542 89.94 9.49 -6.73
N GLY W 543 90.68 9.91 -5.70
CA GLY W 543 91.73 9.12 -5.08
C GLY W 543 92.95 8.90 -5.98
N ILE W 544 93.17 9.80 -6.94
CA ILE W 544 94.19 9.69 -8.00
C ILE W 544 95.22 10.83 -7.99
N LEU W 545 95.20 11.69 -6.97
CA LEU W 545 95.96 12.94 -6.87
C LEU W 545 97.44 12.75 -7.17
N GLN W 546 98.07 11.71 -6.61
CA GLN W 546 99.49 11.40 -6.86
C GLN W 546 99.79 11.29 -8.35
N ASP W 547 98.96 10.58 -9.09
CA ASP W 547 99.21 10.21 -10.47
C ASP W 547 98.94 11.37 -11.45
N VAL W 548 98.02 12.27 -11.07
CA VAL W 548 97.81 13.55 -11.74
C VAL W 548 99.02 14.45 -11.59
N ILE W 549 99.63 14.51 -10.39
CA ILE W 549 100.85 15.28 -10.16
C ILE W 549 102.02 14.67 -10.92
N GLU W 550 102.14 13.35 -10.92
CA GLU W 550 103.19 12.60 -11.65
C GLU W 550 103.03 12.65 -13.18
N GLY W 551 101.84 12.99 -13.69
CA GLY W 551 101.61 13.30 -15.10
C GLY W 551 100.85 12.24 -15.92
N LYS W 552 100.14 11.31 -15.29
CA LYS W 552 99.35 10.24 -15.95
C LYS W 552 98.11 10.72 -16.71
N TYR W 553 97.87 12.04 -16.80
CA TYR W 553 96.64 12.63 -17.33
C TYR W 553 96.85 13.93 -18.14
N ASP W 554 98.07 14.31 -18.49
CA ASP W 554 98.29 15.35 -19.50
C ASP W 554 97.79 14.92 -20.90
N LEU W 555 97.35 15.89 -21.71
CA LEU W 555 96.57 15.65 -22.94
C LEU W 555 97.38 15.07 -24.11
N GLU W 556 98.64 15.46 -24.26
CA GLU W 556 99.57 14.97 -25.29
C GLU W 556 100.88 14.52 -24.63
N ALA W 557 101.48 13.43 -25.11
CA ALA W 557 102.70 12.85 -24.53
C ALA W 557 103.89 13.83 -24.54
N MET X 1 22.76 43.07 -33.14
CA MET X 1 23.54 41.83 -33.05
C MET X 1 24.86 42.07 -32.31
N LYS X 2 25.45 41.02 -31.72
CA LYS X 2 26.79 41.02 -31.11
C LYS X 2 27.73 40.07 -31.87
N TYR X 3 29.04 40.26 -31.80
CA TYR X 3 30.04 39.44 -32.51
C TYR X 3 31.31 39.23 -31.66
N VAL X 4 31.98 38.09 -31.80
CA VAL X 4 33.25 37.80 -31.10
C VAL X 4 34.26 37.26 -32.09
N VAL X 5 35.31 37.98 -32.39
CA VAL X 5 36.43 37.43 -33.16
C VAL X 5 37.29 36.53 -32.27
N VAL X 6 37.75 35.41 -32.80
CA VAL X 6 38.87 34.64 -32.29
C VAL X 6 39.93 34.60 -33.36
N SER X 7 41.15 34.98 -33.04
CA SER X 7 42.24 35.15 -34.03
C SER X 7 43.62 34.89 -33.42
N GLY X 8 44.68 34.96 -34.22
CA GLY X 8 45.99 35.37 -33.66
C GLY X 8 47.15 34.36 -33.65
N GLY X 9 48.21 34.77 -32.94
CA GLY X 9 49.38 33.97 -32.57
C GLY X 9 50.62 34.20 -33.43
N VAL X 10 51.78 33.72 -32.99
CA VAL X 10 53.01 33.58 -33.83
C VAL X 10 53.10 32.26 -34.61
N ILE X 11 52.15 31.33 -34.44
CA ILE X 11 52.15 30.01 -35.08
C ILE X 11 50.72 29.63 -35.46
N SER X 12 50.56 28.94 -36.57
CA SER X 12 49.33 28.19 -36.85
C SER X 12 49.30 26.91 -35.98
N GLY X 13 48.13 26.45 -35.55
CA GLY X 13 48.00 25.26 -34.69
C GLY X 13 47.99 25.55 -33.18
N ILE X 14 47.88 26.82 -32.79
CA ILE X 14 47.97 27.28 -31.40
C ILE X 14 46.78 26.89 -30.51
N GLY X 15 45.58 26.66 -31.04
CA GLY X 15 44.40 26.27 -30.25
C GLY X 15 43.08 26.99 -30.53
N LYS X 16 42.96 27.74 -31.62
CA LYS X 16 41.77 28.64 -31.86
C LYS X 16 40.42 27.94 -31.71
N GLY X 17 40.08 26.95 -32.55
CA GLY X 17 38.76 26.29 -32.56
C GLY X 17 38.21 25.92 -31.18
N VAL X 18 39.01 25.37 -30.26
CA VAL X 18 38.58 24.96 -28.89
C VAL X 18 38.30 26.24 -28.09
N LEU X 19 39.01 27.34 -28.36
CA LEU X 19 38.77 28.65 -27.69
C LEU X 19 37.57 29.30 -28.37
N ALA X 20 37.24 28.90 -29.61
CA ALA X 20 36.15 29.51 -30.41
C ALA X 20 34.82 28.85 -30.06
N SER X 21 34.57 27.63 -30.49
CA SER X 21 33.26 26.97 -30.25
C SER X 21 33.12 26.87 -28.73
N SER X 22 34.16 26.49 -28.02
CA SER X 22 34.07 26.57 -26.53
C SER X 22 33.57 27.90 -25.95
N THR X 23 33.95 29.05 -26.52
CA THR X 23 33.45 30.38 -26.10
C THR X 23 31.99 30.44 -26.53
N GLY X 24 31.65 29.87 -27.69
CA GLY X 24 30.26 29.88 -28.24
C GLY X 24 29.35 28.94 -27.47
N MET X 25 29.87 27.88 -26.85
CA MET X 25 29.08 26.92 -26.04
C MET X 25 28.66 27.66 -24.77
N LEU X 26 29.50 28.58 -24.29
CA LEU X 26 29.20 29.36 -23.05
C LEU X 26 28.28 30.51 -23.41
N MET X 27 28.31 31.02 -24.64
CA MET X 27 27.28 32.01 -24.97
C MET X 27 25.88 31.39 -24.85
N LYS X 28 25.73 30.14 -25.27
CA LYS X 28 24.50 29.36 -25.08
C LYS X 28 24.13 29.09 -23.63
N THR X 29 25.08 29.02 -22.71
CA THR X 29 24.78 28.93 -21.27
C THR X 29 23.97 30.13 -20.80
N LEU X 30 24.19 31.31 -21.39
CA LEU X 30 23.43 32.53 -21.09
C LEU X 30 22.01 32.51 -21.70
N GLY X 31 21.63 31.45 -22.43
CA GLY X 31 20.37 31.33 -23.16
C GLY X 31 20.40 31.84 -24.61
N LEU X 32 21.50 32.47 -25.04
CA LEU X 32 21.60 33.17 -26.32
C LEU X 32 21.40 32.24 -27.51
N LYS X 33 20.82 32.76 -28.59
CA LYS X 33 20.86 32.13 -29.91
C LYS X 33 22.28 32.33 -30.45
N VAL X 34 22.99 31.31 -30.94
CA VAL X 34 24.42 31.44 -31.29
C VAL X 34 24.73 30.84 -32.65
N THR X 35 25.70 31.41 -33.33
CA THR X 35 26.18 30.99 -34.64
C THR X 35 27.68 31.13 -34.73
N SER X 36 28.30 30.60 -35.77
CA SER X 36 29.74 30.64 -35.94
C SER X 36 30.13 30.71 -37.40
N ILE X 37 31.18 31.45 -37.74
CA ILE X 37 31.72 31.55 -39.09
C ILE X 37 33.21 31.24 -39.02
N LYS X 38 33.73 30.34 -39.85
CA LYS X 38 35.19 30.14 -39.93
C LYS X 38 35.72 30.74 -41.22
N ILE X 39 36.60 31.72 -41.06
CA ILE X 39 37.29 32.39 -42.14
C ILE X 39 38.57 31.65 -42.39
N ASP X 40 38.71 31.03 -43.55
CA ASP X 40 39.90 30.28 -43.93
C ASP X 40 40.77 31.04 -44.92
N PRO X 41 42.06 31.22 -44.65
CA PRO X 41 42.92 31.91 -45.58
C PRO X 41 43.31 31.12 -46.84
N TYR X 42 43.03 29.81 -46.92
CA TYR X 42 43.36 29.00 -48.09
C TYR X 42 42.49 29.31 -49.32
N MET X 43 42.99 29.01 -50.51
CA MET X 43 42.34 29.36 -51.77
C MET X 43 41.41 28.30 -52.37
N ASN X 44 41.20 27.13 -51.78
CA ASN X 44 40.11 26.25 -52.22
C ASN X 44 38.73 26.86 -51.93
N ILE X 45 37.80 26.80 -52.89
CA ILE X 45 36.42 27.25 -52.63
C ILE X 45 35.66 26.31 -51.70
N ASP X 46 35.95 25.01 -51.75
CA ASP X 46 35.34 23.99 -50.90
C ASP X 46 36.26 22.77 -50.77
N ALA X 47 35.98 21.89 -49.81
CA ALA X 47 36.74 20.66 -49.63
C ALA X 47 36.42 19.56 -50.67
N GLY X 48 35.52 19.80 -51.62
CA GLY X 48 35.14 18.82 -52.62
C GLY X 48 36.28 18.41 -53.55
N THR X 49 37.25 19.29 -53.77
CA THR X 49 38.48 18.95 -54.51
C THR X 49 39.58 18.37 -53.60
N MET X 50 39.53 18.61 -52.28
CA MET X 50 40.60 18.31 -51.34
C MET X 50 40.61 16.84 -50.93
N SER X 51 41.61 16.06 -51.35
CA SER X 51 41.69 14.64 -50.99
C SER X 51 41.87 14.46 -49.49
N PRO X 52 41.22 13.47 -48.84
CA PRO X 52 41.29 13.29 -47.38
C PRO X 52 42.67 13.05 -46.75
N LEU X 53 43.74 12.97 -47.55
CA LEU X 53 45.12 12.81 -47.11
C LEU X 53 45.72 14.09 -46.50
N GLU X 54 45.36 15.27 -47.01
CA GLU X 54 45.81 16.57 -46.48
C GLU X 54 44.63 17.52 -46.34
N HIS X 55 44.64 18.30 -45.27
CA HIS X 55 43.47 19.00 -44.70
C HIS X 55 42.37 18.09 -44.14
N GLY X 56 42.51 16.76 -44.25
CA GLY X 56 41.66 15.80 -43.56
C GLY X 56 40.24 15.68 -44.10
N GLU X 57 39.34 15.23 -43.25
CA GLU X 57 38.00 14.77 -43.63
C GLU X 57 37.11 15.86 -44.21
N CYS X 58 36.49 15.59 -45.37
CA CYS X 58 35.49 16.47 -45.97
C CYS X 58 34.19 16.44 -45.15
N PHE X 59 34.10 17.24 -44.09
CA PHE X 59 32.90 17.30 -43.26
C PHE X 59 31.66 17.63 -44.09
N VAL X 60 30.54 16.95 -43.83
CA VAL X 60 29.32 17.22 -44.59
C VAL X 60 28.06 17.79 -43.91
N LEU X 61 27.60 18.86 -44.52
CA LEU X 61 26.51 19.66 -44.00
C LEU X 61 25.13 19.00 -44.16
N ASP X 62 24.16 19.54 -43.43
CA ASP X 62 22.74 19.40 -43.73
C ASP X 62 22.47 19.75 -45.21
N ASP X 63 23.02 20.86 -45.70
CA ASP X 63 22.96 21.29 -47.10
C ASP X 63 23.90 20.53 -48.06
N GLY X 64 24.64 19.54 -47.59
CA GLY X 64 25.41 18.62 -48.44
C GLY X 64 26.67 19.17 -49.10
N GLY X 65 27.06 20.40 -48.79
CA GLY X 65 28.36 20.92 -49.22
C GLY X 65 29.51 20.24 -48.50
N GLU X 66 30.60 19.96 -49.20
CA GLU X 66 31.83 19.45 -48.59
C GLU X 66 32.67 20.62 -48.03
N THR X 67 32.46 20.94 -46.76
CA THR X 67 33.07 22.12 -46.07
C THR X 67 34.47 21.88 -45.53
N ASP X 68 35.08 22.96 -45.01
CA ASP X 68 36.18 22.85 -44.05
C ASP X 68 35.86 21.87 -42.93
N LEU X 69 36.82 21.00 -42.56
CA LEU X 69 36.64 19.98 -41.48
C LEU X 69 36.29 20.66 -40.15
N ASP X 70 36.93 21.80 -39.85
CA ASP X 70 36.76 22.46 -38.52
C ASP X 70 35.30 22.85 -38.28
N LEU X 71 34.47 23.08 -39.31
CA LEU X 71 33.08 23.56 -39.06
C LEU X 71 32.42 22.56 -38.12
N GLY X 72 32.76 21.28 -38.25
CA GLY X 72 32.14 20.23 -37.42
C GLY X 72 32.30 20.55 -35.95
N ASN X 73 33.46 21.07 -35.54
CA ASN X 73 33.74 21.34 -34.11
C ASN X 73 32.70 22.32 -33.58
N TYR X 74 32.04 23.12 -34.42
CA TYR X 74 31.02 24.12 -34.01
C TYR X 74 29.62 23.53 -34.01
N GLU X 75 29.40 22.44 -34.72
CA GLU X 75 28.04 21.82 -34.82
C GLU X 75 27.92 20.87 -33.64
N ARG X 76 29.04 20.49 -33.00
CA ARG X 76 29.06 19.63 -31.79
C ARG X 76 28.97 20.57 -30.58
N TYR X 77 29.97 21.44 -30.39
CA TYR X 77 29.96 22.46 -29.28
C TYR X 77 28.67 23.28 -29.10
N LEU X 78 28.00 23.76 -30.16
CA LEU X 78 26.83 24.71 -30.07
C LEU X 78 25.51 23.96 -30.26
N GLY X 79 25.48 22.91 -31.07
CA GLY X 79 24.22 22.26 -31.42
C GLY X 79 23.45 23.08 -32.45
N VAL X 80 24.09 23.34 -33.59
CA VAL X 80 23.57 24.15 -34.70
C VAL X 80 23.78 23.46 -36.04
N THR X 81 22.88 23.69 -36.99
CA THR X 81 23.05 23.31 -38.40
C THR X 81 23.57 24.53 -39.16
N LEU X 82 24.85 24.51 -39.54
CA LEU X 82 25.48 25.54 -40.37
C LEU X 82 25.15 25.32 -41.85
N THR X 83 25.68 26.16 -42.74
CA THR X 83 25.45 26.11 -44.19
C THR X 83 26.76 26.29 -44.96
N LYS X 84 26.77 26.08 -46.27
CA LYS X 84 27.96 26.22 -47.10
C LYS X 84 28.56 27.64 -47.05
N ASP X 85 27.75 28.65 -46.72
CA ASP X 85 28.19 30.03 -46.57
C ASP X 85 28.92 30.33 -45.26
N HIS X 86 28.78 29.54 -44.20
CA HIS X 86 29.48 29.77 -42.94
C HIS X 86 30.98 29.46 -42.99
N ASN X 87 31.48 28.90 -44.07
CA ASN X 87 32.89 28.72 -44.30
C ASN X 87 33.36 29.71 -45.36
N ILE X 88 33.71 30.92 -44.94
CA ILE X 88 34.35 31.91 -45.80
C ILE X 88 35.74 31.40 -46.16
N THR X 89 36.18 31.47 -47.40
CA THR X 89 37.55 31.15 -47.77
C THR X 89 38.11 32.17 -48.74
N THR X 90 39.42 32.31 -48.82
CA THR X 90 40.05 33.26 -49.75
C THR X 90 39.66 32.98 -51.19
N GLY X 91 39.58 31.72 -51.60
CA GLY X 91 39.11 31.38 -52.94
C GLY X 91 37.64 31.67 -53.17
N LYS X 92 36.81 31.57 -52.14
CA LYS X 92 35.38 31.82 -52.22
C LYS X 92 35.10 33.30 -52.39
N ILE X 93 35.78 34.17 -51.65
CA ILE X 93 35.53 35.61 -51.72
C ILE X 93 36.19 36.27 -52.91
N TYR X 94 37.39 35.89 -53.35
CA TYR X 94 37.87 36.38 -54.64
C TYR X 94 36.96 35.97 -55.79
N SER X 95 36.40 34.76 -55.80
CA SER X 95 35.44 34.34 -56.83
C SER X 95 34.18 35.18 -56.83
N HIS X 96 33.63 35.51 -55.67
CA HIS X 96 32.40 36.28 -55.56
C HIS X 96 32.56 37.71 -56.04
N VAL X 97 33.63 38.40 -55.63
CA VAL X 97 33.93 39.73 -56.16
C VAL X 97 34.29 39.71 -57.65
N ILE X 98 35.07 38.75 -58.13
CA ILE X 98 35.35 38.61 -59.55
C ILE X 98 34.09 38.31 -60.36
N ALA X 99 33.10 37.58 -59.83
CA ALA X 99 31.83 37.40 -60.54
C ALA X 99 31.10 38.72 -60.73
N LYS X 100 30.98 39.51 -59.66
CA LYS X 100 30.38 40.85 -59.71
C LYS X 100 31.16 41.81 -60.63
N GLU X 101 32.47 41.65 -60.78
CA GLU X 101 33.30 42.43 -61.72
C GLU X 101 32.92 42.18 -63.18
N ARG X 102 32.67 40.93 -63.58
CA ARG X 102 32.29 40.59 -64.98
C ARG X 102 30.81 40.77 -65.27
N LYS X 103 29.95 40.61 -64.26
CA LYS X 103 28.54 41.03 -64.34
C LYS X 103 28.42 42.56 -64.42
N GLY X 104 29.41 43.29 -63.92
CA GLY X 104 29.46 44.74 -63.97
C GLY X 104 28.75 45.44 -62.82
N ASP X 105 28.57 44.78 -61.67
CA ASP X 105 27.84 45.33 -60.52
C ASP X 105 28.57 46.51 -59.85
N TYR X 106 29.84 46.73 -60.18
CA TYR X 106 30.62 47.90 -59.77
C TYR X 106 30.44 49.12 -60.68
N LEU X 107 29.46 49.14 -61.59
CA LEU X 107 29.10 50.30 -62.41
C LEU X 107 30.32 50.91 -63.13
N GLY X 108 31.20 50.04 -63.62
CA GLY X 108 32.39 50.41 -64.37
C GLY X 108 33.49 51.12 -63.58
N LYS X 109 33.38 51.26 -62.25
CA LYS X 109 34.52 51.67 -61.41
C LYS X 109 35.64 50.63 -61.54
N THR X 110 36.89 50.97 -61.25
CA THR X 110 37.88 49.93 -60.95
C THR X 110 37.59 49.35 -59.58
N VAL X 111 37.79 48.05 -59.41
CA VAL X 111 37.48 47.31 -58.18
C VAL X 111 38.78 46.92 -57.51
N GLN X 112 38.88 47.17 -56.22
CA GLN X 112 40.13 47.22 -55.47
C GLN X 112 40.07 46.31 -54.26
N ILE X 113 41.20 45.87 -53.72
CA ILE X 113 41.15 45.06 -52.50
C ILE X 113 40.61 45.90 -51.34
N VAL X 114 40.96 47.18 -51.26
CA VAL X 114 40.32 48.15 -50.37
C VAL X 114 39.78 49.30 -51.22
N PRO X 115 38.50 49.70 -51.10
CA PRO X 115 37.50 49.22 -50.18
C PRO X 115 36.62 48.08 -50.69
N HIS X 116 36.61 47.74 -51.98
CA HIS X 116 35.57 46.84 -52.51
C HIS X 116 35.62 45.43 -51.94
N LEU X 117 36.76 44.75 -51.95
CA LEU X 117 36.83 43.41 -51.38
C LEU X 117 36.69 43.41 -49.85
N THR X 118 37.23 44.39 -49.14
CA THR X 118 37.01 44.46 -47.69
C THR X 118 35.58 44.81 -47.32
N ASN X 119 34.83 45.50 -48.17
CA ASN X 119 33.38 45.61 -48.04
C ASN X 119 32.71 44.28 -48.29
N ALA X 120 33.11 43.51 -49.31
CA ALA X 120 32.51 42.21 -49.58
C ALA X 120 32.61 41.27 -48.38
N ILE X 121 33.76 41.20 -47.72
CA ILE X 121 33.95 40.38 -46.53
C ILE X 121 33.03 40.84 -45.40
N GLN X 122 32.92 42.12 -45.10
CA GLN X 122 31.98 42.62 -44.09
C GLN X 122 30.52 42.32 -44.46
N ASP X 123 30.17 42.51 -45.72
CA ASP X 123 28.82 42.23 -46.20
C ASP X 123 28.50 40.73 -46.16
N TRP X 124 29.49 39.84 -46.30
CA TRP X 124 29.34 38.40 -46.11
C TRP X 124 29.16 38.03 -44.64
N ILE X 125 29.99 38.52 -43.73
CA ILE X 125 29.85 38.24 -42.30
C ILE X 125 28.50 38.68 -41.78
N GLU X 126 28.07 39.91 -42.04
CA GLU X 126 26.76 40.36 -41.56
C GLU X 126 25.60 39.71 -42.31
N ARG X 127 25.79 39.22 -43.56
CA ARG X 127 24.77 38.42 -44.24
C ARG X 127 24.57 37.11 -43.53
N VAL X 128 25.63 36.35 -43.36
CA VAL X 128 25.59 35.01 -42.80
C VAL X 128 25.15 35.01 -41.33
N ALA X 129 25.54 36.01 -40.56
CA ALA X 129 25.14 36.14 -39.17
C ALA X 129 23.62 36.36 -38.94
N LYS X 130 22.84 36.63 -39.99
CA LYS X 130 21.36 36.64 -39.93
C LYS X 130 20.74 35.25 -39.94
N ILE X 131 21.38 34.26 -40.55
CA ILE X 131 20.79 32.95 -40.84
C ILE X 131 20.45 32.23 -39.52
N PRO X 132 19.22 31.69 -39.34
CA PRO X 132 18.76 31.07 -38.11
C PRO X 132 19.24 29.62 -37.98
N VAL X 133 20.48 29.41 -37.54
CA VAL X 133 21.10 28.07 -37.45
C VAL X 133 20.64 27.24 -36.24
N ASP X 134 19.85 27.84 -35.35
CA ASP X 134 19.55 27.37 -34.00
C ASP X 134 18.19 26.65 -33.88
N ASP X 135 17.86 26.12 -32.71
CA ASP X 135 16.66 25.29 -32.45
C ASP X 135 15.31 26.03 -32.54
N THR X 136 15.30 27.31 -32.91
CA THR X 136 14.10 28.03 -33.36
C THR X 136 14.52 29.08 -34.38
N GLY X 137 13.61 29.42 -35.30
CA GLY X 137 13.90 30.19 -36.51
C GLY X 137 14.29 31.66 -36.34
N MET X 138 14.53 32.16 -35.12
CA MET X 138 14.99 33.55 -34.91
C MET X 138 16.47 33.71 -35.21
N GLU X 139 16.86 34.86 -35.75
CA GLU X 139 18.26 35.18 -36.05
C GLU X 139 19.16 35.10 -34.79
N PRO X 140 20.41 34.65 -34.90
CA PRO X 140 21.33 34.57 -33.77
C PRO X 140 21.58 35.90 -33.06
N ASP X 141 21.96 35.83 -31.78
CA ASP X 141 22.25 36.98 -30.93
C ASP X 141 23.74 37.25 -30.79
N VAL X 142 24.58 36.22 -30.90
CA VAL X 142 26.05 36.34 -30.99
C VAL X 142 26.56 35.50 -32.14
N CYS X 143 27.53 36.00 -32.90
CA CYS X 143 28.28 35.23 -33.88
C CYS X 143 29.75 35.11 -33.46
N ILE X 144 30.29 33.90 -33.39
CA ILE X 144 31.71 33.66 -33.14
C ILE X 144 32.43 33.61 -34.49
N ILE X 145 33.35 34.51 -34.77
CA ILE X 145 34.10 34.55 -36.03
C ILE X 145 35.50 34.05 -35.79
N GLU X 146 35.89 32.91 -36.31
CA GLU X 146 37.27 32.43 -36.18
C GLU X 146 38.05 32.77 -37.42
N LEU X 147 39.09 33.58 -37.25
CA LEU X 147 40.02 33.96 -38.30
C LEU X 147 41.17 32.95 -38.34
N GLY X 148 41.22 32.09 -39.34
CA GLY X 148 42.32 31.17 -39.55
C GLY X 148 43.63 31.84 -40.00
N GLY X 149 44.68 31.05 -40.12
CA GLY X 149 46.04 31.52 -40.36
C GLY X 149 46.61 32.26 -39.15
N THR X 150 47.57 33.14 -39.36
CA THR X 150 48.07 34.06 -38.33
C THR X 150 48.04 35.50 -38.80
N VAL X 151 47.75 36.43 -37.90
CA VAL X 151 47.81 37.86 -38.21
C VAL X 151 49.24 38.22 -38.63
N GLY X 152 49.41 38.91 -39.76
CA GLY X 152 50.72 39.18 -40.37
C GLY X 152 51.15 38.19 -41.47
N ASP X 153 50.25 37.28 -41.81
CA ASP X 153 50.45 36.39 -42.99
C ASP X 153 50.07 37.26 -44.21
N ILE X 154 50.65 37.04 -45.40
CA ILE X 154 50.26 37.77 -46.65
C ILE X 154 48.97 37.13 -47.17
N GLU X 155 48.50 36.06 -46.54
CA GLU X 155 47.28 35.30 -46.93
C GLU X 155 46.09 35.77 -46.09
N SER X 156 46.35 36.31 -44.89
CA SER X 156 45.29 36.73 -43.94
C SER X 156 45.14 38.25 -43.92
N ALA X 157 45.89 38.98 -44.74
CA ALA X 157 45.89 40.47 -44.71
C ALA X 157 44.53 41.04 -45.16
N PRO X 158 43.82 40.51 -46.17
CA PRO X 158 42.50 41.03 -46.54
C PRO X 158 41.45 40.93 -45.43
N PHE X 159 41.50 39.89 -44.61
CA PHE X 159 40.53 39.67 -43.54
C PHE X 159 40.75 40.54 -42.32
N VAL X 160 41.99 40.80 -41.90
CA VAL X 160 42.24 41.76 -40.81
C VAL X 160 41.91 43.20 -41.20
N GLU X 161 42.04 43.57 -42.48
CA GLU X 161 41.47 44.82 -42.97
C GLU X 161 39.94 44.80 -42.84
N ALA X 162 39.28 43.77 -43.36
CA ALA X 162 37.84 43.73 -43.35
C ALA X 162 37.27 43.72 -41.93
N LEU X 163 37.86 42.96 -41.02
CA LEU X 163 37.49 42.94 -39.62
C LEU X 163 37.77 44.30 -38.96
N ARG X 164 38.88 45.01 -39.24
CA ARG X 164 39.10 46.35 -38.67
C ARG X 164 37.95 47.28 -39.01
N GLN X 165 37.62 47.38 -40.30
CA GLN X 165 36.52 48.21 -40.77
C GLN X 165 35.20 47.75 -40.13
N PHE X 166 35.04 46.45 -39.91
CA PHE X 166 33.89 45.88 -39.24
C PHE X 166 33.77 46.31 -37.77
N GLN X 167 34.85 46.67 -37.07
CA GLN X 167 34.76 47.22 -35.72
C GLN X 167 34.03 48.58 -35.67
N PHE X 168 33.75 49.19 -36.83
CA PHE X 168 33.08 50.47 -36.96
C PHE X 168 31.71 50.32 -37.64
N LYS X 169 31.62 49.44 -38.64
CA LYS X 169 30.34 49.09 -39.30
C LYS X 169 29.37 48.46 -38.29
N VAL X 170 29.89 47.55 -37.47
CA VAL X 170 29.36 47.16 -36.16
C VAL X 170 29.95 48.11 -35.13
N GLY X 171 29.27 48.44 -34.04
CA GLY X 171 29.84 49.27 -32.99
C GLY X 171 30.81 48.55 -32.04
N LYS X 172 31.70 49.29 -31.37
CA LYS X 172 32.24 48.87 -30.08
C LYS X 172 31.08 48.74 -29.08
N GLU X 173 31.20 47.87 -28.08
CA GLU X 173 30.06 47.35 -27.31
C GLU X 173 29.07 46.49 -28.14
N ASN X 174 29.39 46.14 -29.39
CA ASN X 174 28.77 45.02 -30.11
C ASN X 174 29.81 44.04 -30.65
N PHE X 175 31.04 44.46 -30.94
CA PHE X 175 32.14 43.61 -31.37
C PHE X 175 33.22 43.49 -30.28
N ALA X 176 33.79 42.31 -30.09
CA ALA X 176 34.96 42.07 -29.22
C ALA X 176 35.92 41.03 -29.83
N LEU X 177 37.19 41.05 -29.45
CA LEU X 177 38.20 40.15 -30.00
C LEU X 177 38.96 39.39 -28.91
N ILE X 178 39.12 38.08 -29.09
CA ILE X 178 39.98 37.19 -28.32
C ILE X 178 41.20 36.86 -29.17
N HIS X 179 42.41 37.16 -28.71
CA HIS X 179 43.64 36.86 -29.46
C HIS X 179 44.35 35.71 -28.78
N VAL X 180 44.64 34.65 -29.51
CA VAL X 180 45.23 33.43 -28.95
C VAL X 180 46.72 33.45 -29.24
N SER X 181 47.59 33.29 -28.26
CA SER X 181 49.03 33.59 -28.43
C SER X 181 49.94 32.65 -27.65
N LEU X 182 51.23 32.59 -28.00
CA LEU X 182 52.14 31.57 -27.49
C LEU X 182 52.96 32.08 -26.32
N VAL X 183 53.03 31.32 -25.24
CA VAL X 183 54.02 31.52 -24.17
C VAL X 183 54.93 30.30 -24.20
N PRO X 184 56.03 30.27 -24.98
CA PRO X 184 56.93 29.15 -24.97
C PRO X 184 57.64 29.07 -23.63
N VAL X 185 57.86 27.85 -23.16
CA VAL X 185 58.67 27.58 -21.99
C VAL X 185 59.99 26.97 -22.44
N ILE X 186 61.09 27.67 -22.20
CA ILE X 186 62.44 27.13 -22.41
C ILE X 186 63.32 27.43 -21.20
N HIS X 187 64.27 26.54 -20.90
CA HIS X 187 65.04 26.59 -19.65
C HIS X 187 64.13 26.67 -18.41
N GLY X 188 62.94 26.08 -18.48
CA GLY X 188 61.92 26.13 -17.44
C GLY X 188 61.32 27.51 -17.15
N GLU X 189 61.47 28.51 -18.03
CA GLU X 189 60.86 29.84 -17.90
C GLU X 189 59.87 30.18 -19.01
N GLN X 190 58.67 30.65 -18.63
CA GLN X 190 57.64 31.19 -19.52
C GLN X 190 58.05 32.53 -20.15
N LYS X 191 58.36 32.55 -21.45
CA LYS X 191 58.77 33.79 -22.14
C LYS X 191 57.58 34.51 -22.74
N THR X 192 57.42 35.81 -22.47
CA THR X 192 56.28 36.60 -22.96
C THR X 192 56.48 37.17 -24.35
N LYS X 193 57.71 37.28 -24.86
CA LYS X 193 58.02 38.08 -26.05
C LYS X 193 57.30 37.69 -27.34
N PRO X 194 56.98 36.43 -27.66
CA PRO X 194 56.20 36.14 -28.85
C PRO X 194 54.80 36.74 -28.78
N THR X 195 54.18 36.82 -27.60
CA THR X 195 52.93 37.57 -27.40
C THR X 195 53.11 39.07 -27.60
N GLN X 196 54.20 39.69 -27.13
CA GLN X 196 54.47 41.10 -27.39
C GLN X 196 54.63 41.39 -28.89
N ALA X 197 55.47 40.66 -29.62
CA ALA X 197 55.67 40.83 -31.05
C ALA X 197 54.41 40.54 -31.88
N ALA X 198 53.57 39.56 -31.53
CA ALA X 198 52.30 39.29 -32.21
C ALA X 198 51.20 40.29 -31.85
N ILE X 199 51.24 40.93 -30.69
CA ILE X 199 50.31 42.01 -30.33
C ILE X 199 50.72 43.31 -31.00
N LYS X 200 52.03 43.59 -31.10
CA LYS X 200 52.56 44.64 -31.98
C LYS X 200 52.06 44.46 -33.41
N GLY X 201 52.17 43.25 -33.97
CA GLY X 201 51.56 42.91 -35.26
C GLY X 201 50.06 43.20 -35.30
N LEU X 202 49.30 42.74 -34.30
CA LEU X 202 47.84 42.93 -34.26
C LEU X 202 47.45 44.41 -34.27
N ARG X 203 48.03 45.24 -33.39
CA ARG X 203 47.68 46.67 -33.37
C ARG X 203 48.13 47.40 -34.62
N SER X 204 49.17 46.94 -35.31
CA SER X 204 49.58 47.52 -36.60
C SER X 204 48.45 47.48 -37.61
N LEU X 205 47.76 46.35 -37.74
CA LEU X 205 46.61 46.16 -38.63
C LEU X 205 45.29 46.71 -38.06
N GLY X 206 45.25 47.02 -36.77
CA GLY X 206 44.32 47.97 -36.15
C GLY X 206 43.24 47.37 -35.26
N LEU X 207 43.18 46.05 -35.20
CA LEU X 207 42.38 45.33 -34.23
C LEU X 207 42.99 45.50 -32.83
N VAL X 208 42.18 45.56 -31.79
CA VAL X 208 42.64 45.59 -30.39
C VAL X 208 42.00 44.45 -29.60
N PRO X 209 42.77 43.64 -28.86
CA PRO X 209 42.24 42.47 -28.18
C PRO X 209 41.58 42.87 -26.89
N ASP X 210 40.36 42.40 -26.68
CA ASP X 210 39.65 42.53 -25.42
C ASP X 210 40.00 41.42 -24.44
N MET X 211 40.54 40.32 -24.96
CA MET X 211 41.18 39.26 -24.20
C MET X 211 42.42 38.75 -24.92
N ILE X 212 43.37 38.23 -24.17
CA ILE X 212 44.43 37.38 -24.69
C ILE X 212 44.22 36.00 -24.10
N ALA X 213 44.46 34.95 -24.87
CA ALA X 213 44.38 33.59 -24.40
C ALA X 213 45.64 32.81 -24.75
N CYS X 214 46.33 32.21 -23.78
CA CYS X 214 47.65 31.65 -24.06
C CYS X 214 47.66 30.15 -24.26
N ARG X 215 48.26 29.69 -25.35
CA ARG X 215 48.85 28.36 -25.44
C ARG X 215 50.09 28.36 -24.61
N CYS X 216 50.14 27.52 -23.58
CA CYS X 216 51.31 27.35 -22.75
C CYS X 216 51.41 25.89 -22.29
N SER X 217 52.62 25.40 -22.10
CA SER X 217 52.87 24.06 -21.53
C SER X 217 52.50 23.97 -20.05
N GLU X 218 52.19 25.07 -19.38
CA GLU X 218 52.04 25.18 -17.94
C GLU X 218 50.82 26.01 -17.53
N THR X 219 50.47 26.03 -16.24
CA THR X 219 49.68 27.17 -15.73
C THR X 219 50.54 28.43 -15.83
N LEU X 220 50.05 29.51 -16.45
CA LEU X 220 50.77 30.77 -16.47
C LEU X 220 51.12 31.23 -15.06
N ASP X 221 52.37 31.59 -14.83
CA ASP X 221 52.76 32.22 -13.57
C ASP X 221 52.06 33.58 -13.42
N LYS X 222 51.76 33.95 -12.18
CA LYS X 222 51.27 35.27 -11.80
C LYS X 222 52.07 36.42 -12.44
N PRO X 223 53.41 36.43 -12.44
CA PRO X 223 54.20 37.42 -13.19
C PRO X 223 54.06 37.33 -14.70
N THR X 224 53.82 36.18 -15.31
CA THR X 224 53.62 36.09 -16.77
C THR X 224 52.33 36.78 -17.19
N ILE X 225 51.25 36.60 -16.46
CA ILE X 225 50.01 37.34 -16.67
C ILE X 225 50.24 38.84 -16.53
N ASP X 226 50.97 39.28 -15.50
CA ASP X 226 51.28 40.70 -15.31
C ASP X 226 52.15 41.26 -16.44
N LYS X 227 53.16 40.53 -16.91
CA LYS X 227 54.05 41.00 -17.99
C LYS X 227 53.42 40.91 -19.38
N ILE X 228 52.36 40.12 -19.61
CA ILE X 228 51.50 40.27 -20.80
C ILE X 228 50.56 41.47 -20.64
N ALA X 229 49.85 41.62 -19.53
CA ALA X 229 48.92 42.73 -19.35
C ALA X 229 49.60 44.11 -19.27
N MET X 230 50.87 44.20 -18.86
CA MET X 230 51.69 45.43 -18.94
C MET X 230 52.07 45.81 -20.37
N PHE X 231 51.81 44.95 -21.35
CA PHE X 231 52.20 45.10 -22.76
C PHE X 231 51.03 45.05 -23.74
N CYS X 232 49.80 44.90 -23.24
CA CYS X 232 48.57 44.83 -24.03
C CYS X 232 47.44 45.56 -23.30
N HIS X 233 46.39 45.95 -24.01
CA HIS X 233 45.34 46.80 -23.44
C HIS X 233 44.24 46.02 -22.69
N VAL X 234 44.63 44.99 -21.95
CA VAL X 234 43.76 44.06 -21.21
C VAL X 234 44.06 44.14 -19.71
N GLY X 235 43.08 43.97 -18.83
CA GLY X 235 43.36 43.77 -17.40
C GLY X 235 44.02 42.41 -17.18
N PRO X 236 44.69 42.18 -16.04
CA PRO X 236 45.33 40.89 -15.77
C PRO X 236 44.33 39.73 -15.66
N GLU X 237 43.05 40.01 -15.40
CA GLU X 237 41.95 39.04 -15.35
C GLU X 237 41.42 38.62 -16.75
N GLN X 238 41.84 39.26 -17.84
CA GLN X 238 41.55 38.87 -19.22
C GLN X 238 42.74 38.28 -19.98
N VAL X 239 43.79 37.85 -19.28
CA VAL X 239 44.78 36.94 -19.85
C VAL X 239 44.36 35.51 -19.50
N VAL X 240 43.49 34.94 -20.33
CA VAL X 240 42.94 33.59 -20.22
C VAL X 240 44.03 32.56 -20.51
N ASN X 241 43.89 31.33 -20.02
CA ASN X 241 44.87 30.27 -20.21
C ASN X 241 44.22 28.89 -20.38
N VAL X 242 44.26 28.35 -21.59
CA VAL X 242 43.78 27.01 -21.91
C VAL X 242 44.90 25.99 -21.65
N HIS X 243 45.13 25.67 -20.37
CA HIS X 243 46.15 24.69 -19.96
C HIS X 243 45.69 23.25 -20.14
N ASP X 244 46.58 22.29 -19.88
CA ASP X 244 46.24 20.86 -19.86
C ASP X 244 45.05 20.57 -18.93
N VAL X 245 44.06 19.84 -19.44
CA VAL X 245 42.82 19.44 -18.74
C VAL X 245 42.49 17.99 -19.04
N ASN X 246 41.62 17.38 -18.23
CA ASN X 246 41.36 15.94 -18.31
C ASN X 246 40.85 15.51 -19.69
N SER X 247 40.03 16.33 -20.34
CA SER X 247 39.63 16.16 -21.73
C SER X 247 39.12 17.45 -22.35
N THR X 248 39.06 17.52 -23.67
CA THR X 248 38.68 18.74 -24.41
C THR X 248 37.29 19.26 -24.06
N TYR X 249 36.37 18.40 -23.63
CA TYR X 249 35.03 18.81 -23.20
C TYR X 249 35.03 19.60 -21.89
N HIS X 250 36.13 19.63 -21.14
CA HIS X 250 36.26 20.48 -19.95
C HIS X 250 36.57 21.93 -20.28
N VAL X 251 37.09 22.25 -21.46
CA VAL X 251 37.54 23.62 -21.76
C VAL X 251 36.46 24.69 -21.53
N PRO X 252 35.18 24.55 -21.89
CA PRO X 252 34.22 25.60 -21.56
C PRO X 252 34.02 25.78 -20.05
N LEU X 253 34.15 24.74 -19.23
CA LEU X 253 34.16 24.95 -17.78
C LEU X 253 35.45 25.65 -17.34
N LEU X 254 36.62 25.33 -17.90
CA LEU X 254 37.86 26.04 -17.61
C LEU X 254 37.74 27.53 -17.93
N LEU X 255 37.23 27.90 -19.10
CA LEU X 255 37.02 29.30 -19.49
C LEU X 255 36.03 29.98 -18.54
N LEU X 256 34.92 29.35 -18.21
CA LEU X 256 33.95 29.90 -17.28
C LEU X 256 34.52 30.07 -15.86
N GLU X 257 35.36 29.17 -15.37
CA GLU X 257 36.00 29.30 -14.07
C GLU X 257 37.13 30.34 -14.05
N GLN X 258 37.79 30.59 -15.18
CA GLN X 258 38.67 31.75 -15.39
C GLN X 258 37.89 33.07 -15.59
N LYS X 259 36.59 33.12 -15.27
CA LYS X 259 35.72 34.30 -15.37
C LYS X 259 35.69 34.91 -16.77
N MET X 260 35.88 34.09 -17.79
CA MET X 260 35.93 34.57 -19.17
C MET X 260 34.60 35.20 -19.59
N ILE X 261 33.48 34.54 -19.30
CA ILE X 261 32.14 35.06 -19.63
C ILE X 261 31.70 36.20 -18.73
N ASP X 262 32.11 36.24 -17.48
CA ASP X 262 31.74 37.33 -16.58
C ASP X 262 32.32 38.68 -17.06
N TYR X 263 33.37 38.66 -17.88
CA TYR X 263 33.80 39.81 -18.67
C TYR X 263 32.97 39.99 -19.94
N LEU X 264 32.81 38.98 -20.82
CA LEU X 264 32.07 39.15 -22.08
C LEU X 264 30.63 39.62 -21.87
N HIS X 265 29.97 39.20 -20.79
CA HIS X 265 28.67 39.72 -20.38
C HIS X 265 28.67 41.26 -20.28
N ALA X 266 29.68 41.85 -19.67
CA ALA X 266 29.82 43.31 -19.54
C ALA X 266 30.37 43.95 -20.83
N ARG X 267 31.40 43.35 -21.44
CA ARG X 267 32.12 43.88 -22.61
C ARG X 267 31.26 43.91 -23.87
N LEU X 268 30.31 43.00 -24.01
CA LEU X 268 29.28 42.99 -25.06
C LEU X 268 27.91 43.43 -24.54
N LYS X 269 27.83 43.91 -23.30
CA LYS X 269 26.62 44.44 -22.64
C LYS X 269 25.37 43.57 -22.87
N LEU X 270 25.49 42.27 -22.63
CA LEU X 270 24.50 41.26 -23.02
C LEU X 270 23.17 41.30 -22.25
N ASP X 271 23.04 42.13 -21.20
CA ASP X 271 21.73 42.51 -20.68
C ASP X 271 20.81 43.14 -21.75
N GLU X 272 21.37 43.67 -22.84
CA GLU X 272 20.60 44.28 -23.93
C GLU X 272 19.91 43.25 -24.86
N ILE X 273 20.17 41.95 -24.75
CA ILE X 273 19.39 40.93 -25.46
C ILE X 273 18.14 40.60 -24.65
N THR X 274 14.02 36.07 -23.74
CA THR X 274 12.74 35.46 -23.38
C THR X 274 12.94 34.30 -22.39
N GLU X 275 11.92 33.93 -21.63
CA GLU X 275 11.99 32.85 -20.63
C GLU X 275 12.48 31.51 -21.23
N GLU X 276 12.10 31.20 -22.46
CA GLU X 276 12.60 30.01 -23.17
C GLU X 276 14.13 30.01 -23.28
N GLU X 277 14.76 31.14 -23.62
CA GLU X 277 16.22 31.27 -23.69
C GLU X 277 16.87 31.12 -22.32
N LYS X 278 16.30 31.76 -21.30
CA LYS X 278 16.83 31.70 -19.93
C LYS X 278 16.78 30.27 -19.41
N GLN X 279 15.69 29.55 -19.64
CA GLN X 279 15.58 28.13 -19.30
C GLN X 279 16.58 27.28 -20.09
N ARG X 280 16.61 27.40 -21.41
CA ARG X 280 17.54 26.63 -22.25
C ARG X 280 19.02 26.89 -21.90
N GLY X 281 19.33 28.06 -21.35
CA GLY X 281 20.63 28.34 -20.77
C GLY X 281 20.93 27.48 -19.55
N LEU X 282 20.04 27.47 -18.56
CA LEU X 282 20.24 26.65 -17.36
C LEU X 282 20.26 25.16 -17.68
N GLU X 283 19.40 24.69 -18.58
CA GLU X 283 19.43 23.30 -19.06
C GLU X 283 20.75 22.95 -19.73
N LEU X 284 21.35 23.84 -20.53
CA LEU X 284 22.64 23.55 -21.15
C LEU X 284 23.74 23.41 -20.11
N LEU X 285 23.75 24.24 -19.07
CA LEU X 285 24.66 24.05 -17.95
C LEU X 285 24.42 22.72 -17.22
N SER X 286 23.18 22.34 -16.95
CA SER X 286 22.88 21.07 -16.28
C SER X 286 23.39 19.88 -17.09
N LYS X 287 23.17 19.90 -18.41
CA LYS X 287 23.65 18.87 -19.34
C LYS X 287 25.17 18.87 -19.46
N TRP X 288 25.82 20.01 -19.32
CA TRP X 288 27.27 20.06 -19.25
C TRP X 288 27.77 19.43 -17.96
N LYS X 289 27.17 19.76 -16.81
CA LYS X 289 27.51 19.12 -15.53
C LYS X 289 27.31 17.60 -15.59
N ALA X 290 26.27 17.12 -16.26
CA ALA X 290 26.06 15.69 -16.52
C ALA X 290 27.17 15.03 -17.34
N THR X 291 27.49 15.50 -18.55
CA THR X 291 28.60 14.91 -19.35
C THR X 291 29.94 15.04 -18.65
N THR X 292 30.16 16.12 -17.90
CA THR X 292 31.36 16.25 -17.08
C THR X 292 31.39 15.22 -15.95
N GLY X 293 30.27 15.05 -15.22
CA GLY X 293 30.15 14.04 -14.18
C GLY X 293 30.40 12.64 -14.72
N ASN X 294 29.82 12.30 -15.87
CA ASN X 294 30.08 11.05 -16.58
C ASN X 294 31.54 10.80 -16.97
N PHE X 295 32.42 11.81 -16.94
CA PHE X 295 33.86 11.61 -17.12
C PHE X 295 34.53 11.30 -15.79
N ASP X 296 34.26 12.06 -14.74
CA ASP X 296 34.79 11.77 -13.39
C ASP X 296 34.30 10.41 -12.86
N GLU X 297 33.00 10.15 -12.99
CA GLU X 297 32.31 8.91 -12.60
C GLU X 297 32.54 7.76 -13.59
N GLU X 298 35.65 2.59 -15.72
CA GLU X 298 36.04 1.40 -16.49
C GLU X 298 36.21 1.68 -17.99
N THR X 299 37.19 1.05 -18.64
CA THR X 299 37.49 1.24 -20.07
C THR X 299 36.64 0.38 -21.01
N VAL X 300 36.33 0.91 -22.19
CA VAL X 300 35.85 0.19 -23.37
C VAL X 300 36.91 0.28 -24.45
N LYS X 301 37.38 -0.85 -25.00
CA LYS X 301 38.42 -0.88 -26.04
C LYS X 301 37.74 -1.11 -27.39
N ILE X 302 37.93 -0.25 -28.39
CA ILE X 302 37.31 -0.40 -29.73
C ILE X 302 38.40 -0.43 -30.80
N ALA X 303 38.41 -1.41 -31.68
CA ALA X 303 39.33 -1.39 -32.82
C ALA X 303 38.65 -0.65 -33.95
N LEU X 304 39.25 0.45 -34.40
CA LEU X 304 38.83 1.16 -35.60
C LEU X 304 39.75 0.72 -36.73
N VAL X 305 39.18 0.05 -37.72
CA VAL X 305 39.93 -0.67 -38.76
C VAL X 305 39.67 -0.01 -40.11
N GLY X 306 40.69 0.57 -40.72
CA GLY X 306 40.51 1.22 -42.01
C GLY X 306 41.81 1.49 -42.74
N LYS X 307 41.72 2.13 -43.90
CA LYS X 307 42.90 2.61 -44.65
C LYS X 307 43.61 3.72 -43.87
N TYR X 308 44.94 3.70 -43.89
CA TYR X 308 45.81 4.82 -43.50
C TYR X 308 45.43 5.49 -42.17
N THR X 309 45.07 4.71 -41.16
CA THR X 309 44.75 5.16 -39.80
C THR X 309 45.87 5.96 -39.11
N ASN X 310 47.08 5.95 -39.65
CA ASN X 310 48.18 6.84 -39.28
C ASN X 310 47.78 8.33 -39.39
N LEU X 311 46.94 8.66 -40.38
CA LEU X 311 46.45 10.01 -40.70
C LEU X 311 45.21 10.31 -39.85
N LYS X 312 45.39 10.43 -38.55
CA LYS X 312 44.31 10.41 -37.55
C LYS X 312 43.24 11.50 -37.70
N ASP X 313 43.58 12.67 -38.23
CA ASP X 313 42.57 13.69 -38.59
C ASP X 313 41.59 13.23 -39.68
N SER X 314 41.98 12.27 -40.51
CA SER X 314 41.13 11.75 -41.58
C SER X 314 39.91 10.97 -41.05
N TYR X 315 39.90 10.62 -39.76
CA TYR X 315 38.78 9.97 -39.06
C TYR X 315 38.23 10.84 -37.92
N LEU X 316 38.49 12.15 -37.91
CA LEU X 316 38.16 13.01 -36.77
C LEU X 316 36.70 12.90 -36.30
N SER X 317 35.71 12.93 -37.20
CA SER X 317 34.31 12.89 -36.79
C SER X 317 33.96 11.59 -36.10
N VAL X 318 34.51 10.47 -36.59
CA VAL X 318 34.31 9.16 -36.01
C VAL X 318 34.81 9.15 -34.58
N ILE X 319 36.01 9.69 -34.30
CA ILE X 319 36.54 9.76 -32.94
C ILE X 319 35.58 10.55 -32.05
N LYS X 320 35.16 11.74 -32.46
CA LYS X 320 34.27 12.57 -31.65
C LYS X 320 32.92 11.90 -31.41
N ALA X 321 32.37 11.17 -32.38
CA ALA X 321 31.13 10.42 -32.19
C ALA X 321 31.26 9.29 -31.15
N LEU X 322 32.42 8.63 -31.09
CA LEU X 322 32.72 7.66 -30.04
C LEU X 322 32.92 8.33 -28.67
N GLU X 323 33.53 9.52 -28.61
CA GLU X 323 33.68 10.25 -27.36
C GLU X 323 32.33 10.69 -26.78
N HIS X 324 31.43 11.24 -27.59
CA HIS X 324 30.14 11.73 -27.10
C HIS X 324 29.33 10.61 -26.49
N SER X 325 29.31 9.47 -27.16
CA SER X 325 28.63 8.26 -26.69
C SER X 325 29.29 7.67 -25.46
N SER X 326 30.61 7.61 -25.39
CA SER X 326 31.33 7.06 -24.23
C SER X 326 31.04 7.80 -22.93
N MET X 327 30.81 9.12 -22.98
CA MET X 327 30.38 9.88 -21.81
C MET X 327 28.94 9.57 -21.40
N LYS X 328 28.08 9.08 -22.29
CA LYS X 328 26.76 8.62 -21.88
C LYS X 328 26.87 7.30 -21.12
N CYS X 329 27.70 6.37 -21.60
CA CYS X 329 27.99 5.08 -20.94
C CYS X 329 28.88 5.16 -19.68
N ARG X 330 29.31 6.36 -19.27
CA ARG X 330 30.24 6.59 -18.15
C ARG X 330 31.58 5.85 -18.28
N ARG X 331 31.98 5.40 -19.47
CA ARG X 331 33.14 4.51 -19.66
C ARG X 331 34.22 5.17 -20.49
N LYS X 332 35.47 4.91 -20.14
CA LYS X 332 36.64 5.53 -20.75
C LYS X 332 36.89 4.90 -22.11
N LEU X 333 37.07 5.72 -23.14
CA LEU X 333 37.25 5.23 -24.51
C LEU X 333 38.71 4.98 -24.82
N ASP X 334 39.01 3.83 -25.39
CA ASP X 334 40.35 3.47 -25.85
C ASP X 334 40.31 2.95 -27.28
N ILE X 335 40.42 3.85 -28.26
CA ILE X 335 40.45 3.46 -29.68
C ILE X 335 41.79 2.81 -30.00
N LYS X 336 41.78 1.56 -30.46
CA LYS X 336 42.94 0.95 -31.11
C LYS X 336 42.89 1.28 -32.59
N TRP X 337 43.94 1.89 -33.11
CA TRP X 337 44.09 2.21 -34.53
C TRP X 337 44.72 1.05 -35.28
N VAL X 338 43.98 0.44 -36.19
CA VAL X 338 44.44 -0.68 -37.01
C VAL X 338 44.52 -0.25 -38.48
N GLU X 339 45.67 -0.39 -39.12
CA GLU X 339 45.72 -0.32 -40.57
C GLU X 339 45.09 -1.59 -41.13
N ALA X 340 44.02 -1.46 -41.89
CA ALA X 340 43.29 -2.59 -42.44
C ALA X 340 44.18 -3.53 -43.26
N THR X 341 45.10 -2.98 -44.06
CA THR X 341 45.98 -3.81 -44.87
C THR X 341 46.95 -4.68 -44.07
N ASP X 342 47.27 -4.32 -42.82
CA ASP X 342 48.12 -5.15 -41.97
C ASP X 342 47.43 -6.41 -41.45
N LEU X 343 46.12 -6.54 -41.60
CA LEU X 343 45.39 -7.76 -41.26
C LEU X 343 45.52 -8.83 -42.34
N GLU X 344 45.94 -8.47 -43.55
CA GLU X 344 45.86 -9.38 -44.71
C GLU X 344 46.80 -10.61 -44.58
N PRO X 345 46.41 -11.78 -45.08
CA PRO X 345 47.28 -12.96 -45.15
C PRO X 345 48.59 -12.73 -45.91
N GLU X 346 48.64 -11.77 -46.83
CA GLU X 346 49.86 -11.36 -47.55
C GLU X 346 50.81 -10.54 -46.65
N ALA X 347 50.28 -9.75 -45.72
CA ALA X 347 51.10 -8.93 -44.84
C ALA X 347 51.99 -9.79 -43.94
N GLN X 348 51.58 -11.04 -43.64
CA GLN X 348 52.31 -11.96 -42.79
C GLN X 348 53.73 -12.30 -43.30
N GLU X 349 53.93 -12.42 -44.61
CA GLU X 349 55.29 -12.59 -45.15
C GLU X 349 55.97 -11.25 -45.46
N SER X 350 55.18 -10.21 -45.79
CA SER X 350 55.74 -8.91 -46.20
C SER X 350 56.28 -8.09 -45.04
N ASN X 351 55.54 -8.00 -43.94
CA ASN X 351 55.82 -7.12 -42.80
C ASN X 351 55.27 -7.71 -41.49
N LYS X 352 55.75 -8.92 -41.14
CA LYS X 352 55.17 -9.78 -40.12
C LYS X 352 54.92 -9.07 -38.77
N THR X 353 55.83 -8.22 -38.32
CA THR X 353 55.74 -7.59 -37.00
C THR X 353 54.48 -6.75 -36.86
N LYS X 354 54.20 -5.89 -37.84
CA LYS X 354 53.02 -5.02 -37.82
C LYS X 354 51.72 -5.81 -37.97
N PHE X 355 51.77 -6.91 -38.71
CA PHE X 355 50.65 -7.84 -38.85
C PHE X 355 50.23 -8.45 -37.50
N HIS X 356 51.18 -8.85 -36.65
CA HIS X 356 50.85 -9.30 -35.29
C HIS X 356 50.29 -8.17 -34.42
N GLU X 357 50.83 -6.95 -34.51
CA GLU X 357 50.26 -5.82 -33.77
C GLU X 357 48.82 -5.54 -34.17
N ALA X 358 48.53 -5.57 -35.46
CA ALA X 358 47.18 -5.38 -35.98
C ALA X 358 46.21 -6.45 -35.46
N TRP X 359 46.60 -7.72 -35.53
CA TRP X 359 45.75 -8.80 -35.07
C TRP X 359 45.59 -8.84 -33.56
N ASN X 360 46.60 -8.48 -32.77
CA ASN X 360 46.39 -8.33 -31.34
C ASN X 360 45.34 -7.29 -31.02
N MET X 361 45.34 -6.14 -31.69
CA MET X 361 44.32 -5.11 -31.49
C MET X 361 42.94 -5.66 -31.81
N VAL X 362 42.76 -6.30 -32.97
CA VAL X 362 41.45 -6.89 -33.36
C VAL X 362 40.97 -7.92 -32.34
N SER X 363 41.87 -8.77 -31.84
CA SER X 363 41.59 -9.81 -30.86
C SER X 363 41.30 -9.28 -29.46
N THR X 364 41.86 -8.15 -29.09
CA THR X 364 41.68 -7.52 -27.78
C THR X 364 40.35 -6.79 -27.68
N ALA X 365 39.91 -6.14 -28.75
CA ALA X 365 38.87 -5.13 -28.67
C ALA X 365 37.51 -5.65 -28.23
N ASP X 366 36.79 -4.87 -27.42
CA ASP X 366 35.42 -5.11 -27.01
C ASP X 366 34.40 -4.78 -28.08
N GLY X 367 34.80 -4.06 -29.12
CA GLY X 367 33.97 -3.75 -30.28
C GLY X 367 34.83 -3.54 -31.52
N ILE X 368 34.26 -3.74 -32.70
CA ILE X 368 34.93 -3.46 -33.97
C ILE X 368 34.16 -2.38 -34.72
N LEU X 369 34.88 -1.53 -35.43
CA LEU X 369 34.35 -0.39 -36.15
C LEU X 369 35.05 -0.27 -37.47
N ILE X 370 34.31 -0.39 -38.57
CA ILE X 370 34.83 -0.14 -39.92
C ILE X 370 34.28 1.24 -40.35
N PRO X 371 35.12 2.26 -40.56
CA PRO X 371 34.74 3.66 -40.37
C PRO X 371 34.27 4.40 -41.62
N GLY X 372 34.08 3.72 -42.76
CA GLY X 372 33.75 4.39 -44.02
C GLY X 372 34.96 4.98 -44.72
N GLY X 373 35.96 4.14 -44.97
CA GLY X 373 37.21 4.51 -45.60
C GLY X 373 37.10 5.06 -47.01
N PHE X 374 38.21 5.59 -47.52
CA PHE X 374 38.35 6.16 -48.85
C PHE X 374 39.15 5.20 -49.77
N GLY X 375 38.57 4.85 -50.92
CA GLY X 375 39.17 3.93 -51.90
C GLY X 375 39.21 2.46 -51.49
N VAL X 376 39.79 1.60 -52.32
CA VAL X 376 39.64 0.13 -52.22
C VAL X 376 40.70 -0.56 -51.33
N ARG X 377 41.88 0.03 -51.16
CA ARG X 377 43.10 -0.66 -50.65
C ARG X 377 42.88 -1.53 -49.41
N GLY X 378 42.24 -1.00 -48.38
CA GLY X 378 42.06 -1.70 -47.09
C GLY X 378 41.07 -2.87 -47.10
N THR X 379 40.30 -3.04 -48.18
CA THR X 379 39.11 -3.90 -48.20
C THR X 379 39.38 -5.31 -47.69
N GLU X 380 40.45 -5.96 -48.13
CA GLU X 380 40.68 -7.38 -47.82
C GLU X 380 40.84 -7.63 -46.32
N GLY X 381 41.52 -6.75 -45.60
CA GLY X 381 41.61 -6.86 -44.15
C GLY X 381 40.30 -6.51 -43.45
N MET X 382 39.59 -5.49 -43.91
CA MET X 382 38.30 -5.10 -43.35
C MET X 382 37.26 -6.21 -43.46
N VAL X 383 37.33 -7.08 -44.47
CA VAL X 383 36.52 -8.29 -44.57
C VAL X 383 36.77 -9.22 -43.38
N LEU X 384 38.04 -9.52 -43.09
CA LEU X 384 38.44 -10.40 -41.99
C LEU X 384 38.09 -9.81 -40.62
N ALA X 385 38.14 -8.50 -40.43
CA ALA X 385 37.63 -7.85 -39.24
C ALA X 385 36.10 -7.97 -39.10
N ALA X 386 35.34 -7.90 -40.19
CA ALA X 386 33.88 -8.11 -40.14
C ALA X 386 33.52 -9.56 -39.83
N ARG X 387 34.27 -10.54 -40.38
CA ARG X 387 34.16 -11.98 -40.13
C ARG X 387 34.43 -12.32 -38.68
N TRP X 388 35.46 -11.72 -38.12
CA TRP X 388 35.82 -11.85 -36.71
C TRP X 388 34.70 -11.46 -35.76
N ALA X 389 33.95 -10.40 -36.07
CA ALA X 389 32.81 -9.97 -35.28
C ALA X 389 31.46 -10.63 -35.65
N ARG X 390 31.32 -11.19 -36.86
CA ARG X 390 30.13 -11.97 -37.21
C ARG X 390 30.13 -13.28 -36.42
N GLU X 391 31.24 -14.00 -36.45
CA GLU X 391 31.32 -15.37 -35.95
C GLU X 391 31.37 -15.40 -34.42
N ASN X 392 32.43 -14.86 -33.85
CA ASN X 392 32.52 -14.56 -32.43
C ASN X 392 31.61 -13.36 -32.14
N HIS X 393 30.76 -13.38 -31.13
CA HIS X 393 29.74 -12.33 -30.90
C HIS X 393 30.27 -10.95 -30.41
N ILE X 394 31.31 -10.41 -31.04
CA ILE X 394 31.86 -9.06 -30.79
C ILE X 394 30.89 -8.00 -31.31
N PRO X 395 30.54 -6.94 -30.57
CA PRO X 395 29.82 -5.79 -31.09
C PRO X 395 30.50 -5.13 -32.29
N PHE X 396 29.75 -4.67 -33.27
CA PHE X 396 30.26 -4.13 -34.53
C PHE X 396 29.42 -2.96 -35.04
N LEU X 397 30.07 -1.97 -35.63
CA LEU X 397 29.42 -0.98 -36.49
C LEU X 397 30.19 -0.81 -37.79
N GLY X 398 29.50 -0.91 -38.91
CA GLY X 398 30.05 -0.57 -40.21
C GLY X 398 29.43 0.72 -40.73
N VAL X 399 30.26 1.69 -41.09
CA VAL X 399 29.81 2.97 -41.65
C VAL X 399 30.17 3.04 -43.12
N CYS X 400 29.21 3.29 -44.00
CA CYS X 400 29.38 3.42 -45.45
C CYS X 400 30.12 2.21 -46.09
N LEU X 401 31.40 2.34 -46.44
CA LEU X 401 32.22 1.20 -46.86
C LEU X 401 32.18 0.06 -45.83
N GLY X 402 31.91 0.34 -44.57
CA GLY X 402 31.69 -0.68 -43.55
C GLY X 402 30.40 -1.47 -43.77
N LEU X 403 29.30 -0.88 -44.21
CA LEU X 403 28.12 -1.66 -44.60
C LEU X 403 28.41 -2.48 -45.85
N GLN X 404 29.09 -1.86 -46.81
CA GLN X 404 29.53 -2.52 -48.01
C GLN X 404 30.34 -3.77 -47.65
N ILE X 405 31.26 -3.66 -46.70
CA ILE X 405 32.11 -4.78 -46.26
C ILE X 405 31.40 -5.75 -45.30
N ALA X 406 30.46 -5.30 -44.49
CA ALA X 406 29.57 -6.21 -43.78
C ALA X 406 28.76 -7.08 -44.74
N THR X 407 28.32 -6.53 -45.86
CA THR X 407 27.56 -7.28 -46.87
C THR X 407 28.46 -8.16 -47.74
N ILE X 408 29.61 -7.67 -48.19
CA ILE X 408 30.61 -8.49 -48.87
C ILE X 408 31.02 -9.66 -47.97
N GLU X 409 31.25 -9.47 -46.68
CA GLU X 409 31.66 -10.57 -45.80
C GLU X 409 30.54 -11.59 -45.62
N PHE X 410 29.34 -11.14 -45.26
CA PHE X 410 28.21 -12.04 -45.08
C PHE X 410 27.90 -12.82 -46.38
N THR X 411 28.05 -12.20 -47.54
CA THR X 411 28.02 -12.90 -48.83
C THR X 411 29.14 -13.92 -48.93
N ARG X 412 30.39 -13.50 -48.73
CA ARG X 412 31.64 -14.29 -48.88
C ARG X 412 31.79 -15.45 -47.89
N SER X 413 30.98 -15.52 -46.84
CA SER X 413 31.13 -16.53 -45.78
C SER X 413 29.84 -17.25 -45.39
N VAL X 414 28.68 -16.60 -45.50
CA VAL X 414 27.38 -17.22 -45.17
C VAL X 414 26.71 -17.79 -46.42
N LEU X 415 26.79 -17.10 -47.57
CA LEU X 415 26.27 -17.61 -48.86
C LEU X 415 27.30 -18.40 -49.68
N GLY X 416 28.50 -18.64 -49.16
CA GLY X 416 29.65 -19.09 -49.97
C GLY X 416 30.18 -17.96 -50.85
N ARG X 417 29.95 -18.02 -52.17
CA ARG X 417 30.18 -16.93 -53.16
C ARG X 417 31.55 -16.23 -53.00
N LYS X 418 32.64 -16.99 -52.86
CA LYS X 418 33.98 -16.49 -52.49
C LYS X 418 34.59 -15.47 -53.47
N ASP X 419 34.12 -15.44 -54.71
CA ASP X 419 34.53 -14.47 -55.74
C ASP X 419 33.91 -13.06 -55.57
N SER X 420 32.89 -12.88 -54.72
CA SER X 420 32.17 -11.60 -54.64
C SER X 420 33.02 -10.46 -54.07
N HIS X 421 32.76 -9.24 -54.55
CA HIS X 421 33.63 -8.06 -54.35
C HIS X 421 32.80 -6.78 -54.54
N SER X 422 33.33 -5.64 -54.15
CA SER X 422 32.74 -4.32 -54.47
C SER X 422 32.61 -4.10 -55.99
N ALA X 423 31.63 -3.29 -56.41
CA ALA X 423 31.49 -2.86 -57.79
C ALA X 423 32.73 -2.14 -58.34
N GLU X 424 33.62 -1.68 -57.46
CA GLU X 424 34.94 -1.16 -57.80
C GLU X 424 35.76 -2.12 -58.70
N PHE X 425 35.69 -3.45 -58.49
CA PHE X 425 36.28 -4.46 -59.37
C PHE X 425 35.36 -4.73 -60.56
N TYR X 426 35.16 -3.68 -61.36
CA TYR X 426 34.17 -3.60 -62.43
C TYR X 426 34.16 -4.79 -63.41
N PRO X 427 35.29 -5.26 -63.98
CA PRO X 427 35.27 -6.25 -65.07
C PRO X 427 34.93 -7.70 -64.65
N ASP X 428 34.74 -7.98 -63.35
CA ASP X 428 34.19 -9.27 -62.91
C ASP X 428 32.69 -9.41 -63.23
N ILE X 429 31.96 -8.29 -63.34
CA ILE X 429 30.54 -8.17 -63.70
C ILE X 429 29.58 -9.02 -62.84
N ASP X 430 29.49 -10.34 -63.07
CA ASP X 430 28.46 -11.21 -62.50
C ASP X 430 28.49 -11.29 -60.97
N GLU X 431 29.66 -11.11 -60.35
CA GLU X 431 29.89 -11.23 -58.89
C GLU X 431 30.03 -9.89 -58.15
N LYS X 432 29.75 -8.76 -58.80
CA LYS X 432 29.71 -7.44 -58.16
C LYS X 432 28.62 -7.43 -57.08
N ASN X 433 29.01 -7.13 -55.84
CA ASN X 433 28.10 -7.07 -54.68
C ASN X 433 27.27 -5.77 -54.63
N HIS X 434 27.59 -4.79 -55.47
CA HIS X 434 27.04 -3.42 -55.44
C HIS X 434 26.61 -2.94 -56.83
N VAL X 435 25.88 -1.84 -56.89
CA VAL X 435 25.45 -1.16 -58.11
C VAL X 435 25.68 0.35 -57.99
N VAL X 436 26.05 0.99 -59.10
CA VAL X 436 26.17 2.45 -59.21
C VAL X 436 24.82 3.14 -58.98
N VAL X 437 24.85 4.25 -58.26
CA VAL X 437 23.69 5.13 -58.04
C VAL X 437 24.15 6.58 -57.85
N PHE X 438 24.46 7.27 -58.96
CA PHE X 438 25.01 8.63 -58.95
C PHE X 438 23.99 9.74 -58.60
N MET X 439 22.68 9.51 -58.78
CA MET X 439 21.62 10.53 -58.68
C MET X 439 21.94 11.84 -59.40
N MET X 440 27.03 11.55 -57.02
CA MET X 440 27.09 11.10 -55.64
C MET X 440 25.81 11.47 -54.86
N ARG X 441 25.27 10.55 -54.06
CA ARG X 441 24.20 10.84 -53.11
C ARG X 441 24.82 11.58 -51.91
N LEU X 442 24.29 12.75 -51.57
CA LEU X 442 24.84 13.69 -50.57
C LEU X 442 23.74 14.27 -49.68
N GLY X 443 24.16 14.88 -48.57
CA GLY X 443 23.30 15.70 -47.71
C GLY X 443 22.27 14.93 -46.90
N LEU X 444 21.47 15.67 -46.14
CA LEU X 444 20.45 15.11 -45.26
C LEU X 444 19.33 14.52 -46.08
N ARG X 445 19.20 13.20 -46.04
CA ARG X 445 18.06 12.45 -46.60
C ARG X 445 17.38 11.61 -45.52
N PRO X 446 16.07 11.34 -45.60
CA PRO X 446 15.39 10.48 -44.63
C PRO X 446 15.83 9.00 -44.77
N THR X 447 15.50 8.18 -43.78
CA THR X 447 15.50 6.72 -43.84
C THR X 447 14.39 6.15 -42.97
N PHE X 448 13.67 5.17 -43.47
CA PHE X 448 12.43 4.66 -42.89
C PHE X 448 12.62 3.20 -42.46
N PHE X 449 12.24 2.86 -41.23
CA PHE X 449 12.34 1.49 -40.74
C PHE X 449 11.35 0.57 -41.47
N GLN X 450 11.74 -0.66 -41.74
CA GLN X 450 10.85 -1.67 -42.33
C GLN X 450 9.82 -2.12 -41.28
N ASN X 451 8.53 -2.06 -41.58
CA ASN X 451 7.47 -1.95 -40.56
C ASN X 451 7.30 -3.15 -39.59
N GLU X 452 7.92 -4.29 -39.86
CA GLU X 452 7.86 -5.52 -39.05
C GLU X 452 9.00 -5.63 -38.01
N THR X 453 10.09 -4.84 -38.14
CA THR X 453 11.35 -5.10 -37.44
C THR X 453 11.38 -4.62 -35.97
N GLU X 454 10.35 -4.95 -35.21
CA GLU X 454 10.18 -4.57 -33.79
C GLU X 454 11.25 -5.16 -32.87
N TRP X 455 11.92 -6.24 -33.29
CA TRP X 455 13.01 -6.91 -32.57
C TRP X 455 14.32 -6.10 -32.54
N SER X 456 14.51 -5.18 -33.49
CA SER X 456 15.78 -4.51 -33.79
C SER X 456 16.38 -3.77 -32.60
N GLN X 457 17.66 -3.97 -32.33
CA GLN X 457 18.38 -3.20 -31.32
C GLN X 457 18.54 -1.74 -31.75
N ILE X 458 18.88 -1.48 -33.03
CA ILE X 458 19.11 -0.12 -33.49
C ILE X 458 17.82 0.71 -33.52
N LYS X 459 16.70 0.19 -34.03
CA LYS X 459 15.45 0.98 -34.05
C LYS X 459 14.85 1.18 -32.66
N LYS X 460 15.29 0.42 -31.65
CA LYS X 460 15.01 0.72 -30.25
C LYS X 460 15.80 1.94 -29.78
N LEU X 461 17.10 2.05 -30.08
CA LEU X 461 17.90 3.24 -29.71
C LEU X 461 17.34 4.55 -30.29
N TYR X 462 16.80 4.54 -31.50
CA TYR X 462 16.08 5.67 -32.10
C TYR X 462 14.71 5.98 -31.46
N GLY X 463 14.36 5.36 -30.34
CA GLY X 463 13.17 5.72 -29.53
C GLY X 463 11.84 5.26 -30.11
N ASP X 464 11.84 4.25 -30.98
CA ASP X 464 10.67 3.77 -31.73
C ASP X 464 10.04 4.82 -32.69
N VAL X 465 10.79 5.89 -33.03
CA VAL X 465 10.36 6.86 -34.05
C VAL X 465 10.30 6.19 -35.43
N SER X 466 9.34 6.60 -36.26
CA SER X 466 9.05 6.00 -37.58
C SER X 466 10.15 6.19 -38.64
N GLU X 467 10.94 7.26 -38.56
CA GLU X 467 12.01 7.56 -39.49
C GLU X 467 13.12 8.38 -38.85
N VAL X 468 14.27 8.41 -39.52
CA VAL X 468 15.49 9.13 -39.12
C VAL X 468 15.96 10.02 -40.27
N HIS X 469 16.81 11.02 -40.03
CA HIS X 469 17.39 11.84 -41.10
C HIS X 469 18.92 11.94 -40.95
N GLU X 470 19.69 11.70 -42.01
CA GLU X 470 21.13 11.42 -41.92
C GLU X 470 21.94 11.92 -43.14
N ARG X 471 23.23 12.15 -42.97
CA ARG X 471 24.14 12.56 -44.06
C ARG X 471 24.71 11.38 -44.85
N HIS X 472 24.90 11.54 -46.15
CA HIS X 472 25.38 10.51 -47.06
C HIS X 472 26.56 11.02 -47.90
N ARG X 473 27.40 10.13 -48.47
CA ARG X 473 28.50 10.48 -49.39
C ARG X 473 28.84 9.35 -50.39
N HIS X 474 27.88 8.55 -50.84
CA HIS X 474 28.11 7.28 -51.53
C HIS X 474 27.74 7.31 -53.03
N ARG X 475 28.55 6.64 -53.86
CA ARG X 475 28.28 6.36 -55.29
C ARG X 475 27.83 4.92 -55.58
N TYR X 476 27.97 4.02 -54.62
CA TYR X 476 27.58 2.62 -54.70
C TYR X 476 26.54 2.26 -53.64
N GLU X 477 25.64 1.34 -53.94
CA GLU X 477 24.72 0.70 -53.00
C GLU X 477 24.70 -0.82 -53.22
N ILE X 478 24.27 -1.60 -52.23
CA ILE X 478 24.18 -3.07 -52.36
C ILE X 478 23.16 -3.41 -53.47
N ASN X 479 23.51 -4.36 -54.35
CA ASN X 479 22.69 -4.67 -55.53
C ASN X 479 21.31 -5.20 -55.11
N PRO X 480 20.19 -4.52 -55.42
CA PRO X 480 18.85 -4.90 -54.96
C PRO X 480 18.46 -6.33 -55.31
N LYS X 481 18.99 -6.87 -56.41
CA LYS X 481 18.79 -8.24 -56.87
C LYS X 481 19.13 -9.27 -55.78
N MET X 482 20.17 -9.00 -54.99
CA MET X 482 20.65 -9.91 -53.94
C MET X 482 19.92 -9.74 -52.60
N VAL X 483 19.24 -8.63 -52.36
CA VAL X 483 18.80 -8.25 -51.01
C VAL X 483 17.79 -9.23 -50.41
N ASP X 484 16.94 -9.87 -51.22
CA ASP X 484 16.05 -10.91 -50.71
C ASP X 484 16.83 -12.10 -50.13
N GLU X 485 17.93 -12.49 -50.77
CA GLU X 485 18.78 -13.59 -50.32
C GLU X 485 19.43 -13.28 -48.98
N LEU X 486 19.93 -12.06 -48.82
CA LEU X 486 20.50 -11.55 -47.58
C LEU X 486 19.44 -11.42 -46.48
N GLU X 487 18.26 -10.88 -46.78
CA GLU X 487 17.15 -10.81 -45.81
C GLU X 487 16.69 -12.20 -45.35
N ASN X 488 16.56 -13.16 -46.27
CA ASN X 488 16.17 -14.55 -45.98
C ASN X 488 17.23 -15.30 -45.15
N ASN X 489 18.52 -15.02 -45.35
CA ASN X 489 19.60 -15.59 -44.56
C ASN X 489 19.86 -14.89 -43.22
N GLY X 490 19.26 -13.72 -42.97
CA GLY X 490 19.25 -13.07 -41.66
C GLY X 490 19.98 -11.74 -41.56
N LEU X 491 20.64 -11.28 -42.63
CA LEU X 491 21.24 -9.96 -42.73
C LEU X 491 20.15 -8.92 -43.03
N ILE X 492 19.20 -8.74 -42.11
CA ILE X 492 17.95 -8.00 -42.37
C ILE X 492 18.24 -6.51 -42.55
N PHE X 493 17.85 -5.94 -43.70
CA PHE X 493 17.97 -4.51 -43.95
C PHE X 493 16.87 -3.71 -43.25
N VAL X 494 17.07 -3.43 -41.96
CA VAL X 494 16.04 -2.81 -41.09
C VAL X 494 15.65 -1.38 -41.45
N GLY X 495 16.38 -0.71 -42.34
CA GLY X 495 16.03 0.61 -42.84
C GLY X 495 16.34 0.80 -44.32
N LYS X 496 15.42 1.44 -45.03
CA LYS X 496 15.56 1.77 -46.45
C LYS X 496 15.08 3.19 -46.71
N ASP X 497 15.32 3.67 -47.92
CA ASP X 497 14.93 5.00 -48.36
C ASP X 497 13.43 5.14 -48.63
N ASP X 498 13.03 6.34 -49.06
CA ASP X 498 11.67 6.65 -49.50
C ASP X 498 11.12 5.67 -50.56
N THR X 499 11.91 5.26 -51.56
CA THR X 499 11.48 4.34 -52.62
C THR X 499 11.43 2.87 -52.16
N GLY X 500 12.19 2.51 -51.13
CA GLY X 500 12.42 1.13 -50.72
C GLY X 500 13.41 0.34 -51.59
N LYS X 501 14.04 1.00 -52.56
CA LYS X 501 15.05 0.39 -53.43
C LYS X 501 16.46 0.40 -52.84
N ARG X 502 16.76 1.34 -51.93
CA ARG X 502 18.12 1.63 -51.44
C ARG X 502 18.39 1.07 -50.04
N CYS X 503 19.53 0.42 -49.87
CA CYS X 503 19.98 -0.21 -48.62
C CYS X 503 20.59 0.80 -47.63
N GLU X 504 19.85 1.31 -46.65
CA GLU X 504 20.32 2.38 -45.78
C GLU X 504 20.86 1.89 -44.42
N ILE X 505 20.30 0.82 -43.84
CA ILE X 505 20.76 0.19 -42.59
C ILE X 505 20.70 -1.33 -42.74
N LEU X 506 21.62 -2.08 -42.14
CA LEU X 506 21.41 -3.50 -41.86
C LEU X 506 21.63 -3.84 -40.39
N GLU X 507 20.91 -4.84 -39.90
CA GLU X 507 21.17 -5.49 -38.63
C GLU X 507 21.14 -7.00 -38.85
N LEU X 508 22.15 -7.72 -38.39
CA LEU X 508 22.15 -9.18 -38.43
C LEU X 508 21.25 -9.71 -37.31
N LYS X 509 20.18 -10.42 -37.68
CA LYS X 509 19.21 -11.03 -36.77
C LYS X 509 19.91 -11.95 -35.76
N ASN X 510 19.58 -11.83 -34.48
CA ASN X 510 20.09 -12.65 -33.37
C ASN X 510 21.63 -12.63 -33.25
N HIS X 511 22.19 -11.43 -33.19
CA HIS X 511 23.56 -11.14 -32.75
C HIS X 511 23.53 -9.99 -31.72
N PRO X 512 24.37 -9.95 -30.66
CA PRO X 512 24.27 -8.93 -29.61
C PRO X 512 24.29 -7.47 -30.07
N TYR X 513 25.07 -7.14 -31.09
CA TYR X 513 25.06 -5.83 -31.76
C TYR X 513 25.91 -5.88 -33.03
N TYR X 514 25.30 -6.09 -34.18
CA TYR X 514 26.00 -6.08 -35.46
C TYR X 514 25.19 -5.26 -36.44
N ILE X 515 25.57 -4.00 -36.55
CA ILE X 515 24.89 -2.97 -37.32
C ILE X 515 25.81 -2.52 -38.43
N ALA X 516 25.23 -2.13 -39.56
CA ALA X 516 25.92 -1.19 -40.41
C ALA X 516 24.94 -0.15 -40.96
N THR X 517 25.46 1.01 -41.34
CA THR X 517 24.73 2.14 -41.94
C THR X 517 25.39 2.54 -43.25
N GLN X 518 24.63 2.78 -44.31
CA GLN X 518 25.20 3.32 -45.54
C GLN X 518 25.57 4.80 -45.37
N TYR X 519 24.78 5.54 -44.59
CA TYR X 519 25.09 6.89 -44.17
C TYR X 519 26.27 6.95 -43.19
N HIS X 520 26.77 8.16 -42.98
CA HIS X 520 27.79 8.51 -42.00
C HIS X 520 27.16 9.16 -40.75
N PRO X 521 26.81 8.41 -39.69
CA PRO X 521 26.14 8.94 -38.51
C PRO X 521 26.99 9.87 -37.65
N GLU X 522 28.32 9.80 -37.75
CA GLU X 522 29.26 10.68 -37.07
C GLU X 522 29.14 12.14 -37.51
N TYR X 523 28.50 12.43 -38.65
CA TYR X 523 28.22 13.81 -39.05
C TYR X 523 26.94 14.37 -38.42
N THR X 524 26.28 13.67 -37.49
CA THR X 524 25.23 14.28 -36.66
C THR X 524 25.33 13.94 -35.17
N SER X 525 26.43 13.34 -34.72
CA SER X 525 26.69 13.18 -33.30
C SER X 525 26.90 14.53 -32.61
N LYS X 526 26.23 14.78 -31.49
CA LYS X 526 26.37 15.98 -30.65
C LYS X 526 26.70 15.60 -29.21
N VAL X 527 27.35 16.48 -28.45
CA VAL X 527 27.88 16.14 -27.12
C VAL X 527 26.77 15.80 -26.12
N LEU X 528 25.59 16.43 -26.21
CA LEU X 528 24.45 16.09 -25.35
C LEU X 528 23.48 15.07 -25.96
N ASP X 529 23.55 14.84 -27.27
CA ASP X 529 22.72 13.88 -28.03
C ASP X 529 23.61 13.03 -28.94
N PRO X 530 24.17 11.92 -28.45
CA PRO X 530 25.13 11.12 -29.23
C PRO X 530 24.46 10.39 -30.38
N SER X 531 25.14 10.19 -31.50
CA SER X 531 24.53 9.55 -32.67
C SER X 531 24.26 8.08 -32.37
N LYS X 532 23.01 7.64 -32.53
CA LYS X 532 22.51 6.36 -32.04
C LYS X 532 23.30 5.11 -32.49
N PRO X 533 23.75 4.96 -33.75
CA PRO X 533 24.54 3.80 -34.16
C PRO X 533 25.87 3.68 -33.41
N PHE X 534 26.50 4.80 -33.05
CA PHE X 534 27.70 4.83 -32.23
C PHE X 534 27.41 4.63 -30.76
N LEU X 535 26.29 5.12 -30.23
CA LEU X 535 25.91 4.84 -28.85
C LEU X 535 25.71 3.33 -28.64
N GLY X 536 25.03 2.67 -29.56
CA GLY X 536 24.86 1.22 -29.49
C GLY X 536 26.18 0.45 -29.52
N LEU X 537 27.14 0.84 -30.37
CA LEU X 537 28.46 0.21 -30.42
C LEU X 537 29.19 0.33 -29.09
N VAL X 538 29.23 1.50 -28.46
CA VAL X 538 29.88 1.64 -27.17
C VAL X 538 29.10 0.88 -26.11
N ALA X 539 27.79 1.05 -26.02
CA ALA X 539 27.00 0.42 -24.99
C ALA X 539 27.05 -1.12 -25.05
N ALA X 540 27.05 -1.72 -26.23
CA ALA X 540 27.21 -3.16 -26.35
C ALA X 540 28.66 -3.59 -26.07
N SER X 541 29.66 -2.81 -26.41
CA SER X 541 31.05 -3.07 -26.01
C SER X 541 31.22 -3.06 -24.49
N ALA X 542 30.50 -2.18 -23.80
CA ALA X 542 30.36 -2.14 -22.35
C ALA X 542 29.45 -3.23 -21.76
N GLY X 543 28.74 -3.98 -22.60
CA GLY X 543 27.81 -5.02 -22.19
C GLY X 543 26.57 -4.49 -21.46
N ILE X 544 26.20 -3.23 -21.72
CA ILE X 544 25.14 -2.48 -21.02
C ILE X 544 24.01 -2.01 -21.94
N LEU X 545 23.99 -2.45 -23.20
CA LEU X 545 23.11 -1.97 -24.27
C LEU X 545 21.64 -1.96 -23.86
N GLN X 546 21.16 -3.02 -23.22
CA GLN X 546 19.78 -3.11 -22.75
C GLN X 546 19.39 -1.91 -21.87
N ASP X 547 20.26 -1.56 -20.93
CA ASP X 547 19.98 -0.60 -19.88
C ASP X 547 20.07 0.85 -20.40
N VAL X 548 20.91 1.08 -21.41
CA VAL X 548 20.95 2.33 -22.18
C VAL X 548 19.66 2.53 -22.95
N ILE X 549 19.12 1.47 -23.58
CA ILE X 549 17.84 1.55 -24.29
C ILE X 549 16.69 1.76 -23.30
N GLU X 550 16.71 1.08 -22.16
CA GLU X 550 15.72 1.23 -21.10
C GLU X 550 15.79 2.58 -20.35
N GLY X 551 16.91 3.31 -20.45
CA GLY X 551 17.02 4.69 -20.00
C GLY X 551 17.84 4.94 -18.73
N LYS X 552 18.68 4.00 -18.29
CA LYS X 552 19.53 4.10 -17.09
C LYS X 552 20.69 5.12 -17.19
N TYR X 553 20.77 5.88 -18.28
CA TYR X 553 21.91 6.76 -18.60
C TYR X 553 21.53 8.09 -19.27
N ASP X 554 20.25 8.46 -19.35
CA ASP X 554 19.87 9.83 -19.71
C ASP X 554 20.34 10.86 -18.65
N LEU X 555 20.62 12.10 -19.09
CA LEU X 555 21.36 13.11 -18.29
C LEU X 555 20.55 13.73 -17.15
N GLU X 556 19.25 13.93 -17.34
CA GLU X 556 18.33 14.47 -16.33
C GLU X 556 17.10 13.55 -16.20
N ALA X 557 16.59 13.35 -14.99
CA ALA X 557 15.48 12.44 -14.71
C ALA X 557 14.20 12.82 -15.47
N MET Y 1 -32.73 2.88 3.40
CA MET Y 1 -32.12 3.80 2.44
C MET Y 1 -32.47 3.41 1.00
N LYS Y 2 -32.41 4.35 0.06
CA LYS Y 2 -32.54 4.11 -1.39
C LYS Y 2 -31.24 4.47 -2.13
N TYR Y 3 -30.99 3.93 -3.30
CA TYR Y 3 -29.77 4.15 -4.09
C TYR Y 3 -30.05 4.21 -5.60
N VAL Y 4 -29.30 4.99 -6.36
CA VAL Y 4 -29.42 5.09 -7.83
C VAL Y 4 -28.05 4.97 -8.46
N VAL Y 5 -27.75 3.92 -9.17
CA VAL Y 5 -26.54 3.84 -9.99
C VAL Y 5 -26.72 4.65 -11.27
N VAL Y 6 -25.70 5.37 -11.68
CA VAL Y 6 -25.53 5.89 -13.03
C VAL Y 6 -24.25 5.29 -13.60
N SER Y 7 -24.33 4.67 -14.76
CA SER Y 7 -23.20 3.89 -15.33
C SER Y 7 -23.23 3.88 -16.86
N GLY Y 8 -22.25 3.25 -17.50
CA GLY Y 8 -22.50 2.67 -18.84
C GLY Y 8 -21.80 3.23 -20.07
N GLY Y 9 -22.26 2.74 -21.22
CA GLY Y 9 -21.93 3.22 -22.57
C GLY Y 9 -20.90 2.38 -23.33
N VAL Y 10 -20.75 2.60 -24.64
CA VAL Y 10 -19.61 2.10 -25.45
C VAL Y 10 -18.40 3.04 -25.47
N ILE Y 11 -18.47 4.22 -24.85
CA ILE Y 11 -17.41 5.23 -24.83
C ILE Y 11 -17.34 5.90 -23.46
N SER Y 12 -16.15 6.25 -23.01
CA SER Y 12 -15.98 7.22 -21.93
C SER Y 12 -16.26 8.63 -22.46
N GLY Y 13 -16.80 9.53 -21.65
CA GLY Y 13 -17.14 10.91 -22.07
C GLY Y 13 -18.57 11.09 -22.59
N ILE Y 14 -19.44 10.09 -22.42
CA ILE Y 14 -20.81 10.06 -22.93
C ILE Y 14 -21.79 11.03 -22.28
N GLY Y 15 -21.58 11.45 -21.03
CA GLY Y 15 -22.47 12.39 -20.33
C GLY Y 15 -22.89 12.05 -18.90
N LYS Y 16 -22.26 11.09 -18.23
CA LYS Y 16 -22.74 10.56 -16.90
C LYS Y 16 -23.00 11.66 -15.86
N GLY Y 17 -21.99 12.40 -15.41
CA GLY Y 17 -22.11 13.40 -14.32
C GLY Y 17 -23.34 14.32 -14.42
N VAL Y 18 -23.69 14.84 -15.60
CA VAL Y 18 -24.86 15.75 -15.80
C VAL Y 18 -26.14 14.91 -15.63
N LEU Y 19 -26.11 13.62 -15.98
CA LEU Y 19 -27.28 12.71 -15.77
C LEU Y 19 -27.28 12.27 -14.30
N ALA Y 20 -26.14 12.36 -13.62
CA ALA Y 20 -25.99 11.91 -12.21
C ALA Y 20 -26.45 13.02 -11.27
N SER Y 21 -25.66 14.08 -11.08
CA SER Y 21 -26.01 15.14 -10.10
C SER Y 21 -27.34 15.71 -10.57
N SER Y 22 -27.51 15.96 -11.86
CA SER Y 22 -28.87 16.35 -12.33
C SER Y 22 -30.04 15.48 -11.86
N THR Y 23 -29.87 14.15 -11.78
CA THR Y 23 -30.89 13.23 -11.25
C THR Y 23 -30.97 13.48 -9.75
N GLY Y 24 -29.83 13.75 -9.09
CA GLY Y 24 -29.77 14.01 -7.64
C GLY Y 24 -30.35 15.36 -7.26
N MET Y 25 -30.32 16.35 -8.17
CA MET Y 25 -30.90 17.70 -7.94
C MET Y 25 -32.42 17.52 -7.91
N LEU Y 26 -32.95 16.58 -8.69
CA LEU Y 26 -34.42 16.33 -8.76
C LEU Y 26 -34.82 15.46 -7.57
N MET Y 27 -33.93 14.63 -7.03
CA MET Y 27 -34.32 13.94 -5.80
C MET Y 27 -34.59 14.97 -4.69
N LYS Y 28 -33.80 16.03 -4.62
CA LYS Y 28 -34.02 17.17 -3.71
C LYS Y 28 -35.30 17.95 -3.98
N THR Y 29 -35.80 17.99 -5.21
CA THR Y 29 -37.12 18.59 -5.50
C THR Y 29 -38.23 17.89 -4.73
N LEU Y 30 -38.10 16.58 -4.49
CA LEU Y 30 -39.05 15.79 -3.70
C LEU Y 30 -38.93 16.06 -2.19
N GLY Y 31 -37.99 16.91 -1.75
CA GLY Y 31 -37.67 17.20 -0.35
C GLY Y 31 -36.60 16.29 0.27
N LEU Y 32 -36.14 15.26 -0.45
CA LEU Y 32 -35.25 14.22 0.07
C LEU Y 32 -33.91 14.78 0.54
N LYS Y 33 -33.34 14.16 1.57
CA LYS Y 33 -31.93 14.33 1.92
C LYS Y 33 -31.10 13.55 0.89
N VAL Y 34 -30.08 14.12 0.26
CA VAL Y 34 -29.41 13.47 -0.89
C VAL Y 34 -27.90 13.51 -0.77
N THR Y 35 -27.23 12.49 -1.27
CA THR Y 35 -25.78 12.35 -1.28
C THR Y 35 -25.33 11.75 -2.59
N SER Y 36 -24.04 11.73 -2.85
CA SER Y 36 -23.46 11.20 -4.07
C SER Y 36 -22.11 10.58 -3.87
N ILE Y 37 -21.78 9.50 -4.55
CA ILE Y 37 -20.48 8.85 -4.52
C ILE Y 37 -19.98 8.71 -5.94
N LYS Y 38 -18.76 9.12 -6.26
CA LYS Y 38 -18.17 8.83 -7.58
C LYS Y 38 -17.13 7.74 -7.46
N ILE Y 39 -17.39 6.64 -8.15
CA ILE Y 39 -16.50 5.49 -8.24
C ILE Y 39 -15.61 5.71 -9.44
N ASP Y 40 -14.32 5.89 -9.23
CA ASP Y 40 -13.35 6.09 -10.29
C ASP Y 40 -12.52 4.84 -10.57
N PRO Y 41 -12.44 4.36 -11.81
CA PRO Y 41 -11.64 3.20 -12.11
C PRO Y 41 -10.12 3.44 -12.12
N TYR Y 42 -9.64 4.68 -12.07
CA TYR Y 42 -8.21 4.97 -12.07
C TYR Y 42 -7.50 4.59 -10.75
N MET Y 43 -6.20 4.36 -10.81
CA MET Y 43 -5.41 3.87 -9.67
C MET Y 43 -4.77 4.93 -8.79
N ASN Y 44 -4.89 6.23 -9.03
CA ASN Y 44 -4.49 7.23 -8.04
C ASN Y 44 -5.38 7.18 -6.79
N ILE Y 45 -4.79 7.23 -5.59
CA ILE Y 45 -5.59 7.32 -4.36
C ILE Y 45 -6.27 8.67 -4.19
N ASP Y 46 -5.64 9.76 -4.66
CA ASP Y 46 -6.18 11.12 -4.63
C ASP Y 46 -5.55 11.98 -5.72
N ALA Y 47 -6.13 13.15 -6.00
CA ALA Y 47 -5.60 14.09 -6.98
C ALA Y 47 -4.37 14.87 -6.49
N GLY Y 48 -3.89 14.64 -5.27
CA GLY Y 48 -2.74 15.35 -4.70
C GLY Y 48 -1.44 15.10 -5.46
N THR Y 49 -1.30 13.95 -6.10
CA THR Y 49 -0.16 13.66 -7.00
C THR Y 49 -0.41 14.12 -8.44
N MET Y 50 -1.67 14.31 -8.85
CA MET Y 50 -2.06 14.53 -10.24
C MET Y 50 -1.86 15.99 -10.66
N SER Y 51 -0.90 16.26 -11.56
CA SER Y 51 -0.64 17.63 -12.02
C SER Y 51 -1.84 18.19 -12.79
N PRO Y 52 -2.22 19.46 -12.62
CA PRO Y 52 -3.40 20.05 -13.27
C PRO Y 52 -3.46 20.03 -14.81
N LEU Y 53 -2.42 19.54 -15.49
CA LEU Y 53 -2.33 19.40 -16.94
C LEU Y 53 -3.19 18.23 -17.49
N GLU Y 54 -3.29 17.12 -16.76
CA GLU Y 54 -4.12 15.97 -17.13
C GLU Y 54 -4.96 15.50 -15.95
N HIS Y 55 -6.19 15.11 -16.23
CA HIS Y 55 -7.31 15.00 -15.26
C HIS Y 55 -7.76 16.33 -14.63
N GLY Y 56 -7.12 17.45 -14.97
CA GLY Y 56 -7.60 18.78 -14.63
C GLY Y 56 -7.49 19.16 -13.15
N GLU Y 57 -8.34 20.09 -12.74
CA GLU Y 57 -8.22 20.81 -11.48
C GLU Y 57 -8.38 19.92 -10.24
N CYS Y 58 -7.46 20.01 -9.28
CA CYS Y 58 -7.56 19.33 -7.99
C CYS Y 58 -8.65 20.00 -7.13
N PHE Y 59 -9.92 19.62 -7.31
CA PHE Y 59 -11.01 20.18 -6.53
C PHE Y 59 -10.79 20.01 -5.03
N VAL Y 60 -11.08 21.03 -4.23
CA VAL Y 60 -10.87 20.93 -2.79
C VAL Y 60 -12.05 21.01 -1.81
N LEU Y 61 -12.07 19.99 -0.97
CA LEU Y 61 -13.16 19.75 -0.03
C LEU Y 61 -13.17 20.72 1.15
N ASP Y 62 -14.29 20.74 1.86
CA ASP Y 62 -14.39 21.21 3.23
C ASP Y 62 -13.30 20.54 4.11
N ASP Y 63 -13.15 19.21 4.00
CA ASP Y 63 -12.10 18.44 4.66
C ASP Y 63 -10.69 18.55 4.04
N GLY Y 64 -10.51 19.37 3.00
CA GLY Y 64 -9.19 19.73 2.47
C GLY Y 64 -8.45 18.64 1.68
N GLY Y 65 -9.07 17.50 1.43
CA GLY Y 65 -8.52 16.51 0.51
C GLY Y 65 -8.56 16.99 -0.93
N GLU Y 66 -7.51 16.70 -1.70
CA GLU Y 66 -7.48 16.97 -3.13
C GLU Y 66 -8.17 15.83 -3.90
N THR Y 67 -9.48 15.96 -4.14
CA THR Y 67 -10.36 14.93 -4.74
C THR Y 67 -10.33 14.87 -6.27
N ASP Y 68 -11.02 13.87 -6.83
CA ASP Y 68 -11.49 13.91 -8.21
C ASP Y 68 -12.19 15.23 -8.52
N LEU Y 69 -11.90 15.83 -9.68
CA LEU Y 69 -12.50 17.14 -10.12
C LEU Y 69 -14.02 17.01 -10.20
N ASP Y 70 -14.55 15.88 -10.68
CA ASP Y 70 -16.01 15.72 -10.92
C ASP Y 70 -16.80 15.89 -9.62
N LEU Y 71 -16.22 15.62 -8.43
CA LEU Y 71 -17.04 15.68 -7.19
C LEU Y 71 -17.67 17.07 -7.13
N GLY Y 72 -16.96 18.09 -7.61
CA GLY Y 72 -17.47 19.47 -7.55
C GLY Y 72 -18.83 19.56 -8.20
N ASN Y 73 -19.06 18.86 -9.31
CA ASN Y 73 -20.33 18.95 -10.08
C ASN Y 73 -21.48 18.54 -9.15
N TYR Y 74 -21.23 17.77 -8.08
CA TYR Y 74 -22.28 17.28 -7.14
C TYR Y 74 -22.46 18.26 -5.98
N GLU Y 75 -21.49 19.10 -5.71
CA GLU Y 75 -21.57 20.03 -4.55
C GLU Y 75 -22.27 21.29 -5.06
N ARG Y 76 -22.35 21.47 -6.39
CA ARG Y 76 -23.08 22.61 -7.02
C ARG Y 76 -24.53 22.15 -7.24
N TYR Y 77 -24.73 21.10 -8.05
CA TYR Y 77 -26.10 20.52 -8.29
C TYR Y 77 -26.95 20.22 -7.04
N LEU Y 78 -26.40 19.67 -5.94
CA LEU Y 78 -27.18 19.20 -4.75
C LEU Y 78 -27.12 20.22 -3.61
N GLY Y 79 -26.02 20.93 -3.46
CA GLY Y 79 -25.83 21.81 -2.31
C GLY Y 79 -25.48 20.99 -1.07
N VAL Y 80 -24.40 20.23 -1.16
CA VAL Y 80 -23.89 19.32 -0.12
C VAL Y 80 -22.39 19.49 0.08
N THR Y 81 -21.90 19.27 1.29
CA THR Y 81 -20.48 19.14 1.61
C THR Y 81 -20.12 17.67 1.64
N LEU Y 82 -19.40 17.18 0.63
CA LEU Y 82 -18.89 15.82 0.56
C LEU Y 82 -17.60 15.67 1.39
N THR Y 83 -16.99 14.50 1.40
CA THR Y 83 -15.77 14.17 2.17
C THR Y 83 -14.78 13.39 1.29
N LYS Y 84 -13.55 13.19 1.75
CA LYS Y 84 -12.52 12.45 1.01
C LYS Y 84 -12.94 11.00 0.70
N ASP Y 85 -13.85 10.44 1.49
CA ASP Y 85 -14.38 9.08 1.29
C ASP Y 85 -15.43 8.98 0.17
N HIS Y 86 -16.10 10.06 -0.25
CA HIS Y 86 -17.09 10.02 -1.33
C HIS Y 86 -16.49 9.81 -2.72
N ASN Y 87 -15.17 9.86 -2.85
CA ASN Y 87 -14.49 9.51 -4.08
C ASN Y 87 -13.80 8.16 -3.92
N ILE Y 88 -14.54 7.09 -4.18
CA ILE Y 88 -13.97 5.74 -4.26
C ILE Y 88 -13.06 5.68 -5.48
N THR Y 89 -11.87 5.12 -5.38
CA THR Y 89 -11.00 4.88 -6.55
C THR Y 89 -10.39 3.50 -6.49
N THR Y 90 -9.99 2.95 -7.63
CA THR Y 90 -9.37 1.63 -7.67
C THR Y 90 -8.10 1.57 -6.82
N GLY Y 91 -7.29 2.63 -6.81
CA GLY Y 91 -6.12 2.67 -5.94
C GLY Y 91 -6.47 2.79 -4.46
N LYS Y 92 -7.57 3.43 -4.13
CA LYS Y 92 -8.02 3.61 -2.75
C LYS Y 92 -8.51 2.32 -2.16
N ILE Y 93 -9.29 1.54 -2.91
CA ILE Y 93 -9.86 0.29 -2.40
C ILE Y 93 -8.87 -0.87 -2.42
N TYR Y 94 -8.00 -1.02 -3.42
CA TYR Y 94 -6.91 -1.98 -3.27
C TYR Y 94 -6.02 -1.68 -2.07
N SER Y 95 -5.71 -0.41 -1.78
CA SER Y 95 -4.92 -0.04 -0.60
C SER Y 95 -5.61 -0.42 0.71
N HIS Y 96 -6.93 -0.21 0.81
CA HIS Y 96 -7.68 -0.50 2.03
C HIS Y 96 -7.76 -1.99 2.32
N VAL Y 97 -8.06 -2.82 1.32
CA VAL Y 97 -8.03 -4.27 1.49
C VAL Y 97 -6.61 -4.81 1.72
N ILE Y 98 -5.58 -4.31 1.03
CA ILE Y 98 -4.20 -4.69 1.29
C ILE Y 98 -3.75 -4.26 2.70
N ALA Y 99 -4.23 -3.15 3.26
CA ALA Y 99 -3.91 -2.81 4.65
C ALA Y 99 -4.47 -3.85 5.62
N LYS Y 100 -5.74 -4.21 5.47
CA LYS Y 100 -6.39 -5.26 6.25
C LYS Y 100 -5.71 -6.63 6.09
N GLU Y 101 -5.15 -6.94 4.92
CA GLU Y 101 -4.38 -8.16 4.67
C GLU Y 101 -3.12 -8.25 5.53
N ARG Y 102 -2.35 -7.16 5.68
CA ARG Y 102 -1.12 -7.16 6.50
C ARG Y 102 -1.37 -6.95 7.99
N LYS Y 103 -2.45 -6.25 8.35
CA LYS Y 103 -2.95 -6.23 9.73
C LYS Y 103 -3.50 -7.59 10.15
N GLY Y 104 -3.93 -8.41 9.20
CA GLY Y 104 -4.42 -9.76 9.42
C GLY Y 104 -5.91 -9.84 9.76
N ASP Y 105 -6.71 -8.85 9.36
CA ASP Y 105 -8.14 -8.79 9.67
C ASP Y 105 -8.96 -9.88 8.98
N TYR Y 106 -8.39 -10.56 7.99
CA TYR Y 106 -8.97 -11.73 7.33
C TYR Y 106 -8.69 -13.05 8.06
N LEU Y 107 -8.19 -13.04 9.30
CA LEU Y 107 -8.03 -14.23 10.14
C LEU Y 107 -7.27 -15.35 9.43
N GLY Y 108 -6.25 -14.99 8.67
CA GLY Y 108 -5.38 -15.90 7.94
C GLY Y 108 -6.02 -16.64 6.77
N LYS Y 109 -7.28 -16.35 6.38
CA LYS Y 109 -7.82 -16.81 5.10
C LYS Y 109 -6.98 -16.24 3.95
N THR Y 110 -7.00 -16.86 2.77
CA THR Y 110 -6.58 -16.12 1.57
C THR Y 110 -7.65 -15.11 1.20
N VAL Y 111 -7.23 -13.94 0.72
CA VAL Y 111 -8.11 -12.81 0.40
C VAL Y 111 -8.17 -12.65 -1.11
N GLN Y 112 -9.38 -12.53 -1.64
CA GLN Y 112 -9.68 -12.74 -3.06
C GLN Y 112 -10.42 -11.54 -3.62
N ILE Y 113 -10.37 -11.32 -4.94
CA ILE Y 113 -11.15 -10.21 -5.51
C ILE Y 113 -12.65 -10.46 -5.32
N VAL Y 114 -13.10 -11.71 -5.43
CA VAL Y 114 -14.44 -12.13 -5.01
C VAL Y 114 -14.30 -13.26 -3.99
N PRO Y 115 -14.92 -13.20 -2.81
CA PRO Y 115 -15.85 -12.18 -2.34
C PRO Y 115 -15.22 -11.04 -1.55
N HIS Y 116 -13.96 -11.10 -1.11
CA HIS Y 116 -13.46 -10.13 -0.13
C HIS Y 116 -13.41 -8.70 -0.63
N LEU Y 117 -12.80 -8.43 -1.79
CA LEU Y 117 -12.77 -7.07 -2.31
C LEU Y 117 -14.15 -6.58 -2.77
N THR Y 118 -14.99 -7.42 -3.36
CA THR Y 118 -16.35 -6.99 -3.70
C THR Y 118 -17.22 -6.75 -2.48
N ASN Y 119 -16.97 -7.41 -1.36
CA ASN Y 119 -17.55 -7.04 -0.07
C ASN Y 119 -17.01 -5.69 0.40
N ALA Y 120 -15.71 -5.43 0.29
CA ALA Y 120 -15.14 -4.15 0.69
C ALA Y 120 -15.82 -2.97 -0.02
N ILE Y 121 -16.02 -3.06 -1.33
CA ILE Y 121 -16.70 -2.02 -2.11
C ILE Y 121 -18.14 -1.82 -1.62
N GLN Y 122 -18.92 -2.87 -1.40
CA GLN Y 122 -20.27 -2.74 -0.85
C GLN Y 122 -20.26 -2.13 0.56
N ASP Y 123 -19.33 -2.56 1.41
CA ASP Y 123 -19.20 -2.04 2.76
C ASP Y 123 -18.75 -0.58 2.77
N TRP Y 124 -18.00 -0.12 1.76
CA TRP Y 124 -17.67 1.29 1.57
C TRP Y 124 -18.86 2.12 1.10
N ILE Y 125 -19.60 1.69 0.09
CA ILE Y 125 -20.77 2.41 -0.39
C ILE Y 125 -21.81 2.58 0.73
N GLU Y 126 -22.17 1.52 1.43
CA GLU Y 126 -23.15 1.65 2.51
C GLU Y 126 -22.58 2.36 3.74
N ARG Y 127 -21.26 2.38 3.95
CA ARG Y 127 -20.64 3.21 5.00
C ARG Y 127 -20.84 4.67 4.67
N VAL Y 128 -20.37 5.09 3.50
CA VAL Y 128 -20.36 6.49 3.09
C VAL Y 128 -21.76 7.05 2.92
N ALA Y 129 -22.72 6.25 2.46
CA ALA Y 129 -24.10 6.67 2.32
C ALA Y 129 -24.82 7.00 3.64
N LYS Y 130 -24.25 6.67 4.81
CA LYS Y 130 -24.73 7.13 6.12
C LYS Y 130 -24.38 8.58 6.45
N ILE Y 131 -23.27 9.10 5.91
CA ILE Y 131 -22.69 10.38 6.32
C ILE Y 131 -23.67 11.53 6.00
N PRO Y 132 -23.98 12.44 6.95
CA PRO Y 132 -24.96 13.50 6.77
C PRO Y 132 -24.37 14.71 6.04
N VAL Y 133 -24.31 14.66 4.71
CA VAL Y 133 -23.70 15.71 3.87
C VAL Y 133 -24.57 16.95 3.67
N ASP Y 134 -25.81 16.92 4.15
CA ASP Y 134 -26.91 17.83 3.83
C ASP Y 134 -27.13 18.93 4.89
N ASP Y 135 -28.05 19.86 4.64
CA ASP Y 135 -28.31 21.05 5.48
C ASP Y 135 -28.92 20.76 6.88
N THR Y 136 -29.09 19.50 7.26
CA THR Y 136 -29.32 19.08 8.64
C THR Y 136 -28.71 17.71 8.85
N GLY Y 137 -28.31 17.40 10.08
CA GLY Y 137 -27.44 16.26 10.41
C GLY Y 137 -28.06 14.86 10.26
N MET Y 138 -29.23 14.69 9.66
CA MET Y 138 -29.82 13.36 9.42
C MET Y 138 -29.18 12.67 8.22
N GLU Y 139 -29.04 11.35 8.28
CA GLU Y 139 -28.49 10.55 7.18
C GLU Y 139 -29.30 10.71 5.87
N PRO Y 140 -28.66 10.72 4.69
CA PRO Y 140 -29.35 10.84 3.43
C PRO Y 140 -30.42 9.76 3.16
N ASP Y 141 -31.39 10.10 2.31
CA ASP Y 141 -32.49 9.22 1.92
C ASP Y 141 -32.27 8.57 0.57
N VAL Y 142 -31.53 9.21 -0.34
CA VAL Y 142 -31.08 8.63 -1.60
C VAL Y 142 -29.59 8.88 -1.78
N CYS Y 143 -28.84 7.92 -2.28
CA CYS Y 143 -27.46 8.10 -2.73
C CYS Y 143 -27.35 7.89 -4.23
N ILE Y 144 -26.79 8.84 -4.97
CA ILE Y 144 -26.50 8.70 -6.39
C ILE Y 144 -25.09 8.13 -6.54
N ILE Y 145 -24.92 6.95 -7.11
CA ILE Y 145 -23.62 6.31 -7.29
C ILE Y 145 -23.22 6.41 -8.76
N GLU Y 146 -22.20 7.17 -9.10
CA GLU Y 146 -21.73 7.23 -10.48
C GLU Y 146 -20.55 6.31 -10.67
N LEU Y 147 -20.70 5.32 -11.53
CA LEU Y 147 -19.66 4.38 -11.91
C LEU Y 147 -18.91 4.93 -13.11
N GLY Y 148 -17.67 5.40 -12.92
CA GLY Y 148 -16.81 5.83 -14.01
C GLY Y 148 -16.30 4.70 -14.90
N GLY Y 149 -15.57 5.07 -15.95
CA GLY Y 149 -15.15 4.15 -17.01
C GLY Y 149 -16.33 3.68 -17.85
N THR Y 150 -16.20 2.51 -18.49
CA THR Y 150 -17.31 1.84 -19.17
C THR Y 150 -17.45 0.40 -18.70
N VAL Y 151 -18.68 -0.09 -18.62
CA VAL Y 151 -18.94 -1.50 -18.29
C VAL Y 151 -18.29 -2.38 -19.37
N GLY Y 152 -17.51 -3.39 -18.97
CA GLY Y 152 -16.70 -4.21 -19.87
C GLY Y 152 -15.24 -3.77 -20.01
N ASP Y 153 -14.85 -2.77 -19.23
CA ASP Y 153 -13.43 -2.38 -19.12
C ASP Y 153 -12.80 -3.40 -18.16
N ILE Y 154 -11.51 -3.73 -18.27
CA ILE Y 154 -10.80 -4.64 -17.31
C ILE Y 154 -10.48 -3.83 -16.05
N GLU Y 155 -10.76 -2.53 -16.06
CA GLU Y 155 -10.49 -1.59 -14.95
C GLU Y 155 -11.75 -1.40 -14.11
N SER Y 156 -12.93 -1.62 -14.68
CA SER Y 156 -14.23 -1.39 -14.02
C SER Y 156 -14.87 -2.71 -13.62
N ALA Y 157 -14.22 -3.86 -13.86
CA ALA Y 157 -14.82 -5.19 -13.60
C ALA Y 157 -15.05 -5.43 -12.09
N PRO Y 158 -14.16 -5.03 -11.16
CA PRO Y 158 -14.43 -5.21 -9.73
C PRO Y 158 -15.67 -4.48 -9.22
N PHE Y 159 -15.98 -3.32 -9.76
CA PHE Y 159 -17.10 -2.50 -9.33
C PHE Y 159 -18.46 -2.98 -9.85
N VAL Y 160 -18.55 -3.47 -11.08
CA VAL Y 160 -19.80 -4.09 -11.56
C VAL Y 160 -20.11 -5.42 -10.85
N GLU Y 161 -19.09 -6.18 -10.41
CA GLU Y 161 -19.31 -7.27 -9.48
C GLU Y 161 -19.86 -6.76 -8.14
N ALA Y 162 -19.21 -5.78 -7.54
CA ALA Y 162 -19.63 -5.30 -6.24
C ALA Y 162 -21.03 -4.71 -6.26
N LEU Y 163 -21.37 -3.93 -7.29
CA LEU Y 163 -22.70 -3.39 -7.49
C LEU Y 163 -23.71 -4.50 -7.75
N ARG Y 164 -23.41 -5.57 -8.52
CA ARG Y 164 -24.37 -6.67 -8.71
C ARG Y 164 -24.75 -7.27 -7.36
N GLN Y 165 -23.76 -7.64 -6.55
CA GLN Y 165 -24.00 -8.20 -5.23
C GLN Y 165 -24.77 -7.19 -4.36
N PHE Y 166 -24.51 -5.90 -4.53
CA PHE Y 166 -25.22 -4.83 -3.85
C PHE Y 166 -26.69 -4.75 -4.22
N GLN Y 167 -27.13 -5.20 -5.41
CA GLN Y 167 -28.55 -5.28 -5.75
C GLN Y 167 -29.33 -6.27 -4.86
N PHE Y 168 -28.63 -7.08 -4.06
CA PHE Y 168 -29.21 -8.07 -3.16
C PHE Y 168 -28.95 -7.73 -1.69
N LYS Y 169 -27.77 -7.19 -1.38
CA LYS Y 169 -27.44 -6.69 -0.03
C LYS Y 169 -28.36 -5.53 0.35
N VAL Y 170 -28.56 -4.61 -0.60
CA VAL Y 170 -29.73 -3.72 -0.68
C VAL Y 170 -30.82 -4.44 -1.46
N GLY Y 171 -32.10 -4.22 -1.19
CA GLY Y 171 -33.17 -4.83 -1.97
C GLY Y 171 -33.44 -4.19 -3.33
N LYS Y 172 -34.05 -4.94 -4.25
CA LYS Y 172 -34.85 -4.34 -5.33
C LYS Y 172 -36.03 -3.58 -4.68
N GLU Y 173 -36.53 -2.52 -5.32
CA GLU Y 173 -37.34 -1.48 -4.67
C GLU Y 173 -36.57 -0.65 -3.62
N ASN Y 174 -35.26 -0.80 -3.49
CA ASN Y 174 -34.38 0.19 -2.85
C ASN Y 174 -33.23 0.61 -3.77
N PHE Y 175 -32.77 -0.23 -4.69
CA PHE Y 175 -31.74 0.07 -5.69
C PHE Y 175 -32.33 0.18 -7.09
N ALA Y 176 -31.88 1.13 -7.90
CA ALA Y 176 -32.21 1.26 -9.33
C ALA Y 176 -31.00 1.72 -10.16
N LEU Y 177 -30.95 1.42 -11.44
CA LEU Y 177 -29.83 1.78 -12.31
C LEU Y 177 -30.27 2.55 -13.56
N ILE Y 178 -29.56 3.63 -13.86
CA ILE Y 178 -29.65 4.41 -15.10
C ILE Y 178 -28.41 4.08 -15.94
N HIS Y 179 -28.59 3.58 -17.16
CA HIS Y 179 -27.45 3.27 -18.04
C HIS Y 179 -27.39 4.28 -19.15
N VAL Y 180 -26.26 4.94 -19.33
CA VAL Y 180 -26.11 6.03 -20.29
C VAL Y 180 -25.43 5.48 -21.52
N SER Y 181 -25.97 5.65 -22.73
CA SER Y 181 -25.52 4.89 -23.91
C SER Y 181 -25.57 5.69 -25.21
N LEU Y 182 -24.85 5.25 -26.24
CA LEU Y 182 -24.64 6.06 -27.45
C LEU Y 182 -25.62 5.68 -28.55
N VAL Y 183 -26.26 6.67 -29.17
CA VAL Y 183 -26.98 6.51 -30.43
C VAL Y 183 -26.22 7.34 -31.46
N PRO Y 184 -25.21 6.79 -32.17
CA PRO Y 184 -24.51 7.54 -33.18
C PRO Y 184 -25.44 7.79 -34.36
N VAL Y 185 -25.32 8.97 -34.96
CA VAL Y 185 -26.02 9.32 -36.19
C VAL Y 185 -25.00 9.33 -37.31
N ILE Y 186 -25.16 8.43 -38.29
CA ILE Y 186 -24.37 8.44 -39.53
C ILE Y 186 -25.28 8.28 -40.73
N HIS Y 187 -24.93 8.87 -41.87
CA HIS Y 187 -25.81 8.97 -43.03
C HIS Y 187 -27.20 9.53 -42.67
N GLY Y 188 -27.25 10.42 -41.67
CA GLY Y 188 -28.49 10.99 -41.14
C GLY Y 188 -29.44 10.00 -40.44
N GLU Y 189 -29.01 8.79 -40.07
CA GLU Y 189 -29.82 7.80 -39.34
C GLU Y 189 -29.27 7.48 -37.94
N GLN Y 190 -30.14 7.52 -36.92
CA GLN Y 190 -29.86 7.08 -35.55
C GLN Y 190 -29.70 5.56 -35.44
N LYS Y 191 -28.48 5.06 -35.22
CA LYS Y 191 -28.23 3.61 -35.12
C LYS Y 191 -28.34 3.15 -33.67
N THR Y 192 -29.11 2.10 -33.40
CA THR Y 192 -29.32 1.58 -32.04
C THR Y 192 -28.27 0.59 -31.58
N LYS Y 193 -27.51 -0.04 -32.49
CA LYS Y 193 -26.68 -1.20 -32.16
C LYS Y 193 -25.61 -1.01 -31.08
N PRO Y 194 -24.94 0.13 -30.91
CA PRO Y 194 -24.02 0.29 -29.79
C PRO Y 194 -24.71 0.18 -28.44
N THR Y 195 -25.96 0.64 -28.32
CA THR Y 195 -26.78 0.41 -27.12
C THR Y 195 -27.15 -1.07 -26.94
N GLN Y 196 -27.46 -1.82 -28.00
CA GLN Y 196 -27.71 -3.26 -27.89
C GLN Y 196 -26.46 -4.01 -27.41
N ALA Y 197 -25.29 -3.81 -28.03
CA ALA Y 197 -24.04 -4.45 -27.62
C ALA Y 197 -23.57 -4.06 -26.21
N ALA Y 198 -23.76 -2.81 -25.77
CA ALA Y 198 -23.42 -2.39 -24.41
C ALA Y 198 -24.44 -2.84 -23.37
N ILE Y 199 -25.69 -3.09 -23.73
CA ILE Y 199 -26.70 -3.68 -22.82
C ILE Y 199 -26.49 -5.18 -22.73
N LYS Y 200 -26.13 -5.86 -23.82
CA LYS Y 200 -25.61 -7.24 -23.77
C LYS Y 200 -24.43 -7.34 -22.81
N GLY Y 201 -23.45 -6.44 -22.90
CA GLY Y 201 -22.36 -6.34 -21.91
C GLY Y 201 -22.88 -6.15 -20.49
N LEU Y 202 -23.80 -5.21 -20.26
CA LEU Y 202 -24.34 -4.94 -18.93
C LEU Y 202 -25.02 -6.16 -18.31
N ARG Y 203 -25.93 -6.82 -19.02
CA ARG Y 203 -26.60 -8.00 -18.46
C ARG Y 203 -25.65 -9.17 -18.25
N SER Y 204 -24.57 -9.28 -19.01
CA SER Y 204 -23.55 -10.30 -18.79
C SER Y 204 -22.97 -10.22 -17.38
N LEU Y 205 -22.63 -9.02 -16.91
CA LEU Y 205 -22.11 -8.77 -15.55
C LEU Y 205 -23.21 -8.71 -14.49
N GLY Y 206 -24.48 -8.59 -14.89
CA GLY Y 206 -25.65 -8.98 -14.10
C GLY Y 206 -26.52 -7.85 -13.58
N LEU Y 207 -26.09 -6.62 -13.79
CA LEU Y 207 -26.88 -5.43 -13.56
C LEU Y 207 -28.00 -5.36 -14.62
N VAL Y 208 -29.18 -4.86 -14.27
CA VAL Y 208 -30.28 -4.61 -15.21
C VAL Y 208 -30.71 -3.16 -15.14
N PRO Y 209 -30.82 -2.44 -16.27
CA PRO Y 209 -31.12 -1.02 -16.26
C PRO Y 209 -32.61 -0.80 -16.08
N ASP Y 210 -32.97 0.06 -15.15
CA ASP Y 210 -34.33 0.53 -14.95
C ASP Y 210 -34.66 1.71 -15.85
N MET Y 211 -33.62 2.40 -16.34
CA MET Y 211 -33.69 3.39 -17.40
C MET Y 211 -32.51 3.26 -18.34
N ILE Y 212 -32.69 3.66 -19.58
CA ILE Y 212 -31.59 3.96 -20.49
C ILE Y 212 -31.63 5.44 -20.77
N ALA Y 213 -30.49 6.10 -20.88
CA ALA Y 213 -30.40 7.50 -21.24
C ALA Y 213 -29.42 7.71 -22.38
N CYS Y 214 -29.85 8.33 -23.48
CA CYS Y 214 -29.00 8.35 -24.68
C CYS Y 214 -28.24 9.66 -24.89
N ARG Y 215 -26.93 9.57 -25.09
CA ARG Y 215 -26.18 10.57 -25.82
C ARG Y 215 -26.54 10.44 -27.28
N CYS Y 216 -27.10 11.48 -27.86
CA CYS Y 216 -27.41 11.53 -29.26
C CYS Y 216 -27.23 12.96 -29.79
N SER Y 217 -26.86 13.10 -31.06
CA SER Y 217 -26.77 14.39 -31.73
C SER Y 217 -28.13 15.03 -31.98
N GLU Y 218 -29.23 14.32 -31.77
CA GLU Y 218 -30.59 14.69 -32.16
C GLU Y 218 -31.63 14.43 -31.05
N THR Y 219 -32.86 14.89 -31.23
CA THR Y 219 -33.97 14.26 -30.51
C THR Y 219 -34.12 12.83 -31.03
N LEU Y 220 -34.14 11.81 -30.15
CA LEU Y 220 -34.38 10.44 -30.57
C LEU Y 220 -35.70 10.34 -31.34
N ASP Y 221 -35.67 9.71 -32.50
CA ASP Y 221 -36.89 9.38 -33.21
C ASP Y 221 -37.75 8.41 -32.41
N LYS Y 222 -39.08 8.53 -32.54
CA LYS Y 222 -40.06 7.60 -31.99
C LYS Y 222 -39.70 6.12 -32.27
N PRO Y 223 -39.32 5.70 -33.49
CA PRO Y 223 -38.81 4.36 -33.75
C PRO Y 223 -37.49 4.03 -33.04
N THR Y 224 -36.58 4.97 -32.80
CA THR Y 224 -35.33 4.68 -32.07
C THR Y 224 -35.60 4.31 -30.63
N ILE Y 225 -36.50 5.03 -29.96
CA ILE Y 225 -36.96 4.67 -28.62
C ILE Y 225 -37.59 3.27 -28.62
N ASP Y 226 -38.44 2.96 -29.59
CA ASP Y 226 -39.06 1.64 -29.69
C ASP Y 226 -38.04 0.53 -29.94
N LYS Y 227 -37.04 0.75 -30.82
CA LYS Y 227 -36.02 -0.26 -31.13
C LYS Y 227 -34.96 -0.40 -30.04
N ILE Y 228 -34.76 0.56 -29.14
CA ILE Y 228 -34.03 0.35 -27.88
C ILE Y 228 -34.90 -0.41 -26.87
N ALA Y 229 -36.15 0.00 -26.62
CA ALA Y 229 -37.01 -0.68 -25.65
C ALA Y 229 -37.40 -2.12 -26.05
N MET Y 230 -37.43 -2.46 -27.34
CA MET Y 230 -37.59 -3.84 -27.83
C MET Y 230 -36.36 -4.72 -27.56
N PHE Y 231 -35.25 -4.14 -27.11
CA PHE Y 231 -33.96 -4.83 -26.88
C PHE Y 231 -33.43 -4.71 -25.47
N CYS Y 232 -34.15 -4.06 -24.57
CA CYS Y 232 -33.81 -3.84 -23.17
C CYS Y 232 -35.06 -3.95 -22.29
N HIS Y 233 -34.90 -4.20 -21.00
CA HIS Y 233 -36.03 -4.48 -20.11
C HIS Y 233 -36.71 -3.22 -19.54
N VAL Y 234 -36.85 -2.18 -20.36
CA VAL Y 234 -37.41 -0.86 -20.02
C VAL Y 234 -38.65 -0.59 -20.85
N GLY Y 235 -39.65 0.13 -20.32
CA GLY Y 235 -40.74 0.65 -21.16
C GLY Y 235 -40.22 1.74 -22.10
N PRO Y 236 -40.92 2.08 -23.18
CA PRO Y 236 -40.48 3.14 -24.09
C PRO Y 236 -40.42 4.53 -23.43
N GLU Y 237 -41.14 4.73 -22.32
CA GLU Y 237 -41.13 5.96 -21.51
C GLU Y 237 -39.90 6.10 -20.59
N GLN Y 238 -39.07 5.07 -20.44
CA GLN Y 238 -37.80 5.10 -19.70
C GLN Y 238 -36.56 5.05 -20.61
N VAL Y 239 -36.70 5.31 -21.90
CA VAL Y 239 -35.55 5.69 -22.74
C VAL Y 239 -35.44 7.21 -22.75
N VAL Y 240 -34.76 7.75 -21.74
CA VAL Y 240 -34.48 9.17 -21.53
C VAL Y 240 -33.51 9.68 -22.59
N ASN Y 241 -33.51 10.99 -22.87
CA ASN Y 241 -32.66 11.59 -23.87
C ASN Y 241 -32.17 12.98 -23.47
N VAL Y 242 -30.88 13.10 -23.14
CA VAL Y 242 -30.23 14.37 -22.82
C VAL Y 242 -29.75 15.02 -24.12
N HIS Y 243 -30.67 15.63 -24.88
CA HIS Y 243 -30.36 16.32 -26.13
C HIS Y 243 -29.78 17.73 -25.90
N ASP Y 244 -29.38 18.40 -26.98
CA ASP Y 244 -28.95 19.81 -26.94
C ASP Y 244 -30.00 20.69 -26.26
N VAL Y 245 -29.57 21.52 -25.31
CA VAL Y 245 -30.40 22.45 -24.52
C VAL Y 245 -29.68 23.79 -24.36
N ASN Y 246 -30.40 24.85 -24.00
CA ASN Y 246 -29.85 26.20 -23.99
C ASN Y 246 -28.63 26.34 -23.07
N SER Y 247 -28.62 25.64 -21.93
CA SER Y 247 -27.44 25.51 -21.07
C SER Y 247 -27.56 24.32 -20.14
N THR Y 248 -26.45 23.88 -19.56
CA THR Y 248 -26.37 22.68 -18.73
C THR Y 248 -27.29 22.73 -17.50
N TYR Y 249 -27.61 23.92 -16.99
CA TYR Y 249 -28.53 24.08 -15.87
C TYR Y 249 -29.98 23.75 -16.22
N HIS Y 250 -30.33 23.61 -17.50
CA HIS Y 250 -31.65 23.16 -17.92
C HIS Y 250 -31.83 21.64 -17.82
N VAL Y 251 -30.77 20.84 -17.78
CA VAL Y 251 -30.90 19.38 -17.83
C VAL Y 251 -31.83 18.82 -16.75
N PRO Y 252 -31.84 19.22 -15.48
CA PRO Y 252 -32.81 18.66 -14.54
C PRO Y 252 -34.26 18.99 -14.91
N LEU Y 253 -34.55 20.14 -15.53
CA LEU Y 253 -35.89 20.38 -16.05
C LEU Y 253 -36.16 19.49 -17.27
N LEU Y 254 -35.20 19.26 -18.17
CA LEU Y 254 -35.37 18.32 -19.28
C LEU Y 254 -35.70 16.90 -18.78
N LEU Y 255 -34.95 16.38 -17.80
CA LEU Y 255 -35.21 15.06 -17.21
C LEU Y 255 -36.59 15.02 -16.56
N LEU Y 256 -36.98 16.03 -15.79
CA LEU Y 256 -38.30 16.11 -15.17
C LEU Y 256 -39.44 16.19 -16.20
N GLU Y 257 -39.27 16.89 -17.31
CA GLU Y 257 -40.27 16.98 -18.37
C GLU Y 257 -40.35 15.69 -19.19
N GLN Y 258 -39.26 14.93 -19.32
CA GLN Y 258 -39.27 13.56 -19.84
C GLN Y 258 -39.82 12.54 -18.82
N LYS Y 259 -40.50 12.98 -17.77
CA LYS Y 259 -41.12 12.14 -16.71
C LYS Y 259 -40.14 11.19 -16.05
N MET Y 260 -38.88 11.58 -15.97
CA MET Y 260 -37.84 10.72 -15.40
C MET Y 260 -38.10 10.43 -13.92
N ILE Y 261 -38.44 11.45 -13.13
CA ILE Y 261 -38.74 11.29 -11.70
C ILE Y 261 -40.09 10.65 -11.43
N ASP Y 262 -41.09 10.86 -12.28
CA ASP Y 262 -42.40 10.24 -12.10
C ASP Y 262 -42.33 8.70 -12.20
N TYR Y 263 -41.29 8.17 -12.84
CA TYR Y 263 -40.92 6.77 -12.73
C TYR Y 263 -40.12 6.49 -11.45
N LEU Y 264 -39.01 7.18 -11.16
CA LEU Y 264 -38.19 6.89 -9.97
C LEU Y 264 -38.98 6.95 -8.66
N HIS Y 265 -39.95 7.85 -8.55
CA HIS Y 265 -40.88 7.90 -7.44
C HIS Y 265 -41.56 6.54 -7.19
N ALA Y 266 -42.04 5.87 -8.24
CA ALA Y 266 -42.66 4.54 -8.15
C ALA Y 266 -41.62 3.42 -8.04
N ARG Y 267 -40.57 3.47 -8.86
CA ARG Y 267 -39.53 2.42 -8.96
C ARG Y 267 -38.68 2.28 -7.70
N LEU Y 268 -38.49 3.36 -6.95
CA LEU Y 268 -37.86 3.36 -5.61
C LEU Y 268 -38.89 3.54 -4.49
N LYS Y 269 -40.20 3.49 -4.80
CA LYS Y 269 -41.33 3.58 -3.87
C LYS Y 269 -41.16 4.66 -2.80
N LEU Y 270 -40.83 5.88 -3.24
CA LEU Y 270 -40.39 6.99 -2.37
C LEU Y 270 -41.48 7.58 -1.46
N ASP Y 271 -42.75 7.18 -1.59
CA ASP Y 271 -43.73 7.39 -0.52
C ASP Y 271 -43.32 6.78 0.82
N GLU Y 272 -42.40 5.81 0.83
CA GLU Y 272 -41.90 5.17 2.05
C GLU Y 272 -40.89 6.03 2.85
N ILE Y 273 -40.42 7.17 2.34
CA ILE Y 273 -39.62 8.12 3.13
C ILE Y 273 -40.58 9.03 3.90
N THR Y 274 -40.85 14.65 6.47
CA THR Y 274 -41.31 15.71 7.38
C THR Y 274 -41.67 16.99 6.62
N GLU Y 275 -42.49 17.86 7.19
CA GLU Y 275 -42.94 19.10 6.55
C GLU Y 275 -41.76 19.99 6.10
N GLU Y 276 -40.67 20.03 6.86
CA GLU Y 276 -39.45 20.75 6.47
C GLU Y 276 -38.90 20.25 5.12
N GLU Y 277 -38.85 18.93 4.87
CA GLU Y 277 -38.41 18.36 3.61
C GLU Y 277 -39.36 18.70 2.47
N LYS Y 278 -40.66 18.58 2.70
CA LYS Y 278 -41.69 18.89 1.69
C LYS Y 278 -41.61 20.35 1.27
N GLN Y 279 -41.45 21.27 2.23
CA GLN Y 279 -41.23 22.69 1.94
C GLN Y 279 -39.93 22.93 1.19
N ARG Y 280 -38.80 22.42 1.68
CA ARG Y 280 -37.50 22.59 1.02
C ARG Y 280 -37.47 22.00 -0.39
N GLY Y 281 -38.31 21.01 -0.69
CA GLY Y 281 -38.54 20.53 -2.05
C GLY Y 281 -39.20 21.58 -2.93
N LEU Y 282 -40.32 22.16 -2.51
CA LEU Y 282 -41.01 23.19 -3.29
C LEU Y 282 -40.13 24.44 -3.46
N GLU Y 283 -39.42 24.85 -2.42
CA GLU Y 283 -38.47 25.96 -2.50
C GLU Y 283 -37.36 25.68 -3.51
N LEU Y 284 -36.81 24.45 -3.59
CA LEU Y 284 -35.77 24.14 -4.57
C LEU Y 284 -36.32 24.25 -6.00
N LEU Y 285 -37.54 23.80 -6.25
CA LEU Y 285 -38.18 24.03 -7.53
C LEU Y 285 -38.37 25.51 -7.84
N SER Y 286 -38.84 26.32 -6.88
CA SER Y 286 -39.02 27.75 -7.10
C SER Y 286 -37.71 28.43 -7.46
N LYS Y 287 -36.63 28.11 -6.75
CA LYS Y 287 -35.29 28.62 -7.01
C LYS Y 287 -34.73 28.12 -8.33
N TRP Y 288 -35.09 26.93 -8.78
CA TRP Y 288 -34.75 26.46 -10.12
C TRP Y 288 -35.50 27.26 -11.18
N LYS Y 289 -36.80 27.48 -11.01
CA LYS Y 289 -37.58 28.34 -11.93
C LYS Y 289 -37.00 29.76 -11.99
N ALA Y 290 -36.53 30.31 -10.88
CA ALA Y 290 -35.82 31.59 -10.85
C ALA Y 290 -34.52 31.61 -11.66
N THR Y 291 -33.55 30.73 -11.42
CA THR Y 291 -32.30 30.69 -12.21
C THR Y 291 -32.57 30.38 -13.67
N THR Y 292 -33.57 29.56 -13.97
CA THR Y 292 -33.98 29.31 -15.35
C THR Y 292 -34.57 30.57 -15.98
N GLY Y 293 -35.46 31.28 -15.28
CA GLY Y 293 -36.03 32.54 -15.75
C GLY Y 293 -34.95 33.57 -16.02
N ASN Y 294 -33.99 33.72 -15.12
CA ASN Y 294 -32.81 34.56 -15.30
C ASN Y 294 -31.94 34.22 -16.53
N PHE Y 295 -32.10 33.06 -17.15
CA PHE Y 295 -31.43 32.74 -18.42
C PHE Y 295 -32.28 33.23 -19.60
N ASP Y 296 -33.57 32.92 -19.62
CA ASP Y 296 -34.49 33.42 -20.66
C ASP Y 296 -34.58 34.96 -20.66
N GLU Y 297 -34.75 35.56 -19.49
CA GLU Y 297 -34.82 37.01 -19.24
C GLU Y 297 -33.44 37.68 -19.27
N GLU Y 298 -28.68 40.80 -22.20
CA GLU Y 298 -27.44 41.52 -22.46
C GLU Y 298 -26.18 40.76 -22.00
N THR Y 299 -25.08 40.86 -22.75
CA THR Y 299 -23.81 40.17 -22.45
C THR Y 299 -22.90 40.93 -21.47
N VAL Y 300 -22.17 40.20 -20.63
CA VAL Y 300 -21.00 40.65 -19.87
C VAL Y 300 -19.76 39.93 -20.41
N LYS Y 301 -18.73 40.64 -20.83
CA LYS Y 301 -17.50 40.06 -21.38
C LYS Y 301 -16.43 40.06 -20.29
N ILE Y 302 -15.83 38.94 -19.92
CA ILE Y 302 -14.78 38.85 -18.88
C ILE Y 302 -13.52 38.24 -19.46
N ALA Y 303 -12.36 38.87 -19.31
CA ALA Y 303 -11.10 38.24 -19.70
C ALA Y 303 -10.59 37.43 -18.52
N LEU Y 304 -10.44 36.12 -18.69
CA LEU Y 304 -9.79 35.25 -17.72
C LEU Y 304 -8.36 35.04 -18.22
N VAL Y 305 -7.40 35.52 -17.43
CA VAL Y 305 -6.00 35.65 -17.84
C VAL Y 305 -5.15 34.73 -16.99
N GLY Y 306 -4.51 33.72 -17.57
CA GLY Y 306 -3.70 32.80 -16.79
C GLY Y 306 -2.79 31.94 -17.63
N LYS Y 307 -2.05 31.04 -17.00
CA LYS Y 307 -1.23 30.04 -17.69
C LYS Y 307 -2.13 29.04 -18.43
N TYR Y 308 -1.72 28.65 -19.64
CA TYR Y 308 -2.23 27.48 -20.38
C TYR Y 308 -3.76 27.38 -20.42
N THR Y 309 -4.44 28.50 -20.63
CA THR Y 309 -5.90 28.59 -20.77
C THR Y 309 -6.49 27.73 -21.90
N ASN Y 310 -5.65 27.21 -22.80
CA ASN Y 310 -6.00 26.18 -23.78
C ASN Y 310 -6.59 24.93 -23.10
N LEU Y 311 -6.10 24.59 -21.92
CA LEU Y 311 -6.48 23.42 -21.11
C LEU Y 311 -7.70 23.77 -20.24
N LYS Y 312 -8.84 23.98 -20.89
CA LYS Y 312 -10.02 24.64 -20.29
C LYS Y 312 -10.63 23.92 -19.07
N ASP Y 313 -10.50 22.61 -18.97
CA ASP Y 313 -10.88 21.88 -17.74
C ASP Y 313 -10.04 22.28 -16.51
N SER Y 314 -8.82 22.78 -16.72
CA SER Y 314 -7.93 23.21 -15.63
C SER Y 314 -8.47 24.42 -14.87
N TYR Y 315 -9.46 25.13 -15.41
CA TYR Y 315 -10.15 26.26 -14.78
C TYR Y 315 -11.64 25.98 -14.57
N LEU Y 316 -12.08 24.72 -14.56
CA LEU Y 316 -13.51 24.38 -14.55
C LEU Y 316 -14.30 25.06 -13.43
N SER Y 317 -13.81 25.07 -12.19
CA SER Y 317 -14.57 25.64 -11.08
C SER Y 317 -14.78 27.13 -11.26
N VAL Y 318 -13.76 27.83 -11.76
CA VAL Y 318 -13.82 29.26 -12.05
C VAL Y 318 -14.92 29.54 -13.05
N ILE Y 319 -15.02 28.76 -14.14
CA ILE Y 319 -16.10 28.94 -15.13
C ILE Y 319 -17.45 28.78 -14.47
N LYS Y 320 -17.67 27.71 -13.72
CA LYS Y 320 -18.96 27.47 -13.06
C LYS Y 320 -19.31 28.56 -12.05
N ALA Y 321 -18.35 29.10 -11.31
CA ALA Y 321 -18.59 30.21 -10.40
C ALA Y 321 -19.02 31.50 -11.11
N LEU Y 322 -18.49 31.76 -12.30
CA LEU Y 322 -18.95 32.86 -13.16
C LEU Y 322 -20.34 32.60 -13.73
N GLU Y 323 -20.67 31.37 -14.10
CA GLU Y 323 -22.01 31.02 -14.59
C GLU Y 323 -23.07 31.20 -13.51
N HIS Y 324 -22.85 30.72 -12.28
CA HIS Y 324 -23.84 30.82 -11.21
C HIS Y 324 -24.18 32.27 -10.91
N SER Y 325 -23.16 33.11 -10.85
CA SER Y 325 -23.31 34.55 -10.62
C SER Y 325 -23.97 35.25 -11.80
N SER Y 326 -23.61 34.92 -13.03
CA SER Y 326 -24.21 35.55 -14.22
C SER Y 326 -25.72 35.34 -14.33
N MET Y 327 -26.25 34.21 -13.87
CA MET Y 327 -27.69 33.99 -13.77
C MET Y 327 -28.35 34.83 -12.69
N LYS Y 328 -27.64 35.27 -11.66
CA LYS Y 328 -28.21 36.21 -10.69
C LYS Y 328 -28.34 37.60 -11.33
N CYS Y 329 -27.33 38.04 -12.06
CA CYS Y 329 -27.32 39.32 -12.81
C CYS Y 329 -28.19 39.34 -14.08
N ARG Y 330 -28.88 38.26 -14.41
CA ARG Y 330 -29.67 38.09 -15.65
C ARG Y 330 -28.88 38.31 -16.94
N ARG Y 331 -27.55 38.25 -16.93
CA ARG Y 331 -26.69 38.65 -18.06
C ARG Y 331 -25.92 37.47 -18.61
N LYS Y 332 -25.75 37.44 -19.93
CA LYS Y 332 -25.11 36.34 -20.65
C LYS Y 332 -23.60 36.44 -20.46
N LEU Y 333 -22.96 35.34 -20.08
CA LEU Y 333 -21.53 35.31 -19.80
C LEU Y 333 -20.73 35.01 -21.07
N ASP Y 334 -19.69 35.79 -21.31
CA ASP Y 334 -18.76 35.57 -22.42
C ASP Y 334 -17.32 35.64 -21.93
N ILE Y 335 -16.77 34.50 -21.49
CA ILE Y 335 -15.38 34.43 -21.05
C ILE Y 335 -14.45 34.51 -22.25
N LYS Y 336 -13.57 35.51 -22.30
CA LYS Y 336 -12.43 35.52 -23.21
C LYS Y 336 -11.27 34.80 -22.54
N TRP Y 337 -10.74 33.77 -23.18
CA TRP Y 337 -9.59 33.03 -22.71
C TRP Y 337 -8.30 33.66 -23.21
N VAL Y 338 -7.48 34.17 -22.29
CA VAL Y 338 -6.20 34.80 -22.61
C VAL Y 338 -5.06 33.96 -22.04
N GLU Y 339 -4.10 33.54 -22.86
CA GLU Y 339 -2.85 33.04 -22.33
C GLU Y 339 -2.05 34.21 -21.78
N ALA Y 340 -1.75 34.20 -20.50
CA ALA Y 340 -1.05 35.28 -19.83
C ALA Y 340 0.29 35.61 -20.49
N THR Y 341 1.05 34.61 -20.92
CA THR Y 341 2.34 34.85 -21.56
C THR Y 341 2.25 35.59 -22.90
N ASP Y 342 1.11 35.52 -23.59
CA ASP Y 342 0.95 36.27 -24.84
C ASP Y 342 0.77 37.77 -24.64
N LEU Y 343 0.55 38.24 -23.42
CA LEU Y 343 0.52 39.67 -23.11
C LEU Y 343 1.91 40.29 -23.01
N GLU Y 344 2.96 39.48 -22.85
CA GLU Y 344 4.29 39.98 -22.51
C GLU Y 344 4.92 40.84 -23.62
N PRO Y 345 5.71 41.88 -23.28
CA PRO Y 345 6.47 42.66 -24.26
C PRO Y 345 7.44 41.83 -25.13
N GLU Y 346 7.90 40.68 -24.64
CA GLU Y 346 8.70 39.72 -25.40
C GLU Y 346 7.89 38.96 -26.46
N ALA Y 347 6.62 38.67 -26.19
CA ALA Y 347 5.79 37.95 -27.12
C ALA Y 347 5.58 38.72 -28.44
N GLN Y 348 5.68 40.05 -28.39
CA GLN Y 348 5.49 40.92 -29.56
C GLN Y 348 6.49 40.65 -30.69
N GLU Y 349 7.74 40.31 -30.40
CA GLU Y 349 8.69 39.89 -31.45
C GLU Y 349 8.63 38.38 -31.71
N SER Y 350 8.30 37.57 -30.70
CA SER Y 350 8.32 36.11 -30.79
C SER Y 350 7.15 35.55 -31.59
N ASN Y 351 5.93 36.02 -31.32
CA ASN Y 351 4.69 35.47 -31.85
C ASN Y 351 3.61 36.55 -31.97
N LYS Y 352 3.90 37.61 -32.75
CA LYS Y 352 3.16 38.87 -32.77
C LYS Y 352 1.65 38.71 -32.92
N THR Y 353 1.19 37.79 -33.78
CA THR Y 353 -0.24 37.63 -34.09
C THR Y 353 -1.05 37.29 -32.85
N LYS Y 354 -0.61 36.31 -32.07
CA LYS Y 354 -1.31 35.89 -30.86
C LYS Y 354 -1.25 36.96 -29.75
N PHE Y 355 -0.17 37.72 -29.71
CA PHE Y 355 -0.02 38.86 -28.81
C PHE Y 355 -1.09 39.94 -29.06
N HIS Y 356 -1.41 40.27 -30.31
CA HIS Y 356 -2.52 41.18 -30.61
C HIS Y 356 -3.88 40.57 -30.23
N GLU Y 357 -4.10 39.27 -30.47
CA GLU Y 357 -5.36 38.64 -30.05
C GLU Y 357 -5.54 38.72 -28.53
N ALA Y 358 -4.48 38.44 -27.77
CA ALA Y 358 -4.50 38.53 -26.33
C ALA Y 358 -4.81 39.94 -25.83
N TRP Y 359 -4.15 40.95 -26.40
CA TRP Y 359 -4.40 42.33 -25.99
C TRP Y 359 -5.75 42.87 -26.43
N ASN Y 360 -6.28 42.46 -27.58
CA ASN Y 360 -7.66 42.82 -27.92
C ASN Y 360 -8.65 42.28 -26.89
N MET Y 361 -8.49 41.04 -26.44
CA MET Y 361 -9.37 40.47 -25.41
C MET Y 361 -9.28 41.31 -24.12
N VAL Y 362 -8.08 41.60 -23.62
CA VAL Y 362 -7.90 42.42 -22.41
C VAL Y 362 -8.53 43.79 -22.55
N SER Y 363 -8.37 44.44 -23.70
CA SER Y 363 -8.93 45.75 -24.01
C SER Y 363 -10.43 45.78 -24.18
N THR Y 364 -11.03 44.69 -24.63
CA THR Y 364 -12.47 44.56 -24.86
C THR Y 364 -13.23 44.33 -23.56
N ALA Y 365 -12.67 43.56 -22.63
CA ALA Y 365 -13.43 42.98 -21.54
C ALA Y 365 -14.01 44.00 -20.56
N ASP Y 366 -15.23 43.74 -20.09
CA ASP Y 366 -15.91 44.51 -19.06
C ASP Y 366 -15.39 44.20 -17.65
N GLY Y 367 -14.64 43.13 -17.49
CA GLY Y 367 -13.99 42.75 -16.25
C GLY Y 367 -12.73 41.93 -16.50
N ILE Y 368 -11.79 41.93 -15.58
CA ILE Y 368 -10.59 41.11 -15.64
C ILE Y 368 -10.59 40.14 -14.47
N LEU Y 369 -10.07 38.94 -14.69
CA LEU Y 369 -10.03 37.86 -13.73
C LEU Y 369 -8.70 37.14 -13.85
N ILE Y 370 -7.92 37.15 -12.78
CA ILE Y 370 -6.68 36.37 -12.68
C ILE Y 370 -7.00 35.17 -11.77
N PRO Y 371 -6.95 33.92 -12.28
CA PRO Y 371 -7.77 32.82 -11.74
C PRO Y 371 -7.10 31.92 -10.71
N GLY Y 372 -5.90 32.25 -10.22
CA GLY Y 372 -5.15 31.39 -9.32
C GLY Y 372 -4.41 30.28 -10.05
N GLY Y 373 -3.57 30.67 -11.00
CA GLY Y 373 -2.79 29.76 -11.84
C GLY Y 373 -1.80 28.87 -11.09
N PHE Y 374 -1.24 27.91 -11.82
CA PHE Y 374 -0.24 26.96 -11.33
C PHE Y 374 1.16 27.32 -11.87
N GLY Y 375 2.14 27.46 -10.97
CA GLY Y 375 3.51 27.82 -11.31
C GLY Y 375 3.73 29.27 -11.77
N VAL Y 376 4.97 29.62 -12.12
CA VAL Y 376 5.39 31.03 -12.30
C VAL Y 376 5.20 31.60 -13.70
N ARG Y 377 5.17 30.76 -14.75
CA ARG Y 377 5.34 31.17 -16.17
C ARG Y 377 4.53 32.38 -16.60
N GLY Y 378 3.23 32.40 -16.32
CA GLY Y 378 2.32 33.47 -16.78
C GLY Y 378 2.48 34.82 -16.08
N THR Y 379 3.28 34.90 -15.00
CA THR Y 379 3.26 36.03 -14.07
C THR Y 379 3.44 37.38 -14.76
N GLU Y 380 4.39 37.51 -15.68
CA GLU Y 380 4.73 38.83 -16.26
C GLU Y 380 3.57 39.44 -17.02
N GLY Y 381 2.79 38.65 -17.75
CA GLY Y 381 1.59 39.16 -18.41
C GLY Y 381 0.45 39.44 -17.43
N MET Y 382 0.26 38.59 -16.43
CA MET Y 382 -0.75 38.80 -15.40
C MET Y 382 -0.54 40.09 -14.61
N VAL Y 383 0.70 40.55 -14.45
CA VAL Y 383 1.01 41.87 -13.89
C VAL Y 383 0.41 42.98 -14.75
N LEU Y 384 0.63 42.97 -16.07
CA LEU Y 384 0.12 43.96 -17.00
C LEU Y 384 -1.41 43.94 -17.11
N ALA Y 385 -2.05 42.78 -16.98
CA ALA Y 385 -3.50 42.70 -16.85
C ALA Y 385 -4.02 43.31 -15.54
N ALA Y 386 -3.32 43.17 -14.43
CA ALA Y 386 -3.71 43.81 -13.17
C ALA Y 386 -3.53 45.34 -13.22
N ARG Y 387 -2.46 45.83 -13.86
CA ARG Y 387 -2.15 47.25 -14.12
C ARG Y 387 -3.21 47.89 -14.98
N TRP Y 388 -3.63 47.20 -16.02
CA TRP Y 388 -4.70 47.63 -16.91
C TRP Y 388 -6.02 47.90 -16.18
N ALA Y 389 -6.37 47.08 -15.20
CA ALA Y 389 -7.57 47.27 -14.38
C ALA Y 389 -7.38 48.16 -13.14
N ARG Y 390 -6.15 48.35 -12.65
CA ARG Y 390 -5.90 49.32 -11.58
C ARG Y 390 -6.09 50.73 -12.11
N GLU Y 391 -5.45 51.04 -13.24
CA GLU Y 391 -5.35 52.41 -13.75
C GLU Y 391 -6.65 52.87 -14.39
N ASN Y 392 -7.06 52.22 -15.47
CA ASN Y 392 -8.39 52.34 -16.04
C ASN Y 392 -9.36 51.62 -15.10
N HIS Y 393 -10.50 52.19 -14.73
CA HIS Y 393 -11.40 51.62 -13.70
C HIS Y 393 -12.20 50.36 -14.12
N ILE Y 394 -11.56 49.36 -14.73
CA ILE Y 394 -12.13 48.05 -15.09
C ILE Y 394 -12.36 47.23 -13.81
N PRO Y 395 -13.52 46.59 -13.59
CA PRO Y 395 -13.71 45.61 -12.53
C PRO Y 395 -12.72 44.45 -12.58
N PHE Y 396 -12.25 43.98 -11.43
CA PHE Y 396 -11.21 42.97 -11.31
C PHE Y 396 -11.47 42.00 -10.16
N LEU Y 397 -11.13 40.74 -10.33
CA LEU Y 397 -10.95 39.78 -9.24
C LEU Y 397 -9.65 39.01 -9.41
N GLY Y 398 -8.83 38.98 -8.37
CA GLY Y 398 -7.66 38.12 -8.31
C GLY Y 398 -7.89 36.98 -7.33
N VAL Y 399 -7.69 35.75 -7.77
CA VAL Y 399 -7.83 34.57 -6.92
C VAL Y 399 -6.46 33.95 -6.66
N CYS Y 400 -6.07 33.76 -5.41
CA CYS Y 400 -4.80 33.17 -4.99
C CYS Y 400 -3.57 33.84 -5.63
N LEU Y 401 -2.93 33.24 -6.63
CA LEU Y 401 -1.89 33.89 -7.42
C LEU Y 401 -2.37 35.25 -7.99
N GLY Y 402 -3.66 35.45 -8.18
CA GLY Y 402 -4.21 36.74 -8.54
C GLY Y 402 -4.11 37.79 -7.44
N LEU Y 403 -4.27 37.45 -6.16
CA LEU Y 403 -3.97 38.40 -5.08
C LEU Y 403 -2.48 38.68 -5.01
N GLN Y 404 -1.67 37.64 -5.16
CA GLN Y 404 -0.23 37.75 -5.21
C GLN Y 404 0.16 38.74 -6.31
N ILE Y 405 -0.44 38.65 -7.49
CA ILE Y 405 -0.15 39.53 -8.62
C ILE Y 405 -0.83 40.90 -8.52
N ALA Y 406 -1.98 41.03 -7.90
CA ALA Y 406 -2.52 42.33 -7.53
C ALA Y 406 -1.58 43.08 -6.58
N THR Y 407 -0.93 42.38 -5.65
CA THR Y 407 0.00 43.00 -4.72
C THR Y 407 1.37 43.27 -5.35
N ILE Y 408 1.91 42.34 -6.15
CA ILE Y 408 3.12 42.58 -6.93
C ILE Y 408 2.91 43.77 -7.86
N GLU Y 409 1.76 43.92 -8.53
CA GLU Y 409 1.55 45.04 -9.43
C GLU Y 409 1.44 46.36 -8.67
N PHE Y 410 0.60 46.42 -7.63
CA PHE Y 410 0.46 47.63 -6.83
C PHE Y 410 1.81 48.06 -6.21
N THR Y 411 2.63 47.11 -5.78
CA THR Y 411 4.01 47.36 -5.38
C THR Y 411 4.83 47.93 -6.55
N ARG Y 412 4.85 47.23 -7.69
CA ARG Y 412 5.66 47.51 -8.89
C ARG Y 412 5.28 48.81 -9.62
N SER Y 413 4.15 49.43 -9.30
CA SER Y 413 3.64 50.61 -10.02
C SER Y 413 3.20 51.77 -9.13
N VAL Y 414 2.71 51.51 -7.92
CA VAL Y 414 2.28 52.56 -6.98
C VAL Y 414 3.39 52.91 -5.99
N LEU Y 415 4.16 51.92 -5.51
CA LEU Y 415 5.33 52.16 -4.63
C LEU Y 415 6.66 52.32 -5.40
N GLY Y 416 6.65 52.33 -6.72
CA GLY Y 416 7.86 52.15 -7.53
C GLY Y 416 8.35 50.70 -7.48
N ARG Y 417 9.47 50.44 -6.77
CA ARG Y 417 9.99 49.08 -6.42
C ARG Y 417 9.98 48.08 -7.58
N LYS Y 418 10.47 48.49 -8.76
CA LYS Y 418 10.35 47.73 -10.03
C LYS Y 418 10.99 46.34 -10.03
N ASP Y 419 11.94 46.08 -9.12
CA ASP Y 419 12.58 44.78 -8.92
C ASP Y 419 11.71 43.74 -8.17
N SER Y 420 10.60 44.12 -7.55
CA SER Y 420 9.81 43.22 -6.70
C SER Y 420 9.14 42.09 -7.47
N HIS Y 421 9.01 40.92 -6.85
CA HIS Y 421 8.64 39.65 -7.49
C HIS Y 421 8.07 38.69 -6.44
N SER Y 422 7.44 37.60 -6.86
CA SER Y 422 7.05 36.50 -5.97
C SER Y 422 8.26 35.89 -5.24
N ALA Y 423 8.02 35.33 -4.04
CA ALA Y 423 9.03 34.57 -3.31
C ALA Y 423 9.59 33.37 -4.10
N GLU Y 424 8.91 32.95 -5.16
CA GLU Y 424 9.40 31.98 -6.12
C GLU Y 424 10.79 32.34 -6.71
N PHE Y 425 11.09 33.63 -6.95
CA PHE Y 425 12.43 34.10 -7.34
C PHE Y 425 13.31 34.28 -6.09
N TYR Y 426 13.55 33.15 -5.42
CA TYR Y 426 14.16 33.07 -4.10
C TYR Y 426 15.47 33.86 -3.92
N PRO Y 427 16.50 33.77 -4.81
CA PRO Y 427 17.81 34.36 -4.55
C PRO Y 427 17.90 35.88 -4.67
N ASP Y 428 16.82 36.58 -5.04
CA ASP Y 428 16.76 38.04 -4.94
C ASP Y 428 16.65 38.55 -3.49
N ILE Y 429 16.11 37.72 -2.58
CA ILE Y 429 15.96 37.94 -1.13
C ILE Y 429 15.25 39.25 -0.76
N ASP Y 430 15.92 40.40 -0.82
CA ASP Y 430 15.47 41.68 -0.26
C ASP Y 430 14.16 42.19 -0.88
N GLU Y 431 13.89 41.84 -2.14
CA GLU Y 431 12.73 42.32 -2.93
C GLU Y 431 11.60 41.29 -3.11
N LYS Y 432 11.67 40.15 -2.40
CA LYS Y 432 10.59 39.17 -2.38
C LYS Y 432 9.32 39.79 -1.80
N ASN Y 433 8.23 39.78 -2.57
CA ASN Y 433 6.93 40.34 -2.18
C ASN Y 433 6.14 39.43 -1.21
N HIS Y 434 6.59 38.19 -1.00
CA HIS Y 434 5.87 37.14 -0.27
C HIS Y 434 6.79 36.41 0.73
N VAL Y 435 6.20 35.62 1.62
CA VAL Y 435 6.89 34.76 2.60
C VAL Y 435 6.27 33.37 2.62
N VAL Y 436 7.09 32.35 2.82
CA VAL Y 436 6.67 30.96 3.02
C VAL Y 436 5.81 30.81 4.27
N VAL Y 437 4.76 30.01 4.16
CA VAL Y 437 3.89 29.64 5.30
C VAL Y 437 3.31 28.23 5.07
N PHE Y 438 4.10 27.19 5.33
CA PHE Y 438 3.72 25.79 5.07
C PHE Y 438 2.69 25.20 6.05
N MET Y 439 2.56 25.74 7.27
CA MET Y 439 1.77 25.18 8.38
C MET Y 439 1.99 23.68 8.60
N MET Y 440 1.52 23.10 3.03
CA MET Y 440 0.50 23.90 2.36
C MET Y 440 -0.70 24.17 3.29
N ARG Y 441 -1.21 25.41 3.31
CA ARG Y 441 -2.47 25.76 3.96
C ARG Y 441 -3.62 25.26 3.08
N LEU Y 442 -4.52 24.45 3.65
CA LEU Y 442 -5.59 23.74 2.93
C LEU Y 442 -6.93 23.80 3.68
N GLY Y 443 -8.01 23.45 2.99
CA GLY Y 443 -9.33 23.22 3.59
C GLY Y 443 -10.04 24.47 4.07
N LEU Y 444 -11.23 24.28 4.65
CA LEU Y 444 -12.08 25.34 5.12
C LEU Y 444 -11.47 25.98 6.35
N ARG Y 445 -11.03 27.23 6.21
CA ARG Y 445 -10.58 28.08 7.33
C ARG Y 445 -11.41 29.37 7.38
N PRO Y 446 -11.62 29.99 8.55
CA PRO Y 446 -12.33 31.25 8.64
C PRO Y 446 -11.53 32.42 8.04
N THR Y 447 -12.18 33.56 7.80
CA THR Y 447 -11.56 34.86 7.57
C THR Y 447 -12.43 35.97 8.14
N PHE Y 448 -11.83 36.94 8.81
CA PHE Y 448 -12.50 37.95 9.61
C PHE Y 448 -12.27 39.33 9.01
N PHE Y 449 -13.32 40.12 8.84
CA PHE Y 449 -13.19 41.48 8.31
C PHE Y 449 -12.49 42.39 9.32
N GLN Y 450 -11.66 43.31 8.84
CA GLN Y 450 -11.03 44.32 9.71
C GLN Y 450 -12.08 45.35 10.15
N ASN Y 451 -12.22 45.61 11.45
CA ASN Y 451 -13.46 46.13 12.04
C ASN Y 451 -13.90 47.55 11.62
N GLU Y 452 -13.04 48.32 10.94
CA GLU Y 452 -13.30 49.69 10.46
C GLU Y 452 -13.83 49.75 9.01
N THR Y 453 -13.70 48.67 8.23
CA THR Y 453 -13.84 48.72 6.75
C THR Y 453 -15.30 48.72 6.26
N GLU Y 454 -16.16 49.55 6.83
CA GLU Y 454 -17.59 49.68 6.51
C GLU Y 454 -17.85 50.16 5.09
N TRP Y 455 -16.88 50.80 4.45
CA TRP Y 455 -16.93 51.29 3.07
C TRP Y 455 -16.88 50.17 2.02
N SER Y 456 -16.35 49.00 2.38
CA SER Y 456 -15.98 47.92 1.45
C SER Y 456 -17.13 47.43 0.59
N GLN Y 457 -16.90 47.28 -0.71
CA GLN Y 457 -17.87 46.67 -1.61
C GLN Y 457 -18.00 45.17 -1.32
N ILE Y 458 -16.89 44.46 -1.10
CA ILE Y 458 -16.94 43.02 -0.89
C ILE Y 458 -17.61 42.65 0.44
N LYS Y 459 -17.29 43.31 1.56
CA LYS Y 459 -17.94 42.97 2.83
C LYS Y 459 -19.41 43.38 2.89
N LYS Y 460 -19.87 44.24 1.96
CA LYS Y 460 -21.30 44.46 1.73
C LYS Y 460 -21.95 43.26 1.06
N LEU Y 461 -21.35 42.66 0.02
CA LEU Y 461 -21.89 41.46 -0.64
C LEU Y 461 -22.05 40.27 0.33
N TYR Y 462 -21.13 40.09 1.28
CA TYR Y 462 -21.26 39.10 2.36
C TYR Y 462 -22.35 39.43 3.42
N GLY Y 463 -23.20 40.43 3.19
CA GLY Y 463 -24.39 40.70 4.02
C GLY Y 463 -24.10 41.35 5.37
N ASP Y 464 -22.94 42.01 5.51
CA ASP Y 464 -22.45 42.58 6.78
C ASP Y 464 -22.20 41.53 7.90
N VAL Y 465 -22.09 40.25 7.55
CA VAL Y 465 -21.70 39.19 8.51
C VAL Y 465 -20.25 39.40 8.97
N SER Y 466 -19.96 39.08 10.22
CA SER Y 466 -18.66 39.32 10.88
C SER Y 466 -17.48 38.51 10.33
N GLU Y 467 -17.73 37.32 9.77
CA GLU Y 467 -16.71 36.45 9.21
C GLU Y 467 -17.26 35.55 8.10
N VAL Y 468 -16.36 34.98 7.33
CA VAL Y 468 -16.62 34.07 6.21
C VAL Y 468 -15.81 32.78 6.37
N HIS Y 469 -16.16 31.70 5.69
CA HIS Y 469 -15.36 30.46 5.72
C HIS Y 469 -15.09 29.96 4.30
N GLU Y 470 -13.84 29.62 3.96
CA GLU Y 470 -13.39 29.46 2.57
C GLU Y 470 -12.28 28.41 2.40
N ARG Y 471 -12.13 27.86 1.20
CA ARG Y 471 -11.08 26.88 0.86
C ARG Y 471 -9.76 27.55 0.43
N HIS Y 472 -8.63 26.96 0.80
CA HIS Y 472 -7.29 27.49 0.53
C HIS Y 472 -6.40 26.42 -0.13
N ARG Y 473 -5.33 26.80 -0.84
CA ARG Y 473 -4.33 25.87 -1.43
C ARG Y 473 -2.91 26.50 -1.55
N HIS Y 474 -2.50 27.38 -0.65
CA HIS Y 474 -1.33 28.26 -0.82
C HIS Y 474 -0.14 27.91 0.09
N ARG Y 475 1.08 28.01 -0.44
CA ARG Y 475 2.36 27.93 0.31
C ARG Y 475 3.04 29.28 0.56
N TYR Y 476 2.58 30.35 -0.10
CA TYR Y 476 3.08 31.71 0.04
C TYR Y 476 1.98 32.67 0.51
N GLU Y 477 2.34 33.69 1.28
CA GLU Y 477 1.48 34.81 1.63
C GLU Y 477 2.24 36.13 1.46
N ILE Y 478 1.56 37.27 1.34
CA ILE Y 478 2.21 38.58 1.21
C ILE Y 478 3.01 38.88 2.49
N ASN Y 479 4.25 39.38 2.35
CA ASN Y 479 5.16 39.56 3.47
C ASN Y 479 4.59 40.58 4.48
N PRO Y 480 4.27 40.20 5.74
CA PRO Y 480 3.62 41.09 6.69
C PRO Y 480 4.36 42.41 6.93
N LYS Y 481 5.69 42.39 6.78
CA LYS Y 481 6.55 43.58 6.89
C LYS Y 481 6.10 44.73 5.98
N MET Y 482 5.61 44.40 4.78
CA MET Y 482 5.17 45.40 3.79
C MET Y 482 3.73 45.86 3.96
N VAL Y 483 2.89 45.12 4.68
CA VAL Y 483 1.43 45.32 4.63
C VAL Y 483 0.99 46.68 5.14
N ASP Y 484 1.69 47.27 6.11
CA ASP Y 484 1.38 48.64 6.54
C ASP Y 484 1.56 49.66 5.40
N GLU Y 485 2.59 49.49 4.57
CA GLU Y 485 2.87 50.36 3.43
C GLU Y 485 1.77 50.28 2.39
N LEU Y 486 1.31 49.06 2.09
CA LEU Y 486 0.20 48.79 1.19
C LEU Y 486 -1.13 49.32 1.76
N GLU Y 487 -1.43 49.11 3.05
CA GLU Y 487 -2.62 49.66 3.69
C GLU Y 487 -2.62 51.20 3.67
N ASN Y 488 -1.49 51.84 3.97
CA ASN Y 488 -1.33 53.30 3.97
C ASN Y 488 -1.46 53.90 2.55
N ASN Y 489 -1.01 53.19 1.52
CA ASN Y 489 -1.16 53.62 0.13
C ASN Y 489 -2.53 53.31 -0.49
N GLY Y 490 -3.37 52.51 0.16
CA GLY Y 490 -4.78 52.30 -0.20
C GLY Y 490 -5.16 50.91 -0.67
N LEU Y 491 -4.20 49.98 -0.78
CA LEU Y 491 -4.45 48.57 -1.05
C LEU Y 491 -4.90 47.86 0.24
N ILE Y 492 -6.05 48.25 0.79
CA ILE Y 492 -6.48 47.90 2.14
C ILE Y 492 -6.81 46.40 2.23
N PHE Y 493 -6.14 45.66 3.11
CA PHE Y 493 -6.43 44.25 3.36
C PHE Y 493 -7.67 44.07 4.23
N VAL Y 494 -8.85 44.15 3.62
CA VAL Y 494 -10.14 44.15 4.31
C VAL Y 494 -10.50 42.86 5.06
N GLY Y 495 -9.76 41.77 4.87
CA GLY Y 495 -9.93 40.53 5.61
C GLY Y 495 -8.63 39.83 5.93
N LYS Y 496 -8.51 39.32 7.14
CA LYS Y 496 -7.35 38.56 7.62
C LYS Y 496 -7.81 37.34 8.41
N ASP Y 497 -6.87 36.48 8.75
CA ASP Y 497 -7.11 35.25 9.50
C ASP Y 497 -7.37 35.51 10.99
N ASP Y 498 -7.56 34.42 11.73
CA ASP Y 498 -7.70 34.42 13.19
C ASP Y 498 -6.56 35.17 13.92
N THR Y 499 -5.30 34.99 13.51
CA THR Y 499 -4.14 35.66 14.14
C THR Y 499 -3.99 37.13 13.74
N GLY Y 500 -4.53 37.53 12.59
CA GLY Y 500 -4.30 38.84 11.99
C GLY Y 500 -2.95 38.98 11.29
N LYS Y 501 -2.16 37.91 11.20
CA LYS Y 501 -0.86 37.91 10.51
C LYS Y 501 -0.98 37.64 9.01
N ARG Y 502 -2.05 36.97 8.55
CA ARG Y 502 -2.18 36.44 7.19
C ARG Y 502 -3.11 37.28 6.32
N CYS Y 503 -2.68 37.58 5.09
CA CYS Y 503 -3.39 38.37 4.10
C CYS Y 503 -4.47 37.57 3.34
N GLU Y 504 -5.74 37.63 3.72
CA GLU Y 504 -6.78 36.77 3.15
C GLU Y 504 -7.63 37.45 2.06
N ILE Y 505 -7.89 38.75 2.16
CA ILE Y 505 -8.61 39.56 1.15
C ILE Y 505 -7.91 40.91 0.99
N LEU Y 506 -7.87 41.49 -0.21
CA LEU Y 506 -7.63 42.92 -0.38
C LEU Y 506 -8.73 43.58 -1.19
N GLU Y 507 -8.98 44.86 -0.91
CA GLU Y 507 -9.77 45.75 -1.76
C GLU Y 507 -9.00 47.06 -1.91
N LEU Y 508 -8.84 47.53 -3.13
CA LEU Y 508 -8.25 48.84 -3.38
C LEU Y 508 -9.28 49.93 -3.09
N LYS Y 509 -9.00 50.79 -2.11
CA LYS Y 509 -9.85 51.91 -1.68
C LYS Y 509 -10.17 52.83 -2.86
N ASN Y 510 -11.45 53.19 -3.03
CA ASN Y 510 -11.95 54.11 -4.07
C ASN Y 510 -11.61 53.66 -5.51
N HIS Y 511 -11.97 52.41 -5.82
CA HIS Y 511 -12.05 51.87 -7.18
C HIS Y 511 -13.41 51.15 -7.34
N PRO Y 512 -14.10 51.16 -8.50
CA PRO Y 512 -15.43 50.58 -8.63
C PRO Y 512 -15.59 49.12 -8.21
N TYR Y 513 -14.60 48.28 -8.47
CA TYR Y 513 -14.52 46.90 -7.98
C TYR Y 513 -13.13 46.31 -8.26
N TYR Y 514 -12.22 46.36 -7.30
CA TYR Y 514 -10.90 45.74 -7.45
C TYR Y 514 -10.60 44.96 -6.19
N ILE Y 515 -10.87 43.67 -6.27
CA ILE Y 515 -10.79 42.73 -5.17
C ILE Y 515 -9.72 41.71 -5.50
N ALA Y 516 -9.05 41.20 -4.48
CA ALA Y 516 -8.46 39.88 -4.60
C ALA Y 516 -8.67 39.07 -3.33
N THR Y 517 -8.63 37.75 -3.44
CA THR Y 517 -8.75 36.78 -2.35
C THR Y 517 -7.57 35.82 -2.37
N GLN Y 518 -6.96 35.52 -1.24
CA GLN Y 518 -5.92 34.49 -1.19
C GLN Y 518 -6.52 33.10 -1.31
N TYR Y 519 -7.72 32.90 -0.77
CA TYR Y 519 -8.53 31.70 -0.97
C TYR Y 519 -9.05 31.58 -2.41
N HIS Y 520 -9.55 30.39 -2.73
CA HIS Y 520 -10.25 30.05 -3.96
C HIS Y 520 -11.78 30.02 -3.75
N PRO Y 521 -12.52 31.13 -3.97
CA PRO Y 521 -13.96 31.20 -3.72
C PRO Y 521 -14.82 30.36 -4.66
N GLU Y 522 -14.30 29.99 -5.83
CA GLU Y 522 -14.96 29.10 -6.78
C GLU Y 522 -15.18 27.68 -6.26
N TYR Y 523 -14.48 27.28 -5.18
CA TYR Y 523 -14.74 26.00 -4.52
C TYR Y 523 -15.88 26.06 -3.51
N THR Y 524 -16.61 27.16 -3.39
CA THR Y 524 -17.89 27.18 -2.65
C THR Y 524 -19.03 27.90 -3.37
N SER Y 525 -18.87 28.24 -4.64
CA SER Y 525 -19.98 28.73 -5.46
C SER Y 525 -21.03 27.64 -5.66
N LYS Y 526 -22.32 27.96 -5.45
CA LYS Y 526 -23.46 27.07 -5.67
C LYS Y 526 -24.49 27.74 -6.60
N VAL Y 527 -25.29 26.97 -7.31
CA VAL Y 527 -26.16 27.51 -8.36
C VAL Y 527 -27.25 28.44 -7.80
N LEU Y 528 -27.76 28.21 -6.59
CA LEU Y 528 -28.72 29.12 -5.94
C LEU Y 528 -28.07 30.15 -5.00
N ASP Y 529 -26.81 29.96 -4.61
CA ASP Y 529 -26.03 30.85 -3.74
C ASP Y 529 -24.64 31.08 -4.35
N PRO Y 530 -24.48 32.06 -5.25
CA PRO Y 530 -23.22 32.27 -5.96
C PRO Y 530 -22.12 32.79 -5.05
N SER Y 531 -20.86 32.43 -5.28
CA SER Y 531 -19.77 32.86 -4.39
C SER Y 531 -19.55 34.36 -4.52
N LYS Y 532 -19.62 35.09 -3.40
CA LYS Y 532 -19.69 36.55 -3.36
C LYS Y 532 -18.58 37.30 -4.13
N PRO Y 533 -17.29 36.94 -4.09
CA PRO Y 533 -16.26 37.62 -4.86
C PRO Y 533 -16.48 37.55 -6.37
N PHE Y 534 -17.04 36.45 -6.87
CA PHE Y 534 -17.41 36.30 -8.28
C PHE Y 534 -18.72 37.00 -8.61
N LEU Y 535 -19.68 37.05 -7.70
CA LEU Y 535 -20.90 37.83 -7.93
C LEU Y 535 -20.57 39.32 -8.11
N GLY Y 536 -19.72 39.87 -7.26
CA GLY Y 536 -19.26 41.24 -7.40
C GLY Y 536 -18.55 41.53 -8.72
N LEU Y 537 -17.68 40.63 -9.19
CA LEU Y 537 -17.01 40.78 -10.48
C LEU Y 537 -18.00 40.86 -11.63
N VAL Y 538 -18.99 39.97 -11.69
CA VAL Y 538 -19.99 40.02 -12.76
C VAL Y 538 -20.86 41.26 -12.60
N ALA Y 539 -21.37 41.53 -11.41
CA ALA Y 539 -22.27 42.65 -11.19
C ALA Y 539 -21.61 44.01 -11.50
N ALA Y 540 -20.35 44.21 -11.14
CA ALA Y 540 -19.63 45.42 -11.51
C ALA Y 540 -19.30 45.46 -13.00
N SER Y 541 -19.01 44.34 -13.64
CA SER Y 541 -18.85 44.27 -15.11
C SER Y 541 -20.13 44.66 -15.84
N ALA Y 542 -21.28 44.29 -15.29
CA ALA Y 542 -22.60 44.72 -15.71
C ALA Y 542 -22.96 46.17 -15.31
N GLY Y 543 -22.16 46.81 -14.47
CA GLY Y 543 -22.41 48.16 -13.97
C GLY Y 543 -23.60 48.26 -13.03
N ILE Y 544 -23.98 47.15 -12.38
CA ILE Y 544 -25.18 47.00 -11.55
C ILE Y 544 -24.89 46.65 -10.09
N LEU Y 545 -23.62 46.69 -9.67
CA LEU Y 545 -23.13 46.20 -8.37
C LEU Y 545 -23.92 46.76 -7.19
N GLN Y 546 -24.21 48.06 -7.19
CA GLN Y 546 -25.00 48.70 -6.14
C GLN Y 546 -26.35 47.99 -5.91
N ASP Y 547 -27.04 47.69 -6.99
CA ASP Y 547 -28.42 47.20 -6.96
C ASP Y 547 -28.49 45.72 -6.60
N VAL Y 548 -27.44 44.95 -6.92
CA VAL Y 548 -27.24 43.58 -6.45
C VAL Y 548 -27.01 43.56 -4.95
N ILE Y 549 -26.23 44.49 -4.40
CA ILE Y 549 -26.01 44.61 -2.96
C ILE Y 549 -27.30 45.06 -2.26
N GLU Y 550 -28.02 46.00 -2.83
CA GLU Y 550 -29.31 46.49 -2.31
C GLU Y 550 -30.45 45.46 -2.43
N GLY Y 551 -30.31 44.43 -3.26
CA GLY Y 551 -31.21 43.27 -3.30
C GLY Y 551 -32.18 43.18 -4.48
N LYS Y 552 -31.94 43.91 -5.58
CA LYS Y 552 -32.79 43.91 -6.79
C LYS Y 552 -32.75 42.61 -7.62
N TYR Y 553 -32.07 41.57 -7.14
CA TYR Y 553 -31.80 40.33 -7.89
C TYR Y 553 -31.83 39.04 -7.06
N ASP Y 554 -32.27 39.07 -5.80
CA ASP Y 554 -32.60 37.84 -5.07
C ASP Y 554 -33.78 37.08 -5.72
N LEU Y 555 -33.78 35.74 -5.58
CA LEU Y 555 -34.65 34.84 -6.37
C LEU Y 555 -36.13 34.86 -5.97
N GLU Y 556 -36.42 35.02 -4.68
CA GLU Y 556 -37.79 35.10 -4.13
C GLU Y 556 -37.91 36.35 -3.24
N ALA Y 557 -39.04 37.05 -3.27
CA ALA Y 557 -39.27 38.29 -2.53
C ALA Y 557 -39.12 38.11 -1.02
N MET Z 1 -5.67 -20.26 -55.65
CA MET Z 1 -6.48 -19.04 -55.62
C MET Z 1 -6.18 -18.22 -54.38
N LYS Z 2 -6.44 -16.90 -54.41
CA LYS Z 2 -6.37 -15.99 -53.25
C LYS Z 2 -7.76 -15.41 -52.93
N TYR Z 3 -8.01 -14.97 -51.71
CA TYR Z 3 -9.31 -14.43 -51.26
C TYR Z 3 -9.13 -13.25 -50.29
N VAL Z 4 -10.04 -12.28 -50.29
CA VAL Z 4 -10.04 -11.14 -49.37
C VAL Z 4 -11.42 -10.97 -48.76
N VAL Z 5 -11.60 -11.21 -47.48
CA VAL Z 5 -12.85 -10.83 -46.80
C VAL Z 5 -12.87 -9.34 -46.53
N VAL Z 6 -14.02 -8.71 -46.70
CA VAL Z 6 -14.36 -7.41 -46.16
C VAL Z 6 -15.56 -7.60 -45.25
N SER Z 7 -15.48 -7.17 -44.00
CA SER Z 7 -16.51 -7.43 -42.98
C SER Z 7 -16.59 -6.34 -41.93
N GLY Z 8 -17.50 -6.43 -40.97
CA GLY Z 8 -17.27 -5.82 -39.65
C GLY Z 8 -18.13 -4.65 -39.18
N GLY Z 9 -17.69 -4.07 -38.06
CA GLY Z 9 -18.17 -2.82 -37.46
C GLY Z 9 -19.12 -2.99 -36.28
N VAL Z 10 -19.38 -1.92 -35.53
CA VAL Z 10 -20.48 -1.83 -34.55
C VAL Z 10 -21.83 -1.36 -35.13
N ILE Z 11 -21.89 -1.03 -36.41
CA ILE Z 11 -23.08 -0.51 -37.10
C ILE Z 11 -23.15 -1.07 -38.52
N SER Z 12 -24.35 -1.35 -39.00
CA SER Z 12 -24.58 -1.51 -40.44
C SER Z 12 -24.56 -0.13 -41.12
N GLY Z 13 -24.10 -0.03 -42.36
CA GLY Z 13 -23.99 1.24 -43.10
C GLY Z 13 -22.65 1.97 -42.95
N ILE Z 14 -21.63 1.30 -42.41
CA ILE Z 14 -20.31 1.86 -42.11
C ILE Z 14 -19.44 2.19 -43.32
N GLY Z 15 -19.63 1.53 -44.47
CA GLY Z 15 -18.84 1.78 -45.69
C GLY Z 15 -18.27 0.59 -46.46
N LYS Z 16 -18.70 -0.64 -46.17
CA LYS Z 16 -18.06 -1.88 -46.72
C LYS Z 16 -17.90 -1.87 -48.24
N GLY Z 17 -18.98 -1.85 -49.04
CA GLY Z 17 -18.92 -1.94 -50.51
C GLY Z 17 -17.86 -1.08 -51.19
N VAL Z 18 -17.67 0.19 -50.78
CA VAL Z 18 -16.65 1.11 -51.37
C VAL Z 18 -15.27 0.62 -50.97
N LEU Z 19 -15.12 0.00 -49.79
CA LEU Z 19 -13.82 -0.58 -49.33
C LEU Z 19 -13.66 -1.94 -50.02
N ALA Z 20 -14.75 -2.54 -50.49
CA ALA Z 20 -14.73 -3.90 -51.11
C ALA Z 20 -14.38 -3.78 -52.59
N SER Z 21 -15.29 -3.31 -53.44
CA SER Z 21 -15.05 -3.26 -54.91
C SER Z 21 -13.86 -2.33 -55.08
N SER Z 22 -13.81 -1.20 -54.39
CA SER Z 22 -12.55 -0.38 -54.43
C SER Z 22 -11.24 -1.15 -54.19
N THR Z 23 -11.20 -2.12 -53.27
CA THR Z 23 -10.02 -2.97 -53.03
C THR Z 23 -9.88 -3.87 -54.24
N GLY Z 24 -11.00 -4.34 -54.82
CA GLY Z 24 -11.00 -5.23 -56.00
C GLY Z 24 -10.60 -4.51 -57.27
N MET Z 25 -10.84 -3.20 -57.36
CA MET Z 25 -10.45 -2.37 -58.53
C MET Z 25 -8.92 -2.29 -58.53
N LEU Z 26 -8.31 -2.27 -57.35
CA LEU Z 26 -6.83 -2.16 -57.21
C LEU Z 26 -6.23 -3.55 -57.41
N MET Z 27 -6.94 -4.63 -57.12
CA MET Z 27 -6.37 -5.93 -57.49
C MET Z 27 -6.18 -6.00 -59.01
N LYS Z 28 -7.12 -5.47 -59.78
CA LYS Z 28 -7.00 -5.32 -61.24
C LYS Z 28 -5.88 -4.42 -61.70
N THR Z 29 -5.48 -3.42 -60.93
CA THR Z 29 -4.28 -2.60 -61.24
C THR Z 29 -3.03 -3.46 -61.32
N LEU Z 30 -2.95 -4.54 -60.53
CA LEU Z 30 -1.84 -5.50 -60.56
C LEU Z 30 -1.89 -6.44 -61.78
N GLY Z 31 -2.91 -6.31 -62.64
CA GLY Z 31 -3.17 -7.19 -63.79
C GLY Z 31 -4.06 -8.41 -63.49
N LEU Z 32 -4.41 -8.65 -62.22
CA LEU Z 32 -5.09 -9.86 -61.76
C LEU Z 32 -6.47 -10.03 -62.40
N LYS Z 33 -6.87 -11.28 -62.63
CA LYS Z 33 -8.27 -11.63 -62.91
C LYS Z 33 -9.03 -11.53 -61.59
N VAL Z 34 -10.16 -10.85 -61.51
CA VAL Z 34 -10.80 -10.56 -60.20
C VAL Z 34 -12.30 -10.84 -60.23
N THR Z 35 -12.84 -11.25 -59.10
CA THR Z 35 -14.25 -11.56 -58.90
C THR Z 35 -14.70 -11.10 -57.54
N SER Z 36 -15.99 -11.11 -57.27
CA SER Z 36 -16.56 -10.65 -56.02
C SER Z 36 -17.79 -11.43 -55.62
N ILE Z 37 -18.00 -11.70 -54.35
CA ILE Z 37 -19.19 -12.37 -53.82
C ILE Z 37 -19.76 -11.51 -52.71
N LYS Z 38 -21.04 -11.18 -52.71
CA LYS Z 38 -21.67 -10.51 -51.57
C LYS Z 38 -22.53 -11.47 -50.80
N ILE Z 39 -22.17 -11.69 -49.54
CA ILE Z 39 -22.87 -12.52 -48.59
C ILE Z 39 -23.87 -11.64 -47.87
N ASP Z 40 -25.15 -11.87 -48.06
CA ASP Z 40 -26.21 -11.11 -47.42
C ASP Z 40 -26.86 -11.87 -46.28
N PRO Z 41 -26.95 -11.30 -45.08
CA PRO Z 41 -27.60 -11.98 -43.97
C PRO Z 41 -29.13 -12.05 -44.05
N TYR Z 42 -29.79 -11.32 -44.95
CA TYR Z 42 -31.24 -11.34 -45.09
C TYR Z 42 -31.79 -12.65 -45.66
N MET Z 43 -33.05 -12.96 -45.38
CA MET Z 43 -33.67 -14.23 -45.75
C MET Z 43 -34.41 -14.27 -47.09
N ASN Z 44 -34.50 -13.20 -47.88
CA ASN Z 44 -34.97 -13.31 -49.26
C ASN Z 44 -34.00 -14.12 -50.13
N ILE Z 45 -34.50 -15.04 -50.94
CA ILE Z 45 -33.64 -15.77 -51.91
C ILE Z 45 -33.16 -14.87 -53.05
N ASP Z 46 -33.97 -13.89 -53.47
CA ASP Z 46 -33.65 -12.93 -54.52
C ASP Z 46 -34.46 -11.65 -54.36
N ALA Z 47 -34.09 -10.58 -55.05
CA ALA Z 47 -34.81 -9.32 -55.03
C ALA Z 47 -36.11 -9.33 -55.86
N GLY Z 48 -36.47 -10.44 -56.49
CA GLY Z 48 -37.66 -10.55 -57.33
C GLY Z 48 -38.96 -10.36 -56.56
N THR Z 49 -38.98 -10.69 -55.26
CA THR Z 49 -40.12 -10.41 -54.38
C THR Z 49 -40.04 -9.01 -53.73
N MET Z 50 -38.85 -8.40 -53.66
CA MET Z 50 -38.59 -7.18 -52.90
C MET Z 50 -39.04 -5.92 -53.66
N SER Z 51 -40.09 -5.24 -53.19
CA SER Z 51 -40.57 -4.03 -53.85
C SER Z 51 -39.53 -2.91 -53.81
N PRO Z 52 -39.33 -2.11 -54.86
CA PRO Z 52 -38.29 -1.07 -54.91
C PRO Z 52 -38.34 0.03 -53.86
N LEU Z 53 -39.35 0.05 -52.98
CA LEU Z 53 -39.50 0.98 -51.87
C LEU Z 53 -38.53 0.73 -50.70
N GLU Z 54 -38.21 -0.52 -50.40
CA GLU Z 54 -37.24 -0.90 -49.36
C GLU Z 54 -36.26 -1.95 -49.88
N HIS Z 55 -35.01 -1.83 -49.47
CA HIS Z 55 -33.83 -2.44 -50.13
C HIS Z 55 -33.54 -1.93 -51.55
N GLY Z 56 -34.37 -1.03 -52.10
CA GLY Z 56 -34.05 -0.31 -53.33
C GLY Z 56 -34.12 -1.14 -54.60
N GLU Z 57 -33.40 -0.68 -55.62
CA GLU Z 57 -33.53 -1.15 -57.00
C GLU Z 57 -33.14 -2.61 -57.21
N CYS Z 58 -34.01 -3.39 -57.86
CA CYS Z 58 -33.72 -4.76 -58.27
C CYS Z 58 -32.69 -4.77 -59.40
N PHE Z 59 -31.40 -4.71 -59.08
CA PHE Z 59 -30.34 -4.73 -60.09
C PHE Z 59 -30.44 -5.98 -60.98
N VAL Z 60 -30.24 -5.82 -62.28
CA VAL Z 60 -30.33 -6.96 -63.19
C VAL Z 60 -29.11 -7.45 -63.99
N LEU Z 61 -28.89 -8.73 -63.82
CA LEU Z 61 -27.72 -9.42 -64.37
C LEU Z 61 -27.76 -9.62 -65.88
N ASP Z 62 -26.61 -9.95 -66.44
CA ASP Z 62 -26.49 -10.62 -67.73
C ASP Z 62 -27.40 -11.86 -67.77
N ASP Z 63 -27.36 -12.69 -66.73
CA ASP Z 63 -28.24 -13.87 -66.56
C ASP Z 63 -29.69 -13.54 -66.13
N GLY Z 64 -30.07 -12.27 -66.01
CA GLY Z 64 -31.45 -11.85 -65.81
C GLY Z 64 -32.08 -12.11 -64.44
N GLY Z 65 -31.31 -12.59 -63.48
CA GLY Z 65 -31.76 -12.68 -62.09
C GLY Z 65 -31.91 -11.31 -61.46
N GLU Z 66 -32.95 -11.10 -60.66
CA GLU Z 66 -33.11 -9.88 -59.87
C GLU Z 66 -32.32 -9.98 -58.56
N THR Z 67 -31.06 -9.52 -58.57
CA THR Z 67 -30.09 -9.65 -57.46
C THR Z 67 -30.21 -8.59 -56.38
N ASP Z 68 -29.43 -8.76 -55.31
CA ASP Z 68 -29.06 -7.65 -54.42
C ASP Z 68 -28.58 -6.43 -55.21
N LEU Z 69 -29.04 -5.22 -54.84
CA LEU Z 69 -28.66 -3.94 -55.51
C LEU Z 69 -27.15 -3.74 -55.46
N ASP Z 70 -26.51 -4.08 -54.35
CA ASP Z 70 -25.06 -3.78 -54.16
C ASP Z 70 -24.22 -4.50 -55.22
N LEU Z 71 -24.66 -5.62 -55.80
CA LEU Z 71 -23.77 -6.36 -56.74
C LEU Z 71 -23.36 -5.38 -57.83
N GLY Z 72 -24.23 -4.46 -58.19
CA GLY Z 72 -23.93 -3.50 -59.28
C GLY Z 72 -22.65 -2.75 -58.98
N ASN Z 73 -22.41 -2.38 -57.73
CA ASN Z 73 -21.21 -1.58 -57.34
C ASN Z 73 -19.95 -2.35 -57.75
N TYR Z 74 -20.00 -3.68 -57.90
CA TYR Z 74 -18.84 -4.52 -58.26
C TYR Z 74 -18.72 -4.69 -59.77
N GLU Z 75 -19.79 -4.47 -60.52
CA GLU Z 75 -19.77 -4.67 -61.99
C GLU Z 75 -19.29 -3.35 -62.59
N ARG Z 76 -19.34 -2.25 -61.82
CA ARG Z 76 -18.83 -0.93 -62.26
C ARG Z 76 -17.35 -0.87 -61.86
N TYR Z 77 -17.05 -0.93 -60.57
CA TYR Z 77 -15.62 -0.95 -60.06
C TYR Z 77 -14.66 -1.93 -60.75
N LEU Z 78 -15.04 -3.18 -61.07
CA LEU Z 78 -14.12 -4.24 -61.58
C LEU Z 78 -14.26 -4.39 -63.10
N GLY Z 79 -15.43 -4.18 -63.66
CA GLY Z 79 -15.67 -4.46 -65.07
C GLY Z 79 -15.82 -5.96 -65.31
N VAL Z 80 -16.78 -6.58 -64.62
CA VAL Z 80 -17.08 -8.02 -64.64
C VAL Z 80 -18.57 -8.27 -64.81
N THR Z 81 -18.93 -9.37 -65.46
CA THR Z 81 -20.29 -9.91 -65.50
C THR Z 81 -20.43 -10.97 -64.42
N LEU Z 82 -21.13 -10.67 -63.32
CA LEU Z 82 -21.43 -11.62 -62.26
C LEU Z 82 -22.63 -12.52 -62.65
N THR Z 83 -23.05 -13.41 -61.76
CA THR Z 83 -24.16 -14.36 -61.97
C THR Z 83 -25.08 -14.41 -60.74
N LYS Z 84 -26.24 -15.05 -60.84
CA LYS Z 84 -27.19 -15.16 -59.73
C LYS Z 84 -26.59 -15.85 -58.50
N ASP Z 85 -25.54 -16.66 -58.68
CA ASP Z 85 -24.84 -17.34 -57.59
C ASP Z 85 -23.87 -16.45 -56.81
N HIS Z 86 -23.40 -15.32 -57.35
CA HIS Z 86 -22.49 -14.41 -56.63
C HIS Z 86 -23.15 -13.63 -55.50
N ASN Z 87 -24.46 -13.70 -55.36
CA ASN Z 87 -25.17 -13.14 -54.23
C ASN Z 87 -25.64 -14.27 -53.33
N ILE Z 88 -24.77 -14.69 -52.41
CA ILE Z 88 -25.13 -15.62 -51.34
C ILE Z 88 -26.11 -14.92 -50.41
N THR Z 89 -27.19 -15.54 -49.99
CA THR Z 89 -28.09 -14.99 -48.96
C THR Z 89 -28.49 -16.05 -47.97
N THR Z 90 -28.89 -15.65 -46.76
CA THR Z 90 -29.31 -16.60 -45.74
C THR Z 90 -30.49 -17.44 -46.20
N GLY Z 91 -31.44 -16.87 -46.92
CA GLY Z 91 -32.54 -17.65 -47.48
C GLY Z 91 -32.12 -18.59 -48.59
N LYS Z 92 -31.10 -18.23 -49.36
CA LYS Z 92 -30.60 -19.04 -50.46
C LYS Z 92 -29.86 -20.27 -49.95
N ILE Z 93 -29.03 -20.13 -48.92
CA ILE Z 93 -28.25 -21.25 -48.40
C ILE Z 93 -29.06 -22.16 -47.49
N TYR Z 94 -29.98 -21.67 -46.65
CA TYR Z 94 -30.88 -22.59 -45.98
C TYR Z 94 -31.74 -23.39 -46.96
N SER Z 95 -32.20 -22.80 -48.06
CA SER Z 95 -32.95 -23.53 -49.09
C SER Z 95 -32.13 -24.63 -49.75
N HIS Z 96 -30.87 -24.37 -50.06
CA HIS Z 96 -29.99 -25.32 -50.73
C HIS Z 96 -29.66 -26.52 -49.85
N VAL Z 97 -29.32 -26.31 -48.58
CA VAL Z 97 -29.12 -27.42 -47.63
C VAL Z 97 -30.43 -28.16 -47.33
N ILE Z 98 -31.56 -27.48 -47.15
CA ILE Z 98 -32.85 -28.13 -46.96
C ILE Z 98 -33.25 -28.93 -48.21
N ALA Z 99 -32.91 -28.52 -49.43
CA ALA Z 99 -33.19 -29.35 -50.61
C ALA Z 99 -32.42 -30.67 -50.55
N LYS Z 100 -31.12 -30.59 -50.27
CA LYS Z 100 -30.27 -31.78 -50.09
C LYS Z 100 -30.74 -32.67 -48.93
N GLU Z 101 -31.34 -32.12 -47.87
CA GLU Z 101 -31.93 -32.88 -46.77
C GLU Z 101 -33.11 -33.76 -47.20
N ARG Z 102 -34.01 -33.25 -48.06
CA ARG Z 102 -35.17 -34.03 -48.55
C ARG Z 102 -34.85 -34.93 -49.73
N LYS Z 103 -33.87 -34.57 -50.55
CA LYS Z 103 -33.29 -35.47 -51.55
C LYS Z 103 -32.51 -36.61 -50.87
N GLY Z 104 -32.03 -36.40 -49.65
CA GLY Z 104 -31.34 -37.40 -48.85
C GLY Z 104 -29.82 -37.46 -49.12
N ASP Z 105 -29.21 -36.40 -49.62
CA ASP Z 105 -27.78 -36.36 -49.97
C ASP Z 105 -26.86 -36.46 -48.75
N TYR Z 106 -27.39 -36.30 -47.54
CA TYR Z 106 -26.69 -36.52 -46.27
C TYR Z 106 -26.72 -37.98 -45.80
N LEU Z 107 -27.13 -38.94 -46.63
CA LEU Z 107 -27.05 -40.38 -46.32
C LEU Z 107 -27.69 -40.74 -44.98
N GLY Z 108 -28.81 -40.08 -44.66
CA GLY Z 108 -29.57 -40.31 -43.44
C GLY Z 108 -28.91 -39.85 -42.14
N LYS Z 109 -27.74 -39.18 -42.17
CA LYS Z 109 -27.22 -38.47 -40.99
C LYS Z 109 -28.22 -37.39 -40.56
N THR Z 110 -28.19 -36.93 -39.30
CA THR Z 110 -28.80 -35.64 -38.99
C THR Z 110 -27.92 -34.53 -39.54
N VAL Z 111 -28.54 -33.45 -40.04
CA VAL Z 111 -27.85 -32.34 -40.69
C VAL Z 111 -27.93 -31.13 -39.78
N GLN Z 112 -26.80 -30.48 -39.58
CA GLN Z 112 -26.55 -29.55 -38.47
C GLN Z 112 -26.04 -28.22 -39.01
N ILE Z 113 -26.21 -27.13 -38.26
CA ILE Z 113 -25.65 -25.86 -38.72
C ILE Z 113 -24.12 -25.94 -38.77
N VAL Z 114 -23.50 -26.62 -37.81
CA VAL Z 114 -22.08 -27.00 -37.88
C VAL Z 114 -21.98 -28.52 -37.74
N PRO Z 115 -21.29 -29.24 -38.63
CA PRO Z 115 -20.50 -28.76 -39.74
C PRO Z 115 -21.23 -28.67 -41.09
N HIS Z 116 -22.43 -29.21 -41.26
CA HIS Z 116 -23.01 -29.35 -42.61
C HIS Z 116 -23.31 -28.03 -43.30
N LEU Z 117 -24.02 -27.10 -42.67
CA LEU Z 117 -24.29 -25.81 -43.29
C LEU Z 117 -23.03 -24.94 -43.42
N THR Z 118 -22.12 -24.95 -42.46
CA THR Z 118 -20.86 -24.21 -42.62
C THR Z 118 -19.95 -24.81 -43.68
N ASN Z 119 -20.04 -26.11 -43.96
CA ASN Z 119 -19.43 -26.70 -45.14
C ASN Z 119 -20.12 -26.22 -46.41
N ALA Z 120 -21.46 -26.15 -46.44
CA ALA Z 120 -22.18 -25.68 -47.62
C ALA Z 120 -21.74 -24.27 -48.03
N ILE Z 121 -21.61 -23.34 -47.08
CA ILE Z 121 -21.15 -21.98 -47.34
C ILE Z 121 -19.73 -21.98 -47.91
N GLN Z 122 -18.79 -22.73 -47.34
CA GLN Z 122 -17.43 -22.83 -47.91
C GLN Z 122 -17.43 -23.45 -49.31
N ASP Z 123 -18.22 -24.50 -49.51
CA ASP Z 123 -18.33 -25.15 -50.81
C ASP Z 123 -19.00 -24.24 -51.85
N TRP Z 124 -19.87 -23.31 -51.45
CA TRP Z 124 -20.43 -22.28 -52.33
C TRP Z 124 -19.40 -21.21 -52.68
N ILE Z 125 -18.68 -20.64 -51.72
CA ILE Z 125 -17.66 -19.63 -51.99
C ILE Z 125 -16.59 -20.18 -52.92
N GLU Z 126 -16.02 -21.35 -52.67
CA GLU Z 126 -15.01 -21.90 -53.56
C GLU Z 126 -15.58 -22.39 -54.88
N ARG Z 127 -16.89 -22.73 -54.97
CA ARG Z 127 -17.54 -23.04 -56.24
C ARG Z 127 -17.59 -21.78 -57.08
N VAL Z 128 -18.19 -20.73 -56.57
CA VAL Z 128 -18.43 -19.49 -57.30
C VAL Z 128 -17.14 -18.78 -57.68
N ALA Z 129 -16.12 -18.83 -56.85
CA ALA Z 129 -14.82 -18.24 -57.13
C ALA Z 129 -14.07 -18.88 -58.33
N LYS Z 130 -14.51 -20.03 -58.85
CA LYS Z 130 -14.01 -20.59 -60.11
C LYS Z 130 -14.55 -19.91 -61.36
N ILE Z 131 -15.76 -19.35 -61.30
CA ILE Z 131 -16.49 -18.86 -62.49
C ILE Z 131 -15.71 -17.73 -63.16
N PRO Z 132 -15.47 -17.76 -64.49
CA PRO Z 132 -14.68 -16.76 -65.19
C PRO Z 132 -15.49 -15.50 -65.54
N VAL Z 133 -15.63 -14.59 -64.59
CA VAL Z 133 -16.45 -13.37 -64.74
C VAL Z 133 -15.78 -12.26 -65.57
N ASP Z 134 -14.53 -12.44 -65.94
CA ASP Z 134 -13.60 -11.42 -66.45
C ASP Z 134 -13.47 -11.42 -67.99
N ASP Z 135 -12.71 -10.48 -68.55
CA ASP Z 135 -12.57 -10.26 -70.01
C ASP Z 135 -11.84 -11.37 -70.79
N THR Z 136 -11.47 -12.47 -70.14
CA THR Z 136 -11.07 -13.71 -70.79
C THR Z 136 -11.46 -14.89 -69.90
N GLY Z 137 -11.73 -16.04 -70.49
CA GLY Z 137 -12.39 -17.18 -69.84
C GLY Z 137 -11.59 -17.91 -68.76
N MET Z 138 -10.44 -17.42 -68.30
CA MET Z 138 -9.68 -18.04 -67.20
C MET Z 138 -10.29 -17.73 -65.84
N GLU Z 139 -10.23 -18.69 -64.92
CA GLU Z 139 -10.73 -18.51 -63.55
C GLU Z 139 -10.05 -17.33 -62.82
N PRO Z 140 -10.76 -16.56 -61.98
CA PRO Z 140 -10.19 -15.46 -61.24
C PRO Z 140 -8.99 -15.82 -60.35
N ASP Z 141 -8.14 -14.84 -60.07
CA ASP Z 141 -6.95 -14.98 -59.23
C ASP Z 141 -7.16 -14.47 -57.81
N VAL Z 142 -8.04 -13.50 -57.61
CA VAL Z 142 -8.50 -13.04 -56.30
C VAL Z 142 -10.01 -12.96 -56.28
N CYS Z 143 -10.65 -13.35 -55.18
CA CYS Z 143 -12.06 -13.12 -54.92
C CYS Z 143 -12.24 -12.19 -53.73
N ILE Z 144 -12.99 -11.10 -53.88
CA ILE Z 144 -13.35 -10.20 -52.79
C ILE Z 144 -14.67 -10.68 -52.20
N ILE Z 145 -14.70 -11.09 -50.94
CA ILE Z 145 -15.91 -11.58 -50.26
C ILE Z 145 -16.42 -10.52 -49.31
N GLU Z 146 -17.56 -9.90 -49.56
CA GLU Z 146 -18.12 -8.93 -48.63
C GLU Z 146 -19.17 -9.60 -47.76
N LEU Z 147 -18.93 -9.62 -46.47
CA LEU Z 147 -19.84 -10.13 -45.47
C LEU Z 147 -20.76 -9.00 -44.99
N GLY Z 148 -22.03 -9.01 -45.39
CA GLY Z 148 -23.02 -8.06 -44.91
C GLY Z 148 -23.41 -8.25 -43.45
N GLY Z 149 -24.25 -7.35 -42.95
CA GLY Z 149 -24.61 -7.25 -41.53
C GLY Z 149 -23.44 -6.79 -40.68
N THR Z 150 -23.44 -7.13 -39.40
CA THR Z 150 -22.30 -6.91 -38.50
C THR Z 150 -21.90 -8.20 -37.79
N VAL Z 151 -20.61 -8.40 -37.56
CA VAL Z 151 -20.12 -9.55 -36.77
C VAL Z 151 -20.71 -9.45 -35.36
N GLY Z 152 -21.29 -10.53 -34.86
CA GLY Z 152 -22.04 -10.56 -33.59
C GLY Z 152 -23.56 -10.38 -33.73
N ASP Z 153 -24.04 -10.32 -34.97
CA ASP Z 153 -25.49 -10.36 -35.24
C ASP Z 153 -25.90 -11.84 -35.12
N ILE Z 154 -27.13 -12.18 -34.72
CA ILE Z 154 -27.62 -13.60 -34.67
C ILE Z 154 -27.98 -14.01 -36.09
N GLU Z 155 -27.89 -13.09 -37.06
CA GLU Z 155 -28.22 -13.31 -38.49
C GLU Z 155 -26.95 -13.61 -39.28
N SER Z 156 -25.80 -13.15 -38.79
CA SER Z 156 -24.48 -13.29 -39.49
C SER Z 156 -23.64 -14.37 -38.84
N ALA Z 157 -24.13 -15.06 -37.81
CA ALA Z 157 -23.32 -16.05 -37.05
C ALA Z 157 -22.96 -17.27 -37.92
N PRO Z 158 -23.82 -17.82 -38.80
CA PRO Z 158 -23.44 -18.93 -39.68
C PRO Z 158 -22.29 -18.62 -40.62
N PHE Z 159 -22.20 -17.41 -41.12
CA PHE Z 159 -21.17 -16.99 -42.07
C PHE Z 159 -19.81 -16.74 -41.45
N VAL Z 160 -19.72 -16.16 -40.26
CA VAL Z 160 -18.43 -16.05 -39.56
C VAL Z 160 -17.89 -17.41 -39.09
N GLU Z 161 -18.74 -18.38 -38.78
CA GLU Z 161 -18.30 -19.76 -38.64
C GLU Z 161 -17.74 -20.30 -39.95
N ALA Z 162 -18.49 -20.17 -41.04
CA ALA Z 162 -18.05 -20.74 -42.30
C ALA Z 162 -16.76 -20.10 -42.81
N LEU Z 163 -16.62 -18.79 -42.69
CA LEU Z 163 -15.40 -18.08 -43.03
C LEU Z 163 -14.25 -18.48 -42.10
N ARG Z 164 -14.45 -18.69 -40.78
CA ARG Z 164 -13.35 -19.16 -39.91
C ARG Z 164 -12.79 -20.48 -40.42
N GLN Z 165 -13.66 -21.46 -40.64
CA GLN Z 165 -13.25 -22.76 -41.17
C GLN Z 165 -12.58 -22.60 -42.54
N PHE Z 166 -13.04 -21.64 -43.34
CA PHE Z 166 -12.45 -21.32 -44.62
C PHE Z 166 -11.03 -20.76 -44.52
N GLN Z 167 -10.62 -20.15 -43.41
CA GLN Z 167 -9.22 -19.73 -43.21
C GLN Z 167 -8.25 -20.93 -43.13
N PHE Z 168 -8.77 -22.16 -43.06
CA PHE Z 168 -7.98 -23.39 -42.98
C PHE Z 168 -8.19 -24.26 -44.23
N LYS Z 169 -9.43 -24.31 -44.76
CA LYS Z 169 -9.72 -25.00 -46.02
C LYS Z 169 -8.96 -24.35 -47.18
N VAL Z 170 -8.95 -23.03 -47.22
CA VAL Z 170 -7.94 -22.19 -47.87
C VAL Z 170 -6.81 -21.94 -46.89
N GLY Z 171 -5.57 -21.80 -47.31
CA GLY Z 171 -4.47 -21.48 -46.39
C GLY Z 171 -4.40 -20.02 -45.95
N LYS Z 172 -3.74 -19.76 -44.80
CA LYS Z 172 -3.11 -18.45 -44.57
C LYS Z 172 -2.02 -18.24 -45.63
N GLU Z 173 -1.73 -16.99 -45.99
CA GLU Z 173 -1.04 -16.64 -47.24
C GLU Z 173 -1.84 -16.96 -48.52
N ASN Z 174 -3.12 -17.35 -48.41
CA ASN Z 174 -4.08 -17.29 -49.51
C ASN Z 174 -5.35 -16.51 -49.12
N PHE Z 175 -5.73 -16.47 -47.85
CA PHE Z 175 -6.86 -15.72 -47.34
C PHE Z 175 -6.38 -14.53 -46.48
N ALA Z 176 -7.03 -13.36 -46.59
CA ALA Z 176 -6.84 -12.20 -45.72
C ALA Z 176 -8.15 -11.47 -45.42
N LEU Z 177 -8.23 -10.74 -44.32
CA LEU Z 177 -9.45 -10.04 -43.91
C LEU Z 177 -9.21 -8.55 -43.65
N ILE Z 178 -10.10 -7.71 -44.18
CA ILE Z 178 -10.21 -6.28 -43.90
C ILE Z 178 -11.44 -6.06 -43.03
N HIS Z 179 -11.29 -5.50 -41.84
CA HIS Z 179 -12.41 -5.25 -40.93
C HIS Z 179 -12.70 -3.77 -40.91
N VAL Z 180 -13.93 -3.37 -41.19
CA VAL Z 180 -14.30 -1.96 -41.32
C VAL Z 180 -14.98 -1.54 -40.03
N SER Z 181 -14.54 -0.47 -39.36
CA SER Z 181 -14.97 -0.18 -37.97
C SER Z 181 -15.13 1.30 -37.68
N LEU Z 182 -15.83 1.65 -36.60
CA LEU Z 182 -16.25 3.03 -36.35
C LEU Z 182 -15.29 3.72 -35.38
N VAL Z 183 -14.86 4.94 -35.71
CA VAL Z 183 -14.21 5.85 -34.79
C VAL Z 183 -15.16 7.05 -34.62
N PRO Z 184 -16.12 7.03 -33.68
CA PRO Z 184 -16.99 8.18 -33.49
C PRO Z 184 -16.18 9.33 -32.93
N VAL Z 185 -16.52 10.54 -33.37
CA VAL Z 185 -15.97 11.77 -32.82
C VAL Z 185 -17.05 12.44 -31.99
N ILE Z 186 -16.83 12.56 -30.69
CA ILE Z 186 -17.70 13.36 -29.80
C ILE Z 186 -16.86 14.25 -28.91
N HIS Z 187 -17.37 15.43 -28.55
CA HIS Z 187 -16.60 16.47 -27.87
C HIS Z 187 -15.28 16.80 -28.61
N GLY Z 188 -15.29 16.67 -29.94
CA GLY Z 188 -14.12 16.85 -30.80
C GLY Z 188 -12.99 15.83 -30.61
N GLU Z 189 -13.21 14.69 -29.96
CA GLU Z 189 -12.21 13.61 -29.79
C GLU Z 189 -12.61 12.30 -30.48
N GLN Z 190 -11.69 11.72 -31.26
CA GLN Z 190 -11.81 10.40 -31.87
C GLN Z 190 -11.74 9.26 -30.83
N LYS Z 191 -12.85 8.58 -30.54
CA LYS Z 191 -12.88 7.50 -29.55
C LYS Z 191 -12.60 6.15 -30.20
N THR Z 192 -11.66 5.37 -29.67
CA THR Z 192 -11.28 4.07 -30.24
C THR Z 192 -12.15 2.91 -29.78
N LYS Z 193 -12.87 3.04 -28.65
CA LYS Z 193 -13.49 1.88 -27.97
C LYS Z 193 -14.50 1.08 -28.79
N PRO Z 194 -15.32 1.61 -29.70
CA PRO Z 194 -16.18 0.76 -30.51
C PRO Z 194 -15.37 -0.18 -31.41
N THR Z 195 -14.21 0.23 -31.90
CA THR Z 195 -13.27 -0.67 -32.60
C THR Z 195 -12.68 -1.73 -31.68
N GLN Z 196 -12.34 -1.42 -30.42
CA GLN Z 196 -11.88 -2.43 -29.47
C GLN Z 196 -12.97 -3.48 -29.17
N ALA Z 197 -14.19 -3.07 -28.82
CA ALA Z 197 -15.30 -3.98 -28.56
C ALA Z 197 -15.72 -4.81 -29.78
N ALA Z 198 -15.70 -4.27 -30.99
CA ALA Z 198 -16.00 -5.02 -32.22
C ALA Z 198 -14.84 -5.93 -32.66
N ILE Z 199 -13.60 -5.65 -32.31
CA ILE Z 199 -12.46 -6.54 -32.56
C ILE Z 199 -12.44 -7.66 -31.52
N LYS Z 200 -12.77 -7.38 -30.27
CA LYS Z 200 -13.08 -8.42 -29.28
C LYS Z 200 -14.16 -9.36 -29.78
N GLY Z 201 -15.27 -8.84 -30.31
CA GLY Z 201 -16.28 -9.66 -30.99
C GLY Z 201 -15.70 -10.47 -32.14
N LEU Z 202 -14.92 -9.87 -33.04
CA LEU Z 202 -14.33 -10.56 -34.17
C LEU Z 202 -13.46 -11.74 -33.75
N ARG Z 203 -12.49 -11.54 -32.84
CA ARG Z 203 -11.61 -12.63 -32.41
C ARG Z 203 -12.37 -13.71 -31.65
N SER Z 204 -13.48 -13.39 -30.98
CA SER Z 204 -14.32 -14.40 -30.33
C SER Z 204 -14.79 -15.45 -31.32
N LEU Z 205 -15.28 -15.04 -32.49
CA LEU Z 205 -15.74 -15.93 -33.56
C LEU Z 205 -14.58 -16.50 -34.41
N GLY Z 206 -13.38 -15.94 -34.29
CA GLY Z 206 -12.11 -16.60 -34.62
C GLY Z 206 -11.39 -16.08 -35.84
N LEU Z 207 -12.02 -15.17 -36.58
CA LEU Z 207 -11.38 -14.42 -37.64
C LEU Z 207 -10.37 -13.44 -37.04
N VAL Z 208 -9.25 -13.18 -37.72
CA VAL Z 208 -8.27 -12.16 -37.31
C VAL Z 208 -8.05 -11.17 -38.45
N PRO Z 209 -8.12 -9.85 -38.20
CA PRO Z 209 -8.04 -8.86 -39.26
C PRO Z 209 -6.59 -8.62 -39.64
N ASP Z 210 -6.31 -8.66 -40.92
CA ASP Z 210 -5.01 -8.28 -41.48
C ASP Z 210 -4.93 -6.79 -41.75
N MET Z 211 -6.09 -6.13 -41.84
CA MET Z 211 -6.24 -4.69 -41.85
C MET Z 211 -7.44 -4.27 -41.03
N ILE Z 212 -7.41 -3.08 -40.49
CA ILE Z 212 -8.60 -2.38 -40.01
C ILE Z 212 -8.80 -1.17 -40.90
N ALA Z 213 -10.04 -0.83 -41.23
CA ALA Z 213 -10.35 0.36 -42.00
C ALA Z 213 -11.43 1.19 -41.31
N CYS Z 214 -11.18 2.46 -41.03
CA CYS Z 214 -12.09 3.22 -40.18
C CYS Z 214 -13.05 4.13 -40.95
N ARG Z 215 -14.35 4.02 -40.65
CA ARG Z 215 -15.29 5.12 -40.84
C ARG Z 215 -15.02 6.13 -39.76
N CYS Z 216 -14.65 7.34 -40.16
CA CYS Z 216 -14.44 8.45 -39.25
C CYS Z 216 -14.86 9.75 -39.92
N SER Z 217 -15.35 10.71 -39.12
CA SER Z 217 -15.68 12.06 -39.60
C SER Z 217 -14.44 12.87 -39.98
N GLU Z 218 -13.23 12.40 -39.68
CA GLU Z 218 -11.97 13.14 -39.76
C GLU Z 218 -10.84 12.32 -40.40
N THR Z 219 -9.71 12.95 -40.69
CA THR Z 219 -8.47 12.16 -40.78
C THR Z 219 -8.15 11.60 -39.40
N LEU Z 220 -7.92 10.28 -39.27
CA LEU Z 220 -7.49 9.71 -38.00
C LEU Z 220 -6.23 10.40 -37.48
N ASP Z 221 -6.24 10.81 -36.23
CA ASP Z 221 -5.04 11.30 -35.56
C ASP Z 221 -4.00 10.19 -35.47
N LYS Z 222 -2.72 10.56 -35.54
CA LYS Z 222 -1.57 9.70 -35.29
C LYS Z 222 -1.73 8.86 -34.01
N PRO Z 223 -2.14 9.40 -32.85
CA PRO Z 223 -2.46 8.60 -31.67
C PRO Z 223 -3.66 7.67 -31.84
N THR Z 224 -4.68 7.99 -32.63
CA THR Z 224 -5.82 7.08 -32.83
C THR Z 224 -5.39 5.83 -33.58
N ILE Z 225 -4.57 5.96 -34.61
CA ILE Z 225 -3.96 4.81 -35.29
C ILE Z 225 -3.14 3.97 -34.31
N ASP Z 226 -2.32 4.60 -33.48
CA ASP Z 226 -1.52 3.87 -32.49
C ASP Z 226 -2.39 3.16 -31.45
N LYS Z 227 -3.46 3.78 -30.95
CA LYS Z 227 -4.34 3.18 -29.94
C LYS Z 227 -5.30 2.13 -30.52
N ILE Z 228 -5.57 2.10 -31.82
CA ILE Z 228 -6.16 0.93 -32.48
C ILE Z 228 -5.12 -0.18 -32.67
N ALA Z 229 -3.95 0.11 -33.22
CA ALA Z 229 -2.93 -0.92 -33.44
C ALA Z 229 -2.35 -1.55 -32.15
N MET Z 230 -2.37 -0.84 -31.02
CA MET Z 230 -2.04 -1.38 -29.69
C MET Z 230 -3.09 -2.35 -29.16
N PHE Z 231 -4.25 -2.46 -29.81
CA PHE Z 231 -5.40 -3.27 -29.40
C PHE Z 231 -5.85 -4.31 -30.41
N CYS Z 232 -5.16 -4.40 -31.56
CA CYS Z 232 -5.44 -5.33 -32.64
C CYS Z 232 -4.14 -5.86 -33.24
N HIS Z 233 -4.18 -6.98 -33.94
CA HIS Z 233 -2.95 -7.64 -34.41
C HIS Z 233 -2.42 -7.12 -35.76
N VAL Z 234 -2.50 -5.80 -35.96
CA VAL Z 234 -2.12 -5.07 -37.19
C VAL Z 234 -0.99 -4.09 -36.90
N GLY Z 235 -0.07 -3.85 -37.84
CA GLY Z 235 0.86 -2.74 -37.70
C GLY Z 235 0.13 -1.40 -37.82
N PRO Z 236 0.70 -0.27 -37.37
CA PRO Z 236 0.05 1.02 -37.49
C PRO Z 236 -0.18 1.47 -38.95
N GLU Z 237 0.57 0.92 -39.90
CA GLU Z 237 0.44 1.16 -41.35
C GLU Z 237 -0.72 0.39 -42.01
N GLN Z 238 -1.38 -0.54 -41.32
CA GLN Z 238 -2.59 -1.25 -41.76
C GLN Z 238 -3.87 -0.81 -41.03
N VAL Z 239 -3.86 0.33 -40.34
CA VAL Z 239 -5.11 1.02 -39.97
C VAL Z 239 -5.45 2.02 -41.05
N VAL Z 240 -6.12 1.55 -42.10
CA VAL Z 240 -6.58 2.31 -43.26
C VAL Z 240 -7.69 3.28 -42.85
N ASN Z 241 -7.90 4.35 -43.60
CA ASN Z 241 -8.91 5.36 -43.30
C ASN Z 241 -9.57 5.93 -44.56
N VAL Z 242 -10.83 5.57 -44.80
CA VAL Z 242 -11.64 6.10 -45.90
C VAL Z 242 -12.31 7.41 -45.46
N HIS Z 243 -11.54 8.51 -45.44
CA HIS Z 243 -12.03 9.83 -45.06
C HIS Z 243 -12.79 10.53 -46.20
N ASP Z 244 -13.37 11.69 -45.92
CA ASP Z 244 -13.99 12.54 -46.94
C ASP Z 244 -13.04 12.80 -48.13
N VAL Z 245 -13.52 12.60 -49.35
CA VAL Z 245 -12.80 12.78 -50.61
C VAL Z 245 -13.69 13.45 -51.65
N ASN Z 246 -13.10 14.00 -52.71
CA ASN Z 246 -13.85 14.83 -53.66
C ASN Z 246 -15.00 14.07 -54.32
N SER Z 247 -14.83 12.77 -54.60
CA SER Z 247 -15.92 11.89 -55.03
C SER Z 247 -15.56 10.43 -54.80
N THR Z 248 -16.56 9.54 -54.81
CA THR Z 248 -16.40 8.12 -54.51
C THR Z 248 -15.41 7.40 -55.44
N TYR Z 249 -15.24 7.87 -56.67
CA TYR Z 249 -14.28 7.31 -57.60
C TYR Z 249 -12.82 7.57 -57.21
N HIS Z 250 -12.55 8.45 -56.26
CA HIS Z 250 -11.21 8.65 -55.72
C HIS Z 250 -10.79 7.58 -54.70
N VAL Z 251 -11.72 6.86 -54.08
CA VAL Z 251 -11.38 5.93 -52.99
C VAL Z 251 -10.30 4.91 -53.37
N PRO Z 252 -10.27 4.26 -54.54
CA PRO Z 252 -9.16 3.36 -54.83
C PRO Z 252 -7.81 4.06 -54.92
N LEU Z 253 -7.73 5.32 -55.34
CA LEU Z 253 -6.48 6.08 -55.23
C LEU Z 253 -6.15 6.40 -53.78
N LEU Z 254 -7.14 6.75 -52.94
CA LEU Z 254 -6.92 6.94 -51.50
C LEU Z 254 -6.34 5.69 -50.84
N LEU Z 255 -6.92 4.51 -51.08
CA LEU Z 255 -6.43 3.24 -50.55
C LEU Z 255 -5.02 2.95 -51.04
N LEU Z 256 -4.75 3.13 -52.34
CA LEU Z 256 -3.42 2.92 -52.89
C LEU Z 256 -2.38 3.90 -52.32
N GLU Z 257 -2.72 5.15 -52.06
CA GLU Z 257 -1.82 6.13 -51.45
C GLU Z 257 -1.60 5.88 -49.95
N GLN Z 258 -2.57 5.30 -49.25
CA GLN Z 258 -2.40 4.75 -47.90
C GLN Z 258 -1.63 3.41 -47.89
N LYS Z 259 -0.95 3.04 -48.98
CA LYS Z 259 -0.14 1.82 -49.13
C LYS Z 259 -0.92 0.55 -48.83
N MET Z 260 -2.23 0.55 -49.09
CA MET Z 260 -3.09 -0.59 -48.79
C MET Z 260 -2.68 -1.82 -49.61
N ILE Z 261 -2.44 -1.66 -50.91
CA ILE Z 261 -2.03 -2.76 -51.79
C ILE Z 261 -0.58 -3.17 -51.58
N ASP Z 262 0.32 -2.26 -51.22
CA ASP Z 262 1.71 -2.62 -50.97
C ASP Z 262 1.86 -3.59 -49.79
N TYR Z 263 0.87 -3.64 -48.90
CA TYR Z 263 0.71 -4.72 -47.93
C TYR Z 263 0.06 -5.95 -48.56
N LEU Z 264 -1.11 -5.87 -49.19
CA LEU Z 264 -1.80 -7.05 -49.74
C LEU Z 264 -0.94 -7.83 -50.74
N HIS Z 265 -0.12 -7.17 -51.52
CA HIS Z 265 0.89 -7.80 -52.37
C HIS Z 265 1.77 -8.80 -51.60
N ALA Z 266 2.27 -8.41 -50.41
CA ALA Z 266 3.08 -9.27 -49.56
C ALA Z 266 2.23 -10.25 -48.75
N ARG Z 267 1.12 -9.80 -48.16
CA ARG Z 267 0.25 -10.58 -47.27
C ARG Z 267 -0.47 -11.72 -47.98
N LEU Z 268 -0.77 -11.57 -49.27
CA LEU Z 268 -1.30 -12.62 -50.14
C LEU Z 268 -0.24 -13.17 -51.10
N LYS Z 269 1.03 -12.77 -50.94
CA LYS Z 269 2.20 -13.23 -51.70
C LYS Z 269 1.94 -13.30 -53.21
N LEU Z 270 1.42 -12.21 -53.79
CA LEU Z 270 0.89 -12.16 -55.16
C LEU Z 270 1.93 -12.27 -56.28
N ASP Z 271 3.23 -12.25 -55.97
CA ASP Z 271 4.25 -12.73 -56.91
C ASP Z 271 4.01 -14.19 -57.36
N GLU Z 272 3.26 -14.98 -56.61
CA GLU Z 272 2.95 -16.37 -56.95
C GLU Z 272 1.87 -16.52 -58.06
N ILE Z 273 1.21 -15.46 -58.50
CA ILE Z 273 0.34 -15.51 -59.70
C ILE Z 273 1.21 -15.32 -60.94
N THR Z 274 0.81 -13.38 -66.80
CA THR Z 274 1.17 -13.25 -68.22
C THR Z 274 1.27 -11.79 -68.65
N GLU Z 275 2.01 -11.49 -69.72
CA GLU Z 275 2.21 -10.13 -70.21
C GLU Z 275 0.89 -9.38 -70.48
N GLU Z 276 -0.15 -10.07 -70.96
CA GLU Z 276 -1.48 -9.49 -71.13
C GLU Z 276 -2.04 -8.92 -69.81
N GLU Z 277 -1.91 -9.64 -68.69
CA GLU Z 277 -2.35 -9.17 -67.38
C GLU Z 277 -1.53 -7.98 -66.91
N LYS Z 278 -0.22 -8.02 -67.06
CA LYS Z 278 0.68 -6.93 -66.66
C LYS Z 278 0.36 -5.66 -67.42
N GLN Z 279 0.14 -5.76 -68.74
CA GLN Z 279 -0.31 -4.63 -69.56
C GLN Z 279 -1.69 -4.12 -69.14
N ARG Z 280 -2.69 -4.99 -69.04
CA ARG Z 280 -4.05 -4.60 -68.63
C ARG Z 280 -4.08 -3.97 -67.23
N GLY Z 281 -3.13 -4.29 -66.36
CA GLY Z 281 -2.92 -3.60 -65.10
C GLY Z 281 -2.49 -2.15 -65.30
N LEU Z 282 -1.44 -1.90 -66.07
CA LEU Z 282 -0.97 -0.53 -66.34
C LEU Z 282 -2.03 0.30 -67.08
N GLU Z 283 -2.72 -0.28 -68.04
CA GLU Z 283 -3.83 0.37 -68.73
C GLU Z 283 -4.95 0.74 -67.77
N LEU Z 284 -5.31 -0.10 -66.79
CA LEU Z 284 -6.36 0.24 -65.83
C LEU Z 284 -5.94 1.43 -64.96
N LEU Z 285 -4.68 1.49 -64.54
CA LEU Z 285 -4.17 2.69 -63.86
C LEU Z 285 -4.22 3.93 -64.75
N SER Z 286 -3.81 3.84 -66.01
CA SER Z 286 -3.87 5.00 -66.92
C SER Z 286 -5.29 5.52 -67.09
N LYS Z 287 -6.25 4.61 -67.27
CA LYS Z 287 -7.68 4.95 -67.37
C LYS Z 287 -8.24 5.49 -66.07
N TRP Z 288 -7.73 5.06 -64.92
CA TRP Z 288 -8.10 5.68 -63.65
C TRP Z 288 -7.54 7.09 -63.55
N LYS Z 289 -6.28 7.32 -63.90
CA LYS Z 289 -5.71 8.67 -63.95
C LYS Z 289 -6.49 9.58 -64.90
N ALA Z 290 -6.97 9.08 -66.03
CA ALA Z 290 -7.85 9.81 -66.95
C ALA Z 290 -9.19 10.22 -66.32
N THR Z 291 -9.99 9.29 -65.79
CA THR Z 291 -11.28 9.66 -65.15
C THR Z 291 -11.07 10.55 -63.94
N THR Z 292 -9.99 10.37 -63.20
CA THR Z 292 -9.63 11.26 -62.11
C THR Z 292 -9.28 12.66 -62.61
N GLY Z 293 -8.45 12.76 -63.66
CA GLY Z 293 -8.11 14.03 -64.29
C GLY Z 293 -9.36 14.76 -64.79
N ASN Z 294 -10.27 14.06 -65.46
CA ASN Z 294 -11.56 14.58 -65.88
C ASN Z 294 -12.46 15.11 -64.74
N PHE Z 295 -12.17 14.80 -63.47
CA PHE Z 295 -12.86 15.41 -62.33
C PHE Z 295 -12.18 16.72 -61.93
N ASP Z 296 -10.86 16.72 -61.78
CA ASP Z 296 -10.11 17.95 -61.48
C ASP Z 296 -10.25 19.00 -62.60
N GLU Z 297 -10.09 18.57 -63.85
CA GLU Z 297 -10.21 19.37 -65.07
C GLU Z 297 -11.68 19.65 -65.47
N GLU Z 298 -17.02 23.14 -65.43
CA GLU Z 298 -18.39 23.63 -65.70
C GLU Z 298 -19.48 22.60 -65.39
N THR Z 299 -20.63 23.04 -64.87
CA THR Z 299 -21.76 22.17 -64.51
C THR Z 299 -22.70 21.83 -65.67
N VAL Z 300 -23.26 20.62 -65.67
CA VAL Z 300 -24.43 20.20 -66.44
C VAL Z 300 -25.57 19.92 -65.47
N LYS Z 301 -26.74 20.54 -65.65
CA LYS Z 301 -27.90 20.35 -64.76
C LYS Z 301 -28.89 19.41 -65.45
N ILE Z 302 -29.29 18.30 -64.85
CA ILE Z 302 -30.23 17.33 -65.44
C ILE Z 302 -31.43 17.15 -64.52
N ALA Z 303 -32.66 17.29 -65.01
CA ALA Z 303 -33.83 16.96 -64.21
C ALA Z 303 -34.12 15.48 -64.39
N LEU Z 304 -34.09 14.70 -63.32
CA LEU Z 304 -34.55 13.32 -63.31
C LEU Z 304 -35.95 13.32 -62.73
N VAL Z 305 -36.92 12.93 -63.56
CA VAL Z 305 -38.35 13.09 -63.29
C VAL Z 305 -38.99 11.73 -63.15
N GLY Z 306 -39.50 11.38 -61.98
CA GLY Z 306 -40.13 10.08 -61.79
C GLY Z 306 -40.95 9.98 -60.54
N LYS Z 307 -41.52 8.80 -60.28
CA LYS Z 307 -42.22 8.51 -59.02
C LYS Z 307 -41.24 8.51 -57.84
N TYR Z 308 -41.67 9.06 -56.71
CA TYR Z 308 -41.04 8.90 -55.38
C TYR Z 308 -39.52 9.09 -55.39
N THR Z 309 -39.03 10.09 -56.09
CA THR Z 309 -37.59 10.48 -56.14
C THR Z 309 -36.98 10.81 -54.78
N ASN Z 310 -37.79 10.99 -53.74
CA ASN Z 310 -37.36 11.05 -52.34
C ASN Z 310 -36.55 9.81 -51.92
N LEU Z 311 -36.90 8.65 -52.46
CA LEU Z 311 -36.30 7.34 -52.20
C LEU Z 311 -35.08 7.13 -53.11
N LYS Z 312 -34.04 7.92 -52.90
CA LYS Z 312 -32.93 8.10 -53.85
C LYS Z 312 -32.14 6.83 -54.21
N ASP Z 313 -32.06 5.84 -53.32
CA ASP Z 313 -31.49 4.52 -53.65
C ASP Z 313 -32.30 3.77 -54.73
N SER Z 314 -33.59 4.07 -54.88
CA SER Z 314 -34.45 3.44 -55.87
C SER Z 314 -34.06 3.78 -57.32
N TYR Z 315 -33.21 4.80 -57.51
CA TYR Z 315 -32.65 5.20 -58.81
C TYR Z 315 -31.12 5.09 -58.84
N LEU Z 316 -30.51 4.30 -57.96
CA LEU Z 316 -29.05 4.28 -57.81
C LEU Z 316 -28.29 4.05 -59.12
N SER Z 317 -28.69 3.08 -59.94
CA SER Z 317 -27.95 2.77 -61.17
C SER Z 317 -27.98 3.93 -62.14
N VAL Z 318 -29.12 4.61 -62.25
CA VAL Z 318 -29.29 5.79 -63.09
C VAL Z 318 -28.31 6.87 -62.67
N ILE Z 319 -28.17 7.16 -61.37
CA ILE Z 319 -27.21 8.15 -60.89
C ILE Z 319 -25.80 7.78 -61.30
N LYS Z 320 -25.38 6.54 -61.05
CA LYS Z 320 -24.02 6.10 -61.40
C LYS Z 320 -23.77 6.15 -62.91
N ALA Z 321 -24.75 5.83 -63.75
CA ALA Z 321 -24.61 5.95 -65.19
C ALA Z 321 -24.42 7.40 -65.67
N LEU Z 322 -25.07 8.36 -65.01
CA LEU Z 322 -24.84 9.79 -65.26
C LEU Z 322 -23.46 10.24 -64.75
N GLU Z 323 -22.98 9.73 -63.62
CA GLU Z 323 -21.65 10.05 -63.12
C GLU Z 323 -20.55 9.55 -64.07
N HIS Z 324 -20.62 8.30 -64.54
CA HIS Z 324 -19.58 7.74 -65.41
C HIS Z 324 -19.43 8.55 -66.69
N SER Z 325 -20.56 8.92 -67.28
CA SER Z 325 -20.61 9.73 -68.49
C SER Z 325 -20.15 11.17 -68.23
N SER Z 326 -20.52 11.78 -67.12
CA SER Z 326 -20.12 13.15 -66.80
C SER Z 326 -18.60 13.32 -66.67
N MET Z 327 -17.88 12.30 -66.19
CA MET Z 327 -16.43 12.32 -66.18
C MET Z 327 -15.81 12.19 -67.58
N LYS Z 328 -16.52 11.63 -68.56
CA LYS Z 328 -16.02 11.64 -69.93
C LYS Z 328 -16.15 13.05 -70.52
N CYS Z 329 -17.27 13.73 -70.29
CA CYS Z 329 -17.51 15.12 -70.71
C CYS Z 329 -16.74 16.20 -69.90
N ARG Z 330 -15.92 15.82 -68.92
CA ARG Z 330 -15.21 16.72 -68.01
C ARG Z 330 -16.11 17.70 -67.24
N ARG Z 331 -17.41 17.44 -67.12
CA ARG Z 331 -18.38 18.40 -66.58
C ARG Z 331 -19.02 17.89 -65.30
N LYS Z 332 -19.27 18.80 -64.37
CA LYS Z 332 -19.79 18.49 -63.04
C LYS Z 332 -21.28 18.19 -63.13
N LEU Z 333 -21.72 17.08 -62.56
CA LEU Z 333 -23.12 16.65 -62.65
C LEU Z 333 -23.95 17.23 -61.51
N ASP Z 334 -25.10 17.79 -61.85
CA ASP Z 334 -26.06 18.31 -60.88
C ASP Z 334 -27.46 17.77 -61.16
N ILE Z 335 -27.80 16.61 -60.60
CA ILE Z 335 -29.14 16.02 -60.77
C ILE Z 335 -30.14 16.82 -59.95
N LYS Z 336 -31.17 17.38 -60.60
CA LYS Z 336 -32.35 17.88 -59.91
C LYS Z 336 -33.35 16.74 -59.77
N TRP Z 337 -33.76 16.44 -58.56
CA TRP Z 337 -34.76 15.42 -58.27
C TRP Z 337 -36.16 16.01 -58.30
N VAL Z 338 -36.97 15.57 -59.26
CA VAL Z 338 -38.36 16.02 -59.42
C VAL Z 338 -39.32 14.88 -59.12
N GLU Z 339 -40.25 15.05 -58.21
CA GLU Z 339 -41.38 14.13 -58.12
C GLU Z 339 -42.31 14.40 -59.30
N ALA Z 340 -42.51 13.41 -60.16
CA ALA Z 340 -43.31 13.55 -61.36
C ALA Z 340 -44.73 14.05 -61.06
N THR Z 341 -45.36 13.57 -59.99
CA THR Z 341 -46.72 14.00 -59.66
C THR Z 341 -46.82 15.48 -59.28
N ASP Z 342 -45.75 16.12 -58.83
CA ASP Z 342 -45.78 17.55 -58.52
C ASP Z 342 -45.80 18.44 -59.76
N LEU Z 343 -45.59 17.90 -60.96
CA LEU Z 343 -45.73 18.64 -62.20
C LEU Z 343 -47.20 18.77 -62.63
N GLU Z 344 -48.10 17.96 -62.08
CA GLU Z 344 -49.47 17.84 -62.60
C GLU Z 344 -50.29 19.13 -62.44
N PRO Z 345 -51.19 19.46 -63.37
CA PRO Z 345 -52.13 20.58 -63.23
C PRO Z 345 -53.02 20.51 -61.97
N GLU Z 346 -53.27 19.31 -61.44
CA GLU Z 346 -53.99 19.10 -60.18
C GLU Z 346 -53.14 19.48 -58.94
N ALA Z 347 -51.82 19.28 -59.00
CA ALA Z 347 -50.95 19.60 -57.88
C ALA Z 347 -50.96 21.10 -57.56
N GLN Z 348 -51.25 21.96 -58.55
CA GLN Z 348 -51.28 23.42 -58.40
C GLN Z 348 -52.29 23.90 -57.37
N GLU Z 349 -53.47 23.28 -57.25
CA GLU Z 349 -54.40 23.60 -56.16
C GLU Z 349 -54.14 22.80 -54.88
N SER Z 350 -53.62 21.56 -55.01
CA SER Z 350 -53.45 20.65 -53.88
C SER Z 350 -52.26 21.03 -53.00
N ASN Z 351 -51.11 21.33 -53.60
CA ASN Z 351 -49.83 21.53 -52.91
C ASN Z 351 -48.93 22.52 -53.69
N LYS Z 352 -49.43 23.74 -53.90
CA LYS Z 352 -48.89 24.72 -54.85
C LYS Z 352 -47.38 24.94 -54.72
N THR Z 353 -46.86 25.02 -53.50
CA THR Z 353 -45.44 25.36 -53.25
C THR Z 353 -44.50 24.35 -53.90
N LYS Z 354 -44.75 23.06 -53.70
CA LYS Z 354 -43.91 22.00 -54.27
C LYS Z 354 -44.05 21.91 -55.79
N PHE Z 355 -45.23 22.22 -56.31
CA PHE Z 355 -45.47 22.31 -57.75
C PHE Z 355 -44.60 23.38 -58.42
N HIS Z 356 -44.43 24.56 -57.82
CA HIS Z 356 -43.48 25.55 -58.35
C HIS Z 356 -42.02 25.08 -58.25
N GLU Z 357 -41.62 24.42 -57.16
CA GLU Z 357 -40.27 23.88 -57.07
C GLU Z 357 -40.00 22.85 -58.17
N ALA Z 358 -40.94 21.96 -58.43
CA ALA Z 358 -40.84 20.97 -59.48
C ALA Z 358 -40.70 21.61 -60.86
N TRP Z 359 -41.55 22.59 -61.18
CA TRP Z 359 -41.48 23.25 -62.46
C TRP Z 359 -40.26 24.14 -62.63
N ASN Z 360 -39.74 24.77 -61.59
CA ASN Z 360 -38.47 25.48 -61.70
C ASN Z 360 -37.34 24.52 -62.08
N MET Z 361 -37.28 23.33 -61.48
CA MET Z 361 -36.25 22.34 -61.82
C MET Z 361 -36.38 21.95 -63.29
N VAL Z 362 -37.57 21.61 -63.78
CA VAL Z 362 -37.80 21.24 -65.19
C VAL Z 362 -37.38 22.36 -66.14
N SER Z 363 -37.71 23.61 -65.81
CA SER Z 363 -37.38 24.80 -66.59
C SER Z 363 -35.91 25.18 -66.58
N THR Z 364 -35.19 24.86 -65.50
CA THR Z 364 -33.76 25.15 -65.35
C THR Z 364 -32.89 24.17 -66.11
N ALA Z 365 -33.26 22.90 -66.16
CA ALA Z 365 -32.36 21.84 -66.53
C ALA Z 365 -31.87 21.90 -67.98
N ASP Z 366 -30.59 21.57 -68.19
CA ASP Z 366 -29.96 21.43 -69.50
C ASP Z 366 -30.33 20.12 -70.20
N GLY Z 367 -30.90 19.17 -69.48
CA GLY Z 367 -31.41 17.92 -70.03
C GLY Z 367 -32.54 17.36 -69.17
N ILE Z 368 -33.41 16.55 -69.75
CA ILE Z 368 -34.48 15.86 -69.04
C ILE Z 368 -34.27 14.35 -69.14
N LEU Z 369 -34.60 13.63 -68.08
CA LEU Z 369 -34.42 12.21 -67.95
C LEU Z 369 -35.63 11.61 -67.27
N ILE Z 370 -36.32 10.72 -67.96
CA ILE Z 370 -37.42 9.94 -67.39
C ILE Z 370 -36.87 8.52 -67.15
N PRO Z 371 -36.77 8.04 -65.90
CA PRO Z 371 -35.77 7.05 -65.51
C PRO Z 371 -36.23 5.59 -65.52
N GLY Z 372 -37.42 5.29 -66.03
CA GLY Z 372 -37.97 3.93 -65.97
C GLY Z 372 -38.60 3.60 -64.62
N GLY Z 373 -39.54 4.43 -64.19
CA GLY Z 373 -40.23 4.31 -62.92
C GLY Z 373 -41.03 3.02 -62.73
N PHE Z 374 -41.49 2.82 -61.49
CA PHE Z 374 -42.31 1.68 -61.08
C PHE Z 374 -43.78 2.10 -60.89
N GLY Z 375 -44.70 1.40 -61.54
CA GLY Z 375 -46.14 1.68 -61.50
C GLY Z 375 -46.59 2.95 -62.21
N VAL Z 376 -47.89 3.25 -62.16
CA VAL Z 376 -48.52 4.25 -63.03
C VAL Z 376 -48.51 5.69 -62.49
N ARG Z 377 -48.43 5.90 -61.16
CA ARG Z 377 -48.75 7.16 -60.48
C ARG Z 377 -48.17 8.42 -61.12
N GLY Z 378 -46.87 8.43 -61.40
CA GLY Z 378 -46.16 9.61 -61.92
C GLY Z 378 -46.48 9.99 -63.38
N THR Z 379 -47.19 9.14 -64.11
CA THR Z 379 -47.29 9.22 -65.58
C THR Z 379 -47.71 10.60 -66.07
N GLU Z 380 -48.73 11.21 -65.48
CA GLU Z 380 -49.30 12.46 -66.02
C GLU Z 380 -48.29 13.61 -66.02
N GLY Z 381 -47.46 13.73 -65.00
CA GLY Z 381 -46.40 14.72 -64.98
C GLY Z 381 -45.24 14.37 -65.92
N MET Z 382 -44.86 13.11 -66.01
CA MET Z 382 -43.82 12.66 -66.93
C MET Z 382 -44.17 12.92 -68.39
N VAL Z 383 -45.45 12.92 -68.76
CA VAL Z 383 -45.91 13.36 -70.08
C VAL Z 383 -45.54 14.81 -70.34
N LEU Z 384 -45.85 15.72 -69.41
CA LEU Z 384 -45.56 17.15 -69.52
C LEU Z 384 -44.05 17.44 -69.53
N ALA Z 385 -43.24 16.67 -68.81
CA ALA Z 385 -41.79 16.74 -68.93
C ALA Z 385 -41.27 16.28 -70.31
N ALA Z 386 -41.87 15.27 -70.92
CA ALA Z 386 -41.49 14.84 -72.27
C ALA Z 386 -41.89 15.87 -73.34
N ARG Z 387 -43.07 16.51 -73.19
CA ARG Z 387 -43.61 17.60 -74.02
C ARG Z 387 -42.70 18.82 -73.97
N TRP Z 388 -42.27 19.17 -72.77
CA TRP Z 388 -41.33 20.26 -72.55
C TRP Z 388 -40.03 20.11 -73.32
N ALA Z 389 -39.49 18.90 -73.42
CA ALA Z 389 -38.28 18.63 -74.18
C ALA Z 389 -38.51 18.29 -75.67
N ARG Z 390 -39.72 17.88 -76.07
CA ARG Z 390 -40.04 17.72 -77.50
C ARG Z 390 -40.10 19.08 -78.16
N GLU Z 391 -40.84 20.01 -77.58
CA GLU Z 391 -41.18 21.28 -78.22
C GLU Z 391 -40.01 22.26 -78.20
N ASN Z 392 -39.59 22.66 -77.02
CA ASN Z 392 -38.34 23.36 -76.80
C ASN Z 392 -37.21 22.34 -76.96
N HIS Z 393 -36.13 22.62 -77.70
CA HIS Z 393 -35.10 21.63 -78.04
C HIS Z 393 -34.15 21.21 -76.89
N ILE Z 394 -34.67 20.89 -75.71
CA ILE Z 394 -33.94 20.35 -74.56
C ILE Z 394 -33.50 18.90 -74.85
N PRO Z 395 -32.25 18.50 -74.60
CA PRO Z 395 -31.85 17.10 -74.63
C PRO Z 395 -32.66 16.21 -73.69
N PHE Z 396 -32.97 14.98 -74.11
CA PHE Z 396 -33.84 14.06 -73.39
C PHE Z 396 -33.36 12.62 -73.50
N LEU Z 397 -33.52 11.85 -72.43
CA LEU Z 397 -33.48 10.38 -72.48
C LEU Z 397 -34.66 9.79 -71.72
N GLY Z 398 -35.40 8.89 -72.36
CA GLY Z 398 -36.41 8.10 -71.71
C GLY Z 398 -35.96 6.66 -71.56
N VAL Z 399 -36.00 6.11 -70.36
CA VAL Z 399 -35.63 4.72 -70.09
C VAL Z 399 -36.87 3.92 -69.73
N CYS Z 400 -37.14 2.82 -70.42
CA CYS Z 400 -38.29 1.93 -70.21
C CYS Z 400 -39.64 2.66 -70.18
N LEU Z 401 -40.25 2.88 -69.01
CA LEU Z 401 -41.43 3.75 -68.89
C LEU Z 401 -41.20 5.13 -69.52
N GLY Z 402 -39.97 5.60 -69.62
CA GLY Z 402 -39.64 6.81 -70.34
C GLY Z 402 -39.82 6.69 -71.84
N LEU Z 403 -39.52 5.57 -72.49
CA LEU Z 403 -39.89 5.38 -73.90
C LEU Z 403 -41.39 5.30 -74.05
N GLN Z 404 -42.04 4.57 -73.15
CA GLN Z 404 -43.48 4.47 -73.10
C GLN Z 404 -44.08 5.87 -73.05
N ILE Z 405 -43.57 6.76 -72.20
CA ILE Z 405 -44.06 8.13 -72.06
C ILE Z 405 -43.59 9.08 -73.16
N ALA Z 406 -42.42 8.89 -73.76
CA ALA Z 406 -42.06 9.57 -74.99
C ALA Z 406 -43.04 9.25 -76.12
N THR Z 407 -43.51 8.01 -76.20
CA THR Z 407 -44.46 7.59 -77.23
C THR Z 407 -45.88 8.03 -76.91
N ILE Z 408 -46.34 7.90 -75.66
CA ILE Z 408 -47.62 8.46 -75.23
C ILE Z 408 -47.64 9.97 -75.48
N GLU Z 409 -46.59 10.72 -75.19
CA GLU Z 409 -46.61 12.17 -75.41
C GLU Z 409 -46.64 12.51 -76.89
N PHE Z 410 -45.75 11.93 -77.70
CA PHE Z 410 -45.74 12.18 -79.13
C PHE Z 410 -47.08 11.81 -79.78
N THR Z 411 -47.72 10.73 -79.33
CA THR Z 411 -49.11 10.41 -79.72
C THR Z 411 -50.07 11.51 -79.27
N ARG Z 412 -50.07 11.86 -77.98
CA ARG Z 412 -50.99 12.81 -77.31
C ARG Z 412 -50.86 14.27 -77.78
N SER Z 413 -49.81 14.63 -78.53
CA SER Z 413 -49.54 16.01 -78.93
C SER Z 413 -49.22 16.21 -80.40
N VAL Z 414 -48.60 15.22 -81.07
CA VAL Z 414 -48.27 15.31 -82.49
C VAL Z 414 -49.35 14.66 -83.36
N LEU Z 415 -49.93 13.53 -82.93
CA LEU Z 415 -51.06 12.88 -83.62
C LEU Z 415 -52.45 13.35 -83.14
N GLY Z 416 -52.53 14.32 -82.23
CA GLY Z 416 -53.76 14.59 -81.48
C GLY Z 416 -54.02 13.51 -80.43
N ARG Z 417 -55.04 12.66 -80.66
CA ARG Z 417 -55.32 11.41 -79.89
C ARG Z 417 -55.24 11.59 -78.36
N LYS Z 418 -55.87 12.64 -77.82
CA LYS Z 418 -55.72 13.07 -76.41
C LYS Z 418 -56.17 12.04 -75.36
N ASP Z 419 -56.99 11.07 -75.74
CA ASP Z 419 -57.42 9.95 -74.89
C ASP Z 419 -56.36 8.83 -74.69
N SER Z 420 -55.27 8.81 -75.48
CA SER Z 420 -54.30 7.70 -75.45
C SER Z 420 -53.52 7.61 -74.13
N HIS Z 421 -53.18 6.39 -73.72
CA HIS Z 421 -52.67 6.07 -72.38
C HIS Z 421 -51.90 4.75 -72.43
N SER Z 422 -51.15 4.42 -71.39
CA SER Z 422 -50.53 3.09 -71.22
C SER Z 422 -51.58 1.96 -71.22
N ALA Z 423 -51.19 0.75 -71.65
CA ALA Z 423 -52.02 -0.44 -71.53
C ALA Z 423 -52.45 -0.75 -70.09
N GLU Z 424 -51.79 -0.17 -69.10
CA GLU Z 424 -52.20 -0.19 -67.70
C GLU Z 424 -53.66 0.26 -67.48
N PHE Z 425 -54.17 1.25 -68.23
CA PHE Z 425 -55.58 1.65 -68.23
C PHE Z 425 -56.39 0.74 -69.15
N TYR Z 426 -56.40 -0.54 -68.78
CA TYR Z 426 -56.91 -1.65 -69.58
C TYR Z 426 -58.32 -1.45 -70.19
N PRO Z 427 -59.36 -1.02 -69.47
CA PRO Z 427 -60.74 -1.02 -69.99
C PRO Z 427 -61.05 0.09 -71.01
N ASP Z 428 -60.11 0.99 -71.33
CA ASP Z 428 -60.28 1.91 -72.47
C ASP Z 428 -60.14 1.21 -73.83
N ILE Z 429 -59.42 0.08 -73.88
CA ILE Z 429 -59.20 -0.81 -75.04
C ILE Z 429 -58.67 -0.10 -76.30
N ASP Z 430 -59.51 0.62 -77.05
CA ASP Z 430 -59.21 1.14 -78.39
C ASP Z 430 -58.04 2.13 -78.41
N GLU Z 431 -57.81 2.86 -77.32
CA GLU Z 431 -56.80 3.93 -77.19
C GLU Z 431 -55.54 3.54 -76.39
N LYS Z 432 -55.38 2.24 -76.05
CA LYS Z 432 -54.17 1.73 -75.41
C LYS Z 432 -52.97 1.93 -76.34
N ASN Z 433 -51.95 2.64 -75.86
CA ASN Z 433 -50.72 2.93 -76.62
C ASN Z 433 -49.74 1.73 -76.67
N HIS Z 434 -49.99 0.68 -75.88
CA HIS Z 434 -49.08 -0.44 -75.66
C HIS Z 434 -49.80 -1.80 -75.77
N VAL Z 435 -49.04 -2.89 -75.84
CA VAL Z 435 -49.53 -4.27 -75.84
C VAL Z 435 -48.71 -5.13 -74.88
N VAL Z 436 -49.36 -6.09 -74.23
CA VAL Z 436 -48.72 -7.09 -73.38
C VAL Z 436 -47.77 -7.98 -74.19
N VAL Z 437 -46.62 -8.28 -73.60
CA VAL Z 437 -45.63 -9.22 -74.15
C VAL Z 437 -44.86 -9.91 -73.00
N PHE Z 438 -45.47 -10.93 -72.39
CA PHE Z 438 -44.91 -11.61 -71.21
C PHE Z 438 -43.74 -12.58 -71.51
N MET Z 439 -43.60 -13.06 -72.76
CA MET Z 439 -42.66 -14.13 -73.15
C MET Z 439 -42.66 -15.33 -72.20
N MET Z 440 -42.48 -11.61 -67.99
CA MET Z 440 -41.64 -10.44 -68.18
C MET Z 440 -40.43 -10.73 -69.09
N ARG Z 441 -40.11 -9.84 -70.03
CA ARG Z 441 -38.87 -9.89 -70.81
C ARG Z 441 -37.73 -9.41 -69.91
N LEU Z 442 -36.68 -10.23 -69.77
CA LEU Z 442 -35.56 -10.03 -68.82
C LEU Z 442 -34.20 -10.33 -69.46
N GLY Z 443 -33.14 -9.90 -68.80
CA GLY Z 443 -31.76 -10.29 -69.12
C GLY Z 443 -31.20 -9.70 -70.41
N LEU Z 444 -29.97 -10.06 -70.73
CA LEU Z 444 -29.24 -9.57 -71.89
C LEU Z 444 -29.87 -10.12 -73.15
N ARG Z 445 -30.48 -9.25 -73.94
CA ARG Z 445 -30.98 -9.55 -75.29
C ARG Z 445 -30.35 -8.60 -76.31
N PRO Z 446 -30.16 -9.00 -77.58
CA PRO Z 446 -29.63 -8.11 -78.61
C PRO Z 446 -30.64 -7.01 -78.99
N THR Z 447 -30.18 -5.99 -79.69
CA THR Z 447 -31.01 -5.02 -80.44
C THR Z 447 -30.27 -4.57 -81.69
N PHE Z 448 -30.96 -4.49 -82.81
CA PHE Z 448 -30.39 -4.31 -84.15
C PHE Z 448 -30.87 -2.97 -84.72
N PHE Z 449 -29.95 -2.16 -85.25
CA PHE Z 449 -30.31 -0.88 -85.86
C PHE Z 449 -31.07 -1.10 -87.17
N GLN Z 450 -32.06 -0.27 -87.47
CA GLN Z 450 -32.77 -0.32 -88.75
C GLN Z 450 -31.86 0.21 -89.87
N ASN Z 451 -31.67 -0.54 -90.95
CA ASN Z 451 -30.48 -0.42 -91.80
C ASN Z 451 -30.29 0.91 -92.57
N GLU Z 452 -31.29 1.78 -92.62
CA GLU Z 452 -31.27 3.09 -93.31
C GLU Z 452 -30.86 4.25 -92.39
N THR Z 453 -30.88 4.09 -91.05
CA THR Z 453 -30.85 5.22 -90.10
C THR Z 453 -29.44 5.78 -89.84
N GLU Z 454 -28.69 6.06 -90.90
CA GLU Z 454 -27.32 6.59 -90.86
C GLU Z 454 -27.22 7.99 -90.25
N TRP Z 455 -28.32 8.73 -90.22
CA TRP Z 455 -28.44 10.07 -89.63
C TRP Z 455 -28.40 10.07 -88.09
N SER Z 456 -28.72 8.96 -87.45
CA SER Z 456 -29.00 8.84 -86.01
C SER Z 456 -27.84 9.30 -85.14
N GLN Z 457 -28.13 10.13 -84.13
CA GLN Z 457 -27.15 10.51 -83.13
C GLN Z 457 -26.78 9.31 -82.24
N ILE Z 458 -27.76 8.52 -81.81
CA ILE Z 458 -27.47 7.39 -80.91
C ILE Z 458 -26.68 6.29 -81.59
N LYS Z 459 -27.00 5.87 -82.81
CA LYS Z 459 -26.22 4.82 -83.48
C LYS Z 459 -24.83 5.27 -83.92
N LYS Z 460 -24.57 6.59 -83.92
CA LYS Z 460 -23.21 7.13 -84.02
C LYS Z 460 -22.44 6.90 -82.72
N LEU Z 461 -23.02 7.16 -81.55
CA LEU Z 461 -22.35 6.91 -80.25
C LEU Z 461 -21.95 5.44 -80.06
N TYR Z 462 -22.76 4.49 -80.52
CA TYR Z 462 -22.42 3.07 -80.56
C TYR Z 462 -21.33 2.68 -81.58
N GLY Z 463 -20.64 3.64 -82.20
CA GLY Z 463 -19.45 3.40 -83.04
C GLY Z 463 -19.74 2.82 -84.42
N ASP Z 464 -20.97 2.98 -84.93
CA ASP Z 464 -21.45 2.36 -86.18
C ASP Z 464 -21.47 0.81 -86.17
N VAL Z 465 -21.40 0.18 -84.99
CA VAL Z 465 -21.57 -1.28 -84.85
C VAL Z 465 -23.01 -1.69 -85.23
N SER Z 466 -23.17 -2.86 -85.84
CA SER Z 466 -24.44 -3.37 -86.38
C SER Z 466 -25.51 -3.69 -85.34
N GLU Z 467 -25.12 -4.04 -84.13
CA GLU Z 467 -26.04 -4.39 -83.04
C GLU Z 467 -25.44 -4.09 -81.67
N VAL Z 468 -26.31 -4.05 -80.67
CA VAL Z 468 -25.99 -3.81 -79.25
C VAL Z 468 -26.59 -4.91 -78.37
N HIS Z 469 -26.14 -5.10 -77.14
CA HIS Z 469 -26.73 -6.06 -76.21
C HIS Z 469 -27.02 -5.41 -74.86
N GLU Z 470 -28.22 -5.58 -74.32
CA GLU Z 470 -28.74 -4.75 -73.22
C GLU Z 470 -29.69 -5.50 -72.26
N ARG Z 471 -29.84 -5.01 -71.02
CA ARG Z 471 -30.76 -5.58 -70.03
C ARG Z 471 -32.19 -5.04 -70.14
N HIS Z 472 -33.19 -5.86 -69.89
CA HIS Z 472 -34.61 -5.51 -70.01
C HIS Z 472 -35.37 -5.89 -68.72
N ARG Z 473 -36.54 -5.28 -68.45
CA ARG Z 473 -37.43 -5.62 -67.32
C ARG Z 473 -38.92 -5.32 -67.60
N HIS Z 474 -39.40 -5.45 -68.83
CA HIS Z 474 -40.70 -4.91 -69.28
C HIS Z 474 -41.75 -5.99 -69.58
N ARG Z 475 -43.02 -5.72 -69.21
CA ARG Z 475 -44.21 -6.51 -69.58
C ARG Z 475 -45.06 -5.89 -70.70
N TYR Z 476 -44.82 -4.63 -71.05
CA TYR Z 476 -45.49 -3.89 -72.10
C TYR Z 476 -44.51 -3.42 -73.19
N GLU Z 477 -44.97 -3.36 -74.44
CA GLU Z 477 -44.27 -2.73 -75.55
C GLU Z 477 -45.24 -1.83 -76.35
N ILE Z 478 -44.73 -0.87 -77.13
CA ILE Z 478 -45.57 0.00 -77.95
C ILE Z 478 -46.32 -0.85 -78.99
N ASN Z 479 -47.62 -0.60 -79.18
CA ASN Z 479 -48.48 -1.43 -80.03
C ASN Z 479 -47.99 -1.39 -81.49
N PRO Z 480 -47.53 -2.50 -82.10
CA PRO Z 480 -46.96 -2.51 -83.45
C PRO Z 480 -47.87 -1.91 -84.52
N LYS Z 481 -49.19 -2.01 -84.32
CA LYS Z 481 -50.21 -1.42 -85.20
C LYS Z 481 -49.99 0.08 -85.45
N MET Z 482 -49.54 0.81 -84.42
CA MET Z 482 -49.32 2.26 -84.48
C MET Z 482 -47.95 2.65 -85.03
N VAL Z 483 -46.97 1.76 -85.04
CA VAL Z 483 -45.56 2.16 -85.23
C VAL Z 483 -45.29 2.77 -86.61
N ASP Z 484 -46.01 2.36 -87.66
CA ASP Z 484 -45.88 3.01 -88.97
C ASP Z 484 -46.28 4.49 -88.91
N GLU Z 485 -47.32 4.82 -88.16
CA GLU Z 485 -47.82 6.19 -87.99
C GLU Z 485 -46.78 7.06 -87.28
N LEU Z 486 -46.17 6.53 -86.23
CA LEU Z 486 -45.10 7.17 -85.48
C LEU Z 486 -43.82 7.32 -86.34
N GLU Z 487 -43.41 6.29 -87.07
CA GLU Z 487 -42.27 6.37 -87.99
C GLU Z 487 -42.49 7.41 -89.11
N ASN Z 488 -43.69 7.45 -89.70
CA ASN Z 488 -44.06 8.41 -90.75
C ASN Z 488 -44.13 9.86 -90.23
N ASN Z 489 -44.53 10.07 -88.98
CA ASN Z 489 -44.55 11.39 -88.34
C ASN Z 489 -43.19 11.83 -87.77
N GLY Z 490 -42.19 10.95 -87.69
CA GLY Z 490 -40.81 11.30 -87.38
C GLY Z 490 -40.26 10.74 -86.07
N LEU Z 491 -41.06 10.06 -85.27
CA LEU Z 491 -40.63 9.35 -84.06
C LEU Z 491 -39.99 8.01 -84.46
N ILE Z 492 -38.87 8.05 -85.19
CA ILE Z 492 -38.31 6.89 -85.88
C ILE Z 492 -37.76 5.87 -84.88
N PHE Z 493 -38.25 4.64 -84.92
CA PHE Z 493 -37.74 3.56 -84.07
C PHE Z 493 -36.43 2.98 -84.61
N VAL Z 494 -35.32 3.66 -84.32
CA VAL Z 494 -33.99 3.36 -84.88
C VAL Z 494 -33.40 2.00 -84.47
N GLY Z 495 -33.99 1.29 -83.51
CA GLY Z 495 -33.58 -0.04 -83.12
C GLY Z 495 -34.74 -0.95 -82.75
N LYS Z 496 -34.69 -2.19 -83.20
CA LYS Z 496 -35.69 -3.22 -82.91
C LYS Z 496 -35.01 -4.54 -82.59
N ASP Z 497 -35.79 -5.51 -82.14
CA ASP Z 497 -35.32 -6.83 -81.78
C ASP Z 497 -34.99 -7.71 -83.00
N ASP Z 498 -34.60 -8.96 -82.73
CA ASP Z 498 -34.36 -9.99 -83.73
C ASP Z 498 -35.54 -10.20 -84.71
N THR Z 499 -36.79 -10.20 -84.22
CA THR Z 499 -37.99 -10.39 -85.07
C THR Z 499 -38.37 -9.13 -85.85
N GLY Z 500 -37.99 -7.94 -85.39
CA GLY Z 500 -38.44 -6.66 -85.91
C GLY Z 500 -39.85 -6.26 -85.45
N LYS Z 501 -40.47 -7.04 -84.57
CA LYS Z 501 -41.80 -6.74 -84.02
C LYS Z 501 -41.75 -5.81 -82.80
N ARG Z 502 -40.63 -5.76 -82.07
CA ARG Z 502 -40.51 -5.12 -80.75
C ARG Z 502 -39.78 -3.77 -80.83
N CYS Z 503 -40.33 -2.75 -80.18
CA CYS Z 503 -39.82 -1.39 -80.12
C CYS Z 503 -38.68 -1.22 -79.08
N GLU Z 504 -37.41 -1.27 -79.48
CA GLU Z 504 -36.30 -1.27 -78.51
C GLU Z 504 -35.65 0.10 -78.31
N ILE Z 505 -35.57 0.95 -79.34
CA ILE Z 505 -35.05 2.33 -79.28
C ILE Z 505 -35.94 3.25 -80.11
N LEU Z 506 -36.15 4.50 -79.70
CA LEU Z 506 -36.61 5.55 -80.62
C LEU Z 506 -35.68 6.75 -80.61
N GLU Z 507 -35.60 7.45 -81.74
CA GLU Z 507 -35.02 8.78 -81.87
C GLU Z 507 -35.98 9.65 -82.66
N LEU Z 508 -36.29 10.84 -82.16
CA LEU Z 508 -37.09 11.81 -82.91
C LEU Z 508 -36.21 12.47 -83.96
N LYS Z 509 -36.55 12.30 -85.24
CA LYS Z 509 -35.84 12.87 -86.39
C LYS Z 509 -35.74 14.39 -86.27
N ASN Z 510 -34.55 14.95 -86.50
CA ASN Z 510 -34.26 16.39 -86.49
C ASN Z 510 -34.62 17.08 -85.16
N HIS Z 511 -34.12 16.54 -84.06
CA HIS Z 511 -34.03 17.17 -82.73
C HIS Z 511 -32.60 17.00 -82.18
N PRO Z 512 -32.01 17.95 -81.45
CA PRO Z 512 -30.62 17.86 -81.02
C PRO Z 512 -30.21 16.61 -80.25
N TYR Z 513 -31.09 16.07 -79.40
CA TYR Z 513 -30.93 14.78 -78.72
C TYR Z 513 -32.23 14.38 -78.03
N TYR Z 514 -33.07 13.58 -78.66
CA TYR Z 514 -34.29 13.07 -78.03
C TYR Z 514 -34.39 11.60 -78.31
N ILE Z 515 -33.94 10.83 -77.33
CA ILE Z 515 -33.80 9.38 -77.39
C ILE Z 515 -34.73 8.77 -76.37
N ALA Z 516 -35.24 7.59 -76.65
CA ALA Z 516 -35.63 6.70 -75.56
C ALA Z 516 -35.22 5.27 -75.87
N THR Z 517 -35.08 4.45 -74.82
CA THR Z 517 -34.74 3.02 -74.88
C THR Z 517 -35.77 2.23 -74.10
N GLN Z 518 -36.25 1.11 -74.62
CA GLN Z 518 -37.11 0.23 -73.84
C GLN Z 518 -36.32 -0.52 -72.77
N TYR Z 519 -35.07 -0.88 -73.08
CA TYR Z 519 -34.12 -1.41 -72.11
C TYR Z 519 -33.68 -0.38 -71.08
N HIS Z 520 -33.03 -0.86 -70.02
CA HIS Z 520 -32.38 -0.08 -68.97
C HIS Z 520 -30.85 -0.03 -69.20
N PRO Z 521 -30.30 0.98 -69.90
CA PRO Z 521 -28.87 1.07 -70.20
C PRO Z 521 -27.97 1.31 -69.00
N GLU Z 522 -28.49 1.84 -67.91
CA GLU Z 522 -27.77 2.03 -66.64
C GLU Z 522 -27.32 0.73 -65.99
N TYR Z 523 -27.87 -0.42 -66.39
CA TYR Z 523 -27.39 -1.72 -65.92
C TYR Z 523 -26.21 -2.24 -66.74
N THR Z 524 -25.63 -1.48 -67.66
CA THR Z 524 -24.33 -1.81 -68.27
C THR Z 524 -23.36 -0.64 -68.36
N SER Z 525 -23.65 0.49 -67.73
CA SER Z 525 -22.68 1.58 -67.58
C SER Z 525 -21.50 1.17 -66.72
N LYS Z 526 -20.27 1.40 -67.17
CA LYS Z 526 -19.01 1.15 -66.45
C LYS Z 526 -18.18 2.42 -66.36
N VAL Z 527 -17.31 2.55 -65.36
CA VAL Z 527 -16.60 3.81 -65.09
C VAL Z 527 -15.63 4.19 -66.21
N LEU Z 528 -15.01 3.23 -66.91
CA LEU Z 528 -14.16 3.51 -68.07
C LEU Z 528 -14.88 3.43 -69.43
N ASP Z 529 -16.07 2.82 -69.48
CA ASP Z 529 -16.91 2.67 -70.68
C ASP Z 529 -18.36 3.06 -70.34
N PRO Z 530 -18.73 4.35 -70.42
CA PRO Z 530 -20.04 4.81 -70.01
C PRO Z 530 -21.14 4.34 -70.95
N SER Z 531 -22.35 4.06 -70.46
CA SER Z 531 -23.42 3.55 -71.32
C SER Z 531 -23.87 4.61 -72.30
N LYS Z 532 -23.85 4.30 -73.59
CA LYS Z 532 -23.97 5.27 -74.69
C LYS Z 532 -25.23 6.15 -74.64
N PRO Z 533 -26.45 5.69 -74.32
CA PRO Z 533 -27.63 6.56 -74.23
C PRO Z 533 -27.51 7.64 -73.16
N PHE Z 534 -26.82 7.35 -72.04
CA PHE Z 534 -26.53 8.32 -71.01
C PHE Z 534 -25.36 9.23 -71.36
N LEU Z 535 -24.35 8.76 -72.08
CA LEU Z 535 -23.29 9.63 -72.56
C LEU Z 535 -23.85 10.70 -73.50
N GLY Z 536 -24.71 10.33 -74.43
CA GLY Z 536 -25.37 11.28 -75.31
C GLY Z 536 -26.20 12.31 -74.57
N LEU Z 537 -26.97 11.93 -73.54
CA LEU Z 537 -27.74 12.87 -72.73
C LEU Z 537 -26.85 13.90 -72.05
N VAL Z 538 -25.75 13.50 -71.42
CA VAL Z 538 -24.85 14.47 -70.80
C VAL Z 538 -24.17 15.31 -71.87
N ALA Z 539 -23.60 14.70 -72.90
CA ALA Z 539 -22.87 15.43 -73.92
C ALA Z 539 -23.74 16.47 -74.66
N ALA Z 540 -25.00 16.15 -74.96
CA ALA Z 540 -25.91 17.12 -75.55
C ALA Z 540 -26.35 18.18 -74.53
N SER Z 541 -26.51 17.85 -73.26
CA SER Z 541 -26.77 18.85 -72.21
C SER Z 541 -25.60 19.83 -72.07
N ALA Z 542 -24.37 19.35 -72.24
CA ALA Z 542 -23.16 20.15 -72.35
C ALA Z 542 -22.98 20.88 -73.69
N GLY Z 543 -23.82 20.58 -74.69
CA GLY Z 543 -23.74 21.16 -76.02
C GLY Z 543 -22.51 20.73 -76.82
N ILE Z 544 -21.94 19.57 -76.48
CA ILE Z 544 -20.68 19.06 -77.01
C ILE Z 544 -20.80 17.71 -77.75
N LEU Z 545 -22.04 17.24 -77.97
CA LEU Z 545 -22.36 15.90 -78.48
C LEU Z 545 -21.58 15.54 -79.74
N GLN Z 546 -21.49 16.45 -80.70
CA GLN Z 546 -20.73 16.24 -81.94
C GLN Z 546 -19.28 15.80 -81.65
N ASP Z 547 -18.62 16.49 -80.74
CA ASP Z 547 -17.19 16.34 -80.49
C ASP Z 547 -16.87 15.09 -79.67
N VAL Z 548 -17.82 14.66 -78.83
CA VAL Z 548 -17.78 13.36 -78.13
C VAL Z 548 -17.90 12.22 -79.14
N ILE Z 549 -18.78 12.34 -80.14
CA ILE Z 549 -18.91 11.34 -81.21
C ILE Z 549 -17.65 11.31 -82.08
N GLU Z 550 -17.11 12.48 -82.42
CA GLU Z 550 -15.89 12.62 -83.21
C GLU Z 550 -14.62 12.19 -82.46
N GLY Z 551 -14.65 12.08 -81.13
CA GLY Z 551 -13.60 11.47 -80.32
C GLY Z 551 -12.71 12.41 -79.50
N LYS Z 552 -13.13 13.66 -79.26
CA LYS Z 552 -12.38 14.67 -78.49
C LYS Z 552 -12.28 14.39 -76.98
N TYR Z 553 -12.78 13.25 -76.50
CA TYR Z 553 -12.91 12.93 -75.08
C TYR Z 553 -12.63 11.45 -74.71
N ASP Z 554 -12.10 10.62 -75.62
CA ASP Z 554 -11.55 9.32 -75.24
C ASP Z 554 -10.32 9.45 -74.32
N LEU Z 555 -10.11 8.46 -73.43
CA LEU Z 555 -9.17 8.57 -72.30
C LEU Z 555 -7.69 8.50 -72.68
N GLU Z 556 -7.33 7.72 -73.69
CA GLU Z 556 -5.97 7.58 -74.22
C GLU Z 556 -5.97 7.79 -75.74
N ALA Z 557 -4.95 8.46 -76.29
CA ALA Z 557 -4.87 8.79 -77.72
C ALA Z 557 -4.88 7.53 -78.61
N MET AA 1 15.75 -14.02 -25.42
CA MET AA 1 15.11 -14.96 -24.49
C MET AA 1 13.87 -15.60 -25.10
N LYS AA 2 13.46 -16.77 -24.62
CA LYS AA 2 12.20 -17.45 -24.98
C LYS AA 2 11.27 -17.56 -23.76
N TYR AA 3 9.97 -17.70 -23.94
CA TYR AA 3 8.96 -17.78 -22.86
C TYR AA 3 7.84 -18.77 -23.20
N VAL AA 4 7.26 -19.43 -22.20
CA VAL AA 4 6.13 -20.35 -22.37
C VAL AA 4 5.06 -20.04 -21.35
N VAL AA 5 3.91 -19.53 -21.73
CA VAL AA 5 2.77 -19.42 -20.83
C VAL AA 5 2.11 -20.78 -20.64
N VAL AA 6 1.70 -21.10 -19.43
CA VAL AA 6 0.74 -22.14 -19.11
C VAL AA 6 -0.44 -21.47 -18.43
N SER AA 7 -1.66 -21.68 -18.92
CA SER AA 7 -2.86 -20.97 -18.45
C SER AA 7 -4.12 -21.81 -18.61
N GLY AA 8 -5.28 -21.29 -18.19
CA GLY AA 8 -6.54 -21.70 -18.82
C GLY AA 8 -7.58 -22.48 -18.03
N GLY AA 9 -8.59 -22.95 -18.77
CA GLY AA 9 -9.63 -23.90 -18.35
C GLY AA 9 -10.98 -23.26 -18.01
N VAL AA 10 -12.03 -24.08 -17.88
CA VAL AA 10 -13.33 -23.69 -17.26
C VAL AA 10 -13.38 -23.87 -15.74
N ILE AA 11 -12.35 -24.40 -15.10
CA ILE AA 11 -12.29 -24.67 -13.66
C ILE AA 11 -10.89 -24.39 -13.15
N SER AA 12 -10.78 -23.90 -11.91
CA SER AA 12 -9.54 -23.94 -11.16
C SER AA 12 -9.29 -25.37 -10.66
N GLY AA 13 -8.03 -25.81 -10.55
CA GLY AA 13 -7.69 -27.17 -10.13
C GLY AA 13 -7.55 -28.20 -11.26
N ILE AA 14 -7.50 -27.73 -12.51
CA ILE AA 14 -7.46 -28.57 -13.72
C ILE AA 14 -6.15 -29.34 -13.95
N GLY AA 15 -5.00 -28.87 -13.43
CA GLY AA 15 -3.71 -29.55 -13.61
C GLY AA 15 -2.50 -28.70 -14.02
N LYS AA 16 -2.58 -27.37 -13.98
CA LYS AA 16 -1.53 -26.46 -14.55
C LYS AA 16 -0.10 -26.80 -14.08
N GLY AA 17 0.22 -26.66 -12.79
CA GLY AA 17 1.60 -26.85 -12.27
C GLY AA 17 2.34 -28.09 -12.80
N VAL AA 18 1.70 -29.25 -12.91
CA VAL AA 18 2.34 -30.51 -13.41
C VAL AA 18 2.58 -30.34 -14.91
N LEU AA 19 1.74 -29.60 -15.62
CA LEU AA 19 1.94 -29.31 -17.08
C LEU AA 19 2.98 -28.19 -17.20
N ALA AA 20 3.19 -27.41 -16.14
CA ALA AA 20 4.11 -26.25 -16.15
C ALA AA 20 5.53 -26.72 -15.84
N SER AA 21 5.85 -27.07 -14.60
CA SER AA 21 7.25 -27.44 -14.23
C SER AA 21 7.57 -28.67 -15.05
N SER AA 22 6.66 -29.63 -15.17
CA SER AA 22 6.91 -30.75 -16.14
C SER AA 22 7.35 -30.34 -17.56
N THR AA 23 6.80 -29.27 -18.13
CA THR AA 23 7.22 -28.73 -19.45
C THR AA 23 8.61 -28.14 -19.24
N GLY AA 24 8.86 -27.50 -18.10
CA GLY AA 24 10.16 -26.86 -17.78
C GLY AA 24 11.25 -27.88 -17.50
N MET AA 25 10.90 -29.08 -17.01
CA MET AA 25 11.87 -30.18 -16.74
C MET AA 25 12.36 -30.67 -18.09
N LEU AA 26 11.51 -30.64 -19.11
CA LEU AA 26 11.87 -31.11 -20.47
C LEU AA 26 12.64 -30.00 -21.19
N MET AA 27 12.41 -28.73 -20.87
CA MET AA 27 13.30 -27.72 -21.46
C MET AA 27 14.75 -27.98 -21.03
N LYS AA 28 14.97 -28.37 -19.79
CA LYS AA 28 16.29 -28.79 -19.28
C LYS AA 28 16.85 -30.05 -19.94
N THR AA 29 16.02 -30.96 -20.43
CA THR AA 29 16.50 -32.11 -21.24
C THR AA 29 17.24 -31.65 -22.48
N LEU AA 30 16.85 -30.51 -23.06
CA LEU AA 30 17.51 -29.91 -24.21
C LEU AA 30 18.84 -29.22 -23.85
N GLY AA 31 19.23 -29.21 -22.56
CA GLY AA 31 20.41 -28.52 -22.03
C GLY AA 31 20.16 -27.07 -21.58
N LEU AA 32 18.96 -26.53 -21.82
CA LEU AA 32 18.64 -25.12 -21.60
C LEU AA 32 18.78 -24.70 -20.15
N LYS AA 33 19.19 -23.44 -19.92
CA LYS AA 33 19.04 -22.78 -18.62
C LYS AA 33 17.56 -22.45 -18.45
N VAL AA 34 16.91 -22.76 -17.34
CA VAL AA 34 15.44 -22.63 -17.22
C VAL AA 34 15.02 -21.96 -15.93
N THR AA 35 13.92 -21.23 -15.97
CA THR AA 35 13.34 -20.51 -14.84
C THR AA 35 11.83 -20.60 -14.90
N SER AA 36 11.15 -20.18 -13.85
CA SER AA 36 9.71 -20.23 -13.76
C SER AA 36 9.13 -19.09 -12.95
N ILE AA 37 7.99 -18.55 -13.32
CA ILE AA 37 7.28 -17.51 -12.59
C ILE AA 37 5.85 -17.97 -12.37
N LYS AA 38 5.32 -17.93 -11.16
CA LYS AA 38 3.89 -18.20 -10.94
C LYS AA 38 3.16 -16.91 -10.65
N ILE AA 39 2.21 -16.59 -11.52
CA ILE AA 39 1.34 -15.43 -11.41
C ILE AA 39 0.11 -15.88 -10.65
N ASP AA 40 -0.10 -15.35 -9.46
CA ASP AA 40 -1.24 -15.66 -8.63
C ASP AA 40 -2.30 -14.56 -8.64
N PRO AA 41 -3.56 -14.86 -8.93
CA PRO AA 41 -4.59 -13.84 -8.92
C PRO AA 41 -5.04 -13.38 -7.53
N TYR AA 42 -4.65 -14.05 -6.45
CA TYR AA 42 -5.04 -13.66 -5.09
C TYR AA 42 -4.35 -12.38 -4.60
N MET AA 43 -4.96 -11.69 -3.65
CA MET AA 43 -4.50 -10.38 -3.17
C MET AA 43 -3.55 -10.39 -1.98
N ASN AA 44 -3.15 -11.52 -1.39
CA ASN AA 44 -2.06 -11.54 -0.43
C ASN AA 44 -0.71 -11.19 -1.09
N ILE AA 45 0.09 -10.33 -0.48
CA ILE AA 45 1.45 -10.04 -1.00
C ILE AA 45 2.40 -11.23 -0.81
N ASP AA 46 2.24 -12.00 0.26
CA ASP AA 46 3.03 -13.19 0.56
C ASP AA 46 2.26 -14.16 1.47
N ALA AA 47 2.73 -15.39 1.60
CA ALA AA 47 2.11 -16.38 2.48
C ALA AA 47 2.41 -16.17 3.97
N GLY AA 48 3.16 -15.13 4.34
CA GLY AA 48 3.52 -14.86 5.73
C GLY AA 48 2.32 -14.55 6.62
N THR AA 49 1.25 -14.00 6.06
CA THR AA 49 -0.03 -13.80 6.78
C THR AA 49 -0.95 -15.03 6.70
N MET AA 50 -0.76 -15.91 5.72
CA MET AA 50 -1.68 -17.01 5.41
C MET AA 50 -1.51 -18.20 6.33
N SER AA 51 -2.47 -18.48 7.20
CA SER AA 51 -2.37 -19.62 8.14
C SER AA 51 -2.34 -20.94 7.37
N PRO AA 52 -1.54 -21.95 7.76
CA PRO AA 52 -1.41 -23.22 7.04
C PRO AA 52 -2.69 -24.07 6.86
N LEU AA 53 -3.82 -23.64 7.41
CA LEU AA 53 -5.12 -24.30 7.28
C LEU AA 53 -5.78 -24.10 5.89
N GLU AA 54 -5.59 -22.95 5.26
CA GLU AA 54 -6.09 -22.67 3.91
C GLU AA 54 -4.99 -22.03 3.04
N HIS AA 55 -4.96 -22.42 1.77
CA HIS AA 55 -3.80 -22.29 0.87
C HIS AA 55 -2.56 -23.10 1.27
N GLY AA 56 -2.59 -23.82 2.39
CA GLY AA 56 -1.58 -24.81 2.74
C GLY AA 56 -0.23 -24.23 3.16
N GLU AA 57 0.81 -25.04 3.00
CA GLU AA 57 2.13 -24.82 3.59
C GLU AA 57 2.84 -23.57 3.07
N CYS AA 58 3.35 -22.72 3.97
CA CYS AA 58 4.17 -21.57 3.62
C CYS AA 58 5.56 -22.04 3.14
N PHE AA 59 5.71 -22.39 1.87
CA PHE AA 59 6.98 -22.84 1.32
C PHE AA 59 8.07 -21.79 1.54
N VAL AA 60 9.27 -22.23 1.92
CA VAL AA 60 10.37 -21.28 2.16
C VAL AA 60 11.64 -21.29 1.29
N LEU AA 61 11.92 -20.10 0.79
CA LEU AA 61 12.99 -19.88 -0.16
C LEU AA 61 14.38 -19.94 0.44
N ASP AA 62 15.38 -20.04 -0.43
CA ASP AA 62 16.77 -19.67 -0.13
C ASP AA 62 16.83 -18.25 0.48
N ASP AA 63 16.12 -17.29 -0.13
CA ASP AA 63 15.98 -15.92 0.38
C ASP AA 63 15.00 -15.75 1.56
N GLY AA 64 14.42 -16.83 2.08
CA GLY AA 64 13.64 -16.82 3.33
C GLY AA 64 12.27 -16.16 3.29
N GLY AA 65 11.80 -15.73 2.13
CA GLY AA 65 10.42 -15.29 1.96
C GLY AA 65 9.43 -16.44 2.08
N GLU AA 66 8.29 -16.21 2.74
CA GLU AA 66 7.20 -17.17 2.79
C GLU AA 66 6.33 -17.06 1.53
N THR AA 67 6.66 -17.83 0.49
CA THR AA 67 6.03 -17.78 -0.85
C THR AA 67 4.72 -18.56 -0.98
N ASP AA 68 4.08 -18.43 -2.15
CA ASP AA 68 3.12 -19.41 -2.63
C ASP AA 68 3.66 -20.84 -2.53
N LEU AA 69 2.84 -21.79 -2.05
CA LEU AA 69 3.24 -23.21 -1.88
C LEU AA 69 3.66 -23.81 -3.22
N ASP AA 70 2.98 -23.47 -4.31
CA ASP AA 70 3.23 -24.11 -5.63
C ASP AA 70 4.67 -23.84 -6.09
N LEU AA 71 5.33 -22.76 -5.67
CA LEU AA 71 6.70 -22.47 -6.21
C LEU AA 71 7.56 -23.71 -5.98
N GLY AA 72 7.32 -24.41 -4.87
CA GLY AA 72 8.14 -25.59 -4.54
C GLY AA 72 8.13 -26.59 -5.67
N ASN AA 73 6.98 -26.78 -6.33
CA ASN AA 73 6.83 -27.81 -7.40
C ASN AA 73 7.85 -27.49 -8.52
N TYR AA 74 8.32 -26.24 -8.64
CA TYR AA 74 9.28 -25.81 -9.71
C TYR AA 74 10.73 -25.96 -9.23
N GLU AA 75 10.96 -26.01 -7.93
CA GLU AA 75 12.34 -26.09 -7.39
C GLU AA 75 12.69 -27.58 -7.34
N ARG AA 76 11.69 -28.47 -7.42
CA ARG AA 76 11.91 -29.94 -7.45
C ARG AA 76 12.04 -30.33 -8.93
N TYR AA 77 11.00 -30.11 -9.74
CA TYR AA 77 11.04 -30.39 -11.22
C TYR AA 77 12.27 -29.85 -11.99
N LEU AA 78 12.76 -28.62 -11.74
CA LEU AA 78 13.83 -27.96 -12.56
C LEU AA 78 15.18 -28.05 -11.86
N GLY AA 79 15.22 -28.03 -10.52
CA GLY AA 79 16.48 -27.95 -9.80
C GLY AA 79 17.04 -26.54 -9.85
N VAL AA 80 16.26 -25.57 -9.37
CA VAL AA 80 16.57 -24.13 -9.36
C VAL AA 80 16.26 -23.52 -8.00
N THR AA 81 17.01 -22.49 -7.61
CA THR AA 81 16.72 -21.62 -6.47
C THR AA 81 16.00 -20.38 -6.97
N LEU AA 82 14.68 -20.29 -6.72
CA LEU AA 82 13.88 -19.11 -7.05
C LEU AA 82 14.05 -18.01 -5.99
N THR AA 83 13.34 -16.90 -6.12
CA THR AA 83 13.41 -15.74 -5.21
C THR AA 83 11.99 -15.22 -4.90
N LYS AA 84 11.85 -14.32 -3.93
CA LYS AA 84 10.55 -13.75 -3.54
C LYS AA 84 9.84 -13.05 -4.70
N ASP AA 85 10.58 -12.60 -5.71
CA ASP AA 85 10.04 -11.95 -6.91
C ASP AA 85 9.44 -12.92 -7.93
N HIS AA 86 9.78 -14.21 -7.93
CA HIS AA 86 9.21 -15.19 -8.87
C HIS AA 86 7.75 -15.55 -8.59
N ASN AA 87 7.18 -15.09 -7.48
CA ASN AA 87 5.78 -15.23 -7.20
C ASN AA 87 5.10 -13.87 -7.35
N ILE AA 88 4.68 -13.55 -8.57
CA ILE AA 88 3.86 -12.38 -8.85
C ILE AA 88 2.49 -12.62 -8.22
N THR AA 89 1.91 -11.65 -7.52
CA THR AA 89 0.53 -11.75 -7.02
C THR AA 89 -0.22 -10.47 -7.26
N THR AA 90 -1.55 -10.53 -7.31
CA THR AA 90 -2.35 -9.32 -7.52
C THR AA 90 -2.13 -8.29 -6.43
N GLY AA 91 -1.97 -8.70 -5.18
CA GLY AA 91 -1.64 -7.77 -4.10
C GLY AA 91 -0.24 -7.19 -4.22
N LYS AA 92 0.71 -7.95 -4.75
CA LYS AA 92 2.09 -7.51 -4.91
C LYS AA 92 2.22 -6.45 -5.99
N ILE AA 93 1.54 -6.63 -7.13
CA ILE AA 93 1.65 -5.68 -8.24
C ILE AA 93 0.79 -4.45 -8.04
N TYR AA 94 -0.41 -4.51 -7.47
CA TYR AA 94 -1.09 -3.27 -7.09
C TYR AA 94 -0.28 -2.46 -6.08
N SER AA 95 0.39 -3.08 -5.11
CA SER AA 95 1.25 -2.38 -4.16
C SER AA 95 2.42 -1.69 -4.83
N HIS AA 96 3.06 -2.33 -5.79
CA HIS AA 96 4.22 -1.78 -6.48
C HIS AA 96 3.87 -0.57 -7.34
N VAL AA 97 2.80 -0.65 -8.12
CA VAL AA 97 2.32 0.52 -8.88
C VAL AA 97 1.78 1.63 -7.97
N ILE AA 98 1.05 1.31 -6.90
CA ILE AA 98 0.61 2.33 -5.93
C ILE AA 98 1.80 2.96 -5.21
N ALA AA 99 2.91 2.27 -4.96
CA ALA AA 99 4.10 2.91 -4.39
C ALA AA 99 4.67 3.96 -5.35
N LYS AA 100 4.84 3.60 -6.62
CA LYS AA 100 5.29 4.52 -7.66
C LYS AA 100 4.33 5.70 -7.87
N GLU AA 101 3.03 5.52 -7.66
CA GLU AA 101 2.03 6.60 -7.70
C GLU AA 101 2.25 7.67 -6.62
N ARG AA 102 2.56 7.28 -5.38
CA ARG AA 102 2.81 8.25 -4.28
C ARG AA 102 4.23 8.80 -4.26
N LYS AA 103 5.21 8.04 -4.74
CA LYS AA 103 6.55 8.57 -5.04
C LYS AA 103 6.52 9.55 -6.20
N GLY AA 104 5.53 9.44 -7.09
CA GLY AA 104 5.33 10.34 -8.22
C GLY AA 104 6.11 9.95 -9.48
N ASP AA 105 6.48 8.68 -9.63
CA ASP AA 105 7.28 8.20 -10.77
C ASP AA 105 6.53 8.27 -12.10
N TYR AA 106 5.22 8.46 -12.08
CA TYR AA 106 4.38 8.71 -13.26
C TYR AA 106 4.33 10.19 -13.69
N LEU AA 107 5.20 11.06 -13.16
CA LEU AA 107 5.34 12.46 -13.61
C LEU AA 107 4.01 13.20 -13.65
N GLY AA 108 3.15 12.94 -12.66
CA GLY AA 108 1.86 13.58 -12.50
C GLY AA 108 0.80 13.21 -13.53
N LYS AA 109 1.04 12.25 -14.45
CA LYS AA 109 -0.02 11.66 -15.26
C LYS AA 109 -1.04 10.98 -14.35
N THR AA 110 -2.28 10.76 -14.79
CA THR AA 110 -3.12 9.75 -14.13
C THR AA 110 -2.62 8.37 -14.50
N VAL AA 111 -2.68 7.43 -13.55
CA VAL AA 111 -2.16 6.07 -13.70
C VAL AA 111 -3.32 5.11 -13.79
N GLN AA 112 -3.29 4.22 -14.76
CA GLN AA 112 -4.45 3.48 -15.25
C GLN AA 112 -4.16 1.99 -15.25
N ILE AA 113 -5.17 1.13 -15.22
CA ILE AA 113 -4.90 -0.31 -15.30
C ILE AA 113 -4.31 -0.66 -16.67
N VAL AA 114 -4.77 -0.01 -17.73
CA VAL AA 114 -4.12 -0.04 -19.05
C VAL AA 114 -3.80 1.39 -19.47
N PRO AA 115 -2.56 1.74 -19.85
CA PRO AA 115 -1.41 0.86 -20.04
C PRO AA 115 -0.50 0.74 -18.82
N HIS AA 116 -0.61 1.55 -17.77
CA HIS AA 116 0.44 1.59 -16.74
C HIS AA 116 0.61 0.30 -15.95
N LEU AA 117 -0.46 -0.26 -15.40
CA LEU AA 117 -0.34 -1.54 -14.67
C LEU AA 117 -0.02 -2.72 -15.59
N THR AA 118 -0.56 -2.78 -16.80
CA THR AA 118 -0.18 -3.85 -17.74
C THR AA 118 1.24 -3.72 -18.23
N ASN AA 119 1.81 -2.53 -18.29
CA ASN AA 119 3.25 -2.34 -18.46
C ASN AA 119 4.01 -2.83 -17.24
N ALA AA 120 3.57 -2.54 -16.02
CA ALA AA 120 4.24 -3.01 -14.81
C ALA AA 120 4.39 -4.53 -14.79
N ILE AA 121 3.33 -5.27 -15.11
CA ILE AA 121 3.36 -6.73 -15.18
C ILE AA 121 4.37 -7.21 -16.23
N GLN AA 122 4.39 -6.66 -17.44
CA GLN AA 122 5.39 -7.03 -18.44
C GLN AA 122 6.81 -6.70 -17.99
N ASP AA 123 7.00 -5.53 -17.38
CA ASP AA 123 8.30 -5.11 -16.88
C ASP AA 123 8.76 -5.98 -15.71
N TRP AA 124 7.85 -6.55 -14.91
CA TRP AA 124 8.17 -7.53 -13.87
C TRP AA 124 8.56 -8.88 -14.45
N ILE AA 125 7.79 -9.44 -15.39
CA ILE AA 125 8.12 -10.72 -16.01
C ILE AA 125 9.48 -10.67 -16.70
N GLU AA 126 9.76 -9.66 -17.53
CA GLU AA 126 11.06 -9.58 -18.18
C GLU AA 126 12.18 -9.20 -17.21
N ARG AA 127 11.89 -8.53 -16.08
CA ARG AA 127 12.90 -8.30 -15.03
C ARG AA 127 13.30 -9.61 -14.43
N VAL AA 128 12.33 -10.36 -13.90
CA VAL AA 128 12.58 -11.60 -13.16
C VAL AA 128 13.18 -12.68 -14.04
N ALA AA 129 12.80 -12.76 -15.31
CA ALA AA 129 13.35 -13.73 -16.25
C ALA AA 129 14.85 -13.54 -16.56
N LYS AA 130 15.48 -12.43 -16.16
CA LYS AA 130 16.94 -12.26 -16.21
C LYS AA 130 17.69 -12.98 -15.09
N ILE AA 131 17.07 -13.17 -13.92
CA ILE AA 131 17.75 -13.64 -12.71
C ILE AA 131 18.31 -15.06 -12.93
N PRO AA 132 19.60 -15.32 -12.62
CA PRO AA 132 20.25 -16.60 -12.86
C PRO AA 132 19.94 -17.64 -11.77
N VAL AA 133 18.79 -18.30 -11.86
CA VAL AA 133 18.31 -19.25 -10.85
C VAL AA 133 18.98 -20.63 -10.91
N ASP AA 134 19.81 -20.86 -11.92
CA ASP AA 134 20.30 -22.17 -12.37
C ASP AA 134 21.74 -22.48 -11.86
N ASP AA 135 22.25 -23.68 -12.14
CA ASP AA 135 23.54 -24.19 -11.66
C ASP AA 135 24.80 -23.47 -12.20
N THR AA 136 24.65 -22.42 -12.99
CA THR AA 136 25.71 -21.47 -13.31
C THR AA 136 25.08 -20.09 -13.53
N GLY AA 137 25.83 -19.03 -13.25
CA GLY AA 137 25.33 -17.66 -13.13
C GLY AA 137 24.83 -16.99 -14.42
N MET AA 138 24.68 -17.68 -15.56
CA MET AA 138 24.13 -17.10 -16.78
C MET AA 138 22.61 -16.99 -16.72
N GLU AA 139 22.05 -15.93 -17.33
CA GLU AA 139 20.61 -15.73 -17.39
C GLU AA 139 19.87 -16.90 -18.09
N PRO AA 140 18.66 -17.28 -17.65
CA PRO AA 140 17.90 -18.34 -18.25
C PRO AA 140 17.61 -18.17 -19.75
N ASP AA 141 17.39 -19.28 -20.45
CA ASP AA 141 17.08 -19.32 -21.88
C ASP AA 141 15.61 -19.49 -22.17
N VAL AA 142 14.86 -20.14 -21.27
CA VAL AA 142 13.40 -20.22 -21.31
C VAL AA 142 12.83 -19.87 -19.95
N CYS AA 143 11.74 -19.13 -19.89
CA CYS AA 143 10.95 -18.92 -18.68
C CYS AA 143 9.56 -19.54 -18.82
N ILE AA 144 9.15 -20.41 -17.90
CA ILE AA 144 7.78 -20.96 -17.85
C ILE AA 144 6.93 -20.04 -16.99
N ILE AA 145 5.91 -19.42 -17.55
CA ILE AA 145 5.01 -18.50 -16.82
C ILE AA 145 3.69 -19.21 -16.56
N GLU AA 146 3.36 -19.52 -15.33
CA GLU AA 146 2.06 -20.12 -15.02
C GLU AA 146 1.10 -19.06 -14.54
N LEU AA 147 0.02 -18.87 -15.29
CA LEU AA 147 -1.06 -17.96 -14.95
C LEU AA 147 -2.11 -18.69 -14.12
N GLY AA 148 -2.19 -18.41 -12.82
CA GLY AA 148 -3.22 -18.96 -11.95
C GLY AA 148 -4.62 -18.42 -12.22
N GLY AA 149 -5.60 -18.94 -11.50
CA GLY AA 149 -7.02 -18.68 -11.74
C GLY AA 149 -7.51 -19.29 -13.05
N THR AA 150 -8.57 -18.74 -13.62
CA THR AA 150 -9.02 -19.10 -14.97
C THR AA 150 -9.19 -17.85 -15.84
N VAL AA 151 -8.88 -17.98 -17.13
CA VAL AA 151 -9.12 -16.89 -18.08
C VAL AA 151 -10.62 -16.56 -18.11
N GLY AA 152 -10.98 -15.29 -17.98
CA GLY AA 152 -12.37 -14.84 -17.83
C GLY AA 152 -12.83 -14.62 -16.38
N ASP AA 153 -11.89 -14.76 -15.44
CA ASP AA 153 -12.15 -14.38 -14.03
C ASP AA 153 -11.99 -12.85 -13.99
N ILE AA 154 -12.69 -12.13 -13.10
CA ILE AA 154 -12.52 -10.64 -12.94
C ILE AA 154 -11.25 -10.41 -12.12
N GLU AA 155 -10.60 -11.48 -11.64
CA GLU AA 155 -9.38 -11.43 -10.80
C GLU AA 155 -8.15 -11.64 -11.69
N SER AA 156 -8.31 -12.30 -12.84
CA SER AA 156 -7.19 -12.65 -13.75
C SER AA 156 -7.18 -11.74 -14.98
N ALA AA 157 -8.10 -10.77 -15.08
CA ALA AA 157 -8.23 -9.92 -16.28
C ALA AA 157 -6.99 -9.02 -16.48
N PRO AA 158 -6.36 -8.42 -15.44
CA PRO AA 158 -5.15 -7.63 -15.65
C PRO AA 158 -3.98 -8.39 -16.24
N PHE AA 159 -3.82 -9.66 -15.90
CA PHE AA 159 -2.72 -10.49 -16.37
C PHE AA 159 -2.87 -10.99 -17.79
N VAL AA 160 -4.07 -11.35 -18.25
CA VAL AA 160 -4.28 -11.68 -19.68
C VAL AA 160 -4.15 -10.46 -20.59
N GLU AA 161 -4.46 -9.26 -20.12
CA GLU AA 161 -4.06 -8.04 -20.83
C GLU AA 161 -2.54 -7.92 -20.89
N ALA AA 162 -1.85 -8.03 -19.77
CA ALA AA 162 -0.42 -7.85 -19.75
C ALA AA 162 0.31 -8.87 -20.60
N LEU AA 163 -0.10 -10.14 -20.53
CA LEU AA 163 0.44 -11.20 -21.36
C LEU AA 163 0.11 -10.97 -22.84
N ARG AA 164 -1.09 -10.49 -23.24
CA ARG AA 164 -1.36 -10.18 -24.66
C ARG AA 164 -0.37 -9.18 -25.18
N GLN AA 165 -0.19 -8.06 -24.50
CA GLN AA 165 0.77 -7.02 -24.89
C GLN AA 165 2.18 -7.61 -24.91
N PHE AA 166 2.49 -8.53 -24.00
CA PHE AA 166 3.77 -9.23 -23.95
C PHE AA 166 4.02 -10.11 -25.17
N GLN AA 167 3.00 -10.60 -25.88
CA GLN AA 167 3.19 -11.33 -27.14
C GLN AA 167 3.79 -10.47 -28.25
N PHE AA 168 3.87 -9.15 -28.04
CA PHE AA 168 4.40 -8.17 -29.00
C PHE AA 168 5.68 -7.52 -28.47
N LYS AA 169 5.75 -7.24 -27.16
CA LYS AA 169 6.96 -6.73 -26.51
C LYS AA 169 8.09 -7.75 -26.62
N VAL AA 170 7.77 -9.03 -26.36
CA VAL AA 170 8.49 -10.21 -26.85
C VAL AA 170 7.92 -10.56 -28.22
N GLY AA 171 8.71 -11.11 -29.14
CA GLY AA 171 8.18 -11.54 -30.44
C GLY AA 171 7.40 -12.88 -30.42
N LYS AA 172 6.54 -13.09 -31.42
CA LYS AA 172 6.18 -14.45 -31.84
C LYS AA 172 7.47 -15.13 -32.35
N GLU AA 173 7.55 -16.46 -32.25
CA GLU AA 173 8.82 -17.21 -32.30
C GLU AA 173 9.78 -16.90 -31.13
N ASN AA 174 9.35 -16.18 -30.09
CA ASN AA 174 9.98 -16.17 -28.77
C ASN AA 174 8.99 -16.49 -27.66
N PHE AA 175 7.70 -16.20 -27.81
CA PHE AA 175 6.64 -16.52 -26.86
C PHE AA 175 5.72 -17.62 -27.42
N ALA AA 176 5.28 -18.56 -26.59
CA ALA AA 176 4.25 -19.57 -26.91
C ALA AA 176 3.33 -19.85 -25.72
N LEU AA 177 2.11 -20.32 -25.95
CA LEU AA 177 1.14 -20.58 -24.88
C LEU AA 177 0.58 -22.01 -24.94
N ILE AA 178 0.53 -22.65 -23.78
CA ILE AA 178 -0.14 -23.93 -23.53
C ILE AA 178 -1.42 -23.64 -22.74
N HIS AA 179 -2.60 -24.00 -23.26
CA HIS AA 179 -3.86 -23.78 -22.56
C HIS AA 179 -4.37 -25.10 -22.04
N VAL AA 180 -4.65 -25.19 -20.76
CA VAL AA 180 -5.05 -26.44 -20.12
C VAL AA 180 -6.56 -26.44 -19.95
N SER AA 181 -7.30 -27.44 -20.41
CA SER AA 181 -8.76 -27.34 -20.54
C SER AA 181 -9.48 -28.66 -20.24
N LEU AA 182 -10.79 -28.60 -19.98
CA LEU AA 182 -11.53 -29.76 -19.46
C LEU AA 182 -12.26 -30.50 -20.58
N VAL AA 183 -12.13 -31.82 -20.61
CA VAL AA 183 -12.99 -32.69 -21.40
C VAL AA 183 -13.79 -33.53 -20.41
N PRO AA 184 -14.96 -33.09 -19.92
CA PRO AA 184 -15.75 -33.90 -19.01
C PRO AA 184 -16.28 -35.12 -19.75
N VAL AA 185 -16.33 -36.26 -19.06
CA VAL AA 185 -16.96 -37.47 -19.55
C VAL AA 185 -18.25 -37.66 -18.78
N ILE AA 186 -19.38 -37.61 -19.47
CA ILE AA 186 -20.70 -37.96 -18.92
C ILE AA 186 -21.45 -38.88 -19.87
N HIS AA 187 -22.27 -39.79 -19.33
CA HIS AA 187 -22.89 -40.86 -20.12
C HIS AA 187 -21.85 -41.66 -20.94
N GLY AA 188 -20.63 -41.77 -20.43
CA GLY AA 188 -19.50 -42.42 -21.11
C GLY AA 188 -19.00 -41.72 -22.37
N GLU AA 189 -19.35 -40.46 -22.64
CA GLU AA 189 -18.87 -39.69 -23.80
C GLU AA 189 -18.03 -38.45 -23.41
N GLN AA 190 -16.87 -38.30 -24.02
CA GLN AA 190 -15.99 -37.12 -23.91
C GLN AA 190 -16.60 -35.89 -24.60
N LYS AA 191 -17.06 -34.89 -23.85
CA LYS AA 191 -17.67 -33.68 -24.41
C LYS AA 191 -16.63 -32.60 -24.64
N THR AA 192 -16.56 -32.02 -25.83
CA THR AA 192 -15.57 -30.98 -26.18
C THR AA 192 -15.98 -29.57 -25.80
N LYS AA 193 -17.27 -29.30 -25.59
CA LYS AA 193 -17.79 -27.93 -25.51
C LYS AA 193 -17.19 -27.03 -24.43
N PRO AA 194 -16.80 -27.48 -23.22
CA PRO AA 194 -16.15 -26.59 -22.28
C PRO AA 194 -14.80 -26.07 -22.81
N THR AA 195 -14.07 -26.86 -23.59
CA THR AA 195 -12.87 -26.39 -24.31
C THR AA 195 -13.21 -25.37 -25.41
N GLN AA 196 -14.30 -25.54 -26.16
CA GLN AA 196 -14.72 -24.54 -27.14
C GLN AA 196 -15.09 -23.20 -26.47
N ALA AA 197 -15.94 -23.19 -25.44
CA ALA AA 197 -16.31 -21.98 -24.72
C ALA AA 197 -15.14 -21.30 -23.99
N ALA AA 198 -14.18 -22.04 -23.43
CA ALA AA 198 -12.99 -21.46 -22.81
C ALA AA 198 -11.95 -21.00 -23.82
N ILE AA 199 -11.91 -21.54 -25.03
CA ILE AA 199 -11.04 -21.05 -26.11
C ILE AA 199 -11.67 -19.81 -26.75
N LYS AA 200 -12.99 -19.76 -26.92
CA LYS AA 200 -13.72 -18.52 -27.23
C LYS AA 200 -13.38 -17.43 -26.22
N GLY AA 201 -13.44 -17.71 -24.91
CA GLY AA 201 -12.95 -16.79 -23.88
C GLY AA 201 -11.50 -16.38 -24.09
N LEU AA 202 -10.59 -17.31 -24.32
CA LEU AA 202 -9.16 -17.02 -24.52
C LEU AA 202 -8.93 -16.07 -25.69
N ARG AA 203 -9.47 -16.36 -26.88
CA ARG AA 203 -9.25 -15.49 -28.04
C ARG AA 203 -9.91 -14.13 -27.86
N SER AA 204 -10.98 -14.01 -27.09
CA SER AA 204 -11.59 -12.71 -26.77
C SER AA 204 -10.58 -11.76 -26.13
N LEU AA 205 -9.81 -12.23 -25.15
CA LEU AA 205 -8.76 -11.46 -24.47
C LEU AA 205 -7.44 -11.38 -25.27
N GLY AA 206 -7.29 -12.21 -26.29
CA GLY AA 206 -6.38 -11.99 -27.42
C GLY AA 206 -5.16 -12.90 -27.48
N LEU AA 207 -4.96 -13.72 -26.46
CA LEU AA 207 -3.98 -14.79 -26.47
C LEU AA 207 -4.44 -15.89 -27.44
N VAL AA 208 -3.52 -16.56 -28.13
CA VAL AA 208 -3.82 -17.71 -28.99
C VAL AA 208 -2.98 -18.92 -28.54
N PRO AA 209 -3.58 -20.10 -28.34
CA PRO AA 209 -2.87 -21.24 -27.82
C PRO AA 209 -2.10 -21.93 -28.92
N ASP AA 210 -0.83 -22.20 -28.67
CA ASP AA 210 0.02 -23.00 -29.53
C ASP AA 210 -0.11 -24.49 -29.24
N MET AA 211 -0.61 -24.82 -28.05
CA MET AA 211 -1.04 -26.14 -27.64
C MET AA 211 -2.31 -26.06 -26.81
N ILE AA 212 -3.11 -27.11 -26.84
CA ILE AA 212 -4.14 -27.36 -25.84
C ILE AA 212 -3.72 -28.60 -25.08
N ALA AA 213 -3.96 -28.66 -23.77
CA ALA AA 213 -3.69 -29.83 -22.97
C ALA AA 213 -4.91 -30.21 -22.13
N CYS AA 214 -5.41 -31.43 -22.23
CA CYS AA 214 -6.70 -31.74 -21.62
C CYS AA 214 -6.59 -32.48 -20.29
N ARG AA 215 -7.28 -31.97 -19.27
CA ARG AA 215 -7.73 -32.79 -18.14
C ARG AA 215 -8.87 -33.63 -18.64
N CYS AA 216 -8.71 -34.94 -18.58
CA CYS AA 216 -9.75 -35.88 -18.93
C CYS AA 216 -9.66 -37.12 -18.05
N SER AA 217 -10.79 -37.76 -17.76
CA SER AA 217 -10.85 -39.03 -17.03
C SER AA 217 -10.29 -40.20 -17.85
N GLU AA 218 -10.02 -40.03 -19.14
CA GLU AA 218 -9.70 -41.10 -20.09
C GLU AA 218 -8.53 -40.73 -21.01
N THR AA 219 -8.04 -41.68 -21.80
CA THR AA 219 -7.30 -41.29 -23.01
C THR AA 219 -8.28 -40.60 -23.97
N LEU AA 220 -7.97 -39.39 -24.46
CA LEU AA 220 -8.81 -38.73 -25.45
C LEU AA 220 -9.02 -39.63 -26.66
N ASP AA 221 -10.27 -39.80 -27.08
CA ASP AA 221 -10.58 -40.47 -28.33
C ASP AA 221 -9.99 -39.69 -29.51
N LYS AA 222 -9.58 -40.40 -30.56
CA LYS AA 222 -9.18 -39.84 -31.85
C LYS AA 222 -10.15 -38.77 -32.37
N PRO AA 223 -11.48 -38.97 -32.39
CA PRO AA 223 -12.44 -37.93 -32.72
C PRO AA 223 -12.47 -36.74 -31.73
N THR AA 224 -12.19 -36.91 -30.44
CA THR AA 224 -12.16 -35.78 -29.51
C THR AA 224 -11.01 -34.84 -29.82
N ILE AA 225 -9.83 -35.37 -30.11
CA ILE AA 225 -8.70 -34.57 -30.60
C ILE AA 225 -9.06 -33.83 -31.88
N ASP AA 226 -9.69 -34.49 -32.83
CA ASP AA 226 -10.11 -33.84 -34.09
C ASP AA 226 -11.16 -32.75 -33.85
N LYS AA 227 -12.14 -32.96 -32.98
CA LYS AA 227 -13.19 -31.98 -32.70
C LYS AA 227 -12.72 -30.83 -31.80
N ILE AA 228 -11.64 -30.96 -31.04
CA ILE AA 228 -10.94 -29.81 -30.44
C ILE AA 228 -10.11 -29.07 -31.51
N ALA AA 229 -9.28 -29.75 -32.29
CA ALA AA 229 -8.45 -29.10 -33.30
C ALA AA 229 -9.25 -28.44 -34.45
N MET AA 230 -10.46 -28.91 -34.76
CA MET AA 230 -11.39 -28.24 -35.69
C MET AA 230 -11.98 -26.94 -35.13
N PHE AA 231 -11.75 -26.64 -33.85
CA PHE AA 231 -12.32 -25.49 -33.14
C PHE AA 231 -11.27 -24.57 -32.50
N CYS AA 232 -10.00 -24.87 -32.68
CA CYS AA 232 -8.86 -24.11 -32.17
C CYS AA 232 -7.72 -24.07 -33.19
N HIS AA 233 -6.81 -23.12 -33.09
CA HIS AA 233 -5.78 -22.91 -34.11
C HIS AA 233 -4.53 -23.79 -33.95
N VAL AA 234 -4.73 -25.05 -33.56
CA VAL AA 234 -3.69 -26.06 -33.28
C VAL AA 234 -3.82 -27.24 -34.23
N GLY AA 235 -2.72 -27.89 -34.63
CA GLY AA 235 -2.82 -29.18 -35.32
C GLY AA 235 -3.33 -30.26 -34.37
N PRO AA 236 -3.83 -31.40 -34.86
CA PRO AA 236 -4.30 -32.48 -33.99
C PRO AA 236 -3.19 -33.09 -33.13
N GLU AA 237 -1.93 -32.94 -33.52
CA GLU AA 237 -0.75 -33.39 -32.78
C GLU AA 237 -0.34 -32.46 -31.60
N GLN AA 238 -0.95 -31.28 -31.46
CA GLN AA 238 -0.78 -30.37 -30.32
C GLN AA 238 -2.00 -30.30 -29.39
N VAL AA 239 -2.91 -31.27 -29.46
CA VAL AA 239 -3.87 -31.51 -28.38
C VAL AA 239 -3.28 -32.57 -27.45
N VAL AA 240 -2.45 -32.12 -26.51
CA VAL AA 240 -1.78 -32.92 -25.49
C VAL AA 240 -2.78 -33.47 -24.48
N ASN AA 241 -2.47 -34.56 -23.80
CA ASN AA 241 -3.37 -35.18 -22.83
C ASN AA 241 -2.62 -35.77 -21.63
N VAL AA 242 -2.75 -35.13 -20.47
CA VAL AA 242 -2.19 -35.61 -19.21
C VAL AA 242 -3.16 -36.59 -18.55
N HIS AA 243 -3.20 -37.82 -19.05
CA HIS AA 243 -4.08 -38.88 -18.52
C HIS AA 243 -3.50 -39.53 -17.25
N ASP AA 244 -4.26 -40.44 -16.64
CA ASP AA 244 -3.79 -41.25 -15.51
C ASP AA 244 -2.47 -41.97 -15.84
N VAL AA 245 -1.48 -41.87 -14.96
CA VAL AA 245 -0.14 -42.46 -15.06
C VAL AA 245 0.29 -43.04 -13.72
N ASN AA 246 1.30 -43.90 -13.73
CA ASN AA 246 1.69 -44.66 -12.53
C ASN AA 246 2.06 -43.74 -11.36
N SER AA 247 2.72 -42.61 -11.63
CA SER AA 247 2.98 -41.55 -10.65
C SER AA 247 3.28 -40.23 -11.33
N THR AA 248 3.19 -39.13 -10.60
CA THR AA 248 3.35 -37.77 -11.11
C THR AA 248 4.73 -37.52 -11.75
N TYR AA 249 5.76 -38.24 -11.33
CA TYR AA 249 7.09 -38.13 -11.92
C TYR AA 249 7.18 -38.69 -13.33
N HIS AA 250 6.18 -39.44 -13.81
CA HIS AA 250 6.11 -39.90 -15.19
C HIS AA 250 5.62 -38.81 -16.17
N VAL AA 251 4.94 -37.76 -15.71
CA VAL AA 251 4.32 -36.79 -16.62
C VAL AA 251 5.32 -36.18 -17.62
N PRO AA 252 6.56 -35.78 -17.30
CA PRO AA 252 7.44 -35.28 -18.33
C PRO AA 252 7.80 -36.33 -19.39
N LEU AA 253 7.87 -37.61 -19.06
CA LEU AA 253 8.01 -38.65 -20.09
C LEU AA 253 6.72 -38.78 -20.91
N LEU AA 254 5.52 -38.69 -20.30
CA LEU AA 254 4.26 -38.68 -21.05
C LEU AA 254 4.21 -37.53 -22.05
N LEU AA 255 4.54 -36.30 -21.65
CA LEU AA 255 4.57 -35.14 -22.53
C LEU AA 255 5.59 -35.34 -23.65
N LEU AA 256 6.79 -35.81 -23.35
CA LEU AA 256 7.82 -36.08 -24.36
C LEU AA 256 7.40 -37.18 -25.34
N GLU AA 257 6.71 -38.23 -24.91
CA GLU AA 257 6.22 -39.29 -25.79
C GLU AA 257 5.01 -38.84 -26.63
N GLN AA 258 4.20 -37.90 -26.15
CA GLN AA 258 3.19 -37.19 -26.95
C GLN AA 258 3.81 -36.12 -27.88
N LYS AA 259 5.13 -36.16 -28.12
CA LYS AA 259 5.87 -35.25 -29.00
C LYS AA 259 5.67 -33.78 -28.65
N MET AA 260 5.44 -33.47 -27.38
CA MET AA 260 5.18 -32.11 -26.94
C MET AA 260 6.40 -31.21 -27.19
N ILE AA 261 7.60 -31.66 -26.86
CA ILE AA 261 8.83 -30.88 -27.07
C ILE AA 261 9.27 -30.85 -28.54
N ASP AA 262 9.01 -31.88 -29.31
CA ASP AA 262 9.37 -31.88 -30.73
C ASP AA 262 8.61 -30.80 -31.51
N TYR AA 263 7.48 -30.31 -30.99
CA TYR AA 263 6.85 -29.08 -31.44
C TYR AA 263 7.52 -27.85 -30.83
N LEU AA 264 7.66 -27.73 -29.50
CA LEU AA 264 8.22 -26.51 -28.88
C LEU AA 264 9.63 -26.19 -29.39
N HIS AA 265 10.44 -27.18 -29.69
CA HIS AA 265 11.72 -27.00 -30.37
C HIS AA 265 11.60 -26.16 -31.65
N ALA AA 266 10.61 -26.45 -32.50
CA ALA AA 266 10.35 -25.70 -33.74
C ALA AA 266 9.61 -24.39 -33.47
N ARG AA 267 8.56 -24.43 -32.64
CA ARG AA 267 7.67 -23.29 -32.34
C ARG AA 267 8.36 -22.14 -31.62
N LEU AA 268 9.37 -22.43 -30.82
CA LEU AA 268 10.26 -21.45 -30.17
C LEU AA 268 11.64 -21.39 -30.85
N LYS AA 269 11.82 -22.08 -31.98
CA LYS AA 269 13.05 -22.10 -32.81
C LYS AA 269 14.32 -22.25 -31.98
N LEU AA 270 14.36 -23.23 -31.08
CA LEU AA 270 15.40 -23.37 -30.04
C LEU AA 270 16.79 -23.76 -30.55
N ASP AA 271 16.97 -24.08 -31.83
CA ASP AA 271 18.30 -24.06 -32.45
C ASP AA 271 19.01 -22.70 -32.33
N GLU AA 272 18.29 -21.60 -32.09
CA GLU AA 272 18.86 -20.27 -31.93
C GLU AA 272 19.52 -20.04 -30.54
N ILE AA 273 19.40 -20.94 -29.58
CA ILE AA 273 20.19 -20.86 -28.33
C ILE AA 273 21.55 -21.51 -28.57
N THR AA 274 26.16 -24.28 -25.51
CA THR AA 274 27.53 -24.74 -25.24
C THR AA 274 27.56 -26.25 -24.91
N GLU AA 275 28.69 -26.91 -25.08
CA GLU AA 275 28.84 -28.35 -24.81
C GLU AA 275 28.42 -28.74 -23.39
N GLU AA 276 28.68 -27.90 -22.39
CA GLU AA 276 28.21 -28.12 -21.02
C GLU AA 276 26.68 -28.26 -20.94
N GLU AA 277 25.91 -27.42 -21.64
CA GLU AA 277 24.44 -27.52 -21.68
C GLU AA 277 23.99 -28.78 -22.39
N LYS AA 278 24.60 -29.11 -23.52
CA LYS AA 278 24.25 -30.32 -24.28
C LYS AA 278 24.49 -31.58 -23.46
N GLN AA 279 25.61 -31.65 -22.75
CA GLN AA 279 25.90 -32.74 -21.82
C GLN AA 279 24.90 -32.78 -20.66
N ARG AA 280 24.70 -31.66 -19.95
CA ARG AA 280 23.75 -31.60 -18.84
C ARG AA 280 22.31 -31.93 -19.25
N GLY AA 281 21.95 -31.74 -20.52
CA GLY AA 281 20.70 -32.22 -21.08
C GLY AA 281 20.64 -33.75 -21.13
N LEU AA 282 21.63 -34.41 -21.71
CA LEU AA 282 21.67 -35.87 -21.77
C LEU AA 282 21.74 -36.50 -20.38
N GLU AA 283 22.52 -35.93 -19.48
CA GLU AA 283 22.58 -36.38 -18.09
C GLU AA 283 21.23 -36.25 -17.39
N LEU AA 284 20.45 -35.18 -17.62
CA LEU AA 284 19.13 -35.06 -17.00
C LEU AA 284 18.19 -36.14 -17.51
N LEU AA 285 18.22 -36.46 -18.80
CA LEU AA 285 17.47 -37.60 -19.32
C LEU AA 285 17.91 -38.92 -18.69
N SER AA 286 19.22 -39.18 -18.56
CA SER AA 286 19.70 -40.42 -17.94
C SER AA 286 19.22 -40.56 -16.51
N LYS AA 287 19.29 -39.48 -15.73
CA LYS AA 287 18.80 -39.42 -14.35
C LYS AA 287 17.28 -39.55 -14.26
N TRP AA 288 16.54 -39.09 -15.26
CA TRP AA 288 15.11 -39.34 -15.33
C TRP AA 288 14.83 -40.80 -15.61
N LYS AA 289 15.53 -41.42 -16.56
CA LYS AA 289 15.40 -42.87 -16.81
C LYS AA 289 15.74 -43.69 -15.57
N ALA AA 290 16.73 -43.29 -14.78
CA ALA AA 290 17.05 -43.90 -13.49
C ALA AA 290 15.91 -43.81 -12.46
N THR AA 291 15.40 -42.62 -12.12
CA THR AA 291 14.28 -42.51 -11.16
C THR AA 291 13.02 -43.19 -11.66
N THR AA 292 12.79 -43.18 -12.97
CA THR AA 292 11.68 -43.93 -13.57
C THR AA 292 11.89 -45.43 -13.43
N GLY AA 293 13.09 -45.94 -13.72
CA GLY AA 293 13.44 -47.35 -13.55
C GLY AA 293 13.26 -47.79 -12.10
N ASN AA 294 13.73 -46.99 -11.15
CA ASN AA 294 13.51 -47.21 -9.72
C ASN AA 294 12.03 -47.27 -9.28
N PHE AA 295 11.08 -46.83 -10.10
CA PHE AA 295 9.65 -47.02 -9.82
C PHE AA 295 9.18 -48.36 -10.36
N ASP AA 296 9.49 -48.70 -11.62
CA ASP AA 296 9.16 -50.02 -12.18
C ASP AA 296 9.84 -51.18 -11.42
N GLU AA 297 11.13 -51.03 -11.13
CA GLU AA 297 11.97 -51.97 -10.38
C GLU AA 297 11.74 -51.90 -8.86
N GLU AA 298 8.91 -53.76 -3.44
CA GLU AA 298 8.54 -53.90 -2.02
C GLU AA 298 8.16 -52.57 -1.35
N THR AA 299 7.18 -52.59 -0.45
CA THR AA 299 6.69 -51.39 0.26
C THR AA 299 7.50 -51.03 1.51
N VAL AA 300 7.63 -49.74 1.79
CA VAL AA 300 8.04 -49.15 3.07
C VAL AA 300 6.85 -48.40 3.66
N LYS AA 301 6.43 -48.71 4.89
CA LYS AA 301 5.28 -48.07 5.55
C LYS AA 301 5.81 -47.03 6.53
N ILE AA 302 5.43 -45.76 6.45
CA ILE AA 302 5.89 -44.69 7.37
C ILE AA 302 4.70 -44.03 8.04
N ALA AA 303 4.67 -43.92 9.36
CA ALA AA 303 3.63 -43.15 10.04
C ALA AA 303 4.09 -41.70 10.11
N LEU AA 304 3.35 -40.79 9.51
CA LEU AA 304 3.56 -39.35 9.66
C LEU AA 304 2.55 -38.86 10.69
N VAL AA 305 3.06 -38.38 11.82
CA VAL AA 305 2.27 -38.10 13.02
C VAL AA 305 2.29 -36.61 13.30
N GLY AA 306 1.15 -35.93 13.22
CA GLY AA 306 1.13 -34.50 13.47
C GLY AA 306 -0.27 -33.96 13.69
N LYS AA 307 -0.38 -32.64 13.87
CA LYS AA 307 -1.67 -31.95 13.95
C LYS AA 307 -2.38 -32.02 12.60
N TYR AA 308 -3.70 -32.22 12.63
CA TYR AA 308 -4.63 -31.99 11.50
C TYR AA 308 -4.15 -32.59 10.17
N THR AA 309 -3.62 -33.79 10.19
CA THR AA 309 -3.18 -34.55 9.00
C THR AA 309 -4.27 -34.79 7.96
N ASN AA 310 -5.54 -34.55 8.30
CA ASN AA 310 -6.66 -34.49 7.37
C ASN AA 310 -6.43 -33.46 6.25
N LEU AA 311 -5.75 -32.35 6.57
CA LEU AA 311 -5.43 -31.23 5.68
C LEU AA 311 -4.12 -31.54 4.92
N LYS AA 312 -4.17 -32.51 4.04
CA LYS AA 312 -2.97 -33.17 3.46
C LYS AA 312 -2.04 -32.24 2.66
N ASP AA 313 -2.54 -31.17 2.06
CA ASP AA 313 -1.69 -30.13 1.44
C ASP AA 313 -0.81 -29.38 2.47
N SER AA 314 -1.20 -29.36 3.73
CA SER AA 314 -0.43 -28.70 4.79
C SER AA 314 0.91 -29.39 5.09
N TYR AA 315 1.11 -30.62 4.59
CA TYR AA 315 2.35 -31.38 4.68
C TYR AA 315 2.95 -31.69 3.30
N LEU AA 316 2.58 -30.95 2.25
CA LEU AA 316 2.96 -31.31 0.88
C LEU AA 316 4.46 -31.51 0.68
N SER AA 317 5.32 -30.64 1.19
CA SER AA 317 6.76 -30.78 0.97
C SER AA 317 7.31 -32.04 1.59
N VAL AA 318 6.82 -32.39 2.78
CA VAL AA 318 7.20 -33.60 3.48
C VAL AA 318 6.89 -34.83 2.64
N ILE AA 319 5.68 -34.90 2.04
CA ILE AA 319 5.32 -36.01 1.16
C ILE AA 319 6.28 -36.11 -0.01
N LYS AA 320 6.54 -35.01 -0.71
CA LYS AA 320 7.44 -35.02 -1.86
C LYS AA 320 8.87 -35.41 -1.48
N ALA AA 321 9.37 -34.99 -0.32
CA ALA AA 321 10.69 -35.40 0.16
C ALA AA 321 10.78 -36.91 0.44
N LEU AA 322 9.71 -37.52 0.94
CA LEU AA 322 9.63 -38.97 1.08
C LEU AA 322 9.53 -39.68 -0.26
N GLU AA 323 8.82 -39.13 -1.24
CA GLU AA 323 8.74 -39.71 -2.59
C GLU AA 323 10.11 -39.70 -3.29
N HIS AA 324 10.85 -38.59 -3.26
CA HIS AA 324 12.14 -38.50 -3.95
C HIS AA 324 13.12 -39.52 -3.41
N SER AA 325 13.16 -39.68 -2.10
CA SER AA 325 14.01 -40.65 -1.42
C SER AA 325 13.56 -42.09 -1.68
N SER AA 326 12.26 -42.37 -1.68
CA SER AA 326 11.75 -43.72 -1.92
C SER AA 326 12.11 -44.26 -3.31
N MET AA 327 12.21 -43.41 -4.32
CA MET AA 327 12.71 -43.82 -5.64
C MET AA 327 14.21 -44.11 -5.65
N LYS AA 328 15.00 -43.56 -4.72
CA LYS AA 328 16.40 -43.95 -4.61
C LYS AA 328 16.49 -45.36 -4.01
N CYS AA 329 15.72 -45.67 -2.98
CA CYS AA 329 15.63 -46.98 -2.34
C CYS AA 329 14.88 -48.07 -3.15
N ARG AA 330 14.39 -47.75 -4.36
CA ARG AA 330 13.58 -48.64 -5.20
C ARG AA 330 12.31 -49.17 -4.53
N ARG AA 331 11.83 -48.56 -3.45
CA ARG AA 331 10.74 -49.11 -2.62
C ARG AA 331 9.52 -48.23 -2.65
N LYS AA 332 8.34 -48.85 -2.64
CA LYS AA 332 7.05 -48.18 -2.76
C LYS AA 332 6.71 -47.52 -1.45
N LEU AA 333 6.33 -46.24 -1.47
CA LEU AA 333 6.04 -45.47 -0.27
C LEU AA 333 4.57 -45.60 0.13
N ASP AA 334 4.32 -45.87 1.40
CA ASP AA 334 2.98 -45.93 1.96
C ASP AA 334 2.89 -45.09 3.25
N ILE AA 335 2.58 -43.81 3.11
CA ILE AA 335 2.43 -42.92 4.27
C ILE AA 335 1.13 -43.25 4.98
N LYS AA 336 1.20 -43.62 6.26
CA LYS AA 336 0.03 -43.65 7.15
C LYS AA 336 -0.12 -42.28 7.77
N TRP AA 337 -1.28 -41.67 7.60
CA TRP AA 337 -1.61 -40.38 8.20
C TRP AA 337 -2.22 -40.57 9.58
N VAL AA 338 -1.54 -40.10 10.61
CA VAL AA 338 -1.99 -40.17 12.00
C VAL AA 338 -2.28 -38.78 12.53
N GLU AA 339 -3.48 -38.52 13.04
CA GLU AA 339 -3.69 -37.34 13.86
C GLU AA 339 -3.04 -37.55 15.20
N ALA AA 340 -2.07 -36.71 15.56
CA ALA AA 340 -1.32 -36.84 16.78
C ALA AA 340 -2.20 -36.88 18.02
N THR AA 341 -3.25 -36.06 18.08
CA THR AA 341 -4.14 -36.05 19.24
C THR AA 341 -4.92 -37.35 19.45
N ASP AA 342 -5.13 -38.16 18.42
CA ASP AA 342 -5.79 -39.46 18.58
C ASP AA 342 -4.93 -40.51 19.27
N LEU AA 343 -3.63 -40.27 19.45
CA LEU AA 343 -2.76 -41.16 20.22
C LEU AA 343 -2.91 -40.96 21.72
N GLU AA 344 -3.50 -39.85 22.17
CA GLU AA 344 -3.48 -39.47 23.58
C GLU AA 344 -4.27 -40.43 24.50
N PRO AA 345 -3.83 -40.67 25.74
CA PRO AA 345 -4.59 -41.44 26.73
C PRO AA 345 -6.00 -40.91 27.01
N GLU AA 346 -6.24 -39.62 26.80
CA GLU AA 346 -7.58 -39.00 26.90
C GLU AA 346 -8.48 -39.36 25.71
N ALA AA 347 -7.92 -39.55 24.52
CA ALA AA 347 -8.71 -39.88 23.34
C ALA AA 347 -9.41 -41.24 23.49
N GLN AA 348 -8.84 -42.15 24.30
CA GLN AA 348 -9.39 -43.49 24.53
C GLN AA 348 -10.80 -43.50 25.12
N GLU AA 349 -11.14 -42.56 26.01
CA GLU AA 349 -12.54 -42.42 26.47
C GLU AA 349 -13.38 -41.50 25.58
N SER AA 350 -12.75 -40.51 24.94
CA SER AA 350 -13.46 -39.49 24.16
C SER AA 350 -13.94 -40.01 22.81
N ASN AA 351 -13.08 -40.71 22.07
CA ASN AA 351 -13.31 -41.13 20.68
C ASN AA 351 -12.56 -42.44 20.38
N LYS AA 352 -12.88 -43.50 21.13
CA LYS AA 352 -12.10 -44.74 21.20
C LYS AA 352 -11.75 -45.35 19.83
N THR AA 353 -12.68 -45.33 18.88
CA THR AA 353 -12.50 -45.98 17.58
C THR AA 353 -11.32 -45.41 16.81
N LYS AA 354 -11.24 -44.08 16.72
CA LYS AA 354 -10.15 -43.41 16.00
C LYS AA 354 -8.82 -43.55 16.72
N PHE AA 355 -8.84 -43.63 18.06
CA PHE AA 355 -7.66 -43.91 18.86
C PHE AA 355 -7.03 -45.28 18.54
N HIS AA 356 -7.83 -46.33 18.35
CA HIS AA 356 -7.29 -47.61 17.90
C HIS AA 356 -6.76 -47.54 16.47
N GLU AA 357 -7.41 -46.84 15.55
CA GLU AA 357 -6.88 -46.67 14.19
C GLU AA 357 -5.52 -45.97 14.21
N ALA AA 358 -5.38 -44.92 15.01
CA ALA AA 358 -4.13 -44.19 15.15
C ALA AA 358 -3.01 -45.09 15.70
N TRP AA 359 -3.29 -45.84 16.76
CA TRP AA 359 -2.28 -46.72 17.34
C TRP AA 359 -1.94 -47.92 16.47
N ASN AA 360 -2.88 -48.47 15.70
CA ASN AA 360 -2.53 -49.50 14.72
C ASN AA 360 -1.53 -48.97 13.69
N MET AA 361 -1.74 -47.75 13.18
CA MET AA 361 -0.81 -47.16 12.23
C MET AA 361 0.58 -47.02 12.85
N VAL AA 362 0.69 -46.46 14.06
CA VAL AA 362 1.99 -46.30 14.76
C VAL AA 362 2.67 -47.65 14.97
N SER AA 363 1.93 -48.67 15.36
CA SER AA 363 2.43 -50.03 15.59
C SER AA 363 2.83 -50.78 14.34
N THR AA 364 2.20 -50.48 13.20
CA THR AA 364 2.48 -51.12 11.92
C THR AA 364 3.73 -50.56 11.27
N ALA AA 365 3.98 -49.27 11.39
CA ALA AA 365 4.92 -48.57 10.52
C ALA AA 365 6.38 -49.03 10.68
N ASP AA 366 7.10 -49.09 9.56
CA ASP AA 366 8.53 -49.35 9.50
C ASP AA 366 9.38 -48.16 9.87
N GLY AA 367 8.79 -46.96 9.93
CA GLY AA 367 9.44 -45.74 10.37
C GLY AA 367 8.43 -44.76 10.94
N ILE AA 368 8.87 -43.86 11.81
CA ILE AA 368 8.04 -42.80 12.36
C ILE AA 368 8.61 -41.44 11.93
N LEU AA 369 7.73 -40.49 11.68
CA LEU AA 369 8.07 -39.15 11.21
C LEU AA 369 7.19 -38.15 11.91
N ILE AA 370 7.81 -37.24 12.65
CA ILE AA 370 7.12 -36.10 13.26
C ILE AA 370 7.48 -34.87 12.42
N PRO AA 371 6.52 -34.21 11.74
CA PRO AA 371 6.80 -33.48 10.50
C PRO AA 371 7.04 -31.98 10.65
N GLY AA 372 7.16 -31.45 11.87
CA GLY AA 372 7.28 -30.01 12.10
C GLY AA 372 5.94 -29.29 12.05
N GLY AA 373 5.00 -29.75 12.88
CA GLY AA 373 3.66 -29.21 12.97
C GLY AA 373 3.55 -27.75 13.38
N PHE AA 374 2.34 -27.21 13.26
CA PHE AA 374 1.98 -25.84 13.62
C PHE AA 374 1.19 -25.80 14.93
N GLY AA 375 1.65 -25.00 15.90
CA GLY AA 375 1.02 -24.87 17.22
C GLY AA 375 1.17 -26.08 18.15
N VAL AA 376 0.59 -26.00 19.35
CA VAL AA 376 0.88 -26.94 20.45
C VAL AA 376 0.02 -28.20 20.49
N ARG AA 377 -1.20 -28.18 19.92
CA ARG AA 377 -2.27 -29.17 20.16
C ARG AA 377 -1.83 -30.63 20.11
N GLY AA 378 -1.13 -31.04 19.07
CA GLY AA 378 -0.73 -32.44 18.86
C GLY AA 378 0.37 -32.98 19.79
N THR AA 379 1.00 -32.12 20.58
CA THR AA 379 2.27 -32.43 21.26
C THR AA 379 2.19 -33.71 22.08
N GLU AA 380 1.15 -33.91 22.88
CA GLU AA 380 1.10 -35.02 23.83
C GLU AA 380 1.13 -36.38 23.13
N GLY AA 381 0.47 -36.54 22.00
CA GLY AA 381 0.55 -37.76 21.22
C GLY AA 381 1.90 -37.91 20.50
N MET AA 382 2.45 -36.84 19.97
CA MET AA 382 3.76 -36.86 19.31
C MET AA 382 4.88 -37.27 20.27
N VAL AA 383 4.76 -36.99 21.56
CA VAL AA 383 5.68 -37.51 22.58
C VAL AA 383 5.65 -39.04 22.62
N LEU AA 384 4.46 -39.65 22.69
CA LEU AA 384 4.27 -41.09 22.74
C LEU AA 384 4.73 -41.78 21.44
N ALA AA 385 4.58 -41.14 20.28
CA ALA AA 385 5.17 -41.62 19.04
C ALA AA 385 6.71 -41.58 19.04
N ALA AA 386 7.33 -40.56 19.64
CA ALA AA 386 8.78 -40.51 19.76
C ALA AA 386 9.32 -41.57 20.74
N ARG AA 387 8.61 -41.81 21.85
CA ARG AA 387 8.88 -42.86 22.87
C ARG AA 387 8.81 -44.24 22.26
N TRP AA 388 7.80 -44.49 21.45
CA TRP AA 388 7.62 -45.73 20.71
C TRP AA 388 8.81 -46.07 19.82
N ALA AA 389 9.42 -45.09 19.16
CA ALA AA 389 10.60 -45.29 18.33
C ALA AA 389 11.94 -45.18 19.09
N ARG AA 390 12.00 -44.55 20.26
CA ARG AA 390 13.21 -44.55 21.08
C ARG AA 390 13.43 -45.95 21.64
N GLU AA 391 12.39 -46.52 22.25
CA GLU AA 391 12.50 -47.75 23.05
C GLU AA 391 12.63 -48.98 22.17
N ASN AA 392 11.60 -49.27 21.38
CA ASN AA 392 11.65 -50.23 20.29
C ASN AA 392 12.47 -49.60 19.16
N HIS AA 393 13.43 -50.29 18.55
CA HIS AA 393 14.37 -49.69 17.57
C HIS AA 393 13.77 -49.35 16.18
N ILE AA 394 12.62 -48.68 16.12
CA ILE AA 394 11.98 -48.17 14.92
C ILE AA 394 12.77 -46.96 14.37
N PRO AA 395 13.11 -46.88 13.07
CA PRO AA 395 13.65 -45.67 12.47
C PRO AA 395 12.75 -44.44 12.65
N PHE AA 396 13.36 -43.28 12.88
CA PHE AA 396 12.66 -42.04 13.20
C PHE AA 396 13.31 -40.82 12.56
N LEU AA 397 12.49 -39.86 12.13
CA LEU AA 397 12.95 -38.49 11.85
C LEU AA 397 12.02 -37.48 12.50
N GLY AA 398 12.58 -36.54 13.25
CA GLY AA 398 11.85 -35.40 13.76
C GLY AA 398 12.27 -34.14 13.03
N VAL AA 399 11.32 -33.40 12.49
CA VAL AA 399 11.57 -32.13 11.80
C VAL AA 399 11.04 -30.97 12.61
N CYS AA 400 11.87 -29.98 12.95
CA CYS AA 400 11.51 -28.79 13.72
C CYS AA 400 10.82 -29.11 15.05
N LEU AA 401 9.50 -28.95 15.18
CA LEU AA 401 8.75 -29.43 16.35
C LEU AA 401 9.02 -30.91 16.64
N GLY AA 402 9.41 -31.70 15.66
CA GLY AA 402 9.85 -33.07 15.87
C GLY AA 402 11.16 -33.18 16.63
N LEU AA 403 12.15 -32.31 16.40
CA LEU AA 403 13.35 -32.28 17.26
C LEU AA 403 12.98 -31.83 18.66
N GLN AA 404 12.14 -30.80 18.75
CA GLN AA 404 11.62 -30.31 20.01
C GLN AA 404 10.99 -31.46 20.79
N ILE AA 405 10.17 -32.29 20.14
CA ILE AA 405 9.50 -33.44 20.77
C ILE AA 405 10.40 -34.64 20.96
N ALA AA 406 11.39 -34.89 20.12
CA ALA AA 406 12.44 -35.86 20.41
C ALA AA 406 13.20 -35.49 21.68
N THR AA 407 13.45 -34.20 21.92
CA THR AA 407 14.16 -33.74 23.11
C THR AA 407 13.25 -33.71 24.34
N ILE AA 408 12.01 -33.24 24.23
CA ILE AA 408 11.03 -33.35 25.30
C ILE AA 408 10.84 -34.79 25.70
N GLU AA 409 10.74 -35.75 24.76
CA GLU AA 409 10.54 -37.16 25.13
C GLU AA 409 11.77 -37.73 25.83
N PHE AA 410 12.96 -37.57 25.24
CA PHE AA 410 14.18 -38.07 25.85
C PHE AA 410 14.40 -37.46 27.25
N THR AA 411 14.07 -36.19 27.46
CA THR AA 411 14.01 -35.59 28.78
C THR AA 411 12.98 -36.28 29.67
N ARG AA 412 11.73 -36.39 29.22
CA ARG AA 412 10.55 -36.91 29.96
C ARG AA 412 10.63 -38.41 30.28
N SER AA 413 11.56 -39.17 29.71
CA SER AA 413 11.65 -40.63 29.87
C SER AA 413 13.03 -41.16 30.21
N VAL AA 414 14.10 -40.52 29.75
CA VAL AA 414 15.48 -40.94 30.04
C VAL AA 414 16.05 -40.19 31.25
N LEU AA 415 15.77 -38.89 31.39
CA LEU AA 415 16.18 -38.09 32.56
C LEU AA 415 15.14 -38.07 33.70
N GLY AA 416 14.04 -38.80 33.58
CA GLY AA 416 12.86 -38.60 34.43
C GLY AA 416 12.12 -37.31 34.05
N ARG AA 417 12.20 -36.27 34.90
CA ARG AA 417 11.74 -34.88 34.63
C ARG AA 417 10.34 -34.79 33.97
N LYS AA 418 9.36 -35.52 34.50
CA LYS AA 418 8.03 -35.72 33.89
C LYS AA 418 7.21 -34.44 33.66
N ASP AA 419 7.53 -33.36 34.38
CA ASP AA 419 6.92 -32.03 34.22
C ASP AA 419 7.40 -31.23 33.00
N SER AA 420 8.49 -31.65 32.33
CA SER AA 420 9.10 -30.85 31.25
C SER AA 420 8.22 -30.74 30.00
N HIS AA 421 8.29 -29.61 29.31
CA HIS AA 421 7.36 -29.20 28.26
C HIS AA 421 8.03 -28.16 27.35
N SER AA 422 7.44 -27.88 26.19
CA SER AA 422 7.85 -26.76 25.34
C SER AA 422 7.79 -25.41 26.07
N ALA AA 423 8.64 -24.44 25.67
CA ALA AA 423 8.57 -23.07 26.15
C ALA AA 423 7.20 -22.39 25.90
N GLU AA 424 6.39 -22.96 25.02
CA GLU AA 424 5.00 -22.57 24.82
C GLU AA 424 4.16 -22.56 26.13
N PHE AA 425 4.40 -23.50 27.06
CA PHE AA 425 3.80 -23.50 28.41
C PHE AA 425 4.59 -22.57 29.34
N TYR AA 426 4.60 -21.29 28.97
CA TYR AA 426 5.44 -20.25 29.54
C TYR AA 426 5.46 -20.18 31.09
N PRO AA 427 4.31 -20.17 31.81
CA PRO AA 427 4.30 -19.89 33.25
C PRO AA 427 4.82 -21.03 34.15
N ASP AA 428 5.19 -22.20 33.60
CA ASP AA 428 5.90 -23.23 34.37
C ASP AA 428 7.37 -22.84 34.66
N ILE AA 429 7.97 -21.98 33.83
CA ILE AA 429 9.32 -21.40 33.96
C ILE AA 429 10.44 -22.45 34.11
N ASP AA 430 10.63 -23.03 35.29
CA ASP AA 430 11.80 -23.84 35.66
C ASP AA 430 11.96 -25.11 34.79
N GLU AA 431 10.86 -25.66 34.27
CA GLU AA 431 10.82 -26.92 33.51
C GLU AA 431 10.63 -26.75 31.98
N LYS AA 432 10.73 -25.51 31.48
CA LYS AA 432 10.71 -25.23 30.03
C LYS AA 432 11.92 -25.90 29.37
N ASN AA 433 11.66 -26.77 28.39
CA ASN AA 433 12.68 -27.51 27.64
C ASN AA 433 13.39 -26.66 26.57
N HIS AA 434 12.88 -25.47 26.28
CA HIS AA 434 13.30 -24.60 25.17
C HIS AA 434 13.51 -23.14 25.61
N VAL AA 435 14.13 -22.32 24.77
CA VAL AA 435 14.34 -20.89 24.96
C VAL AA 435 13.99 -20.13 23.68
N VAL AA 436 13.43 -18.93 23.82
CA VAL AA 436 13.16 -18.00 22.73
C VAL AA 436 14.45 -17.57 22.04
N VAL AA 437 14.41 -17.48 20.71
CA VAL AA 437 15.50 -16.97 19.88
C VAL AA 437 14.92 -16.32 18.61
N PHE AA 438 14.43 -15.08 18.72
CA PHE AA 438 13.75 -14.36 17.63
C PHE AA 438 14.69 -13.83 16.53
N MET AA 439 15.99 -13.63 16.81
CA MET AA 439 16.96 -12.95 15.94
C MET AA 439 16.43 -11.64 15.32
N MET AA 440 11.70 -14.46 14.14
CA MET AA 440 11.85 -15.83 13.67
C MET AA 440 13.17 -16.03 12.90
N ARG AA 441 13.88 -17.13 13.16
CA ARG AA 441 15.03 -17.56 12.34
C ARG AA 441 14.49 -18.16 11.04
N LEU AA 442 14.94 -17.64 9.90
CA LEU AA 442 14.43 -17.97 8.56
C LEU AA 442 15.56 -18.16 7.54
N GLY AA 443 15.23 -18.74 6.39
CA GLY AA 443 16.10 -18.80 5.21
C GLY AA 443 17.28 -19.74 5.34
N LEU AA 444 18.09 -19.79 4.29
CA LEU AA 444 19.25 -20.67 4.19
C LEU AA 444 20.32 -20.19 5.17
N ARG AA 445 20.58 -20.99 6.19
CA ARG AA 445 21.70 -20.81 7.12
C ARG AA 445 22.59 -22.07 7.14
N PRO AA 446 23.90 -21.97 7.40
CA PRO AA 446 24.77 -23.14 7.51
C PRO AA 446 24.46 -23.98 8.77
N THR AA 447 24.98 -25.20 8.82
CA THR AA 447 25.11 -26.01 10.04
C THR AA 447 26.36 -26.86 9.96
N PHE AA 448 27.11 -26.95 11.04
CA PHE AA 448 28.45 -27.53 11.10
C PHE AA 448 28.45 -28.76 12.00
N PHE AA 449 29.02 -29.86 11.54
CA PHE AA 449 29.10 -31.08 12.34
C PHE AA 449 30.07 -30.91 13.51
N GLN AA 450 29.77 -31.48 14.67
CA GLN AA 450 30.69 -31.47 15.82
C GLN AA 450 31.87 -32.42 15.54
N ASN AA 451 33.10 -31.95 15.67
CA ASN AA 451 34.26 -32.53 14.96
C ASN AA 451 34.66 -33.98 15.33
N GLU AA 452 34.11 -34.55 16.42
CA GLU AA 452 34.39 -35.90 16.92
C GLU AA 452 33.39 -36.96 16.38
N THR AA 453 32.23 -36.56 15.84
CA THR AA 453 31.08 -37.45 15.63
C THR AA 453 31.19 -38.33 14.37
N GLU AA 454 32.33 -38.98 14.16
CA GLU AA 454 32.62 -39.85 13.01
C GLU AA 454 31.73 -41.09 12.93
N TRP AA 455 31.12 -41.50 14.05
CA TRP AA 455 30.20 -42.62 14.15
C TRP AA 455 28.83 -42.37 13.49
N SER AA 456 28.44 -41.11 13.34
CA SER AA 456 27.08 -40.67 12.99
C SER AA 456 26.57 -41.26 11.68
N GLN AA 457 25.34 -41.77 11.68
CA GLN AA 457 24.68 -42.23 10.46
C GLN AA 457 24.33 -41.04 9.56
N ILE AA 458 23.83 -39.94 10.12
CA ILE AA 458 23.41 -38.80 9.30
C ILE AA 458 24.61 -38.09 8.66
N LYS AA 459 25.70 -37.81 9.38
CA LYS AA 459 26.86 -37.15 8.75
C LYS AA 459 27.60 -38.04 7.75
N LYS AA 460 27.35 -39.36 7.76
CA LYS AA 460 27.77 -40.24 6.67
C LYS AA 460 26.93 -40.02 5.42
N LEU AA 461 25.60 -39.90 5.51
CA LEU AA 461 24.73 -39.61 4.35
C LEU AA 461 25.10 -38.29 3.65
N TYR AA 462 25.49 -37.26 4.39
CA TYR AA 462 26.03 -36.00 3.83
C TYR AA 462 27.43 -36.12 3.19
N GLY AA 463 27.97 -37.33 3.01
CA GLY AA 463 29.20 -37.57 2.23
C GLY AA 463 30.50 -37.19 2.94
N ASP AA 464 30.47 -37.10 4.28
CA ASP AA 464 31.59 -36.61 5.09
C ASP AA 464 32.00 -35.13 4.83
N VAL AA 465 31.13 -34.35 4.19
CA VAL AA 465 31.34 -32.90 4.02
C VAL AA 465 31.30 -32.18 5.37
N SER AA 466 32.10 -31.15 5.55
CA SER AA 466 32.29 -30.42 6.82
C SER AA 466 31.06 -29.63 7.31
N GLU AA 467 30.19 -29.18 6.41
CA GLU AA 467 29.00 -28.42 6.74
C GLU AA 467 27.89 -28.61 5.70
N VAL AA 468 26.68 -28.24 6.08
CA VAL AA 468 25.45 -28.31 5.27
C VAL AA 468 24.75 -26.94 5.26
N HIS AA 469 23.86 -26.67 4.32
CA HIS AA 469 23.07 -25.43 4.31
C HIS AA 469 21.58 -25.72 4.15
N GLU AA 470 20.72 -25.14 4.98
CA GLU AA 470 19.33 -25.59 5.14
C GLU AA 470 18.34 -24.46 5.48
N ARG AA 471 17.05 -24.65 5.21
CA ARG AA 471 15.99 -23.69 5.53
C ARG AA 471 15.44 -23.85 6.96
N HIS AA 472 15.09 -22.75 7.61
CA HIS AA 472 14.61 -22.72 9.00
C HIS AA 472 13.30 -21.93 9.09
N ARG AA 473 12.48 -22.13 10.14
CA ARG AA 473 11.25 -21.36 10.43
C ARG AA 473 10.90 -21.29 11.93
N HIS AA 474 11.88 -21.26 12.83
CA HIS AA 474 11.68 -21.50 14.27
C HIS AA 474 11.87 -20.24 15.15
N ARG AA 475 11.04 -20.10 16.18
CA ARG AA 475 11.16 -19.09 17.26
C ARG AA 475 11.70 -19.65 18.58
N TYR AA 476 11.76 -20.97 18.73
CA TYR AA 476 12.27 -21.68 19.90
C TYR AA 476 13.47 -22.58 19.55
N GLU AA 477 14.41 -22.74 20.47
CA GLU AA 477 15.48 -23.73 20.40
C GLU AA 477 15.63 -24.45 21.74
N ILE AA 478 16.24 -25.63 21.78
CA ILE AA 478 16.46 -26.38 23.03
C ILE AA 478 17.36 -25.56 23.95
N ASN AA 479 17.01 -25.48 25.24
CA ASN AA 479 17.69 -24.60 26.20
C ASN AA 479 19.17 -25.04 26.36
N PRO AA 480 20.18 -24.22 26.00
CA PRO AA 480 21.58 -24.60 26.02
C PRO AA 480 22.07 -25.13 27.37
N LYS AA 481 21.46 -24.64 28.46
CA LYS AA 481 21.75 -25.07 29.84
C LYS AA 481 21.63 -26.60 30.01
N MET AA 482 20.68 -27.22 29.33
CA MET AA 482 20.41 -28.66 29.42
C MET AA 482 21.27 -29.50 28.49
N VAL AA 483 21.86 -28.93 27.44
CA VAL AA 483 22.42 -29.72 26.32
C VAL AA 483 23.58 -30.61 26.75
N ASP AA 484 24.39 -30.22 27.74
CA ASP AA 484 25.44 -31.11 28.26
C ASP AA 484 24.85 -32.39 28.88
N GLU AA 485 23.71 -32.29 29.56
CA GLU AA 485 23.04 -33.42 30.20
C GLU AA 485 22.52 -34.39 29.14
N LEU AA 486 21.92 -33.87 28.07
CA LEU AA 486 21.46 -34.64 26.93
C LEU AA 486 22.63 -35.28 26.14
N GLU AA 487 23.71 -34.54 25.89
CA GLU AA 487 24.91 -35.10 25.25
C GLU AA 487 25.55 -36.21 26.08
N ASN AA 488 25.66 -36.04 27.40
CA ASN AA 488 26.21 -37.03 28.33
C ASN AA 488 25.34 -38.29 28.44
N ASN AA 489 24.01 -38.16 28.34
CA ASN AA 489 23.08 -39.29 28.34
C ASN AA 489 22.93 -39.97 26.96
N GLY AA 490 23.44 -39.39 25.89
CA GLY AA 490 23.55 -40.04 24.57
C GLY AA 490 22.71 -39.43 23.45
N LEU AA 491 21.89 -38.42 23.73
CA LEU AA 491 21.15 -37.65 22.73
C LEU AA 491 22.09 -36.62 22.07
N ILE AA 492 23.13 -37.10 21.38
CA ILE AA 492 24.25 -36.28 20.94
C ILE AA 492 23.82 -35.29 19.86
N PHE AA 493 24.00 -33.99 20.08
CA PHE AA 493 23.72 -32.95 19.10
C PHE AA 493 24.82 -32.87 18.03
N VAL AA 494 24.75 -33.75 17.04
CA VAL AA 494 25.80 -33.92 16.02
C VAL AA 494 26.00 -32.73 15.08
N GLY AA 495 25.13 -31.73 15.08
CA GLY AA 495 25.28 -30.50 14.32
C GLY AA 495 24.79 -29.27 15.05
N LYS AA 496 25.55 -28.19 14.97
CA LYS AA 496 25.21 -26.88 15.56
C LYS AA 496 25.51 -25.77 14.58
N ASP AA 497 25.11 -24.57 14.92
CA ASP AA 497 25.29 -23.37 14.12
C ASP AA 497 26.75 -22.84 14.16
N ASP AA 498 26.97 -21.74 13.47
CA ASP AA 498 28.23 -20.99 13.47
C ASP AA 498 28.75 -20.65 14.88
N THR AA 499 27.88 -20.22 15.81
CA THR AA 499 28.28 -19.87 17.19
C THR AA 499 28.51 -21.09 18.08
N GLY AA 500 27.91 -22.24 17.76
CA GLY AA 500 27.88 -23.42 18.62
C GLY AA 500 26.87 -23.34 19.77
N LYS AA 501 26.06 -22.28 19.83
CA LYS AA 501 25.03 -22.11 20.86
C LYS AA 501 23.71 -22.79 20.49
N ARG AA 502 23.42 -22.99 19.19
CA ARG AA 502 22.11 -23.41 18.68
C ARG AA 502 22.07 -24.89 18.30
N CYS AA 503 21.02 -25.59 18.71
CA CYS AA 503 20.78 -27.02 18.48
C CYS AA 503 20.20 -27.29 17.08
N GLU AA 504 20.99 -27.66 16.08
CA GLU AA 504 20.52 -27.79 14.70
C GLU AA 504 20.20 -29.23 14.27
N ILE AA 505 20.93 -30.23 14.77
CA ILE AA 505 20.68 -31.67 14.53
C ILE AA 505 20.86 -32.44 15.83
N LEU AA 506 20.10 -33.50 16.09
CA LEU AA 506 20.47 -34.53 17.05
C LEU AA 506 20.47 -35.92 16.44
N GLU AA 507 21.33 -36.80 16.94
CA GLU AA 507 21.28 -38.24 16.71
C GLU AA 507 21.43 -38.94 18.05
N LEU AA 508 20.55 -39.89 18.34
CA LEU AA 508 20.68 -40.72 19.53
C LEU AA 508 21.75 -41.78 19.29
N LYS AA 509 22.83 -41.75 20.08
CA LYS AA 509 23.95 -42.69 20.01
C LYS AA 509 23.48 -44.14 20.15
N ASN AA 510 23.95 -45.03 19.27
CA ASN AA 510 23.65 -46.46 19.27
C ASN AA 510 22.14 -46.78 19.18
N HIS AA 511 21.47 -46.21 18.18
CA HIS AA 511 20.14 -46.59 17.70
C HIS AA 511 20.20 -46.72 16.16
N PRO AA 512 19.49 -47.65 15.50
CA PRO AA 512 19.61 -47.86 14.06
C PRO AA 512 19.39 -46.65 13.17
N TYR AA 513 18.46 -45.76 13.51
CA TYR AA 513 18.27 -44.46 12.86
C TYR AA 513 17.29 -43.60 13.67
N TYR AA 514 17.78 -42.73 14.54
CA TYR AA 514 16.94 -41.81 15.30
C TYR AA 514 17.54 -40.43 15.22
N ILE AA 515 17.03 -39.65 14.29
CA ILE AA 515 17.52 -38.34 13.92
C ILE AA 515 16.44 -37.33 14.23
N ALA AA 516 16.83 -36.12 14.59
CA ALA AA 516 15.97 -34.98 14.36
C ALA AA 516 16.77 -33.79 13.85
N THR AA 517 16.10 -32.87 13.15
CA THR AA 517 16.65 -31.63 12.61
C THR AA 517 15.80 -30.45 13.07
N GLN AA 518 16.40 -29.36 13.51
CA GLN AA 518 15.64 -28.15 13.82
C GLN AA 518 15.17 -27.46 12.54
N TYR AA 519 15.96 -27.52 11.48
CA TYR AA 519 15.58 -27.10 10.14
C TYR AA 519 14.52 -28.02 9.52
N HIS AA 520 13.93 -27.55 8.43
CA HIS AA 520 13.01 -28.26 7.55
C HIS AA 520 13.72 -28.77 6.29
N PRO AA 521 14.26 -30.00 6.26
CA PRO AA 521 15.01 -30.52 5.11
C PRO AA 521 14.18 -30.78 3.85
N GLU AA 522 12.87 -30.94 3.98
CA GLU AA 522 11.94 -31.10 2.87
C GLU AA 522 11.86 -29.87 1.96
N TYR AA 523 12.33 -28.71 2.41
CA TYR AA 523 12.44 -27.52 1.56
C TYR AA 523 13.72 -27.49 0.73
N THR AA 524 14.54 -28.54 0.72
CA THR AA 524 15.63 -28.68 -0.26
C THR AA 524 15.74 -30.07 -0.90
N SER AA 525 14.76 -30.95 -0.68
CA SER AA 525 14.68 -32.21 -1.41
C SER AA 525 14.42 -31.99 -2.89
N LYS AA 526 15.20 -32.63 -3.77
CA LYS AA 526 15.04 -32.59 -5.24
C LYS AA 526 14.92 -34.01 -5.79
N VAL AA 527 14.29 -34.19 -6.95
CA VAL AA 527 13.95 -35.52 -7.46
C VAL AA 527 15.20 -36.35 -7.81
N LEU AA 528 16.30 -35.73 -8.26
CA LEU AA 528 17.56 -36.44 -8.51
C LEU AA 528 18.55 -36.41 -7.33
N ASP AA 529 18.35 -35.52 -6.36
CA ASP AA 529 19.16 -35.36 -5.15
C ASP AA 529 18.26 -35.28 -3.91
N PRO AA 530 17.86 -36.42 -3.31
CA PRO AA 530 16.91 -36.42 -2.21
C PRO AA 530 17.49 -35.84 -0.93
N SER AA 531 16.70 -35.17 -0.10
CA SER AA 531 17.23 -34.54 1.12
C SER AA 531 17.68 -35.60 2.11
N LYS AA 532 18.94 -35.54 2.54
CA LYS AA 532 19.60 -36.62 3.27
C LYS AA 532 18.89 -37.12 4.55
N PRO AA 533 18.31 -36.28 5.43
CA PRO AA 533 17.59 -36.77 6.60
C PRO AA 533 16.38 -37.64 6.26
N PHE AA 534 15.70 -37.34 5.14
CA PHE AA 534 14.59 -38.17 4.64
C PHE AA 534 15.08 -39.40 3.91
N LEU AA 535 16.20 -39.35 3.20
CA LEU AA 535 16.77 -40.55 2.60
C LEU AA 535 17.13 -41.59 3.66
N GLY AA 536 17.76 -41.15 4.75
CA GLY AA 536 18.07 -42.04 5.88
C GLY AA 536 16.84 -42.67 6.52
N LEU AA 537 15.75 -41.91 6.71
CA LEU AA 537 14.51 -42.44 7.25
C LEU AA 537 13.93 -43.55 6.36
N VAL AA 538 13.86 -43.35 5.05
CA VAL AA 538 13.34 -44.39 4.17
C VAL AA 538 14.31 -45.56 4.14
N ALA AA 539 15.60 -45.32 3.93
CA ALA AA 539 16.58 -46.40 3.82
C ALA AA 539 16.65 -47.27 5.08
N ALA AA 540 16.58 -46.70 6.27
CA ALA AA 540 16.53 -47.46 7.50
C ALA AA 540 15.18 -48.17 7.69
N SER AA 541 14.07 -47.59 7.26
CA SER AA 541 12.77 -48.27 7.25
C SER AA 541 12.78 -49.48 6.33
N ALA AA 542 13.49 -49.40 5.20
CA ALA AA 542 13.79 -50.51 4.30
C ALA AA 542 14.86 -51.48 4.82
N GLY AA 543 15.54 -51.15 5.91
CA GLY AA 543 16.62 -51.96 6.48
C GLY AA 543 17.87 -52.03 5.62
N ILE AA 544 18.09 -51.03 4.76
CA ILE AA 544 19.14 -50.97 3.75
C ILE AA 544 20.12 -49.80 3.92
N LEU AA 545 20.02 -49.06 5.02
CA LEU AA 545 20.73 -47.79 5.28
C LEU AA 545 22.23 -47.89 5.01
N GLN AA 546 22.87 -48.95 5.48
CA GLN AA 546 24.31 -49.17 5.27
C GLN AA 546 24.67 -49.10 3.77
N ASP AA 547 23.90 -49.76 2.93
CA ASP AA 547 24.21 -49.97 1.53
C ASP AA 547 23.92 -48.72 0.68
N VAL AA 548 22.94 -47.91 1.11
CA VAL AA 548 22.70 -46.57 0.57
C VAL AA 548 23.86 -45.64 0.87
N ILE AA 549 24.43 -45.69 2.09
CA ILE AA 549 25.61 -44.90 2.45
C ILE AA 549 26.82 -45.37 1.67
N GLU AA 550 27.00 -46.68 1.53
CA GLU AA 550 28.10 -47.30 0.77
C GLU AA 550 27.98 -47.09 -0.76
N GLY AA 551 26.81 -46.75 -1.27
CA GLY AA 551 26.61 -46.30 -2.65
C GLY AA 551 25.93 -47.28 -3.60
N LYS AA 552 25.24 -48.32 -3.10
CA LYS AA 552 24.53 -49.34 -3.90
C LYS AA 552 23.28 -48.83 -4.65
N TYR AA 553 23.00 -47.53 -4.60
CA TYR AA 553 21.75 -46.93 -5.12
C TYR AA 553 21.92 -45.55 -5.78
N ASP AA 554 23.14 -45.06 -6.04
CA ASP AA 554 23.34 -43.91 -6.92
C ASP AA 554 22.91 -44.21 -8.37
N LEU AA 555 22.45 -43.18 -9.09
CA LEU AA 555 21.73 -43.32 -10.37
C LEU AA 555 22.60 -43.73 -11.57
N GLU AA 556 23.84 -43.27 -11.62
CA GLU AA 556 24.83 -43.60 -12.67
C GLU AA 556 26.14 -44.07 -12.01
N ALA AA 557 26.81 -45.07 -12.59
CA ALA AA 557 28.03 -45.66 -12.03
C ALA AA 557 29.17 -44.64 -11.88
N MET BA 1 -52.91 -18.12 -20.32
CA MET BA 1 -52.08 -19.33 -20.32
C MET BA 1 -50.79 -19.13 -19.51
N LYS BA 2 -50.17 -20.19 -19.02
CA LYS BA 2 -48.85 -20.20 -18.37
C LYS BA 2 -47.85 -21.03 -19.19
N TYR BA 3 -46.55 -20.80 -19.04
CA TYR BA 3 -45.49 -21.48 -19.80
C TYR BA 3 -44.24 -21.72 -18.94
N VAL BA 4 -43.51 -22.82 -19.17
CA VAL BA 4 -42.27 -23.13 -18.46
C VAL BA 4 -41.20 -23.51 -19.46
N VAL BA 5 -40.16 -22.72 -19.65
CA VAL BA 5 -39.00 -23.14 -20.43
C VAL BA 5 -38.12 -24.08 -19.61
N VAL BA 6 -37.60 -25.12 -20.23
CA VAL BA 6 -36.46 -25.90 -19.77
C VAL BA 6 -35.36 -25.78 -20.80
N SER BA 7 -34.16 -25.38 -20.39
CA SER BA 7 -33.06 -25.06 -21.32
C SER BA 7 -31.70 -25.32 -20.69
N GLY BA 8 -30.61 -25.11 -21.43
CA GLY BA 8 -29.33 -24.74 -20.79
C GLY BA 8 -28.14 -25.67 -20.83
N GLY BA 9 -27.13 -25.29 -20.05
CA GLY BA 9 -25.93 -26.08 -19.73
C GLY BA 9 -24.67 -25.70 -20.51
N VAL BA 10 -23.50 -26.20 -20.09
CA VAL BA 10 -22.25 -26.19 -20.88
C VAL BA 10 -22.06 -27.41 -21.80
N ILE BA 11 -22.97 -28.38 -21.77
CA ILE BA 11 -22.90 -29.62 -22.54
C ILE BA 11 -24.29 -30.02 -23.02
N SER BA 12 -24.39 -30.60 -24.20
CA SER BA 12 -25.57 -31.37 -24.60
C SER BA 12 -25.57 -32.73 -23.88
N GLY BA 13 -26.73 -33.28 -23.55
CA GLY BA 13 -26.84 -34.56 -22.83
C GLY BA 13 -26.90 -34.44 -21.29
N ILE BA 14 -27.08 -33.23 -20.77
CA ILE BA 14 -27.07 -32.91 -19.34
C ILE BA 14 -28.26 -33.45 -18.53
N GLY BA 15 -29.42 -33.68 -19.13
CA GLY BA 15 -30.61 -34.20 -18.44
C GLY BA 15 -31.96 -33.50 -18.69
N LYS BA 16 -32.08 -32.64 -19.70
CA LYS BA 16 -33.29 -31.78 -19.88
C LYS BA 16 -34.62 -32.55 -19.86
N GLY BA 17 -34.87 -33.45 -20.81
CA GLY BA 17 -36.18 -34.17 -20.94
C GLY BA 17 -36.75 -34.72 -19.64
N VAL BA 18 -35.95 -35.32 -18.75
CA VAL BA 18 -36.41 -35.90 -17.45
C VAL BA 18 -36.77 -34.72 -16.53
N LEU BA 19 -36.10 -33.58 -16.65
CA LEU BA 19 -36.43 -32.36 -15.85
C LEU BA 19 -37.64 -31.69 -16.51
N ALA BA 20 -37.90 -31.96 -17.79
CA ALA BA 20 -38.99 -31.31 -18.56
C ALA BA 20 -40.31 -32.06 -18.32
N SER BA 21 -40.48 -33.25 -18.90
CA SER BA 21 -41.77 -33.97 -18.78
C SER BA 21 -41.96 -34.25 -17.30
N SER BA 22 -40.92 -34.66 -16.59
CA SER BA 22 -41.06 -34.75 -15.10
C SER BA 22 -41.65 -33.51 -14.40
N THR BA 23 -41.30 -32.30 -14.82
CA THR BA 23 -41.88 -31.04 -14.29
C THR BA 23 -43.32 -30.99 -14.76
N GLY BA 24 -43.61 -31.44 -15.99
CA GLY BA 24 -44.96 -31.44 -16.58
C GLY BA 24 -45.86 -32.49 -15.95
N MET BA 25 -45.30 -33.59 -15.43
CA MET BA 25 -46.07 -34.67 -14.76
C MET BA 25 -46.57 -34.09 -13.44
N LEU BA 26 -45.80 -33.19 -12.82
CA LEU BA 26 -46.17 -32.56 -11.53
C LEU BA 26 -47.14 -31.42 -11.78
N MET BA 27 -47.08 -30.78 -12.95
CA MET BA 27 -48.15 -29.80 -13.22
C MET BA 27 -49.51 -30.49 -13.22
N LYS BA 28 -49.60 -31.71 -13.78
CA LYS BA 28 -50.80 -32.55 -13.72
C LYS BA 28 -51.20 -32.99 -12.32
N THR BA 29 -50.28 -33.11 -11.38
CA THR BA 29 -50.62 -33.37 -9.96
C THR BA 29 -51.50 -32.27 -9.39
N LEU BA 30 -51.32 -31.03 -9.84
CA LEU BA 30 -52.15 -29.88 -9.45
C LEU BA 30 -53.54 -29.89 -10.11
N GLY BA 31 -53.84 -30.88 -10.97
CA GLY BA 31 -55.07 -30.99 -11.76
C GLY BA 31 -55.02 -30.29 -13.13
N LEU BA 32 -53.94 -29.58 -13.45
CA LEU BA 32 -53.83 -28.75 -14.65
C LEU BA 32 -53.94 -29.56 -15.94
N LYS BA 33 -54.52 -28.94 -16.97
CA LYS BA 33 -54.39 -29.42 -18.35
C LYS BA 33 -52.97 -29.09 -18.82
N VAL BA 34 -52.21 -30.02 -19.39
CA VAL BA 34 -50.78 -29.80 -19.67
C VAL BA 34 -50.39 -30.24 -21.06
N THR BA 35 -49.42 -29.55 -21.64
CA THR BA 35 -48.88 -29.80 -22.98
C THR BA 35 -47.38 -29.60 -22.99
N SER BA 36 -46.72 -29.97 -24.06
CA SER BA 36 -45.28 -29.86 -24.18
C SER BA 36 -44.83 -29.61 -25.60
N ILE BA 37 -43.82 -28.79 -25.82
CA ILE BA 37 -43.23 -28.53 -27.12
C ILE BA 37 -41.73 -28.79 -27.03
N LYS BA 38 -41.14 -29.56 -27.94
CA LYS BA 38 -39.68 -29.69 -28.00
C LYS BA 38 -39.14 -28.93 -29.18
N ILE BA 39 -38.31 -27.94 -28.89
CA ILE BA 39 -37.62 -27.12 -29.85
C ILE BA 39 -36.28 -27.79 -30.15
N ASP BA 40 -36.08 -28.26 -31.35
CA ASP BA 40 -34.86 -28.91 -31.76
C ASP BA 40 -33.99 -28.01 -32.63
N PRO BA 41 -32.71 -27.80 -32.31
CA PRO BA 41 -31.85 -26.98 -33.13
C PRO BA 41 -31.40 -27.61 -34.44
N TYR BA 42 -31.60 -28.92 -34.67
CA TYR BA 42 -31.20 -29.58 -35.91
C TYR BA 42 -32.05 -29.17 -37.12
N MET BA 43 -31.50 -29.32 -38.32
CA MET BA 43 -32.11 -28.86 -39.57
C MET BA 43 -32.98 -29.89 -40.31
N ASN BA 44 -33.16 -31.12 -39.86
CA ASN BA 44 -34.18 -32.00 -40.42
C ASN BA 44 -35.60 -31.48 -40.13
N ILE BA 45 -36.49 -31.47 -41.11
CA ILE BA 45 -37.90 -31.11 -40.87
C ILE BA 45 -38.65 -32.18 -40.07
N ASP BA 46 -38.30 -33.46 -40.25
CA ASP BA 46 -38.88 -34.59 -39.54
C ASP BA 46 -37.92 -35.78 -39.51
N ALA BA 47 -38.18 -36.78 -38.67
CA ALA BA 47 -37.38 -37.98 -38.58
C ALA BA 47 -37.61 -38.97 -39.74
N GLY BA 48 -38.48 -38.66 -40.70
CA GLY BA 48 -38.79 -39.54 -41.82
C GLY BA 48 -37.60 -39.80 -42.74
N THR BA 49 -36.66 -38.86 -42.83
CA THR BA 49 -35.39 -39.07 -43.55
C THR BA 49 -34.30 -39.70 -42.66
N MET BA 50 -34.41 -39.61 -41.34
CA MET BA 50 -33.35 -39.96 -40.39
C MET BA 50 -33.29 -41.46 -40.14
N SER BA 51 -32.24 -42.15 -40.60
CA SER BA 51 -32.10 -43.60 -40.41
C SER BA 51 -31.97 -43.93 -38.92
N PRO BA 52 -32.59 -45.01 -38.40
CA PRO BA 52 -32.56 -45.34 -36.97
C PRO BA 52 -31.19 -45.60 -36.32
N LEU BA 53 -30.10 -45.54 -37.08
CA LEU BA 53 -28.73 -45.69 -36.61
C LEU BA 53 -28.20 -44.46 -35.84
N GLU BA 54 -28.59 -43.25 -36.24
CA GLU BA 54 -28.23 -42.00 -35.56
C GLU BA 54 -29.46 -41.12 -35.35
N HIS BA 55 -29.51 -40.45 -34.21
CA HIS BA 55 -30.74 -39.87 -33.61
C HIS BA 55 -31.81 -40.90 -33.21
N GLY BA 56 -31.60 -42.19 -33.45
CA GLY BA 56 -32.42 -43.25 -32.90
C GLY BA 56 -33.83 -43.38 -33.51
N GLU BA 57 -34.73 -43.96 -32.73
CA GLU BA 57 -36.02 -44.44 -33.21
C GLU BA 57 -36.96 -43.32 -33.71
N CYS BA 58 -37.53 -43.48 -34.90
CA CYS BA 58 -38.55 -42.59 -35.45
C CYS BA 58 -39.86 -42.76 -34.69
N PHE BA 59 -40.03 -42.09 -33.55
CA PHE BA 59 -41.26 -42.18 -32.77
C PHE BA 59 -42.49 -41.81 -33.60
N VAL BA 60 -43.58 -42.55 -33.45
CA VAL BA 60 -44.78 -42.25 -34.23
C VAL BA 60 -46.09 -41.83 -33.54
N LEU BA 61 -46.57 -40.72 -34.04
CA LEU BA 61 -47.73 -40.01 -33.48
C LEU BA 61 -49.06 -40.72 -33.76
N ASP BA 62 -50.08 -40.30 -33.02
CA ASP BA 62 -51.48 -40.47 -33.39
C ASP BA 62 -51.72 -39.98 -34.83
N ASP BA 63 -51.21 -38.78 -35.17
CA ASP BA 63 -51.25 -38.21 -36.52
C ASP BA 63 -50.24 -38.82 -37.52
N GLY BA 64 -49.47 -39.83 -37.13
CA GLY BA 64 -48.63 -40.62 -38.04
C GLY BA 64 -47.37 -39.95 -38.59
N GLY BA 65 -47.05 -38.74 -38.14
CA GLY BA 65 -45.77 -38.11 -38.45
C GLY BA 65 -44.60 -38.83 -37.77
N GLU BA 66 -43.48 -38.98 -38.46
CA GLU BA 66 -42.25 -39.49 -37.87
C GLU BA 66 -41.49 -38.38 -37.15
N THR BA 67 -41.75 -38.18 -35.86
CA THR BA 67 -41.23 -37.08 -35.03
C THR BA 67 -39.82 -37.31 -34.46
N ASP BA 68 -39.29 -36.28 -33.81
CA ASP BA 68 -38.22 -36.43 -32.83
C ASP BA 68 -38.53 -37.55 -31.82
N LEU BA 69 -37.55 -38.41 -31.52
CA LEU BA 69 -37.71 -39.55 -30.56
C LEU BA 69 -38.12 -39.03 -29.18
N ASP BA 70 -37.56 -37.91 -28.74
CA ASP BA 70 -37.80 -37.40 -27.36
C ASP BA 70 -39.28 -37.10 -27.13
N LEU BA 71 -40.08 -36.80 -28.16
CA LEU BA 71 -41.50 -36.40 -27.91
C LEU BA 71 -42.15 -37.54 -27.11
N GLY BA 72 -41.74 -38.77 -27.36
CA GLY BA 72 -42.34 -39.93 -26.67
C GLY BA 72 -42.25 -39.78 -25.18
N ASN BA 73 -41.13 -39.24 -24.67
CA ASN BA 73 -40.89 -39.13 -23.21
C ASN BA 73 -42.01 -38.26 -22.61
N TYR BA 74 -42.67 -37.40 -23.39
CA TYR BA 74 -43.75 -36.48 -22.91
C TYR BA 74 -45.13 -37.14 -23.03
N GLU BA 75 -45.27 -38.15 -23.85
CA GLU BA 75 -46.59 -38.82 -24.07
C GLU BA 75 -46.70 -39.90 -23.00
N ARG BA 76 -45.58 -40.29 -22.38
CA ARG BA 76 -45.57 -41.28 -21.26
C ARG BA 76 -45.74 -40.48 -19.95
N TYR BA 77 -44.79 -39.59 -19.64
CA TYR BA 77 -44.89 -38.71 -18.42
C TYR BA 77 -46.23 -37.96 -18.21
N LEU BA 78 -46.89 -37.40 -19.24
CA LEU BA 78 -48.09 -36.53 -19.09
C LEU BA 78 -49.37 -37.30 -19.40
N GLY BA 79 -49.33 -38.25 -20.32
CA GLY BA 79 -50.53 -38.91 -20.79
C GLY BA 79 -51.31 -38.02 -21.74
N VAL BA 80 -50.66 -37.61 -22.82
CA VAL BA 80 -51.17 -36.70 -23.86
C VAL BA 80 -50.89 -37.23 -25.26
N THR BA 81 -51.76 -36.94 -26.22
CA THR BA 81 -51.53 -37.16 -27.65
C THR BA 81 -51.04 -35.84 -28.26
N LEU BA 82 -49.75 -35.77 -28.59
CA LEU BA 82 -49.14 -34.62 -29.28
C LEU BA 82 -49.42 -34.69 -30.78
N THR BA 83 -48.89 -33.74 -31.56
CA THR BA 83 -49.08 -33.64 -33.02
C THR BA 83 -47.75 -33.31 -33.71
N LYS BA 84 -47.69 -33.40 -35.04
CA LYS BA 84 -46.47 -33.10 -35.81
C LYS BA 84 -45.94 -31.68 -35.57
N ASP BA 85 -46.81 -30.75 -35.17
CA ASP BA 85 -46.44 -29.36 -34.86
C ASP BA 85 -45.77 -29.18 -33.50
N HIS BA 86 -45.91 -30.09 -32.54
CA HIS BA 86 -45.25 -29.98 -31.22
C HIS BA 86 -43.75 -30.21 -31.25
N ASN BA 87 -43.19 -30.62 -32.38
CA ASN BA 87 -41.76 -30.71 -32.57
C ASN BA 87 -41.30 -29.59 -33.50
N ILE BA 88 -41.02 -28.42 -32.93
CA ILE BA 88 -40.40 -27.32 -33.65
C ILE BA 88 -38.98 -27.74 -34.01
N THR BA 89 -38.51 -27.50 -35.22
CA THR BA 89 -37.10 -27.73 -35.58
C THR BA 89 -36.57 -26.59 -36.41
N THR BA 90 -35.26 -26.39 -36.42
CA THR BA 90 -34.66 -25.31 -37.22
C THR BA 90 -34.98 -25.44 -38.70
N GLY BA 91 -34.99 -26.66 -39.25
CA GLY BA 91 -35.40 -26.87 -40.62
C GLY BA 91 -36.87 -26.61 -40.88
N LYS BA 92 -37.72 -26.87 -39.89
CA LYS BA 92 -39.16 -26.66 -40.01
C LYS BA 92 -39.51 -25.19 -40.03
N ILE BA 93 -38.89 -24.38 -39.17
CA ILE BA 93 -39.21 -22.95 -39.09
C ILE BA 93 -38.54 -22.14 -40.19
N TYR BA 94 -37.31 -22.42 -40.61
CA TYR BA 94 -36.81 -21.76 -41.83
C TYR BA 94 -37.66 -22.09 -43.04
N SER BA 95 -38.17 -23.30 -43.21
CA SER BA 95 -39.07 -23.65 -44.31
C SER BA 95 -40.37 -22.88 -44.27
N HIS BA 96 -40.97 -22.70 -43.10
CA HIS BA 96 -42.25 -22.00 -42.95
C HIS BA 96 -42.14 -20.52 -43.27
N VAL BA 97 -41.11 -19.84 -42.76
CA VAL BA 97 -40.86 -18.43 -43.12
C VAL BA 97 -40.44 -18.28 -44.59
N ILE BA 98 -39.60 -19.15 -45.14
CA ILE BA 98 -39.27 -19.12 -46.57
C ILE BA 98 -40.49 -19.40 -47.44
N ALA BA 99 -41.47 -20.22 -47.03
CA ALA BA 99 -42.70 -20.38 -47.80
C ALA BA 99 -43.48 -19.06 -47.88
N LYS BA 100 -43.68 -18.41 -46.74
CA LYS BA 100 -44.33 -17.10 -46.65
C LYS BA 100 -43.57 -16.01 -47.45
N GLU BA 101 -42.25 -16.09 -47.55
CA GLU BA 101 -41.43 -15.19 -48.39
C GLU BA 101 -41.74 -15.29 -49.87
N ARG BA 102 -41.92 -16.50 -50.42
CA ARG BA 102 -42.24 -16.70 -51.85
C ARG BA 102 -43.72 -16.55 -52.17
N LYS BA 103 -44.61 -16.85 -51.22
CA LYS BA 103 -46.02 -16.48 -51.30
C LYS BA 103 -46.22 -14.97 -51.23
N GLY BA 104 -45.29 -14.25 -50.61
CA GLY BA 104 -45.28 -12.80 -50.51
C GLY BA 104 -46.07 -12.27 -49.31
N ASP BA 105 -46.26 -13.06 -48.25
CA ASP BA 105 -47.04 -12.67 -47.08
C ASP BA 105 -46.40 -11.54 -46.26
N TYR BA 106 -45.13 -11.22 -46.51
CA TYR BA 106 -44.42 -10.08 -45.95
C TYR BA 106 -44.63 -8.78 -46.74
N LEU BA 107 -45.58 -8.69 -47.67
CA LEU BA 107 -45.97 -7.46 -48.37
C LEU BA 107 -44.75 -6.74 -48.98
N GLY BA 108 -43.82 -7.50 -49.52
CA GLY BA 108 -42.62 -7.01 -50.19
C GLY BA 108 -41.59 -6.33 -49.28
N LYS BA 109 -41.74 -6.35 -47.96
CA LYS BA 109 -40.64 -5.99 -47.04
C LYS BA 109 -39.48 -6.97 -47.23
N THR BA 110 -38.25 -6.59 -46.86
CA THR BA 110 -37.22 -7.63 -46.63
C THR BA 110 -37.53 -8.36 -45.34
N VAL BA 111 -37.28 -9.67 -45.31
CA VAL BA 111 -37.59 -10.54 -44.18
C VAL BA 111 -36.30 -10.95 -43.50
N GLN BA 112 -36.26 -10.84 -42.19
CA GLN BA 112 -35.03 -10.81 -41.40
C GLN BA 112 -35.09 -11.85 -40.29
N ILE BA 113 -33.96 -12.30 -39.76
CA ILE BA 113 -34.01 -13.24 -38.64
C ILE BA 113 -34.62 -12.56 -37.42
N VAL BA 114 -34.34 -11.29 -37.19
CA VAL BA 114 -35.05 -10.44 -36.23
C VAL BA 114 -35.61 -9.22 -36.96
N PRO BA 115 -36.92 -8.89 -36.86
CA PRO BA 115 -37.93 -9.53 -36.02
C PRO BA 115 -38.73 -10.63 -36.69
N HIS BA 116 -38.68 -10.84 -38.01
CA HIS BA 116 -39.66 -11.72 -38.68
C HIS BA 116 -39.57 -13.18 -38.25
N LEU BA 117 -38.40 -13.80 -38.30
CA LEU BA 117 -38.28 -15.19 -37.86
C LEU BA 117 -38.47 -15.36 -36.35
N THR BA 118 -38.00 -14.44 -35.52
CA THR BA 118 -38.27 -14.54 -34.08
C THR BA 118 -39.73 -14.30 -33.73
N ASN BA 119 -40.48 -13.55 -34.52
CA ASN BA 119 -41.93 -13.52 -34.44
C ASN BA 119 -42.54 -14.84 -34.87
N ALA BA 120 -42.07 -15.47 -35.94
CA ALA BA 120 -42.59 -16.76 -36.37
C ALA BA 120 -42.50 -17.82 -35.27
N ILE BA 121 -41.36 -17.92 -34.59
CA ILE BA 121 -41.17 -18.85 -33.49
C ILE BA 121 -42.16 -18.57 -32.34
N GLN BA 122 -42.33 -17.32 -31.91
CA GLN BA 122 -43.33 -16.98 -30.89
C GLN BA 122 -44.76 -17.30 -31.34
N ASP BA 123 -45.08 -16.99 -32.60
CA ASP BA 123 -46.40 -17.27 -33.15
C ASP BA 123 -46.65 -18.77 -33.29
N TRP BA 124 -45.61 -19.60 -33.48
CA TRP BA 124 -45.70 -21.06 -33.45
C TRP BA 124 -45.92 -21.59 -32.03
N ILE BA 125 -45.14 -21.17 -31.05
CA ILE BA 125 -45.30 -21.62 -29.67
C ILE BA 125 -46.70 -21.29 -29.15
N GLU BA 126 -47.17 -20.07 -29.29
CA GLU BA 126 -48.52 -19.72 -28.82
C GLU BA 126 -49.61 -20.34 -29.68
N ARG BA 127 -49.37 -20.67 -30.95
CA ARG BA 127 -50.33 -21.44 -31.77
C ARG BA 127 -50.49 -22.81 -31.20
N VAL BA 128 -49.39 -23.55 -31.07
CA VAL BA 128 -49.39 -24.96 -30.67
C VAL BA 128 -49.87 -25.13 -29.24
N ALA BA 129 -49.57 -24.20 -28.34
CA ALA BA 129 -50.02 -24.25 -26.96
C ALA BA 129 -51.54 -24.12 -26.77
N LYS BA 130 -52.31 -23.76 -27.80
CA LYS BA 130 -53.78 -23.82 -27.80
C LYS BA 130 -54.35 -25.23 -27.98
N ILE BA 131 -53.63 -26.12 -28.68
CA ILE BA 131 -54.15 -27.41 -29.12
C ILE BA 131 -54.51 -28.29 -27.90
N PRO BA 132 -55.71 -28.89 -27.83
CA PRO BA 132 -56.17 -29.66 -26.69
C PRO BA 132 -55.65 -31.10 -26.71
N VAL BA 133 -54.41 -31.31 -26.24
CA VAL BA 133 -53.73 -32.61 -26.27
C VAL BA 133 -54.20 -33.59 -25.18
N ASP BA 134 -55.03 -33.12 -24.26
CA ASP BA 134 -55.35 -33.75 -22.98
C ASP BA 134 -56.68 -34.54 -22.99
N ASP BA 135 -57.02 -35.21 -21.90
CA ASP BA 135 -58.19 -36.10 -21.77
C ASP BA 135 -59.57 -35.42 -21.83
N THR BA 136 -59.63 -34.12 -22.06
CA THR BA 136 -60.85 -33.40 -22.47
C THR BA 136 -60.45 -32.24 -23.36
N GLY BA 137 -61.34 -31.83 -24.26
CA GLY BA 137 -61.04 -30.94 -25.38
C GLY BA 137 -60.73 -29.47 -25.03
N MET BA 138 -60.55 -29.08 -23.76
CA MET BA 138 -60.16 -27.72 -23.38
C MET BA 138 -58.68 -27.46 -23.61
N GLU BA 139 -58.33 -26.23 -24.01
CA GLU BA 139 -56.93 -25.83 -24.22
C GLU BA 139 -56.08 -26.01 -22.95
N PRO BA 140 -54.81 -26.39 -23.04
CA PRO BA 140 -53.92 -26.55 -21.90
C PRO BA 140 -53.76 -25.30 -21.04
N ASP BA 141 -53.42 -25.49 -19.77
CA ASP BA 141 -53.20 -24.44 -18.78
C ASP BA 141 -51.73 -24.11 -18.57
N VAL BA 142 -50.84 -25.09 -18.76
CA VAL BA 142 -49.39 -24.91 -18.78
C VAL BA 142 -48.79 -25.59 -19.99
N CYS BA 143 -47.83 -24.96 -20.66
CA CYS BA 143 -47.01 -25.59 -21.68
C CYS BA 143 -45.55 -25.70 -21.23
N ILE BA 144 -44.95 -26.88 -21.27
CA ILE BA 144 -43.53 -27.08 -20.99
C ILE BA 144 -42.76 -26.96 -22.30
N ILE BA 145 -41.88 -25.99 -22.45
CA ILE BA 145 -41.11 -25.78 -23.67
C ILE BA 145 -39.68 -26.24 -23.43
N GLU BA 146 -39.22 -27.30 -24.07
CA GLU BA 146 -37.84 -27.73 -23.93
C GLU BA 146 -37.02 -27.22 -25.10
N LEU BA 147 -36.03 -26.40 -24.80
CA LEU BA 147 -35.08 -25.87 -25.77
C LEU BA 147 -33.89 -26.81 -25.88
N GLY BA 148 -33.77 -27.56 -26.97
CA GLY BA 148 -32.61 -28.40 -27.23
C GLY BA 148 -31.33 -27.62 -27.55
N GLY BA 149 -30.24 -28.37 -27.72
CA GLY BA 149 -28.89 -27.80 -27.86
C GLY BA 149 -28.40 -27.18 -26.55
N THR BA 150 -27.47 -26.24 -26.63
CA THR BA 150 -27.05 -25.42 -25.49
C THR BA 150 -27.14 -23.94 -25.80
N VAL BA 151 -27.49 -23.13 -24.82
CA VAL BA 151 -27.49 -21.67 -24.98
C VAL BA 151 -26.06 -21.20 -25.29
N GLY BA 152 -25.89 -20.39 -26.34
CA GLY BA 152 -24.57 -20.00 -26.87
C GLY BA 152 -24.08 -20.84 -28.05
N ASP BA 153 -24.92 -21.75 -28.52
CA ASP BA 153 -24.63 -22.49 -29.78
C ASP BA 153 -25.02 -21.52 -30.91
N ILE BA 154 -24.38 -21.57 -32.10
CA ILE BA 154 -24.77 -20.73 -33.27
C ILE BA 154 -26.00 -21.36 -33.90
N GLU BA 155 -26.45 -22.52 -33.41
CA GLU BA 155 -27.62 -23.28 -33.92
C GLU BA 155 -28.86 -22.96 -33.09
N SER BA 156 -28.67 -22.54 -31.83
CA SER BA 156 -29.77 -22.28 -30.88
C SER BA 156 -29.99 -20.78 -30.71
N ALA BA 157 -29.24 -19.92 -31.40
CA ALA BA 157 -29.31 -18.45 -31.22
C ALA BA 157 -30.68 -17.89 -31.65
N PRO BA 158 -31.34 -18.34 -32.74
CA PRO BA 158 -32.68 -17.84 -33.11
C PRO BA 158 -33.75 -18.09 -32.06
N PHE BA 159 -33.68 -19.22 -31.35
CA PHE BA 159 -34.67 -19.60 -30.34
C PHE BA 159 -34.54 -18.86 -29.02
N VAL BA 160 -33.33 -18.59 -28.54
CA VAL BA 160 -33.16 -17.75 -27.34
C VAL BA 160 -33.53 -16.29 -27.59
N GLU BA 161 -33.38 -15.78 -28.81
CA GLU BA 161 -34.00 -14.51 -29.18
C GLU BA 161 -35.52 -14.61 -29.12
N ALA BA 162 -36.11 -15.60 -29.77
CA ALA BA 162 -37.56 -15.70 -29.81
C ALA BA 162 -38.17 -15.89 -28.43
N LEU BA 163 -37.56 -16.72 -27.58
CA LEU BA 163 -37.98 -16.90 -26.21
C LEU BA 163 -37.78 -15.62 -25.40
N ARG BA 164 -36.71 -14.84 -25.56
CA ARG BA 164 -36.56 -13.56 -24.83
C ARG BA 164 -37.74 -12.64 -25.13
N GLN BA 165 -38.04 -12.43 -26.40
CA GLN BA 165 -39.16 -11.59 -26.82
C GLN BA 165 -40.48 -12.18 -26.28
N PHE BA 166 -40.59 -13.50 -26.21
CA PHE BA 166 -41.73 -14.19 -25.65
C PHE BA 166 -41.92 -13.93 -24.15
N GLN BA 167 -40.88 -13.60 -23.38
CA GLN BA 167 -41.03 -13.20 -21.98
C GLN BA 167 -41.83 -11.89 -21.81
N PHE BA 168 -42.10 -11.17 -22.90
CA PHE BA 168 -42.83 -9.92 -22.92
C PHE BA 168 -44.17 -10.05 -23.67
N LYS BA 169 -44.19 -10.82 -24.76
CA LYS BA 169 -45.42 -11.14 -25.50
C LYS BA 169 -46.39 -11.91 -24.59
N VAL BA 170 -45.85 -12.90 -23.87
CA VAL BA 170 -46.42 -13.45 -22.63
C VAL BA 170 -45.89 -12.60 -21.47
N GLY BA 171 -46.63 -12.41 -20.39
CA GLY BA 171 -46.13 -11.67 -19.23
C GLY BA 171 -45.16 -12.46 -18.32
N LYS BA 172 -44.33 -11.76 -17.55
CA LYS BA 172 -43.81 -12.29 -16.29
C LYS BA 172 -45.00 -12.58 -15.35
N GLU BA 173 -44.87 -13.55 -14.45
CA GLU BA 173 -46.01 -14.21 -13.78
C GLU BA 173 -46.93 -15.00 -14.74
N ASN BA 174 -46.56 -15.20 -16.00
CA ASN BA 174 -47.09 -16.25 -16.87
C ASN BA 174 -46.00 -17.13 -17.46
N PHE BA 175 -44.78 -16.63 -17.67
CA PHE BA 175 -43.62 -17.38 -18.14
C PHE BA 175 -42.58 -17.56 -17.03
N ALA BA 176 -41.96 -18.74 -16.95
CA ALA BA 176 -40.81 -19.03 -16.06
C ALA BA 176 -39.79 -19.94 -16.74
N LEU BA 177 -38.53 -19.92 -16.33
CA LEU BA 177 -37.47 -20.71 -16.92
C LEU BA 177 -36.70 -21.55 -15.90
N ILE BA 178 -36.47 -22.82 -16.22
CA ILE BA 178 -35.61 -23.75 -15.50
C ILE BA 178 -34.34 -23.94 -16.35
N HIS BA 179 -33.16 -23.63 -15.82
CA HIS BA 179 -31.90 -23.80 -16.54
C HIS BA 179 -31.16 -24.98 -15.97
N VAL BA 180 -30.78 -25.94 -16.80
CA VAL BA 180 -30.17 -27.18 -16.35
C VAL BA 180 -28.66 -27.08 -16.58
N SER BA 181 -27.82 -27.30 -15.58
CA SER BA 181 -26.39 -26.93 -15.66
C SER BA 181 -25.46 -27.91 -14.97
N LEU BA 182 -24.16 -27.87 -15.27
CA LEU BA 182 -23.22 -28.91 -14.84
C LEU BA 182 -22.46 -28.48 -13.59
N VAL BA 183 -22.39 -29.36 -12.59
CA VAL BA 183 -21.46 -29.24 -11.48
C VAL BA 183 -20.49 -30.41 -11.60
N PRO BA 184 -19.36 -30.29 -12.33
CA PRO BA 184 -18.41 -31.38 -12.42
C PRO BA 184 -17.74 -31.58 -11.07
N VAL BA 185 -17.48 -32.83 -10.73
CA VAL BA 185 -16.70 -33.19 -9.55
C VAL BA 185 -15.34 -33.69 -10.02
N ILE BA 186 -14.28 -32.97 -9.66
CA ILE BA 186 -12.89 -33.42 -9.88
C ILE BA 186 -12.08 -33.23 -8.62
N HIS BA 187 -11.10 -34.11 -8.38
CA HIS BA 187 -10.38 -34.16 -7.10
C HIS BA 187 -11.32 -34.25 -5.89
N GLY BA 188 -12.48 -34.89 -6.07
CA GLY BA 188 -13.54 -34.99 -5.07
C GLY BA 188 -14.21 -33.67 -4.67
N GLU BA 189 -14.07 -32.58 -5.43
CA GLU BA 189 -14.74 -31.29 -5.16
C GLU BA 189 -15.72 -30.88 -6.28
N GLN BA 190 -16.95 -30.51 -5.89
CA GLN BA 190 -17.98 -29.92 -6.75
C GLN BA 190 -17.62 -28.51 -7.23
N LYS BA 191 -17.26 -28.32 -8.51
CA LYS BA 191 -16.87 -27.01 -9.04
C LYS BA 191 -18.09 -26.27 -9.60
N THR BA 192 -18.31 -25.02 -9.19
CA THR BA 192 -19.47 -24.23 -9.64
C THR BA 192 -19.26 -23.50 -10.96
N LYS BA 193 -18.01 -23.29 -11.39
CA LYS BA 193 -17.71 -22.34 -12.48
C LYS BA 193 -18.38 -22.63 -13.84
N PRO BA 194 -18.61 -23.85 -14.31
CA PRO BA 194 -19.34 -24.05 -15.55
C PRO BA 194 -20.77 -23.52 -15.46
N THR BA 195 -21.43 -23.59 -14.30
CA THR BA 195 -22.72 -22.92 -14.08
C THR BA 195 -22.61 -21.40 -14.10
N GLN BA 196 -21.55 -20.80 -13.54
CA GLN BA 196 -21.35 -19.35 -13.63
C GLN BA 196 -21.15 -18.90 -15.08
N ALA BA 197 -20.25 -19.51 -15.85
CA ALA BA 197 -20.02 -19.17 -17.25
C ALA BA 197 -21.23 -19.41 -18.15
N ALA BA 198 -22.03 -20.46 -17.93
CA ALA BA 198 -23.27 -20.71 -18.69
C ALA BA 198 -24.43 -19.81 -18.26
N ILE BA 199 -24.45 -19.30 -17.05
CA ILE BA 199 -25.44 -18.31 -16.61
C ILE BA 199 -25.07 -16.92 -17.11
N LYS BA 200 -23.78 -16.58 -17.13
CA LYS BA 200 -23.27 -15.42 -17.86
C LYS BA 200 -23.71 -15.48 -19.34
N GLY BA 201 -23.53 -16.60 -20.02
CA GLY BA 201 -24.08 -16.81 -21.36
C GLY BA 201 -25.59 -16.59 -21.41
N LEU BA 202 -26.36 -17.19 -20.50
CA LEU BA 202 -27.82 -17.06 -20.49
C LEU BA 202 -28.28 -15.62 -20.36
N ARG BA 203 -27.77 -14.86 -19.38
CA ARG BA 203 -28.19 -13.47 -19.21
C ARG BA 203 -27.74 -12.58 -20.37
N SER BA 204 -26.65 -12.91 -21.07
CA SER BA 204 -26.22 -12.18 -22.26
C SER BA 204 -27.33 -12.16 -23.32
N LEU BA 205 -27.96 -13.30 -23.59
CA LEU BA 205 -29.06 -13.44 -24.55
C LEU BA 205 -30.43 -13.00 -23.96
N GLY BA 206 -30.52 -12.84 -22.65
CA GLY BA 206 -31.52 -12.00 -21.96
C GLY BA 206 -32.59 -12.75 -21.18
N LEU BA 207 -32.59 -14.07 -21.26
CA LEU BA 207 -33.39 -14.93 -20.41
C LEU BA 207 -32.83 -14.89 -18.99
N VAL BA 208 -33.68 -14.97 -17.97
CA VAL BA 208 -33.27 -15.07 -16.56
C VAL BA 208 -33.88 -16.32 -15.93
N PRO BA 209 -33.09 -17.17 -15.25
CA PRO BA 209 -33.60 -18.42 -14.72
C PRO BA 209 -34.31 -18.20 -13.41
N ASP BA 210 -35.51 -18.75 -13.30
CA ASP BA 210 -36.28 -18.78 -12.07
C ASP BA 210 -35.90 -19.98 -11.20
N MET BA 211 -35.28 -20.99 -11.81
CA MET BA 211 -34.62 -22.09 -11.15
C MET BA 211 -33.35 -22.47 -11.87
N ILE BA 212 -32.40 -23.02 -11.14
CA ILE BA 212 -31.28 -23.76 -11.72
C ILE BA 212 -31.44 -25.22 -11.29
N ALA BA 213 -31.14 -26.16 -12.16
CA ALA BA 213 -31.17 -27.58 -11.84
C ALA BA 213 -29.87 -28.25 -12.23
N CYS BA 214 -29.18 -28.92 -11.30
CA CYS BA 214 -27.83 -29.39 -11.58
C CYS BA 214 -27.73 -30.86 -11.94
N ARG BA 215 -27.07 -31.17 -13.06
CA ARG BA 215 -26.43 -32.46 -13.27
C ARG BA 215 -25.21 -32.50 -12.40
N CYS BA 216 -25.16 -33.44 -11.47
CA CYS BA 216 -24.01 -33.65 -10.62
C CYS BA 216 -23.86 -35.14 -10.31
N SER BA 217 -22.63 -35.61 -10.12
CA SER BA 217 -22.34 -36.98 -9.69
C SER BA 217 -22.76 -37.26 -8.25
N GLU BA 218 -23.13 -36.25 -7.48
CA GLU BA 218 -23.34 -36.30 -6.03
C GLU BA 218 -24.62 -35.58 -5.59
N THR BA 219 -25.00 -35.70 -4.32
CA THR BA 219 -25.86 -34.67 -3.73
C THR BA 219 -25.05 -33.37 -3.65
N LEU BA 220 -25.58 -32.24 -4.16
CA LEU BA 220 -24.92 -30.96 -4.03
C LEU BA 220 -24.64 -30.65 -2.56
N ASP BA 221 -23.41 -30.26 -2.24
CA ASP BA 221 -23.09 -29.75 -0.92
C ASP BA 221 -23.85 -28.45 -0.64
N LYS BA 222 -24.21 -28.23 0.62
CA LYS BA 222 -24.78 -26.98 1.12
C LYS BA 222 -24.01 -25.74 0.63
N PRO BA 223 -22.66 -25.67 0.69
CA PRO BA 223 -21.90 -24.58 0.08
C PRO BA 223 -22.00 -24.50 -1.44
N THR BA 224 -22.16 -25.59 -2.19
CA THR BA 224 -22.31 -25.53 -3.65
C THR BA 224 -23.61 -24.84 -4.04
N ILE BA 225 -24.71 -25.16 -3.37
CA ILE BA 225 -25.98 -24.45 -3.54
C ILE BA 225 -25.81 -22.96 -3.23
N ASP BA 226 -25.14 -22.61 -2.15
CA ASP BA 226 -24.91 -21.21 -1.79
C ASP BA 226 -24.03 -20.48 -2.81
N LYS BA 227 -22.96 -21.11 -3.33
CA LYS BA 227 -22.07 -20.51 -4.31
C LYS BA 227 -22.65 -20.46 -5.72
N ILE BA 228 -23.65 -21.27 -6.08
CA ILE BA 228 -24.49 -21.03 -7.27
C ILE BA 228 -25.48 -19.89 -7.02
N ALA BA 229 -26.24 -19.89 -5.93
CA ALA BA 229 -27.23 -18.84 -5.66
C ALA BA 229 -26.61 -17.45 -5.41
N MET BA 230 -25.36 -17.36 -4.94
CA MET BA 230 -24.60 -16.09 -4.86
C MET BA 230 -24.19 -15.54 -6.23
N PHE BA 231 -24.37 -16.32 -7.30
CA PHE BA 231 -23.95 -15.98 -8.67
C PHE BA 231 -25.08 -15.97 -9.70
N CYS BA 232 -26.32 -16.23 -9.27
CA CYS BA 232 -27.51 -16.28 -10.10
C CYS BA 232 -28.71 -15.67 -9.34
N HIS BA 233 -29.74 -15.26 -10.05
CA HIS BA 233 -30.86 -14.52 -9.43
C HIS BA 233 -31.94 -15.41 -8.80
N VAL BA 234 -31.52 -16.51 -8.17
CA VAL BA 234 -32.37 -17.54 -7.56
C VAL BA 234 -32.12 -17.62 -6.05
N GLY BA 235 -33.13 -17.93 -5.23
CA GLY BA 235 -32.88 -18.27 -3.83
C GLY BA 235 -32.16 -19.61 -3.73
N PRO BA 236 -31.52 -19.94 -2.60
CA PRO BA 236 -30.84 -21.22 -2.45
C PRO BA 236 -31.79 -22.43 -2.51
N GLU BA 237 -33.09 -22.23 -2.26
CA GLU BA 237 -34.13 -23.25 -2.36
C GLU BA 237 -34.60 -23.54 -3.80
N GLN BA 238 -34.18 -22.77 -4.81
CA GLN BA 238 -34.41 -23.01 -6.23
C GLN BA 238 -33.15 -23.47 -7.00
N VAL BA 239 -32.12 -23.92 -6.32
CA VAL BA 239 -31.07 -24.73 -6.94
C VAL BA 239 -31.44 -26.20 -6.76
N VAL BA 240 -32.25 -26.71 -7.67
CA VAL BA 240 -32.74 -28.09 -7.74
C VAL BA 240 -31.60 -29.04 -8.11
N ASN BA 241 -31.70 -30.31 -7.75
CA ASN BA 241 -30.66 -31.30 -8.03
C ASN BA 241 -31.23 -32.68 -8.36
N VAL BA 242 -31.13 -33.08 -9.62
CA VAL BA 242 -31.53 -34.40 -10.11
C VAL BA 242 -30.39 -35.39 -9.91
N HIS BA 243 -30.18 -35.85 -8.67
CA HIS BA 243 -29.13 -36.81 -8.33
C HIS BA 243 -29.52 -38.26 -8.67
N ASP BA 244 -28.60 -39.19 -8.49
CA ASP BA 244 -28.86 -40.63 -8.63
C ASP BA 244 -30.07 -41.07 -7.79
N VAL BA 245 -31.01 -41.78 -8.40
CA VAL BA 245 -32.25 -42.30 -7.80
C VAL BA 245 -32.51 -43.73 -8.26
N ASN BA 246 -33.37 -44.46 -7.56
CA ASN BA 246 -33.56 -45.89 -7.80
C ASN BA 246 -34.00 -46.19 -9.24
N SER BA 247 -34.84 -45.33 -9.83
CA SER BA 247 -35.19 -45.37 -11.24
C SER BA 247 -35.74 -44.05 -11.73
N THR BA 248 -35.76 -43.83 -13.04
CA THR BA 248 -36.17 -42.56 -13.67
C THR BA 248 -37.60 -42.14 -13.32
N TYR BA 249 -38.48 -43.08 -13.00
CA TYR BA 249 -39.85 -42.78 -12.59
C TYR BA 249 -39.93 -42.13 -11.21
N HIS BA 250 -38.87 -42.14 -10.42
CA HIS BA 250 -38.81 -41.42 -9.14
C HIS BA 250 -38.56 -39.92 -9.29
N VAL BA 251 -38.02 -39.45 -10.42
CA VAL BA 251 -37.62 -38.05 -10.55
C VAL BA 251 -38.75 -37.07 -10.25
N PRO BA 252 -40.02 -37.21 -10.66
CA PRO BA 252 -41.03 -36.25 -10.26
C PRO BA 252 -41.29 -36.24 -8.75
N LEU BA 253 -41.15 -37.35 -8.04
CA LEU BA 253 -41.18 -37.31 -6.58
C LEU BA 253 -39.94 -36.61 -6.01
N LEU BA 254 -38.74 -36.82 -6.57
CA LEU BA 254 -37.54 -36.09 -6.16
C LEU BA 254 -37.72 -34.57 -6.32
N LEU BA 255 -38.22 -34.10 -7.46
CA LEU BA 255 -38.48 -32.68 -7.71
C LEU BA 255 -39.52 -32.14 -6.73
N LEU BA 256 -40.61 -32.86 -6.50
CA LEU BA 256 -41.64 -32.46 -5.54
C LEU BA 256 -41.13 -32.42 -4.09
N GLU BA 257 -40.25 -33.32 -3.69
CA GLU BA 257 -39.67 -33.32 -2.34
C GLU BA 257 -38.60 -32.23 -2.18
N GLN BA 258 -37.90 -31.84 -3.24
CA GLN BA 258 -37.07 -30.63 -3.30
C GLN BA 258 -37.90 -29.33 -3.40
N LYS BA 259 -39.21 -29.38 -3.11
CA LYS BA 259 -40.14 -28.23 -3.11
C LYS BA 259 -40.15 -27.46 -4.44
N MET BA 260 -39.90 -28.16 -5.55
CA MET BA 260 -39.82 -27.53 -6.85
C MET BA 260 -41.17 -26.93 -7.26
N ILE BA 261 -42.27 -27.65 -7.08
CA ILE BA 261 -43.62 -27.16 -7.40
C ILE BA 261 -44.14 -26.13 -6.40
N ASP BA 262 -43.77 -26.22 -5.14
CA ASP BA 262 -44.21 -25.24 -4.14
C ASP BA 262 -43.68 -23.83 -4.45
N TYR BA 263 -42.60 -23.71 -5.23
CA TYR BA 263 -42.20 -22.47 -5.87
C TYR BA 263 -43.00 -22.19 -7.15
N LEU BA 264 -43.09 -23.11 -8.13
CA LEU BA 264 -43.79 -22.84 -9.39
C LEU BA 264 -45.26 -22.45 -9.18
N HIS BA 265 -45.94 -23.01 -8.20
CA HIS BA 265 -47.26 -22.59 -7.78
C HIS BA 265 -47.34 -21.08 -7.52
N ALA BA 266 -46.38 -20.50 -6.80
CA ALA BA 266 -46.32 -19.08 -6.51
C ALA BA 266 -45.76 -18.27 -7.70
N ARG BA 267 -44.68 -18.76 -8.33
CA ARG BA 267 -43.95 -18.07 -9.41
C ARG BA 267 -44.76 -17.93 -10.69
N LEU BA 268 -45.67 -18.86 -10.96
CA LEU BA 268 -46.65 -18.80 -12.05
C LEU BA 268 -48.06 -18.48 -11.54
N LYS BA 269 -48.20 -18.14 -10.25
CA LYS BA 269 -49.46 -17.74 -9.58
C LYS BA 269 -50.66 -18.63 -9.96
N LEU BA 270 -50.49 -19.94 -9.86
CA LEU BA 270 -51.42 -20.95 -10.38
C LEU BA 270 -52.77 -21.05 -9.66
N ASP BA 271 -52.97 -20.35 -8.55
CA ASP BA 271 -54.33 -20.09 -8.03
C ASP BA 271 -55.22 -19.38 -9.06
N GLU BA 272 -54.66 -18.71 -10.06
CA GLU BA 272 -55.42 -18.02 -11.11
C GLU BA 272 -56.02 -18.97 -12.17
N ILE BA 273 -55.71 -20.27 -12.19
CA ILE BA 273 -56.43 -21.23 -13.04
C ILE BA 273 -57.68 -21.70 -12.31
N THR BA 274 -61.62 -26.47 -12.05
CA THR BA 274 -62.87 -27.18 -11.81
C THR BA 274 -62.65 -28.43 -10.95
N GLU BA 275 -63.68 -28.92 -10.27
CA GLU BA 275 -63.59 -30.10 -9.39
C GLU BA 275 -63.03 -31.33 -10.10
N GLU BA 276 -63.35 -31.53 -11.38
CA GLU BA 276 -62.78 -32.61 -12.19
C GLU BA 276 -61.24 -32.54 -12.24
N GLU BA 277 -60.65 -31.35 -12.43
CA GLU BA 277 -59.20 -31.15 -12.44
C GLU BA 277 -58.60 -31.42 -11.07
N LYS BA 278 -59.21 -30.91 -10.01
CA LYS BA 278 -58.73 -31.11 -8.64
C LYS BA 278 -58.72 -32.59 -8.27
N GLN BA 279 -59.77 -33.32 -8.62
CA GLN BA 279 -59.83 -34.78 -8.43
C GLN BA 279 -58.78 -35.49 -9.28
N ARG BA 280 -58.70 -35.23 -10.58
CA ARG BA 280 -57.71 -35.86 -11.46
C ARG BA 280 -56.27 -35.57 -11.03
N GLY BA 281 -56.02 -34.46 -10.34
CA GLY BA 281 -54.75 -34.19 -9.68
C GLY BA 281 -54.44 -35.17 -8.56
N LEU BA 282 -55.36 -35.33 -7.60
CA LEU BA 282 -55.18 -36.26 -6.49
C LEU BA 282 -55.07 -37.71 -6.98
N GLU BA 283 -55.88 -38.11 -7.96
CA GLU BA 283 -55.77 -39.44 -8.57
C GLU BA 283 -54.42 -39.66 -9.23
N LEU BA 284 -53.83 -38.66 -9.92
CA LEU BA 284 -52.51 -38.83 -10.51
C LEU BA 284 -51.44 -39.03 -9.45
N LEU BA 285 -51.50 -38.31 -8.32
CA LEU BA 285 -50.62 -38.59 -7.19
C LEU BA 285 -50.82 -39.99 -6.63
N SER BA 286 -52.06 -40.45 -6.45
CA SER BA 286 -52.31 -41.80 -5.93
C SER BA 286 -51.72 -42.87 -6.84
N LYS BA 287 -51.91 -42.73 -8.16
CA LYS BA 287 -51.35 -43.63 -9.17
C LYS BA 287 -49.83 -43.55 -9.24
N TRP BA 288 -49.23 -42.40 -8.95
CA TRP BA 288 -47.79 -42.30 -8.82
C TRP BA 288 -47.30 -43.04 -7.58
N LYS BA 289 -47.96 -42.87 -6.43
CA LYS BA 289 -47.62 -43.63 -5.22
C LYS BA 289 -47.76 -45.14 -5.45
N ALA BA 290 -48.74 -45.59 -6.21
CA ALA BA 290 -48.88 -46.99 -6.62
C ALA BA 290 -47.71 -47.51 -7.47
N THR BA 291 -47.37 -46.89 -8.61
CA THR BA 291 -46.23 -47.35 -9.42
C THR BA 291 -44.91 -47.24 -8.67
N THR BA 292 -44.76 -46.24 -7.79
CA THR BA 292 -43.60 -46.14 -6.93
C THR BA 292 -43.57 -47.28 -5.92
N GLY BA 293 -44.68 -47.58 -5.26
CA GLY BA 293 -44.80 -48.71 -4.32
C GLY BA 293 -44.47 -50.03 -5.00
N ASN BA 294 -44.99 -50.26 -6.21
CA ASN BA 294 -44.66 -51.42 -7.04
C ASN BA 294 -43.17 -51.55 -7.40
N PHE BA 295 -42.33 -50.53 -7.23
CA PHE BA 295 -40.88 -50.64 -7.38
C PHE BA 295 -40.24 -51.07 -6.06
N ASP BA 296 -40.58 -50.43 -4.94
CA ASP BA 296 -40.09 -50.85 -3.61
C ASP BA 296 -40.53 -52.28 -3.24
N GLU BA 297 -41.81 -52.59 -3.46
CA GLU BA 297 -42.45 -53.89 -3.22
C GLU BA 297 -42.14 -54.91 -4.33
N GLU BA 298 -38.73 -59.69 -6.88
CA GLU BA 298 -38.26 -60.76 -7.76
C GLU BA 298 -38.04 -60.30 -9.22
N THR BA 299 -37.02 -60.82 -9.89
CA THR BA 299 -36.68 -60.47 -11.28
C THR BA 299 -37.46 -61.25 -12.34
N VAL BA 300 -37.76 -60.60 -13.47
CA VAL BA 300 -38.16 -61.22 -14.74
C VAL BA 300 -37.07 -60.96 -15.77
N LYS BA 301 -36.54 -62.01 -16.41
CA LYS BA 301 -35.47 -61.88 -17.41
C LYS BA 301 -36.08 -61.99 -18.80
N ILE BA 302 -35.91 -61.02 -19.69
CA ILE BA 302 -36.47 -61.04 -21.06
C ILE BA 302 -35.35 -60.91 -22.08
N ALA BA 303 -35.26 -61.79 -23.07
CA ALA BA 303 -34.32 -61.60 -24.16
C ALA BA 303 -34.98 -60.76 -25.23
N LEU BA 304 -34.42 -59.60 -25.54
CA LEU BA 304 -34.84 -58.79 -26.67
C LEU BA 304 -33.86 -59.06 -27.80
N VAL BA 305 -34.36 -59.63 -28.89
CA VAL BA 305 -33.55 -60.21 -29.96
C VAL BA 305 -33.79 -59.42 -31.24
N GLY BA 306 -32.78 -58.74 -31.75
CA GLY BA 306 -32.95 -57.96 -32.97
C GLY BA 306 -31.65 -57.55 -33.61
N LYS BA 307 -31.73 -56.79 -34.71
CA LYS BA 307 -30.55 -56.18 -35.35
C LYS BA 307 -29.91 -55.14 -34.44
N TYR BA 308 -28.59 -55.09 -34.39
CA TYR BA 308 -27.78 -53.99 -33.86
C TYR BA 308 -28.24 -53.48 -32.48
N THR BA 309 -28.58 -54.39 -31.58
CA THR BA 309 -28.97 -54.10 -30.19
C THR BA 309 -27.92 -53.33 -29.38
N ASN BA 310 -26.69 -53.24 -29.87
CA ASN BA 310 -25.65 -52.34 -29.36
C ASN BA 310 -26.11 -50.87 -29.33
N LEU BA 311 -26.92 -50.47 -30.31
CA LEU BA 311 -27.47 -49.12 -30.49
C LEU BA 311 -28.76 -48.96 -29.66
N LYS BA 312 -28.62 -48.97 -28.35
CA LYS BA 312 -29.73 -49.16 -27.40
C LYS BA 312 -30.84 -48.09 -27.48
N ASP BA 313 -30.54 -46.87 -27.87
CA ASP BA 313 -31.58 -45.85 -28.14
C ASP BA 313 -32.51 -46.24 -29.32
N SER BA 314 -32.04 -47.09 -30.24
CA SER BA 314 -32.83 -47.53 -31.38
C SER BA 314 -34.04 -48.40 -30.99
N TYR BA 315 -34.07 -48.89 -29.74
CA TYR BA 315 -35.18 -49.66 -29.16
C TYR BA 315 -35.81 -48.94 -27.95
N LEU BA 316 -35.61 -47.63 -27.80
CA LEU BA 316 -36.02 -46.92 -26.57
C LEU BA 316 -37.47 -47.14 -26.19
N SER BA 317 -38.44 -47.06 -27.11
CA SER BA 317 -39.85 -47.20 -26.76
C SER BA 317 -40.17 -48.58 -26.23
N VAL BA 318 -39.56 -49.60 -26.82
CA VAL BA 318 -39.70 -50.99 -26.39
C VAL BA 318 -39.24 -51.15 -24.95
N ILE BA 319 -38.10 -50.58 -24.57
CA ILE BA 319 -37.62 -50.63 -23.18
C ILE BA 319 -38.62 -49.98 -22.25
N LYS BA 320 -39.09 -48.78 -22.55
CA LYS BA 320 -40.05 -48.08 -21.69
C LYS BA 320 -41.37 -48.84 -21.57
N ALA BA 321 -41.86 -49.47 -22.63
CA ALA BA 321 -43.06 -50.29 -22.57
C ALA BA 321 -42.91 -51.53 -21.66
N LEU BA 322 -41.73 -52.14 -21.62
CA LEU BA 322 -41.41 -53.20 -20.68
C LEU BA 322 -41.29 -52.68 -19.24
N GLU BA 323 -40.74 -51.48 -19.01
CA GLU BA 323 -40.67 -50.88 -17.69
C GLU BA 323 -42.05 -50.57 -17.13
N HIS BA 324 -42.95 -49.96 -17.90
CA HIS BA 324 -44.28 -49.59 -17.42
C HIS BA 324 -45.06 -50.81 -16.96
N SER BA 325 -44.99 -51.88 -17.74
CA SER BA 325 -45.65 -53.15 -17.44
C SER BA 325 -44.99 -53.84 -16.25
N SER BA 326 -43.67 -53.85 -16.13
CA SER BA 326 -42.97 -54.50 -15.02
C SER BA 326 -43.33 -53.91 -13.66
N MET BA 327 -43.63 -52.61 -13.57
CA MET BA 327 -44.13 -52.00 -12.35
C MET BA 327 -45.56 -52.41 -12.03
N LYS BA 328 -46.37 -52.84 -12.99
CA LYS BA 328 -47.69 -53.39 -12.68
C LYS BA 328 -47.53 -54.78 -12.07
N CYS BA 329 -46.65 -55.63 -12.61
CA CYS BA 329 -46.32 -56.96 -12.08
C CYS BA 329 -45.48 -56.97 -10.79
N ARG BA 330 -45.12 -55.81 -10.24
CA ARG BA 330 -44.23 -55.67 -9.07
C ARG BA 330 -42.86 -56.33 -9.23
N ARG BA 331 -42.39 -56.64 -10.44
CA ARG BA 331 -41.20 -57.45 -10.69
C ARG BA 331 -40.12 -56.64 -11.39
N LYS BA 332 -38.87 -56.89 -11.03
CA LYS BA 332 -37.70 -56.16 -11.53
C LYS BA 332 -37.38 -56.63 -12.94
N LEU BA 333 -37.22 -55.70 -13.86
CA LEU BA 333 -36.97 -56.02 -15.26
C LEU BA 333 -35.48 -56.17 -15.55
N ASP BA 334 -35.12 -57.24 -16.24
CA ASP BA 334 -33.75 -57.49 -16.68
C ASP BA 334 -33.71 -57.85 -18.16
N ILE BA 335 -33.61 -56.85 -19.03
CA ILE BA 335 -33.52 -57.08 -20.48
C ILE BA 335 -32.14 -57.63 -20.82
N LYS BA 336 -32.08 -58.83 -21.42
CA LYS BA 336 -30.87 -59.31 -22.08
C LYS BA 336 -30.88 -58.83 -23.52
N TRP BA 337 -29.85 -58.11 -23.93
CA TRP BA 337 -29.68 -57.64 -25.29
C TRP BA 337 -28.96 -58.67 -26.14
N VAL BA 338 -29.64 -59.22 -27.15
CA VAL BA 338 -29.10 -60.22 -28.06
C VAL BA 338 -28.99 -59.63 -29.47
N GLU BA 339 -27.82 -59.64 -30.07
CA GLU BA 339 -27.74 -59.42 -31.51
C GLU BA 339 -28.27 -60.65 -32.23
N ALA BA 340 -29.33 -60.48 -33.02
CA ALA BA 340 -29.99 -61.58 -33.70
C ALA BA 340 -29.02 -62.37 -34.59
N THR BA 341 -28.11 -61.71 -35.28
CA THR BA 341 -27.16 -62.41 -36.15
C THR BA 341 -26.17 -63.32 -35.40
N ASP BA 342 -25.92 -63.07 -34.12
CA ASP BA 342 -25.05 -63.96 -33.34
C ASP BA 342 -25.71 -65.29 -32.97
N LEU BA 343 -27.01 -65.47 -33.19
CA LEU BA 343 -27.69 -66.75 -33.01
C LEU BA 343 -27.47 -67.69 -34.19
N GLU BA 344 -27.03 -67.18 -35.35
CA GLU BA 344 -27.02 -67.95 -36.59
C GLU BA 344 -26.05 -69.15 -36.56
N PRO BA 345 -26.36 -70.28 -37.20
CA PRO BA 345 -25.44 -71.40 -37.36
C PRO BA 345 -24.10 -71.04 -38.04
N GLU BA 346 -24.07 -69.98 -38.86
CA GLU BA 346 -22.85 -69.45 -39.47
C GLU BA 346 -21.97 -68.69 -38.46
N ALA BA 347 -22.58 -68.02 -37.48
CA ALA BA 347 -21.82 -67.28 -36.48
C ALA BA 347 -20.91 -68.20 -35.64
N GLN BA 348 -21.28 -69.47 -35.50
CA GLN BA 348 -20.52 -70.45 -34.72
C GLN BA 348 -19.09 -70.68 -35.21
N GLU BA 349 -18.84 -70.64 -36.52
CA GLU BA 349 -17.46 -70.69 -37.03
C GLU BA 349 -16.83 -69.30 -37.16
N SER BA 350 -17.65 -68.26 -37.40
CA SER BA 350 -17.14 -66.91 -37.66
C SER BA 350 -16.67 -66.19 -36.40
N ASN BA 351 -17.46 -66.26 -35.31
CA ASN BA 351 -17.26 -65.49 -34.08
C ASN BA 351 -17.81 -66.25 -32.86
N LYS BA 352 -17.29 -67.46 -32.63
CA LYS BA 352 -17.87 -68.46 -31.72
C LYS BA 352 -18.20 -67.92 -30.32
N THR BA 353 -17.34 -67.09 -29.75
CA THR BA 353 -17.49 -66.59 -28.37
C THR BA 353 -18.80 -65.83 -28.18
N LYS BA 354 -19.08 -64.88 -29.08
CA LYS BA 354 -20.31 -64.08 -29.00
C LYS BA 354 -21.56 -64.90 -29.30
N PHE BA 355 -21.45 -65.91 -30.15
CA PHE BA 355 -22.51 -66.87 -30.43
C PHE BA 355 -22.94 -67.63 -29.16
N HIS BA 356 -22.00 -68.09 -28.32
CA HIS BA 356 -22.36 -68.70 -27.03
C HIS BA 356 -23.00 -67.69 -26.09
N GLU BA 357 -22.52 -66.44 -26.02
CA GLU BA 357 -23.15 -65.43 -25.17
C GLU BA 357 -24.60 -65.17 -25.60
N ALA BA 358 -24.84 -65.07 -26.90
CA ALA BA 358 -26.18 -64.88 -27.43
C ALA BA 358 -27.12 -66.04 -27.09
N TRP BA 359 -26.66 -67.28 -27.28
CA TRP BA 359 -27.48 -68.44 -26.96
C TRP BA 359 -27.68 -68.66 -25.47
N ASN BA 360 -26.73 -68.33 -24.60
CA ASN BA 360 -26.98 -68.36 -23.17
C ASN BA 360 -28.11 -67.40 -22.78
N MET BA 361 -28.12 -66.18 -23.33
CA MET BA 361 -29.20 -65.23 -23.05
C MET BA 361 -30.53 -65.80 -23.49
N VAL BA 362 -30.66 -66.32 -24.71
CA VAL BA 362 -31.91 -66.92 -25.21
C VAL BA 362 -32.38 -68.07 -24.33
N SER BA 363 -31.46 -68.93 -23.90
CA SER BA 363 -31.73 -70.08 -23.05
C SER BA 363 -32.08 -69.72 -21.60
N THR BA 364 -31.59 -68.61 -21.09
CA THR BA 364 -31.84 -68.14 -19.72
C THR BA 364 -33.20 -67.48 -19.59
N ALA BA 365 -33.63 -66.74 -20.61
CA ALA BA 365 -34.72 -65.79 -20.46
C ALA BA 365 -36.08 -66.42 -20.14
N ASP BA 366 -36.85 -65.75 -19.27
CA ASP BA 366 -38.22 -66.10 -18.93
C ASP BA 366 -39.22 -65.70 -20.01
N GLY BA 367 -38.83 -64.85 -20.95
CA GLY BA 367 -39.63 -64.46 -22.09
C GLY BA 367 -38.75 -64.06 -23.27
N ILE BA 368 -39.26 -64.16 -24.49
CA ILE BA 368 -38.57 -63.73 -25.70
C ILE BA 368 -39.36 -62.59 -26.35
N LEU BA 369 -38.66 -61.64 -26.94
CA LEU BA 369 -39.22 -60.46 -27.55
C LEU BA 369 -38.47 -60.17 -28.83
N ILE BA 370 -39.18 -60.18 -29.96
CA ILE BA 370 -38.64 -59.78 -31.25
C ILE BA 370 -39.22 -58.39 -31.55
N PRO BA 371 -38.43 -57.31 -31.61
CA PRO BA 371 -38.88 -55.96 -31.29
C PRO BA 371 -39.34 -55.10 -32.48
N GLY BA 372 -39.46 -55.65 -33.68
CA GLY BA 372 -39.78 -54.88 -34.88
C GLY BA 372 -38.58 -54.16 -35.47
N GLY BA 373 -37.54 -54.93 -35.77
CA GLY BA 373 -36.28 -54.44 -36.31
C GLY BA 373 -36.38 -53.74 -37.65
N PHE BA 374 -35.27 -53.12 -38.05
CA PHE BA 374 -35.11 -52.40 -39.32
C PHE BA 374 -34.25 -53.22 -40.30
N GLY BA 375 -34.77 -53.46 -41.51
CA GLY BA 375 -34.09 -54.24 -42.55
C GLY BA 375 -33.99 -55.74 -42.29
N VAL BA 376 -33.36 -56.47 -43.21
CA VAL BA 376 -33.44 -57.95 -43.26
C VAL BA 376 -32.39 -58.69 -42.42
N ARG BA 377 -31.22 -58.08 -42.14
CA ARG BA 377 -30.00 -58.76 -41.65
C ARG BA 377 -30.21 -59.77 -40.53
N GLY BA 378 -30.91 -59.39 -39.46
CA GLY BA 378 -31.10 -60.23 -38.27
C GLY BA 378 -32.04 -61.43 -38.45
N THR BA 379 -32.76 -61.52 -39.57
CA THR BA 379 -33.91 -62.42 -39.71
C THR BA 379 -33.59 -63.86 -39.35
N GLU BA 380 -32.48 -64.42 -39.82
CA GLU BA 380 -32.20 -65.85 -39.67
C GLU BA 380 -32.07 -66.26 -38.20
N GLY BA 381 -31.46 -65.44 -37.36
CA GLY BA 381 -31.41 -65.70 -35.93
C GLY BA 381 -32.76 -65.48 -35.24
N MET BA 382 -33.50 -64.45 -35.62
CA MET BA 382 -34.82 -64.18 -35.06
C MET BA 382 -35.81 -65.32 -35.33
N VAL BA 383 -35.66 -66.05 -36.42
CA VAL BA 383 -36.41 -67.30 -36.68
C VAL BA 383 -36.15 -68.34 -35.60
N LEU BA 384 -34.88 -68.61 -35.28
CA LEU BA 384 -34.47 -69.58 -34.28
C LEU BA 384 -34.90 -69.17 -32.86
N ALA BA 385 -34.92 -67.88 -32.55
CA ALA BA 385 -35.50 -67.38 -31.31
C ALA BA 385 -37.03 -67.58 -31.24
N ALA BA 386 -37.76 -67.44 -32.34
CA ALA BA 386 -39.19 -67.70 -32.36
C ALA BA 386 -39.50 -69.21 -32.22
N ARG BA 387 -38.70 -70.08 -32.85
CA ARG BA 387 -38.73 -71.54 -32.76
C ARG BA 387 -38.50 -72.02 -31.34
N TRP BA 388 -37.52 -71.43 -30.68
CA TRP BA 388 -37.20 -71.72 -29.29
C TRP BA 388 -38.37 -71.48 -28.35
N ALA BA 389 -39.15 -70.43 -28.57
CA ALA BA 389 -40.35 -70.14 -27.78
C ALA BA 389 -41.64 -70.80 -28.27
N ARG BA 390 -41.72 -71.23 -29.53
CA ARG BA 390 -42.86 -72.03 -30.00
C ARG BA 390 -42.82 -73.40 -29.37
N GLU BA 391 -41.68 -74.08 -29.43
CA GLU BA 391 -41.56 -75.49 -29.08
C GLU BA 391 -41.55 -75.69 -27.56
N ASN BA 392 -40.54 -75.16 -26.89
CA ASN BA 392 -40.51 -75.02 -25.45
C ASN BA 392 -41.48 -73.89 -25.08
N HIS BA 393 -42.37 -74.05 -24.10
CA HIS BA 393 -43.43 -73.08 -23.79
C HIS BA 393 -42.99 -71.75 -23.14
N ILE BA 394 -41.95 -71.09 -23.66
CA ILE BA 394 -41.48 -69.76 -23.25
C ILE BA 394 -42.48 -68.69 -23.70
N PRO BA 395 -42.90 -67.73 -22.86
CA PRO BA 395 -43.65 -66.56 -23.28
C PRO BA 395 -42.95 -65.75 -24.37
N PHE BA 396 -43.71 -65.22 -25.33
CA PHE BA 396 -43.19 -64.53 -26.50
C PHE BA 396 -44.05 -63.33 -26.90
N LEU BA 397 -43.43 -62.26 -27.37
CA LEU BA 397 -44.10 -61.21 -28.14
C LEU BA 397 -43.30 -60.87 -29.38
N GLY BA 398 -43.95 -60.87 -30.54
CA GLY BA 398 -43.37 -60.37 -31.77
C GLY BA 398 -44.03 -59.06 -32.16
N VAL BA 399 -43.24 -58.03 -32.39
CA VAL BA 399 -43.73 -56.71 -32.82
C VAL BA 399 -43.33 -56.46 -34.26
N CYS BA 400 -44.26 -56.16 -35.15
CA CYS BA 400 -44.05 -55.88 -36.57
C CYS BA 400 -43.24 -56.96 -37.30
N LEU BA 401 -41.95 -56.74 -37.59
CA LEU BA 401 -41.07 -57.80 -38.09
C LEU BA 401 -41.09 -59.05 -37.20
N GLY BA 402 -41.41 -58.92 -35.93
CA GLY BA 402 -41.63 -60.05 -35.04
C GLY BA 402 -42.86 -60.87 -35.38
N LEU BA 403 -43.98 -60.27 -35.81
CA LEU BA 403 -45.10 -61.06 -36.32
C LEU BA 403 -44.73 -61.73 -37.64
N GLN BA 404 -44.06 -60.98 -38.49
CA GLN BA 404 -43.54 -61.48 -39.75
C GLN BA 404 -42.69 -62.73 -39.48
N ILE BA 405 -41.80 -62.69 -38.50
CA ILE BA 405 -40.93 -63.81 -38.14
C ILE BA 405 -41.61 -64.90 -37.34
N ALA BA 406 -42.61 -64.60 -36.51
CA ALA BA 406 -43.48 -65.61 -35.93
C ALA BA 406 -44.20 -66.40 -37.02
N THR BA 407 -44.64 -65.75 -38.10
CA THR BA 407 -45.32 -66.41 -39.20
C THR BA 407 -44.36 -67.16 -40.12
N ILE BA 408 -43.21 -66.58 -40.47
CA ILE BA 408 -42.16 -67.28 -41.20
C ILE BA 408 -41.73 -68.51 -40.42
N GLU BA 409 -41.54 -68.46 -39.10
CA GLU BA 409 -41.11 -69.63 -38.34
C GLU BA 409 -42.20 -70.71 -38.31
N PHE BA 410 -43.42 -70.35 -37.95
CA PHE BA 410 -44.52 -71.31 -37.92
C PHE BA 410 -44.74 -71.96 -39.29
N THR BA 411 -44.59 -71.21 -40.38
CA THR BA 411 -44.55 -71.76 -41.74
C THR BA 411 -43.38 -72.73 -41.90
N ARG BA 412 -42.14 -72.28 -41.61
CA ARG BA 412 -40.86 -72.99 -41.80
C ARG BA 412 -40.69 -74.24 -40.93
N SER BA 413 -41.53 -74.46 -39.93
CA SER BA 413 -41.38 -75.57 -38.98
C SER BA 413 -42.64 -76.38 -38.71
N VAL BA 414 -43.83 -75.78 -38.80
CA VAL BA 414 -45.09 -76.48 -38.58
C VAL BA 414 -45.71 -76.94 -39.92
N LEU BA 415 -45.62 -76.13 -40.99
CA LEU BA 415 -46.07 -76.51 -42.33
C LEU BA 415 -44.97 -77.17 -43.20
N GLY BA 416 -43.78 -77.40 -42.66
CA GLY BA 416 -42.60 -77.72 -43.47
C GLY BA 416 -42.09 -76.48 -44.21
N ARG BA 417 -42.28 -76.40 -45.53
CA ARG BA 417 -42.05 -75.21 -46.39
C ARG BA 417 -40.73 -74.45 -46.10
N LYS BA 418 -39.62 -75.18 -46.00
CA LYS BA 418 -38.31 -74.67 -45.53
C LYS BA 418 -37.71 -73.53 -46.37
N ASP BA 419 -38.14 -73.38 -47.63
CA ASP BA 419 -37.74 -72.29 -48.53
C ASP BA 419 -38.44 -70.94 -48.24
N SER BA 420 -39.48 -70.89 -47.41
CA SER BA 420 -40.27 -69.66 -47.20
C SER BA 420 -39.50 -68.55 -46.50
N HIS BA 421 -39.79 -67.30 -46.84
CA HIS BA 421 -38.99 -66.11 -46.50
C HIS BA 421 -39.87 -64.86 -46.58
N SER BA 422 -39.40 -63.73 -46.03
CA SER BA 422 -40.04 -62.43 -46.23
C SER BA 422 -40.13 -62.04 -47.73
N ALA BA 423 -41.14 -61.24 -48.09
CA ALA BA 423 -41.25 -60.66 -49.43
C ALA BA 423 -40.02 -59.82 -49.84
N GLU BA 424 -39.19 -59.44 -48.89
CA GLU BA 424 -37.88 -58.83 -49.13
C GLU BA 424 -36.99 -59.65 -50.08
N PHE BA 425 -37.02 -60.99 -50.02
CA PHE BA 425 -36.34 -61.88 -50.98
C PHE BA 425 -37.22 -62.05 -52.24
N TYR BA 426 -37.44 -60.93 -52.92
CA TYR BA 426 -38.39 -60.79 -54.01
C TYR BA 426 -38.31 -61.86 -55.12
N PRO BA 427 -37.15 -62.21 -55.70
CA PRO BA 427 -37.09 -63.08 -56.88
C PRO BA 427 -37.37 -64.57 -56.63
N ASP BA 428 -37.59 -65.00 -55.39
CA ASP BA 428 -38.10 -66.35 -55.10
C ASP BA 428 -39.57 -66.53 -55.48
N ILE BA 429 -40.35 -65.44 -55.50
CA ILE BA 429 -41.76 -65.33 -55.91
C ILE BA 429 -42.71 -66.32 -55.17
N ASP BA 430 -42.73 -67.59 -55.54
CA ASP BA 430 -43.73 -68.58 -55.12
C ASP BA 430 -43.76 -68.82 -53.60
N GLU BA 431 -42.62 -68.65 -52.92
CA GLU BA 431 -42.43 -68.93 -51.48
C GLU BA 431 -42.37 -67.68 -50.58
N LYS BA 432 -42.68 -66.49 -51.13
CA LYS BA 432 -42.81 -65.26 -50.34
C LYS BA 432 -43.93 -65.40 -49.32
N ASN BA 433 -43.60 -65.23 -48.04
CA ASN BA 433 -44.53 -65.33 -46.92
C ASN BA 433 -45.44 -64.08 -46.76
N HIS BA 434 -45.14 -63.00 -47.47
CA HIS BA 434 -45.75 -61.67 -47.31
C HIS BA 434 -46.15 -61.06 -48.67
N VAL BA 435 -46.94 -59.99 -48.63
CA VAL BA 435 -47.35 -59.20 -49.79
C VAL BA 435 -47.20 -57.71 -49.50
N VAL BA 436 -46.82 -56.93 -50.51
CA VAL BA 436 -46.77 -55.47 -50.46
C VAL BA 436 -48.15 -54.87 -50.21
N VAL BA 437 -48.21 -53.83 -49.37
CA VAL BA 437 -49.41 -53.05 -49.10
C VAL BA 437 -49.02 -51.60 -48.75
N PHE BA 438 -48.72 -50.78 -49.76
CA PHE BA 438 -48.22 -49.41 -49.57
C PHE BA 438 -49.30 -48.38 -49.15
N MET BA 439 -50.59 -48.64 -49.40
CA MET BA 439 -51.70 -47.70 -49.23
C MET BA 439 -51.43 -46.30 -49.80
N MET BA 440 -46.40 -46.63 -47.28
CA MET BA 440 -46.37 -47.22 -45.95
C MET BA 440 -47.68 -46.99 -45.18
N ARG BA 441 -48.21 -48.02 -44.50
CA ARG BA 441 -49.32 -47.89 -43.56
C ARG BA 441 -48.78 -47.26 -42.28
N LEU BA 442 -49.37 -46.15 -41.83
CA LEU BA 442 -48.91 -45.31 -40.72
C LEU BA 442 -50.05 -44.87 -39.80
N GLY BA 443 -49.70 -44.37 -38.63
CA GLY BA 443 -50.62 -43.69 -37.72
C GLY BA 443 -51.65 -44.58 -37.03
N LEU BA 444 -52.50 -43.96 -36.22
CA LEU BA 444 -53.52 -44.66 -35.44
C LEU BA 444 -54.59 -45.20 -36.37
N ARG BA 445 -54.66 -46.53 -36.48
CA ARG BA 445 -55.74 -47.25 -37.17
C ARG BA 445 -56.41 -48.24 -36.20
N PRO BA 446 -57.71 -48.55 -36.36
CA PRO BA 446 -58.37 -49.55 -35.51
C PRO BA 446 -57.87 -50.98 -35.79
N THR BA 447 -58.19 -51.91 -34.91
CA THR BA 447 -58.11 -53.36 -35.13
C THR BA 447 -59.23 -54.06 -34.37
N PHE BA 448 -59.89 -55.02 -34.99
CA PHE BA 448 -61.11 -55.65 -34.52
C PHE BA 448 -60.87 -57.13 -34.24
N PHE BA 449 -61.28 -57.61 -33.08
CA PHE BA 449 -61.14 -59.02 -32.73
C PHE BA 449 -62.06 -59.90 -33.59
N GLN BA 450 -61.60 -61.09 -33.99
CA GLN BA 450 -62.42 -62.05 -34.71
C GLN BA 450 -63.46 -62.66 -33.74
N ASN BA 451 -64.74 -62.63 -34.09
CA ASN BA 451 -65.84 -62.67 -33.11
C ASN BA 451 -66.00 -63.98 -32.28
N GLU BA 452 -65.30 -65.06 -32.65
CA GLU BA 452 -65.33 -66.37 -31.98
C GLU BA 452 -64.22 -66.54 -30.91
N THR BA 453 -63.18 -65.70 -30.92
CA THR BA 453 -61.92 -65.98 -30.20
C THR BA 453 -61.96 -65.66 -28.69
N GLU BA 454 -62.99 -66.11 -28.00
CA GLU BA 454 -63.22 -65.90 -26.56
C GLU BA 454 -62.16 -66.54 -25.67
N TRP BA 455 -61.43 -67.53 -26.18
CA TRP BA 455 -60.34 -68.23 -25.49
C TRP BA 455 -59.07 -67.37 -25.32
N SER BA 456 -58.89 -66.35 -26.17
CA SER BA 456 -57.65 -65.60 -26.33
C SER BA 456 -57.13 -64.97 -25.05
N GLN BA 457 -55.84 -65.14 -24.77
CA GLN BA 457 -55.19 -64.45 -23.66
C GLN BA 457 -55.09 -62.95 -23.92
N ILE BA 458 -54.72 -62.55 -25.15
CA ILE BA 458 -54.54 -61.12 -25.45
C ILE BA 458 -55.85 -60.36 -25.44
N LYS BA 459 -56.93 -60.86 -26.04
CA LYS BA 459 -58.21 -60.13 -26.02
C LYS BA 459 -58.87 -60.11 -24.64
N LYS BA 460 -58.43 -60.96 -23.71
CA LYS BA 460 -58.77 -60.82 -22.29
C LYS BA 460 -58.06 -59.63 -21.66
N LEU BA 461 -56.76 -59.43 -21.90
CA LEU BA 461 -56.02 -58.25 -21.39
C LEU BA 461 -56.62 -56.92 -21.83
N TYR BA 462 -57.12 -56.82 -23.07
CA TYR BA 462 -57.87 -55.66 -23.57
C TYR BA 462 -59.27 -55.48 -22.94
N GLY BA 463 -59.63 -56.24 -21.90
CA GLY BA 463 -60.86 -56.02 -21.11
C GLY BA 463 -62.15 -56.47 -21.79
N ASP BA 464 -62.07 -57.38 -22.76
CA ASP BA 464 -63.19 -57.81 -23.60
C ASP BA 464 -63.83 -56.69 -24.46
N VAL BA 465 -63.15 -55.58 -24.65
CA VAL BA 465 -63.57 -54.51 -25.57
C VAL BA 465 -63.55 -55.02 -27.03
N SER BA 466 -64.50 -54.57 -27.84
CA SER BA 466 -64.73 -55.04 -29.23
C SER BA 466 -63.60 -54.69 -30.22
N GLU BA 467 -62.87 -53.60 -29.99
CA GLU BA 467 -61.79 -53.15 -30.86
C GLU BA 467 -60.73 -52.36 -30.09
N VAL BA 468 -59.56 -52.20 -30.70
CA VAL BA 468 -58.39 -51.48 -30.18
C VAL BA 468 -57.92 -50.46 -31.21
N HIS BA 469 -57.13 -49.46 -30.83
CA HIS BA 469 -56.55 -48.49 -31.78
C HIS BA 469 -55.05 -48.35 -31.57
N GLU BA 470 -54.23 -48.44 -32.62
CA GLU BA 470 -52.78 -48.65 -32.50
C GLU BA 470 -51.96 -48.00 -33.62
N ARG BA 471 -50.67 -47.73 -33.39
CA ARG BA 471 -49.75 -47.16 -34.39
C ARG BA 471 -49.11 -48.23 -35.28
N HIS BA 472 -48.88 -47.92 -36.55
CA HIS BA 472 -48.33 -48.83 -37.56
C HIS BA 472 -47.15 -48.18 -38.29
N ARG BA 473 -46.24 -48.96 -38.91
CA ARG BA 473 -45.13 -48.46 -39.75
C ARG BA 473 -44.70 -49.46 -40.85
N HIS BA 474 -45.61 -50.25 -41.42
CA HIS BA 474 -45.29 -51.42 -42.24
C HIS BA 474 -45.62 -51.25 -43.73
N ARG BA 475 -44.75 -51.79 -44.61
CA ARG BA 475 -44.97 -51.91 -46.07
C ARG BA 475 -45.34 -53.34 -46.53
N TYR BA 476 -45.19 -54.33 -45.67
CA TYR BA 476 -45.51 -55.74 -45.91
C TYR BA 476 -46.57 -56.25 -44.93
N GLU BA 477 -47.42 -57.17 -45.37
CA GLU BA 477 -48.33 -57.94 -44.54
C GLU BA 477 -48.28 -59.42 -44.92
N ILE BA 478 -48.70 -60.33 -44.04
CA ILE BA 478 -48.73 -61.78 -44.32
C ILE BA 478 -49.68 -62.04 -45.51
N ASN BA 479 -49.27 -62.87 -46.47
CA ASN BA 479 -50.02 -63.09 -47.71
C ASN BA 479 -51.39 -63.71 -47.40
N PRO BA 480 -52.54 -63.05 -47.66
CA PRO BA 480 -53.86 -63.54 -47.31
C PRO BA 480 -54.19 -64.95 -47.82
N LYS BA 481 -53.59 -65.32 -48.95
CA LYS BA 481 -53.71 -66.65 -49.56
C LYS BA 481 -53.36 -67.78 -48.58
N MET BA 482 -52.36 -67.56 -47.73
CA MET BA 482 -51.88 -68.55 -46.75
C MET BA 482 -52.65 -68.56 -45.44
N VAL BA 483 -53.39 -67.51 -45.11
CA VAL BA 483 -53.89 -67.31 -43.73
C VAL BA 483 -54.87 -68.38 -43.29
N ASP BA 484 -55.67 -68.96 -44.20
CA ASP BA 484 -56.54 -70.09 -43.84
C ASP BA 484 -55.72 -71.30 -43.36
N GLU BA 485 -54.57 -71.58 -43.99
CA GLU BA 485 -53.69 -72.68 -43.64
C GLU BA 485 -53.10 -72.50 -42.25
N LEU BA 486 -52.66 -71.27 -41.94
CA LEU BA 486 -52.15 -70.88 -40.63
C LEU BA 486 -53.26 -70.92 -39.56
N GLU BA 487 -54.46 -70.40 -39.83
CA GLU BA 487 -55.60 -70.48 -38.91
C GLU BA 487 -56.00 -71.94 -38.63
N ASN BA 488 -56.06 -72.79 -39.65
CA ASN BA 488 -56.39 -74.22 -39.52
C ASN BA 488 -55.33 -75.01 -38.74
N ASN BA 489 -54.05 -74.64 -38.86
CA ASN BA 489 -52.96 -75.26 -38.10
C ASN BA 489 -52.79 -74.71 -36.68
N GLY BA 490 -53.43 -73.60 -36.33
CA GLY BA 490 -53.54 -73.09 -34.96
C GLY BA 490 -52.86 -71.75 -34.69
N LEU BA 491 -52.19 -71.15 -35.68
CA LEU BA 491 -51.64 -69.80 -35.60
C LEU BA 491 -52.77 -68.78 -35.84
N ILE BA 492 -53.76 -68.74 -34.94
CA ILE BA 492 -55.02 -68.04 -35.17
C ILE BA 492 -54.82 -66.52 -35.17
N PHE BA 493 -55.19 -65.85 -36.27
CA PHE BA 493 -55.12 -64.39 -36.36
C PHE BA 493 -56.28 -63.73 -35.62
N VAL BA 494 -56.15 -63.58 -34.30
CA VAL BA 494 -57.22 -63.11 -33.40
C VAL BA 494 -57.66 -61.65 -33.62
N GLY BA 495 -56.94 -60.86 -34.41
CA GLY BA 495 -57.33 -59.51 -34.78
C GLY BA 495 -56.99 -59.15 -36.21
N LYS BA 496 -57.91 -58.47 -36.89
CA LYS BA 496 -57.74 -57.99 -38.25
C LYS BA 496 -58.27 -56.57 -38.38
N ASP BA 497 -58.03 -55.95 -39.52
CA ASP BA 497 -58.45 -54.59 -39.83
C ASP BA 497 -59.96 -54.49 -40.14
N ASP BA 498 -60.39 -53.28 -40.45
CA ASP BA 498 -61.75 -52.97 -40.91
C ASP BA 498 -62.22 -53.86 -42.08
N THR BA 499 -61.38 -54.11 -43.09
CA THR BA 499 -61.74 -54.93 -44.26
C THR BA 499 -61.72 -56.45 -43.96
N GLY BA 500 -60.98 -56.89 -42.95
CA GLY BA 500 -60.71 -58.29 -42.68
C GLY BA 500 -59.66 -58.93 -43.59
N LYS BA 501 -59.02 -58.15 -44.46
CA LYS BA 501 -57.96 -58.62 -45.36
C LYS BA 501 -56.58 -58.61 -44.71
N ARG BA 502 -56.34 -57.76 -43.70
CA ARG BA 502 -55.02 -57.47 -43.13
C ARG BA 502 -54.77 -58.17 -41.79
N CYS BA 503 -53.61 -58.79 -41.65
CA CYS BA 503 -53.17 -59.54 -40.47
C CYS BA 503 -52.64 -58.60 -39.35
N GLU BA 504 -53.43 -58.25 -38.34
CA GLU BA 504 -53.03 -57.25 -37.33
C GLU BA 504 -52.52 -57.87 -36.03
N ILE BA 505 -53.05 -59.01 -35.59
CA ILE BA 505 -52.61 -59.76 -34.39
C ILE BA 505 -52.59 -61.25 -34.70
N LEU BA 506 -51.65 -62.03 -34.16
CA LEU BA 506 -51.81 -63.48 -34.04
C LEU BA 506 -51.63 -63.96 -32.61
N GLU BA 507 -52.31 -65.04 -32.26
CA GLU BA 507 -52.06 -65.82 -31.06
C GLU BA 507 -52.01 -67.29 -31.45
N LEU BA 508 -50.99 -68.01 -31.01
CA LEU BA 508 -50.91 -69.45 -31.22
C LEU BA 508 -51.82 -70.14 -30.20
N LYS BA 509 -52.84 -70.86 -30.69
CA LYS BA 509 -53.81 -71.61 -29.88
C LYS BA 509 -53.10 -72.60 -28.96
N ASN BA 510 -53.50 -72.63 -27.67
CA ASN BA 510 -52.98 -73.54 -26.65
C ASN BA 510 -51.45 -73.47 -26.46
N HIS BA 511 -50.95 -72.25 -26.25
CA HIS BA 511 -49.60 -71.95 -25.73
C HIS BA 511 -49.72 -70.93 -24.58
N PRO BA 512 -48.92 -70.98 -23.51
CA PRO BA 512 -49.10 -70.08 -22.36
C PRO BA 512 -49.13 -68.59 -22.65
N TYR BA 513 -48.33 -68.10 -23.60
CA TYR BA 513 -48.37 -66.73 -24.12
C TYR BA 513 -47.49 -66.61 -25.36
N TYR BA 514 -48.06 -66.72 -26.55
CA TYR BA 514 -47.31 -66.54 -27.79
C TYR BA 514 -48.13 -65.65 -28.71
N ILE BA 515 -47.80 -64.37 -28.67
CA ILE BA 515 -48.51 -63.30 -29.35
C ILE BA 515 -47.58 -62.70 -30.37
N ALA BA 516 -48.13 -62.21 -31.47
CA ALA BA 516 -47.46 -61.14 -32.19
C ALA BA 516 -48.46 -60.09 -32.65
N THR BA 517 -47.99 -58.87 -32.89
CA THR BA 517 -48.75 -57.73 -33.39
C THR BA 517 -48.07 -57.16 -34.62
N GLN BA 518 -48.80 -56.83 -35.68
CA GLN BA 518 -48.22 -56.13 -36.82
C GLN BA 518 -47.93 -54.66 -36.48
N TYR BA 519 -48.78 -54.06 -35.66
CA TYR BA 519 -48.53 -52.74 -35.08
C TYR BA 519 -47.40 -52.74 -34.05
N HIS BA 520 -46.95 -51.55 -33.70
CA HIS BA 520 -45.98 -51.25 -32.65
C HIS BA 520 -46.69 -50.77 -31.36
N PRO BA 521 -47.04 -51.66 -30.40
CA PRO BA 521 -47.77 -51.29 -29.18
C PRO BA 521 -46.99 -50.42 -28.20
N GLU BA 522 -45.66 -50.42 -28.27
CA GLU BA 522 -44.79 -49.58 -27.46
C GLU BA 522 -44.96 -48.08 -27.75
N TYR BA 523 -45.57 -47.70 -28.87
CA TYR BA 523 -45.91 -46.31 -29.13
C TYR BA 523 -47.22 -45.86 -28.50
N THR BA 524 -47.89 -46.69 -27.68
CA THR BA 524 -48.99 -46.22 -26.82
C THR BA 524 -48.92 -46.71 -25.37
N SER BA 525 -47.81 -47.32 -24.95
CA SER BA 525 -47.58 -47.61 -23.54
C SER BA 525 -47.46 -46.34 -22.71
N LYS BA 526 -48.18 -46.25 -21.59
CA LYS BA 526 -48.13 -45.14 -20.62
C LYS BA 526 -47.82 -45.66 -19.22
N VAL BA 527 -47.24 -44.84 -18.35
CA VAL BA 527 -46.74 -45.30 -17.05
C VAL BA 527 -47.87 -45.79 -16.12
N LEU BA 528 -49.07 -45.22 -16.18
CA LEU BA 528 -50.22 -45.70 -15.42
C LEU BA 528 -51.13 -46.68 -16.17
N ASP BA 529 -51.01 -46.77 -17.49
CA ASP BA 529 -51.76 -47.67 -18.37
C ASP BA 529 -50.80 -48.37 -19.34
N PRO BA 530 -50.20 -49.51 -18.96
CA PRO BA 530 -49.19 -50.18 -19.77
C PRO BA 530 -49.78 -50.80 -21.02
N SER BA 531 -49.05 -50.85 -22.14
CA SER BA 531 -49.61 -51.39 -23.39
C SER BA 531 -49.81 -52.89 -23.25
N LYS BA 532 -51.03 -53.36 -23.51
CA LYS BA 532 -51.48 -54.71 -23.19
C LYS BA 532 -50.63 -55.86 -23.73
N PRO BA 533 -50.13 -55.86 -24.99
CA PRO BA 533 -49.27 -56.93 -25.49
C PRO BA 533 -47.96 -57.08 -24.71
N PHE BA 534 -47.40 -55.97 -24.21
CA PHE BA 534 -46.21 -55.99 -23.35
C PHE BA 534 -46.55 -56.35 -21.91
N LEU BA 535 -47.71 -55.97 -21.38
CA LEU BA 535 -48.13 -56.42 -20.06
C LEU BA 535 -48.27 -57.94 -20.01
N GLY BA 536 -48.88 -58.54 -21.02
CA GLY BA 536 -48.98 -60.00 -21.12
C GLY BA 536 -47.63 -60.69 -21.18
N LEU BA 537 -46.66 -60.17 -21.95
CA LEU BA 537 -45.31 -60.74 -22.01
C LEU BA 537 -44.64 -60.74 -20.65
N VAL BA 538 -44.67 -59.64 -19.90
CA VAL BA 538 -44.06 -59.61 -18.57
C VAL BA 538 -44.84 -60.52 -17.63
N ALA BA 539 -46.16 -60.41 -17.58
CA ALA BA 539 -46.96 -61.19 -16.65
C ALA BA 539 -46.84 -62.71 -16.88
N ALA BA 540 -46.78 -63.18 -18.11
CA ALA BA 540 -46.53 -64.58 -18.39
C ALA BA 540 -45.08 -64.98 -18.10
N SER BA 541 -44.10 -64.12 -18.31
CA SER BA 541 -42.71 -64.36 -17.90
C SER BA 541 -42.60 -64.51 -16.37
N ALA BA 542 -43.37 -63.75 -15.62
CA ALA BA 542 -43.56 -63.87 -14.17
C ALA BA 542 -44.44 -65.06 -13.75
N GLY BA 543 -45.10 -65.74 -14.69
CA GLY BA 543 -46.00 -66.86 -14.42
C GLY BA 543 -47.29 -66.46 -13.69
N ILE BA 544 -47.69 -65.19 -13.82
CA ILE BA 544 -48.81 -64.58 -13.09
C ILE BA 544 -49.94 -64.06 -13.99
N LEU BA 545 -49.88 -64.36 -15.30
CA LEU BA 545 -50.75 -63.80 -16.33
C LEU BA 545 -52.23 -63.90 -15.99
N GLN BA 546 -52.69 -65.05 -15.49
CA GLN BA 546 -54.08 -65.25 -15.08
C GLN BA 546 -54.54 -64.17 -14.08
N ASP BA 547 -53.73 -63.88 -13.09
CA ASP BA 547 -54.09 -63.05 -11.95
C ASP BA 547 -54.05 -61.55 -12.31
N VAL BA 548 -53.18 -61.18 -13.26
CA VAL BA 548 -53.17 -59.86 -13.88
C VAL BA 548 -54.45 -59.63 -14.68
N ILE BA 549 -54.92 -60.63 -15.43
CA ILE BA 549 -56.18 -60.54 -16.18
C ILE BA 549 -57.37 -60.48 -15.21
N GLU BA 550 -57.35 -61.27 -14.16
CA GLU BA 550 -58.39 -61.29 -13.12
C GLU BA 550 -58.41 -60.03 -12.23
N GLY BA 551 -57.33 -59.25 -12.21
CA GLY BA 551 -57.28 -57.90 -11.61
C GLY BA 551 -56.52 -57.78 -10.28
N LYS BA 552 -55.65 -58.73 -9.93
CA LYS BA 552 -54.84 -58.72 -8.68
C LYS BA 552 -53.73 -57.65 -8.63
N TYR BA 553 -53.64 -56.77 -9.63
CA TYR BA 553 -52.55 -55.81 -9.81
C TYR BA 553 -52.96 -54.43 -10.35
N ASP BA 554 -54.25 -54.10 -10.43
CA ASP BA 554 -54.68 -52.72 -10.66
C ASP BA 554 -54.30 -51.79 -9.48
N LEU BA 555 -54.06 -50.51 -9.77
CA LEU BA 555 -53.40 -49.56 -8.85
C LEU BA 555 -54.27 -49.09 -7.67
N GLU BA 556 -55.58 -48.94 -7.88
CA GLU BA 556 -56.55 -48.55 -6.86
C GLU BA 556 -57.74 -49.53 -6.88
N ALA BA 557 -58.28 -49.89 -5.70
CA ALA BA 557 -59.36 -50.86 -5.57
C ALA BA 557 -60.62 -50.46 -6.34
N1 CTP CA . -16.42 97.80 -63.69
C2 CTP CA . -17.02 96.69 -63.19
N3 CTP CA . -17.41 95.70 -63.98
C4 CTP CA . -17.25 95.80 -65.26
C5 CTP CA . -16.65 96.91 -65.79
C6 CTP CA . -16.24 97.92 -64.96
O2 CTP CA . -17.20 96.57 -61.98
N4 CTP CA . -17.67 94.80 -66.03
C1' CTP CA . -16.03 98.80 -62.72
C2' CTP CA . -15.01 99.79 -63.11
O2' CTP CA . -14.67 100.29 -61.85
C3' CTP CA . -15.80 100.87 -63.75
C4' CTP CA . -17.01 100.89 -62.90
O4' CTP CA . -17.16 99.56 -62.42
O3' CTP CA . -15.19 102.14 -63.62
C5' CTP CA . -18.19 101.38 -63.72
O5' CTP CA . -17.81 102.51 -64.49
PA CTP CA . -18.43 102.71 -65.90
O1A CTP CA . -19.18 101.50 -66.16
O2A CTP CA . -19.04 104.04 -65.95
O3A CTP CA . -17.19 102.81 -66.83
PB CTP CA . -17.17 101.98 -68.17
O1B CTP CA . -16.99 100.58 -67.89
O2B CTP CA . -16.29 102.52 -69.21
O3B CTP CA . -18.64 102.27 -68.52
PG CTP CA . -18.73 103.56 -69.36
O1G CTP CA . -18.29 103.03 -70.69
O2G CTP CA . -20.19 103.89 -69.25
O3G CTP CA . -17.79 104.50 -68.63
N1 CTP DA . -26.01 117.42 -58.68
C2 CTP DA . -26.29 118.54 -57.90
N3 CTP DA . -27.15 118.49 -56.91
C4 CTP DA . -27.75 117.36 -56.62
C5 CTP DA . -27.50 116.25 -57.37
C6 CTP DA . -26.61 116.29 -58.41
O2 CTP DA . -25.73 119.61 -58.13
N4 CTP DA . -28.62 117.35 -55.61
C1' CTP DA . -25.04 117.55 -59.75
C2' CTP DA . -23.73 117.03 -59.27
O2' CTP DA . -23.09 118.03 -58.49
C3' CTP DA . -23.07 116.83 -60.60
C4' CTP DA . -24.12 116.11 -61.35
O4' CTP DA . -25.31 116.77 -60.89
O3' CTP DA . -22.91 118.11 -61.21
C5' CTP DA . -24.10 114.65 -60.95
O5' CTP DA . -25.41 114.13 -60.88
PA CTP DA . -25.77 112.75 -60.26
O1A CTP DA . -27.13 112.87 -59.69
O2A CTP DA . -24.71 112.26 -59.35
O3A CTP DA . -25.70 111.90 -61.57
PB CTP DA . -24.36 111.30 -62.14
O1B CTP DA . -24.16 111.97 -63.44
O2B CTP DA . -23.29 111.18 -61.16
O3B CTP DA . -24.85 109.82 -62.27
PG CTP DA . -25.19 108.85 -61.07
O1G CTP DA . -26.59 108.56 -61.32
O2G CTP DA . -24.79 109.59 -59.84
O3G CTP DA . -24.28 107.75 -61.43
N1 CTP EA . -39.97 89.87 -77.59
C2 CTP EA . -39.18 88.84 -77.16
N3 CTP EA . -38.71 88.79 -75.94
C4 CTP EA . -38.98 89.76 -75.11
C5 CTP EA . -39.75 90.80 -75.49
C6 CTP EA . -40.26 90.83 -76.78
O2 CTP EA . -38.91 87.91 -77.93
N4 CTP EA . -38.45 89.70 -73.88
C1' CTP EA . -40.44 89.78 -78.95
C2' CTP EA . -41.62 90.58 -79.33
O2' CTP EA . -41.95 89.96 -80.54
C3' CTP EA . -41.04 91.89 -79.70
C4' CTP EA . -39.79 91.48 -80.39
O4' CTP EA . -39.41 90.25 -79.77
O3' CTP EA . -41.82 92.58 -80.68
C5' CTP EA . -38.75 92.58 -80.26
O5' CTP EA . -39.35 93.84 -80.50
PA CTP EA . -38.86 95.09 -79.71
O1A CTP EA . -38.45 96.11 -80.67
O2A CTP EA . -37.96 94.56 -78.69
O3A CTP EA . -40.16 95.64 -79.06
PB CTP EA . -40.15 96.03 -77.55
O1B CTP EA . -41.16 97.02 -77.14
O2B CTP EA . -40.09 94.85 -76.70
O3B CTP EA . -38.77 96.69 -77.58
PG CTP EA . -38.92 98.19 -77.94
O1G CTP EA . -39.93 98.16 -79.06
O2G CTP EA . -39.37 98.74 -76.62
O3G CTP EA . -37.52 98.55 -78.34
N1 CTP FA . -33.05 101.02 -95.74
C2 CTP FA . -32.89 101.26 -97.11
N3 CTP FA . -31.96 100.64 -97.80
C4 CTP FA . -31.19 99.75 -97.23
C5 CTP FA . -31.33 99.50 -95.89
C6 CTP FA . -32.26 100.14 -95.15
O2 CTP FA . -33.61 102.07 -97.68
N4 CTP FA . -30.25 99.15 -97.97
C1' CTP FA . -34.09 101.73 -95.03
C2' CTP FA . -35.28 100.84 -94.92
O2' CTP FA . -36.01 100.87 -96.14
C3' CTP FA . -36.00 101.55 -93.81
C4' CTP FA . -34.90 101.76 -92.84
O4' CTP FA . -33.80 102.05 -93.69
O3' CTP FA . -36.37 102.84 -94.30
C5' CTP FA . -34.68 100.48 -92.06
O5' CTP FA . -33.30 100.28 -91.82
PA CTP FA . -32.70 98.95 -91.27
O1A CTP FA . -33.62 97.80 -91.49
O2A CTP FA . -31.35 98.82 -91.83
O3A CTP FA . -32.75 99.30 -89.74
PB CTP FA . -34.01 99.11 -88.85
O1B CTP FA . -34.99 98.16 -89.37
O2B CTP FA . -34.40 100.46 -88.42
O3B CTP FA . -33.32 98.27 -87.71
PG CTP FA . -32.77 96.79 -87.86
O1G CTP FA . -33.19 96.36 -89.23
O2G CTP FA . -31.35 96.98 -87.57
O3G CTP FA . -33.52 96.17 -86.78
N1 CTP GA . -19.83 82.64 -52.26
C2 CTP GA . -19.86 83.45 -53.35
N3 CTP GA . -20.97 83.67 -54.03
C4 CTP GA . -22.07 83.10 -53.66
C5 CTP GA . -22.09 82.29 -52.57
C6 CTP GA . -20.93 82.08 -51.86
O2 CTP GA . -18.82 84.00 -53.74
N4 CTP GA . -23.18 83.33 -54.38
C1' CTP GA . -18.56 82.50 -51.60
C2' CTP GA . -18.55 82.03 -50.20
O2' CTP GA . -17.23 82.37 -49.86
C3' CTP GA . -18.54 80.55 -50.34
C4' CTP GA . -17.66 80.36 -51.51
O4' CTP GA . -17.84 81.52 -52.31
O3' CTP GA . -17.90 79.91 -49.24
C5' CTP GA . -18.05 79.06 -52.22
O5' CTP GA . -18.26 78.04 -51.27
PA CTP GA . -19.35 76.96 -51.52
O1A CTP GA . -20.08 77.44 -52.69
O2A CTP GA . -18.73 75.65 -51.47
O3A CTP GA . -20.24 77.04 -50.25
PB CTP GA . -21.80 77.09 -50.41
O1B CTP GA . -22.23 78.38 -50.94
O2B CTP GA . -22.57 76.61 -49.26
O3B CTP GA . -21.85 76.05 -51.53
PG CTP GA . -22.00 74.64 -50.92
O1G CTP GA . -21.62 73.76 -52.08
O2G CTP GA . -23.45 74.63 -50.58
O3G CTP GA . -21.01 74.67 -49.77
N1 CTP HA . -5.52 65.42 -52.68
C2 CTP HA . -4.29 64.78 -52.53
N3 CTP HA . -3.37 64.87 -53.46
C4 CTP HA . -3.57 65.58 -54.53
C5 CTP HA . -4.77 66.22 -54.70
C6 CTP HA . -5.74 66.13 -53.75
O2 CTP HA . -4.05 64.11 -51.53
N4 CTP HA . -2.61 65.64 -55.46
C1' CTP HA . -6.49 65.28 -51.62
C2' CTP HA . -6.43 66.49 -50.75
O2' CTP HA . -5.34 66.37 -49.86
C3' CTP HA . -7.76 66.38 -50.06
C4' CTP HA . -8.66 66.10 -51.22
O4' CTP HA . -7.85 65.26 -52.03
O3' CTP HA . -7.72 65.19 -49.27
C5' CTP HA . -8.98 67.42 -51.90
O5' CTP HA . -9.03 67.23 -53.31
PA CTP HA . -9.09 68.41 -54.33
O1A CTP HA . -8.41 67.94 -55.55
O2A CTP HA . -8.60 69.68 -53.73
O3A CTP HA . -10.65 68.51 -54.46
PB CTP HA . -11.54 69.32 -53.46
O1B CTP HA . -12.40 68.33 -52.80
O2B CTP HA . -10.83 70.35 -52.71
O3B CTP HA . -12.31 70.17 -54.54
PG CTP HA . -11.66 71.31 -55.45
O1G CTP HA . -11.88 70.77 -56.77
O2G CTP HA . -10.27 71.47 -54.93
O3G CTP HA . -12.56 72.41 -55.08
N1 CTP IA . -33.64 71.67 -74.64
C2 CTP IA . -33.80 73.02 -74.47
N3 CTP IA . -32.78 73.82 -74.23
C4 CTP IA . -31.58 73.32 -74.15
C5 CTP IA . -31.38 71.99 -74.33
C6 CTP IA . -32.44 71.16 -74.58
O2 CTP IA . -34.93 73.50 -74.53
N4 CTP IA . -30.57 74.16 -73.90
C1' CTP IA . -34.83 70.91 -74.90
C2' CTP IA . -34.69 69.58 -75.53
O2' CTP IA . -36.02 69.37 -75.93
C3' CTP IA . -34.48 68.68 -74.37
C4' CTP IA . -35.39 69.27 -73.36
O4' CTP IA . -35.44 70.66 -73.67
O3' CTP IA . -34.95 67.36 -74.62
C5' CTP IA . -34.85 68.96 -71.96
O5' CTP IA . -34.43 67.61 -71.90
PA CTP IA . -33.20 67.23 -71.02
O1A CTP IA . -33.62 66.21 -70.07
O2A CTP IA . -32.64 68.50 -70.61
O3A CTP IA . -32.26 66.49 -72.02
PB CTP IA . -30.74 66.89 -72.04
O1B CTP IA . -29.85 65.84 -72.55
O2B CTP IA . -30.55 68.19 -72.64
O3B CTP IA . -30.60 66.99 -70.53
PG CTP IA . -30.21 65.62 -69.95
O1G CTP IA . -31.12 64.65 -70.69
O2G CTP IA . -28.74 65.58 -70.28
O3G CTP IA . -30.52 65.81 -68.48
N1 CTP JA . -45.16 58.19 -60.96
C2 CTP JA . -46.27 57.47 -60.52
N3 CTP JA . -47.26 58.07 -59.87
C4 CTP JA . -47.22 59.35 -59.66
C5 CTP JA . -46.15 60.08 -60.08
C6 CTP JA . -45.11 59.48 -60.74
O2 CTP JA . -46.34 56.26 -60.71
N4 CTP JA . -48.24 59.92 -59.00
C1' CTP JA . -44.11 57.48 -61.66
C2' CTP JA . -44.31 57.67 -63.12
O2' CTP JA . -45.32 56.78 -63.58
C3' CTP JA . -42.95 57.29 -63.60
C4' CTP JA . -42.09 58.08 -62.67
O4' CTP JA . -42.80 57.97 -61.45
O3' CTP JA . -42.76 55.91 -63.28
C5' CTP JA . -42.00 59.50 -63.16
O5' CTP JA . -42.02 60.40 -62.07
PA CTP JA . -42.20 61.94 -62.22
O1A CTP JA . -42.84 62.29 -63.51
O2A CTP JA . -42.87 62.40 -60.99
O3A CTP JA . -40.69 62.32 -62.31
PB CTP JA . -39.87 62.29 -63.64
O1B CTP JA . -40.68 62.34 -64.86
O2B CTP JA . -38.83 61.27 -63.44
O3B CTP JA . -39.31 63.77 -63.57
PG CTP JA . -40.17 65.08 -63.71
O1G CTP JA . -41.54 64.61 -64.08
O2G CTP JA . -39.95 65.72 -62.43
O3G CTP JA . -39.43 65.69 -64.82
N1 CTP KA . -1.72 -96.74 24.34
C2 CTP KA . -2.28 -97.94 24.67
N3 CTP KA . -2.36 -98.94 23.81
C4 CTP KA . -1.89 -98.77 22.61
C5 CTP KA . -1.32 -97.60 22.24
C6 CTP KA . -1.23 -96.57 23.15
O2 CTP KA . -2.74 -98.11 25.81
N4 CTP KA . -2.00 -99.81 21.76
C1' CTP KA . -1.68 -95.74 25.37
C2' CTP KA . -0.72 -94.63 25.24
O2' CTP KA . -0.76 -94.13 26.56
C3' CTP KA . -1.46 -93.64 24.44
C4' CTP KA . -2.83 -93.76 24.96
O4' CTP KA . -2.94 -95.12 25.39
O3' CTP KA . -1.05 -92.30 24.71
C5' CTP KA . -3.82 -93.38 23.88
O5' CTP KA . -3.39 -92.21 23.22
PA CTP KA . -3.66 -92.02 21.71
O1A CTP KA . -4.18 -93.31 21.26
O2A CTP KA . -4.39 -90.78 21.52
O3A CTP KA . -2.25 -91.76 21.11
PB CTP KA . -1.81 -92.54 19.82
O1B CTP KA . -1.55 -93.93 20.12
O2B CTP KA . -0.78 -91.89 19.02
O3B CTP KA . -3.17 -92.42 19.12
PG CTP KA . -3.20 -91.13 18.28
O1G CTP KA . -4.67 -90.95 18.02
O2G CTP KA . -2.40 -91.55 17.09
O3G CTP KA . -2.58 -90.11 19.21
N1 CTP LA . -14.43 -78.47 26.83
C2 CTP LA . -15.01 -77.41 27.52
N3 CTP LA . -16.08 -77.59 28.27
C4 CTP LA . -16.61 -78.78 28.40
C5 CTP LA . -16.04 -79.83 27.73
C6 CTP LA . -14.95 -79.66 26.95
O2 CTP LA . -14.55 -76.27 27.43
N4 CTP LA . -17.69 -78.93 29.16
C1' CTP LA . -13.26 -78.20 26.04
C2' CTP LA . -12.05 -78.58 26.82
O2' CTP LA . -11.73 -77.54 27.74
C3' CTP LA . -11.05 -78.67 25.70
C4' CTP LA . -11.80 -79.49 24.71
O4' CTP LA . -13.13 -78.98 24.87
O3' CTP LA . -10.91 -77.37 25.15
C5' CTP LA . -11.71 -80.94 25.10
O5' CTP LA . -12.94 -81.61 24.85
PA CTP LA . -13.28 -83.04 25.35
O1A CTP LA . -14.73 -83.07 25.57
O2A CTP LA . -12.42 -83.42 26.51
O3A CTP LA . -12.78 -83.83 24.11
PB CTP LA . -11.29 -84.26 23.88
O1B CTP LA . -10.85 -83.53 22.68
O2B CTP LA . -10.49 -84.29 25.10
O3B CTP LA . -11.56 -85.79 23.62
PG CTP LA . -12.06 -86.82 24.71
O1G CTP LA . -13.32 -87.26 24.12
O2G CTP LA . -12.06 -86.07 26.00
O3G CTP LA . -10.98 -87.80 24.59
N1 CTP MA . -20.05 -106.84 5.02
C2 CTP MA . -19.29 -107.79 5.65
N3 CTP MA . -19.11 -107.81 6.95
C4 CTP MA . -19.69 -106.91 7.69
C5 CTP MA . -20.47 -105.94 7.11
C6 CTP MA . -20.64 -105.93 5.76
O2 CTP MA . -18.72 -108.66 4.97
N4 CTP MA . -19.48 -106.95 9.01
C1' CTP MA . -20.16 -106.94 3.59
C2' CTP MA . -21.30 -106.25 2.94
O2' CTP MA . -21.25 -106.88 1.68
C3' CTP MA . -20.79 -104.88 2.72
C4' CTP MA . -19.37 -105.14 2.36
O4' CTP MA . -19.03 -106.33 3.05
O3' CTP MA . -21.38 -104.26 1.58
C5' CTP MA . -18.53 -103.93 2.76
O5' CTP MA . -19.19 -102.74 2.37
PA CTP MA . -19.06 -101.47 3.26
O1A CTP MA . -18.55 -100.38 2.43
O2A CTP MA . -18.38 -101.92 4.46
O3A CTP MA . -20.54 -101.08 3.57
PB CTP MA . -20.94 -100.74 5.05
O1B CTP MA . -22.13 -99.88 5.17
O2B CTP MA . -20.96 -101.93 5.87
O3B CTP MA . -19.68 -99.93 5.34
PG CTP MA . -19.91 -98.45 4.96
O1G CTP MA . -20.62 -98.54 3.62
O2G CTP MA . -20.72 -97.99 6.13
O3G CTP MA . -18.50 -97.91 4.92
N1 CTP NA . -10.21 -94.46 -10.83
C2 CTP NA . -9.74 -94.16 -12.11
N3 CTP NA . -8.61 -94.67 -12.56
C4 CTP NA . -7.90 -95.46 -11.80
C5 CTP NA . -8.33 -95.77 -10.55
C6 CTP NA . -9.50 -95.26 -10.06
O2 CTP NA . -10.39 -93.42 -12.84
N4 CTP NA . -6.75 -95.95 -12.30
C1' CTP NA . -11.47 -93.89 -10.41
C2' CTP NA . -12.53 -94.91 -10.58
O2' CTP NA . -12.93 -94.93 -11.94
C3' CTP NA . -13.58 -94.32 -9.69
C4' CTP NA . -12.78 -94.02 -8.47
O4' CTP NA . -11.55 -93.57 -9.03
O3' CTP NA . -13.97 -93.06 -10.25
C5' CTP NA . -12.63 -95.28 -7.66
O5' CTP NA . -11.33 -95.33 -7.09
PA CTP NA . -10.73 -96.61 -6.42
O1A CTP NA . -11.43 -97.84 -6.86
O2A CTP NA . -9.28 -96.56 -6.62
O3A CTP NA . -11.19 -96.31 -4.95
PB CTP NA . -12.60 -96.67 -4.39
O1B CTP NA . -13.31 -97.70 -5.14
O2B CTP NA . -13.24 -95.38 -4.07
O3B CTP NA . -12.13 -97.46 -3.12
PG CTP NA . -11.39 -98.85 -3.13
O1G CTP NA . -11.40 -99.29 -4.56
O2G CTP NA . -10.13 -98.52 -2.49
O3G CTP NA . -12.31 -99.59 -2.27
N1 CTP OA . -6.07 -112.52 34.55
C2 CTP OA . -5.92 -111.68 33.48
N3 CTP OA . -6.84 -111.57 32.56
C4 CTP OA . -7.94 -112.27 32.65
C5 CTP OA . -8.12 -113.12 33.70
C6 CTP OA . -7.16 -113.22 34.67
O2 CTP OA . -4.89 -111.02 33.37
N4 CTP OA . -8.85 -112.14 31.67
C1' CTP OA . -4.99 -112.54 35.51
C2' CTP OA . -5.27 -113.05 36.87
O2' CTP OA . -4.11 -112.57 37.53
C3' CTP OA . -5.06 -114.51 36.73
C4' CTP OA . -3.90 -114.57 35.81
O4' CTP OA . -4.01 -113.40 35.00
O3' CTP OA . -4.63 -115.10 37.95
C5' CTP OA . -3.96 -115.88 35.03
O5' CTP OA . -4.27 -116.94 35.90
PA CTP OA . -5.14 -118.12 35.38
O1A CTP OA . -5.60 -117.70 34.07
O2A CTP OA . -4.40 -119.36 35.59
O3A CTP OA . -6.32 -118.19 36.39
PB CTP OA . -7.77 -118.31 35.85
O1B CTP OA . -8.21 -117.06 35.24
O2B CTP OA . -8.74 -118.90 36.78
O3B CTP OA . -7.43 -119.31 34.74
PG CTP OA . -7.56 -120.75 35.31
O1G CTP OA . -9.05 -120.92 35.28
O2G CTP OA . -6.81 -121.55 34.28
O3G CTP OA . -6.90 -120.64 36.67
N1 CTP PA . 9.78 -128.03 37.68
C2 CTP PA . 11.01 -128.53 38.13
N3 CTP PA . 12.13 -128.31 37.45
C4 CTP PA . 12.10 -127.60 36.36
C5 CTP PA . 10.91 -127.09 35.91
C6 CTP PA . 9.76 -127.31 36.58
O2 CTP PA . 11.07 -129.20 39.15
N4 CTP PA . 13.25 -127.40 35.71
C1' CTP PA . 8.61 -128.30 38.47
C2' CTP PA . 8.32 -127.12 39.32
O2' CTP PA . 9.15 -127.14 40.46
C3' CTP PA . 6.88 -127.40 39.65
C4' CTP PA . 6.34 -127.74 38.32
O4' CTP PA . 7.41 -128.47 37.73
O3' CTP PA . 6.86 -128.61 40.43
C5' CTP PA . 6.03 -126.45 37.57
O5' CTP PA . 6.35 -126.60 36.20
PA CTP PA . 6.42 -125.40 35.19
O1A CTP PA . 7.42 -125.76 34.18
O2A CTP PA . 6.59 -124.11 35.89
O3A CTP PA . 4.94 -125.48 34.69
PB CTP PA . 3.74 -124.80 35.43
O1B CTP PA . 2.87 -125.89 35.86
O2B CTP PA . 4.11 -123.72 36.34
O3B CTP PA . 3.17 -123.99 34.20
PG CTP PA . 3.88 -122.78 33.49
O1G CTP PA . 4.06 -123.29 32.14
O2G CTP PA . 5.08 -122.48 34.33
O3G CTP PA . 2.81 -121.80 33.61
N1 CTP QA . -12.59 -124.29 9.45
C2 CTP QA . -12.95 -122.98 9.57
N3 CTP QA . -12.11 -122.08 10.05
C4 CTP QA . -10.91 -122.44 10.43
C5 CTP QA . -10.54 -123.73 10.31
C6 CTP QA . -11.40 -124.66 9.80
O2 CTP QA . -14.07 -122.62 9.24
N4 CTP QA . -10.11 -121.50 10.92
C1' CTP QA . -13.59 -125.17 8.90
C2' CTP QA . -13.15 -126.46 8.33
O2' CTP QA . -14.31 -126.81 7.61
C3' CTP QA . -13.11 -127.36 9.49
C4' CTP QA . -14.31 -126.91 10.26
O4' CTP QA . -14.45 -125.53 9.94
O3' CTP QA . -13.36 -128.72 9.14
C5' CTP QA . -14.10 -127.20 11.74
O5' CTP QA . -13.56 -128.50 11.90
PA CTP QA . -12.56 -128.77 13.05
O1A CTP QA . -13.07 -129.86 13.87
O2A CTP QA . -12.26 -127.45 13.60
O3A CTP QA . -11.31 -129.36 12.32
PB CTP QA . -9.89 -128.81 12.67
O1B CTP QA . -8.78 -129.73 12.39
O2B CTP QA . -9.71 -127.47 12.14
O3B CTP QA . -10.15 -128.73 14.18
PG CTP QA . -9.75 -130.07 14.84
O1G CTP QA . -10.34 -131.10 13.89
O2G CTP QA . -8.26 -129.92 14.88
O3G CTP QA . -10.43 -129.96 16.17
N1 CTP RA . -25.51 -139.37 19.83
C2 CTP RA . -26.59 -140.22 19.98
N3 CTP RA . -27.77 -139.75 20.37
C4 CTP RA . -27.93 -138.49 20.58
C5 CTP RA . -26.88 -137.62 20.43
C6 CTP RA . -25.65 -138.08 20.06
O2 CTP RA . -26.47 -141.42 19.79
N4 CTP RA . -29.14 -138.05 20.96
C1' CTP RA . -24.24 -139.93 19.41
C2' CTP RA . -24.09 -139.73 17.94
O2' CTP RA . -24.84 -140.72 17.25
C3' CTP RA . -22.61 -139.94 17.82
C4' CTP RA . -22.11 -139.10 18.94
O4' CTP RA . -23.09 -139.31 19.94
O3' CTP RA . -22.35 -141.30 18.17
C5' CTP RA . -22.07 -137.65 18.48
O5' CTP RA . -22.45 -136.80 19.54
PA CTP RA . -22.76 -135.28 19.35
O1A CTP RA . -23.10 -134.95 17.94
O2A CTP RA . -23.77 -134.92 20.37
O3A CTP RA . -21.34 -134.72 19.64
PB CTP RA . -20.22 -134.62 18.55
O1B CTP RA . -20.69 -134.63 17.17
O2B CTP RA . -19.15 -135.53 19.00
O3B CTP RA . -19.86 -133.11 18.77
PG CTP RA . -20.81 -131.88 18.41
O1G CTP RA . -21.98 -132.50 17.70
O2G CTP RA . -20.99 -131.27 19.70
O3G CTP RA . -19.90 -131.16 17.53
N1 CTP SA . -22.93 -19.22 75.60
C2 CTP SA . -23.64 -20.34 75.93
N3 CTP SA . -23.87 -21.30 75.05
C4 CTP SA . -23.42 -21.19 73.84
C5 CTP SA . -22.71 -20.08 73.47
C6 CTP SA . -22.46 -19.10 74.39
O2 CTP SA . -24.08 -20.47 77.08
N4 CTP SA . -23.69 -22.17 72.97
C1' CTP SA . -22.74 -18.26 76.64
C2' CTP SA . -21.65 -17.28 76.50
O2' CTP SA . -21.58 -16.80 77.82
C3' CTP SA . -22.26 -16.18 75.72
C4' CTP SA . -23.63 -16.14 76.29
O4' CTP SA . -23.90 -17.47 76.71
O3' CTP SA . -21.66 -14.92 76.01
C5' CTP SA . -24.59 -15.60 75.24
O5' CTP SA . -24.02 -14.49 74.60
PA CTP SA . -24.31 -14.24 73.09
O1A CTP SA . -25.01 -15.45 72.64
O2A CTP SA . -24.88 -12.90 72.93
O3A CTP SA . -22.90 -14.16 72.45
PB CTP SA . -22.61 -14.96 71.14
O1B CTP SA . -22.52 -16.39 71.42
O2B CTP SA . -21.51 -14.43 70.32
O3B CTP SA . -23.95 -14.64 70.48
PG CTP SA . -23.83 -13.34 69.66
O1G CTP SA . -25.29 -12.98 69.45
O2G CTP SA . -23.13 -13.85 68.45
O3G CTP SA . -23.07 -12.43 70.59
N1 CTP TA . -33.05 0.52 78.74
C2 CTP TA . -33.46 1.63 79.46
N3 CTP TA . -34.53 1.58 80.24
C4 CTP TA . -35.20 0.46 80.37
C5 CTP TA . -34.80 -0.65 79.67
C6 CTP TA . -33.71 -0.61 78.85
O2 CTP TA . -32.86 2.69 79.38
N4 CTP TA . -36.27 0.45 81.17
C1' CTP TA . -31.87 0.65 77.91
C2' CTP TA . -30.70 0.09 78.66
O2' CTP TA . -30.24 1.06 79.57
C3' CTP TA . -29.76 -0.12 77.51
C4' CTP TA . -30.64 -0.80 76.53
O4' CTP TA . -31.89 -0.13 76.73
O3' CTP TA . -29.46 1.17 76.96
C5' CTP TA . -30.73 -2.27 76.89
O5' CTP TA . -32.04 -2.76 76.66
PA CTP TA . -32.55 -4.14 77.17
O1A CTP TA . -33.99 -4.00 77.42
O2A CTP TA . -31.72 -4.65 78.28
O3A CTP TA . -32.20 -4.96 75.89
PB CTP TA . -30.79 -5.58 75.61
O1B CTP TA . -30.29 -4.91 74.41
O2B CTP TA . -29.95 -5.74 76.80
O3B CTP TA . -31.26 -7.06 75.35
PG CTP TA . -31.87 -8.04 76.42
O1G CTP TA . -33.18 -8.30 75.88
O2G CTP TA . -31.73 -7.32 77.72
O3G CTP TA . -30.93 -9.15 76.26
N1 CTP UA . -42.98 -26.48 56.71
C2 CTP UA . -42.32 -27.53 57.30
N3 CTP UA . -42.13 -27.59 58.59
C4 CTP UA . -42.56 -26.64 59.36
C5 CTP UA . -43.21 -25.57 58.82
C6 CTP UA . -43.43 -25.52 57.47
O2 CTP UA . -41.90 -28.44 56.59
N4 CTP UA . -42.32 -26.72 60.68
C1' CTP UA . -43.15 -26.53 55.29
C2' CTP UA . -44.20 -25.69 54.68
O2' CTP UA . -44.27 -26.29 53.41
C3' CTP UA . -43.52 -24.39 54.46
C4' CTP UA . -42.16 -24.82 54.06
O4' CTP UA . -41.95 -26.07 54.72
O3' CTP UA . -44.07 -23.68 53.35
C5' CTP UA . -41.16 -23.74 54.44
O5' CTP UA . -41.66 -22.47 54.10
PA CTP UA . -41.34 -21.24 55.00
O1A CTP UA . -40.72 -20.22 54.16
O2A CTP UA . -40.70 -21.81 56.17
O3A CTP UA . -42.75 -20.67 55.36
PB CTP UA . -43.07 -20.30 56.84
O1B CTP UA . -44.12 -19.30 57.03
O2B CTP UA . -43.21 -21.50 57.65
O3B CTP UA . -41.69 -19.67 57.11
PG CTP UA . -41.74 -18.17 56.77
O1G CTP UA . -42.48 -18.16 55.45
O2G CTP UA . -42.46 -17.63 57.97
O3G CTP UA . -40.28 -17.82 56.69
N1 CTP VA . -32.06 -15.21 40.74
C2 CTP VA . -31.60 -14.95 39.46
N3 CTP VA . -30.55 -15.58 38.96
C4 CTP VA . -29.93 -16.48 39.67
C5 CTP VA . -30.36 -16.75 40.94
C6 CTP VA . -31.44 -16.10 41.47
O2 CTP VA . -32.16 -14.12 38.74
N4 CTP VA . -28.87 -17.10 39.15
C1' CTP VA . -33.22 -14.48 41.21
C2' CTP VA . -34.41 -15.35 41.06
O2' CTP VA . -34.86 -15.29 39.70
C3' CTP VA . -35.35 -14.65 41.99
C4' CTP VA . -34.48 -14.47 43.19
O4' CTP VA . -33.22 -14.18 42.60
O3' CTP VA . -35.58 -13.34 41.45
C5' CTP VA . -34.47 -15.76 43.98
O5' CTP VA . -33.17 -16.00 44.50
PA CTP VA . -32.73 -17.35 45.14
O1A CTP VA . -33.60 -18.46 44.70
O2A CTP VA . -31.29 -17.49 44.89
O3A CTP VA . -33.11 -17.01 46.62
PB CTP VA . -34.54 -17.19 47.22
O1B CTP VA . -35.40 -18.11 46.48
O2B CTP VA . -35.00 -15.84 47.58
O3B CTP VA . -34.13 -18.06 48.47
PG CTP VA . -33.58 -19.54 48.41
O1G CTP VA . -33.70 -19.96 46.97
O2G CTP VA . -32.26 -19.40 49.01
O3G CTP VA . -34.56 -20.17 49.29
N1 CTP WA . -29.02 -34.47 85.71
C2 CTP WA . -28.80 -33.65 84.65
N3 CTP WA . -29.72 -33.40 83.75
C4 CTP WA . -30.90 -33.95 83.87
C5 CTP WA . -31.16 -34.78 84.91
C6 CTP WA . -30.19 -35.03 85.85
O2 CTP WA . -27.69 -33.12 84.52
N4 CTP WA . -31.81 -33.68 82.92
C1' CTP WA . -27.93 -34.65 86.62
C2' CTP WA . -28.23 -35.15 87.99
O2' CTP WA . -27.02 -34.83 88.62
C3' CTP WA . -28.23 -36.61 87.84
C4' CTP WA . -27.11 -36.82 86.87
O4' CTP WA . -27.08 -35.63 86.08
O3' CTP WA . -27.84 -37.29 89.03
C5' CTP WA . -27.36 -38.09 86.07
O5' CTP WA . -27.78 -39.12 86.94
PA CTP WA . -28.82 -40.16 86.43
O1A CTP WA . -29.25 -39.66 85.14
O2A CTP WA . -28.23 -41.49 86.60
O3A CTP WA . -29.96 -40.10 87.48
PB CTP WA . -31.44 -40.01 86.97
O1B CTP WA . -31.72 -38.70 86.40
O2B CTP WA . -32.45 -40.49 87.93
O3B CTP WA . -31.26 -41.04 85.86
PG CTP WA . -31.56 -42.45 86.40
O1G CTP WA . -33.06 -42.43 86.41
O2G CTP WA . -30.95 -43.32 85.33
O3G CTP WA . -30.85 -42.46 87.73
N1 CTP XA . -15.26 -51.98 88.12
C2 CTP XA . -14.11 -52.65 88.53
N3 CTP XA . -12.99 -52.57 87.82
C4 CTP XA . -12.95 -51.83 86.74
C5 CTP XA . -14.07 -51.18 86.33
C6 CTP XA . -15.24 -51.25 87.04
O2 CTP XA . -14.11 -53.34 89.54
N4 CTP XA . -11.81 -51.77 86.06
C1' CTP XA . -16.45 -52.12 88.94
C2' CTP XA . -16.56 -50.92 89.82
O2' CTP XA . -15.70 -51.07 90.94
C3' CTP XA . -18.00 -51.02 90.19
C4' CTP XA . -18.62 -51.26 88.86
O4' CTP XA . -17.67 -52.11 88.24
O3' CTP XA . -18.16 -52.22 90.95
C5' CTP XA . -18.78 -49.93 88.15
O5' CTP XA . -18.53 -50.09 86.77
PA CTP XA . -18.33 -48.90 85.79
O1A CTP XA . -17.41 -49.36 84.74
O2A CTP XA . -17.97 -47.65 86.50
O3A CTP XA . -19.82 -48.77 85.32
PB CTP XA . -20.90 -47.95 86.10
O1B CTP XA . -21.90 -48.93 86.55
O2B CTP XA . -20.35 -46.94 87.03
O3B CTP XA . -21.39 -47.06 84.91
PG CTP XA . -20.55 -45.94 84.19
O1G CTP XA . -20.48 -46.43 82.84
O2G CTP XA . -19.29 -45.80 85.01
O3G CTP XA . -21.48 -44.82 84.36
N1 CTP YA . -37.76 -44.83 60.65
C2 CTP YA . -37.94 -43.49 60.81
N3 CTP YA . -36.98 -42.71 61.28
C4 CTP YA . -35.83 -43.23 61.60
C5 CTP YA . -35.62 -44.56 61.46
C6 CTP YA . -36.62 -45.37 60.97
O2 CTP YA . -39.01 -42.98 60.51
N4 CTP YA . -34.89 -42.42 62.09
C1' CTP YA . -38.88 -45.56 60.13
C2' CTP YA . -38.63 -46.89 59.52
O2' CTP YA . -39.85 -47.07 58.83
C3' CTP YA . -38.68 -47.80 60.67
C4' CTP YA . -39.79 -47.22 61.48
O4' CTP YA . -39.75 -45.83 61.19
O3' CTP YA . -39.12 -49.12 60.30
C5' CTP YA . -39.58 -47.55 62.95
O5' CTP YA . -39.21 -48.92 63.08
PA CTP YA . -38.21 -49.34 64.19
O1A CTP YA . -38.84 -50.36 65.01
O2A CTP YA . -37.72 -48.08 64.75
O3A CTP YA . -37.08 -50.08 63.42
PB CTP YA . -35.58 -49.72 63.73
O1B CTP YA . -34.62 -50.78 63.41
O2B CTP YA . -35.25 -48.41 63.21
O3B CTP YA . -35.79 -49.64 65.24
PG CTP YA . -35.55 -51.03 65.87
O1G CTP YA . -36.29 -51.96 64.92
O2G CTP YA . -34.05 -51.08 65.87
O3G CTP YA . -36.18 -50.86 67.23
N1 CTP ZA . -52.24 -58.26 71.22
C2 CTP ZA . -53.42 -58.97 71.39
N3 CTP ZA . -54.53 -58.37 71.82
C4 CTP ZA . -54.51 -57.08 72.05
C5 CTP ZA . -53.36 -56.37 71.90
C6 CTP ZA . -52.21 -56.98 71.47
O2 CTP ZA . -53.47 -60.18 71.17
N4 CTP ZA . -55.64 -56.51 72.48
C1' CTP ZA . -51.08 -58.99 70.75
C2' CTP ZA . -50.94 -58.77 69.28
O2' CTP ZA . -51.83 -59.64 68.60
C3' CTP ZA . -49.51 -59.18 69.11
C4' CTP ZA . -48.86 -58.42 70.22
O4' CTP ZA . -49.84 -58.54 71.25
O3' CTP ZA . -49.42 -60.56 69.43
C5' CTP ZA . -48.65 -56.99 69.79
O5' CTP ZA . -48.88 -56.11 70.86
PA CTP ZA . -49.01 -54.56 70.71
O1A CTP ZA . -49.34 -54.18 69.32
O2A CTP ZA . -49.92 -54.10 71.77
O3A CTP ZA . -47.50 -54.21 70.96
PB CTP ZA . -46.41 -54.24 69.84
O1B CTP ZA . -46.93 -54.16 68.48
O2B CTP ZA . -45.46 -55.28 70.24
O3B CTP ZA . -45.86 -52.77 70.06
PG CTP ZA . -46.65 -51.44 69.75
O1G CTP ZA . -47.91 -51.88 69.08
O2G CTP ZA . -46.70 -50.83 71.07
O3G CTP ZA . -45.67 -50.83 68.85
N1 CTP AB . -18.71 78.89 33.10
C2 CTP AB . -19.44 77.82 33.51
N3 CTP AB . -19.83 76.88 32.68
C4 CTP AB . -19.54 76.97 31.41
C5 CTP AB . -18.81 78.04 30.97
C6 CTP AB . -18.39 79.00 31.85
O2 CTP AB . -19.74 77.70 34.71
N4 CTP AB . -19.96 76.02 30.59
C1' CTP AB . -18.34 79.84 34.11
C2' CTP AB . -17.22 80.75 33.85
O2' CTP AB . -16.96 81.21 35.14
C3' CTP AB . -17.86 81.90 33.15
C4' CTP AB . -19.15 82.01 33.89
O4' CTP AB . -19.44 80.69 34.33
O3' CTP AB . -17.16 83.11 33.36
C5' CTP AB . -20.19 82.60 32.97
O5' CTP AB . -19.66 83.70 32.26
PA CTP AB . -20.11 83.97 30.80
O1A CTP AB . -20.92 82.82 30.44
O2A CTP AB . -20.61 85.33 30.73
O3A CTP AB . -18.78 83.98 29.99
PB CTP AB . -18.70 83.17 28.65
O1B CTP AB . -18.67 81.74 28.91
O2B CTP AB . -17.70 83.65 27.70
O3B CTP AB . -20.10 83.57 28.16
PG CTP AB . -20.01 84.87 27.34
O1G CTP AB . -19.49 84.33 26.04
O2G CTP AB . -21.45 85.31 27.32
O3G CTP AB . -19.07 85.73 28.17
N1 CTP BB . -27.21 99.14 37.54
C2 CTP BB . -27.47 100.27 38.31
N3 CTP BB . -28.43 100.27 39.21
C4 CTP BB . -29.14 99.20 39.41
C5 CTP BB . -28.91 98.08 38.67
C6 CTP BB . -27.92 98.05 37.72
O2 CTP BB . -26.82 101.30 38.14
N4 CTP BB . -30.11 99.24 40.33
C1' CTP BB . -26.14 99.21 36.56
C2' CTP BB . -24.93 98.59 37.15
O2' CTP BB . -24.28 99.52 38.01
C3' CTP BB . -24.15 98.34 35.89
C4' CTP BB . -25.18 97.71 35.03
O4' CTP BB . -26.34 98.46 35.39
O3' CTP BB . -23.84 99.61 35.32
C5' CTP BB . -25.31 96.25 35.40
O5' CTP BB . -26.66 95.84 35.33
PA CTP BB . -27.18 94.48 35.89
O1A CTP BB . -28.57 94.71 36.33
O2A CTP BB . -26.25 93.90 36.90
O3A CTP BB . -27.05 93.64 34.58
PB CTP BB . -25.71 92.96 34.13
O1B CTP BB . -25.33 93.62 32.87
O2B CTP BB . -24.74 92.74 35.21
O3B CTP BB . -26.29 91.51 33.92
PG CTP BB . -26.82 90.56 35.07
O1G CTP BB . -28.21 90.38 34.69
O2G CTP BB . -26.48 91.26 36.34
O3G CTP BB . -25.97 89.40 34.78
N1 CTP CB . -41.34 72.97 16.86
C2 CTP CB . -40.69 71.87 17.35
N3 CTP CB . -40.33 71.78 18.61
C4 CTP CB . -40.61 72.76 19.43
C5 CTP CB . -41.26 73.87 18.98
C6 CTP CB . -41.63 73.94 17.67
O2 CTP CB . -40.41 70.94 16.59
N4 CTP CB . -40.21 72.64 20.70
C1' CTP CB . -41.69 72.94 15.47
C2' CTP CB . -42.76 73.84 14.99
O2' CTP CB . -43.02 73.25 13.74
C3' CTP CB . -42.04 75.09 14.70
C4' CTP CB . -40.77 74.59 14.12
O4' CTP CB . -40.56 73.33 14.75
O3' CTP CB . -42.68 75.85 13.66
C5' CTP CB . -39.66 75.62 14.38
O5' CTP CB . -40.14 76.92 14.10
PA CTP CB . -39.64 78.11 14.96
O1A CTP CB . -39.07 79.11 14.06
O2A CTP CB . -38.89 77.50 16.05
O3A CTP CB . -40.95 78.76 15.49
PB CTP CB . -41.05 79.13 17.01
O1B CTP CB . -42.02 80.19 17.33
O2B CTP CB . -41.17 77.94 17.83
O3B CTP CB . -39.63 79.68 17.10
PG CTP CB . -39.64 81.18 16.77
O1G CTP CB . -40.53 81.26 15.56
O2G CTP CB . -40.16 81.75 18.06
O3G CTP CB . -38.18 81.45 16.52
N1 CTP DB . -31.87 83.74 -0.33
C2 CTP DB . -31.56 83.99 -1.66
N3 CTP DB . -30.62 83.31 -2.29
C4 CTP DB . -29.96 82.37 -1.66
C5 CTP DB . -30.25 82.11 -0.34
C6 CTP DB . -31.22 82.81 0.32
O2 CTP DB . -32.15 84.86 -2.29
N4 CTP DB . -29.01 81.69 -2.31
C1' CTP DB . -32.91 84.53 0.28
C2' CTP DB . -34.16 83.73 0.27
O2' CTP DB . -34.77 83.83 -1.01
C3' CTP DB . -34.93 84.49 1.32
C4' CTP DB . -33.92 84.59 2.40
O4' CTP DB . -32.72 84.82 1.65
O3' CTP DB . -35.17 85.81 0.82
C5' CTP DB . -33.88 83.29 3.17
O5' CTP DB . -32.55 82.99 3.54
PA CTP DB . -32.11 81.60 4.11
O1A CTP DB . -33.09 80.54 3.78
O2A CTP DB . -30.72 81.39 3.68
O3A CTP DB . -32.27 81.95 5.63
PB CTP DB . -33.63 81.85 6.40
O1B CTP DB . -34.63 80.98 5.77
O2B CTP DB . -33.96 83.21 6.82
O3B CTP DB . -33.12 80.94 7.59
PG CTP DB . -32.67 79.43 7.46
O1G CTP DB . -32.99 79.04 6.05
O2G CTP DB . -31.29 79.50 7.89
O3G CTP DB . -33.57 78.85 8.46
N1 CTP EB . -24.37 63.92 43.87
C2 CTP EB . -24.23 64.74 42.79
N3 CTP EB . -25.25 65.05 42.02
C4 CTP EB . -26.43 64.56 42.27
C5 CTP EB . -26.60 63.74 43.34
C6 CTP EB . -25.54 63.43 44.15
O2 CTP EB . -23.12 65.21 42.52
N4 CTP EB . -27.43 64.88 41.45
C1' CTP EB . -23.18 63.67 44.64
C2' CTP EB . -23.34 63.18 46.03
O2' CTP EB . -22.03 63.42 46.51
C3' CTP EB . -23.44 61.71 45.87
C4' CTP EB . -22.46 61.46 44.76
O4' CTP EB . -22.47 62.65 43.99
O3' CTP EB . -22.95 61.01 47.00
C5' CTP EB . -22.88 60.21 44.01
O5' CTP EB . -23.25 59.19 44.92
PA CTP EB . -24.40 58.21 44.54
O1A CTP EB . -24.97 58.76 43.32
O2A CTP EB . -23.88 56.85 44.64
O3A CTP EB . -25.40 58.34 45.72
PB CTP EB . -26.92 58.51 45.41
O1B CTP EB . -27.20 59.84 44.87
O2B CTP EB . -27.83 58.09 46.49
O3B CTP EB . -26.94 57.49 44.27
PG CTP EB . -27.25 56.09 44.85
O1G CTP EB . -26.83 55.20 43.71
O2G CTP EB . -28.74 56.20 45.04
O3G CTP EB . -26.39 56.04 46.08
N1 CTP FB . -11.44 45.64 44.51
C2 CTP FB . -10.29 44.91 44.76
N3 CTP FB . -9.27 44.93 43.92
C4 CTP FB . -9.32 45.66 42.84
C5 CTP FB . -10.45 46.39 42.58
C6 CTP FB . -11.51 46.38 43.42
O2 CTP FB . -10.21 44.20 45.76
N4 CTP FB . -8.27 45.66 42.02
C1' CTP FB . -12.52 45.56 45.47
C2' CTP FB . -12.46 46.75 46.35
O2' CTP FB . -11.47 46.54 47.35
C3' CTP FB . -13.84 46.73 46.90
C4' CTP FB . -14.64 46.54 45.66
O4' CTP FB . -13.82 45.64 44.92
O3' CTP FB . -13.97 45.54 47.67
C5' CTP FB . -14.80 47.89 44.98
O5' CTP FB . -14.73 47.72 43.58
PA CTP FB . -14.60 48.92 42.58
O1A CTP FB . -13.84 48.40 41.41
O2A CTP FB . -14.08 50.13 43.23
O3A CTP FB . -16.12 49.13 42.30
PB CTP FB . -17.05 50.00 43.22
O1B CTP FB . -18.03 49.08 43.78
O2B CTP FB . -16.34 50.96 44.07
O3B CTP FB . -17.63 50.93 42.09
PG CTP FB . -16.82 52.01 41.27
O1G CTP FB . -16.94 51.52 39.91
O2G CTP FB . -15.47 52.06 41.92
O3G CTP FB . -17.65 53.18 41.57
N1 CTP GB . -36.74 54.30 20.08
C2 CTP GB . -36.81 55.65 20.25
N3 CTP GB . -35.76 56.37 20.60
C4 CTP GB . -34.61 55.79 20.78
C5 CTP GB . -34.50 54.44 20.60
C6 CTP GB . -35.60 53.71 20.24
O2 CTP GB . -37.90 56.24 20.09
N4 CTP GB . -33.57 56.54 21.14
C1' CTP GB . -37.95 53.65 19.68
C2' CTP GB . -37.86 52.31 19.05
O2' CTP GB . -39.16 52.21 18.52
C3' CTP GB . -37.83 51.39 20.21
C4' CTP GB . -38.78 52.03 21.14
O4' CTP GB . -38.70 53.42 20.85
O3' CTP GB . -38.38 50.11 19.89
C5' CTP GB . -38.40 51.67 22.56
O5' CTP GB . -38.11 50.29 22.65
PA CTP GB . -37.00 49.81 23.63
O1A CTP GB . -37.59 48.81 24.52
O2A CTP GB . -36.38 51.03 24.13
O3A CTP GB . -36.02 49.01 22.72
PB CTP GB . -34.48 49.28 22.84
O1B CTP GB . -33.62 48.17 22.40
O2B CTP GB . -34.13 50.57 22.29
O3B CTP GB . -34.49 49.36 24.37
PG CTP GB . -34.26 47.95 24.96
O1G CTP GB . -35.16 47.08 24.11
O2G CTP GB . -32.77 47.81 24.77
O3G CTP GB . -34.69 48.14 26.39
N1 CTP HB . -50.53 41.61 32.33
C2 CTP HB . -51.73 40.98 32.66
N3 CTP HB . -52.72 41.65 33.21
C4 CTP HB . -52.62 42.92 33.45
C5 CTP HB . -51.45 43.57 33.14
C6 CTP HB . -50.41 42.90 32.58
O2 CTP HB . -51.87 39.78 32.43
N4 CTP HB . -53.65 43.55 34.02
C1' CTP HB . -49.48 40.83 31.72
C2' CTP HB . -49.52 41.06 30.25
O2' CTP HB . -50.53 40.24 29.68
C3' CTP HB . -48.15 40.57 29.90
C4' CTP HB . -47.33 41.28 30.92
O4' CTP HB . -48.17 41.21 32.07
O3' CTP HB . -48.09 39.18 30.20
C5' CTP HB . -47.08 42.70 30.46
O5' CTP HB . -47.13 43.58 31.57
PA CTP HB . -47.18 45.13 31.43
O1A CTP HB . -47.66 45.55 30.10
O2A CTP HB . -47.93 45.64 32.60
O3A CTP HB . -45.65 45.40 31.50
PB CTP HB . -44.70 45.32 30.24
O1B CTP HB . -45.39 45.45 28.97
O2B CTP HB . -43.77 44.21 30.52
O3B CTP HB . -44.05 46.74 30.41
PG CTP HB . -44.79 48.13 30.20
O1G CTP HB . -46.14 47.76 29.69
O2G CTP HB . -44.65 48.73 31.51
O3G CTP HB . -43.90 48.70 29.19
N1 CTP IB . 72.18 -32.57 18.15
C2 CTP IB . 71.58 -33.70 18.63
N3 CTP IB . 71.43 -34.78 17.88
C4 CTP IB . 71.86 -34.78 16.65
C5 CTP IB . 72.46 -33.67 16.15
C6 CTP IB . 72.63 -32.56 16.93
O2 CTP IB . 71.16 -33.73 19.78
N4 CTP IB . 71.67 -35.88 15.92
C1' CTP IB . 72.30 -31.47 19.07
C2' CTP IB . 73.30 -30.43 18.78
O2' CTP IB . 73.34 -29.79 20.04
C3' CTP IB . 72.59 -29.49 17.89
C4' CTP IB . 71.21 -29.50 18.48
O4' CTP IB . 71.07 -30.79 19.06
O3' CTP IB . 73.06 -28.16 18.00
C5' CTP IB . 70.20 -29.19 17.39
O5' CTP IB . 70.66 -28.11 16.60
PA CTP IB . 70.34 -28.08 15.07
O1A CTP IB . 69.76 -29.39 14.80
O2A CTP IB . 69.66 -26.83 14.78
O3A CTP IB . 71.74 -27.96 14.41
PB CTP IB . 72.09 -28.89 13.20
O1B CTP IB . 72.30 -30.25 13.65
O2B CTP IB . 73.13 -28.37 12.29
O3B CTP IB . 70.72 -28.77 12.53
PG CTP IB . 70.72 -27.58 11.56
O1G CTP IB . 69.24 -27.38 11.33
O2G CTP IB . 71.45 -28.17 10.40
O3G CTP IB . 71.41 -26.49 12.35
N1 CTP JB . 60.36 -13.57 19.04
C2 CTP JB . 59.85 -12.41 19.63
N3 CTP JB . 58.81 -12.47 20.43
C4 CTP JB . 58.24 -13.61 20.70
C5 CTP JB . 58.73 -14.75 20.14
C6 CTP JB . 59.80 -14.72 19.31
O2 CTP JB . 60.36 -11.32 19.40
N4 CTP JB . 57.17 -13.61 21.51
C1' CTP JB . 61.52 -13.44 18.18
C2' CTP JB . 62.74 -13.79 18.96
O2' CTP JB . 63.13 -12.68 19.75
C3' CTP JB . 63.69 -14.05 17.84
C4' CTP JB . 62.86 -14.93 16.96
O4' CTP JB . 61.56 -14.35 17.09
O3' CTP JB . 63.87 -12.82 17.13
C5' CTP JB . 62.91 -16.34 17.50
O5' CTP JB . 61.65 -16.97 17.36
PA CTP JB . 61.26 -18.31 18.04
O1A CTP JB . 59.82 -18.27 18.30
O2A CTP JB . 62.15 -18.62 19.19
O3A CTP JB . 61.68 -19.27 16.87
PB CTP JB . 63.14 -19.78 16.64
O1B CTP JB . 63.57 -19.22 15.36
O2B CTP JB . 64.00 -19.72 17.82
O3B CTP JB . 62.80 -21.32 16.56
PG CTP JB . 62.29 -22.21 17.77
O1G CTP JB . 60.99 -22.64 17.28
O2G CTP JB . 62.37 -21.31 18.97
O3G CTP JB . 63.33 -23.24 17.72
N1 CTP KB . 52.73 -43.83 0.66
C2 CTP KB . 53.47 -44.74 1.35
N3 CTP KB . 53.70 -44.63 2.65
C4 CTP KB . 53.18 -43.63 3.31
C5 CTP KB . 52.43 -42.70 2.65
C6 CTP KB . 52.21 -42.83 1.30
O2 CTP KB . 53.97 -45.71 0.76
N4 CTP KB . 53.43 -43.54 4.61
C1' CTP KB . 52.56 -44.08 -0.74
C2' CTP KB . 51.43 -43.41 -1.43
O2' CTP KB . 51.41 -44.18 -2.62
C3' CTP KB . 51.99 -42.11 -1.81
C4' CTP KB . 53.38 -42.46 -2.19
O4' CTP KB . 53.70 -43.59 -1.39
O3' CTP KB . 51.38 -41.58 -3.00
C5' CTP KB . 54.28 -41.26 -1.95
O5' CTP KB . 53.66 -40.08 -2.46
PA CTP KB . 53.87 -38.73 -1.71
O1A CTP KB . 54.40 -37.76 -2.67
O2A CTP KB . 54.58 -39.08 -0.48
O3A CTP KB . 52.43 -38.25 -1.41
PB CTP KB . 52.09 -37.73 0.04
O1B CTP KB . 50.96 -36.81 0.11
O2B CTP KB . 52.06 -38.82 0.99
O3B CTP KB . 53.40 -36.95 0.20
PG CTP KB . 53.22 -35.51 -0.33
O1G CTP KB . 52.46 -35.72 -1.63
O2G CTP KB . 52.47 -34.89 0.82
O3G CTP KB . 54.65 -35.05 -0.47
N1 CTP LB . 62.49 -33.70 -16.76
C2 CTP LB . 62.91 -33.57 -18.08
N3 CTP LB . 64.01 -34.16 -18.51
C4 CTP LB . 64.72 -34.91 -17.71
C5 CTP LB . 64.31 -35.06 -16.41
C6 CTP LB . 63.19 -34.45 -15.94
O2 CTP LB . 62.28 -32.89 -18.88
N4 CTP LB . 65.82 -35.49 -18.17
C1' CTP LB . 61.27 -33.04 -16.36
C2' CTP LB . 60.15 -34.02 -16.39
O2' CTP LB . 59.70 -34.17 -17.72
C3' CTP LB . 59.17 -33.28 -15.53
C4' CTP LB . 60.03 -32.88 -14.38
O4' CTP LB . 61.25 -32.57 -15.03
O3' CTP LB . 58.80 -32.08 -16.22
C5' CTP LB . 60.16 -34.07 -13.45
O5' CTP LB . 61.47 -34.12 -12.91
PA CTP LB . 62.03 -35.35 -12.12
O1A CTP LB . 61.26 -36.58 -12.41
O2A CTP LB . 63.48 -35.38 -12.38
O3A CTP LB . 61.65 -34.86 -10.69
PB CTP LB . 60.24 -35.09 -10.05
O1B CTP LB . 59.46 -36.17 -10.65
O2B CTP LB . 59.67 -33.75 -9.85
O3B CTP LB . 60.73 -35.76 -8.71
PG CTP LB . 61.41 -37.19 -8.60
O1G CTP LB . 61.32 -37.78 -9.97
O2G CTP LB . 62.71 -36.84 -8.05
O3G CTP LB . 60.49 -37.78 -7.63
N1 CTP MB . 67.55 -46.94 30.16
C2 CTP MB . 67.69 -46.23 29.00
N3 CTP MB . 66.74 -46.18 28.10
C4 CTP MB . 65.62 -46.81 28.29
C5 CTP MB . 65.44 -47.53 29.44
C6 CTP MB . 66.43 -47.57 30.39
O2 CTP MB . 68.74 -45.63 28.78
N4 CTP MB . 64.68 -46.75 27.35
C1' CTP MB . 68.66 -46.91 31.08
C2' CTP MB . 68.41 -47.26 32.48
O2' CTP MB . 69.60 -46.76 33.06
C3' CTP MB . 68.55 -48.72 32.52
C4' CTP MB . 69.67 -48.94 31.56
O4' CTP MB . 69.58 -47.87 30.64
O3' CTP MB . 69.00 -49.21 33.78
C5' CTP MB . 69.53 -50.32 30.94
O5' CTP MB . 69.21 -51.27 31.93
PA CTP MB . 68.27 -52.46 31.56
O1A CTP MB . 67.78 -52.16 30.23
O2A CTP MB . 68.96 -53.70 31.89
O3A CTP MB . 67.13 -52.36 32.62
PB CTP MB . 65.64 -52.47 32.14
O1B CTP MB . 65.24 -51.28 31.41
O2B CTP MB . 64.69 -52.91 33.17
O3B CTP MB . 65.91 -53.61 31.15
PG CTP MB . 65.73 -54.97 31.86
O1G CTP MB . 64.24 -55.07 31.91
O2G CTP MB . 66.41 -55.90 30.90
O3G CTP MB . 66.46 -54.74 33.18
N1 CTP NB . 82.83 -62.74 34.45
C2 CTP NB . 84.04 -63.24 34.91
N3 CTP NB . 85.14 -63.15 34.18
C4 CTP NB . 85.11 -62.57 33.03
C5 CTP NB . 83.93 -62.06 32.55
C6 CTP NB . 82.78 -62.15 33.28
O2 CTP NB . 84.11 -63.81 36.00
N4 CTP NB . 86.24 -62.49 32.30
C1' CTP NB . 81.67 -62.88 35.30
C2' CTP NB . 81.47 -61.59 36.02
O2' CTP NB . 82.34 -61.53 37.14
C3' CTP NB . 80.04 -61.77 36.44
C4' CTP NB . 79.43 -62.23 35.16
O4' CTP NB . 80.44 -63.06 34.62
O3' CTP NB . 79.99 -62.88 37.34
C5' CTP NB . 79.15 -61.01 34.30
O5' CTP NB . 79.40 -61.32 32.93
PA CTP NB . 79.49 -60.25 31.80
O1A CTP NB . 80.44 -60.76 30.80
O2A CTP NB . 79.74 -58.89 32.35
O3A CTP NB . 77.99 -60.31 31.35
PB CTP NB . 76.84 -59.50 32.05
O1B CTP NB . 75.94 -60.50 32.63
O2B CTP NB . 77.30 -58.35 32.83
O3B CTP NB . 76.27 -58.80 30.76
PG CTP NB . 77.01 -57.71 29.90
O1G CTP NB . 77.11 -58.37 28.62
O2G CTP NB . 78.25 -57.37 30.66
O3G CTP NB . 75.98 -56.67 29.95
N1 CTP OB . 59.59 -61.03 6.72
C2 CTP OB . 59.30 -59.70 6.71
N3 CTP OB . 60.18 -58.79 7.07
C4 CTP OB . 61.38 -59.17 7.43
C5 CTP OB . 61.71 -60.48 7.45
C6 CTP OB . 60.79 -61.43 7.08
O2 CTP OB . 58.18 -59.32 6.38
N4 CTP OB . 62.24 -58.22 7.80
C1' CTP OB . 58.53 -61.92 6.30
C2' CTP OB . 58.90 -63.29 5.86
O2' CTP OB . 57.71 -63.65 5.23
C3' CTP OB . 58.94 -64.05 7.12
C4' CTP OB . 57.79 -63.47 7.86
O4' CTP OB . 57.71 -62.13 7.41
O3' CTP OB . 58.62 -65.43 6.92
C5' CTP OB . 58.04 -63.60 9.36
O5' CTP OB . 58.54 -64.90 9.65
PA CTP OB . 59.57 -65.09 10.78
O1A CTP OB . 59.05 -66.06 11.74
O2A CTP OB . 59.96 -63.73 11.18
O3A CTP OB . 60.76 -65.82 10.09
PB CTP OB . 62.22 -65.30 10.33
O1B CTP OB . 63.27 -66.29 10.12
O2B CTP OB . 62.43 -64.03 9.65
O3B CTP OB . 62.03 -65.04 11.82
PG CTP OB . 62.38 -66.32 12.61
O1G CTP OB . 61.72 -67.41 11.81
O2G CTP OB . 63.88 -66.24 12.59
O3G CTP OB . 61.76 -66.04 13.96
N1 CTP PB . 46.45 -74.28 19.11
C2 CTP PB . 45.33 -75.06 19.39
N3 CTP PB . 44.19 -74.51 19.76
C4 CTP PB . 44.09 -73.21 19.84
C5 CTP PB . 45.17 -72.43 19.56
C6 CTP PB . 46.36 -72.97 19.19
O2 CTP PB . 45.40 -76.29 19.32
N4 CTP PB . 42.92 -72.69 20.21
C1' CTP PB . 47.67 -74.96 18.71
C2' CTP PB . 47.77 -74.91 17.23
O2' CTP PB . 46.96 -75.93 16.66
C3' CTP PB . 49.23 -75.20 17.08
C4' CTP PB . 49.82 -74.26 18.08
O4' CTP PB . 48.87 -74.33 19.13
O3' CTP PB . 49.45 -76.53 17.56
C5' CTP PB . 49.90 -72.89 17.46
O5' CTP PB . 49.60 -71.90 18.43
PA CTP PB . 49.33 -70.40 18.09
O1A CTP PB . 48.96 -70.22 16.68
O2A CTP PB . 48.38 -69.90 19.11
O3A CTP PB . 50.80 -69.89 18.27
PB CTP PB . 51.89 -69.96 17.14
O1B CTP PB . 51.34 -70.10 15.79
O2B CTP PB . 52.93 -70.86 17.65
O3B CTP PB . 52.30 -68.44 17.17
PG CTP PB . 51.40 -67.22 16.72
O1G CTP PB . 50.18 -67.86 16.12
O2G CTP PB . 51.29 -66.47 17.95
O3G CTP PB . 52.31 -66.65 15.73
N1 CTP QB . 67.32 59.53 -36.09
C2 CTP QB . 66.70 58.46 -35.54
N3 CTP QB . 66.38 57.40 -36.24
C4 CTP QB . 66.67 57.36 -37.52
C5 CTP QB . 67.29 58.42 -38.10
C6 CTP QB . 67.61 59.52 -37.35
O2 CTP QB . 66.41 58.47 -34.33
N4 CTP QB . 66.32 56.27 -38.21
C1' CTP QB . 67.62 60.63 -35.20
C2' CTP QB . 68.65 61.60 -35.60
O2' CTP QB . 68.88 62.23 -34.37
C3' CTP QB . 67.90 62.58 -36.42
C4' CTP QB . 66.62 62.67 -35.68
O4' CTP QB . 66.45 61.40 -35.08
O3' CTP QB . 68.49 63.89 -36.37
C5' CTP QB . 65.51 63.06 -36.65
O5' CTP QB . 65.94 64.10 -37.49
PA CTP QB . 65.46 64.14 -38.97
O1A CTP QB . 64.74 62.89 -39.16
O2A CTP QB . 64.84 65.44 -39.20
O3A CTP QB . 66.78 64.17 -39.80
PB CTP QB . 66.92 63.21 -41.02
O1B CTP QB . 67.08 61.84 -40.60
O2B CTP QB . 67.88 63.65 -42.05
O3B CTP QB . 65.48 63.42 -41.53
PG CTP QB . 65.45 64.62 -42.50
O1G CTP QB . 66.01 63.97 -43.74
O2G CTP QB . 63.98 64.93 -42.56
O3G CTP QB . 66.31 65.66 -41.81
N1 CTP RB . 57.08 79.35 -34.01
C2 CTP RB . 56.72 80.54 -33.38
N3 CTP RB . 55.77 80.57 -32.46
C4 CTP RB . 55.16 79.47 -32.12
C5 CTP RB . 55.50 78.29 -32.72
C6 CTP RB . 56.47 78.25 -33.68
O2 CTP RB . 57.28 81.60 -33.68
N4 CTP RB . 54.20 79.53 -31.19
C1' CTP RB . 58.14 79.39 -35.01
C2' CTP RB . 59.40 78.96 -34.37
O2' CTP RB . 59.96 80.05 -33.65
C3' CTP RB . 60.19 78.63 -35.59
C4' CTP RB . 59.21 77.81 -36.36
O4' CTP RB . 57.98 78.48 -36.08
O3' CTP RB . 60.38 79.84 -36.32
C5' CTP RB . 59.22 76.39 -35.81
O5' CTP RB . 57.91 75.86 -35.80
PA CTP RB . 57.52 74.55 -35.06
O1A CTP RB . 56.11 74.70 -34.64
O2A CTP RB . 58.51 74.18 -34.02
O3A CTP RB . 57.71 73.57 -36.27
PB CTP RB . 59.10 72.95 -36.66
O1B CTP RB . 59.42 73.48 -37.99
O2B CTP RB . 60.08 72.95 -35.59
O3B CTP RB . 58.65 71.45 -36.68
PG CTP RB . 58.22 70.60 -35.42
O1G CTP RB . 56.85 70.25 -35.75
O2G CTP RB . 58.50 71.47 -34.24
O3G CTP RB . 59.16 69.49 -35.57
N1 CTP SB . 45.20 49.69 -51.08
C2 CTP SB . 45.95 48.72 -50.46
N3 CTP SB . 46.33 48.83 -49.21
C4 CTP SB . 45.97 49.87 -48.51
C5 CTP SB . 45.21 50.84 -49.08
C6 CTP SB . 44.82 50.73 -50.39
O2 CTP SB . 46.30 47.74 -51.11
N4 CTP SB . 46.38 49.94 -47.24
C1' CTP SB . 44.84 49.46 -52.44
C2' CTP SB . 43.70 50.19 -53.00
O2' CTP SB . 43.49 49.44 -54.17
C3' CTP SB . 44.29 51.46 -53.47
C4' CTP SB . 45.60 51.01 -54.00
O4' CTP SB . 45.94 49.86 -53.23
O3' CTP SB . 43.59 52.02 -54.58
C5' CTP SB . 46.61 52.14 -53.88
O5' CTP SB . 46.02 53.36 -54.31
PA CTP SB . 46.42 54.69 -53.62
O1A CTP SB . 46.89 55.62 -54.64
O2A CTP SB . 47.23 54.29 -52.48
O3A CTP SB . 45.06 55.28 -53.16
PB CTP SB . 44.93 55.83 -51.69
O1B CTP SB . 43.88 56.82 -51.48
O2B CTP SB . 44.93 54.75 -50.72
O3B CTP SB . 46.31 56.51 -51.68
PG CTP SB . 46.16 57.95 -52.20
O1G CTP SB . 45.25 57.79 -53.39
O2G CTP SB . 45.60 58.62 -50.98
O3G CTP SB . 47.59 58.30 -52.51
N1 CTP TB . 53.55 59.06 -69.62
C2 CTP TB . 53.83 59.16 -70.98
N3 CTP TB . 54.83 58.49 -71.53
C4 CTP TB . 55.56 57.69 -70.80
C5 CTP TB . 55.31 57.57 -69.46
C6 CTP TB . 54.29 58.27 -68.88
O2 CTP TB . 53.15 59.89 -71.70
N4 CTP TB . 56.55 57.04 -71.39
C1' CTP TB . 52.44 59.81 -69.09
C2' CTP TB . 51.26 58.91 -68.98
O2' CTP TB . 50.64 58.80 -70.25
C3' CTP TB . 50.44 59.72 -68.02
C4' CTP TB . 51.45 60.06 -66.98
O4' CTP TB . 52.62 60.29 -67.77
O3' CTP TB . 50.09 60.94 -68.68
C5' CTP TB . 51.61 58.87 -66.05
O5' CTP TB . 52.97 58.72 -65.68
PA CTP TB . 53.53 57.46 -64.95
O1A CTP TB . 52.65 56.28 -65.12
O2A CTP TB . 54.93 57.32 -65.37
O3A CTP TB . 53.35 57.97 -63.48
PB CTP TB . 52.01 57.85 -62.68
O1B CTP TB . 51.10 56.83 -63.17
O2B CTP TB . 51.57 59.23 -62.43
O3B CTP TB . 52.60 57.15 -61.40
PG CTP TB . 53.19 55.68 -61.36
O1G CTP TB . 52.90 55.10 -62.70
O2G CTP TB . 54.56 55.93 -60.96
O3G CTP TB . 52.35 55.15 -60.27
N1 CTP UB . 63.10 45.57 -23.47
C2 CTP UB . 63.16 46.25 -24.65
N3 CTP UB . 62.12 46.38 -25.44
C4 CTP UB . 60.99 45.83 -25.10
C5 CTP UB . 60.89 45.13 -23.94
C6 CTP UB . 61.98 45.02 -23.11
O2 CTP UB . 64.23 46.78 -24.99
N4 CTP UB . 59.95 45.96 -25.93
C1' CTP UB . 64.31 45.52 -22.69
C2' CTP UB . 64.20 45.19 -21.26
O2' CTP UB . 65.48 45.60 -20.84
C3' CTP UB . 64.24 43.71 -21.24
C4' CTP UB . 65.23 43.42 -22.31
O4' CTP UB . 65.11 44.49 -23.22
O3' CTP UB . 64.80 43.20 -20.02
C5' CTP UB . 64.92 42.05 -22.90
O5' CTP UB . 64.65 41.12 -21.87
PA CTP UB . 63.58 40.01 -22.11
O1A CTP UB . 62.96 40.34 -23.37
O2A CTP UB . 64.23 38.72 -21.86
O3A CTP UB . 62.58 40.20 -20.93
PB CTP UB . 61.04 40.19 -21.23
O1B CTP UB . 60.65 41.41 -21.92
O2B CTP UB . 60.19 39.82 -20.11
O3B CTP UB . 61.11 39.03 -22.24
PG CTP UB . 60.93 37.69 -21.49
O1G CTP UB . 61.43 36.71 -22.52
O2G CTP UB . 59.45 37.70 -21.28
O3G CTP UB . 61.82 37.87 -20.28
N1 CTP VB . 77.61 28.71 -20.84
C2 CTP VB . 78.83 28.11 -20.51
N3 CTP VB . 79.84 28.13 -21.37
C4 CTP VB . 79.72 28.72 -22.52
C5 CTP VB . 78.53 29.31 -22.86
C6 CTP VB . 77.48 29.29 -22.00
O2 CTP VB . 78.98 27.55 -19.43
N4 CTP VB . 80.75 28.71 -23.36
C1' CTP VB . 76.55 28.65 -19.86
C2' CTP VB . 76.52 29.95 -19.13
O2' CTP VB . 77.53 29.95 -18.13
C3' CTP VB . 75.14 29.88 -18.54
C4' CTP VB . 74.35 29.47 -19.74
O4' CTP VB . 75.25 28.56 -20.38
O3' CTP VB . 75.12 28.77 -17.63
C5' CTP VB . 74.07 30.70 -20.59
O5' CTP VB . 74.14 30.37 -21.96
PA CTP VB . 74.17 31.43 -23.10
O1A CTP VB . 74.95 30.85 -24.20
O2A CTP VB . 74.58 32.76 -22.60
O3A CTP VB . 72.63 31.48 -23.37
PB CTP VB . 71.64 32.37 -22.55
O1B CTP VB . 70.74 31.44 -21.86
O2B CTP VB . 72.26 33.48 -21.84
O3B CTP VB . 70.96 33.09 -23.77
PG CTP VB . 71.67 34.14 -24.73
O1G CTP VB . 71.57 33.48 -26.01
O2G CTP VB . 73.01 34.38 -24.11
O3G CTP VB . 70.73 35.25 -24.56
N1 CTP WB . 51.47 32.05 -45.69
C2 CTP WB . 51.27 33.40 -45.67
N3 CTP WB . 52.26 34.24 -45.43
C4 CTP WB . 53.46 33.78 -45.20
C5 CTP WB . 53.69 32.44 -45.21
C6 CTP WB . 52.66 31.57 -45.47
O2 CTP WB . 50.15 33.85 -45.88
N4 CTP WB . 54.43 34.67 -44.95
C1' CTP WB . 50.32 31.23 -45.96
C2' CTP WB . 50.53 29.86 -46.44
O2' CTP WB . 49.24 29.57 -46.93
C3' CTP WB . 50.65 29.08 -45.19
C4' CTP WB . 49.65 29.75 -44.32
O4' CTP WB . 49.60 31.10 -44.77
O3' CTP WB . 50.21 27.74 -45.33
C5' CTP WB . 50.06 29.60 -42.86
O5' CTP WB . 50.49 28.28 -42.62
PA CTP WB . 51.64 28.01 -41.60
O1A CTP WB . 51.15 27.08 -40.59
O2A CTP WB . 52.15 29.33 -41.28
O3A CTP WB . 52.68 27.19 -42.42
PB CTP WB . 54.18 27.60 -42.37
O1B CTP WB . 55.13 26.54 -42.68
O2B CTP WB . 54.42 28.85 -43.08
O3B CTP WB . 54.19 27.88 -40.86
PG CTP WB . 54.55 26.58 -40.10
O1G CTP WB . 53.72 25.53 -40.82
O2G CTP WB . 56.04 26.54 -40.31
O3G CTP WB . 54.10 26.91 -38.70
N1 CTP XB . 38.95 19.81 -31.72
C2 CTP XB . 37.81 19.11 -31.30
N3 CTP XB . 36.76 19.75 -30.81
C4 CTP XB . 36.77 21.04 -30.73
C5 CTP XB . 37.86 21.75 -31.14
C6 CTP XB . 38.97 21.11 -31.64
O2 CTP XB . 37.78 17.88 -31.37
N4 CTP XB . 35.69 21.65 -30.23
C1' CTP XB . 40.06 19.05 -32.26
C2' CTP XB . 39.99 19.08 -33.73
O2' CTP XB . 39.05 18.12 -34.19
C3' CTP XB . 41.40 18.68 -34.05
C4' CTP XB . 42.16 19.57 -33.14
O4' CTP XB . 41.34 19.58 -31.97
O3' CTP XB . 41.59 17.35 -33.58
C5' CTP XB . 42.27 20.95 -33.77
O5' CTP XB . 42.16 21.95 -32.78
PA CTP XB . 41.97 23.46 -33.10
O1A CTP XB . 41.44 23.67 -34.47
O2A CTP XB . 41.18 24.04 -32.00
O3A CTP XB . 43.48 23.88 -33.10
PB CTP XB . 44.41 23.73 -34.34
O1B CTP XB . 43.72 23.62 -35.63
O2B CTP XB . 45.44 22.74 -33.96
O3B CTP XB . 44.95 25.20 -34.39
PG CTP XB . 44.08 26.48 -34.74
O1G CTP XB . 42.75 25.94 -35.17
O2G CTP XB . 44.18 27.25 -33.52
O3G CTP XB . 44.90 27.00 -35.83
N1 CTP YB . -9.09 0.46 -19.79
C2 CTP YB . -9.68 -0.70 -19.38
N3 CTP YB . -9.92 -1.70 -20.21
C4 CTP YB . -9.60 -1.57 -21.47
C5 CTP YB . -9.01 -0.44 -21.91
C6 CTP YB . -8.75 0.59 -21.04
O2 CTP YB . -10.01 -0.84 -18.20
N4 CTP YB . -9.88 -2.60 -22.29
C1' CTP YB . -8.87 1.46 -18.79
C2' CTP YB . -7.87 2.51 -19.05
O2' CTP YB . -7.72 3.01 -17.74
C3' CTP YB . -8.63 3.54 -19.78
C4' CTP YB . -9.95 3.50 -19.07
O4' CTP YB . -10.08 2.15 -18.62
O3' CTP YB . -8.12 4.86 -19.56
C5' CTP YB . -11.04 3.93 -20.04
O5' CTP YB . -10.62 5.09 -20.76
PA CTP YB . -11.07 5.27 -22.23
O1A CTP YB . -11.71 4.01 -22.59
O2A CTP YB . -11.75 6.56 -22.35
O3A CTP YB . -9.73 5.45 -23.00
PB CTP YB . -9.50 4.63 -24.33
O1B CTP YB . -9.29 3.23 -24.04
O2B CTP YB . -8.53 5.22 -25.25
O3B CTP YB . -10.93 4.84 -24.85
PG CTP YB . -10.98 6.13 -25.69
O1G CTP YB . -12.46 6.37 -25.78
O2G CTP YB . -10.35 5.64 -26.97
O3G CTP YB . -10.20 7.11 -24.86
N1 CTP ZB . -20.30 19.47 -15.99
C2 CTP ZB . -20.73 20.57 -15.24
N3 CTP ZB . -21.71 20.45 -14.36
C4 CTP ZB . -22.28 19.30 -14.16
C5 CTP ZB . -21.87 18.21 -14.87
C6 CTP ZB . -20.87 18.31 -15.79
O2 CTP ZB . -20.21 21.67 -15.40
N4 CTP ZB . -23.28 19.22 -13.27
C1' CTP ZB . -19.22 19.66 -16.92
C2' CTP ZB . -17.95 19.21 -16.29
O2' CTP ZB . -17.47 20.24 -15.43
C3' CTP ZB . -17.11 19.06 -17.52
C4' CTP ZB . -18.03 18.28 -18.40
O4' CTP ZB . -19.29 18.88 -18.10
O3' CTP ZB . -16.96 20.35 -18.10
C5' CTP ZB . -17.97 16.82 -18.01
O5' CTP ZB . -19.25 16.24 -18.10
PA CTP ZB . -19.62 14.83 -17.53
O1A CTP ZB . -21.03 14.88 -17.14
O2A CTP ZB . -18.64 14.40 -16.50
O3A CTP ZB . -19.32 14.01 -18.82
PB CTP ZB . -17.90 13.49 -19.23
O1B CTP ZB . -17.57 14.18 -20.48
O2B CTP ZB . -16.95 13.41 -18.12
O3B CTP ZB . -18.28 11.98 -19.43
PG CTP ZB . -18.71 10.98 -18.28
O1G CTP ZB . -20.06 10.61 -18.69
O2G CTP ZB . -18.51 11.73 -17.01
O3G CTP ZB . -17.71 9.94 -18.51
N1 CTP AC . -30.23 -8.63 -36.57
C2 CTP AC . -29.45 -9.62 -36.05
N3 CTP AC . -29.13 -9.64 -34.78
C4 CTP AC . -29.55 -8.70 -33.97
C5 CTP AC . -30.33 -7.69 -34.46
C6 CTP AC . -30.68 -7.69 -35.79
O2 CTP AC . -29.03 -10.52 -36.78
N4 CTP AC . -29.18 -8.75 -32.69
C1' CTP AC . -30.53 -8.73 -37.98
C2' CTP AC . -31.69 -7.98 -38.49
O2' CTP AC . -31.83 -8.61 -39.75
C3' CTP AC . -31.13 -6.64 -38.80
C4' CTP AC . -29.79 -6.98 -39.32
O4' CTP AC . -29.43 -8.19 -38.67
O3' CTP AC . -31.83 -6.00 -39.86
C5' CTP AC . -28.84 -5.83 -39.05
O5' CTP AC . -29.47 -4.60 -39.37
PA CTP AC . -29.16 -3.34 -38.52
O1A CTP AC . -28.69 -2.28 -39.41
O2A CTP AC . -28.36 -3.82 -37.40
O3A CTP AC . -30.56 -2.86 -38.03
PB CTP AC . -30.75 -2.48 -36.53
O1B CTP AC . -31.87 -1.55 -36.26
O2B CTP AC . -30.75 -3.67 -35.69
O3B CTP AC . -29.42 -1.74 -36.40
PG CTP AC . -29.62 -0.26 -36.76
O1G CTP AC . -30.47 -0.32 -38.01
O2G CTP AC . -30.25 0.25 -35.51
O3G CTP AC . -28.19 0.19 -36.98
N1 CTP BC . -21.73 3.05 -53.68
C2 CTP BC . -21.41 3.31 -55.01
N3 CTP BC . -20.36 2.75 -55.59
C4 CTP BC . -19.62 1.92 -54.92
C5 CTP BC . -19.91 1.65 -53.61
C6 CTP BC . -20.98 2.22 -52.99
O2 CTP BC . -22.09 4.10 -55.67
N4 CTP BC . -18.57 1.37 -55.54
C1' CTP BC . -22.88 3.71 -53.11
C2' CTP BC . -24.02 2.75 -53.14
O2' CTP BC . -24.59 2.74 -54.44
C3' CTP BC . -24.92 3.41 -52.13
C4' CTP BC . -23.95 3.67 -51.02
O4' CTP BC . -22.78 4.04 -51.74
O3' CTP BC . -25.29 4.68 -52.66
C5' CTP BC . -23.77 2.40 -50.22
O5' CTP BC . -22.43 2.27 -49.81
PA CTP BC . -21.82 0.96 -49.21
O1A CTP BC . -22.64 -0.22 -49.54
O2A CTP BC . -20.41 0.93 -49.58
O3A CTP BC . -22.07 1.31 -47.70
PB CTP BC . -23.43 1.03 -46.97
O1B CTP BC . -24.28 0.04 -47.60
O2B CTP BC . -23.94 2.35 -46.58
O3B CTP BC . -22.84 0.22 -45.74
PG CTP BC . -22.20 -1.21 -45.83
O1G CTP BC . -22.41 -1.66 -47.25
O2G CTP BC . -20.85 -0.96 -45.37
O3G CTP BC . -23.05 -1.89 -44.86
N1 CTP CC . -13.06 -14.98 -8.93
C2 CTP CC . -13.00 -14.16 -10.02
N3 CTP CC . -14.02 -13.99 -10.83
C4 CTP CC . -15.14 -14.63 -10.59
C5 CTP CC . -15.24 -15.45 -9.52
C6 CTP CC . -14.17 -15.61 -8.67
O2 CTP CC . -11.95 -13.55 -10.27
N4 CTP CC . -16.15 -14.45 -11.45
C1' CTP CC . -11.88 -15.06 -8.12
C2' CTP CC . -12.01 -15.54 -6.72
O2' CTP CC . -10.76 -15.13 -6.22
C3' CTP CC . -11.91 -17.01 -6.86
C4' CTP CC . -10.88 -17.15 -7.93
O4' CTP CC . -11.02 -15.98 -8.73
O3' CTP CC . -11.37 -17.63 -5.70
C5' CTP CC . -11.11 -18.45 -8.67
O5' CTP CC . -11.37 -19.49 -7.76
PA CTP CC . -12.36 -20.63 -8.15
O1A CTP CC . -12.96 -20.18 -9.40
O2A CTP CC . -11.68 -21.91 -8.02
O3A CTP CC . -13.41 -20.61 -7.00
PB CTP CC . -14.94 -20.65 -7.36
O1B CTP CC . -15.36 -19.38 -7.93
O2B CTP CC . -15.81 -21.18 -6.31
O3B CTP CC . -14.78 -21.68 -8.48
PG CTP CC . -14.93 -23.10 -7.89
O1G CTP CC . -14.36 -23.95 -8.99
O2G CTP CC . -16.42 -23.18 -7.74
O3G CTP CC . -14.09 -23.03 -6.63
N1 CTP DC . 2.12 -31.39 -7.58
C2 CTP DC . 3.35 -31.96 -7.29
N3 CTP DC . 4.39 -31.81 -8.09
C4 CTP DC . 4.27 -31.11 -9.18
C5 CTP DC . 3.08 -30.53 -9.50
C6 CTP DC . 2.00 -30.68 -8.68
O2 CTP DC . 3.50 -32.63 -6.26
N4 CTP DC . 5.35 -30.98 -9.97
C1' CTP DC . 1.03 -31.59 -6.65
C2' CTP DC . 0.92 -30.38 -5.79
O2' CTP DC . 1.89 -30.46 -4.76
C3' CTP DC . -0.47 -30.59 -5.28
C4' CTP DC . -1.21 -30.90 -6.54
O4' CTP DC . -0.25 -31.69 -7.24
O3' CTP DC . -0.47 -31.78 -4.49
C5' CTP DC . -1.52 -29.59 -7.25
O5' CTP DC . -1.38 -29.76 -8.65
PA CTP DC . -1.37 -28.58 -9.66
O1A CTP DC . -0.53 -29.01 -10.79
O2A CTP DC . -1.03 -27.30 -9.01
O3A CTP DC . -2.90 -28.57 -9.98
PB CTP DC . -3.96 -27.82 -9.11
O1B CTP DC . -4.84 -28.86 -8.56
O2B CTP DC . -3.41 -26.75 -8.27
O3B CTP DC . -4.62 -26.99 -10.27
PG CTP DC . -3.94 -25.82 -11.08
O1G CTP DC . -3.97 -26.35 -12.44
O2G CTP DC . -2.63 -25.59 -10.40
O3G CTP DC . -4.93 -24.78 -10.84
N1 CTP EC . -23.33 -26.47 -32.88
C2 CTP EC . -23.58 -25.13 -32.74
N3 CTP EC . -22.64 -24.29 -32.38
C4 CTP EC . -21.43 -24.71 -32.15
C5 CTP EC . -21.15 -26.04 -32.30
C6 CTP EC . -22.12 -26.92 -32.68
O2 CTP EC . -24.72 -24.71 -32.93
N4 CTP EC . -20.51 -23.82 -31.77
C1' CTP EC . -24.43 -27.30 -33.30
C2' CTP EC . -24.14 -28.60 -33.90
O2' CTP EC . -25.40 -28.90 -34.47
C3' CTP EC . -24.02 -29.50 -32.74
C4' CTP EC . -25.08 -28.97 -31.84
O4' CTP EC . -25.17 -27.59 -32.16
O3' CTP EC . -24.39 -30.85 -33.05
C5' CTP EC . -24.70 -29.27 -30.40
O5' CTP EC . -24.23 -30.59 -30.29
PA CTP EC . -23.10 -30.92 -29.26
O1A CTP EC . -23.57 -31.98 -28.37
O2A CTP EC . -22.66 -29.62 -28.78
O3A CTP EC . -22.00 -31.59 -30.13
PB CTP EC . -20.51 -31.12 -29.96
O1B CTP EC . -19.51 -32.11 -30.36
O2B CTP EC . -20.32 -29.80 -30.53
O3B CTP EC . -20.57 -31.02 -28.44
PG CTP EC . -20.18 -32.38 -27.81
O1G CTP EC . -20.94 -33.38 -28.67
O2G CTP EC . -18.69 -32.32 -27.97
O3G CTP EC . -20.68 -32.23 -26.40
N1 CTP FC . -35.71 -40.69 -20.80
C2 CTP FC . -36.82 -41.48 -20.51
N3 CTP FC . -37.91 -40.95 -19.99
C4 CTP FC . -37.98 -39.66 -19.77
C5 CTP FC . -36.90 -38.86 -20.05
C6 CTP FC . -35.76 -39.40 -20.58
O2 CTP FC . -36.80 -42.68 -20.70
N4 CTP FC . -39.09 -39.16 -19.25
C1' CTP FC . -34.54 -41.34 -21.37
C2' CTP FC . -34.57 -41.15 -22.85
O2' CTP FC . -35.45 -42.09 -23.43
C3' CTP FC . -33.14 -41.45 -23.14
C4' CTP FC . -32.44 -40.63 -22.11
O4' CTP FC . -33.30 -40.78 -20.99
O3' CTP FC . -32.90 -42.82 -22.81
C5' CTP FC . -32.37 -39.19 -22.59
O5' CTP FC . -32.57 -38.31 -21.51
PA CTP FC . -32.82 -36.77 -21.67
O1A CTP FC . -33.31 -36.45 -23.02
O2A CTP FC . -33.67 -36.36 -20.53
O3A CTP FC . -31.34 -36.30 -21.57
PB CTP FC . -30.35 -36.29 -22.79
O1B CTP FC . -31.00 -36.27 -24.09
O2B CTP FC . -29.29 -37.25 -22.46
O3B CTP FC . -29.89 -34.78 -22.64
PG CTP FC . -30.80 -33.51 -22.89
O1G CTP FC . -32.08 -34.06 -23.43
O2G CTP FC . -30.79 -32.88 -21.58
O3G CTP FC . -29.96 -32.85 -23.88
#